data_9E1D
#
_entry.id   9E1D
#
_cell.length_a   1.00
_cell.length_b   1.00
_cell.length_c   1.00
_cell.angle_alpha   90.00
_cell.angle_beta   90.00
_cell.angle_gamma   90.00
#
_symmetry.space_group_name_H-M   'P 1'
#
loop_
_entity.id
_entity.type
_entity.pdbx_description
1 polymer 'Ryanodine receptor 1'
2 polymer 'Peptidyl-prolyl cis-trans isomerase FKBP1A'
3 non-polymer "ADENOSINE-5'-TRIPHOSPHATE"
4 non-polymer 'CALCIUM ION'
5 non-polymer 'ZINC ION'
6 non-polymer enprofylline
#
loop_
_entity_poly.entity_id
_entity_poly.type
_entity_poly.pdbx_seq_one_letter_code
_entity_poly.pdbx_strand_id
1 'polypeptide(L)'
;MGDGGEGEDEVQFLRTDDEVVLQCSATVLKEQLKLCLAAEGFGNRLCFLEPTSNAQNVPPDLAICCFTLEQSLSVRALQE
MLANTVEAGVESSQGGGHRTLLYGHAILLRHAHSRMYLSCLTTSRSMTDKLAFDVGLQEDATGEACWWTMHPASKQRSEG
EKVRVGDDLILVSVSSERYLHLSTASGELQVDASFMQTLWNMNPICSCCEEGYVTGGHVLRLFHGHMDECLTISAADSDD
QRRLVYYEGGAVCTHARSLWRLEPLRISWSGSHLRWGQPLRIRHVTTGRYLALTEDQGLVVVDACKAHTKATSFCFRVSK
EKLDTAPKRDVEGMGPPEIKYGESLCFVQHVASGLWLTYAAPDPKALRLGVLKKKAILHQEGHMDDALFLTRCQQEESQA
ARMIHSTAGLYNQFIKGLDSFSGKPRGSGPPAGPALPIEAVILSLQDLIGYFEPPSEELQHEEKQSKLRSLRNRQSLFQE
EGMLSLVLNCIDRLNVYTTAAHFAEYAGEEAAESWKEIVNLLYELLASLIRGNRANCALFSTNLDWVVSKLDRLEASSGI
LEVLYCVLIESPEVLNIIQENHIKSIISLLDKHGRNHKVLDVLCSLCVCNGVAVRSNQDLITENLLPGRELLLQTNLINY
VTSIRPNIFVGRAEGSTQYGKWYFEVMVDEVVPFLTAQATHLRVGWALTEGYSPYPGGGEGWGGNGVGDDLYSYGFDGLH
LWTGHVARPVTSPGQHLLAPEDVVSCCLDLSVPSISFRINGCPVQGVFEAFNLDGLFFPVVSFSAGVKVRFLLGGRHGEF
KFLPPPGYAPCHEAVLPRERLRLEPIKEYRREGPRGPHLVGPSRCLSHTDFVPCPVDTVQIVLPPHLERIREKLAENIHE
LWALTRIEQGWTYGPVRDDNKRLHPCLVNFHSLPEPERNYNLQMSGETLKTLLALGCHVGMADEKAEDNLKKTKLPKTYM
MSNGYKPAPLDLSHVRLTPAQTTLVDRLAENGHNVWARDRVAQGWSYSAVQDIPARRNPRLVPYRLLDEATKRSNRDSLC
QAVRTLLGYGYNIEPPDQEPSQVENQSRWDRVRIFRAEKSYTVQSGRWYFEFEAVTTGEMRVGWARPELRPDVELGADEL
AYVFNGHRGQRWHLGSEPFGRPWQSGDVVGCMIDLTENTIIFTLNGEVLMSDSGSETAFREIEIGDGFLPVCSLGPGQVG
HLNLGQDVSSLRFFAICGLQEGFEPFAINMQRPVTTWFSKSLPQFEPVPPEHPHYEVARMDGTVDTPPCLRLAHRTWGSQ
NSLVEMLFLRLSLPVQFHQHFRCTAGATPLAPPGLQPPAEDEARAAEPDPDYENLRRSAGGWGEAEGGKEGTAKEGTPGG
TPQPGVEAQPVRAENEKDATTEKNKKRGFLFKAKKAAMMTQPPATPALPRLPHDVVPADNRDDPEIILNTTTYYYSVRVF
AGQEPSCVWVGWVTPDYHQHDMNFDLSKVRAVTVTMGDEQGNVHSSLKCSNCYMVWGGDFVSPGQQGRISHTDLVIGCLV
DLATGLMTFTANGKESNTFFQVEPNTKLFPAVFVLPTHQNVIQFELGKQKNIMPLSAAMFLSERKNPAPQCPPRLEVQML
MPVSWSRMPNHFLQVETRRAGERLGWAVQCQDPLTMMALHIPEENRCMDILELSERLDLQRFHSHTLRLYRAVCALGNNR
VAHALCSHVDQAQLLHALEDAHLPGPLRAGYYDLLISIHLESACRSRRSMLSEYIVPLTPETRAITLFPPGRKGGNARRH
GLPGVGVTTSLRPPHHFSPPCFVAALPAAGVAEAPARLSPAIPLEALRDKALRMLGEAVRDGGQHARDPVGGSVEFQFVP
VLKLVSTLLVMGIFGDEDVKQILKMIEPEVFTEEEEEEEEEEEEEEEEEEDEEEKEEDEEEEEKEDAEKEEEEAPEGEKE
DLEEGLLQMKLPESVKLQMCNLLEYFCDQELQHRVESLAAFAERYVDKLQANQRSRYALLMRAFTMSAAETARRTREFRS
PPQEQINMLLHFKDEADEEDCPLPEDIRQDLQDFHQDLLAHCGIQLEGEEEEPEEETSLSSRLRSLLETVRLVKKKEEKP
EEELPAEEKKPQSLQELVSHMVVRWAQEDYVQSPELVRAMFSLLHRQYDGLGELLRALPRAYTISPSSVEDTMSLLECLG
QIRSLLIVQMGPQEENLMIQSIGNIMNNKVFYQHPNLMRALGMHETVMEVMVNVLGGGETKEIRFPKMVTSCCRFLCYFC
RISRQNQRSMFDHLSYLLENSGIGLGMQGSTPLDVAAASVIDNNELALALQEQDLEKVVSYLAGCGLQSCPMLLAKGYPD
IGWNPCGGERYLDFLRFAVFVNGESVEENANVVVRLLIRKPECFGPALRGEGGSGLLAAIEEAIRISEDPARDGPGVRRD
RRREHFGEEPPEENRVHLGHAIMSFYAALIDLLGRCAPEMHLIQAGKGEALRIRAILRSLVPLDDLVGIISLPLQIPTLG
KDGALVQPKMSASFVPDHKASMVLFLDRVYGIENQDFLLHVLDVGFLPDMRAAASLDTATFSTTEMALALNRYLCLAVLP
LITKCAPLFAGTEHRAIMVDSMLHTVYRLSRGRSLTKAQRDVIEDCLMALCRYIRPSMLQHLLRRLVFDVPILNEFAKMP
LKLLTNHYERCWKYYCLPTGWANFGVTSEEELHLTRKLFWGIFDSLAHKKYDQELYRMAMPCLCAIAGALPPDYVDASYS
SKAEKKATVDAEGNFDPRPVETLNVIIPEKLDSFINKFAEYTHEKWAFDKIQNNWSYGENVDEELKTHPMLRPYKTFSEK
DKEIYRWPIKESLKAMIAWEWTIEKAREGEEERTEKKKTRKISQTAQTYDPREGYNPQPPDLSGVTLSRELQAMAEQLAE
NYHNTWGRKKKQELEAKGGGTHPLLVPYDTLTAKEKARDREKAQELLKFLQMNGYAVTRGLKDMELDTSSIEKRFAFGFL
QQLLRWMDISQEFIAHLEAVVSSGRVEKSPHEQEIKFFAKILLPLINQYFTNHCLYFLSTPAKVLGSGGHASNKEKEMIT
SLFCKLAALVRHRVSLFGTDAPAVVNCLHILARSLDARTVMKSGPEIVKAGLRSFFESASEDIEKMVENLRLGKVSQART
QVKGVGQNLTYTTVALLPVLTTLFQHIAQHQFGDDVILDDVQVSCYRTLCSIYSLGTTKNTYVEKLRPALGECLARLAAA
MPVAFLEPQLNEYNACSVYTTKSPRERAILGLPNSVEEMCPDIPVLDRLMADIGGLAESGARYTEMPHVIEITLPMLCSY
LPRWWERGPEAPPPALPAGAPPPCTAVTSDHLNSLLGNILRIIVNNLGIDEATWMKRLAVFAQPIVSRARPELLHSHFIP
TIGRLRKRAGKVVAEEEQLRLEAKAEAEEGELLVRDEFSVLCRDLYALYPLLIRYVDNNRAHWLTEPNANAEELFRMVGE
IFIYWSKSHNFKREEQNFVVQNEINNMSFLTADSKSKMAKAGDAQSGGSDQERTKKKRRGDRYSVQTSLIVATLKKMLPI
GLNMCAPTDQDLIMLAKTRYALKDTDEEVREFLQNNLHLQGKVEGSPSLRWQMALYRGLPGREEDADDPEKIVRRVQEVS
AVLYHLEQTEHPYKSKKAVWHKLLSKQRRRAVVACFRMTPLYNLPTHRACNMFLESYKAAWILTEDHSFEDRMIDDLSKA
GEQEEEEEEVEEKKPDPLHQLVLHFSRTALTEKSKLDEDYLYMAYADIMAKSCHLEEGGENGEAEEEEVEVSFEEKEMEK
QRLLYQQSRLHTRGAAEMVLQMISACKGETGAMVSSTLKLGISILNGGNAEVQQKMLDYLKDKKEVGFFQSIQALMQTCS
VLDLNAFERQNKAEGLGMVNEDGTVINRQNGEKVMADDEFTQDLFRFLQLLCEGHNNDFQNYLRTQTGNTTTINIIICTV
DYLLRLQESISDFYWYYSGKDVIEEQGKRNFSKAMSVAKQVFNSLTEYIQGPCTGNQQSLAHSRLWDAVVGFLHVFAHMM
MKLAQDSSQIELLKELLDLQKDMVVMLLSLLEGNVVNGMIARQMVDMLVESSSNVEMILKFFDMFLKLKDIVGSEAFQDY
VTDPRGLISKKDFQKAMDSQKQFTGPEIQFLLSCSEADENEMINFEEFANRFQEPARDIGFNVAVLLTNLSEHVPHDPRL
RNFLELAESILEYFRPYLGRIEIMGASRRIERIYFEISETNRAQWEMPQVKESKRQFIFDVVNEGGEAEKMELFVSFCED
TIFEMQIAAQISEPEGEPEADEDEGMGEAAAEGAEEGAAGAEGAAGTVAAGATARLAAAAARALRGLSYRSLRRRVRRLR
RLTAREAATALAALLWAVVARAGAAGAGAAAGALRLLWGSLFGGGLVEGAKKVTVTELLAGMPDPTSDEVHGEQPAGPGG
DADGAGEGEGEGDAAEGDGDEEVAGHEAGPGGAEGVVAVADGGPFRPEGAGGLGDMGDTTPAEPPTPEGSPILKRKLGVD
GEEEELVPEPEPEPEPEPEKADEENGEKEEVPEAPPEPPKKAPPSPPAKKEEAGGAGMEFWGELEVQRVKFLNYLSRNFY
TLRFLALFLAFAINFILLFYKVSDSPPGEDDMEGSAAGDLAGAGSGGGSGWGSGAGEEAEGDEDENMVYYFLEESTGYME
PALWCLSLLHTLVAFLCIIGYNCLKVPLVIFKREKELARKLEFDGLYITEQPGDDDVKGQWDRLVLNTPSFPSNYWDKFV
KRKVLDKHGDIFGRERIAELLGMDLASLEITAHNERKPDPPPGLLTWLMSIDVKYQIWKFGVIFTDNSFLYLGWYMVMSL
LGHYNNFFFAAHLLDIAMGVKTLRTILSSVTHNGKQLVMTVGLLAVVVYLYTVVAFNFFRKFYNKSEDEDEPDMKCDDMM
TCYLFHMYVGVRAGGGIGDEIEDPAGDEYELYRVVFDITFFFFVIVILLAIIQGLIIDAFGELRDQQEQVKEDMETKCFI
CGIGSDYFDTTPHGFETHTLEEHNLANYMFFLMYLINKDETEHTGQESYVWKMYQERCWDFFPAGDCFRKQYEDQLS
;
A,B,D,C
2 'polypeptide(L)'
;MGVQVETISPGDGRTFPKRGQTCVVHYTGMLEDGKKFDSSRDRNKPFKFMLGKQEVIRGWEEGVAQMSVGQRAKLTISPD
YAYGATGHPGIIPPHATLVFDVELLKLE
;
E,H,G,F
#
# COMPACT_ATOMS: atom_id res chain seq x y z
N GLU A 10 -18.63 -10.34 16.97
CA GLU A 10 -19.99 -10.47 17.48
C GLU A 10 -20.47 -11.91 17.34
N VAL A 11 -21.48 -12.29 18.11
CA VAL A 11 -22.06 -13.62 18.07
C VAL A 11 -23.51 -13.49 17.63
N GLN A 12 -23.90 -14.29 16.66
CA GLN A 12 -25.23 -14.17 16.08
C GLN A 12 -26.31 -14.48 17.10
N PHE A 13 -27.40 -13.71 17.04
CA PHE A 13 -28.55 -13.89 17.91
C PHE A 13 -29.73 -14.33 17.07
N LEU A 14 -30.41 -15.38 17.52
CA LEU A 14 -31.64 -15.82 16.86
C LEU A 14 -32.71 -14.76 17.01
N ARG A 15 -33.40 -14.46 15.92
CA ARG A 15 -34.47 -13.48 15.91
C ARG A 15 -35.70 -14.07 15.22
N THR A 16 -36.80 -13.34 15.33
CA THR A 16 -38.03 -13.75 14.67
C THR A 16 -37.90 -13.60 13.16
N ASP A 17 -38.80 -14.27 12.44
CA ASP A 17 -38.85 -14.33 10.99
C ASP A 17 -37.64 -15.06 10.42
N ASP A 18 -36.84 -15.70 11.27
CA ASP A 18 -35.71 -16.50 10.84
C ASP A 18 -36.13 -17.97 10.74
N GLU A 19 -35.52 -18.68 9.80
CA GLU A 19 -35.74 -20.11 9.64
C GLU A 19 -34.66 -20.87 10.39
N VAL A 20 -35.08 -21.89 11.13
CA VAL A 20 -34.15 -22.70 11.92
C VAL A 20 -34.54 -24.16 11.78
N VAL A 21 -33.56 -25.03 12.03
CA VAL A 21 -33.77 -26.47 12.12
C VAL A 21 -33.38 -26.91 13.52
N LEU A 22 -34.19 -27.78 14.11
CA LEU A 22 -33.93 -28.32 15.43
C LEU A 22 -33.16 -29.63 15.30
N GLN A 23 -31.94 -29.63 15.83
CA GLN A 23 -31.05 -30.78 15.74
C GLN A 23 -30.84 -31.41 17.10
N CYS A 24 -30.87 -32.73 17.12
CA CYS A 24 -30.51 -33.53 18.28
C CYS A 24 -29.38 -34.48 17.90
N SER A 25 -28.67 -34.94 18.93
CA SER A 25 -27.54 -35.83 18.75
C SER A 25 -27.83 -37.17 19.42
N ALA A 26 -27.55 -38.26 18.70
CA ALA A 26 -27.79 -39.60 19.22
C ALA A 26 -26.58 -40.47 18.94
N THR A 27 -26.17 -41.23 19.94
CA THR A 27 -25.02 -42.12 19.83
C THR A 27 -25.51 -43.51 19.46
N VAL A 28 -25.15 -43.95 18.26
CA VAL A 28 -25.49 -45.28 17.76
C VAL A 28 -24.22 -45.91 17.20
N LEU A 29 -23.93 -47.13 17.63
CA LEU A 29 -22.73 -47.85 17.20
C LEU A 29 -21.48 -47.02 17.51
N LYS A 30 -21.51 -46.32 18.64
CA LYS A 30 -20.39 -45.48 19.06
C LYS A 30 -20.09 -44.41 18.02
N GLU A 31 -21.08 -44.08 17.20
CA GLU A 31 -20.95 -43.09 16.14
C GLU A 31 -22.03 -42.05 16.33
N GLN A 32 -21.65 -40.89 16.85
CA GLN A 32 -22.61 -39.81 17.07
C GLN A 32 -23.25 -39.41 15.74
N LEU A 33 -24.54 -39.13 15.78
CA LEU A 33 -25.33 -38.88 14.59
C LEU A 33 -26.25 -37.70 14.86
N LYS A 34 -26.31 -36.77 13.91
CA LYS A 34 -27.13 -35.57 14.02
C LYS A 34 -28.44 -35.79 13.28
N LEU A 35 -29.54 -35.44 13.94
CA LEU A 35 -30.87 -35.63 13.40
C LEU A 35 -31.63 -34.32 13.46
N CYS A 36 -32.36 -34.02 12.38
CA CYS A 36 -33.17 -32.82 12.29
C CYS A 36 -34.64 -33.20 12.40
N LEU A 37 -35.38 -32.39 13.15
CA LEU A 37 -36.83 -32.60 13.25
C LEU A 37 -37.48 -32.34 11.90
N ALA A 38 -38.44 -33.18 11.55
CA ALA A 38 -39.07 -33.12 10.24
C ALA A 38 -40.55 -33.46 10.36
N ALA A 39 -41.36 -32.91 9.46
CA ALA A 39 -42.77 -33.23 9.37
C ALA A 39 -43.28 -32.84 8.00
N GLU A 40 -43.98 -33.77 7.33
CA GLU A 40 -44.54 -33.47 6.03
C GLU A 40 -45.73 -32.52 6.14
N GLY A 41 -46.66 -32.83 7.04
CA GLY A 41 -47.81 -31.97 7.27
C GLY A 41 -49.05 -32.44 6.54
N PHE A 42 -48.90 -32.83 5.28
CA PHE A 42 -50.01 -33.32 4.46
C PHE A 42 -49.95 -34.83 4.40
N GLY A 43 -51.04 -35.49 4.79
CA GLY A 43 -51.09 -36.91 4.91
C GLY A 43 -50.49 -37.45 6.19
N ASN A 44 -49.62 -36.68 6.84
CA ASN A 44 -49.04 -37.07 8.11
C ASN A 44 -48.66 -35.81 8.87
N ARG A 45 -49.05 -35.76 10.13
CA ARG A 45 -48.76 -34.63 11.00
C ARG A 45 -47.66 -34.90 12.00
N LEU A 46 -47.33 -36.16 12.23
CA LEU A 46 -46.37 -36.53 13.24
C LEU A 46 -44.97 -36.15 12.83
N CYS A 47 -44.17 -35.76 13.81
CA CYS A 47 -42.79 -35.40 13.57
C CYS A 47 -41.89 -36.61 13.67
N PHE A 48 -40.88 -36.64 12.81
CA PHE A 48 -39.88 -37.68 12.81
C PHE A 48 -38.51 -37.03 12.69
N LEU A 49 -37.49 -37.85 12.50
CA LEU A 49 -36.11 -37.40 12.54
C LEU A 49 -35.42 -37.79 11.24
N GLU A 50 -34.74 -36.82 10.62
CA GLU A 50 -34.02 -37.05 9.38
C GLU A 50 -32.53 -36.89 9.64
N PRO A 51 -31.69 -37.88 9.31
CA PRO A 51 -30.26 -37.78 9.62
C PRO A 51 -29.55 -36.81 8.68
N THR A 52 -28.74 -35.93 9.26
CA THR A 52 -28.00 -34.93 8.51
C THR A 52 -26.51 -35.19 8.45
N SER A 53 -26.04 -36.32 9.00
CA SER A 53 -24.60 -36.54 9.12
C SER A 53 -24.00 -37.01 7.81
N ASN A 54 -24.58 -38.05 7.21
CA ASN A 54 -23.99 -38.61 5.99
C ASN A 54 -23.94 -37.58 4.89
N ALA A 55 -25.03 -36.81 4.71
CA ALA A 55 -25.13 -35.75 3.71
C ALA A 55 -24.25 -35.97 2.47
N GLN A 56 -22.91 -36.13 2.66
CA GLN A 56 -22.04 -36.16 1.50
C GLN A 56 -22.51 -37.34 0.61
N ASN A 57 -22.74 -38.50 1.18
CA ASN A 57 -23.12 -39.67 0.40
C ASN A 57 -24.63 -39.74 0.16
N VAL A 58 -25.43 -39.08 0.99
CA VAL A 58 -26.89 -39.10 0.86
C VAL A 58 -27.45 -37.75 1.28
N PRO A 59 -27.97 -36.94 0.36
CA PRO A 59 -28.53 -35.65 0.74
C PRO A 59 -29.73 -35.80 1.66
N PRO A 60 -29.89 -34.92 2.62
CA PRO A 60 -31.07 -34.97 3.48
C PRO A 60 -32.22 -34.14 2.95
N ASP A 61 -33.42 -34.47 3.41
CA ASP A 61 -34.65 -33.77 3.04
C ASP A 61 -34.86 -32.63 4.04
N LEU A 62 -34.17 -31.52 3.79
CA LEU A 62 -34.12 -30.44 4.76
C LEU A 62 -35.36 -29.54 4.69
N ALA A 63 -36.04 -29.54 3.54
CA ALA A 63 -37.14 -28.61 3.33
C ALA A 63 -38.25 -28.83 4.35
N ILE A 64 -38.60 -30.09 4.61
CA ILE A 64 -39.67 -30.41 5.55
C ILE A 64 -39.13 -30.35 6.97
N CYS A 65 -37.84 -30.05 7.12
CA CYS A 65 -37.23 -29.87 8.42
C CYS A 65 -37.13 -28.42 8.84
N CYS A 66 -37.12 -27.50 7.87
CA CYS A 66 -37.00 -26.08 8.19
C CYS A 66 -38.24 -25.56 8.91
N PHE A 67 -38.02 -24.76 9.95
CA PHE A 67 -39.08 -24.09 10.67
C PHE A 67 -38.76 -22.62 10.79
N THR A 68 -39.78 -21.78 10.73
CA THR A 68 -39.62 -20.33 10.88
C THR A 68 -40.23 -19.89 12.21
N LEU A 69 -39.52 -19.00 12.89
CA LEU A 69 -40.01 -18.44 14.15
C LEU A 69 -40.93 -17.26 13.87
N GLU A 70 -42.16 -17.32 14.37
CA GLU A 70 -43.08 -16.20 14.23
C GLU A 70 -43.05 -15.27 15.42
N GLN A 71 -43.29 -15.80 16.62
CA GLN A 71 -43.46 -14.99 17.82
C GLN A 71 -42.60 -15.54 18.93
N SER A 72 -42.01 -14.62 19.71
CA SER A 72 -41.29 -14.96 20.93
C SER A 72 -41.81 -14.05 22.03
N LEU A 73 -42.66 -14.59 22.90
CA LEU A 73 -43.33 -13.80 23.92
C LEU A 73 -43.10 -14.41 25.30
N SER A 74 -43.15 -13.56 26.31
CA SER A 74 -43.10 -14.02 27.68
C SER A 74 -44.39 -14.77 28.03
N VAL A 75 -44.31 -15.54 29.11
CA VAL A 75 -45.45 -16.36 29.53
C VAL A 75 -46.66 -15.48 29.79
N ARG A 76 -46.45 -14.34 30.44
CA ARG A 76 -47.57 -13.48 30.80
C ARG A 76 -48.24 -12.89 29.56
N ALA A 77 -47.44 -12.39 28.61
CA ALA A 77 -48.00 -11.87 27.38
C ALA A 77 -48.76 -12.95 26.62
N LEU A 78 -48.19 -14.17 26.59
CA LEU A 78 -48.89 -15.29 25.98
C LEU A 78 -50.23 -15.53 26.67
N GLN A 79 -50.25 -15.44 27.99
CA GLN A 79 -51.49 -15.65 28.74
C GLN A 79 -52.54 -14.61 28.37
N GLU A 80 -52.13 -13.34 28.32
CA GLU A 80 -53.08 -12.29 27.97
C GLU A 80 -53.60 -12.48 26.55
N MET A 81 -52.72 -12.81 25.61
CA MET A 81 -53.15 -12.98 24.23
C MET A 81 -54.10 -14.16 24.10
N LEU A 82 -53.82 -15.27 24.79
CA LEU A 82 -54.71 -16.41 24.75
C LEU A 82 -56.06 -16.06 25.37
N ALA A 83 -56.05 -15.30 26.47
CA ALA A 83 -57.31 -14.88 27.07
C ALA A 83 -58.11 -14.03 26.10
N ASN A 84 -57.45 -13.15 25.36
CA ASN A 84 -58.12 -12.32 24.37
C ASN A 84 -58.26 -13.04 23.04
N HIS A 98 -38.14 -7.03 13.94
CA HIS A 98 -37.95 -8.37 14.47
C HIS A 98 -37.60 -8.32 15.95
N ARG A 99 -37.67 -9.48 16.60
CA ARG A 99 -37.46 -9.58 18.04
C ARG A 99 -36.46 -10.68 18.34
N THR A 100 -35.48 -10.36 19.17
CA THR A 100 -34.50 -11.35 19.60
C THR A 100 -35.13 -12.31 20.58
N LEU A 101 -34.69 -13.57 20.52
CA LEU A 101 -35.17 -14.58 21.47
C LEU A 101 -34.47 -14.43 22.80
N LEU A 102 -35.22 -14.57 23.88
CA LEU A 102 -34.68 -14.56 25.23
C LEU A 102 -35.06 -15.86 25.93
N TYR A 103 -34.11 -16.44 26.65
CA TYR A 103 -34.39 -17.64 27.42
C TYR A 103 -35.53 -17.38 28.39
N GLY A 104 -36.44 -18.34 28.48
CA GLY A 104 -37.63 -18.22 29.29
C GLY A 104 -38.85 -17.77 28.53
N HIS A 105 -38.68 -17.28 27.31
CA HIS A 105 -39.80 -16.86 26.49
C HIS A 105 -40.47 -18.07 25.85
N ALA A 106 -41.66 -17.83 25.30
CA ALA A 106 -42.42 -18.83 24.58
C ALA A 106 -42.42 -18.49 23.10
N ILE A 107 -42.13 -19.49 22.27
CA ILE A 107 -41.93 -19.27 20.84
C ILE A 107 -42.97 -20.04 20.05
N LEU A 108 -43.26 -19.54 18.85
CA LEU A 108 -44.17 -20.18 17.93
C LEU A 108 -43.41 -20.55 16.66
N LEU A 109 -43.47 -21.83 16.29
CA LEU A 109 -42.70 -22.39 15.19
C LEU A 109 -43.65 -22.84 14.09
N ARG A 110 -43.40 -22.34 12.88
CA ARG A 110 -44.23 -22.65 11.72
C ARG A 110 -43.43 -23.46 10.72
N HIS A 111 -44.02 -24.57 10.28
CA HIS A 111 -43.46 -25.36 9.20
C HIS A 111 -43.49 -24.56 7.90
N ALA A 112 -42.34 -24.41 7.27
CA ALA A 112 -42.25 -23.56 6.08
C ALA A 112 -43.08 -24.14 4.94
N HIS A 113 -42.97 -25.44 4.71
CA HIS A 113 -43.64 -26.05 3.55
C HIS A 113 -45.15 -26.05 3.73
N SER A 114 -45.63 -26.51 4.87
CA SER A 114 -47.05 -26.69 5.10
C SER A 114 -47.73 -25.49 5.73
N ARG A 115 -46.96 -24.56 6.29
CA ARG A 115 -47.53 -23.38 6.97
C ARG A 115 -48.44 -23.81 8.11
N MET A 116 -48.12 -24.95 8.72
CA MET A 116 -48.75 -25.39 9.96
C MET A 116 -47.83 -25.02 11.12
N TYR A 117 -48.25 -25.39 12.32
CA TYR A 117 -47.57 -24.98 13.54
C TYR A 117 -47.19 -26.18 14.38
N LEU A 118 -45.95 -26.18 14.86
CA LEU A 118 -45.49 -27.27 15.71
C LEU A 118 -46.27 -27.29 17.02
N SER A 119 -46.67 -28.48 17.45
CA SER A 119 -47.58 -28.61 18.57
C SER A 119 -47.33 -29.91 19.30
N CYS A 120 -47.81 -29.95 20.55
CA CYS A 120 -47.80 -31.16 21.37
C CYS A 120 -49.18 -31.80 21.27
N LEU A 121 -49.24 -32.99 20.67
CA LEU A 121 -50.51 -33.64 20.42
C LEU A 121 -50.98 -34.41 21.65
N THR A 122 -52.30 -34.48 21.81
CA THR A 122 -52.90 -35.21 22.91
C THR A 122 -52.73 -36.71 22.79
N THR A 123 -52.33 -37.21 21.62
CA THR A 123 -52.29 -38.63 21.37
C THR A 123 -50.91 -39.19 21.73
N SER A 124 -50.88 -40.48 22.05
CA SER A 124 -49.64 -41.16 22.41
C SER A 124 -49.71 -42.60 21.93
N ARG A 125 -48.86 -42.93 20.97
CA ARG A 125 -48.68 -44.30 20.51
C ARG A 125 -47.44 -44.97 21.08
N SER A 126 -46.66 -44.27 21.90
CA SER A 126 -45.43 -44.86 22.39
C SER A 126 -45.76 -46.03 23.33
N MET A 127 -45.29 -47.21 22.96
CA MET A 127 -45.46 -48.37 23.83
C MET A 127 -44.51 -48.30 25.02
N THR A 128 -43.33 -47.72 24.81
CA THR A 128 -42.34 -47.60 25.86
C THR A 128 -42.84 -46.70 26.99
N ASP A 129 -43.16 -45.45 26.66
CA ASP A 129 -43.57 -44.46 27.65
C ASP A 129 -45.09 -44.32 27.62
N LYS A 130 -45.72 -44.54 28.79
CA LYS A 130 -47.15 -44.35 28.90
C LYS A 130 -47.51 -42.87 28.99
N LEU A 131 -46.66 -42.08 29.65
CA LEU A 131 -46.95 -40.69 29.96
C LEU A 131 -46.50 -39.74 28.87
N ALA A 132 -45.94 -40.24 27.77
CA ALA A 132 -45.47 -39.39 26.71
C ALA A 132 -46.60 -39.01 25.77
N PHE A 133 -46.40 -37.91 25.05
CA PHE A 133 -47.34 -37.43 24.05
C PHE A 133 -46.66 -37.33 22.71
N ASP A 134 -47.44 -37.55 21.65
CA ASP A 134 -46.92 -37.40 20.31
C ASP A 134 -46.76 -35.93 19.95
N VAL A 135 -45.74 -35.65 19.14
CA VAL A 135 -45.42 -34.29 18.71
C VAL A 135 -45.65 -34.21 17.20
N GLY A 136 -46.39 -33.19 16.78
CA GLY A 136 -46.70 -33.06 15.38
C GLY A 136 -47.17 -31.66 15.06
N LEU A 137 -47.69 -31.51 13.85
CA LEU A 137 -48.09 -30.22 13.33
C LEU A 137 -49.58 -29.99 13.53
N GLN A 138 -49.94 -28.73 13.71
CA GLN A 138 -51.33 -28.31 13.89
C GLN A 138 -51.62 -27.15 12.94
N GLU A 139 -52.82 -27.18 12.36
CA GLU A 139 -53.17 -26.21 11.32
C GLU A 139 -53.20 -24.79 11.86
N ASP A 140 -53.76 -24.59 13.04
CA ASP A 140 -53.99 -23.26 13.59
C ASP A 140 -53.04 -23.01 14.76
N ALA A 141 -52.50 -21.78 14.80
CA ALA A 141 -51.66 -21.36 15.90
C ALA A 141 -52.44 -21.18 17.20
N THR A 142 -53.76 -21.24 17.13
CA THR A 142 -54.58 -21.07 18.33
C THR A 142 -54.27 -22.16 19.34
N GLY A 143 -54.35 -21.79 20.61
CA GLY A 143 -54.17 -22.72 21.71
C GLY A 143 -52.75 -22.75 22.25
N GLU A 144 -52.60 -23.49 23.33
CA GLU A 144 -51.34 -23.54 24.05
C GLU A 144 -50.38 -24.55 23.44
N ALA A 145 -50.91 -25.64 22.89
CA ALA A 145 -50.06 -26.73 22.41
C ALA A 145 -49.01 -26.23 21.42
N CYS A 146 -49.37 -25.21 20.64
CA CYS A 146 -48.44 -24.69 19.64
C CYS A 146 -47.20 -24.08 20.26
N TRP A 147 -47.32 -23.54 21.47
CA TRP A 147 -46.25 -22.75 22.05
C TRP A 147 -45.27 -23.61 22.84
N TRP A 148 -44.00 -23.22 22.77
CA TRP A 148 -42.93 -23.93 23.46
C TRP A 148 -42.04 -22.90 24.14
N THR A 149 -41.47 -23.30 25.27
CA THR A 149 -40.58 -22.45 26.05
C THR A 149 -39.16 -22.98 25.99
N MET A 150 -38.21 -22.08 25.80
CA MET A 150 -36.80 -22.42 25.69
C MET A 150 -36.12 -22.18 27.03
N HIS A 151 -35.29 -23.14 27.43
CA HIS A 151 -34.51 -23.03 28.65
C HIS A 151 -33.07 -23.44 28.38
N PRO A 152 -32.12 -22.88 29.13
CA PRO A 152 -30.71 -23.21 28.88
C PRO A 152 -30.40 -24.62 29.33
N ALA A 153 -29.61 -25.34 28.52
CA ALA A 153 -29.21 -26.69 28.87
C ALA A 153 -28.14 -26.69 29.96
N SER A 154 -27.37 -25.62 30.05
CA SER A 154 -26.31 -25.47 31.04
C SER A 154 -26.53 -24.21 31.86
N LYS A 155 -25.88 -24.17 33.02
CA LYS A 155 -25.92 -22.98 33.86
C LYS A 155 -25.17 -21.79 33.25
N GLN A 156 -24.29 -22.05 32.29
CA GLN A 156 -23.58 -21.00 31.56
C GLN A 156 -24.54 -19.88 31.20
N ARG A 157 -25.59 -20.22 30.47
CA ARG A 157 -26.62 -19.28 30.08
C ARG A 157 -27.66 -19.19 31.18
N SER A 158 -28.33 -18.03 31.26
CA SER A 158 -29.29 -17.76 32.30
C SER A 158 -30.53 -17.13 31.70
N GLU A 159 -31.62 -17.19 32.45
CA GLU A 159 -32.88 -16.65 31.96
C GLU A 159 -32.76 -15.16 31.70
N GLY A 160 -33.35 -14.72 30.59
CA GLY A 160 -33.22 -13.36 30.13
C GLY A 160 -32.09 -13.14 29.14
N GLU A 161 -31.14 -14.05 29.10
CA GLU A 161 -30.04 -13.94 28.15
C GLU A 161 -30.54 -14.24 26.74
N LYS A 162 -30.02 -13.49 25.77
CA LYS A 162 -30.39 -13.71 24.38
C LYS A 162 -29.86 -15.04 23.91
N VAL A 163 -30.71 -15.80 23.22
CA VAL A 163 -30.33 -17.11 22.72
C VAL A 163 -29.35 -16.93 21.57
N ARG A 164 -28.25 -17.68 21.61
CA ARG A 164 -27.18 -17.55 20.65
C ARG A 164 -27.01 -18.84 19.87
N VAL A 165 -26.61 -18.68 18.60
CA VAL A 165 -26.46 -19.83 17.70
C VAL A 165 -25.51 -20.84 18.30
N GLY A 166 -25.88 -22.11 18.19
CA GLY A 166 -25.09 -23.20 18.73
C GLY A 166 -25.52 -23.68 20.09
N ASP A 167 -26.32 -22.91 20.82
CA ASP A 167 -26.60 -23.18 22.21
C ASP A 167 -27.47 -24.42 22.33
N ASP A 168 -27.14 -25.29 23.28
CA ASP A 168 -28.01 -26.41 23.59
C ASP A 168 -29.22 -25.90 24.34
N LEU A 169 -30.41 -26.31 23.89
CA LEU A 169 -31.66 -25.77 24.40
C LEU A 169 -32.54 -26.90 24.91
N ILE A 170 -33.46 -26.53 25.79
CA ILE A 170 -34.49 -27.42 26.30
C ILE A 170 -35.83 -26.81 25.97
N LEU A 171 -36.70 -27.59 25.33
CA LEU A 171 -37.99 -27.12 24.88
C LEU A 171 -39.08 -27.78 25.72
N VAL A 172 -39.95 -26.95 26.31
CA VAL A 172 -41.03 -27.44 27.16
C VAL A 172 -42.35 -26.99 26.58
N SER A 173 -43.28 -27.93 26.45
CA SER A 173 -44.62 -27.59 26.00
C SER A 173 -45.34 -26.79 27.06
N VAL A 174 -45.96 -25.68 26.65
CA VAL A 174 -46.70 -24.85 27.59
C VAL A 174 -47.88 -25.63 28.16
N SER A 175 -48.62 -26.32 27.29
CA SER A 175 -49.83 -27.01 27.72
C SER A 175 -49.50 -28.25 28.54
N SER A 176 -48.54 -29.05 28.07
CA SER A 176 -48.28 -30.36 28.64
C SER A 176 -47.17 -30.37 29.68
N GLU A 177 -46.37 -29.32 29.76
CA GLU A 177 -45.25 -29.26 30.71
C GLU A 177 -44.31 -30.45 30.52
N ARG A 178 -44.12 -30.84 29.26
CA ARG A 178 -43.29 -31.97 28.90
C ARG A 178 -42.21 -31.49 27.94
N TYR A 179 -41.02 -32.05 28.07
CA TYR A 179 -39.91 -31.65 27.21
C TYR A 179 -40.04 -32.27 25.83
N LEU A 180 -39.42 -31.62 24.86
CA LEU A 180 -39.19 -32.26 23.58
C LEU A 180 -38.07 -33.29 23.74
N HIS A 181 -38.36 -34.54 23.40
CA HIS A 181 -37.52 -35.64 23.80
C HIS A 181 -37.29 -36.58 22.63
N LEU A 182 -36.07 -37.12 22.58
CA LEU A 182 -35.69 -38.11 21.58
C LEU A 182 -35.74 -39.49 22.23
N SER A 183 -36.55 -40.38 21.68
CA SER A 183 -36.76 -41.71 22.24
C SER A 183 -35.86 -42.71 21.52
N THR A 184 -35.01 -43.39 22.29
CA THR A 184 -34.14 -44.44 21.77
C THR A 184 -34.48 -45.80 22.38
N ALA A 185 -35.53 -45.89 23.18
CA ALA A 185 -35.87 -47.17 23.81
C ALA A 185 -36.15 -48.24 22.76
N SER A 186 -37.03 -47.94 21.81
CA SER A 186 -37.19 -48.81 20.66
C SER A 186 -35.96 -48.70 19.76
N GLY A 187 -35.74 -49.74 18.95
CA GLY A 187 -34.58 -49.72 18.08
C GLY A 187 -34.59 -48.52 17.15
N GLU A 188 -35.76 -48.16 16.64
CA GLU A 188 -35.88 -46.96 15.83
C GLU A 188 -35.93 -45.73 16.71
N LEU A 189 -35.37 -44.62 16.21
CA LEU A 189 -35.36 -43.37 16.94
C LEU A 189 -36.66 -42.61 16.68
N GLN A 190 -37.25 -42.08 17.75
CA GLN A 190 -38.51 -41.37 17.66
C GLN A 190 -38.43 -40.09 18.47
N VAL A 191 -39.39 -39.20 18.21
CA VAL A 191 -39.49 -37.91 18.89
C VAL A 191 -40.84 -37.86 19.58
N ASP A 192 -40.83 -37.41 20.84
CA ASP A 192 -42.04 -37.39 21.64
C ASP A 192 -41.94 -36.28 22.67
N ALA A 193 -43.03 -36.06 23.38
CA ALA A 193 -43.07 -35.15 24.53
C ALA A 193 -43.05 -36.00 25.79
N SER A 194 -41.99 -35.87 26.57
CA SER A 194 -41.78 -36.71 27.74
C SER A 194 -41.26 -35.87 28.89
N PHE A 195 -41.40 -36.41 30.09
CA PHE A 195 -40.91 -35.72 31.28
C PHE A 195 -39.40 -35.74 31.34
N MET A 196 -38.77 -36.63 30.60
CA MET A 196 -37.33 -36.55 30.40
C MET A 196 -37.01 -35.44 29.42
N GLN A 197 -35.75 -35.01 29.43
CA GLN A 197 -35.33 -33.85 28.64
C GLN A 197 -34.31 -34.26 27.60
N THR A 198 -34.30 -33.51 26.51
CA THR A 198 -33.34 -33.68 25.42
C THR A 198 -32.80 -32.32 25.03
N LEU A 199 -31.52 -32.29 24.65
CA LEU A 199 -30.85 -31.07 24.28
C LEU A 199 -30.98 -30.83 22.79
N TRP A 200 -31.52 -29.68 22.41
CA TRP A 200 -31.76 -29.33 21.02
C TRP A 200 -30.94 -28.11 20.63
N ASN A 201 -30.44 -28.12 19.41
CA ASN A 201 -29.72 -26.98 18.83
C ASN A 201 -30.58 -26.36 17.73
N MET A 202 -30.72 -25.04 17.79
CA MET A 202 -31.42 -24.27 16.76
C MET A 202 -30.38 -23.79 15.76
N ASN A 203 -30.26 -24.52 14.64
CA ASN A 203 -29.28 -24.03 13.66
C ASN A 203 -29.99 -23.21 12.60
N PRO A 204 -29.44 -22.04 12.23
CA PRO A 204 -30.17 -21.14 11.34
C PRO A 204 -29.94 -21.45 9.86
N ILE A 205 -30.96 -21.18 9.06
CA ILE A 205 -30.91 -21.39 7.62
C ILE A 205 -30.83 -20.02 6.95
N CYS A 206 -31.75 -19.14 7.30
CA CYS A 206 -31.82 -17.80 6.73
C CYS A 206 -32.35 -16.83 7.78
N SER A 207 -31.90 -15.58 7.69
CA SER A 207 -32.35 -14.54 8.60
C SER A 207 -33.12 -13.46 7.87
N CYS A 208 -32.47 -12.82 6.89
CA CYS A 208 -33.05 -11.74 6.11
C CYS A 208 -32.34 -11.66 4.77
N CYS A 209 -33.11 -11.50 3.70
CA CYS A 209 -32.59 -11.47 2.36
C CYS A 209 -32.95 -10.16 1.68
N GLU A 210 -31.99 -9.60 0.94
CA GLU A 210 -32.26 -8.45 0.10
C GLU A 210 -33.05 -8.85 -1.13
N GLU A 211 -33.70 -7.87 -1.75
CA GLU A 211 -34.54 -8.13 -2.90
C GLU A 211 -33.75 -8.83 -4.00
N GLY A 212 -34.44 -9.69 -4.74
CA GLY A 212 -33.76 -10.55 -5.69
C GLY A 212 -32.77 -11.40 -4.94
N TYR A 213 -31.52 -11.42 -5.42
CA TYR A 213 -30.42 -11.97 -4.63
C TYR A 213 -30.73 -13.39 -4.18
N VAL A 214 -30.73 -14.30 -5.15
CA VAL A 214 -31.12 -15.69 -4.91
C VAL A 214 -30.48 -16.23 -3.65
N THR A 215 -31.25 -17.00 -2.89
CA THR A 215 -30.80 -17.68 -1.69
C THR A 215 -31.05 -19.17 -1.83
N GLY A 216 -30.19 -19.96 -1.20
CA GLY A 216 -30.31 -21.40 -1.31
C GLY A 216 -31.57 -21.92 -0.63
N GLY A 217 -32.01 -23.08 -1.08
CA GLY A 217 -33.17 -23.73 -0.50
C GLY A 217 -34.51 -23.32 -1.08
N HIS A 218 -34.51 -22.57 -2.18
CA HIS A 218 -35.74 -22.08 -2.78
C HIS A 218 -35.98 -22.76 -4.12
N VAL A 219 -37.24 -23.11 -4.37
CA VAL A 219 -37.62 -23.71 -5.64
C VAL A 219 -37.62 -22.63 -6.70
N LEU A 220 -37.01 -22.94 -7.85
CA LEU A 220 -36.88 -21.96 -8.92
C LEU A 220 -36.85 -22.68 -10.26
N ARG A 221 -36.86 -21.89 -11.32
CA ARG A 221 -36.75 -22.38 -12.68
C ARG A 221 -35.49 -21.85 -13.33
N LEU A 222 -34.88 -22.67 -14.17
CA LEU A 222 -33.73 -22.26 -14.97
C LEU A 222 -34.16 -22.12 -16.43
N PHE A 223 -33.96 -20.93 -16.98
CA PHE A 223 -34.42 -20.60 -18.33
C PHE A 223 -33.20 -20.37 -19.21
N HIS A 224 -33.17 -21.06 -20.35
CA HIS A 224 -31.98 -21.01 -21.21
C HIS A 224 -31.69 -19.58 -21.67
N GLY A 225 -32.71 -18.89 -22.17
CA GLY A 225 -32.53 -17.56 -22.71
C GLY A 225 -33.66 -16.61 -22.38
N HIS A 226 -34.24 -16.02 -23.41
CA HIS A 226 -35.29 -15.01 -23.28
C HIS A 226 -36.60 -15.67 -22.87
N MET A 227 -36.57 -16.31 -21.70
CA MET A 227 -37.76 -16.85 -21.06
C MET A 227 -38.55 -17.79 -21.96
N ASP A 228 -37.91 -18.41 -22.94
CA ASP A 228 -38.64 -19.32 -23.82
C ASP A 228 -38.49 -20.77 -23.39
N GLU A 229 -37.27 -21.20 -23.09
CA GLU A 229 -36.97 -22.58 -22.77
C GLU A 229 -36.47 -22.69 -21.34
N CYS A 230 -36.80 -23.79 -20.70
CA CYS A 230 -36.43 -24.05 -19.32
C CYS A 230 -35.92 -25.47 -19.18
N LEU A 231 -35.03 -25.66 -18.22
CA LEU A 231 -34.53 -27.00 -17.92
C LEU A 231 -35.64 -27.83 -17.30
N THR A 232 -35.81 -29.05 -17.78
CA THR A 232 -36.88 -29.92 -17.31
C THR A 232 -36.49 -31.36 -17.53
N ILE A 233 -37.35 -32.25 -17.05
CA ILE A 233 -37.22 -33.68 -17.30
C ILE A 233 -38.46 -34.14 -18.05
N SER A 234 -38.49 -35.42 -18.41
CA SER A 234 -39.60 -35.93 -19.20
C SER A 234 -40.89 -35.92 -18.40
N ALA A 235 -42.00 -35.84 -19.12
CA ALA A 235 -43.31 -35.87 -18.48
C ALA A 235 -43.58 -37.25 -17.90
N ALA A 236 -44.58 -37.33 -17.04
CA ALA A 236 -44.99 -38.60 -16.49
C ALA A 236 -45.41 -39.53 -17.62
N ASP A 237 -45.08 -40.82 -17.45
CA ASP A 237 -45.32 -42.07 -18.24
C ASP A 237 -44.35 -42.12 -19.41
N SER A 238 -43.25 -41.36 -19.35
CA SER A 238 -42.28 -41.35 -20.45
C SER A 238 -41.42 -42.61 -20.41
N ASP A 239 -40.90 -42.98 -21.58
CA ASP A 239 -40.05 -44.16 -21.68
C ASP A 239 -38.72 -43.96 -20.95
N ASP A 240 -38.19 -42.73 -20.97
CA ASP A 240 -36.90 -42.46 -20.36
C ASP A 240 -36.91 -42.66 -18.84
N GLN A 241 -38.07 -42.97 -18.25
CA GLN A 241 -38.21 -43.16 -16.81
C GLN A 241 -37.95 -41.87 -16.04
N ARG A 242 -38.07 -40.72 -16.71
CA ARG A 242 -37.87 -39.43 -16.08
C ARG A 242 -36.46 -39.31 -15.51
N ARG A 243 -35.48 -39.89 -16.19
CA ARG A 243 -34.09 -39.88 -15.77
C ARG A 243 -33.21 -39.06 -16.70
N LEU A 244 -33.82 -38.28 -17.59
CA LEU A 244 -33.08 -37.48 -18.56
C LEU A 244 -33.52 -36.03 -18.46
N VAL A 245 -32.63 -35.13 -18.85
CA VAL A 245 -32.81 -33.70 -18.68
C VAL A 245 -32.83 -33.03 -20.04
N TYR A 246 -33.79 -32.14 -20.23
CA TYR A 246 -33.98 -31.46 -21.50
C TYR A 246 -34.22 -29.98 -21.27
N TYR A 247 -33.83 -29.19 -22.26
CA TYR A 247 -34.27 -27.82 -22.40
C TYR A 247 -35.53 -27.84 -23.26
N GLU A 248 -36.62 -27.30 -22.72
CA GLU A 248 -37.91 -27.36 -23.38
C GLU A 248 -38.69 -26.09 -23.10
N GLY A 249 -39.50 -25.69 -24.08
CA GLY A 249 -40.34 -24.52 -23.95
C GLY A 249 -41.79 -24.86 -24.15
N GLY A 250 -42.69 -24.00 -23.66
CA GLY A 250 -44.11 -24.26 -23.75
C GLY A 250 -44.78 -24.24 -22.40
N ALA A 251 -45.74 -25.14 -22.19
CA ALA A 251 -46.42 -25.20 -20.90
C ALA A 251 -45.52 -25.79 -19.83
N VAL A 252 -44.40 -26.40 -20.21
CA VAL A 252 -43.45 -26.93 -19.25
C VAL A 252 -42.98 -25.78 -18.37
N CYS A 253 -42.96 -24.57 -18.93
CA CYS A 253 -42.55 -23.40 -18.17
C CYS A 253 -43.46 -23.19 -16.96
N THR A 254 -44.76 -23.39 -17.14
CA THR A 254 -45.71 -23.26 -16.05
C THR A 254 -45.86 -24.55 -15.25
N HIS A 255 -45.37 -25.67 -15.77
CA HIS A 255 -45.54 -26.97 -15.12
C HIS A 255 -44.54 -27.14 -13.98
N ALA A 256 -44.82 -28.12 -13.13
CA ALA A 256 -43.99 -28.36 -11.96
C ALA A 256 -42.67 -29.04 -12.33
N ARG A 257 -42.69 -29.93 -13.31
CA ARG A 257 -41.50 -30.69 -13.65
C ARG A 257 -40.37 -29.78 -14.10
N SER A 258 -40.69 -28.54 -14.47
CA SER A 258 -39.66 -27.55 -14.74
C SER A 258 -39.02 -27.01 -13.47
N LEU A 259 -39.61 -27.29 -12.31
CA LEU A 259 -39.13 -26.68 -11.07
C LEU A 259 -37.97 -27.46 -10.49
N TRP A 260 -37.05 -26.73 -9.87
CA TRP A 260 -35.86 -27.30 -9.25
C TRP A 260 -35.61 -26.59 -7.92
N ARG A 261 -34.92 -27.29 -7.03
CA ARG A 261 -34.54 -26.75 -5.73
C ARG A 261 -33.03 -26.78 -5.60
N LEU A 262 -32.46 -25.71 -5.07
CA LEU A 262 -31.02 -25.60 -4.89
C LEU A 262 -30.68 -25.89 -3.43
N GLU A 263 -29.79 -26.84 -3.21
CA GLU A 263 -29.43 -27.29 -1.87
C GLU A 263 -27.93 -27.10 -1.64
N PRO A 264 -27.50 -26.09 -0.89
CA PRO A 264 -26.08 -26.00 -0.56
C PRO A 264 -25.62 -27.19 0.25
N LEU A 265 -24.34 -27.54 0.06
CA LEU A 265 -23.78 -28.71 0.73
C LEU A 265 -23.77 -28.56 2.25
N ARG A 266 -23.83 -27.32 2.75
CA ARG A 266 -23.84 -27.10 4.18
C ARG A 266 -25.28 -27.05 4.68
N ILE A 267 -25.53 -27.70 5.81
CA ILE A 267 -26.86 -27.64 6.43
C ILE A 267 -27.08 -26.26 7.05
N SER A 268 -26.10 -25.79 7.82
CA SER A 268 -26.23 -24.49 8.47
C SER A 268 -26.07 -23.37 7.46
N TRP A 269 -26.92 -22.34 7.61
CA TRP A 269 -26.87 -21.16 6.74
C TRP A 269 -26.97 -21.57 5.28
N SER A 270 -27.78 -22.59 5.01
CA SER A 270 -28.06 -23.01 3.65
C SER A 270 -29.00 -22.06 2.93
N GLY A 271 -29.71 -21.21 3.67
CA GLY A 271 -30.57 -20.22 3.08
C GLY A 271 -29.84 -18.93 2.83
N SER A 272 -28.52 -18.98 2.93
CA SER A 272 -27.70 -17.81 2.64
C SER A 272 -27.73 -17.49 1.15
N HIS A 273 -27.33 -16.26 0.83
CA HIS A 273 -27.27 -15.85 -0.56
C HIS A 273 -26.33 -16.75 -1.35
N LEU A 274 -26.77 -17.18 -2.52
CA LEU A 274 -25.90 -17.93 -3.40
C LEU A 274 -24.78 -17.04 -3.90
N ARG A 275 -23.58 -17.59 -3.95
CA ARG A 275 -22.39 -16.87 -4.36
C ARG A 275 -21.64 -17.68 -5.40
N TRP A 276 -21.00 -16.98 -6.33
CA TRP A 276 -20.35 -17.65 -7.45
C TRP A 276 -19.34 -18.67 -6.94
N GLY A 277 -19.35 -19.85 -7.55
CA GLY A 277 -18.47 -20.92 -7.17
C GLY A 277 -19.02 -21.83 -6.08
N GLN A 278 -20.20 -21.54 -5.57
CA GLN A 278 -20.69 -22.30 -4.43
C GLN A 278 -21.10 -23.71 -4.85
N PRO A 279 -20.50 -24.74 -4.27
CA PRO A 279 -20.93 -26.10 -4.57
C PRO A 279 -22.32 -26.34 -4.02
N LEU A 280 -23.16 -26.98 -4.83
CA LEU A 280 -24.53 -27.22 -4.42
C LEU A 280 -25.09 -28.38 -5.21
N ARG A 281 -26.22 -28.88 -4.72
CA ARG A 281 -26.94 -29.98 -5.33
C ARG A 281 -28.22 -29.42 -5.92
N ILE A 282 -28.70 -30.01 -7.00
CA ILE A 282 -29.90 -29.57 -7.67
C ILE A 282 -30.90 -30.72 -7.63
N ARG A 283 -32.06 -30.46 -7.04
CA ARG A 283 -33.06 -31.48 -6.77
C ARG A 283 -34.30 -31.21 -7.60
N HIS A 284 -34.92 -32.29 -8.08
CA HIS A 284 -36.19 -32.19 -8.77
C HIS A 284 -37.30 -32.46 -7.75
N VAL A 285 -38.20 -31.48 -7.59
CA VAL A 285 -39.14 -31.50 -6.47
C VAL A 285 -40.10 -32.66 -6.60
N THR A 286 -40.69 -32.84 -7.79
CA THR A 286 -41.74 -33.83 -7.97
C THR A 286 -41.23 -35.26 -7.96
N THR A 287 -39.92 -35.48 -8.13
CA THR A 287 -39.36 -36.81 -8.13
C THR A 287 -38.38 -37.07 -7.00
N GLY A 288 -37.86 -36.03 -6.36
CA GLY A 288 -36.88 -36.20 -5.32
C GLY A 288 -35.51 -36.57 -5.81
N ARG A 289 -35.28 -36.53 -7.12
CA ARG A 289 -34.03 -36.97 -7.71
C ARG A 289 -33.11 -35.77 -7.94
N TYR A 290 -31.81 -36.04 -7.87
CA TYR A 290 -30.78 -35.02 -7.90
C TYR A 290 -30.03 -35.10 -9.22
N LEU A 291 -29.75 -33.93 -9.79
CA LEU A 291 -28.96 -33.85 -11.00
C LEU A 291 -27.56 -34.39 -10.74
N ALA A 292 -27.08 -35.27 -11.63
CA ALA A 292 -25.84 -35.97 -11.41
C ALA A 292 -25.16 -36.25 -12.74
N LEU A 293 -23.85 -36.41 -12.67
CA LEU A 293 -23.03 -36.85 -13.78
C LEU A 293 -22.67 -38.32 -13.57
N THR A 294 -23.16 -39.17 -14.46
CA THR A 294 -22.85 -40.60 -14.43
C THR A 294 -22.02 -40.95 -15.66
N GLU A 295 -20.92 -41.65 -15.42
CA GLU A 295 -20.03 -42.02 -16.51
C GLU A 295 -20.75 -42.88 -17.55
N ASP A 296 -21.66 -43.73 -17.10
CA ASP A 296 -22.35 -44.63 -18.01
C ASP A 296 -23.40 -43.91 -18.85
N GLN A 297 -24.11 -42.95 -18.25
CA GLN A 297 -25.23 -42.28 -18.91
C GLN A 297 -25.08 -40.77 -18.91
N GLY A 298 -23.94 -40.25 -18.47
CA GLY A 298 -23.73 -38.82 -18.47
C GLY A 298 -24.72 -38.11 -17.57
N LEU A 299 -25.18 -36.94 -18.02
CA LEU A 299 -26.08 -36.12 -17.22
C LEU A 299 -27.44 -36.79 -17.07
N VAL A 300 -27.81 -37.06 -15.81
CA VAL A 300 -29.10 -37.65 -15.50
C VAL A 300 -29.60 -37.11 -14.17
N VAL A 301 -30.76 -37.57 -13.73
CA VAL A 301 -31.22 -37.35 -12.36
C VAL A 301 -31.29 -38.70 -11.67
N VAL A 302 -30.58 -38.83 -10.56
CA VAL A 302 -30.46 -40.09 -9.85
C VAL A 302 -31.12 -39.97 -8.49
N ASP A 303 -31.20 -41.09 -7.80
CA ASP A 303 -31.81 -41.11 -6.48
C ASP A 303 -30.81 -40.60 -5.43
N ALA A 304 -31.36 -40.21 -4.28
CA ALA A 304 -30.53 -39.68 -3.20
C ALA A 304 -29.51 -40.72 -2.75
N CYS A 305 -29.91 -41.99 -2.69
CA CYS A 305 -28.99 -43.03 -2.27
C CYS A 305 -27.74 -43.08 -3.13
N LYS A 306 -27.84 -42.75 -4.41
CA LYS A 306 -26.68 -42.71 -5.29
C LYS A 306 -26.09 -41.32 -5.43
N ALA A 307 -26.75 -40.31 -4.89
CA ALA A 307 -26.24 -38.94 -4.95
C ALA A 307 -25.13 -38.81 -3.92
N HIS A 308 -23.88 -38.87 -4.37
CA HIS A 308 -22.71 -38.87 -3.50
C HIS A 308 -21.83 -37.65 -3.74
N THR A 309 -22.45 -36.47 -3.83
CA THR A 309 -21.73 -35.21 -3.84
C THR A 309 -20.92 -35.05 -5.12
N LYS A 310 -19.89 -35.88 -5.28
CA LYS A 310 -19.02 -35.76 -6.45
C LYS A 310 -19.83 -35.74 -7.74
N ALA A 311 -20.83 -36.61 -7.85
CA ALA A 311 -21.66 -36.65 -9.03
C ALA A 311 -22.64 -35.48 -9.07
N THR A 312 -23.11 -35.04 -7.91
CA THR A 312 -24.20 -34.08 -7.81
C THR A 312 -23.76 -32.68 -7.43
N SER A 313 -22.47 -32.46 -7.23
CA SER A 313 -21.98 -31.14 -6.84
C SER A 313 -21.86 -30.25 -8.08
N PHE A 314 -22.55 -29.11 -8.04
CA PHE A 314 -22.56 -28.16 -9.14
C PHE A 314 -22.27 -26.76 -8.60
N CYS A 315 -21.82 -25.89 -9.49
CA CYS A 315 -21.55 -24.51 -9.13
C CYS A 315 -22.02 -23.59 -10.24
N PHE A 316 -22.35 -22.37 -9.85
CA PHE A 316 -22.71 -21.31 -10.79
C PHE A 316 -21.51 -20.39 -10.95
N ARG A 317 -21.08 -20.17 -12.19
CA ARG A 317 -20.01 -19.24 -12.48
C ARG A 317 -20.48 -18.22 -13.50
N VAL A 318 -20.03 -16.98 -13.32
CA VAL A 318 -20.41 -15.91 -14.23
C VAL A 318 -19.70 -16.05 -15.58
N SER A 319 -18.48 -16.58 -15.57
CA SER A 319 -17.70 -16.74 -16.78
C SER A 319 -17.15 -18.16 -16.86
N LYS A 320 -16.95 -18.64 -18.09
CA LYS A 320 -16.50 -20.00 -18.32
C LYS A 320 -14.99 -20.14 -18.26
N GLU A 321 -14.27 -19.06 -17.94
CA GLU A 321 -12.82 -19.13 -17.88
C GLU A 321 -12.37 -20.01 -16.72
N LYS A 322 -11.31 -20.77 -16.94
CA LYS A 322 -10.81 -21.72 -15.96
C LYS A 322 -9.96 -21.00 -14.91
N LEU A 323 -10.65 -20.23 -14.07
CA LEU A 323 -9.96 -19.50 -13.01
C LEU A 323 -9.61 -20.43 -11.85
N ASP A 324 -10.65 -21.00 -11.21
CA ASP A 324 -10.51 -22.02 -10.17
C ASP A 324 -9.27 -21.78 -9.34
N THR A 325 -9.06 -20.54 -8.91
CA THR A 325 -7.82 -20.18 -8.23
C THR A 325 -7.79 -20.68 -6.80
N ALA A 326 -8.84 -20.40 -6.03
CA ALA A 326 -8.85 -20.65 -4.61
C ALA A 326 -10.04 -21.52 -4.22
N PRO A 327 -9.85 -22.57 -3.43
CA PRO A 327 -11.00 -23.25 -2.83
C PRO A 327 -11.68 -22.33 -1.84
N LYS A 328 -12.96 -22.60 -1.59
CA LYS A 328 -13.77 -21.65 -0.88
C LYS A 328 -13.63 -21.76 0.64
N ARG A 329 -14.22 -20.78 1.32
CA ARG A 329 -14.15 -20.67 2.78
C ARG A 329 -15.56 -20.46 3.31
N ASP A 330 -16.00 -21.35 4.19
CA ASP A 330 -17.32 -21.24 4.78
C ASP A 330 -17.47 -19.94 5.58
N VAL A 331 -18.60 -19.27 5.38
CA VAL A 331 -18.90 -18.01 6.04
C VAL A 331 -20.19 -18.17 6.83
N GLU A 332 -20.13 -17.84 8.12
CA GLU A 332 -21.33 -17.78 8.92
C GLU A 332 -22.13 -16.52 8.56
N GLY A 333 -23.44 -16.68 8.44
CA GLY A 333 -24.31 -15.59 8.08
C GLY A 333 -24.79 -15.69 6.64
N MET A 334 -25.61 -14.70 6.28
CA MET A 334 -26.24 -14.70 4.97
C MET A 334 -25.24 -14.44 3.85
N GLY A 335 -24.24 -13.61 4.10
CA GLY A 335 -23.21 -13.35 3.13
C GLY A 335 -23.59 -12.30 2.11
N PRO A 336 -22.68 -12.03 1.17
CA PRO A 336 -22.92 -10.95 0.22
C PRO A 336 -23.95 -11.35 -0.82
N PRO A 337 -24.77 -10.40 -1.28
CA PRO A 337 -25.79 -10.73 -2.30
C PRO A 337 -25.25 -10.70 -3.72
N GLU A 338 -24.70 -11.82 -4.19
CA GLU A 338 -24.04 -11.84 -5.50
C GLU A 338 -25.02 -12.07 -6.65
N ILE A 339 -25.76 -13.18 -6.62
CA ILE A 339 -26.56 -13.62 -7.76
C ILE A 339 -27.99 -13.14 -7.62
N LYS A 340 -28.52 -12.55 -8.69
CA LYS A 340 -29.85 -11.96 -8.69
C LYS A 340 -30.78 -12.73 -9.61
N TYR A 341 -32.06 -12.71 -9.28
CA TYR A 341 -33.08 -13.33 -10.12
C TYR A 341 -33.26 -12.51 -11.40
N GLY A 342 -33.48 -13.22 -12.51
CA GLY A 342 -33.85 -12.53 -13.73
C GLY A 342 -32.74 -11.82 -14.46
N GLU A 343 -31.85 -11.14 -13.72
CA GLU A 343 -30.80 -10.35 -14.34
C GLU A 343 -29.53 -11.17 -14.59
N SER A 344 -29.06 -11.88 -13.56
CA SER A 344 -27.77 -12.53 -13.65
C SER A 344 -27.80 -13.69 -14.64
N LEU A 345 -26.69 -13.84 -15.35
CA LEU A 345 -26.48 -14.95 -16.26
C LEU A 345 -25.45 -15.90 -15.66
N CYS A 346 -25.81 -17.17 -15.54
CA CYS A 346 -25.00 -18.14 -14.82
C CYS A 346 -24.70 -19.32 -15.73
N PHE A 347 -23.51 -19.88 -15.56
CA PHE A 347 -23.10 -21.12 -16.22
C PHE A 347 -22.97 -22.19 -15.16
N VAL A 348 -23.62 -23.32 -15.38
CA VAL A 348 -23.59 -24.43 -14.45
C VAL A 348 -22.38 -25.30 -14.77
N GLN A 349 -21.59 -25.61 -13.76
CA GLN A 349 -20.37 -26.39 -13.93
C GLN A 349 -20.34 -27.52 -12.91
N HIS A 350 -20.07 -28.72 -13.38
CA HIS A 350 -19.84 -29.86 -12.48
C HIS A 350 -18.46 -29.71 -11.86
N VAL A 351 -18.43 -29.56 -10.53
CA VAL A 351 -17.20 -29.14 -9.86
C VAL A 351 -16.08 -30.15 -10.10
N ALA A 352 -16.37 -31.42 -9.86
CA ALA A 352 -15.32 -32.43 -9.93
C ALA A 352 -14.77 -32.57 -11.33
N SER A 353 -15.65 -32.75 -12.31
CA SER A 353 -15.21 -32.88 -13.70
C SER A 353 -14.79 -31.54 -14.30
N GLY A 354 -15.50 -30.47 -13.93
CA GLY A 354 -15.30 -29.19 -14.55
C GLY A 354 -16.08 -28.98 -15.83
N LEU A 355 -16.87 -29.97 -16.25
CA LEU A 355 -17.62 -29.85 -17.49
C LEU A 355 -18.73 -28.82 -17.36
N TRP A 356 -19.18 -28.32 -18.50
CA TRP A 356 -20.20 -27.28 -18.57
C TRP A 356 -21.49 -27.86 -19.12
N LEU A 357 -22.61 -27.37 -18.58
CA LEU A 357 -23.93 -27.84 -19.00
C LEU A 357 -24.32 -27.16 -20.30
N THR A 358 -24.72 -27.96 -21.29
CA THR A 358 -25.02 -27.43 -22.61
C THR A 358 -25.97 -28.39 -23.32
N TYR A 359 -26.52 -27.92 -24.43
CA TYR A 359 -27.43 -28.72 -25.23
C TYR A 359 -26.66 -29.72 -26.10
N ALA A 360 -27.37 -30.77 -26.55
CA ALA A 360 -26.72 -31.87 -27.23
C ALA A 360 -26.49 -31.57 -28.70
N ALA A 361 -26.94 -30.40 -29.15
CA ALA A 361 -26.84 -29.96 -30.53
C ALA A 361 -27.67 -30.90 -31.40
N PRO A 362 -29.01 -30.85 -31.27
CA PRO A 362 -29.87 -31.82 -31.96
C PRO A 362 -29.53 -32.00 -33.43
N ASP A 363 -29.56 -33.26 -33.86
CA ASP A 363 -29.30 -33.59 -35.24
C ASP A 363 -30.45 -33.11 -36.12
N PRO A 364 -30.21 -32.97 -37.42
CA PRO A 364 -31.33 -32.66 -38.32
C PRO A 364 -32.34 -33.80 -38.32
N LYS A 365 -33.53 -33.49 -38.82
CA LYS A 365 -34.76 -34.28 -38.75
C LYS A 365 -35.44 -34.16 -37.39
N ALA A 366 -34.79 -33.54 -36.39
CA ALA A 366 -35.50 -33.23 -35.16
C ALA A 366 -36.61 -32.23 -35.41
N LEU A 367 -36.41 -31.33 -36.37
CA LEU A 367 -37.48 -30.42 -36.78
C LEU A 367 -38.67 -31.21 -37.32
N ARG A 368 -38.41 -32.26 -38.10
CA ARG A 368 -39.50 -33.12 -38.55
C ARG A 368 -40.17 -33.80 -37.37
N LEU A 369 -39.38 -34.27 -36.40
CA LEU A 369 -39.97 -34.78 -35.17
C LEU A 369 -40.81 -33.74 -34.45
N GLY A 370 -40.55 -32.46 -34.70
CA GLY A 370 -41.30 -31.39 -34.07
C GLY A 370 -41.00 -31.29 -32.59
N VAL A 371 -39.86 -31.85 -32.18
CA VAL A 371 -39.49 -31.81 -30.78
C VAL A 371 -38.95 -30.44 -30.43
N LEU A 372 -39.50 -29.84 -29.38
CA LEU A 372 -38.94 -28.63 -28.79
C LEU A 372 -37.91 -28.95 -27.71
N LYS A 373 -37.52 -30.21 -27.58
CA LYS A 373 -36.67 -30.68 -26.49
C LYS A 373 -35.25 -30.83 -26.99
N LYS A 374 -34.31 -30.24 -26.25
CA LYS A 374 -32.88 -30.39 -26.51
C LYS A 374 -32.25 -31.09 -25.31
N LYS A 375 -31.71 -32.28 -25.53
CA LYS A 375 -31.12 -33.01 -24.43
C LYS A 375 -29.94 -32.24 -23.86
N ALA A 376 -29.81 -32.27 -22.54
CA ALA A 376 -28.77 -31.54 -21.84
C ALA A 376 -27.60 -32.45 -21.52
N ILE A 377 -26.39 -31.96 -21.79
CA ILE A 377 -25.17 -32.75 -21.64
C ILE A 377 -24.13 -31.90 -20.93
N LEU A 378 -23.06 -32.56 -20.49
CA LEU A 378 -21.93 -31.92 -19.85
C LEU A 378 -20.74 -31.99 -20.78
N HIS A 379 -20.37 -30.85 -21.36
CA HIS A 379 -19.34 -30.75 -22.37
C HIS A 379 -18.32 -29.70 -21.95
N GLN A 380 -17.04 -30.01 -22.11
CA GLN A 380 -16.00 -29.14 -21.57
C GLN A 380 -15.93 -27.81 -22.32
N GLU A 381 -16.18 -27.83 -23.64
CA GLU A 381 -16.18 -26.58 -24.39
C GLU A 381 -17.49 -25.84 -24.20
N GLY A 382 -18.62 -26.49 -24.49
CA GLY A 382 -19.91 -25.87 -24.32
C GLY A 382 -20.26 -24.92 -25.46
N HIS A 383 -21.12 -23.96 -25.13
CA HIS A 383 -21.57 -22.96 -26.09
C HIS A 383 -21.65 -21.62 -25.38
N MET A 384 -21.83 -20.56 -26.18
CA MET A 384 -21.95 -19.22 -25.62
C MET A 384 -23.30 -19.05 -24.93
N ASP A 385 -24.36 -19.58 -25.54
CA ASP A 385 -25.73 -19.44 -25.03
C ASP A 385 -26.01 -20.37 -23.87
N ASP A 386 -24.99 -21.00 -23.31
CA ASP A 386 -25.16 -21.91 -22.19
C ASP A 386 -25.64 -21.21 -20.93
N ALA A 387 -25.57 -19.89 -20.88
CA ALA A 387 -25.96 -19.15 -19.68
C ALA A 387 -27.44 -19.36 -19.38
N LEU A 388 -27.78 -19.27 -18.10
CA LEU A 388 -29.14 -19.53 -17.63
C LEU A 388 -29.62 -18.38 -16.75
N PHE A 389 -30.91 -18.07 -16.88
CA PHE A 389 -31.59 -17.12 -16.03
C PHE A 389 -32.30 -17.89 -14.93
N LEU A 390 -32.11 -17.46 -13.68
CA LEU A 390 -32.86 -18.04 -12.58
C LEU A 390 -34.13 -17.25 -12.35
N THR A 391 -35.25 -17.96 -12.22
CA THR A 391 -36.56 -17.34 -12.11
C THR A 391 -37.27 -17.88 -10.87
N ARG A 392 -37.92 -16.97 -10.15
CA ARG A 392 -38.55 -17.30 -8.89
C ARG A 392 -39.82 -18.14 -9.12
N CYS A 393 -40.16 -18.93 -8.11
CA CYS A 393 -41.32 -19.80 -8.14
C CYS A 393 -42.28 -19.39 -7.03
N GLN A 394 -43.58 -19.48 -7.32
CA GLN A 394 -44.59 -19.16 -6.32
C GLN A 394 -44.57 -20.18 -5.18
N GLN A 395 -44.89 -19.69 -3.98
CA GLN A 395 -45.06 -20.59 -2.85
C GLN A 395 -46.09 -21.66 -3.16
N GLU A 396 -47.17 -21.28 -3.85
CA GLU A 396 -48.20 -22.25 -4.20
C GLU A 396 -47.64 -23.36 -5.06
N GLU A 397 -46.85 -23.00 -6.09
CA GLU A 397 -46.28 -24.01 -6.97
C GLU A 397 -45.29 -24.91 -6.23
N SER A 398 -44.45 -24.32 -5.38
CA SER A 398 -43.49 -25.12 -4.63
C SER A 398 -44.22 -26.12 -3.74
N GLN A 399 -45.23 -25.61 -3.01
CA GLN A 399 -46.02 -26.46 -2.13
C GLN A 399 -46.69 -27.57 -2.94
N ALA A 400 -47.24 -27.23 -4.10
CA ALA A 400 -47.93 -28.22 -4.92
C ALA A 400 -46.98 -29.30 -5.41
N ALA A 401 -45.77 -28.91 -5.82
CA ALA A 401 -44.81 -29.90 -6.30
C ALA A 401 -44.40 -30.86 -5.18
N ARG A 402 -44.12 -30.33 -3.99
CA ARG A 402 -43.76 -31.21 -2.89
C ARG A 402 -44.93 -32.11 -2.51
N MET A 403 -46.15 -31.55 -2.52
CA MET A 403 -47.35 -32.34 -2.33
C MET A 403 -47.42 -33.49 -3.33
N ILE A 404 -47.17 -33.19 -4.60
CA ILE A 404 -47.25 -34.19 -5.64
C ILE A 404 -46.27 -35.31 -5.36
N HIS A 405 -45.04 -34.96 -5.00
CA HIS A 405 -44.04 -35.98 -4.72
C HIS A 405 -44.50 -36.90 -3.59
N SER A 406 -44.90 -36.30 -2.47
CA SER A 406 -45.30 -37.10 -1.31
C SER A 406 -46.52 -37.96 -1.63
N THR A 407 -47.52 -37.37 -2.27
CA THR A 407 -48.75 -38.09 -2.57
C THR A 407 -48.49 -39.24 -3.54
N ALA A 408 -47.66 -39.01 -4.55
CA ALA A 408 -47.32 -40.07 -5.48
C ALA A 408 -46.67 -41.23 -4.73
N GLY A 409 -45.70 -40.93 -3.86
CA GLY A 409 -45.07 -42.00 -3.11
C GLY A 409 -46.08 -42.80 -2.29
N LEU A 410 -46.94 -42.09 -1.55
CA LEU A 410 -47.87 -42.77 -0.66
C LEU A 410 -48.86 -43.62 -1.45
N TYR A 411 -49.45 -43.06 -2.51
CA TYR A 411 -50.45 -43.78 -3.28
C TYR A 411 -49.83 -44.97 -4.00
N ASN A 412 -48.60 -44.83 -4.49
CA ASN A 412 -47.95 -45.96 -5.13
C ASN A 412 -47.65 -47.07 -4.13
N GLN A 413 -47.26 -46.72 -2.90
CA GLN A 413 -47.10 -47.73 -1.88
C GLN A 413 -48.43 -48.45 -1.61
N PHE A 414 -49.51 -47.69 -1.53
CA PHE A 414 -50.84 -48.29 -1.33
C PHE A 414 -51.18 -49.27 -2.46
N ILE A 415 -50.98 -48.83 -3.71
CA ILE A 415 -51.27 -49.66 -4.86
C ILE A 415 -50.44 -50.93 -4.85
N LYS A 416 -49.19 -50.79 -4.45
CA LYS A 416 -48.32 -51.90 -4.10
C LYS A 416 -48.84 -52.89 -3.10
N GLY A 417 -49.33 -52.45 -1.99
CA GLY A 417 -49.89 -53.44 -1.10
C GLY A 417 -51.10 -54.13 -1.71
N LEU A 418 -51.95 -53.35 -2.38
CA LEU A 418 -53.15 -53.92 -2.98
C LEU A 418 -52.80 -54.99 -4.01
N ASP A 419 -51.83 -54.71 -4.88
CA ASP A 419 -51.38 -55.69 -5.85
C ASP A 419 -50.69 -56.88 -5.19
N SER A 420 -49.99 -56.65 -4.09
CA SER A 420 -49.32 -57.75 -3.40
C SER A 420 -50.32 -58.77 -2.91
N PHE A 421 -51.43 -58.33 -2.32
CA PHE A 421 -52.45 -59.27 -1.86
C PHE A 421 -53.66 -59.33 -2.80
N SER A 422 -53.49 -58.95 -4.06
CA SER A 422 -54.60 -59.00 -5.00
C SER A 422 -55.15 -60.42 -5.14
N GLY A 423 -54.34 -61.34 -5.66
CA GLY A 423 -54.76 -62.70 -5.91
C GLY A 423 -54.46 -63.69 -4.81
N LYS A 424 -54.03 -63.22 -3.64
CA LYS A 424 -53.66 -64.10 -2.54
C LYS A 424 -54.66 -63.93 -1.40
N PRO A 425 -55.67 -64.80 -1.29
CA PRO A 425 -56.58 -64.70 -0.15
C PRO A 425 -55.84 -64.94 1.15
N ARG A 426 -56.24 -64.20 2.18
CA ARG A 426 -55.64 -64.38 3.50
C ARG A 426 -56.06 -65.70 4.12
N GLY A 427 -57.13 -66.31 3.60
CA GLY A 427 -57.63 -67.54 4.20
C GLY A 427 -58.04 -67.31 5.64
N SER A 428 -57.82 -68.33 6.46
CA SER A 428 -58.09 -68.24 7.89
C SER A 428 -56.81 -67.82 8.63
N GLY A 429 -56.23 -66.73 8.13
CA GLY A 429 -54.98 -66.23 8.64
C GLY A 429 -54.78 -64.77 8.31
N PRO A 430 -53.54 -64.28 8.44
CA PRO A 430 -53.29 -62.87 8.18
C PRO A 430 -53.21 -62.63 6.68
N PRO A 431 -53.34 -61.37 6.24
CA PRO A 431 -53.14 -61.10 4.81
C PRO A 431 -51.73 -61.44 4.34
N ALA A 432 -50.79 -61.58 5.29
CA ALA A 432 -49.43 -61.97 4.97
C ALA A 432 -48.77 -60.95 4.05
N GLY A 433 -48.66 -59.72 4.52
CA GLY A 433 -48.00 -58.68 3.77
C GLY A 433 -47.90 -57.40 4.58
N PRO A 434 -47.11 -56.44 4.07
CA PRO A 434 -46.92 -55.19 4.82
C PRO A 434 -48.23 -54.43 4.99
N ALA A 435 -48.36 -53.81 6.16
CA ALA A 435 -49.59 -53.11 6.49
C ALA A 435 -49.82 -51.94 5.55
N LEU A 436 -51.07 -51.77 5.14
CA LEU A 436 -51.40 -50.68 4.24
C LEU A 436 -51.44 -49.36 4.99
N PRO A 437 -51.02 -48.26 4.36
CA PRO A 437 -51.07 -46.93 5.02
C PRO A 437 -52.46 -46.32 4.97
N ILE A 438 -53.41 -46.98 5.64
CA ILE A 438 -54.81 -46.57 5.54
C ILE A 438 -55.01 -45.17 6.10
N GLU A 439 -54.52 -44.91 7.30
CA GLU A 439 -54.74 -43.62 7.94
C GLU A 439 -54.05 -42.50 7.18
N ALA A 440 -52.83 -42.77 6.69
CA ALA A 440 -52.12 -41.75 5.91
C ALA A 440 -52.86 -41.43 4.64
N VAL A 441 -53.38 -42.46 3.95
CA VAL A 441 -54.15 -42.22 2.73
C VAL A 441 -55.38 -41.39 3.05
N ILE A 442 -56.08 -41.73 4.14
CA ILE A 442 -57.30 -41.02 4.50
C ILE A 442 -56.99 -39.56 4.77
N LEU A 443 -55.95 -39.29 5.57
CA LEU A 443 -55.61 -37.92 5.92
C LEU A 443 -55.17 -37.13 4.68
N SER A 444 -54.39 -37.76 3.82
CA SER A 444 -53.95 -37.09 2.59
C SER A 444 -55.16 -36.74 1.73
N LEU A 445 -56.11 -37.67 1.60
CA LEU A 445 -57.29 -37.43 0.78
C LEU A 445 -58.11 -36.28 1.35
N GLN A 446 -58.31 -36.29 2.67
CA GLN A 446 -59.09 -35.22 3.30
C GLN A 446 -58.41 -33.87 3.12
N ASP A 447 -57.10 -33.82 3.36
CA ASP A 447 -56.37 -32.55 3.22
C ASP A 447 -56.40 -32.07 1.79
N LEU A 448 -56.30 -32.98 0.82
CA LEU A 448 -56.32 -32.57 -0.59
C LEU A 448 -57.71 -32.08 -0.98
N ILE A 449 -58.76 -32.69 -0.44
CA ILE A 449 -60.11 -32.20 -0.70
C ILE A 449 -60.27 -30.79 -0.16
N GLY A 450 -59.82 -30.55 1.07
CA GLY A 450 -59.87 -29.20 1.61
C GLY A 450 -58.99 -28.24 0.83
N TYR A 451 -57.89 -28.74 0.26
CA TYR A 451 -56.97 -27.92 -0.50
C TYR A 451 -57.55 -27.53 -1.86
N PHE A 452 -58.38 -28.40 -2.44
CA PHE A 452 -59.05 -28.13 -3.71
C PHE A 452 -60.47 -27.62 -3.53
N GLU A 453 -60.89 -27.35 -2.30
CA GLU A 453 -62.25 -26.88 -2.08
C GLU A 453 -62.47 -25.56 -2.81
N PRO A 454 -63.59 -25.42 -3.51
CA PRO A 454 -63.86 -24.17 -4.23
C PRO A 454 -64.17 -23.03 -3.26
N PRO A 455 -63.91 -21.79 -3.67
CA PRO A 455 -64.18 -20.66 -2.77
C PRO A 455 -65.67 -20.51 -2.49
N SER A 456 -65.97 -19.95 -1.33
CA SER A 456 -67.36 -19.74 -0.93
C SER A 456 -67.98 -18.63 -1.76
N GLU A 457 -69.30 -18.73 -1.96
CA GLU A 457 -70.01 -17.74 -2.76
C GLU A 457 -70.10 -16.40 -2.03
N GLU A 458 -70.13 -16.41 -0.69
CA GLU A 458 -70.22 -15.17 0.05
C GLU A 458 -69.02 -14.27 -0.20
N LEU A 459 -67.87 -14.86 -0.54
CA LEU A 459 -66.68 -14.08 -0.80
C LEU A 459 -66.94 -13.09 -1.94
N GLN A 460 -66.16 -12.01 -1.93
CA GLN A 460 -66.30 -11.00 -2.97
C GLN A 460 -65.79 -11.51 -4.30
N HIS A 461 -66.21 -10.82 -5.36
CA HIS A 461 -65.95 -11.29 -6.72
C HIS A 461 -64.46 -11.42 -6.99
N GLU A 462 -63.68 -10.41 -6.60
CA GLU A 462 -62.24 -10.44 -6.89
C GLU A 462 -61.55 -11.60 -6.19
N GLU A 463 -61.83 -11.78 -4.91
CA GLU A 463 -61.21 -12.87 -4.17
C GLU A 463 -61.62 -14.22 -4.74
N LYS A 464 -62.90 -14.36 -5.11
CA LYS A 464 -63.34 -15.62 -5.73
C LYS A 464 -62.57 -15.88 -7.01
N GLN A 465 -62.37 -14.84 -7.83
CA GLN A 465 -61.63 -15.02 -9.06
C GLN A 465 -60.20 -15.45 -8.80
N SER A 466 -59.56 -14.83 -7.80
CA SER A 466 -58.18 -15.20 -7.47
C SER A 466 -58.10 -16.65 -7.01
N LYS A 467 -59.00 -17.06 -6.13
CA LYS A 467 -58.99 -18.45 -5.65
C LYS A 467 -59.26 -19.41 -6.80
N LEU A 468 -60.17 -19.05 -7.69
CA LEU A 468 -60.47 -19.93 -8.83
C LEU A 468 -59.26 -20.07 -9.74
N ARG A 469 -58.56 -18.96 -9.98
CA ARG A 469 -57.34 -19.02 -10.79
C ARG A 469 -56.32 -19.95 -10.14
N SER A 470 -56.11 -19.78 -8.83
CA SER A 470 -55.17 -20.65 -8.12
C SER A 470 -55.60 -22.10 -8.21
N LEU A 471 -56.91 -22.35 -8.05
CA LEU A 471 -57.41 -23.72 -8.08
C LEU A 471 -57.22 -24.37 -9.44
N ARG A 472 -57.51 -23.63 -10.52
CA ARG A 472 -57.28 -24.16 -11.85
C ARG A 472 -55.80 -24.46 -12.06
N ASN A 473 -54.92 -23.56 -11.61
CA ASN A 473 -53.49 -23.81 -11.73
C ASN A 473 -53.09 -25.09 -11.01
N ARG A 474 -53.56 -25.26 -9.77
CA ARG A 474 -53.20 -26.43 -8.99
C ARG A 474 -53.74 -27.71 -9.64
N GLN A 475 -54.98 -27.65 -10.12
CA GLN A 475 -55.56 -28.78 -10.84
C GLN A 475 -54.70 -29.17 -12.03
N SER A 476 -54.29 -28.17 -12.82
CA SER A 476 -53.49 -28.45 -14.00
C SER A 476 -52.14 -29.05 -13.62
N LEU A 477 -51.51 -28.54 -12.58
CA LEU A 477 -50.23 -29.09 -12.14
C LEU A 477 -50.38 -30.55 -11.74
N PHE A 478 -51.39 -30.86 -10.92
CA PHE A 478 -51.59 -32.24 -10.49
C PHE A 478 -51.88 -33.14 -11.68
N GLN A 479 -52.74 -32.70 -12.60
CA GLN A 479 -53.05 -33.51 -13.76
C GLN A 479 -51.82 -33.76 -14.61
N GLU A 480 -51.01 -32.73 -14.86
CA GLU A 480 -49.81 -32.88 -15.66
C GLU A 480 -48.77 -33.76 -14.99
N GLU A 481 -48.78 -33.86 -13.66
CA GLU A 481 -47.91 -34.79 -12.96
C GLU A 481 -48.55 -36.15 -12.74
N GLY A 482 -49.78 -36.35 -13.20
CA GLY A 482 -50.38 -37.67 -13.26
C GLY A 482 -51.11 -38.15 -12.04
N MET A 483 -51.50 -37.26 -11.11
CA MET A 483 -52.17 -37.68 -9.92
C MET A 483 -53.49 -38.32 -10.27
N LEU A 484 -54.20 -37.72 -11.22
CA LEU A 484 -55.53 -38.19 -11.59
C LEU A 484 -55.52 -39.65 -12.02
N SER A 485 -54.55 -40.04 -12.86
CA SER A 485 -54.42 -41.44 -13.26
C SER A 485 -54.16 -42.32 -12.06
N LEU A 486 -53.38 -41.83 -11.09
CA LEU A 486 -53.12 -42.60 -9.88
C LEU A 486 -54.41 -42.83 -9.10
N VAL A 487 -55.23 -41.78 -8.99
CA VAL A 487 -56.52 -41.92 -8.30
C VAL A 487 -57.39 -42.96 -9.01
N LEU A 488 -57.43 -42.89 -10.34
CA LEU A 488 -58.22 -43.86 -11.09
C LEU A 488 -57.72 -45.28 -10.87
N ASN A 489 -56.40 -45.46 -10.84
CA ASN A 489 -55.83 -46.78 -10.62
C ASN A 489 -56.18 -47.32 -9.24
N CYS A 490 -56.04 -46.47 -8.22
CA CYS A 490 -56.44 -46.87 -6.87
C CYS A 490 -57.90 -47.25 -6.83
N ILE A 491 -58.74 -46.47 -7.51
CA ILE A 491 -60.18 -46.76 -7.52
C ILE A 491 -60.45 -48.10 -8.20
N ASP A 492 -59.73 -48.39 -9.28
CA ASP A 492 -59.92 -49.66 -9.97
C ASP A 492 -59.56 -50.83 -9.08
N ARG A 493 -58.40 -50.74 -8.41
CA ARG A 493 -57.96 -51.85 -7.57
C ARG A 493 -58.83 -52.00 -6.34
N LEU A 494 -59.44 -50.90 -5.87
CA LEU A 494 -60.40 -51.01 -4.78
C LEU A 494 -61.75 -51.50 -5.26
N ASN A 495 -62.08 -51.27 -6.53
CA ASN A 495 -63.36 -51.68 -7.09
C ASN A 495 -63.39 -53.17 -7.37
N VAL A 496 -62.25 -53.75 -7.75
CA VAL A 496 -62.20 -55.19 -7.98
C VAL A 496 -62.90 -55.93 -6.85
N TYR A 497 -62.87 -55.36 -5.65
CA TYR A 497 -63.59 -55.92 -4.50
C TYR A 497 -64.96 -55.26 -4.40
N THR A 498 -66.01 -56.08 -4.39
CA THR A 498 -67.37 -55.56 -4.42
C THR A 498 -67.75 -54.91 -3.09
N THR A 499 -67.36 -55.53 -1.98
CA THR A 499 -67.81 -55.10 -0.67
C THR A 499 -66.67 -55.21 0.33
N ALA A 500 -66.92 -54.67 1.53
CA ALA A 500 -65.90 -54.63 2.57
C ALA A 500 -65.50 -56.04 3.01
N ALA A 501 -66.47 -56.95 3.09
CA ALA A 501 -66.14 -58.34 3.45
C ALA A 501 -65.29 -59.00 2.38
N HIS A 502 -65.61 -58.75 1.12
CA HIS A 502 -64.80 -59.26 0.03
C HIS A 502 -63.39 -58.71 0.11
N PHE A 503 -63.26 -57.43 0.47
CA PHE A 503 -61.93 -56.85 0.68
C PHE A 503 -61.23 -57.51 1.85
N ALA A 504 -61.95 -57.77 2.94
CA ALA A 504 -61.37 -58.38 4.13
C ALA A 504 -60.79 -59.75 3.82
N GLU A 505 -61.50 -60.52 2.98
CA GLU A 505 -61.02 -61.85 2.63
C GLU A 505 -59.57 -61.82 2.16
N TYR A 506 -59.12 -60.68 1.65
CA TYR A 506 -57.76 -60.55 1.14
C TYR A 506 -56.87 -59.68 2.02
N ALA A 507 -57.45 -58.70 2.71
CA ALA A 507 -56.69 -57.70 3.44
C ALA A 507 -57.05 -57.61 4.92
N GLY A 508 -58.17 -58.19 5.34
CA GLY A 508 -58.53 -58.20 6.74
C GLY A 508 -59.60 -57.17 7.08
N GLU A 509 -60.26 -57.43 8.22
CA GLU A 509 -61.33 -56.55 8.68
C GLU A 509 -60.80 -55.14 8.94
N GLU A 510 -59.57 -55.04 9.45
CA GLU A 510 -59.02 -53.75 9.85
C GLU A 510 -59.00 -52.78 8.68
N ALA A 511 -58.68 -53.26 7.48
CA ALA A 511 -58.75 -52.43 6.30
C ALA A 511 -60.15 -52.42 5.70
N ALA A 512 -60.92 -53.48 5.95
CA ALA A 512 -62.28 -53.53 5.43
C ALA A 512 -63.13 -52.39 5.98
N GLU A 513 -62.90 -51.98 7.23
CA GLU A 513 -63.71 -50.89 7.75
C GLU A 513 -63.54 -49.62 6.93
N SER A 514 -62.30 -49.30 6.57
CA SER A 514 -61.98 -48.06 5.88
C SER A 514 -62.09 -48.16 4.37
N TRP A 515 -62.33 -49.36 3.83
CA TRP A 515 -62.58 -49.52 2.40
C TRP A 515 -63.55 -48.45 1.88
N LYS A 516 -64.76 -48.40 2.45
CA LYS A 516 -65.81 -47.53 1.93
C LYS A 516 -65.42 -46.06 2.05
N GLU A 517 -64.86 -45.70 3.20
CA GLU A 517 -64.42 -44.32 3.41
C GLU A 517 -63.40 -43.91 2.36
N ILE A 518 -62.46 -44.80 2.07
CA ILE A 518 -61.39 -44.49 1.12
C ILE A 518 -61.96 -44.33 -0.28
N VAL A 519 -62.88 -45.21 -0.68
CA VAL A 519 -63.45 -45.09 -2.02
C VAL A 519 -64.22 -43.78 -2.17
N ASN A 520 -65.02 -43.44 -1.15
CA ASN A 520 -65.76 -42.18 -1.21
C ASN A 520 -64.81 -40.99 -1.29
N LEU A 521 -63.75 -41.02 -0.48
CA LEU A 521 -62.77 -39.95 -0.49
C LEU A 521 -62.09 -39.83 -1.85
N LEU A 522 -61.79 -40.97 -2.47
CA LEU A 522 -61.13 -40.95 -3.77
C LEU A 522 -62.04 -40.34 -4.84
N TYR A 523 -63.32 -40.72 -4.84
CA TYR A 523 -64.25 -40.14 -5.79
C TYR A 523 -64.39 -38.64 -5.56
N GLU A 524 -64.47 -38.23 -4.30
CA GLU A 524 -64.57 -36.80 -3.99
C GLU A 524 -63.34 -36.05 -4.46
N LEU A 525 -62.15 -36.62 -4.26
CA LEU A 525 -60.92 -35.98 -4.72
C LEU A 525 -60.91 -35.86 -6.23
N LEU A 526 -61.35 -36.89 -6.93
CA LEU A 526 -61.41 -36.83 -8.39
C LEU A 526 -62.33 -35.70 -8.83
N ALA A 527 -63.50 -35.61 -8.20
CA ALA A 527 -64.44 -34.54 -8.54
C ALA A 527 -63.83 -33.17 -8.28
N SER A 528 -63.14 -33.01 -7.16
CA SER A 528 -62.49 -31.74 -6.86
C SER A 528 -61.42 -31.42 -7.89
N LEU A 529 -60.66 -32.43 -8.32
CA LEU A 529 -59.59 -32.20 -9.28
C LEU A 529 -60.14 -31.75 -10.63
N ILE A 530 -61.23 -32.36 -11.08
CA ILE A 530 -61.75 -32.06 -12.41
C ILE A 530 -62.73 -30.89 -12.43
N ARG A 531 -63.31 -30.52 -11.29
CA ARG A 531 -64.36 -29.52 -11.30
C ARG A 531 -63.86 -28.20 -11.86
N GLY A 532 -64.61 -27.65 -12.80
CA GLY A 532 -64.31 -26.36 -13.38
C GLY A 532 -63.19 -26.34 -14.39
N ASN A 533 -62.57 -27.48 -14.68
CA ASN A 533 -61.44 -27.55 -15.60
C ASN A 533 -61.88 -28.37 -16.82
N ARG A 534 -62.07 -27.66 -17.94
CA ARG A 534 -62.60 -28.29 -19.14
C ARG A 534 -61.66 -29.37 -19.66
N ALA A 535 -60.35 -29.13 -19.61
CA ALA A 535 -59.39 -30.11 -20.10
C ALA A 535 -59.45 -31.38 -19.28
N ASN A 536 -59.41 -31.25 -17.96
CA ASN A 536 -59.42 -32.41 -17.09
C ASN A 536 -60.73 -33.18 -17.22
N CYS A 537 -61.83 -32.47 -17.47
CA CYS A 537 -63.09 -33.16 -17.72
C CYS A 537 -63.11 -33.82 -19.09
N ALA A 538 -62.44 -33.22 -20.07
CA ALA A 538 -62.41 -33.77 -21.42
C ALA A 538 -61.57 -35.04 -21.48
N LEU A 539 -60.61 -35.18 -20.57
CA LEU A 539 -59.80 -36.40 -20.57
C LEU A 539 -60.67 -37.66 -20.50
N PHE A 540 -61.85 -37.55 -19.89
CA PHE A 540 -62.72 -38.71 -19.71
C PHE A 540 -63.47 -39.10 -20.98
N SER A 541 -63.28 -38.36 -22.07
CA SER A 541 -63.94 -38.74 -23.33
C SER A 541 -63.49 -40.13 -23.77
N THR A 542 -62.25 -40.50 -23.45
CA THR A 542 -61.74 -41.81 -23.86
C THR A 542 -62.35 -42.93 -23.03
N ASN A 543 -62.57 -42.70 -21.74
CA ASN A 543 -62.96 -43.75 -20.80
C ASN A 543 -64.23 -43.34 -20.05
N LEU A 544 -65.19 -42.81 -20.78
CA LEU A 544 -66.50 -42.51 -20.19
C LEU A 544 -67.11 -43.76 -19.56
N ASP A 545 -66.95 -44.92 -20.18
CA ASP A 545 -67.52 -46.14 -19.64
C ASP A 545 -67.00 -46.40 -18.23
N TRP A 546 -65.82 -45.87 -17.92
CA TRP A 546 -65.23 -46.02 -16.60
C TRP A 546 -66.17 -45.54 -15.50
N VAL A 547 -66.94 -44.49 -15.78
CA VAL A 547 -67.83 -43.91 -14.78
C VAL A 547 -69.20 -44.57 -14.82
N VAL A 548 -69.72 -44.80 -16.03
CA VAL A 548 -71.06 -45.37 -16.17
C VAL A 548 -71.09 -46.78 -15.61
N SER A 549 -70.03 -47.57 -15.84
CA SER A 549 -69.97 -48.92 -15.30
C SER A 549 -70.03 -48.92 -13.78
N LYS A 550 -69.46 -47.90 -13.15
CA LYS A 550 -69.38 -47.82 -11.70
C LYS A 550 -70.58 -47.12 -11.08
N LEU A 551 -71.39 -46.43 -11.89
CA LEU A 551 -72.55 -45.73 -11.33
C LEU A 551 -73.41 -46.64 -10.47
N ASP A 552 -73.58 -47.90 -10.87
CA ASP A 552 -74.49 -48.80 -10.17
C ASP A 552 -74.00 -49.15 -8.77
N ARG A 553 -72.68 -49.08 -8.54
CA ARG A 553 -72.15 -49.46 -7.24
C ARG A 553 -72.74 -48.57 -6.15
N LEU A 554 -73.02 -49.19 -4.99
CA LEU A 554 -73.79 -48.54 -3.94
C LEU A 554 -72.92 -47.74 -2.97
N GLU A 555 -71.64 -48.10 -2.84
CA GLU A 555 -70.81 -47.51 -1.80
C GLU A 555 -70.60 -46.01 -2.02
N ALA A 556 -70.42 -45.59 -3.27
CA ALA A 556 -70.09 -44.20 -3.61
C ALA A 556 -70.91 -43.72 -4.79
N SER A 557 -72.20 -44.05 -4.77
CA SER A 557 -73.08 -43.66 -5.87
C SER A 557 -73.11 -42.14 -6.02
N SER A 558 -73.26 -41.42 -4.92
CA SER A 558 -73.33 -39.97 -4.97
C SER A 558 -72.03 -39.38 -5.52
N GLY A 559 -70.89 -39.90 -5.08
CA GLY A 559 -69.62 -39.38 -5.56
C GLY A 559 -69.42 -39.62 -7.04
N ILE A 560 -69.76 -40.83 -7.50
CA ILE A 560 -69.62 -41.13 -8.92
C ILE A 560 -70.55 -40.23 -9.73
N LEU A 561 -71.76 -40.01 -9.23
CA LEU A 561 -72.71 -39.14 -9.92
C LEU A 561 -72.20 -37.71 -9.99
N GLU A 562 -71.59 -37.22 -8.91
CA GLU A 562 -71.02 -35.88 -8.94
C GLU A 562 -69.88 -35.79 -9.94
N VAL A 563 -69.04 -36.82 -10.01
CA VAL A 563 -67.98 -36.85 -11.01
C VAL A 563 -68.57 -36.73 -12.41
N LEU A 564 -69.60 -37.53 -12.68
CA LEU A 564 -70.24 -37.49 -13.99
C LEU A 564 -70.82 -36.11 -14.27
N TYR A 565 -71.49 -35.52 -13.28
CA TYR A 565 -72.07 -34.20 -13.44
C TYR A 565 -71.01 -33.18 -13.82
N CYS A 566 -69.90 -33.16 -13.07
CA CYS A 566 -68.84 -32.21 -13.36
C CYS A 566 -68.30 -32.41 -14.77
N VAL A 567 -68.06 -33.66 -15.16
CA VAL A 567 -67.54 -33.93 -16.50
C VAL A 567 -68.49 -33.39 -17.56
N LEU A 568 -69.78 -33.66 -17.40
CA LEU A 568 -70.73 -33.32 -18.45
C LEU A 568 -70.98 -31.82 -18.54
N ILE A 569 -70.97 -31.12 -17.40
CA ILE A 569 -70.98 -29.65 -17.49
C ILE A 569 -69.76 -29.14 -18.22
N GLU A 570 -68.57 -29.60 -17.85
CA GLU A 570 -67.38 -28.92 -18.34
C GLU A 570 -67.12 -29.23 -19.81
N SER A 571 -67.41 -30.46 -20.25
CA SER A 571 -66.93 -30.91 -21.54
C SER A 571 -68.09 -31.22 -22.48
N PRO A 572 -68.12 -30.61 -23.68
CA PRO A 572 -69.03 -31.09 -24.73
C PRO A 572 -68.49 -32.29 -25.48
N GLU A 573 -67.18 -32.50 -25.47
CA GLU A 573 -66.59 -33.64 -26.17
C GLU A 573 -67.19 -34.94 -25.71
N VAL A 574 -67.47 -35.05 -24.41
CA VAL A 574 -68.14 -36.24 -23.89
C VAL A 574 -69.56 -36.32 -24.42
N LEU A 575 -70.25 -35.18 -24.45
CA LEU A 575 -71.62 -35.15 -24.97
C LEU A 575 -71.70 -35.64 -26.40
N ASN A 576 -70.67 -35.37 -27.21
CA ASN A 576 -70.69 -35.82 -28.59
C ASN A 576 -70.47 -37.32 -28.70
N ILE A 577 -69.84 -37.94 -27.69
CA ILE A 577 -69.59 -39.38 -27.74
C ILE A 577 -70.60 -40.18 -26.93
N ILE A 578 -71.54 -39.51 -26.24
CA ILE A 578 -72.54 -40.24 -25.49
C ILE A 578 -73.24 -41.28 -26.37
N GLN A 579 -73.69 -42.38 -25.76
CA GLN A 579 -74.46 -43.39 -26.46
C GLN A 579 -75.70 -43.80 -25.68
N GLU A 580 -76.55 -44.56 -26.38
CA GLU A 580 -77.78 -45.08 -25.82
C GLU A 580 -77.51 -45.93 -24.58
N ASN A 581 -76.42 -46.71 -24.63
CA ASN A 581 -76.04 -47.51 -23.46
C ASN A 581 -75.90 -46.63 -22.22
N HIS A 582 -75.22 -45.49 -22.38
CA HIS A 582 -75.01 -44.59 -21.26
C HIS A 582 -76.33 -43.97 -20.79
N ILE A 583 -77.15 -43.52 -21.74
CA ILE A 583 -78.43 -42.94 -21.37
C ILE A 583 -79.27 -43.96 -20.60
N LYS A 584 -79.29 -45.20 -21.07
CA LYS A 584 -80.06 -46.24 -20.42
C LYS A 584 -79.50 -46.60 -19.06
N SER A 585 -78.16 -46.55 -18.91
CA SER A 585 -77.58 -46.77 -17.59
C SER A 585 -78.03 -45.71 -16.60
N ILE A 586 -78.06 -44.45 -17.03
CA ILE A 586 -78.49 -43.39 -16.13
C ILE A 586 -79.98 -43.53 -15.80
N ILE A 587 -80.78 -43.90 -16.79
CA ILE A 587 -82.21 -44.13 -16.54
C ILE A 587 -82.39 -45.29 -15.57
N SER A 588 -81.60 -46.34 -15.72
CA SER A 588 -81.63 -47.45 -14.78
C SER A 588 -81.20 -47.00 -13.39
N LEU A 589 -80.30 -46.01 -13.32
CA LEU A 589 -79.92 -45.46 -12.03
C LEU A 589 -81.11 -44.78 -11.37
N LEU A 590 -81.88 -44.00 -12.15
CA LEU A 590 -83.15 -43.50 -11.61
C LEU A 590 -84.02 -44.62 -11.10
N ASP A 591 -84.19 -45.67 -11.92
CA ASP A 591 -85.11 -46.76 -11.60
C ASP A 591 -84.71 -47.49 -10.32
N LYS A 592 -83.40 -47.72 -10.14
CA LYS A 592 -82.95 -48.59 -9.06
C LYS A 592 -82.68 -47.80 -7.79
N HIS A 593 -82.19 -46.57 -7.90
CA HIS A 593 -81.79 -45.81 -6.73
C HIS A 593 -82.86 -44.85 -6.23
N GLY A 594 -83.86 -44.53 -7.05
CA GLY A 594 -84.94 -43.67 -6.64
C GLY A 594 -84.98 -42.38 -7.45
N ARG A 595 -85.95 -41.54 -7.08
CA ARG A 595 -86.20 -40.28 -7.76
C ARG A 595 -85.27 -39.23 -7.17
N ASN A 596 -84.12 -39.06 -7.80
CA ASN A 596 -83.11 -38.09 -7.36
C ASN A 596 -82.96 -37.02 -8.42
N HIS A 597 -83.11 -35.76 -8.00
CA HIS A 597 -83.10 -34.66 -8.95
C HIS A 597 -81.73 -34.46 -9.59
N LYS A 598 -80.68 -34.98 -8.96
CA LYS A 598 -79.35 -34.85 -9.55
C LYS A 598 -79.25 -35.61 -10.86
N VAL A 599 -79.89 -36.77 -10.96
CA VAL A 599 -79.88 -37.51 -12.21
C VAL A 599 -80.61 -36.73 -13.30
N LEU A 600 -81.72 -36.09 -12.93
CA LEU A 600 -82.41 -35.23 -13.89
C LEU A 600 -81.50 -34.09 -14.35
N ASP A 601 -80.74 -33.51 -13.42
CA ASP A 601 -79.81 -32.45 -13.80
C ASP A 601 -78.74 -32.97 -14.74
N VAL A 602 -78.23 -34.17 -14.49
CA VAL A 602 -77.24 -34.78 -15.37
C VAL A 602 -77.82 -34.98 -16.76
N LEU A 603 -79.05 -35.48 -16.84
CA LEU A 603 -79.70 -35.68 -18.13
C LEU A 603 -79.88 -34.35 -18.84
N CYS A 604 -80.25 -33.31 -18.10
CA CYS A 604 -80.37 -31.98 -18.70
C CYS A 604 -79.03 -31.51 -19.26
N SER A 605 -77.95 -31.75 -18.51
CA SER A 605 -76.62 -31.36 -18.99
C SER A 605 -76.24 -32.15 -20.23
N LEU A 606 -76.70 -33.39 -20.34
CA LEU A 606 -76.40 -34.18 -21.53
C LEU A 606 -76.95 -33.54 -22.79
N CYS A 607 -78.01 -32.74 -22.66
CA CYS A 607 -78.70 -32.21 -23.83
C CYS A 607 -77.97 -31.00 -24.40
N VAL A 608 -77.67 -30.00 -23.55
CA VAL A 608 -77.13 -28.74 -24.00
C VAL A 608 -75.87 -28.42 -23.19
N CYS A 609 -74.82 -28.00 -23.89
CA CYS A 609 -73.61 -27.47 -23.27
C CYS A 609 -73.19 -26.21 -24.00
N ASN A 610 -72.99 -25.12 -23.25
CA ASN A 610 -72.48 -23.87 -23.80
C ASN A 610 -73.34 -23.38 -24.96
N GLY A 611 -74.65 -23.47 -24.79
CA GLY A 611 -75.56 -22.97 -25.81
C GLY A 611 -75.69 -23.84 -27.04
N VAL A 612 -75.17 -25.05 -27.01
CA VAL A 612 -75.24 -25.98 -28.13
C VAL A 612 -75.95 -27.24 -27.69
N ALA A 613 -76.92 -27.68 -28.49
CA ALA A 613 -77.75 -28.82 -28.19
C ALA A 613 -77.30 -30.04 -29.00
N VAL A 614 -77.41 -31.22 -28.39
CA VAL A 614 -77.10 -32.48 -29.05
C VAL A 614 -78.42 -33.18 -29.32
N ARG A 615 -78.86 -33.16 -30.58
CA ARG A 615 -80.14 -33.74 -30.94
C ARG A 615 -80.15 -35.24 -30.68
N SER A 616 -79.02 -35.91 -30.89
CA SER A 616 -78.96 -37.35 -30.64
C SER A 616 -79.28 -37.67 -29.18
N ASN A 617 -78.62 -36.95 -28.26
CA ASN A 617 -78.87 -37.17 -26.84
C ASN A 617 -80.30 -36.80 -26.47
N GLN A 618 -80.78 -35.67 -27.00
CA GLN A 618 -82.17 -35.27 -26.76
C GLN A 618 -83.13 -36.38 -27.13
N ASP A 619 -83.01 -36.89 -28.37
CA ASP A 619 -83.92 -37.90 -28.86
C ASP A 619 -83.79 -39.19 -28.07
N LEU A 620 -82.57 -39.59 -27.73
CA LEU A 620 -82.38 -40.82 -26.96
C LEU A 620 -83.07 -40.73 -25.61
N ILE A 621 -82.87 -39.62 -24.90
CA ILE A 621 -83.52 -39.43 -23.61
C ILE A 621 -85.03 -39.49 -23.78
N THR A 622 -85.55 -38.75 -24.77
CA THR A 622 -86.99 -38.70 -24.98
C THR A 622 -87.55 -40.09 -25.27
N GLU A 623 -86.85 -40.86 -26.10
CA GLU A 623 -87.37 -42.15 -26.54
C GLU A 623 -87.29 -43.19 -25.43
N ASN A 624 -86.29 -43.11 -24.57
CA ASN A 624 -86.04 -44.17 -23.60
C ASN A 624 -86.41 -43.79 -22.18
N LEU A 625 -87.00 -42.61 -21.96
CA LEU A 625 -87.49 -42.25 -20.64
C LEU A 625 -88.99 -41.92 -20.66
N LEU A 626 -89.41 -41.07 -21.59
CA LEU A 626 -90.77 -40.56 -21.58
C LEU A 626 -91.83 -41.62 -21.86
N PRO A 627 -91.75 -42.41 -22.94
CA PRO A 627 -92.92 -43.21 -23.33
C PRO A 627 -93.39 -44.19 -22.28
N GLY A 628 -92.47 -44.78 -21.50
CA GLY A 628 -92.87 -45.75 -20.51
C GLY A 628 -93.83 -45.17 -19.49
N ARG A 629 -93.56 -43.95 -19.03
CA ARG A 629 -94.40 -43.15 -18.14
C ARG A 629 -94.43 -43.75 -16.74
N GLU A 630 -93.46 -44.58 -16.35
CA GLU A 630 -93.42 -45.11 -14.99
C GLU A 630 -92.55 -44.27 -14.08
N LEU A 631 -91.36 -43.88 -14.56
CA LEU A 631 -90.38 -43.27 -13.68
C LEU A 631 -90.70 -41.82 -13.33
N LEU A 632 -91.21 -41.06 -14.29
CA LEU A 632 -91.53 -39.66 -14.07
C LEU A 632 -92.98 -39.51 -13.67
N LEU A 633 -93.22 -38.57 -12.75
CA LEU A 633 -94.58 -38.29 -12.30
C LEU A 633 -95.40 -37.72 -13.44
N GLN A 634 -96.63 -38.20 -13.55
CA GLN A 634 -97.51 -37.83 -14.65
C GLN A 634 -98.58 -36.85 -14.16
N THR A 635 -98.96 -35.96 -15.05
CA THR A 635 -99.93 -34.92 -14.75
C THR A 635 -101.03 -34.90 -15.78
N ASN A 636 -102.27 -34.74 -15.31
CA ASN A 636 -103.43 -34.63 -16.18
C ASN A 636 -104.54 -33.95 -15.40
N LEU A 637 -105.50 -33.41 -16.14
CA LEU A 637 -106.63 -32.71 -15.54
C LEU A 637 -107.80 -33.68 -15.40
N ILE A 638 -108.36 -33.76 -14.19
CA ILE A 638 -109.43 -34.69 -13.89
C ILE A 638 -110.56 -33.95 -13.20
N ASN A 639 -111.79 -34.38 -13.47
CA ASN A 639 -112.96 -33.79 -12.87
C ASN A 639 -113.17 -34.30 -11.46
N TYR A 640 -113.77 -33.46 -10.62
CA TYR A 640 -114.15 -33.88 -9.28
C TYR A 640 -115.38 -34.77 -9.36
N VAL A 641 -115.46 -35.74 -8.45
CA VAL A 641 -116.55 -36.69 -8.41
C VAL A 641 -117.11 -36.73 -7.00
N THR A 642 -118.43 -36.82 -6.90
CA THR A 642 -119.13 -36.80 -5.62
C THR A 642 -120.14 -37.93 -5.58
N SER A 643 -120.35 -38.46 -4.37
CA SER A 643 -121.22 -39.60 -4.14
C SER A 643 -122.36 -39.18 -3.23
N ILE A 644 -123.56 -39.65 -3.55
CA ILE A 644 -124.77 -39.34 -2.78
C ILE A 644 -125.51 -40.64 -2.49
N ARG A 645 -126.03 -40.75 -1.28
CA ARG A 645 -126.76 -41.92 -0.83
C ARG A 645 -128.01 -41.51 -0.08
N PRO A 646 -129.04 -42.35 -0.07
CA PRO A 646 -130.09 -42.21 0.93
C PRO A 646 -129.64 -42.72 2.28
N ASN A 647 -130.33 -42.29 3.33
CA ASN A 647 -130.04 -42.76 4.68
C ASN A 647 -130.67 -44.13 4.92
N ILE A 648 -130.33 -45.06 4.04
CA ILE A 648 -130.83 -46.43 4.07
C ILE A 648 -129.66 -47.35 4.28
N PHE A 649 -129.71 -48.16 5.33
CA PHE A 649 -128.62 -49.03 5.72
C PHE A 649 -129.17 -50.41 6.03
N VAL A 650 -128.74 -51.40 5.25
CA VAL A 650 -129.22 -52.77 5.39
C VAL A 650 -128.02 -53.71 5.32
N GLY A 651 -128.05 -54.75 6.14
CA GLY A 651 -126.95 -55.68 6.22
C GLY A 651 -127.45 -57.03 6.71
N ARG A 652 -126.51 -57.96 6.84
CA ARG A 652 -126.82 -59.31 7.29
C ARG A 652 -125.99 -59.64 8.53
N ALA A 653 -126.63 -60.20 9.54
CA ALA A 653 -125.96 -60.68 10.73
C ALA A 653 -126.83 -61.76 11.36
N GLU A 654 -126.18 -62.65 12.11
CA GLU A 654 -126.92 -63.69 12.81
C GLU A 654 -127.78 -63.06 13.90
N GLY A 655 -129.06 -63.41 13.90
CA GLY A 655 -129.99 -62.80 14.82
C GLY A 655 -130.46 -61.43 14.41
N SER A 656 -130.06 -60.95 13.23
CA SER A 656 -130.42 -59.61 12.80
C SER A 656 -131.93 -59.50 12.56
N THR A 657 -132.47 -58.33 12.86
CA THR A 657 -133.87 -58.04 12.62
C THR A 657 -134.14 -57.58 11.20
N GLN A 658 -133.12 -57.46 10.38
CA GLN A 658 -133.25 -56.90 9.04
C GLN A 658 -133.64 -57.97 8.02
N TYR A 659 -134.30 -57.51 6.97
CA TYR A 659 -134.63 -58.34 5.83
C TYR A 659 -133.44 -58.40 4.87
N GLY A 660 -133.41 -59.45 4.05
CA GLY A 660 -132.24 -59.74 3.25
C GLY A 660 -132.24 -59.14 1.87
N LYS A 661 -133.40 -59.07 1.24
CA LYS A 661 -133.51 -58.69 -0.17
C LYS A 661 -134.09 -57.29 -0.29
N TRP A 662 -133.44 -56.45 -1.10
CA TRP A 662 -133.82 -55.05 -1.24
C TRP A 662 -133.70 -54.62 -2.69
N TYR A 663 -134.40 -53.56 -3.03
CA TYR A 663 -134.58 -53.11 -4.40
C TYR A 663 -134.69 -51.60 -4.43
N PHE A 664 -134.04 -50.98 -5.41
CA PHE A 664 -134.24 -49.55 -5.63
C PHE A 664 -133.99 -49.23 -7.10
N GLU A 665 -134.34 -48.01 -7.50
CA GLU A 665 -134.21 -47.59 -8.89
C GLU A 665 -133.62 -46.20 -8.96
N VAL A 666 -132.99 -45.92 -10.10
CA VAL A 666 -132.45 -44.59 -10.40
C VAL A 666 -132.87 -44.23 -11.81
N MET A 667 -133.46 -43.06 -11.97
CA MET A 667 -133.91 -42.56 -13.27
C MET A 667 -133.07 -41.36 -13.67
N VAL A 668 -132.45 -41.45 -14.84
CA VAL A 668 -131.64 -40.35 -15.35
C VAL A 668 -132.54 -39.38 -16.10
N ASP A 669 -132.36 -38.08 -15.84
CA ASP A 669 -133.12 -37.04 -16.50
C ASP A 669 -132.27 -36.23 -17.47
N GLU A 670 -131.09 -35.80 -17.06
CA GLU A 670 -130.19 -35.05 -17.94
C GLU A 670 -128.77 -35.50 -17.68
N VAL A 671 -128.02 -35.71 -18.77
CA VAL A 671 -126.61 -36.09 -18.69
C VAL A 671 -125.89 -35.36 -19.81
N VAL A 672 -124.83 -34.64 -19.47
CA VAL A 672 -123.95 -34.00 -20.45
C VAL A 672 -122.75 -34.92 -20.66
N PRO A 673 -122.62 -35.58 -21.80
CA PRO A 673 -121.51 -36.53 -21.97
C PRO A 673 -120.14 -35.90 -21.77
N PHE A 674 -119.92 -34.69 -22.28
CA PHE A 674 -118.65 -34.01 -22.14
C PHE A 674 -118.91 -32.54 -21.79
N LEU A 675 -119.06 -32.27 -20.49
CA LEU A 675 -119.04 -30.90 -20.03
C LEU A 675 -117.61 -30.37 -19.91
N THR A 676 -116.65 -31.28 -19.81
CA THR A 676 -115.24 -30.94 -19.84
C THR A 676 -114.51 -31.88 -20.79
N ALA A 677 -113.18 -31.80 -20.83
CA ALA A 677 -112.42 -32.72 -21.66
C ALA A 677 -112.57 -34.16 -21.17
N GLN A 678 -112.67 -34.36 -19.86
CA GLN A 678 -112.89 -35.68 -19.31
C GLN A 678 -114.38 -36.03 -19.39
N ALA A 679 -114.65 -37.29 -19.72
CA ALA A 679 -116.01 -37.75 -19.89
C ALA A 679 -116.78 -37.67 -18.57
N THR A 680 -118.07 -37.41 -18.68
CA THR A 680 -118.92 -37.33 -17.51
C THR A 680 -119.00 -38.69 -16.82
N HIS A 681 -119.07 -38.66 -15.50
CA HIS A 681 -119.08 -39.85 -14.67
C HIS A 681 -120.46 -40.00 -14.06
N LEU A 682 -121.07 -41.18 -14.23
CA LEU A 682 -122.34 -41.52 -13.61
C LEU A 682 -122.37 -43.02 -13.36
N ARG A 683 -122.44 -43.40 -12.09
CA ARG A 683 -122.50 -44.80 -11.69
C ARG A 683 -123.52 -44.97 -10.60
N VAL A 684 -124.19 -46.12 -10.62
CA VAL A 684 -125.23 -46.46 -9.65
C VAL A 684 -124.90 -47.81 -9.04
N GLY A 685 -125.10 -47.93 -7.73
CA GLY A 685 -124.90 -49.21 -7.10
C GLY A 685 -125.01 -49.22 -5.59
N TRP A 686 -124.30 -50.16 -4.97
CA TRP A 686 -124.29 -50.33 -3.53
C TRP A 686 -122.89 -50.12 -2.99
N ALA A 687 -122.81 -49.73 -1.73
CA ALA A 687 -121.53 -49.49 -1.09
C ALA A 687 -121.63 -49.87 0.38
N LEU A 688 -120.50 -50.27 0.94
CA LEU A 688 -120.44 -50.70 2.33
C LEU A 688 -120.05 -49.54 3.22
N THR A 689 -120.72 -49.44 4.38
CA THR A 689 -120.50 -48.29 5.26
C THR A 689 -119.05 -48.21 5.73
N GLU A 690 -118.48 -49.34 6.11
CA GLU A 690 -117.10 -49.38 6.61
C GLU A 690 -116.18 -49.63 5.43
N GLY A 691 -115.45 -48.59 5.02
CA GLY A 691 -114.44 -48.68 3.98
C GLY A 691 -114.68 -47.77 2.80
N TYR A 692 -115.94 -47.45 2.48
CA TYR A 692 -116.25 -46.58 1.35
C TYR A 692 -116.12 -45.14 1.81
N SER A 693 -114.95 -44.56 1.57
CA SER A 693 -114.64 -43.19 1.99
C SER A 693 -114.03 -42.46 0.81
N PRO A 694 -114.82 -42.20 -0.24
CA PRO A 694 -114.29 -41.46 -1.39
C PRO A 694 -114.10 -40.00 -1.03
N TYR A 695 -112.86 -39.62 -0.80
CA TYR A 695 -112.64 -38.23 -0.42
C TYR A 695 -112.44 -37.38 -1.67
N PRO A 696 -112.91 -36.13 -1.66
CA PRO A 696 -112.79 -35.31 -2.86
C PRO A 696 -111.35 -35.17 -3.32
N GLY A 697 -111.16 -35.17 -4.62
CA GLY A 697 -109.87 -34.88 -5.20
C GLY A 697 -109.14 -36.14 -5.60
N GLY A 698 -107.91 -36.30 -5.12
CA GLY A 698 -107.10 -37.43 -5.50
C GLY A 698 -107.50 -38.70 -4.79
N GLY A 699 -106.93 -39.81 -5.28
CA GLY A 699 -107.21 -41.12 -4.74
C GLY A 699 -106.54 -42.20 -5.54
N GLU A 700 -107.24 -43.32 -5.72
CA GLU A 700 -106.68 -44.44 -6.47
C GLU A 700 -106.66 -44.14 -7.96
N GLY A 701 -105.64 -44.64 -8.64
CA GLY A 701 -105.53 -44.41 -10.06
C GLY A 701 -105.36 -42.93 -10.36
N TRP A 702 -106.19 -42.44 -11.28
CA TRP A 702 -106.15 -41.04 -11.70
C TRP A 702 -107.30 -40.24 -11.08
N GLY A 703 -107.76 -40.66 -9.91
CA GLY A 703 -108.80 -39.92 -9.22
C GLY A 703 -110.18 -40.25 -9.75
N GLY A 704 -111.12 -39.36 -9.47
CA GLY A 704 -112.50 -39.60 -9.82
C GLY A 704 -113.06 -40.81 -9.09
N ASN A 705 -112.73 -40.97 -7.83
CA ASN A 705 -113.16 -42.14 -7.07
C ASN A 705 -114.68 -42.12 -6.90
N GLY A 706 -115.30 -43.24 -7.24
CA GLY A 706 -116.73 -43.37 -7.11
C GLY A 706 -117.10 -44.82 -6.88
N VAL A 707 -118.35 -45.13 -7.18
CA VAL A 707 -118.86 -46.49 -7.00
C VAL A 707 -118.03 -47.42 -7.86
N GLY A 708 -117.48 -48.47 -7.25
CA GLY A 708 -116.70 -49.46 -7.94
C GLY A 708 -115.23 -49.15 -8.07
N ASP A 709 -114.75 -48.07 -7.47
CA ASP A 709 -113.34 -47.75 -7.46
C ASP A 709 -112.62 -48.30 -6.24
N ASP A 710 -113.31 -49.12 -5.45
CA ASP A 710 -112.72 -49.79 -4.30
C ASP A 710 -113.43 -51.13 -4.14
N LEU A 711 -112.90 -51.94 -3.21
CA LEU A 711 -113.48 -53.24 -2.91
C LEU A 711 -114.61 -53.15 -1.89
N TYR A 712 -115.16 -51.95 -1.69
CA TYR A 712 -116.31 -51.73 -0.82
C TYR A 712 -117.53 -51.25 -1.59
N SER A 713 -117.43 -51.13 -2.91
CA SER A 713 -118.50 -50.56 -3.72
C SER A 713 -118.67 -51.39 -4.97
N TYR A 714 -119.89 -51.39 -5.50
CA TYR A 714 -120.27 -52.21 -6.66
C TYR A 714 -121.21 -51.40 -7.51
N GLY A 715 -120.80 -51.11 -8.75
CA GLY A 715 -121.50 -50.13 -9.57
C GLY A 715 -121.75 -50.62 -10.98
N PHE A 716 -122.51 -49.79 -11.70
CA PHE A 716 -122.90 -50.06 -13.07
C PHE A 716 -123.00 -48.73 -13.81
N ASP A 717 -122.27 -48.60 -14.92
CA ASP A 717 -122.25 -47.37 -15.69
C ASP A 717 -123.06 -47.46 -16.97
N GLY A 718 -123.70 -48.58 -17.25
CA GLY A 718 -124.46 -48.74 -18.47
C GLY A 718 -123.78 -49.72 -19.42
N LEU A 719 -122.45 -49.69 -19.42
CA LEU A 719 -121.65 -50.56 -20.28
C LEU A 719 -120.77 -51.51 -19.50
N HIS A 720 -120.49 -51.23 -18.22
CA HIS A 720 -119.53 -51.99 -17.45
C HIS A 720 -120.06 -52.20 -16.04
N LEU A 721 -119.45 -53.17 -15.36
CA LEU A 721 -119.59 -53.35 -13.92
C LEU A 721 -118.27 -52.99 -13.27
N TRP A 722 -118.35 -52.19 -12.21
CA TRP A 722 -117.17 -51.58 -11.61
C TRP A 722 -116.95 -52.15 -10.22
N THR A 723 -115.72 -52.61 -9.97
CA THR A 723 -115.30 -53.02 -8.64
C THR A 723 -113.79 -53.16 -8.64
N GLY A 724 -113.15 -52.71 -7.57
CA GLY A 724 -111.71 -52.71 -7.50
C GLY A 724 -111.07 -51.78 -8.53
N HIS A 725 -111.77 -50.70 -8.88
CA HIS A 725 -111.26 -49.72 -9.84
C HIS A 725 -111.02 -50.38 -11.20
N VAL A 726 -111.76 -51.45 -11.49
CA VAL A 726 -111.66 -52.18 -12.74
C VAL A 726 -113.03 -52.18 -13.39
N ALA A 727 -113.07 -51.83 -14.67
CA ALA A 727 -114.30 -51.87 -15.45
C ALA A 727 -114.34 -53.17 -16.24
N ARG A 728 -115.39 -53.96 -16.02
CA ARG A 728 -115.59 -55.20 -16.73
C ARG A 728 -116.84 -55.11 -17.59
N PRO A 729 -116.74 -55.23 -18.91
CA PRO A 729 -117.93 -55.06 -19.74
C PRO A 729 -119.02 -56.06 -19.40
N VAL A 730 -120.27 -55.60 -19.49
CA VAL A 730 -121.44 -56.43 -19.25
C VAL A 730 -122.41 -56.21 -20.40
N THR A 731 -123.06 -57.28 -20.81
CA THR A 731 -123.90 -57.29 -22.00
C THR A 731 -125.36 -57.02 -21.60
N SER A 732 -125.99 -56.09 -22.29
CA SER A 732 -127.40 -55.77 -22.10
C SER A 732 -128.03 -55.42 -23.44
N PRO A 733 -129.32 -55.67 -23.60
CA PRO A 733 -130.00 -55.21 -24.81
C PRO A 733 -129.92 -53.70 -24.94
N GLY A 734 -129.70 -53.23 -26.17
CA GLY A 734 -129.59 -51.80 -26.41
C GLY A 734 -128.47 -51.22 -25.58
N GLN A 735 -127.35 -51.93 -25.53
CA GLN A 735 -126.26 -51.57 -24.64
C GLN A 735 -125.76 -50.17 -24.94
N HIS A 736 -125.80 -49.30 -23.93
CA HIS A 736 -125.33 -47.93 -24.10
C HIS A 736 -124.95 -47.36 -22.74
N LEU A 737 -124.14 -46.32 -22.78
CA LEU A 737 -123.77 -45.60 -21.57
C LEU A 737 -124.99 -44.88 -21.02
N LEU A 738 -125.03 -44.75 -19.69
CA LEU A 738 -126.18 -44.14 -19.03
C LEU A 738 -126.57 -42.83 -19.71
N ALA A 739 -127.79 -42.81 -20.22
CA ALA A 739 -128.32 -41.70 -20.99
C ALA A 739 -129.60 -41.20 -20.36
N PRO A 740 -130.10 -40.04 -20.79
CA PRO A 740 -131.36 -39.54 -20.25
C PRO A 740 -132.51 -40.50 -20.50
N GLU A 741 -133.45 -40.53 -19.56
CA GLU A 741 -134.63 -41.37 -19.52
C GLU A 741 -134.29 -42.82 -19.18
N ASP A 742 -133.01 -43.15 -19.00
CA ASP A 742 -132.65 -44.51 -18.62
C ASP A 742 -133.06 -44.77 -17.17
N VAL A 743 -133.47 -46.00 -16.91
CA VAL A 743 -133.88 -46.44 -15.58
C VAL A 743 -133.04 -47.64 -15.20
N VAL A 744 -132.35 -47.56 -14.07
CA VAL A 744 -131.50 -48.63 -13.58
C VAL A 744 -132.13 -49.18 -12.31
N SER A 745 -132.40 -50.48 -12.32
CA SER A 745 -133.00 -51.17 -11.19
C SER A 745 -131.93 -52.03 -10.52
N CYS A 746 -131.64 -51.74 -9.27
CA CYS A 746 -130.59 -52.43 -8.53
C CYS A 746 -131.22 -53.31 -7.46
N CYS A 747 -130.79 -54.57 -7.42
CA CYS A 747 -131.33 -55.58 -6.51
C CYS A 747 -130.19 -56.16 -5.69
N LEU A 748 -130.41 -56.28 -4.39
CA LEU A 748 -129.43 -56.82 -3.46
C LEU A 748 -130.04 -57.99 -2.71
N ASP A 749 -129.38 -59.14 -2.77
CA ASP A 749 -129.72 -60.29 -1.94
C ASP A 749 -128.55 -60.55 -1.00
N LEU A 750 -128.79 -60.47 0.30
CA LEU A 750 -127.73 -60.63 1.28
C LEU A 750 -127.47 -62.09 1.63
N SER A 751 -128.33 -63.01 1.20
CA SER A 751 -128.14 -64.41 1.53
C SER A 751 -127.06 -65.04 0.68
N VAL A 752 -127.03 -64.73 -0.63
CA VAL A 752 -126.13 -65.43 -1.54
C VAL A 752 -124.68 -65.19 -1.17
N PRO A 753 -124.18 -63.96 -1.04
CA PRO A 753 -124.74 -62.66 -1.43
C PRO A 753 -124.61 -62.37 -2.92
N SER A 754 -125.47 -61.49 -3.43
CA SER A 754 -125.50 -61.18 -4.85
C SER A 754 -126.04 -59.78 -5.06
N ILE A 755 -125.50 -59.09 -6.06
CA ILE A 755 -125.99 -57.80 -6.50
C ILE A 755 -126.26 -57.90 -8.00
N SER A 756 -127.43 -57.43 -8.42
CA SER A 756 -127.86 -57.55 -9.81
C SER A 756 -128.49 -56.24 -10.27
N PHE A 757 -128.52 -56.08 -11.59
CA PHE A 757 -129.03 -54.87 -12.22
C PHE A 757 -129.96 -55.23 -13.37
N ARG A 758 -130.88 -54.30 -13.64
CA ARG A 758 -131.68 -54.31 -14.85
C ARG A 758 -131.65 -52.91 -15.44
N ILE A 759 -131.64 -52.83 -16.76
CA ILE A 759 -131.61 -51.56 -17.48
C ILE A 759 -132.90 -51.44 -18.27
N ASN A 760 -133.67 -50.39 -17.98
CA ASN A 760 -134.94 -50.14 -18.67
C ASN A 760 -135.81 -51.39 -18.68
N GLY A 761 -135.78 -52.13 -17.56
CA GLY A 761 -136.51 -53.36 -17.45
C GLY A 761 -135.86 -54.55 -18.11
N CYS A 762 -134.67 -54.39 -18.67
CA CYS A 762 -133.98 -55.47 -19.35
C CYS A 762 -132.87 -56.03 -18.47
N PRO A 763 -132.66 -57.35 -18.47
CA PRO A 763 -131.63 -57.92 -17.60
C PRO A 763 -130.24 -57.46 -17.99
N VAL A 764 -129.38 -57.32 -16.98
CA VAL A 764 -127.96 -57.06 -17.18
C VAL A 764 -127.22 -58.37 -16.92
N GLN A 765 -126.50 -58.86 -17.92
CA GLN A 765 -125.93 -60.20 -17.90
C GLN A 765 -124.61 -60.23 -17.13
N GLY A 766 -124.68 -59.79 -15.88
CA GLY A 766 -123.54 -59.83 -14.99
C GLY A 766 -123.98 -59.61 -13.56
N VAL A 767 -123.20 -60.14 -12.63
CA VAL A 767 -123.55 -60.06 -11.22
C VAL A 767 -122.29 -59.97 -10.37
N PHE A 768 -122.41 -59.29 -9.24
CA PHE A 768 -121.45 -59.34 -8.15
C PHE A 768 -121.94 -60.34 -7.13
N GLU A 769 -121.04 -61.16 -6.61
CA GLU A 769 -121.40 -62.15 -5.61
C GLU A 769 -120.20 -62.43 -4.70
N ALA A 770 -120.47 -63.21 -3.66
CA ALA A 770 -119.42 -63.69 -2.77
C ALA A 770 -118.56 -62.55 -2.23
N PHE A 771 -119.20 -61.44 -1.87
CA PHE A 771 -118.48 -60.30 -1.34
C PHE A 771 -118.63 -60.24 0.19
N ASN A 772 -117.81 -59.40 0.79
CA ASN A 772 -117.76 -59.29 2.24
C ASN A 772 -119.04 -58.68 2.79
N LEU A 773 -119.46 -59.17 3.94
CA LEU A 773 -120.67 -58.70 4.62
C LEU A 773 -120.34 -58.09 5.98
N ASP A 774 -119.19 -57.42 6.09
CA ASP A 774 -118.72 -56.95 7.39
C ASP A 774 -119.53 -55.76 7.88
N GLY A 775 -120.18 -55.04 6.97
CA GLY A 775 -120.87 -53.81 7.35
C GLY A 775 -122.29 -53.72 6.83
N LEU A 776 -122.77 -52.48 6.69
CA LEU A 776 -124.11 -52.21 6.19
C LEU A 776 -124.03 -51.65 4.78
N PHE A 777 -124.94 -52.08 3.92
CA PHE A 777 -124.98 -51.64 2.54
C PHE A 777 -126.01 -50.53 2.37
N PHE A 778 -125.69 -49.55 1.53
CA PHE A 778 -126.62 -48.49 1.21
C PHE A 778 -126.63 -48.22 -0.27
N PRO A 779 -127.75 -47.77 -0.82
CA PRO A 779 -127.74 -47.29 -2.22
C PRO A 779 -126.85 -46.09 -2.36
N VAL A 780 -126.22 -45.96 -3.53
CA VAL A 780 -125.30 -44.86 -3.77
C VAL A 780 -125.21 -44.59 -5.27
N VAL A 781 -125.04 -43.31 -5.59
CA VAL A 781 -124.77 -42.88 -6.96
C VAL A 781 -123.56 -41.95 -6.92
N SER A 782 -122.60 -42.21 -7.79
CA SER A 782 -121.42 -41.38 -7.93
C SER A 782 -121.51 -40.65 -9.26
N PHE A 783 -121.17 -39.36 -9.25
CA PHE A 783 -121.38 -38.56 -10.43
C PHE A 783 -120.38 -37.41 -10.47
N SER A 784 -120.19 -36.89 -11.67
CA SER A 784 -119.50 -35.64 -11.90
C SER A 784 -120.51 -34.57 -12.27
N ALA A 785 -120.02 -33.38 -12.57
CA ALA A 785 -120.91 -32.28 -12.96
C ALA A 785 -121.54 -32.57 -14.32
N GLY A 786 -122.81 -32.22 -14.44
CA GLY A 786 -123.58 -32.45 -15.63
C GLY A 786 -124.65 -33.52 -15.52
N VAL A 787 -125.20 -33.74 -14.33
CA VAL A 787 -126.11 -34.86 -14.09
C VAL A 787 -127.34 -34.36 -13.35
N LYS A 788 -128.49 -34.88 -13.74
CA LYS A 788 -129.70 -34.86 -12.93
C LYS A 788 -130.25 -36.28 -12.86
N VAL A 789 -130.41 -36.79 -11.64
CA VAL A 789 -130.88 -38.15 -11.43
C VAL A 789 -131.93 -38.14 -10.33
N ARG A 790 -132.72 -39.21 -10.29
CA ARG A 790 -133.78 -39.35 -9.30
C ARG A 790 -133.74 -40.74 -8.70
N PHE A 791 -133.57 -40.78 -7.38
CA PHE A 791 -133.73 -42.00 -6.60
C PHE A 791 -135.21 -42.32 -6.48
N LEU A 792 -135.58 -43.54 -6.82
CA LEU A 792 -136.90 -44.10 -6.62
C LEU A 792 -136.77 -45.26 -5.64
N LEU A 793 -137.37 -45.09 -4.46
CA LEU A 793 -137.20 -46.03 -3.36
C LEU A 793 -138.47 -46.77 -2.99
N GLY A 794 -139.63 -46.34 -3.50
CA GLY A 794 -140.86 -47.06 -3.24
C GLY A 794 -141.87 -46.24 -2.47
N GLY A 795 -143.15 -46.57 -2.64
CA GLY A 795 -144.20 -45.88 -1.91
C GLY A 795 -144.19 -44.40 -2.21
N ARG A 796 -144.35 -43.60 -1.15
CA ARG A 796 -144.38 -42.16 -1.32
C ARG A 796 -143.04 -41.58 -1.72
N HIS A 797 -141.94 -42.22 -1.33
CA HIS A 797 -140.63 -41.63 -1.55
C HIS A 797 -140.14 -41.88 -2.97
N GLY A 798 -140.84 -42.73 -3.71
CA GLY A 798 -140.55 -42.91 -5.12
C GLY A 798 -141.39 -44.01 -5.73
N GLU A 799 -141.88 -43.79 -6.94
CA GLU A 799 -142.73 -44.76 -7.62
C GLU A 799 -141.89 -45.55 -8.61
N PHE A 800 -141.83 -46.86 -8.40
CA PHE A 800 -141.07 -47.72 -9.29
C PHE A 800 -141.72 -47.76 -10.67
N LYS A 801 -140.87 -47.80 -11.70
CA LYS A 801 -141.34 -47.96 -13.06
C LYS A 801 -141.41 -49.42 -13.47
N PHE A 802 -140.55 -50.25 -12.91
CA PHE A 802 -140.53 -51.68 -13.18
C PHE A 802 -140.73 -52.43 -11.87
N LEU A 803 -141.56 -53.46 -11.92
CA LEU A 803 -141.95 -54.15 -10.71
C LEU A 803 -140.74 -54.85 -10.07
N PRO A 804 -140.54 -54.71 -8.76
CA PRO A 804 -139.45 -55.42 -8.11
C PRO A 804 -139.61 -56.93 -8.25
N PRO A 805 -138.51 -57.67 -8.33
CA PRO A 805 -138.63 -59.12 -8.39
C PRO A 805 -139.16 -59.66 -7.07
N PRO A 806 -139.72 -60.87 -7.08
CA PRO A 806 -140.34 -61.40 -5.86
C PRO A 806 -139.37 -61.45 -4.70
N GLY A 807 -139.86 -61.07 -3.52
CA GLY A 807 -139.09 -61.16 -2.30
C GLY A 807 -138.14 -60.02 -2.05
N TYR A 808 -138.06 -59.05 -2.95
CA TYR A 808 -137.14 -57.93 -2.82
C TYR A 808 -137.92 -56.72 -2.33
N ALA A 809 -137.63 -56.29 -1.11
CA ALA A 809 -138.39 -55.22 -0.50
C ALA A 809 -137.92 -53.86 -1.03
N PRO A 810 -138.84 -52.91 -1.20
CA PRO A 810 -138.42 -51.55 -1.52
C PRO A 810 -137.58 -50.97 -0.40
N CYS A 811 -136.58 -50.18 -0.80
CA CYS A 811 -135.63 -49.65 0.17
C CYS A 811 -136.25 -48.62 1.11
N HIS A 812 -137.42 -48.07 0.76
CA HIS A 812 -138.06 -47.11 1.65
C HIS A 812 -138.55 -47.76 2.93
N GLU A 813 -138.70 -49.08 2.93
CA GLU A 813 -139.13 -49.82 4.11
C GLU A 813 -138.04 -49.90 5.18
N ALA A 814 -136.81 -49.51 4.86
CA ALA A 814 -135.69 -49.65 5.77
C ALA A 814 -135.42 -48.39 6.59
N VAL A 815 -136.10 -47.28 6.32
CA VAL A 815 -135.87 -46.08 7.09
C VAL A 815 -136.21 -46.35 8.55
N LEU A 816 -135.30 -45.97 9.44
CA LEU A 816 -135.45 -46.31 10.84
C LEU A 816 -136.48 -45.41 11.51
N PRO A 817 -137.07 -45.88 12.62
CA PRO A 817 -138.12 -45.07 13.27
C PRO A 817 -137.67 -43.70 13.69
N ARG A 818 -136.44 -43.57 14.18
CA ARG A 818 -135.97 -42.29 14.71
C ARG A 818 -135.62 -41.32 13.60
N GLU A 819 -135.24 -41.82 12.43
CA GLU A 819 -134.79 -40.98 11.32
C GLU A 819 -135.89 -40.84 10.28
N ARG A 820 -135.67 -39.91 9.36
CA ARG A 820 -136.52 -39.68 8.20
C ARG A 820 -135.68 -39.77 6.95
N LEU A 821 -136.30 -40.24 5.87
CA LEU A 821 -135.55 -40.46 4.64
C LEU A 821 -134.96 -39.16 4.14
N ARG A 822 -133.70 -39.21 3.73
CA ARG A 822 -132.99 -38.05 3.23
C ARG A 822 -131.84 -38.51 2.36
N LEU A 823 -131.34 -37.58 1.54
CA LEU A 823 -130.16 -37.81 0.73
C LEU A 823 -129.00 -37.01 1.31
N GLU A 824 -127.90 -37.69 1.56
CA GLU A 824 -126.77 -37.12 2.28
C GLU A 824 -125.48 -37.49 1.59
N PRO A 825 -124.43 -36.70 1.75
CA PRO A 825 -123.10 -37.12 1.30
C PRO A 825 -122.53 -38.18 2.23
N ILE A 826 -121.37 -38.69 1.84
CA ILE A 826 -120.71 -39.79 2.55
C ILE A 826 -119.39 -39.29 3.12
N LYS A 827 -119.25 -39.40 4.43
CA LYS A 827 -118.02 -39.06 5.14
C LYS A 827 -117.47 -37.71 4.68
N GLU A 828 -118.29 -36.69 4.90
CA GLU A 828 -117.92 -35.33 4.56
C GLU A 828 -117.21 -34.65 5.73
N TYR A 829 -116.16 -33.91 5.42
CA TYR A 829 -115.46 -33.09 6.40
C TYR A 829 -115.76 -31.61 6.23
N ARG A 830 -116.75 -31.27 5.42
CA ARG A 830 -116.99 -29.89 5.04
C ARG A 830 -118.43 -29.75 4.56
N ARG A 831 -119.07 -28.67 4.98
CA ARG A 831 -120.40 -28.33 4.51
C ARG A 831 -120.52 -26.82 4.44
N GLU A 832 -121.56 -26.35 3.76
CA GLU A 832 -121.85 -24.91 3.73
C GLU A 832 -122.75 -24.54 4.91
N GLY A 833 -122.72 -23.26 5.27
CA GLY A 833 -123.58 -22.76 6.31
C GLY A 833 -123.73 -21.25 6.24
N PRO A 834 -124.69 -20.73 7.01
CA PRO A 834 -125.13 -19.34 6.83
C PRO A 834 -124.00 -18.34 6.62
N ARG A 835 -123.04 -18.31 7.55
CA ARG A 835 -121.94 -17.37 7.43
C ARG A 835 -120.81 -17.91 6.55
N GLY A 836 -120.57 -19.22 6.59
CA GLY A 836 -119.43 -19.78 5.91
C GLY A 836 -119.39 -21.29 5.95
N PRO A 837 -118.28 -21.87 5.52
CA PRO A 837 -118.14 -23.33 5.61
C PRO A 837 -118.02 -23.79 7.06
N HIS A 838 -118.65 -24.92 7.34
CA HIS A 838 -118.51 -25.62 8.60
C HIS A 838 -117.65 -26.86 8.39
N LEU A 839 -116.61 -26.98 9.22
CA LEU A 839 -115.84 -28.21 9.30
C LEU A 839 -116.58 -29.21 10.16
N VAL A 840 -116.58 -30.46 9.71
CA VAL A 840 -117.36 -31.53 10.30
C VAL A 840 -116.41 -32.65 10.70
N GLY A 841 -116.59 -33.17 11.92
CA GLY A 841 -115.83 -34.30 12.36
C GLY A 841 -116.39 -35.60 11.81
N PRO A 842 -115.79 -36.71 12.24
CA PRO A 842 -116.27 -38.02 11.80
C PRO A 842 -117.72 -38.24 12.19
N SER A 843 -118.39 -39.07 11.42
CA SER A 843 -119.80 -39.36 11.62
C SER A 843 -119.97 -40.72 12.29
N ARG A 844 -120.70 -40.73 13.40
CA ARG A 844 -121.04 -41.99 14.03
C ARG A 844 -121.95 -42.79 13.12
N CYS A 845 -121.60 -44.06 12.91
CA CYS A 845 -122.30 -44.92 11.97
C CYS A 845 -122.66 -46.23 12.65
N LEU A 846 -123.74 -46.83 12.17
CA LEU A 846 -124.23 -48.08 12.73
C LEU A 846 -123.40 -49.25 12.22
N SER A 847 -123.60 -50.40 12.85
CA SER A 847 -122.95 -51.64 12.47
C SER A 847 -124.00 -52.73 12.29
N HIS A 848 -123.66 -53.72 11.47
CA HIS A 848 -124.60 -54.81 11.21
C HIS A 848 -124.96 -55.54 12.50
N THR A 849 -124.06 -55.51 13.49
CA THR A 849 -124.34 -56.18 14.76
C THR A 849 -125.32 -55.41 15.63
N ASP A 850 -125.41 -54.09 15.45
CA ASP A 850 -126.27 -53.29 16.31
C ASP A 850 -127.72 -53.74 16.23
N PHE A 851 -128.16 -54.18 15.04
CA PHE A 851 -129.55 -54.59 14.88
C PHE A 851 -129.82 -55.90 15.59
N VAL A 852 -128.79 -56.70 15.84
CA VAL A 852 -128.93 -57.95 16.57
C VAL A 852 -129.30 -57.64 18.02
N PRO A 853 -130.42 -58.12 18.52
CA PRO A 853 -130.72 -57.95 19.94
C PRO A 853 -129.84 -58.86 20.79
N CYS A 854 -129.36 -58.32 21.90
CA CYS A 854 -128.45 -59.04 22.79
C CYS A 854 -128.96 -58.94 24.22
N PRO A 855 -130.04 -59.65 24.55
CA PRO A 855 -130.53 -59.65 25.92
C PRO A 855 -129.58 -60.38 26.86
N VAL A 856 -129.72 -60.08 28.15
CA VAL A 856 -128.84 -60.67 29.15
C VAL A 856 -129.09 -62.17 29.24
N ASP A 857 -128.05 -62.94 29.52
CA ASP A 857 -128.17 -64.38 29.61
C ASP A 857 -129.01 -64.78 30.81
N THR A 858 -129.89 -65.75 30.61
CA THR A 858 -130.76 -66.26 31.67
C THR A 858 -130.91 -67.78 31.62
N VAL A 859 -130.12 -68.47 30.80
CA VAL A 859 -130.33 -69.88 30.49
C VAL A 859 -130.47 -70.70 31.77
N GLN A 860 -129.74 -70.33 32.82
CA GLN A 860 -129.86 -71.01 34.11
C GLN A 860 -131.00 -70.36 34.90
N ILE A 861 -132.23 -70.68 34.50
CA ILE A 861 -133.42 -70.07 35.07
C ILE A 861 -133.76 -70.79 36.37
N VAL A 862 -133.50 -70.13 37.50
CA VAL A 862 -133.90 -70.62 38.82
C VAL A 862 -134.70 -69.54 39.51
N LEU A 863 -135.84 -69.93 40.07
CA LEU A 863 -136.76 -68.99 40.66
C LEU A 863 -137.11 -69.42 42.07
N PRO A 864 -136.92 -68.56 43.08
CA PRO A 864 -137.34 -68.93 44.42
C PRO A 864 -138.83 -69.20 44.47
N PRO A 865 -139.27 -70.10 45.35
CA PRO A 865 -140.69 -70.51 45.33
C PRO A 865 -141.66 -69.35 45.45
N HIS A 866 -141.35 -68.35 46.28
CA HIS A 866 -142.28 -67.23 46.44
C HIS A 866 -142.40 -66.43 45.15
N LEU A 867 -141.43 -66.53 44.25
CA LEU A 867 -141.53 -65.85 42.97
C LEU A 867 -142.19 -66.72 41.92
N GLU A 868 -142.25 -68.04 42.17
CA GLU A 868 -142.95 -68.94 41.25
C GLU A 868 -144.46 -68.74 41.32
N ARG A 869 -144.97 -68.45 42.51
CA ARG A 869 -146.40 -68.22 42.67
C ARG A 869 -146.80 -66.85 42.13
N ILE A 870 -145.94 -65.85 42.28
CA ILE A 870 -146.34 -64.47 42.04
C ILE A 870 -146.24 -64.11 40.57
N ARG A 871 -145.51 -64.91 39.77
CA ARG A 871 -145.36 -64.59 38.35
C ARG A 871 -146.71 -64.66 37.63
N GLU A 872 -147.54 -65.65 37.95
CA GLU A 872 -148.84 -65.75 37.32
C GLU A 872 -149.73 -64.57 37.69
N LYS A 873 -149.65 -64.13 38.95
CA LYS A 873 -150.41 -62.96 39.36
C LYS A 873 -149.93 -61.71 38.63
N LEU A 874 -148.61 -61.59 38.45
CA LEU A 874 -148.08 -60.49 37.65
C LEU A 874 -148.60 -60.56 36.22
N ALA A 875 -148.67 -61.76 35.65
CA ALA A 875 -149.25 -61.93 34.32
C ALA A 875 -150.69 -61.44 34.29
N GLU A 876 -151.49 -61.84 35.28
CA GLU A 876 -152.87 -61.38 35.36
C GLU A 876 -152.94 -59.87 35.43
N ASN A 877 -152.10 -59.25 36.27
CA ASN A 877 -152.20 -57.81 36.45
C ASN A 877 -151.73 -57.04 35.22
N ILE A 878 -150.68 -57.53 34.53
CA ILE A 878 -150.24 -56.85 33.32
C ILE A 878 -151.27 -57.03 32.21
N HIS A 879 -151.92 -58.20 32.15
CA HIS A 879 -153.04 -58.36 31.24
C HIS A 879 -154.15 -57.37 31.59
N GLU A 880 -154.36 -57.13 32.88
CA GLU A 880 -155.37 -56.18 33.32
C GLU A 880 -155.04 -54.77 32.86
N LEU A 881 -153.78 -54.37 33.03
CA LEU A 881 -153.35 -53.04 32.58
C LEU A 881 -153.44 -52.92 31.07
N TRP A 882 -153.13 -54.01 30.36
CA TRP A 882 -153.35 -54.05 28.92
C TRP A 882 -154.81 -53.82 28.58
N ALA A 883 -155.71 -54.46 29.34
CA ALA A 883 -157.14 -54.28 29.15
C ALA A 883 -157.54 -52.82 29.37
N LEU A 884 -156.99 -52.19 30.41
CA LEU A 884 -157.26 -50.77 30.62
C LEU A 884 -156.77 -49.94 29.44
N THR A 885 -155.55 -50.17 29.00
CA THR A 885 -155.04 -49.40 27.87
C THR A 885 -155.99 -49.53 26.68
N ARG A 886 -156.44 -50.76 26.40
CA ARG A 886 -157.36 -50.96 25.29
C ARG A 886 -158.68 -50.24 25.50
N ILE A 887 -159.25 -50.34 26.71
CA ILE A 887 -160.59 -49.80 26.93
C ILE A 887 -160.57 -48.28 26.87
N GLU A 888 -159.58 -47.65 27.50
CA GLU A 888 -159.46 -46.19 27.38
C GLU A 888 -159.09 -45.79 25.95
N GLN A 889 -158.39 -46.67 25.21
CA GLN A 889 -158.19 -46.43 23.79
C GLN A 889 -159.49 -46.56 23.01
N GLY A 890 -160.51 -47.14 23.64
CA GLY A 890 -161.81 -47.28 23.00
C GLY A 890 -162.11 -48.66 22.46
N TRP A 891 -161.32 -49.66 22.80
CA TRP A 891 -161.58 -51.01 22.33
C TRP A 891 -162.77 -51.61 23.07
N THR A 892 -163.27 -52.72 22.56
CA THR A 892 -164.43 -53.40 23.11
C THR A 892 -164.20 -54.90 23.08
N TYR A 893 -165.03 -55.63 23.82
CA TYR A 893 -164.88 -57.07 23.88
C TYR A 893 -164.90 -57.67 22.48
N GLY A 894 -163.91 -58.50 22.19
CA GLY A 894 -163.76 -59.06 20.87
C GLY A 894 -163.70 -60.58 20.88
N PRO A 895 -164.70 -61.24 20.28
CA PRO A 895 -164.58 -62.70 20.13
C PRO A 895 -163.42 -63.11 19.26
N VAL A 896 -162.94 -62.24 18.38
CA VAL A 896 -161.83 -62.52 17.48
C VAL A 896 -160.92 -61.30 17.44
N ARG A 897 -159.61 -61.53 17.54
CA ARG A 897 -158.65 -60.44 17.44
C ARG A 897 -158.51 -59.96 16.00
N ASP A 898 -158.49 -58.64 15.83
CA ASP A 898 -158.27 -58.01 14.52
C ASP A 898 -157.85 -56.56 14.73
N ASP A 899 -156.84 -56.09 13.98
CA ASP A 899 -156.16 -54.81 14.20
C ASP A 899 -157.10 -53.63 14.01
N ASN A 900 -157.74 -53.53 12.84
CA ASN A 900 -158.57 -52.35 12.55
C ASN A 900 -159.85 -52.35 13.36
N LYS A 901 -160.38 -53.53 13.69
CA LYS A 901 -161.72 -53.61 14.26
C LYS A 901 -161.77 -53.08 15.69
N ARG A 902 -160.62 -52.87 16.33
CA ARG A 902 -160.56 -52.48 17.74
C ARG A 902 -161.14 -53.56 18.64
N LEU A 903 -160.67 -54.81 18.47
CA LEU A 903 -161.13 -55.94 19.25
C LEU A 903 -159.94 -56.73 19.75
N HIS A 904 -160.04 -57.20 20.99
CA HIS A 904 -158.98 -57.95 21.64
C HIS A 904 -159.57 -59.03 22.53
N PRO A 905 -159.46 -60.31 22.17
CA PRO A 905 -160.05 -61.36 23.03
C PRO A 905 -159.46 -61.37 24.43
N CYS A 906 -158.31 -60.71 24.63
CA CYS A 906 -157.68 -60.71 25.94
C CYS A 906 -158.58 -60.02 26.97
N LEU A 907 -159.12 -58.85 26.61
CA LEU A 907 -160.07 -58.19 27.50
C LEU A 907 -161.30 -59.07 27.70
N VAL A 908 -161.55 -59.42 28.97
CA VAL A 908 -162.73 -60.17 29.35
C VAL A 908 -162.66 -60.51 30.83
N ASN A 909 -161.49 -60.94 31.28
CA ASN A 909 -161.18 -61.26 32.67
C ASN A 909 -159.77 -61.78 32.86
N PHE A 910 -159.27 -61.71 34.10
CA PHE A 910 -157.91 -62.11 34.39
C PHE A 910 -157.67 -63.61 34.18
N HIS A 911 -158.71 -64.42 34.41
CA HIS A 911 -158.62 -65.84 34.09
C HIS A 911 -159.10 -66.13 32.68
N SER A 912 -160.22 -65.52 32.28
CA SER A 912 -160.83 -65.83 31.00
C SER A 912 -159.89 -65.49 29.84
N LEU A 913 -158.90 -64.65 30.11
CA LEU A 913 -157.97 -64.26 29.06
C LEU A 913 -157.28 -65.51 28.50
N PRO A 914 -157.06 -65.60 27.19
CA PRO A 914 -156.79 -66.91 26.58
C PRO A 914 -155.43 -67.50 26.93
N GLU A 915 -155.41 -68.83 26.94
CA GLU A 915 -154.18 -69.58 27.17
C GLU A 915 -153.06 -69.18 26.22
N PRO A 916 -153.30 -68.86 24.95
CA PRO A 916 -152.19 -68.35 24.12
C PRO A 916 -151.49 -67.14 24.71
N GLU A 917 -152.25 -66.14 25.18
CA GLU A 917 -151.64 -64.97 25.79
C GLU A 917 -150.96 -65.32 27.11
N ARG A 918 -151.58 -66.20 27.91
CA ARG A 918 -150.88 -66.66 29.11
C ARG A 918 -149.54 -67.31 28.75
N ASN A 919 -149.54 -68.21 27.78
CA ASN A 919 -148.30 -68.87 27.37
C ASN A 919 -147.31 -67.86 26.81
N TYR A 920 -147.81 -66.76 26.22
CA TYR A 920 -146.90 -65.73 25.73
C TYR A 920 -146.24 -65.00 26.88
N ASN A 921 -147.00 -64.62 27.89
CA ASN A 921 -146.56 -63.59 28.82
C ASN A 921 -146.09 -64.13 30.16
N LEU A 922 -146.42 -65.39 30.47
CA LEU A 922 -145.87 -66.02 31.68
C LEU A 922 -144.37 -66.20 31.56
N GLN A 923 -143.91 -66.62 30.38
CA GLN A 923 -142.47 -66.70 30.14
C GLN A 923 -141.82 -65.33 30.23
N MET A 924 -142.54 -64.29 29.80
CA MET A 924 -142.01 -62.94 29.92
C MET A 924 -141.86 -62.52 31.38
N SER A 925 -142.87 -62.81 32.19
CA SER A 925 -142.77 -62.51 33.61
C SER A 925 -141.62 -63.29 34.25
N GLY A 926 -141.47 -64.56 33.87
CA GLY A 926 -140.34 -65.35 34.36
C GLY A 926 -139.01 -64.75 33.95
N GLU A 927 -138.91 -64.27 32.71
CA GLU A 927 -137.70 -63.61 32.27
C GLU A 927 -137.45 -62.33 33.07
N THR A 928 -138.50 -61.59 33.37
CA THR A 928 -138.34 -60.38 34.20
C THR A 928 -137.76 -60.74 35.55
N LEU A 929 -138.34 -61.73 36.23
CA LEU A 929 -137.85 -62.13 37.54
C LEU A 929 -136.42 -62.63 37.46
N LYS A 930 -136.13 -63.46 36.47
CA LYS A 930 -134.79 -64.02 36.33
C LYS A 930 -133.77 -62.92 36.03
N THR A 931 -134.18 -61.89 35.29
CA THR A 931 -133.29 -60.75 35.08
C THR A 931 -133.06 -60.01 36.39
N LEU A 932 -134.12 -59.74 37.15
CA LEU A 932 -133.94 -59.11 38.45
C LEU A 932 -132.93 -59.89 39.28
N LEU A 933 -132.95 -61.22 39.16
CA LEU A 933 -131.95 -62.04 39.85
C LEU A 933 -130.56 -61.86 39.26
N ALA A 934 -130.46 -61.86 37.92
CA ALA A 934 -129.17 -61.78 37.25
C ALA A 934 -128.44 -60.50 37.61
N LEU A 935 -129.18 -59.39 37.61
CA LEU A 935 -128.65 -58.10 38.00
C LEU A 935 -128.01 -58.10 39.38
N GLY A 936 -128.30 -59.10 40.20
CA GLY A 936 -127.81 -59.13 41.56
C GLY A 936 -128.77 -58.55 42.57
N CYS A 937 -129.93 -58.08 42.14
CA CYS A 937 -130.96 -57.65 43.08
C CYS A 937 -131.50 -58.85 43.85
N HIS A 938 -131.72 -58.66 45.14
CA HIS A 938 -132.24 -59.71 46.00
C HIS A 938 -133.72 -59.45 46.23
N VAL A 939 -134.53 -60.45 45.93
CA VAL A 939 -135.98 -60.35 46.04
C VAL A 939 -136.45 -61.42 46.99
N GLY A 940 -137.13 -61.00 48.06
CA GLY A 940 -137.74 -61.94 48.98
C GLY A 940 -138.98 -61.34 49.60
N MET A 941 -139.68 -62.17 50.36
CA MET A 941 -140.93 -61.78 50.99
C MET A 941 -140.60 -60.87 52.17
N ALA A 942 -140.48 -59.56 51.90
CA ALA A 942 -140.13 -58.62 52.96
C ALA A 942 -141.27 -58.44 53.96
N ASP A 943 -142.51 -58.35 53.49
CA ASP A 943 -143.65 -58.06 54.37
C ASP A 943 -144.88 -58.84 53.93
N GLU A 944 -145.26 -59.84 54.75
CA GLU A 944 -146.48 -60.61 54.48
C GLU A 944 -147.72 -59.74 54.52
N LYS A 945 -147.67 -58.66 55.30
CA LYS A 945 -148.82 -57.77 55.42
C LYS A 945 -149.15 -57.09 54.11
N ALA A 946 -148.15 -56.81 53.27
CA ALA A 946 -148.40 -56.16 51.99
C ALA A 946 -149.26 -57.06 51.09
N GLU A 947 -148.91 -58.34 51.02
CA GLU A 947 -149.75 -59.30 50.31
C GLU A 947 -151.13 -59.42 50.95
N ASP A 948 -151.17 -59.57 52.28
CA ASP A 948 -152.43 -59.82 52.96
C ASP A 948 -153.43 -58.68 52.76
N ASN A 949 -152.98 -57.45 52.98
CA ASN A 949 -153.78 -56.25 52.82
C ASN A 949 -153.14 -55.34 51.79
N LEU A 950 -153.95 -54.79 50.88
CA LEU A 950 -153.42 -53.93 49.84
C LEU A 950 -154.48 -52.93 49.42
N LYS A 951 -154.03 -51.77 48.96
CA LYS A 951 -154.96 -50.75 48.51
C LYS A 951 -155.70 -51.22 47.26
N LYS A 952 -157.03 -51.12 47.30
CA LYS A 952 -157.86 -51.67 46.25
C LYS A 952 -158.33 -50.57 45.33
N THR A 953 -157.72 -50.49 44.16
CA THR A 953 -158.07 -49.44 43.22
C THR A 953 -159.47 -49.69 42.67
N LYS A 954 -160.20 -48.61 42.44
CA LYS A 954 -161.60 -48.67 42.05
C LYS A 954 -161.80 -47.81 40.81
N LEU A 955 -162.17 -48.44 39.70
CA LEU A 955 -162.49 -47.66 38.51
C LEU A 955 -163.78 -46.89 38.76
N PRO A 956 -163.86 -45.63 38.34
CA PRO A 956 -165.05 -44.83 38.70
C PRO A 956 -166.34 -45.54 38.34
N LYS A 957 -167.24 -45.61 39.32
CA LYS A 957 -168.52 -46.30 39.21
C LYS A 957 -169.29 -45.82 37.98
N THR A 958 -169.14 -44.55 37.63
CA THR A 958 -169.74 -44.04 36.39
C THR A 958 -169.22 -44.81 35.18
N TYR A 959 -167.94 -45.15 35.17
CA TYR A 959 -167.33 -45.75 34.00
C TYR A 959 -167.93 -47.11 33.71
N MET A 960 -167.74 -47.58 32.49
CA MET A 960 -168.40 -48.75 31.93
C MET A 960 -167.47 -49.44 30.95
N MET A 961 -167.43 -50.77 31.00
CA MET A 961 -166.60 -51.53 30.08
C MET A 961 -167.34 -52.78 29.62
N SER A 962 -166.82 -53.39 28.55
CA SER A 962 -167.51 -54.51 27.92
C SER A 962 -167.43 -55.78 28.76
N ASN A 963 -166.40 -55.88 29.61
CA ASN A 963 -166.29 -56.99 30.54
C ASN A 963 -167.43 -57.02 31.55
N GLY A 964 -167.83 -55.86 32.06
CA GLY A 964 -168.71 -55.79 33.20
C GLY A 964 -168.05 -55.95 34.56
N TYR A 965 -166.71 -55.99 34.64
CA TYR A 965 -165.88 -56.22 35.84
C TYR A 965 -164.76 -55.27 36.22
N LYS A 966 -165.04 -54.32 37.06
CA LYS A 966 -164.13 -53.19 37.21
C LYS A 966 -162.74 -53.66 37.57
N PRO A 967 -161.71 -53.29 36.80
CA PRO A 967 -160.35 -53.65 37.20
C PRO A 967 -160.05 -53.09 38.58
N ALA A 968 -158.95 -53.53 39.17
CA ALA A 968 -158.42 -53.15 40.48
C ALA A 968 -156.92 -53.41 40.52
N PRO A 969 -156.12 -52.56 39.91
CA PRO A 969 -154.68 -52.61 40.13
C PRO A 969 -154.32 -52.03 41.49
N LEU A 970 -153.12 -52.35 41.95
CA LEU A 970 -152.67 -51.85 43.24
C LEU A 970 -152.50 -50.34 43.20
N ASP A 971 -153.28 -49.63 44.02
CA ASP A 971 -153.10 -48.19 44.13
C ASP A 971 -151.82 -47.90 44.91
N LEU A 972 -150.97 -47.05 44.35
CA LEU A 972 -149.62 -46.87 44.84
C LEU A 972 -149.18 -45.42 44.86
N SER A 973 -150.12 -44.49 45.09
CA SER A 973 -149.73 -43.09 45.18
C SER A 973 -148.84 -42.86 46.39
N HIS A 974 -148.94 -43.74 47.39
CA HIS A 974 -148.10 -43.70 48.57
C HIS A 974 -146.79 -44.45 48.40
N VAL A 975 -146.37 -44.69 47.15
CA VAL A 975 -145.18 -45.46 46.85
C VAL A 975 -144.24 -44.61 46.00
N ARG A 976 -142.97 -44.55 46.41
CA ARG A 976 -141.97 -43.72 45.77
C ARG A 976 -140.86 -44.60 45.22
N LEU A 977 -140.62 -44.50 43.91
CA LEU A 977 -139.54 -45.21 43.25
C LEU A 977 -138.41 -44.23 42.93
N THR A 978 -137.20 -44.57 43.35
CA THR A 978 -136.08 -43.65 43.21
C THR A 978 -135.51 -43.68 41.80
N PRO A 979 -134.73 -42.67 41.42
CA PRO A 979 -134.15 -42.65 40.07
C PRO A 979 -133.30 -43.86 39.78
N ALA A 980 -132.67 -44.43 40.79
CA ALA A 980 -131.99 -45.69 40.52
C ALA A 980 -133.00 -46.64 39.93
N GLN A 981 -134.11 -46.91 40.65
CA GLN A 981 -135.11 -47.86 40.17
C GLN A 981 -135.66 -47.47 38.82
N THR A 982 -135.76 -46.18 38.55
CA THR A 982 -136.20 -45.77 37.22
C THR A 982 -135.21 -46.23 36.14
N THR A 983 -133.91 -46.06 36.41
CA THR A 983 -132.89 -46.52 35.47
C THR A 983 -132.96 -48.03 35.29
N LEU A 984 -133.14 -48.75 36.40
CA LEU A 984 -133.30 -50.19 36.31
C LEU A 984 -134.52 -50.54 35.47
N VAL A 985 -135.61 -49.78 35.63
CA VAL A 985 -136.81 -50.00 34.82
C VAL A 985 -136.48 -49.83 33.34
N ASP A 986 -135.71 -48.78 33.01
CA ASP A 986 -135.33 -48.56 31.63
C ASP A 986 -134.57 -49.76 31.08
N ARG A 987 -133.59 -50.25 31.84
CA ARG A 987 -132.79 -51.38 31.36
C ARG A 987 -133.62 -52.64 31.21
N LEU A 988 -134.53 -52.90 32.15
CA LEU A 988 -135.38 -54.08 32.04
C LEU A 988 -136.33 -53.97 30.85
N ALA A 989 -136.86 -52.77 30.58
CA ALA A 989 -137.68 -52.59 29.39
C ALA A 989 -136.87 -52.86 28.13
N GLU A 990 -135.63 -52.35 28.09
CA GLU A 990 -134.73 -52.67 26.99
C GLU A 990 -134.62 -54.16 26.80
N ASN A 991 -134.33 -54.88 27.89
CA ASN A 991 -134.13 -56.32 27.81
C ASN A 991 -135.40 -57.03 27.35
N GLY A 992 -136.56 -56.61 27.86
CA GLY A 992 -137.80 -57.25 27.50
C GLY A 992 -138.10 -57.09 26.02
N HIS A 993 -137.91 -55.87 25.52
CA HIS A 993 -138.11 -55.62 24.11
C HIS A 993 -137.15 -56.46 23.27
N ASN A 994 -135.90 -56.56 23.72
CA ASN A 994 -134.92 -57.33 22.97
C ASN A 994 -135.22 -58.82 22.98
N VAL A 995 -135.74 -59.33 24.10
CA VAL A 995 -136.13 -60.73 24.18
C VAL A 995 -137.30 -60.99 23.23
N TRP A 996 -138.29 -60.11 23.27
CA TRP A 996 -139.39 -60.20 22.31
C TRP A 996 -138.86 -60.23 20.89
N ALA A 997 -137.90 -59.35 20.59
CA ALA A 997 -137.37 -59.25 19.24
C ALA A 997 -136.65 -60.53 18.82
N ARG A 998 -135.82 -61.08 19.71
CA ARG A 998 -135.08 -62.29 19.35
C ARG A 998 -136.05 -63.45 19.15
N ASP A 999 -137.06 -63.58 20.02
CA ASP A 999 -138.02 -64.66 19.87
C ASP A 999 -138.78 -64.53 18.56
N ARG A 1000 -139.22 -63.31 18.24
CA ARG A 1000 -140.03 -63.09 17.06
C ARG A 1000 -139.20 -63.28 15.79
N VAL A 1001 -137.92 -62.92 15.85
CA VAL A 1001 -137.00 -63.18 14.74
C VAL A 1001 -136.80 -64.67 14.56
N ALA A 1002 -136.56 -65.39 15.66
CA ALA A 1002 -136.45 -66.85 15.57
C ALA A 1002 -137.68 -67.44 14.92
N GLN A 1003 -138.85 -66.87 15.21
CA GLN A 1003 -140.04 -67.22 14.44
C GLN A 1003 -139.85 -66.87 12.97
N GLY A 1004 -139.27 -65.71 12.66
CA GLY A 1004 -138.96 -65.35 11.28
C GLY A 1004 -139.41 -63.98 10.85
N TRP A 1005 -139.89 -63.14 11.77
CA TRP A 1005 -140.30 -61.80 11.41
C TRP A 1005 -139.10 -60.95 11.04
N SER A 1006 -139.38 -59.80 10.43
CA SER A 1006 -138.33 -58.84 10.08
C SER A 1006 -138.83 -57.42 10.26
N TYR A 1007 -137.91 -56.48 10.14
CA TYR A 1007 -138.23 -55.07 10.30
C TYR A 1007 -138.80 -54.50 9.01
N SER A 1008 -139.67 -53.51 9.15
CA SER A 1008 -140.25 -52.80 8.01
C SER A 1008 -140.90 -51.54 8.54
N ALA A 1009 -140.57 -50.40 7.92
CA ALA A 1009 -141.23 -49.15 8.29
C ALA A 1009 -142.74 -49.24 8.07
N VAL A 1010 -143.17 -50.12 7.17
CA VAL A 1010 -144.58 -50.33 6.88
C VAL A 1010 -144.98 -51.70 7.43
N GLN A 1011 -146.02 -51.72 8.25
CA GLN A 1011 -146.45 -52.95 8.90
C GLN A 1011 -147.13 -53.87 7.91
N ASP A 1012 -146.69 -55.12 7.85
CA ASP A 1012 -147.32 -56.15 7.04
C ASP A 1012 -147.25 -57.47 7.81
N ILE A 1013 -148.40 -57.97 8.24
CA ILE A 1013 -148.45 -59.15 9.09
C ILE A 1013 -148.27 -60.41 8.24
N PRO A 1014 -148.98 -60.57 7.12
CA PRO A 1014 -148.76 -61.77 6.30
C PRO A 1014 -147.32 -61.94 5.87
N ALA A 1015 -146.65 -60.84 5.52
CA ALA A 1015 -145.23 -60.87 5.24
C ALA A 1015 -144.39 -60.95 6.50
N ARG A 1016 -145.03 -60.81 7.68
CA ARG A 1016 -144.34 -60.93 8.95
C ARG A 1016 -143.28 -59.84 9.08
N ARG A 1017 -143.73 -58.61 8.88
CA ARG A 1017 -142.90 -57.42 8.93
C ARG A 1017 -143.50 -56.45 9.93
N ASN A 1018 -142.66 -55.89 10.80
CA ASN A 1018 -143.13 -55.03 11.87
C ASN A 1018 -142.25 -53.79 11.90
N PRO A 1019 -142.80 -52.63 12.27
CA PRO A 1019 -141.94 -51.47 12.52
C PRO A 1019 -141.30 -51.44 13.89
N ARG A 1020 -141.33 -52.55 14.63
CA ARG A 1020 -140.76 -52.63 15.96
C ARG A 1020 -139.78 -53.78 16.14
N LEU A 1021 -139.59 -54.64 15.14
CA LEU A 1021 -138.50 -55.61 15.22
C LEU A 1021 -137.19 -54.87 15.02
N VAL A 1022 -136.82 -54.09 16.03
CA VAL A 1022 -135.55 -53.38 16.08
C VAL A 1022 -135.16 -53.23 17.55
N PRO A 1023 -133.89 -53.47 17.87
CA PRO A 1023 -133.47 -53.36 19.27
C PRO A 1023 -133.81 -52.01 19.86
N TYR A 1024 -133.88 -52.00 21.20
CA TYR A 1024 -134.50 -50.88 21.92
C TYR A 1024 -133.85 -49.55 21.57
N ARG A 1025 -132.53 -49.54 21.41
CA ARG A 1025 -131.83 -48.28 21.20
C ARG A 1025 -132.39 -47.51 20.01
N LEU A 1026 -132.67 -48.22 18.92
CA LEU A 1026 -133.19 -47.59 17.71
C LEU A 1026 -134.69 -47.33 17.81
N LEU A 1027 -135.33 -47.80 18.87
CA LEU A 1027 -136.78 -47.70 18.98
C LEU A 1027 -137.22 -46.25 19.09
N ASP A 1028 -138.44 -45.98 18.64
CA ASP A 1028 -138.99 -44.64 18.73
C ASP A 1028 -139.30 -44.28 20.17
N GLU A 1029 -139.32 -42.97 20.45
CA GLU A 1029 -139.51 -42.50 21.81
C GLU A 1029 -140.90 -42.87 22.34
N ALA A 1030 -141.91 -42.89 21.47
CA ALA A 1030 -143.25 -43.25 21.91
C ALA A 1030 -143.29 -44.67 22.47
N THR A 1031 -142.76 -45.63 21.70
CA THR A 1031 -142.73 -47.01 22.16
C THR A 1031 -141.81 -47.16 23.37
N LYS A 1032 -140.69 -46.45 23.36
CA LYS A 1032 -139.81 -46.45 24.53
C LYS A 1032 -140.59 -46.07 25.78
N ARG A 1033 -141.32 -44.97 25.71
CA ARG A 1033 -142.08 -44.49 26.86
C ARG A 1033 -143.17 -45.47 27.25
N SER A 1034 -143.84 -46.05 26.26
CA SER A 1034 -144.91 -47.00 26.57
C SER A 1034 -144.38 -48.19 27.35
N ASN A 1035 -143.31 -48.82 26.85
CA ASN A 1035 -142.73 -49.97 27.53
C ASN A 1035 -142.18 -49.57 28.89
N ARG A 1036 -141.53 -48.41 28.96
CA ARG A 1036 -140.97 -47.93 30.22
C ARG A 1036 -142.06 -47.77 31.27
N ASP A 1037 -143.18 -47.16 30.89
CA ASP A 1037 -144.29 -46.96 31.83
C ASP A 1037 -144.87 -48.29 32.27
N SER A 1038 -145.12 -49.20 31.32
CA SER A 1038 -145.68 -50.50 31.69
C SER A 1038 -144.79 -51.19 32.71
N LEU A 1039 -143.48 -51.22 32.46
CA LEU A 1039 -142.60 -51.96 33.34
C LEU A 1039 -142.39 -51.22 34.66
N CYS A 1040 -142.45 -49.88 34.62
CA CYS A 1040 -142.36 -49.12 35.86
C CYS A 1040 -143.55 -49.43 36.77
N GLN A 1041 -144.74 -49.54 36.18
CA GLN A 1041 -145.89 -49.95 36.98
C GLN A 1041 -145.76 -51.39 37.44
N ALA A 1042 -145.10 -52.24 36.65
CA ALA A 1042 -144.81 -53.59 37.13
C ALA A 1042 -143.94 -53.55 38.39
N VAL A 1043 -142.90 -52.71 38.37
CA VAL A 1043 -142.04 -52.59 39.54
C VAL A 1043 -142.80 -51.98 40.70
N ARG A 1044 -143.69 -51.03 40.43
CA ARG A 1044 -144.52 -50.44 41.47
C ARG A 1044 -145.41 -51.51 42.11
N THR A 1045 -145.99 -52.38 41.28
CA THR A 1045 -146.78 -53.49 41.81
C THR A 1045 -145.94 -54.41 42.67
N LEU A 1046 -144.70 -54.68 42.24
CA LEU A 1046 -143.82 -55.52 43.06
C LEU A 1046 -143.51 -54.86 44.40
N LEU A 1047 -143.29 -53.54 44.40
CA LEU A 1047 -143.02 -52.87 45.67
C LEU A 1047 -144.28 -52.81 46.54
N GLY A 1048 -145.46 -52.77 45.92
CA GLY A 1048 -146.69 -52.93 46.66
C GLY A 1048 -146.79 -54.30 47.29
N TYR A 1049 -146.37 -55.33 46.56
CA TYR A 1049 -146.16 -56.64 47.16
C TYR A 1049 -145.15 -56.56 48.29
N GLY A 1050 -144.26 -55.58 48.25
CA GLY A 1050 -143.31 -55.33 49.31
C GLY A 1050 -141.98 -56.03 49.16
N TYR A 1051 -141.80 -56.86 48.13
CA TYR A 1051 -140.52 -57.49 47.90
C TYR A 1051 -139.44 -56.42 47.80
N ASN A 1052 -138.35 -56.63 48.52
CA ASN A 1052 -137.26 -55.65 48.52
C ASN A 1052 -136.59 -55.58 47.16
N ILE A 1053 -136.12 -54.39 46.82
CA ILE A 1053 -135.41 -54.14 45.57
C ILE A 1053 -134.02 -53.66 45.92
N GLU A 1054 -133.00 -54.39 45.46
CA GLU A 1054 -131.61 -54.01 45.67
C GLU A 1054 -131.00 -53.60 44.35
N PRO A 1055 -130.83 -52.30 44.08
CA PRO A 1055 -130.23 -51.90 42.82
C PRO A 1055 -128.76 -52.30 42.77
N PRO A 1056 -128.29 -52.83 41.64
CA PRO A 1056 -126.87 -53.18 41.54
C PRO A 1056 -125.99 -51.96 41.38
N ASP A 1057 -124.74 -52.11 41.80
CA ASP A 1057 -123.77 -51.04 41.64
C ASP A 1057 -123.51 -50.75 40.17
N GLN A 1058 -123.39 -49.47 39.83
CA GLN A 1058 -123.16 -49.08 38.45
C GLN A 1058 -121.84 -49.66 37.95
N GLU A 1059 -121.88 -50.28 36.77
CA GLU A 1059 -120.70 -50.90 36.18
C GLU A 1059 -120.35 -50.21 34.87
N PRO A 1060 -119.33 -49.36 34.84
CA PRO A 1060 -118.99 -48.67 33.58
C PRO A 1060 -118.46 -49.63 32.52
N SER A 1061 -118.61 -49.22 31.27
CA SER A 1061 -118.09 -49.97 30.13
C SER A 1061 -117.75 -49.00 29.01
N GLN A 1062 -116.91 -49.46 28.09
CA GLN A 1062 -116.45 -48.66 26.96
C GLN A 1062 -116.99 -49.26 25.67
N VAL A 1063 -117.66 -48.43 24.86
CA VAL A 1063 -118.36 -48.94 23.68
C VAL A 1063 -117.37 -49.38 22.62
N GLU A 1064 -116.33 -48.59 22.37
CA GLU A 1064 -115.37 -48.87 21.30
C GLU A 1064 -116.07 -48.93 19.95
N ASN A 1065 -116.91 -47.93 19.68
CA ASN A 1065 -117.65 -47.91 18.42
C ASN A 1065 -116.73 -47.68 17.23
N GLN A 1066 -115.84 -46.70 17.33
CA GLN A 1066 -114.95 -46.34 16.24
C GLN A 1066 -113.49 -46.50 16.65
N SER A 1067 -112.61 -46.42 15.67
CA SER A 1067 -111.18 -46.48 15.93
C SER A 1067 -110.66 -45.14 16.43
N ARG A 1068 -109.50 -45.19 17.07
CA ARG A 1068 -108.85 -43.98 17.55
C ARG A 1068 -108.74 -42.95 16.43
N TRP A 1069 -108.34 -43.41 15.25
CA TRP A 1069 -108.10 -42.50 14.14
C TRP A 1069 -109.41 -42.05 13.51
N ASP A 1070 -110.38 -42.96 13.41
CA ASP A 1070 -111.68 -42.65 12.86
C ASP A 1070 -112.48 -41.73 13.77
N ARG A 1071 -112.03 -41.52 15.01
CA ARG A 1071 -112.73 -40.64 15.93
C ARG A 1071 -112.43 -39.15 15.72
N VAL A 1072 -111.15 -38.78 15.59
CA VAL A 1072 -110.75 -37.39 15.62
C VAL A 1072 -110.23 -36.96 14.26
N ARG A 1073 -110.66 -35.78 13.82
CA ARG A 1073 -110.21 -35.16 12.59
C ARG A 1073 -109.59 -33.81 12.91
N ILE A 1074 -108.38 -33.56 12.40
CA ILE A 1074 -107.63 -32.35 12.66
C ILE A 1074 -107.56 -31.53 11.39
N PHE A 1075 -107.91 -30.24 11.49
CA PHE A 1075 -107.77 -29.28 10.40
C PHE A 1075 -106.76 -28.22 10.82
N ARG A 1076 -105.78 -27.97 9.96
CA ARG A 1076 -104.77 -26.96 10.25
C ARG A 1076 -104.57 -26.08 9.01
N ALA A 1077 -103.98 -24.91 9.24
CA ALA A 1077 -103.59 -24.10 8.10
C ALA A 1077 -102.36 -24.68 7.42
N GLU A 1078 -102.15 -24.30 6.16
CA GLU A 1078 -100.99 -24.78 5.42
C GLU A 1078 -99.71 -24.21 6.02
N LYS A 1079 -98.63 -24.97 5.91
CA LYS A 1079 -97.37 -24.59 6.55
C LYS A 1079 -96.85 -23.26 6.03
N SER A 1080 -97.18 -22.93 4.78
CA SER A 1080 -96.67 -21.70 4.19
C SER A 1080 -97.14 -20.47 4.96
N TYR A 1081 -98.26 -20.58 5.66
CA TYR A 1081 -98.82 -19.48 6.42
C TYR A 1081 -98.21 -19.37 7.81
N THR A 1082 -97.12 -20.08 8.07
CA THR A 1082 -96.50 -20.05 9.38
C THR A 1082 -96.04 -18.64 9.73
N VAL A 1083 -96.32 -18.23 10.97
CA VAL A 1083 -95.96 -16.91 11.47
C VAL A 1083 -94.97 -17.08 12.61
N GLN A 1084 -93.82 -16.41 12.50
CA GLN A 1084 -92.81 -16.42 13.55
C GLN A 1084 -92.78 -15.11 14.33
N SER A 1085 -93.72 -14.20 14.09
CA SER A 1085 -93.70 -12.92 14.78
C SER A 1085 -95.07 -12.27 14.69
N GLY A 1086 -95.35 -11.39 15.63
CA GLY A 1086 -96.50 -10.53 15.59
C GLY A 1086 -97.58 -10.97 16.58
N ARG A 1087 -98.72 -10.29 16.46
CA ARG A 1087 -99.91 -10.57 17.25
C ARG A 1087 -101.00 -11.00 16.30
N TRP A 1088 -101.53 -12.21 16.50
CA TRP A 1088 -102.48 -12.80 15.57
C TRP A 1088 -103.72 -13.27 16.30
N TYR A 1089 -104.87 -13.11 15.64
CA TYR A 1089 -106.19 -13.41 16.18
C TYR A 1089 -106.96 -14.26 15.18
N PHE A 1090 -107.70 -15.23 15.69
CA PHE A 1090 -108.68 -15.93 14.85
C PHE A 1090 -109.78 -16.49 15.73
N GLU A 1091 -110.88 -16.89 15.09
CA GLU A 1091 -112.10 -17.27 15.79
C GLU A 1091 -112.51 -18.68 15.41
N PHE A 1092 -113.06 -19.41 16.37
CA PHE A 1092 -113.61 -20.74 16.16
C PHE A 1092 -114.96 -20.82 16.83
N GLU A 1093 -116.02 -20.94 16.04
CA GLU A 1093 -117.38 -21.03 16.54
C GLU A 1093 -117.75 -22.51 16.65
N ALA A 1094 -118.25 -22.90 17.80
CA ALA A 1094 -118.64 -24.28 18.06
C ALA A 1094 -120.14 -24.44 17.88
N VAL A 1095 -120.54 -25.12 16.80
CA VAL A 1095 -121.96 -25.38 16.62
C VAL A 1095 -122.45 -26.45 17.58
N THR A 1096 -121.55 -27.30 18.06
CA THR A 1096 -121.85 -28.33 19.03
C THR A 1096 -121.13 -28.02 20.34
N THR A 1097 -121.46 -28.79 21.37
CA THR A 1097 -120.87 -28.64 22.68
C THR A 1097 -119.94 -29.80 23.04
N GLY A 1098 -119.56 -30.61 22.05
CA GLY A 1098 -118.79 -31.81 22.31
C GLY A 1098 -117.30 -31.58 22.19
N GLU A 1099 -116.59 -32.69 21.98
CA GLU A 1099 -115.14 -32.67 21.93
C GLU A 1099 -114.64 -31.90 20.72
N MET A 1100 -114.13 -30.70 20.95
CA MET A 1100 -113.42 -29.94 19.93
C MET A 1100 -112.31 -29.19 20.62
N ARG A 1101 -111.17 -29.11 19.95
CA ARG A 1101 -110.00 -28.42 20.47
C ARG A 1101 -109.58 -27.37 19.46
N VAL A 1102 -109.16 -26.21 19.93
CA VAL A 1102 -108.77 -25.12 19.04
C VAL A 1102 -107.52 -24.45 19.60
N GLY A 1103 -106.60 -24.10 18.71
CA GLY A 1103 -105.39 -23.45 19.16
C GLY A 1103 -104.32 -23.29 18.11
N TRP A 1104 -103.06 -23.32 18.55
CA TRP A 1104 -101.92 -23.07 17.68
C TRP A 1104 -101.02 -24.29 17.67
N ALA A 1105 -100.54 -24.65 16.48
CA ALA A 1105 -99.75 -25.85 16.29
C ALA A 1105 -98.49 -25.54 15.50
N ARG A 1106 -97.48 -26.35 15.72
CA ARG A 1106 -96.25 -26.26 14.97
C ARG A 1106 -96.37 -27.01 13.66
N PRO A 1107 -95.59 -26.62 12.64
CA PRO A 1107 -95.79 -27.19 11.30
C PRO A 1107 -95.60 -28.70 11.22
N GLU A 1108 -94.95 -29.30 12.21
CA GLU A 1108 -94.71 -30.74 12.22
C GLU A 1108 -95.74 -31.49 13.03
N LEU A 1109 -96.90 -30.89 13.26
CA LEU A 1109 -97.97 -31.57 13.99
C LEU A 1109 -98.30 -32.90 13.34
N ARG A 1110 -98.27 -33.97 14.14
CA ARG A 1110 -98.61 -35.28 13.62
C ARG A 1110 -100.14 -35.44 13.60
N PRO A 1111 -100.69 -35.94 12.50
CA PRO A 1111 -102.16 -36.08 12.43
C PRO A 1111 -102.69 -37.12 13.39
N ASP A 1112 -101.92 -38.17 13.65
CA ASP A 1112 -102.42 -39.28 14.45
C ASP A 1112 -102.54 -38.90 15.92
N VAL A 1113 -101.62 -38.09 16.43
CA VAL A 1113 -101.63 -37.74 17.84
C VAL A 1113 -102.74 -36.73 18.11
N GLU A 1114 -103.33 -36.85 19.30
CA GLU A 1114 -104.36 -35.91 19.72
C GLU A 1114 -103.73 -34.58 20.10
N LEU A 1115 -104.42 -33.49 19.82
CA LEU A 1115 -103.86 -32.16 20.00
C LEU A 1115 -103.54 -31.91 21.47
N GLY A 1116 -102.32 -31.45 21.74
CA GLY A 1116 -101.90 -31.04 23.05
C GLY A 1116 -101.28 -32.13 23.89
N ALA A 1117 -101.46 -33.40 23.50
CA ALA A 1117 -100.78 -34.48 24.19
C ALA A 1117 -99.27 -34.33 24.08
N ASP A 1118 -98.80 -33.91 22.92
CA ASP A 1118 -97.38 -33.63 22.70
C ASP A 1118 -97.12 -32.13 22.80
N GLU A 1119 -95.86 -31.76 22.64
CA GLU A 1119 -95.43 -30.38 22.67
C GLU A 1119 -95.81 -29.62 21.40
N LEU A 1120 -96.25 -30.31 20.35
CA LEU A 1120 -96.40 -29.68 19.05
C LEU A 1120 -97.56 -28.70 19.00
N ALA A 1121 -98.48 -28.80 19.95
CA ALA A 1121 -99.70 -27.99 19.91
C ALA A 1121 -100.00 -27.41 21.28
N TYR A 1122 -100.54 -26.20 21.27
CA TYR A 1122 -101.10 -25.54 22.44
C TYR A 1122 -102.56 -25.26 22.13
N VAL A 1123 -103.48 -25.95 22.80
CA VAL A 1123 -104.88 -25.91 22.42
C VAL A 1123 -105.75 -25.76 23.65
N PHE A 1124 -107.03 -25.47 23.40
CA PHE A 1124 -108.06 -25.35 24.41
C PHE A 1124 -109.18 -26.30 24.06
N ASN A 1125 -109.62 -27.09 25.03
CA ASN A 1125 -110.75 -28.00 24.90
C ASN A 1125 -111.84 -27.55 25.87
N GLY A 1126 -112.86 -26.85 25.35
CA GLY A 1126 -113.89 -26.33 26.22
C GLY A 1126 -114.77 -27.39 26.84
N HIS A 1127 -115.03 -28.48 26.11
CA HIS A 1127 -115.96 -29.49 26.59
C HIS A 1127 -115.75 -29.78 28.07
N ARG A 1128 -114.49 -29.82 28.51
CA ARG A 1128 -114.15 -30.01 29.90
C ARG A 1128 -113.48 -28.80 30.52
N GLY A 1129 -113.29 -27.72 29.76
CA GLY A 1129 -112.59 -26.56 30.25
C GLY A 1129 -111.14 -26.89 30.56
N GLN A 1130 -110.38 -27.22 29.53
CA GLN A 1130 -109.00 -27.67 29.67
C GLN A 1130 -108.10 -26.92 28.71
N ARG A 1131 -106.84 -26.78 29.11
CA ARG A 1131 -105.78 -26.30 28.25
C ARG A 1131 -104.78 -27.42 28.06
N TRP A 1132 -104.48 -27.77 26.82
CA TRP A 1132 -103.64 -28.90 26.50
C TRP A 1132 -102.32 -28.44 25.90
N HIS A 1133 -101.23 -28.85 26.57
CA HIS A 1133 -99.89 -28.81 26.00
C HIS A 1133 -99.05 -29.78 26.82
N LEU A 1134 -98.64 -30.89 26.22
CA LEU A 1134 -97.92 -31.94 26.94
C LEU A 1134 -98.72 -32.43 28.14
N GLY A 1135 -100.03 -32.50 27.97
CA GLY A 1135 -100.94 -32.92 29.00
C GLY A 1135 -102.08 -31.93 29.16
N SER A 1136 -103.02 -32.29 30.04
CA SER A 1136 -104.22 -31.52 30.28
C SER A 1136 -104.14 -30.82 31.62
N GLU A 1137 -104.56 -29.56 31.64
CA GLU A 1137 -104.68 -28.77 32.85
C GLU A 1137 -106.02 -28.05 32.78
N PRO A 1138 -106.75 -27.94 33.89
CA PRO A 1138 -108.02 -27.20 33.86
C PRO A 1138 -107.78 -25.75 33.45
N PHE A 1139 -108.67 -25.23 32.62
CA PHE A 1139 -108.55 -23.86 32.15
C PHE A 1139 -109.85 -23.48 31.47
N GLY A 1140 -110.37 -22.32 31.84
CA GLY A 1140 -111.55 -21.85 31.15
C GLY A 1140 -112.73 -22.76 31.38
N ARG A 1141 -113.87 -22.34 30.84
CA ARG A 1141 -115.15 -22.98 31.05
C ARG A 1141 -115.68 -23.52 29.73
N PRO A 1142 -116.53 -24.55 29.79
CA PRO A 1142 -117.11 -25.09 28.56
C PRO A 1142 -117.97 -24.07 27.84
N TRP A 1143 -117.97 -24.14 26.52
CA TRP A 1143 -118.88 -23.34 25.72
C TRP A 1143 -120.26 -23.97 25.66
N GLN A 1144 -121.20 -23.18 25.18
CA GLN A 1144 -122.51 -23.66 24.75
C GLN A 1144 -122.60 -23.54 23.25
N SER A 1145 -123.65 -24.12 22.68
CA SER A 1145 -123.83 -24.09 21.23
C SER A 1145 -123.89 -22.65 20.74
N GLY A 1146 -123.16 -22.37 19.67
CA GLY A 1146 -123.11 -21.05 19.09
C GLY A 1146 -122.01 -20.16 19.64
N ASP A 1147 -121.30 -20.61 20.65
CA ASP A 1147 -120.24 -19.79 21.24
C ASP A 1147 -119.06 -19.66 20.28
N VAL A 1148 -118.30 -18.59 20.45
CA VAL A 1148 -117.13 -18.29 19.65
C VAL A 1148 -115.93 -18.19 20.58
N VAL A 1149 -114.88 -18.95 20.25
CA VAL A 1149 -113.62 -18.92 20.98
C VAL A 1149 -112.63 -18.12 20.16
N GLY A 1150 -112.08 -17.07 20.77
CA GLY A 1150 -111.07 -16.26 20.13
C GLY A 1150 -109.68 -16.70 20.60
N CYS A 1151 -108.87 -17.15 19.65
CA CYS A 1151 -107.52 -17.60 19.92
C CYS A 1151 -106.56 -16.51 19.48
N MET A 1152 -105.67 -16.13 20.38
CA MET A 1152 -104.75 -15.01 20.20
C MET A 1152 -103.34 -15.48 20.52
N ILE A 1153 -102.39 -15.09 19.70
CA ILE A 1153 -100.98 -15.42 19.92
C ILE A 1153 -100.16 -14.15 19.81
N ASP A 1154 -99.37 -13.87 20.84
CA ASP A 1154 -98.47 -12.72 20.88
C ASP A 1154 -97.05 -13.26 20.92
N LEU A 1155 -96.33 -13.14 19.81
CA LEU A 1155 -94.98 -13.68 19.74
C LEU A 1155 -93.93 -12.69 20.21
N THR A 1156 -94.29 -11.42 20.38
CA THR A 1156 -93.38 -10.47 21.04
C THR A 1156 -93.26 -10.78 22.52
N GLU A 1157 -94.40 -10.95 23.19
CA GLU A 1157 -94.42 -11.31 24.60
C GLU A 1157 -94.40 -12.81 24.84
N ASN A 1158 -94.49 -13.62 23.78
CA ASN A 1158 -94.42 -15.07 23.89
C ASN A 1158 -95.55 -15.60 24.79
N THR A 1159 -96.79 -15.34 24.37
CA THR A 1159 -97.96 -15.75 25.13
C THR A 1159 -99.07 -16.20 24.19
N ILE A 1160 -99.94 -17.04 24.72
CA ILE A 1160 -101.15 -17.48 24.03
C ILE A 1160 -102.34 -17.16 24.93
N ILE A 1161 -103.37 -16.56 24.34
CA ILE A 1161 -104.55 -16.10 25.06
C ILE A 1161 -105.78 -16.71 24.42
N PHE A 1162 -106.74 -17.10 25.26
CA PHE A 1162 -108.02 -17.61 24.80
C PHE A 1162 -109.15 -16.78 25.40
N THR A 1163 -110.15 -16.50 24.57
CA THR A 1163 -111.32 -15.75 24.98
C THR A 1163 -112.57 -16.52 24.58
N LEU A 1164 -113.64 -16.33 25.35
CA LEU A 1164 -114.92 -16.93 25.04
C LEU A 1164 -115.98 -15.83 25.00
N ASN A 1165 -116.56 -15.62 23.81
CA ASN A 1165 -117.58 -14.59 23.62
C ASN A 1165 -117.10 -13.24 24.14
N GLY A 1166 -115.86 -12.90 23.83
CA GLY A 1166 -115.28 -11.63 24.21
C GLY A 1166 -114.78 -11.58 25.64
N GLU A 1167 -114.80 -12.68 26.36
CA GLU A 1167 -114.34 -12.73 27.74
C GLU A 1167 -113.09 -13.57 27.83
N VAL A 1168 -112.03 -13.00 28.40
CA VAL A 1168 -110.74 -13.68 28.48
C VAL A 1168 -110.85 -14.80 29.49
N LEU A 1169 -110.64 -16.04 29.04
CA LEU A 1169 -110.65 -17.18 29.95
C LEU A 1169 -109.42 -17.14 30.85
N MET A 1170 -109.61 -17.54 32.10
CA MET A 1170 -108.54 -17.57 33.08
C MET A 1170 -108.44 -18.96 33.67
N SER A 1171 -107.22 -19.32 34.07
CA SER A 1171 -106.97 -20.59 34.74
C SER A 1171 -107.57 -20.56 36.14
N ASP A 1172 -107.30 -21.62 36.90
CA ASP A 1172 -107.71 -21.67 38.31
C ASP A 1172 -106.74 -20.85 39.16
N SER A 1173 -106.54 -19.62 38.71
CA SER A 1173 -105.61 -18.68 39.32
C SER A 1173 -105.88 -17.32 38.69
N GLY A 1174 -105.00 -16.36 38.94
CA GLY A 1174 -105.10 -15.05 38.35
C GLY A 1174 -104.47 -14.95 36.99
N SER A 1175 -103.97 -16.07 36.46
CA SER A 1175 -103.30 -16.05 35.18
C SER A 1175 -104.29 -15.74 34.07
N GLU A 1176 -104.01 -14.69 33.31
CA GLU A 1176 -104.82 -14.29 32.18
C GLU A 1176 -104.37 -14.95 30.88
N THR A 1177 -103.29 -15.74 30.93
CA THR A 1177 -102.71 -16.37 29.75
C THR A 1177 -102.71 -17.88 29.93
N ALA A 1178 -103.16 -18.59 28.90
CA ALA A 1178 -103.16 -20.05 28.97
C ALA A 1178 -101.75 -20.60 29.02
N PHE A 1179 -100.83 -20.05 28.22
CA PHE A 1179 -99.48 -20.54 28.12
C PHE A 1179 -98.51 -19.36 28.08
N ARG A 1180 -97.33 -19.57 28.67
CA ARG A 1180 -96.29 -18.55 28.71
C ARG A 1180 -94.95 -19.17 28.36
N GLU A 1181 -93.96 -18.31 28.14
CA GLU A 1181 -92.59 -18.73 27.84
C GLU A 1181 -92.54 -19.65 26.63
N ILE A 1182 -93.37 -19.37 25.63
CA ILE A 1182 -93.31 -20.14 24.39
C ILE A 1182 -92.05 -19.78 23.63
N GLU A 1183 -91.53 -20.76 22.88
CA GLU A 1183 -90.40 -20.56 21.99
C GLU A 1183 -90.90 -20.53 20.55
N ILE A 1184 -90.55 -19.47 19.82
CA ILE A 1184 -91.06 -19.31 18.47
C ILE A 1184 -90.59 -20.45 17.59
N GLY A 1185 -89.29 -20.71 17.59
CA GLY A 1185 -88.76 -21.83 16.82
C GLY A 1185 -89.17 -21.75 15.36
N ASP A 1186 -89.63 -22.90 14.84
CA ASP A 1186 -90.08 -22.95 13.46
C ASP A 1186 -91.26 -22.03 13.22
N GLY A 1187 -92.21 -22.00 14.16
CA GLY A 1187 -93.34 -21.11 14.09
C GLY A 1187 -94.59 -21.79 14.62
N PHE A 1188 -95.73 -21.16 14.36
CA PHE A 1188 -97.02 -21.64 14.82
C PHE A 1188 -98.04 -21.51 13.70
N LEU A 1189 -99.07 -22.37 13.77
CA LEU A 1189 -100.13 -22.37 12.79
C LEU A 1189 -101.47 -22.55 13.49
N PRO A 1190 -102.54 -21.94 12.97
CA PRO A 1190 -103.86 -22.21 13.52
C PRO A 1190 -104.31 -23.63 13.23
N VAL A 1191 -104.95 -24.24 14.23
CA VAL A 1191 -105.33 -25.65 14.18
C VAL A 1191 -106.59 -25.85 15.01
N CYS A 1192 -107.34 -26.88 14.63
CA CYS A 1192 -108.54 -27.29 15.33
C CYS A 1192 -108.70 -28.79 15.15
N SER A 1193 -109.41 -29.42 16.06
CA SER A 1193 -109.75 -30.83 15.96
C SER A 1193 -111.20 -31.02 16.37
N LEU A 1194 -111.92 -31.83 15.61
CA LEU A 1194 -113.33 -32.10 15.83
C LEU A 1194 -113.50 -33.59 16.09
N GLY A 1195 -114.23 -33.94 17.15
CA GLY A 1195 -114.58 -35.31 17.38
C GLY A 1195 -115.80 -35.71 16.60
N PRO A 1196 -116.26 -36.94 16.83
CA PRO A 1196 -117.45 -37.41 16.13
C PRO A 1196 -118.67 -36.55 16.45
N GLY A 1197 -119.46 -36.27 15.42
CA GLY A 1197 -120.67 -35.49 15.61
C GLY A 1197 -120.43 -34.05 15.98
N GLN A 1198 -119.27 -33.49 15.63
CA GLN A 1198 -118.89 -32.14 16.01
C GLN A 1198 -118.78 -31.26 14.77
N VAL A 1199 -119.19 -30.00 14.93
CA VAL A 1199 -119.22 -29.04 13.83
C VAL A 1199 -118.62 -27.72 14.33
N GLY A 1200 -117.70 -27.17 13.54
CA GLY A 1200 -117.08 -25.92 13.88
C GLY A 1200 -117.03 -25.01 12.67
N HIS A 1201 -116.75 -23.73 12.96
CA HIS A 1201 -116.61 -22.70 11.93
C HIS A 1201 -115.37 -21.88 12.26
N LEU A 1202 -114.35 -22.00 11.41
CA LEU A 1202 -113.07 -21.35 11.64
C LEU A 1202 -112.97 -20.10 10.79
N ASN A 1203 -112.94 -18.94 11.45
CA ASN A 1203 -112.80 -17.65 10.78
C ASN A 1203 -111.39 -17.14 11.04
N LEU A 1204 -110.57 -17.11 10.00
CA LEU A 1204 -109.20 -16.65 10.11
C LEU A 1204 -109.05 -15.17 9.81
N GLY A 1205 -110.16 -14.47 9.50
CA GLY A 1205 -110.16 -13.04 9.41
C GLY A 1205 -109.98 -12.46 8.03
N GLN A 1206 -110.16 -13.25 6.97
CA GLN A 1206 -110.05 -12.70 5.63
C GLN A 1206 -111.02 -11.54 5.46
N ASP A 1207 -112.22 -11.68 6.01
CA ASP A 1207 -113.18 -10.59 6.10
C ASP A 1207 -113.32 -10.21 7.57
N VAL A 1208 -112.78 -9.05 7.93
CA VAL A 1208 -112.74 -8.64 9.33
C VAL A 1208 -114.15 -8.41 9.85
N SER A 1209 -115.05 -7.92 8.99
CA SER A 1209 -116.41 -7.63 9.42
C SER A 1209 -117.11 -8.87 9.96
N SER A 1210 -116.69 -10.06 9.51
CA SER A 1210 -117.31 -11.30 9.96
C SER A 1210 -116.81 -11.75 11.32
N LEU A 1211 -115.79 -11.09 11.87
CA LEU A 1211 -115.27 -11.44 13.19
C LEU A 1211 -116.15 -10.78 14.24
N ARG A 1212 -116.87 -11.60 15.01
CA ARG A 1212 -117.86 -11.07 15.93
C ARG A 1212 -117.21 -10.38 17.13
N PHE A 1213 -116.16 -10.98 17.68
CA PHE A 1213 -115.59 -10.53 18.95
C PHE A 1213 -114.20 -9.95 18.83
N PHE A 1214 -113.77 -9.58 17.62
CA PHE A 1214 -112.45 -8.97 17.46
C PHE A 1214 -112.39 -7.60 18.11
N ALA A 1215 -113.41 -6.77 17.88
CA ALA A 1215 -113.41 -5.43 18.42
C ALA A 1215 -113.42 -5.45 19.94
N ILE A 1216 -114.19 -6.36 20.53
CA ILE A 1216 -114.31 -6.41 21.98
C ILE A 1216 -112.96 -6.78 22.61
N CYS A 1217 -112.23 -7.69 21.99
CA CYS A 1217 -110.94 -8.12 22.50
C CYS A 1217 -109.99 -8.39 21.34
N GLY A 1218 -108.83 -7.74 21.35
CA GLY A 1218 -107.78 -7.99 20.39
C GLY A 1218 -107.43 -6.79 19.53
N LEU A 1219 -108.46 -6.08 19.05
CA LEU A 1219 -108.22 -4.96 18.16
C LEU A 1219 -107.43 -3.86 18.85
N GLN A 1220 -107.90 -3.42 20.01
CA GLN A 1220 -107.17 -2.39 20.75
C GLN A 1220 -105.89 -2.94 21.36
N GLU A 1221 -105.90 -4.24 21.70
CA GLU A 1221 -104.71 -4.88 22.23
C GLU A 1221 -103.61 -4.99 21.20
N GLY A 1222 -103.94 -4.80 19.92
CA GLY A 1222 -102.94 -4.78 18.87
C GLY A 1222 -102.85 -6.04 18.05
N PHE A 1223 -103.68 -7.04 18.33
CA PHE A 1223 -103.67 -8.27 17.58
C PHE A 1223 -104.33 -8.06 16.21
N GLU A 1224 -103.79 -8.77 15.22
CA GLU A 1224 -104.29 -8.67 13.87
C GLU A 1224 -104.92 -9.99 13.43
N PRO A 1225 -105.94 -9.95 12.58
CA PRO A 1225 -106.49 -11.19 12.05
C PRO A 1225 -105.44 -11.93 11.24
N PHE A 1226 -105.52 -13.27 11.30
CA PHE A 1226 -104.50 -14.10 10.68
C PHE A 1226 -104.44 -13.87 9.18
N ALA A 1227 -105.58 -13.63 8.54
CA ALA A 1227 -105.68 -13.47 7.10
C ALA A 1227 -106.20 -12.08 6.72
N ILE A 1228 -105.76 -11.05 7.44
CA ILE A 1228 -106.36 -9.73 7.28
C ILE A 1228 -106.22 -9.24 5.85
N ASN A 1229 -105.05 -9.44 5.24
CA ASN A 1229 -104.80 -8.88 3.91
C ASN A 1229 -104.42 -9.98 2.93
N MET A 1230 -105.18 -11.07 2.94
CA MET A 1230 -105.01 -12.16 1.99
C MET A 1230 -106.16 -12.15 1.00
N GLN A 1231 -105.81 -12.17 -0.29
CA GLN A 1231 -106.80 -12.16 -1.36
CA GLN A 1231 -106.81 -12.15 -1.33
C GLN A 1231 -107.60 -13.46 -1.38
N ARG A 1232 -106.93 -14.57 -1.14
CA ARG A 1232 -107.52 -15.89 -1.20
C ARG A 1232 -107.67 -16.48 0.19
N PRO A 1233 -108.69 -17.31 0.41
CA PRO A 1233 -108.82 -17.96 1.72
C PRO A 1233 -107.63 -18.84 2.02
N VAL A 1234 -107.29 -18.90 3.30
CA VAL A 1234 -106.17 -19.73 3.73
C VAL A 1234 -106.41 -21.17 3.31
N THR A 1235 -105.41 -21.78 2.70
CA THR A 1235 -105.49 -23.19 2.37
C THR A 1235 -105.34 -24.03 3.62
N THR A 1236 -106.17 -25.06 3.73
CA THR A 1236 -106.21 -25.91 4.91
C THR A 1236 -105.81 -27.32 4.54
N TRP A 1237 -105.29 -28.05 5.52
CA TRP A 1237 -105.03 -29.47 5.41
C TRP A 1237 -105.77 -30.19 6.53
N PHE A 1238 -106.20 -31.40 6.24
CA PHE A 1238 -106.96 -32.19 7.19
C PHE A 1238 -106.36 -33.58 7.31
N SER A 1239 -106.49 -34.14 8.52
CA SER A 1239 -106.06 -35.50 8.77
C SER A 1239 -107.03 -36.46 8.11
N LYS A 1240 -106.50 -37.33 7.25
CA LYS A 1240 -107.27 -38.28 6.48
C LYS A 1240 -106.96 -39.66 7.02
N SER A 1241 -108.00 -40.37 7.47
CA SER A 1241 -107.86 -41.68 8.09
C SER A 1241 -107.96 -42.77 7.03
N LEU A 1242 -107.18 -42.60 5.98
CA LEU A 1242 -107.03 -43.60 4.93
C LEU A 1242 -105.63 -44.19 5.04
N PRO A 1243 -105.49 -45.40 5.58
CA PRO A 1243 -104.14 -45.95 5.76
C PRO A 1243 -103.37 -46.01 4.45
N GLN A 1244 -102.13 -45.54 4.49
CA GLN A 1244 -101.23 -45.59 3.36
C GLN A 1244 -99.87 -46.09 3.83
N PHE A 1245 -99.15 -46.71 2.90
CA PHE A 1245 -97.86 -47.30 3.20
C PHE A 1245 -96.77 -46.24 3.10
N GLU A 1246 -95.96 -46.12 4.14
CA GLU A 1246 -94.88 -45.16 4.19
C GLU A 1246 -93.60 -45.85 4.62
N PRO A 1247 -92.44 -45.34 4.20
CA PRO A 1247 -91.18 -45.95 4.63
C PRO A 1247 -91.04 -45.92 6.14
N VAL A 1248 -90.46 -46.99 6.67
CA VAL A 1248 -90.19 -47.02 8.11
C VAL A 1248 -89.17 -45.93 8.44
N PRO A 1249 -89.48 -45.00 9.33
CA PRO A 1249 -88.49 -43.99 9.70
C PRO A 1249 -87.24 -44.64 10.28
N PRO A 1250 -86.05 -44.12 9.95
CA PRO A 1250 -84.84 -44.71 10.53
C PRO A 1250 -84.81 -44.64 12.04
N GLU A 1251 -85.45 -43.61 12.61
CA GLU A 1251 -85.42 -43.35 14.04
C GLU A 1251 -86.66 -43.84 14.75
N HIS A 1252 -87.46 -44.69 14.10
CA HIS A 1252 -88.68 -45.18 14.72
C HIS A 1252 -88.33 -45.92 16.02
N PRO A 1253 -88.92 -45.53 17.15
CA PRO A 1253 -88.48 -46.09 18.44
C PRO A 1253 -88.63 -47.61 18.55
N HIS A 1254 -89.68 -48.18 17.97
CA HIS A 1254 -90.02 -49.57 18.24
C HIS A 1254 -89.57 -50.52 17.14
N TYR A 1255 -89.40 -50.05 15.91
CA TYR A 1255 -89.12 -50.93 14.78
C TYR A 1255 -87.83 -50.49 14.08
N GLU A 1256 -86.98 -51.47 13.77
CA GLU A 1256 -85.74 -51.26 13.06
C GLU A 1256 -85.71 -52.16 11.84
N VAL A 1257 -85.18 -51.64 10.73
CA VAL A 1257 -84.99 -52.41 9.52
C VAL A 1257 -83.51 -52.41 9.19
N ALA A 1258 -82.94 -53.60 9.03
CA ALA A 1258 -81.53 -53.76 8.67
C ALA A 1258 -81.43 -54.33 7.26
N ARG A 1259 -80.64 -53.66 6.42
CA ARG A 1259 -80.36 -54.14 5.07
C ARG A 1259 -79.13 -55.04 5.14
N MET A 1260 -79.32 -56.34 4.92
CA MET A 1260 -78.24 -57.30 4.93
C MET A 1260 -77.73 -57.51 3.51
N ASP A 1261 -76.42 -57.41 3.35
CA ASP A 1261 -75.81 -57.67 2.06
C ASP A 1261 -75.71 -59.18 1.82
N GLY A 1262 -75.89 -59.56 0.55
CA GLY A 1262 -75.89 -60.97 0.23
C GLY A 1262 -74.50 -61.59 0.33
N THR A 1263 -74.46 -62.81 0.82
CA THR A 1263 -73.25 -63.60 0.90
C THR A 1263 -73.31 -64.73 -0.14
N VAL A 1264 -72.30 -65.60 -0.12
CA VAL A 1264 -72.32 -66.76 -0.99
C VAL A 1264 -73.46 -67.70 -0.58
N ASP A 1265 -73.62 -67.92 0.72
CA ASP A 1265 -74.65 -68.85 1.19
C ASP A 1265 -76.01 -68.18 1.29
N THR A 1266 -76.03 -66.87 1.59
CA THR A 1266 -77.29 -66.19 1.83
C THR A 1266 -77.54 -65.13 0.76
N PRO A 1267 -78.80 -64.81 0.49
CA PRO A 1267 -79.12 -63.76 -0.47
C PRO A 1267 -79.24 -62.42 0.23
N PRO A 1268 -79.47 -61.34 -0.53
CA PRO A 1268 -79.78 -60.06 0.12
C PRO A 1268 -81.06 -60.16 0.93
N CYS A 1269 -81.10 -59.41 2.02
CA CYS A 1269 -82.19 -59.54 2.98
C CYS A 1269 -82.48 -58.20 3.63
N LEU A 1270 -83.71 -58.10 4.15
CA LEU A 1270 -84.18 -56.97 4.93
C LEU A 1270 -84.84 -57.50 6.19
N ARG A 1271 -84.23 -57.22 7.34
CA ARG A 1271 -84.65 -57.81 8.61
C ARG A 1271 -85.39 -56.78 9.45
N LEU A 1272 -86.45 -57.22 10.12
CA LEU A 1272 -87.20 -56.39 11.04
C LEU A 1272 -86.84 -56.75 12.47
N ALA A 1273 -86.65 -55.74 13.30
CA ALA A 1273 -86.27 -55.92 14.69
C ALA A 1273 -87.10 -55.02 15.58
N HIS A 1274 -87.59 -55.58 16.68
CA HIS A 1274 -88.30 -54.81 17.69
C HIS A 1274 -87.29 -54.27 18.70
N ARG A 1275 -87.19 -52.94 18.77
CA ARG A 1275 -86.19 -52.30 19.62
C ARG A 1275 -86.56 -52.29 21.09
N THR A 1276 -87.85 -52.34 21.42
CA THR A 1276 -88.33 -52.18 22.79
C THR A 1276 -88.93 -53.45 23.35
N TRP A 1277 -88.62 -54.59 22.76
CA TRP A 1277 -89.22 -55.84 23.20
C TRP A 1277 -88.78 -56.18 24.62
N GLY A 1278 -89.69 -56.78 25.38
CA GLY A 1278 -89.39 -57.12 26.75
C GLY A 1278 -89.09 -55.92 27.62
N SER A 1279 -89.72 -54.79 27.34
CA SER A 1279 -89.49 -53.56 28.09
C SER A 1279 -90.81 -52.86 28.32
N GLN A 1280 -90.89 -52.13 29.43
CA GLN A 1280 -92.04 -51.27 29.67
C GLN A 1280 -91.99 -50.07 28.74
N ASN A 1281 -93.15 -49.73 28.18
CA ASN A 1281 -93.42 -48.82 27.04
C ASN A 1281 -93.34 -49.56 25.71
N SER A 1282 -93.14 -50.87 25.70
CA SER A 1282 -93.09 -51.59 24.43
C SER A 1282 -94.44 -51.53 23.74
N LEU A 1283 -94.41 -51.33 22.43
CA LEU A 1283 -95.60 -51.22 21.61
C LEU A 1283 -95.75 -52.50 20.80
N VAL A 1284 -96.74 -53.31 21.15
CA VAL A 1284 -97.00 -54.58 20.47
C VAL A 1284 -98.37 -54.45 19.80
N GLU A 1285 -98.36 -54.30 18.49
CA GLU A 1285 -99.58 -54.21 17.70
C GLU A 1285 -99.29 -54.76 16.31
N MET A 1286 -100.35 -55.16 15.62
CA MET A 1286 -100.19 -55.75 14.31
C MET A 1286 -99.54 -54.76 13.36
N LEU A 1287 -98.56 -55.23 12.61
CA LEU A 1287 -97.76 -54.41 11.72
C LEU A 1287 -97.94 -54.90 10.30
N PHE A 1288 -98.29 -53.99 9.41
CA PHE A 1288 -98.50 -54.28 8.00
C PHE A 1288 -97.35 -53.67 7.21
N LEU A 1289 -96.59 -54.52 6.51
CA LEU A 1289 -95.41 -54.09 5.80
C LEU A 1289 -95.50 -54.53 4.35
N ARG A 1290 -94.97 -53.70 3.46
CA ARG A 1290 -94.79 -54.10 2.08
C ARG A 1290 -93.43 -53.64 1.60
N LEU A 1291 -93.08 -54.08 0.41
CA LEU A 1291 -91.90 -53.58 -0.27
C LEU A 1291 -92.28 -52.43 -1.19
N SER A 1292 -91.37 -51.48 -1.34
CA SER A 1292 -91.70 -50.24 -2.04
C SER A 1292 -92.05 -50.45 -3.50
N LEU A 1293 -91.57 -51.52 -4.12
CA LEU A 1293 -91.73 -51.66 -5.56
C LEU A 1293 -92.59 -52.87 -5.90
N PRO A 1294 -93.46 -52.77 -6.90
CA PRO A 1294 -94.32 -53.88 -7.27
C PRO A 1294 -93.74 -54.72 -8.42
N VAL A 1295 -94.43 -55.82 -8.69
CA VAL A 1295 -94.23 -56.61 -9.90
C VAL A 1295 -95.54 -56.56 -10.68
N GLN A 1296 -95.43 -56.35 -11.98
CA GLN A 1296 -96.57 -56.19 -12.87
C GLN A 1296 -96.68 -57.39 -13.79
N PHE A 1297 -97.88 -57.97 -13.85
CA PHE A 1297 -98.12 -59.09 -14.75
C PHE A 1297 -98.28 -58.60 -16.18
N HIS A 1298 -97.99 -59.49 -17.13
CA HIS A 1298 -97.98 -59.11 -18.52
C HIS A 1298 -99.37 -58.68 -18.98
N GLN A 1299 -99.38 -57.86 -20.03
CA GLN A 1299 -100.64 -57.44 -20.63
C GLN A 1299 -101.40 -58.63 -21.19
N HIS A 1300 -100.69 -59.55 -21.83
CA HIS A 1300 -101.28 -60.73 -22.45
C HIS A 1300 -100.70 -61.98 -21.81
N PHE A 1301 -101.57 -62.88 -21.35
CA PHE A 1301 -101.14 -64.16 -20.81
C PHE A 1301 -101.09 -65.20 -21.90
N ARG A 1302 -100.13 -66.12 -21.77
CA ARG A 1302 -99.90 -67.12 -22.80
C ARG A 1302 -101.10 -68.04 -22.95
N CYS A 1303 -101.35 -68.48 -24.18
CA CYS A 1303 -102.49 -69.33 -24.47
C CYS A 1303 -102.33 -70.70 -23.83
N THR A 1304 -103.41 -71.20 -23.24
CA THR A 1304 -103.44 -72.55 -22.68
C THR A 1304 -104.78 -72.87 -22.01
N ASP A 1419 -76.45 -80.32 -10.16
CA ASP A 1419 -76.46 -80.16 -8.72
C ASP A 1419 -76.95 -78.76 -8.31
N ASN A 1420 -78.16 -78.42 -8.73
CA ASN A 1420 -78.79 -77.15 -8.37
C ASN A 1420 -78.15 -75.96 -9.11
N ARG A 1421 -77.94 -76.11 -10.44
CA ARG A 1421 -77.42 -75.03 -11.27
C ARG A 1421 -78.51 -74.70 -12.25
N ASP A 1422 -78.79 -73.43 -12.42
CA ASP A 1422 -79.84 -73.03 -13.34
C ASP A 1422 -79.41 -73.34 -14.77
N ASP A 1423 -80.27 -74.04 -15.49
CA ASP A 1423 -80.07 -74.18 -16.92
C ASP A 1423 -80.20 -72.79 -17.56
N PRO A 1424 -79.20 -72.33 -18.29
CA PRO A 1424 -79.26 -70.95 -18.80
C PRO A 1424 -80.50 -70.67 -19.62
N GLU A 1425 -80.85 -71.55 -20.54
CA GLU A 1425 -82.00 -71.26 -21.41
C GLU A 1425 -83.28 -71.19 -20.58
N ILE A 1426 -83.43 -72.09 -19.61
CA ILE A 1426 -84.60 -72.05 -18.74
C ILE A 1426 -84.65 -70.74 -17.96
N ILE A 1427 -83.54 -70.38 -17.31
CA ILE A 1427 -83.56 -69.24 -16.41
C ILE A 1427 -83.67 -67.93 -17.19
N LEU A 1428 -83.31 -67.94 -18.48
CA LEU A 1428 -83.45 -66.76 -19.31
C LEU A 1428 -84.81 -66.67 -20.00
N ASN A 1429 -85.47 -67.80 -20.23
CA ASN A 1429 -86.78 -67.81 -20.86
C ASN A 1429 -87.93 -67.85 -19.87
N THR A 1430 -87.64 -68.05 -18.58
CA THR A 1430 -88.69 -68.22 -17.60
C THR A 1430 -89.38 -66.90 -17.27
N THR A 1431 -90.65 -67.01 -16.87
CA THR A 1431 -91.44 -65.86 -16.45
C THR A 1431 -91.84 -65.96 -14.99
N THR A 1432 -91.14 -66.79 -14.22
CA THR A 1432 -91.46 -67.03 -12.82
C THR A 1432 -90.45 -66.35 -11.92
N TYR A 1433 -90.95 -65.73 -10.86
CA TYR A 1433 -90.12 -64.99 -9.93
C TYR A 1433 -90.48 -65.40 -8.50
N TYR A 1434 -89.49 -65.26 -7.62
CA TYR A 1434 -89.54 -65.85 -6.29
C TYR A 1434 -89.04 -64.84 -5.27
N TYR A 1435 -89.64 -64.87 -4.09
CA TYR A 1435 -89.01 -64.29 -2.91
C TYR A 1435 -89.38 -65.14 -1.72
N SER A 1436 -88.80 -64.85 -0.56
CA SER A 1436 -89.16 -65.61 0.63
C SER A 1436 -89.15 -64.72 1.86
N VAL A 1437 -89.74 -65.23 2.93
CA VAL A 1437 -89.80 -64.56 4.21
C VAL A 1437 -89.39 -65.58 5.27
N ARG A 1438 -88.41 -65.22 6.08
CA ARG A 1438 -87.96 -66.05 7.18
C ARG A 1438 -88.55 -65.52 8.48
N VAL A 1439 -89.35 -66.35 9.13
CA VAL A 1439 -89.86 -66.10 10.47
C VAL A 1439 -88.89 -66.75 11.44
N PHE A 1440 -88.24 -65.91 12.25
CA PHE A 1440 -87.23 -66.37 13.17
C PHE A 1440 -87.84 -67.15 14.31
N ALA A 1441 -87.04 -68.02 14.91
CA ALA A 1441 -87.47 -68.77 16.08
C ALA A 1441 -87.85 -67.82 17.20
N GLY A 1442 -88.98 -68.10 17.84
CA GLY A 1442 -89.53 -67.21 18.84
C GLY A 1442 -90.64 -66.32 18.34
N GLN A 1443 -90.79 -66.18 17.03
CA GLN A 1443 -91.88 -65.42 16.44
C GLN A 1443 -92.94 -66.40 15.96
N GLU A 1444 -94.12 -66.32 16.55
CA GLU A 1444 -95.16 -67.30 16.27
C GLU A 1444 -95.62 -67.20 14.83
N PRO A 1445 -95.51 -68.27 14.03
CA PRO A 1445 -96.04 -68.22 12.66
C PRO A 1445 -97.53 -67.95 12.61
N SER A 1446 -98.27 -68.43 13.61
CA SER A 1446 -99.71 -68.16 13.66
C SER A 1446 -99.98 -66.67 13.70
N CYS A 1447 -99.01 -65.89 14.16
CA CYS A 1447 -99.10 -64.43 14.17
C CYS A 1447 -98.43 -63.81 12.96
N VAL A 1448 -98.35 -64.54 11.84
CA VAL A 1448 -97.64 -64.08 10.66
C VAL A 1448 -98.48 -64.40 9.43
N TRP A 1449 -98.60 -63.44 8.52
CA TRP A 1449 -99.21 -63.63 7.22
C TRP A 1449 -98.24 -63.15 6.15
N VAL A 1450 -98.06 -63.95 5.11
CA VAL A 1450 -97.08 -63.68 4.07
C VAL A 1450 -97.75 -63.78 2.72
N GLY A 1451 -97.45 -62.84 1.82
CA GLY A 1451 -97.97 -62.88 0.48
C GLY A 1451 -97.83 -61.57 -0.26
N TRP A 1452 -98.86 -61.19 -1.00
CA TRP A 1452 -98.84 -59.99 -1.82
C TRP A 1452 -100.09 -59.16 -1.53
N VAL A 1453 -99.98 -57.85 -1.75
CA VAL A 1453 -101.09 -56.93 -1.64
C VAL A 1453 -101.10 -56.03 -2.87
N THR A 1454 -102.30 -55.72 -3.35
CA THR A 1454 -102.46 -54.74 -4.40
C THR A 1454 -102.31 -53.33 -3.82
N PRO A 1455 -102.08 -52.34 -4.68
CA PRO A 1455 -101.91 -50.97 -4.19
C PRO A 1455 -103.17 -50.32 -3.64
N ASP A 1456 -104.26 -51.09 -3.55
CA ASP A 1456 -105.51 -50.58 -2.99
C ASP A 1456 -105.78 -51.13 -1.60
N TYR A 1457 -104.76 -51.70 -0.94
CA TYR A 1457 -104.90 -52.20 0.42
C TYR A 1457 -104.76 -51.03 1.38
N HIS A 1458 -105.84 -50.72 2.10
CA HIS A 1458 -105.87 -49.61 3.04
C HIS A 1458 -106.45 -50.03 4.39
N GLN A 1459 -106.35 -51.30 4.72
CA GLN A 1459 -107.05 -51.86 5.88
C GLN A 1459 -106.07 -52.04 7.03
N HIS A 1460 -106.19 -51.20 8.05
CA HIS A 1460 -105.37 -51.26 9.25
C HIS A 1460 -106.21 -51.92 10.34
N ASP A 1461 -106.12 -53.23 10.44
CA ASP A 1461 -106.97 -54.03 11.33
C ASP A 1461 -106.09 -54.66 12.41
N MET A 1462 -106.28 -54.22 13.65
CA MET A 1462 -105.54 -54.82 14.75
C MET A 1462 -105.86 -56.30 14.89
N ASN A 1463 -107.14 -56.65 14.75
CA ASN A 1463 -107.58 -58.05 14.83
C ASN A 1463 -107.67 -58.64 13.42
N PHE A 1464 -106.52 -58.71 12.78
CA PHE A 1464 -106.46 -59.17 11.40
C PHE A 1464 -106.50 -60.69 11.31
N ASP A 1465 -107.27 -61.18 10.36
CA ASP A 1465 -107.24 -62.57 9.95
C ASP A 1465 -107.65 -62.65 8.50
N LEU A 1466 -107.34 -63.79 7.87
CA LEU A 1466 -107.56 -63.92 6.43
C LEU A 1466 -109.01 -63.79 6.03
N SER A 1467 -109.95 -63.93 6.98
CA SER A 1467 -111.35 -63.74 6.66
C SER A 1467 -111.72 -62.27 6.46
N LYS A 1468 -110.90 -61.36 6.98
CA LYS A 1468 -111.14 -59.94 6.81
C LYS A 1468 -110.71 -59.44 5.45
N VAL A 1469 -110.06 -60.28 4.65
CA VAL A 1469 -109.57 -59.87 3.34
C VAL A 1469 -110.75 -59.56 2.44
N ARG A 1470 -110.68 -58.42 1.76
CA ARG A 1470 -111.73 -58.06 0.82
C ARG A 1470 -111.76 -59.05 -0.33
N ALA A 1471 -112.97 -59.37 -0.78
CA ALA A 1471 -113.13 -60.33 -1.86
C ALA A 1471 -114.45 -60.05 -2.56
N VAL A 1472 -114.48 -60.36 -3.86
CA VAL A 1472 -115.69 -60.25 -4.64
C VAL A 1472 -115.55 -61.16 -5.85
N THR A 1473 -116.67 -61.56 -6.44
CA THR A 1473 -116.67 -62.38 -7.63
C THR A 1473 -117.60 -61.74 -8.66
N VAL A 1474 -117.04 -61.41 -9.82
CA VAL A 1474 -117.80 -60.86 -10.93
C VAL A 1474 -118.08 -62.01 -11.88
N THR A 1475 -119.36 -62.29 -12.09
CA THR A 1475 -119.80 -63.43 -12.89
C THR A 1475 -120.59 -62.93 -14.08
N MET A 1476 -120.16 -63.35 -15.27
CA MET A 1476 -120.79 -62.98 -16.52
C MET A 1476 -121.29 -64.23 -17.22
N GLY A 1477 -122.55 -64.20 -17.64
CA GLY A 1477 -123.13 -65.29 -18.39
C GLY A 1477 -123.94 -64.75 -19.55
N ASP A 1478 -124.38 -65.66 -20.40
CA ASP A 1478 -125.22 -65.26 -21.53
C ASP A 1478 -126.60 -64.85 -21.03
N GLU A 1479 -127.47 -64.52 -21.97
CA GLU A 1479 -128.82 -64.05 -21.65
C GLU A 1479 -129.53 -65.02 -20.70
N GLN A 1480 -129.34 -66.31 -20.91
CA GLN A 1480 -129.98 -67.33 -20.09
C GLN A 1480 -128.91 -68.14 -19.35
N GLY A 1481 -128.51 -67.62 -18.19
CA GLY A 1481 -127.57 -68.34 -17.36
C GLY A 1481 -126.28 -68.62 -18.11
N ASN A 1482 -125.89 -69.89 -18.13
CA ASN A 1482 -124.69 -70.34 -18.82
C ASN A 1482 -123.51 -69.41 -18.54
N VAL A 1483 -123.09 -69.36 -17.28
CA VAL A 1483 -121.99 -68.50 -16.87
C VAL A 1483 -120.77 -68.81 -17.73
N HIS A 1484 -120.31 -67.82 -18.49
CA HIS A 1484 -119.14 -68.04 -19.33
C HIS A 1484 -117.87 -67.58 -18.63
N SER A 1485 -117.99 -66.70 -17.64
CA SER A 1485 -116.81 -66.25 -16.91
C SER A 1485 -117.16 -65.96 -15.46
N SER A 1486 -116.20 -66.23 -14.57
CA SER A 1486 -116.31 -65.90 -13.16
C SER A 1486 -114.92 -65.53 -12.66
N LEU A 1487 -114.73 -64.27 -12.31
CA LEU A 1487 -113.44 -63.76 -11.88
C LEU A 1487 -113.50 -63.33 -10.42
N LYS A 1488 -112.49 -63.73 -9.65
CA LYS A 1488 -112.39 -63.39 -8.24
C LYS A 1488 -111.39 -62.26 -8.07
N CYS A 1489 -111.81 -61.21 -7.37
CA CYS A 1489 -111.01 -60.03 -7.14
C CYS A 1489 -110.80 -59.84 -5.64
N SER A 1490 -109.55 -59.54 -5.27
CA SER A 1490 -109.18 -59.33 -3.89
C SER A 1490 -107.91 -58.48 -3.85
N ASN A 1491 -107.78 -57.68 -2.80
CA ASN A 1491 -106.61 -56.82 -2.67
C ASN A 1491 -105.44 -57.55 -2.02
N CYS A 1492 -105.73 -58.58 -1.23
CA CYS A 1492 -104.74 -59.24 -0.40
C CYS A 1492 -104.67 -60.71 -0.77
N TYR A 1493 -103.48 -61.17 -1.15
CA TYR A 1493 -103.21 -62.57 -1.43
C TYR A 1493 -102.11 -63.04 -0.49
N MET A 1494 -102.46 -63.90 0.45
CA MET A 1494 -101.55 -64.27 1.53
C MET A 1494 -101.83 -65.69 1.97
N VAL A 1495 -100.89 -66.22 2.76
CA VAL A 1495 -101.04 -67.51 3.41
C VAL A 1495 -100.71 -67.34 4.89
N TRP A 1496 -101.41 -68.08 5.73
CA TRP A 1496 -101.22 -68.01 7.16
C TRP A 1496 -100.14 -69.00 7.60
N GLY A 1497 -99.30 -68.56 8.54
CA GLY A 1497 -98.25 -69.44 9.03
C GLY A 1497 -98.79 -70.60 9.84
N GLY A 1498 -99.99 -70.46 10.39
CA GLY A 1498 -100.64 -71.54 11.10
C GLY A 1498 -100.90 -72.71 10.18
N ASP A 1499 -101.18 -72.42 8.91
CA ASP A 1499 -101.43 -73.49 7.94
C ASP A 1499 -100.21 -74.36 7.73
N PHE A 1500 -99.01 -73.83 7.96
CA PHE A 1500 -97.77 -74.57 7.79
C PHE A 1500 -97.23 -75.11 9.10
N VAL A 1501 -97.61 -74.52 10.23
CA VAL A 1501 -97.21 -75.06 11.52
C VAL A 1501 -97.83 -76.44 11.69
N SER A 1502 -97.00 -77.43 12.00
CA SER A 1502 -97.52 -78.76 12.27
C SER A 1502 -98.31 -78.74 13.58
N PRO A 1503 -99.41 -79.49 13.67
CA PRO A 1503 -100.20 -79.46 14.90
C PRO A 1503 -99.42 -80.04 16.07
N GLY A 1504 -99.28 -79.23 17.12
CA GLY A 1504 -98.60 -79.68 18.32
C GLY A 1504 -99.38 -79.36 19.58
N GLN A 1505 -99.69 -80.41 20.35
CA GLN A 1505 -100.43 -80.20 21.59
C GLN A 1505 -99.64 -79.34 22.57
N GLN A 1506 -98.31 -79.41 22.51
CA GLN A 1506 -97.45 -78.64 23.39
C GLN A 1506 -96.16 -78.31 22.62
N GLY A 1507 -95.31 -77.52 23.24
CA GLY A 1507 -94.05 -77.16 22.58
C GLY A 1507 -94.24 -76.30 21.36
N ARG A 1508 -95.13 -75.31 21.44
CA ARG A 1508 -95.41 -74.47 20.28
C ARG A 1508 -94.16 -73.69 19.86
N ILE A 1509 -93.34 -73.30 20.84
CA ILE A 1509 -92.10 -72.61 20.51
C ILE A 1509 -91.15 -73.59 19.84
N SER A 1510 -90.53 -73.15 18.74
CA SER A 1510 -89.65 -73.99 17.96
C SER A 1510 -88.31 -73.30 17.77
N HIS A 1511 -87.23 -74.09 17.92
CA HIS A 1511 -85.90 -73.57 17.65
C HIS A 1511 -85.70 -73.28 16.18
N THR A 1512 -86.43 -73.99 15.31
CA THR A 1512 -86.27 -73.81 13.87
C THR A 1512 -86.94 -72.52 13.42
N ASP A 1513 -86.59 -72.09 12.20
CA ASP A 1513 -87.12 -70.89 11.59
C ASP A 1513 -87.95 -71.28 10.36
N LEU A 1514 -89.10 -70.63 10.20
CA LEU A 1514 -90.00 -70.98 9.11
C LEU A 1514 -89.70 -70.12 7.88
N VAL A 1515 -89.50 -70.76 6.73
CA VAL A 1515 -89.08 -70.06 5.52
C VAL A 1515 -90.20 -70.20 4.49
N ILE A 1516 -91.10 -69.22 4.45
CA ILE A 1516 -92.21 -69.25 3.51
C ILE A 1516 -91.76 -68.62 2.20
N GLY A 1517 -91.97 -69.34 1.10
CA GLY A 1517 -91.58 -68.87 -0.22
C GLY A 1517 -92.79 -68.54 -1.06
N CYS A 1518 -92.67 -67.50 -1.87
CA CYS A 1518 -93.76 -67.03 -2.73
C CYS A 1518 -93.25 -66.97 -4.16
N LEU A 1519 -93.99 -67.63 -5.07
CA LEU A 1519 -93.66 -67.71 -6.48
C LEU A 1519 -94.80 -67.11 -7.29
N VAL A 1520 -94.46 -66.36 -8.33
CA VAL A 1520 -95.46 -65.80 -9.23
C VAL A 1520 -94.98 -65.93 -10.67
N ASP A 1521 -95.88 -66.39 -11.54
CA ASP A 1521 -95.62 -66.43 -12.97
C ASP A 1521 -96.30 -65.23 -13.61
N LEU A 1522 -95.51 -64.36 -14.21
CA LEU A 1522 -96.03 -63.11 -14.75
C LEU A 1522 -96.66 -63.26 -16.11
N ALA A 1523 -96.74 -64.48 -16.65
CA ALA A 1523 -97.37 -64.72 -17.93
C ALA A 1523 -98.64 -65.55 -17.84
N THR A 1524 -98.83 -66.32 -16.76
CA THR A 1524 -100.07 -67.04 -16.52
C THR A 1524 -100.88 -66.45 -15.38
N GLY A 1525 -100.35 -65.46 -14.67
CA GLY A 1525 -101.06 -64.88 -13.55
C GLY A 1525 -101.27 -65.84 -12.41
N LEU A 1526 -100.34 -66.76 -12.20
CA LEU A 1526 -100.46 -67.81 -11.18
C LEU A 1526 -99.52 -67.53 -10.03
N MET A 1527 -100.03 -67.69 -8.80
CA MET A 1527 -99.29 -67.40 -7.59
C MET A 1527 -99.34 -68.62 -6.69
N THR A 1528 -98.17 -69.08 -6.27
CA THR A 1528 -98.04 -70.28 -5.45
C THR A 1528 -97.15 -69.98 -4.24
N PHE A 1529 -97.23 -70.87 -3.26
CA PHE A 1529 -96.49 -70.73 -2.01
C PHE A 1529 -95.86 -72.05 -1.60
N THR A 1530 -94.77 -71.94 -0.87
CA THR A 1530 -94.02 -73.08 -0.34
C THR A 1530 -93.76 -72.87 1.14
N ALA A 1531 -93.79 -73.94 1.91
CA ALA A 1531 -93.62 -73.84 3.35
C ALA A 1531 -92.17 -73.91 3.78
N ASN A 1532 -91.49 -75.01 3.51
CA ASN A 1532 -90.05 -75.14 3.72
C ASN A 1532 -89.47 -75.95 2.57
N GLY A 1533 -89.88 -75.62 1.35
CA GLY A 1533 -89.60 -76.44 0.20
C GLY A 1533 -90.72 -77.39 -0.18
N LYS A 1534 -91.79 -77.43 0.61
CA LYS A 1534 -92.96 -78.24 0.34
C LYS A 1534 -94.05 -77.35 -0.24
N GLU A 1535 -94.64 -77.77 -1.36
CA GLU A 1535 -95.62 -76.95 -2.03
C GLU A 1535 -96.87 -76.82 -1.17
N SER A 1536 -97.33 -75.59 -0.98
CA SER A 1536 -98.57 -75.36 -0.25
C SER A 1536 -99.76 -75.57 -1.18
N ASN A 1537 -100.91 -75.90 -0.59
CA ASN A 1537 -102.12 -76.11 -1.35
C ASN A 1537 -102.68 -74.80 -1.90
N THR A 1538 -102.41 -73.70 -1.21
CA THR A 1538 -102.97 -72.42 -1.63
C THR A 1538 -102.41 -72.00 -2.98
N PHE A 1539 -103.29 -71.46 -3.81
CA PHE A 1539 -102.91 -70.92 -5.12
C PHE A 1539 -103.87 -69.81 -5.47
N PHE A 1540 -103.35 -68.79 -6.15
CA PHE A 1540 -104.17 -67.68 -6.60
C PHE A 1540 -103.96 -67.46 -8.10
N GLN A 1541 -105.00 -66.93 -8.75
CA GLN A 1541 -104.92 -66.52 -10.14
C GLN A 1541 -105.41 -65.09 -10.24
N VAL A 1542 -104.64 -64.26 -10.93
CA VAL A 1542 -104.93 -62.83 -11.07
C VAL A 1542 -104.89 -62.46 -12.54
N GLU A 1543 -105.54 -61.34 -12.85
CA GLU A 1543 -105.68 -60.88 -14.22
C GLU A 1543 -104.39 -60.19 -14.69
N PRO A 1544 -104.22 -60.08 -16.01
CA PRO A 1544 -103.04 -59.38 -16.53
C PRO A 1544 -103.04 -57.91 -16.17
N ASN A 1545 -101.84 -57.34 -16.12
CA ASN A 1545 -101.55 -55.95 -15.76
C ASN A 1545 -101.68 -55.74 -14.26
N THR A 1546 -101.92 -56.78 -13.48
CA THR A 1546 -102.02 -56.62 -12.04
C THR A 1546 -100.66 -56.26 -11.44
N LYS A 1547 -100.68 -55.33 -10.50
CA LYS A 1547 -99.49 -54.91 -9.77
C LYS A 1547 -99.58 -55.49 -8.36
N LEU A 1548 -98.54 -56.20 -7.94
CA LEU A 1548 -98.51 -56.82 -6.63
C LEU A 1548 -97.24 -56.45 -5.89
N PHE A 1549 -97.39 -56.04 -4.64
CA PHE A 1549 -96.27 -55.72 -3.77
C PHE A 1549 -96.03 -56.87 -2.80
N PRO A 1550 -94.78 -57.29 -2.58
CA PRO A 1550 -94.51 -58.28 -1.53
C PRO A 1550 -94.84 -57.71 -0.16
N ALA A 1551 -95.74 -58.39 0.56
CA ALA A 1551 -96.26 -57.88 1.81
C ALA A 1551 -96.21 -58.94 2.90
N VAL A 1552 -96.00 -58.48 4.13
CA VAL A 1552 -96.01 -59.32 5.32
C VAL A 1552 -96.81 -58.60 6.40
N PHE A 1553 -97.76 -59.32 7.00
CA PHE A 1553 -98.52 -58.82 8.13
C PHE A 1553 -98.16 -59.67 9.35
N VAL A 1554 -97.70 -59.02 10.41
CA VAL A 1554 -97.12 -59.76 11.53
C VAL A 1554 -97.49 -59.10 12.85
N LEU A 1555 -97.75 -59.93 13.85
CA LEU A 1555 -97.89 -59.46 15.22
C LEU A 1555 -96.63 -59.86 15.98
N PRO A 1556 -95.76 -58.92 16.38
CA PRO A 1556 -94.47 -59.30 16.92
C PRO A 1556 -94.58 -60.01 18.26
N THR A 1557 -93.95 -61.16 18.36
CA THR A 1557 -93.80 -61.89 19.62
C THR A 1557 -92.33 -62.09 20.00
N HIS A 1558 -91.41 -61.41 19.32
CA HIS A 1558 -89.99 -61.64 19.53
C HIS A 1558 -89.24 -60.40 19.07
N GLN A 1559 -87.98 -60.30 19.52
CA GLN A 1559 -87.14 -59.18 19.10
C GLN A 1559 -86.90 -59.22 17.60
N ASN A 1560 -86.57 -60.40 17.07
CA ASN A 1560 -86.32 -60.60 15.65
C ASN A 1560 -87.57 -61.23 15.05
N VAL A 1561 -88.21 -60.50 14.13
CA VAL A 1561 -89.56 -60.85 13.70
C VAL A 1561 -89.53 -61.59 12.37
N ILE A 1562 -89.07 -60.91 11.32
CA ILE A 1562 -89.10 -61.46 9.98
C ILE A 1562 -87.91 -60.95 9.18
N GLN A 1563 -87.66 -61.65 8.06
CA GLN A 1563 -86.57 -61.32 7.16
C GLN A 1563 -87.07 -61.52 5.73
N PHE A 1564 -87.26 -60.42 5.01
CA PHE A 1564 -87.42 -60.49 3.57
C PHE A 1564 -86.14 -61.04 2.97
N GLU A 1565 -86.25 -62.13 2.22
CA GLU A 1565 -85.13 -62.75 1.53
C GLU A 1565 -85.36 -62.59 0.05
N LEU A 1566 -84.55 -61.75 -0.60
CA LEU A 1566 -84.72 -61.43 -2.01
C LEU A 1566 -83.80 -62.32 -2.82
N GLY A 1567 -84.09 -63.62 -2.78
CA GLY A 1567 -83.26 -64.61 -3.42
C GLY A 1567 -84.00 -65.37 -4.50
N LYS A 1568 -83.36 -66.41 -5.01
CA LYS A 1568 -83.89 -67.20 -6.10
C LYS A 1568 -83.82 -68.69 -5.76
N GLN A 1569 -84.79 -69.44 -6.30
CA GLN A 1569 -84.69 -70.88 -6.37
C GLN A 1569 -84.19 -71.28 -7.75
N LYS A 1570 -83.88 -72.56 -7.90
CA LYS A 1570 -83.33 -73.05 -9.16
C LYS A 1570 -84.32 -72.80 -10.28
N ASN A 1571 -83.82 -72.30 -11.41
CA ASN A 1571 -84.59 -72.02 -12.61
C ASN A 1571 -85.69 -70.99 -12.37
N ILE A 1572 -85.59 -70.21 -11.30
CA ILE A 1572 -86.55 -69.15 -11.01
C ILE A 1572 -85.78 -67.86 -10.76
N MET A 1573 -86.20 -66.79 -11.40
CA MET A 1573 -85.52 -65.52 -11.30
C MET A 1573 -85.92 -64.79 -10.03
N PRO A 1574 -85.08 -63.87 -9.55
CA PRO A 1574 -85.42 -63.09 -8.36
C PRO A 1574 -86.34 -61.91 -8.71
N LEU A 1575 -86.78 -61.23 -7.65
CA LEU A 1575 -87.72 -60.12 -7.83
C LEU A 1575 -87.06 -58.93 -8.51
N SER A 1576 -85.73 -58.80 -8.38
CA SER A 1576 -85.05 -57.67 -8.99
C SER A 1576 -85.27 -57.65 -10.50
N ALA A 1577 -85.22 -58.84 -11.12
CA ALA A 1577 -85.42 -58.92 -12.56
C ALA A 1577 -86.79 -58.40 -12.96
N ALA A 1578 -87.82 -58.76 -12.20
CA ALA A 1578 -89.16 -58.31 -12.50
C ALA A 1578 -89.32 -56.81 -12.23
N MET A 1579 -88.70 -56.32 -11.16
CA MET A 1579 -88.89 -54.93 -10.76
C MET A 1579 -88.18 -53.98 -11.70
N PHE A 1580 -87.00 -54.35 -12.18
CA PHE A 1580 -86.14 -53.43 -12.91
C PHE A 1580 -85.89 -53.96 -14.32
N LEU A 1581 -86.11 -53.11 -15.31
CA LEU A 1581 -85.97 -53.51 -16.70
C LEU A 1581 -84.53 -53.92 -17.01
N SER A 1582 -83.56 -53.20 -16.46
CA SER A 1582 -82.16 -53.49 -16.76
C SER A 1582 -81.78 -54.90 -16.31
N GLU A 1583 -82.50 -55.45 -15.34
CA GLU A 1583 -82.16 -56.74 -14.75
C GLU A 1583 -83.11 -57.84 -15.16
N ARG A 1584 -83.91 -57.64 -16.22
CA ARG A 1584 -84.81 -58.68 -16.68
C ARG A 1584 -84.08 -59.99 -16.92
N LYS A 1585 -82.83 -59.90 -17.35
CA LYS A 1585 -82.04 -61.07 -17.72
C LYS A 1585 -80.87 -61.31 -16.78
N ASN A 1586 -80.90 -60.71 -15.59
CA ASN A 1586 -79.83 -60.90 -14.63
C ASN A 1586 -80.28 -61.89 -13.56
N PRO A 1587 -79.79 -63.14 -13.58
CA PRO A 1587 -80.18 -64.07 -12.51
C PRO A 1587 -79.65 -63.68 -11.15
N ALA A 1588 -78.64 -62.82 -11.09
CA ALA A 1588 -78.03 -62.49 -9.80
C ALA A 1588 -79.02 -61.73 -8.92
N PRO A 1589 -79.35 -62.24 -7.74
CA PRO A 1589 -80.19 -61.47 -6.83
C PRO A 1589 -79.49 -60.20 -6.37
N GLN A 1590 -80.28 -59.15 -6.20
CA GLN A 1590 -79.77 -57.87 -5.70
C GLN A 1590 -80.90 -57.05 -5.13
N CYS A 1591 -80.58 -56.19 -4.17
CA CYS A 1591 -81.56 -55.35 -3.49
C CYS A 1591 -81.15 -53.89 -3.63
N PRO A 1592 -81.62 -53.17 -4.65
CA PRO A 1592 -81.20 -51.79 -4.85
C PRO A 1592 -81.76 -50.88 -3.79
N PRO A 1593 -81.22 -49.66 -3.68
CA PRO A 1593 -81.65 -48.75 -2.60
C PRO A 1593 -83.13 -48.43 -2.65
N ARG A 1594 -83.73 -48.33 -3.84
CA ARG A 1594 -85.14 -47.99 -3.93
C ARG A 1594 -86.00 -49.02 -3.22
N LEU A 1595 -85.62 -50.28 -3.29
CA LEU A 1595 -86.33 -51.33 -2.56
C LEU A 1595 -86.19 -51.10 -1.06
N GLU A 1596 -87.32 -50.88 -0.40
CA GLU A 1596 -87.29 -50.56 1.01
C GLU A 1596 -88.60 -51.03 1.64
N VAL A 1597 -88.57 -51.18 2.96
CA VAL A 1597 -89.75 -51.62 3.70
C VAL A 1597 -90.63 -50.41 4.00
N GLN A 1598 -91.90 -50.52 3.65
CA GLN A 1598 -92.91 -49.53 3.95
C GLN A 1598 -93.89 -50.10 4.96
N MET A 1599 -94.30 -49.26 5.91
CA MET A 1599 -95.20 -49.67 6.96
C MET A 1599 -96.50 -48.86 6.86
N LEU A 1600 -97.62 -49.55 7.07
CA LEU A 1600 -98.92 -48.90 6.95
C LEU A 1600 -99.13 -47.89 8.06
N MET A 1601 -99.39 -46.64 7.68
CA MET A 1601 -99.74 -45.60 8.64
C MET A 1601 -101.20 -45.22 8.53
N PRO A 1602 -101.92 -45.25 9.64
CA PRO A 1602 -103.37 -45.07 9.59
C PRO A 1602 -103.82 -43.73 9.02
N VAL A 1603 -103.10 -42.66 9.32
CA VAL A 1603 -103.57 -41.31 9.01
C VAL A 1603 -102.48 -40.55 8.28
N SER A 1604 -102.90 -39.60 7.45
CA SER A 1604 -101.97 -38.76 6.72
C SER A 1604 -102.60 -37.41 6.43
N TRP A 1605 -101.77 -36.37 6.31
CA TRP A 1605 -102.28 -35.05 5.97
C TRP A 1605 -102.72 -35.03 4.51
N SER A 1606 -103.79 -34.27 4.23
CA SER A 1606 -104.29 -34.12 2.88
C SER A 1606 -104.81 -32.70 2.69
N ARG A 1607 -104.47 -32.13 1.54
CA ARG A 1607 -104.91 -30.77 1.24
C ARG A 1607 -106.43 -30.73 1.01
N MET A 1608 -107.06 -29.72 1.58
CA MET A 1608 -108.49 -29.52 1.40
C MET A 1608 -108.74 -28.73 0.12
N PRO A 1609 -109.58 -29.21 -0.78
CA PRO A 1609 -109.86 -28.44 -2.01
C PRO A 1609 -110.41 -27.06 -1.68
N ASN A 1610 -109.99 -26.08 -2.48
CA ASN A 1610 -110.45 -24.72 -2.30
C ASN A 1610 -111.93 -24.57 -2.65
N HIS A 1611 -112.39 -25.31 -3.65
CA HIS A 1611 -113.78 -25.27 -4.08
C HIS A 1611 -114.34 -26.68 -4.10
N PHE A 1612 -115.63 -26.79 -3.85
CA PHE A 1612 -116.31 -28.07 -3.76
C PHE A 1612 -117.53 -28.08 -4.67
N LEU A 1613 -117.85 -29.26 -5.18
CA LEU A 1613 -119.00 -29.39 -6.07
C LEU A 1613 -120.28 -29.00 -5.35
N GLN A 1614 -121.14 -28.28 -6.06
CA GLN A 1614 -122.42 -27.84 -5.54
C GLN A 1614 -123.49 -28.82 -5.99
N VAL A 1615 -124.05 -29.56 -5.04
CA VAL A 1615 -125.03 -30.61 -5.32
C VAL A 1615 -126.36 -30.18 -4.71
N GLU A 1616 -127.40 -30.23 -5.53
CA GLU A 1616 -128.75 -29.89 -5.09
C GLU A 1616 -129.53 -31.18 -4.87
N THR A 1617 -130.02 -31.36 -3.65
CA THR A 1617 -130.81 -32.52 -3.26
C THR A 1617 -132.20 -32.04 -2.88
N ARG A 1618 -133.22 -32.71 -3.38
CA ARG A 1618 -134.58 -32.31 -3.07
C ARG A 1618 -135.50 -33.50 -3.23
N ARG A 1619 -136.76 -33.31 -2.83
CA ARG A 1619 -137.81 -34.29 -3.06
C ARG A 1619 -138.75 -33.73 -4.12
N ALA A 1620 -138.61 -34.23 -5.35
CA ALA A 1620 -139.41 -33.68 -6.44
C ALA A 1620 -140.90 -33.91 -6.20
N GLY A 1621 -141.24 -35.07 -5.65
CA GLY A 1621 -142.63 -35.38 -5.37
C GLY A 1621 -142.74 -36.82 -4.92
N GLU A 1622 -143.97 -37.21 -4.64
CA GLU A 1622 -144.20 -38.59 -4.21
C GLU A 1622 -143.90 -39.57 -5.34
N ARG A 1623 -144.38 -39.28 -6.55
CA ARG A 1623 -144.10 -40.13 -7.69
C ARG A 1623 -142.67 -39.95 -8.18
N LEU A 1624 -142.23 -38.70 -8.29
CA LEU A 1624 -140.95 -38.41 -8.93
C LEU A 1624 -139.78 -38.94 -8.13
N GLY A 1625 -139.91 -38.97 -6.81
CA GLY A 1625 -138.83 -39.43 -5.96
C GLY A 1625 -137.91 -38.30 -5.55
N TRP A 1626 -136.73 -38.70 -5.08
CA TRP A 1626 -135.74 -37.72 -4.66
C TRP A 1626 -134.82 -37.39 -5.83
N ALA A 1627 -134.36 -36.15 -5.90
CA ALA A 1627 -133.61 -35.66 -7.04
C ALA A 1627 -132.27 -35.11 -6.59
N VAL A 1628 -131.24 -35.48 -7.35
CA VAL A 1628 -129.87 -35.02 -7.15
C VAL A 1628 -129.40 -34.37 -8.45
N GLN A 1629 -128.84 -33.17 -8.33
CA GLN A 1629 -128.46 -32.38 -9.50
C GLN A 1629 -127.11 -31.73 -9.27
N CYS A 1630 -126.22 -31.87 -10.26
CA CYS A 1630 -124.93 -31.18 -10.27
C CYS A 1630 -124.71 -30.64 -11.69
N GLN A 1631 -124.49 -29.33 -11.80
CA GLN A 1631 -124.42 -28.67 -13.10
C GLN A 1631 -123.11 -27.93 -13.34
N ASP A 1632 -122.39 -27.56 -12.29
CA ASP A 1632 -121.21 -26.72 -12.44
C ASP A 1632 -119.94 -27.56 -12.37
N PRO A 1633 -119.03 -27.40 -13.33
CA PRO A 1633 -117.85 -28.28 -13.36
C PRO A 1633 -116.74 -27.82 -12.44
N LEU A 1634 -115.95 -28.78 -11.98
CA LEU A 1634 -114.73 -28.52 -11.23
C LEU A 1634 -113.64 -29.45 -11.76
N THR A 1635 -112.43 -28.93 -11.90
CA THR A 1635 -111.31 -29.69 -12.42
C THR A 1635 -110.09 -29.46 -11.56
N MET A 1636 -109.26 -30.49 -11.46
CA MET A 1636 -108.03 -30.45 -10.70
C MET A 1636 -106.90 -31.03 -11.53
N MET A 1637 -105.69 -30.53 -11.28
CA MET A 1637 -104.49 -31.12 -11.84
C MET A 1637 -103.99 -32.20 -10.89
N ALA A 1638 -103.77 -33.39 -11.43
CA ALA A 1638 -103.47 -34.57 -10.63
C ALA A 1638 -102.05 -35.04 -10.89
N LEU A 1639 -101.31 -35.27 -9.81
CA LEU A 1639 -99.98 -35.86 -9.85
C LEU A 1639 -100.13 -37.35 -9.55
N HIS A 1640 -99.69 -38.18 -10.49
CA HIS A 1640 -99.91 -39.62 -10.44
C HIS A 1640 -98.59 -40.35 -10.25
N ILE A 1641 -98.51 -41.16 -9.20
CA ILE A 1641 -97.37 -42.03 -8.99
C ILE A 1641 -97.65 -43.36 -9.70
N PRO A 1642 -96.92 -43.68 -10.78
CA PRO A 1642 -97.25 -44.92 -11.51
C PRO A 1642 -97.08 -46.19 -10.69
N GLU A 1643 -96.03 -46.27 -9.87
CA GLU A 1643 -95.76 -47.52 -9.16
C GLU A 1643 -96.82 -47.79 -8.10
N GLU A 1644 -97.36 -46.74 -7.49
CA GLU A 1644 -98.38 -46.87 -6.47
C GLU A 1644 -99.79 -46.73 -7.03
N ASN A 1645 -99.93 -46.36 -8.30
CA ASN A 1645 -101.24 -46.22 -8.93
C ASN A 1645 -102.17 -45.35 -8.09
N ARG A 1646 -101.65 -44.23 -7.60
CA ARG A 1646 -102.43 -43.27 -6.85
C ARG A 1646 -102.15 -41.86 -7.36
N CYS A 1647 -103.06 -40.96 -7.03
CA CYS A 1647 -102.96 -39.57 -7.46
C CYS A 1647 -103.21 -38.64 -6.28
N MET A 1648 -102.62 -37.45 -6.38
CA MET A 1648 -102.86 -36.37 -5.44
C MET A 1648 -103.09 -35.10 -6.23
N ASP A 1649 -103.54 -34.06 -5.53
CA ASP A 1649 -103.54 -32.74 -6.13
C ASP A 1649 -102.11 -32.22 -6.22
N ILE A 1650 -101.77 -31.65 -7.38
CA ILE A 1650 -100.43 -31.12 -7.56
C ILE A 1650 -100.14 -30.01 -6.56
N LEU A 1651 -101.17 -29.48 -5.91
CA LEU A 1651 -101.00 -28.40 -4.94
C LEU A 1651 -100.42 -28.88 -3.63
N GLU A 1652 -100.38 -30.21 -3.39
CA GLU A 1652 -99.73 -30.72 -2.19
C GLU A 1652 -98.22 -30.59 -2.25
N LEU A 1653 -97.68 -30.24 -3.40
CA LEU A 1653 -96.24 -30.07 -3.55
C LEU A 1653 -95.74 -28.82 -2.87
N SER A 1654 -96.66 -28.03 -2.32
CA SER A 1654 -96.29 -26.93 -1.45
C SER A 1654 -95.71 -27.42 -0.13
N GLU A 1655 -96.20 -28.56 0.36
CA GLU A 1655 -95.71 -29.17 1.59
C GLU A 1655 -94.83 -30.39 1.33
N ARG A 1656 -95.05 -31.09 0.22
CA ARG A 1656 -94.22 -32.22 -0.17
C ARG A 1656 -93.07 -31.68 -1.04
N LEU A 1657 -91.97 -31.35 -0.36
CA LEU A 1657 -90.92 -30.57 -1.00
C LEU A 1657 -90.10 -31.42 -1.97
N ASP A 1658 -89.81 -32.67 -1.58
CA ASP A 1658 -89.02 -33.54 -2.45
C ASP A 1658 -89.72 -33.74 -3.79
N LEU A 1659 -91.04 -33.96 -3.74
CA LEU A 1659 -91.79 -34.11 -4.98
C LEU A 1659 -91.76 -32.83 -5.80
N GLN A 1660 -91.88 -31.68 -5.14
CA GLN A 1660 -91.79 -30.41 -5.86
C GLN A 1660 -90.46 -30.27 -6.58
N ARG A 1661 -89.37 -30.59 -5.88
CA ARG A 1661 -88.05 -30.51 -6.49
C ARG A 1661 -87.93 -31.45 -7.68
N PHE A 1662 -88.36 -32.70 -7.50
CA PHE A 1662 -88.23 -33.67 -8.59
C PHE A 1662 -89.06 -33.24 -9.80
N HIS A 1663 -90.27 -32.73 -9.57
CA HIS A 1663 -91.12 -32.34 -10.69
C HIS A 1663 -90.59 -31.09 -11.37
N SER A 1664 -90.04 -30.15 -10.60
CA SER A 1664 -89.44 -28.96 -11.19
C SER A 1664 -88.27 -29.34 -12.10
N HIS A 1665 -87.41 -30.25 -11.62
CA HIS A 1665 -86.31 -30.70 -12.46
C HIS A 1665 -86.78 -31.56 -13.63
N THR A 1666 -87.92 -32.24 -13.48
CA THR A 1666 -88.53 -32.92 -14.62
C THR A 1666 -88.96 -31.93 -15.69
N LEU A 1667 -89.57 -30.82 -15.28
CA LEU A 1667 -89.93 -29.78 -16.22
C LEU A 1667 -88.69 -29.19 -16.87
N ARG A 1668 -87.62 -29.03 -16.09
CA ARG A 1668 -86.35 -28.56 -16.64
C ARG A 1668 -85.85 -29.52 -17.71
N LEU A 1669 -85.95 -30.83 -17.46
CA LEU A 1669 -85.56 -31.82 -18.45
C LEU A 1669 -86.43 -31.73 -19.69
N TYR A 1670 -87.74 -31.51 -19.51
CA TYR A 1670 -88.64 -31.33 -20.65
C TYR A 1670 -88.20 -30.15 -21.49
N ARG A 1671 -87.82 -29.05 -20.84
CA ARG A 1671 -87.33 -27.89 -21.59
C ARG A 1671 -86.01 -28.20 -22.29
N ALA A 1672 -85.12 -28.93 -21.62
CA ALA A 1672 -83.82 -29.23 -22.21
C ALA A 1672 -83.96 -30.10 -23.45
N VAL A 1673 -84.81 -31.11 -23.41
CA VAL A 1673 -84.91 -32.02 -24.55
C VAL A 1673 -85.52 -31.32 -25.75
N CYS A 1674 -86.40 -30.35 -25.52
CA CYS A 1674 -87.03 -29.59 -26.60
C CYS A 1674 -86.27 -28.31 -26.93
N ALA A 1675 -85.15 -28.05 -26.24
CA ALA A 1675 -84.45 -26.80 -26.39
C ALA A 1675 -83.83 -26.66 -27.78
N LEU A 1676 -83.85 -25.43 -28.28
CA LEU A 1676 -83.05 -25.02 -29.44
C LEU A 1676 -83.42 -25.83 -30.68
N GLY A 1677 -84.72 -25.89 -30.99
CA GLY A 1677 -85.18 -26.30 -32.30
C GLY A 1677 -85.71 -27.71 -32.42
N ASN A 1678 -85.74 -28.49 -31.34
CA ASN A 1678 -86.25 -29.86 -31.41
C ASN A 1678 -87.78 -29.83 -31.37
N ASN A 1679 -88.34 -29.39 -32.50
CA ASN A 1679 -89.78 -29.29 -32.62
C ASN A 1679 -90.43 -30.66 -32.54
N ARG A 1680 -89.72 -31.70 -32.99
CA ARG A 1680 -90.22 -33.05 -32.86
C ARG A 1680 -90.37 -33.45 -31.39
N VAL A 1681 -89.36 -33.13 -30.57
CA VAL A 1681 -89.47 -33.40 -29.14
C VAL A 1681 -90.57 -32.55 -28.52
N ALA A 1682 -90.76 -31.33 -29.03
CA ALA A 1682 -91.86 -30.51 -28.55
C ALA A 1682 -93.21 -31.18 -28.82
N HIS A 1683 -93.37 -31.72 -30.02
CA HIS A 1683 -94.59 -32.43 -30.36
C HIS A 1683 -94.78 -33.64 -29.45
N ALA A 1684 -93.70 -34.38 -29.20
CA ALA A 1684 -93.79 -35.52 -28.31
C ALA A 1684 -94.21 -35.10 -26.91
N LEU A 1685 -93.64 -33.99 -26.42
CA LEU A 1685 -93.99 -33.50 -25.10
C LEU A 1685 -95.46 -33.10 -25.03
N CYS A 1686 -96.00 -32.55 -26.11
CA CYS A 1686 -97.39 -32.12 -26.09
C CYS A 1686 -98.32 -33.25 -25.67
N SER A 1687 -97.88 -34.50 -25.80
CA SER A 1687 -98.67 -35.62 -25.30
C SER A 1687 -98.64 -35.69 -23.79
N HIS A 1688 -97.45 -35.50 -23.19
CA HIS A 1688 -97.31 -35.63 -21.74
C HIS A 1688 -97.86 -34.42 -21.01
N VAL A 1689 -97.62 -33.22 -21.55
CA VAL A 1689 -98.11 -31.98 -20.96
C VAL A 1689 -98.97 -31.33 -22.04
N ASP A 1690 -100.28 -31.30 -21.81
CA ASP A 1690 -101.20 -30.84 -22.82
C ASP A 1690 -101.48 -29.34 -22.67
N GLN A 1691 -102.08 -28.80 -23.72
CA GLN A 1691 -102.43 -27.38 -23.75
C GLN A 1691 -103.35 -27.01 -22.60
N ALA A 1692 -104.31 -27.89 -22.29
CA ALA A 1692 -105.22 -27.62 -21.18
C ALA A 1692 -104.46 -27.56 -19.86
N GLN A 1693 -103.55 -28.50 -19.63
CA GLN A 1693 -102.75 -28.49 -18.42
C GLN A 1693 -101.97 -27.19 -18.31
N LEU A 1694 -101.30 -26.80 -19.39
CA LEU A 1694 -100.46 -25.62 -19.36
C LEU A 1694 -101.28 -24.37 -19.07
N LEU A 1695 -102.40 -24.22 -19.76
CA LEU A 1695 -103.24 -23.05 -19.58
C LEU A 1695 -103.85 -23.01 -18.19
N HIS A 1696 -104.22 -24.17 -17.64
CA HIS A 1696 -104.70 -24.23 -16.27
C HIS A 1696 -103.61 -23.80 -15.29
N ALA A 1697 -102.38 -24.25 -15.52
CA ALA A 1697 -101.28 -23.89 -14.63
C ALA A 1697 -101.02 -22.40 -14.68
N LEU A 1698 -101.12 -21.79 -15.87
CA LEU A 1698 -100.89 -20.36 -15.98
C LEU A 1698 -101.79 -19.59 -15.02
N GLU A 1699 -103.06 -19.98 -14.94
CA GLU A 1699 -104.01 -19.23 -14.12
C GLU A 1699 -103.96 -19.66 -12.66
N ASP A 1700 -103.58 -20.90 -12.39
CA ASP A 1700 -103.60 -21.42 -11.03
C ASP A 1700 -102.78 -20.55 -10.09
N ALA A 1701 -103.44 -19.98 -9.08
CA ALA A 1701 -102.76 -19.11 -8.14
C ALA A 1701 -102.11 -19.88 -6.99
N HIS A 1702 -102.47 -21.14 -6.79
CA HIS A 1702 -102.01 -21.92 -5.65
C HIS A 1702 -100.79 -22.76 -5.95
N LEU A 1703 -100.30 -22.76 -7.18
CA LEU A 1703 -99.10 -23.53 -7.48
C LEU A 1703 -97.89 -22.92 -6.79
N PRO A 1704 -96.93 -23.73 -6.34
CA PRO A 1704 -95.64 -23.18 -5.95
C PRO A 1704 -94.98 -22.47 -7.12
N GLY A 1705 -94.24 -21.42 -6.79
CA GLY A 1705 -93.60 -20.60 -7.78
C GLY A 1705 -92.68 -21.37 -8.70
N PRO A 1706 -91.91 -22.31 -8.15
CA PRO A 1706 -91.06 -23.13 -9.03
C PRO A 1706 -91.85 -23.83 -10.12
N LEU A 1707 -92.96 -24.48 -9.75
CA LEU A 1707 -93.77 -25.18 -10.74
C LEU A 1707 -94.42 -24.21 -11.69
N ARG A 1708 -94.90 -23.08 -11.18
CA ARG A 1708 -95.53 -22.08 -12.03
C ARG A 1708 -94.57 -21.59 -13.10
N ALA A 1709 -93.37 -21.19 -12.68
CA ALA A 1709 -92.35 -20.73 -13.62
C ALA A 1709 -91.95 -21.84 -14.57
N GLY A 1710 -91.82 -23.07 -14.07
CA GLY A 1710 -91.47 -24.18 -14.93
C GLY A 1710 -92.49 -24.41 -16.02
N TYR A 1711 -93.77 -24.31 -15.68
CA TYR A 1711 -94.82 -24.53 -16.67
C TYR A 1711 -94.88 -23.40 -17.68
N TYR A 1712 -94.73 -22.16 -17.20
CA TYR A 1712 -94.65 -21.03 -18.12
C TYR A 1712 -93.51 -21.21 -19.11
N ASP A 1713 -92.32 -21.54 -18.60
CA ASP A 1713 -91.15 -21.71 -19.45
C ASP A 1713 -91.32 -22.90 -20.37
N LEU A 1714 -92.00 -23.95 -19.91
CA LEU A 1714 -92.25 -25.10 -20.75
C LEU A 1714 -93.17 -24.75 -21.91
N LEU A 1715 -94.22 -23.98 -21.64
CA LEU A 1715 -95.07 -23.48 -22.71
C LEU A 1715 -94.25 -22.69 -23.73
N ILE A 1716 -93.42 -21.77 -23.22
CA ILE A 1716 -92.61 -20.95 -24.12
C ILE A 1716 -91.69 -21.83 -24.97
N SER A 1717 -91.05 -22.82 -24.32
CA SER A 1717 -90.10 -23.67 -25.02
C SER A 1717 -90.79 -24.49 -26.09
N ILE A 1718 -91.90 -25.15 -25.73
CA ILE A 1718 -92.58 -26.02 -26.67
C ILE A 1718 -93.12 -25.21 -27.86
N HIS A 1719 -93.74 -24.07 -27.57
CA HIS A 1719 -94.56 -23.38 -28.56
C HIS A 1719 -93.91 -22.14 -29.14
N LEU A 1720 -93.19 -21.36 -28.34
CA LEU A 1720 -92.82 -20.01 -28.72
C LEU A 1720 -91.33 -19.79 -28.89
N GLU A 1721 -90.48 -20.68 -28.37
CA GLU A 1721 -89.06 -20.40 -28.32
C GLU A 1721 -88.45 -20.30 -29.71
N SER A 1722 -88.71 -21.28 -30.57
CA SER A 1722 -88.11 -21.30 -31.89
C SER A 1722 -88.56 -20.09 -32.72
N ALA A 1723 -89.86 -19.80 -32.70
CA ALA A 1723 -90.38 -18.67 -33.46
C ALA A 1723 -89.80 -17.36 -32.94
N CYS A 1724 -89.74 -17.21 -31.61
CA CYS A 1724 -89.18 -15.98 -31.04
C CYS A 1724 -87.73 -15.80 -31.44
N ARG A 1725 -86.94 -16.87 -31.37
CA ARG A 1725 -85.54 -16.76 -31.75
C ARG A 1725 -85.38 -16.42 -33.23
N SER A 1726 -86.17 -17.08 -34.09
CA SER A 1726 -86.10 -16.82 -35.52
C SER A 1726 -86.46 -15.37 -35.82
N ARG A 1727 -87.49 -14.84 -35.15
CA ARG A 1727 -87.91 -13.47 -35.40
C ARG A 1727 -86.90 -12.48 -34.85
N ARG A 1728 -86.33 -12.76 -33.69
CA ARG A 1728 -85.34 -11.86 -33.11
C ARG A 1728 -84.09 -11.79 -33.98
N SER A 1729 -83.70 -12.92 -34.57
CA SER A 1729 -82.57 -12.91 -35.49
C SER A 1729 -82.78 -11.92 -36.63
N MET A 1730 -84.04 -11.72 -37.03
CA MET A 1730 -84.36 -10.88 -38.16
C MET A 1730 -84.65 -9.44 -37.78
N LEU A 1731 -85.09 -9.20 -36.54
CA LEU A 1731 -85.48 -7.84 -36.16
C LEU A 1731 -84.34 -6.85 -36.38
N SER A 1732 -83.10 -7.29 -36.17
CA SER A 1732 -81.97 -6.38 -36.32
C SER A 1732 -81.84 -5.86 -37.75
N GLU A 1733 -82.37 -6.59 -38.71
CA GLU A 1733 -82.27 -6.21 -40.12
C GLU A 1733 -83.55 -5.51 -40.56
N TYR A 1734 -83.38 -4.49 -41.40
CA TYR A 1734 -84.49 -3.69 -41.91
C TYR A 1734 -84.47 -3.72 -43.43
N ILE A 1735 -85.43 -4.41 -44.02
CA ILE A 1735 -85.57 -4.48 -45.47
C ILE A 1735 -86.91 -3.85 -45.80
N VAL A 1736 -86.87 -2.67 -46.42
CA VAL A 1736 -88.05 -1.86 -46.66
C VAL A 1736 -88.49 -2.08 -48.11
N PRO A 1737 -89.68 -2.63 -48.35
CA PRO A 1737 -90.23 -2.59 -49.70
C PRO A 1737 -90.76 -1.20 -50.01
N LEU A 1738 -90.56 -0.76 -51.25
CA LEU A 1738 -91.02 0.54 -51.71
C LEU A 1738 -92.50 0.41 -52.04
N THR A 1739 -93.35 0.72 -51.08
CA THR A 1739 -94.79 0.53 -51.20
C THR A 1739 -95.50 1.77 -50.70
N PRO A 1740 -96.74 1.99 -51.14
CA PRO A 1740 -97.50 3.16 -50.69
C PRO A 1740 -97.56 3.25 -49.18
N GLU A 1741 -97.66 2.09 -48.53
CA GLU A 1741 -97.62 2.07 -47.07
C GLU A 1741 -96.33 2.67 -46.55
N THR A 1742 -95.20 2.28 -47.15
CA THR A 1742 -93.92 2.85 -46.76
C THR A 1742 -93.91 4.36 -47.01
N ARG A 1743 -94.43 4.77 -48.16
CA ARG A 1743 -94.45 6.19 -48.50
CA ARG A 1743 -94.46 6.19 -48.51
C ARG A 1743 -95.22 7.01 -47.47
N ALA A 1744 -96.33 6.46 -46.97
CA ALA A 1744 -97.15 7.19 -46.01
C ALA A 1744 -96.42 7.40 -44.68
N ILE A 1745 -95.50 6.50 -44.35
CA ILE A 1745 -94.88 6.52 -43.02
C ILE A 1745 -94.24 7.87 -42.77
N THR A 1746 -94.45 8.39 -41.56
CA THR A 1746 -93.84 9.62 -41.10
C THR A 1746 -93.31 9.41 -39.69
N LEU A 1747 -92.27 10.16 -39.34
CA LEU A 1747 -91.72 10.08 -38.00
C LEU A 1747 -92.77 10.43 -36.97
N PHE A 1748 -93.53 11.46 -37.24
CA PHE A 1748 -94.51 11.96 -36.32
C PHE A 1748 -95.91 11.77 -36.90
N PRO A 1749 -96.91 11.49 -36.08
CA PRO A 1749 -98.26 11.38 -36.61
C PRO A 1749 -98.75 12.77 -37.04
N PRO A 1750 -99.68 12.83 -37.98
CA PRO A 1750 -100.17 14.15 -38.43
C PRO A 1750 -100.75 14.96 -37.28
N GLY A 1751 -100.45 16.26 -37.28
CA GLY A 1751 -100.94 17.15 -36.25
C GLY A 1751 -100.51 18.58 -36.50
N ARG A 1752 -101.17 19.50 -35.79
CA ARG A 1752 -100.89 20.92 -35.96
C ARG A 1752 -99.61 21.33 -35.25
N LYS A 1753 -99.24 20.61 -34.19
CA LYS A 1753 -98.14 21.03 -33.35
C LYS A 1753 -96.82 20.99 -34.14
N GLY A 1754 -95.90 21.85 -33.74
CA GLY A 1754 -94.69 22.10 -34.52
C GLY A 1754 -93.77 20.90 -34.54
N GLY A 1755 -93.01 20.77 -35.63
CA GLY A 1755 -92.09 19.68 -35.85
C GLY A 1755 -91.27 19.31 -34.62
N ASN A 1756 -90.55 20.28 -34.07
CA ASN A 1756 -89.75 20.06 -32.87
C ASN A 1756 -90.62 19.61 -31.70
N ALA A 1757 -91.74 20.31 -31.49
CA ALA A 1757 -92.59 20.04 -30.33
C ALA A 1757 -93.33 18.72 -30.48
N ARG A 1758 -93.61 18.34 -31.72
CA ARG A 1758 -94.56 17.29 -32.05
C ARG A 1758 -94.49 16.08 -31.15
N ARG A 1759 -95.59 15.78 -30.43
CA ARG A 1759 -95.58 14.67 -29.49
C ARG A 1759 -95.36 13.32 -30.18
N HIS A 1760 -94.39 12.57 -29.65
CA HIS A 1760 -94.03 11.28 -30.22
C HIS A 1760 -95.23 10.35 -30.23
N GLY A 1761 -95.37 9.61 -31.30
CA GLY A 1761 -96.37 8.57 -31.35
C GLY A 1761 -96.03 7.43 -30.42
N LEU A 1762 -97.07 6.69 -30.05
CA LEU A 1762 -96.88 5.60 -29.10
C LEU A 1762 -96.01 4.52 -29.73
N PRO A 1763 -94.94 4.09 -29.06
CA PRO A 1763 -94.07 3.07 -29.65
C PRO A 1763 -94.81 1.76 -29.85
N GLY A 1764 -94.49 1.08 -30.94
CA GLY A 1764 -95.14 -0.17 -31.29
C GLY A 1764 -96.51 -0.01 -31.91
N VAL A 1765 -96.96 1.23 -32.11
CA VAL A 1765 -98.28 1.50 -32.68
C VAL A 1765 -98.07 2.28 -33.96
N GLY A 1766 -98.28 1.61 -35.09
CA GLY A 1766 -98.10 2.25 -36.37
C GLY A 1766 -98.03 1.22 -37.48
N VAL A 1767 -97.54 1.67 -38.63
CA VAL A 1767 -97.41 0.85 -39.83
C VAL A 1767 -95.95 0.48 -39.97
N THR A 1768 -95.68 -0.82 -39.99
CA THR A 1768 -94.33 -1.35 -40.19
C THR A 1768 -94.30 -2.14 -41.48
N THR A 1769 -93.46 -1.72 -42.42
CA THR A 1769 -93.31 -2.39 -43.70
C THR A 1769 -92.08 -3.28 -43.78
N SER A 1770 -91.24 -3.27 -42.76
CA SER A 1770 -90.05 -4.12 -42.77
C SER A 1770 -90.44 -5.58 -42.88
N LEU A 1771 -89.64 -6.34 -43.61
CA LEU A 1771 -89.97 -7.72 -43.95
C LEU A 1771 -89.50 -8.65 -42.84
N ARG A 1772 -90.43 -9.40 -42.27
CA ARG A 1772 -90.13 -10.45 -41.30
C ARG A 1772 -90.90 -11.69 -41.72
N PRO A 1773 -90.24 -12.82 -41.92
CA PRO A 1773 -90.96 -13.99 -42.42
C PRO A 1773 -91.98 -14.45 -41.46
N PRO A 1774 -93.10 -15.04 -41.91
CA PRO A 1774 -94.15 -15.46 -41.00
C PRO A 1774 -93.74 -16.63 -40.13
N HIS A 1775 -94.43 -16.77 -39.00
CA HIS A 1775 -94.27 -17.94 -38.17
C HIS A 1775 -95.00 -19.13 -38.79
N HIS A 1776 -94.47 -20.33 -38.55
CA HIS A 1776 -95.05 -21.56 -39.07
C HIS A 1776 -95.20 -22.56 -37.93
N PHE A 1777 -96.40 -23.11 -37.79
CA PHE A 1777 -96.70 -24.08 -36.75
C PHE A 1777 -97.43 -25.27 -37.37
N SER A 1778 -97.30 -26.41 -36.72
CA SER A 1778 -97.98 -27.63 -37.13
C SER A 1778 -98.86 -28.13 -35.99
N PRO A 1779 -100.10 -28.51 -36.26
CA PRO A 1779 -100.97 -28.99 -35.18
C PRO A 1779 -100.42 -30.25 -34.54
N PRO A 1780 -100.60 -30.43 -33.24
CA PRO A 1780 -100.17 -31.68 -32.60
C PRO A 1780 -101.19 -32.79 -32.83
N CYS A 1781 -100.73 -33.87 -33.47
CA CYS A 1781 -101.57 -35.03 -33.69
C CYS A 1781 -100.72 -36.29 -33.55
N PHE A 1782 -101.32 -37.34 -33.01
CA PHE A 1782 -100.63 -38.60 -32.79
C PHE A 1782 -101.38 -39.79 -33.35
N VAL A 1783 -102.39 -39.55 -34.19
CA VAL A 1783 -103.07 -40.60 -34.93
C VAL A 1783 -102.75 -40.57 -36.40
N ALA A 1784 -101.96 -39.59 -36.84
CA ALA A 1784 -101.62 -39.44 -38.25
C ALA A 1784 -100.72 -40.58 -38.72
N ALA A 1785 -100.79 -40.88 -40.00
CA ALA A 1785 -99.99 -41.96 -40.57
C ALA A 1785 -98.50 -41.62 -40.48
N LEU A 1786 -97.70 -42.62 -40.17
CA LEU A 1786 -96.27 -42.40 -39.99
C LEU A 1786 -95.61 -42.15 -41.34
N PRO A 1787 -94.80 -41.10 -41.50
CA PRO A 1787 -94.19 -40.91 -42.82
C PRO A 1787 -93.20 -42.02 -43.16
N ALA A 1788 -93.40 -42.66 -44.32
CA ALA A 1788 -92.51 -43.74 -44.72
C ALA A 1788 -91.10 -43.27 -45.01
N ALA A 1789 -90.88 -41.96 -45.18
CA ALA A 1789 -89.55 -41.46 -45.43
C ALA A 1789 -88.66 -41.68 -44.21
N GLY A 1790 -87.45 -42.14 -44.45
CA GLY A 1790 -86.54 -42.44 -43.37
C GLY A 1790 -85.96 -41.19 -42.73
N VAL A 1791 -85.23 -41.42 -41.63
CA VAL A 1791 -84.62 -40.33 -40.91
C VAL A 1791 -83.58 -39.65 -41.80
N ALA A 1792 -83.46 -38.33 -41.65
CA ALA A 1792 -82.54 -37.52 -42.45
C ALA A 1792 -83.05 -37.34 -43.87
N GLU A 1793 -84.24 -37.86 -44.15
CA GLU A 1793 -84.90 -37.53 -45.42
C GLU A 1793 -86.23 -36.84 -45.16
N ALA A 1794 -86.85 -37.12 -44.02
CA ALA A 1794 -88.12 -36.50 -43.70
C ALA A 1794 -87.94 -35.00 -43.50
N PRO A 1795 -88.88 -34.17 -43.93
CA PRO A 1795 -88.74 -32.72 -43.75
C PRO A 1795 -88.74 -32.33 -42.28
N ALA A 1796 -88.14 -31.19 -42.01
CA ALA A 1796 -88.07 -30.68 -40.64
C ALA A 1796 -89.46 -30.33 -40.14
N ARG A 1797 -89.74 -30.70 -38.89
CA ARG A 1797 -91.04 -30.46 -38.30
C ARG A 1797 -91.14 -29.05 -37.72
N LEU A 1798 -92.35 -28.50 -37.77
CA LEU A 1798 -92.63 -27.20 -37.22
C LEU A 1798 -93.00 -27.30 -35.75
N SER A 1799 -92.98 -26.15 -35.07
CA SER A 1799 -93.32 -26.12 -33.66
C SER A 1799 -94.81 -26.41 -33.48
N PRO A 1800 -95.21 -27.01 -32.35
CA PRO A 1800 -96.62 -27.22 -32.10
C PRO A 1800 -97.38 -25.90 -32.01
N ALA A 1801 -98.62 -25.92 -32.45
CA ALA A 1801 -99.45 -24.73 -32.49
C ALA A 1801 -100.28 -24.60 -31.22
N ILE A 1802 -100.48 -23.35 -30.81
CA ILE A 1802 -101.35 -23.04 -29.68
C ILE A 1802 -102.11 -21.77 -30.03
N PRO A 1803 -103.34 -21.57 -29.53
CA PRO A 1803 -104.12 -20.39 -29.94
C PRO A 1803 -103.55 -19.09 -29.41
N LEU A 1804 -102.94 -18.34 -30.32
CA LEU A 1804 -102.11 -17.20 -29.92
C LEU A 1804 -102.96 -16.02 -29.50
N GLU A 1805 -104.12 -15.81 -30.14
CA GLU A 1805 -104.97 -14.69 -29.76
C GLU A 1805 -105.54 -14.88 -28.36
N ALA A 1806 -106.04 -16.08 -28.06
CA ALA A 1806 -106.51 -16.37 -26.72
C ALA A 1806 -105.37 -16.27 -25.72
N LEU A 1807 -104.18 -16.74 -26.11
CA LEU A 1807 -103.04 -16.67 -25.20
C LEU A 1807 -102.68 -15.22 -24.88
N ARG A 1808 -102.68 -14.34 -25.89
CA ARG A 1808 -102.35 -12.94 -25.61
C ARG A 1808 -103.41 -12.29 -24.74
N ASP A 1809 -104.69 -12.57 -25.02
CA ASP A 1809 -105.74 -11.99 -24.20
C ASP A 1809 -105.60 -12.43 -22.75
N LYS A 1810 -105.35 -13.73 -22.55
CA LYS A 1810 -105.19 -14.23 -21.19
C LYS A 1810 -103.97 -13.57 -20.53
N ALA A 1811 -102.88 -13.44 -21.28
CA ALA A 1811 -101.66 -12.85 -20.71
C ALA A 1811 -101.91 -11.40 -20.28
N LEU A 1812 -102.56 -10.61 -21.13
CA LEU A 1812 -102.84 -9.23 -20.76
C LEU A 1812 -103.73 -9.16 -19.53
N ARG A 1813 -104.79 -9.96 -19.49
CA ARG A 1813 -105.70 -9.95 -18.36
C ARG A 1813 -104.98 -10.34 -17.07
N MET A 1814 -104.15 -11.37 -17.14
CA MET A 1814 -103.44 -11.83 -15.95
C MET A 1814 -102.42 -10.80 -15.49
N LEU A 1815 -101.76 -10.14 -16.44
CA LEU A 1815 -100.82 -9.09 -16.07
C LEU A 1815 -101.53 -7.95 -15.35
N GLY A 1816 -102.69 -7.54 -15.87
CA GLY A 1816 -103.46 -6.51 -15.18
C GLY A 1816 -103.88 -6.94 -13.79
N GLU A 1817 -104.29 -8.21 -13.66
CA GLU A 1817 -104.64 -8.74 -12.34
C GLU A 1817 -103.45 -8.67 -11.39
N ALA A 1818 -102.26 -9.04 -11.90
CA ALA A 1818 -101.06 -8.97 -11.09
C ALA A 1818 -100.78 -7.53 -10.65
N VAL A 1819 -100.97 -6.59 -11.57
CA VAL A 1819 -100.72 -5.19 -11.24
C VAL A 1819 -101.64 -4.74 -10.11
N ARG A 1820 -102.93 -5.04 -10.23
CA ARG A 1820 -103.86 -4.63 -9.19
C ARG A 1820 -103.54 -5.32 -7.86
N ASP A 1821 -103.19 -6.60 -7.91
CA ASP A 1821 -102.84 -7.31 -6.68
C ASP A 1821 -101.63 -6.69 -6.01
N GLY A 1822 -100.60 -6.35 -6.80
CA GLY A 1822 -99.45 -5.67 -6.24
C GLY A 1822 -99.81 -4.33 -5.64
N GLY A 1823 -100.74 -3.61 -6.27
CA GLY A 1823 -101.23 -2.38 -5.69
C GLY A 1823 -101.88 -2.60 -4.34
N GLN A 1824 -102.67 -3.67 -4.23
CA GLN A 1824 -103.30 -3.98 -2.93
C GLN A 1824 -102.26 -4.39 -1.90
N HIS A 1825 -101.14 -4.97 -2.35
CA HIS A 1825 -100.05 -5.38 -1.45
C HIS A 1825 -100.50 -6.48 -0.50
N ALA A 1826 -101.05 -7.55 -1.07
CA ALA A 1826 -101.53 -8.66 -0.27
C ALA A 1826 -100.36 -9.49 0.26
N ARG A 1827 -100.64 -10.26 1.33
CA ARG A 1827 -99.62 -11.09 1.94
C ARG A 1827 -99.56 -12.50 1.37
N ASP A 1828 -100.37 -12.79 0.34
CA ASP A 1828 -100.33 -14.09 -0.31
C ASP A 1828 -100.10 -13.91 -1.79
N PRO A 1829 -98.88 -13.56 -2.21
CA PRO A 1829 -98.62 -13.38 -3.63
C PRO A 1829 -98.70 -14.71 -4.37
N VAL A 1830 -99.11 -14.64 -5.65
CA VAL A 1830 -99.16 -15.84 -6.46
C VAL A 1830 -97.77 -16.42 -6.59
N GLY A 1831 -97.64 -17.71 -6.29
CA GLY A 1831 -96.36 -18.37 -6.27
C GLY A 1831 -95.59 -18.20 -4.98
N GLY A 1832 -96.06 -17.35 -4.07
CA GLY A 1832 -95.38 -17.10 -2.82
C GLY A 1832 -94.43 -15.92 -2.83
N SER A 1833 -94.30 -15.22 -3.96
CA SER A 1833 -93.43 -14.06 -4.02
C SER A 1833 -93.82 -13.19 -5.21
N VAL A 1834 -93.42 -11.92 -5.13
CA VAL A 1834 -93.67 -10.99 -6.24
C VAL A 1834 -92.96 -11.48 -7.49
N GLU A 1835 -91.76 -12.04 -7.33
CA GLU A 1835 -91.04 -12.58 -8.47
C GLU A 1835 -91.83 -13.72 -9.12
N PHE A 1836 -92.24 -14.70 -8.32
CA PHE A 1836 -93.00 -15.82 -8.84
C PHE A 1836 -94.30 -15.36 -9.46
N GLN A 1837 -94.85 -14.24 -8.98
CA GLN A 1837 -96.09 -13.71 -9.55
C GLN A 1837 -95.86 -13.06 -10.90
N PHE A 1838 -94.83 -12.22 -11.01
CA PHE A 1838 -94.71 -11.32 -12.15
C PHE A 1838 -93.85 -11.91 -13.26
N VAL A 1839 -92.69 -12.47 -12.91
CA VAL A 1839 -91.69 -12.78 -13.92
C VAL A 1839 -92.23 -13.65 -15.04
N PRO A 1840 -92.93 -14.76 -14.77
CA PRO A 1840 -93.43 -15.58 -15.89
C PRO A 1840 -94.33 -14.82 -16.84
N VAL A 1841 -95.24 -14.00 -16.30
CA VAL A 1841 -96.16 -13.25 -17.14
C VAL A 1841 -95.39 -12.28 -18.02
N LEU A 1842 -94.42 -11.57 -17.45
CA LEU A 1842 -93.64 -10.61 -18.22
C LEU A 1842 -92.82 -11.31 -19.29
N LYS A 1843 -92.25 -12.46 -18.97
CA LYS A 1843 -91.52 -13.24 -19.98
C LYS A 1843 -92.43 -13.62 -21.14
N LEU A 1844 -93.62 -14.12 -20.83
CA LEU A 1844 -94.55 -14.51 -21.89
C LEU A 1844 -94.96 -13.31 -22.73
N VAL A 1845 -95.20 -12.17 -22.07
CA VAL A 1845 -95.60 -10.96 -22.79
C VAL A 1845 -94.48 -10.51 -23.72
N SER A 1846 -93.24 -10.54 -23.24
CA SER A 1846 -92.11 -10.14 -24.08
C SER A 1846 -91.96 -11.07 -25.27
N THR A 1847 -92.10 -12.38 -25.03
CA THR A 1847 -92.05 -13.33 -26.12
C THR A 1847 -93.11 -13.03 -27.16
N LEU A 1848 -94.34 -12.76 -26.71
CA LEU A 1848 -95.42 -12.49 -27.64
C LEU A 1848 -95.21 -11.20 -28.41
N LEU A 1849 -94.70 -10.16 -27.74
CA LEU A 1849 -94.37 -8.92 -28.44
C LEU A 1849 -93.35 -9.18 -29.54
N VAL A 1850 -92.24 -9.82 -29.20
CA VAL A 1850 -91.20 -10.10 -30.19
C VAL A 1850 -91.78 -10.90 -31.34
N MET A 1851 -92.63 -11.88 -31.02
CA MET A 1851 -93.24 -12.69 -32.06
C MET A 1851 -94.22 -11.87 -32.90
N GLY A 1852 -94.68 -10.74 -32.37
CA GLY A 1852 -95.56 -9.86 -33.11
C GLY A 1852 -97.04 -10.13 -32.95
N ILE A 1853 -97.43 -10.93 -31.95
CA ILE A 1853 -98.82 -11.31 -31.82
C ILE A 1853 -99.67 -10.12 -31.40
N PHE A 1854 -99.15 -9.27 -30.52
CA PHE A 1854 -99.95 -8.19 -29.97
C PHE A 1854 -100.27 -7.16 -31.04
N GLY A 1855 -101.51 -6.67 -31.00
CA GLY A 1855 -101.95 -5.61 -31.87
C GLY A 1855 -101.75 -4.23 -31.23
N ASP A 1856 -102.29 -3.23 -31.92
CA ASP A 1856 -102.11 -1.84 -31.47
C ASP A 1856 -102.77 -1.62 -30.12
N GLU A 1857 -104.01 -2.07 -29.97
CA GLU A 1857 -104.72 -1.87 -28.71
C GLU A 1857 -104.05 -2.64 -27.57
N ASP A 1858 -103.60 -3.86 -27.85
CA ASP A 1858 -102.89 -4.63 -26.83
C ASP A 1858 -101.60 -3.92 -26.41
N VAL A 1859 -100.88 -3.35 -27.38
CA VAL A 1859 -99.67 -2.60 -27.06
C VAL A 1859 -100.01 -1.40 -26.19
N LYS A 1860 -101.11 -0.72 -26.50
CA LYS A 1860 -101.53 0.41 -25.70
C LYS A 1860 -101.85 -0.02 -24.27
N GLN A 1861 -102.52 -1.17 -24.12
CA GLN A 1861 -102.81 -1.68 -22.79
C GLN A 1861 -101.52 -1.97 -22.02
N ILE A 1862 -100.55 -2.59 -22.68
CA ILE A 1862 -99.27 -2.87 -22.04
C ILE A 1862 -98.60 -1.57 -21.62
N LEU A 1863 -98.64 -0.56 -22.49
CA LEU A 1863 -98.01 0.71 -22.17
C LEU A 1863 -98.68 1.37 -20.98
N LYS A 1864 -100.00 1.30 -20.90
CA LYS A 1864 -100.71 1.87 -19.77
C LYS A 1864 -100.40 1.11 -18.48
N MET A 1865 -100.26 -0.22 -18.57
CA MET A 1865 -99.83 -0.98 -17.41
C MET A 1865 -98.45 -0.52 -16.96
N ILE A 1866 -97.55 -0.27 -17.90
CA ILE A 1866 -96.22 0.21 -17.55
C ILE A 1866 -96.31 1.56 -16.85
N GLU A 1867 -96.83 2.56 -17.55
CA GLU A 1867 -96.99 3.89 -17.01
C GLU A 1867 -98.12 4.60 -17.74
N PRO A 1868 -99.33 4.64 -17.16
CA PRO A 1868 -100.45 5.25 -17.89
C PRO A 1868 -100.24 6.70 -18.24
N GLU A 1869 -99.85 7.53 -17.26
CA GLU A 1869 -99.77 8.97 -17.47
C GLU A 1869 -98.95 9.31 -18.71
N VAL A 1870 -97.76 8.71 -18.82
CA VAL A 1870 -96.88 9.02 -19.96
C VAL A 1870 -97.54 8.59 -21.26
N PHE A 1871 -98.17 7.41 -21.27
CA PHE A 1871 -98.62 6.78 -22.50
C PHE A 1871 -100.10 6.99 -22.78
N THR A 1872 -100.80 7.75 -21.95
CA THR A 1872 -102.14 8.17 -22.31
C THR A 1872 -102.08 9.03 -23.57
N GLU A 1873 -102.96 8.74 -24.53
CA GLU A 1873 -102.97 9.43 -25.82
C GLU A 1873 -104.19 10.34 -25.87
N GLU A 1874 -103.98 11.56 -26.36
CA GLU A 1874 -104.84 12.72 -26.09
C GLU A 1874 -105.03 13.14 -24.63
N LEU A 1922 -106.02 5.43 -7.65
CA LEU A 1922 -105.84 5.52 -9.10
C LEU A 1922 -104.99 4.36 -9.60
N GLU A 1923 -104.74 4.35 -10.91
CA GLU A 1923 -103.88 3.34 -11.49
C GLU A 1923 -102.42 3.60 -11.13
N GLU A 1924 -101.75 2.56 -10.64
CA GLU A 1924 -100.33 2.62 -10.28
C GLU A 1924 -99.56 1.69 -11.20
N GLY A 1925 -98.54 2.22 -11.87
CA GLY A 1925 -97.80 1.45 -12.85
C GLY A 1925 -96.63 0.68 -12.27
N LEU A 1926 -96.26 -0.39 -12.99
CA LEU A 1926 -95.17 -1.26 -12.55
C LEU A 1926 -93.92 -0.47 -12.20
N LEU A 1927 -93.72 0.68 -12.84
CA LEU A 1927 -92.54 1.48 -12.54
C LEU A 1927 -92.53 1.95 -11.10
N GLN A 1928 -93.69 2.38 -10.60
CA GLN A 1928 -93.84 2.83 -9.23
C GLN A 1928 -94.25 1.69 -8.29
N MET A 1929 -94.51 0.50 -8.81
CA MET A 1929 -94.87 -0.62 -7.94
C MET A 1929 -93.69 -1.13 -7.13
N LYS A 1930 -92.50 -0.57 -7.39
CA LYS A 1930 -91.41 -0.72 -6.45
C LYS A 1930 -91.08 -2.19 -6.32
N LEU A 1931 -90.64 -2.76 -7.45
CA LEU A 1931 -90.52 -4.18 -7.73
C LEU A 1931 -89.08 -4.63 -7.59
N PRO A 1932 -88.85 -5.94 -7.46
CA PRO A 1932 -87.49 -6.46 -7.31
C PRO A 1932 -86.72 -6.51 -8.63
N GLU A 1933 -85.48 -6.99 -8.51
CA GLU A 1933 -84.49 -6.85 -9.58
C GLU A 1933 -84.85 -7.69 -10.80
N SER A 1934 -85.34 -8.91 -10.60
CA SER A 1934 -85.70 -9.75 -11.74
C SER A 1934 -86.85 -9.15 -12.52
N VAL A 1935 -87.86 -8.63 -11.81
CA VAL A 1935 -88.95 -7.95 -12.48
C VAL A 1935 -88.43 -6.73 -13.22
N LYS A 1936 -87.46 -6.04 -12.64
CA LYS A 1936 -86.85 -4.89 -13.31
C LYS A 1936 -86.16 -5.33 -14.60
N LEU A 1937 -85.50 -6.48 -14.57
CA LEU A 1937 -84.85 -7.00 -15.77
C LEU A 1937 -85.87 -7.27 -16.86
N GLN A 1938 -87.00 -7.89 -16.50
CA GLN A 1938 -88.04 -8.15 -17.49
C GLN A 1938 -88.59 -6.84 -18.05
N MET A 1939 -88.80 -5.85 -17.20
CA MET A 1939 -89.25 -4.54 -17.67
C MET A 1939 -88.24 -3.91 -18.60
N CYS A 1940 -86.95 -4.10 -18.30
CA CYS A 1940 -85.90 -3.58 -19.16
C CYS A 1940 -85.95 -4.24 -20.54
N ASN A 1941 -86.20 -5.55 -20.58
CA ASN A 1941 -86.34 -6.22 -21.87
C ASN A 1941 -87.54 -5.68 -22.64
N LEU A 1942 -88.65 -5.48 -21.96
CA LEU A 1942 -89.82 -4.90 -22.62
C LEU A 1942 -89.50 -3.54 -23.22
N LEU A 1943 -88.87 -2.68 -22.44
CA LEU A 1943 -88.51 -1.35 -22.91
C LEU A 1943 -87.49 -1.41 -24.03
N GLU A 1944 -86.60 -2.41 -24.01
CA GLU A 1944 -85.69 -2.62 -25.13
C GLU A 1944 -86.46 -2.93 -26.40
N TYR A 1945 -87.49 -3.78 -26.30
CA TYR A 1945 -88.34 -4.04 -27.46
C TYR A 1945 -88.96 -2.74 -27.97
N PHE A 1946 -89.50 -1.93 -27.08
CA PHE A 1946 -90.17 -0.71 -27.52
C PHE A 1946 -89.19 0.27 -28.15
N CYS A 1947 -88.00 0.40 -27.58
CA CYS A 1947 -86.98 1.26 -28.17
C CYS A 1947 -86.54 0.75 -29.53
N ASP A 1948 -86.42 -0.58 -29.68
CA ASP A 1948 -86.12 -1.15 -30.98
C ASP A 1948 -87.19 -0.80 -31.99
N GLN A 1949 -88.45 -0.84 -31.57
CA GLN A 1949 -89.53 -0.45 -32.48
C GLN A 1949 -89.42 1.01 -32.87
N GLU A 1950 -89.04 1.86 -31.92
CA GLU A 1950 -88.82 3.27 -32.26
C GLU A 1950 -87.72 3.43 -33.31
N LEU A 1951 -86.62 2.71 -33.14
CA LEU A 1951 -85.55 2.73 -34.13
C LEU A 1951 -86.05 2.27 -35.49
N GLN A 1952 -86.83 1.18 -35.50
CA GLN A 1952 -87.39 0.67 -36.75
C GLN A 1952 -88.26 1.70 -37.43
N HIS A 1953 -89.07 2.43 -36.63
CA HIS A 1953 -89.89 3.49 -37.19
C HIS A 1953 -89.03 4.58 -37.80
N ARG A 1954 -87.95 4.95 -37.13
CA ARG A 1954 -87.05 5.95 -37.69
C ARG A 1954 -86.49 5.50 -39.04
N VAL A 1955 -86.04 4.24 -39.10
CA VAL A 1955 -85.45 3.73 -40.34
C VAL A 1955 -86.49 3.73 -41.45
N GLU A 1956 -87.69 3.26 -41.17
CA GLU A 1956 -88.74 3.22 -42.17
C GLU A 1956 -89.16 4.60 -42.64
N SER A 1957 -89.24 5.58 -41.74
CA SER A 1957 -89.54 6.94 -42.14
C SER A 1957 -88.44 7.52 -43.02
N LEU A 1958 -87.18 7.24 -42.68
CA LEU A 1958 -86.08 7.68 -43.52
C LEU A 1958 -86.17 7.08 -44.91
N ALA A 1959 -86.53 5.79 -44.99
CA ALA A 1959 -86.65 5.14 -46.31
C ALA A 1959 -87.79 5.76 -47.11
N ALA A 1960 -88.91 6.05 -46.45
CA ALA A 1960 -90.03 6.70 -47.14
C ALA A 1960 -89.63 8.06 -47.70
N PHE A 1961 -88.99 8.88 -46.86
CA PHE A 1961 -88.50 10.17 -47.34
C PHE A 1961 -87.52 9.98 -48.47
N ALA A 1962 -86.71 8.92 -48.41
CA ALA A 1962 -85.76 8.66 -49.48
C ALA A 1962 -86.49 8.40 -50.79
N GLU A 1963 -87.55 7.59 -50.74
CA GLU A 1963 -88.35 7.36 -51.94
C GLU A 1963 -88.86 8.67 -52.53
N ARG A 1964 -89.52 9.48 -51.69
CA ARG A 1964 -90.13 10.70 -52.20
C ARG A 1964 -89.07 11.68 -52.73
N TYR A 1965 -87.99 11.85 -51.98
CA TYR A 1965 -86.97 12.83 -52.32
C TYR A 1965 -86.19 12.38 -53.55
N VAL A 1966 -86.00 11.06 -53.71
CA VAL A 1966 -85.35 10.55 -54.91
C VAL A 1966 -86.23 10.79 -56.12
N ASP A 1967 -87.54 10.58 -55.97
CA ASP A 1967 -88.45 10.90 -57.07
C ASP A 1967 -88.29 12.37 -57.49
N LYS A 1968 -88.31 13.27 -56.50
CA LYS A 1968 -88.21 14.69 -56.82
C LYS A 1968 -86.87 15.01 -57.49
N LEU A 1969 -85.77 14.47 -56.94
CA LEU A 1969 -84.45 14.73 -57.51
C LEU A 1969 -84.34 14.19 -58.92
N GLN A 1970 -84.90 13.00 -59.16
CA GLN A 1970 -84.85 12.41 -60.49
C GLN A 1970 -85.58 13.29 -61.49
N ALA A 1971 -86.78 13.76 -61.12
CA ALA A 1971 -87.51 14.64 -62.02
C ALA A 1971 -86.74 15.92 -62.29
N ASN A 1972 -86.17 16.53 -61.25
CA ASN A 1972 -85.43 17.77 -61.44
C ASN A 1972 -84.20 17.55 -62.30
N GLN A 1973 -83.50 16.44 -62.10
CA GLN A 1973 -82.31 16.16 -62.90
C GLN A 1973 -82.67 15.94 -64.36
N ARG A 1974 -83.77 15.24 -64.62
CA ARG A 1974 -84.24 15.08 -65.98
C ARG A 1974 -84.53 16.44 -66.62
N SER A 1975 -85.28 17.28 -65.91
CA SER A 1975 -85.64 18.59 -66.47
C SER A 1975 -84.40 19.43 -66.71
N ARG A 1976 -83.45 19.42 -65.78
CA ARG A 1976 -82.24 20.21 -65.94
C ARG A 1976 -81.40 19.72 -67.10
N TYR A 1977 -81.30 18.40 -67.26
CA TYR A 1977 -80.57 17.85 -68.41
C TYR A 1977 -81.23 18.27 -69.72
N ALA A 1978 -82.57 18.23 -69.77
CA ALA A 1978 -83.27 18.65 -70.97
C ALA A 1978 -82.99 20.13 -71.27
N LEU A 1979 -83.08 20.97 -70.24
CA LEU A 1979 -82.82 22.39 -70.43
C LEU A 1979 -81.39 22.62 -70.91
N LEU A 1980 -80.44 21.84 -70.38
CA LEU A 1980 -79.05 21.96 -70.81
C LEU A 1980 -78.89 21.54 -72.27
N MET A 1981 -79.56 20.46 -72.67
CA MET A 1981 -79.45 20.02 -74.06
C MET A 1981 -80.16 20.99 -74.98
N ARG A 1982 -81.01 21.86 -74.42
CA ARG A 1982 -81.60 22.92 -75.21
C ARG A 1982 -80.66 24.11 -75.32
N ALA A 1983 -80.00 24.47 -74.22
CA ALA A 1983 -79.30 25.74 -74.12
C ALA A 1983 -77.78 25.62 -74.18
N PHE A 1984 -77.26 24.45 -74.56
CA PHE A 1984 -75.81 24.31 -74.67
C PHE A 1984 -75.25 25.20 -75.78
N THR A 1985 -76.10 25.60 -76.73
CA THR A 1985 -75.61 26.31 -77.91
C THR A 1985 -75.06 27.69 -77.55
N MET A 1986 -75.73 28.42 -76.65
CA MET A 1986 -75.23 29.72 -76.22
C MET A 1986 -73.81 29.65 -75.69
N SER A 1987 -73.57 28.80 -74.69
CA SER A 1987 -72.29 28.74 -74.02
C SER A 1987 -71.80 27.30 -74.01
N ALA A 1988 -70.63 27.07 -74.60
CA ALA A 1988 -70.08 25.72 -74.66
C ALA A 1988 -69.07 25.45 -73.55
N ALA A 1989 -68.56 26.50 -72.90
CA ALA A 1989 -67.55 26.31 -71.86
C ALA A 1989 -68.16 25.79 -70.57
N GLU A 1990 -69.19 26.46 -70.07
CA GLU A 1990 -69.81 26.04 -68.81
C GLU A 1990 -70.56 24.73 -68.96
N THR A 1991 -70.94 24.38 -70.19
CA THR A 1991 -71.65 23.12 -70.41
C THR A 1991 -70.80 21.95 -69.96
N ALA A 1992 -69.48 22.05 -70.11
CA ALA A 1992 -68.59 20.99 -69.65
C ALA A 1992 -68.73 20.78 -68.14
N ARG A 1993 -68.65 21.86 -67.38
CA ARG A 1993 -68.76 21.75 -65.92
C ARG A 1993 -70.13 21.24 -65.52
N ARG A 1994 -71.18 21.70 -66.21
CA ARG A 1994 -72.52 21.19 -65.98
C ARG A 1994 -72.60 19.70 -66.21
N THR A 1995 -72.10 19.23 -67.35
CA THR A 1995 -72.16 17.83 -67.72
C THR A 1995 -71.26 16.98 -66.85
N ARG A 1996 -70.34 17.58 -66.10
CA ARG A 1996 -69.61 16.81 -65.10
C ARG A 1996 -70.59 16.03 -64.23
N GLU A 1997 -71.71 16.64 -63.87
CA GLU A 1997 -72.71 15.98 -63.04
C GLU A 1997 -73.26 14.74 -63.72
N PHE A 1998 -73.77 14.90 -64.94
CA PHE A 1998 -74.38 13.77 -65.64
C PHE A 1998 -73.37 12.73 -66.05
N ARG A 1999 -72.09 13.08 -66.04
CA ARG A 1999 -71.05 12.13 -66.37
C ARG A 1999 -70.56 11.44 -65.10
N SER A 2000 -70.69 12.03 -63.94
CA SER A 2000 -70.13 11.39 -62.76
C SER A 2000 -70.94 10.14 -62.37
N PRO A 2001 -70.39 9.24 -61.56
CA PRO A 2001 -71.16 8.09 -61.11
C PRO A 2001 -72.41 8.56 -60.35
N PRO A 2002 -73.48 7.77 -60.39
CA PRO A 2002 -74.71 8.21 -59.71
C PRO A 2002 -74.51 8.51 -58.23
N GLN A 2003 -73.68 7.72 -57.54
CA GLN A 2003 -73.43 7.97 -56.13
C GLN A 2003 -72.80 9.34 -55.93
N GLU A 2004 -71.83 9.68 -56.78
CA GLU A 2004 -71.20 10.99 -56.69
C GLU A 2004 -72.18 12.11 -57.06
N GLN A 2005 -73.06 11.85 -58.03
CA GLN A 2005 -74.10 12.83 -58.35
C GLN A 2005 -74.97 13.10 -57.13
N ILE A 2006 -75.38 12.03 -56.44
CA ILE A 2006 -76.22 12.19 -55.26
C ILE A 2006 -75.46 12.95 -54.17
N ASN A 2007 -74.20 12.60 -53.97
CA ASN A 2007 -73.36 13.30 -52.99
C ASN A 2007 -73.31 14.79 -53.29
N MET A 2008 -73.03 15.14 -54.54
CA MET A 2008 -72.95 16.55 -54.92
C MET A 2008 -74.28 17.24 -54.71
N LEU A 2009 -75.37 16.56 -55.08
CA LEU A 2009 -76.69 17.16 -54.93
C LEU A 2009 -77.04 17.40 -53.47
N LEU A 2010 -76.60 16.51 -52.59
CA LEU A 2010 -76.88 16.63 -51.16
C LEU A 2010 -75.90 17.54 -50.45
N HIS A 2011 -74.79 17.90 -51.08
CA HIS A 2011 -73.75 18.72 -50.47
C HIS A 2011 -74.17 20.19 -50.41
N PHE A 2012 -75.13 20.48 -49.52
CA PHE A 2012 -75.53 21.85 -49.26
C PHE A 2012 -75.83 22.12 -47.79
N LYS A 2013 -75.34 21.29 -46.87
CA LYS A 2013 -75.69 21.46 -45.47
C LYS A 2013 -75.04 22.71 -44.88
N ASP A 2014 -73.75 22.92 -45.14
CA ASP A 2014 -72.97 23.92 -44.43
C ASP A 2014 -73.30 25.36 -44.84
N GLU A 2015 -74.00 25.55 -45.96
CA GLU A 2015 -74.36 26.89 -46.43
C GLU A 2015 -73.15 27.62 -47.00
N ALA A 2016 -71.95 27.04 -46.87
CA ALA A 2016 -70.78 27.62 -47.49
C ALA A 2016 -70.60 27.11 -48.91
N ASP A 2017 -71.04 25.88 -49.17
CA ASP A 2017 -70.97 25.27 -50.50
C ASP A 2017 -72.35 25.01 -51.08
N GLU A 2018 -73.38 25.69 -50.56
CA GLU A 2018 -74.73 25.47 -51.06
C GLU A 2018 -74.88 25.97 -52.50
N GLU A 2019 -74.19 27.07 -52.83
CA GLU A 2019 -74.39 27.69 -54.14
C GLU A 2019 -74.02 26.74 -55.27
N ASP A 2020 -72.96 25.94 -55.11
CA ASP A 2020 -72.54 25.06 -56.19
C ASP A 2020 -73.59 24.00 -56.49
N CYS A 2021 -74.39 23.64 -55.49
CA CYS A 2021 -75.42 22.64 -55.70
C CYS A 2021 -76.48 23.17 -56.65
N PRO A 2022 -76.80 22.43 -57.72
CA PRO A 2022 -77.85 22.92 -58.64
C PRO A 2022 -79.23 23.00 -58.03
N LEU A 2023 -79.50 22.20 -57.00
CA LEU A 2023 -80.86 22.00 -56.53
C LEU A 2023 -81.51 23.30 -56.06
N PRO A 2024 -82.82 23.43 -56.23
CA PRO A 2024 -83.50 24.63 -55.75
C PRO A 2024 -83.79 24.58 -54.25
N GLU A 2025 -84.20 25.75 -53.76
CA GLU A 2025 -84.37 25.94 -52.32
C GLU A 2025 -85.48 25.08 -51.76
N ASP A 2026 -86.53 24.83 -52.53
CA ASP A 2026 -87.62 24.01 -52.03
C ASP A 2026 -87.17 22.56 -51.80
N ILE A 2027 -86.48 21.98 -52.78
CA ILE A 2027 -85.96 20.63 -52.61
C ILE A 2027 -84.98 20.58 -51.45
N ARG A 2028 -84.11 21.58 -51.35
CA ARG A 2028 -83.16 21.60 -50.23
C ARG A 2028 -83.89 21.70 -48.89
N GLN A 2029 -84.93 22.53 -48.82
CA GLN A 2029 -85.61 22.80 -47.57
C GLN A 2029 -86.42 21.59 -47.12
N ASP A 2030 -86.90 20.78 -48.07
CA ASP A 2030 -87.58 19.55 -47.68
C ASP A 2030 -86.65 18.66 -46.87
N LEU A 2031 -85.43 18.46 -47.38
CA LEU A 2031 -84.44 17.66 -46.65
C LEU A 2031 -84.08 18.31 -45.32
N GLN A 2032 -83.90 19.63 -45.31
CA GLN A 2032 -83.59 20.31 -44.06
C GLN A 2032 -84.68 20.09 -43.02
N ASP A 2033 -85.94 20.21 -43.43
CA ASP A 2033 -87.06 20.03 -42.52
C ASP A 2033 -87.09 18.59 -41.99
N PHE A 2034 -86.88 17.62 -42.88
CA PHE A 2034 -86.89 16.23 -42.42
C PHE A 2034 -85.75 15.98 -41.45
N HIS A 2035 -84.59 16.58 -41.70
CA HIS A 2035 -83.45 16.41 -40.81
C HIS A 2035 -83.77 16.99 -39.43
N GLN A 2036 -84.37 18.18 -39.40
CA GLN A 2036 -84.76 18.77 -38.13
C GLN A 2036 -85.77 17.89 -37.40
N ASP A 2037 -86.74 17.34 -38.14
CA ASP A 2037 -87.74 16.48 -37.52
C ASP A 2037 -87.10 15.22 -36.96
N LEU A 2038 -86.13 14.66 -37.67
CA LEU A 2038 -85.43 13.47 -37.18
C LEU A 2038 -84.64 13.79 -35.92
N LEU A 2039 -83.95 14.93 -35.90
CA LEU A 2039 -83.22 15.32 -34.71
C LEU A 2039 -84.17 15.49 -33.53
N ALA A 2040 -85.34 16.06 -33.76
CA ALA A 2040 -86.34 16.18 -32.71
C ALA A 2040 -86.82 14.81 -32.23
N HIS A 2041 -87.09 13.90 -33.17
CA HIS A 2041 -87.51 12.55 -32.80
C HIS A 2041 -86.46 11.88 -31.94
N CYS A 2042 -85.19 12.09 -32.26
CA CYS A 2042 -84.09 11.50 -31.51
C CYS A 2042 -83.75 12.29 -30.25
N GLY A 2043 -84.37 13.46 -30.06
CA GLY A 2043 -84.21 14.22 -28.84
C GLY A 2043 -83.08 15.22 -28.85
N ILE A 2044 -82.30 15.29 -29.93
CA ILE A 2044 -81.16 16.21 -29.95
C ILE A 2044 -81.65 17.64 -29.85
N GLN A 2045 -82.71 17.99 -30.58
CA GLN A 2045 -83.16 19.37 -30.62
C GLN A 2045 -83.63 19.80 -29.24
N LEU A 2046 -83.28 21.02 -28.87
CA LEU A 2046 -83.64 21.59 -27.57
C LEU A 2046 -85.16 21.67 -27.41
N GLU A 2088 -91.33 20.53 -18.22
CA GLU A 2088 -92.17 19.92 -17.21
C GLU A 2088 -91.46 18.75 -16.54
N LYS A 2089 -91.73 18.54 -15.25
CA LYS A 2089 -91.06 17.48 -14.52
C LYS A 2089 -91.41 16.10 -15.09
N LYS A 2090 -92.68 15.91 -15.46
CA LYS A 2090 -93.10 14.59 -15.91
C LYS A 2090 -92.45 14.28 -17.26
N PRO A 2091 -91.93 13.05 -17.44
CA PRO A 2091 -91.14 12.75 -18.65
C PRO A 2091 -91.77 13.20 -19.96
N GLN A 2092 -93.00 12.77 -20.22
CA GLN A 2092 -93.72 12.99 -21.47
C GLN A 2092 -93.14 12.19 -22.63
N SER A 2093 -92.07 11.43 -22.42
CA SER A 2093 -91.45 10.70 -23.51
C SER A 2093 -90.77 9.45 -22.96
N LEU A 2094 -90.64 8.45 -23.85
CA LEU A 2094 -90.06 7.18 -23.47
C LEU A 2094 -88.59 7.34 -23.09
N GLN A 2095 -87.85 8.17 -23.83
CA GLN A 2095 -86.44 8.36 -23.51
C GLN A 2095 -86.26 8.93 -22.12
N GLU A 2096 -86.99 10.00 -21.80
CA GLU A 2096 -86.89 10.61 -20.48
C GLU A 2096 -87.35 9.63 -19.41
N LEU A 2097 -88.42 8.89 -19.68
CA LEU A 2097 -88.91 7.91 -18.71
C LEU A 2097 -87.84 6.87 -18.41
N VAL A 2098 -87.22 6.33 -19.44
CA VAL A 2098 -86.22 5.28 -19.25
C VAL A 2098 -85.01 5.82 -18.50
N SER A 2099 -84.52 6.99 -18.90
CA SER A 2099 -83.38 7.58 -18.23
C SER A 2099 -83.68 7.80 -16.75
N HIS A 2100 -84.83 8.41 -16.46
CA HIS A 2100 -85.20 8.69 -15.09
CA HIS A 2100 -85.19 8.69 -15.09
C HIS A 2100 -85.37 7.41 -14.29
N MET A 2101 -85.98 6.40 -14.90
CA MET A 2101 -86.16 5.12 -14.23
C MET A 2101 -84.82 4.51 -13.83
N VAL A 2102 -83.88 4.46 -14.78
CA VAL A 2102 -82.59 3.83 -14.51
C VAL A 2102 -81.86 4.60 -13.42
N VAL A 2103 -81.85 5.93 -13.53
CA VAL A 2103 -81.15 6.73 -12.54
C VAL A 2103 -81.79 6.57 -11.17
N ARG A 2104 -83.12 6.54 -11.13
CA ARG A 2104 -83.82 6.39 -9.85
C ARG A 2104 -83.53 5.04 -9.23
N TRP A 2105 -83.52 3.98 -10.04
CA TRP A 2105 -83.23 2.65 -9.52
C TRP A 2105 -81.83 2.61 -8.91
N ALA A 2106 -80.84 3.09 -9.67
CA ALA A 2106 -79.46 3.06 -9.17
C ALA A 2106 -79.31 3.92 -7.92
N GLN A 2107 -79.97 5.08 -7.90
CA GLN A 2107 -79.93 5.93 -6.72
C GLN A 2107 -80.56 5.25 -5.52
N GLU A 2108 -81.65 4.53 -5.75
CA GLU A 2108 -82.40 3.93 -4.64
C GLU A 2108 -81.65 2.74 -4.05
N ASP A 2109 -80.96 1.98 -4.88
CA ASP A 2109 -80.28 0.80 -4.36
C ASP A 2109 -79.05 0.48 -5.20
N TYR A 2110 -78.11 -0.22 -4.56
CA TYR A 2110 -76.93 -0.75 -5.20
C TYR A 2110 -77.31 -2.10 -5.83
N VAL A 2111 -77.47 -2.12 -7.14
CA VAL A 2111 -77.92 -3.33 -7.82
C VAL A 2111 -76.87 -4.42 -7.68
N GLN A 2112 -77.32 -5.61 -7.29
CA GLN A 2112 -76.46 -6.77 -7.15
C GLN A 2112 -76.56 -7.72 -8.33
N SER A 2113 -77.29 -7.34 -9.38
CA SER A 2113 -77.46 -8.19 -10.56
C SER A 2113 -76.67 -7.60 -11.72
N PRO A 2114 -75.54 -8.19 -12.10
CA PRO A 2114 -74.78 -7.63 -13.23
C PRO A 2114 -75.57 -7.61 -14.52
N GLU A 2115 -76.43 -8.61 -14.74
CA GLU A 2115 -77.26 -8.61 -15.94
C GLU A 2115 -78.19 -7.40 -15.97
N LEU A 2116 -78.82 -7.11 -14.84
CA LEU A 2116 -79.68 -5.94 -14.75
C LEU A 2116 -78.88 -4.67 -14.96
N VAL A 2117 -77.69 -4.60 -14.38
CA VAL A 2117 -76.83 -3.43 -14.57
C VAL A 2117 -76.55 -3.22 -16.05
N ARG A 2118 -76.15 -4.28 -16.73
CA ARG A 2118 -75.86 -4.21 -18.16
C ARG A 2118 -77.07 -3.71 -18.93
N ALA A 2119 -78.24 -4.30 -18.67
CA ALA A 2119 -79.43 -3.96 -19.44
C ALA A 2119 -79.82 -2.50 -19.20
N MET A 2120 -79.85 -2.07 -17.95
CA MET A 2120 -80.28 -0.72 -17.63
C MET A 2120 -79.34 0.31 -18.24
N PHE A 2121 -78.04 0.05 -18.17
CA PHE A 2121 -77.10 1.02 -18.70
C PHE A 2121 -77.10 1.01 -20.23
N SER A 2122 -77.38 -0.14 -20.84
CA SER A 2122 -77.58 -0.18 -22.28
C SER A 2122 -78.76 0.68 -22.69
N LEU A 2123 -79.88 0.56 -21.97
CA LEU A 2123 -81.03 1.39 -22.27
C LEU A 2123 -80.70 2.87 -22.11
N LEU A 2124 -79.97 3.21 -21.04
CA LEU A 2124 -79.60 4.60 -20.83
C LEU A 2124 -78.75 5.13 -21.97
N HIS A 2125 -77.78 4.32 -22.42
CA HIS A 2125 -76.96 4.73 -23.55
C HIS A 2125 -77.81 4.95 -24.80
N ARG A 2126 -78.76 4.05 -25.05
CA ARG A 2126 -79.61 4.21 -26.22
C ARG A 2126 -80.42 5.50 -26.13
N GLN A 2127 -80.96 5.81 -24.96
CA GLN A 2127 -81.74 7.03 -24.82
C GLN A 2127 -80.88 8.26 -25.03
N TYR A 2128 -79.66 8.27 -24.48
CA TYR A 2128 -78.80 9.43 -24.63
C TYR A 2128 -78.20 9.57 -26.01
N ASP A 2129 -78.13 8.46 -26.78
CA ASP A 2129 -77.56 8.47 -28.12
C ASP A 2129 -78.55 7.82 -29.09
N GLY A 2130 -79.45 8.62 -29.64
CA GLY A 2130 -80.37 8.10 -30.64
C GLY A 2130 -79.79 8.18 -32.05
N LEU A 2131 -79.07 9.27 -32.34
CA LEU A 2131 -78.46 9.41 -33.67
C LEU A 2131 -77.45 8.31 -33.93
N GLY A 2132 -76.61 7.98 -32.92
CA GLY A 2132 -75.62 6.96 -33.12
C GLY A 2132 -76.21 5.59 -33.36
N GLU A 2133 -77.29 5.26 -32.63
CA GLU A 2133 -77.93 3.97 -32.82
C GLU A 2133 -78.49 3.85 -34.24
N LEU A 2134 -79.13 4.91 -34.73
CA LEU A 2134 -79.62 4.92 -36.09
C LEU A 2134 -78.46 4.80 -37.09
N LEU A 2135 -77.37 5.50 -36.81
CA LEU A 2135 -76.21 5.46 -37.69
C LEU A 2135 -75.62 4.07 -37.77
N ARG A 2136 -75.66 3.32 -36.67
CA ARG A 2136 -75.15 1.96 -36.67
C ARG A 2136 -76.16 0.96 -37.21
N ALA A 2137 -77.44 1.33 -37.23
CA ALA A 2137 -78.45 0.45 -37.81
C ALA A 2137 -78.54 0.61 -39.32
N LEU A 2138 -78.21 1.80 -39.82
CA LEU A 2138 -78.31 2.07 -41.26
C LEU A 2138 -77.58 1.05 -42.13
N PRO A 2139 -76.38 0.58 -41.79
CA PRO A 2139 -75.73 -0.43 -42.64
C PRO A 2139 -76.59 -1.66 -42.85
N ARG A 2140 -77.46 -1.97 -41.89
CA ARG A 2140 -78.36 -3.11 -41.97
C ARG A 2140 -79.68 -2.76 -42.64
N ALA A 2141 -79.73 -1.65 -43.38
CA ALA A 2141 -80.95 -1.18 -44.02
C ALA A 2141 -80.82 -1.30 -45.53
N TYR A 2142 -81.87 -1.79 -46.17
CA TYR A 2142 -81.86 -1.99 -47.61
C TYR A 2142 -83.28 -1.81 -48.14
N THR A 2143 -83.37 -1.11 -49.26
CA THR A 2143 -84.66 -0.84 -49.92
C THR A 2143 -84.78 -1.75 -51.14
N ILE A 2144 -85.94 -2.39 -51.26
CA ILE A 2144 -86.21 -3.28 -52.38
C ILE A 2144 -87.50 -2.86 -53.05
N SER A 2145 -87.68 -3.32 -54.28
CA SER A 2145 -88.92 -3.11 -54.98
C SER A 2145 -89.99 -4.09 -54.45
N PRO A 2146 -91.26 -3.75 -54.58
CA PRO A 2146 -92.31 -4.67 -54.13
C PRO A 2146 -92.34 -5.98 -54.90
N SER A 2147 -91.71 -6.03 -56.07
CA SER A 2147 -91.74 -7.22 -56.93
C SER A 2147 -90.70 -8.25 -56.52
N SER A 2148 -89.88 -7.96 -55.51
CA SER A 2148 -88.87 -8.89 -55.01
C SER A 2148 -89.23 -9.43 -53.63
N VAL A 2149 -90.42 -9.11 -53.12
CA VAL A 2149 -90.76 -9.44 -51.74
C VAL A 2149 -90.83 -10.94 -51.53
N GLU A 2150 -91.45 -11.66 -52.45
CA GLU A 2150 -91.62 -13.10 -52.27
C GLU A 2150 -90.27 -13.83 -52.27
N ASP A 2151 -89.41 -13.49 -53.22
CA ASP A 2151 -88.09 -14.12 -53.27
C ASP A 2151 -87.26 -13.73 -52.05
N THR A 2152 -87.37 -12.46 -51.63
CA THR A 2152 -86.66 -12.03 -50.43
C THR A 2152 -87.13 -12.81 -49.21
N MET A 2153 -88.43 -13.05 -49.10
CA MET A 2153 -88.96 -13.78 -47.96
C MET A 2153 -88.50 -15.23 -47.97
N SER A 2154 -88.49 -15.87 -49.14
CA SER A 2154 -87.98 -17.23 -49.22
C SER A 2154 -86.50 -17.29 -48.81
N LEU A 2155 -85.72 -16.32 -49.29
CA LEU A 2155 -84.31 -16.25 -48.92
C LEU A 2155 -84.17 -16.05 -47.42
N LEU A 2156 -85.03 -15.23 -46.84
CA LEU A 2156 -84.97 -14.97 -45.41
C LEU A 2156 -85.30 -16.22 -44.61
N GLU A 2157 -86.28 -17.00 -45.07
CA GLU A 2157 -86.59 -18.26 -44.41
C GLU A 2157 -85.40 -19.21 -44.46
N CYS A 2158 -84.77 -19.33 -45.63
CA CYS A 2158 -83.60 -20.20 -45.74
C CYS A 2158 -82.48 -19.73 -44.81
N LEU A 2159 -82.24 -18.42 -44.77
CA LEU A 2159 -81.21 -17.88 -43.90
C LEU A 2159 -81.54 -18.11 -42.44
N GLY A 2160 -82.82 -18.03 -42.07
CA GLY A 2160 -83.20 -18.35 -40.70
C GLY A 2160 -82.91 -19.78 -40.35
N GLN A 2161 -83.20 -20.69 -41.27
CA GLN A 2161 -82.85 -22.09 -41.06
C GLN A 2161 -81.35 -22.25 -40.83
N ILE A 2162 -80.55 -21.63 -41.70
CA ILE A 2162 -79.10 -21.72 -41.57
C ILE A 2162 -78.64 -21.17 -40.22
N ARG A 2163 -79.17 -20.00 -39.84
CA ARG A 2163 -78.80 -19.39 -38.56
C ARG A 2163 -79.16 -20.31 -37.40
N SER A 2164 -80.31 -20.96 -37.47
CA SER A 2164 -80.70 -21.92 -36.44
C SER A 2164 -79.71 -23.08 -36.39
N LEU A 2165 -79.16 -23.46 -37.53
CA LEU A 2165 -78.25 -24.60 -37.56
C LEU A 2165 -76.94 -24.33 -36.82
N LEU A 2166 -76.65 -23.08 -36.45
CA LEU A 2166 -75.40 -22.80 -35.74
C LEU A 2166 -75.40 -23.39 -34.34
N ILE A 2167 -76.50 -23.21 -33.60
CA ILE A 2167 -76.52 -23.58 -32.20
C ILE A 2167 -76.40 -25.08 -32.02
N VAL A 2168 -77.11 -25.85 -32.85
CA VAL A 2168 -77.13 -27.30 -32.69
C VAL A 2168 -75.88 -27.91 -33.34
N GLN A 2169 -75.47 -29.06 -32.83
CA GLN A 2169 -74.40 -29.82 -33.46
C GLN A 2169 -74.88 -30.43 -34.76
N MET A 2170 -73.99 -30.47 -35.75
CA MET A 2170 -74.38 -30.90 -37.07
C MET A 2170 -74.64 -32.40 -37.10
N GLY A 2171 -75.70 -32.78 -37.83
CA GLY A 2171 -76.04 -34.16 -38.04
C GLY A 2171 -76.46 -34.37 -39.48
N PRO A 2172 -76.87 -35.58 -39.82
CA PRO A 2172 -77.39 -35.85 -41.18
C PRO A 2172 -78.55 -34.96 -41.60
N GLN A 2173 -79.56 -34.89 -40.72
CA GLN A 2173 -80.68 -33.97 -40.89
C GLN A 2173 -80.26 -32.52 -41.08
N GLU A 2174 -79.42 -32.02 -40.21
CA GLU A 2174 -79.02 -30.63 -40.31
C GLU A 2174 -78.23 -30.38 -41.58
N GLU A 2175 -77.40 -31.34 -41.97
CA GLU A 2175 -76.64 -31.22 -43.21
C GLU A 2175 -77.56 -31.16 -44.41
N ASN A 2176 -78.59 -32.02 -44.44
CA ASN A 2176 -79.53 -32.01 -45.55
C ASN A 2176 -80.27 -30.69 -45.62
N LEU A 2177 -80.72 -30.19 -44.47
CA LEU A 2177 -81.42 -28.91 -44.46
C LEU A 2177 -80.51 -27.79 -44.92
N MET A 2178 -79.25 -27.81 -44.49
CA MET A 2178 -78.29 -26.79 -44.89
C MET A 2178 -78.08 -26.82 -46.40
N ILE A 2179 -77.89 -28.01 -46.95
CA ILE A 2179 -77.70 -28.15 -48.40
C ILE A 2179 -78.93 -27.63 -49.13
N GLN A 2180 -80.12 -27.96 -48.63
CA GLN A 2180 -81.35 -27.50 -49.27
C GLN A 2180 -81.45 -25.98 -49.24
N SER A 2181 -81.11 -25.38 -48.10
CA SER A 2181 -81.20 -23.92 -47.98
C SER A 2181 -80.22 -23.25 -48.94
N ILE A 2182 -78.99 -23.77 -49.00
CA ILE A 2182 -78.00 -23.23 -49.93
C ILE A 2182 -78.49 -23.35 -51.36
N GLY A 2183 -79.07 -24.50 -51.72
CA GLY A 2183 -79.55 -24.67 -53.08
C GLY A 2183 -80.67 -23.71 -53.43
N ASN A 2184 -81.62 -23.55 -52.51
CA ASN A 2184 -82.73 -22.63 -52.75
C ASN A 2184 -82.22 -21.19 -52.88
N ILE A 2185 -81.27 -20.81 -52.04
CA ILE A 2185 -80.71 -19.46 -52.10
C ILE A 2185 -80.02 -19.26 -53.45
N MET A 2186 -79.22 -20.23 -53.88
CA MET A 2186 -78.57 -20.13 -55.18
C MET A 2186 -79.56 -20.04 -56.31
N ASN A 2187 -80.66 -20.78 -56.23
CA ASN A 2187 -81.68 -20.67 -57.27
C ASN A 2187 -82.36 -19.30 -57.26
N ASN A 2188 -82.46 -18.69 -56.09
CA ASN A 2188 -83.08 -17.37 -55.99
C ASN A 2188 -82.27 -16.34 -56.78
N LYS A 2189 -82.98 -15.50 -57.53
CA LYS A 2189 -82.33 -14.43 -58.27
C LYS A 2189 -81.76 -13.37 -57.35
N VAL A 2190 -82.45 -13.10 -56.23
CA VAL A 2190 -82.07 -11.98 -55.37
C VAL A 2190 -80.65 -12.16 -54.86
N PHE A 2191 -80.22 -13.41 -54.67
CA PHE A 2191 -78.86 -13.67 -54.21
C PHE A 2191 -77.85 -13.00 -55.13
N TYR A 2192 -78.05 -13.14 -56.44
CA TYR A 2192 -77.13 -12.57 -57.40
C TYR A 2192 -77.38 -11.08 -57.60
N GLN A 2193 -78.64 -10.65 -57.53
CA GLN A 2193 -78.97 -9.26 -57.79
C GLN A 2193 -78.53 -8.35 -56.66
N HIS A 2194 -78.55 -8.83 -55.41
CA HIS A 2194 -78.36 -7.98 -54.23
C HIS A 2194 -77.28 -8.57 -53.34
N PRO A 2195 -76.03 -8.61 -53.81
CA PRO A 2195 -74.94 -9.06 -52.95
C PRO A 2195 -74.69 -8.14 -51.76
N ASN A 2196 -74.97 -6.84 -51.90
CA ASN A 2196 -74.81 -5.93 -50.78
C ASN A 2196 -75.77 -6.31 -49.66
N LEU A 2197 -77.00 -6.67 -50.01
CA LEU A 2197 -77.96 -7.13 -49.02
C LEU A 2197 -77.48 -8.42 -48.35
N MET A 2198 -76.87 -9.31 -49.13
CA MET A 2198 -76.33 -10.54 -48.56
C MET A 2198 -75.26 -10.23 -47.53
N ARG A 2199 -74.33 -9.34 -47.87
CA ARG A 2199 -73.28 -8.98 -46.91
C ARG A 2199 -73.88 -8.33 -45.67
N ALA A 2200 -74.87 -7.46 -45.84
CA ALA A 2200 -75.53 -6.85 -44.70
C ALA A 2200 -76.17 -7.92 -43.81
N LEU A 2201 -76.80 -8.91 -44.43
CA LEU A 2201 -77.40 -10.02 -43.71
C LEU A 2201 -76.35 -10.92 -43.06
N GLY A 2202 -75.11 -10.84 -43.50
CA GLY A 2202 -74.06 -11.64 -42.90
C GLY A 2202 -74.14 -13.10 -43.24
N MET A 2203 -74.64 -13.44 -44.43
CA MET A 2203 -74.85 -14.84 -44.77
C MET A 2203 -73.53 -15.60 -44.90
N HIS A 2204 -72.55 -14.99 -45.56
CA HIS A 2204 -71.28 -15.67 -45.76
C HIS A 2204 -70.60 -16.00 -44.44
N GLU A 2205 -70.62 -15.07 -43.48
CA GLU A 2205 -70.03 -15.34 -42.18
C GLU A 2205 -70.73 -16.50 -41.49
N THR A 2206 -72.06 -16.56 -41.60
CA THR A 2206 -72.81 -17.65 -41.00
C THR A 2206 -72.42 -19.01 -41.60
N VAL A 2207 -72.39 -19.08 -42.94
CA VAL A 2207 -71.98 -20.31 -43.61
C VAL A 2207 -70.59 -20.70 -43.16
N MET A 2208 -69.71 -19.71 -43.09
CA MET A 2208 -68.34 -19.89 -42.68
C MET A 2208 -68.27 -20.55 -41.32
N GLU A 2209 -68.99 -19.97 -40.35
CA GLU A 2209 -68.97 -20.45 -38.97
C GLU A 2209 -69.50 -21.86 -38.89
N VAL A 2210 -70.59 -22.15 -39.62
CA VAL A 2210 -71.11 -23.51 -39.61
C VAL A 2210 -70.03 -24.48 -40.09
N MET A 2211 -69.41 -24.16 -41.22
CA MET A 2211 -68.42 -25.07 -41.80
C MET A 2211 -67.28 -25.30 -40.84
N VAL A 2212 -66.71 -24.23 -40.30
CA VAL A 2212 -65.54 -24.37 -39.42
C VAL A 2212 -65.90 -25.10 -38.14
N ASN A 2213 -67.10 -24.83 -37.60
CA ASN A 2213 -67.53 -25.55 -36.41
C ASN A 2213 -67.59 -27.05 -36.67
N VAL A 2214 -68.12 -27.42 -37.84
CA VAL A 2214 -68.20 -28.83 -38.20
C VAL A 2214 -66.81 -29.42 -38.33
N LEU A 2215 -65.90 -28.72 -39.01
CA LEU A 2215 -64.55 -29.23 -39.19
C LEU A 2215 -63.85 -29.43 -37.85
N GLY A 2216 -63.96 -28.45 -36.96
CA GLY A 2216 -63.20 -28.48 -35.72
C GLY A 2216 -63.44 -29.73 -34.90
N GLY A 2217 -64.70 -30.15 -34.81
CA GLY A 2217 -65.01 -31.35 -34.06
C GLY A 2217 -64.30 -32.57 -34.64
N GLY A 2218 -63.45 -33.19 -33.82
CA GLY A 2218 -62.72 -34.38 -34.23
C GLY A 2218 -62.04 -34.23 -35.57
N GLU A 2219 -61.37 -33.11 -35.80
CA GLU A 2219 -60.74 -32.88 -37.11
C GLU A 2219 -59.64 -33.90 -37.38
N THR A 2220 -58.94 -34.34 -36.33
CA THR A 2220 -57.85 -35.30 -36.53
C THR A 2220 -58.38 -36.63 -37.05
N LYS A 2221 -59.47 -37.14 -36.46
CA LYS A 2221 -59.97 -38.45 -36.84
C LYS A 2221 -60.42 -38.47 -38.29
N GLU A 2222 -61.28 -37.54 -38.68
CA GLU A 2222 -61.86 -37.53 -40.02
C GLU A 2222 -62.66 -36.25 -40.16
N ILE A 2223 -62.83 -35.82 -41.42
CA ILE A 2223 -63.60 -34.63 -41.74
C ILE A 2223 -64.95 -35.09 -42.26
N ARG A 2224 -65.94 -35.11 -41.37
CA ARG A 2224 -67.29 -35.54 -41.74
C ARG A 2224 -68.00 -34.44 -42.52
N PHE A 2225 -69.19 -34.77 -43.01
CA PHE A 2225 -70.03 -33.82 -43.70
C PHE A 2225 -69.26 -33.15 -44.84
N PRO A 2226 -68.51 -33.94 -45.62
CA PRO A 2226 -67.83 -33.36 -46.79
C PRO A 2226 -68.82 -32.82 -47.82
N LYS A 2227 -70.00 -33.41 -47.92
CA LYS A 2227 -71.04 -32.83 -48.76
C LYS A 2227 -71.40 -31.44 -48.28
N MET A 2228 -71.54 -31.27 -46.98
CA MET A 2228 -71.81 -29.95 -46.41
C MET A 2228 -70.70 -28.98 -46.77
N VAL A 2229 -69.45 -29.40 -46.63
CA VAL A 2229 -68.35 -28.49 -46.94
C VAL A 2229 -68.33 -28.14 -48.42
N THR A 2230 -68.62 -29.12 -49.28
CA THR A 2230 -68.66 -28.86 -50.71
C THR A 2230 -69.73 -27.84 -51.04
N SER A 2231 -70.91 -27.98 -50.41
CA SER A 2231 -71.92 -26.94 -50.54
C SER A 2231 -71.40 -25.61 -50.00
N CYS A 2232 -70.57 -25.66 -48.96
CA CYS A 2232 -70.10 -24.43 -48.31
C CYS A 2232 -69.23 -23.60 -49.25
N CYS A 2233 -68.28 -24.21 -49.97
CA CYS A 2233 -67.94 -23.50 -51.21
C CYS A 2233 -69.10 -23.19 -52.09
N ARG A 2234 -69.71 -24.16 -52.74
CA ARG A 2234 -70.48 -23.72 -53.89
C ARG A 2234 -71.15 -22.39 -53.57
N PHE A 2235 -71.68 -22.28 -52.35
CA PHE A 2235 -72.15 -20.98 -51.87
C PHE A 2235 -71.06 -19.92 -51.89
N LEU A 2236 -70.02 -20.08 -51.05
CA LEU A 2236 -69.03 -18.99 -50.85
C LEU A 2236 -68.08 -18.86 -52.03
N CYS A 2237 -67.62 -20.00 -52.53
CA CYS A 2237 -66.71 -20.09 -53.65
C CYS A 2237 -67.42 -19.67 -54.97
N TYR A 2238 -68.76 -19.40 -54.95
CA TYR A 2238 -69.40 -18.61 -56.00
C TYR A 2238 -69.67 -17.17 -55.56
N PHE A 2239 -69.99 -16.99 -54.29
CA PHE A 2239 -70.27 -15.68 -53.71
C PHE A 2239 -69.11 -14.71 -53.96
N CYS A 2240 -67.89 -15.23 -53.94
CA CYS A 2240 -66.74 -14.42 -54.29
C CYS A 2240 -66.78 -13.96 -55.75
N ARG A 2241 -67.26 -14.82 -56.65
CA ARG A 2241 -67.35 -14.46 -58.06
C ARG A 2241 -68.49 -13.47 -58.35
N ILE A 2242 -69.53 -13.49 -57.52
CA ILE A 2242 -70.67 -12.60 -57.79
C ILE A 2242 -70.21 -11.15 -57.85
N SER A 2243 -69.40 -10.72 -56.89
CA SER A 2243 -68.95 -9.34 -56.84
C SER A 2243 -67.54 -9.28 -56.27
N ARG A 2244 -66.81 -8.24 -56.66
CA ARG A 2244 -65.49 -8.01 -56.09
C ARG A 2244 -65.57 -7.62 -54.62
N GLN A 2245 -66.62 -6.88 -54.24
CA GLN A 2245 -66.81 -6.54 -52.84
C GLN A 2245 -67.06 -7.79 -52.01
N ASN A 2246 -67.85 -8.73 -52.53
CA ASN A 2246 -68.01 -10.02 -51.87
C ASN A 2246 -66.68 -10.74 -51.78
N GLN A 2247 -65.89 -10.68 -52.86
CA GLN A 2247 -64.58 -11.30 -52.87
C GLN A 2247 -63.69 -10.67 -51.81
N ARG A 2248 -63.75 -9.35 -51.65
CA ARG A 2248 -62.99 -8.66 -50.62
C ARG A 2248 -63.44 -9.11 -49.23
N SER A 2249 -64.76 -9.20 -49.03
CA SER A 2249 -65.29 -9.62 -47.73
C SER A 2249 -64.77 -10.99 -47.36
N MET A 2250 -64.75 -11.92 -48.33
CA MET A 2250 -64.24 -13.25 -48.04
C MET A 2250 -62.73 -13.23 -47.86
N PHE A 2251 -62.02 -12.37 -48.60
CA PHE A 2251 -60.59 -12.21 -48.43
C PHE A 2251 -60.25 -11.79 -47.01
N ASP A 2252 -61.11 -10.95 -46.41
CA ASP A 2252 -60.85 -10.47 -45.05
C ASP A 2252 -60.65 -11.64 -44.09
N HIS A 2253 -61.29 -12.77 -44.38
CA HIS A 2253 -61.22 -13.95 -43.52
C HIS A 2253 -60.21 -14.97 -43.98
N LEU A 2254 -59.22 -14.55 -44.77
CA LEU A 2254 -58.28 -15.49 -45.37
C LEU A 2254 -57.57 -16.33 -44.31
N SER A 2255 -57.01 -15.66 -43.30
CA SER A 2255 -56.29 -16.37 -42.25
C SER A 2255 -57.17 -17.40 -41.57
N TYR A 2256 -58.44 -17.03 -41.32
CA TYR A 2256 -59.36 -17.96 -40.68
C TYR A 2256 -59.55 -19.21 -41.52
N LEU A 2257 -59.64 -19.04 -42.84
CA LEU A 2257 -59.81 -20.19 -43.72
C LEU A 2257 -58.57 -21.07 -43.74
N LEU A 2258 -57.39 -20.45 -43.79
CA LEU A 2258 -56.16 -21.23 -43.99
C LEU A 2258 -55.90 -22.18 -42.83
N GLU A 2259 -56.12 -21.74 -41.60
CA GLU A 2259 -55.84 -22.59 -40.45
C GLU A 2259 -56.75 -23.81 -40.44
N ASN A 2260 -57.99 -23.67 -40.87
CA ASN A 2260 -58.88 -24.82 -41.02
C ASN A 2260 -58.56 -25.63 -42.27
N SER A 2261 -57.87 -25.03 -43.24
CA SER A 2261 -57.63 -25.70 -44.51
C SER A 2261 -56.71 -26.90 -44.37
N GLY A 2262 -55.86 -26.93 -43.34
CA GLY A 2262 -54.83 -27.96 -43.27
C GLY A 2262 -55.40 -29.37 -43.28
N ILE A 2263 -56.45 -29.61 -42.51
CA ILE A 2263 -57.00 -30.95 -42.39
C ILE A 2263 -57.85 -31.30 -43.61
N GLY A 2264 -58.44 -30.29 -44.25
CA GLY A 2264 -59.39 -30.56 -45.32
C GLY A 2264 -58.75 -31.11 -46.59
N LEU A 2265 -57.42 -31.26 -46.58
CA LEU A 2265 -56.72 -31.78 -47.74
C LEU A 2265 -57.31 -33.09 -48.27
N GLY A 2266 -57.51 -34.08 -47.39
CA GLY A 2266 -57.94 -35.39 -47.86
C GLY A 2266 -59.29 -35.35 -48.55
N MET A 2267 -60.23 -34.64 -47.93
CA MET A 2267 -61.62 -34.48 -48.33
C MET A 2267 -61.75 -33.88 -49.73
N GLN A 2268 -62.12 -34.73 -50.71
CA GLN A 2268 -62.08 -34.39 -52.13
CA GLN A 2268 -62.08 -34.38 -52.13
C GLN A 2268 -63.25 -33.47 -52.48
N GLY A 2269 -62.99 -32.44 -53.29
CA GLY A 2269 -64.00 -31.49 -53.71
C GLY A 2269 -63.62 -30.05 -53.40
N SER A 2270 -64.62 -29.21 -53.21
CA SER A 2270 -64.38 -27.79 -52.97
C SER A 2270 -64.08 -27.56 -51.50
N THR A 2271 -62.97 -26.88 -51.23
CA THR A 2271 -62.40 -26.80 -49.89
C THR A 2271 -62.25 -25.35 -49.47
N PRO A 2272 -61.94 -25.11 -48.19
CA PRO A 2272 -61.58 -23.74 -47.77
C PRO A 2272 -60.38 -23.19 -48.52
N LEU A 2273 -59.47 -24.07 -48.95
CA LEU A 2273 -58.40 -23.61 -49.82
C LEU A 2273 -58.95 -23.05 -51.13
N ASP A 2274 -59.99 -23.68 -51.68
CA ASP A 2274 -60.68 -23.13 -52.82
C ASP A 2274 -61.40 -21.84 -52.47
N VAL A 2275 -61.91 -21.71 -51.25
CA VAL A 2275 -62.47 -20.43 -50.82
C VAL A 2275 -61.42 -19.34 -50.91
N ALA A 2276 -60.23 -19.61 -50.39
CA ALA A 2276 -59.15 -18.63 -50.42
C ALA A 2276 -58.75 -18.31 -51.85
N ALA A 2277 -58.63 -19.33 -52.70
CA ALA A 2277 -58.29 -19.09 -54.09
C ALA A 2277 -59.33 -18.23 -54.78
N ALA A 2278 -60.60 -18.45 -54.48
CA ALA A 2278 -61.66 -17.60 -55.03
C ALA A 2278 -61.58 -16.19 -54.48
N SER A 2279 -61.17 -16.04 -53.22
CA SER A 2279 -61.06 -14.72 -52.63
C SER A 2279 -59.93 -13.92 -53.27
N VAL A 2280 -58.88 -14.60 -53.73
CA VAL A 2280 -57.71 -13.91 -54.28
C VAL A 2280 -57.68 -13.92 -55.81
N ILE A 2281 -58.55 -14.67 -56.47
CA ILE A 2281 -58.38 -14.90 -57.91
C ILE A 2281 -58.77 -13.63 -58.67
N ASP A 2282 -57.90 -13.23 -59.61
CA ASP A 2282 -58.16 -12.21 -60.60
C ASP A 2282 -58.36 -10.82 -60.00
N ASN A 2283 -57.92 -10.60 -58.77
CA ASN A 2283 -58.01 -9.30 -58.13
C ASN A 2283 -56.61 -8.86 -57.71
N ASN A 2284 -56.02 -7.95 -58.48
CA ASN A 2284 -54.68 -7.46 -58.15
C ASN A 2284 -54.67 -6.74 -56.82
N GLU A 2285 -55.74 -5.99 -56.53
CA GLU A 2285 -55.85 -5.30 -55.24
C GLU A 2285 -55.69 -6.30 -54.09
N LEU A 2286 -56.49 -7.36 -54.11
CA LEU A 2286 -56.45 -8.36 -53.06
C LEU A 2286 -55.12 -9.10 -53.03
N ALA A 2287 -54.56 -9.40 -54.20
CA ALA A 2287 -53.29 -10.10 -54.25
C ALA A 2287 -52.18 -9.26 -53.60
N LEU A 2288 -52.16 -7.96 -53.90
CA LEU A 2288 -51.18 -7.08 -53.27
C LEU A 2288 -51.46 -6.95 -51.78
N ALA A 2289 -52.73 -7.00 -51.37
CA ALA A 2289 -53.05 -6.97 -49.95
C ALA A 2289 -52.59 -8.25 -49.25
N LEU A 2290 -52.46 -9.34 -49.99
CA LEU A 2290 -52.11 -10.63 -49.41
C LEU A 2290 -50.89 -10.51 -48.51
N GLN A 2291 -50.81 -11.37 -47.49
CA GLN A 2291 -49.85 -11.21 -46.41
C GLN A 2291 -48.79 -12.32 -46.38
N GLU A 2292 -47.58 -11.91 -46.00
CA GLU A 2292 -46.42 -12.76 -45.86
C GLU A 2292 -46.71 -13.90 -44.91
N GLN A 2293 -47.42 -13.61 -43.82
CA GLN A 2293 -47.71 -14.64 -42.83
C GLN A 2293 -48.60 -15.73 -43.41
N ASP A 2294 -49.59 -15.36 -44.23
CA ASP A 2294 -50.42 -16.36 -44.88
C ASP A 2294 -49.61 -17.18 -45.86
N LEU A 2295 -48.74 -16.53 -46.64
CA LEU A 2295 -47.87 -17.29 -47.54
C LEU A 2295 -47.01 -18.28 -46.76
N GLU A 2296 -46.47 -17.85 -45.63
CA GLU A 2296 -45.64 -18.74 -44.82
C GLU A 2296 -46.44 -19.90 -44.26
N LYS A 2297 -47.69 -19.65 -43.87
CA LYS A 2297 -48.54 -20.75 -43.41
C LYS A 2297 -48.74 -21.77 -44.51
N VAL A 2298 -49.01 -21.29 -45.73
CA VAL A 2298 -49.19 -22.20 -46.86
C VAL A 2298 -47.92 -23.01 -47.09
N VAL A 2299 -46.77 -22.33 -47.04
CA VAL A 2299 -45.51 -23.01 -47.30
C VAL A 2299 -45.21 -24.04 -46.22
N SER A 2300 -45.58 -23.74 -44.97
CA SER A 2300 -45.40 -24.70 -43.89
C SER A 2300 -46.25 -25.94 -44.12
N TYR A 2301 -47.51 -25.75 -44.52
CA TYR A 2301 -48.35 -26.90 -44.85
C TYR A 2301 -47.72 -27.71 -45.98
N LEU A 2302 -47.22 -27.02 -47.00
CA LEU A 2302 -46.62 -27.70 -48.13
C LEU A 2302 -45.38 -28.48 -47.73
N ALA A 2303 -44.57 -27.92 -46.84
CA ALA A 2303 -43.39 -28.64 -46.35
C ALA A 2303 -43.79 -29.88 -45.56
N GLY A 2304 -44.82 -29.75 -44.73
CA GLY A 2304 -45.33 -30.93 -44.05
C GLY A 2304 -45.76 -32.01 -45.01
N CYS A 2305 -46.44 -31.61 -46.10
CA CYS A 2305 -46.81 -32.58 -47.13
C CYS A 2305 -45.58 -33.18 -47.79
N GLY A 2306 -44.55 -32.36 -48.05
CA GLY A 2306 -43.37 -32.85 -48.73
C GLY A 2306 -42.52 -33.78 -47.88
N LEU A 2307 -42.67 -33.70 -46.56
CA LEU A 2307 -41.88 -34.54 -45.67
C LEU A 2307 -42.68 -35.67 -45.01
N GLN A 2308 -44.00 -35.66 -45.11
CA GLN A 2308 -44.81 -36.64 -44.39
C GLN A 2308 -45.87 -37.23 -45.33
N SER A 2309 -46.20 -38.49 -45.09
CA SER A 2309 -47.19 -39.18 -45.91
C SER A 2309 -48.60 -38.91 -45.39
N CYS A 2310 -49.59 -39.33 -46.17
CA CYS A 2310 -50.98 -39.06 -45.81
C CYS A 2310 -51.56 -40.22 -45.01
N PRO A 2311 -51.94 -40.00 -43.74
CA PRO A 2311 -52.40 -41.11 -42.90
C PRO A 2311 -53.64 -41.79 -43.44
N MET A 2312 -54.53 -41.05 -44.10
CA MET A 2312 -55.71 -41.66 -44.69
C MET A 2312 -55.32 -42.69 -45.75
N LEU A 2313 -54.39 -42.32 -46.63
CA LEU A 2313 -53.93 -43.26 -47.65
C LEU A 2313 -53.25 -44.46 -47.00
N LEU A 2314 -52.42 -44.22 -45.97
CA LEU A 2314 -51.78 -45.34 -45.29
C LEU A 2314 -52.82 -46.29 -44.72
N ALA A 2315 -53.85 -45.75 -44.08
CA ALA A 2315 -54.90 -46.59 -43.53
C ALA A 2315 -55.62 -47.36 -44.64
N LYS A 2316 -55.86 -46.72 -45.77
CA LYS A 2316 -56.46 -47.38 -46.92
C LYS A 2316 -55.54 -48.41 -47.54
N GLY A 2317 -54.27 -48.43 -47.14
CA GLY A 2317 -53.36 -49.46 -47.59
C GLY A 2317 -52.50 -49.10 -48.77
N TYR A 2318 -52.45 -47.83 -49.15
CA TYR A 2318 -51.58 -47.42 -50.24
C TYR A 2318 -50.12 -47.67 -49.85
N PRO A 2319 -49.26 -47.95 -50.82
CA PRO A 2319 -47.83 -48.07 -50.51
C PRO A 2319 -47.30 -46.78 -49.90
N ASP A 2320 -46.43 -46.93 -48.92
CA ASP A 2320 -46.00 -45.83 -48.07
C ASP A 2320 -44.81 -45.12 -48.71
N ILE A 2321 -45.06 -43.91 -49.19
CA ILE A 2321 -43.99 -43.00 -49.58
C ILE A 2321 -43.87 -41.94 -48.50
N GLY A 2322 -42.85 -41.10 -48.60
CA GLY A 2322 -42.56 -40.16 -47.54
C GLY A 2322 -43.28 -38.83 -47.60
N TRP A 2323 -44.14 -38.59 -48.60
CA TRP A 2323 -44.65 -37.25 -48.81
C TRP A 2323 -46.02 -37.31 -49.50
N ASN A 2324 -46.72 -36.16 -49.46
CA ASN A 2324 -48.12 -36.08 -49.89
C ASN A 2324 -48.26 -35.21 -51.14
N PRO A 2325 -48.13 -35.77 -52.34
CA PRO A 2325 -48.21 -34.94 -53.56
C PRO A 2325 -49.56 -34.28 -53.73
N CYS A 2326 -50.66 -34.91 -53.31
CA CYS A 2326 -51.97 -34.31 -53.55
C CYS A 2326 -52.13 -33.00 -52.79
N GLY A 2327 -51.85 -33.01 -51.49
CA GLY A 2327 -51.90 -31.78 -50.72
C GLY A 2327 -50.89 -30.76 -51.21
N GLY A 2328 -49.69 -31.23 -51.57
CA GLY A 2328 -48.73 -30.32 -52.14
C GLY A 2328 -49.26 -29.61 -53.37
N GLU A 2329 -49.95 -30.35 -54.24
CA GLU A 2329 -50.52 -29.77 -55.45
C GLU A 2329 -51.61 -28.77 -55.11
N ARG A 2330 -52.45 -29.10 -54.14
CA ARG A 2330 -53.49 -28.15 -53.73
C ARG A 2330 -52.88 -26.81 -53.33
N TYR A 2331 -51.89 -26.86 -52.44
CA TYR A 2331 -51.25 -25.64 -51.99
C TYR A 2331 -50.55 -24.92 -53.14
N LEU A 2332 -49.93 -25.68 -54.03
CA LEU A 2332 -49.21 -25.06 -55.14
C LEU A 2332 -50.15 -24.31 -56.06
N ASP A 2333 -51.32 -24.88 -56.34
CA ASP A 2333 -52.28 -24.17 -57.20
C ASP A 2333 -52.83 -22.95 -56.49
N PHE A 2334 -53.02 -23.03 -55.17
CA PHE A 2334 -53.40 -21.82 -54.45
C PHE A 2334 -52.36 -20.72 -54.63
N LEU A 2335 -51.08 -21.08 -54.46
CA LEU A 2335 -50.02 -20.08 -54.60
C LEU A 2335 -49.97 -19.55 -56.03
N ARG A 2336 -50.24 -20.41 -57.01
CA ARG A 2336 -50.39 -19.96 -58.39
C ARG A 2336 -51.44 -18.87 -58.51
N PHE A 2337 -52.64 -19.14 -57.99
CA PHE A 2337 -53.70 -18.13 -58.08
C PHE A 2337 -53.32 -16.86 -57.34
N ALA A 2338 -52.49 -16.99 -56.29
CA ALA A 2338 -52.07 -15.81 -55.55
C ALA A 2338 -51.07 -14.97 -56.34
N VAL A 2339 -50.08 -15.60 -56.94
CA VAL A 2339 -48.97 -14.85 -57.52
C VAL A 2339 -49.30 -14.35 -58.93
N PHE A 2340 -50.06 -15.11 -59.70
CA PHE A 2340 -50.23 -14.84 -61.12
C PHE A 2340 -51.67 -14.41 -61.37
N VAL A 2341 -51.85 -13.20 -61.88
CA VAL A 2341 -53.17 -12.59 -62.02
C VAL A 2341 -53.30 -11.99 -63.41
N ASN A 2342 -54.40 -12.31 -64.09
CA ASN A 2342 -54.77 -11.67 -65.35
C ASN A 2342 -53.68 -11.80 -66.41
N GLY A 2343 -52.88 -12.86 -66.33
CA GLY A 2343 -51.84 -13.10 -67.32
C GLY A 2343 -50.50 -12.51 -66.99
N GLU A 2344 -50.36 -11.83 -65.86
CA GLU A 2344 -49.09 -11.22 -65.47
C GLU A 2344 -48.76 -11.62 -64.04
N SER A 2345 -47.46 -11.81 -63.78
CA SER A 2345 -47.01 -12.17 -62.45
C SER A 2345 -46.99 -10.96 -61.53
N VAL A 2346 -47.27 -11.20 -60.25
CA VAL A 2346 -47.13 -10.20 -59.20
C VAL A 2346 -45.78 -10.45 -58.53
N GLU A 2347 -44.80 -9.62 -58.86
CA GLU A 2347 -43.44 -9.88 -58.38
C GLU A 2347 -43.35 -9.82 -56.86
N GLU A 2348 -44.17 -8.97 -56.24
CA GLU A 2348 -44.13 -8.83 -54.79
C GLU A 2348 -44.40 -10.18 -54.11
N ASN A 2349 -45.45 -10.88 -54.55
CA ASN A 2349 -45.75 -12.18 -53.97
C ASN A 2349 -44.82 -13.27 -54.50
N ALA A 2350 -44.43 -13.16 -55.77
CA ALA A 2350 -43.61 -14.20 -56.39
C ALA A 2350 -42.25 -14.31 -55.71
N ASN A 2351 -41.61 -13.17 -55.47
CA ASN A 2351 -40.30 -13.19 -54.82
C ASN A 2351 -40.41 -13.80 -53.42
N VAL A 2352 -41.48 -13.45 -52.70
CA VAL A 2352 -41.69 -14.01 -51.37
C VAL A 2352 -41.83 -15.52 -51.44
N VAL A 2353 -42.63 -15.99 -52.39
CA VAL A 2353 -42.85 -17.43 -52.52
C VAL A 2353 -41.54 -18.14 -52.81
N VAL A 2354 -40.75 -17.57 -53.72
CA VAL A 2354 -39.48 -18.18 -54.08
C VAL A 2354 -38.56 -18.25 -52.87
N ARG A 2355 -38.47 -17.15 -52.12
CA ARG A 2355 -37.59 -17.11 -50.96
C ARG A 2355 -38.01 -18.15 -49.94
N LEU A 2356 -39.31 -18.20 -49.64
CA LEU A 2356 -39.80 -19.13 -48.64
C LEU A 2356 -39.57 -20.58 -49.06
N LEU A 2357 -39.84 -20.87 -50.34
CA LEU A 2357 -39.68 -22.23 -50.84
C LEU A 2357 -38.22 -22.66 -50.77
N ILE A 2358 -37.30 -21.76 -51.15
CA ILE A 2358 -35.89 -22.13 -51.10
C ILE A 2358 -35.40 -22.22 -49.66
N ARG A 2359 -36.00 -21.47 -48.74
CA ARG A 2359 -35.67 -21.64 -47.33
C ARG A 2359 -36.11 -23.01 -46.83
N LYS A 2360 -37.29 -23.46 -47.28
CA LYS A 2360 -37.78 -24.79 -46.95
C LYS A 2360 -37.71 -25.64 -48.22
N PRO A 2361 -36.55 -26.22 -48.54
CA PRO A 2361 -36.42 -26.95 -49.81
C PRO A 2361 -37.22 -28.23 -49.88
N GLU A 2362 -37.71 -28.74 -48.75
CA GLU A 2362 -38.53 -29.94 -48.76
C GLU A 2362 -39.80 -29.74 -49.57
N CYS A 2363 -40.24 -28.49 -49.75
CA CYS A 2363 -41.44 -28.22 -50.53
C CYS A 2363 -41.25 -28.57 -52.00
N PHE A 2364 -40.01 -28.61 -52.47
CA PHE A 2364 -39.76 -28.97 -53.86
C PHE A 2364 -40.08 -30.43 -54.12
N GLY A 2365 -39.98 -31.27 -53.10
CA GLY A 2365 -40.18 -32.69 -53.24
C GLY A 2365 -38.91 -33.45 -52.93
N PRO A 2366 -39.03 -34.77 -52.77
CA PRO A 2366 -37.81 -35.57 -52.57
C PRO A 2366 -36.84 -35.42 -53.71
N ALA A 2367 -37.34 -35.24 -54.93
CA ALA A 2367 -36.50 -34.82 -56.03
C ALA A 2367 -36.17 -33.34 -55.89
N LEU A 2368 -35.10 -32.92 -56.58
CA LEU A 2368 -34.62 -31.55 -56.49
C LEU A 2368 -34.13 -31.23 -55.08
N ARG A 2369 -33.90 -32.28 -54.29
CA ARG A 2369 -33.44 -32.10 -52.91
CA ARG A 2369 -33.43 -32.11 -52.91
C ARG A 2369 -32.02 -31.54 -52.86
N GLY A 2370 -31.17 -31.94 -53.80
CA GLY A 2370 -29.76 -31.58 -53.76
C GLY A 2370 -28.92 -32.80 -53.48
N GLU A 2371 -28.38 -32.89 -52.27
CA GLU A 2371 -27.62 -34.07 -51.89
C GLU A 2371 -28.53 -35.29 -51.90
N GLY A 2372 -28.07 -36.37 -52.52
CA GLY A 2372 -28.86 -37.59 -52.56
C GLY A 2372 -30.22 -37.38 -53.16
N GLY A 2373 -30.32 -36.54 -54.18
CA GLY A 2373 -31.59 -36.22 -54.79
C GLY A 2373 -31.64 -36.53 -56.27
N SER A 2374 -32.67 -37.27 -56.68
CA SER A 2374 -32.85 -37.55 -58.09
C SER A 2374 -33.37 -36.32 -58.83
N GLY A 2375 -33.17 -36.31 -60.13
CA GLY A 2375 -33.64 -35.23 -60.96
C GLY A 2375 -35.13 -35.35 -61.25
N LEU A 2376 -35.67 -34.25 -61.77
CA LEU A 2376 -37.10 -34.21 -62.09
C LEU A 2376 -37.45 -35.25 -63.15
N LEU A 2377 -36.62 -35.38 -64.18
CA LEU A 2377 -36.87 -36.37 -65.23
C LEU A 2377 -36.87 -37.78 -64.66
N ALA A 2378 -35.92 -38.06 -63.78
CA ALA A 2378 -35.87 -39.38 -63.13
C ALA A 2378 -37.12 -39.61 -62.30
N ALA A 2379 -37.57 -38.58 -61.59
CA ALA A 2379 -38.78 -38.72 -60.78
C ALA A 2379 -39.98 -39.04 -61.66
N ILE A 2380 -40.10 -38.36 -62.79
CA ILE A 2380 -41.22 -38.61 -63.69
C ILE A 2380 -41.15 -40.03 -64.25
N GLU A 2381 -39.95 -40.46 -64.63
CA GLU A 2381 -39.80 -41.82 -65.17
C GLU A 2381 -40.19 -42.85 -64.12
N GLU A 2382 -39.76 -42.64 -62.88
CA GLU A 2382 -40.13 -43.55 -61.80
C GLU A 2382 -41.63 -43.54 -61.57
N ALA A 2383 -42.25 -42.37 -61.70
CA ALA A 2383 -43.70 -42.28 -61.54
C ALA A 2383 -44.41 -43.08 -62.61
N ILE A 2384 -43.93 -43.02 -63.84
CA ILE A 2384 -44.52 -43.81 -64.92
C ILE A 2384 -44.33 -45.29 -64.64
N ARG A 2385 -43.14 -45.67 -64.15
CA ARG A 2385 -42.91 -47.06 -63.78
C ARG A 2385 -43.92 -47.51 -62.72
N ILE A 2386 -44.15 -46.66 -61.72
CA ILE A 2386 -45.13 -46.99 -60.69
C ILE A 2386 -46.51 -47.14 -61.29
N SER A 2387 -46.87 -46.23 -62.20
CA SER A 2387 -48.19 -46.29 -62.82
C SER A 2387 -48.38 -47.63 -63.54
N GLU A 2388 -47.35 -48.06 -64.26
CA GLU A 2388 -47.42 -49.38 -64.88
C GLU A 2388 -47.53 -50.49 -63.85
N ASP A 2389 -46.74 -50.41 -62.78
CA ASP A 2389 -46.68 -51.48 -61.79
C ASP A 2389 -47.70 -51.27 -60.68
N PRO A 2390 -48.71 -52.13 -60.56
CA PRO A 2390 -49.61 -52.05 -59.41
C PRO A 2390 -48.91 -52.52 -58.14
N ALA A 2391 -49.57 -52.26 -57.01
CA ALA A 2391 -48.98 -52.48 -55.68
C ALA A 2391 -47.98 -51.38 -55.36
N ARG A 2392 -47.74 -50.48 -56.32
CA ARG A 2392 -46.93 -49.30 -56.07
C ARG A 2392 -47.72 -48.03 -56.34
N ASP A 2393 -48.62 -48.08 -57.32
CA ASP A 2393 -49.56 -46.99 -57.54
C ASP A 2393 -50.69 -47.03 -56.52
N GLY A 2394 -51.08 -48.22 -56.08
CA GLY A 2394 -52.10 -48.37 -55.08
C GLY A 2394 -52.08 -49.75 -54.45
N PRO A 2395 -52.97 -49.99 -53.48
CA PRO A 2395 -53.02 -51.29 -52.82
C PRO A 2395 -53.32 -52.42 -53.80
N GLY A 2396 -54.24 -52.18 -54.72
CA GLY A 2396 -54.53 -53.11 -55.79
C GLY A 2396 -55.18 -54.41 -55.35
N VAL A 2397 -55.85 -54.41 -54.20
CA VAL A 2397 -56.37 -55.66 -53.64
C VAL A 2397 -57.74 -55.97 -54.24
N PRO A 2410 -63.05 -50.20 -56.19
CA PRO A 2410 -63.33 -48.77 -56.00
C PRO A 2410 -64.66 -48.27 -56.55
N PRO A 2411 -65.70 -48.29 -55.71
CA PRO A 2411 -66.99 -47.75 -56.14
C PRO A 2411 -66.91 -46.29 -56.54
N GLU A 2412 -66.07 -45.51 -55.85
CA GLU A 2412 -66.01 -44.08 -56.13
C GLU A 2412 -65.37 -43.78 -57.48
N GLU A 2413 -64.39 -44.58 -57.88
CA GLU A 2413 -63.60 -44.45 -59.11
C GLU A 2413 -62.63 -43.27 -59.00
N ASN A 2414 -62.65 -42.51 -57.91
CA ASN A 2414 -61.75 -41.38 -57.72
C ASN A 2414 -60.51 -41.75 -56.90
N ARG A 2415 -60.23 -43.04 -56.76
CA ARG A 2415 -59.07 -43.47 -55.99
C ARG A 2415 -57.80 -42.85 -56.56
N VAL A 2416 -56.90 -42.45 -55.66
CA VAL A 2416 -55.70 -41.74 -56.05
C VAL A 2416 -54.72 -42.71 -56.69
N HIS A 2417 -54.09 -42.28 -57.78
CA HIS A 2417 -53.02 -43.01 -58.44
C HIS A 2417 -51.72 -42.25 -58.18
N LEU A 2418 -50.79 -42.90 -57.49
CA LEU A 2418 -49.62 -42.20 -56.95
C LEU A 2418 -48.74 -41.65 -58.06
N GLY A 2419 -48.59 -42.38 -59.16
CA GLY A 2419 -47.79 -41.88 -60.26
C GLY A 2419 -48.33 -40.57 -60.81
N HIS A 2420 -49.64 -40.54 -61.08
CA HIS A 2420 -50.27 -39.32 -61.54
C HIS A 2420 -50.16 -38.22 -60.50
N ALA A 2421 -50.29 -38.58 -59.22
CA ALA A 2421 -50.19 -37.58 -58.17
C ALA A 2421 -48.81 -36.93 -58.15
N ILE A 2422 -47.76 -37.74 -58.25
CA ILE A 2422 -46.40 -37.21 -58.25
C ILE A 2422 -46.18 -36.33 -59.46
N MET A 2423 -46.57 -36.81 -60.64
CA MET A 2423 -46.36 -36.04 -61.85
C MET A 2423 -47.11 -34.73 -61.81
N SER A 2424 -48.34 -34.73 -61.29
CA SER A 2424 -49.11 -33.50 -61.17
C SER A 2424 -48.51 -32.55 -60.13
N PHE A 2425 -48.00 -33.09 -59.03
CA PHE A 2425 -47.30 -32.25 -58.06
C PHE A 2425 -46.14 -31.52 -58.72
N TYR A 2426 -45.29 -32.26 -59.43
CA TYR A 2426 -44.14 -31.63 -60.07
C TYR A 2426 -44.58 -30.65 -61.14
N ALA A 2427 -45.61 -31.00 -61.91
CA ALA A 2427 -46.10 -30.09 -62.94
C ALA A 2427 -46.61 -28.79 -62.32
N ALA A 2428 -47.36 -28.89 -61.22
CA ALA A 2428 -47.85 -27.69 -60.56
C ALA A 2428 -46.72 -26.85 -60.01
N LEU A 2429 -45.70 -27.51 -59.44
CA LEU A 2429 -44.54 -26.78 -58.95
C LEU A 2429 -43.86 -26.01 -60.07
N ILE A 2430 -43.64 -26.67 -61.20
CA ILE A 2430 -42.99 -26.02 -62.33
C ILE A 2430 -43.84 -24.89 -62.87
N ASP A 2431 -45.16 -25.09 -62.92
CA ASP A 2431 -46.06 -24.03 -63.38
C ASP A 2431 -45.96 -22.82 -62.45
N LEU A 2432 -45.98 -23.06 -61.14
CA LEU A 2432 -45.90 -21.96 -60.20
C LEU A 2432 -44.58 -21.21 -60.35
N LEU A 2433 -43.47 -21.93 -60.51
CA LEU A 2433 -42.19 -21.27 -60.69
C LEU A 2433 -42.17 -20.45 -61.98
N GLY A 2434 -42.71 -21.01 -63.07
CA GLY A 2434 -42.75 -20.28 -64.31
C GLY A 2434 -43.57 -19.01 -64.20
N ARG A 2435 -44.71 -19.09 -63.51
CA ARG A 2435 -45.53 -17.91 -63.31
C ARG A 2435 -44.81 -16.88 -62.44
N CYS A 2436 -44.08 -17.35 -61.42
CA CYS A 2436 -43.30 -16.44 -60.60
C CYS A 2436 -42.18 -15.80 -61.39
N ALA A 2437 -41.79 -16.42 -62.50
CA ALA A 2437 -40.71 -15.89 -63.30
C ALA A 2437 -41.02 -14.45 -63.72
N PRO A 2438 -40.04 -13.56 -63.72
CA PRO A 2438 -40.32 -12.15 -64.04
C PRO A 2438 -40.84 -11.96 -65.45
N GLU A 2439 -41.63 -10.91 -65.62
CA GLU A 2439 -42.00 -10.44 -66.95
C GLU A 2439 -40.80 -9.80 -67.63
N MET A 2440 -40.78 -9.88 -68.97
CA MET A 2440 -39.59 -9.48 -69.71
C MET A 2440 -39.24 -8.01 -69.51
N HIS A 2441 -40.24 -7.13 -69.55
CA HIS A 2441 -39.96 -5.70 -69.47
C HIS A 2441 -39.07 -5.39 -68.27
N LEU A 2442 -39.26 -6.10 -67.17
CA LEU A 2442 -38.37 -5.96 -66.03
C LEU A 2442 -36.95 -6.37 -66.40
N ILE A 2443 -36.80 -7.45 -67.17
CA ILE A 2443 -35.48 -7.93 -67.54
C ILE A 2443 -34.76 -6.87 -68.39
N GLN A 2444 -35.46 -6.32 -69.38
CA GLN A 2444 -34.87 -5.24 -70.16
C GLN A 2444 -34.53 -4.04 -69.27
N ALA A 2445 -35.42 -3.72 -68.33
CA ALA A 2445 -35.12 -2.65 -67.38
C ALA A 2445 -33.85 -2.95 -66.60
N GLY A 2446 -33.52 -4.23 -66.44
CA GLY A 2446 -32.33 -4.63 -65.72
C GLY A 2446 -32.52 -4.82 -64.24
N LYS A 2447 -33.75 -4.96 -63.76
CA LYS A 2447 -34.01 -5.11 -62.34
C LYS A 2447 -33.22 -6.27 -61.75
N GLY A 2448 -32.34 -5.93 -60.80
CA GLY A 2448 -31.50 -6.94 -60.18
C GLY A 2448 -32.31 -8.03 -59.50
N GLU A 2449 -33.43 -7.66 -58.87
CA GLU A 2449 -34.28 -8.66 -58.23
C GLU A 2449 -34.84 -9.63 -59.26
N ALA A 2450 -35.28 -9.11 -60.41
CA ALA A 2450 -35.77 -9.97 -61.48
C ALA A 2450 -34.67 -10.92 -61.97
N LEU A 2451 -33.46 -10.38 -62.16
CA LEU A 2451 -32.36 -11.23 -62.62
C LEU A 2451 -32.05 -12.31 -61.60
N ARG A 2452 -32.01 -11.95 -60.32
CA ARG A 2452 -31.94 -12.96 -59.26
C ARG A 2452 -32.95 -14.05 -59.48
N ILE A 2453 -34.23 -13.68 -59.47
CA ILE A 2453 -35.29 -14.68 -59.43
C ILE A 2453 -35.15 -15.60 -60.63
N ARG A 2454 -34.83 -15.02 -61.79
CA ARG A 2454 -34.68 -15.83 -62.99
C ARG A 2454 -33.50 -16.78 -62.87
N ALA A 2455 -32.37 -16.30 -62.36
CA ALA A 2455 -31.20 -17.17 -62.20
C ALA A 2455 -31.50 -18.29 -61.22
N ILE A 2456 -32.19 -17.98 -60.12
CA ILE A 2456 -32.54 -18.98 -59.14
C ILE A 2456 -33.45 -20.04 -59.76
N LEU A 2457 -34.42 -19.61 -60.55
CA LEU A 2457 -35.32 -20.56 -61.19
C LEU A 2457 -34.58 -21.45 -62.17
N ARG A 2458 -33.68 -20.85 -62.96
CA ARG A 2458 -32.84 -21.63 -63.87
C ARG A 2458 -32.02 -22.66 -63.12
N SER A 2459 -31.41 -22.25 -62.00
CA SER A 2459 -30.62 -23.17 -61.21
C SER A 2459 -31.47 -24.30 -60.66
N LEU A 2460 -32.68 -23.99 -60.19
CA LEU A 2460 -33.56 -25.01 -59.66
C LEU A 2460 -33.92 -26.03 -60.72
N VAL A 2461 -34.33 -25.57 -61.89
CA VAL A 2461 -34.83 -26.44 -62.94
C VAL A 2461 -33.88 -26.37 -64.14
N PRO A 2462 -33.10 -27.43 -64.42
CA PRO A 2462 -32.27 -27.42 -65.63
C PRO A 2462 -33.12 -27.62 -66.88
N LEU A 2463 -32.67 -27.04 -67.98
CA LEU A 2463 -33.43 -27.06 -69.22
C LEU A 2463 -33.51 -28.47 -69.80
N ASP A 2464 -32.43 -29.22 -69.71
CA ASP A 2464 -32.38 -30.58 -70.25
C ASP A 2464 -33.53 -31.43 -69.72
N ASP A 2465 -33.83 -31.28 -68.43
CA ASP A 2465 -34.92 -32.06 -67.83
C ASP A 2465 -36.27 -31.66 -68.41
N LEU A 2466 -36.48 -30.36 -68.61
CA LEU A 2466 -37.72 -29.91 -69.24
C LEU A 2466 -37.86 -30.51 -70.63
N VAL A 2467 -36.77 -30.49 -71.40
CA VAL A 2467 -36.82 -31.04 -72.75
C VAL A 2467 -37.10 -32.53 -72.71
N GLY A 2468 -36.49 -33.25 -71.77
CA GLY A 2468 -36.75 -34.67 -71.65
C GLY A 2468 -38.19 -34.97 -71.33
N ILE A 2469 -38.75 -34.23 -70.37
CA ILE A 2469 -40.16 -34.43 -70.00
C ILE A 2469 -41.05 -34.15 -71.20
N ILE A 2470 -40.76 -33.06 -71.93
CA ILE A 2470 -41.55 -32.74 -73.12
C ILE A 2470 -41.43 -33.86 -74.14
N SER A 2471 -40.26 -34.48 -74.23
CA SER A 2471 -40.03 -35.53 -75.21
C SER A 2471 -40.66 -36.86 -74.79
N LEU A 2472 -41.00 -37.00 -73.51
CA LEU A 2472 -41.50 -38.27 -73.03
C LEU A 2472 -42.73 -38.68 -73.83
N PRO A 2473 -42.84 -39.95 -74.24
CA PRO A 2473 -44.00 -40.37 -75.03
C PRO A 2473 -45.26 -40.46 -74.18
N LEU A 2474 -46.40 -40.42 -74.86
CA LEU A 2474 -47.70 -40.49 -74.23
C LEU A 2474 -48.49 -41.63 -74.86
N GLN A 2475 -49.19 -42.40 -74.03
CA GLN A 2475 -49.99 -43.50 -74.56
C GLN A 2475 -51.09 -42.96 -75.46
N ILE A 2476 -51.33 -43.66 -76.57
CA ILE A 2476 -52.17 -43.19 -77.65
C ILE A 2476 -53.30 -44.20 -77.82
N PRO A 2477 -54.56 -43.77 -77.94
CA PRO A 2477 -55.63 -44.73 -78.20
C PRO A 2477 -55.38 -45.52 -79.48
N THR A 2478 -55.71 -46.80 -79.44
CA THR A 2478 -55.57 -47.68 -80.58
C THR A 2478 -56.66 -48.75 -80.54
N LEU A 2479 -57.05 -49.23 -81.72
CA LEU A 2479 -58.00 -50.32 -81.80
C LEU A 2479 -57.23 -51.62 -82.01
N GLY A 2480 -57.55 -52.62 -81.20
CA GLY A 2480 -56.90 -53.91 -81.31
C GLY A 2480 -57.78 -55.00 -80.75
N LYS A 2481 -57.43 -56.24 -81.08
CA LYS A 2481 -58.19 -57.39 -80.59
C LYS A 2481 -59.66 -57.23 -80.97
N ASP A 2482 -59.94 -57.32 -82.28
CA ASP A 2482 -61.26 -57.19 -82.91
C ASP A 2482 -61.70 -55.74 -83.03
N GLY A 2483 -60.77 -54.78 -82.99
CA GLY A 2483 -61.18 -53.40 -83.05
C GLY A 2483 -61.79 -52.88 -81.79
N ALA A 2484 -61.47 -53.50 -80.64
CA ALA A 2484 -61.83 -52.90 -79.36
C ALA A 2484 -60.92 -51.71 -79.09
N LEU A 2485 -61.53 -50.58 -78.75
CA LEU A 2485 -60.77 -49.35 -78.55
C LEU A 2485 -60.03 -49.40 -77.23
N VAL A 2486 -58.70 -49.31 -77.30
CA VAL A 2486 -57.84 -49.34 -76.13
C VAL A 2486 -57.46 -47.90 -75.82
N GLN A 2487 -57.86 -47.43 -74.64
CA GLN A 2487 -57.73 -46.02 -74.32
C GLN A 2487 -57.02 -45.85 -72.98
N PRO A 2488 -56.04 -44.94 -72.89
CA PRO A 2488 -55.31 -44.78 -71.63
C PRO A 2488 -56.14 -44.08 -70.57
N LYS A 2489 -56.08 -44.61 -69.35
CA LYS A 2489 -56.65 -43.92 -68.21
C LYS A 2489 -55.80 -42.71 -67.84
N MET A 2490 -56.47 -41.56 -67.70
CA MET A 2490 -55.75 -40.32 -67.41
C MET A 2490 -55.39 -40.20 -65.94
N SER A 2491 -56.29 -40.60 -65.06
CA SER A 2491 -56.05 -40.42 -63.63
C SER A 2491 -54.83 -41.21 -63.17
N ALA A 2492 -54.39 -42.18 -63.97
CA ALA A 2492 -53.28 -43.05 -63.61
C ALA A 2492 -52.11 -42.97 -64.59
N SER A 2493 -52.09 -41.95 -65.46
CA SER A 2493 -51.10 -41.90 -66.53
C SER A 2493 -50.56 -40.49 -66.69
N PHE A 2494 -49.42 -40.42 -67.39
CA PHE A 2494 -48.82 -39.14 -67.76
C PHE A 2494 -49.72 -38.45 -68.78
N VAL A 2495 -49.88 -37.14 -68.62
CA VAL A 2495 -50.88 -36.41 -69.42
C VAL A 2495 -50.27 -35.11 -69.94
N PRO A 2496 -50.86 -34.53 -70.98
CA PRO A 2496 -50.26 -33.35 -71.63
C PRO A 2496 -50.12 -32.12 -70.75
N ASP A 2497 -50.99 -31.91 -69.77
CA ASP A 2497 -50.88 -30.70 -68.96
C ASP A 2497 -49.56 -30.69 -68.18
N HIS A 2498 -49.05 -31.88 -67.86
CA HIS A 2498 -47.73 -31.99 -67.25
C HIS A 2498 -46.69 -31.35 -68.16
N LYS A 2499 -46.76 -31.63 -69.46
CA LYS A 2499 -45.86 -31.01 -70.43
C LYS A 2499 -46.14 -29.53 -70.56
N ALA A 2500 -47.41 -29.14 -70.44
CA ALA A 2500 -47.78 -27.73 -70.59
C ALA A 2500 -47.12 -26.88 -69.51
N SER A 2501 -47.07 -27.40 -68.28
CA SER A 2501 -46.40 -26.68 -67.21
C SER A 2501 -44.93 -26.48 -67.54
N MET A 2502 -44.28 -27.53 -68.05
CA MET A 2502 -42.88 -27.43 -68.43
C MET A 2502 -42.69 -26.37 -69.51
N VAL A 2503 -43.61 -26.34 -70.48
CA VAL A 2503 -43.50 -25.36 -71.56
C VAL A 2503 -43.63 -23.94 -71.02
N LEU A 2504 -44.57 -23.74 -70.09
CA LEU A 2504 -44.71 -22.42 -69.48
C LEU A 2504 -43.42 -22.00 -68.79
N PHE A 2505 -42.83 -22.93 -68.01
CA PHE A 2505 -41.57 -22.63 -67.34
C PHE A 2505 -40.49 -22.27 -68.35
N LEU A 2506 -40.36 -23.08 -69.41
CA LEU A 2506 -39.34 -22.84 -70.42
C LEU A 2506 -39.50 -21.46 -71.03
N ASP A 2507 -40.73 -21.13 -71.43
CA ASP A 2507 -40.97 -19.84 -72.08
C ASP A 2507 -40.67 -18.68 -71.14
N ARG A 2508 -41.09 -18.79 -69.88
CA ARG A 2508 -41.02 -17.62 -69.00
C ARG A 2508 -39.63 -17.42 -68.42
N VAL A 2509 -38.89 -18.50 -68.18
CA VAL A 2509 -37.57 -18.38 -67.56
C VAL A 2509 -36.48 -18.43 -68.62
N TYR A 2510 -36.37 -19.57 -69.30
CA TYR A 2510 -35.25 -19.77 -70.21
C TYR A 2510 -35.45 -19.01 -71.52
N GLY A 2511 -36.63 -19.15 -72.12
CA GLY A 2511 -36.92 -18.51 -73.38
C GLY A 2511 -36.25 -19.22 -74.55
N ILE A 2512 -36.83 -19.01 -75.72
CA ILE A 2512 -36.30 -19.58 -76.95
C ILE A 2512 -35.79 -18.44 -77.82
N GLU A 2513 -34.47 -18.25 -77.84
CA GLU A 2513 -33.84 -17.17 -78.58
C GLU A 2513 -32.98 -17.68 -79.73
N ASN A 2514 -32.66 -18.96 -79.77
CA ASN A 2514 -31.73 -19.51 -80.75
C ASN A 2514 -32.40 -20.57 -81.60
N GLN A 2515 -32.17 -20.49 -82.90
CA GLN A 2515 -32.82 -21.37 -83.86
C GLN A 2515 -32.46 -22.82 -83.61
N ASP A 2516 -31.21 -23.09 -83.23
CA ASP A 2516 -30.81 -24.47 -83.00
C ASP A 2516 -31.65 -25.11 -81.90
N PHE A 2517 -31.82 -24.41 -80.77
CA PHE A 2517 -32.65 -24.93 -79.69
C PHE A 2517 -34.10 -25.04 -80.13
N LEU A 2518 -34.59 -24.04 -80.85
CA LEU A 2518 -35.95 -24.11 -81.38
C LEU A 2518 -36.16 -25.42 -82.14
N LEU A 2519 -35.35 -25.64 -83.18
CA LEU A 2519 -35.47 -26.84 -83.98
C LEU A 2519 -35.32 -28.10 -83.14
N HIS A 2520 -34.39 -28.06 -82.16
CA HIS A 2520 -34.18 -29.22 -81.31
C HIS A 2520 -35.46 -29.59 -80.56
N VAL A 2521 -36.06 -28.61 -79.89
CA VAL A 2521 -37.27 -28.87 -79.11
C VAL A 2521 -38.38 -29.37 -80.03
N LEU A 2522 -38.53 -28.73 -81.18
CA LEU A 2522 -39.63 -29.07 -82.06
C LEU A 2522 -39.48 -30.47 -82.63
N ASP A 2523 -38.25 -30.89 -82.92
CA ASP A 2523 -38.05 -32.23 -83.45
C ASP A 2523 -38.20 -33.28 -82.35
N VAL A 2524 -37.75 -32.98 -81.14
CA VAL A 2524 -37.78 -34.01 -80.10
C VAL A 2524 -39.19 -34.19 -79.55
N GLY A 2525 -39.81 -33.11 -79.07
CA GLY A 2525 -41.04 -33.28 -78.31
C GLY A 2525 -42.33 -32.79 -78.95
N PHE A 2526 -42.28 -31.64 -79.64
CA PHE A 2526 -43.51 -30.98 -80.06
C PHE A 2526 -44.10 -31.64 -81.30
N LEU A 2527 -43.30 -31.73 -82.36
CA LEU A 2527 -43.79 -32.24 -83.64
C LEU A 2527 -44.36 -33.65 -83.50
N PRO A 2528 -43.72 -34.54 -82.73
CA PRO A 2528 -44.32 -35.85 -82.50
C PRO A 2528 -45.73 -35.77 -81.93
N ASP A 2529 -45.92 -34.90 -80.95
CA ASP A 2529 -47.24 -34.78 -80.32
C ASP A 2529 -48.26 -34.20 -81.28
N MET A 2530 -47.86 -33.20 -82.07
CA MET A 2530 -48.77 -32.66 -83.07
C MET A 2530 -49.15 -33.72 -84.10
N ARG A 2531 -48.17 -34.53 -84.53
CA ARG A 2531 -48.47 -35.63 -85.43
C ARG A 2531 -49.45 -36.61 -84.81
N ALA A 2532 -49.27 -36.91 -83.52
CA ALA A 2532 -50.18 -37.83 -82.84
C ALA A 2532 -51.59 -37.26 -82.79
N ALA A 2533 -51.71 -35.96 -82.49
CA ALA A 2533 -53.03 -35.34 -82.47
C ALA A 2533 -53.69 -35.40 -83.85
N ALA A 2534 -52.92 -35.11 -84.90
CA ALA A 2534 -53.49 -35.17 -86.25
C ALA A 2534 -53.92 -36.60 -86.58
N SER A 2535 -53.10 -37.59 -86.20
CA SER A 2535 -53.45 -38.98 -86.43
C SER A 2535 -54.70 -39.40 -85.67
N LEU A 2536 -54.90 -38.88 -84.47
CA LEU A 2536 -56.09 -39.16 -83.69
C LEU A 2536 -57.29 -38.33 -84.11
N ASP A 2537 -57.09 -37.36 -85.00
CA ASP A 2537 -58.22 -36.62 -85.55
C ASP A 2537 -59.00 -37.49 -86.53
N THR A 2538 -59.53 -38.59 -86.03
CA THR A 2538 -60.37 -39.50 -86.80
C THR A 2538 -61.66 -39.75 -86.04
N ALA A 2539 -62.70 -40.14 -86.77
CA ALA A 2539 -64.02 -40.36 -86.19
C ALA A 2539 -63.93 -41.14 -84.88
N THR A 2540 -63.22 -42.26 -84.90
CA THR A 2540 -63.11 -43.10 -83.71
C THR A 2540 -62.34 -42.38 -82.61
N PHE A 2541 -61.28 -41.68 -82.97
CA PHE A 2541 -60.32 -41.14 -82.01
C PHE A 2541 -60.53 -39.65 -81.73
N SER A 2542 -61.27 -38.94 -82.59
CA SER A 2542 -61.31 -37.49 -82.48
C SER A 2542 -61.90 -37.04 -81.15
N THR A 2543 -62.87 -37.78 -80.63
CA THR A 2543 -63.55 -37.42 -79.40
C THR A 2543 -62.87 -37.96 -78.16
N THR A 2544 -61.81 -38.74 -78.32
CA THR A 2544 -61.14 -39.32 -77.18
C THR A 2544 -60.62 -38.23 -76.26
N GLU A 2545 -60.82 -38.45 -74.96
CA GLU A 2545 -60.32 -37.51 -73.97
C GLU A 2545 -58.82 -37.27 -74.13
N MET A 2546 -58.07 -38.30 -74.54
CA MET A 2546 -56.64 -38.13 -74.77
C MET A 2546 -56.39 -37.12 -75.88
N ALA A 2547 -57.14 -37.24 -76.99
CA ALA A 2547 -56.99 -36.32 -78.10
C ALA A 2547 -57.38 -34.91 -77.68
N LEU A 2548 -58.46 -34.79 -76.90
CA LEU A 2548 -58.87 -33.48 -76.41
C LEU A 2548 -57.79 -32.85 -75.54
N ALA A 2549 -57.18 -33.63 -74.66
CA ALA A 2549 -56.11 -33.11 -73.82
C ALA A 2549 -54.91 -32.70 -74.67
N LEU A 2550 -54.58 -33.49 -75.68
CA LEU A 2550 -53.48 -33.12 -76.55
C LEU A 2550 -53.76 -31.81 -77.27
N ASN A 2551 -54.98 -31.64 -77.77
CA ASN A 2551 -55.32 -30.40 -78.47
C ASN A 2551 -55.28 -29.21 -77.53
N ARG A 2552 -55.77 -29.37 -76.30
CA ARG A 2552 -55.68 -28.29 -75.33
C ARG A 2552 -54.23 -27.95 -75.05
N TYR A 2553 -53.40 -28.95 -74.82
CA TYR A 2553 -51.97 -28.73 -74.62
C TYR A 2553 -51.38 -27.93 -75.77
N LEU A 2554 -51.60 -28.41 -77.00
CA LEU A 2554 -51.07 -27.72 -78.17
C LEU A 2554 -51.50 -26.27 -78.19
N CYS A 2555 -52.81 -26.03 -78.28
CA CYS A 2555 -53.31 -24.68 -78.46
C CYS A 2555 -52.88 -23.76 -77.32
N LEU A 2556 -52.85 -24.28 -76.09
CA LEU A 2556 -52.56 -23.43 -74.94
C LEU A 2556 -51.07 -23.09 -74.86
N ALA A 2557 -50.20 -24.05 -75.09
CA ALA A 2557 -48.77 -23.88 -74.82
C ALA A 2557 -47.93 -23.82 -76.09
N VAL A 2558 -48.05 -24.81 -76.97
CA VAL A 2558 -47.10 -24.95 -78.07
C VAL A 2558 -47.36 -23.88 -79.14
N LEU A 2559 -48.57 -23.91 -79.70
CA LEU A 2559 -48.85 -23.09 -80.87
C LEU A 2559 -48.57 -21.61 -80.62
N PRO A 2560 -48.99 -21.02 -79.49
CA PRO A 2560 -48.59 -19.63 -79.22
C PRO A 2560 -47.09 -19.44 -79.21
N LEU A 2561 -46.37 -20.41 -78.66
CA LEU A 2561 -44.91 -20.30 -78.57
C LEU A 2561 -44.29 -20.29 -79.96
N ILE A 2562 -44.75 -21.19 -80.84
CA ILE A 2562 -44.23 -21.24 -82.19
C ILE A 2562 -44.60 -19.97 -82.95
N THR A 2563 -45.81 -19.47 -82.71
CA THR A 2563 -46.22 -18.20 -83.32
C THR A 2563 -45.27 -17.09 -82.92
N LYS A 2564 -44.89 -17.05 -81.65
CA LYS A 2564 -43.99 -16.01 -81.17
C LYS A 2564 -42.59 -16.19 -81.73
N CYS A 2565 -42.13 -17.44 -81.85
CA CYS A 2565 -40.79 -17.75 -82.34
C CYS A 2565 -40.74 -17.91 -83.86
N ALA A 2566 -41.81 -17.54 -84.57
CA ALA A 2566 -41.85 -17.73 -86.01
C ALA A 2566 -40.65 -17.11 -86.73
N PRO A 2567 -40.22 -15.89 -86.39
CA PRO A 2567 -39.12 -15.26 -87.14
C PRO A 2567 -37.86 -16.10 -87.17
N LEU A 2568 -37.66 -16.91 -86.12
CA LEU A 2568 -36.47 -17.73 -86.04
C LEU A 2568 -36.40 -18.75 -87.17
N PHE A 2569 -37.50 -19.00 -87.86
CA PHE A 2569 -37.56 -19.97 -88.95
C PHE A 2569 -37.03 -19.40 -90.26
N ALA A 2570 -36.52 -18.17 -90.26
CA ALA A 2570 -36.20 -17.50 -91.51
C ALA A 2570 -35.16 -18.28 -92.32
N GLY A 2571 -34.10 -18.72 -91.67
CA GLY A 2571 -32.98 -19.36 -92.34
C GLY A 2571 -32.90 -20.86 -92.17
N THR A 2572 -34.01 -21.54 -91.91
CA THR A 2572 -34.00 -22.98 -91.66
C THR A 2572 -34.05 -23.76 -92.98
N GLU A 2573 -33.15 -23.38 -93.88
CA GLU A 2573 -33.05 -24.09 -95.16
C GLU A 2573 -32.47 -25.48 -94.98
N HIS A 2574 -31.76 -25.72 -93.87
CA HIS A 2574 -31.08 -27.00 -93.68
C HIS A 2574 -32.01 -28.03 -93.02
N ARG A 2575 -33.18 -27.60 -92.56
CA ARG A 2575 -34.18 -28.50 -92.01
C ARG A 2575 -35.52 -28.38 -92.72
N ALA A 2576 -35.49 -28.17 -94.04
CA ALA A 2576 -36.72 -27.91 -94.78
C ALA A 2576 -37.66 -29.11 -94.71
N ILE A 2577 -37.13 -30.30 -94.58
CA ILE A 2577 -37.95 -31.51 -94.47
C ILE A 2577 -38.82 -31.38 -93.23
N MET A 2578 -38.19 -31.03 -92.11
CA MET A 2578 -38.93 -30.90 -90.86
C MET A 2578 -39.88 -29.73 -90.91
N VAL A 2579 -39.48 -28.63 -91.54
CA VAL A 2579 -40.39 -27.49 -91.66
C VAL A 2579 -41.63 -27.88 -92.45
N ASP A 2580 -41.45 -28.63 -93.53
CA ASP A 2580 -42.58 -29.07 -94.35
C ASP A 2580 -43.49 -30.01 -93.56
N SER A 2581 -42.89 -30.95 -92.84
CA SER A 2581 -43.67 -31.85 -92.00
C SER A 2581 -44.48 -31.05 -90.98
N MET A 2582 -43.84 -30.05 -90.39
CA MET A 2582 -44.49 -29.17 -89.43
C MET A 2582 -45.70 -28.47 -90.03
N LEU A 2583 -45.50 -27.88 -91.21
CA LEU A 2583 -46.60 -27.18 -91.87
C LEU A 2583 -47.74 -28.11 -92.20
N HIS A 2584 -47.42 -29.31 -92.70
CA HIS A 2584 -48.44 -30.29 -93.02
CA HIS A 2584 -48.46 -30.28 -93.02
C HIS A 2584 -49.23 -30.70 -91.77
N THR A 2585 -48.52 -30.95 -90.67
CA THR A 2585 -49.19 -31.35 -89.45
C THR A 2585 -50.11 -30.26 -88.94
N VAL A 2586 -49.64 -29.02 -88.95
CA VAL A 2586 -50.48 -27.93 -88.46
C VAL A 2586 -51.68 -27.73 -89.38
N TYR A 2587 -51.50 -27.94 -90.69
CA TYR A 2587 -52.63 -27.79 -91.61
C TYR A 2587 -53.68 -28.87 -91.36
N ARG A 2588 -53.22 -30.11 -91.17
CA ARG A 2588 -54.17 -31.20 -90.91
C ARG A 2588 -54.86 -30.99 -89.58
N LEU A 2589 -54.16 -30.41 -88.61
CA LEU A 2589 -54.82 -30.09 -87.34
C LEU A 2589 -55.85 -28.99 -87.52
N SER A 2590 -55.56 -28.00 -88.36
CA SER A 2590 -56.55 -26.98 -88.68
C SER A 2590 -57.78 -27.62 -89.29
N ARG A 2591 -57.60 -28.53 -90.24
CA ARG A 2591 -58.69 -29.34 -90.77
C ARG A 2591 -59.04 -30.44 -89.77
N GLY A 2592 -59.50 -30.01 -88.60
CA GLY A 2592 -59.73 -30.93 -87.52
C GLY A 2592 -61.13 -30.88 -86.95
N ARG A 2593 -61.78 -32.05 -86.88
CA ARG A 2593 -63.07 -32.17 -86.23
C ARG A 2593 -62.89 -32.25 -84.72
N SER A 2594 -63.97 -32.01 -83.99
CA SER A 2594 -63.94 -31.98 -82.53
C SER A 2594 -62.94 -30.94 -82.04
N LEU A 2595 -62.81 -29.85 -82.80
CA LEU A 2595 -61.85 -28.80 -82.52
C LEU A 2595 -62.60 -27.48 -82.39
N THR A 2596 -62.42 -26.81 -81.25
CA THR A 2596 -63.19 -25.62 -80.97
C THR A 2596 -62.72 -24.44 -81.81
N LYS A 2597 -63.51 -23.37 -81.78
CA LYS A 2597 -63.23 -22.19 -82.58
C LYS A 2597 -61.91 -21.54 -82.16
N ALA A 2598 -61.69 -21.38 -80.86
CA ALA A 2598 -60.47 -20.75 -80.38
C ALA A 2598 -59.25 -21.58 -80.77
N GLN A 2599 -59.35 -22.90 -80.61
CA GLN A 2599 -58.26 -23.79 -81.00
C GLN A 2599 -57.97 -23.68 -82.48
N ARG A 2600 -59.01 -23.65 -83.30
CA ARG A 2600 -58.84 -23.50 -84.74
C ARG A 2600 -58.17 -22.17 -85.07
N ASP A 2601 -58.59 -21.10 -84.41
CA ASP A 2601 -58.01 -19.79 -84.66
C ASP A 2601 -56.53 -19.76 -84.29
N VAL A 2602 -56.17 -20.40 -83.17
CA VAL A 2602 -54.78 -20.47 -82.78
C VAL A 2602 -53.97 -21.20 -83.83
N ILE A 2603 -54.49 -22.34 -84.29
CA ILE A 2603 -53.80 -23.12 -85.32
C ILE A 2603 -53.60 -22.27 -86.56
N GLU A 2604 -54.66 -21.58 -86.98
CA GLU A 2604 -54.53 -20.77 -88.15
C GLU A 2604 -53.40 -19.79 -87.91
N ASP A 2605 -53.48 -19.00 -86.82
CA ASP A 2605 -52.53 -17.90 -86.59
C ASP A 2605 -51.11 -18.41 -86.61
N CYS A 2606 -50.89 -19.57 -86.02
CA CYS A 2606 -49.57 -20.17 -86.07
C CYS A 2606 -49.14 -20.42 -87.50
N LEU A 2607 -50.05 -20.98 -88.33
CA LEU A 2607 -49.68 -21.27 -89.70
C LEU A 2607 -49.37 -20.01 -90.49
N MET A 2608 -50.21 -18.98 -90.33
CA MET A 2608 -49.95 -17.70 -90.98
C MET A 2608 -48.55 -17.19 -90.62
N ALA A 2609 -48.27 -17.12 -89.31
CA ALA A 2609 -47.02 -16.54 -88.87
C ALA A 2609 -45.83 -17.34 -89.36
N LEU A 2610 -45.93 -18.67 -89.33
CA LEU A 2610 -44.85 -19.50 -89.85
C LEU A 2610 -44.62 -19.23 -91.32
N CYS A 2611 -45.71 -19.16 -92.10
CA CYS A 2611 -45.58 -18.99 -93.53
C CYS A 2611 -44.91 -17.67 -93.87
N ARG A 2612 -45.26 -16.61 -93.15
CA ARG A 2612 -44.61 -15.32 -93.40
CA ARG A 2612 -44.61 -15.33 -93.42
C ARG A 2612 -43.10 -15.44 -93.40
N TYR A 2613 -42.54 -15.87 -92.27
CA TYR A 2613 -41.09 -15.84 -92.12
C TYR A 2613 -40.42 -17.00 -92.85
N ILE A 2614 -41.20 -18.01 -93.25
CA ILE A 2614 -40.62 -19.10 -94.01
C ILE A 2614 -40.38 -18.66 -95.45
N ARG A 2615 -39.28 -19.15 -96.03
CA ARG A 2615 -38.94 -18.82 -97.40
C ARG A 2615 -39.96 -19.42 -98.37
N PRO A 2616 -40.17 -18.79 -99.53
CA PRO A 2616 -41.15 -19.32 -100.48
C PRO A 2616 -40.83 -20.72 -100.96
N SER A 2617 -39.55 -21.05 -101.14
CA SER A 2617 -39.18 -22.36 -101.64
C SER A 2617 -39.71 -23.47 -100.74
N MET A 2618 -39.77 -23.21 -99.45
CA MET A 2618 -40.22 -24.23 -98.50
C MET A 2618 -41.71 -24.53 -98.68
N LEU A 2619 -42.49 -23.51 -99.02
CA LEU A 2619 -43.94 -23.65 -99.01
C LEU A 2619 -44.45 -24.42 -100.22
N GLN A 2620 -43.54 -24.89 -101.08
CA GLN A 2620 -43.93 -25.57 -102.31
C GLN A 2620 -44.92 -26.71 -102.07
N HIS A 2621 -44.59 -27.60 -101.13
CA HIS A 2621 -45.46 -28.74 -100.86
C HIS A 2621 -46.80 -28.31 -100.30
N LEU A 2622 -46.79 -27.30 -99.42
CA LEU A 2622 -48.03 -26.80 -98.85
C LEU A 2622 -48.93 -26.23 -99.95
N LEU A 2623 -48.34 -25.50 -100.89
CA LEU A 2623 -49.10 -25.00 -102.03
C LEU A 2623 -49.63 -26.14 -102.87
N ARG A 2624 -48.82 -27.19 -103.04
CA ARG A 2624 -49.30 -28.36 -103.77
C ARG A 2624 -50.55 -28.94 -103.12
N ARG A 2625 -50.54 -29.05 -101.80
CA ARG A 2625 -51.70 -29.61 -101.11
C ARG A 2625 -52.90 -28.68 -101.19
N LEU A 2626 -52.65 -27.38 -101.05
CA LEU A 2626 -53.72 -26.39 -101.16
C LEU A 2626 -54.34 -26.42 -102.54
N VAL A 2627 -53.54 -26.76 -103.56
CA VAL A 2627 -54.06 -26.82 -104.92
C VAL A 2627 -55.14 -27.89 -105.04
N PHE A 2628 -55.10 -28.91 -104.18
CA PHE A 2628 -56.12 -29.94 -104.17
C PHE A 2628 -57.21 -29.66 -103.16
N ASP A 2629 -56.93 -28.88 -102.11
CA ASP A 2629 -57.91 -28.59 -101.07
C ASP A 2629 -58.77 -27.37 -101.37
N VAL A 2630 -58.15 -26.20 -101.59
CA VAL A 2630 -58.91 -24.96 -101.70
C VAL A 2630 -59.96 -25.01 -102.80
N PRO A 2631 -59.68 -25.52 -104.01
CA PRO A 2631 -60.65 -25.40 -105.10
C PRO A 2631 -62.05 -25.90 -104.75
N ILE A 2632 -62.17 -26.81 -103.79
CA ILE A 2632 -63.48 -27.32 -103.42
C ILE A 2632 -64.35 -26.20 -102.86
N LEU A 2633 -63.76 -25.13 -102.36
CA LEU A 2633 -64.51 -24.00 -101.82
C LEU A 2633 -65.45 -24.44 -100.71
N ASN A 2634 -64.95 -25.32 -99.85
CA ASN A 2634 -65.73 -25.80 -98.71
C ASN A 2634 -65.60 -24.79 -97.56
N GLU A 2635 -66.05 -25.17 -96.37
CA GLU A 2635 -66.00 -24.26 -95.23
C GLU A 2635 -64.57 -24.04 -94.74
N PHE A 2636 -63.70 -25.04 -94.87
CA PHE A 2636 -62.31 -24.90 -94.45
C PHE A 2636 -61.48 -24.07 -95.42
N ALA A 2637 -62.10 -23.42 -96.39
CA ALA A 2637 -61.36 -22.70 -97.41
C ALA A 2637 -61.10 -21.25 -97.05
N LYS A 2638 -61.59 -20.77 -95.92
CA LYS A 2638 -61.35 -19.38 -95.56
C LYS A 2638 -59.88 -19.15 -95.27
N MET A 2639 -59.36 -19.76 -94.21
CA MET A 2639 -57.98 -19.47 -93.84
C MET A 2639 -56.99 -19.69 -94.97
N PRO A 2640 -57.03 -20.80 -95.72
CA PRO A 2640 -56.05 -20.97 -96.80
C PRO A 2640 -56.08 -19.85 -97.81
N LEU A 2641 -57.26 -19.29 -98.07
CA LEU A 2641 -57.34 -18.19 -99.03
C LEU A 2641 -56.55 -16.99 -98.55
N LYS A 2642 -56.74 -16.59 -97.29
CA LYS A 2642 -55.99 -15.45 -96.74
C LYS A 2642 -54.50 -15.77 -96.69
N LEU A 2643 -54.17 -17.00 -96.30
CA LEU A 2643 -52.77 -17.42 -96.28
C LEU A 2643 -52.12 -17.22 -97.63
N LEU A 2644 -52.75 -17.75 -98.69
CA LEU A 2644 -52.19 -17.64 -100.03
C LEU A 2644 -52.16 -16.19 -100.48
N THR A 2645 -53.20 -15.42 -100.16
CA THR A 2645 -53.22 -14.01 -100.51
C THR A 2645 -51.98 -13.31 -99.96
N ASN A 2646 -51.75 -13.47 -98.65
CA ASN A 2646 -50.61 -12.80 -98.03
C ASN A 2646 -49.29 -13.32 -98.60
N HIS A 2647 -49.20 -14.63 -98.77
CA HIS A 2647 -47.96 -15.24 -99.28
C HIS A 2647 -47.61 -14.66 -100.64
N TYR A 2648 -48.56 -14.65 -101.56
CA TYR A 2648 -48.28 -14.17 -102.91
C TYR A 2648 -48.10 -12.66 -102.93
N GLU A 2649 -48.82 -11.93 -102.07
CA GLU A 2649 -48.62 -10.49 -101.98
C GLU A 2649 -47.18 -10.17 -101.62
N ARG A 2650 -46.64 -10.88 -100.63
CA ARG A 2650 -45.29 -10.58 -100.18
C ARG A 2650 -44.23 -11.16 -101.11
N CYS A 2651 -44.48 -12.33 -101.71
CA CYS A 2651 -43.51 -13.00 -102.56
C CYS A 2651 -43.82 -12.84 -104.04
N TRP A 2652 -44.53 -11.78 -104.44
CA TRP A 2652 -44.88 -11.62 -105.84
C TRP A 2652 -43.64 -11.45 -106.71
N LYS A 2653 -42.60 -10.83 -106.17
CA LYS A 2653 -41.35 -10.68 -106.92
C LYS A 2653 -40.76 -12.05 -107.25
N TYR A 2654 -40.80 -12.97 -106.29
CA TYR A 2654 -40.23 -14.30 -106.46
C TYR A 2654 -40.78 -14.99 -107.70
N TYR A 2655 -42.10 -14.99 -107.84
CA TYR A 2655 -42.73 -15.72 -108.95
C TYR A 2655 -42.70 -14.89 -110.23
N CYS A 2656 -42.90 -13.58 -110.12
CA CYS A 2656 -43.07 -12.74 -111.31
C CYS A 2656 -41.73 -12.41 -111.95
N LEU A 2657 -40.86 -11.74 -111.22
CA LEU A 2657 -39.64 -11.21 -111.82
C LEU A 2657 -38.71 -12.35 -112.23
N PRO A 2658 -37.95 -12.20 -113.33
CA PRO A 2658 -36.97 -13.23 -113.66
C PRO A 2658 -35.75 -13.20 -112.76
N THR A 2659 -35.31 -12.02 -112.34
CA THR A 2659 -34.22 -11.95 -111.37
C THR A 2659 -34.65 -12.58 -110.06
N GLY A 2660 -35.90 -12.41 -109.68
CA GLY A 2660 -36.43 -13.00 -108.46
C GLY A 2660 -36.44 -12.01 -107.31
N TRP A 2661 -36.85 -12.52 -106.16
CA TRP A 2661 -36.85 -11.74 -104.94
C TRP A 2661 -35.49 -11.87 -104.26
N ALA A 2662 -34.92 -10.73 -103.89
CA ALA A 2662 -33.54 -10.72 -103.43
C ALA A 2662 -33.34 -11.68 -102.27
N ASN A 2663 -32.28 -12.48 -102.37
CA ASN A 2663 -31.88 -13.41 -101.31
C ASN A 2663 -32.83 -14.60 -101.20
N PHE A 2664 -33.86 -14.64 -102.04
CA PHE A 2664 -34.81 -15.74 -102.01
C PHE A 2664 -34.88 -16.51 -103.33
N GLY A 2665 -34.14 -16.08 -104.34
CA GLY A 2665 -34.10 -16.82 -105.59
C GLY A 2665 -35.32 -16.58 -106.46
N VAL A 2666 -35.56 -17.55 -107.35
CA VAL A 2666 -36.62 -17.46 -108.34
C VAL A 2666 -37.45 -18.74 -108.29
N THR A 2667 -38.63 -18.66 -108.87
CA THR A 2667 -39.54 -19.79 -108.90
C THR A 2667 -38.95 -20.93 -109.74
N SER A 2668 -39.29 -22.16 -109.34
CA SER A 2668 -38.76 -23.33 -110.04
C SER A 2668 -39.39 -23.51 -111.41
N GLU A 2669 -40.70 -23.27 -111.51
CA GLU A 2669 -41.54 -23.56 -112.67
C GLU A 2669 -42.71 -24.42 -112.24
N GLU A 2670 -42.43 -25.46 -111.45
CA GLU A 2670 -43.50 -26.26 -110.88
C GLU A 2670 -44.37 -25.43 -109.94
N GLU A 2671 -43.74 -24.53 -109.20
CA GLU A 2671 -44.50 -23.62 -108.35
C GLU A 2671 -45.45 -22.76 -109.18
N LEU A 2672 -44.97 -22.26 -110.31
CA LEU A 2672 -45.82 -21.46 -111.19
C LEU A 2672 -46.96 -22.30 -111.78
N HIS A 2673 -46.66 -23.55 -112.14
CA HIS A 2673 -47.69 -24.44 -112.64
C HIS A 2673 -48.78 -24.65 -111.60
N LEU A 2674 -48.40 -24.89 -110.36
CA LEU A 2674 -49.37 -25.05 -109.27
C LEU A 2674 -50.14 -23.75 -109.05
N THR A 2675 -49.46 -22.61 -109.13
CA THR A 2675 -50.13 -21.33 -108.95
C THR A 2675 -51.20 -21.12 -110.01
N ARG A 2676 -50.88 -21.43 -111.27
CA ARG A 2676 -51.84 -21.29 -112.35
C ARG A 2676 -53.00 -22.25 -112.16
N LYS A 2677 -52.71 -23.48 -111.75
CA LYS A 2677 -53.79 -24.43 -111.47
C LYS A 2677 -54.72 -23.88 -110.40
N LEU A 2678 -54.16 -23.33 -109.33
CA LEU A 2678 -54.98 -22.79 -108.25
C LEU A 2678 -55.84 -21.64 -108.74
N PHE A 2679 -55.24 -20.71 -109.47
CA PHE A 2679 -56.00 -19.60 -110.03
C PHE A 2679 -57.20 -20.11 -110.82
N TRP A 2680 -56.94 -21.01 -111.76
CA TRP A 2680 -58.00 -21.45 -112.67
C TRP A 2680 -59.05 -22.27 -111.94
N GLY A 2681 -58.62 -23.11 -110.99
CA GLY A 2681 -59.58 -23.91 -110.25
C GLY A 2681 -60.50 -23.06 -109.41
N ILE A 2682 -59.95 -22.08 -108.69
CA ILE A 2682 -60.79 -21.19 -107.89
C ILE A 2682 -61.72 -20.40 -108.80
N PHE A 2683 -61.19 -19.90 -109.92
CA PHE A 2683 -62.02 -19.13 -110.84
C PHE A 2683 -63.22 -19.94 -111.29
N ASP A 2684 -62.98 -21.16 -111.80
CA ASP A 2684 -64.07 -21.99 -112.30
C ASP A 2684 -65.04 -22.36 -111.19
N SER A 2685 -64.51 -22.77 -110.04
CA SER A 2685 -65.38 -23.18 -108.94
C SER A 2685 -66.27 -22.04 -108.49
N LEU A 2686 -65.70 -20.85 -108.30
CA LEU A 2686 -66.48 -19.71 -107.85
C LEU A 2686 -67.50 -19.30 -108.91
N ALA A 2687 -67.15 -19.42 -110.18
CA ALA A 2687 -68.11 -19.13 -111.23
C ALA A 2687 -69.31 -20.07 -111.14
N HIS A 2688 -69.05 -21.35 -110.88
CA HIS A 2688 -70.15 -22.31 -110.81
C HIS A 2688 -70.96 -22.15 -109.53
N LYS A 2689 -70.31 -21.80 -108.43
CA LYS A 2689 -70.99 -21.76 -107.13
C LYS A 2689 -72.03 -20.65 -107.08
N LYS A 2690 -72.96 -20.79 -106.14
CA LYS A 2690 -73.95 -19.77 -105.86
C LYS A 2690 -73.35 -18.69 -104.96
N TYR A 2691 -73.98 -17.51 -104.97
CA TYR A 2691 -73.44 -16.39 -104.23
C TYR A 2691 -73.30 -16.72 -102.74
N ASP A 2692 -72.15 -16.36 -102.19
CA ASP A 2692 -71.91 -16.40 -100.75
C ASP A 2692 -71.09 -15.16 -100.44
N GLN A 2693 -71.71 -14.18 -99.78
CA GLN A 2693 -71.06 -12.91 -99.54
C GLN A 2693 -69.71 -13.10 -98.87
N GLU A 2694 -69.62 -14.05 -97.94
CA GLU A 2694 -68.36 -14.24 -97.21
C GLU A 2694 -67.31 -14.87 -98.11
N LEU A 2695 -67.68 -15.84 -98.94
CA LEU A 2695 -66.71 -16.43 -99.86
C LEU A 2695 -66.21 -15.41 -100.86
N TYR A 2696 -67.13 -14.60 -101.39
CA TYR A 2696 -66.74 -13.53 -102.30
C TYR A 2696 -65.87 -12.49 -101.58
N ARG A 2697 -66.10 -12.29 -100.29
CA ARG A 2697 -65.27 -11.35 -99.56
C ARG A 2697 -63.89 -11.93 -99.29
N MET A 2698 -63.80 -13.26 -99.17
CA MET A 2698 -62.50 -13.88 -98.94
C MET A 2698 -61.70 -13.92 -100.23
N ALA A 2699 -62.37 -14.05 -101.36
CA ALA A 2699 -61.75 -13.86 -102.67
C ALA A 2699 -61.92 -12.44 -103.19
N MET A 2700 -62.19 -11.49 -102.29
CA MET A 2700 -62.08 -10.06 -102.55
C MET A 2700 -60.62 -9.64 -102.41
N PRO A 2701 -59.90 -10.12 -101.40
CA PRO A 2701 -58.44 -10.18 -101.53
C PRO A 2701 -58.05 -10.99 -102.74
N CYS A 2702 -58.94 -11.90 -103.14
CA CYS A 2702 -59.08 -12.36 -104.51
C CYS A 2702 -57.86 -13.09 -105.04
N LEU A 2703 -58.04 -13.65 -106.23
CA LEU A 2703 -56.98 -14.23 -107.03
C LEU A 2703 -56.03 -13.17 -107.57
N CYS A 2704 -56.20 -11.93 -107.10
CA CYS A 2704 -55.43 -10.81 -107.62
C CYS A 2704 -53.96 -10.98 -107.30
N ALA A 2705 -53.65 -11.41 -106.08
CA ALA A 2705 -52.27 -11.65 -105.69
C ALA A 2705 -51.65 -12.75 -106.53
N ILE A 2706 -52.40 -13.83 -106.75
CA ILE A 2706 -51.93 -14.93 -107.58
C ILE A 2706 -51.64 -14.42 -108.99
N ALA A 2707 -52.54 -13.62 -109.55
CA ALA A 2707 -52.37 -13.13 -110.90
C ALA A 2707 -51.18 -12.19 -111.00
N GLY A 2708 -51.00 -11.31 -110.01
CA GLY A 2708 -49.85 -10.42 -110.01
C GLY A 2708 -48.55 -11.20 -109.92
N ALA A 2709 -48.53 -12.26 -109.10
CA ALA A 2709 -47.35 -13.10 -109.02
C ALA A 2709 -47.06 -13.78 -110.34
N LEU A 2710 -48.10 -14.29 -111.00
CA LEU A 2710 -47.90 -14.99 -112.26
C LEU A 2710 -47.47 -14.02 -113.35
N PRO A 2711 -46.37 -14.30 -114.06
CA PRO A 2711 -46.02 -13.50 -115.22
C PRO A 2711 -47.07 -13.63 -116.30
N PRO A 2712 -47.46 -12.53 -116.95
CA PRO A 2712 -48.44 -12.64 -118.04
C PRO A 2712 -47.94 -13.48 -119.20
N ASP A 2713 -46.62 -13.60 -119.37
CA ASP A 2713 -46.05 -14.38 -120.44
C ASP A 2713 -45.77 -15.83 -120.06
N TYR A 2714 -46.01 -16.19 -118.80
CA TYR A 2714 -45.77 -17.56 -118.35
C TYR A 2714 -46.45 -18.57 -119.25
N VAL A 2715 -45.69 -19.54 -119.74
CA VAL A 2715 -46.20 -20.61 -120.58
C VAL A 2715 -45.97 -21.93 -119.86
N ASP A 2716 -47.05 -22.66 -119.61
CA ASP A 2716 -46.99 -23.91 -118.88
C ASP A 2716 -46.46 -25.00 -119.80
N ALA A 2717 -45.36 -25.63 -119.41
CA ALA A 2717 -44.77 -26.71 -120.22
C ALA A 2717 -45.79 -27.82 -120.44
N SER A 2718 -46.65 -28.06 -119.46
CA SER A 2718 -47.66 -29.10 -119.53
C SER A 2718 -49.01 -28.44 -119.76
N TYR A 2719 -49.61 -28.69 -120.92
CA TYR A 2719 -50.91 -28.14 -121.28
C TYR A 2719 -51.79 -29.29 -121.72
N SER A 2720 -52.87 -29.53 -120.97
CA SER A 2720 -53.73 -30.65 -121.27
C SER A 2720 -55.10 -30.44 -120.64
N SER A 2721 -55.95 -31.46 -120.72
CA SER A 2721 -57.20 -31.48 -119.97
C SER A 2721 -57.09 -32.51 -118.87
N LYS A 2722 -57.35 -32.11 -117.63
CA LYS A 2722 -57.36 -33.03 -116.49
C LYS A 2722 -58.41 -34.12 -116.71
N ALA A 2723 -59.52 -33.78 -117.39
CA ALA A 2723 -60.71 -34.58 -117.69
C ALA A 2723 -61.48 -34.97 -116.44
N GLU A 2724 -61.10 -34.36 -115.34
CA GLU A 2724 -61.41 -34.86 -114.01
C GLU A 2724 -62.65 -34.16 -113.51
N LYS A 2725 -63.15 -34.70 -112.41
CA LYS A 2725 -64.39 -34.41 -111.73
C LYS A 2725 -64.81 -32.94 -111.70
N ASN A 2734 -60.94 -40.29 -100.77
CA ASN A 2734 -61.31 -39.06 -101.49
C ASN A 2734 -61.10 -39.00 -103.01
N PHE A 2735 -59.85 -38.97 -103.47
CA PHE A 2735 -59.53 -39.13 -104.88
C PHE A 2735 -59.50 -40.62 -105.18
N ASP A 2736 -60.16 -41.00 -106.27
CA ASP A 2736 -60.32 -42.40 -106.63
C ASP A 2736 -60.13 -42.57 -108.12
N PRO A 2737 -58.97 -43.05 -108.58
CA PRO A 2737 -58.83 -43.37 -110.01
C PRO A 2737 -59.54 -44.68 -110.36
N ARG A 2738 -60.54 -44.59 -111.22
CA ARG A 2738 -61.34 -45.73 -111.61
C ARG A 2738 -60.71 -46.40 -112.82
N PRO A 2739 -60.22 -47.66 -112.72
CA PRO A 2739 -59.64 -48.30 -113.90
C PRO A 2739 -60.66 -48.92 -114.85
N VAL A 2740 -60.16 -49.58 -115.88
CA VAL A 2740 -60.99 -50.17 -116.94
C VAL A 2740 -60.45 -51.55 -117.26
N GLU A 2741 -61.24 -52.58 -117.00
CA GLU A 2741 -60.78 -53.95 -117.05
C GLU A 2741 -61.34 -54.63 -118.29
N THR A 2742 -60.44 -55.21 -119.09
CA THR A 2742 -60.77 -55.83 -120.37
C THR A 2742 -61.17 -57.30 -120.23
N LEU A 2743 -60.98 -57.90 -119.05
CA LEU A 2743 -61.22 -59.33 -118.88
C LEU A 2743 -62.57 -59.77 -119.44
N ASN A 2744 -63.52 -58.84 -119.53
CA ASN A 2744 -64.82 -59.19 -120.09
C ASN A 2744 -64.69 -59.75 -121.51
N VAL A 2745 -63.85 -59.13 -122.34
CA VAL A 2745 -63.60 -59.61 -123.70
C VAL A 2745 -62.25 -60.31 -123.72
N ILE A 2746 -62.02 -61.12 -124.75
CA ILE A 2746 -60.78 -61.87 -124.93
C ILE A 2746 -59.64 -60.88 -125.13
N ILE A 2747 -58.42 -61.33 -124.86
CA ILE A 2747 -57.22 -60.50 -124.96
C ILE A 2747 -56.35 -61.09 -126.06
N PRO A 2748 -55.85 -60.29 -127.01
CA PRO A 2748 -55.12 -60.86 -128.16
C PRO A 2748 -53.93 -61.73 -127.76
N GLU A 2749 -53.79 -62.87 -128.43
CA GLU A 2749 -52.63 -63.72 -128.20
C GLU A 2749 -51.37 -63.08 -128.75
N LYS A 2750 -51.50 -62.31 -129.84
CA LYS A 2750 -50.38 -61.52 -130.31
C LYS A 2750 -49.92 -60.53 -129.24
N LEU A 2751 -50.88 -59.86 -128.58
CA LEU A 2751 -50.53 -58.95 -127.50
C LEU A 2751 -49.88 -59.70 -126.34
N ASP A 2752 -50.38 -60.90 -126.03
CA ASP A 2752 -49.79 -61.69 -124.96
C ASP A 2752 -48.34 -62.06 -125.28
N SER A 2753 -48.09 -62.48 -126.52
CA SER A 2753 -46.72 -62.77 -126.94
C SER A 2753 -45.84 -61.53 -126.87
N PHE A 2754 -46.38 -60.38 -127.30
CA PHE A 2754 -45.65 -59.13 -127.18
C PHE A 2754 -45.29 -58.84 -125.73
N ILE A 2755 -46.23 -59.05 -124.82
CA ILE A 2755 -45.99 -58.77 -123.40
C ILE A 2755 -44.92 -59.70 -122.86
N ASN A 2756 -44.97 -60.98 -123.25
CA ASN A 2756 -43.96 -61.93 -122.79
C ASN A 2756 -42.58 -61.54 -123.30
N LYS A 2757 -42.50 -61.13 -124.58
CA LYS A 2757 -41.23 -60.69 -125.13
C LYS A 2757 -40.75 -59.42 -124.43
N PHE A 2758 -41.68 -58.53 -124.08
CA PHE A 2758 -41.33 -57.33 -123.34
C PHE A 2758 -40.74 -57.67 -121.98
N ALA A 2759 -41.37 -58.61 -121.28
CA ALA A 2759 -40.83 -59.04 -119.98
C ALA A 2759 -39.46 -59.68 -120.14
N GLU A 2760 -39.30 -60.53 -121.15
CA GLU A 2760 -37.99 -61.11 -121.44
C GLU A 2760 -36.96 -60.03 -121.65
N TYR A 2761 -37.30 -59.02 -122.44
CA TYR A 2761 -36.31 -58.02 -122.79
C TYR A 2761 -36.03 -57.13 -121.58
N THR A 2762 -37.03 -56.82 -120.76
CA THR A 2762 -36.79 -56.02 -119.57
C THR A 2762 -35.88 -56.78 -118.60
N HIS A 2763 -36.06 -58.09 -118.50
CA HIS A 2763 -35.12 -58.89 -117.73
C HIS A 2763 -33.73 -58.87 -118.35
N GLU A 2764 -33.65 -58.82 -119.68
CA GLU A 2764 -32.36 -58.71 -120.34
C GLU A 2764 -31.69 -57.37 -120.02
N LYS A 2765 -32.46 -56.28 -120.02
CA LYS A 2765 -31.91 -55.01 -119.59
C LYS A 2765 -31.48 -55.05 -118.13
N TRP A 2766 -32.21 -55.82 -117.31
CA TRP A 2766 -31.81 -55.97 -115.91
C TRP A 2766 -30.45 -56.67 -115.82
N ALA A 2767 -30.27 -57.75 -116.58
CA ALA A 2767 -28.98 -58.43 -116.62
C ALA A 2767 -27.89 -57.49 -117.14
N PHE A 2768 -28.22 -56.72 -118.16
CA PHE A 2768 -27.26 -55.75 -118.70
C PHE A 2768 -26.84 -54.75 -117.64
N ASP A 2769 -27.81 -54.23 -116.88
CA ASP A 2769 -27.49 -53.23 -115.85
C ASP A 2769 -26.70 -53.86 -114.72
N LYS A 2770 -26.92 -55.14 -114.42
CA LYS A 2770 -26.09 -55.82 -113.43
C LYS A 2770 -24.65 -55.95 -113.94
N ILE A 2771 -24.48 -56.37 -115.19
CA ILE A 2771 -23.14 -56.45 -115.78
C ILE A 2771 -22.47 -55.09 -115.76
N GLN A 2772 -23.22 -54.03 -116.08
CA GLN A 2772 -22.66 -52.68 -116.11
C GLN A 2772 -22.30 -52.21 -114.70
N ASN A 2773 -23.12 -52.58 -113.71
CA ASN A 2773 -22.91 -52.12 -112.34
C ASN A 2773 -21.57 -52.58 -111.78
N ASN A 2774 -20.94 -53.58 -112.39
CA ASN A 2774 -19.65 -54.14 -112.01
C ASN A 2774 -19.75 -55.05 -110.79
N TRP A 2775 -20.94 -55.49 -110.42
CA TRP A 2775 -21.14 -56.37 -109.28
C TRP A 2775 -21.63 -57.72 -109.79
N SER A 2776 -20.92 -58.78 -109.41
CA SER A 2776 -21.24 -60.11 -109.91
C SER A 2776 -22.35 -60.75 -109.10
N TYR A 2777 -23.44 -61.09 -109.78
CA TYR A 2777 -24.54 -61.79 -109.13
C TYR A 2777 -24.04 -63.06 -108.48
N GLY A 2778 -24.68 -63.44 -107.36
CA GLY A 2778 -24.24 -64.56 -106.55
C GLY A 2778 -25.03 -65.82 -106.90
N GLU A 2779 -24.33 -66.96 -106.86
CA GLU A 2779 -24.99 -68.24 -107.10
C GLU A 2779 -25.92 -68.59 -105.95
N ASN A 2780 -25.47 -68.44 -104.72
CA ASN A 2780 -26.29 -68.61 -103.53
C ASN A 2780 -27.14 -67.38 -103.28
N VAL A 2781 -28.03 -67.47 -102.29
CA VAL A 2781 -28.86 -66.35 -101.88
C VAL A 2781 -28.17 -65.68 -100.71
N ASP A 2782 -27.72 -64.44 -100.92
CA ASP A 2782 -27.02 -63.65 -99.91
C ASP A 2782 -27.44 -62.20 -100.00
N GLU A 2783 -28.18 -61.73 -99.00
CA GLU A 2783 -28.63 -60.34 -98.91
C GLU A 2783 -27.46 -59.37 -98.82
N GLU A 2784 -26.33 -59.81 -98.24
CA GLU A 2784 -25.16 -58.95 -98.05
C GLU A 2784 -24.57 -58.52 -99.39
N LEU A 2785 -24.52 -59.44 -100.37
CA LEU A 2785 -24.00 -59.17 -101.70
C LEU A 2785 -24.88 -58.15 -102.43
N LYS A 2786 -26.07 -57.89 -101.90
CA LYS A 2786 -26.91 -56.72 -102.20
C LYS A 2786 -27.28 -56.60 -103.69
N THR A 2787 -27.08 -57.68 -104.43
CA THR A 2787 -27.65 -57.81 -105.76
C THR A 2787 -28.87 -58.71 -105.62
N HIS A 2788 -29.65 -58.84 -106.66
CA HIS A 2788 -30.87 -59.63 -106.59
C HIS A 2788 -30.50 -61.11 -106.75
N PRO A 2789 -30.64 -61.93 -105.71
CA PRO A 2789 -30.19 -63.33 -105.83
C PRO A 2789 -30.82 -64.08 -106.97
N MET A 2790 -32.02 -63.65 -107.40
CA MET A 2790 -32.71 -64.32 -108.50
C MET A 2790 -31.88 -64.32 -109.78
N LEU A 2791 -30.92 -63.40 -109.89
CA LEU A 2791 -30.07 -63.38 -111.08
C LEU A 2791 -29.46 -64.76 -111.32
N ARG A 2792 -29.87 -65.40 -112.40
CA ARG A 2792 -29.47 -66.75 -112.78
C ARG A 2792 -29.63 -66.91 -114.28
N PRO A 2793 -29.00 -67.92 -114.87
CA PRO A 2793 -29.14 -68.16 -116.30
C PRO A 2793 -30.60 -68.34 -116.67
N TYR A 2794 -30.98 -67.80 -117.82
CA TYR A 2794 -32.39 -67.82 -118.22
C TYR A 2794 -32.95 -69.23 -118.21
N LYS A 2795 -32.14 -70.22 -118.59
CA LYS A 2795 -32.60 -71.60 -118.65
C LYS A 2795 -33.08 -72.10 -117.30
N THR A 2796 -32.65 -71.45 -116.22
CA THR A 2796 -33.10 -71.77 -114.87
C THR A 2796 -34.14 -70.81 -114.33
N PHE A 2797 -34.33 -69.66 -114.96
CA PHE A 2797 -35.23 -68.65 -114.42
C PHE A 2797 -36.62 -69.22 -114.19
N SER A 2798 -37.17 -68.93 -113.02
CA SER A 2798 -38.46 -69.49 -112.64
C SER A 2798 -39.58 -68.80 -113.40
N GLU A 2799 -40.56 -69.60 -113.86
CA GLU A 2799 -41.71 -69.03 -114.55
C GLU A 2799 -42.60 -68.26 -113.61
N LYS A 2800 -42.72 -68.72 -112.36
CA LYS A 2800 -43.65 -68.11 -111.41
C LYS A 2800 -43.47 -66.59 -111.32
N ASP A 2801 -42.22 -66.13 -111.30
CA ASP A 2801 -41.98 -64.69 -111.24
C ASP A 2801 -42.55 -63.98 -112.47
N LYS A 2802 -42.36 -64.57 -113.65
CA LYS A 2802 -42.91 -63.98 -114.87
C LYS A 2802 -44.42 -63.90 -114.81
N GLU A 2803 -45.07 -64.99 -114.37
CA GLU A 2803 -46.53 -64.97 -114.31
C GLU A 2803 -47.07 -64.00 -113.26
N ILE A 2804 -46.37 -63.85 -112.12
CA ILE A 2804 -46.84 -62.89 -111.13
C ILE A 2804 -46.65 -61.46 -111.66
N TYR A 2805 -45.52 -61.19 -112.31
CA TYR A 2805 -45.27 -59.89 -112.92
C TYR A 2805 -46.20 -59.63 -114.10
N ARG A 2806 -46.75 -60.68 -114.69
CA ARG A 2806 -47.57 -60.52 -115.89
C ARG A 2806 -48.82 -59.70 -115.60
N TRP A 2807 -49.46 -59.91 -114.45
CA TRP A 2807 -50.69 -59.18 -114.17
C TRP A 2807 -50.46 -57.67 -114.14
N PRO A 2808 -49.41 -57.14 -113.53
CA PRO A 2808 -49.12 -55.71 -113.72
C PRO A 2808 -48.89 -55.33 -115.18
N ILE A 2809 -48.10 -56.11 -115.91
CA ILE A 2809 -47.82 -55.77 -117.31
C ILE A 2809 -49.12 -55.85 -118.11
N LYS A 2810 -49.92 -56.89 -117.86
CA LYS A 2810 -51.22 -56.99 -118.51
C LYS A 2810 -52.08 -55.76 -118.21
N GLU A 2811 -52.24 -55.42 -116.92
CA GLU A 2811 -53.02 -54.25 -116.56
C GLU A 2811 -52.52 -53.01 -117.30
N SER A 2812 -51.21 -52.84 -117.37
CA SER A 2812 -50.64 -51.67 -118.02
C SER A 2812 -51.00 -51.62 -119.51
N LEU A 2813 -50.85 -52.75 -120.21
CA LEU A 2813 -51.13 -52.75 -121.64
C LEU A 2813 -52.63 -52.65 -121.91
N LYS A 2814 -53.45 -53.25 -121.05
CA LYS A 2814 -54.90 -53.09 -121.15
C LYS A 2814 -55.28 -51.63 -121.01
N ALA A 2815 -54.72 -50.95 -120.02
CA ALA A 2815 -54.97 -49.52 -119.86
C ALA A 2815 -54.49 -48.73 -121.08
N MET A 2816 -53.33 -49.11 -121.62
CA MET A 2816 -52.82 -48.47 -122.82
C MET A 2816 -53.84 -48.54 -123.95
N ILE A 2817 -54.32 -49.76 -124.24
CA ILE A 2817 -55.28 -49.94 -125.32
C ILE A 2817 -56.59 -49.24 -125.00
N ALA A 2818 -56.94 -49.16 -123.71
CA ALA A 2818 -58.24 -48.62 -123.32
C ALA A 2818 -58.29 -47.11 -123.45
N TRP A 2819 -57.19 -46.43 -123.09
CA TRP A 2819 -57.16 -44.97 -123.18
C TRP A 2819 -56.92 -44.53 -124.62
N GLU A 2820 -57.76 -45.00 -125.54
CA GLU A 2820 -57.73 -44.60 -126.95
C GLU A 2820 -56.32 -44.48 -127.49
N TRP A 2821 -55.44 -45.39 -127.07
CA TRP A 2821 -54.13 -45.57 -127.69
C TRP A 2821 -54.13 -46.92 -128.41
N THR A 2822 -53.77 -46.91 -129.69
CA THR A 2822 -53.85 -48.09 -130.53
C THR A 2822 -52.44 -48.52 -130.93
N ILE A 2823 -52.10 -49.78 -130.65
CA ILE A 2823 -50.83 -50.36 -131.04
C ILE A 2823 -51.03 -51.08 -132.37
N GLU A 2824 -50.12 -50.83 -133.32
CA GLU A 2824 -50.23 -51.38 -134.67
C GLU A 2824 -48.83 -51.45 -135.26
N LYS A 2825 -48.53 -52.53 -135.97
CA LYS A 2825 -47.21 -52.71 -136.57
C LYS A 2825 -47.18 -51.90 -137.87
N ALA A 2826 -46.24 -50.96 -137.96
CA ALA A 2826 -46.26 -49.99 -139.04
C ALA A 2826 -46.02 -50.65 -140.40
N ARG A 2827 -45.32 -51.78 -140.41
CA ARG A 2827 -44.93 -52.43 -141.66
C ARG A 2827 -45.37 -53.89 -141.63
N GLU A 2828 -45.80 -54.38 -142.79
CA GLU A 2828 -46.42 -55.70 -142.89
C GLU A 2828 -45.40 -56.81 -143.12
N GLY A 2829 -45.30 -57.73 -142.17
CA GLY A 2829 -44.42 -58.88 -142.18
C GLY A 2829 -45.01 -60.09 -142.86
N GLU A 2830 -44.47 -60.44 -144.03
CA GLU A 2830 -44.80 -61.58 -144.88
C GLU A 2830 -45.75 -62.61 -144.26
N TYR A 2855 -25.86 -59.66 -127.25
CA TYR A 2855 -26.49 -59.06 -126.09
C TYR A 2855 -26.49 -57.55 -126.13
N ASN A 2856 -25.40 -56.97 -126.57
CA ASN A 2856 -25.21 -55.53 -126.65
C ASN A 2856 -26.23 -54.94 -127.59
N PRO A 2857 -26.95 -53.90 -127.17
CA PRO A 2857 -28.09 -53.49 -127.99
C PRO A 2857 -27.62 -52.99 -129.34
N GLN A 2858 -28.41 -53.31 -130.36
CA GLN A 2858 -28.17 -52.73 -131.67
C GLN A 2858 -28.70 -51.30 -131.73
N PRO A 2859 -29.93 -51.03 -131.28
CA PRO A 2859 -30.41 -49.67 -131.14
C PRO A 2859 -30.20 -49.16 -129.73
N PRO A 2860 -28.97 -48.77 -129.37
CA PRO A 2860 -28.72 -48.41 -127.97
C PRO A 2860 -29.67 -47.32 -127.48
N ASP A 2861 -30.15 -47.49 -126.25
CA ASP A 2861 -31.08 -46.52 -125.69
C ASP A 2861 -30.39 -45.15 -125.60
N LEU A 2862 -30.84 -44.23 -126.45
CA LEU A 2862 -30.24 -42.90 -126.55
C LEU A 2862 -31.15 -41.88 -125.90
N SER A 2863 -30.62 -41.18 -124.90
CA SER A 2863 -31.31 -40.02 -124.35
C SER A 2863 -31.50 -38.92 -125.39
N GLY A 2864 -30.62 -38.86 -126.40
CA GLY A 2864 -30.68 -37.79 -127.36
C GLY A 2864 -31.98 -37.75 -128.14
N VAL A 2865 -32.54 -38.92 -128.46
CA VAL A 2865 -33.72 -39.08 -129.30
C VAL A 2865 -34.85 -38.20 -128.75
N THR A 2866 -35.27 -37.23 -129.57
CA THR A 2866 -36.27 -36.27 -129.12
C THR A 2866 -37.67 -36.87 -129.23
N LEU A 2867 -38.56 -36.39 -128.36
CA LEU A 2867 -39.95 -36.82 -128.37
C LEU A 2867 -40.86 -35.60 -128.45
N SER A 2868 -41.84 -35.67 -129.35
CA SER A 2868 -42.72 -34.53 -129.57
C SER A 2868 -43.63 -34.31 -128.36
N ARG A 2869 -44.31 -33.17 -128.37
CA ARG A 2869 -45.19 -32.81 -127.27
C ARG A 2869 -46.30 -33.83 -127.08
N GLU A 2870 -46.94 -34.24 -128.17
CA GLU A 2870 -48.06 -35.16 -128.05
CA GLU A 2870 -48.06 -35.16 -128.04
C GLU A 2870 -47.61 -36.56 -127.58
N LEU A 2871 -46.46 -37.05 -128.09
CA LEU A 2871 -45.93 -38.34 -127.63
C LEU A 2871 -45.54 -38.27 -126.16
N GLN A 2872 -44.90 -37.17 -125.75
CA GLN A 2872 -44.63 -36.99 -124.33
C GLN A 2872 -45.92 -37.04 -123.53
N ALA A 2873 -46.90 -36.20 -123.89
CA ALA A 2873 -48.20 -36.24 -123.22
C ALA A 2873 -48.65 -37.68 -123.01
N MET A 2874 -48.58 -38.52 -124.05
CA MET A 2874 -49.01 -39.90 -123.89
C MET A 2874 -48.13 -40.62 -122.88
N ALA A 2875 -46.82 -40.41 -122.95
CA ALA A 2875 -45.90 -41.13 -122.06
C ALA A 2875 -46.12 -40.77 -120.59
N GLU A 2876 -46.19 -39.47 -120.30
CA GLU A 2876 -46.43 -39.03 -118.93
C GLU A 2876 -47.82 -39.42 -118.44
N GLN A 2877 -48.81 -39.44 -119.33
CA GLN A 2877 -50.14 -39.89 -118.89
C GLN A 2877 -50.15 -41.39 -118.62
N LEU A 2878 -49.34 -42.15 -119.36
CA LEU A 2878 -49.19 -43.56 -119.07
C LEU A 2878 -48.49 -43.76 -117.72
N ALA A 2879 -47.50 -42.94 -117.43
CA ALA A 2879 -46.88 -42.95 -116.10
C ALA A 2879 -47.91 -42.61 -115.02
N GLU A 2880 -48.81 -41.68 -115.34
CA GLU A 2880 -49.86 -41.30 -114.39
C GLU A 2880 -50.83 -42.45 -114.19
N ASN A 2881 -51.07 -43.26 -115.23
CA ASN A 2881 -51.89 -44.45 -115.07
C ASN A 2881 -51.17 -45.51 -114.22
N TYR A 2882 -49.86 -45.62 -114.39
CA TYR A 2882 -49.07 -46.48 -113.52
C TYR A 2882 -49.23 -46.04 -112.07
N HIS A 2883 -49.19 -44.73 -111.83
CA HIS A 2883 -49.38 -44.23 -110.48
C HIS A 2883 -50.83 -44.39 -110.03
N ASN A 2884 -51.77 -44.42 -110.97
CA ASN A 2884 -53.15 -44.72 -110.63
C ASN A 2884 -53.26 -46.13 -110.06
N THR A 2885 -52.69 -47.11 -110.77
CA THR A 2885 -52.66 -48.48 -110.25
C THR A 2885 -51.89 -48.56 -108.94
N TRP A 2886 -50.78 -47.81 -108.84
CA TRP A 2886 -49.96 -47.83 -107.64
C TRP A 2886 -50.74 -47.30 -106.45
N GLY A 2887 -51.44 -46.18 -106.62
CA GLY A 2887 -52.26 -45.64 -105.55
C GLY A 2887 -53.46 -46.52 -105.25
N ARG A 2888 -53.97 -47.20 -106.27
CA ARG A 2888 -55.07 -48.14 -106.04
C ARG A 2888 -54.63 -49.28 -105.12
N LYS A 2889 -53.52 -49.94 -105.43
CA LYS A 2889 -53.06 -51.01 -104.56
C LYS A 2889 -52.59 -50.46 -103.21
N LYS A 2890 -52.01 -49.25 -103.21
CA LYS A 2890 -51.71 -48.58 -101.95
C LYS A 2890 -52.95 -48.48 -101.07
N LYS A 2891 -54.03 -47.97 -101.64
CA LYS A 2891 -55.30 -47.88 -100.91
C LYS A 2891 -55.82 -49.25 -100.51
N GLN A 2892 -55.54 -50.28 -101.32
CA GLN A 2892 -55.96 -51.62 -100.96
C GLN A 2892 -55.27 -52.08 -99.68
N GLU A 2893 -53.98 -51.76 -99.52
CA GLU A 2893 -53.31 -52.12 -98.28
C GLU A 2893 -53.71 -51.17 -97.15
N LEU A 2894 -53.98 -49.92 -97.48
CA LEU A 2894 -54.30 -48.90 -96.48
C LEU A 2894 -55.68 -49.11 -95.85
N GLU A 2895 -56.64 -49.59 -96.65
CA GLU A 2895 -58.02 -49.69 -96.18
C GLU A 2895 -58.10 -50.46 -94.87
N ALA A 2896 -57.18 -51.40 -94.64
CA ALA A 2896 -57.10 -52.06 -93.35
C ALA A 2896 -56.73 -51.06 -92.26
N LYS A 2897 -55.83 -50.14 -92.57
CA LYS A 2897 -55.48 -49.08 -91.63
C LYS A 2897 -56.50 -47.95 -91.68
N GLY A 2898 -56.69 -47.35 -92.86
CA GLY A 2898 -57.69 -46.34 -93.05
C GLY A 2898 -57.32 -44.94 -92.59
N GLY A 2899 -56.04 -44.71 -92.29
CA GLY A 2899 -55.59 -43.39 -91.87
C GLY A 2899 -54.15 -43.17 -92.26
N GLY A 2900 -53.67 -41.95 -91.97
CA GLY A 2900 -52.31 -41.58 -92.33
C GLY A 2900 -52.09 -41.58 -93.83
N THR A 2901 -52.98 -40.92 -94.58
CA THR A 2901 -52.87 -40.94 -96.03
C THR A 2901 -51.47 -40.49 -96.44
N HIS A 2902 -50.85 -41.27 -97.31
CA HIS A 2902 -49.46 -41.02 -97.66
C HIS A 2902 -49.34 -39.68 -98.38
N PRO A 2903 -48.48 -38.77 -97.92
CA PRO A 2903 -48.45 -37.43 -98.54
C PRO A 2903 -48.15 -37.46 -100.03
N LEU A 2904 -47.35 -38.43 -100.49
CA LEU A 2904 -46.90 -38.45 -101.87
C LEU A 2904 -48.00 -38.84 -102.85
N LEU A 2905 -49.16 -39.30 -102.38
CA LEU A 2905 -50.21 -39.78 -103.28
C LEU A 2905 -50.82 -38.58 -103.98
N VAL A 2906 -50.09 -38.11 -104.99
CA VAL A 2906 -50.55 -37.00 -105.84
C VAL A 2906 -50.09 -37.26 -107.27
N PRO A 2907 -50.69 -36.56 -108.23
CA PRO A 2907 -50.31 -36.75 -109.63
C PRO A 2907 -48.84 -36.43 -109.86
N TYR A 2908 -48.24 -37.15 -110.81
CA TYR A 2908 -46.87 -36.87 -111.19
C TYR A 2908 -46.71 -35.45 -111.71
N ASP A 2909 -47.67 -34.98 -112.52
CA ASP A 2909 -47.56 -33.63 -113.07
C ASP A 2909 -47.57 -32.58 -111.97
N THR A 2910 -48.34 -32.82 -110.90
CA THR A 2910 -48.36 -31.87 -109.79
C THR A 2910 -47.09 -31.95 -108.97
N LEU A 2911 -46.62 -33.16 -108.67
CA LEU A 2911 -45.40 -33.30 -107.89
C LEU A 2911 -44.17 -33.05 -108.76
N THR A 2912 -43.01 -32.99 -108.11
CA THR A 2912 -41.78 -32.57 -108.78
C THR A 2912 -41.41 -33.57 -109.89
N ALA A 2913 -40.69 -33.05 -110.90
CA ALA A 2913 -40.28 -33.90 -112.00
C ALA A 2913 -39.26 -34.95 -111.57
N LYS A 2914 -38.47 -34.65 -110.54
CA LYS A 2914 -37.43 -35.58 -110.12
C LYS A 2914 -38.02 -36.90 -109.67
N GLU A 2915 -39.08 -36.87 -108.85
CA GLU A 2915 -39.81 -38.07 -108.47
C GLU A 2915 -40.51 -38.66 -109.70
N LYS A 2916 -40.96 -37.80 -110.60
CA LYS A 2916 -41.48 -38.25 -111.88
C LYS A 2916 -40.38 -38.83 -112.77
N ALA A 2917 -39.16 -38.30 -112.66
CA ALA A 2917 -38.12 -38.59 -113.65
C ALA A 2917 -37.94 -40.09 -113.86
N ARG A 2918 -38.02 -40.89 -112.79
CA ARG A 2918 -37.87 -42.34 -112.88
C ARG A 2918 -38.87 -42.93 -113.88
N ASP A 2919 -40.16 -42.77 -113.60
CA ASP A 2919 -41.23 -43.29 -114.44
C ASP A 2919 -41.22 -42.63 -115.80
N ARG A 2920 -40.81 -41.36 -115.87
CA ARG A 2920 -40.69 -40.67 -117.15
C ARG A 2920 -39.67 -41.36 -118.04
N GLU A 2921 -38.48 -41.63 -117.51
CA GLU A 2921 -37.45 -42.31 -118.28
C GLU A 2921 -37.89 -43.71 -118.66
N LYS A 2922 -38.58 -44.41 -117.75
CA LYS A 2922 -39.12 -45.73 -118.05
C LYS A 2922 -40.09 -45.68 -119.23
N ALA A 2923 -40.99 -44.69 -119.22
CA ALA A 2923 -41.96 -44.56 -120.31
C ALA A 2923 -41.27 -44.19 -121.61
N GLN A 2924 -40.26 -43.32 -121.55
CA GLN A 2924 -39.49 -43.00 -122.75
C GLN A 2924 -38.83 -44.25 -123.32
N GLU A 2925 -38.20 -45.05 -122.46
CA GLU A 2925 -37.55 -46.27 -122.94
C GLU A 2925 -38.57 -47.23 -123.54
N LEU A 2926 -39.74 -47.35 -122.92
CA LEU A 2926 -40.81 -48.20 -123.44
C LEU A 2926 -41.23 -47.74 -124.83
N LEU A 2927 -41.58 -46.46 -124.97
CA LEU A 2927 -41.99 -45.93 -126.27
C LEU A 2927 -40.90 -46.14 -127.31
N LYS A 2928 -39.63 -45.93 -126.92
CA LYS A 2928 -38.56 -46.20 -127.86
C LYS A 2928 -38.71 -47.64 -128.34
N PHE A 2929 -38.79 -48.60 -127.40
CA PHE A 2929 -38.93 -50.02 -127.71
C PHE A 2929 -39.97 -50.24 -128.77
N LEU A 2930 -41.13 -49.66 -128.57
CA LEU A 2930 -42.26 -49.87 -129.47
C LEU A 2930 -41.98 -49.32 -130.88
N GLN A 2931 -41.46 -48.10 -130.98
CA GLN A 2931 -41.19 -47.49 -132.28
C GLN A 2931 -40.10 -48.25 -133.05
N MET A 2932 -39.00 -48.55 -132.36
CA MET A 2932 -37.85 -49.30 -132.83
C MET A 2932 -38.09 -50.79 -133.10
N ASN A 2933 -39.16 -51.37 -132.58
CA ASN A 2933 -39.68 -52.62 -133.15
C ASN A 2933 -40.84 -52.37 -134.11
N GLY A 2934 -41.11 -51.13 -134.49
CA GLY A 2934 -42.18 -50.85 -135.44
C GLY A 2934 -43.58 -50.96 -134.88
N TYR A 2935 -43.73 -51.26 -133.60
CA TYR A 2935 -45.05 -51.35 -132.97
C TYR A 2935 -45.49 -49.94 -132.62
N ALA A 2936 -45.93 -49.19 -133.63
CA ALA A 2936 -46.32 -47.81 -133.43
C ALA A 2936 -47.55 -47.74 -132.53
N VAL A 2937 -47.51 -46.81 -131.58
CA VAL A 2937 -48.65 -46.51 -130.71
C VAL A 2937 -49.21 -45.16 -131.12
N THR A 2938 -50.43 -45.16 -131.64
CA THR A 2938 -51.08 -43.97 -132.17
C THR A 2938 -52.15 -43.50 -131.21
N ARG A 2939 -52.47 -42.22 -131.27
CA ARG A 2939 -53.49 -41.63 -130.40
C ARG A 2939 -53.10 -41.77 -128.95
N LEU A 2946 -55.20 -27.79 -131.86
CA LEU A 2946 -54.03 -28.28 -131.13
C LEU A 2946 -52.76 -27.59 -131.67
N ASP A 2947 -51.56 -28.09 -131.37
CA ASP A 2947 -50.33 -27.39 -131.75
C ASP A 2947 -50.39 -25.93 -131.28
N THR A 2948 -51.00 -25.73 -130.12
CA THR A 2948 -51.23 -24.39 -129.60
C THR A 2948 -49.91 -23.63 -129.48
N SER A 2949 -49.91 -22.39 -129.92
CA SER A 2949 -48.69 -21.59 -129.88
C SER A 2949 -48.38 -21.17 -128.45
N SER A 2950 -47.12 -20.80 -128.24
CA SER A 2950 -46.70 -20.28 -126.94
C SER A 2950 -47.57 -19.10 -126.53
N ILE A 2951 -47.97 -18.27 -127.49
CA ILE A 2951 -48.81 -17.12 -127.18
C ILE A 2951 -50.16 -17.57 -126.64
N GLU A 2952 -50.77 -18.56 -127.31
CA GLU A 2952 -52.02 -19.12 -126.80
C GLU A 2952 -51.82 -19.69 -125.41
N LYS A 2953 -50.65 -20.29 -125.17
CA LYS A 2953 -50.40 -20.96 -123.89
C LYS A 2953 -50.21 -19.96 -122.76
N ARG A 2954 -49.78 -18.74 -123.08
CA ARG A 2954 -49.52 -17.75 -122.04
C ARG A 2954 -50.74 -17.60 -121.13
N PHE A 2955 -50.48 -17.27 -119.86
CA PHE A 2955 -51.56 -17.15 -118.89
C PHE A 2955 -52.50 -16.01 -119.23
N ALA A 2956 -51.96 -14.84 -119.57
CA ALA A 2956 -52.80 -13.68 -119.85
C ALA A 2956 -53.76 -13.96 -121.00
N PHE A 2957 -53.32 -14.77 -121.96
CA PHE A 2957 -54.17 -15.09 -123.10
C PHE A 2957 -55.47 -15.75 -122.65
N GLY A 2958 -55.38 -16.80 -121.85
CA GLY A 2958 -56.58 -17.48 -121.39
C GLY A 2958 -57.42 -16.60 -120.48
N PHE A 2959 -56.76 -15.79 -119.66
CA PHE A 2959 -57.46 -14.86 -118.80
C PHE A 2959 -58.34 -13.93 -119.62
N LEU A 2960 -57.76 -13.32 -120.66
CA LEU A 2960 -58.51 -12.41 -121.52
C LEU A 2960 -59.61 -13.16 -122.28
N GLN A 2961 -59.32 -14.39 -122.71
CA GLN A 2961 -60.36 -15.17 -123.38
C GLN A 2961 -61.57 -15.36 -122.48
N GLN A 2962 -61.34 -15.74 -121.23
CA GLN A 2962 -62.43 -15.93 -120.29
C GLN A 2962 -63.14 -14.62 -120.01
N LEU A 2963 -62.38 -13.52 -119.90
CA LEU A 2963 -63.01 -12.22 -119.68
C LEU A 2963 -63.92 -11.84 -120.84
N LEU A 2964 -63.48 -12.10 -122.07
CA LEU A 2964 -64.30 -11.79 -123.23
C LEU A 2964 -65.56 -12.66 -123.27
N ARG A 2965 -65.41 -13.94 -122.93
CA ARG A 2965 -66.57 -14.81 -122.87
C ARG A 2965 -67.58 -14.32 -121.83
N TRP A 2966 -67.07 -13.89 -120.67
CA TRP A 2966 -67.95 -13.37 -119.65
C TRP A 2966 -68.55 -12.03 -120.07
N MET A 2967 -67.84 -11.27 -120.90
CA MET A 2967 -68.41 -10.05 -121.44
C MET A 2967 -69.59 -10.36 -122.36
N ASP A 2968 -69.46 -11.40 -123.17
CA ASP A 2968 -70.59 -11.83 -123.99
C ASP A 2968 -71.77 -12.25 -123.10
N ILE A 2969 -71.48 -13.03 -122.06
CA ILE A 2969 -72.53 -13.42 -121.12
C ILE A 2969 -73.16 -12.20 -120.48
N SER A 2970 -72.36 -11.16 -120.23
CA SER A 2970 -72.87 -9.96 -119.59
C SER A 2970 -73.83 -9.22 -120.51
N GLN A 2971 -73.43 -9.04 -121.77
CA GLN A 2971 -74.35 -8.52 -122.77
C GLN A 2971 -75.65 -9.32 -122.75
N GLU A 2972 -75.53 -10.64 -122.65
CA GLU A 2972 -76.71 -11.49 -122.70
C GLU A 2972 -77.66 -11.20 -121.55
N PHE A 2973 -77.15 -11.23 -120.31
CA PHE A 2973 -78.09 -11.11 -119.20
C PHE A 2973 -78.61 -9.69 -119.08
N ILE A 2974 -77.81 -8.69 -119.48
CA ILE A 2974 -78.34 -7.32 -119.43
C ILE A 2974 -79.46 -7.17 -120.44
N ALA A 2975 -79.29 -7.72 -121.65
CA ALA A 2975 -80.35 -7.64 -122.65
C ALA A 2975 -81.62 -8.30 -122.12
N HIS A 2976 -81.47 -9.50 -121.55
CA HIS A 2976 -82.61 -10.17 -120.94
C HIS A 2976 -83.22 -9.31 -119.84
N LEU A 2977 -82.38 -8.56 -119.13
CA LEU A 2977 -82.85 -7.75 -118.01
C LEU A 2977 -83.69 -6.59 -118.49
N GLU A 2978 -83.23 -5.86 -119.52
CA GLU A 2978 -84.07 -4.80 -120.07
C GLU A 2978 -85.35 -5.39 -120.63
N ALA A 2979 -85.26 -6.56 -121.27
CA ALA A 2979 -86.46 -7.18 -121.82
C ALA A 2979 -87.49 -7.46 -120.75
N VAL A 2980 -87.07 -8.01 -119.60
CA VAL A 2980 -88.02 -8.32 -118.54
C VAL A 2980 -88.49 -7.04 -117.84
N VAL A 2981 -87.61 -6.04 -117.71
CA VAL A 2981 -88.01 -4.79 -117.06
C VAL A 2981 -89.06 -4.07 -117.89
N SER A 2982 -88.93 -4.10 -119.21
CA SER A 2982 -89.88 -3.40 -120.06
C SER A 2982 -91.30 -3.91 -119.83
N SER A 2983 -91.46 -5.23 -119.65
CA SER A 2983 -92.78 -5.80 -119.40
C SER A 2983 -92.60 -7.14 -118.71
N GLY A 2984 -93.62 -7.52 -117.95
CA GLY A 2984 -93.59 -8.78 -117.21
C GLY A 2984 -92.38 -8.89 -116.32
N ARG A 2985 -92.30 -8.02 -115.31
CA ARG A 2985 -91.12 -8.00 -114.44
C ARG A 2985 -91.06 -9.26 -113.60
N VAL A 2986 -89.92 -9.95 -113.69
CA VAL A 2986 -89.64 -11.13 -112.88
C VAL A 2986 -88.53 -10.74 -111.90
N GLU A 2987 -88.86 -10.73 -110.60
CA GLU A 2987 -87.88 -10.35 -109.60
C GLU A 2987 -86.82 -11.42 -109.37
N LYS A 2988 -87.00 -12.60 -109.95
CA LYS A 2988 -86.06 -13.69 -109.71
C LYS A 2988 -84.65 -13.33 -110.16
N SER A 2989 -84.53 -12.79 -111.38
CA SER A 2989 -83.22 -12.52 -111.95
C SER A 2989 -82.38 -13.79 -111.91
N PRO A 2990 -82.68 -14.79 -112.76
CA PRO A 2990 -81.96 -16.07 -112.67
C PRO A 2990 -80.46 -15.92 -112.84
N HIS A 2991 -80.03 -14.89 -113.57
CA HIS A 2991 -78.60 -14.69 -113.79
C HIS A 2991 -77.93 -14.04 -112.58
N GLU A 2992 -78.65 -13.93 -111.47
CA GLU A 2992 -78.14 -13.32 -110.24
C GLU A 2992 -76.70 -13.75 -109.95
N GLN A 2993 -76.43 -15.05 -110.03
CA GLN A 2993 -75.09 -15.54 -109.73
C GLN A 2993 -74.08 -14.95 -110.70
N GLU A 2994 -74.41 -14.92 -111.99
CA GLU A 2994 -73.49 -14.37 -112.97
C GLU A 2994 -73.25 -12.89 -112.72
N ILE A 2995 -74.31 -12.15 -112.40
CA ILE A 2995 -74.18 -10.72 -112.14
C ILE A 2995 -73.25 -10.48 -110.96
N LYS A 2996 -73.47 -11.23 -109.87
CA LYS A 2996 -72.67 -11.03 -108.68
C LYS A 2996 -71.22 -11.43 -108.92
N PHE A 2997 -71.00 -12.54 -109.61
CA PHE A 2997 -69.64 -12.93 -109.96
C PHE A 2997 -68.95 -11.82 -110.75
N PHE A 2998 -69.60 -11.38 -111.82
CA PHE A 2998 -69.08 -10.27 -112.61
C PHE A 2998 -68.65 -9.12 -111.70
N ALA A 2999 -69.62 -8.51 -111.02
CA ALA A 2999 -69.38 -7.27 -110.31
C ALA A 2999 -68.39 -7.43 -109.16
N LYS A 3000 -68.40 -8.58 -108.48
CA LYS A 3000 -67.64 -8.73 -107.25
C LYS A 3000 -66.24 -9.26 -107.48
N ILE A 3001 -66.04 -10.08 -108.52
CA ILE A 3001 -64.76 -10.71 -108.79
C ILE A 3001 -64.08 -10.09 -110.01
N LEU A 3002 -64.77 -10.07 -111.14
CA LEU A 3002 -64.08 -9.79 -112.40
C LEU A 3002 -63.58 -8.35 -112.43
N LEU A 3003 -64.44 -7.40 -112.07
CA LEU A 3003 -64.05 -6.00 -112.16
C LEU A 3003 -62.88 -5.65 -111.27
N PRO A 3004 -62.89 -5.95 -109.96
CA PRO A 3004 -61.69 -5.69 -109.16
C PRO A 3004 -60.47 -6.42 -109.68
N LEU A 3005 -60.66 -7.66 -110.14
CA LEU A 3005 -59.56 -8.43 -110.69
C LEU A 3005 -58.98 -7.74 -111.92
N ILE A 3006 -59.86 -7.28 -112.81
CA ILE A 3006 -59.41 -6.54 -113.99
C ILE A 3006 -58.61 -5.32 -113.57
N ASN A 3007 -59.17 -4.53 -112.66
CA ASN A 3007 -58.51 -3.32 -112.22
C ASN A 3007 -57.10 -3.62 -111.71
N GLN A 3008 -57.00 -4.52 -110.73
CA GLN A 3008 -55.71 -4.80 -110.11
C GLN A 3008 -54.72 -5.38 -111.12
N TYR A 3009 -55.17 -6.36 -111.90
CA TYR A 3009 -54.27 -7.04 -112.83
C TYR A 3009 -53.71 -6.06 -113.85
N PHE A 3010 -54.56 -5.23 -114.45
CA PHE A 3010 -54.08 -4.37 -115.52
C PHE A 3010 -53.34 -3.16 -114.98
N THR A 3011 -53.68 -2.72 -113.76
CA THR A 3011 -52.85 -1.72 -113.10
C THR A 3011 -51.45 -2.26 -112.87
N ASN A 3012 -51.34 -3.52 -112.47
CA ASN A 3012 -50.03 -4.12 -112.25
C ASN A 3012 -49.25 -4.29 -113.55
N HIS A 3013 -49.91 -4.83 -114.57
CA HIS A 3013 -49.24 -5.25 -115.81
C HIS A 3013 -49.52 -4.31 -116.97
N CYS A 3014 -49.77 -3.02 -116.72
CA CYS A 3014 -49.98 -2.08 -117.80
C CYS A 3014 -48.76 -2.03 -118.73
N LEU A 3015 -47.56 -1.94 -118.15
CA LEU A 3015 -46.36 -1.77 -118.96
C LEU A 3015 -46.14 -2.96 -119.88
N TYR A 3016 -46.47 -4.16 -119.41
CA TYR A 3016 -46.28 -5.35 -120.24
C TYR A 3016 -47.13 -5.27 -121.51
N PHE A 3017 -48.35 -4.78 -121.40
CA PHE A 3017 -49.23 -4.73 -122.56
C PHE A 3017 -48.84 -3.60 -123.50
N LEU A 3018 -48.30 -2.51 -122.96
CA LEU A 3018 -47.87 -1.39 -123.79
C LEU A 3018 -46.47 -1.59 -124.35
N SER A 3019 -45.69 -2.51 -123.79
CA SER A 3019 -44.33 -2.70 -124.24
C SER A 3019 -44.31 -3.27 -125.66
N THR A 3020 -43.27 -2.93 -126.40
CA THR A 3020 -43.04 -3.46 -127.73
C THR A 3020 -41.62 -3.98 -127.82
N PRO A 3021 -41.36 -4.91 -128.74
CA PRO A 3021 -39.99 -5.44 -128.87
C PRO A 3021 -38.97 -4.34 -129.08
N ALA A 3022 -39.34 -3.33 -129.86
CA ALA A 3022 -38.46 -2.19 -130.07
C ALA A 3022 -38.27 -1.39 -128.80
N LYS A 3023 -39.35 -1.16 -128.05
CA LYS A 3023 -39.34 -0.34 -126.85
C LYS A 3023 -39.98 -1.13 -125.73
N VAL A 3024 -39.17 -1.60 -124.79
CA VAL A 3024 -39.65 -2.44 -123.70
C VAL A 3024 -39.71 -1.60 -122.42
N LEU A 3025 -40.89 -1.02 -122.16
CA LEU A 3025 -41.05 -0.22 -120.96
C LEU A 3025 -40.94 -1.08 -119.70
N GLY A 3026 -41.58 -2.24 -119.71
CA GLY A 3026 -41.57 -3.09 -118.54
C GLY A 3026 -40.21 -3.72 -118.31
N SER A 3027 -40.02 -4.22 -117.08
CA SER A 3027 -38.75 -4.87 -116.75
C SER A 3027 -38.52 -6.09 -117.63
N GLY A 3028 -39.56 -6.91 -117.84
CA GLY A 3028 -39.42 -8.09 -118.66
C GLY A 3028 -40.67 -8.44 -119.44
N GLY A 3029 -40.52 -8.58 -120.74
CA GLY A 3029 -41.57 -9.11 -121.59
C GLY A 3029 -42.42 -8.02 -122.23
N HIS A 3030 -42.96 -8.35 -123.39
CA HIS A 3030 -43.87 -7.48 -124.12
C HIS A 3030 -45.05 -8.30 -124.61
N ALA A 3031 -46.25 -7.73 -124.50
CA ALA A 3031 -47.45 -8.46 -124.86
C ALA A 3031 -47.53 -8.68 -126.35
N SER A 3032 -48.19 -9.78 -126.72
CA SER A 3032 -48.39 -10.11 -128.12
C SER A 3032 -49.49 -9.24 -128.73
N ASN A 3033 -49.46 -9.15 -130.06
CA ASN A 3033 -50.48 -8.41 -130.78
C ASN A 3033 -51.87 -8.96 -130.50
N LYS A 3034 -51.99 -10.28 -130.38
CA LYS A 3034 -53.28 -10.88 -130.09
C LYS A 3034 -53.77 -10.47 -128.71
N GLU A 3035 -52.88 -10.44 -127.73
CA GLU A 3035 -53.25 -9.96 -126.40
C GLU A 3035 -53.72 -8.51 -126.45
N LYS A 3036 -53.01 -7.69 -127.22
CA LYS A 3036 -53.42 -6.30 -127.37
C LYS A 3036 -54.82 -6.19 -127.97
N GLU A 3037 -55.07 -6.99 -129.01
CA GLU A 3037 -56.40 -6.99 -129.61
C GLU A 3037 -57.46 -7.41 -128.61
N MET A 3038 -57.17 -8.44 -127.82
CA MET A 3038 -58.15 -8.92 -126.85
C MET A 3038 -58.45 -7.86 -125.81
N ILE A 3039 -57.43 -7.15 -125.32
CA ILE A 3039 -57.67 -6.13 -124.31
C ILE A 3039 -58.47 -4.97 -124.90
N THR A 3040 -58.16 -4.58 -126.14
CA THR A 3040 -58.92 -3.51 -126.78
C THR A 3040 -60.38 -3.92 -126.96
N SER A 3041 -60.61 -5.15 -127.40
CA SER A 3041 -61.97 -5.63 -127.58
C SER A 3041 -62.72 -5.67 -126.26
N LEU A 3042 -62.04 -6.08 -125.19
CA LEU A 3042 -62.65 -6.07 -123.87
C LEU A 3042 -63.07 -4.66 -123.47
N PHE A 3043 -62.17 -3.69 -123.67
CA PHE A 3043 -62.50 -2.30 -123.37
C PHE A 3043 -63.75 -1.85 -124.13
N CYS A 3044 -63.77 -2.11 -125.44
CA CYS A 3044 -64.89 -1.66 -126.25
C CYS A 3044 -66.19 -2.33 -125.83
N LYS A 3045 -66.13 -3.64 -125.54
CA LYS A 3045 -67.33 -4.36 -125.12
C LYS A 3045 -67.85 -3.84 -123.80
N LEU A 3046 -66.97 -3.56 -122.85
CA LEU A 3046 -67.42 -3.01 -121.58
C LEU A 3046 -68.03 -1.63 -121.75
N ALA A 3047 -67.43 -0.79 -122.60
CA ALA A 3047 -68.02 0.51 -122.87
C ALA A 3047 -69.42 0.38 -123.46
N ALA A 3048 -69.59 -0.52 -124.43
CA ALA A 3048 -70.92 -0.75 -124.98
C ALA A 3048 -71.86 -1.30 -123.92
N LEU A 3049 -71.36 -2.17 -123.05
CA LEU A 3049 -72.18 -2.75 -121.99
C LEU A 3049 -72.74 -1.67 -121.08
N VAL A 3050 -71.90 -0.72 -120.70
CA VAL A 3050 -72.34 0.33 -119.78
C VAL A 3050 -73.05 1.48 -120.49
N ARG A 3051 -72.96 1.55 -121.82
CA ARG A 3051 -73.63 2.62 -122.55
C ARG A 3051 -75.12 2.63 -122.26
N HIS A 3052 -75.60 3.76 -121.74
CA HIS A 3052 -77.02 3.99 -121.47
C HIS A 3052 -77.61 2.99 -120.49
N ARG A 3053 -76.77 2.16 -119.86
CA ARG A 3053 -77.21 1.16 -118.90
C ARG A 3053 -76.53 1.34 -117.55
N VAL A 3054 -76.03 2.53 -117.27
CA VAL A 3054 -75.26 2.80 -116.06
C VAL A 3054 -76.10 2.54 -114.82
N SER A 3055 -77.37 2.98 -114.86
CA SER A 3055 -78.22 2.90 -113.67
C SER A 3055 -78.41 1.45 -113.23
N LEU A 3056 -78.64 0.55 -114.18
CA LEU A 3056 -78.91 -0.84 -113.83
C LEU A 3056 -77.78 -1.45 -113.02
N PHE A 3057 -76.55 -0.95 -113.23
CA PHE A 3057 -75.41 -1.48 -112.48
C PHE A 3057 -75.44 -1.04 -111.02
N GLY A 3058 -76.10 0.06 -110.73
CA GLY A 3058 -76.14 0.55 -109.36
C GLY A 3058 -74.76 0.96 -108.88
N THR A 3059 -74.35 0.40 -107.74
CA THR A 3059 -73.10 0.80 -107.12
C THR A 3059 -71.87 0.32 -107.88
N ASP A 3060 -72.04 -0.64 -108.80
CA ASP A 3060 -70.93 -1.22 -109.53
C ASP A 3060 -70.48 -0.35 -110.70
N ALA A 3061 -71.26 0.66 -111.08
CA ALA A 3061 -70.87 1.53 -112.20
C ALA A 3061 -69.54 2.22 -111.95
N PRO A 3062 -69.25 2.73 -110.76
CA PRO A 3062 -67.92 3.27 -110.50
C PRO A 3062 -66.81 2.28 -110.80
N ALA A 3063 -67.03 1.02 -110.42
CA ALA A 3063 -66.06 -0.02 -110.73
C ALA A 3063 -65.89 -0.20 -112.23
N VAL A 3064 -67.01 -0.19 -112.96
CA VAL A 3064 -66.94 -0.30 -114.41
C VAL A 3064 -66.11 0.84 -114.98
N VAL A 3065 -66.36 2.06 -114.51
CA VAL A 3065 -65.66 3.22 -115.04
C VAL A 3065 -64.17 3.15 -114.74
N ASN A 3066 -63.82 2.74 -113.51
CA ASN A 3066 -62.41 2.65 -113.16
C ASN A 3066 -61.70 1.57 -113.98
N CYS A 3067 -62.35 0.43 -114.18
CA CYS A 3067 -61.78 -0.61 -115.02
C CYS A 3067 -61.60 -0.10 -116.44
N LEU A 3068 -62.54 0.69 -116.93
CA LEU A 3068 -62.41 1.27 -118.25
C LEU A 3068 -61.22 2.22 -118.33
N HIS A 3069 -61.04 3.04 -117.29
CA HIS A 3069 -59.86 3.90 -117.22
C HIS A 3069 -58.58 3.09 -117.35
N ILE A 3070 -58.48 2.03 -116.54
CA ILE A 3070 -57.26 1.23 -116.52
C ILE A 3070 -57.02 0.58 -117.88
N LEU A 3071 -58.08 0.02 -118.46
CA LEU A 3071 -57.97 -0.62 -119.77
C LEU A 3071 -57.51 0.38 -120.82
N ALA A 3072 -58.10 1.58 -120.80
CA ALA A 3072 -57.71 2.63 -121.73
C ALA A 3072 -56.22 2.92 -121.60
N ARG A 3073 -55.74 3.08 -120.36
CA ARG A 3073 -54.32 3.33 -120.16
C ARG A 3073 -53.49 2.17 -120.69
N SER A 3074 -54.04 0.95 -120.66
CA SER A 3074 -53.25 -0.22 -121.04
C SER A 3074 -53.22 -0.43 -122.54
N LEU A 3075 -54.21 0.10 -123.27
CA LEU A 3075 -54.33 -0.20 -124.70
C LEU A 3075 -53.11 0.27 -125.48
N ASP A 3076 -52.76 -0.50 -126.52
CA ASP A 3076 -51.77 -0.08 -127.52
C ASP A 3076 -52.53 0.12 -128.83
N ALA A 3077 -53.13 1.29 -128.97
CA ALA A 3077 -53.96 1.57 -130.13
C ALA A 3077 -53.13 1.66 -131.39
N ARG A 3078 -51.88 2.13 -131.27
CA ARG A 3078 -51.00 2.17 -132.43
C ARG A 3078 -50.92 0.81 -133.10
N THR A 3079 -50.45 -0.20 -132.38
CA THR A 3079 -50.33 -1.54 -132.94
C THR A 3079 -51.69 -2.08 -133.35
N VAL A 3080 -52.71 -1.89 -132.51
CA VAL A 3080 -54.01 -2.47 -132.81
C VAL A 3080 -54.55 -1.94 -134.12
N MET A 3081 -54.34 -0.66 -134.40
CA MET A 3081 -54.92 0.00 -135.56
C MET A 3081 -54.03 -0.09 -136.79
N LYS A 3082 -52.74 -0.38 -136.64
CA LYS A 3082 -51.90 -0.61 -137.81
C LYS A 3082 -51.89 -2.07 -138.24
N SER A 3083 -51.67 -3.00 -137.32
CA SER A 3083 -51.67 -4.42 -137.61
C SER A 3083 -52.67 -5.08 -136.65
N GLY A 3084 -53.94 -5.07 -137.04
CA GLY A 3084 -54.98 -5.64 -136.23
C GLY A 3084 -56.20 -6.02 -137.04
N PRO A 3085 -57.01 -6.94 -136.50
CA PRO A 3085 -58.21 -7.36 -137.22
C PRO A 3085 -59.20 -6.22 -137.42
N GLU A 3086 -59.84 -6.24 -138.59
CA GLU A 3086 -60.85 -5.25 -138.89
C GLU A 3086 -61.97 -5.27 -137.88
N ILE A 3087 -62.20 -6.42 -137.25
CA ILE A 3087 -63.27 -6.51 -136.25
C ILE A 3087 -62.95 -5.62 -135.05
N VAL A 3088 -61.75 -5.76 -134.50
CA VAL A 3088 -61.34 -4.94 -133.36
C VAL A 3088 -61.28 -3.48 -133.76
N LYS A 3089 -60.72 -3.21 -134.93
CA LYS A 3089 -60.61 -1.83 -135.39
C LYS A 3089 -61.99 -1.19 -135.55
N ALA A 3090 -62.95 -1.95 -136.08
CA ALA A 3090 -64.31 -1.46 -136.22
C ALA A 3090 -64.94 -1.23 -134.85
N GLY A 3091 -64.65 -2.10 -133.89
CA GLY A 3091 -65.16 -1.89 -132.54
C GLY A 3091 -64.69 -0.57 -131.97
N LEU A 3092 -63.39 -0.28 -132.15
CA LEU A 3092 -62.86 0.99 -131.64
C LEU A 3092 -63.47 2.19 -132.37
N ARG A 3093 -63.59 2.10 -133.70
CA ARG A 3093 -64.24 3.17 -134.45
C ARG A 3093 -65.66 3.39 -133.97
N SER A 3094 -66.39 2.30 -133.71
CA SER A 3094 -67.77 2.41 -133.25
C SER A 3094 -67.82 3.06 -131.88
N PHE A 3095 -66.88 2.72 -131.00
CA PHE A 3095 -66.83 3.38 -129.71
C PHE A 3095 -66.68 4.89 -129.86
N PHE A 3096 -65.73 5.31 -130.70
CA PHE A 3096 -65.52 6.75 -130.90
C PHE A 3096 -66.76 7.40 -131.49
N GLU A 3097 -67.36 6.77 -132.50
CA GLU A 3097 -68.53 7.33 -133.16
C GLU A 3097 -69.71 7.47 -132.19
N SER A 3098 -69.92 6.44 -131.37
CA SER A 3098 -71.00 6.49 -130.39
C SER A 3098 -70.75 7.56 -129.36
N ALA A 3099 -69.50 7.73 -128.94
CA ALA A 3099 -69.17 8.83 -128.03
C ALA A 3099 -69.54 10.16 -128.66
N SER A 3100 -69.21 10.33 -129.94
CA SER A 3100 -69.55 11.56 -130.64
C SER A 3100 -71.07 11.78 -130.65
N GLU A 3101 -71.83 10.73 -130.94
CA GLU A 3101 -73.29 10.87 -130.97
C GLU A 3101 -73.82 11.28 -129.60
N ASP A 3102 -73.33 10.63 -128.55
CA ASP A 3102 -73.81 10.94 -127.20
C ASP A 3102 -73.51 12.39 -126.85
N ILE A 3103 -72.31 12.87 -127.21
CA ILE A 3103 -71.98 14.26 -126.94
C ILE A 3103 -72.90 15.19 -127.72
N GLU A 3104 -73.18 14.86 -128.98
CA GLU A 3104 -74.08 15.70 -129.76
C GLU A 3104 -75.47 15.75 -129.12
N LYS A 3105 -75.97 14.61 -128.66
CA LYS A 3105 -77.28 14.60 -128.00
C LYS A 3105 -77.26 15.43 -126.73
N MET A 3106 -76.20 15.31 -125.93
CA MET A 3106 -76.10 16.13 -124.73
C MET A 3106 -76.16 17.60 -125.07
N VAL A 3107 -75.33 18.03 -126.03
CA VAL A 3107 -75.26 19.45 -126.34
C VAL A 3107 -76.60 19.92 -126.88
N GLU A 3108 -77.31 19.08 -127.63
CA GLU A 3108 -78.65 19.44 -128.06
C GLU A 3108 -79.58 19.66 -126.87
N ASN A 3109 -79.61 18.70 -125.95
CA ASN A 3109 -80.46 18.85 -124.77
C ASN A 3109 -80.14 20.15 -124.04
N LEU A 3110 -78.86 20.50 -123.97
CA LEU A 3110 -78.48 21.74 -123.30
C LEU A 3110 -78.80 22.96 -124.16
N ARG A 3111 -78.96 22.75 -125.47
CA ARG A 3111 -79.57 23.79 -126.31
C ARG A 3111 -81.04 23.95 -125.96
N LEU A 3112 -81.61 22.93 -125.34
CA LEU A 3112 -83.01 22.92 -124.90
C LEU A 3112 -83.94 22.75 -126.10
N GLY A 3113 -83.40 22.24 -127.21
CA GLY A 3113 -84.28 21.81 -128.29
C GLY A 3113 -85.31 20.82 -127.82
N LYS A 3114 -84.96 20.02 -126.82
CA LYS A 3114 -85.89 19.20 -126.05
C LYS A 3114 -86.05 19.84 -124.67
N VAL A 3115 -87.18 19.54 -124.02
CA VAL A 3115 -87.48 20.19 -122.74
C VAL A 3115 -86.37 19.89 -121.73
N SER A 3116 -86.22 18.63 -121.36
CA SER A 3116 -85.24 18.18 -120.37
C SER A 3116 -85.61 18.58 -118.94
N LYS A 3123 -85.60 9.49 -118.02
CA LYS A 3123 -85.95 9.00 -119.35
C LYS A 3123 -84.70 8.89 -120.23
N GLY A 3124 -84.88 8.98 -121.56
CA GLY A 3124 -83.74 8.83 -122.45
C GLY A 3124 -82.71 9.93 -122.30
N VAL A 3125 -83.18 11.18 -122.20
CA VAL A 3125 -82.26 12.30 -122.06
C VAL A 3125 -81.49 12.18 -120.74
N GLY A 3126 -82.19 11.86 -119.66
CA GLY A 3126 -81.52 11.68 -118.38
C GLY A 3126 -80.51 10.55 -118.43
N GLN A 3127 -80.87 9.44 -119.07
CA GLN A 3127 -79.96 8.32 -119.20
C GLN A 3127 -78.70 8.72 -119.95
N ASN A 3128 -78.87 9.39 -121.09
CA ASN A 3128 -77.70 9.79 -121.87
C ASN A 3128 -76.84 10.77 -121.09
N LEU A 3129 -77.46 11.74 -120.42
CA LEU A 3129 -76.70 12.74 -119.67
C LEU A 3129 -75.90 12.10 -118.55
N THR A 3130 -76.56 11.26 -117.75
CA THR A 3130 -75.87 10.64 -116.63
C THR A 3130 -74.78 9.70 -117.11
N TYR A 3131 -75.06 8.90 -118.15
CA TYR A 3131 -74.03 8.03 -118.69
C TYR A 3131 -72.82 8.85 -119.12
N THR A 3132 -73.06 9.90 -119.92
CA THR A 3132 -71.94 10.70 -120.41
C THR A 3132 -71.15 11.25 -119.23
N THR A 3133 -71.78 12.08 -118.40
CA THR A 3133 -71.06 12.80 -117.35
C THR A 3133 -70.35 11.84 -116.40
N VAL A 3134 -70.92 10.65 -116.17
CA VAL A 3134 -70.36 9.74 -115.19
C VAL A 3134 -69.23 8.92 -115.77
N ALA A 3135 -69.38 8.39 -116.99
CA ALA A 3135 -68.44 7.43 -117.54
C ALA A 3135 -67.70 7.96 -118.76
N LEU A 3136 -68.42 8.54 -119.72
CA LEU A 3136 -67.84 8.76 -121.04
C LEU A 3136 -66.76 9.85 -120.99
N LEU A 3137 -67.10 11.01 -120.44
CA LEU A 3137 -66.13 12.10 -120.38
C LEU A 3137 -64.86 11.70 -119.65
N PRO A 3138 -64.93 11.08 -118.46
CA PRO A 3138 -63.68 10.61 -117.83
C PRO A 3138 -62.93 9.60 -118.66
N VAL A 3139 -63.63 8.58 -119.18
CA VAL A 3139 -62.95 7.53 -119.93
C VAL A 3139 -62.35 8.08 -121.21
N LEU A 3140 -63.10 8.92 -121.92
CA LEU A 3140 -62.59 9.52 -123.15
C LEU A 3140 -61.40 10.43 -122.86
N THR A 3141 -61.48 11.21 -121.77
CA THR A 3141 -60.37 12.06 -121.39
C THR A 3141 -59.12 11.23 -121.09
N THR A 3142 -59.30 10.13 -120.36
CA THR A 3142 -58.17 9.25 -120.05
C THR A 3142 -57.57 8.67 -121.32
N LEU A 3143 -58.42 8.23 -122.25
CA LEU A 3143 -57.92 7.65 -123.49
C LEU A 3143 -57.13 8.68 -124.29
N PHE A 3144 -57.66 9.91 -124.38
CA PHE A 3144 -56.96 10.96 -125.10
C PHE A 3144 -55.63 11.27 -124.44
N GLN A 3145 -55.62 11.34 -123.11
CA GLN A 3145 -54.38 11.60 -122.38
C GLN A 3145 -53.35 10.52 -122.65
N HIS A 3146 -53.77 9.25 -122.60
CA HIS A 3146 -52.87 8.14 -122.83
C HIS A 3146 -52.32 8.16 -124.24
N ILE A 3147 -53.19 8.43 -125.21
CA ILE A 3147 -52.77 8.53 -126.61
C ILE A 3147 -51.75 9.63 -126.78
N ALA A 3148 -52.00 10.81 -126.20
CA ALA A 3148 -51.08 11.93 -126.34
C ALA A 3148 -49.75 11.62 -125.67
N GLN A 3149 -49.79 11.03 -124.48
CA GLN A 3149 -48.56 10.72 -123.75
C GLN A 3149 -47.69 9.77 -124.55
N HIS A 3150 -48.30 8.75 -125.15
CA HIS A 3150 -47.53 7.76 -125.91
C HIS A 3150 -47.42 8.13 -127.38
N GLN A 3151 -47.86 9.32 -127.77
CA GLN A 3151 -47.66 9.82 -129.13
C GLN A 3151 -48.38 8.95 -130.16
N PHE A 3152 -49.46 8.31 -129.73
CA PHE A 3152 -50.23 7.41 -130.57
C PHE A 3152 -51.18 8.13 -131.51
N GLY A 3153 -51.41 9.43 -131.32
CA GLY A 3153 -52.47 10.10 -132.05
C GLY A 3153 -52.32 10.00 -133.56
N ASP A 3154 -51.11 10.25 -134.06
CA ASP A 3154 -50.90 10.25 -135.51
C ASP A 3154 -51.15 8.89 -136.13
N ASP A 3155 -51.20 7.83 -135.33
CA ASP A 3155 -51.44 6.49 -135.84
C ASP A 3155 -52.88 6.04 -135.58
N VAL A 3156 -53.50 6.54 -134.53
CA VAL A 3156 -54.85 6.11 -134.16
C VAL A 3156 -55.91 7.00 -134.78
N ILE A 3157 -55.83 8.31 -134.57
CA ILE A 3157 -56.88 9.22 -135.01
C ILE A 3157 -56.62 9.59 -136.47
N LEU A 3158 -57.15 8.79 -137.40
CA LEU A 3158 -56.72 8.89 -138.78
C LEU A 3158 -57.79 9.40 -139.73
N ASP A 3159 -58.90 8.66 -139.92
CA ASP A 3159 -59.92 9.10 -140.84
C ASP A 3159 -61.28 9.20 -140.08
N ASP A 3160 -61.79 8.09 -139.57
CA ASP A 3160 -63.12 8.10 -138.99
C ASP A 3160 -63.06 8.54 -137.54
N VAL A 3161 -62.02 8.11 -136.84
CA VAL A 3161 -61.74 8.67 -135.52
C VAL A 3161 -61.48 10.16 -135.66
N GLN A 3162 -60.81 10.56 -136.75
CA GLN A 3162 -60.62 11.97 -137.02
C GLN A 3162 -61.97 12.70 -137.11
N VAL A 3163 -62.91 12.14 -137.87
CA VAL A 3163 -64.21 12.78 -138.01
C VAL A 3163 -64.93 12.85 -136.68
N SER A 3164 -64.92 11.76 -135.92
CA SER A 3164 -65.59 11.73 -134.63
C SER A 3164 -65.01 12.76 -133.68
N CYS A 3165 -63.68 12.86 -133.63
CA CYS A 3165 -63.05 13.85 -132.77
C CYS A 3165 -63.32 15.26 -133.23
N TYR A 3166 -63.36 15.48 -134.55
CA TYR A 3166 -63.82 16.77 -135.07
C TYR A 3166 -65.18 17.12 -134.53
N ARG A 3167 -66.14 16.19 -134.63
CA ARG A 3167 -67.49 16.47 -134.18
C ARG A 3167 -67.52 16.78 -132.69
N THR A 3168 -66.81 15.99 -131.89
CA THR A 3168 -66.77 16.23 -130.45
C THR A 3168 -66.19 17.60 -130.15
N LEU A 3169 -65.07 17.92 -130.78
CA LEU A 3169 -64.45 19.23 -130.61
C LEU A 3169 -65.43 20.35 -130.92
N CYS A 3170 -66.08 20.27 -132.08
CA CYS A 3170 -66.89 21.37 -132.55
C CYS A 3170 -68.15 21.52 -131.69
N SER A 3171 -68.70 20.40 -131.22
CA SER A 3171 -69.86 20.46 -130.33
C SER A 3171 -69.48 21.09 -129.00
N ILE A 3172 -68.39 20.64 -128.40
CA ILE A 3172 -67.97 21.18 -127.11
C ILE A 3172 -67.70 22.68 -127.23
N TYR A 3173 -67.09 23.10 -128.34
CA TYR A 3173 -66.88 24.53 -128.53
C TYR A 3173 -68.20 25.28 -128.71
N SER A 3174 -69.10 24.75 -129.54
CA SER A 3174 -70.37 25.41 -129.77
C SER A 3174 -71.15 25.55 -128.47
N LEU A 3175 -70.89 24.68 -127.50
CA LEU A 3175 -71.60 24.77 -126.23
C LEU A 3175 -71.34 26.08 -125.51
N GLY A 3176 -70.28 26.81 -125.88
CA GLY A 3176 -69.94 28.02 -125.16
C GLY A 3176 -71.05 29.04 -125.12
N THR A 3177 -71.74 29.22 -126.26
CA THR A 3177 -72.77 30.26 -126.33
C THR A 3177 -73.89 29.99 -125.34
N THR A 3178 -74.24 28.73 -125.12
CA THR A 3178 -75.32 28.40 -124.21
C THR A 3178 -74.96 28.81 -122.78
N LYS A 3179 -75.95 29.29 -122.04
CA LYS A 3179 -75.78 29.70 -120.65
C LYS A 3179 -76.84 29.01 -119.81
N ASN A 3180 -76.40 28.12 -118.92
CA ASN A 3180 -77.31 27.38 -118.06
C ASN A 3180 -76.55 26.89 -116.85
N THR A 3181 -77.31 26.58 -115.80
CA THR A 3181 -76.71 25.99 -114.61
C THR A 3181 -76.05 24.66 -114.93
N TYR A 3182 -76.68 23.87 -115.80
CA TYR A 3182 -76.10 22.60 -116.21
C TYR A 3182 -74.76 22.81 -116.90
N VAL A 3183 -74.69 23.80 -117.79
CA VAL A 3183 -73.45 24.09 -118.49
C VAL A 3183 -72.39 24.54 -117.49
N GLU A 3184 -72.79 25.36 -116.51
CA GLU A 3184 -71.84 25.82 -115.51
C GLU A 3184 -71.18 24.65 -114.79
N LYS A 3185 -71.97 23.63 -114.47
CA LYS A 3185 -71.44 22.48 -113.74
C LYS A 3185 -70.63 21.56 -114.64
N LEU A 3186 -71.02 21.41 -115.90
CA LEU A 3186 -70.40 20.42 -116.78
C LEU A 3186 -69.25 20.98 -117.61
N ARG A 3187 -69.04 22.30 -117.59
CA ARG A 3187 -68.01 22.89 -118.43
C ARG A 3187 -66.61 22.40 -118.10
N PRO A 3188 -66.19 22.27 -116.84
CA PRO A 3188 -64.82 21.82 -116.55
C PRO A 3188 -64.44 20.49 -117.20
N ALA A 3189 -65.32 19.49 -117.10
CA ALA A 3189 -65.02 18.19 -117.68
C ALA A 3189 -64.91 18.28 -119.20
N LEU A 3190 -65.81 19.04 -119.82
CA LEU A 3190 -65.73 19.24 -121.26
C LEU A 3190 -64.43 19.92 -121.65
N GLY A 3191 -64.01 20.90 -120.86
CA GLY A 3191 -62.75 21.57 -121.14
C GLY A 3191 -61.56 20.64 -121.06
N GLU A 3192 -61.54 19.79 -120.04
CA GLU A 3192 -60.46 18.81 -119.92
C GLU A 3192 -60.47 17.84 -121.09
N CYS A 3193 -61.65 17.35 -121.47
CA CYS A 3193 -61.75 16.44 -122.60
C CYS A 3193 -61.26 17.11 -123.88
N LEU A 3194 -61.63 18.37 -124.07
CA LEU A 3194 -61.21 19.10 -125.27
C LEU A 3194 -59.71 19.34 -125.27
N ALA A 3195 -59.14 19.63 -124.10
CA ALA A 3195 -57.69 19.83 -124.01
C ALA A 3195 -56.95 18.56 -124.38
N ARG A 3196 -57.38 17.43 -123.83
CA ARG A 3196 -56.74 16.16 -124.17
C ARG A 3196 -56.94 15.83 -125.64
N LEU A 3197 -58.12 16.13 -126.17
CA LEU A 3197 -58.35 15.90 -127.59
C LEU A 3197 -57.40 16.76 -128.43
N ALA A 3198 -57.20 18.02 -128.06
CA ALA A 3198 -56.28 18.87 -128.78
C ALA A 3198 -54.86 18.32 -128.70
N ALA A 3199 -54.48 17.77 -127.55
CA ALA A 3199 -53.15 17.19 -127.41
C ALA A 3199 -53.00 15.92 -128.23
N ALA A 3200 -54.10 15.20 -128.46
CA ALA A 3200 -54.01 13.92 -129.15
C ALA A 3200 -54.15 14.06 -130.67
N MET A 3201 -54.91 15.05 -131.13
CA MET A 3201 -55.27 15.12 -132.54
C MET A 3201 -54.00 15.28 -133.39
N PRO A 3202 -53.92 14.63 -134.55
CA PRO A 3202 -52.74 14.83 -135.39
C PRO A 3202 -52.84 16.06 -136.28
N VAL A 3203 -54.05 16.57 -136.52
CA VAL A 3203 -54.21 17.71 -137.42
C VAL A 3203 -54.31 19.00 -136.61
N ALA A 3204 -54.11 20.12 -137.30
CA ALA A 3204 -54.14 21.45 -136.69
C ALA A 3204 -55.44 22.12 -137.14
N PHE A 3205 -56.51 21.87 -136.39
CA PHE A 3205 -57.81 22.41 -136.75
C PHE A 3205 -57.85 23.93 -136.63
N LEU A 3206 -57.01 24.48 -135.74
CA LEU A 3206 -56.95 25.93 -135.62
C LEU A 3206 -56.20 26.56 -136.79
N GLU A 3207 -55.28 25.82 -137.40
CA GLU A 3207 -54.53 26.31 -138.55
C GLU A 3207 -54.92 25.50 -139.78
N PRO A 3208 -56.13 25.71 -140.32
CA PRO A 3208 -56.57 24.88 -141.45
C PRO A 3208 -55.87 25.19 -142.75
N GLN A 3209 -55.50 26.46 -142.96
CA GLN A 3209 -54.92 26.87 -144.25
C GLN A 3209 -53.69 26.04 -144.59
N LEU A 3210 -52.95 25.60 -143.59
CA LEU A 3210 -51.75 24.80 -143.79
C LEU A 3210 -52.00 23.31 -143.67
N ASN A 3211 -53.24 22.87 -143.94
CA ASN A 3211 -53.54 21.45 -143.82
C ASN A 3211 -52.82 20.62 -144.88
N GLU A 3212 -52.68 21.16 -146.10
CA GLU A 3212 -52.13 20.37 -147.20
C GLU A 3212 -50.78 19.78 -146.85
N TYR A 3213 -49.98 20.49 -146.05
CA TYR A 3213 -48.68 19.96 -145.65
C TYR A 3213 -48.83 18.81 -144.66
N ASN A 3214 -49.89 18.82 -143.86
CA ASN A 3214 -50.11 17.76 -142.89
C ASN A 3214 -50.50 16.48 -143.61
N ALA A 3215 -49.84 15.38 -143.23
CA ALA A 3215 -50.06 14.08 -143.85
C ALA A 3215 -51.08 13.23 -143.11
N CYS A 3216 -51.21 13.42 -141.80
CA CYS A 3216 -52.16 12.63 -141.01
C CYS A 3216 -53.52 13.29 -141.04
N SER A 3217 -54.03 13.58 -142.24
CA SER A 3217 -55.32 14.20 -142.42
C SER A 3217 -56.14 13.39 -143.41
N VAL A 3218 -57.44 13.30 -143.15
CA VAL A 3218 -58.33 12.55 -144.03
C VAL A 3218 -58.31 13.14 -145.43
N TYR A 3219 -58.16 14.46 -145.54
CA TYR A 3219 -58.21 15.10 -146.84
C TYR A 3219 -57.04 14.66 -147.72
N THR A 3220 -55.87 14.42 -147.11
CA THR A 3220 -54.73 13.93 -147.87
C THR A 3220 -54.80 12.43 -148.07
N THR A 3221 -55.14 11.69 -147.02
CA THR A 3221 -55.12 10.23 -147.10
C THR A 3221 -56.18 9.71 -148.06
N LYS A 3222 -57.36 10.31 -148.05
CA LYS A 3222 -58.49 9.86 -148.84
C LYS A 3222 -58.61 10.70 -150.11
N SER A 3223 -59.00 10.02 -151.19
CA SER A 3223 -59.17 10.70 -152.46
C SER A 3223 -60.39 11.61 -152.41
N PRO A 3224 -60.42 12.65 -153.25
CA PRO A 3224 -61.63 13.50 -153.29
C PRO A 3224 -62.87 12.71 -153.65
N ARG A 3225 -62.72 11.64 -154.42
CA ARG A 3225 -63.83 10.73 -154.65
C ARG A 3225 -64.28 10.05 -153.35
N GLU A 3226 -63.34 9.69 -152.49
CA GLU A 3226 -63.68 9.48 -151.10
C GLU A 3226 -63.99 10.82 -150.45
N ARG A 3227 -64.58 10.75 -149.26
CA ARG A 3227 -65.10 11.89 -148.52
C ARG A 3227 -66.39 12.38 -149.16
N ALA A 3228 -66.78 11.83 -150.33
CA ALA A 3228 -68.09 12.09 -150.89
C ALA A 3228 -69.10 11.04 -150.43
N ILE A 3229 -68.67 9.79 -150.34
CA ILE A 3229 -69.55 8.73 -149.84
C ILE A 3229 -69.92 9.00 -148.40
N LEU A 3230 -68.94 9.38 -147.59
CA LEU A 3230 -69.16 9.82 -146.22
C LEU A 3230 -69.17 11.35 -146.20
N GLY A 3231 -70.21 11.92 -145.61
CA GLY A 3231 -70.45 13.35 -145.72
C GLY A 3231 -69.32 14.22 -145.21
N LEU A 3232 -68.60 14.86 -146.13
CA LEU A 3232 -67.61 15.87 -145.80
C LEU A 3232 -67.95 17.16 -146.52
N PRO A 3233 -67.56 18.32 -145.97
CA PRO A 3233 -67.84 19.59 -146.64
C PRO A 3233 -66.94 19.87 -147.83
N ASN A 3234 -65.91 19.05 -148.05
CA ASN A 3234 -64.89 19.21 -149.08
C ASN A 3234 -63.85 20.25 -148.66
N SER A 3235 -63.94 20.83 -147.47
CA SER A 3235 -62.95 21.79 -147.00
C SER A 3235 -62.79 21.67 -145.49
N VAL A 3236 -61.54 21.66 -145.05
CA VAL A 3236 -61.25 21.65 -143.63
C VAL A 3236 -61.87 22.87 -142.95
N GLU A 3237 -61.81 24.01 -143.64
CA GLU A 3237 -62.45 25.21 -143.11
C GLU A 3237 -63.95 25.00 -142.94
N GLU A 3238 -64.57 24.34 -143.91
CA GLU A 3238 -66.02 24.10 -143.83
C GLU A 3238 -66.35 23.00 -142.84
N MET A 3239 -65.34 22.27 -142.36
CA MET A 3239 -65.60 21.22 -141.37
C MET A 3239 -66.52 21.72 -140.25
N CYS A 3240 -66.05 22.69 -139.47
CA CYS A 3240 -66.88 23.38 -138.48
C CYS A 3240 -66.27 24.77 -138.27
N PRO A 3241 -66.89 25.80 -138.87
CA PRO A 3241 -66.29 27.14 -138.78
C PRO A 3241 -66.41 27.77 -137.41
N ASP A 3242 -67.32 27.27 -136.56
CA ASP A 3242 -67.59 27.95 -135.30
C ASP A 3242 -66.33 28.14 -134.47
N ILE A 3243 -65.36 27.25 -134.61
CA ILE A 3243 -64.08 27.44 -133.94
C ILE A 3243 -63.28 28.51 -134.68
N PRO A 3244 -62.90 29.61 -134.06
CA PRO A 3244 -62.08 30.61 -134.74
C PRO A 3244 -60.65 30.14 -134.89
N VAL A 3245 -59.89 30.91 -135.67
CA VAL A 3245 -58.49 30.60 -135.88
C VAL A 3245 -57.67 31.03 -134.66
N LEU A 3246 -56.43 30.56 -134.62
CA LEU A 3246 -55.57 30.76 -133.46
C LEU A 3246 -55.31 32.25 -133.21
N ASP A 3247 -55.00 32.98 -134.29
CA ASP A 3247 -54.74 34.40 -134.17
C ASP A 3247 -55.96 35.15 -133.64
N ARG A 3248 -57.13 34.78 -134.15
CA ARG A 3248 -58.36 35.45 -133.72
C ARG A 3248 -58.63 35.18 -132.24
N LEU A 3249 -58.40 33.93 -131.80
CA LEU A 3249 -58.60 33.62 -130.39
C LEU A 3249 -57.61 34.37 -129.51
N MET A 3250 -56.35 34.46 -129.93
CA MET A 3250 -55.37 35.17 -129.13
C MET A 3250 -55.69 36.66 -129.06
N ALA A 3251 -56.13 37.24 -130.17
CA ALA A 3251 -56.57 38.64 -130.14
C ALA A 3251 -57.71 38.83 -129.17
N ASP A 3252 -58.67 37.91 -129.18
CA ASP A 3252 -59.79 37.99 -128.24
C ASP A 3252 -59.31 37.93 -126.80
N ILE A 3253 -58.41 36.99 -126.52
CA ILE A 3253 -57.93 36.82 -125.15
C ILE A 3253 -57.18 38.07 -124.70
N GLY A 3254 -56.34 38.61 -125.57
CA GLY A 3254 -55.64 39.83 -125.22
C GLY A 3254 -56.58 40.99 -124.96
N GLY A 3255 -57.63 41.11 -125.78
CA GLY A 3255 -58.63 42.14 -125.55
C GLY A 3255 -59.31 41.97 -124.21
N LEU A 3256 -59.71 40.74 -123.88
CA LEU A 3256 -60.33 40.48 -122.58
C LEU A 3256 -59.39 40.88 -121.45
N ALA A 3257 -58.13 40.45 -121.54
CA ALA A 3257 -57.19 40.73 -120.46
C ALA A 3257 -56.97 42.22 -120.29
N GLU A 3258 -56.71 42.94 -121.38
CA GLU A 3258 -56.46 44.38 -121.27
C GLU A 3258 -57.71 45.12 -120.80
N SER A 3259 -58.90 44.62 -121.17
CA SER A 3259 -60.13 45.24 -120.70
C SER A 3259 -60.34 45.02 -119.21
N GLY A 3260 -59.93 43.86 -118.72
CA GLY A 3260 -60.25 43.47 -117.36
C GLY A 3260 -61.45 42.56 -117.25
N ALA A 3261 -61.73 41.77 -118.28
CA ALA A 3261 -62.91 40.91 -118.27
C ALA A 3261 -62.86 39.95 -117.09
N ARG A 3262 -64.02 39.62 -116.57
CA ARG A 3262 -64.15 38.79 -115.38
C ARG A 3262 -64.73 37.44 -115.76
N TYR A 3263 -64.63 36.49 -114.82
CA TYR A 3263 -65.06 35.12 -115.11
C TYR A 3263 -66.51 35.08 -115.57
N THR A 3264 -67.33 36.01 -115.08
CA THR A 3264 -68.73 36.05 -115.48
C THR A 3264 -68.88 36.36 -116.96
N GLU A 3265 -68.06 37.26 -117.48
CA GLU A 3265 -68.12 37.62 -118.89
C GLU A 3265 -67.37 36.64 -119.79
N MET A 3266 -66.36 35.95 -119.25
CA MET A 3266 -65.56 35.01 -120.04
C MET A 3266 -65.42 33.69 -119.29
N PRO A 3267 -66.54 33.02 -119.01
CA PRO A 3267 -66.47 31.68 -118.41
C PRO A 3267 -66.11 30.60 -119.41
N HIS A 3268 -66.63 30.70 -120.63
CA HIS A 3268 -66.32 29.70 -121.65
C HIS A 3268 -64.83 29.66 -121.93
N VAL A 3269 -64.22 30.83 -122.12
CA VAL A 3269 -62.79 30.90 -122.43
C VAL A 3269 -62.01 30.16 -121.37
N ILE A 3270 -62.11 30.61 -120.12
CA ILE A 3270 -61.25 30.12 -119.04
C ILE A 3270 -61.33 28.62 -118.94
N GLU A 3271 -62.55 28.06 -119.02
CA GLU A 3271 -62.76 26.66 -118.69
C GLU A 3271 -62.63 25.73 -119.88
N ILE A 3272 -62.69 26.23 -121.12
CA ILE A 3272 -62.60 25.35 -122.28
C ILE A 3272 -61.49 25.79 -123.22
N THR A 3273 -61.52 27.05 -123.64
CA THR A 3273 -60.63 27.50 -124.70
C THR A 3273 -59.18 27.53 -124.24
N LEU A 3274 -58.92 28.15 -123.09
CA LEU A 3274 -57.55 28.28 -122.62
C LEU A 3274 -56.89 26.93 -122.40
N PRO A 3275 -57.53 25.96 -121.75
CA PRO A 3275 -56.92 24.62 -121.68
C PRO A 3275 -56.64 24.02 -123.06
N MET A 3276 -57.57 24.22 -123.99
CA MET A 3276 -57.39 23.68 -125.33
C MET A 3276 -56.15 24.28 -126.00
N LEU A 3277 -55.98 25.60 -125.86
CA LEU A 3277 -54.78 26.24 -126.40
C LEU A 3277 -53.54 25.79 -125.67
N CYS A 3278 -53.62 25.63 -124.35
CA CYS A 3278 -52.46 25.24 -123.56
C CYS A 3278 -51.99 23.83 -123.95
N SER A 3279 -52.92 22.99 -124.40
CA SER A 3279 -52.56 21.67 -124.88
C SER A 3279 -52.24 21.63 -126.37
N TYR A 3280 -52.71 22.63 -127.12
CA TYR A 3280 -52.49 22.68 -128.56
C TYR A 3280 -51.12 23.25 -128.91
N LEU A 3281 -50.80 24.40 -128.34
CA LEU A 3281 -49.59 25.14 -128.69
C LEU A 3281 -48.33 24.32 -128.45
N PRO A 3282 -48.19 23.68 -127.28
CA PRO A 3282 -46.96 22.92 -127.01
C PRO A 3282 -46.71 21.82 -128.03
N ARG A 3283 -47.75 21.06 -128.33
CA ARG A 3283 -47.61 19.96 -129.27
C ARG A 3283 -47.13 20.47 -130.62
N TRP A 3284 -47.71 21.56 -131.09
CA TRP A 3284 -47.42 22.04 -132.43
C TRP A 3284 -46.11 22.82 -132.48
N TRP A 3285 -45.63 23.29 -131.33
CA TRP A 3285 -44.33 23.93 -131.29
C TRP A 3285 -43.24 22.93 -131.68
N GLU A 3286 -43.35 21.69 -131.19
CA GLU A 3286 -42.35 20.68 -131.49
C GLU A 3286 -42.35 20.32 -132.97
N ARG A 3287 -43.53 20.27 -133.59
CA ARG A 3287 -43.66 19.88 -134.99
C ARG A 3287 -43.63 21.05 -135.95
N GLY A 3288 -43.47 22.27 -135.44
CA GLY A 3288 -43.46 23.44 -136.28
C GLY A 3288 -42.09 24.06 -136.38
N PRO A 3289 -42.01 25.29 -136.90
CA PRO A 3289 -40.73 25.99 -136.93
C PRO A 3289 -40.28 26.35 -135.54
N GLU A 3290 -38.98 26.61 -135.41
CA GLU A 3290 -38.27 26.87 -134.18
C GLU A 3290 -38.00 25.55 -133.45
N ALA A 3291 -38.48 24.43 -133.97
CA ALA A 3291 -38.21 23.14 -133.37
C ALA A 3291 -36.82 22.64 -133.75
N PRO A 3292 -36.25 21.71 -132.99
CA PRO A 3292 -34.96 21.12 -133.38
C PRO A 3292 -35.12 20.28 -134.63
N PRO A 3293 -34.59 20.72 -135.76
CA PRO A 3293 -34.91 20.07 -137.03
C PRO A 3293 -33.93 18.95 -137.35
N PRO A 3294 -34.42 17.74 -137.59
CA PRO A 3294 -33.58 16.74 -138.27
C PRO A 3294 -33.43 17.11 -139.73
N ALA A 3295 -32.25 16.83 -140.30
CA ALA A 3295 -31.90 17.38 -141.61
C ALA A 3295 -32.97 17.11 -142.67
N LEU A 3296 -33.17 15.84 -143.04
CA LEU A 3296 -34.11 15.51 -144.10
C LEU A 3296 -35.56 15.76 -143.72
N PRO A 3297 -36.06 15.30 -142.57
CA PRO A 3297 -37.45 15.58 -142.22
C PRO A 3297 -37.78 17.06 -142.20
N ALA A 3298 -36.86 17.88 -141.69
CA ALA A 3298 -37.08 19.32 -141.68
C ALA A 3298 -37.04 19.89 -143.10
N GLY A 3299 -36.08 19.46 -143.91
CA GLY A 3299 -35.97 19.96 -145.27
C GLY A 3299 -36.68 19.07 -146.28
N ALA A 3300 -37.92 19.42 -146.61
CA ALA A 3300 -38.70 18.75 -147.63
C ALA A 3300 -40.17 19.17 -147.48
N PRO A 3301 -40.85 18.79 -146.39
CA PRO A 3301 -42.23 19.23 -146.22
C PRO A 3301 -42.30 20.49 -145.38
N PRO A 3302 -43.12 21.46 -145.75
CA PRO A 3302 -43.32 22.62 -144.87
C PRO A 3302 -44.06 22.21 -143.61
N PRO A 3303 -43.75 22.85 -142.47
CA PRO A 3303 -44.51 22.55 -141.26
C PRO A 3303 -45.93 23.11 -141.36
N CYS A 3304 -46.90 22.26 -141.04
CA CYS A 3304 -48.30 22.68 -141.07
C CYS A 3304 -48.55 23.80 -140.07
N THR A 3305 -48.06 23.64 -138.84
CA THR A 3305 -48.30 24.62 -137.81
C THR A 3305 -47.32 25.78 -137.92
N ALA A 3306 -47.74 26.94 -137.42
CA ALA A 3306 -46.92 28.15 -137.38
C ALA A 3306 -46.63 28.59 -135.96
N VAL A 3307 -46.79 27.71 -134.98
CA VAL A 3307 -46.64 28.09 -133.58
C VAL A 3307 -45.18 28.33 -133.27
N THR A 3308 -44.90 29.42 -132.56
CA THR A 3308 -43.58 29.75 -132.04
C THR A 3308 -43.71 30.06 -130.56
N SER A 3309 -42.56 30.26 -129.92
CA SER A 3309 -42.55 30.55 -128.48
C SER A 3309 -43.29 31.85 -128.18
N ASP A 3310 -43.41 32.74 -129.18
CA ASP A 3310 -44.12 34.00 -128.97
C ASP A 3310 -45.58 33.74 -128.60
N HIS A 3311 -46.22 32.80 -129.29
CA HIS A 3311 -47.61 32.47 -128.99
C HIS A 3311 -47.75 32.04 -127.53
N LEU A 3312 -46.88 31.13 -127.09
CA LEU A 3312 -46.97 30.61 -125.73
C LEU A 3312 -46.69 31.71 -124.70
N ASN A 3313 -45.71 32.57 -124.97
CA ASN A 3313 -45.40 33.64 -124.04
C ASN A 3313 -46.57 34.62 -123.92
N SER A 3314 -47.19 34.96 -125.05
CA SER A 3314 -48.35 35.84 -125.01
C SER A 3314 -49.49 35.20 -124.24
N LEU A 3315 -49.73 33.91 -124.47
CA LEU A 3315 -50.81 33.22 -123.76
C LEU A 3315 -50.56 33.21 -122.26
N LEU A 3316 -49.32 32.93 -121.85
CA LEU A 3316 -49.00 32.91 -120.43
C LEU A 3316 -49.18 34.28 -119.81
N GLY A 3317 -48.71 35.32 -120.49
CA GLY A 3317 -48.91 36.67 -119.96
C GLY A 3317 -50.39 37.00 -119.83
N ASN A 3318 -51.18 36.66 -120.84
CA ASN A 3318 -52.60 36.97 -120.78
C ASN A 3318 -53.29 36.20 -119.68
N ILE A 3319 -52.93 34.93 -119.47
CA ILE A 3319 -53.49 34.14 -118.39
C ILE A 3319 -53.16 34.75 -117.06
N LEU A 3320 -51.90 35.15 -116.87
CA LEU A 3320 -51.61 35.83 -115.66
C LEU A 3320 -52.63 36.96 -115.62
N ARG A 3321 -53.12 37.40 -116.95
CA ARG A 3321 -52.84 38.76 -116.88
C ARG A 3321 -54.18 38.78 -116.06
N ILE A 3322 -55.14 37.89 -116.54
CA ILE A 3322 -56.50 37.55 -116.15
C ILE A 3322 -56.60 37.24 -114.65
N ILE A 3323 -55.67 36.43 -114.16
CA ILE A 3323 -55.68 36.09 -112.75
C ILE A 3323 -55.58 37.35 -111.91
N VAL A 3324 -54.72 38.29 -112.31
CA VAL A 3324 -54.58 39.49 -111.49
C VAL A 3324 -55.86 40.30 -111.56
N ASN A 3325 -56.51 40.35 -112.72
CA ASN A 3325 -57.83 41.01 -112.75
C ASN A 3325 -58.83 40.33 -111.80
N ASN A 3326 -58.77 39.01 -111.67
CA ASN A 3326 -59.70 38.26 -110.83
C ASN A 3326 -59.08 37.80 -109.51
N LEU A 3327 -58.14 38.58 -108.96
CA LEU A 3327 -57.49 38.18 -107.71
C LEU A 3327 -58.43 38.29 -106.52
N GLY A 3328 -59.05 39.46 -106.34
CA GLY A 3328 -59.70 39.75 -105.07
C GLY A 3328 -60.97 38.96 -104.84
N ILE A 3329 -61.59 38.47 -105.91
CA ILE A 3329 -62.90 37.84 -105.83
C ILE A 3329 -62.94 36.76 -104.76
N ASP A 3330 -64.08 36.66 -104.08
CA ASP A 3330 -64.23 35.68 -103.01
C ASP A 3330 -64.16 34.25 -103.54
N GLU A 3331 -64.83 33.98 -104.65
CA GLU A 3331 -64.97 32.64 -105.19
C GLU A 3331 -64.30 32.57 -106.56
N ALA A 3332 -63.25 31.75 -106.65
CA ALA A 3332 -62.56 31.48 -107.90
C ALA A 3332 -62.06 30.04 -107.87
N THR A 3333 -62.86 29.13 -108.39
CA THR A 3333 -62.46 27.73 -108.49
C THR A 3333 -61.72 27.43 -109.78
N TRP A 3334 -61.80 28.33 -110.76
CA TRP A 3334 -61.16 28.08 -112.05
C TRP A 3334 -59.65 28.26 -111.97
N MET A 3335 -59.16 28.93 -110.93
CA MET A 3335 -57.75 29.28 -110.86
C MET A 3335 -56.86 28.04 -110.84
N LYS A 3336 -57.21 27.09 -109.98
CA LYS A 3336 -56.39 25.89 -109.82
C LYS A 3336 -56.34 25.08 -111.10
N ARG A 3337 -57.47 24.97 -111.80
CA ARG A 3337 -57.49 24.23 -113.06
C ARG A 3337 -56.70 24.97 -114.14
N LEU A 3338 -56.84 26.30 -114.19
CA LEU A 3338 -56.09 27.08 -115.16
C LEU A 3338 -54.60 26.91 -114.96
N ALA A 3339 -54.16 26.87 -113.70
CA ALA A 3339 -52.74 26.72 -113.42
C ALA A 3339 -52.21 25.39 -113.94
N VAL A 3340 -52.94 24.29 -113.66
CA VAL A 3340 -52.48 22.98 -114.08
C VAL A 3340 -52.45 22.89 -115.60
N PHE A 3341 -53.41 23.55 -116.26
CA PHE A 3341 -53.41 23.53 -117.73
C PHE A 3341 -52.31 24.41 -118.29
N ALA A 3342 -51.94 25.48 -117.58
CA ALA A 3342 -51.02 26.46 -118.15
C ALA A 3342 -49.56 26.12 -117.85
N GLN A 3343 -49.31 25.25 -116.88
CA GLN A 3343 -47.94 24.94 -116.51
C GLN A 3343 -47.09 24.53 -117.71
N PRO A 3344 -47.56 23.64 -118.59
CA PRO A 3344 -46.69 23.15 -119.68
C PRO A 3344 -46.11 24.25 -120.56
N ILE A 3345 -46.89 25.31 -120.82
CA ILE A 3345 -46.43 26.34 -121.76
C ILE A 3345 -45.48 27.35 -121.13
N VAL A 3346 -45.11 27.16 -119.85
CA VAL A 3346 -44.23 28.11 -119.19
C VAL A 3346 -42.77 27.88 -119.50
N SER A 3347 -42.40 26.71 -120.02
CA SER A 3347 -41.00 26.44 -120.32
C SER A 3347 -40.48 27.40 -121.39
N ARG A 3348 -41.30 27.69 -122.40
CA ARG A 3348 -40.87 28.60 -123.46
C ARG A 3348 -40.85 30.05 -123.00
N ALA A 3349 -41.36 30.31 -121.80
CA ALA A 3349 -41.46 31.67 -121.27
C ALA A 3349 -40.14 32.43 -121.40
N ARG A 3350 -40.21 33.65 -121.89
CA ARG A 3350 -39.06 34.49 -122.16
C ARG A 3350 -38.66 35.23 -120.88
N PRO A 3351 -37.42 35.69 -120.80
CA PRO A 3351 -36.99 36.38 -119.58
C PRO A 3351 -37.77 37.64 -119.26
N GLU A 3352 -38.19 38.40 -120.28
CA GLU A 3352 -38.87 39.67 -120.03
C GLU A 3352 -40.17 39.48 -119.28
N LEU A 3353 -40.75 38.28 -119.35
CA LEU A 3353 -42.03 38.04 -118.68
C LEU A 3353 -41.93 38.35 -117.19
N LEU A 3354 -40.77 38.13 -116.60
CA LEU A 3354 -40.60 38.40 -115.17
C LEU A 3354 -40.96 39.84 -114.85
N HIS A 3355 -40.16 40.78 -115.35
CA HIS A 3355 -40.40 42.19 -115.07
C HIS A 3355 -41.77 42.62 -115.58
N SER A 3356 -42.20 42.11 -116.74
CA SER A 3356 -43.45 42.57 -117.31
C SER A 3356 -44.65 42.20 -116.43
N HIS A 3357 -44.71 40.97 -115.95
CA HIS A 3357 -45.91 40.46 -115.30
C HIS A 3357 -45.69 40.05 -113.85
N PHE A 3358 -44.67 39.24 -113.61
CA PHE A 3358 -44.56 38.53 -112.34
C PHE A 3358 -44.34 39.49 -111.18
N ILE A 3359 -43.44 40.45 -111.37
CA ILE A 3359 -43.08 41.35 -110.26
C ILE A 3359 -44.31 42.08 -109.73
N PRO A 3360 -45.14 42.72 -110.56
CA PRO A 3360 -46.35 43.36 -110.02
C PRO A 3360 -47.29 42.40 -109.31
N THR A 3361 -47.46 41.18 -109.84
CA THR A 3361 -48.39 40.23 -109.23
C THR A 3361 -47.95 39.88 -107.82
N ILE A 3362 -46.69 39.46 -107.69
CA ILE A 3362 -46.16 39.08 -106.39
C ILE A 3362 -46.13 40.28 -105.46
N GLY A 3363 -45.87 41.47 -105.99
CA GLY A 3363 -45.91 42.66 -105.16
C GLY A 3363 -47.28 42.92 -104.59
N ARG A 3364 -48.32 42.80 -105.42
CA ARG A 3364 -49.68 42.99 -104.93
C ARG A 3364 -50.04 41.95 -103.89
N LEU A 3365 -49.68 40.69 -104.14
CA LEU A 3365 -49.99 39.64 -103.17
C LEU A 3365 -49.25 39.88 -101.85
N ARG A 3366 -47.99 40.29 -101.93
CA ARG A 3366 -47.21 40.58 -100.74
C ARG A 3366 -47.80 41.74 -99.96
N LYS A 3367 -48.25 42.78 -100.66
CA LYS A 3367 -48.90 43.90 -100.00
C LYS A 3367 -50.17 43.46 -99.30
N ARG A 3368 -50.97 42.63 -99.97
CA ARG A 3368 -52.20 42.14 -99.34
C ARG A 3368 -51.88 41.32 -98.10
N ALA A 3369 -50.84 40.48 -98.18
CA ALA A 3369 -50.43 39.68 -97.03
C ALA A 3369 -50.00 40.58 -95.88
N GLY A 3370 -49.25 41.64 -96.18
CA GLY A 3370 -48.85 42.57 -95.14
C GLY A 3370 -50.05 43.23 -94.48
N LYS A 3371 -51.04 43.63 -95.28
CA LYS A 3371 -52.24 44.23 -94.71
C LYS A 3371 -52.97 43.22 -93.82
N VAL A 3372 -53.06 41.97 -94.28
CA VAL A 3372 -53.77 40.95 -93.51
C VAL A 3372 -53.08 40.70 -92.17
N VAL A 3373 -51.75 40.59 -92.19
CA VAL A 3373 -51.04 40.32 -90.94
C VAL A 3373 -51.08 41.54 -90.03
N ALA A 3374 -51.07 42.75 -90.58
CA ALA A 3374 -51.23 43.94 -89.75
C ALA A 3374 -52.59 43.93 -89.08
N GLU A 3375 -53.64 43.57 -89.83
CA GLU A 3375 -54.95 43.42 -89.22
C GLU A 3375 -54.87 42.42 -88.09
N GLU A 3376 -54.37 41.22 -88.37
CA GLU A 3376 -54.29 40.18 -87.34
C GLU A 3376 -53.58 40.69 -86.09
N GLU A 3377 -52.51 41.47 -86.27
CA GLU A 3377 -51.77 42.02 -85.14
C GLU A 3377 -52.66 42.96 -84.33
N GLN A 3378 -53.40 43.83 -85.02
CA GLN A 3378 -54.30 44.74 -84.31
C GLN A 3378 -55.41 43.98 -83.58
N LEU A 3379 -55.95 42.94 -84.23
CA LEU A 3379 -57.00 42.14 -83.61
C LEU A 3379 -56.49 41.43 -82.35
N ARG A 3380 -55.31 40.81 -82.43
CA ARG A 3380 -54.57 40.45 -81.23
C ARG A 3380 -54.59 41.56 -80.20
N LEU A 3381 -54.03 42.72 -80.57
CA LEU A 3381 -53.81 43.79 -79.60
C LEU A 3381 -55.07 44.09 -78.82
N GLU A 3382 -56.22 44.09 -79.51
CA GLU A 3382 -57.51 44.29 -78.87
C GLU A 3382 -58.17 42.91 -78.67
N ALA A 3383 -58.29 42.46 -77.41
CA ALA A 3383 -58.69 41.11 -77.02
C ALA A 3383 -60.08 40.92 -76.41
N LYS A 3384 -61.05 40.49 -77.22
CA LYS A 3384 -62.47 40.48 -76.85
C LYS A 3384 -63.20 39.39 -77.62
N ALA A 3385 -64.49 39.26 -77.34
CA ALA A 3385 -65.39 38.59 -78.25
C ALA A 3385 -65.46 39.33 -79.59
N GLU A 3386 -65.40 40.66 -79.56
CA GLU A 3386 -65.31 41.41 -80.81
C GLU A 3386 -64.02 41.08 -81.55
N ALA A 3387 -62.98 40.70 -80.81
CA ALA A 3387 -61.75 40.23 -81.47
C ALA A 3387 -61.97 38.89 -82.13
N GLU A 3388 -62.72 37.98 -81.48
CA GLU A 3388 -63.09 36.74 -82.15
C GLU A 3388 -63.89 37.03 -83.41
N GLU A 3389 -64.80 38.00 -83.36
CA GLU A 3389 -65.35 38.58 -84.57
C GLU A 3389 -64.23 39.34 -85.30
N GLY A 3390 -64.26 39.28 -86.62
CA GLY A 3390 -63.16 39.81 -87.41
C GLY A 3390 -62.04 38.81 -87.60
N GLU A 3391 -61.91 37.87 -86.67
CA GLU A 3391 -61.00 36.75 -86.89
C GLU A 3391 -61.43 35.97 -88.13
N LEU A 3392 -62.74 35.77 -88.29
CA LEU A 3392 -63.26 35.10 -89.49
C LEU A 3392 -63.00 35.92 -90.76
N LEU A 3393 -63.11 37.24 -90.67
CA LEU A 3393 -62.79 38.11 -91.80
C LEU A 3393 -61.33 38.00 -92.22
N VAL A 3394 -60.41 38.12 -91.28
CA VAL A 3394 -59.00 37.98 -91.63
C VAL A 3394 -58.73 36.56 -92.11
N ARG A 3395 -59.47 35.59 -91.56
CA ARG A 3395 -59.41 34.21 -92.02
C ARG A 3395 -59.75 34.10 -93.50
N ASP A 3396 -60.86 34.73 -93.91
CA ASP A 3396 -61.27 34.68 -95.31
C ASP A 3396 -60.27 35.39 -96.20
N GLU A 3397 -59.71 36.51 -95.73
CA GLU A 3397 -58.64 37.16 -96.47
C GLU A 3397 -57.46 36.22 -96.64
N PHE A 3398 -57.10 35.49 -95.58
CA PHE A 3398 -56.02 34.52 -95.66
C PHE A 3398 -56.32 33.43 -96.68
N SER A 3399 -57.56 32.95 -96.70
CA SER A 3399 -57.93 31.88 -97.62
C SER A 3399 -57.87 32.34 -99.06
N VAL A 3400 -58.39 33.53 -99.36
CA VAL A 3400 -58.31 34.04 -100.72
C VAL A 3400 -56.87 34.27 -101.13
N LEU A 3401 -56.05 34.75 -100.18
CA LEU A 3401 -54.63 34.93 -100.45
C LEU A 3401 -53.97 33.61 -100.80
N CYS A 3402 -54.28 32.56 -100.03
CA CYS A 3402 -53.71 31.25 -100.29
C CYS A 3402 -54.17 30.71 -101.64
N ARG A 3403 -55.43 30.94 -101.98
CA ARG A 3403 -55.94 30.47 -103.27
C ARG A 3403 -55.21 31.15 -104.42
N ASP A 3404 -55.05 32.48 -104.34
CA ASP A 3404 -54.30 33.19 -105.37
C ASP A 3404 -52.85 32.72 -105.42
N LEU A 3405 -52.26 32.44 -104.27
CA LEU A 3405 -50.87 31.98 -104.24
C LEU A 3405 -50.74 30.63 -104.92
N TYR A 3406 -51.62 29.69 -104.60
CA TYR A 3406 -51.56 28.38 -105.26
C TYR A 3406 -51.95 28.47 -106.71
N ALA A 3407 -52.60 29.55 -107.13
CA ALA A 3407 -52.84 29.77 -108.55
C ALA A 3407 -51.60 30.25 -109.27
N LEU A 3408 -50.89 31.21 -108.67
CA LEU A 3408 -49.78 31.86 -109.37
C LEU A 3408 -48.49 31.05 -109.25
N TYR A 3409 -48.16 30.59 -108.04
CA TYR A 3409 -46.85 30.00 -107.79
C TYR A 3409 -46.52 28.84 -108.73
N PRO A 3410 -47.37 27.83 -108.92
CA PRO A 3410 -46.96 26.68 -109.73
C PRO A 3410 -46.36 27.08 -111.06
N LEU A 3411 -46.81 28.21 -111.62
CA LEU A 3411 -46.21 28.72 -112.83
C LEU A 3411 -44.85 29.35 -112.56
N LEU A 3412 -44.75 30.12 -111.47
CA LEU A 3412 -43.50 30.81 -111.16
C LEU A 3412 -42.38 29.82 -110.89
N ILE A 3413 -42.70 28.71 -110.20
CA ILE A 3413 -41.70 27.70 -109.91
C ILE A 3413 -41.02 27.24 -111.20
N ARG A 3414 -41.82 26.98 -112.23
CA ARG A 3414 -41.25 26.49 -113.49
C ARG A 3414 -40.46 27.57 -114.20
N TYR A 3415 -41.00 28.79 -114.22
CA TYR A 3415 -40.25 29.91 -114.80
C TYR A 3415 -38.94 30.10 -114.07
N VAL A 3416 -38.96 29.98 -112.75
CA VAL A 3416 -37.73 30.04 -111.96
C VAL A 3416 -36.80 28.90 -112.36
N ASP A 3417 -37.32 27.68 -112.36
CA ASP A 3417 -36.50 26.51 -112.63
C ASP A 3417 -35.76 26.65 -113.96
N ASN A 3418 -36.42 27.24 -114.96
CA ASN A 3418 -35.79 27.41 -116.25
C ASN A 3418 -34.70 28.48 -116.23
N ASN A 3419 -34.83 29.46 -115.35
CA ASN A 3419 -33.96 30.64 -115.37
C ASN A 3419 -33.09 30.79 -114.13
N ARG A 3420 -33.06 29.80 -113.24
CA ARG A 3420 -32.10 29.86 -112.13
C ARG A 3420 -30.67 29.92 -112.64
N ALA A 3421 -30.36 29.14 -113.67
CA ALA A 3421 -28.99 29.10 -114.18
C ALA A 3421 -28.56 30.48 -114.67
N HIS A 3422 -29.40 31.13 -115.47
CA HIS A 3422 -29.04 32.43 -116.00
CA HIS A 3422 -29.03 32.43 -116.00
C HIS A 3422 -29.04 33.50 -114.92
N TRP A 3423 -29.99 33.41 -113.97
CA TRP A 3423 -30.03 34.38 -112.89
C TRP A 3423 -28.82 34.27 -111.98
N LEU A 3424 -28.30 33.06 -111.80
CA LEU A 3424 -27.13 32.85 -110.96
C LEU A 3424 -25.83 33.14 -111.69
N THR A 3425 -25.79 32.93 -113.00
CA THR A 3425 -24.61 33.28 -113.78
C THR A 3425 -24.48 34.79 -113.92
N GLU A 3426 -25.48 35.41 -114.55
CA GLU A 3426 -25.54 36.86 -114.66
C GLU A 3426 -26.51 37.39 -113.62
N PRO A 3427 -26.05 38.10 -112.59
CA PRO A 3427 -26.98 38.55 -111.55
C PRO A 3427 -28.07 39.44 -112.11
N ASN A 3428 -29.28 39.28 -111.55
CA ASN A 3428 -30.45 40.02 -112.01
C ASN A 3428 -31.13 40.68 -110.82
N ALA A 3429 -31.20 42.02 -110.86
CA ALA A 3429 -31.86 42.76 -109.79
C ALA A 3429 -33.34 42.41 -109.70
N ASN A 3430 -33.97 42.13 -110.84
CA ASN A 3430 -35.37 41.72 -110.82
C ASN A 3430 -35.54 40.40 -110.07
N ALA A 3431 -34.65 39.44 -110.32
CA ALA A 3431 -34.69 38.19 -109.59
C ALA A 3431 -34.45 38.41 -108.11
N GLU A 3432 -33.54 39.32 -107.77
CA GLU A 3432 -33.30 39.62 -106.36
C GLU A 3432 -34.53 40.22 -105.70
N GLU A 3433 -35.23 41.11 -106.40
CA GLU A 3433 -36.46 41.69 -105.86
C GLU A 3433 -37.52 40.62 -105.66
N LEU A 3434 -37.64 39.71 -106.62
CA LEU A 3434 -38.57 38.60 -106.45
C LEU A 3434 -38.19 37.74 -105.25
N PHE A 3435 -36.90 37.55 -105.02
CA PHE A 3435 -36.45 36.82 -103.84
C PHE A 3435 -36.89 37.54 -102.57
N ARG A 3436 -36.71 38.85 -102.52
CA ARG A 3436 -37.14 39.62 -101.36
C ARG A 3436 -38.63 39.43 -101.13
N MET A 3437 -39.41 39.45 -102.21
CA MET A 3437 -40.86 39.27 -102.10
C MET A 3437 -41.20 37.93 -101.50
N VAL A 3438 -40.65 36.85 -102.08
CA VAL A 3438 -40.98 35.51 -101.61
C VAL A 3438 -40.52 35.34 -100.17
N GLY A 3439 -39.39 35.93 -99.81
CA GLY A 3439 -38.93 35.85 -98.44
C GLY A 3439 -39.87 36.53 -97.48
N GLU A 3440 -40.37 37.72 -97.85
CA GLU A 3440 -41.34 38.40 -97.00
C GLU A 3440 -42.60 37.57 -96.84
N ILE A 3441 -43.08 36.98 -97.92
CA ILE A 3441 -44.29 36.15 -97.84
C ILE A 3441 -44.04 34.95 -96.94
N PHE A 3442 -42.87 34.32 -97.05
CA PHE A 3442 -42.57 33.16 -96.22
C PHE A 3442 -42.44 33.56 -94.76
N ILE A 3443 -41.89 34.75 -94.49
CA ILE A 3443 -41.82 35.25 -93.13
C ILE A 3443 -43.22 35.40 -92.55
N TYR A 3444 -44.12 35.99 -93.33
CA TYR A 3444 -45.51 36.13 -92.87
C TYR A 3444 -46.13 34.77 -92.61
N TRP A 3445 -45.88 33.81 -93.52
CA TRP A 3445 -46.37 32.45 -93.32
C TRP A 3445 -45.87 31.85 -92.02
N SER A 3446 -44.58 32.03 -91.73
CA SER A 3446 -44.00 31.43 -90.53
C SER A 3446 -44.52 32.12 -89.27
N LYS A 3447 -44.83 33.41 -89.36
CA LYS A 3447 -45.23 34.14 -88.16
C LYS A 3447 -46.71 33.95 -87.86
N SER A 3448 -47.56 33.86 -88.89
CA SER A 3448 -49.00 33.81 -88.69
C SER A 3448 -49.48 32.36 -88.70
N HIS A 3449 -50.13 31.96 -87.62
CA HIS A 3449 -50.71 30.62 -87.55
C HIS A 3449 -51.93 30.50 -88.45
N ASN A 3450 -52.72 31.57 -88.53
CA ASN A 3450 -53.94 31.53 -89.33
C ASN A 3450 -53.62 31.25 -90.79
N PHE A 3451 -52.58 31.88 -91.32
CA PHE A 3451 -52.23 31.71 -92.73
C PHE A 3451 -51.85 30.26 -93.04
N LYS A 3452 -51.06 29.64 -92.17
CA LYS A 3452 -50.61 28.27 -92.40
C LYS A 3452 -51.78 27.30 -92.49
N ARG A 3453 -52.61 27.28 -91.46
CA ARG A 3453 -53.80 26.44 -91.44
C ARG A 3453 -54.84 26.81 -92.50
N GLU A 3454 -54.99 28.09 -92.85
CA GLU A 3454 -55.84 28.42 -93.99
C GLU A 3454 -55.30 27.78 -95.27
N GLU A 3455 -53.98 27.76 -95.42
CA GLU A 3455 -53.36 27.09 -96.54
C GLU A 3455 -53.66 25.59 -96.52
N GLN A 3456 -53.47 24.98 -95.36
CA GLN A 3456 -53.76 23.54 -95.21
C GLN A 3456 -55.22 23.26 -95.57
N ASN A 3457 -56.13 24.09 -95.08
CA ASN A 3457 -57.55 23.91 -95.37
C ASN A 3457 -57.82 24.01 -96.86
N PHE A 3458 -57.28 25.03 -97.51
CA PHE A 3458 -57.45 25.16 -98.95
C PHE A 3458 -56.99 23.90 -99.67
N VAL A 3459 -55.79 23.43 -99.33
CA VAL A 3459 -55.22 22.28 -100.03
C VAL A 3459 -56.11 21.05 -99.83
N VAL A 3460 -56.46 20.75 -98.58
CA VAL A 3460 -57.22 19.53 -98.32
C VAL A 3460 -58.62 19.62 -98.93
N GLN A 3461 -59.27 20.79 -98.82
CA GLN A 3461 -60.62 20.93 -99.32
C GLN A 3461 -60.67 20.81 -100.84
N ASN A 3462 -59.72 21.43 -101.53
CA ASN A 3462 -59.70 21.40 -102.99
C ASN A 3462 -58.91 20.22 -103.54
N GLU A 3463 -58.43 19.32 -102.67
CA GLU A 3463 -57.77 18.10 -103.09
C GLU A 3463 -56.55 18.39 -103.95
N ILE A 3464 -55.87 19.49 -103.62
CA ILE A 3464 -54.63 19.81 -104.33
C ILE A 3464 -53.53 18.86 -103.88
N ASN A 3465 -52.82 18.29 -104.85
CA ASN A 3465 -51.80 17.30 -104.52
C ASN A 3465 -50.47 17.99 -104.22
N ASN A 3466 -50.07 18.92 -105.11
CA ASN A 3466 -48.82 19.71 -105.02
C ASN A 3466 -47.56 18.88 -105.34
N MET A 3467 -47.85 17.53 -105.39
CA MET A 3467 -46.93 16.55 -105.94
C MET A 3467 -46.70 16.93 -107.47
N SER A 3468 -47.80 17.16 -108.19
CA SER A 3468 -47.76 17.52 -109.56
C SER A 3468 -46.98 18.80 -109.79
N PHE A 3469 -47.27 19.83 -108.99
CA PHE A 3469 -46.56 21.10 -109.16
C PHE A 3469 -45.07 20.93 -108.95
N LEU A 3470 -44.68 20.14 -107.95
CA LEU A 3470 -43.26 19.95 -107.69
C LEU A 3470 -42.60 19.08 -108.77
N THR A 3471 -43.30 18.05 -109.25
CA THR A 3471 -42.67 16.99 -110.03
C THR A 3471 -43.18 16.90 -111.46
N ALA A 3472 -43.77 17.95 -112.03
CA ALA A 3472 -44.16 17.86 -113.43
C ALA A 3472 -42.95 17.66 -114.33
N ASP A 3473 -41.76 18.05 -113.86
CA ASP A 3473 -40.55 17.71 -114.60
C ASP A 3473 -40.41 16.19 -114.72
N SER A 3474 -40.56 15.47 -113.61
CA SER A 3474 -40.54 14.02 -113.67
C SER A 3474 -41.71 13.47 -114.48
N LYS A 3475 -42.86 14.13 -114.41
CA LYS A 3475 -44.02 13.67 -115.16
C LYS A 3475 -43.76 13.72 -116.66
N SER A 3476 -43.35 14.88 -117.17
CA SER A 3476 -42.91 15.00 -118.55
C SER A 3476 -41.79 14.01 -118.86
N LYS A 3477 -40.98 13.71 -117.85
CA LYS A 3477 -39.95 12.68 -117.99
C LYS A 3477 -40.57 11.33 -118.35
N MET A 3478 -41.64 10.95 -117.65
CA MET A 3478 -42.43 9.74 -117.88
C MET A 3478 -41.75 8.49 -117.30
N ALA A 3479 -40.67 8.64 -116.53
CA ALA A 3479 -39.91 7.48 -116.09
C ALA A 3479 -40.58 6.69 -114.98
N ARG A 3498 -52.17 8.35 -96.13
CA ARG A 3498 -51.98 9.02 -94.85
C ARG A 3498 -51.80 10.53 -95.03
N ARG A 3499 -52.19 11.25 -93.98
CA ARG A 3499 -52.35 12.70 -94.10
C ARG A 3499 -51.00 13.41 -94.18
N GLY A 3500 -49.98 12.85 -93.53
CA GLY A 3500 -48.68 13.51 -93.55
C GLY A 3500 -48.12 13.66 -94.96
N ASP A 3501 -48.17 12.58 -95.75
CA ASP A 3501 -47.83 12.69 -97.16
C ASP A 3501 -48.90 13.46 -97.93
N ARG A 3502 -50.17 13.23 -97.61
CA ARG A 3502 -51.24 13.89 -98.35
C ARG A 3502 -51.02 15.40 -98.35
N TYR A 3503 -50.43 15.92 -97.28
CA TYR A 3503 -50.04 17.31 -97.23
C TYR A 3503 -48.97 17.48 -96.15
N SER A 3504 -47.88 18.16 -96.51
CA SER A 3504 -46.81 18.45 -95.59
C SER A 3504 -46.24 19.83 -95.89
N VAL A 3505 -45.60 20.43 -94.90
CA VAL A 3505 -45.05 21.77 -95.06
C VAL A 3505 -44.05 21.78 -96.20
N GLN A 3506 -43.19 20.77 -96.29
CA GLN A 3506 -42.20 20.71 -97.36
C GLN A 3506 -42.88 20.74 -98.72
N THR A 3507 -44.08 20.17 -98.83
CA THR A 3507 -44.84 20.30 -100.06
C THR A 3507 -45.25 21.74 -100.33
N SER A 3508 -45.47 22.51 -99.26
CA SER A 3508 -46.05 23.84 -99.40
C SER A 3508 -45.33 24.64 -100.49
N LEU A 3509 -46.13 25.23 -101.38
CA LEU A 3509 -45.56 25.98 -102.49
C LEU A 3509 -44.77 27.17 -102.00
N ILE A 3510 -45.17 27.75 -100.86
CA ILE A 3510 -44.45 28.91 -100.33
C ILE A 3510 -43.01 28.54 -100.01
N VAL A 3511 -42.83 27.53 -99.17
CA VAL A 3511 -41.48 27.12 -98.77
C VAL A 3511 -40.73 26.58 -99.97
N ALA A 3512 -41.41 25.86 -100.86
CA ALA A 3512 -40.72 25.31 -102.03
C ALA A 3512 -40.16 26.42 -102.91
N THR A 3513 -40.98 27.44 -103.18
CA THR A 3513 -40.52 28.57 -103.98
C THR A 3513 -39.38 29.30 -103.28
N LEU A 3514 -39.49 29.47 -101.96
CA LEU A 3514 -38.43 30.14 -101.22
C LEU A 3514 -37.12 29.38 -101.34
N LYS A 3515 -37.17 28.05 -101.17
CA LYS A 3515 -35.95 27.26 -101.30
C LYS A 3515 -35.40 27.37 -102.72
N LYS A 3516 -36.29 27.37 -103.71
CA LYS A 3516 -35.83 27.44 -105.10
C LYS A 3516 -35.11 28.75 -105.38
N MET A 3517 -35.59 29.85 -104.81
CA MET A 3517 -35.01 31.16 -105.08
C MET A 3517 -33.96 31.59 -104.06
N LEU A 3518 -33.77 30.83 -102.99
CA LEU A 3518 -32.78 31.20 -101.99
C LEU A 3518 -31.38 31.34 -102.55
N PRO A 3519 -30.93 30.47 -103.46
CA PRO A 3519 -29.57 30.64 -104.00
C PRO A 3519 -29.35 32.00 -104.65
N ILE A 3520 -30.39 32.61 -105.19
CA ILE A 3520 -30.26 33.99 -105.63
C ILE A 3520 -29.90 34.86 -104.45
N GLY A 3521 -30.53 34.59 -103.31
CA GLY A 3521 -30.24 35.36 -102.12
C GLY A 3521 -28.84 35.19 -101.61
N LEU A 3522 -28.34 33.98 -101.72
CA LEU A 3522 -26.98 33.72 -101.29
C LEU A 3522 -25.98 34.33 -102.27
N ASN A 3523 -26.30 34.31 -103.56
CA ASN A 3523 -25.43 34.96 -104.54
C ASN A 3523 -25.36 36.46 -104.28
N MET A 3524 -26.49 37.05 -103.86
CA MET A 3524 -26.44 38.43 -103.39
C MET A 3524 -25.34 38.60 -102.34
N CYS A 3525 -25.34 37.73 -101.35
CA CYS A 3525 -24.43 37.85 -100.22
C CYS A 3525 -23.03 37.44 -100.63
N ALA A 3526 -22.04 38.23 -100.19
CA ALA A 3526 -20.67 37.83 -100.37
C ALA A 3526 -20.33 36.71 -99.40
N PRO A 3527 -19.45 35.79 -99.80
CA PRO A 3527 -19.09 34.69 -98.89
C PRO A 3527 -18.52 35.16 -97.56
N THR A 3528 -17.79 36.28 -97.56
CA THR A 3528 -17.22 36.78 -96.31
C THR A 3528 -18.29 37.18 -95.32
N ASP A 3529 -19.44 37.64 -95.83
CA ASP A 3529 -20.52 38.11 -94.96
C ASP A 3529 -21.17 36.98 -94.17
N GLN A 3530 -20.77 35.74 -94.41
CA GLN A 3530 -21.44 34.60 -93.78
C GLN A 3530 -21.47 34.74 -92.27
N ASP A 3531 -20.32 35.13 -91.67
CA ASP A 3531 -20.25 35.32 -90.23
C ASP A 3531 -21.31 36.31 -89.76
N LEU A 3532 -21.36 37.48 -90.40
CA LEU A 3532 -22.38 38.47 -90.07
C LEU A 3532 -23.77 37.89 -90.20
N ILE A 3533 -23.97 37.03 -91.20
CA ILE A 3533 -25.27 36.38 -91.38
C ILE A 3533 -25.60 35.53 -90.18
N MET A 3534 -24.62 34.78 -89.67
CA MET A 3534 -24.86 33.94 -88.51
C MET A 3534 -25.22 34.80 -87.30
N LEU A 3535 -24.50 35.90 -87.10
CA LEU A 3535 -24.83 36.78 -85.97
C LEU A 3535 -26.25 37.33 -86.10
N ALA A 3536 -26.64 37.77 -87.30
CA ALA A 3536 -27.99 38.27 -87.48
C ALA A 3536 -29.03 37.17 -87.30
N LYS A 3537 -28.69 35.94 -87.68
CA LYS A 3537 -29.60 34.82 -87.50
C LYS A 3537 -29.80 34.46 -86.05
N THR A 3538 -28.78 34.65 -85.21
CA THR A 3538 -28.96 34.54 -83.76
C THR A 3538 -29.71 35.71 -83.16
N ARG A 3539 -29.51 36.92 -83.69
CA ARG A 3539 -30.28 38.06 -83.22
C ARG A 3539 -31.77 37.86 -83.50
N TYR A 3540 -32.10 37.34 -84.69
CA TYR A 3540 -33.49 37.01 -84.99
C TYR A 3540 -34.02 35.98 -84.01
N ALA A 3541 -33.16 35.07 -83.54
CA ALA A 3541 -33.57 34.15 -82.48
C ALA A 3541 -33.80 34.89 -81.18
N LEU A 3542 -33.09 36.01 -80.99
CA LEU A 3542 -33.37 36.89 -79.85
C LEU A 3542 -34.62 37.71 -80.09
N LYS A 3543 -35.17 37.66 -81.30
CA LYS A 3543 -36.40 38.36 -81.68
C LYS A 3543 -36.18 39.86 -81.75
N ASP A 3544 -35.01 40.29 -82.23
CA ASP A 3544 -34.81 41.68 -82.57
C ASP A 3544 -35.51 42.00 -83.88
N THR A 3545 -35.84 43.28 -84.05
CA THR A 3545 -36.56 43.71 -85.24
C THR A 3545 -35.61 43.83 -86.43
N ASP A 3546 -36.18 44.03 -87.61
CA ASP A 3546 -35.37 44.16 -88.81
C ASP A 3546 -34.46 45.37 -88.75
N GLU A 3547 -34.98 46.52 -88.33
CA GLU A 3547 -34.14 47.71 -88.15
C GLU A 3547 -33.08 47.47 -87.09
N GLU A 3548 -33.43 46.72 -86.03
CA GLU A 3548 -32.48 46.49 -84.94
C GLU A 3548 -31.31 45.64 -85.43
N VAL A 3549 -31.60 44.54 -86.14
CA VAL A 3549 -30.52 43.74 -86.69
C VAL A 3549 -29.75 44.53 -87.73
N ARG A 3550 -30.43 45.40 -88.48
CA ARG A 3550 -29.75 46.26 -89.44
C ARG A 3550 -28.69 47.11 -88.75
N GLU A 3551 -29.07 47.83 -87.69
CA GLU A 3551 -28.12 48.71 -87.02
C GLU A 3551 -27.05 47.91 -86.29
N PHE A 3552 -27.40 46.72 -85.78
CA PHE A 3552 -26.40 45.86 -85.16
C PHE A 3552 -25.34 45.45 -86.17
N LEU A 3553 -25.75 45.05 -87.37
CA LEU A 3553 -24.78 44.75 -88.42
C LEU A 3553 -24.00 46.00 -88.79
N GLN A 3554 -24.66 47.15 -88.81
CA GLN A 3554 -24.01 48.39 -89.21
C GLN A 3554 -22.86 48.73 -88.28
N ASN A 3555 -23.08 48.62 -86.97
CA ASN A 3555 -22.01 48.98 -86.03
C ASN A 3555 -21.06 47.82 -85.78
N ASN A 3556 -21.44 46.59 -86.11
CA ASN A 3556 -20.55 45.43 -86.00
C ASN A 3556 -19.94 45.04 -87.34
N LEU A 3557 -19.96 45.93 -88.32
CA LEU A 3557 -19.39 45.62 -89.63
C LEU A 3557 -17.94 45.19 -89.54
N HIS A 3558 -17.20 45.70 -88.54
CA HIS A 3558 -15.78 45.38 -88.44
C HIS A 3558 -15.55 43.88 -88.41
N LEU A 3559 -16.52 43.12 -87.90
CA LEU A 3559 -16.36 41.68 -87.77
C LEU A 3559 -16.25 40.98 -89.12
N GLN A 3560 -16.63 41.65 -90.21
CA GLN A 3560 -16.67 41.01 -91.53
C GLN A 3560 -15.44 40.14 -91.75
N GLY A 3561 -15.65 39.03 -92.45
CA GLY A 3561 -14.62 38.02 -92.57
C GLY A 3561 -13.39 38.51 -93.32
N LYS A 3562 -12.27 37.87 -93.02
CA LYS A 3562 -10.98 38.18 -93.63
C LYS A 3562 -10.50 36.96 -94.39
N VAL A 3563 -10.21 37.15 -95.69
CA VAL A 3563 -9.90 36.03 -96.56
C VAL A 3563 -8.55 35.42 -96.20
N GLU A 3564 -7.56 36.27 -95.89
CA GLU A 3564 -6.21 35.77 -95.66
C GLU A 3564 -6.18 34.71 -94.56
N GLY A 3565 -7.09 34.80 -93.59
CA GLY A 3565 -7.11 33.85 -92.50
C GLY A 3565 -7.46 32.44 -92.95
N SER A 3566 -8.46 32.31 -93.82
CA SER A 3566 -8.97 31.02 -94.24
C SER A 3566 -8.86 30.87 -95.75
N PRO A 3567 -8.38 29.73 -96.25
CA PRO A 3567 -8.27 29.56 -97.71
C PRO A 3567 -9.61 29.47 -98.42
N SER A 3568 -10.65 28.97 -97.74
CA SER A 3568 -11.95 28.82 -98.39
C SER A 3568 -12.43 30.15 -98.96
N LEU A 3569 -12.32 31.21 -98.16
CA LEU A 3569 -12.80 32.51 -98.63
C LEU A 3569 -12.03 32.96 -99.86
N ARG A 3570 -10.80 32.49 -100.03
CA ARG A 3570 -10.03 32.90 -101.20
C ARG A 3570 -10.67 32.37 -102.48
N TRP A 3571 -10.97 31.07 -102.53
CA TRP A 3571 -11.56 30.51 -103.73
C TRP A 3571 -13.02 30.89 -103.86
N GLN A 3572 -13.67 31.28 -102.76
CA GLN A 3572 -15.02 31.82 -102.88
C GLN A 3572 -15.01 33.23 -103.46
N MET A 3573 -14.09 34.08 -102.99
CA MET A 3573 -13.92 35.41 -103.59
C MET A 3573 -13.58 35.29 -105.07
N ALA A 3574 -12.76 34.30 -105.42
CA ALA A 3574 -12.40 34.12 -106.82
C ALA A 3574 -13.65 34.07 -107.69
N LEU A 3575 -14.61 33.23 -107.32
CA LEU A 3575 -15.83 33.10 -108.11
C LEU A 3575 -16.70 34.35 -107.97
N TYR A 3576 -16.78 34.91 -106.76
CA TYR A 3576 -17.55 36.12 -106.54
C TYR A 3576 -17.14 37.23 -107.52
N ARG A 3577 -15.82 37.44 -107.65
CA ARG A 3577 -15.33 38.40 -108.62
C ARG A 3577 -15.53 37.89 -110.05
N GLY A 3578 -15.45 36.57 -110.24
CA GLY A 3578 -15.69 36.01 -111.56
C GLY A 3578 -17.06 36.37 -112.09
N LEU A 3579 -18.02 36.59 -111.20
CA LEU A 3579 -19.34 37.02 -111.63
C LEU A 3579 -19.21 38.32 -112.43
N PRO A 3580 -19.84 38.43 -113.60
CA PRO A 3580 -19.58 39.60 -114.45
C PRO A 3580 -20.01 40.92 -113.81
N GLY A 3581 -21.29 41.04 -113.42
CA GLY A 3581 -21.80 42.32 -112.97
C GLY A 3581 -21.27 42.74 -111.63
N ARG A 3582 -20.73 41.80 -110.84
CA ARG A 3582 -20.26 42.13 -109.51
C ARG A 3582 -18.92 42.85 -109.56
N GLU A 3583 -18.85 43.98 -108.86
CA GLU A 3583 -17.60 44.69 -108.64
C GLU A 3583 -17.55 45.12 -107.19
N GLU A 3584 -16.32 45.27 -106.66
CA GLU A 3584 -16.16 45.64 -105.26
C GLU A 3584 -16.69 47.03 -104.96
N ASP A 3585 -16.75 47.91 -105.96
CA ASP A 3585 -17.26 49.26 -105.73
C ASP A 3585 -18.77 49.24 -105.48
N ALA A 3586 -19.49 48.30 -106.09
CA ALA A 3586 -20.93 48.21 -105.88
C ALA A 3586 -21.25 47.93 -104.41
N ASP A 3587 -20.43 47.13 -103.75
CA ASP A 3587 -20.69 46.76 -102.35
C ASP A 3587 -20.59 48.00 -101.47
N ASP A 3588 -21.61 48.22 -100.66
CA ASP A 3588 -21.66 49.37 -99.75
C ASP A 3588 -22.34 48.95 -98.45
N PRO A 3589 -21.96 49.58 -97.33
CA PRO A 3589 -22.40 49.05 -96.03
C PRO A 3589 -23.90 48.85 -95.94
N GLU A 3590 -24.68 49.76 -96.51
CA GLU A 3590 -26.12 49.58 -96.55
C GLU A 3590 -26.48 48.31 -97.33
N LYS A 3591 -25.80 48.08 -98.46
CA LYS A 3591 -26.06 46.87 -99.24
C LYS A 3591 -25.81 45.64 -98.39
N ILE A 3592 -24.65 45.60 -97.72
CA ILE A 3592 -24.29 44.42 -96.94
C ILE A 3592 -25.31 44.20 -95.83
N VAL A 3593 -25.64 45.24 -95.07
CA VAL A 3593 -26.54 45.06 -93.94
C VAL A 3593 -27.91 44.61 -94.40
N ARG A 3594 -28.43 45.24 -95.46
CA ARG A 3594 -29.77 44.91 -95.95
C ARG A 3594 -29.83 43.47 -96.43
N ARG A 3595 -28.91 43.08 -97.31
CA ARG A 3595 -28.93 41.73 -97.84
C ARG A 3595 -28.69 40.71 -96.74
N VAL A 3596 -27.79 41.02 -95.81
CA VAL A 3596 -27.45 40.08 -94.75
C VAL A 3596 -28.66 39.83 -93.87
N GLN A 3597 -29.37 40.89 -93.46
CA GLN A 3597 -30.51 40.69 -92.57
C GLN A 3597 -31.66 40.04 -93.31
N GLU A 3598 -31.84 40.35 -94.60
CA GLU A 3598 -32.86 39.66 -95.38
C GLU A 3598 -32.62 38.15 -95.37
N VAL A 3599 -31.42 37.74 -95.78
CA VAL A 3599 -31.11 36.32 -95.86
C VAL A 3599 -31.12 35.69 -94.48
N SER A 3600 -30.74 36.46 -93.45
CA SER A 3600 -30.75 35.95 -92.09
C SER A 3600 -32.15 35.61 -91.64
N ALA A 3601 -33.10 36.52 -91.88
CA ALA A 3601 -34.49 36.25 -91.54
C ALA A 3601 -35.00 35.03 -92.30
N VAL A 3602 -34.72 34.97 -93.60
CA VAL A 3602 -35.16 33.84 -94.40
C VAL A 3602 -34.63 32.54 -93.82
N LEU A 3603 -33.33 32.50 -93.53
CA LEU A 3603 -32.70 31.29 -93.05
C LEU A 3603 -33.24 30.89 -91.68
N TYR A 3604 -33.38 31.86 -90.79
CA TYR A 3604 -33.91 31.59 -89.45
C TYR A 3604 -35.28 30.94 -89.53
N HIS A 3605 -36.19 31.59 -90.26
CA HIS A 3605 -37.54 31.03 -90.37
C HIS A 3605 -37.51 29.69 -91.10
N LEU A 3606 -36.53 29.49 -91.99
CA LEU A 3606 -36.43 28.22 -92.68
C LEU A 3606 -36.06 27.10 -91.72
N GLU A 3607 -35.08 27.33 -90.84
CA GLU A 3607 -34.74 26.30 -89.86
C GLU A 3607 -35.90 26.07 -88.90
N GLN A 3608 -36.59 27.15 -88.51
CA GLN A 3608 -37.75 26.99 -87.62
C GLN A 3608 -38.80 26.11 -88.26
N THR A 3609 -39.05 26.31 -89.56
CA THR A 3609 -39.99 25.45 -90.27
C THR A 3609 -39.47 24.01 -90.35
N GLU A 3610 -38.19 23.83 -90.65
CA GLU A 3610 -37.66 22.50 -90.88
C GLU A 3610 -37.72 21.65 -89.61
N HIS A 3611 -37.25 22.21 -88.50
CA HIS A 3611 -37.29 21.48 -87.22
C HIS A 3611 -38.31 22.14 -86.31
N PRO A 3612 -39.60 21.88 -86.51
CA PRO A 3612 -40.62 22.58 -85.72
C PRO A 3612 -40.57 22.27 -84.23
N TYR A 3613 -39.97 21.14 -83.84
CA TYR A 3613 -40.08 20.62 -82.48
C TYR A 3613 -41.51 20.28 -82.11
N LYS A 3614 -42.36 20.00 -83.11
CA LYS A 3614 -43.74 19.63 -82.86
C LYS A 3614 -43.82 18.34 -82.04
N SER A 3615 -42.75 17.55 -82.03
CA SER A 3615 -42.73 16.31 -81.28
C SER A 3615 -43.11 16.53 -79.83
N LYS A 3616 -43.97 15.67 -79.31
CA LYS A 3616 -44.52 15.54 -77.95
C LYS A 3616 -45.23 16.82 -77.49
N LYS A 3617 -45.43 17.80 -78.37
CA LYS A 3617 -46.12 19.02 -77.98
C LYS A 3617 -47.59 18.76 -77.62
N ALA A 3618 -48.37 18.28 -78.59
CA ALA A 3618 -49.81 18.10 -78.44
C ALA A 3618 -50.16 16.63 -78.66
N VAL A 3619 -49.37 15.76 -78.04
CA VAL A 3619 -49.51 14.31 -78.24
C VAL A 3619 -50.97 13.90 -78.20
N TRP A 3620 -51.37 13.11 -79.19
CA TRP A 3620 -52.70 12.51 -79.21
C TRP A 3620 -52.57 11.01 -79.46
N HIS A 3621 -51.45 10.43 -79.05
CA HIS A 3621 -51.31 8.97 -79.10
C HIS A 3621 -52.34 8.29 -78.20
N LYS A 3622 -52.90 9.04 -77.25
CA LYS A 3622 -53.95 8.59 -76.33
C LYS A 3622 -53.61 7.23 -75.72
N LEU A 3623 -52.45 7.17 -75.06
CA LEU A 3623 -51.98 5.90 -74.52
C LEU A 3623 -52.87 5.42 -73.39
N LEU A 3624 -53.31 6.35 -72.53
CA LEU A 3624 -54.22 5.97 -71.46
C LEU A 3624 -55.50 5.35 -72.01
N SER A 3625 -56.12 5.99 -73.00
CA SER A 3625 -57.40 5.51 -73.50
C SER A 3625 -57.22 4.31 -74.41
N LYS A 3626 -56.02 4.11 -74.96
CA LYS A 3626 -55.75 2.92 -75.74
C LYS A 3626 -55.54 1.71 -74.84
N GLN A 3627 -54.89 1.91 -73.69
CA GLN A 3627 -54.72 0.86 -72.71
C GLN A 3627 -55.98 0.61 -71.89
N ARG A 3628 -56.91 1.57 -71.85
CA ARG A 3628 -58.05 1.52 -70.94
C ARG A 3628 -59.39 1.83 -71.61
N ARG A 3629 -59.46 1.70 -72.93
CA ARG A 3629 -60.62 2.22 -73.68
C ARG A 3629 -61.95 1.88 -73.01
N ARG A 3630 -62.04 0.70 -72.40
CA ARG A 3630 -63.32 0.29 -71.83
C ARG A 3630 -63.78 1.26 -70.75
N ALA A 3631 -62.84 1.84 -69.99
CA ALA A 3631 -63.23 2.64 -68.84
C ALA A 3631 -63.71 4.03 -69.26
N VAL A 3632 -63.12 4.62 -70.30
CA VAL A 3632 -63.64 5.91 -70.76
C VAL A 3632 -65.03 5.71 -71.36
N VAL A 3633 -65.25 4.59 -72.05
CA VAL A 3633 -66.58 4.26 -72.53
C VAL A 3633 -67.54 4.12 -71.35
N ALA A 3634 -67.11 3.41 -70.30
CA ALA A 3634 -67.95 3.31 -69.12
C ALA A 3634 -68.27 4.68 -68.55
N CYS A 3635 -67.26 5.54 -68.50
CA CYS A 3635 -67.46 6.88 -67.98
C CYS A 3635 -68.47 7.66 -68.85
N PHE A 3636 -68.43 7.45 -70.15
CA PHE A 3636 -69.43 8.13 -70.95
C PHE A 3636 -70.82 7.52 -70.71
N ARG A 3637 -70.88 6.20 -70.51
CA ARG A 3637 -72.15 5.50 -70.41
C ARG A 3637 -72.81 5.74 -69.06
N MET A 3638 -72.06 6.23 -68.09
CA MET A 3638 -72.53 6.33 -66.72
C MET A 3638 -73.95 6.87 -66.68
N THR A 3639 -74.86 6.05 -66.20
CA THR A 3639 -76.27 6.36 -66.34
C THR A 3639 -76.61 7.62 -65.54
N PRO A 3640 -77.39 8.53 -66.11
CA PRO A 3640 -77.90 9.64 -65.30
C PRO A 3640 -78.77 9.12 -64.17
N LEU A 3641 -78.78 9.87 -63.06
CA LEU A 3641 -79.52 9.45 -61.89
C LEU A 3641 -80.97 9.13 -62.22
N TYR A 3642 -81.60 9.92 -63.09
CA TYR A 3642 -83.03 9.76 -63.33
C TYR A 3642 -83.37 8.45 -64.02
N ASN A 3643 -82.37 7.74 -64.56
CA ASN A 3643 -82.63 6.47 -65.24
C ASN A 3643 -82.52 5.27 -64.31
N LEU A 3644 -82.09 5.46 -63.07
CA LEU A 3644 -81.89 4.31 -62.19
C LEU A 3644 -83.21 3.85 -61.58
N PRO A 3645 -83.28 2.59 -61.15
CA PRO A 3645 -84.44 2.15 -60.37
C PRO A 3645 -84.52 2.90 -59.06
N THR A 3646 -85.75 3.07 -58.56
CA THR A 3646 -85.97 3.90 -57.38
C THR A 3646 -85.25 3.33 -56.16
N HIS A 3647 -85.26 2.01 -56.01
CA HIS A 3647 -84.74 1.41 -54.78
C HIS A 3647 -83.23 1.54 -54.67
N ARG A 3648 -82.51 1.33 -55.78
CA ARG A 3648 -81.07 1.49 -55.76
C ARG A 3648 -80.68 2.94 -55.49
N ALA A 3649 -81.39 3.88 -56.13
CA ALA A 3649 -81.16 5.29 -55.88
C ALA A 3649 -81.43 5.64 -54.42
N CYS A 3650 -82.48 5.03 -53.86
CA CYS A 3650 -82.82 5.28 -52.46
C CYS A 3650 -81.72 4.77 -51.55
N ASN A 3651 -81.17 3.60 -51.84
CA ASN A 3651 -80.05 3.12 -51.06
C ASN A 3651 -78.90 4.12 -51.13
N MET A 3652 -78.50 4.48 -52.35
CA MET A 3652 -77.41 5.43 -52.51
C MET A 3652 -77.65 6.71 -51.71
N PHE A 3653 -78.89 7.20 -51.76
CA PHE A 3653 -79.26 8.37 -50.97
C PHE A 3653 -79.07 8.11 -49.49
N LEU A 3654 -79.48 6.94 -49.03
CA LEU A 3654 -79.30 6.61 -47.61
C LEU A 3654 -77.83 6.74 -47.23
N GLU A 3655 -76.95 6.14 -48.02
CA GLU A 3655 -75.53 6.23 -47.67
C GLU A 3655 -75.03 7.67 -47.71
N SER A 3656 -75.40 8.42 -48.74
CA SER A 3656 -74.88 9.78 -48.89
C SER A 3656 -75.39 10.69 -47.77
N TYR A 3657 -76.68 10.60 -47.46
CA TYR A 3657 -77.26 11.36 -46.36
C TYR A 3657 -76.60 10.98 -45.04
N LYS A 3658 -76.40 9.67 -44.83
CA LYS A 3658 -75.75 9.20 -43.62
C LYS A 3658 -74.37 9.83 -43.46
N ALA A 3659 -73.59 9.87 -44.55
CA ALA A 3659 -72.24 10.41 -44.47
C ALA A 3659 -72.25 11.92 -44.28
N ALA A 3660 -73.08 12.62 -45.06
CA ALA A 3660 -72.99 14.08 -45.10
C ALA A 3660 -73.67 14.73 -43.90
N TRP A 3661 -74.81 14.21 -43.48
CA TRP A 3661 -75.67 14.88 -42.51
C TRP A 3661 -75.60 14.23 -41.14
N ILE A 3662 -75.90 12.93 -41.04
CA ILE A 3662 -75.90 12.26 -39.75
C ILE A 3662 -74.49 12.21 -39.18
N LEU A 3663 -73.52 11.78 -39.99
CA LEU A 3663 -72.16 11.61 -39.50
C LEU A 3663 -71.53 12.94 -39.13
N THR A 3664 -71.84 13.99 -39.91
CA THR A 3664 -71.24 15.29 -39.65
C THR A 3664 -71.89 16.02 -38.48
N GLU A 3665 -73.08 15.59 -38.07
CA GLU A 3665 -73.78 16.29 -37.01
C GLU A 3665 -73.02 16.15 -35.69
N ASP A 3666 -73.02 17.21 -34.90
CA ASP A 3666 -72.29 17.27 -33.64
C ASP A 3666 -73.30 17.38 -32.50
N HIS A 3667 -73.50 16.27 -31.79
CA HIS A 3667 -74.33 16.25 -30.60
C HIS A 3667 -73.47 15.81 -29.42
N SER A 3668 -73.49 16.60 -28.36
CA SER A 3668 -72.67 16.36 -27.17
C SER A 3668 -73.59 16.04 -26.00
N PHE A 3669 -73.50 14.80 -25.51
CA PHE A 3669 -74.28 14.34 -24.37
C PHE A 3669 -73.40 13.79 -23.26
N GLU A 3670 -72.09 13.74 -23.47
CA GLU A 3670 -71.21 13.03 -22.55
C GLU A 3670 -71.22 13.67 -21.16
N ASP A 3671 -71.04 14.98 -21.10
CA ASP A 3671 -70.97 15.66 -19.82
C ASP A 3671 -72.31 15.58 -19.09
N ARG A 3672 -73.41 15.75 -19.83
CA ARG A 3672 -74.73 15.65 -19.21
C ARG A 3672 -74.93 14.26 -18.63
N MET A 3673 -74.54 13.23 -19.38
CA MET A 3673 -74.66 11.86 -18.91
C MET A 3673 -73.85 11.65 -17.65
N ILE A 3674 -72.61 12.15 -17.64
CA ILE A 3674 -71.74 11.96 -16.49
C ILE A 3674 -72.31 12.65 -15.26
N ASP A 3675 -72.81 13.87 -15.43
CA ASP A 3675 -73.40 14.58 -14.30
C ASP A 3675 -74.63 13.87 -13.77
N ASP A 3676 -75.53 13.47 -14.68
CA ASP A 3676 -76.74 12.77 -14.25
C ASP A 3676 -76.42 11.48 -13.52
N LEU A 3677 -75.36 10.79 -13.93
CA LEU A 3677 -74.98 9.57 -13.24
C LEU A 3677 -74.23 9.85 -11.94
N SER A 3678 -73.57 11.00 -11.85
CA SER A 3678 -72.83 11.34 -10.64
C SER A 3678 -73.78 11.75 -9.52
N LYS A 3679 -74.83 12.49 -9.85
CA LYS A 3679 -75.75 12.96 -8.83
C LYS A 3679 -76.40 11.79 -8.10
N ALA A 3680 -76.49 11.92 -6.77
CA ALA A 3680 -77.13 10.94 -5.92
C ALA A 3680 -78.41 11.56 -5.35
N GLY A 3681 -79.48 10.77 -5.32
CA GLY A 3681 -80.79 11.28 -4.95
C GLY A 3681 -81.33 10.61 -3.71
N GLU A 3682 -82.06 11.38 -2.91
CA GLU A 3682 -82.77 10.91 -1.73
C GLU A 3682 -81.82 10.59 -0.58
N GLN A 3683 -80.51 10.64 -0.82
CA GLN A 3683 -79.56 10.57 0.28
C GLN A 3683 -79.72 11.76 1.21
N GLU A 3684 -80.14 12.90 0.67
CA GLU A 3684 -80.37 14.08 1.51
C GLU A 3684 -81.47 13.83 2.53
N GLU A 3685 -82.56 13.16 2.12
CA GLU A 3685 -83.61 12.83 3.07
C GLU A 3685 -83.19 11.67 3.97
N GLU A 3686 -82.42 10.73 3.43
CA GLU A 3686 -82.01 9.58 4.22
C GLU A 3686 -81.13 9.99 5.40
N GLU A 3687 -80.07 10.76 5.13
CA GLU A 3687 -79.15 11.27 6.13
C GLU A 3687 -78.25 10.18 6.70
N GLU A 3688 -78.51 8.92 6.32
CA GLU A 3688 -77.62 7.82 6.71
C GLU A 3688 -76.94 7.21 5.49
N GLU A 3689 -77.48 7.45 4.30
CA GLU A 3689 -76.99 6.77 3.11
C GLU A 3689 -75.60 7.25 2.74
N VAL A 3690 -75.31 8.54 2.95
CA VAL A 3690 -73.97 9.05 2.66
C VAL A 3690 -72.93 8.34 3.51
N GLU A 3691 -73.22 8.17 4.80
CA GLU A 3691 -72.29 7.45 5.67
C GLU A 3691 -72.22 5.98 5.30
N GLU A 3692 -73.34 5.41 4.86
CA GLU A 3692 -73.32 4.05 4.33
C GLU A 3692 -72.39 3.96 3.12
N LYS A 3693 -72.27 5.05 2.37
CA LYS A 3693 -71.38 5.12 1.20
C LYS A 3693 -71.88 4.22 0.08
N LYS A 3694 -73.18 4.28 -0.17
CA LYS A 3694 -73.75 3.51 -1.26
C LYS A 3694 -73.22 4.02 -2.59
N PRO A 3695 -72.80 3.13 -3.49
CA PRO A 3695 -72.32 3.59 -4.80
C PRO A 3695 -73.41 4.33 -5.57
N ASP A 3696 -73.02 5.45 -6.17
CA ASP A 3696 -73.89 6.15 -7.09
C ASP A 3696 -73.84 5.46 -8.44
N PRO A 3697 -74.73 5.83 -9.36
CA PRO A 3697 -74.83 5.07 -10.63
C PRO A 3697 -73.52 4.96 -11.39
N LEU A 3698 -72.75 6.04 -11.47
CA LEU A 3698 -71.48 5.97 -12.18
C LEU A 3698 -70.50 5.04 -11.47
N HIS A 3699 -70.48 5.09 -10.15
CA HIS A 3699 -69.65 4.15 -9.39
C HIS A 3699 -70.06 2.72 -9.69
N GLN A 3700 -71.36 2.45 -9.75
CA GLN A 3700 -71.83 1.09 -10.03
C GLN A 3700 -71.41 0.66 -11.43
N LEU A 3701 -71.48 1.57 -12.40
CA LEU A 3701 -71.07 1.23 -13.75
C LEU A 3701 -69.58 0.89 -13.80
N VAL A 3702 -68.75 1.70 -13.14
CA VAL A 3702 -67.32 1.42 -13.08
C VAL A 3702 -67.08 0.07 -12.41
N LEU A 3703 -67.79 -0.20 -11.33
CA LEU A 3703 -67.65 -1.47 -10.64
C LEU A 3703 -68.07 -2.64 -11.51
N HIS A 3704 -69.12 -2.47 -12.30
CA HIS A 3704 -69.56 -3.50 -13.23
C HIS A 3704 -68.47 -3.82 -14.23
N PHE A 3705 -67.86 -2.78 -14.80
CA PHE A 3705 -66.79 -3.02 -15.78
C PHE A 3705 -65.58 -3.66 -15.11
N SER A 3706 -65.27 -3.25 -13.89
CA SER A 3706 -64.17 -3.86 -13.16
C SER A 3706 -64.44 -5.34 -12.88
N ARG A 3707 -65.69 -5.66 -12.54
CA ARG A 3707 -66.08 -7.05 -12.35
C ARG A 3707 -65.88 -7.85 -13.63
N THR A 3708 -66.31 -7.27 -14.76
CA THR A 3708 -66.11 -7.95 -16.04
C THR A 3708 -64.63 -8.20 -16.30
N ALA A 3709 -63.80 -7.20 -16.02
CA ALA A 3709 -62.36 -7.35 -16.25
C ALA A 3709 -61.77 -8.41 -15.33
N LEU A 3710 -62.16 -8.42 -14.06
CA LEU A 3710 -61.59 -9.35 -13.09
C LEU A 3710 -62.10 -10.77 -13.29
N THR A 3711 -63.23 -10.94 -13.98
CA THR A 3711 -63.73 -12.28 -14.24
C THR A 3711 -62.68 -13.10 -14.97
N GLU A 3712 -62.51 -14.35 -14.54
CA GLU A 3712 -61.49 -15.23 -15.09
C GLU A 3712 -61.94 -15.73 -16.45
N LYS A 3713 -61.18 -15.38 -17.49
CA LYS A 3713 -61.51 -15.79 -18.85
C LYS A 3713 -60.21 -15.94 -19.63
N SER A 3714 -60.27 -16.77 -20.67
CA SER A 3714 -59.11 -16.95 -21.54
C SER A 3714 -58.81 -15.68 -22.32
N LYS A 3715 -59.86 -15.01 -22.81
CA LYS A 3715 -59.72 -13.82 -23.62
C LYS A 3715 -60.71 -12.77 -23.18
N LEU A 3716 -60.46 -11.53 -23.60
CA LEU A 3716 -61.31 -10.39 -23.28
C LEU A 3716 -62.30 -10.21 -24.43
N ASP A 3717 -63.56 -10.53 -24.16
CA ASP A 3717 -64.60 -10.36 -25.17
C ASP A 3717 -64.85 -8.88 -25.42
N GLU A 3718 -65.00 -8.55 -26.70
CA GLU A 3718 -65.39 -7.21 -27.12
C GLU A 3718 -66.75 -6.82 -26.56
N ASP A 3719 -66.78 -5.69 -25.85
CA ASP A 3719 -68.00 -5.16 -25.23
C ASP A 3719 -68.22 -3.74 -25.75
N TYR A 3720 -69.16 -3.61 -26.68
CA TYR A 3720 -69.46 -2.30 -27.25
C TYR A 3720 -69.94 -1.34 -26.18
N LEU A 3721 -70.64 -1.84 -25.17
CA LEU A 3721 -71.08 -0.98 -24.08
C LEU A 3721 -69.89 -0.40 -23.33
N TYR A 3722 -68.92 -1.24 -23.00
CA TYR A 3722 -67.71 -0.76 -22.35
C TYR A 3722 -67.02 0.27 -23.20
N MET A 3723 -66.87 0.00 -24.50
CA MET A 3723 -66.16 0.95 -25.35
C MET A 3723 -66.89 2.29 -25.39
N ALA A 3724 -68.21 2.26 -25.54
CA ALA A 3724 -68.98 3.49 -25.61
C ALA A 3724 -68.86 4.29 -24.32
N TYR A 3725 -68.98 3.62 -23.17
CA TYR A 3725 -68.96 4.33 -21.91
C TYR A 3725 -67.56 4.86 -21.59
N ALA A 3726 -66.52 4.10 -21.96
CA ALA A 3726 -65.17 4.59 -21.82
C ALA A 3726 -64.94 5.82 -22.67
N ASP A 3727 -65.44 5.81 -23.91
CA ASP A 3727 -65.34 7.00 -24.74
C ASP A 3727 -66.07 8.18 -24.13
N ILE A 3728 -67.25 7.94 -23.56
CA ILE A 3728 -68.00 9.02 -22.93
C ILE A 3728 -67.22 9.62 -21.78
N MET A 3729 -66.65 8.79 -20.91
CA MET A 3729 -65.89 9.31 -19.78
C MET A 3729 -64.65 10.07 -20.27
N ALA A 3730 -63.95 9.52 -21.25
CA ALA A 3730 -62.75 10.19 -21.76
C ALA A 3730 -63.09 11.55 -22.34
N LYS A 3731 -64.20 11.62 -23.09
CA LYS A 3731 -64.64 12.90 -23.64
C LYS A 3731 -65.00 13.87 -22.53
N SER A 3732 -65.68 13.38 -21.49
CA SER A 3732 -66.07 14.26 -20.38
C SER A 3732 -64.85 14.79 -19.63
N CYS A 3733 -63.77 14.03 -19.59
CA CYS A 3733 -62.62 14.43 -18.78
C CYS A 3733 -61.96 15.68 -19.32
N HIS A 3734 -61.49 15.63 -20.57
CA HIS A 3734 -61.13 16.91 -21.19
C HIS A 3734 -62.23 17.92 -21.43
N LEU A 3735 -63.30 17.56 -22.11
CA LEU A 3735 -64.26 18.53 -22.59
C LEU A 3735 -63.61 19.78 -23.20
N GLU A 3736 -62.75 19.56 -24.18
CA GLU A 3736 -62.08 20.65 -24.90
C GLU A 3736 -61.35 20.12 -26.14
N VAL A 3749 -53.64 35.06 -29.31
CA VAL A 3749 -53.99 33.75 -28.77
C VAL A 3749 -53.34 33.49 -27.42
N GLU A 3750 -53.52 34.45 -26.50
CA GLU A 3750 -52.91 34.44 -25.19
C GLU A 3750 -53.98 34.16 -24.15
N VAL A 3751 -53.68 33.27 -23.21
CA VAL A 3751 -54.62 32.90 -22.16
C VAL A 3751 -54.09 33.40 -20.83
N SER A 3752 -54.94 34.10 -20.09
CA SER A 3752 -54.53 34.62 -18.80
C SER A 3752 -54.15 33.47 -17.87
N PHE A 3753 -53.22 33.76 -16.96
CA PHE A 3753 -52.85 32.79 -15.94
C PHE A 3753 -54.08 32.30 -15.19
N GLU A 3754 -55.00 33.21 -14.89
CA GLU A 3754 -56.22 32.82 -14.18
C GLU A 3754 -57.04 31.85 -15.00
N GLU A 3755 -57.28 32.16 -16.28
CA GLU A 3755 -58.07 31.26 -17.12
C GLU A 3755 -57.41 29.90 -17.23
N LYS A 3756 -56.08 29.89 -17.46
CA LYS A 3756 -55.34 28.65 -17.54
C LYS A 3756 -55.53 27.80 -16.29
N GLU A 3757 -55.38 28.42 -15.12
CA GLU A 3757 -55.57 27.68 -13.88
C GLU A 3757 -57.01 27.21 -13.71
N MET A 3758 -57.98 27.98 -14.22
CA MET A 3758 -59.36 27.54 -14.17
C MET A 3758 -59.58 26.31 -15.04
N GLU A 3759 -59.00 26.28 -16.25
CA GLU A 3759 -59.09 25.07 -17.05
C GLU A 3759 -58.45 23.89 -16.34
N LYS A 3760 -57.29 24.11 -15.72
CA LYS A 3760 -56.65 23.03 -14.97
C LYS A 3760 -57.53 22.53 -13.85
N GLN A 3761 -58.13 23.44 -13.08
CA GLN A 3761 -58.97 23.03 -11.96
C GLN A 3761 -60.20 22.29 -12.44
N ARG A 3762 -60.84 22.78 -13.50
CA ARG A 3762 -61.97 22.05 -14.05
C ARG A 3762 -61.55 20.66 -14.49
N LEU A 3763 -60.44 20.54 -15.22
CA LEU A 3763 -59.99 19.22 -15.66
C LEU A 3763 -59.76 18.32 -14.46
N LEU A 3764 -59.23 18.88 -13.38
CA LEU A 3764 -59.02 18.09 -12.17
C LEU A 3764 -60.34 17.61 -11.59
N TYR A 3765 -61.35 18.48 -11.59
CA TYR A 3765 -62.67 18.08 -11.09
C TYR A 3765 -63.25 16.94 -11.94
N GLN A 3766 -63.16 17.08 -13.27
CA GLN A 3766 -63.69 16.03 -14.13
C GLN A 3766 -62.94 14.72 -13.95
N GLN A 3767 -61.62 14.79 -13.74
CA GLN A 3767 -60.85 13.57 -13.50
C GLN A 3767 -61.21 12.96 -12.16
N SER A 3768 -61.48 13.81 -11.16
CA SER A 3768 -61.86 13.33 -9.84
C SER A 3768 -63.18 12.58 -9.90
N ARG A 3769 -64.15 13.12 -10.65
CA ARG A 3769 -65.42 12.44 -10.83
C ARG A 3769 -65.20 10.96 -11.11
N LEU A 3770 -64.14 10.63 -11.84
CA LEU A 3770 -63.93 9.27 -12.27
C LEU A 3770 -63.03 8.50 -11.32
N HIS A 3771 -61.85 9.05 -10.98
CA HIS A 3771 -60.91 8.24 -10.21
C HIS A 3771 -61.34 8.12 -8.77
N THR A 3772 -62.23 8.99 -8.31
CA THR A 3772 -62.88 8.77 -7.02
C THR A 3772 -63.80 7.56 -7.09
N ARG A 3773 -64.39 7.32 -8.26
CA ARG A 3773 -65.31 6.20 -8.41
C ARG A 3773 -64.63 4.91 -8.82
N GLY A 3774 -63.32 4.93 -9.08
CA GLY A 3774 -62.58 3.70 -9.29
C GLY A 3774 -62.27 3.42 -10.75
N ALA A 3775 -62.05 4.46 -11.54
CA ALA A 3775 -61.79 4.29 -12.97
C ALA A 3775 -60.36 3.85 -13.24
N ALA A 3776 -59.40 4.30 -12.44
CA ALA A 3776 -58.00 3.94 -12.67
C ALA A 3776 -57.80 2.43 -12.55
N GLU A 3777 -58.36 1.84 -11.49
CA GLU A 3777 -58.22 0.40 -11.30
C GLU A 3777 -58.89 -0.36 -12.42
N MET A 3778 -60.02 0.14 -12.92
CA MET A 3778 -60.70 -0.49 -14.04
C MET A 3778 -59.82 -0.45 -15.29
N VAL A 3779 -59.17 0.69 -15.51
CA VAL A 3779 -58.25 0.82 -16.64
C VAL A 3779 -57.15 -0.23 -16.54
N LEU A 3780 -56.52 -0.32 -15.36
CA LEU A 3780 -55.43 -1.26 -15.18
C LEU A 3780 -55.91 -2.70 -15.36
N GLN A 3781 -57.10 -3.01 -14.83
CA GLN A 3781 -57.64 -4.35 -14.93
C GLN A 3781 -57.90 -4.72 -16.38
N MET A 3782 -58.45 -3.79 -17.16
CA MET A 3782 -58.70 -4.08 -18.57
C MET A 3782 -57.39 -4.25 -19.33
N ILE A 3783 -56.38 -3.45 -19.00
CA ILE A 3783 -55.09 -3.61 -19.66
C ILE A 3783 -54.50 -4.97 -19.36
N SER A 3784 -54.62 -5.42 -18.10
CA SER A 3784 -54.15 -6.76 -17.77
C SER A 3784 -54.97 -7.83 -18.49
N ALA A 3785 -56.29 -7.63 -18.59
CA ALA A 3785 -57.17 -8.63 -19.19
C ALA A 3785 -56.89 -8.79 -20.67
N CYS A 3786 -56.59 -7.68 -21.37
CA CYS A 3786 -56.38 -7.77 -22.80
C CYS A 3786 -55.28 -8.76 -23.15
N LYS A 3787 -54.34 -9.00 -22.24
CA LYS A 3787 -53.36 -10.07 -22.38
C LYS A 3787 -52.53 -9.90 -23.64
N GLY A 3788 -52.29 -8.65 -24.02
CA GLY A 3788 -51.42 -8.36 -25.14
C GLY A 3788 -52.05 -8.46 -26.50
N GLU A 3789 -53.36 -8.34 -26.60
CA GLU A 3789 -54.07 -8.38 -27.87
C GLU A 3789 -54.61 -7.00 -28.19
N THR A 3790 -54.18 -6.45 -29.32
CA THR A 3790 -54.64 -5.13 -29.73
C THR A 3790 -56.11 -5.17 -30.10
N GLY A 3791 -56.80 -4.05 -29.89
CA GLY A 3791 -58.20 -3.98 -30.26
C GLY A 3791 -58.83 -2.69 -29.74
N ALA A 3792 -60.09 -2.52 -30.12
CA ALA A 3792 -60.82 -1.32 -29.74
C ALA A 3792 -60.97 -1.24 -28.22
N MET A 3793 -61.09 -2.38 -27.55
CA MET A 3793 -61.24 -2.37 -26.10
C MET A 3793 -60.01 -1.74 -25.44
N VAL A 3794 -58.82 -2.23 -25.78
CA VAL A 3794 -57.60 -1.70 -25.18
C VAL A 3794 -57.38 -0.26 -25.63
N SER A 3795 -57.73 0.06 -26.87
CA SER A 3795 -57.59 1.43 -27.33
C SER A 3795 -58.43 2.39 -26.49
N SER A 3796 -59.70 2.01 -26.25
CA SER A 3796 -60.57 2.84 -25.42
C SER A 3796 -60.06 2.93 -23.99
N THR A 3797 -59.57 1.81 -23.46
CA THR A 3797 -59.02 1.82 -22.10
C THR A 3797 -57.84 2.79 -22.01
N LEU A 3798 -56.96 2.74 -23.00
CA LEU A 3798 -55.80 3.64 -23.01
C LEU A 3798 -56.23 5.09 -23.14
N LYS A 3799 -57.23 5.36 -23.97
CA LYS A 3799 -57.72 6.73 -24.10
C LYS A 3799 -58.31 7.23 -22.78
N LEU A 3800 -59.06 6.38 -22.09
CA LEU A 3800 -59.60 6.75 -20.80
C LEU A 3800 -58.49 7.03 -19.80
N GLY A 3801 -57.45 6.18 -19.79
CA GLY A 3801 -56.33 6.41 -18.91
C GLY A 3801 -55.64 7.74 -19.20
N ILE A 3802 -55.44 8.04 -20.48
CA ILE A 3802 -54.81 9.29 -20.87
C ILE A 3802 -55.67 10.46 -20.41
N SER A 3803 -56.98 10.35 -20.58
CA SER A 3803 -57.88 11.44 -20.19
C SER A 3803 -57.81 11.68 -18.69
N ILE A 3804 -57.81 10.62 -17.88
CA ILE A 3804 -57.79 10.82 -16.44
C ILE A 3804 -56.40 11.21 -15.95
N LEU A 3805 -55.36 10.95 -16.74
CA LEU A 3805 -53.99 11.23 -16.33
C LEU A 3805 -53.45 12.53 -16.90
N ASN A 3806 -54.17 13.19 -17.81
CA ASN A 3806 -53.65 14.38 -18.45
C ASN A 3806 -53.29 15.44 -17.42
N GLY A 3807 -52.16 16.11 -17.63
CA GLY A 3807 -51.62 17.05 -16.68
C GLY A 3807 -50.81 16.42 -15.57
N GLY A 3808 -50.58 15.11 -15.61
CA GLY A 3808 -49.83 14.44 -14.58
C GLY A 3808 -50.55 14.41 -13.25
N ASN A 3809 -51.77 13.88 -13.25
CA ASN A 3809 -52.55 13.80 -12.03
C ASN A 3809 -51.85 12.92 -11.01
N ALA A 3810 -51.30 13.54 -9.97
CA ALA A 3810 -50.60 12.80 -8.93
C ALA A 3810 -51.53 11.87 -8.18
N GLU A 3811 -52.79 12.29 -7.99
CA GLU A 3811 -53.74 11.44 -7.29
C GLU A 3811 -53.98 10.14 -8.04
N VAL A 3812 -54.23 10.25 -9.35
CA VAL A 3812 -54.42 9.06 -10.18
C VAL A 3812 -53.14 8.23 -10.21
N GLN A 3813 -51.99 8.89 -10.32
CA GLN A 3813 -50.72 8.17 -10.32
C GLN A 3813 -50.58 7.33 -9.07
N GLN A 3814 -50.83 7.94 -7.90
CA GLN A 3814 -50.69 7.23 -6.65
C GLN A 3814 -51.69 6.09 -6.54
N LYS A 3815 -52.94 6.33 -6.98
CA LYS A 3815 -53.93 5.27 -6.92
C LYS A 3815 -53.51 4.08 -7.78
N MET A 3816 -53.04 4.35 -8.99
CA MET A 3816 -52.59 3.29 -9.89
C MET A 3816 -51.45 2.51 -9.28
N LEU A 3817 -50.45 3.23 -8.76
CA LEU A 3817 -49.27 2.57 -8.22
C LEU A 3817 -49.62 1.74 -6.99
N ASP A 3818 -50.49 2.28 -6.12
CA ASP A 3818 -50.92 1.53 -4.94
C ASP A 3818 -51.66 0.27 -5.32
N TYR A 3819 -52.58 0.38 -6.28
CA TYR A 3819 -53.31 -0.79 -6.74
C TYR A 3819 -52.36 -1.85 -7.27
N LEU A 3820 -51.43 -1.44 -8.12
CA LEU A 3820 -50.50 -2.39 -8.72
C LEU A 3820 -49.64 -3.06 -7.66
N LYS A 3821 -49.17 -2.28 -6.68
CA LYS A 3821 -48.26 -2.82 -5.68
C LYS A 3821 -48.96 -3.73 -4.69
N ASP A 3822 -50.23 -3.46 -4.38
CA ASP A 3822 -50.95 -4.36 -3.48
C ASP A 3822 -51.38 -5.63 -4.21
N LYS A 3823 -51.78 -5.51 -5.48
CA LYS A 3823 -52.25 -6.69 -6.19
C LYS A 3823 -51.10 -7.58 -6.62
N LYS A 3824 -49.94 -7.02 -6.95
CA LYS A 3824 -48.77 -7.77 -7.35
C LYS A 3824 -49.10 -8.75 -8.46
N GLU A 3825 -49.55 -8.19 -9.58
CA GLU A 3825 -49.88 -8.97 -10.77
C GLU A 3825 -48.92 -8.61 -11.90
N VAL A 3826 -48.40 -9.65 -12.56
CA VAL A 3826 -47.50 -9.46 -13.70
C VAL A 3826 -48.24 -9.28 -15.01
N GLY A 3827 -49.55 -9.53 -15.03
CA GLY A 3827 -50.28 -9.48 -16.28
C GLY A 3827 -50.29 -8.10 -16.89
N PHE A 3828 -50.33 -7.06 -16.06
CA PHE A 3828 -50.36 -5.69 -16.58
C PHE A 3828 -49.14 -5.40 -17.44
N PHE A 3829 -47.95 -5.62 -16.87
CA PHE A 3829 -46.73 -5.33 -17.62
C PHE A 3829 -46.50 -6.34 -18.73
N GLN A 3830 -46.96 -7.58 -18.54
CA GLN A 3830 -46.88 -8.54 -19.64
C GLN A 3830 -47.68 -8.07 -20.85
N SER A 3831 -48.91 -7.58 -20.60
CA SER A 3831 -49.74 -7.06 -21.68
C SER A 3831 -49.09 -5.84 -22.31
N ILE A 3832 -48.51 -4.97 -21.48
CA ILE A 3832 -47.83 -3.79 -22.01
C ILE A 3832 -46.69 -4.20 -22.93
N GLN A 3833 -45.88 -5.16 -22.50
CA GLN A 3833 -44.76 -5.65 -23.30
C GLN A 3833 -45.24 -6.24 -24.61
N ALA A 3834 -46.29 -7.06 -24.55
CA ALA A 3834 -46.80 -7.68 -25.76
C ALA A 3834 -47.32 -6.63 -26.74
N LEU A 3835 -48.02 -5.62 -26.22
CA LEU A 3835 -48.52 -4.56 -27.08
C LEU A 3835 -47.37 -3.79 -27.72
N MET A 3836 -46.31 -3.52 -26.96
CA MET A 3836 -45.14 -2.88 -27.55
C MET A 3836 -44.57 -3.73 -28.66
N GLN A 3837 -44.48 -5.04 -28.45
CA GLN A 3837 -43.92 -5.92 -29.47
C GLN A 3837 -44.80 -5.93 -30.71
N THR A 3838 -46.12 -5.85 -30.53
CA THR A 3838 -47.02 -5.84 -31.67
C THR A 3838 -46.97 -4.51 -32.43
N CYS A 3839 -46.69 -3.42 -31.72
CA CYS A 3839 -46.69 -2.11 -32.36
C CYS A 3839 -45.84 -2.12 -33.62
N SER A 3840 -46.34 -1.47 -34.66
CA SER A 3840 -45.80 -1.61 -36.00
C SER A 3840 -44.82 -0.50 -36.36
N VAL A 3841 -44.07 -0.74 -37.42
CA VAL A 3841 -43.16 0.24 -38.00
C VAL A 3841 -43.36 0.38 -39.51
N LEU A 3842 -42.60 1.28 -40.13
CA LEU A 3842 -42.70 1.47 -41.56
C LEU A 3842 -42.30 0.20 -42.30
N ASP A 3843 -43.10 -0.19 -43.29
CA ASP A 3843 -42.83 -1.39 -44.08
C ASP A 3843 -42.75 -1.01 -45.56
N LEU A 3844 -41.56 -1.19 -46.13
CA LEU A 3844 -41.34 -0.79 -47.52
C LEU A 3844 -42.09 -1.70 -48.49
N ASN A 3845 -42.23 -2.98 -48.14
CA ASN A 3845 -43.00 -3.88 -48.99
C ASN A 3845 -44.44 -3.41 -49.09
N ALA A 3846 -45.03 -3.03 -47.96
CA ALA A 3846 -46.38 -2.49 -47.97
C ALA A 3846 -46.44 -1.17 -48.73
N PHE A 3847 -45.42 -0.33 -48.56
CA PHE A 3847 -45.37 0.92 -49.32
C PHE A 3847 -45.44 0.65 -50.82
N GLU A 3848 -44.60 -0.26 -51.31
CA GLU A 3848 -44.55 -0.56 -52.73
C GLU A 3848 -45.86 -1.20 -53.21
N ARG A 3849 -46.41 -2.11 -52.41
CA ARG A 3849 -47.65 -2.75 -52.78
C ARG A 3849 -48.78 -1.74 -52.91
N GLN A 3850 -48.88 -0.82 -51.95
CA GLN A 3850 -49.89 0.23 -52.03
C GLN A 3850 -49.64 1.15 -53.22
N ASN A 3851 -48.37 1.45 -53.51
CA ASN A 3851 -48.06 2.31 -54.64
C ASN A 3851 -48.54 1.67 -55.94
N LYS A 3852 -48.23 0.39 -56.14
CA LYS A 3852 -48.71 -0.29 -57.34
C LYS A 3852 -50.23 -0.36 -57.36
N ALA A 3853 -50.85 -0.61 -56.21
CA ALA A 3853 -52.30 -0.68 -56.14
C ALA A 3853 -52.94 0.61 -56.61
N GLU A 3854 -52.46 1.74 -56.07
CA GLU A 3854 -53.02 3.03 -56.48
C GLU A 3854 -52.66 3.36 -57.91
N GLY A 3855 -51.50 2.91 -58.40
CA GLY A 3855 -51.16 3.14 -59.79
C GLY A 3855 -52.06 2.40 -60.74
N LEU A 3856 -52.50 1.20 -60.36
CA LEU A 3856 -53.41 0.41 -61.20
C LEU A 3856 -54.65 1.21 -61.54
N GLY A 3857 -55.07 2.09 -60.64
CA GLY A 3857 -56.27 2.87 -60.89
C GLY A 3857 -57.51 2.02 -61.05
N MET A 3858 -57.60 0.95 -60.26
CA MET A 3858 -58.75 0.06 -60.37
C MET A 3858 -60.02 0.82 -60.00
N VAL A 3859 -61.11 0.49 -60.69
CA VAL A 3859 -62.41 1.11 -60.48
C VAL A 3859 -63.39 0.05 -60.03
N ASN A 3860 -64.25 0.41 -59.08
CA ASN A 3860 -65.27 -0.52 -58.62
C ASN A 3860 -66.19 -0.90 -59.78
N GLU A 3861 -66.38 -2.22 -59.95
CA GLU A 3861 -67.18 -2.70 -61.07
C GLU A 3861 -68.63 -2.22 -60.97
N ASP A 3862 -69.20 -2.27 -59.77
CA ASP A 3862 -70.52 -1.70 -59.57
C ASP A 3862 -70.42 -0.17 -59.61
N GLY A 3863 -71.23 0.44 -60.48
CA GLY A 3863 -71.07 1.87 -60.69
C GLY A 3863 -69.66 2.18 -61.14
N THR A 3864 -69.00 3.07 -60.41
CA THR A 3864 -67.59 3.36 -60.66
C THR A 3864 -67.03 4.11 -59.46
N VAL A 3865 -65.95 3.60 -58.89
CA VAL A 3865 -65.24 4.27 -57.81
C VAL A 3865 -63.78 4.40 -58.23
N ILE A 3866 -63.41 5.55 -58.80
CA ILE A 3866 -62.02 5.74 -59.18
C ILE A 3866 -61.15 5.76 -57.93
N ASN A 3867 -59.89 5.33 -58.11
CA ASN A 3867 -58.84 5.42 -57.10
C ASN A 3867 -59.39 5.16 -55.70
N ARG A 3868 -60.17 4.09 -55.58
CA ARG A 3868 -60.73 3.70 -54.30
C ARG A 3868 -59.62 3.53 -53.26
N GLN A 3869 -59.79 4.19 -52.12
CA GLN A 3869 -58.78 4.27 -51.06
C GLN A 3869 -58.86 2.99 -50.25
N ASN A 3870 -57.73 2.27 -50.20
CA ASN A 3870 -57.67 1.05 -49.40
C ASN A 3870 -57.27 1.38 -47.97
N GLY A 3871 -57.43 0.40 -47.10
CA GLY A 3871 -56.95 0.54 -45.73
C GLY A 3871 -55.46 0.79 -45.72
N GLU A 3872 -55.02 1.77 -44.94
CA GLU A 3872 -53.61 2.12 -44.88
C GLU A 3872 -52.83 1.03 -44.16
N LYS A 3873 -52.10 0.20 -44.92
CA LYS A 3873 -51.31 -0.84 -44.30
C LYS A 3873 -50.15 -0.28 -43.50
N VAL A 3874 -49.55 0.80 -43.98
CA VAL A 3874 -48.37 1.35 -43.33
C VAL A 3874 -48.79 2.23 -42.16
N MET A 3875 -48.31 1.91 -40.97
CA MET A 3875 -48.67 2.61 -39.76
C MET A 3875 -50.19 2.67 -39.58
N ALA A 3876 -50.80 1.49 -39.56
CA ALA A 3876 -52.22 1.41 -39.26
C ALA A 3876 -52.48 1.64 -37.77
N ASP A 3877 -51.58 1.17 -36.92
CA ASP A 3877 -51.71 1.30 -35.47
C ASP A 3877 -50.92 2.46 -34.92
N ASP A 3878 -50.69 3.50 -35.72
CA ASP A 3878 -49.91 4.65 -35.23
C ASP A 3878 -50.60 5.33 -34.06
N GLU A 3879 -51.93 5.49 -34.14
CA GLU A 3879 -52.66 6.11 -33.05
C GLU A 3879 -52.58 5.27 -31.78
N PHE A 3880 -52.71 3.96 -31.90
CA PHE A 3880 -52.57 3.09 -30.74
C PHE A 3880 -51.18 3.19 -30.13
N THR A 3881 -50.15 3.23 -30.98
CA THR A 3881 -48.78 3.33 -30.48
C THR A 3881 -48.59 4.64 -29.71
N GLN A 3882 -49.04 5.75 -30.31
CA GLN A 3882 -48.95 7.03 -29.64
C GLN A 3882 -49.71 7.02 -28.33
N ASP A 3883 -50.90 6.40 -28.30
CA ASP A 3883 -51.68 6.36 -27.07
C ASP A 3883 -50.97 5.56 -25.99
N LEU A 3884 -50.41 4.40 -26.36
CA LEU A 3884 -49.68 3.60 -25.39
C LEU A 3884 -48.52 4.38 -24.79
N PHE A 3885 -47.72 5.02 -25.64
CA PHE A 3885 -46.54 5.71 -25.12
C PHE A 3885 -46.91 6.98 -24.38
N ARG A 3886 -48.00 7.64 -24.79
CA ARG A 3886 -48.49 8.79 -24.05
C ARG A 3886 -49.00 8.37 -22.68
N PHE A 3887 -49.65 7.21 -22.60
CA PHE A 3887 -50.09 6.69 -21.31
C PHE A 3887 -48.90 6.42 -20.40
N LEU A 3888 -47.88 5.74 -20.93
CA LEU A 3888 -46.70 5.46 -20.12
C LEU A 3888 -46.01 6.74 -19.69
N GLN A 3889 -45.93 7.72 -20.59
CA GLN A 3889 -45.36 9.02 -20.25
C GLN A 3889 -46.16 9.71 -19.14
N LEU A 3890 -47.48 9.72 -19.27
CA LEU A 3890 -48.32 10.40 -18.30
C LEU A 3890 -48.19 9.76 -16.94
N LEU A 3891 -47.99 8.44 -16.90
CA LEU A 3891 -47.82 7.77 -15.63
C LEU A 3891 -46.59 8.30 -14.88
N CYS A 3892 -45.56 8.73 -15.60
CA CYS A 3892 -44.35 9.27 -15.01
C CYS A 3892 -44.32 10.79 -14.99
N GLU A 3893 -45.32 11.45 -15.57
CA GLU A 3893 -45.28 12.90 -15.67
C GLU A 3893 -45.25 13.53 -14.29
N GLY A 3894 -44.56 14.67 -14.20
CA GLY A 3894 -44.33 15.33 -12.93
C GLY A 3894 -43.15 14.84 -12.14
N HIS A 3895 -42.30 14.00 -12.74
CA HIS A 3895 -41.11 13.48 -12.09
C HIS A 3895 -41.49 12.58 -10.91
N ASN A 3896 -42.34 11.61 -11.19
CA ASN A 3896 -42.77 10.62 -10.20
C ASN A 3896 -41.70 9.55 -10.07
N ASN A 3897 -40.82 9.71 -9.08
CA ASN A 3897 -39.72 8.76 -8.91
C ASN A 3897 -40.24 7.36 -8.64
N ASP A 3898 -41.30 7.25 -7.83
CA ASP A 3898 -41.79 5.92 -7.46
C ASP A 3898 -42.24 5.14 -8.69
N PHE A 3899 -43.10 5.74 -9.53
CA PHE A 3899 -43.57 5.02 -10.68
C PHE A 3899 -42.45 4.84 -11.71
N GLN A 3900 -41.57 5.84 -11.83
CA GLN A 3900 -40.43 5.70 -12.72
C GLN A 3900 -39.63 4.45 -12.39
N ASN A 3901 -39.34 4.24 -11.11
CA ASN A 3901 -38.56 3.07 -10.71
C ASN A 3901 -39.39 1.80 -10.82
N TYR A 3902 -40.69 1.89 -10.57
CA TYR A 3902 -41.54 0.71 -10.72
C TYR A 3902 -41.52 0.22 -12.15
N LEU A 3903 -41.50 1.14 -13.11
CA LEU A 3903 -41.41 0.74 -14.52
C LEU A 3903 -40.14 -0.04 -14.79
N ARG A 3904 -39.02 0.41 -14.23
CA ARG A 3904 -37.76 -0.31 -14.42
C ARG A 3904 -37.82 -1.68 -13.75
N THR A 3905 -38.37 -1.75 -12.54
CA THR A 3905 -38.33 -2.98 -11.77
C THR A 3905 -39.54 -3.03 -10.84
N GLN A 3906 -40.08 -4.23 -10.67
CA GLN A 3906 -41.22 -4.48 -9.79
C GLN A 3906 -40.74 -5.41 -8.68
N THR A 3907 -40.38 -4.83 -7.54
CA THR A 3907 -39.76 -5.61 -6.46
C THR A 3907 -40.71 -6.67 -5.94
N GLY A 3908 -41.97 -6.29 -5.68
CA GLY A 3908 -42.89 -7.23 -5.06
C GLY A 3908 -43.22 -8.42 -5.95
N ASN A 3909 -43.34 -8.18 -7.25
CA ASN A 3909 -43.75 -9.23 -8.16
C ASN A 3909 -42.68 -10.32 -8.28
N THR A 3910 -43.12 -11.52 -8.63
CA THR A 3910 -42.18 -12.62 -8.82
C THR A 3910 -41.23 -12.33 -9.96
N THR A 3911 -41.71 -11.67 -11.01
CA THR A 3911 -40.93 -11.38 -12.20
C THR A 3911 -40.99 -9.89 -12.49
N THR A 3912 -40.00 -9.42 -13.23
CA THR A 3912 -39.85 -8.00 -13.54
C THR A 3912 -39.68 -7.81 -15.03
N ILE A 3913 -40.25 -6.72 -15.54
CA ILE A 3913 -40.15 -6.34 -16.94
C ILE A 3913 -39.70 -4.90 -17.01
N ASN A 3914 -38.71 -4.62 -17.87
CA ASN A 3914 -38.15 -3.28 -17.98
C ASN A 3914 -38.77 -2.57 -19.17
N ILE A 3915 -39.82 -1.81 -18.87
CA ILE A 3915 -40.53 -1.06 -19.90
C ILE A 3915 -39.60 -0.07 -20.59
N ILE A 3916 -38.61 0.45 -19.88
CA ILE A 3916 -37.67 1.38 -20.49
C ILE A 3916 -36.91 0.69 -21.63
N ILE A 3917 -36.41 -0.52 -21.37
CA ILE A 3917 -35.70 -1.27 -22.39
C ILE A 3917 -36.63 -1.66 -23.53
N CYS A 3918 -37.88 -2.00 -23.21
CA CYS A 3918 -38.83 -2.31 -24.28
C CYS A 3918 -39.04 -1.10 -25.19
N THR A 3919 -39.16 0.09 -24.59
CA THR A 3919 -39.29 1.32 -25.38
C THR A 3919 -38.06 1.54 -26.24
N VAL A 3920 -36.88 1.29 -25.69
CA VAL A 3920 -35.66 1.45 -26.47
C VAL A 3920 -35.66 0.51 -27.66
N ASP A 3921 -36.10 -0.74 -27.45
CA ASP A 3921 -36.15 -1.70 -28.55
C ASP A 3921 -37.10 -1.23 -29.65
N TYR A 3922 -38.28 -0.73 -29.26
CA TYR A 3922 -39.19 -0.21 -30.27
C TYR A 3922 -38.58 0.97 -31.02
N LEU A 3923 -37.88 1.85 -30.30
CA LEU A 3923 -37.24 2.98 -30.94
C LEU A 3923 -36.20 2.50 -31.95
N LEU A 3924 -35.46 1.45 -31.61
CA LEU A 3924 -34.47 0.90 -32.53
C LEU A 3924 -35.13 0.37 -33.79
N ARG A 3925 -36.23 -0.37 -33.63
CA ARG A 3925 -36.93 -0.89 -34.80
C ARG A 3925 -37.45 0.24 -35.68
N LEU A 3926 -38.01 1.28 -35.06
CA LEU A 3926 -38.49 2.42 -35.81
C LEU A 3926 -37.34 3.10 -36.55
N GLN A 3927 -36.18 3.22 -35.89
CA GLN A 3927 -35.01 3.82 -36.53
C GLN A 3927 -34.59 3.02 -37.75
N GLU A 3928 -34.58 1.70 -37.63
CA GLU A 3928 -34.21 0.87 -38.78
C GLU A 3928 -35.18 1.08 -39.93
N SER A 3929 -36.48 1.12 -39.62
CA SER A 3929 -37.47 1.33 -40.67
C SER A 3929 -37.25 2.66 -41.37
N ILE A 3930 -37.01 3.71 -40.59
CA ILE A 3930 -36.83 5.05 -41.16
C ILE A 3930 -35.58 5.10 -42.01
N SER A 3931 -34.50 4.46 -41.55
CA SER A 3931 -33.26 4.45 -42.33
C SER A 3931 -33.46 3.71 -43.65
N ASP A 3932 -34.17 2.59 -43.62
CA ASP A 3932 -34.45 1.87 -44.85
C ASP A 3932 -35.25 2.73 -45.81
N PHE A 3933 -36.24 3.45 -45.30
CA PHE A 3933 -37.10 4.24 -46.17
C PHE A 3933 -36.32 5.43 -46.75
N TYR A 3934 -35.42 6.00 -45.94
CA TYR A 3934 -34.46 6.97 -46.46
C TYR A 3934 -33.68 6.40 -47.63
N TRP A 3935 -33.05 5.25 -47.43
CA TRP A 3935 -32.26 4.64 -48.50
C TRP A 3935 -33.13 4.42 -49.73
N TYR A 3936 -34.40 4.08 -49.52
CA TYR A 3936 -35.30 3.84 -50.64
C TYR A 3936 -35.51 5.10 -51.45
N TYR A 3937 -35.68 6.25 -50.78
CA TYR A 3937 -35.88 7.51 -51.47
C TYR A 3937 -34.59 8.26 -51.78
N SER A 3938 -33.43 7.69 -51.45
CA SER A 3938 -32.19 8.45 -51.57
C SER A 3938 -31.90 8.84 -53.02
N GLY A 3939 -32.04 7.88 -53.93
CA GLY A 3939 -31.82 8.20 -55.34
C GLY A 3939 -32.86 9.16 -55.88
N LYS A 3940 -34.10 8.99 -55.45
CA LYS A 3940 -35.19 9.82 -55.95
C LYS A 3940 -34.98 11.27 -55.51
N ASP A 3941 -35.10 12.19 -56.48
CA ASP A 3941 -34.84 13.59 -56.19
C ASP A 3941 -35.87 14.17 -55.22
N VAL A 3942 -37.15 13.86 -55.44
CA VAL A 3942 -38.24 14.47 -54.69
C VAL A 3942 -39.09 13.36 -54.08
N ILE A 3943 -39.34 13.47 -52.78
CA ILE A 3943 -40.29 12.58 -52.11
C ILE A 3943 -41.70 12.94 -52.55
N GLU A 3944 -42.51 11.92 -52.81
CA GLU A 3944 -43.89 12.15 -53.16
C GLU A 3944 -44.78 12.12 -51.92
N GLU A 3945 -46.06 12.45 -52.13
CA GLU A 3945 -46.96 12.80 -51.05
C GLU A 3945 -47.17 11.63 -50.09
N GLN A 3946 -47.31 10.43 -50.64
CA GLN A 3946 -47.50 9.25 -49.81
C GLN A 3946 -46.31 9.05 -48.89
N GLY A 3947 -45.10 9.18 -49.44
CA GLY A 3947 -43.93 9.11 -48.60
C GLY A 3947 -44.01 10.18 -47.52
N LYS A 3948 -44.36 11.42 -47.89
CA LYS A 3948 -44.37 12.57 -46.95
C LYS A 3948 -45.29 12.43 -45.71
N ARG A 3949 -46.56 12.14 -45.84
CA ARG A 3949 -47.07 11.13 -44.93
C ARG A 3949 -46.21 10.17 -44.22
N ASN A 3950 -45.82 9.09 -44.84
CA ASN A 3950 -45.31 8.01 -43.99
C ASN A 3950 -44.18 8.51 -43.09
N PHE A 3951 -43.28 9.33 -43.66
CA PHE A 3951 -42.33 10.11 -42.87
C PHE A 3951 -42.99 10.84 -41.70
N SER A 3952 -44.06 11.60 -41.94
CA SER A 3952 -44.63 12.42 -40.87
C SER A 3952 -45.19 11.54 -39.76
N LYS A 3953 -45.87 10.46 -40.12
CA LYS A 3953 -46.42 9.54 -39.13
C LYS A 3953 -45.31 8.92 -38.30
N ALA A 3954 -44.23 8.47 -38.96
CA ALA A 3954 -43.12 7.87 -38.23
C ALA A 3954 -42.47 8.88 -37.29
N MET A 3955 -42.31 10.13 -37.74
CA MET A 3955 -41.67 11.13 -36.89
C MET A 3955 -42.57 11.54 -35.74
N SER A 3956 -43.90 11.51 -35.92
CA SER A 3956 -44.79 11.74 -34.80
C SER A 3956 -44.66 10.63 -33.75
N VAL A 3957 -44.65 9.38 -34.21
CA VAL A 3957 -44.48 8.26 -33.28
C VAL A 3957 -43.16 8.39 -32.54
N ALA A 3958 -42.09 8.70 -33.27
CA ALA A 3958 -40.77 8.83 -32.65
C ALA A 3958 -40.74 9.99 -31.67
N LYS A 3959 -41.45 11.08 -31.97
CA LYS A 3959 -41.53 12.19 -31.05
C LYS A 3959 -42.19 11.77 -29.74
N GLN A 3960 -43.29 11.03 -29.84
CA GLN A 3960 -43.95 10.55 -28.63
C GLN A 3960 -43.03 9.62 -27.84
N VAL A 3961 -42.31 8.75 -28.55
CA VAL A 3961 -41.40 7.81 -27.88
C VAL A 3961 -40.29 8.57 -27.17
N PHE A 3962 -39.71 9.57 -27.84
CA PHE A 3962 -38.66 10.37 -27.21
C PHE A 3962 -39.18 11.08 -25.98
N ASN A 3963 -40.38 11.64 -26.06
CA ASN A 3963 -40.94 12.33 -24.90
C ASN A 3963 -41.17 11.37 -23.75
N SER A 3964 -41.66 10.16 -24.04
CA SER A 3964 -41.85 9.16 -23.00
C SER A 3964 -40.53 8.77 -22.34
N LEU A 3965 -39.49 8.54 -23.16
CA LEU A 3965 -38.19 8.19 -22.61
C LEU A 3965 -37.63 9.33 -21.77
N THR A 3966 -37.80 10.57 -22.24
CA THR A 3966 -37.37 11.73 -21.49
C THR A 3966 -38.06 11.81 -20.14
N GLU A 3967 -39.37 11.52 -20.13
CA GLU A 3967 -40.11 11.60 -18.88
C GLU A 3967 -39.72 10.47 -17.93
N TYR A 3968 -39.34 9.32 -18.46
CA TYR A 3968 -38.87 8.25 -17.59
C TYR A 3968 -37.67 8.67 -16.75
N ILE A 3969 -36.79 9.51 -17.30
CA ILE A 3969 -35.53 9.82 -16.65
C ILE A 3969 -35.54 11.17 -15.95
N GLN A 3970 -36.39 12.11 -16.39
CA GLN A 3970 -36.39 13.43 -15.77
C GLN A 3970 -36.73 13.32 -14.29
N GLY A 3971 -36.10 14.20 -13.49
CA GLY A 3971 -36.37 14.27 -12.08
C GLY A 3971 -35.14 14.45 -11.22
N PRO A 3972 -34.01 13.79 -11.56
CA PRO A 3972 -33.77 12.64 -12.45
C PRO A 3972 -33.96 11.29 -11.76
N CYS A 3973 -34.25 10.25 -12.53
CA CYS A 3973 -34.23 8.88 -12.03
C CYS A 3973 -32.90 8.25 -12.45
N THR A 3974 -31.99 8.13 -11.48
CA THR A 3974 -30.63 7.68 -11.79
C THR A 3974 -30.62 6.24 -12.30
N GLY A 3975 -31.46 5.38 -11.73
CA GLY A 3975 -31.51 4.01 -12.20
C GLY A 3975 -31.93 3.91 -13.65
N ASN A 3976 -32.96 4.69 -14.03
CA ASN A 3976 -33.40 4.71 -15.41
C ASN A 3976 -32.33 5.29 -16.32
N GLN A 3977 -31.63 6.33 -15.85
CA GLN A 3977 -30.51 6.87 -16.61
C GLN A 3977 -29.46 5.81 -16.88
N GLN A 3978 -29.07 5.07 -15.85
CA GLN A 3978 -28.06 4.02 -16.02
C GLN A 3978 -28.55 2.93 -16.95
N SER A 3979 -29.81 2.52 -16.82
CA SER A 3979 -30.36 1.50 -17.71
C SER A 3979 -30.29 1.95 -19.15
N LEU A 3980 -30.70 3.18 -19.44
CA LEU A 3980 -30.61 3.66 -20.82
C LEU A 3980 -29.17 3.77 -21.28
N ALA A 3981 -28.27 4.22 -20.40
CA ALA A 3981 -26.88 4.37 -20.78
C ALA A 3981 -26.27 3.04 -21.18
N HIS A 3982 -26.62 1.98 -20.46
CA HIS A 3982 -26.12 0.65 -20.79
C HIS A 3982 -26.99 -0.08 -21.78
N SER A 3983 -28.09 0.52 -22.23
CA SER A 3983 -28.96 -0.06 -23.24
C SER A 3983 -28.42 0.21 -24.64
N ARG A 3984 -29.25 -0.05 -25.65
CA ARG A 3984 -28.89 0.10 -27.06
C ARG A 3984 -29.33 1.45 -27.62
N LEU A 3985 -29.60 2.43 -26.75
CA LEU A 3985 -30.14 3.70 -27.20
C LEU A 3985 -29.16 4.42 -28.13
N TRP A 3986 -27.87 4.26 -27.89
CA TRP A 3986 -26.87 5.03 -28.62
C TRP A 3986 -26.90 4.70 -30.11
N ASP A 3987 -27.12 3.42 -30.44
CA ASP A 3987 -27.21 3.02 -31.84
C ASP A 3987 -28.39 3.70 -32.51
N ALA A 3988 -29.53 3.76 -31.82
CA ALA A 3988 -30.69 4.46 -32.36
C ALA A 3988 -30.38 5.92 -32.59
N VAL A 3989 -29.67 6.54 -31.64
CA VAL A 3989 -29.32 7.95 -31.82
C VAL A 3989 -28.41 8.13 -33.02
N VAL A 3990 -27.46 7.20 -33.21
CA VAL A 3990 -26.55 7.29 -34.35
C VAL A 3990 -27.34 7.22 -35.65
N GLY A 3991 -28.24 6.25 -35.76
CA GLY A 3991 -29.03 6.12 -36.98
C GLY A 3991 -29.91 7.34 -37.22
N PHE A 3992 -30.54 7.84 -36.17
CA PHE A 3992 -31.35 9.04 -36.29
C PHE A 3992 -30.50 10.22 -36.75
N LEU A 3993 -29.28 10.33 -36.25
CA LEU A 3993 -28.41 11.42 -36.68
C LEU A 3993 -28.06 11.29 -38.16
N HIS A 3994 -27.73 10.07 -38.58
CA HIS A 3994 -27.48 9.82 -40.00
C HIS A 3994 -28.65 10.31 -40.85
N VAL A 3995 -29.84 9.83 -40.51
CA VAL A 3995 -31.04 10.16 -41.26
C VAL A 3995 -31.31 11.65 -41.22
N PHE A 3996 -31.17 12.25 -40.05
CA PHE A 3996 -31.41 13.68 -39.92
C PHE A 3996 -30.52 14.46 -40.87
N ALA A 3997 -29.21 14.18 -40.84
CA ALA A 3997 -28.29 14.94 -41.68
C ALA A 3997 -28.67 14.80 -43.16
N HIS A 3998 -28.85 13.55 -43.61
CA HIS A 3998 -29.07 13.34 -45.03
C HIS A 3998 -30.43 13.87 -45.49
N MET A 3999 -31.48 13.67 -44.67
CA MET A 3999 -32.78 14.23 -45.01
C MET A 3999 -32.76 15.74 -45.01
N MET A 4000 -32.05 16.37 -44.07
CA MET A 4000 -31.96 17.82 -44.08
C MET A 4000 -31.34 18.30 -45.38
N MET A 4001 -30.20 17.71 -45.76
CA MET A 4001 -29.58 18.13 -47.02
C MET A 4001 -30.51 17.89 -48.21
N LYS A 4002 -31.20 16.75 -48.24
CA LYS A 4002 -32.03 16.42 -49.39
C LYS A 4002 -33.27 17.32 -49.45
N LEU A 4003 -33.96 17.49 -48.33
CA LEU A 4003 -35.21 18.25 -48.29
C LEU A 4003 -34.98 19.74 -48.45
N ALA A 4004 -33.78 20.24 -48.11
CA ALA A 4004 -33.52 21.66 -48.31
C ALA A 4004 -33.59 22.02 -49.79
N GLN A 4005 -33.42 21.03 -50.67
CA GLN A 4005 -33.34 21.32 -52.10
C GLN A 4005 -34.69 21.70 -52.67
N ASP A 4006 -35.78 21.15 -52.12
CA ASP A 4006 -37.12 21.42 -52.58
C ASP A 4006 -37.90 22.12 -51.49
N SER A 4007 -38.57 23.23 -51.84
CA SER A 4007 -39.29 24.02 -50.86
C SER A 4007 -40.59 23.35 -50.42
N SER A 4008 -41.19 22.55 -51.30
CA SER A 4008 -42.45 21.88 -50.99
C SER A 4008 -42.29 20.96 -49.79
N GLN A 4009 -41.05 20.56 -49.50
CA GLN A 4009 -40.73 19.64 -48.43
C GLN A 4009 -40.40 20.36 -47.12
N ILE A 4010 -40.71 21.65 -47.05
CA ILE A 4010 -40.32 22.45 -45.89
C ILE A 4010 -41.07 22.01 -44.64
N GLU A 4011 -42.33 21.60 -44.78
CA GLU A 4011 -43.08 21.12 -43.63
C GLU A 4011 -42.46 19.85 -43.06
N LEU A 4012 -42.12 18.90 -43.93
CA LEU A 4012 -41.46 17.69 -43.49
C LEU A 4012 -40.12 18.01 -42.84
N LEU A 4013 -39.39 18.97 -43.40
CA LEU A 4013 -38.13 19.39 -42.81
C LEU A 4013 -38.34 19.95 -41.41
N LYS A 4014 -39.40 20.75 -41.24
CA LYS A 4014 -39.71 21.33 -39.94
C LYS A 4014 -40.00 20.25 -38.91
N GLU A 4015 -40.82 19.26 -39.30
CA GLU A 4015 -41.13 18.17 -38.37
C GLU A 4015 -39.86 17.38 -38.03
N LEU A 4016 -38.99 17.17 -39.03
CA LEU A 4016 -37.75 16.46 -38.78
C LEU A 4016 -36.89 17.21 -37.77
N LEU A 4017 -36.78 18.53 -37.95
CA LEU A 4017 -35.98 19.34 -37.03
C LEU A 4017 -36.56 19.30 -35.62
N ASP A 4018 -37.88 19.36 -35.52
CA ASP A 4018 -38.51 19.25 -34.20
C ASP A 4018 -38.20 17.91 -33.56
N LEU A 4019 -38.18 16.84 -34.35
CA LEU A 4019 -37.83 15.54 -33.81
C LEU A 4019 -36.38 15.51 -33.32
N GLN A 4020 -35.48 16.14 -34.07
CA GLN A 4020 -34.10 16.23 -33.58
C GLN A 4020 -34.04 17.00 -32.28
N LYS A 4021 -34.84 18.06 -32.17
CA LYS A 4021 -34.90 18.82 -30.93
C LYS A 4021 -35.35 17.93 -29.78
N ASP A 4022 -36.36 17.09 -30.03
CA ASP A 4022 -36.83 16.17 -28.98
C ASP A 4022 -35.73 15.20 -28.56
N MET A 4023 -35.00 14.65 -29.53
CA MET A 4023 -33.93 13.72 -29.20
C MET A 4023 -32.84 14.41 -28.39
N VAL A 4024 -32.49 15.65 -28.76
CA VAL A 4024 -31.49 16.38 -28.02
C VAL A 4024 -31.98 16.67 -26.60
N VAL A 4025 -33.28 16.92 -26.45
CA VAL A 4025 -33.85 17.12 -25.13
C VAL A 4025 -33.69 15.86 -24.30
N MET A 4026 -33.93 14.70 -24.92
CA MET A 4026 -33.73 13.43 -24.21
C MET A 4026 -32.28 13.28 -23.77
N LEU A 4027 -31.33 13.61 -24.63
CA LEU A 4027 -29.92 13.52 -24.26
C LEU A 4027 -29.59 14.45 -23.11
N LEU A 4028 -30.07 15.70 -23.17
CA LEU A 4028 -29.85 16.64 -22.09
C LEU A 4028 -30.48 16.15 -20.79
N SER A 4029 -31.61 15.46 -20.88
CA SER A 4029 -32.21 14.86 -19.69
C SER A 4029 -31.35 13.75 -19.14
N LEU A 4030 -30.76 12.93 -20.01
CA LEU A 4030 -29.79 11.95 -19.55
C LEU A 4030 -28.65 12.61 -18.80
N LEU A 4031 -28.26 13.81 -19.23
CA LEU A 4031 -27.17 14.53 -18.57
C LEU A 4031 -27.60 15.23 -17.29
N GLU A 4032 -28.82 15.03 -16.83
CA GLU A 4032 -29.25 15.67 -15.58
C GLU A 4032 -28.47 15.08 -14.41
N GLY A 4033 -27.99 15.94 -13.53
CA GLY A 4033 -27.19 15.49 -12.41
C GLY A 4033 -25.90 14.83 -12.82
N ASN A 4034 -25.23 15.37 -13.82
CA ASN A 4034 -24.02 14.77 -14.36
C ASN A 4034 -22.80 15.47 -13.78
N VAL A 4035 -21.92 14.69 -13.16
CA VAL A 4035 -20.70 15.23 -12.61
C VAL A 4035 -19.65 15.39 -13.71
N VAL A 4036 -18.60 16.14 -13.39
CA VAL A 4036 -17.49 16.29 -14.33
C VAL A 4036 -16.90 14.92 -14.62
N ASN A 4037 -16.65 14.66 -15.90
CA ASN A 4037 -16.08 13.38 -16.35
C ASN A 4037 -16.98 12.22 -16.00
N GLY A 4038 -18.29 12.43 -16.07
CA GLY A 4038 -19.21 11.34 -15.83
C GLY A 4038 -19.21 10.32 -16.94
N MET A 4039 -19.53 9.08 -16.56
CA MET A 4039 -19.71 8.04 -17.56
C MET A 4039 -20.75 8.36 -18.64
N ILE A 4040 -21.89 8.90 -18.28
CA ILE A 4040 -22.90 9.16 -19.29
C ILE A 4040 -22.39 10.19 -20.28
N ALA A 4041 -21.74 11.24 -19.80
CA ALA A 4041 -21.20 12.27 -20.68
C ALA A 4041 -20.13 11.71 -21.59
N ARG A 4042 -19.24 10.88 -21.04
CA ARG A 4042 -18.17 10.31 -21.86
C ARG A 4042 -18.73 9.39 -22.93
N GLN A 4043 -19.77 8.61 -22.59
CA GLN A 4043 -20.39 7.74 -23.58
C GLN A 4043 -21.13 8.55 -24.63
N MET A 4044 -21.71 9.69 -24.24
CA MET A 4044 -22.30 10.61 -25.21
C MET A 4044 -21.23 11.11 -26.19
N VAL A 4045 -20.06 11.48 -25.66
CA VAL A 4045 -18.99 11.94 -26.54
C VAL A 4045 -18.56 10.83 -27.48
N ASP A 4046 -18.50 9.60 -26.98
CA ASP A 4046 -18.17 8.47 -27.83
C ASP A 4046 -19.20 8.28 -28.95
N MET A 4047 -20.48 8.40 -28.61
CA MET A 4047 -21.52 8.31 -29.63
C MET A 4047 -21.36 9.40 -30.68
N LEU A 4048 -21.09 10.63 -30.23
CA LEU A 4048 -20.90 11.73 -31.17
C LEU A 4048 -19.71 11.45 -32.07
N VAL A 4049 -18.63 10.91 -31.52
CA VAL A 4049 -17.46 10.58 -32.32
C VAL A 4049 -17.82 9.53 -33.36
N GLU A 4050 -18.56 8.51 -32.96
CA GLU A 4050 -18.99 7.49 -33.91
C GLU A 4050 -19.85 8.11 -35.01
N SER A 4051 -20.65 9.11 -34.67
CA SER A 4051 -21.52 9.80 -35.62
C SER A 4051 -20.90 11.10 -36.13
N SER A 4052 -19.57 11.22 -36.10
CA SER A 4052 -18.91 12.48 -36.38
C SER A 4052 -19.33 13.06 -37.72
N SER A 4053 -19.29 12.25 -38.78
CA SER A 4053 -19.54 12.76 -40.12
C SER A 4053 -20.91 13.44 -40.20
N ASN A 4054 -21.94 12.78 -39.67
CA ASN A 4054 -23.29 13.34 -39.75
C ASN A 4054 -23.42 14.58 -38.87
N VAL A 4055 -22.75 14.59 -37.72
CA VAL A 4055 -22.73 15.78 -36.88
C VAL A 4055 -22.09 16.94 -37.63
N GLU A 4056 -20.99 16.67 -38.33
CA GLU A 4056 -20.35 17.70 -39.13
C GLU A 4056 -21.29 18.20 -40.22
N MET A 4057 -22.02 17.29 -40.84
CA MET A 4057 -22.97 17.68 -41.88
C MET A 4057 -24.03 18.61 -41.31
N ILE A 4058 -24.54 18.29 -40.13
CA ILE A 4058 -25.57 19.12 -39.49
C ILE A 4058 -25.02 20.50 -39.18
N LEU A 4059 -23.82 20.53 -38.58
CA LEU A 4059 -23.21 21.80 -38.23
C LEU A 4059 -22.95 22.64 -39.47
N LYS A 4060 -22.58 21.99 -40.57
CA LYS A 4060 -22.33 22.69 -41.82
C LYS A 4060 -23.64 23.26 -42.37
N PHE A 4061 -24.73 22.50 -42.28
CA PHE A 4061 -26.03 23.05 -42.66
C PHE A 4061 -26.31 24.34 -41.91
N PHE A 4062 -26.21 24.29 -40.57
CA PHE A 4062 -26.52 25.46 -39.76
C PHE A 4062 -25.61 26.62 -40.09
N ASP A 4063 -24.31 26.37 -40.22
CA ASP A 4063 -23.37 27.47 -40.41
C ASP A 4063 -23.53 28.07 -41.81
N MET A 4064 -23.77 27.23 -42.81
CA MET A 4064 -24.02 27.76 -44.14
C MET A 4064 -25.18 28.73 -44.12
N PHE A 4065 -26.31 28.33 -43.53
CA PHE A 4065 -27.47 29.21 -43.60
C PHE A 4065 -27.32 30.43 -42.72
N LEU A 4066 -26.68 30.29 -41.56
CA LEU A 4066 -26.42 31.45 -40.72
C LEU A 4066 -25.53 32.45 -41.43
N LYS A 4067 -24.48 31.97 -42.12
CA LYS A 4067 -23.59 32.86 -42.84
C LYS A 4067 -24.31 33.51 -44.02
N LEU A 4068 -25.17 32.75 -44.70
CA LEU A 4068 -25.94 33.33 -45.80
C LEU A 4068 -26.82 34.47 -45.32
N LYS A 4069 -27.43 34.30 -44.15
CA LYS A 4069 -28.31 35.36 -43.64
C LYS A 4069 -27.57 36.69 -43.54
N ASP A 4070 -26.33 36.68 -43.06
CA ASP A 4070 -25.59 37.92 -42.95
C ASP A 4070 -25.00 38.37 -44.28
N ILE A 4071 -24.62 37.41 -45.13
CA ILE A 4071 -24.03 37.78 -46.42
C ILE A 4071 -25.05 38.52 -47.28
N VAL A 4072 -26.28 38.02 -47.33
CA VAL A 4072 -27.31 38.65 -48.13
C VAL A 4072 -27.65 40.04 -47.65
N GLY A 4073 -27.34 40.37 -46.40
CA GLY A 4073 -27.50 41.71 -45.89
C GLY A 4073 -26.27 42.55 -46.14
N SER A 4074 -25.14 41.87 -46.32
CA SER A 4074 -23.90 42.57 -46.62
C SER A 4074 -24.05 43.39 -47.90
N GLU A 4075 -23.45 44.59 -47.89
CA GLU A 4075 -23.59 45.49 -49.03
C GLU A 4075 -22.87 44.95 -50.26
N ALA A 4076 -21.76 44.22 -50.06
CA ALA A 4076 -21.04 43.67 -51.20
C ALA A 4076 -21.98 42.82 -52.07
N PHE A 4077 -22.84 42.04 -51.43
CA PHE A 4077 -23.86 41.31 -52.17
C PHE A 4077 -24.79 42.27 -52.90
N GLN A 4078 -25.11 43.40 -52.26
CA GLN A 4078 -25.94 44.41 -52.90
C GLN A 4078 -25.24 45.02 -54.11
N ASP A 4079 -23.91 44.99 -54.12
CA ASP A 4079 -23.18 45.47 -55.30
C ASP A 4079 -23.39 44.53 -56.47
N TYR A 4080 -23.36 43.22 -56.22
CA TYR A 4080 -23.56 42.26 -57.29
C TYR A 4080 -25.00 42.22 -57.77
N VAL A 4081 -25.97 42.45 -56.88
CA VAL A 4081 -27.37 42.37 -57.29
C VAL A 4081 -27.74 43.67 -58.00
N THR A 4082 -27.80 43.62 -59.33
CA THR A 4082 -28.13 44.81 -60.11
C THR A 4082 -29.63 44.94 -60.33
N ASP A 4083 -30.30 43.82 -60.55
CA ASP A 4083 -31.71 43.81 -60.94
C ASP A 4083 -32.55 44.64 -59.96
N PRO A 4084 -33.38 45.56 -60.46
CA PRO A 4084 -34.16 46.40 -59.53
C PRO A 4084 -35.12 45.59 -58.66
N ARG A 4085 -35.67 44.51 -59.19
CA ARG A 4085 -36.68 43.73 -58.47
C ARG A 4085 -36.11 42.94 -57.30
N GLY A 4086 -34.82 43.06 -57.01
CA GLY A 4086 -34.23 42.37 -55.89
C GLY A 4086 -33.88 40.92 -56.14
N LEU A 4087 -33.94 40.45 -57.38
CA LEU A 4087 -33.58 39.08 -57.69
C LEU A 4087 -32.13 39.00 -58.17
N ILE A 4088 -31.49 37.87 -57.91
CA ILE A 4088 -30.08 37.67 -58.24
C ILE A 4088 -29.92 36.39 -59.06
N SER A 4089 -29.24 36.50 -60.18
CA SER A 4089 -29.07 35.36 -61.07
C SER A 4089 -28.14 34.33 -60.42
N LYS A 4090 -28.21 33.09 -60.91
CA LYS A 4090 -27.39 32.03 -60.34
C LYS A 4090 -25.91 32.35 -60.51
N LYS A 4091 -25.53 32.86 -61.68
CA LYS A 4091 -24.12 33.18 -61.92
C LYS A 4091 -23.66 34.31 -61.01
N ASP A 4092 -24.46 35.36 -60.86
CA ASP A 4092 -24.09 36.48 -60.01
C ASP A 4092 -24.02 36.04 -58.55
N PHE A 4093 -24.93 35.16 -58.14
CA PHE A 4093 -24.90 34.60 -56.80
C PHE A 4093 -23.61 33.83 -56.56
N GLN A 4094 -23.21 33.00 -57.53
CA GLN A 4094 -21.98 32.24 -57.41
C GLN A 4094 -20.77 33.18 -57.32
N LYS A 4095 -20.76 34.22 -58.15
CA LYS A 4095 -19.67 35.19 -58.10
C LYS A 4095 -19.60 35.85 -56.72
N ALA A 4096 -20.75 36.24 -56.18
CA ALA A 4096 -20.77 36.86 -54.86
C ALA A 4096 -20.25 35.90 -53.80
N MET A 4097 -20.67 34.64 -53.86
CA MET A 4097 -20.20 33.67 -52.88
C MET A 4097 -18.69 33.52 -52.94
N ASP A 4098 -18.13 33.37 -54.15
CA ASP A 4098 -16.70 33.19 -54.24
C ASP A 4098 -15.96 34.45 -53.82
N SER A 4099 -16.58 35.62 -54.02
CA SER A 4099 -15.99 36.87 -53.54
C SER A 4099 -15.91 36.87 -52.01
N GLN A 4100 -17.00 36.48 -51.35
CA GLN A 4100 -16.97 36.38 -49.90
C GLN A 4100 -15.94 35.37 -49.44
N LYS A 4101 -15.73 34.31 -50.22
CA LYS A 4101 -14.70 33.30 -49.99
C LYS A 4101 -14.95 32.47 -48.75
N GLN A 4102 -16.10 32.62 -48.10
CA GLN A 4102 -16.42 31.83 -46.93
C GLN A 4102 -16.97 30.45 -47.29
N PHE A 4103 -17.32 30.24 -48.55
CA PHE A 4103 -17.95 29.01 -48.99
C PHE A 4103 -17.09 28.28 -50.01
N THR A 4104 -17.16 26.96 -50.00
CA THR A 4104 -16.53 26.14 -51.02
C THR A 4104 -17.45 26.01 -52.23
N GLY A 4105 -16.89 25.52 -53.32
CA GLY A 4105 -17.64 25.34 -54.54
C GLY A 4105 -18.82 24.39 -54.36
N PRO A 4106 -18.57 23.25 -53.72
CA PRO A 4106 -19.70 22.34 -53.40
C PRO A 4106 -20.76 22.99 -52.55
N GLU A 4107 -20.36 23.83 -51.58
CA GLU A 4107 -21.35 24.50 -50.73
C GLU A 4107 -22.16 25.50 -51.54
N ILE A 4108 -21.52 26.21 -52.47
CA ILE A 4108 -22.24 27.13 -53.33
C ILE A 4108 -23.21 26.37 -54.23
N GLN A 4109 -22.79 25.20 -54.72
CA GLN A 4109 -23.69 24.38 -55.53
C GLN A 4109 -24.89 23.92 -54.71
N PHE A 4110 -24.66 23.51 -53.47
CA PHE A 4110 -25.75 23.11 -52.60
C PHE A 4110 -26.71 24.27 -52.35
N LEU A 4111 -26.15 25.46 -52.11
CA LEU A 4111 -26.99 26.64 -51.90
C LEU A 4111 -27.81 26.95 -53.14
N LEU A 4112 -27.20 26.83 -54.32
CA LEU A 4112 -27.94 27.06 -55.56
C LEU A 4112 -29.06 26.05 -55.72
N SER A 4113 -28.79 24.79 -55.40
CA SER A 4113 -29.82 23.77 -55.48
C SER A 4113 -30.98 24.08 -54.54
N CYS A 4114 -30.66 24.48 -53.31
CA CYS A 4114 -31.70 24.84 -52.35
C CYS A 4114 -32.44 26.10 -52.77
N SER A 4115 -31.79 26.98 -53.54
CA SER A 4115 -32.46 28.15 -54.06
C SER A 4115 -33.60 27.74 -54.98
N GLU A 4116 -34.75 28.41 -54.82
CA GLU A 4116 -35.92 28.13 -55.65
C GLU A 4116 -35.91 29.02 -56.88
N ALA A 4117 -34.84 28.87 -57.66
CA ALA A 4117 -34.66 29.66 -58.86
C ALA A 4117 -35.81 29.43 -59.83
N ASP A 4118 -36.32 30.52 -60.39
CA ASP A 4118 -37.37 30.42 -61.40
C ASP A 4118 -36.76 29.95 -62.73
N GLU A 4119 -37.62 29.80 -63.73
CA GLU A 4119 -37.14 29.37 -65.04
C GLU A 4119 -36.14 30.37 -65.61
N ASN A 4120 -36.26 31.64 -65.23
CA ASN A 4120 -35.28 32.64 -65.65
C ASN A 4120 -34.00 32.58 -64.82
N GLU A 4121 -33.88 31.58 -63.94
CA GLU A 4121 -32.71 31.35 -63.09
C GLU A 4121 -32.54 32.46 -62.07
N MET A 4122 -33.60 33.24 -61.80
CA MET A 4122 -33.50 34.36 -60.89
C MET A 4122 -33.93 33.90 -59.50
N ILE A 4123 -33.29 34.44 -58.46
CA ILE A 4123 -33.48 33.98 -57.08
C ILE A 4123 -33.92 35.16 -56.21
N ASN A 4124 -34.79 34.87 -55.23
CA ASN A 4124 -35.14 35.82 -54.19
C ASN A 4124 -34.29 35.52 -52.96
N PHE A 4125 -33.20 36.26 -52.80
CA PHE A 4125 -32.26 35.95 -51.74
C PHE A 4125 -32.88 36.18 -50.37
N GLU A 4126 -33.82 37.14 -50.27
CA GLU A 4126 -34.45 37.41 -48.98
C GLU A 4126 -35.16 36.17 -48.45
N GLU A 4127 -36.04 35.58 -49.25
CA GLU A 4127 -36.75 34.39 -48.81
C GLU A 4127 -35.81 33.20 -48.70
N PHE A 4128 -34.84 33.10 -49.61
CA PHE A 4128 -33.87 32.02 -49.51
C PHE A 4128 -33.18 32.03 -48.15
N ALA A 4129 -32.78 33.21 -47.68
CA ALA A 4129 -32.13 33.32 -46.39
C ALA A 4129 -33.11 33.06 -45.25
N ASN A 4130 -34.28 33.70 -45.29
CA ASN A 4130 -35.22 33.63 -44.19
C ASN A 4130 -35.91 32.28 -44.05
N ARG A 4131 -35.80 31.41 -45.07
CA ARG A 4131 -36.57 30.16 -45.05
C ARG A 4131 -36.19 29.28 -43.88
N PHE A 4132 -34.92 28.86 -43.81
CA PHE A 4132 -34.51 27.85 -42.85
C PHE A 4132 -34.12 28.41 -41.49
N GLN A 4133 -34.10 29.72 -41.32
CA GLN A 4133 -33.68 30.30 -40.05
C GLN A 4133 -34.62 29.90 -38.91
N GLU A 4134 -35.87 30.33 -38.99
CA GLU A 4134 -36.80 30.08 -37.89
C GLU A 4134 -36.98 28.61 -37.59
N PRO A 4135 -37.16 27.73 -38.57
CA PRO A 4135 -37.30 26.29 -38.24
C PRO A 4135 -36.15 25.72 -37.45
N ALA A 4136 -34.92 26.19 -37.69
CA ALA A 4136 -33.72 25.58 -37.16
C ALA A 4136 -33.19 26.27 -35.91
N ARG A 4137 -33.89 27.27 -35.39
CA ARG A 4137 -33.36 28.01 -34.25
C ARG A 4137 -33.39 27.17 -32.97
N ASP A 4138 -34.51 26.48 -32.73
CA ASP A 4138 -34.62 25.67 -31.53
C ASP A 4138 -33.60 24.53 -31.54
N ILE A 4139 -33.49 23.83 -32.67
CA ILE A 4139 -32.50 22.76 -32.76
C ILE A 4139 -31.09 23.32 -32.64
N GLY A 4140 -30.82 24.47 -33.25
CA GLY A 4140 -29.51 25.08 -33.10
C GLY A 4140 -29.20 25.43 -31.67
N PHE A 4141 -30.17 26.03 -30.96
CA PHE A 4141 -29.96 26.36 -29.56
C PHE A 4141 -29.70 25.11 -28.73
N ASN A 4142 -30.48 24.06 -28.97
CA ASN A 4142 -30.30 22.84 -28.18
C ASN A 4142 -28.98 22.16 -28.48
N VAL A 4143 -28.53 22.20 -29.74
CA VAL A 4143 -27.22 21.66 -30.07
C VAL A 4143 -26.13 22.46 -29.37
N ALA A 4144 -26.26 23.79 -29.36
CA ALA A 4144 -25.29 24.62 -28.66
C ALA A 4144 -25.27 24.29 -27.18
N VAL A 4145 -26.44 24.11 -26.58
CA VAL A 4145 -26.52 23.78 -25.16
C VAL A 4145 -25.87 22.42 -24.90
N LEU A 4146 -26.16 21.44 -25.75
CA LEU A 4146 -25.55 20.12 -25.60
C LEU A 4146 -24.04 20.22 -25.63
N LEU A 4147 -23.50 20.90 -26.64
CA LEU A 4147 -22.06 21.00 -26.80
C LEU A 4147 -21.44 21.76 -25.64
N THR A 4148 -22.10 22.82 -25.18
CA THR A 4148 -21.58 23.60 -24.06
C THR A 4148 -21.54 22.76 -22.79
N ASN A 4149 -22.66 22.09 -22.48
CA ASN A 4149 -22.70 21.21 -21.31
C ASN A 4149 -21.60 20.18 -21.37
N LEU A 4150 -21.46 19.51 -22.52
CA LEU A 4150 -20.47 18.46 -22.66
C LEU A 4150 -19.06 19.00 -22.51
N SER A 4151 -18.79 20.17 -23.09
CA SER A 4151 -17.47 20.77 -22.97
C SER A 4151 -17.15 21.12 -21.53
N GLU A 4152 -18.13 21.68 -20.82
CA GLU A 4152 -17.88 22.12 -19.45
C GLU A 4152 -17.75 20.94 -18.51
N HIS A 4153 -18.38 19.82 -18.83
CA HIS A 4153 -18.31 18.65 -17.94
C HIS A 4153 -17.23 17.66 -18.35
N VAL A 4154 -16.70 17.78 -19.56
CA VAL A 4154 -15.52 17.03 -19.99
C VAL A 4154 -14.53 18.04 -20.55
N PRO A 4155 -13.82 18.78 -19.69
CA PRO A 4155 -13.04 19.92 -20.18
C PRO A 4155 -11.93 19.55 -21.15
N HIS A 4156 -11.37 18.33 -21.07
CA HIS A 4156 -10.22 17.94 -21.87
C HIS A 4156 -10.62 16.79 -22.80
N ASP A 4157 -11.03 17.13 -24.01
CA ASP A 4157 -11.28 16.14 -25.06
C ASP A 4157 -11.10 16.80 -26.42
N PRO A 4158 -10.03 16.48 -27.15
CA PRO A 4158 -9.89 17.06 -28.50
C PRO A 4158 -11.04 16.72 -29.41
N ARG A 4159 -11.64 15.54 -29.23
CA ARG A 4159 -12.79 15.15 -30.03
C ARG A 4159 -13.93 16.14 -29.84
N LEU A 4160 -14.09 16.66 -28.63
CA LEU A 4160 -15.13 17.64 -28.37
C LEU A 4160 -14.72 19.03 -28.83
N ARG A 4161 -13.45 19.40 -28.67
CA ARG A 4161 -13.01 20.72 -29.12
C ARG A 4161 -13.15 20.85 -30.63
N ASN A 4162 -12.94 19.76 -31.37
CA ASN A 4162 -13.14 19.81 -32.82
C ASN A 4162 -14.60 20.13 -33.16
N PHE A 4163 -15.54 19.45 -32.49
CA PHE A 4163 -16.94 19.74 -32.72
C PHE A 4163 -17.28 21.18 -32.37
N LEU A 4164 -16.71 21.67 -31.27
CA LEU A 4164 -16.95 23.06 -30.88
C LEU A 4164 -16.43 24.03 -31.94
N GLU A 4165 -15.24 23.75 -32.48
CA GLU A 4165 -14.71 24.60 -33.53
C GLU A 4165 -15.62 24.60 -34.74
N LEU A 4166 -16.14 23.42 -35.11
CA LEU A 4166 -17.08 23.36 -36.22
C LEU A 4166 -18.35 24.14 -35.91
N ALA A 4167 -18.76 24.18 -34.65
CA ALA A 4167 -19.99 24.86 -34.24
C ALA A 4167 -19.74 26.29 -33.76
N GLU A 4168 -18.55 26.85 -34.03
CA GLU A 4168 -18.23 28.17 -33.52
C GLU A 4168 -19.28 29.20 -33.90
N SER A 4169 -19.69 29.24 -35.17
CA SER A 4169 -20.64 30.25 -35.61
C SER A 4169 -21.97 30.12 -34.86
N ILE A 4170 -22.44 28.89 -34.68
CA ILE A 4170 -23.68 28.66 -33.97
C ILE A 4170 -23.59 29.18 -32.54
N LEU A 4171 -22.48 28.87 -31.87
CA LEU A 4171 -22.30 29.32 -30.50
C LEU A 4171 -22.22 30.84 -30.40
N GLU A 4172 -21.52 31.47 -31.34
CA GLU A 4172 -21.46 32.93 -31.37
C GLU A 4172 -22.86 33.51 -31.54
N TYR A 4173 -23.65 32.92 -32.44
CA TYR A 4173 -24.99 33.43 -32.69
C TYR A 4173 -25.88 33.29 -31.46
N PHE A 4174 -25.78 32.16 -30.77
CA PHE A 4174 -26.66 31.86 -29.65
C PHE A 4174 -26.11 32.30 -28.30
N ARG A 4175 -24.92 32.91 -28.28
CA ARG A 4175 -24.32 33.33 -27.01
C ARG A 4175 -25.21 34.28 -26.22
N PRO A 4176 -25.75 35.36 -26.77
CA PRO A 4176 -26.63 36.22 -25.98
C PRO A 4176 -27.89 35.51 -25.51
N TYR A 4177 -28.31 34.46 -26.21
CA TYR A 4177 -29.56 33.79 -25.92
C TYR A 4177 -29.38 32.55 -25.03
N LEU A 4178 -28.15 32.20 -24.69
CA LEU A 4178 -27.89 31.08 -23.80
C LEU A 4178 -27.62 31.62 -22.40
N GLY A 4179 -28.52 31.32 -21.46
CA GLY A 4179 -28.34 31.70 -20.08
C GLY A 4179 -27.89 30.50 -19.27
N ARG A 4180 -26.93 30.73 -18.39
CA ARG A 4180 -26.40 29.67 -17.53
C ARG A 4180 -26.40 30.17 -16.10
N ILE A 4181 -26.78 29.29 -15.18
CA ILE A 4181 -26.75 29.60 -13.76
C ILE A 4181 -26.27 28.37 -13.00
N GLU A 4182 -26.09 28.55 -11.70
CA GLU A 4182 -25.72 27.45 -10.81
C GLU A 4182 -26.69 27.40 -9.65
N ILE A 4183 -27.08 26.19 -9.26
CA ILE A 4183 -27.96 26.00 -8.12
C ILE A 4183 -27.42 24.88 -7.24
N MET A 4184 -27.90 24.85 -6.00
CA MET A 4184 -27.75 23.68 -5.16
C MET A 4184 -28.92 22.74 -5.43
N GLY A 4185 -28.64 21.59 -6.03
CA GLY A 4185 -29.66 20.65 -6.42
C GLY A 4185 -30.06 19.71 -5.30
N ALA A 4186 -31.00 18.84 -5.62
CA ALA A 4186 -31.48 17.87 -4.64
C ALA A 4186 -30.37 16.92 -4.19
N SER A 4187 -29.36 16.72 -5.03
CA SER A 4187 -28.23 15.84 -4.73
C SER A 4187 -27.18 16.46 -3.82
N ARG A 4188 -27.45 17.59 -3.14
CA ARG A 4188 -26.47 18.21 -2.26
C ARG A 4188 -25.24 18.65 -3.05
N ARG A 4189 -25.43 18.93 -4.33
CA ARG A 4189 -24.32 19.17 -5.25
C ARG A 4189 -24.67 20.33 -6.17
N ILE A 4190 -23.68 21.20 -6.41
CA ILE A 4190 -23.90 22.33 -7.30
C ILE A 4190 -24.06 21.83 -8.72
N GLU A 4191 -25.05 22.37 -9.41
CA GLU A 4191 -25.38 21.98 -10.77
C GLU A 4191 -25.54 23.22 -11.63
N ARG A 4192 -24.95 23.17 -12.82
CA ARG A 4192 -25.12 24.25 -13.80
C ARG A 4192 -26.35 23.97 -14.66
N ILE A 4193 -27.13 25.02 -14.88
CA ILE A 4193 -28.39 24.94 -15.61
C ILE A 4193 -28.28 25.85 -16.82
N TYR A 4194 -28.64 25.33 -17.98
CA TYR A 4194 -28.65 26.07 -19.23
C TYR A 4194 -30.08 26.25 -19.70
N PHE A 4195 -30.42 27.47 -20.12
CA PHE A 4195 -31.76 27.78 -20.58
C PHE A 4195 -31.69 28.85 -21.66
N GLU A 4196 -32.85 29.16 -22.22
CA GLU A 4196 -32.97 30.10 -23.31
C GLU A 4196 -33.45 31.46 -22.82
N ILE A 4197 -32.86 32.51 -23.37
CA ILE A 4197 -33.21 33.89 -23.05
C ILE A 4197 -33.79 34.53 -24.30
N SER A 4198 -34.95 35.16 -24.15
CA SER A 4198 -35.59 35.81 -25.28
C SER A 4198 -34.98 37.20 -25.52
N GLU A 4199 -34.95 37.57 -26.80
CA GLU A 4199 -34.41 38.88 -27.18
C GLU A 4199 -35.20 40.00 -26.54
N THR A 4200 -36.53 39.86 -26.49
CA THR A 4200 -37.36 40.87 -25.85
C THR A 4200 -37.01 41.02 -24.38
N ASN A 4201 -36.82 39.89 -23.69
CA ASN A 4201 -36.44 39.95 -22.29
C ASN A 4201 -35.11 40.66 -22.12
N ARG A 4202 -34.13 40.32 -22.96
CA ARG A 4202 -32.82 40.96 -22.86
C ARG A 4202 -32.92 42.46 -23.11
N ALA A 4203 -33.67 42.87 -24.12
CA ALA A 4203 -33.79 44.30 -24.42
C ALA A 4203 -34.46 45.04 -23.28
N GLN A 4204 -35.58 44.51 -22.78
CA GLN A 4204 -36.27 45.14 -21.66
C GLN A 4204 -35.36 45.23 -20.45
N TRP A 4205 -34.51 44.23 -20.23
CA TRP A 4205 -33.52 44.31 -19.16
C TRP A 4205 -32.52 45.42 -19.42
N GLU A 4206 -32.07 45.57 -20.66
CA GLU A 4206 -31.07 46.57 -20.99
C GLU A 4206 -31.64 47.99 -21.04
N MET A 4207 -32.95 48.15 -20.95
CA MET A 4207 -33.51 49.49 -20.91
C MET A 4207 -32.92 50.26 -19.72
N PRO A 4208 -32.67 51.57 -19.88
CA PRO A 4208 -31.99 52.32 -18.81
C PRO A 4208 -32.72 52.33 -17.49
N GLN A 4209 -34.06 52.37 -17.50
CA GLN A 4209 -34.79 52.42 -16.24
C GLN A 4209 -34.55 51.16 -15.42
N VAL A 4210 -34.55 50.00 -16.07
CA VAL A 4210 -34.26 48.76 -15.36
C VAL A 4210 -32.85 48.81 -14.77
N LYS A 4211 -31.91 49.40 -15.51
CA LYS A 4211 -30.54 49.50 -14.99
C LYS A 4211 -30.47 50.40 -13.78
N GLU A 4212 -31.19 51.53 -13.80
CA GLU A 4212 -31.21 52.41 -12.64
C GLU A 4212 -31.85 51.72 -11.44
N SER A 4213 -32.93 50.98 -11.67
CA SER A 4213 -33.56 50.23 -10.60
C SER A 4213 -32.60 49.19 -10.03
N LYS A 4214 -31.86 48.51 -10.92
CA LYS A 4214 -30.87 47.54 -10.47
C LYS A 4214 -29.80 48.20 -9.61
N ARG A 4215 -29.31 49.36 -10.04
CA ARG A 4215 -28.29 50.06 -9.26
C ARG A 4215 -28.83 50.43 -7.89
N GLN A 4216 -30.06 50.95 -7.84
CA GLN A 4216 -30.64 51.32 -6.55
C GLN A 4216 -30.80 50.10 -5.65
N PHE A 4217 -31.28 49.00 -6.22
CA PHE A 4217 -31.47 47.77 -5.44
C PHE A 4217 -30.14 47.27 -4.89
N ILE A 4218 -29.10 47.28 -5.72
CA ILE A 4218 -27.78 46.82 -5.28
C ILE A 4218 -27.27 47.72 -4.16
N PHE A 4219 -27.39 49.04 -4.34
CA PHE A 4219 -26.92 49.95 -3.32
C PHE A 4219 -27.64 49.71 -2.00
N ASP A 4220 -28.96 49.53 -2.05
CA ASP A 4220 -29.72 49.32 -0.83
C ASP A 4220 -29.32 48.02 -0.15
N VAL A 4221 -29.30 46.92 -0.91
CA VAL A 4221 -29.01 45.63 -0.31
C VAL A 4221 -27.58 45.54 0.19
N VAL A 4222 -26.68 46.38 -0.34
CA VAL A 4222 -25.29 46.34 0.11
C VAL A 4222 -25.04 47.27 1.28
N ASN A 4223 -25.77 48.39 1.36
CA ASN A 4223 -25.52 49.34 2.43
C ASN A 4223 -26.35 49.04 3.67
N GLU A 4224 -27.59 48.59 3.50
CA GLU A 4224 -28.46 48.29 4.64
C GLU A 4224 -29.25 47.00 4.39
N GLY A 4225 -28.56 46.00 3.83
CA GLY A 4225 -29.23 44.75 3.50
C GLY A 4225 -28.69 43.56 4.27
N GLY A 4226 -29.59 42.79 4.87
CA GLY A 4226 -29.17 41.59 5.59
C GLY A 4226 -28.97 40.42 4.66
N GLU A 4227 -27.92 39.65 4.92
CA GLU A 4227 -27.65 38.47 4.09
C GLU A 4227 -28.78 37.46 4.15
N ALA A 4228 -29.46 37.37 5.29
CA ALA A 4228 -30.54 36.39 5.43
C ALA A 4228 -31.68 36.65 4.46
N GLU A 4229 -32.08 37.91 4.33
CA GLU A 4229 -33.18 38.29 3.45
C GLU A 4229 -32.70 38.83 2.11
N LYS A 4230 -31.40 38.73 1.82
CA LYS A 4230 -30.88 39.24 0.55
C LYS A 4230 -31.54 38.56 -0.63
N MET A 4231 -31.65 37.23 -0.61
CA MET A 4231 -32.23 36.52 -1.73
C MET A 4231 -33.72 36.81 -1.88
N GLU A 4232 -34.43 36.93 -0.75
CA GLU A 4232 -35.84 37.30 -0.83
C GLU A 4232 -35.99 38.69 -1.45
N LEU A 4233 -35.15 39.64 -1.06
CA LEU A 4233 -35.19 40.96 -1.66
C LEU A 4233 -34.87 40.91 -3.14
N PHE A 4234 -33.89 40.07 -3.53
CA PHE A 4234 -33.54 39.94 -4.93
C PHE A 4234 -34.70 39.38 -5.74
N VAL A 4235 -35.39 38.37 -5.21
CA VAL A 4235 -36.53 37.78 -5.90
C VAL A 4235 -37.66 38.80 -6.02
N SER A 4236 -37.89 39.58 -4.96
CA SER A 4236 -38.90 40.62 -5.03
C SER A 4236 -38.55 41.66 -6.08
N PHE A 4237 -37.27 42.03 -6.16
CA PHE A 4237 -36.83 42.96 -7.20
C PHE A 4237 -37.07 42.38 -8.59
N CYS A 4238 -36.80 41.09 -8.75
CA CYS A 4238 -37.04 40.44 -10.04
C CYS A 4238 -38.53 40.50 -10.41
N GLU A 4239 -39.40 40.20 -9.45
CA GLU A 4239 -40.83 40.26 -9.71
C GLU A 4239 -41.27 41.67 -10.10
N ASP A 4240 -40.82 42.67 -9.35
CA ASP A 4240 -41.16 44.05 -9.66
C ASP A 4240 -40.65 44.45 -11.04
N THR A 4241 -39.45 43.98 -11.39
CA THR A 4241 -38.89 44.29 -12.69
C THR A 4241 -39.71 43.65 -13.81
N ILE A 4242 -40.18 42.42 -13.58
CA ILE A 4242 -41.06 41.78 -14.57
C ILE A 4242 -42.33 42.61 -14.75
N PHE A 4243 -42.91 43.08 -13.65
CA PHE A 4243 -44.12 43.87 -13.75
C PHE A 4243 -43.88 45.17 -14.52
N GLU A 4244 -42.76 45.83 -14.26
CA GLU A 4244 -42.40 47.02 -15.02
C GLU A 4244 -42.15 46.72 -16.49
N MET A 4245 -41.56 45.57 -16.79
CA MET A 4245 -41.37 45.17 -18.18
C MET A 4245 -42.71 45.03 -18.87
N GLN A 4246 -43.69 44.43 -18.18
CA GLN A 4246 -45.03 44.32 -18.74
C GLN A 4246 -45.63 45.70 -19.00
N ILE A 4247 -45.45 46.62 -18.05
CA ILE A 4247 -45.98 47.97 -18.24
C ILE A 4247 -45.35 48.63 -19.46
N ALA A 4248 -44.02 48.49 -19.60
CA ALA A 4248 -43.34 49.09 -20.74
C ALA A 4248 -43.84 48.49 -22.04
N ALA A 4249 -44.04 47.17 -22.07
CA ALA A 4249 -44.57 46.53 -23.27
C ALA A 4249 -45.95 47.09 -23.61
N GLN A 4250 -46.80 47.23 -22.60
CA GLN A 4250 -48.15 47.74 -22.86
C GLN A 4250 -48.11 49.15 -23.41
N ILE A 4251 -47.32 50.04 -22.80
CA ILE A 4251 -47.31 51.43 -23.25
C ILE A 4251 -46.62 51.56 -24.60
N SER A 4252 -45.71 50.64 -24.92
CA SER A 4252 -44.96 50.74 -26.17
C SER A 4252 -45.89 50.76 -27.36
N GLU A 4253 -45.60 51.64 -28.31
CA GLU A 4253 -46.36 51.74 -29.55
C GLU A 4253 -45.74 50.85 -30.61
N PRO A 4254 -46.54 50.24 -31.50
CA PRO A 4254 -45.97 49.40 -32.56
C PRO A 4254 -45.06 50.18 -33.50
N PHE A 4540 -68.95 54.69 -31.57
CA PHE A 4540 -67.55 55.10 -31.63
C PHE A 4540 -66.92 55.10 -30.24
N TRP A 4541 -67.58 54.43 -29.29
CA TRP A 4541 -67.02 54.35 -27.95
C TRP A 4541 -65.71 53.56 -27.94
N GLY A 4542 -65.63 52.52 -28.78
CA GLY A 4542 -64.36 51.83 -28.94
C GLY A 4542 -63.28 52.73 -29.50
N GLU A 4543 -63.65 53.56 -30.48
CA GLU A 4543 -62.70 54.54 -31.00
C GLU A 4543 -62.22 55.47 -29.90
N LEU A 4544 -63.15 56.00 -29.10
CA LEU A 4544 -62.78 56.89 -28.02
C LEU A 4544 -61.84 56.18 -27.04
N GLU A 4545 -62.14 54.92 -26.72
CA GLU A 4545 -61.31 54.17 -25.80
C GLU A 4545 -59.90 53.98 -26.34
N VAL A 4546 -59.78 53.67 -27.64
CA VAL A 4546 -58.44 53.44 -28.20
C VAL A 4546 -57.64 54.74 -28.21
N GLN A 4547 -58.29 55.86 -28.56
CA GLN A 4547 -57.56 57.12 -28.48
C GLN A 4547 -57.19 57.47 -27.05
N ARG A 4548 -58.06 57.14 -26.09
CA ARG A 4548 -57.76 57.43 -24.69
C ARG A 4548 -56.54 56.66 -24.23
N VAL A 4549 -56.48 55.36 -24.54
CA VAL A 4549 -55.34 54.56 -24.13
C VAL A 4549 -54.08 55.01 -24.86
N LYS A 4550 -54.22 55.41 -26.14
CA LYS A 4550 -53.08 55.96 -26.85
C LYS A 4550 -52.54 57.21 -26.16
N PHE A 4551 -53.43 58.11 -25.76
CA PHE A 4551 -53.01 59.34 -25.11
C PHE A 4551 -52.34 59.05 -23.78
N LEU A 4552 -52.93 58.14 -23.00
CA LEU A 4552 -52.35 57.80 -21.70
C LEU A 4552 -50.99 57.15 -21.86
N ASN A 4553 -50.85 56.27 -22.85
CA ASN A 4553 -49.56 55.63 -23.10
C ASN A 4553 -48.52 56.64 -23.55
N TYR A 4554 -48.91 57.61 -24.38
CA TYR A 4554 -47.99 58.66 -24.79
C TYR A 4554 -47.54 59.47 -23.58
N LEU A 4555 -48.48 59.80 -22.69
CA LEU A 4555 -48.12 60.53 -21.47
C LEU A 4555 -47.14 59.72 -20.63
N SER A 4556 -47.41 58.42 -20.47
CA SER A 4556 -46.54 57.57 -19.68
C SER A 4556 -45.14 57.52 -20.28
N ARG A 4557 -45.07 57.37 -21.60
CA ARG A 4557 -43.77 57.29 -22.27
C ARG A 4557 -42.99 58.59 -22.13
N ASN A 4558 -43.68 59.73 -22.22
CA ASN A 4558 -43.05 61.04 -22.21
C ASN A 4558 -43.19 61.74 -20.86
N PHE A 4559 -43.37 60.97 -19.79
CA PHE A 4559 -43.55 61.56 -18.46
C PHE A 4559 -42.39 62.47 -18.09
N TYR A 4560 -41.17 61.98 -18.23
CA TYR A 4560 -40.00 62.75 -17.79
C TYR A 4560 -39.81 64.00 -18.63
N THR A 4561 -40.03 63.90 -19.93
CA THR A 4561 -39.96 65.09 -20.79
C THR A 4561 -40.96 66.14 -20.34
N LEU A 4562 -42.16 65.69 -19.93
CA LEU A 4562 -43.15 66.64 -19.41
C LEU A 4562 -42.64 67.33 -18.16
N ARG A 4563 -41.96 66.58 -17.29
CA ARG A 4563 -41.41 67.17 -16.07
C ARG A 4563 -40.38 68.24 -16.41
N PHE A 4564 -39.47 67.93 -17.33
CA PHE A 4564 -38.48 68.91 -17.77
C PHE A 4564 -39.15 70.13 -18.38
N LEU A 4565 -40.20 69.90 -19.19
CA LEU A 4565 -40.92 71.01 -19.79
C LEU A 4565 -41.55 71.90 -18.73
N ALA A 4566 -42.13 71.29 -17.70
CA ALA A 4566 -42.71 72.08 -16.61
C ALA A 4566 -41.65 72.92 -15.93
N LEU A 4567 -40.48 72.33 -15.68
CA LEU A 4567 -39.39 73.07 -15.06
C LEU A 4567 -38.97 74.26 -15.92
N PHE A 4568 -38.83 74.02 -17.22
CA PHE A 4568 -38.46 75.10 -18.14
C PHE A 4568 -39.49 76.20 -18.15
N LEU A 4569 -40.78 75.84 -18.15
CA LEU A 4569 -41.84 76.83 -18.14
C LEU A 4569 -41.79 77.65 -16.85
N ALA A 4570 -41.54 77.00 -15.71
CA ALA A 4570 -41.43 77.74 -14.46
C ALA A 4570 -40.28 78.73 -14.52
N PHE A 4571 -39.14 78.29 -15.06
CA PHE A 4571 -38.00 79.18 -15.18
C PHE A 4571 -38.33 80.39 -16.05
N ALA A 4572 -38.99 80.16 -17.18
CA ALA A 4572 -39.36 81.26 -18.07
C ALA A 4572 -40.33 82.22 -17.38
N ILE A 4573 -41.32 81.66 -16.67
CA ILE A 4573 -42.31 82.48 -15.99
C ILE A 4573 -41.62 83.37 -14.97
N ASN A 4574 -40.68 82.82 -14.21
CA ASN A 4574 -40.01 83.63 -13.19
C ASN A 4574 -39.07 84.65 -13.82
N PHE A 4575 -38.43 84.30 -14.93
CA PHE A 4575 -37.65 85.27 -15.69
C PHE A 4575 -38.52 86.47 -16.05
N ILE A 4576 -39.74 86.21 -16.54
CA ILE A 4576 -40.66 87.30 -16.83
C ILE A 4576 -41.03 88.05 -15.55
N LEU A 4577 -41.31 87.31 -14.47
CA LEU A 4577 -41.73 87.92 -13.22
C LEU A 4577 -40.69 88.87 -12.67
N LEU A 4578 -39.42 88.69 -13.04
CA LEU A 4578 -38.40 89.62 -12.60
C LEU A 4578 -38.71 91.05 -13.02
N PHE A 4579 -39.55 91.23 -14.04
CA PHE A 4579 -39.71 92.56 -14.64
C PHE A 4579 -40.81 93.38 -13.96
N TYR A 4580 -41.59 92.80 -13.06
CA TYR A 4580 -42.64 93.57 -12.41
C TYR A 4580 -42.06 94.76 -11.66
N LYS A 4581 -42.87 95.81 -11.57
CA LYS A 4581 -42.60 96.96 -10.73
C LYS A 4581 -43.90 97.34 -10.02
N VAL A 4582 -43.77 98.11 -8.96
CA VAL A 4582 -44.91 98.54 -8.16
C VAL A 4582 -44.94 100.06 -8.14
N SER A 4583 -46.11 100.63 -8.41
CA SER A 4583 -46.29 102.08 -8.40
C SER A 4583 -47.61 102.45 -7.76
N ASP A 4584 -47.65 103.62 -7.14
CA ASP A 4584 -48.91 104.14 -6.61
C ASP A 4584 -49.90 104.41 -7.73
N SER A 4585 -49.44 105.00 -8.83
CA SER A 4585 -50.32 105.34 -9.95
C SER A 4585 -50.52 104.17 -10.89
N PRO A 4586 -51.62 104.13 -11.65
CA PRO A 4586 -51.78 103.06 -12.65
C PRO A 4586 -50.81 103.24 -13.81
N PRO A 4587 -50.50 102.17 -14.54
CA PRO A 4587 -49.61 102.29 -15.71
C PRO A 4587 -50.17 103.21 -16.78
N ASN A 4626 -53.94 105.19 -3.75
CA ASN A 4626 -53.44 104.76 -2.43
C ASN A 4626 -53.00 103.31 -2.38
N MET A 4627 -53.72 102.46 -3.10
CA MET A 4627 -53.42 101.04 -3.18
C MET A 4627 -52.47 100.85 -4.37
N VAL A 4628 -51.42 100.06 -4.16
CA VAL A 4628 -50.34 99.97 -5.14
C VAL A 4628 -50.75 99.06 -6.30
N TYR A 4629 -50.13 99.29 -7.45
CA TYR A 4629 -50.32 98.49 -8.65
C TYR A 4629 -49.03 97.81 -9.05
N TYR A 4630 -49.15 96.53 -9.38
CA TYR A 4630 -48.04 95.71 -9.84
C TYR A 4630 -48.17 95.58 -11.36
N PHE A 4631 -47.23 96.18 -12.08
CA PHE A 4631 -47.30 96.27 -13.53
C PHE A 4631 -45.98 95.83 -14.16
N LEU A 4632 -46.09 95.13 -15.29
CA LEU A 4632 -44.92 94.76 -16.06
C LEU A 4632 -44.25 96.00 -16.66
N GLU A 4633 -42.94 95.88 -16.90
CA GLU A 4633 -42.16 96.93 -17.56
C GLU A 4633 -41.38 96.30 -18.70
N GLU A 4634 -41.86 96.51 -19.92
CA GLU A 4634 -41.20 96.02 -21.12
C GLU A 4634 -41.50 96.95 -22.28
N SER A 4635 -40.52 97.08 -23.19
CA SER A 4635 -40.71 97.88 -24.38
C SER A 4635 -41.59 97.17 -25.40
N THR A 4636 -41.46 95.84 -25.50
CA THR A 4636 -42.18 95.11 -26.53
C THR A 4636 -43.68 95.13 -26.29
N GLY A 4637 -44.10 94.86 -25.05
CA GLY A 4637 -45.50 94.75 -24.72
C GLY A 4637 -46.10 93.38 -24.99
N TYR A 4638 -45.31 92.45 -25.52
CA TYR A 4638 -45.79 91.11 -25.85
C TYR A 4638 -45.63 90.14 -24.70
N MET A 4639 -45.25 90.63 -23.52
CA MET A 4639 -44.77 89.76 -22.47
C MET A 4639 -45.91 89.25 -21.58
N GLU A 4640 -46.92 90.08 -21.36
CA GLU A 4640 -48.06 89.65 -20.55
C GLU A 4640 -48.82 88.49 -21.16
N PRO A 4641 -49.21 88.52 -22.44
CA PRO A 4641 -49.88 87.33 -23.01
C PRO A 4641 -48.99 86.11 -23.02
N ALA A 4642 -47.68 86.30 -23.22
CA ALA A 4642 -46.76 85.18 -23.14
C ALA A 4642 -46.78 84.56 -21.75
N LEU A 4643 -46.80 85.39 -20.71
CA LEU A 4643 -46.88 84.88 -19.35
C LEU A 4643 -48.19 84.14 -19.11
N TRP A 4644 -49.29 84.70 -19.61
CA TRP A 4644 -50.59 84.03 -19.49
C TRP A 4644 -50.54 82.64 -20.11
N CYS A 4645 -50.07 82.57 -21.36
CA CYS A 4645 -49.98 81.29 -22.04
C CYS A 4645 -49.08 80.34 -21.26
N LEU A 4646 -47.91 80.82 -20.83
CA LEU A 4646 -46.97 79.96 -20.12
C LEU A 4646 -47.60 79.39 -18.86
N SER A 4647 -48.37 80.21 -18.14
CA SER A 4647 -49.06 79.72 -16.95
C SER A 4647 -50.04 78.62 -17.30
N LEU A 4648 -50.84 78.83 -18.35
CA LEU A 4648 -51.80 77.80 -18.75
C LEU A 4648 -51.08 76.50 -19.12
N LEU A 4649 -50.00 76.61 -19.89
CA LEU A 4649 -49.27 75.41 -20.31
C LEU A 4649 -48.64 74.70 -19.11
N HIS A 4650 -48.10 75.48 -18.17
CA HIS A 4650 -47.50 74.88 -16.98
C HIS A 4650 -48.54 74.10 -16.19
N THR A 4651 -49.72 74.68 -16.00
CA THR A 4651 -50.78 73.97 -15.28
C THR A 4651 -51.18 72.71 -16.03
N LEU A 4652 -51.31 72.80 -17.35
CA LEU A 4652 -51.69 71.64 -18.14
C LEU A 4652 -50.64 70.54 -18.02
N VAL A 4653 -49.36 70.92 -18.06
CA VAL A 4653 -48.29 69.93 -17.96
C VAL A 4653 -48.30 69.29 -16.58
N ALA A 4654 -48.62 70.07 -15.54
CA ALA A 4654 -48.73 69.50 -14.21
C ALA A 4654 -49.82 68.42 -14.16
N PHE A 4655 -50.99 68.75 -14.73
CA PHE A 4655 -52.08 67.78 -14.75
C PHE A 4655 -51.69 66.53 -15.54
N LEU A 4656 -51.02 66.73 -16.69
CA LEU A 4656 -50.58 65.61 -17.50
C LEU A 4656 -49.54 64.76 -16.77
N CYS A 4657 -48.69 65.39 -15.97
CA CYS A 4657 -47.73 64.63 -15.18
C CYS A 4657 -48.44 63.82 -14.11
N ILE A 4658 -49.50 64.36 -13.51
CA ILE A 4658 -50.31 63.56 -12.59
C ILE A 4658 -50.82 62.31 -13.30
N ILE A 4659 -51.41 62.50 -14.48
CA ILE A 4659 -51.96 61.36 -15.21
C ILE A 4659 -50.87 60.36 -15.56
N GLY A 4660 -49.72 60.86 -16.03
CA GLY A 4660 -48.63 59.98 -16.39
C GLY A 4660 -48.13 59.17 -15.22
N TYR A 4661 -48.00 59.80 -14.06
CA TYR A 4661 -47.63 59.06 -12.86
C TYR A 4661 -48.66 57.99 -12.56
N ASN A 4662 -49.94 58.35 -12.54
CA ASN A 4662 -50.98 57.39 -12.19
C ASN A 4662 -50.98 56.21 -13.13
N CYS A 4663 -50.61 56.43 -14.40
CA CYS A 4663 -50.63 55.35 -15.37
C CYS A 4663 -49.35 54.52 -15.33
N LEU A 4664 -48.22 55.15 -15.03
CA LEU A 4664 -46.93 54.49 -15.17
C LEU A 4664 -46.49 53.81 -13.88
N LYS A 4665 -46.50 54.56 -12.77
CA LYS A 4665 -45.79 54.14 -11.56
C LYS A 4665 -46.68 53.61 -10.46
N VAL A 4666 -47.90 54.11 -10.34
CA VAL A 4666 -48.85 53.65 -9.32
C VAL A 4666 -49.03 52.13 -9.40
N PRO A 4667 -49.15 51.55 -10.60
CA PRO A 4667 -49.39 50.10 -10.67
C PRO A 4667 -48.35 49.29 -9.93
N LEU A 4668 -47.08 49.70 -9.97
CA LEU A 4668 -46.05 49.00 -9.21
C LEU A 4668 -46.31 49.12 -7.71
N VAL A 4669 -46.72 50.29 -7.26
CA VAL A 4669 -47.03 50.49 -5.85
C VAL A 4669 -48.12 49.52 -5.42
N ILE A 4670 -49.20 49.45 -6.19
CA ILE A 4670 -50.32 48.59 -5.83
C ILE A 4670 -49.89 47.13 -5.90
N PHE A 4671 -49.10 46.79 -6.92
CA PHE A 4671 -48.62 45.41 -7.07
C PHE A 4671 -47.82 45.00 -5.85
N LYS A 4672 -46.90 45.85 -5.40
CA LYS A 4672 -46.05 45.53 -4.26
C LYS A 4672 -46.87 45.43 -2.98
N ARG A 4673 -47.79 46.38 -2.78
CA ARG A 4673 -48.61 46.37 -1.57
C ARG A 4673 -49.48 45.12 -1.51
N GLU A 4674 -50.12 44.77 -2.63
CA GLU A 4674 -50.93 43.57 -2.71
C GLU A 4674 -50.09 42.32 -2.49
N LYS A 4675 -48.89 42.27 -3.09
CA LYS A 4675 -48.01 41.13 -2.93
C LYS A 4675 -47.59 40.92 -1.49
N GLU A 4676 -47.14 41.98 -0.82
CA GLU A 4676 -46.73 41.82 0.57
C GLU A 4676 -47.91 41.42 1.45
N LEU A 4677 -49.09 41.98 1.21
CA LEU A 4677 -50.24 41.58 2.00
C LEU A 4677 -50.56 40.10 1.78
N ALA A 4678 -50.51 39.65 0.52
CA ALA A 4678 -50.79 38.26 0.22
C ALA A 4678 -49.78 37.33 0.89
N ARG A 4679 -48.50 37.68 0.83
CA ARG A 4679 -47.48 36.84 1.44
C ARG A 4679 -47.66 36.78 2.95
N LYS A 4680 -47.97 37.91 3.58
CA LYS A 4680 -48.22 37.91 5.02
C LYS A 4680 -49.42 37.03 5.36
N LEU A 4681 -50.50 37.13 4.59
CA LEU A 4681 -51.66 36.30 4.86
C LEU A 4681 -51.32 34.82 4.74
N GLU A 4682 -50.68 34.43 3.63
CA GLU A 4682 -50.45 33.01 3.38
C GLU A 4682 -49.45 32.43 4.37
N PHE A 4683 -48.30 33.08 4.53
CA PHE A 4683 -47.22 32.51 5.33
C PHE A 4683 -47.25 33.01 6.76
N ASP A 4684 -47.27 34.33 6.96
CA ASP A 4684 -47.32 34.87 8.32
C ASP A 4684 -48.67 34.63 8.96
N GLY A 4685 -49.75 34.77 8.21
CA GLY A 4685 -51.08 34.67 8.77
C GLY A 4685 -51.50 35.88 9.58
N LEU A 4686 -51.06 37.08 9.19
CA LEU A 4686 -51.20 38.28 9.98
C LEU A 4686 -52.62 38.46 10.53
N TYR A 4687 -53.61 38.59 9.64
CA TYR A 4687 -54.97 38.86 10.07
C TYR A 4687 -55.69 37.61 10.54
N ILE A 4688 -55.08 36.45 10.42
CA ILE A 4688 -55.66 35.22 10.94
C ILE A 4688 -55.20 34.96 12.37
N THR A 4689 -53.88 35.02 12.62
CA THR A 4689 -53.32 34.66 13.92
C THR A 4689 -52.65 35.83 14.61
N GLU A 4690 -51.67 36.49 13.96
CA GLU A 4690 -50.87 37.48 14.66
C GLU A 4690 -51.66 38.77 14.91
N GLN A 4691 -52.22 39.35 13.85
CA GLN A 4691 -53.02 40.57 13.93
C GLN A 4691 -52.08 41.75 14.19
N PRO A 4692 -52.10 42.80 13.35
CA PRO A 4692 -51.14 43.89 13.53
C PRO A 4692 -51.24 44.55 14.90
N GLY A 4693 -50.21 45.34 15.21
CA GLY A 4693 -50.06 45.85 16.56
C GLY A 4693 -50.91 47.07 16.84
N ASP A 4694 -51.51 47.66 15.82
CA ASP A 4694 -52.23 48.93 15.83
C ASP A 4694 -51.27 50.11 15.79
N ASP A 4695 -49.96 49.86 15.82
CA ASP A 4695 -48.97 50.88 15.51
C ASP A 4695 -48.64 50.91 14.02
N ASP A 4696 -49.18 49.97 13.25
CA ASP A 4696 -48.89 49.83 11.83
C ASP A 4696 -50.11 50.33 11.05
N VAL A 4697 -50.10 51.63 10.72
CA VAL A 4697 -51.23 52.23 10.04
C VAL A 4697 -51.49 51.52 8.72
N LYS A 4698 -50.43 51.08 8.05
CA LYS A 4698 -50.60 50.35 6.79
C LYS A 4698 -51.30 49.03 7.01
N GLY A 4699 -50.92 48.31 8.07
CA GLY A 4699 -51.60 47.06 8.40
C GLY A 4699 -53.05 47.26 8.77
N GLN A 4700 -53.39 48.37 9.43
CA GLN A 4700 -54.79 48.64 9.73
C GLN A 4700 -55.55 49.03 8.48
N TRP A 4701 -54.92 49.81 7.60
CA TRP A 4701 -55.56 50.26 6.38
C TRP A 4701 -55.84 49.09 5.44
N ASP A 4702 -54.94 48.11 5.40
CA ASP A 4702 -55.08 47.00 4.47
C ASP A 4702 -56.25 46.08 4.81
N ARG A 4703 -56.88 46.25 5.97
CA ARG A 4703 -58.01 45.40 6.32
C ARG A 4703 -59.16 45.58 5.35
N LEU A 4704 -59.31 46.79 4.81
CA LEU A 4704 -60.46 47.09 3.96
C LEU A 4704 -60.49 46.23 2.72
N VAL A 4705 -59.33 45.94 2.15
CA VAL A 4705 -59.31 45.35 0.82
C VAL A 4705 -59.44 43.84 0.89
N LEU A 4706 -59.29 43.25 2.08
CA LEU A 4706 -59.38 41.79 2.21
C LEU A 4706 -60.69 41.26 1.66
N ASN A 4707 -61.80 41.85 2.09
CA ASN A 4707 -63.12 41.40 1.68
C ASN A 4707 -63.49 41.80 0.26
N THR A 4708 -62.65 42.60 -0.40
CA THR A 4708 -62.99 43.10 -1.72
C THR A 4708 -62.78 42.02 -2.78
N PRO A 4709 -63.68 41.91 -3.77
CA PRO A 4709 -63.43 40.99 -4.88
C PRO A 4709 -62.20 41.34 -5.69
N SER A 4710 -61.89 42.64 -5.79
CA SER A 4710 -60.84 43.10 -6.69
C SER A 4710 -59.47 43.10 -6.04
N PHE A 4711 -59.34 42.57 -4.83
CA PHE A 4711 -58.06 42.56 -4.12
C PHE A 4711 -56.88 42.22 -5.02
N PRO A 4712 -56.80 41.04 -5.64
CA PRO A 4712 -55.60 40.82 -6.47
C PRO A 4712 -55.77 41.42 -7.86
N SER A 4713 -55.91 42.74 -7.93
CA SER A 4713 -56.15 43.39 -9.21
C SER A 4713 -54.87 43.52 -10.02
N ASN A 4714 -53.79 43.99 -9.41
CA ASN A 4714 -52.51 44.16 -10.08
C ASN A 4714 -51.54 43.02 -9.80
N TYR A 4715 -51.75 42.29 -8.71
CA TYR A 4715 -50.90 41.15 -8.38
C TYR A 4715 -51.47 39.88 -9.01
N TRP A 4716 -50.57 39.07 -9.56
CA TRP A 4716 -51.00 38.00 -10.47
C TRP A 4716 -51.88 36.98 -9.77
N ASP A 4717 -51.52 36.59 -8.55
CA ASP A 4717 -52.19 35.47 -7.87
C ASP A 4717 -53.62 35.85 -7.56
N LYS A 4718 -54.56 35.30 -8.31
CA LYS A 4718 -55.98 35.47 -8.06
C LYS A 4718 -56.55 34.43 -7.11
N PHE A 4719 -55.74 33.44 -6.73
CA PHE A 4719 -56.20 32.30 -5.94
C PHE A 4719 -55.64 32.32 -4.53
N VAL A 4720 -55.04 33.45 -4.14
CA VAL A 4720 -54.43 33.55 -2.82
C VAL A 4720 -55.48 33.38 -1.73
N LYS A 4721 -56.70 33.84 -1.99
CA LYS A 4721 -57.76 33.70 -0.99
C LYS A 4721 -58.07 32.23 -0.74
N ARG A 4722 -58.21 31.45 -1.81
CA ARG A 4722 -58.48 30.02 -1.63
C ARG A 4722 -57.29 29.33 -1.00
N LYS A 4723 -56.08 29.75 -1.34
CA LYS A 4723 -54.89 29.18 -0.72
C LYS A 4723 -54.88 29.44 0.78
N VAL A 4724 -55.23 30.65 1.19
CA VAL A 4724 -55.29 30.98 2.62
C VAL A 4724 -56.39 30.18 3.29
N LEU A 4725 -57.53 30.04 2.62
CA LEU A 4725 -58.62 29.25 3.19
C LEU A 4725 -58.18 27.81 3.42
N ASP A 4726 -57.47 27.23 2.46
CA ASP A 4726 -56.95 25.88 2.65
C ASP A 4726 -55.94 25.83 3.78
N LYS A 4727 -55.07 26.82 3.87
CA LYS A 4727 -54.00 26.79 4.86
C LYS A 4727 -54.53 26.93 6.28
N HIS A 4728 -55.44 27.88 6.52
CA HIS A 4728 -55.83 28.26 7.86
C HIS A 4728 -57.29 28.01 8.18
N GLY A 4729 -58.03 27.34 7.31
CA GLY A 4729 -59.45 27.15 7.55
C GLY A 4729 -59.75 26.25 8.73
N ASP A 4730 -58.99 25.17 8.85
CA ASP A 4730 -59.28 24.18 9.88
C ASP A 4730 -59.16 24.78 11.28
N ILE A 4731 -58.05 25.48 11.54
CA ILE A 4731 -57.83 26.03 12.88
C ILE A 4731 -58.71 27.24 13.12
N PHE A 4732 -58.84 28.12 12.13
CA PHE A 4732 -59.47 29.42 12.31
C PHE A 4732 -60.88 29.48 11.72
N GLY A 4733 -61.35 28.42 11.09
CA GLY A 4733 -62.72 28.38 10.62
C GLY A 4733 -62.87 28.80 9.17
N ARG A 4734 -63.41 27.90 8.34
CA ARG A 4734 -63.59 28.20 6.94
C ARG A 4734 -64.57 29.34 6.73
N GLU A 4735 -65.70 29.30 7.44
CA GLU A 4735 -66.69 30.36 7.30
C GLU A 4735 -66.14 31.70 7.75
N ARG A 4736 -65.34 31.68 8.82
CA ARG A 4736 -64.74 32.92 9.33
C ARG A 4736 -63.74 33.49 8.35
N ILE A 4737 -62.89 32.63 7.77
CA ILE A 4737 -61.96 33.09 6.75
C ILE A 4737 -62.72 33.63 5.54
N ALA A 4738 -63.82 32.99 5.19
CA ALA A 4738 -64.61 33.44 4.05
C ALA A 4738 -65.21 34.81 4.32
N GLU A 4739 -65.71 35.04 5.54
CA GLU A 4739 -66.22 36.35 5.89
C GLU A 4739 -65.11 37.39 5.86
N LEU A 4740 -63.92 37.02 6.34
CA LEU A 4740 -62.79 37.95 6.32
C LEU A 4740 -62.40 38.33 4.89
N LEU A 4741 -62.41 37.35 3.98
CA LEU A 4741 -61.85 37.52 2.64
C LEU A 4741 -62.92 37.72 1.57
N GLY A 4742 -64.17 37.90 1.96
CA GLY A 4742 -65.23 38.11 0.99
C GLY A 4742 -65.42 36.94 0.03
N MET A 4743 -65.48 35.72 0.57
CA MET A 4743 -65.54 34.51 -0.23
C MET A 4743 -66.90 33.83 -0.08
N ASP A 4744 -67.39 33.26 -1.17
CA ASP A 4744 -68.69 32.57 -1.18
C ASP A 4744 -68.47 31.06 -1.29
N LEU A 4745 -68.46 30.39 -0.13
CA LEU A 4745 -68.05 28.99 -0.07
C LEU A 4745 -68.77 28.17 -1.13
N ALA A 4746 -70.06 28.40 -1.32
CA ALA A 4746 -70.79 27.67 -2.35
C ALA A 4746 -70.17 27.91 -3.72
N SER A 4747 -70.06 29.18 -4.13
CA SER A 4747 -69.57 29.49 -5.46
C SER A 4747 -68.16 28.94 -5.70
N LEU A 4748 -67.37 28.78 -4.63
CA LEU A 4748 -66.05 28.16 -4.83
C LEU A 4748 -66.19 26.82 -5.53
N GLU A 4749 -67.15 26.00 -5.10
CA GLU A 4749 -67.33 24.69 -5.71
C GLU A 4749 -67.80 24.79 -7.16
N ILE A 4750 -68.76 25.68 -7.43
CA ILE A 4750 -69.32 25.77 -8.78
C ILE A 4750 -68.25 26.22 -9.77
N THR A 4751 -67.43 27.19 -9.38
CA THR A 4751 -66.35 27.63 -10.26
C THR A 4751 -65.51 26.45 -10.71
N ALA A 4752 -65.23 25.51 -9.80
CA ALA A 4752 -64.50 24.32 -10.18
C ALA A 4752 -65.34 23.39 -11.05
N HIS A 4753 -66.64 23.25 -10.74
CA HIS A 4753 -67.44 22.29 -11.50
C HIS A 4753 -67.48 22.67 -12.96
N ASN A 4754 -67.68 23.94 -13.27
CA ASN A 4754 -67.71 24.35 -14.67
C ASN A 4754 -67.67 25.87 -14.75
N GLU A 4755 -67.34 26.34 -15.94
CA GLU A 4755 -67.33 27.78 -16.20
C GLU A 4755 -68.73 28.28 -16.51
N ARG A 4756 -69.09 29.40 -15.91
CA ARG A 4756 -70.38 30.05 -16.15
C ARG A 4756 -70.11 31.43 -16.72
N LYS A 4757 -70.87 31.81 -17.75
CA LYS A 4757 -70.69 33.10 -18.41
C LYS A 4757 -71.90 33.98 -18.13
N PRO A 4758 -71.83 34.88 -17.15
CA PRO A 4758 -72.91 35.85 -16.96
C PRO A 4758 -72.65 37.12 -17.76
N ASP A 4759 -72.84 37.03 -19.07
CA ASP A 4759 -72.40 38.11 -19.97
C ASP A 4759 -73.08 39.41 -19.58
N PRO A 4760 -72.33 40.39 -19.04
CA PRO A 4760 -72.86 41.74 -18.85
C PRO A 4760 -72.50 42.64 -20.02
N PRO A 4761 -73.25 42.62 -21.12
CA PRO A 4761 -72.90 43.48 -22.27
C PRO A 4761 -72.51 44.87 -21.81
N PRO A 4762 -71.46 45.45 -22.39
CA PRO A 4762 -70.88 46.67 -21.80
C PRO A 4762 -71.89 47.80 -21.72
N GLY A 4763 -71.93 48.45 -20.57
CA GLY A 4763 -72.78 49.60 -20.37
C GLY A 4763 -72.23 50.48 -19.26
N LEU A 4764 -72.71 51.73 -19.25
CA LEU A 4764 -72.29 52.66 -18.21
C LEU A 4764 -72.73 52.17 -16.83
N LEU A 4765 -73.97 51.71 -16.72
CA LEU A 4765 -74.45 51.18 -15.45
C LEU A 4765 -73.67 49.94 -15.05
N THR A 4766 -73.32 49.10 -16.04
CA THR A 4766 -72.53 47.90 -15.74
C THR A 4766 -71.16 48.28 -15.22
N TRP A 4767 -70.54 49.32 -15.81
CA TRP A 4767 -69.27 49.81 -15.31
C TRP A 4767 -69.41 50.33 -13.88
N LEU A 4768 -70.47 51.09 -13.61
CA LEU A 4768 -70.71 51.57 -12.25
C LEU A 4768 -70.82 50.40 -11.27
N MET A 4769 -71.55 49.35 -11.66
CA MET A 4769 -71.63 48.16 -10.82
C MET A 4769 -70.26 47.54 -10.63
N SER A 4770 -69.46 47.51 -11.70
CA SER A 4770 -68.12 46.94 -11.63
C SER A 4770 -67.23 47.69 -10.65
N ILE A 4771 -67.46 48.99 -10.46
CA ILE A 4771 -66.63 49.75 -9.54
C ILE A 4771 -66.73 49.16 -8.14
N ASP A 4772 -65.57 48.93 -7.53
CA ASP A 4772 -65.49 48.45 -6.14
C ASP A 4772 -65.07 49.62 -5.26
N VAL A 4773 -66.05 50.18 -4.54
CA VAL A 4773 -65.81 51.41 -3.79
C VAL A 4773 -64.73 51.21 -2.75
N LYS A 4774 -64.79 50.10 -2.01
CA LYS A 4774 -63.85 49.89 -0.92
C LYS A 4774 -62.43 49.73 -1.44
N TYR A 4775 -62.25 48.96 -2.53
CA TYR A 4775 -60.93 48.83 -3.11
C TYR A 4775 -60.42 50.16 -3.63
N GLN A 4776 -61.30 50.95 -4.25
CA GLN A 4776 -60.87 52.26 -4.75
C GLN A 4776 -60.45 53.16 -3.61
N ILE A 4777 -61.16 53.11 -2.49
CA ILE A 4777 -60.79 53.93 -1.34
C ILE A 4777 -59.43 53.51 -0.80
N TRP A 4778 -59.22 52.21 -0.66
CA TRP A 4778 -57.93 51.72 -0.20
C TRP A 4778 -56.82 52.17 -1.12
N LYS A 4779 -57.05 52.05 -2.43
CA LYS A 4779 -56.06 52.46 -3.42
C LYS A 4779 -55.78 53.95 -3.34
N PHE A 4780 -56.82 54.76 -3.14
CA PHE A 4780 -56.64 56.20 -3.04
C PHE A 4780 -55.84 56.55 -1.80
N GLY A 4781 -56.09 55.88 -0.69
CA GLY A 4781 -55.27 56.07 0.49
C GLY A 4781 -53.81 55.76 0.21
N VAL A 4782 -53.56 54.63 -0.47
CA VAL A 4782 -52.17 54.26 -0.79
C VAL A 4782 -51.53 55.35 -1.64
N ILE A 4783 -52.22 55.79 -2.69
CA ILE A 4783 -51.66 56.78 -3.59
C ILE A 4783 -51.37 58.07 -2.85
N PHE A 4784 -52.33 58.55 -2.06
CA PHE A 4784 -52.13 59.81 -1.35
C PHE A 4784 -51.01 59.69 -0.33
N THR A 4785 -50.78 58.48 0.17
CA THR A 4785 -49.60 58.27 1.02
C THR A 4785 -48.31 58.30 0.21
N ASP A 4786 -48.37 57.91 -1.05
CA ASP A 4786 -47.17 57.92 -1.88
C ASP A 4786 -46.61 59.34 -1.98
N ASN A 4787 -45.29 59.46 -1.78
CA ASN A 4787 -44.67 60.77 -1.68
C ASN A 4787 -44.66 61.50 -3.03
N SER A 4788 -44.30 60.80 -4.10
CA SER A 4788 -44.19 61.45 -5.40
C SER A 4788 -45.53 62.02 -5.85
N PHE A 4789 -46.61 61.26 -5.61
CA PHE A 4789 -47.94 61.77 -5.92
C PHE A 4789 -48.22 63.06 -5.15
N LEU A 4790 -47.82 63.09 -3.87
CA LEU A 4790 -48.03 64.28 -3.05
C LEU A 4790 -47.26 65.46 -3.62
N TYR A 4791 -46.02 65.24 -4.02
CA TYR A 4791 -45.23 66.32 -4.57
C TYR A 4791 -45.85 66.85 -5.86
N LEU A 4792 -46.28 65.95 -6.74
CA LEU A 4792 -46.89 66.40 -7.99
C LEU A 4792 -48.20 67.13 -7.74
N GLY A 4793 -48.98 66.69 -6.75
CA GLY A 4793 -50.21 67.36 -6.40
C GLY A 4793 -49.94 68.75 -5.87
N TRP A 4794 -48.90 68.88 -5.05
CA TRP A 4794 -48.51 70.20 -4.57
C TRP A 4794 -48.09 71.10 -5.73
N TYR A 4795 -47.36 70.52 -6.69
CA TYR A 4795 -47.00 71.24 -7.91
C TYR A 4795 -48.25 71.80 -8.60
N MET A 4796 -49.24 70.92 -8.81
CA MET A 4796 -50.48 71.32 -9.47
C MET A 4796 -51.20 72.41 -8.71
N VAL A 4797 -51.32 72.25 -7.39
CA VAL A 4797 -52.02 73.23 -6.57
C VAL A 4797 -51.31 74.58 -6.63
N MET A 4798 -49.97 74.56 -6.59
CA MET A 4798 -49.23 75.80 -6.62
C MET A 4798 -49.38 76.49 -7.98
N SER A 4799 -49.47 75.72 -9.06
CA SER A 4799 -49.76 76.32 -10.36
C SER A 4799 -51.14 76.96 -10.38
N LEU A 4800 -52.14 76.26 -9.85
CA LEU A 4800 -53.49 76.81 -9.81
C LEU A 4800 -53.52 78.10 -9.01
N LEU A 4801 -52.83 78.12 -7.87
CA LEU A 4801 -52.74 79.35 -7.08
C LEU A 4801 -51.93 80.42 -7.81
N GLY A 4802 -50.96 80.00 -8.63
CA GLY A 4802 -50.23 80.94 -9.44
C GLY A 4802 -51.13 81.68 -10.39
N HIS A 4803 -52.14 81.00 -10.92
CA HIS A 4803 -53.10 81.70 -11.77
C HIS A 4803 -53.80 82.82 -11.01
N TYR A 4804 -54.09 82.59 -9.72
CA TYR A 4804 -54.68 83.65 -8.90
C TYR A 4804 -53.67 84.75 -8.62
N ASN A 4805 -52.44 84.38 -8.27
CA ASN A 4805 -51.35 85.31 -8.04
C ASN A 4805 -50.10 84.73 -8.67
N ASN A 4806 -49.58 85.40 -9.70
CA ASN A 4806 -48.54 84.80 -10.53
C ASN A 4806 -47.26 84.49 -9.76
N PHE A 4807 -47.07 85.08 -8.59
CA PHE A 4807 -45.84 84.89 -7.84
C PHE A 4807 -45.72 83.52 -7.21
N PHE A 4808 -46.82 82.75 -7.13
CA PHE A 4808 -46.74 81.41 -6.60
C PHE A 4808 -46.02 80.45 -7.55
N PHE A 4809 -45.76 80.86 -8.78
CA PHE A 4809 -45.04 80.04 -9.73
C PHE A 4809 -43.57 79.89 -9.37
N ALA A 4810 -43.07 80.66 -8.42
CA ALA A 4810 -41.68 80.55 -7.99
C ALA A 4810 -41.41 79.27 -7.24
N ALA A 4811 -42.42 78.71 -6.55
CA ALA A 4811 -42.22 77.49 -5.78
C ALA A 4811 -41.81 76.33 -6.68
N HIS A 4812 -42.26 76.33 -7.94
CA HIS A 4812 -41.92 75.25 -8.86
C HIS A 4812 -40.45 75.24 -9.24
N LEU A 4813 -39.71 76.31 -8.92
CA LEU A 4813 -38.27 76.29 -9.11
C LEU A 4813 -37.57 75.37 -8.12
N LEU A 4814 -38.28 74.95 -7.07
CA LEU A 4814 -37.72 73.96 -6.15
C LEU A 4814 -37.65 72.58 -6.77
N ASP A 4815 -38.33 72.37 -7.89
CA ASP A 4815 -38.28 71.11 -8.60
C ASP A 4815 -36.91 70.81 -9.20
N ILE A 4816 -36.03 71.82 -9.25
CA ILE A 4816 -34.68 71.59 -9.79
C ILE A 4816 -33.95 70.55 -8.95
N ALA A 4817 -34.26 70.48 -7.65
CA ALA A 4817 -33.67 69.47 -6.79
C ALA A 4817 -33.94 68.07 -7.34
N MET A 4818 -35.22 67.71 -7.43
CA MET A 4818 -35.59 66.40 -7.99
C MET A 4818 -35.11 66.25 -9.42
N GLY A 4819 -35.03 67.35 -10.18
CA GLY A 4819 -34.57 67.24 -11.56
C GLY A 4819 -33.11 66.82 -11.65
N VAL A 4820 -32.27 67.38 -10.79
CA VAL A 4820 -30.83 67.18 -10.84
C VAL A 4820 -30.42 66.22 -9.74
N LYS A 4821 -29.70 65.16 -10.11
CA LYS A 4821 -29.18 64.22 -9.12
C LYS A 4821 -28.18 64.89 -8.19
N THR A 4822 -27.34 65.78 -8.73
CA THR A 4822 -26.35 66.46 -7.91
C THR A 4822 -27.01 67.24 -6.78
N LEU A 4823 -28.08 67.96 -7.10
CA LEU A 4823 -28.80 68.70 -6.07
C LEU A 4823 -29.41 67.74 -5.05
N ARG A 4824 -29.91 66.59 -5.51
CA ARG A 4824 -30.44 65.62 -4.56
C ARG A 4824 -29.36 65.15 -3.60
N THR A 4825 -28.14 64.90 -4.11
CA THR A 4825 -27.05 64.48 -3.24
C THR A 4825 -26.70 65.58 -2.24
N ILE A 4826 -26.59 66.82 -2.72
CA ILE A 4826 -26.22 67.92 -1.83
C ILE A 4826 -27.26 68.09 -0.74
N LEU A 4827 -28.54 68.05 -1.11
CA LEU A 4827 -29.61 68.18 -0.12
C LEU A 4827 -29.63 66.99 0.83
N SER A 4828 -29.35 65.79 0.31
CA SER A 4828 -29.30 64.61 1.16
C SER A 4828 -28.19 64.74 2.20
N SER A 4829 -27.12 65.45 1.86
CA SER A 4829 -26.08 65.70 2.84
C SER A 4829 -26.67 66.40 4.07
N VAL A 4830 -27.52 67.39 3.85
CA VAL A 4830 -28.15 68.09 4.96
C VAL A 4830 -29.18 67.20 5.65
N THR A 4831 -30.02 66.52 4.86
CA THR A 4831 -31.12 65.75 5.44
C THR A 4831 -30.60 64.60 6.29
N HIS A 4832 -29.45 64.06 5.93
CA HIS A 4832 -28.86 62.92 6.61
C HIS A 4832 -28.81 63.13 8.12
N ASN A 4833 -28.27 64.27 8.55
CA ASN A 4833 -28.20 64.63 9.95
C ASN A 4833 -29.20 65.73 10.32
N GLY A 4834 -30.36 65.74 9.69
CA GLY A 4834 -31.31 66.81 9.93
C GLY A 4834 -31.84 66.82 11.35
N LYS A 4835 -32.13 65.63 11.91
CA LYS A 4835 -32.58 65.57 13.28
C LYS A 4835 -31.53 66.12 14.23
N GLN A 4836 -30.26 65.75 14.00
CA GLN A 4836 -29.18 66.26 14.82
C GLN A 4836 -29.09 67.77 14.71
N LEU A 4837 -29.28 68.30 13.50
CA LEU A 4837 -29.23 69.75 13.30
C LEU A 4837 -30.34 70.44 14.07
N VAL A 4838 -31.55 69.87 14.05
CA VAL A 4838 -32.67 70.46 14.78
C VAL A 4838 -32.38 70.44 16.28
N MET A 4839 -31.81 69.34 16.78
CA MET A 4839 -31.45 69.27 18.20
C MET A 4839 -30.40 70.32 18.54
N THR A 4840 -29.43 70.52 17.65
CA THR A 4840 -28.41 71.54 17.88
C THR A 4840 -29.05 72.92 17.94
N VAL A 4841 -30.01 73.20 17.06
CA VAL A 4841 -30.70 74.48 17.09
C VAL A 4841 -31.46 74.66 18.39
N GLY A 4842 -32.11 73.59 18.87
CA GLY A 4842 -32.79 73.67 20.14
C GLY A 4842 -31.83 73.96 21.29
N LEU A 4843 -30.67 73.33 21.26
CA LEU A 4843 -29.66 73.61 22.28
C LEU A 4843 -29.20 75.05 22.21
N LEU A 4844 -29.04 75.58 20.99
CA LEU A 4844 -28.67 76.97 20.81
C LEU A 4844 -29.72 77.89 21.43
N ALA A 4845 -31.00 77.56 21.20
CA ALA A 4845 -32.08 78.33 21.80
C ALA A 4845 -32.01 78.28 23.32
N VAL A 4846 -31.71 77.10 23.88
CA VAL A 4846 -31.64 76.98 25.33
C VAL A 4846 -30.52 77.82 25.90
N VAL A 4847 -29.34 77.77 25.27
CA VAL A 4847 -28.20 78.54 25.79
C VAL A 4847 -28.49 80.03 25.68
N VAL A 4848 -29.13 80.46 24.59
CA VAL A 4848 -29.48 81.86 24.45
C VAL A 4848 -30.50 82.25 25.51
N TYR A 4849 -31.41 81.34 25.85
CA TYR A 4849 -32.37 81.60 26.91
C TYR A 4849 -31.67 81.81 28.25
N LEU A 4850 -30.66 80.97 28.54
CA LEU A 4850 -29.93 81.13 29.79
C LEU A 4850 -29.18 82.47 29.82
N TYR A 4851 -28.52 82.81 28.72
CA TYR A 4851 -27.85 84.10 28.64
C TYR A 4851 -28.85 85.25 28.80
N THR A 4852 -30.05 85.08 28.26
CA THR A 4852 -31.10 86.09 28.40
C THR A 4852 -31.53 86.23 29.85
N VAL A 4853 -31.64 85.12 30.56
CA VAL A 4853 -31.96 85.18 31.98
C VAL A 4853 -30.90 85.98 32.72
N VAL A 4854 -29.63 85.67 32.44
CA VAL A 4854 -28.54 86.36 33.12
C VAL A 4854 -28.60 87.85 32.82
N ALA A 4855 -28.85 88.22 31.56
CA ALA A 4855 -28.91 89.63 31.20
C ALA A 4855 -30.09 90.32 31.86
N PHE A 4856 -31.26 89.68 31.84
CA PHE A 4856 -32.46 90.26 32.43
C PHE A 4856 -32.29 90.49 33.92
N ASN A 4857 -31.48 89.67 34.58
CA ASN A 4857 -31.27 89.82 36.02
C ASN A 4857 -30.18 90.83 36.35
N PHE A 4858 -29.05 90.77 35.64
CA PHE A 4858 -27.86 91.50 36.03
C PHE A 4858 -27.44 92.59 35.05
N PHE A 4859 -27.90 92.54 33.78
CA PHE A 4859 -27.31 93.40 32.75
C PHE A 4859 -28.37 94.16 31.97
N ARG A 4860 -29.45 94.60 32.64
CA ARG A 4860 -30.52 95.28 31.92
C ARG A 4860 -30.05 96.62 31.37
N LYS A 4861 -29.31 97.38 32.18
CA LYS A 4861 -28.93 98.74 31.81
C LYS A 4861 -28.21 98.82 30.48
N PHE A 4862 -27.54 97.75 30.07
CA PHE A 4862 -26.69 97.76 28.88
C PHE A 4862 -27.48 97.52 27.60
N TYR A 4863 -28.80 97.34 27.68
CA TYR A 4863 -29.58 96.91 26.53
C TYR A 4863 -30.48 98.03 26.02
N ASN A 4864 -29.98 99.26 26.02
CA ASN A 4864 -30.71 100.39 25.46
C ASN A 4864 -30.22 100.62 24.04
N LYS A 4865 -31.15 100.60 23.09
CA LYS A 4865 -30.82 100.72 21.67
C LYS A 4865 -31.30 102.06 21.10
N SER A 4866 -31.30 103.11 21.91
CA SER A 4866 -31.80 104.42 21.51
C SER A 4866 -30.73 105.46 21.79
N GLU A 4867 -30.44 106.29 20.79
CA GLU A 4867 -29.50 107.39 21.00
C GLU A 4867 -30.16 108.58 21.69
N ASP A 4868 -31.44 108.82 21.38
CA ASP A 4868 -32.17 109.92 22.02
C ASP A 4868 -32.44 109.60 23.48
N GLU A 4869 -31.80 110.33 24.38
CA GLU A 4869 -31.86 110.05 25.81
C GLU A 4869 -33.27 110.21 26.36
N ASP A 4870 -34.04 111.16 25.79
CA ASP A 4870 -35.39 111.39 26.29
C ASP A 4870 -36.26 110.16 26.12
N GLU A 4871 -36.16 109.48 24.98
CA GLU A 4871 -36.95 108.28 24.72
C GLU A 4871 -36.04 107.07 24.77
N PRO A 4872 -36.12 106.23 25.81
CA PRO A 4872 -35.27 105.03 25.85
C PRO A 4872 -35.96 103.81 25.27
N ASP A 4873 -35.22 102.98 24.55
CA ASP A 4873 -35.73 101.74 23.98
C ASP A 4873 -34.93 100.59 24.59
N MET A 4874 -35.47 100.00 25.65
CA MET A 4874 -34.80 98.94 26.40
C MET A 4874 -35.30 97.60 25.87
N LYS A 4875 -34.37 96.79 25.36
CA LYS A 4875 -34.73 95.51 24.78
C LYS A 4875 -34.81 94.38 25.80
N CYS A 4876 -34.26 94.56 27.00
CA CYS A 4876 -34.24 93.50 28.00
C CYS A 4876 -35.01 93.87 29.26
N ASP A 4877 -35.92 94.84 29.18
CA ASP A 4877 -36.80 95.10 30.31
C ASP A 4877 -37.85 94.01 30.46
N ASP A 4878 -38.11 93.26 29.39
CA ASP A 4878 -39.01 92.11 29.41
C ASP A 4878 -38.27 90.90 28.89
N MET A 4879 -38.55 89.74 29.50
CA MET A 4879 -37.82 88.53 29.16
C MET A 4879 -38.06 88.10 27.71
N MET A 4880 -39.31 88.20 27.25
CA MET A 4880 -39.61 87.80 25.88
C MET A 4880 -38.87 88.67 24.89
N THR A 4881 -38.90 89.99 25.11
CA THR A 4881 -38.18 90.90 24.24
C THR A 4881 -36.68 90.65 24.28
N CYS A 4882 -36.14 90.37 25.47
CA CYS A 4882 -34.71 90.10 25.60
C CYS A 4882 -34.32 88.84 24.85
N TYR A 4883 -35.15 87.79 24.96
CA TYR A 4883 -34.88 86.55 24.25
C TYR A 4883 -34.93 86.76 22.75
N LEU A 4884 -35.94 87.48 22.27
CA LEU A 4884 -36.01 87.77 20.84
C LEU A 4884 -34.80 88.56 20.39
N PHE A 4885 -34.39 89.56 21.17
CA PHE A 4885 -33.24 90.37 20.82
C PHE A 4885 -32.00 89.51 20.71
N HIS A 4886 -31.73 88.69 21.73
CA HIS A 4886 -30.58 87.81 21.67
C HIS A 4886 -30.62 86.93 20.43
N MET A 4887 -31.66 86.11 20.30
CA MET A 4887 -31.74 85.16 19.20
C MET A 4887 -31.65 85.84 17.84
N TYR A 4888 -32.11 87.10 17.75
CA TYR A 4888 -32.16 87.78 16.46
C TYR A 4888 -30.83 88.43 16.12
N VAL A 4889 -30.26 89.21 17.04
CA VAL A 4889 -29.08 90.01 16.71
C VAL A 4889 -27.79 89.24 17.05
N GLY A 4890 -27.73 88.65 18.24
CA GLY A 4890 -26.47 88.10 18.70
C GLY A 4890 -25.97 86.96 17.83
N VAL A 4891 -26.85 86.03 17.49
CA VAL A 4891 -26.48 84.91 16.65
C VAL A 4891 -26.02 85.41 15.28
N ARG A 4892 -26.75 86.37 14.73
CA ARG A 4892 -26.41 86.89 13.40
C ARG A 4892 -25.09 87.64 13.44
N ALA A 4893 -24.74 88.22 14.59
CA ALA A 4893 -23.50 88.96 14.72
C ALA A 4893 -22.31 88.03 14.78
N GLY A 4894 -21.16 88.54 14.34
CA GLY A 4894 -19.94 87.74 14.38
C GLY A 4894 -19.29 87.71 15.73
N GLY A 4895 -19.25 88.84 16.42
CA GLY A 4895 -18.73 88.92 17.77
C GLY A 4895 -19.75 88.72 18.85
N GLY A 4896 -20.99 88.41 18.50
CA GLY A 4896 -22.01 88.15 19.49
C GLY A 4896 -22.74 89.41 19.94
N ILE A 4897 -23.48 89.23 21.03
CA ILE A 4897 -24.35 90.29 21.54
C ILE A 4897 -23.54 91.51 21.97
N GLY A 4898 -22.34 91.26 22.49
CA GLY A 4898 -21.47 92.33 22.95
C GLY A 4898 -21.22 93.37 21.88
N ASP A 4899 -21.23 92.94 20.63
CA ASP A 4899 -21.10 93.89 19.52
C ASP A 4899 -22.25 94.89 19.53
N GLU A 4900 -23.46 94.41 19.81
CA GLU A 4900 -24.64 95.27 19.73
C GLU A 4900 -24.81 96.11 20.99
N ILE A 4901 -24.59 95.53 22.16
CA ILE A 4901 -24.93 96.22 23.40
C ILE A 4901 -23.79 97.12 23.87
N GLU A 4902 -24.10 97.99 24.83
CA GLU A 4902 -23.27 99.15 25.13
C GLU A 4902 -21.99 98.78 25.87
N ASP A 4903 -20.92 99.50 25.57
CA ASP A 4903 -19.61 99.19 26.13
C ASP A 4903 -19.65 99.23 27.66
N PRO A 4904 -19.19 98.18 28.34
CA PRO A 4904 -19.19 98.17 29.81
C PRO A 4904 -18.02 98.87 30.46
N ALA A 4905 -17.17 99.56 29.70
CA ALA A 4905 -15.97 100.13 30.28
C ALA A 4905 -16.30 101.07 31.43
N GLY A 4906 -15.51 100.99 32.49
CA GLY A 4906 -15.74 101.80 33.67
C GLY A 4906 -17.01 101.46 34.40
N ASP A 4907 -17.29 100.18 34.60
CA ASP A 4907 -18.48 99.74 35.31
C ASP A 4907 -18.10 98.64 36.30
N GLU A 4908 -18.91 98.55 37.36
CA GLU A 4908 -18.65 97.58 38.42
C GLU A 4908 -18.82 96.14 37.94
N TYR A 4909 -19.57 95.92 36.85
CA TYR A 4909 -19.82 94.60 36.31
C TYR A 4909 -19.06 94.36 35.01
N GLU A 4910 -17.97 95.10 34.80
CA GLU A 4910 -17.23 95.01 33.54
C GLU A 4910 -16.69 93.61 33.30
N LEU A 4911 -16.06 93.03 34.32
CA LEU A 4911 -15.47 91.70 34.16
C LEU A 4911 -16.55 90.65 33.96
N TYR A 4912 -17.64 90.76 34.72
CA TYR A 4912 -18.75 89.84 34.55
C TYR A 4912 -19.27 89.89 33.12
N ARG A 4913 -19.43 91.09 32.57
CA ARG A 4913 -19.99 91.20 31.23
C ARG A 4913 -19.00 90.73 30.17
N VAL A 4914 -17.70 90.96 30.36
CA VAL A 4914 -16.75 90.49 29.34
C VAL A 4914 -16.74 88.97 29.34
N VAL A 4915 -16.82 88.35 30.52
CA VAL A 4915 -16.97 86.90 30.56
C VAL A 4915 -18.25 86.49 29.84
N PHE A 4916 -19.35 87.18 30.13
CA PHE A 4916 -20.64 86.90 29.50
C PHE A 4916 -20.51 86.91 27.98
N ASP A 4917 -19.94 87.98 27.43
CA ASP A 4917 -19.86 88.16 25.99
C ASP A 4917 -18.91 87.15 25.35
N ILE A 4918 -17.73 86.96 25.94
CA ILE A 4918 -16.77 86.05 25.36
C ILE A 4918 -17.29 84.63 25.38
N THR A 4919 -17.92 84.22 26.48
CA THR A 4919 -18.50 82.88 26.55
C THR A 4919 -19.62 82.72 25.53
N PHE A 4920 -20.47 83.74 25.39
CA PHE A 4920 -21.49 83.70 24.36
C PHE A 4920 -20.87 83.49 22.98
N PHE A 4921 -19.85 84.27 22.67
CA PHE A 4921 -19.17 84.20 21.38
C PHE A 4921 -18.63 82.80 21.14
N PHE A 4922 -17.91 82.24 22.11
CA PHE A 4922 -17.26 80.95 21.91
C PHE A 4922 -18.27 79.81 21.84
N PHE A 4923 -19.22 79.77 22.77
CA PHE A 4923 -20.14 78.64 22.83
C PHE A 4923 -21.12 78.68 21.66
N VAL A 4924 -21.68 79.85 21.37
CA VAL A 4924 -22.77 79.94 20.39
C VAL A 4924 -22.20 80.09 18.99
N ILE A 4925 -21.46 81.18 18.76
CA ILE A 4925 -21.06 81.53 17.40
C ILE A 4925 -20.07 80.52 16.86
N VAL A 4926 -19.08 80.15 17.66
CA VAL A 4926 -17.99 79.29 17.19
C VAL A 4926 -18.44 77.84 17.16
N ILE A 4927 -18.81 77.30 18.32
CA ILE A 4927 -18.97 75.86 18.46
C ILE A 4927 -20.22 75.38 17.75
N LEU A 4928 -21.37 75.91 18.14
CA LEU A 4928 -22.64 75.39 17.62
C LEU A 4928 -22.70 75.49 16.11
N LEU A 4929 -22.36 76.65 15.58
CA LEU A 4929 -22.23 76.74 14.13
C LEU A 4929 -21.26 75.68 13.65
N ALA A 4930 -20.06 75.62 14.24
CA ALA A 4930 -19.07 74.62 13.84
C ALA A 4930 -19.66 73.22 13.90
N ILE A 4931 -20.55 72.97 14.85
CA ILE A 4931 -21.22 71.68 14.89
C ILE A 4931 -22.06 71.47 13.64
N ILE A 4932 -22.78 72.51 13.21
CA ILE A 4932 -23.57 72.41 11.99
C ILE A 4932 -22.68 72.08 10.80
N GLN A 4933 -21.60 72.86 10.63
CA GLN A 4933 -20.73 72.65 9.48
C GLN A 4933 -20.10 71.25 9.52
N GLY A 4934 -19.70 70.80 10.72
CA GLY A 4934 -19.12 69.48 10.82
C GLY A 4934 -20.11 68.38 10.53
N LEU A 4935 -21.38 68.58 10.91
CA LEU A 4935 -22.39 67.60 10.57
C LEU A 4935 -22.54 67.48 9.05
N ILE A 4936 -22.57 68.61 8.35
CA ILE A 4936 -22.68 68.57 6.90
C ILE A 4936 -21.46 67.89 6.28
N ILE A 4937 -20.27 68.24 6.79
CA ILE A 4937 -19.03 67.65 6.28
C ILE A 4937 -19.05 66.14 6.49
N ASP A 4938 -19.48 65.70 7.68
CA ASP A 4938 -19.53 64.27 7.97
C ASP A 4938 -20.53 63.57 7.08
N ALA A 4939 -21.65 64.24 6.77
CA ALA A 4939 -22.62 63.64 5.85
C ALA A 4939 -21.99 63.41 4.48
N PHE A 4940 -21.21 64.38 4.00
CA PHE A 4940 -20.51 64.18 2.73
C PHE A 4940 -19.67 62.91 2.76
N GLY A 4941 -18.82 62.77 3.78
CA GLY A 4941 -17.94 61.62 3.85
C GLY A 4941 -18.71 60.32 4.00
N GLU A 4942 -19.81 60.35 4.76
CA GLU A 4942 -20.62 59.16 4.93
C GLU A 4942 -21.21 58.69 3.61
N LEU A 4943 -21.76 59.62 2.83
CA LEU A 4943 -22.30 59.24 1.53
C LEU A 4943 -21.20 58.71 0.61
N ARG A 4944 -20.05 59.40 0.61
CA ARG A 4944 -18.94 58.96 -0.22
C ARG A 4944 -18.52 57.54 0.12
N ASP A 4945 -18.38 57.26 1.42
CA ASP A 4945 -17.88 55.94 1.82
C ASP A 4945 -18.95 54.87 1.59
N GLN A 4946 -20.23 55.26 1.63
CA GLN A 4946 -21.28 54.33 1.24
C GLN A 4946 -21.12 53.91 -0.22
N GLN A 4947 -20.98 54.89 -1.12
CA GLN A 4947 -20.81 54.52 -2.53
C GLN A 4947 -19.55 53.70 -2.73
N GLU A 4948 -18.45 54.10 -2.09
CA GLU A 4948 -17.20 53.38 -2.25
C GLU A 4948 -17.31 51.96 -1.75
N GLN A 4949 -18.00 51.76 -0.63
CA GLN A 4949 -18.17 50.42 -0.09
C GLN A 4949 -19.04 49.55 -0.98
N VAL A 4950 -20.10 50.12 -1.53
CA VAL A 4950 -20.90 49.35 -2.45
C VAL A 4950 -20.05 48.90 -3.63
N LYS A 4951 -19.26 49.82 -4.19
CA LYS A 4951 -18.48 49.47 -5.37
C LYS A 4951 -17.44 48.40 -5.03
N GLU A 4952 -16.75 48.54 -3.90
CA GLU A 4952 -15.76 47.57 -3.46
C GLU A 4952 -16.38 46.20 -3.21
N ASP A 4953 -17.55 46.16 -2.55
CA ASP A 4953 -18.18 44.87 -2.33
C ASP A 4953 -18.53 44.20 -3.65
N MET A 4954 -19.08 44.97 -4.60
CA MET A 4954 -19.45 44.37 -5.87
C MET A 4954 -18.23 43.91 -6.66
N GLU A 4955 -17.11 44.62 -6.55
CA GLU A 4955 -15.91 44.24 -7.28
C GLU A 4955 -15.13 43.12 -6.61
N THR A 4956 -15.31 42.93 -5.30
CA THR A 4956 -14.52 41.94 -4.57
C THR A 4956 -15.25 40.61 -4.44
N LYS A 4957 -16.58 40.65 -4.31
CA LYS A 4957 -17.35 39.45 -4.03
C LYS A 4957 -18.49 39.29 -5.02
N CYS A 4958 -18.93 38.05 -5.19
CA CYS A 4958 -20.09 37.79 -6.02
C CYS A 4958 -21.35 38.11 -5.23
N PHE A 4959 -22.30 38.77 -5.90
CA PHE A 4959 -23.57 39.12 -5.25
C PHE A 4959 -24.29 37.87 -4.78
N ILE A 4960 -24.12 36.75 -5.48
CA ILE A 4960 -24.86 35.53 -5.19
C ILE A 4960 -24.14 34.69 -4.14
N CYS A 4961 -22.94 34.20 -4.47
CA CYS A 4961 -22.31 33.20 -3.61
C CYS A 4961 -21.56 33.85 -2.46
N GLY A 4962 -21.09 35.08 -2.63
CA GLY A 4962 -20.32 35.73 -1.61
C GLY A 4962 -18.85 35.37 -1.57
N ILE A 4963 -18.40 34.49 -2.47
CA ILE A 4963 -16.99 34.12 -2.50
C ILE A 4963 -16.18 35.29 -3.04
N GLY A 4964 -14.97 35.45 -2.50
CA GLY A 4964 -14.17 36.60 -2.84
C GLY A 4964 -13.56 36.51 -4.22
N SER A 4965 -13.11 37.67 -4.69
CA SER A 4965 -12.52 37.75 -6.02
C SER A 4965 -11.21 36.98 -6.11
N ASP A 4966 -10.52 36.80 -4.97
CA ASP A 4966 -9.21 36.17 -5.00
C ASP A 4966 -9.29 34.71 -5.46
N TYR A 4967 -10.23 33.96 -4.88
CA TYR A 4967 -10.38 32.55 -5.27
C TYR A 4967 -10.60 32.44 -6.77
N PHE A 4968 -11.50 33.25 -7.31
CA PHE A 4968 -11.80 33.18 -8.72
C PHE A 4968 -10.61 33.63 -9.57
N ASP A 4969 -9.93 34.69 -9.14
CA ASP A 4969 -8.79 35.21 -9.88
C ASP A 4969 -7.59 34.29 -9.82
N THR A 4970 -7.62 33.26 -8.96
CA THR A 4970 -6.67 32.18 -9.11
C THR A 4970 -6.64 31.70 -10.55
N THR A 4971 -7.80 31.56 -11.17
CA THR A 4971 -7.90 31.43 -12.61
C THR A 4971 -7.95 32.81 -13.25
N PRO A 4972 -7.24 33.02 -14.36
CA PRO A 4972 -7.26 34.35 -14.99
C PRO A 4972 -8.68 34.78 -15.36
N HIS A 4973 -8.98 36.04 -15.08
CA HIS A 4973 -10.30 36.63 -15.34
C HIS A 4973 -11.41 35.83 -14.66
N GLY A 4974 -11.07 35.11 -13.59
CA GLY A 4974 -12.02 34.20 -13.00
C GLY A 4974 -13.23 34.91 -12.42
N PHE A 4975 -13.02 36.02 -11.74
CA PHE A 4975 -14.15 36.73 -11.14
C PHE A 4975 -15.06 37.32 -12.21
N GLU A 4976 -14.48 37.85 -13.28
CA GLU A 4976 -15.28 38.34 -14.39
C GLU A 4976 -16.13 37.22 -14.99
N THR A 4977 -15.51 36.06 -15.24
CA THR A 4977 -16.26 34.94 -15.78
C THR A 4977 -17.34 34.48 -14.81
N HIS A 4978 -17.05 34.51 -13.51
CA HIS A 4978 -18.02 34.08 -12.52
C HIS A 4978 -19.23 35.00 -12.50
N THR A 4979 -18.99 36.31 -12.55
CA THR A 4979 -20.05 37.30 -12.42
C THR A 4979 -20.79 37.55 -13.72
N LEU A 4980 -20.24 37.12 -14.85
CA LEU A 4980 -20.92 37.28 -16.14
C LEU A 4980 -21.58 35.99 -16.61
N GLU A 4981 -20.90 34.87 -16.43
CA GLU A 4981 -21.40 33.59 -16.92
C GLU A 4981 -22.00 32.76 -15.80
N GLU A 4982 -21.20 32.42 -14.78
CA GLU A 4982 -21.62 31.42 -13.81
C GLU A 4982 -22.71 31.94 -12.88
N HIS A 4983 -22.49 33.11 -12.28
CA HIS A 4983 -23.39 33.63 -11.26
C HIS A 4983 -23.87 35.03 -11.61
N ASN A 4984 -24.30 35.23 -12.85
CA ASN A 4984 -24.92 36.50 -13.21
C ASN A 4984 -26.36 36.55 -12.71
N LEU A 4985 -26.68 37.62 -11.98
CA LEU A 4985 -28.02 37.77 -11.42
C LEU A 4985 -29.05 38.01 -12.51
N ALA A 4986 -28.66 38.69 -13.59
CA ALA A 4986 -29.57 38.86 -14.71
C ALA A 4986 -30.01 37.51 -15.26
N ASN A 4987 -29.11 36.53 -15.25
CA ASN A 4987 -29.47 35.21 -15.74
C ASN A 4987 -30.45 34.52 -14.79
N TYR A 4988 -30.32 34.74 -13.48
CA TYR A 4988 -31.30 34.21 -12.55
C TYR A 4988 -32.68 34.82 -12.79
N MET A 4989 -32.72 36.13 -13.01
CA MET A 4989 -33.98 36.79 -13.34
C MET A 4989 -34.58 36.22 -14.63
N PHE A 4990 -33.75 36.09 -15.66
CA PHE A 4990 -34.21 35.51 -16.92
C PHE A 4990 -34.72 34.10 -16.72
N PHE A 4991 -34.06 33.33 -15.85
CA PHE A 4991 -34.52 31.98 -15.54
C PHE A 4991 -35.90 32.00 -14.90
N LEU A 4992 -36.13 32.94 -13.99
CA LEU A 4992 -37.45 33.04 -13.37
C LEU A 4992 -38.51 33.35 -14.42
N MET A 4993 -38.22 34.28 -15.33
CA MET A 4993 -39.18 34.58 -16.38
C MET A 4993 -39.41 33.37 -17.27
N TYR A 4994 -38.34 32.65 -17.59
CA TYR A 4994 -38.43 31.46 -18.43
C TYR A 4994 -39.28 30.37 -17.79
N LEU A 4995 -39.12 30.18 -16.48
CA LEU A 4995 -39.97 29.24 -15.77
C LEU A 4995 -41.43 29.68 -15.77
N ILE A 4996 -41.68 30.97 -15.54
CA ILE A 4996 -43.05 31.46 -15.51
C ILE A 4996 -43.72 31.22 -16.85
N ASN A 4997 -43.01 31.50 -17.95
CA ASN A 4997 -43.62 31.36 -19.26
C ASN A 4997 -43.74 29.90 -19.66
N LYS A 4998 -42.80 29.06 -19.24
CA LYS A 4998 -42.80 27.67 -19.67
C LYS A 4998 -43.91 26.88 -18.98
N ASP A 4999 -44.44 25.90 -19.69
CA ASP A 4999 -45.44 25.02 -19.13
C ASP A 4999 -44.80 24.07 -18.12
N GLU A 5000 -45.56 23.72 -17.08
CA GLU A 5000 -45.02 22.87 -16.03
C GLU A 5000 -44.66 21.48 -16.54
N THR A 5001 -45.50 20.92 -17.43
CA THR A 5001 -45.21 19.58 -17.94
C THR A 5001 -43.88 19.55 -18.68
N GLU A 5002 -43.53 20.65 -19.34
CA GLU A 5002 -42.27 20.70 -20.07
C GLU A 5002 -41.09 20.92 -19.14
N HIS A 5003 -41.35 21.33 -17.90
CA HIS A 5003 -40.26 21.59 -16.96
C HIS A 5003 -39.38 20.37 -16.80
N THR A 5004 -38.07 20.60 -16.78
CA THR A 5004 -37.12 19.55 -16.45
C THR A 5004 -37.11 19.32 -14.94
N GLY A 5005 -36.27 18.38 -14.51
CA GLY A 5005 -36.14 18.13 -13.08
C GLY A 5005 -35.62 19.34 -12.34
N GLN A 5006 -34.56 19.96 -12.86
CA GLN A 5006 -34.00 21.15 -12.22
C GLN A 5006 -35.02 22.28 -12.20
N GLU A 5007 -35.71 22.50 -13.32
CA GLU A 5007 -36.67 23.58 -13.41
C GLU A 5007 -37.82 23.35 -12.43
N SER A 5008 -38.31 22.12 -12.33
CA SER A 5008 -39.38 21.81 -11.40
C SER A 5008 -38.92 22.00 -9.96
N TYR A 5009 -37.70 21.56 -9.65
CA TYR A 5009 -37.15 21.75 -8.31
C TYR A 5009 -37.12 23.22 -7.94
N VAL A 5010 -36.54 24.04 -8.81
CA VAL A 5010 -36.42 25.47 -8.51
C VAL A 5010 -37.80 26.12 -8.46
N TRP A 5011 -38.70 25.70 -9.35
CA TRP A 5011 -40.05 26.27 -9.38
C TRP A 5011 -40.81 25.98 -8.10
N LYS A 5012 -40.74 24.74 -7.63
CA LYS A 5012 -41.40 24.38 -6.38
C LYS A 5012 -40.81 25.14 -5.21
N MET A 5013 -39.48 25.27 -5.17
CA MET A 5013 -38.87 26.01 -4.08
C MET A 5013 -39.22 27.49 -4.15
N TYR A 5014 -39.35 28.04 -5.35
CA TYR A 5014 -39.79 29.43 -5.50
C TYR A 5014 -41.21 29.61 -5.00
N GLN A 5015 -42.11 28.68 -5.34
CA GLN A 5015 -43.48 28.76 -4.87
C GLN A 5015 -43.54 28.65 -3.35
N GLU A 5016 -42.73 27.75 -2.77
CA GLU A 5016 -42.66 27.63 -1.32
C GLU A 5016 -41.90 28.80 -0.71
N ARG A 5017 -41.26 29.62 -1.53
CA ARG A 5017 -40.49 30.77 -1.06
C ARG A 5017 -39.30 30.30 -0.24
N CYS A 5018 -38.69 29.20 -0.65
CA CYS A 5018 -37.43 28.72 -0.09
C CYS A 5018 -36.31 29.05 -1.07
N TRP A 5019 -35.28 29.73 -0.57
CA TRP A 5019 -34.19 30.21 -1.41
C TRP A 5019 -32.92 29.40 -1.20
N ASP A 5020 -33.07 28.12 -0.85
CA ASP A 5020 -31.90 27.29 -0.58
C ASP A 5020 -31.18 26.90 -1.86
N PHE A 5021 -31.87 26.97 -3.00
CA PHE A 5021 -31.25 26.56 -4.26
C PHE A 5021 -30.18 27.55 -4.70
N PHE A 5022 -30.25 28.78 -4.22
CA PHE A 5022 -29.22 29.76 -4.51
C PHE A 5022 -27.89 29.28 -3.93
N PRO A 5023 -26.83 29.21 -4.73
CA PRO A 5023 -25.54 28.74 -4.20
C PRO A 5023 -24.92 29.79 -3.28
N ALA A 5024 -24.68 29.40 -2.03
CA ALA A 5024 -24.07 30.28 -1.04
C ALA A 5024 -22.82 29.60 -0.50
N GLY A 5025 -21.68 30.25 -0.65
CA GLY A 5025 -20.43 29.71 -0.19
C GLY A 5025 -19.86 28.60 -1.03
N ASP A 5026 -20.51 28.24 -2.13
CA ASP A 5026 -20.07 27.15 -2.98
C ASP A 5026 -20.27 27.53 -4.43
N CYS A 5027 -19.51 26.86 -5.30
CA CYS A 5027 -19.59 27.09 -6.73
C CYS A 5027 -19.19 25.82 -7.46
N PHE A 5028 -19.54 25.78 -8.74
CA PHE A 5028 -19.18 24.64 -9.58
C PHE A 5028 -17.66 24.42 -9.59
N ARG A 5029 -16.90 25.50 -9.74
CA ARG A 5029 -15.45 25.41 -9.74
C ARG A 5029 -14.94 24.81 -8.44
N LYS A 5030 -15.41 25.35 -7.31
CA LYS A 5030 -14.94 24.87 -6.01
C LYS A 5030 -15.31 23.42 -5.81
N GLN A 5031 -16.53 23.04 -6.19
CA GLN A 5031 -16.97 21.66 -6.02
C GLN A 5031 -16.11 20.70 -6.84
N TYR A 5032 -15.83 21.05 -8.09
CA TYR A 5032 -15.09 20.18 -9.00
C TYR A 5032 -13.66 20.67 -9.17
N GLU A 5033 -13.09 21.22 -8.10
CA GLU A 5033 -11.76 21.81 -8.17
C GLU A 5033 -10.73 20.79 -8.66
N ASP A 5034 -10.69 19.62 -8.03
CA ASP A 5034 -9.68 18.62 -8.39
C ASP A 5034 -9.96 18.03 -9.76
N GLN A 5035 -11.22 17.74 -10.06
CA GLN A 5035 -11.54 17.16 -11.36
C GLN A 5035 -11.32 18.17 -12.48
N LEU A 5036 -11.71 19.42 -12.27
CA LEU A 5036 -11.46 20.45 -13.27
C LEU A 5036 -9.96 20.65 -13.47
N SER A 5037 -9.17 20.41 -12.42
CA SER A 5037 -7.72 20.39 -12.50
C SER A 5037 -7.06 19.40 -11.55
N GLY B 2 -106.71 -55.56 -36.76
CA GLY B 2 -107.10 -55.65 -35.32
C GLY B 2 -108.09 -54.58 -34.91
N VAL B 3 -108.82 -54.03 -35.86
CA VAL B 3 -109.79 -52.96 -35.58
C VAL B 3 -111.04 -53.60 -35.01
N GLN B 4 -111.38 -53.23 -33.78
CA GLN B 4 -112.54 -53.77 -33.09
C GLN B 4 -113.32 -52.63 -32.48
N VAL B 5 -114.59 -52.51 -32.88
CA VAL B 5 -115.43 -51.36 -32.59
C VAL B 5 -116.50 -51.79 -31.61
N GLU B 6 -116.66 -51.02 -30.53
CA GLU B 6 -117.74 -51.18 -29.57
C GLU B 6 -118.52 -49.88 -29.48
N THR B 7 -119.84 -49.97 -29.34
CA THR B 7 -120.69 -48.79 -29.34
C THR B 7 -120.89 -48.31 -27.91
N ILE B 8 -120.40 -47.12 -27.61
CA ILE B 8 -120.65 -46.51 -26.31
C ILE B 8 -122.00 -45.82 -26.31
N SER B 9 -122.29 -45.06 -27.36
CA SER B 9 -123.57 -44.40 -27.52
C SER B 9 -123.99 -44.53 -28.98
N PRO B 10 -125.27 -44.74 -29.25
CA PRO B 10 -125.71 -44.93 -30.64
C PRO B 10 -125.73 -43.63 -31.41
N GLY B 11 -125.60 -43.76 -32.73
CA GLY B 11 -125.77 -42.64 -33.63
C GLY B 11 -127.07 -42.75 -34.37
N ASP B 12 -127.14 -42.13 -35.56
CA ASP B 12 -128.35 -42.27 -36.38
C ASP B 12 -128.51 -43.71 -36.86
N GLY B 13 -127.41 -44.37 -37.21
CA GLY B 13 -127.44 -45.74 -37.67
C GLY B 13 -127.67 -45.90 -39.16
N ARG B 14 -127.90 -44.82 -39.89
CA ARG B 14 -128.19 -44.90 -41.31
C ARG B 14 -127.20 -44.14 -42.19
N THR B 15 -126.56 -43.11 -41.68
CA THR B 15 -125.56 -42.35 -42.42
C THR B 15 -124.17 -42.78 -41.95
N PHE B 16 -123.35 -43.21 -42.90
CA PHE B 16 -122.01 -43.68 -42.62
C PHE B 16 -121.02 -42.93 -43.51
N PRO B 17 -119.76 -42.82 -43.08
CA PRO B 17 -118.78 -42.08 -43.88
C PRO B 17 -118.57 -42.70 -45.25
N LYS B 18 -118.31 -41.85 -46.23
CA LYS B 18 -117.98 -42.29 -47.58
C LYS B 18 -116.61 -41.75 -47.98
N ARG B 19 -115.97 -42.48 -48.89
CA ARG B 19 -114.67 -42.08 -49.37
C ARG B 19 -114.73 -40.69 -49.99
N GLY B 20 -113.70 -39.90 -49.72
CA GLY B 20 -113.70 -38.51 -50.14
C GLY B 20 -114.55 -37.61 -49.29
N GLN B 21 -115.09 -38.12 -48.19
CA GLN B 21 -115.93 -37.36 -47.28
C GLN B 21 -115.16 -37.11 -45.99
N THR B 22 -114.98 -35.84 -45.65
CA THR B 22 -114.22 -35.51 -44.46
C THR B 22 -115.01 -35.87 -43.20
N CYS B 23 -114.35 -36.58 -42.30
CA CYS B 23 -114.92 -36.97 -41.02
C CYS B 23 -114.36 -36.06 -39.94
N VAL B 24 -115.27 -35.51 -39.14
CA VAL B 24 -114.94 -34.63 -38.03
C VAL B 24 -115.22 -35.40 -36.75
N VAL B 25 -114.23 -35.49 -35.87
CA VAL B 25 -114.33 -36.31 -34.68
C VAL B 25 -113.75 -35.58 -33.48
N HIS B 26 -114.19 -36.00 -32.29
CA HIS B 26 -113.43 -35.82 -31.06
C HIS B 26 -112.92 -37.18 -30.63
N TYR B 27 -111.72 -37.22 -30.09
CA TYR B 27 -111.14 -38.49 -29.68
C TYR B 27 -110.24 -38.30 -28.47
N THR B 28 -110.12 -39.39 -27.71
CA THR B 28 -109.16 -39.49 -26.63
C THR B 28 -108.39 -40.79 -26.81
N GLY B 29 -107.07 -40.70 -26.84
CA GLY B 29 -106.26 -41.87 -27.13
C GLY B 29 -105.63 -42.48 -25.89
N MET B 30 -105.82 -43.78 -25.69
CA MET B 30 -105.24 -44.45 -24.53
C MET B 30 -104.58 -45.73 -24.99
N LEU B 31 -103.46 -46.04 -24.37
CA LEU B 31 -102.85 -47.34 -24.55
C LEU B 31 -103.62 -48.38 -23.76
N GLU B 32 -103.41 -49.65 -24.10
CA GLU B 32 -104.17 -50.72 -23.48
C GLU B 32 -104.02 -50.72 -21.97
N ASP B 33 -102.87 -50.29 -21.47
CA ASP B 33 -102.67 -50.22 -20.02
C ASP B 33 -103.47 -49.08 -19.41
N GLY B 34 -103.99 -48.18 -20.22
CA GLY B 34 -104.86 -47.12 -19.75
C GLY B 34 -104.25 -45.73 -19.71
N LYS B 35 -103.05 -45.55 -20.23
CA LYS B 35 -102.40 -44.25 -20.21
C LYS B 35 -102.83 -43.43 -21.42
N LYS B 36 -103.27 -42.21 -21.17
CA LYS B 36 -103.72 -41.32 -22.23
C LYS B 36 -102.52 -40.67 -22.90
N PHE B 37 -102.55 -40.61 -24.23
CA PHE B 37 -101.48 -39.99 -25.00
C PHE B 37 -101.96 -38.92 -25.97
N ASP B 38 -103.26 -38.79 -26.20
CA ASP B 38 -103.77 -37.79 -27.13
C ASP B 38 -105.24 -37.54 -26.84
N SER B 39 -105.67 -36.30 -27.03
CA SER B 39 -107.06 -35.92 -26.85
C SER B 39 -107.32 -34.63 -27.62
N SER B 40 -108.30 -34.67 -28.52
CA SER B 40 -108.69 -33.45 -29.24
C SER B 40 -109.44 -32.50 -28.34
N ARG B 41 -110.14 -33.03 -27.34
CA ARG B 41 -110.94 -32.18 -26.47
C ARG B 41 -110.04 -31.29 -25.61
N ASP B 42 -108.82 -31.74 -25.31
CA ASP B 42 -107.93 -30.88 -24.56
C ASP B 42 -107.62 -29.62 -25.35
N ARG B 43 -107.39 -29.77 -26.65
CA ARG B 43 -107.18 -28.63 -27.55
C ARG B 43 -108.47 -27.90 -27.89
N ASN B 44 -109.63 -28.51 -27.66
CA ASN B 44 -110.93 -27.91 -27.92
C ASN B 44 -111.23 -27.72 -29.40
N LYS B 45 -110.58 -28.50 -30.25
CA LYS B 45 -110.73 -28.41 -31.70
C LYS B 45 -110.99 -29.79 -32.29
N PRO B 46 -112.11 -29.98 -33.00
CA PRO B 46 -112.36 -31.27 -33.65
C PRO B 46 -111.30 -31.59 -34.69
N PHE B 47 -111.02 -32.88 -34.84
CA PHE B 47 -110.04 -33.37 -35.79
C PHE B 47 -110.75 -33.81 -37.06
N LYS B 48 -110.29 -33.30 -38.20
CA LYS B 48 -110.90 -33.56 -39.49
C LYS B 48 -109.93 -34.35 -40.36
N PHE B 49 -110.42 -35.40 -40.99
CA PHE B 49 -109.60 -36.20 -41.88
C PHE B 49 -110.44 -36.81 -42.99
N MET B 50 -109.84 -36.93 -44.16
CA MET B 50 -110.52 -37.45 -45.34
C MET B 50 -110.23 -38.93 -45.50
N LEU B 51 -111.26 -39.71 -45.81
CA LEU B 51 -111.11 -41.15 -45.98
C LEU B 51 -110.45 -41.48 -47.30
N GLY B 52 -109.63 -42.53 -47.31
CA GLY B 52 -108.98 -42.98 -48.51
C GLY B 52 -107.72 -42.23 -48.86
N LYS B 53 -107.36 -41.21 -48.09
CA LYS B 53 -106.09 -40.51 -48.27
C LYS B 53 -105.01 -40.98 -47.31
N GLN B 54 -105.27 -41.99 -46.48
CA GLN B 54 -104.21 -42.59 -45.68
C GLN B 54 -103.57 -41.59 -44.74
N GLU B 55 -104.24 -40.49 -44.48
CA GLU B 55 -103.79 -39.51 -43.52
C GLU B 55 -103.76 -40.09 -42.11
N VAL B 56 -104.83 -40.80 -41.74
CA VAL B 56 -104.87 -41.44 -40.43
C VAL B 56 -104.50 -42.92 -40.58
N ILE B 57 -104.24 -43.55 -39.44
CA ILE B 57 -103.89 -44.94 -39.45
C ILE B 57 -105.08 -45.77 -39.93
N ARG B 58 -104.78 -47.01 -40.33
CA ARG B 58 -105.85 -47.91 -40.74
C ARG B 58 -106.90 -48.02 -39.66
N GLY B 59 -106.47 -48.21 -38.41
CA GLY B 59 -107.44 -48.34 -37.34
C GLY B 59 -108.56 -47.33 -37.46
N TRP B 60 -108.21 -46.06 -37.61
CA TRP B 60 -109.20 -45.01 -37.85
C TRP B 60 -109.94 -45.23 -39.16
N GLU B 61 -109.21 -45.49 -40.25
CA GLU B 61 -109.86 -45.62 -41.55
C GLU B 61 -111.01 -46.59 -41.50
N GLU B 62 -110.75 -47.78 -40.95
CA GLU B 62 -111.81 -48.77 -40.83
C GLU B 62 -112.83 -48.45 -39.74
N GLY B 63 -112.40 -48.02 -38.56
CA GLY B 63 -113.36 -47.83 -37.47
C GLY B 63 -114.37 -46.74 -37.76
N VAL B 64 -113.91 -45.59 -38.25
CA VAL B 64 -114.82 -44.49 -38.53
C VAL B 64 -115.77 -44.88 -39.65
N ALA B 65 -115.29 -45.63 -40.63
CA ALA B 65 -116.16 -46.10 -41.70
C ALA B 65 -117.29 -46.98 -41.15
N GLN B 66 -116.94 -47.91 -40.26
CA GLN B 66 -117.99 -48.71 -39.63
C GLN B 66 -118.89 -47.87 -38.72
N MET B 67 -118.43 -46.73 -38.25
CA MET B 67 -119.20 -45.88 -37.36
C MET B 67 -120.22 -45.07 -38.15
N SER B 68 -121.07 -44.36 -37.41
CA SER B 68 -122.15 -43.57 -37.98
C SER B 68 -122.16 -42.18 -37.36
N VAL B 69 -122.83 -41.25 -38.04
CA VAL B 69 -122.86 -39.87 -37.59
C VAL B 69 -123.52 -39.79 -36.22
N GLY B 70 -122.92 -39.02 -35.32
CA GLY B 70 -123.40 -38.92 -33.96
C GLY B 70 -123.02 -40.08 -33.08
N GLN B 71 -122.32 -41.06 -33.61
CA GLN B 71 -121.99 -42.26 -32.86
C GLN B 71 -120.74 -42.04 -32.02
N ARG B 72 -120.77 -42.57 -30.80
CA ARG B 72 -119.62 -42.65 -29.93
C ARG B 72 -119.22 -44.12 -29.79
N ALA B 73 -117.94 -44.40 -29.93
CA ALA B 73 -117.48 -45.78 -29.95
C ALA B 73 -116.08 -45.88 -29.37
N LYS B 74 -115.75 -47.09 -28.95
CA LYS B 74 -114.40 -47.44 -28.54
C LYS B 74 -113.77 -48.30 -29.64
N LEU B 75 -112.60 -47.90 -30.09
CA LEU B 75 -111.86 -48.60 -31.12
C LEU B 75 -110.61 -49.18 -30.52
N THR B 76 -110.43 -50.49 -30.64
CA THR B 76 -109.20 -51.12 -30.23
C THR B 76 -108.45 -51.55 -31.49
N ILE B 77 -107.20 -51.13 -31.58
CA ILE B 77 -106.39 -51.26 -32.79
C ILE B 77 -105.13 -52.03 -32.44
N SER B 78 -104.84 -53.08 -33.20
CA SER B 78 -103.61 -53.82 -33.01
C SER B 78 -102.42 -53.01 -33.55
N PRO B 79 -101.21 -53.33 -33.11
CA PRO B 79 -100.04 -52.56 -33.56
C PRO B 79 -99.88 -52.51 -35.07
N ASP B 80 -100.18 -53.63 -35.73
CA ASP B 80 -99.99 -53.70 -37.17
C ASP B 80 -100.83 -52.65 -37.89
N TYR B 81 -102.13 -52.54 -37.49
CA TYR B 81 -102.97 -51.49 -38.05
C TYR B 81 -102.50 -50.13 -37.51
N ALA B 82 -101.85 -50.10 -36.34
CA ALA B 82 -101.32 -48.89 -35.73
C ALA B 82 -99.89 -48.67 -36.18
N TYR B 83 -99.18 -47.79 -35.49
CA TYR B 83 -97.83 -47.42 -35.89
C TYR B 83 -96.90 -48.62 -35.94
N GLY B 84 -97.09 -49.60 -35.08
CA GLY B 84 -96.38 -50.86 -35.22
C GLY B 84 -95.05 -50.90 -34.47
N ALA B 85 -94.18 -51.79 -34.96
CA ALA B 85 -92.90 -52.05 -34.31
C ALA B 85 -92.08 -50.78 -34.17
N THR B 86 -92.08 -49.93 -35.19
CA THR B 86 -91.35 -48.68 -35.11
C THR B 86 -91.90 -47.80 -34.00
N GLY B 87 -93.22 -47.74 -33.87
CA GLY B 87 -93.85 -46.94 -32.84
C GLY B 87 -93.77 -45.46 -33.16
N HIS B 88 -94.28 -44.66 -32.22
CA HIS B 88 -94.15 -43.22 -32.30
C HIS B 88 -93.16 -42.78 -31.23
N PRO B 89 -91.95 -42.38 -31.60
CA PRO B 89 -90.93 -42.10 -30.57
C PRO B 89 -91.41 -41.09 -29.55
N GLY B 90 -91.23 -41.42 -28.28
CA GLY B 90 -91.68 -40.57 -27.20
C GLY B 90 -93.12 -40.78 -26.80
N ILE B 91 -94.02 -40.83 -27.80
CA ILE B 91 -95.44 -40.91 -27.51
C ILE B 91 -95.87 -42.35 -27.29
N ILE B 92 -95.62 -43.21 -28.27
CA ILE B 92 -96.19 -44.55 -28.33
C ILE B 92 -95.06 -45.57 -28.30
N PRO B 93 -95.09 -46.56 -27.41
CA PRO B 93 -94.04 -47.57 -27.41
C PRO B 93 -94.23 -48.55 -28.57
N PRO B 94 -93.20 -49.33 -28.90
CA PRO B 94 -93.35 -50.35 -29.93
C PRO B 94 -94.33 -51.44 -29.53
N HIS B 95 -94.97 -52.03 -30.54
CA HIS B 95 -95.86 -53.17 -30.34
C HIS B 95 -96.90 -52.87 -29.26
N ALA B 96 -97.68 -51.82 -29.51
CA ALA B 96 -98.67 -51.33 -28.55
C ALA B 96 -100.05 -51.37 -29.18
N THR B 97 -101.00 -51.95 -28.46
CA THR B 97 -102.41 -51.89 -28.85
C THR B 97 -103.00 -50.56 -28.37
N LEU B 98 -103.76 -49.91 -29.24
CA LEU B 98 -104.23 -48.56 -29.00
C LEU B 98 -105.73 -48.57 -28.81
N VAL B 99 -106.20 -47.88 -27.76
CA VAL B 99 -107.61 -47.78 -27.44
C VAL B 99 -108.02 -46.32 -27.62
N PHE B 100 -109.10 -46.12 -28.38
CA PHE B 100 -109.57 -44.78 -28.72
C PHE B 100 -111.04 -44.65 -28.37
N ASP B 101 -111.43 -43.47 -27.89
CA ASP B 101 -112.83 -43.12 -27.70
C ASP B 101 -113.17 -42.03 -28.70
N VAL B 102 -113.98 -42.38 -29.70
CA VAL B 102 -114.23 -41.53 -30.85
C VAL B 102 -115.69 -41.15 -30.90
N GLU B 103 -115.96 -39.85 -31.01
CA GLU B 103 -117.29 -39.32 -31.25
C GLU B 103 -117.27 -38.71 -32.63
N LEU B 104 -118.12 -39.22 -33.53
CA LEU B 104 -118.18 -38.75 -34.91
C LEU B 104 -119.19 -37.63 -35.00
N LEU B 105 -118.70 -36.40 -34.98
CA LEU B 105 -119.60 -35.25 -34.94
C LEU B 105 -120.45 -35.17 -36.20
N LYS B 106 -119.81 -34.95 -37.35
CA LYS B 106 -120.50 -34.72 -38.60
C LYS B 106 -119.57 -35.09 -39.75
N LEU B 107 -120.16 -35.24 -40.93
CA LEU B 107 -119.44 -35.56 -42.15
C LEU B 107 -119.49 -34.36 -43.09
N GLU B 108 -118.33 -34.02 -43.66
CA GLU B 108 -118.25 -32.94 -44.62
C GLU B 108 -117.14 -33.19 -45.64
N GLY C 2 -22.30 -54.96 110.93
CA GLY C 2 -20.92 -54.56 111.35
C GLY C 2 -20.89 -53.34 112.25
N VAL C 3 -22.00 -53.05 112.92
CA VAL C 3 -22.09 -51.88 113.78
C VAL C 3 -21.40 -52.19 115.09
N GLN C 4 -20.36 -51.44 115.41
CA GLN C 4 -19.57 -51.64 116.61
C GLN C 4 -19.37 -50.30 117.30
N VAL C 5 -19.83 -50.21 118.55
CA VAL C 5 -19.93 -48.96 119.28
C VAL C 5 -18.91 -48.97 120.41
N GLU C 6 -18.13 -47.90 120.50
CA GLU C 6 -17.20 -47.68 121.60
C GLU C 6 -17.55 -46.34 122.25
N THR C 7 -17.44 -46.28 123.58
CA THR C 7 -17.83 -45.09 124.32
C THR C 7 -16.62 -44.17 124.49
N ILE C 8 -16.69 -42.99 123.89
CA ILE C 8 -15.64 -41.99 124.10
C ILE C 8 -15.90 -41.22 125.38
N SER C 9 -17.15 -40.80 125.59
CA SER C 9 -17.54 -40.13 126.80
C SER C 9 -18.90 -40.67 127.22
N PRO C 10 -19.14 -40.85 128.52
CA PRO C 10 -20.42 -41.42 128.96
C PRO C 10 -21.56 -40.41 128.85
N GLY C 11 -22.77 -40.95 128.72
CA GLY C 11 -23.97 -40.15 128.78
C GLY C 11 -24.70 -40.37 130.09
N ASP C 12 -26.01 -40.15 130.09
CA ASP C 12 -26.80 -40.44 131.28
C ASP C 12 -26.82 -41.93 131.58
N GLY C 13 -26.92 -42.76 130.54
CA GLY C 13 -26.93 -44.20 130.69
C GLY C 13 -28.30 -44.80 130.92
N ARG C 14 -29.34 -43.98 131.05
CA ARG C 14 -30.68 -44.46 131.33
C ARG C 14 -31.70 -44.09 130.27
N THR C 15 -31.51 -43.01 129.53
CA THR C 15 -32.41 -42.60 128.47
C THR C 15 -31.79 -42.98 127.13
N PHE C 16 -32.53 -43.75 126.34
CA PHE C 16 -32.07 -44.22 125.04
C PHE C 16 -33.11 -43.87 123.99
N PRO C 17 -32.69 -43.74 122.73
CA PRO C 17 -33.64 -43.35 121.69
C PRO C 17 -34.74 -44.39 121.52
N LYS C 18 -35.93 -43.90 121.17
CA LYS C 18 -37.06 -44.77 120.87
C LYS C 18 -37.56 -44.50 119.46
N ARG C 19 -38.17 -45.52 118.88
CA ARG C 19 -38.72 -45.41 117.53
C ARG C 19 -39.73 -44.27 117.47
N GLY C 20 -39.69 -43.51 116.38
CA GLY C 20 -40.51 -42.33 116.25
C GLY C 20 -40.00 -41.15 117.02
N GLN C 21 -38.82 -41.24 117.62
CA GLN C 21 -38.22 -40.17 118.39
C GLN C 21 -37.04 -39.60 117.62
N THR C 22 -37.10 -38.31 117.32
CA THR C 22 -36.04 -37.69 116.54
C THR C 22 -34.76 -37.58 117.37
N CYS C 23 -33.66 -38.03 116.78
CA CYS C 23 -32.34 -37.97 117.40
C CYS C 23 -31.58 -36.81 116.78
N VAL C 24 -31.02 -35.97 117.63
CA VAL C 24 -30.22 -34.81 117.23
C VAL C 24 -28.77 -35.14 117.60
N VAL C 25 -27.88 -35.03 116.62
CA VAL C 25 -26.49 -35.44 116.81
C VAL C 25 -25.54 -34.42 116.18
N HIS C 26 -24.31 -34.41 116.66
CA HIS C 26 -23.17 -33.93 115.90
C HIS C 26 -22.32 -35.13 115.53
N TYR C 27 -21.75 -35.11 114.33
CA TYR C 27 -20.95 -36.23 113.87
C TYR C 27 -19.83 -35.75 112.98
N THR C 28 -18.77 -36.55 112.95
CA THR C 28 -17.66 -36.40 112.02
C THR C 28 -17.42 -37.75 111.37
N GLY C 29 -17.43 -37.78 110.04
CA GLY C 29 -17.32 -39.04 109.33
C GLY C 29 -15.93 -39.30 108.78
N MET C 30 -15.34 -40.45 109.09
CA MET C 30 -14.02 -40.78 108.59
C MET C 30 -14.04 -42.18 108.04
N LEU C 31 -13.32 -42.39 106.95
CA LEU C 31 -13.07 -43.73 106.47
C LEU C 31 -12.02 -44.40 107.34
N GLU C 32 -11.96 -45.74 107.23
CA GLU C 32 -11.07 -46.49 108.10
C GLU C 32 -9.62 -46.04 107.96
N ASP C 33 -9.23 -45.57 106.78
CA ASP C 33 -7.87 -45.08 106.58
C ASP C 33 -7.66 -43.74 107.28
N GLY C 34 -8.73 -43.09 107.71
CA GLY C 34 -8.64 -41.86 108.49
C GLY C 34 -9.00 -40.59 107.77
N LYS C 35 -9.51 -40.68 106.54
CA LYS C 35 -9.86 -39.50 105.78
C LYS C 35 -11.28 -39.06 106.12
N LYS C 36 -11.43 -37.78 106.45
CA LYS C 36 -12.73 -37.22 106.80
C LYS C 36 -13.53 -36.91 105.54
N PHE C 37 -14.81 -37.27 105.55
CA PHE C 37 -15.69 -37.01 104.43
C PHE C 37 -16.96 -36.26 104.80
N ASP C 38 -17.27 -36.09 106.08
CA ASP C 38 -18.47 -35.39 106.50
C ASP C 38 -18.32 -34.94 107.94
N SER C 39 -18.90 -33.78 108.25
CA SER C 39 -18.91 -33.26 109.60
C SER C 39 -20.04 -32.25 109.73
N SER C 40 -20.92 -32.48 110.71
CA SER C 40 -21.99 -31.52 110.97
C SER C 40 -21.46 -30.27 111.65
N ARG C 41 -20.36 -30.41 112.40
CA ARG C 41 -19.83 -29.27 113.12
C ARG C 41 -19.25 -28.24 112.16
N ASP C 42 -18.78 -28.68 110.99
CA ASP C 42 -18.29 -27.70 110.03
C ASP C 42 -19.42 -26.77 109.61
N ARG C 43 -20.61 -27.34 109.37
CA ARG C 43 -21.79 -26.56 109.06
C ARG C 43 -22.40 -25.86 110.27
N ASN C 44 -22.03 -26.27 111.49
CA ASN C 44 -22.50 -25.67 112.73
C ASN C 44 -23.98 -25.91 112.99
N LYS C 45 -24.53 -26.98 112.41
CA LYS C 45 -25.95 -27.33 112.53
C LYS C 45 -26.10 -28.80 112.91
N PRO C 46 -26.74 -29.10 114.04
CA PRO C 46 -26.98 -30.50 114.40
C PRO C 46 -27.84 -31.21 113.36
N PHE C 47 -27.57 -32.50 113.20
CA PHE C 47 -28.30 -33.34 112.25
C PHE C 47 -29.39 -34.10 113.00
N LYS C 48 -30.62 -33.99 112.48
CA LYS C 48 -31.79 -34.59 113.10
C LYS C 48 -32.34 -35.69 112.20
N PHE C 49 -32.64 -36.84 112.79
CA PHE C 49 -33.20 -37.95 112.02
C PHE C 49 -34.11 -38.79 112.90
N MET C 50 -35.16 -39.31 112.31
CA MET C 50 -36.14 -40.12 113.03
C MET C 50 -35.83 -41.60 112.86
N LEU C 51 -35.94 -42.35 113.96
CA LEU C 51 -35.64 -43.76 113.94
C LEU C 51 -36.78 -44.54 113.29
N GLY C 52 -36.44 -45.60 112.58
CA GLY C 52 -37.42 -46.46 111.97
C GLY C 52 -37.94 -45.96 110.64
N LYS C 53 -37.49 -44.79 110.18
CA LYS C 53 -37.84 -44.28 108.87
C LYS C 53 -36.74 -44.52 107.84
N GLN C 54 -35.66 -45.20 108.19
CA GLN C 54 -34.67 -45.62 107.20
C GLN C 54 -34.06 -44.44 106.47
N GLU C 55 -34.18 -43.25 107.06
CA GLU C 55 -33.53 -42.06 106.53
C GLU C 55 -32.02 -42.19 106.56
N VAL C 56 -31.49 -42.66 107.69
CA VAL C 56 -30.06 -42.86 107.80
C VAL C 56 -29.73 -44.33 107.57
N ILE C 57 -28.44 -44.60 107.38
CA ILE C 57 -28.02 -45.96 107.16
C ILE C 57 -28.27 -46.78 108.41
N ARG C 58 -28.25 -48.11 108.23
CA ARG C 58 -28.40 -49.00 109.36
C ARG C 58 -27.38 -48.68 110.43
N GLY C 59 -26.12 -48.52 110.03
CA GLY C 59 -25.08 -48.22 111.01
C GLY C 59 -25.56 -47.22 112.04
N TRP C 60 -26.07 -46.08 111.57
CA TRP C 60 -26.65 -45.08 112.47
C TRP C 60 -27.87 -45.63 113.21
N GLU C 61 -28.80 -46.26 112.50
CA GLU C 61 -30.02 -46.74 113.13
C GLU C 61 -29.71 -47.56 114.37
N GLU C 62 -28.82 -48.54 114.23
CA GLU C 62 -28.43 -49.36 115.37
C GLU C 62 -27.54 -48.62 116.37
N GLY C 63 -26.53 -47.89 115.91
CA GLY C 63 -25.59 -47.29 116.86
C GLY C 63 -26.24 -46.27 117.77
N VAL C 64 -27.03 -45.36 117.19
CA VAL C 64 -27.67 -44.33 118.00
C VAL C 64 -28.64 -44.97 118.98
N ALA C 65 -29.33 -46.03 118.56
CA ALA C 65 -30.24 -46.72 119.46
C ALA C 65 -29.49 -47.29 120.65
N GLN C 66 -28.34 -47.92 120.42
CA GLN C 66 -27.54 -48.40 121.53
C GLN C 66 -26.97 -47.27 122.37
N MET C 67 -26.85 -46.07 121.79
CA MET C 67 -26.29 -44.92 122.50
C MET C 67 -27.32 -44.31 123.44
N SER C 68 -26.87 -43.34 124.23
CA SER C 68 -27.71 -42.67 125.22
C SER C 68 -27.53 -41.17 125.13
N VAL C 69 -28.49 -40.44 125.69
CA VAL C 69 -28.48 -38.98 125.60
C VAL C 69 -27.23 -38.44 126.27
N GLY C 70 -26.58 -37.49 125.61
CA GLY C 70 -25.34 -36.92 126.08
C GLY C 70 -24.13 -37.78 125.82
N GLN C 71 -24.31 -38.94 125.19
CA GLN C 71 -23.22 -39.87 124.98
C GLN C 71 -22.43 -39.51 123.73
N ARG C 72 -21.12 -39.65 123.82
CA ARG C 72 -20.21 -39.54 122.69
C ARG C 72 -19.63 -40.92 122.43
N ALA C 73 -19.63 -41.34 121.17
CA ALA C 73 -19.21 -42.68 120.84
C ALA C 73 -18.58 -42.72 119.46
N LYS C 74 -17.80 -43.77 119.24
CA LYS C 74 -17.26 -44.09 117.93
C LYS C 74 -18.01 -45.29 117.39
N LEU C 75 -18.52 -45.15 116.18
CA LEU C 75 -19.26 -46.19 115.50
C LEU C 75 -18.46 -46.66 114.30
N THR C 76 -18.17 -47.94 114.24
CA THR C 76 -17.54 -48.53 113.08
C THR C 76 -18.59 -49.38 112.36
N ILE C 77 -18.75 -49.12 111.07
CA ILE C 77 -19.83 -49.69 110.27
C ILE C 77 -19.22 -50.41 109.09
N SER C 78 -19.61 -51.66 108.89
CA SER C 78 -19.17 -52.40 107.73
C SER C 78 -19.88 -51.90 106.47
N PRO C 79 -19.32 -52.17 105.29
CA PRO C 79 -19.94 -51.67 104.05
C PRO C 79 -21.38 -52.11 103.88
N ASP C 80 -21.68 -53.35 104.27
CA ASP C 80 -23.02 -53.88 104.08
C ASP C 80 -24.06 -53.03 104.82
N TYR C 81 -23.76 -52.70 106.10
CA TYR C 81 -24.64 -51.81 106.83
C TYR C 81 -24.53 -50.38 106.26
N ALA C 82 -23.40 -50.06 105.61
CA ALA C 82 -23.18 -48.76 104.99
C ALA C 82 -23.61 -48.82 103.54
N TYR C 83 -23.21 -47.82 102.76
CA TYR C 83 -23.65 -47.70 101.38
C TYR C 83 -23.30 -48.94 100.55
N GLY C 84 -22.19 -49.60 100.84
CA GLY C 84 -21.90 -50.89 100.23
C GLY C 84 -21.13 -50.81 98.94
N ALA C 85 -21.30 -51.86 98.14
CA ALA C 85 -20.55 -52.02 96.89
C ALA C 85 -20.78 -50.85 95.96
N THR C 86 -22.01 -50.35 95.88
CA THR C 86 -22.28 -49.20 95.04
C THR C 86 -21.52 -47.98 95.51
N GLY C 87 -21.46 -47.77 96.82
CA GLY C 87 -20.75 -46.65 97.39
C GLY C 87 -21.50 -45.35 97.16
N HIS C 88 -20.88 -44.27 97.62
CA HIS C 88 -21.38 -42.93 97.36
C HIS C 88 -20.47 -42.26 96.35
N PRO C 89 -20.89 -42.10 95.09
CA PRO C 89 -19.97 -41.61 94.07
C PRO C 89 -19.32 -40.29 94.47
N GLY C 90 -18.01 -40.23 94.33
CA GLY C 90 -17.25 -39.05 94.70
C GLY C 90 -16.86 -39.01 96.17
N ILE C 91 -17.83 -39.30 97.04
CA ILE C 91 -17.59 -39.15 98.47
C ILE C 91 -16.95 -40.42 99.03
N ILE C 92 -17.60 -41.56 98.85
CA ILE C 92 -17.27 -42.80 99.55
C ILE C 92 -16.89 -43.84 98.51
N PRO C 93 -15.74 -44.50 98.63
CA PRO C 93 -15.40 -45.57 97.69
C PRO C 93 -16.21 -46.82 97.95
N PRO C 94 -16.24 -47.75 96.99
CA PRO C 94 -16.92 -49.03 97.22
C PRO C 94 -16.23 -49.86 98.31
N HIS C 95 -17.04 -50.67 98.99
CA HIS C 95 -16.54 -51.61 99.98
C HIS C 95 -15.65 -50.91 100.99
N ALA C 96 -16.23 -49.92 101.68
CA ALA C 96 -15.50 -49.08 102.63
C ALA C 96 -16.14 -49.20 104.00
N THR C 97 -15.30 -49.45 105.01
CA THR C 97 -15.75 -49.39 106.39
C THR C 97 -15.72 -47.95 106.87
N LEU C 98 -16.78 -47.53 107.56
CA LEU C 98 -16.98 -46.14 107.91
C LEU C 98 -16.85 -45.96 109.41
N VAL C 99 -16.07 -44.95 109.81
CA VAL C 99 -15.85 -44.62 111.22
C VAL C 99 -16.48 -43.28 111.50
N PHE C 100 -17.31 -43.22 112.54
CA PHE C 100 -18.06 -42.03 112.88
C PHE C 100 -17.82 -41.67 114.35
N ASP C 101 -17.73 -40.37 114.62
CA ASP C 101 -17.71 -39.87 116.00
C ASP C 101 -19.02 -39.12 116.23
N VAL C 102 -19.89 -39.68 117.05
CA VAL C 102 -21.25 -39.21 117.21
C VAL C 102 -21.46 -38.73 118.64
N GLU C 103 -21.99 -37.52 118.78
CA GLU C 103 -22.42 -36.98 120.06
C GLU C 103 -23.92 -36.83 119.98
N LEU C 104 -24.65 -37.53 120.85
CA LEU C 104 -26.11 -37.51 120.86
C LEU C 104 -26.56 -36.38 121.77
N LEU C 105 -26.91 -35.24 121.17
CA LEU C 105 -27.26 -34.07 121.96
C LEU C 105 -28.51 -34.31 122.79
N LYS C 106 -29.64 -34.51 122.12
CA LYS C 106 -30.93 -34.63 122.78
C LYS C 106 -31.87 -35.41 121.88
N LEU C 107 -32.98 -35.85 122.47
CA LEU C 107 -34.01 -36.60 121.77
C LEU C 107 -35.28 -35.75 121.69
N GLU C 108 -35.88 -35.69 120.51
CA GLU C 108 -37.13 -34.97 120.32
C GLU C 108 -37.97 -35.61 119.23
N GLY D 2 121.29 -16.53 28.62
CA GLY D 2 121.64 -16.14 27.22
C GLY D 2 122.12 -14.72 27.08
N VAL D 3 122.63 -14.14 28.16
CA VAL D 3 123.10 -12.76 28.15
C VAL D 3 124.48 -12.73 27.51
N GLN D 4 124.59 -12.00 26.41
CA GLN D 4 125.84 -11.91 25.67
C GLN D 4 126.10 -10.44 25.36
N VAL D 5 127.24 -9.93 25.82
CA VAL D 5 127.57 -8.51 25.82
C VAL D 5 128.68 -8.27 24.81
N GLU D 6 128.48 -7.29 23.94
CA GLU D 6 129.50 -6.83 23.02
C GLU D 6 129.72 -5.34 23.25
N THR D 7 130.96 -4.89 23.15
CA THR D 7 131.31 -3.50 23.43
C THR D 7 131.25 -2.69 22.15
N ILE D 8 130.31 -1.73 22.09
CA ILE D 8 130.26 -0.82 20.96
C ILE D 8 131.24 0.32 21.16
N SER D 9 131.27 0.89 22.37
CA SER D 9 132.21 1.94 22.73
C SER D 9 132.71 1.67 24.13
N PRO D 10 133.99 1.91 24.40
CA PRO D 10 134.51 1.61 25.73
C PRO D 10 134.07 2.62 26.77
N GLY D 11 134.05 2.17 28.03
CA GLY D 11 133.82 3.05 29.14
C GLY D 11 135.10 3.30 29.92
N ASP D 12 134.98 3.63 31.20
CA ASP D 12 136.18 3.78 32.02
C ASP D 12 136.90 2.45 32.19
N GLY D 13 136.14 1.36 32.36
CA GLY D 13 136.72 0.04 32.50
C GLY D 13 137.05 -0.34 33.93
N ARG D 14 136.89 0.56 34.88
CA ARG D 14 137.25 0.31 36.27
C ARG D 14 136.08 0.41 37.24
N THR D 15 135.07 1.21 36.93
CA THR D 15 133.89 1.36 37.78
C THR D 15 132.75 0.54 37.17
N PHE D 16 132.21 -0.37 37.96
CA PHE D 16 131.12 -1.24 37.53
C PHE D 16 129.97 -1.14 38.52
N PRO D 17 128.75 -1.42 38.07
CA PRO D 17 127.60 -1.30 38.97
C PRO D 17 127.70 -2.24 40.16
N LYS D 18 127.18 -1.79 41.29
CA LYS D 18 127.10 -2.59 42.50
C LYS D 18 125.65 -2.71 42.95
N ARG D 19 125.37 -3.81 43.64
CA ARG D 19 124.03 -4.06 44.15
C ARG D 19 123.58 -2.92 45.05
N GLY D 20 122.32 -2.53 44.92
CA GLY D 20 121.82 -1.38 45.62
C GLY D 20 122.22 -0.06 45.02
N GLN D 21 122.87 -0.08 43.86
CA GLN D 21 123.31 1.13 43.18
C GLN D 21 122.45 1.33 41.94
N THR D 22 121.78 2.47 41.86
CA THR D 22 120.90 2.74 40.74
C THR D 22 121.71 2.97 39.48
N CYS D 23 121.34 2.28 38.41
CA CYS D 23 121.95 2.42 37.11
C CYS D 23 121.04 3.26 36.23
N VAL D 24 121.64 4.28 35.60
CA VAL D 24 120.95 5.17 34.69
C VAL D 24 121.45 4.86 33.28
N VAL D 25 120.53 4.59 32.37
CA VAL D 25 120.90 4.14 31.03
C VAL D 25 120.03 4.85 29.99
N HIS D 26 120.54 4.89 28.76
CA HIS D 26 119.71 5.02 27.57
C HIS D 26 119.75 3.69 26.84
N TYR D 27 118.63 3.31 26.24
CA TYR D 27 118.56 2.04 25.55
C TYR D 27 117.61 2.12 24.37
N THR D 28 117.87 1.26 23.39
CA THR D 28 116.98 1.03 22.27
C THR D 28 116.78 -0.47 22.14
N GLY D 29 115.53 -0.90 22.13
CA GLY D 29 115.23 -2.31 22.13
C GLY D 29 114.84 -2.84 20.76
N MET D 30 115.51 -3.90 20.29
CA MET D 30 115.18 -4.47 19.00
C MET D 30 115.08 -5.97 19.14
N LEU D 31 114.13 -6.55 18.43
CA LEU D 31 114.07 -7.99 18.29
C LEU D 31 115.15 -8.46 17.33
N GLU D 32 115.45 -9.76 17.39
CA GLU D 32 116.54 -10.30 16.59
C GLU D 32 116.34 -10.03 15.10
N ASP D 33 115.08 -9.99 14.65
CA ASP D 33 114.81 -9.68 13.26
C ASP D 33 115.09 -8.22 12.93
N GLY D 34 115.26 -7.37 13.94
CA GLY D 34 115.64 -5.99 13.74
C GLY D 34 114.55 -4.98 13.97
N LYS D 35 113.39 -5.38 14.46
CA LYS D 35 112.30 -4.46 14.70
C LYS D 35 112.43 -3.82 16.07
N LYS D 36 112.36 -2.49 16.11
CA LYS D 36 112.47 -1.75 17.36
C LYS D 36 111.14 -1.76 18.10
N PHE D 37 111.20 -1.99 19.41
CA PHE D 37 110.02 -2.00 20.25
C PHE D 37 110.09 -1.07 21.44
N ASP D 38 111.25 -0.50 21.75
CA ASP D 38 111.39 0.39 22.89
C ASP D 38 112.63 1.24 22.73
N SER D 39 112.56 2.49 23.19
CA SER D 39 113.70 3.40 23.16
C SER D 39 113.47 4.49 24.20
N SER D 40 114.42 4.64 25.12
CA SER D 40 114.36 5.72 26.10
C SER D 40 114.65 7.06 25.45
N ARG D 41 115.45 7.07 24.39
CA ARG D 41 115.83 8.32 23.76
C ARG D 41 114.62 8.96 23.08
N ASP D 42 113.66 8.15 22.63
CA ASP D 42 112.47 8.76 22.03
C ASP D 42 111.74 9.60 23.06
N ARG D 43 111.63 9.09 24.30
CA ARG D 43 111.05 9.84 25.41
C ARG D 43 111.98 10.93 25.95
N ASN D 44 113.27 10.86 25.65
CA ASN D 44 114.26 11.85 26.08
C ASN D 44 114.51 11.81 27.58
N LYS D 45 114.26 10.69 28.22
CA LYS D 45 114.42 10.51 29.65
C LYS D 45 115.22 9.24 29.95
N PRO D 46 116.34 9.35 30.64
CA PRO D 46 117.10 8.15 31.02
C PRO D 46 116.29 7.23 31.92
N PHE D 47 116.53 5.93 31.78
CA PHE D 47 115.85 4.92 32.56
C PHE D 47 116.73 4.51 33.74
N LYS D 48 116.15 4.56 34.93
CA LYS D 48 116.87 4.28 36.17
C LYS D 48 116.32 3.02 36.80
N PHE D 49 117.21 2.12 37.23
CA PHE D 49 116.78 0.89 37.87
C PHE D 49 117.84 0.44 38.87
N MET D 50 117.39 -0.16 39.97
CA MET D 50 118.27 -0.61 41.03
C MET D 50 118.57 -2.10 40.85
N LEU D 51 119.84 -2.47 41.04
CA LEU D 51 120.25 -3.85 40.88
C LEU D 51 119.82 -4.69 42.08
N GLY D 52 119.46 -5.94 41.83
CA GLY D 52 119.09 -6.85 42.88
C GLY D 52 117.65 -6.74 43.32
N LYS D 53 116.90 -5.79 42.76
CA LYS D 53 115.47 -5.68 43.04
C LYS D 53 114.62 -6.32 41.95
N GLN D 54 115.20 -6.95 40.94
CA GLN D 54 114.42 -7.73 39.98
C GLN D 54 113.40 -6.88 39.25
N GLU D 55 113.60 -5.55 39.27
CA GLU D 55 112.76 -4.64 38.51
C GLU D 55 112.90 -4.88 37.02
N VAL D 56 114.13 -5.04 36.54
CA VAL D 56 114.37 -5.32 35.15
C VAL D 56 114.59 -6.81 34.96
N ILE D 57 114.55 -7.23 33.69
CA ILE D 57 114.76 -8.63 33.39
C ILE D 57 116.19 -9.02 33.74
N ARG D 58 116.41 -10.33 33.85
CA ARG D 58 117.75 -10.81 34.10
C ARG D 58 118.72 -10.28 33.07
N GLY D 59 118.35 -10.36 31.79
CA GLY D 59 119.24 -9.87 30.75
C GLY D 59 119.90 -8.55 31.14
N TRP D 60 119.09 -7.58 31.55
CA TRP D 60 119.62 -6.32 32.03
C TRP D 60 120.45 -6.51 33.30
N GLU D 61 119.91 -7.24 34.28
CA GLU D 61 120.60 -7.40 35.56
C GLU D 61 122.04 -7.83 35.35
N GLU D 62 122.23 -8.88 34.55
CA GLU D 62 123.59 -9.34 34.25
C GLU D 62 124.36 -8.41 33.32
N GLY D 63 123.75 -7.95 32.23
CA GLY D 63 124.51 -7.19 31.26
C GLY D 63 125.05 -5.88 31.82
N VAL D 64 124.19 -5.12 32.51
CA VAL D 64 124.63 -3.84 33.06
C VAL D 64 125.71 -4.07 34.11
N ALA D 65 125.60 -5.15 34.89
CA ALA D 65 126.62 -5.46 35.87
C ALA D 65 127.96 -5.71 35.20
N GLN D 66 127.97 -6.47 34.10
CA GLN D 66 129.22 -6.66 33.36
C GLN D 66 129.70 -5.37 32.70
N MET D 67 128.80 -4.43 32.47
CA MET D 67 129.16 -3.17 31.81
C MET D 67 129.82 -2.22 32.80
N SER D 68 130.31 -1.10 32.27
CA SER D 68 131.02 -0.10 33.05
C SER D 68 130.48 1.28 32.73
N VAL D 69 130.77 2.24 33.63
CA VAL D 69 130.25 3.59 33.48
C VAL D 69 130.78 4.20 32.20
N GLY D 70 129.88 4.85 31.45
CA GLY D 70 130.23 5.42 30.16
C GLY D 70 130.30 4.42 29.04
N GLN D 71 130.03 3.16 29.31
CA GLN D 71 130.15 2.11 28.31
C GLN D 71 128.88 2.01 27.48
N ARG D 72 129.06 1.80 26.18
CA ARG D 72 127.99 1.48 25.26
C ARG D 72 128.18 0.04 24.80
N ALA D 73 127.11 -0.73 24.82
CA ALA D 73 127.21 -2.15 24.52
C ALA D 73 125.93 -2.64 23.88
N LYS D 74 126.06 -3.77 23.20
CA LYS D 74 124.95 -4.52 22.67
C LYS D 74 124.74 -5.77 23.52
N LEU D 75 123.53 -5.96 24.00
CA LEU D 75 123.16 -7.09 24.83
C LEU D 75 122.19 -7.95 24.05
N THR D 76 122.53 -9.22 23.89
CA THR D 76 121.62 -10.19 23.30
C THR D 76 121.15 -11.12 24.41
N ILE D 77 119.83 -11.24 24.53
CA ILE D 77 119.19 -11.93 25.65
C ILE D 77 118.30 -13.03 25.09
N SER D 78 118.47 -14.24 25.59
CA SER D 78 117.60 -15.34 25.20
C SER D 78 116.23 -15.17 25.84
N PRO D 79 115.21 -15.84 25.30
CA PRO D 79 113.85 -15.68 25.85
C PRO D 79 113.75 -16.03 27.32
N ASP D 80 114.49 -17.06 27.74
CA ASP D 80 114.40 -17.50 29.12
C ASP D 80 114.82 -16.39 30.09
N TYR D 81 115.94 -15.71 29.77
CA TYR D 81 116.35 -14.57 30.59
C TYR D 81 115.38 -13.40 30.32
N ALA D 82 114.71 -13.38 29.17
CA ALA D 82 113.74 -12.36 28.81
C ALA D 82 112.34 -12.81 29.23
N TYR D 83 111.33 -12.13 28.71
CA TYR D 83 109.96 -12.40 29.12
C TYR D 83 109.54 -13.85 28.88
N GLY D 84 110.08 -14.49 27.84
CA GLY D 84 109.90 -15.91 27.67
C GLY D 84 108.66 -16.30 26.87
N ALA D 85 108.21 -17.53 27.13
CA ALA D 85 107.10 -18.11 26.39
C ALA D 85 105.85 -17.26 26.48
N THR D 86 105.58 -16.71 27.66
CA THR D 86 104.41 -15.84 27.81
C THR D 86 104.54 -14.60 26.94
N GLY D 87 105.74 -14.02 26.88
CA GLY D 87 105.96 -12.84 26.08
C GLY D 87 105.33 -11.61 26.71
N HIS D 88 105.47 -10.50 25.98
CA HIS D 88 104.80 -9.27 26.36
C HIS D 88 103.68 -9.02 25.37
N PRO D 89 102.41 -9.20 25.76
CA PRO D 89 101.32 -9.13 24.77
C PRO D 89 101.35 -7.80 24.01
N GLY D 90 101.24 -7.90 22.69
CA GLY D 90 101.29 -6.74 21.84
C GLY D 90 102.68 -6.29 21.48
N ILE D 91 103.57 -6.20 22.47
CA ILE D 91 104.91 -5.67 22.23
C ILE D 91 105.84 -6.76 21.73
N ILE D 92 105.97 -7.84 22.49
CA ILE D 92 107.03 -8.84 22.29
C ILE D 92 106.35 -10.17 21.99
N PRO D 93 106.73 -10.86 20.91
CA PRO D 93 106.15 -12.18 20.65
C PRO D 93 106.74 -13.23 21.58
N PRO D 94 106.10 -14.39 21.70
CA PRO D 94 106.69 -15.48 22.50
C PRO D 94 107.99 -16.00 21.90
N HIS D 95 108.85 -16.50 22.78
CA HIS D 95 110.10 -17.13 22.40
C HIS D 95 110.90 -16.23 21.46
N ALA D 96 111.22 -15.05 21.95
CA ALA D 96 111.91 -14.03 21.16
C ALA D 96 113.23 -13.67 21.83
N THR D 97 114.30 -13.67 21.04
CA THR D 97 115.58 -13.17 21.49
C THR D 97 115.60 -11.65 21.34
N LEU D 98 116.10 -10.96 22.36
CA LEU D 98 116.00 -9.51 22.44
C LEU D 98 117.38 -8.90 22.31
N VAL D 99 117.50 -7.89 21.45
CA VAL D 99 118.76 -7.18 21.22
C VAL D 99 118.60 -5.75 21.73
N PHE D 100 119.53 -5.32 22.56
CA PHE D 100 119.48 -4.01 23.21
C PHE D 100 120.77 -3.26 22.95
N ASP D 101 120.66 -1.95 22.74
CA ASP D 101 121.82 -1.06 22.70
C ASP D 101 121.75 -0.16 23.93
N VAL D 102 122.67 -0.39 24.86
CA VAL D 102 122.62 0.24 26.17
C VAL D 102 123.83 1.13 26.36
N GLU D 103 123.58 2.36 26.78
CA GLU D 103 124.62 3.30 27.17
C GLU D 103 124.43 3.55 28.66
N LEU D 104 125.45 3.22 29.45
CA LEU D 104 125.38 3.37 30.91
C LEU D 104 125.90 4.75 31.28
N LEU D 105 124.97 5.68 31.50
CA LEU D 105 125.36 7.06 31.74
C LEU D 105 126.17 7.19 33.03
N LYS D 106 125.54 6.89 34.17
CA LYS D 106 126.15 7.09 35.47
C LYS D 106 125.49 6.16 36.47
N LEU D 107 126.14 6.00 37.62
CA LEU D 107 125.64 5.17 38.70
C LEU D 107 125.26 6.06 39.88
N GLU D 108 124.10 5.81 40.45
CA GLU D 108 123.65 6.55 41.63
C GLU D 108 122.76 5.69 42.51
N GLY E 2 37.13 -17.13 -118.88
CA GLY E 2 35.70 -17.23 -119.28
C GLY E 2 35.15 -15.96 -119.90
N VAL E 3 36.03 -15.12 -120.44
CA VAL E 3 35.62 -13.85 -121.02
C VAL E 3 35.06 -14.13 -122.41
N GLN E 4 33.80 -13.79 -122.61
CA GLN E 4 33.12 -14.02 -123.87
C GLN E 4 32.38 -12.75 -124.27
N VAL E 5 32.72 -12.23 -125.45
CA VAL E 5 32.30 -10.92 -125.89
C VAL E 5 31.32 -11.08 -127.04
N GLU E 6 30.18 -10.41 -126.95
CA GLU E 6 29.20 -10.33 -128.03
C GLU E 6 28.97 -8.86 -128.36
N THR E 7 28.79 -8.57 -129.65
CA THR E 7 28.66 -7.19 -130.11
C THR E 7 27.18 -6.81 -130.14
N ILE E 8 26.80 -5.85 -129.30
CA ILE E 8 25.44 -5.32 -129.35
C ILE E 8 25.33 -4.26 -130.43
N SER E 9 26.30 -3.35 -130.48
CA SER E 9 26.36 -2.33 -131.51
C SER E 9 27.81 -2.19 -131.96
N PRO E 10 28.05 -1.98 -133.25
CA PRO E 10 29.43 -1.90 -133.73
C PRO E 10 30.08 -0.58 -133.35
N GLY E 11 31.41 -0.63 -133.28
CA GLY E 11 32.20 0.58 -133.11
C GLY E 11 32.91 0.94 -134.40
N ASP E 12 34.03 1.65 -134.29
CA ASP E 12 34.82 1.96 -135.48
C ASP E 12 35.42 0.70 -136.08
N GLY E 13 35.87 -0.23 -135.23
CA GLY E 13 36.44 -1.48 -135.68
C GLY E 13 37.92 -1.43 -135.95
N ARG E 14 38.56 -0.27 -135.86
CA ARG E 14 39.96 -0.11 -136.17
C ARG E 14 40.80 0.38 -135.00
N THR E 15 40.23 1.12 -134.07
CA THR E 15 40.93 1.62 -132.89
C THR E 15 40.56 0.75 -131.70
N PHE E 16 41.57 0.17 -131.06
CA PHE E 16 41.38 -0.70 -129.91
C PHE E 16 42.24 -0.21 -128.76
N PRO E 17 41.84 -0.52 -127.52
CA PRO E 17 42.61 -0.03 -126.36
C PRO E 17 44.03 -0.56 -126.37
N LYS E 18 44.95 0.26 -125.87
CA LYS E 18 46.34 -0.12 -125.70
C LYS E 18 46.74 0.01 -124.24
N ARG E 19 47.72 -0.80 -123.85
CA ARG E 19 48.24 -0.76 -122.49
C ARG E 19 48.72 0.63 -122.13
N GLY E 20 48.42 1.06 -120.91
CA GLY E 20 48.72 2.41 -120.50
C GLY E 20 47.76 3.44 -121.03
N GLN E 21 46.69 3.02 -121.69
CA GLN E 21 45.68 3.91 -122.26
C GLN E 21 44.41 3.79 -121.43
N THR E 22 43.97 4.91 -120.87
CA THR E 22 42.78 4.88 -120.03
C THR E 22 41.54 4.66 -120.88
N CYS E 23 40.72 3.70 -120.47
CA CYS E 23 39.46 3.37 -121.11
C CYS E 23 38.33 3.99 -120.30
N VAL E 24 37.45 4.71 -121.00
CA VAL E 24 36.28 5.34 -120.40
C VAL E 24 35.06 4.56 -120.89
N VAL E 25 34.23 4.10 -119.97
CA VAL E 25 33.11 3.24 -120.31
C VAL E 25 31.87 3.64 -119.53
N HIS E 26 30.72 3.27 -120.06
CA HIS E 26 29.51 3.10 -119.27
C HIS E 26 29.21 1.61 -119.20
N TYR E 27 28.71 1.15 -118.05
CA TYR E 27 28.44 -0.26 -117.89
C TYR E 27 27.25 -0.47 -116.96
N THR E 28 26.59 -1.61 -117.16
CA THR E 28 25.56 -2.09 -116.28
C THR E 28 25.88 -3.53 -115.95
N GLY E 29 25.95 -3.85 -114.65
CA GLY E 29 26.37 -5.18 -114.24
C GLY E 29 25.21 -6.05 -113.81
N MET E 30 25.11 -7.26 -114.39
CA MET E 30 24.04 -8.17 -114.04
C MET E 30 24.64 -9.54 -113.79
N LEU E 31 24.08 -10.24 -112.80
CA LEU E 31 24.41 -11.64 -112.63
C LEU E 31 23.68 -12.47 -113.67
N GLU E 32 24.14 -13.70 -113.85
CA GLU E 32 23.59 -14.55 -114.91
C GLU E 32 22.09 -14.74 -114.74
N ASP E 33 21.59 -14.72 -113.51
CA ASP E 33 20.16 -14.85 -113.30
C ASP E 33 19.41 -13.58 -113.71
N GLY E 34 20.12 -12.49 -113.93
CA GLY E 34 19.53 -11.27 -114.43
C GLY E 34 19.39 -10.15 -113.44
N LYS E 35 19.93 -10.29 -112.24
CA LYS E 35 19.83 -9.25 -111.23
C LYS E 35 20.95 -8.23 -111.40
N LYS E 36 20.57 -6.96 -111.44
CA LYS E 36 21.54 -5.87 -111.60
C LYS E 36 22.19 -5.56 -110.27
N PHE E 37 23.51 -5.37 -110.30
CA PHE E 37 24.26 -5.03 -109.10
C PHE E 37 25.12 -3.78 -109.23
N ASP E 38 25.28 -3.25 -110.44
CA ASP E 38 26.09 -2.05 -110.63
C ASP E 38 25.74 -1.40 -111.95
N SER E 39 25.79 -0.07 -111.99
CA SER E 39 25.55 0.69 -113.20
C SER E 39 26.19 2.06 -113.05
N SER E 40 27.06 2.41 -114.00
CA SER E 40 27.65 3.74 -114.01
C SER E 40 26.64 4.79 -114.44
N ARG E 41 25.66 4.40 -115.26
CA ARG E 41 24.70 5.37 -115.75
C ARG E 41 23.80 5.87 -114.62
N ASP E 42 23.59 5.04 -113.60
CA ASP E 42 22.79 5.52 -112.49
C ASP E 42 23.48 6.70 -111.82
N ARG E 43 24.81 6.61 -111.64
CA ARG E 43 25.60 7.70 -111.11
C ARG E 43 25.83 8.82 -112.12
N ASN E 44 25.62 8.56 -113.41
CA ASN E 44 25.77 9.55 -114.47
C ASN E 44 27.22 9.97 -114.70
N LYS E 45 28.16 9.11 -114.33
CA LYS E 45 29.59 9.37 -114.45
C LYS E 45 30.29 8.20 -115.13
N PRO E 46 30.96 8.42 -116.26
CA PRO E 46 31.71 7.33 -116.89
C PRO E 46 32.82 6.81 -115.98
N PHE E 47 33.09 5.52 -116.12
CA PHE E 47 34.12 4.84 -115.33
C PHE E 47 35.39 4.75 -116.15
N LYS E 48 36.50 5.21 -115.57
CA LYS E 48 37.79 5.27 -116.24
C LYS E 48 38.75 4.31 -115.56
N PHE E 49 39.46 3.52 -116.36
CA PHE E 49 40.44 2.59 -115.82
C PHE E 49 41.56 2.37 -116.81
N MET E 50 42.77 2.19 -116.29
CA MET E 50 43.96 2.01 -117.10
C MET E 50 44.26 0.52 -117.27
N LEU E 51 44.61 0.13 -118.50
CA LEU E 51 44.89 -1.27 -118.79
C LEU E 51 46.27 -1.65 -118.27
N GLY E 52 46.40 -2.89 -117.81
CA GLY E 52 47.65 -3.40 -117.34
C GLY E 52 47.99 -3.04 -115.90
N LYS E 53 47.13 -2.25 -115.24
CA LYS E 53 47.30 -1.95 -113.83
C LYS E 53 46.43 -2.82 -112.94
N GLN E 54 45.68 -3.77 -113.48
CA GLN E 54 44.97 -4.74 -112.65
C GLN E 54 43.97 -4.08 -111.73
N GLU E 55 43.60 -2.84 -112.04
CA GLU E 55 42.57 -2.14 -111.30
C GLU E 55 41.22 -2.84 -111.44
N VAL E 56 40.87 -3.22 -112.66
CA VAL E 56 39.63 -3.94 -112.89
C VAL E 56 39.91 -5.43 -112.98
N ILE E 57 38.84 -6.21 -112.92
CA ILE E 57 39.00 -7.65 -113.01
C ILE E 57 39.50 -8.03 -114.40
N ARG E 58 40.02 -9.26 -114.49
CA ARG E 58 40.46 -9.75 -115.78
C ARG E 58 39.36 -9.65 -116.81
N GLY E 59 38.14 -10.08 -116.46
CA GLY E 59 37.04 -10.00 -117.40
C GLY E 59 37.05 -8.70 -118.17
N TRP E 60 37.09 -7.58 -117.45
CA TRP E 60 37.20 -6.27 -118.09
C TRP E 60 38.50 -6.13 -118.87
N GLU E 61 39.63 -6.48 -118.25
CA GLU E 61 40.92 -6.29 -118.91
C GLU E 61 40.92 -6.88 -120.30
N GLU E 62 40.48 -8.14 -120.42
CA GLU E 62 40.41 -8.78 -121.73
C GLU E 62 39.26 -8.25 -122.59
N GLY E 63 38.06 -8.09 -122.04
CA GLY E 63 36.93 -7.73 -122.89
C GLY E 63 37.10 -6.36 -123.54
N VAL E 64 37.48 -5.37 -122.74
CA VAL E 64 37.63 -4.01 -123.29
C VAL E 64 38.75 -4.00 -124.31
N ALA E 65 39.81 -4.76 -124.09
CA ALA E 65 40.88 -4.84 -125.07
C ALA E 65 40.37 -5.40 -126.40
N GLN E 66 39.57 -6.46 -126.36
CA GLN E 66 38.99 -6.96 -127.59
C GLN E 66 37.98 -5.99 -128.19
N MET E 67 37.42 -5.08 -127.39
CA MET E 67 36.44 -4.13 -127.87
C MET E 67 37.12 -2.97 -128.59
N SER E 68 36.29 -2.11 -129.20
CA SER E 68 36.76 -0.99 -129.98
C SER E 68 36.01 0.27 -129.57
N VAL E 69 36.58 1.42 -129.92
CA VAL E 69 36.01 2.70 -129.53
C VAL E 69 34.62 2.85 -130.13
N GLY E 70 33.68 3.30 -129.32
CA GLY E 70 32.30 3.43 -129.73
C GLY E 70 31.53 2.13 -129.72
N GLN E 71 32.18 1.03 -129.35
CA GLN E 71 31.54 -0.28 -129.39
C GLN E 71 30.72 -0.52 -128.12
N ARG E 72 29.56 -1.14 -128.31
CA ARG E 72 28.74 -1.64 -127.23
C ARG E 72 28.75 -3.15 -127.30
N ALA E 73 28.95 -3.80 -126.15
CA ALA E 73 29.11 -5.24 -126.14
C ALA E 73 28.60 -5.80 -124.82
N LYS E 74 28.30 -7.10 -124.87
CA LYS E 74 27.97 -7.89 -123.70
C LYS E 74 29.16 -8.79 -123.37
N LEU E 75 29.61 -8.71 -122.13
CA LEU E 75 30.73 -9.50 -121.65
C LEU E 75 30.22 -10.48 -120.62
N THR E 76 30.47 -11.76 -120.85
CA THR E 76 30.16 -12.79 -119.87
C THR E 76 31.48 -13.29 -119.29
N ILE E 77 31.58 -13.26 -117.97
CA ILE E 77 32.82 -13.52 -117.25
C ILE E 77 32.58 -14.66 -116.28
N SER E 78 33.44 -15.67 -116.33
CA SER E 78 33.36 -16.76 -115.37
C SER E 78 33.87 -16.29 -114.01
N PRO E 79 33.50 -17.01 -112.94
CA PRO E 79 33.93 -16.59 -111.60
C PRO E 79 35.42 -16.46 -111.45
N ASP E 80 36.17 -17.36 -112.07
CA ASP E 80 37.62 -17.34 -111.93
C ASP E 80 38.21 -16.03 -112.42
N TYR E 81 37.76 -15.57 -113.62
CA TYR E 81 38.20 -14.28 -114.10
C TYR E 81 37.55 -13.16 -113.25
N ALA E 82 36.42 -13.46 -112.61
CA ALA E 82 35.72 -12.52 -111.73
C ALA E 82 36.20 -12.70 -110.30
N TYR E 83 35.46 -12.14 -109.36
CA TYR E 83 35.87 -12.16 -107.96
C TYR E 83 36.07 -13.57 -107.43
N GLY E 84 35.29 -14.53 -107.91
CA GLY E 84 35.56 -15.93 -107.61
C GLY E 84 34.86 -16.44 -106.35
N ALA E 85 35.46 -17.49 -105.79
CA ALA E 85 34.88 -18.18 -104.65
C ALA E 85 34.67 -17.24 -103.47
N THR E 86 35.61 -16.32 -103.24
CA THR E 86 35.44 -15.37 -102.15
C THR E 86 34.24 -14.48 -102.40
N GLY E 87 34.06 -14.04 -103.64
CA GLY E 87 32.94 -13.18 -103.99
C GLY E 87 33.13 -11.77 -103.46
N HIS E 88 32.12 -10.96 -103.71
CA HIS E 88 32.06 -9.61 -103.15
C HIS E 88 31.00 -9.59 -102.07
N PRO E 89 31.38 -9.55 -100.79
CA PRO E 89 30.36 -9.69 -99.72
C PRO E 89 29.24 -8.68 -99.88
N GLY E 90 28.01 -9.17 -99.79
CA GLY E 90 26.85 -8.32 -99.94
C GLY E 90 26.43 -8.13 -101.39
N ILE E 91 27.39 -7.81 -102.26
CA ILE E 91 27.05 -7.49 -103.64
C ILE E 91 26.94 -8.75 -104.48
N ILE E 92 28.00 -9.55 -104.51
CA ILE E 92 28.16 -10.64 -105.47
C ILE E 92 28.25 -11.94 -104.69
N PRO E 93 27.46 -12.96 -105.01
CA PRO E 93 27.58 -14.24 -104.33
C PRO E 93 28.81 -15.00 -104.81
N PRO E 94 29.24 -16.02 -104.07
CA PRO E 94 30.37 -16.85 -104.53
C PRO E 94 30.02 -17.63 -105.79
N HIS E 95 31.05 -17.90 -106.58
CA HIS E 95 30.93 -18.73 -107.79
C HIS E 95 29.79 -18.22 -108.67
N ALA E 96 29.90 -16.97 -109.10
CA ALA E 96 28.88 -16.30 -109.88
C ALA E 96 29.46 -15.87 -111.22
N THR E 97 28.75 -16.20 -112.30
CA THR E 97 29.09 -15.68 -113.61
C THR E 97 28.48 -14.29 -113.78
N LEU E 98 29.27 -13.37 -114.31
CA LEU E 98 28.89 -11.96 -114.35
C LEU E 98 28.64 -11.53 -115.78
N VAL E 99 27.52 -10.84 -116.00
CA VAL E 99 27.14 -10.34 -117.32
C VAL E 99 27.18 -8.83 -117.27
N PHE E 100 27.87 -8.23 -118.24
CA PHE E 100 28.09 -6.79 -118.29
C PHE E 100 27.67 -6.26 -119.65
N ASP E 101 27.08 -5.07 -119.65
CA ASP E 101 26.81 -4.34 -120.89
C ASP E 101 27.70 -3.10 -120.89
N VAL E 102 28.69 -3.10 -121.77
CA VAL E 102 29.76 -2.10 -121.75
C VAL E 102 29.71 -1.30 -123.04
N GLU E 103 29.72 0.03 -122.90
CA GLU E 103 29.85 0.94 -124.02
C GLU E 103 31.18 1.65 -123.82
N LEU E 104 32.09 1.51 -124.79
CA LEU E 104 33.42 2.10 -124.71
C LEU E 104 33.37 3.48 -125.35
N LEU E 105 33.26 4.50 -124.50
CA LEU E 105 33.09 5.86 -125.01
C LEU E 105 34.30 6.31 -125.80
N LYS E 106 35.45 6.43 -125.14
CA LYS E 106 36.66 6.97 -125.74
C LYS E 106 37.87 6.45 -124.98
N LEU E 107 39.03 6.60 -125.59
CA LEU E 107 40.30 6.19 -125.01
C LEU E 107 41.13 7.42 -124.69
N GLU E 108 41.70 7.45 -123.50
CA GLU E 108 42.58 8.55 -123.11
C GLU E 108 43.65 8.08 -122.13
N GLU F 10 -16.75 -5.75 -20.68
CA GLU F 10 -17.31 -5.51 -22.01
C GLU F 10 -17.06 -6.71 -22.90
N VAL F 11 -17.85 -6.84 -23.97
CA VAL F 11 -17.72 -7.93 -24.93
C VAL F 11 -17.35 -7.32 -26.28
N GLN F 12 -16.32 -7.88 -26.91
CA GLN F 12 -15.81 -7.30 -28.15
C GLN F 12 -16.84 -7.36 -29.26
N PHE F 13 -16.89 -6.31 -30.05
CA PHE F 13 -17.79 -6.20 -31.19
C PHE F 13 -16.96 -6.19 -32.48
N LEU F 14 -17.35 -7.03 -33.44
CA LEU F 14 -16.70 -7.01 -34.73
C LEU F 14 -16.98 -5.68 -35.43
N ARG F 15 -15.95 -5.10 -36.02
CA ARG F 15 -16.06 -3.84 -36.74
C ARG F 15 -15.37 -3.97 -38.09
N THR F 16 -15.58 -2.95 -38.93
CA THR F 16 -14.95 -2.91 -40.23
C THR F 16 -13.45 -2.67 -40.08
N ASP F 17 -12.71 -2.97 -41.14
CA ASP F 17 -11.26 -2.88 -41.22
C ASP F 17 -10.59 -3.88 -40.29
N ASP F 18 -11.36 -4.81 -39.73
CA ASP F 18 -10.81 -5.87 -38.91
C ASP F 18 -10.61 -7.13 -39.74
N GLU F 19 -9.59 -7.90 -39.39
CA GLU F 19 -9.32 -9.17 -40.04
C GLU F 19 -9.95 -10.30 -39.23
N VAL F 20 -10.63 -11.21 -39.93
CA VAL F 20 -11.31 -12.32 -39.30
C VAL F 20 -11.06 -13.58 -40.11
N VAL F 21 -11.20 -14.71 -39.44
CA VAL F 21 -11.19 -16.03 -40.07
C VAL F 21 -12.52 -16.70 -39.81
N LEU F 22 -13.06 -17.33 -40.85
CA LEU F 22 -14.33 -18.04 -40.75
C LEU F 22 -14.06 -19.50 -40.41
N GLN F 23 -14.53 -19.93 -39.25
CA GLN F 23 -14.32 -21.28 -38.76
C GLN F 23 -15.61 -22.06 -38.73
N CYS F 24 -15.52 -23.30 -39.15
CA CYS F 24 -16.60 -24.27 -39.05
C CYS F 24 -16.10 -25.48 -38.26
N SER F 25 -17.04 -26.24 -37.72
CA SER F 25 -16.76 -27.41 -36.92
C SER F 25 -17.32 -28.65 -37.59
N ALA F 26 -16.51 -29.70 -37.66
CA ALA F 26 -16.92 -30.94 -38.29
C ALA F 26 -16.52 -32.11 -37.41
N THR F 27 -17.44 -33.05 -37.23
CA THR F 27 -17.20 -34.23 -36.42
C THR F 27 -16.74 -35.37 -37.31
N VAL F 28 -15.49 -35.79 -37.12
CA VAL F 28 -14.90 -36.90 -37.85
C VAL F 28 -14.24 -37.83 -36.85
N LEU F 29 -14.56 -39.12 -36.93
CA LEU F 29 -14.03 -40.12 -36.01
C LEU F 29 -14.35 -39.74 -34.57
N LYS F 30 -15.53 -39.17 -34.37
CA LYS F 30 -15.99 -38.75 -33.04
C LYS F 30 -15.03 -37.73 -32.44
N GLU F 31 -14.27 -37.04 -33.30
CA GLU F 31 -13.29 -36.05 -32.88
C GLU F 31 -13.61 -34.74 -33.59
N GLN F 32 -14.22 -33.81 -32.87
CA GLN F 32 -14.56 -32.53 -33.45
C GLN F 32 -13.30 -31.83 -33.95
N LEU F 33 -13.42 -31.17 -35.10
CA LEU F 33 -12.27 -30.58 -35.79
C LEU F 33 -12.68 -29.21 -36.30
N LYS F 34 -11.81 -28.22 -36.09
CA LYS F 34 -12.05 -26.86 -36.51
C LYS F 34 -11.35 -26.59 -37.82
N LEU F 35 -12.08 -26.00 -38.76
CA LEU F 35 -11.57 -25.72 -40.09
C LEU F 35 -11.77 -24.25 -40.42
N CYS F 36 -10.75 -23.65 -41.03
CA CYS F 36 -10.78 -22.26 -41.44
C CYS F 36 -10.93 -22.17 -42.95
N LEU F 37 -11.77 -21.25 -43.40
CA LEU F 37 -11.92 -21.02 -44.83
C LEU F 37 -10.62 -20.46 -45.40
N ALA F 38 -10.23 -20.94 -46.58
CA ALA F 38 -8.96 -20.56 -47.18
C ALA F 38 -9.12 -20.45 -48.69
N ALA F 39 -8.29 -19.60 -49.29
CA ALA F 39 -8.23 -19.47 -50.74
C ALA F 39 -6.91 -18.82 -51.12
N GLU F 40 -6.21 -19.44 -52.08
CA GLU F 40 -4.95 -18.86 -52.54
C GLU F 40 -5.19 -17.61 -53.38
N GLY F 41 -6.10 -17.70 -54.35
CA GLY F 41 -6.44 -16.57 -55.18
C GLY F 41 -5.73 -16.56 -56.52
N PHE F 42 -4.43 -16.86 -56.50
CA PHE F 42 -3.62 -16.91 -57.71
C PHE F 42 -3.43 -18.37 -58.12
N GLY F 43 -3.81 -18.68 -59.36
CA GLY F 43 -3.80 -20.05 -59.83
C GLY F 43 -5.02 -20.84 -59.42
N ASN F 44 -5.69 -20.44 -58.35
CA ASN F 44 -6.90 -21.10 -57.90
C ASN F 44 -7.75 -20.10 -57.13
N ARG F 45 -9.03 -20.04 -57.48
CA ARG F 45 -9.98 -19.13 -56.85
C ARG F 45 -10.90 -19.82 -55.87
N LEU F 46 -11.00 -21.13 -55.94
CA LEU F 46 -11.95 -21.86 -55.13
C LEU F 46 -11.51 -21.90 -53.67
N CYS F 47 -12.49 -21.86 -52.79
CA CYS F 47 -12.23 -21.90 -51.37
C CYS F 47 -12.20 -23.34 -50.88
N PHE F 48 -11.30 -23.60 -49.94
CA PHE F 48 -11.17 -24.89 -49.30
C PHE F 48 -11.05 -24.67 -47.80
N LEU F 49 -10.77 -25.75 -47.08
CA LEU F 49 -10.77 -25.74 -45.63
C LEU F 49 -9.43 -26.20 -45.11
N GLU F 50 -8.86 -25.43 -44.17
CA GLU F 50 -7.58 -25.74 -43.57
C GLU F 50 -7.79 -26.07 -42.11
N PRO F 51 -7.35 -27.23 -41.61
CA PRO F 51 -7.61 -27.59 -40.21
C PRO F 51 -6.73 -26.81 -39.25
N THR F 52 -7.34 -26.27 -38.21
CA THR F 52 -6.65 -25.47 -37.21
C THR F 52 -6.51 -26.17 -35.87
N SER F 53 -6.94 -27.42 -35.75
CA SER F 53 -6.99 -28.09 -34.45
C SER F 53 -5.62 -28.60 -34.04
N ASN F 54 -4.96 -29.35 -34.91
CA ASN F 54 -3.68 -29.95 -34.54
C ASN F 54 -2.66 -28.88 -34.18
N ALA F 55 -2.59 -27.81 -35.00
CA ALA F 55 -1.69 -26.68 -34.78
C ALA F 55 -0.41 -27.05 -34.02
N GLN F 56 -0.54 -27.62 -32.80
CA GLN F 56 0.66 -27.81 -31.98
C GLN F 56 1.63 -28.70 -32.81
N ASN F 57 1.16 -29.78 -33.37
CA ASN F 57 2.01 -30.70 -34.10
C ASN F 57 2.20 -30.30 -35.56
N VAL F 58 1.28 -29.51 -36.11
CA VAL F 58 1.36 -29.07 -37.49
C VAL F 58 0.81 -27.66 -37.62
N PRO F 59 1.64 -26.65 -37.88
CA PRO F 59 1.13 -25.29 -38.02
C PRO F 59 0.18 -25.17 -39.20
N PRO F 60 -0.86 -24.36 -39.07
CA PRO F 60 -1.76 -24.13 -40.19
C PRO F 60 -1.35 -22.94 -41.05
N ASP F 61 -1.83 -22.94 -42.28
CA ASP F 61 -1.56 -21.86 -43.24
C ASP F 61 -2.66 -20.81 -43.09
N LEU F 62 -2.47 -19.94 -42.10
CA LEU F 62 -3.53 -19.01 -41.70
C LEU F 62 -3.59 -17.79 -42.61
N ALA F 63 -2.47 -17.48 -43.26
CA ALA F 63 -2.38 -16.24 -44.05
C ALA F 63 -3.42 -16.20 -45.16
N ILE F 64 -3.58 -17.32 -45.86
CA ILE F 64 -4.54 -17.39 -46.97
C ILE F 64 -5.94 -17.62 -46.43
N CYS F 65 -6.06 -17.73 -45.10
CA CYS F 65 -7.35 -17.88 -44.46
C CYS F 65 -7.87 -16.56 -43.90
N CYS F 66 -7.00 -15.60 -43.63
CA CYS F 66 -7.43 -14.32 -43.07
C CYS F 66 -8.22 -13.52 -44.10
N PHE F 67 -9.32 -12.92 -43.62
CA PHE F 67 -10.15 -12.04 -44.43
C PHE F 67 -10.37 -10.74 -43.66
N THR F 68 -10.42 -9.63 -44.38
CA THR F 68 -10.69 -8.33 -43.79
C THR F 68 -12.07 -7.85 -44.22
N LEU F 69 -12.80 -7.27 -43.27
CA LEU F 69 -14.11 -6.72 -43.54
C LEU F 69 -13.97 -5.29 -44.05
N GLU F 70 -14.51 -5.02 -45.24
CA GLU F 70 -14.50 -3.67 -45.79
C GLU F 70 -15.77 -2.91 -45.45
N GLN F 71 -16.92 -3.44 -45.84
CA GLN F 71 -18.19 -2.73 -45.74
C GLN F 71 -19.22 -3.61 -45.06
N SER F 72 -20.05 -3.00 -44.22
CA SER F 72 -21.21 -3.64 -43.62
C SER F 72 -22.40 -2.71 -43.83
N LEU F 73 -23.25 -3.06 -44.78
CA LEU F 73 -24.37 -2.20 -45.17
C LEU F 73 -25.67 -2.98 -45.12
N SER F 74 -26.75 -2.25 -44.90
CA SER F 74 -28.08 -2.83 -44.98
C SER F 74 -28.42 -3.17 -46.42
N VAL F 75 -29.43 -4.03 -46.58
CA VAL F 75 -29.81 -4.50 -47.91
C VAL F 75 -30.20 -3.32 -48.80
N ARG F 76 -30.92 -2.36 -48.23
CA ARG F 76 -31.40 -1.24 -49.04
C ARG F 76 -30.25 -0.36 -49.50
N ALA F 77 -29.31 -0.05 -48.61
CA ALA F 77 -28.15 0.73 -49.00
C ALA F 77 -27.33 0.00 -50.05
N LEU F 78 -27.19 -1.31 -49.89
CA LEU F 78 -26.51 -2.12 -50.89
C LEU F 78 -27.21 -2.00 -52.24
N GLN F 79 -28.55 -2.03 -52.21
CA GLN F 79 -29.32 -1.92 -53.45
C GLN F 79 -29.07 -0.59 -54.13
N GLU F 80 -29.13 0.50 -53.36
CA GLU F 80 -28.90 1.82 -53.95
C GLU F 80 -27.50 1.92 -54.53
N MET F 81 -26.50 1.43 -53.80
CA MET F 81 -25.12 1.52 -54.27
C MET F 81 -24.93 0.70 -55.54
N LEU F 82 -25.52 -0.49 -55.59
CA LEU F 82 -25.42 -1.30 -56.80
C LEU F 82 -26.12 -0.63 -57.97
N ALA F 83 -27.27 -0.01 -57.72
CA ALA F 83 -27.96 0.73 -58.77
C ALA F 83 -27.09 1.86 -59.30
N ASN F 84 -26.40 2.55 -58.41
CA ASN F 84 -25.52 3.65 -58.80
C ASN F 84 -24.14 3.12 -59.17
N HIS F 98 -14.77 3.57 -38.29
CA HIS F 98 -15.18 2.18 -38.52
C HIS F 98 -16.65 1.99 -38.14
N ARG F 99 -17.21 0.85 -38.56
CA ARG F 99 -18.62 0.57 -38.38
C ARG F 99 -18.79 -0.80 -37.75
N THR F 100 -19.60 -0.87 -36.71
CA THR F 100 -19.92 -2.14 -36.06
C THR F 100 -20.84 -2.97 -36.96
N LEU F 101 -20.66 -4.28 -36.93
CA LEU F 101 -21.52 -5.18 -37.68
C LEU F 101 -22.84 -5.37 -36.94
N LEU F 102 -23.94 -5.38 -37.69
CA LEU F 102 -25.27 -5.66 -37.15
C LEU F 102 -25.87 -6.84 -37.91
N TYR F 103 -26.48 -7.74 -37.17
CA TYR F 103 -27.16 -8.87 -37.79
C TYR F 103 -28.20 -8.36 -38.78
N GLY F 104 -28.25 -9.01 -39.94
CA GLY F 104 -29.12 -8.61 -41.02
C GLY F 104 -28.45 -7.74 -42.06
N HIS F 105 -27.26 -7.22 -41.77
CA HIS F 105 -26.52 -6.41 -42.71
C HIS F 105 -25.82 -7.29 -43.74
N ALA F 106 -25.33 -6.65 -44.79
CA ALA F 106 -24.56 -7.31 -45.83
C ALA F 106 -23.11 -6.85 -45.75
N ILE F 107 -22.19 -7.81 -45.79
CA ILE F 107 -20.78 -7.54 -45.54
C ILE F 107 -19.97 -7.87 -46.78
N LEU F 108 -18.83 -7.21 -46.92
CA LEU F 108 -17.89 -7.46 -48.00
C LEU F 108 -16.57 -7.92 -47.39
N LEU F 109 -16.10 -9.08 -47.85
CA LEU F 109 -14.92 -9.74 -47.30
C LEU F 109 -13.83 -9.77 -48.34
N ARG F 110 -12.65 -9.28 -47.99
CA ARG F 110 -11.51 -9.20 -48.88
C ARG F 110 -10.41 -10.12 -48.38
N HIS F 111 -9.90 -10.95 -49.27
CA HIS F 111 -8.75 -11.79 -49.00
C HIS F 111 -7.52 -10.90 -48.81
N ALA F 112 -6.86 -11.04 -47.66
CA ALA F 112 -5.74 -10.16 -47.34
C ALA F 112 -4.58 -10.35 -48.31
N HIS F 113 -4.24 -11.60 -48.60
CA HIS F 113 -3.07 -11.87 -49.44
C HIS F 113 -3.31 -11.42 -50.88
N SER F 114 -4.43 -11.82 -51.46
CA SER F 114 -4.69 -11.58 -52.88
C SER F 114 -5.46 -10.29 -53.14
N ARG F 115 -6.04 -9.69 -52.13
CA ARG F 115 -6.84 -8.47 -52.29
C ARG F 115 -7.99 -8.71 -53.28
N MET F 116 -8.48 -9.93 -53.32
CA MET F 116 -9.70 -10.28 -54.04
C MET F 116 -10.85 -10.31 -53.04
N TYR F 117 -12.04 -10.66 -53.53
CA TYR F 117 -13.25 -10.57 -52.75
C TYR F 117 -13.98 -11.91 -52.74
N LEU F 118 -14.41 -12.33 -51.55
CA LEU F 118 -15.14 -13.57 -51.44
C LEU F 118 -16.47 -13.48 -52.18
N SER F 119 -16.82 -14.53 -52.91
CA SER F 119 -17.97 -14.47 -53.79
C SER F 119 -18.58 -15.85 -53.95
N CYS F 120 -19.84 -15.86 -54.41
CA CYS F 120 -20.55 -17.08 -54.75
C CYS F 120 -20.46 -17.27 -56.26
N LEU F 121 -19.76 -18.31 -56.68
CA LEU F 121 -19.50 -18.53 -58.10
C LEU F 121 -20.68 -19.23 -58.77
N THR F 122 -20.88 -18.91 -60.04
CA THR F 122 -21.95 -19.52 -60.82
C THR F 122 -21.70 -20.99 -61.12
N THR F 123 -20.48 -21.47 -60.91
CA THR F 123 -20.11 -22.82 -61.30
C THR F 123 -20.36 -23.79 -60.15
N SER F 124 -20.57 -25.06 -60.52
CA SER F 124 -20.82 -26.11 -59.54
C SER F 124 -20.24 -27.41 -60.05
N ARG F 125 -19.21 -27.89 -59.36
CA ARG F 125 -18.63 -29.20 -59.61
C ARG F 125 -19.09 -30.27 -58.63
N SER F 126 -19.93 -29.92 -57.66
CA SER F 126 -20.34 -30.89 -56.66
C SER F 126 -21.18 -31.98 -57.32
N MET F 127 -20.70 -33.22 -57.24
CA MET F 127 -21.47 -34.35 -57.75
C MET F 127 -22.62 -34.67 -56.80
N THR F 128 -22.43 -34.47 -55.51
CA THR F 128 -23.44 -34.74 -54.51
C THR F 128 -24.65 -33.84 -54.69
N ASP F 129 -24.45 -32.53 -54.63
CA ASP F 129 -25.53 -31.55 -54.71
C ASP F 129 -25.58 -30.96 -56.11
N LYS F 130 -26.73 -31.09 -56.76
CA LYS F 130 -26.92 -30.47 -58.07
C LYS F 130 -27.15 -28.97 -57.96
N LEU F 131 -27.84 -28.54 -56.90
CA LEU F 131 -28.27 -27.17 -56.75
C LEU F 131 -27.25 -26.30 -56.03
N ALA F 132 -26.10 -26.85 -55.67
CA ALA F 132 -25.09 -26.09 -54.97
C ALA F 132 -24.23 -25.30 -55.95
N PHE F 133 -23.60 -24.24 -55.42
CA PHE F 133 -22.68 -23.41 -56.20
C PHE F 133 -21.32 -23.41 -55.53
N ASP F 134 -20.29 -23.27 -56.36
CA ASP F 134 -18.93 -23.17 -55.83
C ASP F 134 -18.70 -21.79 -55.23
N VAL F 135 -17.88 -21.76 -54.19
CA VAL F 135 -17.55 -20.53 -53.48
C VAL F 135 -16.06 -20.25 -53.69
N GLY F 136 -15.75 -19.02 -54.08
CA GLY F 136 -14.37 -18.67 -54.36
C GLY F 136 -14.20 -17.17 -54.38
N LEU F 137 -13.02 -16.76 -54.85
CA LEU F 137 -12.64 -15.36 -54.84
C LEU F 137 -12.92 -14.71 -56.19
N GLN F 138 -13.21 -13.42 -56.15
CA GLN F 138 -13.47 -12.62 -57.34
C GLN F 138 -12.63 -11.36 -57.28
N GLU F 139 -12.11 -10.96 -58.43
CA GLU F 139 -11.17 -9.85 -58.48
C GLU F 139 -11.82 -8.53 -58.08
N ASP F 140 -13.04 -8.29 -58.53
CA ASP F 140 -13.70 -7.01 -58.33
C ASP F 140 -14.85 -7.16 -57.33
N ALA F 141 -14.98 -6.16 -56.45
CA ALA F 141 -16.08 -6.12 -55.51
C ALA F 141 -17.41 -5.83 -56.18
N THR F 142 -17.39 -5.48 -57.46
CA THR F 142 -18.63 -5.18 -58.18
C THR F 142 -19.53 -6.40 -58.19
N GLY F 143 -20.83 -6.14 -58.13
CA GLY F 143 -21.84 -7.18 -58.25
C GLY F 143 -22.32 -7.68 -56.90
N GLU F 144 -23.34 -8.54 -56.97
CA GLU F 144 -23.99 -9.03 -55.77
C GLU F 144 -23.26 -10.22 -55.17
N ALA F 145 -22.64 -11.05 -56.01
CA ALA F 145 -22.05 -12.29 -55.54
C ALA F 145 -21.06 -12.03 -54.41
N CYS F 146 -20.38 -10.90 -54.44
CA CYS F 146 -19.39 -10.59 -53.42
C CYS F 146 -20.01 -10.44 -52.03
N TRP F 147 -21.26 -10.01 -51.97
CA TRP F 147 -21.87 -9.63 -50.71
C TRP F 147 -22.54 -10.81 -50.03
N TRP F 148 -22.45 -10.83 -48.70
CA TRP F 148 -23.04 -11.89 -47.88
C TRP F 148 -23.78 -11.24 -46.72
N THR F 149 -24.84 -11.90 -46.28
CA THR F 149 -25.66 -11.43 -45.17
C THR F 149 -25.49 -12.36 -43.98
N MET F 150 -25.34 -11.76 -42.80
CA MET F 150 -25.15 -12.50 -41.56
C MET F 150 -26.48 -12.62 -40.83
N HIS F 151 -26.76 -13.81 -40.33
CA HIS F 151 -27.95 -14.05 -39.54
C HIS F 151 -27.60 -14.85 -38.30
N PRO F 152 -28.34 -14.68 -37.21
CA PRO F 152 -28.01 -15.39 -35.97
C PRO F 152 -28.34 -16.87 -36.09
N ALA F 153 -27.44 -17.70 -35.57
CA ALA F 153 -27.66 -19.14 -35.59
C ALA F 153 -28.70 -19.57 -34.56
N SER F 154 -28.85 -18.79 -33.49
CA SER F 154 -29.81 -19.07 -32.43
C SER F 154 -30.74 -17.87 -32.25
N LYS F 155 -31.87 -18.14 -31.60
CA LYS F 155 -32.81 -17.08 -31.27
C LYS F 155 -32.27 -16.13 -30.21
N GLN F 156 -31.25 -16.55 -29.46
CA GLN F 156 -30.59 -15.70 -28.47
C GLN F 156 -30.36 -14.32 -29.05
N ARG F 157 -29.65 -14.25 -30.16
CA ARG F 157 -29.38 -13.01 -30.86
C ARG F 157 -30.53 -12.71 -31.81
N SER F 158 -30.72 -11.42 -32.08
CA SER F 158 -31.82 -10.97 -32.91
C SER F 158 -31.32 -9.93 -33.90
N GLU F 159 -32.11 -9.73 -34.96
CA GLU F 159 -31.72 -8.79 -36.00
C GLU F 159 -31.58 -7.39 -35.42
N GLY F 160 -30.53 -6.70 -35.86
CA GLY F 160 -30.18 -5.40 -35.34
C GLY F 160 -29.18 -5.45 -34.22
N GLU F 161 -29.02 -6.60 -33.57
CA GLU F 161 -28.04 -6.74 -32.51
C GLU F 161 -26.63 -6.74 -33.10
N LYS F 162 -25.71 -6.10 -32.38
CA LYS F 162 -24.32 -6.06 -32.82
C LYS F 162 -23.72 -7.46 -32.73
N VAL F 163 -23.00 -7.84 -33.78
CA VAL F 163 -22.38 -9.16 -33.81
C VAL F 163 -21.21 -9.19 -32.84
N ARG F 164 -21.14 -10.24 -32.03
CA ARG F 164 -20.15 -10.35 -30.98
C ARG F 164 -19.26 -11.56 -31.21
N VAL F 165 -18.00 -11.41 -30.80
CA VAL F 165 -17.00 -12.44 -31.02
C VAL F 165 -17.47 -13.76 -30.42
N GLY F 166 -17.27 -14.84 -31.16
CA GLY F 166 -17.69 -16.16 -30.74
C GLY F 166 -19.03 -16.61 -31.27
N ASP F 167 -19.84 -15.70 -31.79
CA ASP F 167 -21.22 -16.00 -32.12
C ASP F 167 -21.26 -16.92 -33.33
N ASP F 168 -22.12 -17.94 -33.26
CA ASP F 168 -22.38 -18.76 -34.44
C ASP F 168 -23.22 -17.98 -35.43
N LEU F 169 -22.79 -17.98 -36.69
CA LEU F 169 -23.38 -17.13 -37.70
C LEU F 169 -23.83 -17.98 -38.88
N ILE F 170 -24.77 -17.43 -39.63
CA ILE F 170 -25.25 -18.02 -40.88
C ILE F 170 -25.01 -16.99 -41.98
N LEU F 171 -24.35 -17.42 -43.04
CA LEU F 171 -23.99 -16.53 -44.14
C LEU F 171 -24.82 -16.91 -45.37
N VAL F 172 -25.51 -15.92 -45.93
CA VAL F 172 -26.36 -16.14 -47.09
C VAL F 172 -25.86 -15.25 -48.23
N SER F 173 -25.70 -15.85 -49.40
CA SER F 173 -25.33 -15.09 -50.59
C SER F 173 -26.48 -14.21 -51.02
N VAL F 174 -26.19 -12.93 -51.27
CA VAL F 174 -27.23 -12.00 -51.71
C VAL F 174 -27.77 -12.43 -53.07
N SER F 175 -26.88 -12.77 -53.99
CA SER F 175 -27.30 -13.11 -55.35
C SER F 175 -28.01 -14.46 -55.39
N SER F 176 -27.44 -15.46 -54.73
CA SER F 176 -27.88 -16.84 -54.88
C SER F 176 -28.87 -17.28 -53.81
N GLU F 177 -29.00 -16.53 -52.72
CA GLU F 177 -29.91 -16.91 -51.64
C GLU F 177 -29.57 -18.29 -51.11
N ARG F 178 -28.29 -18.61 -51.06
CA ARG F 178 -27.79 -19.90 -50.61
C ARG F 178 -26.84 -19.68 -49.45
N TYR F 179 -26.88 -20.60 -48.48
CA TYR F 179 -26.02 -20.46 -47.32
C TYR F 179 -24.60 -20.89 -47.64
N LEU F 180 -23.65 -20.37 -46.87
CA LEU F 180 -22.31 -20.94 -46.86
C LEU F 180 -22.35 -22.26 -46.11
N HIS F 181 -21.92 -23.32 -46.76
CA HIS F 181 -22.19 -24.67 -46.30
C HIS F 181 -20.93 -25.52 -46.38
N LEU F 182 -20.79 -26.40 -45.39
CA LEU F 182 -19.71 -27.36 -45.34
C LEU F 182 -20.23 -28.71 -45.80
N SER F 183 -19.65 -29.27 -46.85
CA SER F 183 -20.10 -30.51 -47.43
C SER F 183 -19.27 -31.67 -46.90
N THR F 184 -19.95 -32.63 -46.29
CA THR F 184 -19.31 -33.85 -45.79
C THR F 184 -19.81 -35.10 -46.51
N ALA F 185 -20.64 -34.94 -47.54
CA ALA F 185 -21.18 -36.10 -48.25
C ALA F 185 -20.06 -36.93 -48.85
N SER F 186 -19.17 -36.30 -49.60
CA SER F 186 -17.96 -36.97 -50.03
C SER F 186 -17.02 -37.16 -48.85
N GLY F 187 -16.12 -38.14 -48.96
CA GLY F 187 -15.20 -38.39 -47.86
C GLY F 187 -14.38 -37.18 -47.51
N GLU F 188 -13.94 -36.43 -48.52
CA GLU F 188 -13.24 -35.17 -48.29
C GLU F 188 -14.24 -34.07 -47.94
N LEU F 189 -13.80 -33.15 -47.09
CA LEU F 189 -14.63 -32.02 -46.69
C LEU F 189 -14.48 -30.88 -47.69
N GLN F 190 -15.62 -30.30 -48.07
CA GLN F 190 -15.65 -29.24 -49.07
C GLN F 190 -16.55 -28.12 -48.59
N VAL F 191 -16.40 -26.96 -49.23
CA VAL F 191 -17.18 -25.77 -48.92
C VAL F 191 -17.93 -25.37 -50.19
N ASP F 192 -19.22 -25.08 -50.03
CA ASP F 192 -20.07 -24.76 -51.17
C ASP F 192 -21.19 -23.84 -50.71
N ALA F 193 -21.96 -23.35 -51.68
CA ALA F 193 -23.17 -22.59 -51.43
C ALA F 193 -24.36 -23.51 -51.66
N SER F 194 -25.11 -23.78 -50.59
CA SER F 194 -26.19 -24.75 -50.64
C SER F 194 -27.39 -24.21 -49.87
N PHE F 195 -28.55 -24.79 -50.16
CA PHE F 195 -29.77 -24.39 -49.47
C PHE F 195 -29.77 -24.87 -48.02
N MET F 196 -28.93 -25.86 -47.71
CA MET F 196 -28.69 -26.20 -46.32
C MET F 196 -27.79 -25.15 -45.68
N GLN F 197 -27.77 -25.11 -44.36
CA GLN F 197 -27.08 -24.08 -43.61
C GLN F 197 -25.96 -24.67 -42.78
N THR F 198 -24.93 -23.86 -42.55
CA THR F 198 -23.81 -24.22 -41.70
C THR F 198 -23.51 -23.05 -40.78
N LEU F 199 -23.08 -23.38 -39.56
CA LEU F 199 -22.80 -22.38 -38.53
C LEU F 199 -21.32 -21.99 -38.62
N TRP F 200 -21.07 -20.70 -38.78
CA TRP F 200 -19.72 -20.17 -38.92
C TRP F 200 -19.41 -19.22 -37.77
N ASN F 201 -18.16 -19.27 -37.31
CA ASN F 201 -17.66 -18.35 -36.30
C ASN F 201 -16.66 -17.40 -36.93
N MET F 202 -16.83 -16.11 -36.67
CA MET F 202 -15.89 -15.09 -37.11
C MET F 202 -14.89 -14.86 -35.98
N ASN F 203 -13.72 -15.48 -36.09
CA ASN F 203 -12.74 -15.22 -35.04
C ASN F 203 -11.78 -14.12 -35.47
N PRO F 204 -11.48 -13.15 -34.60
CA PRO F 204 -10.70 -12.00 -35.03
C PRO F 204 -9.21 -12.23 -34.91
N ILE F 205 -8.46 -11.59 -35.81
CA ILE F 205 -7.02 -11.67 -35.86
C ILE F 205 -6.45 -10.33 -35.38
N CYS F 206 -6.91 -9.24 -35.98
CA CYS F 206 -6.46 -7.90 -35.64
C CYS F 206 -7.61 -6.92 -35.84
N SER F 207 -7.60 -5.86 -35.03
CA SER F 207 -8.61 -4.82 -35.14
C SER F 207 -7.99 -3.49 -35.54
N CYS F 208 -7.05 -3.00 -34.74
CA CYS F 208 -6.40 -1.72 -34.96
C CYS F 208 -5.05 -1.74 -34.28
N CYS F 209 -4.02 -1.26 -34.98
CA CYS F 209 -2.65 -1.26 -34.49
C CYS F 209 -2.10 0.15 -34.45
N GLU F 210 -1.37 0.45 -33.38
CA GLU F 210 -0.66 1.71 -33.28
C GLU F 210 0.58 1.67 -34.17
N GLU F 211 1.08 2.86 -34.51
CA GLU F 211 2.22 2.98 -35.40
C GLU F 211 3.40 2.17 -34.87
N GLY F 212 4.19 1.63 -35.81
CA GLY F 212 5.23 0.70 -35.42
C GLY F 212 4.59 -0.49 -34.74
N TYR F 213 5.12 -0.84 -33.56
CA TYR F 213 4.42 -1.75 -32.67
C TYR F 213 4.08 -3.05 -33.38
N VAL F 214 5.12 -3.83 -33.69
CA VAL F 214 4.99 -5.06 -34.47
C VAL F 214 3.80 -5.86 -34.01
N THR F 215 3.08 -6.44 -34.98
CA THR F 215 1.96 -7.34 -34.73
C THR F 215 2.22 -8.67 -35.43
N GLY F 216 1.69 -9.72 -34.84
CA GLY F 216 1.90 -11.05 -35.40
C GLY F 216 1.22 -11.22 -36.73
N GLY F 217 1.75 -12.14 -37.53
CA GLY F 217 1.19 -12.47 -38.82
C GLY F 217 1.67 -11.61 -39.97
N HIS F 218 2.71 -10.80 -39.76
CA HIS F 218 3.21 -9.90 -40.79
C HIS F 218 4.60 -10.36 -41.24
N VAL F 219 4.82 -10.28 -42.54
CA VAL F 219 6.12 -10.62 -43.11
C VAL F 219 7.10 -9.50 -42.80
N LEU F 220 8.28 -9.87 -42.33
CA LEU F 220 9.28 -8.89 -41.92
C LEU F 220 10.66 -9.46 -42.12
N ARG F 221 11.66 -8.61 -41.91
CA ARG F 221 13.06 -8.99 -41.97
C ARG F 221 13.72 -8.80 -40.61
N LEU F 222 14.65 -9.69 -40.29
CA LEU F 222 15.45 -9.58 -39.08
C LEU F 222 16.86 -9.18 -39.46
N PHE F 223 17.33 -8.06 -38.92
CA PHE F 223 18.62 -7.49 -39.27
C PHE F 223 19.54 -7.57 -38.06
N HIS F 224 20.73 -8.11 -38.24
CA HIS F 224 21.61 -8.35 -37.11
C HIS F 224 21.97 -7.05 -36.41
N GLY F 225 22.38 -6.03 -37.17
CA GLY F 225 22.81 -4.77 -36.60
C GLY F 225 22.36 -3.57 -37.38
N HIS F 226 23.32 -2.73 -37.76
CA HIS F 226 23.06 -1.47 -38.45
C HIS F 226 22.65 -1.74 -39.90
N MET F 227 21.55 -2.46 -40.04
CA MET F 227 20.90 -2.67 -41.34
C MET F 227 21.85 -3.23 -42.39
N ASP F 228 22.90 -3.93 -41.98
CA ASP F 228 23.83 -4.49 -42.97
C ASP F 228 23.51 -5.95 -43.26
N GLU F 229 23.31 -6.75 -42.22
CA GLU F 229 23.11 -8.18 -42.36
C GLU F 229 21.72 -8.57 -41.88
N CYS F 230 21.15 -9.58 -42.54
CA CYS F 230 19.82 -10.06 -42.25
C CYS F 230 19.82 -11.57 -42.19
N LEU F 231 18.91 -12.12 -41.39
CA LEU F 231 18.75 -13.56 -41.32
C LEU F 231 18.15 -14.07 -42.62
N THR F 232 18.73 -15.13 -43.16
CA THR F 232 18.29 -15.68 -44.43
C THR F 232 18.65 -17.14 -44.51
N ILE F 233 18.21 -17.77 -45.60
CA ILE F 233 18.58 -19.15 -45.91
C ILE F 233 19.32 -19.14 -47.24
N SER F 234 19.78 -20.31 -47.67
CA SER F 234 20.57 -20.38 -48.88
C SER F 234 19.72 -20.06 -50.11
N ALA F 235 20.39 -19.58 -51.15
CA ALA F 235 19.70 -19.27 -52.39
C ALA F 235 19.23 -20.55 -53.06
N ALA F 236 18.33 -20.39 -54.03
CA ALA F 236 17.88 -21.54 -54.81
C ALA F 236 19.07 -22.19 -55.50
N ASP F 237 19.02 -23.53 -55.57
CA ASP F 237 19.89 -24.57 -56.19
C ASP F 237 21.11 -24.80 -55.29
N SER F 238 21.03 -24.41 -54.02
CA SER F 238 22.15 -24.61 -53.11
C SER F 238 22.26 -26.06 -52.67
N ASP F 239 23.48 -26.46 -52.30
CA ASP F 239 23.70 -27.83 -51.86
C ASP F 239 23.01 -28.11 -50.52
N ASP F 240 22.95 -27.10 -49.64
CA ASP F 240 22.36 -27.29 -48.32
C ASP F 240 20.88 -27.61 -48.37
N GLN F 241 20.26 -27.62 -49.56
CA GLN F 241 18.84 -27.88 -49.74
C GLN F 241 17.98 -26.81 -49.10
N ARG F 242 18.54 -25.62 -48.86
CA ARG F 242 17.82 -24.51 -48.26
C ARG F 242 17.29 -24.86 -46.88
N ARG F 243 18.07 -25.66 -46.14
CA ARG F 243 17.70 -26.11 -44.81
C ARG F 243 18.60 -25.52 -43.73
N LEU F 244 19.39 -24.51 -44.07
CA LEU F 244 20.31 -23.89 -43.14
C LEU F 244 20.08 -22.39 -43.12
N VAL F 245 20.43 -21.77 -42.00
CA VAL F 245 20.12 -20.37 -41.73
C VAL F 245 21.43 -19.61 -41.56
N TYR F 246 21.51 -18.45 -42.21
CA TYR F 246 22.70 -17.64 -42.20
C TYR F 246 22.34 -16.18 -41.98
N TYR F 247 23.28 -15.46 -41.37
CA TYR F 247 23.29 -14.01 -41.38
C TYR F 247 24.09 -13.56 -42.59
N GLU F 248 23.47 -12.78 -43.47
CA GLU F 248 24.09 -12.39 -44.72
C GLU F 248 23.67 -10.97 -45.07
N GLY F 249 24.58 -10.26 -45.72
CA GLY F 249 24.31 -8.91 -46.17
C GLY F 249 24.50 -8.76 -47.66
N GLY F 250 23.90 -7.72 -48.24
CA GLY F 250 23.95 -7.53 -49.68
C GLY F 250 22.57 -7.43 -50.30
N ALA F 251 22.40 -8.01 -51.48
CA ALA F 251 21.11 -7.99 -52.13
C ALA F 251 20.11 -8.91 -51.44
N VAL F 252 20.59 -9.80 -50.57
CA VAL F 252 19.72 -10.68 -49.81
C VAL F 252 18.77 -9.81 -48.99
N CYS F 253 19.22 -8.61 -48.62
CA CYS F 253 18.38 -7.70 -47.87
C CYS F 253 17.13 -7.33 -48.65
N THR F 254 17.28 -7.11 -49.95
CA THR F 254 16.14 -6.81 -50.81
C THR F 254 15.44 -8.06 -51.34
N HIS F 255 16.07 -9.22 -51.22
CA HIS F 255 15.52 -10.45 -51.75
C HIS F 255 14.45 -11.03 -50.85
N ALA F 256 13.66 -11.96 -51.40
CA ALA F 256 12.55 -12.54 -50.67
C ALA F 256 13.02 -13.55 -49.63
N ARG F 257 14.09 -14.29 -49.93
CA ARG F 257 14.52 -15.34 -49.03
C ARG F 257 14.94 -14.78 -47.68
N SER F 258 15.20 -13.47 -47.62
CA SER F 258 15.43 -12.82 -46.34
C SER F 258 14.15 -12.61 -45.55
N LEU F 259 12.99 -12.80 -46.17
CA LEU F 259 11.72 -12.50 -45.53
C LEU F 259 11.25 -13.64 -44.65
N TRP F 260 10.61 -13.27 -43.54
CA TRP F 260 10.08 -14.24 -42.58
C TRP F 260 8.72 -13.77 -42.11
N ARG F 261 7.91 -14.71 -41.65
CA ARG F 261 6.59 -14.43 -41.11
C ARG F 261 6.53 -14.94 -39.68
N LEU F 262 5.93 -14.14 -38.80
CA LEU F 262 5.79 -14.48 -37.39
C LEU F 262 4.37 -15.00 -37.14
N GLU F 263 4.27 -16.20 -36.59
CA GLU F 263 2.98 -16.84 -36.36
C GLU F 263 2.81 -17.14 -34.88
N PRO F 264 1.99 -16.38 -34.15
CA PRO F 264 1.70 -16.75 -32.76
C PRO F 264 1.03 -18.10 -32.67
N LEU F 265 1.29 -18.80 -31.57
CA LEU F 265 0.74 -20.14 -31.38
C LEU F 265 -0.77 -20.14 -31.30
N ARG F 266 -1.39 -19.00 -30.98
CA ARG F 266 -2.84 -18.91 -30.91
C ARG F 266 -3.40 -18.46 -32.26
N ILE F 267 -4.47 -19.11 -32.68
CA ILE F 267 -5.14 -18.71 -33.91
C ILE F 267 -5.89 -17.40 -33.70
N SER F 268 -6.65 -17.31 -32.62
CA SER F 268 -7.41 -16.11 -32.33
C SER F 268 -6.50 -15.00 -31.86
N TRP F 269 -6.76 -13.78 -32.33
CA TRP F 269 -5.99 -12.59 -31.95
C TRP F 269 -4.50 -12.82 -32.19
N SER F 270 -4.20 -13.52 -33.27
CA SER F 270 -2.81 -13.70 -33.67
C SER F 270 -2.22 -12.46 -34.30
N GLY F 271 -3.05 -11.50 -34.71
CA GLY F 271 -2.57 -10.25 -35.23
C GLY F 271 -2.40 -9.21 -34.14
N SER F 272 -2.45 -9.67 -32.89
CA SER F 272 -2.23 -8.79 -31.76
C SER F 272 -0.77 -8.33 -31.71
N HIS F 273 -0.53 -7.26 -30.97
CA HIS F 273 0.82 -6.76 -30.80
C HIS F 273 1.70 -7.84 -30.19
N LEU F 274 2.90 -7.99 -30.76
CA LEU F 274 3.87 -8.90 -30.16
C LEU F 274 4.34 -8.34 -28.82
N ARG F 275 4.48 -9.23 -27.86
CA ARG F 275 4.88 -8.86 -26.51
C ARG F 275 6.01 -9.77 -26.06
N TRP F 276 6.90 -9.21 -25.25
CA TRP F 276 8.10 -9.94 -24.84
C TRP F 276 7.72 -11.25 -24.18
N GLY F 277 8.43 -12.32 -24.56
CA GLY F 277 8.17 -13.64 -24.05
C GLY F 277 7.15 -14.44 -24.83
N GLN F 278 6.55 -13.85 -25.86
CA GLN F 278 5.47 -14.52 -26.55
C GLN F 278 6.00 -15.69 -27.37
N PRO F 279 5.51 -16.91 -27.11
CA PRO F 279 5.91 -18.04 -27.93
C PRO F 279 5.33 -17.90 -29.33
N LEU F 280 6.16 -18.18 -30.33
CA LEU F 280 5.71 -18.02 -31.70
C LEU F 280 6.58 -18.88 -32.60
N ARG F 281 6.08 -19.07 -33.82
CA ARG F 281 6.77 -19.84 -34.85
C ARG F 281 7.24 -18.86 -35.91
N ILE F 282 8.36 -19.19 -36.54
CA ILE F 282 8.94 -18.34 -37.58
C ILE F 282 8.96 -19.12 -38.87
N ARG F 283 8.29 -18.59 -39.89
CA ARG F 283 8.07 -19.27 -41.15
C ARG F 283 8.83 -18.57 -42.27
N HIS F 284 9.38 -19.36 -43.18
CA HIS F 284 10.01 -18.83 -44.38
C HIS F 284 8.97 -18.83 -45.50
N VAL F 285 8.69 -17.65 -46.06
CA VAL F 285 7.55 -17.49 -46.93
C VAL F 285 7.74 -18.28 -48.22
N THR F 286 8.91 -18.17 -48.84
CA THR F 286 9.13 -18.77 -50.15
C THR F 286 9.25 -20.28 -50.10
N THR F 287 9.50 -20.86 -48.92
CA THR F 287 9.63 -22.31 -48.80
C THR F 287 8.56 -22.94 -47.93
N GLY F 288 7.86 -22.17 -47.10
CA GLY F 288 6.87 -22.73 -46.21
C GLY F 288 7.45 -23.45 -45.02
N ARG F 289 8.75 -23.37 -44.81
CA ARG F 289 9.43 -24.10 -43.76
C ARG F 289 9.59 -23.23 -42.52
N TYR F 290 9.60 -23.88 -41.37
CA TYR F 290 9.58 -23.23 -40.07
C TYR F 290 10.94 -23.41 -39.40
N LEU F 291 11.41 -22.33 -38.78
CA LEU F 291 12.65 -22.38 -38.02
C LEU F 291 12.49 -23.34 -36.85
N ALA F 292 13.47 -24.23 -36.67
CA ALA F 292 13.36 -25.30 -35.70
C ALA F 292 14.73 -25.65 -35.16
N LEU F 293 14.72 -26.20 -33.95
CA LEU F 293 15.90 -26.76 -33.32
C LEU F 293 15.83 -28.29 -33.42
N THR F 294 16.76 -28.86 -34.17
CA THR F 294 16.87 -30.32 -34.30
C THR F 294 18.14 -30.79 -33.63
N GLU F 295 18.01 -31.81 -32.79
CA GLU F 295 19.17 -32.32 -32.07
C GLU F 295 20.24 -32.83 -33.03
N ASP F 296 19.83 -33.40 -34.16
CA ASP F 296 20.79 -33.97 -35.10
C ASP F 296 21.53 -32.89 -35.88
N GLN F 297 20.82 -31.82 -36.26
CA GLN F 297 21.38 -30.78 -37.13
C GLN F 297 21.25 -29.39 -36.53
N GLY F 298 20.81 -29.29 -35.28
CA GLY F 298 20.71 -27.99 -34.66
C GLY F 298 19.71 -27.10 -35.37
N LEU F 299 20.04 -25.81 -35.45
CA LEU F 299 19.14 -24.84 -36.05
C LEU F 299 18.98 -25.08 -37.54
N VAL F 300 17.75 -25.33 -37.96
CA VAL F 300 17.44 -25.53 -39.37
C VAL F 300 16.05 -24.98 -39.66
N VAL F 301 15.59 -25.12 -40.90
CA VAL F 301 14.20 -24.89 -41.27
C VAL F 301 13.63 -26.22 -41.73
N VAL F 302 12.57 -26.65 -41.07
CA VAL F 302 11.97 -27.96 -41.34
C VAL F 302 10.58 -27.76 -41.91
N ASP F 303 9.98 -28.87 -42.33
CA ASP F 303 8.64 -28.81 -42.89
C ASP F 303 7.59 -28.74 -41.78
N ALA F 304 6.39 -28.30 -42.17
CA ALA F 304 5.31 -28.15 -41.20
C ALA F 304 4.99 -29.48 -40.53
N CYS F 305 5.02 -30.57 -41.30
CA CYS F 305 4.71 -31.88 -40.75
C CYS F 305 5.62 -32.22 -39.57
N LYS F 306 6.87 -31.76 -39.59
CA LYS F 306 7.80 -31.99 -38.48
C LYS F 306 7.84 -30.84 -37.50
N ALA F 307 7.19 -29.73 -37.81
CA ALA F 307 7.16 -28.59 -36.90
C ALA F 307 6.16 -28.89 -35.80
N HIS F 308 6.67 -29.27 -34.63
CA HIS F 308 5.84 -29.71 -33.51
C HIS F 308 6.01 -28.81 -32.31
N THR F 309 5.98 -27.49 -32.54
CA THR F 309 5.91 -26.51 -31.46
C THR F 309 7.20 -26.48 -30.66
N LYS F 310 7.48 -27.57 -29.94
CA LYS F 310 8.67 -27.61 -29.09
C LYS F 310 9.92 -27.23 -29.87
N ALA F 311 10.05 -27.75 -31.08
CA ALA F 311 11.21 -27.41 -31.90
C ALA F 311 11.11 -26.02 -32.48
N THR F 312 9.89 -25.55 -32.77
CA THR F 312 9.68 -24.33 -33.52
C THR F 312 9.20 -23.17 -32.66
N SER F 313 9.04 -23.37 -31.37
CA SER F 313 8.56 -22.30 -30.50
C SER F 313 9.72 -21.38 -30.13
N PHE F 314 9.55 -20.09 -30.44
CA PHE F 314 10.57 -19.09 -30.16
C PHE F 314 9.92 -17.90 -29.46
N CYS F 315 10.76 -17.13 -28.77
CA CYS F 315 10.30 -15.93 -28.09
C CYS F 315 11.31 -14.81 -28.28
N PHE F 316 10.81 -13.59 -28.22
CA PHE F 316 11.64 -12.39 -28.24
C PHE F 316 11.77 -11.86 -26.82
N ARG F 317 13.00 -11.68 -26.36
CA ARG F 317 13.25 -11.09 -25.05
C ARG F 317 14.16 -9.89 -25.20
N VAL F 318 13.90 -8.86 -24.40
CA VAL F 318 14.71 -7.65 -24.45
C VAL F 318 16.08 -7.87 -23.83
N SER F 319 16.17 -8.75 -22.83
CA SER F 319 17.42 -9.02 -22.14
C SER F 319 17.64 -10.53 -22.07
N LYS F 320 18.90 -10.93 -22.03
CA LYS F 320 19.27 -12.33 -22.02
C LYS F 320 19.28 -12.93 -20.62
N GLU F 321 18.91 -12.16 -19.61
CA GLU F 321 18.90 -12.66 -18.25
C GLU F 321 17.85 -13.73 -18.08
N LYS F 322 18.17 -14.76 -17.29
CA LYS F 322 17.29 -15.91 -17.10
C LYS F 322 16.22 -15.58 -16.06
N LEU F 323 15.30 -14.71 -16.47
CA LEU F 323 14.19 -14.33 -15.57
C LEU F 323 13.13 -15.42 -15.52
N ASP F 324 12.51 -15.71 -16.67
CA ASP F 324 11.56 -16.80 -16.84
C ASP F 324 10.75 -17.04 -15.57
N THR F 325 10.23 -15.96 -14.99
CA THR F 325 9.59 -16.05 -13.68
C THR F 325 8.19 -16.67 -13.80
N ALA F 326 7.37 -16.14 -14.69
CA ALA F 326 5.97 -16.51 -14.77
C ALA F 326 5.62 -17.02 -16.16
N PRO F 327 4.92 -18.15 -16.28
CA PRO F 327 4.34 -18.49 -17.58
C PRO F 327 3.25 -17.50 -17.94
N LYS F 328 2.97 -17.40 -19.23
CA LYS F 328 2.14 -16.32 -19.71
C LYS F 328 0.65 -16.61 -19.59
N ARG F 329 -0.14 -15.56 -19.85
CA ARG F 329 -1.58 -15.60 -19.74
C ARG F 329 -2.19 -15.03 -21.01
N ASP F 330 -3.01 -15.83 -21.68
CA ASP F 330 -3.66 -15.37 -22.91
C ASP F 330 -4.56 -14.17 -22.64
N VAL F 331 -4.47 -13.18 -23.52
CA VAL F 331 -5.24 -11.94 -23.41
C VAL F 331 -6.07 -11.77 -24.67
N GLU F 332 -7.38 -11.61 -24.50
CA GLU F 332 -8.23 -11.26 -25.62
C GLU F 332 -8.01 -9.79 -25.99
N GLY F 333 -7.93 -9.54 -27.29
CA GLY F 333 -7.69 -8.20 -27.80
C GLY F 333 -6.27 -8.02 -28.30
N MET F 334 -6.03 -6.80 -28.78
CA MET F 334 -4.75 -6.49 -29.41
C MET F 334 -3.61 -6.44 -28.39
N GLY F 335 -3.89 -5.98 -27.17
CA GLY F 335 -2.90 -5.96 -26.13
C GLY F 335 -1.99 -4.76 -26.18
N PRO F 336 -1.05 -4.68 -25.24
CA PRO F 336 -0.19 -3.50 -25.15
C PRO F 336 0.83 -3.48 -26.27
N PRO F 337 1.18 -2.29 -26.78
CA PRO F 337 2.18 -2.19 -27.86
C PRO F 337 3.61 -2.20 -27.34
N GLU F 338 4.20 -3.38 -27.16
CA GLU F 338 5.53 -3.48 -26.56
C GLU F 338 6.66 -3.30 -27.58
N ILE F 339 6.69 -4.12 -28.62
CA ILE F 339 7.83 -4.21 -29.53
C ILE F 339 7.59 -3.32 -30.74
N LYS F 340 8.59 -2.51 -31.08
CA LYS F 340 8.49 -1.55 -32.17
C LYS F 340 9.43 -1.92 -33.31
N TYR F 341 9.05 -1.55 -34.52
CA TYR F 341 9.90 -1.75 -35.68
C TYR F 341 11.09 -0.80 -35.62
N GLY F 342 12.25 -1.30 -36.05
CA GLY F 342 13.41 -0.42 -36.21
C GLY F 342 14.11 -0.02 -34.95
N GLU F 343 13.35 0.29 -33.89
CA GLU F 343 13.95 0.78 -32.65
C GLU F 343 14.30 -0.36 -31.70
N SER F 344 13.36 -1.27 -31.46
CA SER F 344 13.55 -2.27 -30.42
C SER F 344 14.63 -3.27 -30.81
N LEU F 345 15.40 -3.69 -29.81
CA LEU F 345 16.41 -4.73 -29.97
C LEU F 345 15.93 -5.98 -29.26
N CYS F 346 15.90 -7.08 -29.99
CA CYS F 346 15.30 -8.32 -29.51
C CYS F 346 16.32 -9.45 -29.60
N PHE F 347 16.25 -10.36 -28.63
CA PHE F 347 17.02 -11.59 -28.62
C PHE F 347 16.06 -12.75 -28.80
N VAL F 348 16.35 -13.60 -29.78
CA VAL F 348 15.51 -14.75 -30.08
C VAL F 348 15.96 -15.92 -29.20
N GLN F 349 15.00 -16.54 -28.52
CA GLN F 349 15.29 -17.63 -27.61
C GLN F 349 14.36 -18.80 -27.91
N HIS F 350 14.94 -19.99 -28.03
CA HIS F 350 14.15 -21.21 -28.14
C HIS F 350 13.57 -21.55 -26.77
N VAL F 351 12.24 -21.54 -26.68
CA VAL F 351 11.59 -21.57 -25.37
C VAL F 351 11.95 -22.85 -24.62
N ALA F 352 11.80 -23.99 -25.28
CA ALA F 352 12.00 -25.26 -24.58
C ALA F 352 13.43 -25.42 -24.12
N SER F 353 14.39 -25.24 -25.03
CA SER F 353 15.80 -25.37 -24.67
C SER F 353 16.30 -24.18 -23.87
N GLY F 354 15.82 -22.99 -24.21
CA GLY F 354 16.34 -21.76 -23.64
C GLY F 354 17.56 -21.21 -24.33
N LEU F 355 18.03 -21.87 -25.39
CA LEU F 355 19.22 -21.42 -26.08
C LEU F 355 18.96 -20.11 -26.82
N TRP F 356 20.04 -19.40 -27.11
CA TRP F 356 19.99 -18.10 -27.77
C TRP F 356 20.53 -18.22 -29.18
N LEU F 357 19.91 -17.47 -30.09
CA LEU F 357 20.31 -17.47 -31.50
C LEU F 357 21.54 -16.59 -31.68
N THR F 358 22.57 -17.13 -32.32
CA THR F 358 23.83 -16.43 -32.46
C THR F 358 24.58 -16.98 -33.66
N TYR F 359 25.62 -16.26 -34.05
CA TYR F 359 26.45 -16.67 -35.17
C TYR F 359 27.43 -17.77 -34.75
N ALA F 360 27.93 -18.51 -35.75
CA ALA F 360 28.73 -19.70 -35.48
C ALA F 360 30.18 -19.34 -35.19
N ALA F 361 30.51 -18.06 -35.27
CA ALA F 361 31.86 -17.55 -35.06
C ALA F 361 32.77 -18.11 -36.14
N PRO F 362 32.58 -17.65 -37.39
CA PRO F 362 33.32 -18.26 -38.52
C PRO F 362 34.80 -18.41 -38.27
N ASP F 363 35.34 -19.56 -38.69
CA ASP F 363 36.75 -19.82 -38.55
C ASP F 363 37.54 -18.93 -39.52
N PRO F 364 38.83 -18.75 -39.26
CA PRO F 364 39.66 -18.04 -40.25
C PRO F 364 39.72 -18.81 -41.55
N LYS F 365 40.14 -18.11 -42.60
CA LYS F 365 40.09 -18.50 -44.01
C LYS F 365 38.69 -18.30 -44.60
N ALA F 366 37.67 -18.00 -43.79
CA ALA F 366 36.38 -17.61 -44.35
C ALA F 366 36.52 -16.30 -45.11
N LEU F 367 37.41 -15.42 -44.65
CA LEU F 367 37.69 -14.20 -45.40
C LEU F 367 38.25 -14.53 -46.78
N ARG F 368 39.13 -15.54 -46.86
CA ARG F 368 39.61 -15.98 -48.16
C ARG F 368 38.46 -16.53 -49.00
N LEU F 369 37.57 -17.31 -48.38
CA LEU F 369 36.37 -17.73 -49.08
C LEU F 369 35.53 -16.55 -49.55
N GLY F 370 35.68 -15.38 -48.92
CA GLY F 370 34.93 -14.21 -49.30
C GLY F 370 33.46 -14.33 -48.97
N VAL F 371 33.14 -15.26 -48.05
CA VAL F 371 31.75 -15.45 -47.66
C VAL F 371 31.32 -14.35 -46.73
N LEU F 372 30.20 -13.71 -47.05
CA LEU F 372 29.53 -12.78 -46.15
C LEU F 372 28.53 -13.49 -45.25
N LYS F 373 28.52 -14.83 -45.27
CA LYS F 373 27.51 -15.62 -44.59
C LYS F 373 28.07 -16.15 -43.28
N LYS F 374 27.32 -15.94 -42.20
CA LYS F 374 27.65 -16.49 -40.89
C LYS F 374 26.54 -17.45 -40.49
N LYS F 375 26.88 -18.73 -40.34
CA LYS F 375 25.87 -19.71 -39.98
C LYS F 375 25.28 -19.37 -38.61
N ALA F 376 23.98 -19.57 -38.49
CA ALA F 376 23.25 -19.25 -37.26
C ALA F 376 23.06 -20.50 -36.42
N ILE F 377 23.33 -20.38 -35.13
CA ILE F 377 23.30 -21.50 -34.20
C ILE F 377 22.56 -21.08 -32.94
N LEU F 378 22.23 -22.08 -32.13
CA LEU F 378 21.57 -21.86 -30.84
C LEU F 378 22.56 -22.21 -29.74
N HIS F 379 23.05 -21.18 -29.05
CA HIS F 379 24.09 -21.31 -28.05
C HIS F 379 23.62 -20.65 -26.76
N GLN F 380 23.86 -21.32 -25.63
CA GLN F 380 23.29 -20.86 -24.37
C GLN F 380 23.93 -19.56 -23.91
N GLU F 381 25.23 -19.38 -24.17
CA GLU F 381 25.88 -18.12 -23.80
C GLU F 381 25.57 -17.03 -24.83
N GLY F 382 25.87 -17.30 -26.09
CA GLY F 382 25.60 -16.32 -27.13
C GLY F 382 26.64 -15.22 -27.19
N HIS F 383 26.20 -14.08 -27.71
CA HIS F 383 27.05 -12.91 -27.85
C HIS F 383 26.23 -11.68 -27.51
N MET F 384 26.93 -10.55 -27.36
CA MET F 384 26.26 -9.28 -27.06
C MET F 384 25.51 -8.77 -28.29
N ASP F 385 26.12 -8.90 -29.47
CA ASP F 385 25.55 -8.40 -30.72
C ASP F 385 24.44 -9.30 -31.26
N ASP F 386 23.99 -10.27 -30.47
CA ASP F 386 22.94 -11.18 -30.90
C ASP F 386 21.60 -10.49 -31.12
N ALA F 387 21.45 -9.25 -30.66
CA ALA F 387 20.18 -8.55 -30.79
C ALA F 387 19.85 -8.32 -32.26
N LEU F 388 18.55 -8.25 -32.54
CA LEU F 388 18.05 -8.13 -33.91
C LEU F 388 17.06 -6.98 -34.00
N PHE F 389 17.12 -6.28 -35.14
CA PHE F 389 16.16 -5.25 -35.49
C PHE F 389 15.10 -5.86 -36.39
N LEU F 390 13.83 -5.63 -36.06
CA LEU F 390 12.75 -6.05 -36.93
C LEU F 390 12.41 -4.94 -37.91
N THR F 391 12.29 -5.28 -39.19
CA THR F 391 12.08 -4.31 -40.25
C THR F 391 10.86 -4.72 -41.07
N ARG F 392 10.04 -3.72 -41.40
CA ARG F 392 8.79 -3.97 -42.09
C ARG F 392 9.04 -4.35 -43.54
N CYS F 393 8.09 -5.09 -44.10
CA CYS F 393 8.14 -5.56 -45.48
C CYS F 393 6.97 -5.00 -46.26
N GLN F 394 7.21 -4.66 -47.52
CA GLN F 394 6.15 -4.14 -48.37
C GLN F 394 5.10 -5.22 -48.65
N GLN F 395 3.86 -4.77 -48.80
CA GLN F 395 2.80 -5.67 -49.22
C GLN F 395 3.15 -6.34 -50.53
N GLU F 396 3.77 -5.60 -51.44
CA GLU F 396 4.15 -6.17 -52.73
C GLU F 396 5.13 -7.31 -52.54
N GLU F 397 6.14 -7.12 -51.70
CA GLU F 397 7.13 -8.18 -51.47
C GLU F 397 6.52 -9.38 -50.79
N SER F 398 5.66 -9.17 -49.79
CA SER F 398 5.00 -10.28 -49.12
C SER F 398 4.17 -11.09 -50.11
N GLN F 399 3.36 -10.37 -50.91
CA GLN F 399 2.54 -11.01 -51.91
C GLN F 399 3.39 -11.79 -52.90
N ALA F 400 4.51 -11.20 -53.33
CA ALA F 400 5.38 -11.85 -54.30
C ALA F 400 6.00 -13.12 -53.72
N ALA F 401 6.41 -13.08 -52.46
CA ALA F 401 7.01 -14.27 -51.85
C ALA F 401 6.00 -15.40 -51.75
N ARG F 402 4.77 -15.09 -51.30
CA ARG F 402 3.77 -16.14 -51.22
C ARG F 402 3.42 -16.67 -52.60
N MET F 403 3.34 -15.77 -53.59
CA MET F 403 3.16 -16.18 -54.98
C MET F 403 4.25 -17.15 -55.40
N ILE F 404 5.50 -16.83 -55.07
CA ILE F 404 6.62 -17.66 -55.48
C ILE F 404 6.48 -19.04 -54.88
N HIS F 405 6.14 -19.11 -53.61
CA HIS F 405 5.98 -20.41 -52.95
C HIS F 405 4.91 -21.25 -53.65
N SER F 406 3.72 -20.67 -53.84
CA SER F 406 2.62 -21.41 -54.46
C SER F 406 2.97 -21.82 -55.88
N THR F 407 3.52 -20.90 -56.66
CA THR F 407 3.83 -21.19 -58.06
C THR F 407 4.90 -22.26 -58.18
N ALA F 408 5.92 -22.20 -57.33
CA ALA F 408 6.95 -23.23 -57.33
C ALA F 408 6.33 -24.59 -57.06
N GLY F 409 5.47 -24.68 -56.04
CA GLY F 409 4.84 -25.95 -55.75
C GLY F 409 4.04 -26.49 -56.95
N LEU F 410 3.22 -25.62 -57.54
CA LEU F 410 2.36 -26.06 -58.63
C LEU F 410 3.18 -26.50 -59.84
N TYR F 411 4.15 -25.69 -60.24
CA TYR F 411 4.94 -26.01 -61.42
C TYR F 411 5.79 -27.25 -61.21
N ASN F 412 6.31 -27.45 -59.99
CA ASN F 412 7.07 -28.66 -59.73
C ASN F 412 6.17 -29.89 -59.76
N GLN F 413 4.94 -29.79 -59.28
CA GLN F 413 4.00 -30.90 -59.43
C GLN F 413 3.75 -31.20 -60.90
N PHE F 414 3.56 -30.16 -61.70
CA PHE F 414 3.36 -30.34 -63.14
C PHE F 414 4.55 -31.06 -63.78
N ILE F 415 5.76 -30.60 -63.46
CA ILE F 415 6.99 -31.19 -64.02
C ILE F 415 7.10 -32.65 -63.61
N LYS F 416 6.74 -32.93 -62.37
CA LYS F 416 6.52 -34.28 -61.87
C LYS F 416 5.59 -35.15 -62.66
N GLY F 417 4.43 -34.69 -62.98
CA GLY F 417 3.60 -35.54 -63.81
C GLY F 417 4.22 -35.77 -65.17
N LEU F 418 4.78 -34.71 -65.76
CA LEU F 418 5.39 -34.84 -67.08
C LEU F 418 6.51 -35.86 -67.08
N ASP F 419 7.40 -35.81 -66.08
CA ASP F 419 8.46 -36.79 -65.97
C ASP F 419 7.93 -38.18 -65.67
N SER F 420 6.83 -38.28 -64.92
CA SER F 420 6.27 -39.59 -64.60
C SER F 420 5.82 -40.31 -65.86
N PHE F 421 5.17 -39.60 -66.78
CA PHE F 421 4.75 -40.22 -68.03
C PHE F 421 5.63 -39.84 -69.21
N SER F 422 6.87 -39.41 -68.95
CA SER F 422 7.76 -39.03 -70.03
C SER F 422 8.00 -40.20 -70.99
N GLY F 423 8.62 -41.27 -70.50
CA GLY F 423 8.97 -42.41 -71.32
C GLY F 423 7.96 -43.54 -71.34
N LYS F 424 6.78 -43.33 -70.76
CA LYS F 424 5.77 -44.38 -70.66
C LYS F 424 4.59 -44.03 -71.55
N PRO F 425 4.52 -44.54 -72.77
CA PRO F 425 3.33 -44.29 -73.60
C PRO F 425 2.08 -44.85 -72.96
N ARG F 426 0.98 -44.13 -73.10
CA ARG F 426 -0.29 -44.61 -72.56
C ARG F 426 -0.82 -45.78 -73.37
N GLY F 427 -0.30 -46.00 -74.57
CA GLY F 427 -0.80 -47.05 -75.40
C GLY F 427 -2.27 -46.84 -75.72
N SER F 428 -2.99 -47.96 -75.80
CA SER F 428 -4.44 -47.93 -76.02
C SER F 428 -5.16 -47.97 -74.66
N GLY F 429 -4.73 -47.08 -73.78
CA GLY F 429 -5.24 -47.03 -72.43
C GLY F 429 -5.02 -45.67 -71.80
N PRO F 430 -5.14 -45.58 -70.47
CA PRO F 430 -4.98 -44.30 -69.81
C PRO F 430 -3.51 -43.95 -69.67
N PRO F 431 -3.18 -42.68 -69.43
CA PRO F 431 -1.77 -42.36 -69.16
C PRO F 431 -1.23 -43.06 -67.93
N ALA F 432 -2.11 -43.57 -67.07
CA ALA F 432 -1.71 -44.33 -65.89
C ALA F 432 -0.86 -43.48 -64.97
N GLY F 433 -1.42 -42.38 -64.47
CA GLY F 433 -0.74 -41.52 -63.54
C GLY F 433 -1.64 -40.41 -63.04
N PRO F 434 -1.19 -39.70 -62.01
CA PRO F 434 -2.03 -38.64 -61.44
C PRO F 434 -2.32 -37.54 -62.45
N ALA F 435 -3.54 -37.02 -62.37
CA ALA F 435 -3.98 -36.01 -63.33
C ALA F 435 -3.14 -34.74 -63.20
N LEU F 436 -2.80 -34.16 -64.34
CA LEU F 436 -2.01 -32.95 -64.34
C LEU F 436 -2.87 -31.75 -63.97
N PRO F 437 -2.32 -30.77 -63.24
CA PRO F 437 -3.08 -29.56 -62.87
C PRO F 437 -3.14 -28.55 -64.01
N ILE F 438 -3.79 -28.95 -65.11
CA ILE F 438 -3.79 -28.15 -66.32
C ILE F 438 -4.45 -26.80 -66.08
N GLU F 439 -5.66 -26.82 -65.52
CA GLU F 439 -6.41 -25.58 -65.32
C GLU F 439 -5.72 -24.67 -64.33
N ALA F 440 -5.16 -25.24 -63.26
CA ALA F 440 -4.45 -24.42 -62.28
C ALA F 440 -3.23 -23.76 -62.91
N VAL F 441 -2.49 -24.52 -63.72
CA VAL F 441 -1.32 -23.96 -64.40
C VAL F 441 -1.75 -22.82 -65.31
N ILE F 442 -2.83 -23.04 -66.07
CA ILE F 442 -3.30 -22.03 -67.01
C ILE F 442 -3.68 -20.75 -66.26
N LEU F 443 -4.46 -20.89 -65.18
CA LEU F 443 -4.90 -19.72 -64.44
C LEU F 443 -3.73 -19.00 -63.80
N SER F 444 -2.78 -19.75 -63.24
CA SER F 444 -1.60 -19.14 -62.65
C SER F 444 -0.82 -18.36 -63.70
N LEU F 445 -0.64 -18.94 -64.88
CA LEU F 445 0.10 -18.28 -65.95
C LEU F 445 -0.60 -17.00 -66.38
N GLN F 446 -1.92 -17.05 -66.55
CA GLN F 446 -2.67 -15.87 -66.95
C GLN F 446 -2.57 -14.77 -65.91
N ASP F 447 -2.76 -15.14 -64.63
CA ASP F 447 -2.70 -14.16 -63.56
C ASP F 447 -1.31 -13.55 -63.45
N LEU F 448 -0.27 -14.36 -63.65
CA LEU F 448 1.09 -13.84 -63.57
C LEU F 448 1.39 -12.92 -64.73
N ILE F 449 0.86 -13.23 -65.92
CA ILE F 449 1.03 -12.33 -67.06
C ILE F 449 0.37 -10.99 -66.77
N GLY F 450 -0.85 -11.02 -66.26
CA GLY F 450 -1.50 -9.77 -65.89
C GLY F 450 -0.77 -9.05 -64.77
N TYR F 451 -0.13 -9.81 -63.89
CA TYR F 451 0.61 -9.24 -62.76
C TYR F 451 1.89 -8.56 -63.22
N PHE F 452 2.51 -9.09 -64.28
CA PHE F 452 3.73 -8.52 -64.83
C PHE F 452 3.45 -7.62 -66.03
N GLU F 453 2.18 -7.35 -66.35
CA GLU F 453 1.87 -6.52 -67.48
C GLU F 453 2.48 -5.13 -67.31
N PRO F 454 3.12 -4.58 -68.35
CA PRO F 454 3.73 -3.25 -68.22
C PRO F 454 2.66 -2.17 -68.17
N PRO F 455 2.97 -1.03 -67.55
CA PRO F 455 1.97 0.04 -67.45
C PRO F 455 1.61 0.60 -68.81
N SER F 456 0.40 1.12 -68.92
CA SER F 456 -0.06 1.71 -70.16
C SER F 456 0.64 3.03 -70.44
N GLU F 457 0.80 3.34 -71.72
CA GLU F 457 1.48 4.58 -72.11
C GLU F 457 0.64 5.80 -71.78
N GLU F 458 -0.69 5.67 -71.78
CA GLU F 458 -1.54 6.81 -71.49
C GLU F 458 -1.32 7.32 -70.07
N LEU F 459 -0.88 6.45 -69.17
CA LEU F 459 -0.64 6.87 -67.80
C LEU F 459 0.40 7.98 -67.76
N GLN F 460 0.33 8.77 -66.69
CA GLN F 460 1.27 9.87 -66.53
C GLN F 460 2.67 9.34 -66.20
N HIS F 461 3.66 10.21 -66.40
CA HIS F 461 5.05 9.81 -66.32
C HIS F 461 5.40 9.27 -64.94
N GLU F 462 4.96 9.95 -63.89
CA GLU F 462 5.31 9.53 -62.54
C GLU F 462 4.73 8.16 -62.21
N GLU F 463 3.45 7.95 -62.53
CA GLU F 463 2.83 6.66 -62.26
C GLU F 463 3.51 5.56 -63.07
N LYS F 464 3.83 5.84 -64.33
CA LYS F 464 4.53 4.84 -65.13
C LYS F 464 5.86 4.47 -64.50
N GLN F 465 6.59 5.48 -64.01
CA GLN F 465 7.88 5.20 -63.38
C GLN F 465 7.69 4.34 -62.13
N SER F 466 6.67 4.63 -61.33
CA SER F 466 6.44 3.83 -60.12
C SER F 466 6.10 2.39 -60.48
N LYS F 467 5.22 2.20 -61.46
CA LYS F 467 4.86 0.83 -61.86
C LYS F 467 6.07 0.11 -62.42
N LEU F 468 6.90 0.80 -63.20
CA LEU F 468 8.09 0.16 -63.76
C LEU F 468 9.06 -0.24 -62.67
N ARG F 469 9.23 0.61 -61.66
CA ARG F 469 10.09 0.26 -60.53
C ARG F 469 9.55 -1.00 -59.83
N SER F 470 8.25 -1.02 -59.56
CA SER F 470 7.65 -2.18 -58.93
C SER F 470 7.83 -3.43 -59.78
N LEU F 471 7.66 -3.29 -61.09
CA LEU F 471 7.77 -4.43 -61.99
C LEU F 471 9.20 -4.97 -62.02
N ARG F 472 10.19 -4.08 -62.09
CA ARG F 472 11.57 -4.54 -62.05
C ARG F 472 11.87 -5.26 -60.74
N ASN F 473 11.37 -4.71 -59.62
CA ASN F 473 11.58 -5.36 -58.34
C ASN F 473 10.97 -6.77 -58.34
N ARG F 474 9.74 -6.89 -58.81
CA ARG F 474 9.08 -8.20 -58.82
C ARG F 474 9.81 -9.18 -59.73
N GLN F 475 10.23 -8.71 -60.90
CA GLN F 475 11.03 -9.54 -61.81
C GLN F 475 12.27 -10.05 -61.11
N SER F 476 12.99 -9.17 -60.43
CA SER F 476 14.23 -9.57 -59.78
C SER F 476 13.95 -10.58 -58.67
N LEU F 477 12.89 -10.37 -57.90
CA LEU F 477 12.56 -11.32 -56.84
C LEU F 477 12.27 -12.70 -57.42
N PHE F 478 11.44 -12.77 -58.47
CA PHE F 478 11.11 -14.05 -59.07
C PHE F 478 12.37 -14.71 -59.63
N GLN F 479 13.21 -13.95 -60.34
CA GLN F 479 14.43 -14.51 -60.90
C GLN F 479 15.33 -15.06 -59.81
N GLU F 480 15.53 -14.30 -58.73
CA GLU F 480 16.39 -14.73 -57.64
C GLU F 480 15.83 -15.94 -56.91
N GLU F 481 14.52 -16.14 -56.94
CA GLU F 481 13.93 -17.35 -56.38
C GLU F 481 13.80 -18.47 -57.40
N GLY F 482 14.23 -18.25 -58.64
CA GLY F 482 14.38 -19.31 -59.61
C GLY F 482 13.17 -19.66 -60.44
N MET F 483 12.15 -18.78 -60.53
CA MET F 483 10.98 -19.09 -61.28
C MET F 483 11.33 -19.27 -62.73
N LEU F 484 12.20 -18.39 -63.24
CA LEU F 484 12.55 -18.39 -64.66
C LEU F 484 13.11 -19.76 -65.10
N SER F 485 14.01 -20.34 -64.30
CA SER F 485 14.53 -21.66 -64.61
C SER F 485 13.41 -22.70 -64.63
N LEU F 486 12.45 -22.56 -63.71
CA LEU F 486 11.31 -23.47 -63.68
C LEU F 486 10.50 -23.37 -64.97
N VAL F 487 10.28 -22.14 -65.44
CA VAL F 487 9.55 -21.94 -66.69
C VAL F 487 10.31 -22.60 -67.84
N LEU F 488 11.63 -22.41 -67.88
CA LEU F 488 12.43 -23.01 -68.94
C LEU F 488 12.34 -24.53 -68.89
N ASN F 489 12.38 -25.10 -67.69
CA ASN F 489 12.29 -26.55 -67.55
C ASN F 489 10.95 -27.08 -68.03
N CYS F 490 9.87 -26.41 -67.63
CA CYS F 490 8.54 -26.79 -68.11
C CYS F 490 8.48 -26.72 -69.62
N ILE F 491 9.05 -25.66 -70.19
CA ILE F 491 9.04 -25.50 -71.64
C ILE F 491 9.81 -26.63 -72.31
N ASP F 492 10.94 -27.01 -71.74
CA ASP F 492 11.72 -28.10 -72.31
C ASP F 492 10.94 -29.40 -72.32
N ARG F 493 10.32 -29.73 -71.17
CA ARG F 493 9.60 -31.00 -71.08
C ARG F 493 8.35 -30.99 -71.95
N LEU F 494 7.76 -29.81 -72.17
CA LEU F 494 6.65 -29.72 -73.11
C LEU F 494 7.12 -29.74 -74.56
N ASN F 495 8.34 -29.29 -74.82
CA ASN F 495 8.89 -29.25 -76.17
C ASN F 495 9.29 -30.63 -76.65
N VAL F 496 9.76 -31.49 -75.75
CA VAL F 496 10.11 -32.85 -76.15
C VAL F 496 9.01 -33.45 -77.02
N TYR F 497 7.77 -33.01 -76.81
CA TYR F 497 6.66 -33.43 -77.65
C TYR F 497 6.44 -32.41 -78.75
N THR F 498 6.46 -32.87 -80.01
CA THR F 498 6.39 -31.95 -81.14
C THR F 498 5.00 -31.35 -81.28
N THR F 499 3.96 -32.15 -81.09
CA THR F 499 2.60 -31.73 -81.37
C THR F 499 1.66 -32.27 -80.30
N ALA F 500 0.41 -31.79 -80.37
CA ALA F 500 -0.58 -32.17 -79.37
C ALA F 500 -0.89 -33.65 -79.42
N ALA F 501 -0.93 -34.25 -80.61
CA ALA F 501 -1.17 -35.68 -80.72
C ALA F 501 -0.01 -36.47 -80.12
N HIS F 502 1.22 -36.02 -80.37
CA HIS F 502 2.38 -36.66 -79.76
C HIS F 502 2.30 -36.56 -78.25
N PHE F 503 1.84 -35.43 -77.74
CA PHE F 503 1.64 -35.30 -76.29
C PHE F 503 0.55 -36.25 -75.81
N ALA F 504 -0.53 -36.38 -76.56
CA ALA F 504 -1.64 -37.23 -76.18
C ALA F 504 -1.20 -38.68 -76.06
N GLU F 505 -0.33 -39.11 -76.97
CA GLU F 505 0.15 -40.49 -76.93
C GLU F 505 0.68 -40.86 -75.54
N TYR F 506 1.09 -39.87 -74.77
CA TYR F 506 1.66 -40.11 -73.44
C TYR F 506 0.74 -39.63 -72.32
N ALA F 507 -0.06 -38.59 -72.56
CA ALA F 507 -0.84 -37.94 -71.52
C ALA F 507 -2.33 -37.89 -71.82
N GLY F 508 -2.74 -38.12 -73.06
CA GLY F 508 -4.15 -38.16 -73.38
C GLY F 508 -4.62 -36.89 -74.09
N GLU F 509 -5.76 -37.04 -74.78
CA GLU F 509 -6.33 -35.93 -75.53
C GLU F 509 -6.69 -34.77 -74.59
N GLU F 510 -7.16 -35.09 -73.39
CA GLU F 510 -7.63 -34.07 -72.46
C GLU F 510 -6.55 -33.04 -72.16
N ALA F 511 -5.31 -33.49 -72.02
CA ALA F 511 -4.19 -32.57 -71.84
C ALA F 511 -3.65 -32.08 -73.18
N ALA F 512 -3.85 -32.88 -74.24
CA ALA F 512 -3.38 -32.47 -75.55
C ALA F 512 -4.05 -31.19 -76.01
N GLU F 513 -5.33 -30.98 -75.66
CA GLU F 513 -5.98 -29.74 -76.09
C GLU F 513 -5.25 -28.53 -75.54
N SER F 514 -4.86 -28.56 -74.27
CA SER F 514 -4.27 -27.41 -73.59
C SER F 514 -2.76 -27.34 -73.75
N TRP F 515 -2.15 -28.36 -74.35
CA TRP F 515 -0.72 -28.29 -74.66
C TRP F 515 -0.32 -26.95 -75.26
N LYS F 516 -0.94 -26.59 -76.39
CA LYS F 516 -0.54 -25.39 -77.13
C LYS F 516 -0.77 -24.13 -76.30
N GLU F 517 -1.92 -24.05 -75.65
CA GLU F 517 -2.22 -22.89 -74.81
C GLU F 517 -1.17 -22.73 -73.73
N ILE F 518 -0.77 -23.83 -73.11
CA ILE F 518 0.19 -23.77 -72.01
C ILE F 518 1.55 -23.31 -72.52
N VAL F 519 1.98 -23.84 -73.67
CA VAL F 519 3.29 -23.43 -74.18
C VAL F 519 3.30 -21.94 -74.53
N ASN F 520 2.22 -21.46 -75.17
CA ASN F 520 2.15 -20.05 -75.49
C ASN F 520 2.16 -19.20 -74.23
N LEU F 521 1.41 -19.62 -73.21
CA LEU F 521 1.36 -18.89 -71.95
C LEU F 521 2.73 -18.87 -71.29
N LEU F 522 3.46 -19.98 -71.36
CA LEU F 522 4.78 -20.04 -70.74
C LEU F 522 5.74 -19.09 -71.43
N TYR F 523 5.73 -19.07 -72.77
CA TYR F 523 6.60 -18.15 -73.47
C TYR F 523 6.24 -16.70 -73.16
N GLU F 524 4.94 -16.40 -73.09
CA GLU F 524 4.52 -15.05 -72.75
C GLU F 524 4.97 -14.66 -71.35
N LEU F 525 4.86 -15.58 -70.39
CA LEU F 525 5.31 -15.30 -69.04
C LEU F 525 6.81 -15.05 -69.00
N LEU F 526 7.58 -15.84 -69.75
CA LEU F 526 9.02 -15.62 -69.80
C LEU F 526 9.33 -14.23 -70.34
N ALA F 527 8.65 -13.85 -71.42
CA ALA F 527 8.86 -12.53 -71.99
C ALA F 527 8.52 -11.43 -70.99
N SER F 528 7.41 -11.60 -70.28
CA SER F 528 7.03 -10.62 -69.26
C SER F 528 8.07 -10.54 -68.15
N LEU F 529 8.62 -11.68 -67.75
CA LEU F 529 9.59 -11.70 -66.67
C LEU F 529 10.88 -10.99 -67.07
N ILE F 530 11.33 -11.19 -68.30
CA ILE F 530 12.62 -10.64 -68.72
C ILE F 530 12.50 -9.23 -69.30
N ARG F 531 11.32 -8.80 -69.72
CA ARG F 531 11.20 -7.53 -70.42
C ARG F 531 11.66 -6.39 -69.55
N GLY F 532 12.53 -5.54 -70.10
CA GLY F 532 13.00 -4.36 -69.43
C GLY F 532 14.06 -4.59 -68.38
N ASN F 533 14.45 -5.83 -68.13
CA ASN F 533 15.44 -6.16 -67.10
C ASN F 533 16.70 -6.69 -67.77
N ARG F 534 17.75 -5.86 -67.74
CA ARG F 534 18.97 -6.19 -68.46
C ARG F 534 19.61 -7.45 -67.90
N ALA F 535 19.59 -7.61 -66.58
CA ALA F 535 20.21 -8.79 -65.97
C ALA F 535 19.49 -10.06 -66.40
N ASN F 536 18.16 -10.06 -66.31
CA ASN F 536 17.39 -11.24 -66.66
C ASN F 536 17.54 -11.57 -68.15
N CYS F 537 17.69 -10.53 -68.98
CA CYS F 537 17.94 -10.79 -70.40
C CYS F 537 19.36 -11.29 -70.63
N ALA F 538 20.31 -10.83 -69.82
CA ALA F 538 21.70 -11.23 -69.98
C ALA F 538 21.90 -12.69 -69.57
N LEU F 539 21.04 -13.20 -68.68
CA LEU F 539 21.18 -14.60 -68.29
C LEU F 539 21.18 -15.52 -69.49
N PHE F 540 20.52 -15.13 -70.58
CA PHE F 540 20.40 -15.98 -71.75
C PHE F 540 21.66 -16.01 -72.60
N SER F 541 22.70 -15.26 -72.23
CA SER F 541 23.96 -15.32 -72.97
C SER F 541 24.52 -16.73 -72.97
N THR F 542 24.30 -17.48 -71.91
CA THR F 542 24.83 -18.84 -71.82
C THR F 542 24.07 -19.79 -72.74
N ASN F 543 22.76 -19.62 -72.85
CA ASN F 543 21.90 -20.59 -73.53
C ASN F 543 21.06 -19.89 -74.61
N LEU F 544 21.72 -19.02 -75.38
CA LEU F 544 21.05 -18.40 -76.52
C LEU F 544 20.50 -19.45 -77.48
N ASP F 545 21.22 -20.55 -77.68
CA ASP F 545 20.75 -21.59 -78.60
C ASP F 545 19.39 -22.12 -78.16
N TRP F 546 19.09 -22.01 -76.87
CA TRP F 546 17.81 -22.45 -76.34
C TRP F 546 16.63 -21.81 -77.08
N VAL F 547 16.81 -20.55 -77.49
CA VAL F 547 15.73 -19.82 -78.15
C VAL F 547 15.77 -20.03 -79.65
N VAL F 548 16.96 -19.98 -80.23
CA VAL F 548 17.10 -20.11 -81.69
C VAL F 548 16.67 -21.49 -82.14
N SER F 549 17.00 -22.52 -81.37
CA SER F 549 16.58 -23.87 -81.73
C SER F 549 15.07 -23.99 -81.76
N LYS F 550 14.37 -23.26 -80.90
CA LYS F 550 12.92 -23.35 -80.79
C LYS F 550 12.20 -22.37 -81.70
N LEU F 551 12.91 -21.40 -82.27
CA LEU F 551 12.26 -20.43 -83.16
C LEU F 551 11.44 -21.13 -84.24
N ASP F 552 11.95 -22.22 -84.80
CA ASP F 552 11.28 -22.86 -85.93
C ASP F 552 9.94 -23.47 -85.55
N ARG F 553 9.75 -23.83 -84.28
CA ARG F 553 8.50 -24.47 -83.87
C ARG F 553 7.32 -23.55 -84.14
N LEU F 554 6.22 -24.15 -84.58
CA LEU F 554 5.08 -23.39 -85.10
C LEU F 554 4.08 -23.00 -84.03
N GLU F 555 4.04 -23.73 -82.91
CA GLU F 555 2.98 -23.52 -81.93
C GLU F 555 3.09 -22.14 -81.28
N ALA F 556 4.30 -21.68 -80.99
CA ALA F 556 4.53 -20.43 -80.26
C ALA F 556 5.64 -19.62 -80.91
N SER F 557 5.60 -19.54 -82.24
CA SER F 557 6.62 -18.81 -82.97
C SER F 557 6.65 -17.34 -82.54
N SER F 558 5.47 -16.72 -82.45
CA SER F 558 5.41 -15.32 -82.07
C SER F 558 5.96 -15.10 -80.66
N GLY F 559 5.61 -15.97 -79.72
CA GLY F 559 6.09 -15.82 -78.37
C GLY F 559 7.60 -15.98 -78.27
N ILE F 560 8.14 -16.98 -78.96
CA ILE F 560 9.59 -17.17 -78.94
C ILE F 560 10.28 -15.96 -79.56
N LEU F 561 9.71 -15.44 -80.64
CA LEU F 561 10.29 -14.26 -81.29
C LEU F 561 10.26 -13.05 -80.37
N GLU F 562 9.18 -12.87 -79.62
CA GLU F 562 9.11 -11.76 -78.66
C GLU F 562 10.15 -11.93 -77.57
N VAL F 563 10.33 -13.16 -77.09
CA VAL F 563 11.37 -13.43 -76.10
C VAL F 563 12.73 -13.00 -76.64
N LEU F 564 13.04 -13.43 -77.86
CA LEU F 564 14.31 -13.07 -78.48
C LEU F 564 14.45 -11.56 -78.62
N TYR F 565 13.38 -10.89 -79.06
CA TYR F 565 13.41 -9.45 -79.22
C TYR F 565 13.74 -8.76 -77.90
N CYS F 566 13.04 -9.16 -76.83
CA CYS F 566 13.29 -8.56 -75.53
C CYS F 566 14.73 -8.76 -75.10
N VAL F 567 15.24 -9.99 -75.25
CA VAL F 567 16.61 -10.29 -74.85
C VAL F 567 17.58 -9.38 -75.61
N LEU F 568 17.40 -9.27 -76.92
CA LEU F 568 18.38 -8.57 -77.74
C LEU F 568 18.34 -7.06 -77.50
N ILE F 569 17.15 -6.49 -77.27
CA ILE F 569 17.10 -5.09 -76.84
C ILE F 569 17.84 -4.91 -75.53
N GLU F 570 17.56 -5.74 -74.53
CA GLU F 570 18.04 -5.41 -73.20
C GLU F 570 19.54 -5.65 -73.06
N SER F 571 20.06 -6.68 -73.71
CA SER F 571 21.41 -7.14 -73.42
C SER F 571 22.33 -7.00 -74.62
N PRO F 572 23.47 -6.30 -74.48
CA PRO F 572 24.51 -6.39 -75.50
C PRO F 572 25.38 -7.62 -75.37
N GLU F 573 25.44 -8.22 -74.18
CA GLU F 573 26.26 -9.41 -73.96
C GLU F 573 25.88 -10.50 -74.94
N VAL F 574 24.58 -10.64 -75.22
CA VAL F 574 24.14 -11.62 -76.22
C VAL F 574 24.63 -11.21 -77.60
N LEU F 575 24.54 -9.92 -77.92
CA LEU F 575 24.99 -9.44 -79.21
C LEU F 575 26.45 -9.74 -79.45
N ASN F 576 27.28 -9.72 -78.40
CA ASN F 576 28.69 -10.02 -78.58
C ASN F 576 28.93 -11.50 -78.82
N ILE F 577 28.00 -12.36 -78.40
CA ILE F 577 28.18 -13.80 -78.60
C ILE F 577 27.40 -14.33 -79.80
N ILE F 578 26.63 -13.48 -80.48
CA ILE F 578 25.90 -13.94 -81.66
C ILE F 578 26.84 -14.62 -82.64
N GLN F 579 26.29 -15.59 -83.39
CA GLN F 579 27.05 -16.25 -84.45
C GLN F 579 26.25 -16.34 -85.75
N GLU F 580 26.98 -16.74 -86.79
CA GLU F 580 26.41 -16.92 -88.12
C GLU F 580 25.28 -17.92 -88.10
N ASN F 581 25.42 -18.99 -87.30
CA ASN F 581 24.34 -19.96 -87.17
C ASN F 581 23.05 -19.28 -86.75
N HIS F 582 23.13 -18.39 -85.76
CA HIS F 582 21.94 -17.69 -85.28
C HIS F 582 21.38 -16.76 -86.34
N ILE F 583 22.26 -16.00 -86.99
CA ILE F 583 21.79 -15.09 -88.03
C ILE F 583 21.07 -15.88 -89.13
N LYS F 584 21.65 -17.01 -89.53
CA LYS F 584 21.06 -17.82 -90.58
C LYS F 584 19.75 -18.46 -90.13
N SER F 585 19.65 -18.82 -88.85
CA SER F 585 18.38 -19.34 -88.34
C SER F 585 17.28 -18.28 -88.44
N ILE F 586 17.60 -17.04 -88.09
CA ILE F 586 16.60 -15.98 -88.16
C ILE F 586 16.23 -15.69 -89.62
N ILE F 587 17.22 -15.72 -90.51
CA ILE F 587 16.93 -15.52 -91.93
C ILE F 587 16.05 -16.65 -92.45
N SER F 588 16.32 -17.88 -92.02
CA SER F 588 15.47 -19.00 -92.38
C SER F 588 14.07 -18.83 -91.80
N LEU F 589 13.96 -18.17 -90.65
CA LEU F 589 12.63 -17.88 -90.11
C LEU F 589 11.88 -16.94 -91.03
N LEU F 590 12.55 -15.90 -91.53
CA LEU F 590 11.94 -15.08 -92.57
C LEU F 590 11.49 -15.94 -93.75
N ASP F 591 12.37 -16.80 -94.24
CA ASP F 591 12.11 -17.59 -95.44
C ASP F 591 10.92 -18.52 -95.26
N LYS F 592 10.82 -19.14 -94.09
CA LYS F 592 9.83 -20.21 -93.90
C LYS F 592 8.49 -19.66 -93.40
N HIS F 593 8.53 -18.63 -92.55
CA HIS F 593 7.31 -18.14 -91.93
C HIS F 593 6.70 -16.94 -92.65
N GLY F 594 7.45 -16.27 -93.51
CA GLY F 594 6.93 -15.16 -94.27
C GLY F 594 7.62 -13.86 -93.93
N ARG F 595 7.15 -12.80 -94.59
CA ARG F 595 7.71 -11.46 -94.46
C ARG F 595 7.07 -10.80 -93.24
N ASN F 596 7.72 -10.93 -92.10
CA ASN F 596 7.25 -10.36 -90.84
C ASN F 596 8.22 -9.29 -90.38
N HIS F 597 7.70 -8.08 -90.14
CA HIS F 597 8.56 -6.94 -89.81
C HIS F 597 9.22 -7.12 -88.45
N LYS F 598 8.68 -7.99 -87.59
CA LYS F 598 9.31 -8.22 -86.30
C LYS F 598 10.68 -8.85 -86.45
N VAL F 599 10.85 -9.74 -87.41
CA VAL F 599 12.16 -10.33 -87.64
C VAL F 599 13.15 -9.28 -88.12
N LEU F 600 12.68 -8.36 -88.97
CA LEU F 600 13.54 -7.25 -89.38
C LEU F 600 13.94 -6.41 -88.17
N ASP F 601 13.00 -6.17 -87.26
CA ASP F 601 13.32 -5.41 -86.05
C ASP F 601 14.35 -6.15 -85.20
N VAL F 602 14.21 -7.46 -85.08
CA VAL F 602 15.18 -8.26 -84.34
C VAL F 602 16.56 -8.15 -84.97
N LEU F 603 16.63 -8.24 -86.29
CA LEU F 603 17.90 -8.11 -86.97
C LEU F 603 18.50 -6.73 -86.76
N CYS F 604 17.66 -5.69 -86.79
CA CYS F 604 18.13 -4.35 -86.51
C CYS F 604 18.72 -4.26 -85.10
N SER F 605 18.03 -4.87 -84.13
CA SER F 605 18.52 -4.86 -82.75
C SER F 605 19.84 -5.61 -82.64
N LEU F 606 20.04 -6.65 -83.46
CA LEU F 606 21.29 -7.38 -83.43
C LEU F 606 22.48 -6.49 -83.77
N CYS F 607 22.24 -5.42 -84.54
CA CYS F 607 23.33 -4.60 -85.03
C CYS F 607 23.83 -3.62 -83.99
N VAL F 608 22.92 -2.85 -83.39
CA VAL F 608 23.27 -1.76 -82.49
C VAL F 608 22.50 -1.92 -81.19
N CYS F 609 23.19 -1.78 -80.07
CA CYS F 609 22.57 -1.70 -78.75
C CYS F 609 23.22 -0.56 -77.97
N ASN F 610 22.39 0.34 -77.44
CA ASN F 610 22.84 1.42 -76.58
C ASN F 610 23.93 2.25 -77.27
N GLY F 611 23.73 2.55 -78.54
CA GLY F 611 24.66 3.40 -79.27
C GLY F 611 25.95 2.72 -79.67
N VAL F 612 26.04 1.40 -79.55
CA VAL F 612 27.23 0.66 -79.90
C VAL F 612 26.86 -0.37 -80.96
N ALA F 613 27.67 -0.41 -82.02
CA ALA F 613 27.42 -1.28 -83.16
C ALA F 613 28.35 -2.49 -83.11
N VAL F 614 27.84 -3.63 -83.57
CA VAL F 614 28.62 -4.86 -83.67
C VAL F 614 28.89 -5.10 -85.14
N ARG F 615 30.13 -4.84 -85.57
CA ARG F 615 30.48 -4.97 -86.97
C ARG F 615 30.34 -6.42 -87.44
N SER F 616 30.66 -7.38 -86.57
CA SER F 616 30.53 -8.77 -86.95
C SER F 616 29.10 -9.12 -87.32
N ASN F 617 28.15 -8.72 -86.47
CA ASN F 617 26.74 -8.98 -86.75
C ASN F 617 26.28 -8.24 -88.00
N GLN F 618 26.70 -6.97 -88.12
CA GLN F 618 26.37 -6.20 -89.32
C GLN F 618 26.80 -6.92 -90.58
N ASP F 619 28.06 -7.33 -90.63
CA ASP F 619 28.61 -7.96 -91.81
C ASP F 619 27.94 -9.30 -92.08
N LEU F 620 27.67 -10.08 -91.02
CA LEU F 620 27.02 -11.37 -91.21
C LEU F 620 25.64 -11.19 -91.83
N ILE F 621 24.85 -10.28 -91.29
CA ILE F 621 23.52 -10.02 -91.84
C ILE F 621 23.64 -9.60 -93.30
N THR F 622 24.54 -8.66 -93.58
CA THR F 622 24.69 -8.15 -94.94
C THR F 622 25.07 -9.26 -95.89
N GLU F 623 25.99 -10.14 -95.48
CA GLU F 623 26.51 -11.17 -96.36
C GLU F 623 25.50 -12.28 -96.60
N ASN F 624 24.67 -12.59 -95.61
CA ASN F 624 23.81 -13.75 -95.69
C ASN F 624 22.35 -13.41 -95.90
N LEU F 625 22.02 -12.13 -96.10
CA LEU F 625 20.65 -11.75 -96.44
C LEU F 625 20.58 -10.99 -97.76
N LEU F 626 21.43 -9.98 -97.92
CA LEU F 626 21.31 -9.08 -99.06
C LEU F 626 21.64 -9.74 -100.39
N PRO F 627 22.78 -10.41 -100.57
CA PRO F 627 23.19 -10.79 -101.94
C PRO F 627 22.21 -11.67 -102.67
N GLY F 628 21.53 -12.58 -101.96
CA GLY F 628 20.60 -13.46 -102.64
C GLY F 628 19.50 -12.71 -103.36
N ARG F 629 18.95 -11.68 -102.72
CA ARG F 629 17.96 -10.77 -103.27
C ARG F 629 16.60 -11.44 -103.46
N GLU F 630 16.34 -12.56 -102.78
CA GLU F 630 15.03 -13.20 -102.90
C GLU F 630 14.09 -12.75 -101.78
N LEU F 631 14.58 -12.69 -100.55
CA LEU F 631 13.69 -12.49 -99.42
C LEU F 631 13.21 -11.05 -99.28
N LEU F 632 14.08 -10.08 -99.54
CA LEU F 632 13.73 -8.68 -99.42
C LEU F 632 13.26 -8.13 -100.75
N LEU F 633 12.26 -7.26 -100.68
CA LEU F 633 11.74 -6.62 -101.88
C LEU F 633 12.79 -5.72 -102.50
N GLN F 634 12.89 -5.80 -103.82
CA GLN F 634 13.92 -5.09 -104.57
C GLN F 634 13.31 -3.88 -105.27
N THR F 635 14.12 -2.83 -105.38
CA THR F 635 13.68 -1.58 -105.98
C THR F 635 14.67 -1.14 -107.04
N ASN F 636 14.14 -0.65 -108.15
CA ASN F 636 14.94 -0.12 -109.24
C ASN F 636 14.07 0.80 -110.08
N LEU F 637 14.72 1.66 -110.84
CA LEU F 637 14.03 2.60 -111.70
C LEU F 637 13.92 2.03 -113.10
N ILE F 638 12.71 2.02 -113.64
CA ILE F 638 12.44 1.43 -114.95
C ILE F 638 11.64 2.41 -115.79
N ASN F 639 11.91 2.40 -117.09
CA ASN F 639 11.21 3.26 -118.02
C ASN F 639 9.84 2.70 -118.36
N TYR F 640 8.91 3.61 -118.66
CA TYR F 640 7.59 3.21 -119.14
C TYR F 640 7.70 2.74 -120.59
N VAL F 641 6.88 1.76 -120.94
CA VAL F 641 6.86 1.18 -122.27
C VAL F 641 5.44 1.20 -122.80
N THR F 642 5.30 1.49 -124.09
CA THR F 642 4.00 1.60 -124.72
C THR F 642 4.01 0.83 -126.03
N SER F 643 2.84 0.29 -126.37
CA SER F 643 2.67 -0.56 -127.55
C SER F 643 1.69 0.11 -128.51
N ILE F 644 1.99 0.06 -129.80
CA ILE F 644 1.16 0.64 -130.83
C ILE F 644 0.95 -0.39 -131.93
N ARG F 645 -0.28 -0.44 -132.46
CA ARG F 645 -0.65 -1.38 -133.50
C ARG F 645 -1.48 -0.68 -134.56
N PRO F 646 -1.46 -1.17 -135.79
CA PRO F 646 -2.51 -0.81 -136.74
C PRO F 646 -3.79 -1.55 -136.45
N ASN F 647 -4.90 -1.03 -136.97
CA ASN F 647 -6.20 -1.68 -136.81
C ASN F 647 -6.34 -2.82 -137.83
N ILE F 648 -5.37 -3.73 -137.80
CA ILE F 648 -5.32 -4.87 -138.69
C ILE F 648 -5.39 -6.13 -137.85
N PHE F 649 -6.39 -6.96 -138.14
CA PHE F 649 -6.65 -8.16 -137.34
C PHE F 649 -6.86 -9.33 -138.30
N VAL F 650 -5.99 -10.33 -138.20
CA VAL F 650 -6.03 -11.50 -139.07
C VAL F 650 -5.85 -12.74 -138.21
N GLY F 651 -6.57 -13.80 -138.56
CA GLY F 651 -6.53 -15.03 -137.79
C GLY F 651 -6.92 -16.19 -138.67
N ARG F 652 -6.94 -17.37 -138.06
CA ARG F 652 -7.29 -18.61 -138.75
C ARG F 652 -8.45 -19.27 -138.04
N ALA F 653 -9.44 -19.70 -138.82
CA ALA F 653 -10.56 -20.48 -138.31
C ALA F 653 -11.14 -21.29 -139.46
N GLU F 654 -11.78 -22.41 -139.11
CA GLU F 654 -12.42 -23.23 -140.12
C GLU F 654 -13.59 -22.48 -140.73
N GLY F 655 -13.62 -22.42 -142.06
CA GLY F 655 -14.62 -21.64 -142.75
C GLY F 655 -14.34 -20.15 -142.79
N SER F 656 -13.20 -19.72 -142.28
CA SER F 656 -12.89 -18.30 -142.22
C SER F 656 -12.72 -17.72 -143.62
N THR F 657 -13.14 -16.47 -143.77
CA THR F 657 -12.98 -15.75 -145.03
C THR F 657 -11.61 -15.10 -145.16
N GLN F 658 -10.76 -15.22 -144.14
CA GLN F 658 -9.48 -14.53 -144.12
C GLN F 658 -8.40 -15.33 -144.83
N TYR F 659 -7.41 -14.61 -145.34
CA TYR F 659 -6.21 -15.18 -145.92
C TYR F 659 -5.22 -15.53 -144.82
N GLY F 660 -4.31 -16.45 -145.12
CA GLY F 660 -3.44 -17.00 -144.10
C GLY F 660 -2.11 -16.31 -143.93
N LYS F 661 -1.53 -15.83 -145.02
CA LYS F 661 -0.17 -15.31 -145.02
C LYS F 661 -0.19 -13.80 -145.16
N TRP F 662 0.58 -13.12 -144.30
CA TRP F 662 0.58 -11.67 -144.23
C TRP F 662 1.99 -11.16 -144.00
N TYR F 663 2.20 -9.91 -144.35
CA TYR F 663 3.52 -9.31 -144.40
C TYR F 663 3.43 -7.83 -144.04
N PHE F 664 4.38 -7.35 -143.25
CA PHE F 664 4.48 -5.91 -143.01
C PHE F 664 5.92 -5.56 -142.68
N GLU F 665 6.21 -4.25 -142.65
CA GLU F 665 7.55 -3.78 -142.42
C GLU F 665 7.54 -2.62 -141.43
N VAL F 666 8.67 -2.44 -140.75
CA VAL F 666 8.88 -1.32 -139.85
C VAL F 666 10.24 -0.73 -140.15
N MET F 667 10.27 0.59 -140.37
CA MET F 667 11.51 1.30 -140.66
C MET F 667 11.84 2.23 -139.50
N VAL F 668 13.04 2.06 -138.93
CA VAL F 668 13.49 2.91 -137.84
C VAL F 668 14.12 4.18 -138.41
N ASP F 669 13.75 5.33 -137.84
CA ASP F 669 14.31 6.60 -138.25
C ASP F 669 15.24 7.21 -137.22
N GLU F 670 14.84 7.22 -135.95
CA GLU F 670 15.68 7.75 -134.88
C GLU F 670 15.52 6.86 -133.66
N VAL F 671 16.64 6.53 -133.02
CA VAL F 671 16.66 5.74 -131.80
C VAL F 671 17.74 6.31 -130.90
N VAL F 672 17.38 6.64 -129.66
CA VAL F 672 18.33 7.07 -128.65
C VAL F 672 18.67 5.85 -127.78
N PRO F 673 19.87 5.29 -127.88
CA PRO F 673 20.16 4.07 -127.11
C PRO F 673 19.95 4.24 -125.61
N PHE F 674 20.37 5.37 -125.05
CA PHE F 674 20.23 5.62 -123.62
C PHE F 674 19.74 7.06 -123.42
N LEU F 675 18.44 7.24 -123.45
CA LEU F 675 17.85 8.50 -123.01
C LEU F 675 17.74 8.55 -121.50
N THR F 676 17.76 7.39 -120.86
CA THR F 676 17.82 7.29 -119.41
C THR F 676 18.88 6.26 -119.02
N ALA F 677 18.95 5.93 -117.72
CA ALA F 677 19.89 4.90 -117.28
C ALA F 677 19.51 3.55 -117.87
N GLN F 678 18.23 3.27 -117.99
CA GLN F 678 17.77 2.04 -118.61
C GLN F 678 17.84 2.15 -120.13
N ALA F 679 18.25 1.07 -120.77
CA ALA F 679 18.40 1.07 -122.22
C ALA F 679 17.06 1.25 -122.90
N THR F 680 17.09 1.90 -124.07
CA THR F 680 15.89 2.12 -124.84
C THR F 680 15.32 0.80 -125.32
N HIS F 681 13.99 0.73 -125.36
CA HIS F 681 13.26 -0.48 -125.72
C HIS F 681 12.61 -0.25 -127.08
N LEU F 682 12.86 -1.17 -128.01
CA LEU F 682 12.22 -1.17 -129.31
C LEU F 682 12.09 -2.61 -129.79
N ARG F 683 10.85 -3.07 -129.98
CA ARG F 683 10.58 -4.41 -130.45
C ARG F 683 9.46 -4.36 -131.47
N VAL F 684 9.54 -5.25 -132.45
CA VAL F 684 8.57 -5.34 -133.54
C VAL F 684 8.09 -6.77 -133.62
N GLY F 685 6.79 -6.95 -133.83
CA GLY F 685 6.28 -8.30 -134.02
C GLY F 685 4.77 -8.41 -134.11
N TRP F 686 4.25 -9.57 -133.72
CA TRP F 686 2.83 -9.86 -133.75
C TRP F 686 2.34 -10.13 -132.33
N ALA F 687 1.04 -9.90 -132.13
CA ALA F 687 0.45 -10.12 -130.83
C ALA F 687 -0.99 -10.59 -131.02
N LEU F 688 -1.47 -11.36 -130.06
CA LEU F 688 -2.82 -11.91 -130.12
C LEU F 688 -3.79 -11.01 -129.37
N THR F 689 -4.97 -10.82 -129.96
CA THR F 689 -5.93 -9.87 -129.41
C THR F 689 -6.35 -10.28 -128.00
N GLU F 690 -6.61 -11.56 -127.78
CA GLU F 690 -7.05 -12.06 -126.48
C GLU F 690 -5.82 -12.46 -125.70
N GLY F 691 -5.48 -11.67 -124.68
CA GLY F 691 -4.39 -11.96 -123.77
C GLY F 691 -3.29 -10.92 -123.74
N TYR F 692 -3.07 -10.20 -124.84
CA TYR F 692 -2.01 -9.18 -124.87
C TYR F 692 -2.59 -7.90 -124.31
N SER F 693 -2.36 -7.68 -123.01
CA SER F 693 -2.87 -6.51 -122.30
C SER F 693 -1.74 -5.89 -121.51
N PRO F 694 -0.74 -5.31 -122.20
CA PRO F 694 0.36 -4.67 -121.49
C PRO F 694 -0.11 -3.37 -120.86
N TYR F 695 -0.33 -3.40 -119.56
CA TYR F 695 -0.80 -2.18 -118.92
C TYR F 695 0.38 -1.32 -118.49
N PRO F 696 0.25 0.00 -118.55
CA PRO F 696 1.38 0.86 -118.21
C PRO F 696 1.87 0.60 -116.79
N GLY F 697 3.19 0.66 -116.63
CA GLY F 697 3.78 0.58 -115.32
C GLY F 697 4.32 -0.80 -115.02
N GLY F 698 3.89 -1.36 -113.89
CA GLY F 698 4.40 -2.64 -113.47
C GLY F 698 3.79 -3.80 -114.22
N GLY F 699 4.39 -4.96 -114.03
CA GLY F 699 3.95 -6.17 -114.68
C GLY F 699 4.86 -7.34 -114.38
N GLU F 700 5.11 -8.16 -115.39
CA GLU F 700 5.97 -9.33 -115.21
C GLU F 700 7.42 -8.91 -115.12
N GLY F 701 8.18 -9.63 -114.29
CA GLY F 701 9.59 -9.32 -114.15
C GLY F 701 9.77 -7.94 -113.54
N TRP F 702 10.61 -7.14 -114.19
CA TRP F 702 10.91 -5.79 -113.74
C TRP F 702 10.18 -4.74 -114.57
N GLY F 703 9.03 -5.09 -115.13
CA GLY F 703 8.25 -4.15 -115.89
C GLY F 703 8.74 -4.00 -117.31
N GLY F 704 8.35 -2.90 -117.92
CA GLY F 704 8.67 -2.67 -119.32
C GLY F 704 8.02 -3.71 -120.22
N ASN F 705 6.79 -4.08 -119.93
CA ASN F 705 6.12 -5.12 -120.68
C ASN F 705 5.89 -4.67 -122.12
N GLY F 706 6.30 -5.51 -123.06
CA GLY F 706 6.12 -5.21 -124.47
C GLY F 706 6.00 -6.50 -125.25
N VAL F 707 6.27 -6.40 -126.55
CA VAL F 707 6.19 -7.53 -127.44
C VAL F 707 7.16 -8.60 -126.95
N GLY F 708 6.64 -9.81 -126.73
CA GLY F 708 7.46 -10.92 -126.30
C GLY F 708 7.63 -11.07 -124.81
N ASP F 709 6.94 -10.25 -124.02
CA ASP F 709 6.97 -10.36 -122.57
C ASP F 709 5.82 -11.22 -122.05
N ASP F 710 5.09 -11.87 -122.94
CA ASP F 710 4.02 -12.78 -122.57
C ASP F 710 3.93 -13.85 -123.65
N LEU F 711 3.10 -14.86 -123.38
CA LEU F 711 2.88 -15.95 -124.33
C LEU F 711 1.82 -15.61 -125.36
N TYR F 712 1.49 -14.32 -125.52
CA TYR F 712 0.57 -13.86 -126.54
C TYR F 712 1.24 -12.95 -127.56
N SER F 713 2.55 -12.76 -127.45
CA SER F 713 3.27 -11.81 -128.30
C SER F 713 4.59 -12.43 -128.73
N TYR F 714 5.06 -12.02 -129.90
CA TYR F 714 6.26 -12.58 -130.52
C TYR F 714 7.02 -11.43 -131.18
N GLY F 715 8.24 -11.18 -130.72
CA GLY F 715 8.93 -9.96 -131.09
C GLY F 715 10.37 -10.22 -131.50
N PHE F 716 11.00 -9.15 -131.98
CA PHE F 716 12.38 -9.15 -132.45
C PHE F 716 12.99 -7.80 -132.15
N ASP F 717 14.11 -7.80 -131.43
CA ASP F 717 14.79 -6.56 -131.04
C ASP F 717 16.04 -6.28 -131.85
N GLY F 718 16.38 -7.13 -132.81
CA GLY F 718 17.58 -6.94 -133.60
C GLY F 718 18.63 -7.97 -133.26
N LEU F 719 18.68 -8.36 -131.98
CA LEU F 719 19.63 -9.34 -131.50
C LEU F 719 18.97 -10.60 -130.95
N HIS F 720 17.70 -10.52 -130.58
CA HIS F 720 17.02 -11.61 -129.89
C HIS F 720 15.62 -11.78 -130.43
N LEU F 721 15.05 -12.94 -130.14
CA LEU F 721 13.63 -13.19 -130.31
C LEU F 721 13.00 -13.30 -128.94
N TRP F 722 11.87 -12.62 -128.76
CA TRP F 722 11.26 -12.47 -127.44
C TRP F 722 9.94 -13.21 -127.38
N THR F 723 9.77 -14.02 -126.35
CA THR F 723 8.50 -14.66 -126.06
C THR F 723 8.58 -15.24 -124.66
N GLY F 724 7.49 -15.12 -123.91
CA GLY F 724 7.49 -15.55 -122.53
C GLY F 724 8.46 -14.78 -121.66
N HIS F 725 8.69 -13.51 -121.99
CA HIS F 725 9.59 -12.65 -121.23
C HIS F 725 11.00 -13.22 -121.21
N VAL F 726 11.34 -13.98 -122.25
CA VAL F 726 12.65 -14.60 -122.39
C VAL F 726 13.25 -14.12 -123.70
N ALA F 727 14.49 -13.65 -123.65
CA ALA F 727 15.23 -13.25 -124.84
C ALA F 727 16.11 -14.40 -125.28
N ARG F 728 15.92 -14.84 -126.52
CA ARG F 728 16.74 -15.91 -127.10
C ARG F 728 17.52 -15.37 -128.27
N PRO F 729 18.85 -15.39 -128.23
CA PRO F 729 19.63 -14.79 -129.33
C PRO F 729 19.33 -15.44 -130.67
N VAL F 730 19.32 -14.62 -131.71
CA VAL F 730 19.11 -15.07 -133.07
C VAL F 730 20.20 -14.47 -133.94
N THR F 731 20.68 -15.26 -134.90
CA THR F 731 21.82 -14.88 -135.72
C THR F 731 21.34 -14.24 -137.02
N SER F 732 21.93 -13.10 -137.34
CA SER F 732 21.66 -12.39 -138.58
C SER F 732 22.94 -11.74 -139.09
N PRO F 733 23.06 -11.57 -140.40
CA PRO F 733 24.21 -10.81 -140.93
C PRO F 733 24.22 -9.39 -140.39
N GLY F 734 25.41 -8.90 -140.05
CA GLY F 734 25.54 -7.57 -139.51
C GLY F 734 24.70 -7.42 -138.26
N GLN F 735 24.75 -8.44 -137.41
CA GLN F 735 23.88 -8.52 -136.25
C GLN F 735 24.09 -7.31 -135.35
N HIS F 736 23.01 -6.56 -135.11
CA HIS F 736 23.08 -5.39 -134.25
C HIS F 736 21.70 -5.08 -133.70
N LEU F 737 21.68 -4.35 -132.61
CA LEU F 737 20.43 -3.89 -132.02
C LEU F 737 19.77 -2.88 -132.95
N LEU F 738 18.43 -2.87 -132.94
CA LEU F 738 17.68 -2.00 -133.84
C LEU F 738 18.23 -0.58 -133.82
N ALA F 739 18.69 -0.14 -134.98
CA ALA F 739 19.35 1.14 -135.16
C ALA F 739 18.63 1.95 -136.22
N PRO F 740 18.94 3.24 -136.35
CA PRO F 740 18.31 4.05 -137.39
C PRO F 740 18.59 3.49 -138.78
N GLU F 741 17.62 3.67 -139.67
CA GLU F 741 17.60 3.22 -141.05
C GLU F 741 17.41 1.72 -141.16
N ASP F 742 17.30 1.00 -140.05
CA ASP F 742 17.05 -0.43 -140.10
C ASP F 742 15.62 -0.68 -140.57
N VAL F 743 15.43 -1.75 -141.33
CA VAL F 743 14.13 -2.16 -141.83
C VAL F 743 13.89 -3.60 -141.40
N VAL F 744 12.79 -3.83 -140.70
CA VAL F 744 12.41 -5.14 -140.21
C VAL F 744 11.17 -5.60 -140.96
N SER F 745 11.27 -6.75 -141.62
CA SER F 745 10.18 -7.32 -142.39
C SER F 745 9.65 -8.52 -141.62
N CYS F 746 8.38 -8.46 -141.24
CA CYS F 746 7.73 -9.49 -140.44
C CYS F 746 6.73 -10.22 -141.30
N CYS F 747 6.80 -11.56 -141.27
CA CYS F 747 5.98 -12.43 -142.08
C CYS F 747 5.25 -13.41 -141.15
N LEU F 748 3.94 -13.57 -141.39
CA LEU F 748 3.10 -14.47 -140.62
C LEU F 748 2.44 -15.46 -141.55
N ASP F 749 2.61 -16.75 -141.27
CA ASP F 749 1.87 -17.82 -141.93
C ASP F 749 1.00 -18.50 -140.88
N LEU F 750 -0.31 -18.47 -141.07
CA LEU F 750 -1.23 -19.03 -140.09
C LEU F 750 -1.44 -20.52 -140.29
N SER F 751 -0.98 -21.09 -141.39
CA SER F 751 -1.19 -22.51 -141.64
C SER F 751 -0.23 -23.37 -140.81
N VAL F 752 1.04 -22.96 -140.70
CA VAL F 752 2.04 -23.81 -140.07
C VAL F 752 1.71 -24.06 -138.61
N PRO F 753 1.49 -23.05 -137.76
CA PRO F 753 1.76 -21.62 -137.91
C PRO F 753 3.22 -21.24 -137.71
N SER F 754 3.62 -20.10 -138.27
CA SER F 754 5.01 -19.67 -138.22
C SER F 754 5.08 -18.15 -138.30
N ILE F 755 6.04 -17.58 -137.60
CA ILE F 755 6.35 -16.16 -137.67
C ILE F 755 7.84 -16.04 -137.98
N SER F 756 8.18 -15.19 -138.96
CA SER F 756 9.55 -15.06 -139.41
C SER F 756 9.89 -13.59 -139.62
N PHE F 757 11.19 -13.30 -139.62
CA PHE F 757 11.68 -11.95 -139.75
C PHE F 757 12.82 -11.89 -140.75
N ARG F 758 12.98 -10.71 -141.34
CA ARG F 758 14.15 -10.37 -142.13
C ARG F 758 14.62 -8.99 -141.68
N ILE F 759 15.94 -8.80 -141.66
CA ILE F 759 16.54 -7.54 -141.25
C ILE F 759 17.27 -6.96 -142.45
N ASN F 760 16.86 -5.77 -142.87
CA ASN F 760 17.47 -5.07 -144.01
C ASN F 760 17.55 -6.00 -145.22
N GLY F 761 16.51 -6.81 -145.40
CA GLY F 761 16.47 -7.77 -146.48
C GLY F 761 17.25 -9.04 -146.23
N CYS F 762 17.85 -9.19 -145.05
CA CYS F 762 18.64 -10.36 -144.73
C CYS F 762 17.85 -11.31 -143.83
N PRO F 763 17.97 -12.62 -144.03
CA PRO F 763 17.19 -13.56 -143.22
C PRO F 763 17.59 -13.49 -141.75
N VAL F 764 16.62 -13.72 -140.88
CA VAL F 764 16.85 -13.89 -139.46
C VAL F 764 16.72 -15.38 -139.15
N GLN F 765 17.80 -15.97 -138.62
CA GLN F 765 17.90 -17.42 -138.49
C GLN F 765 17.18 -17.91 -137.23
N GLY F 766 15.90 -17.58 -137.15
CA GLY F 766 15.07 -18.06 -136.06
C GLY F 766 13.62 -17.83 -136.40
N VAL F 767 12.76 -18.67 -135.80
CA VAL F 767 11.33 -18.61 -136.09
C VAL F 767 10.53 -18.99 -134.86
N PHE F 768 9.34 -18.40 -134.75
CA PHE F 768 8.30 -18.84 -133.84
C PHE F 768 7.35 -19.74 -134.60
N GLU F 769 6.94 -20.84 -133.98
CA GLU F 769 6.00 -21.76 -134.62
C GLU F 769 5.17 -22.47 -133.55
N ALA F 770 4.19 -23.22 -134.03
CA ALA F 770 3.39 -24.07 -133.16
C ALA F 770 2.79 -23.30 -132.00
N PHE F 771 2.31 -22.08 -132.26
CA PHE F 771 1.71 -21.28 -131.22
C PHE F 771 0.19 -21.32 -131.32
N ASN F 772 -0.46 -20.82 -130.28
CA ASN F 772 -1.90 -20.86 -130.19
C ASN F 772 -2.54 -19.95 -131.21
N LEU F 773 -3.68 -20.39 -131.75
CA LEU F 773 -4.44 -19.65 -132.75
C LEU F 773 -5.83 -19.29 -132.23
N ASP F 774 -5.94 -19.01 -130.93
CA ASP F 774 -7.27 -18.82 -130.33
C ASP F 774 -7.89 -17.49 -130.73
N GLY F 775 -7.07 -16.52 -131.14
CA GLY F 775 -7.57 -15.20 -131.42
C GLY F 775 -7.12 -14.62 -132.74
N LEU F 776 -7.10 -13.30 -132.83
CA LEU F 776 -6.67 -12.59 -134.03
C LEU F 776 -5.32 -11.96 -133.78
N PHE F 777 -4.46 -12.01 -134.80
CA PHE F 777 -3.12 -11.45 -134.72
C PHE F 777 -3.08 -10.07 -135.37
N PHE F 778 -2.33 -9.16 -134.77
CA PHE F 778 -2.14 -7.84 -135.34
C PHE F 778 -0.67 -7.45 -135.28
N PRO F 779 -0.20 -6.63 -136.22
CA PRO F 779 1.14 -6.05 -136.09
C PRO F 779 1.22 -5.17 -134.87
N VAL F 780 2.40 -5.13 -134.25
CA VAL F 780 2.59 -4.34 -133.04
C VAL F 780 4.05 -3.98 -132.89
N VAL F 781 4.28 -2.78 -132.34
CA VAL F 781 5.61 -2.33 -131.97
C VAL F 781 5.55 -1.82 -130.54
N SER F 782 6.47 -2.28 -129.71
CA SER F 782 6.59 -1.84 -128.33
C SER F 782 7.84 -0.99 -128.21
N PHE F 783 7.75 0.12 -127.50
CA PHE F 783 8.84 1.07 -127.47
C PHE F 783 8.83 1.85 -126.17
N SER F 784 9.98 2.40 -125.84
CA SER F 784 10.14 3.39 -124.80
C SER F 784 10.39 4.75 -125.45
N ALA F 785 10.60 5.76 -124.62
CA ALA F 785 10.86 7.10 -125.14
C ALA F 785 12.20 7.14 -125.85
N GLY F 786 12.24 7.88 -126.94
CA GLY F 786 13.43 8.00 -127.76
C GLY F 786 13.36 7.29 -129.09
N VAL F 787 12.18 7.15 -129.68
CA VAL F 787 11.99 6.33 -130.88
C VAL F 787 11.16 7.11 -131.90
N LYS F 788 11.55 7.00 -133.16
CA LYS F 788 10.70 7.31 -134.30
C LYS F 788 10.72 6.13 -135.24
N VAL F 789 9.54 5.58 -135.54
CA VAL F 789 9.43 4.41 -136.40
C VAL F 789 8.29 4.63 -137.38
N ARG F 790 8.31 3.86 -138.46
CA ARG F 790 7.31 3.95 -139.49
C ARG F 790 6.81 2.56 -139.88
N PHE F 791 5.51 2.35 -139.71
CA PHE F 791 4.83 1.18 -140.23
C PHE F 791 4.67 1.32 -141.74
N LEU F 792 5.11 0.29 -142.47
CA LEU F 792 4.90 0.15 -143.89
C LEU F 792 4.03 -1.07 -144.11
N LEU F 793 2.82 -0.84 -144.62
CA LEU F 793 1.80 -1.89 -144.72
C LEU F 793 1.44 -2.24 -146.16
N GLY F 794 1.87 -1.44 -147.14
CA GLY F 794 1.62 -1.77 -148.53
C GLY F 794 0.75 -0.75 -149.23
N GLY F 795 0.90 -0.67 -150.55
CA GLY F 795 0.08 0.23 -151.32
C GLY F 795 0.24 1.67 -150.87
N ARG F 796 -0.88 2.37 -150.76
CA ARG F 796 -0.84 3.77 -150.36
C ARG F 796 -0.43 3.95 -148.91
N HIS F 797 -0.73 2.97 -148.06
CA HIS F 797 -0.50 3.15 -146.63
C HIS F 797 0.95 2.90 -146.26
N GLY F 798 1.73 2.38 -147.19
CA GLY F 798 3.16 2.23 -146.98
C GLY F 798 3.83 1.51 -148.13
N GLU F 799 5.00 1.97 -148.54
CA GLU F 799 5.72 1.38 -149.66
C GLU F 799 6.80 0.46 -149.11
N PHE F 800 6.71 -0.81 -149.44
CA PHE F 800 7.69 -1.78 -149.00
C PHE F 800 9.05 -1.50 -149.64
N LYS F 801 10.11 -1.70 -148.86
CA LYS F 801 11.46 -1.58 -149.38
C LYS F 801 11.99 -2.90 -149.89
N PHE F 802 11.54 -4.01 -149.31
CA PHE F 802 11.91 -5.35 -149.73
C PHE F 802 10.67 -6.11 -150.14
N LEU F 803 10.78 -6.84 -151.24
CA LEU F 803 9.60 -7.49 -151.81
C LEU F 803 9.09 -8.57 -150.86
N PRO F 804 7.78 -8.62 -150.62
CA PRO F 804 7.23 -9.69 -149.78
C PRO F 804 7.49 -11.05 -150.40
N PRO F 805 7.67 -12.08 -149.58
CA PRO F 805 7.84 -13.42 -150.13
C PRO F 805 6.55 -13.89 -150.79
N PRO F 806 6.64 -14.87 -151.69
CA PRO F 806 5.45 -15.29 -152.43
C PRO F 806 4.34 -15.74 -151.50
N GLY F 807 3.11 -15.34 -151.84
CA GLY F 807 1.93 -15.77 -151.12
C GLY F 807 1.62 -14.99 -149.87
N TYR F 808 2.46 -14.02 -149.50
CA TYR F 808 2.27 -13.24 -148.28
C TYR F 808 1.64 -11.91 -148.66
N ALA F 809 0.40 -11.70 -148.23
CA ALA F 809 -0.33 -10.51 -148.62
C ALA F 809 0.12 -9.31 -147.77
N PRO F 810 0.17 -8.12 -148.36
CA PRO F 810 0.39 -6.92 -147.55
C PRO F 810 -0.74 -6.73 -146.55
N CYS F 811 -0.37 -6.24 -145.36
CA CYS F 811 -1.35 -6.11 -144.29
C CYS F 811 -2.39 -5.04 -144.56
N HIS F 812 -2.14 -4.13 -145.51
CA HIS F 812 -3.13 -3.10 -145.82
C HIS F 812 -4.37 -3.70 -146.46
N GLU F 813 -4.26 -4.91 -147.01
CA GLU F 813 -5.40 -5.58 -147.63
C GLU F 813 -6.41 -6.08 -146.60
N ALA F 814 -6.08 -6.05 -145.32
CA ALA F 814 -6.92 -6.61 -144.28
C ALA F 814 -7.84 -5.59 -143.63
N VAL F 815 -7.68 -4.30 -143.94
CA VAL F 815 -8.55 -3.29 -143.35
C VAL F 815 -9.99 -3.59 -143.74
N LEU F 816 -10.88 -3.57 -142.74
CA LEU F 816 -12.24 -3.98 -142.96
C LEU F 816 -13.03 -2.88 -143.67
N PRO F 817 -14.11 -3.24 -144.35
CA PRO F 817 -14.87 -2.22 -145.11
C PRO F 817 -15.38 -1.09 -144.26
N ARG F 818 -15.84 -1.39 -143.04
CA ARG F 818 -16.45 -0.37 -142.20
C ARG F 818 -15.42 0.56 -141.57
N GLU F 819 -14.20 0.07 -141.38
CA GLU F 819 -13.15 0.83 -140.72
C GLU F 819 -12.16 1.40 -141.73
N ARG F 820 -11.32 2.30 -141.24
CA ARG F 820 -10.22 2.86 -142.01
C ARG F 820 -8.92 2.64 -141.25
N LEU F 821 -7.84 2.48 -141.98
CA LEU F 821 -6.56 2.17 -141.36
C LEU F 821 -6.15 3.28 -140.41
N ARG F 822 -5.69 2.87 -139.22
CA ARG F 822 -5.27 3.81 -138.20
C ARG F 822 -4.32 3.10 -137.25
N LEU F 823 -3.56 3.90 -136.52
CA LEU F 823 -2.68 3.41 -135.46
C LEU F 823 -3.28 3.76 -134.11
N GLU F 824 -3.43 2.76 -133.26
CA GLU F 824 -4.15 2.91 -132.01
C GLU F 824 -3.37 2.21 -130.90
N PRO F 825 -3.57 2.64 -129.66
CA PRO F 825 -3.03 1.87 -128.53
C PRO F 825 -3.84 0.60 -128.29
N ILE F 826 -3.37 -0.19 -127.34
CA ILE F 826 -3.96 -1.49 -127.05
C ILE F 826 -4.51 -1.48 -125.64
N LYS F 827 -5.81 -1.74 -125.51
CA LYS F 827 -6.49 -1.85 -124.22
C LYS F 827 -6.12 -0.70 -123.30
N GLU F 828 -6.45 0.50 -123.77
CA GLU F 828 -6.22 1.71 -123.00
C GLU F 828 -7.41 2.02 -122.11
N TYR F 829 -7.12 2.44 -120.89
CA TYR F 829 -8.14 2.92 -119.96
C TYR F 829 -8.10 4.43 -119.80
N ARG F 830 -7.36 5.12 -120.64
CA ARG F 830 -7.11 6.54 -120.46
C ARG F 830 -6.71 7.15 -121.80
N ARG F 831 -7.23 8.34 -122.07
CA ARG F 831 -6.84 9.10 -123.23
C ARG F 831 -6.91 10.59 -122.89
N GLU F 832 -6.31 11.40 -123.74
CA GLU F 832 -6.41 12.85 -123.58
C GLU F 832 -7.65 13.37 -124.31
N GLY F 833 -8.12 14.54 -123.88
CA GLY F 833 -9.22 15.20 -124.55
C GLY F 833 -9.29 16.66 -124.23
N PRO F 834 -10.13 17.39 -124.97
CA PRO F 834 -10.08 18.85 -124.97
C PRO F 834 -9.92 19.47 -123.59
N ARG F 835 -10.81 19.13 -122.66
CA ARG F 835 -10.72 19.70 -121.33
C ARG F 835 -9.76 18.92 -120.43
N GLY F 836 -9.69 17.60 -120.59
CA GLY F 836 -8.91 16.80 -119.68
C GLY F 836 -8.83 15.34 -120.12
N PRO F 837 -8.31 14.50 -119.24
CA PRO F 837 -8.27 13.06 -119.55
C PRO F 837 -9.67 12.46 -119.56
N HIS F 838 -9.89 11.56 -120.50
CA HIS F 838 -11.07 10.72 -120.56
C HIS F 838 -10.73 9.31 -120.12
N LEU F 839 -11.50 8.81 -119.16
CA LEU F 839 -11.46 7.41 -118.79
C LEU F 839 -12.25 6.59 -119.80
N VAL F 840 -11.70 5.44 -120.18
CA VAL F 840 -12.24 4.61 -121.24
C VAL F 840 -12.51 3.23 -120.67
N GLY F 841 -13.67 2.68 -120.99
CA GLY F 841 -13.99 1.33 -120.60
C GLY F 841 -13.36 0.33 -121.54
N PRO F 842 -13.67 -0.94 -121.30
CA PRO F 842 -13.13 -2.00 -122.16
C PRO F 842 -13.57 -1.81 -123.60
N SER F 843 -12.76 -2.34 -124.52
CA SER F 843 -12.99 -2.19 -125.94
C SER F 843 -13.55 -3.49 -126.50
N ARG F 844 -14.68 -3.38 -127.19
CA ARG F 844 -15.22 -4.53 -127.90
C ARG F 844 -14.28 -4.94 -129.02
N CYS F 845 -13.95 -6.23 -129.06
CA CYS F 845 -12.97 -6.74 -130.00
C CYS F 845 -13.55 -7.94 -130.74
N LEU F 846 -13.07 -8.14 -131.96
CA LEU F 846 -13.54 -9.23 -132.79
C LEU F 846 -12.91 -10.54 -132.37
N SER F 847 -13.45 -11.63 -132.91
CA SER F 847 -12.93 -12.96 -132.67
C SER F 847 -12.71 -13.66 -134.01
N HIS F 848 -11.79 -14.63 -133.99
CA HIS F 848 -11.48 -15.36 -135.22
C HIS F 848 -12.71 -16.06 -135.77
N THR F 849 -13.67 -16.40 -134.90
CA THR F 849 -14.88 -17.07 -135.35
C THR F 849 -15.85 -16.12 -136.04
N ASP F 850 -15.78 -14.83 -135.72
CA ASP F 850 -16.75 -13.88 -136.28
C ASP F 850 -16.68 -13.86 -137.81
N PHE F 851 -15.49 -14.04 -138.37
CA PHE F 851 -15.35 -13.99 -139.83
C PHE F 851 -15.96 -15.22 -140.48
N VAL F 852 -16.09 -16.31 -139.73
CA VAL F 852 -16.72 -17.52 -140.24
C VAL F 852 -18.20 -17.25 -140.48
N PRO F 853 -18.71 -17.40 -141.69
CA PRO F 853 -20.16 -17.28 -141.90
C PRO F 853 -20.89 -18.49 -141.34
N CYS F 854 -22.02 -18.24 -140.70
CA CYS F 854 -22.81 -19.26 -140.04
C CYS F 854 -24.27 -19.14 -140.47
N PRO F 855 -24.57 -19.53 -141.71
CA PRO F 855 -25.96 -19.50 -142.17
C PRO F 855 -26.79 -20.58 -141.48
N VAL F 856 -28.11 -20.37 -141.50
CA VAL F 856 -29.02 -21.28 -140.82
C VAL F 856 -29.00 -22.63 -141.53
N ASP F 857 -29.17 -23.70 -140.76
CA ASP F 857 -29.14 -25.05 -141.32
C ASP F 857 -30.34 -25.27 -142.22
N THR F 858 -30.09 -25.91 -143.37
CA THR F 858 -31.14 -26.23 -144.33
C THR F 858 -30.97 -27.62 -144.94
N VAL F 859 -30.06 -28.44 -144.40
CA VAL F 859 -29.66 -29.68 -145.05
C VAL F 859 -30.86 -30.54 -145.42
N GLN F 860 -31.91 -30.51 -144.59
CA GLN F 860 -33.15 -31.23 -144.90
C GLN F 860 -34.04 -30.35 -145.78
N ILE F 861 -33.65 -30.24 -147.04
CA ILE F 861 -34.31 -29.35 -147.99
C ILE F 861 -35.56 -30.05 -148.50
N VAL F 862 -36.73 -29.59 -148.06
CA VAL F 862 -38.01 -30.08 -148.56
C VAL F 862 -38.83 -28.87 -148.98
N LEU F 863 -39.40 -28.94 -150.19
CA LEU F 863 -40.10 -27.82 -150.77
C LEU F 863 -41.49 -28.26 -151.22
N PRO F 864 -42.55 -27.59 -150.77
CA PRO F 864 -43.87 -27.94 -151.26
C PRO F 864 -43.96 -27.74 -152.76
N PRO F 865 -44.78 -28.54 -153.44
CA PRO F 865 -44.76 -28.51 -154.92
C PRO F 865 -45.04 -27.12 -155.49
N HIS F 866 -45.93 -26.35 -154.89
CA HIS F 866 -46.21 -25.01 -155.42
C HIS F 866 -45.01 -24.10 -155.32
N LEU F 867 -44.06 -24.42 -154.42
CA LEU F 867 -42.85 -23.62 -154.32
C LEU F 867 -41.75 -24.15 -155.24
N GLU F 868 -41.90 -25.40 -155.70
CA GLU F 868 -40.94 -25.96 -156.63
C GLU F 868 -41.08 -25.33 -158.01
N ARG F 869 -42.31 -25.00 -158.41
CA ARG F 869 -42.54 -24.36 -159.70
C ARG F 869 -42.12 -22.89 -159.67
N ILE F 870 -42.33 -22.23 -158.53
CA ILE F 870 -42.22 -20.77 -158.50
C ILE F 870 -40.78 -20.33 -158.31
N ARG F 871 -39.90 -21.22 -157.87
CA ARG F 871 -38.51 -20.84 -157.66
C ARG F 871 -37.84 -20.43 -158.96
N GLU F 872 -38.11 -21.16 -160.04
CA GLU F 872 -37.51 -20.80 -161.33
C GLU F 872 -38.02 -19.44 -161.81
N LYS F 873 -39.30 -19.16 -161.58
CA LYS F 873 -39.83 -17.86 -161.95
C LYS F 873 -39.20 -16.75 -161.11
N LEU F 874 -38.97 -17.02 -159.83
CA LEU F 874 -38.24 -16.07 -159.00
C LEU F 874 -36.84 -15.83 -159.54
N ALA F 875 -36.18 -16.91 -159.97
CA ALA F 875 -34.86 -16.76 -160.59
C ALA F 875 -34.94 -15.87 -161.82
N GLU F 876 -35.92 -16.11 -162.68
CA GLU F 876 -36.09 -15.26 -163.86
C GLU F 876 -36.29 -13.80 -163.46
N ASN F 877 -37.13 -13.54 -162.47
CA ASN F 877 -37.44 -12.17 -162.11
C ASN F 877 -36.27 -11.47 -161.45
N ILE F 878 -35.51 -12.18 -160.62
CA ILE F 878 -34.33 -11.56 -160.00
C ILE F 878 -33.25 -11.32 -161.05
N HIS F 879 -33.12 -12.23 -162.02
CA HIS F 879 -32.24 -11.96 -163.16
C HIS F 879 -32.71 -10.72 -163.91
N GLU F 880 -34.03 -10.54 -164.02
CA GLU F 880 -34.58 -9.38 -164.69
C GLU F 880 -34.23 -8.10 -163.93
N LEU F 881 -34.39 -8.10 -162.61
CA LEU F 881 -34.04 -6.94 -161.81
C LEU F 881 -32.55 -6.66 -161.87
N TRP F 882 -31.73 -7.72 -161.92
CA TRP F 882 -30.30 -7.57 -162.16
C TRP F 882 -30.05 -6.87 -163.49
N ALA F 883 -30.79 -7.28 -164.53
CA ALA F 883 -30.67 -6.65 -165.83
C ALA F 883 -31.02 -5.17 -165.77
N LEU F 884 -32.08 -4.83 -165.04
CA LEU F 884 -32.42 -3.42 -164.86
C LEU F 884 -31.30 -2.67 -164.16
N THR F 885 -30.80 -3.22 -163.06
CA THR F 885 -29.72 -2.54 -162.37
C THR F 885 -28.56 -2.27 -163.32
N ARG F 886 -28.20 -3.27 -164.13
CA ARG F 886 -27.10 -3.09 -165.08
C ARG F 886 -27.43 -2.02 -166.12
N ILE F 887 -28.65 -2.05 -166.68
CA ILE F 887 -28.96 -1.16 -167.79
C ILE F 887 -29.03 0.28 -167.31
N GLU F 888 -29.67 0.53 -166.15
CA GLU F 888 -29.65 1.87 -165.60
C GLU F 888 -28.26 2.28 -165.14
N GLN F 889 -27.43 1.31 -164.75
CA GLN F 889 -26.02 1.61 -164.51
C GLN F 889 -25.29 1.93 -165.80
N GLY F 890 -25.90 1.64 -166.94
CA GLY F 890 -25.31 1.95 -168.23
C GLY F 890 -24.67 0.80 -168.94
N TRP F 891 -24.89 -0.43 -168.48
CA TRP F 891 -24.32 -1.59 -169.15
C TRP F 891 -25.06 -1.86 -170.45
N THR F 892 -24.47 -2.73 -171.28
CA THR F 892 -25.01 -3.06 -172.59
C THR F 892 -24.85 -4.55 -172.82
N TYR F 893 -25.55 -5.06 -173.83
CA TYR F 893 -25.49 -6.49 -174.12
C TYR F 893 -24.04 -6.91 -174.34
N GLY F 894 -23.65 -7.97 -173.65
CA GLY F 894 -22.29 -8.43 -173.70
C GLY F 894 -22.16 -9.89 -174.10
N PRO F 895 -21.55 -10.16 -175.25
CA PRO F 895 -21.27 -11.56 -175.60
C PRO F 895 -20.33 -12.24 -174.63
N VAL F 896 -19.50 -11.46 -173.92
CA VAL F 896 -18.55 -11.99 -172.96
C VAL F 896 -18.58 -11.10 -171.72
N ARG F 897 -18.60 -11.73 -170.54
CA ARG F 897 -18.55 -10.98 -169.30
C ARG F 897 -17.15 -10.43 -169.03
N ASP F 898 -17.08 -9.17 -168.60
CA ASP F 898 -15.84 -8.52 -168.22
C ASP F 898 -16.14 -7.28 -167.37
N ASP F 899 -15.41 -7.08 -166.28
CA ASP F 899 -15.69 -6.09 -165.24
C ASP F 899 -15.65 -4.67 -165.79
N ASN F 900 -14.51 -4.27 -166.38
CA ASN F 900 -14.36 -2.88 -166.80
C ASN F 900 -15.21 -2.56 -168.02
N LYS F 901 -15.46 -3.55 -168.88
CA LYS F 901 -16.07 -3.28 -170.17
C LYS F 901 -17.54 -2.88 -170.04
N ARG F 902 -18.16 -3.10 -168.87
CA ARG F 902 -19.59 -2.87 -168.68
C ARG F 902 -20.41 -3.81 -169.56
N LEU F 903 -20.12 -5.10 -169.49
CA LEU F 903 -20.82 -6.11 -170.26
C LEU F 903 -21.22 -7.27 -169.36
N HIS F 904 -22.41 -7.80 -169.59
CA HIS F 904 -22.96 -8.89 -168.80
C HIS F 904 -23.78 -9.82 -169.68
N PRO F 905 -23.30 -11.04 -169.96
CA PRO F 905 -24.09 -11.93 -170.83
C PRO F 905 -25.47 -12.24 -170.26
N CYS F 906 -25.67 -11.99 -168.96
CA CYS F 906 -26.96 -12.30 -168.36
C CYS F 906 -28.07 -11.47 -168.97
N LEU F 907 -27.84 -10.16 -169.15
CA LEU F 907 -28.81 -9.33 -169.84
C LEU F 907 -28.99 -9.81 -171.26
N VAL F 908 -30.22 -10.18 -171.61
CA VAL F 908 -30.59 -10.57 -172.96
C VAL F 908 -32.03 -11.04 -172.97
N ASN F 909 -32.41 -11.85 -171.99
CA ASN F 909 -33.75 -12.37 -171.78
C ASN F 909 -33.84 -13.32 -170.58
N PHE F 910 -35.06 -13.51 -170.07
CA PHE F 910 -35.26 -14.33 -168.88
C PHE F 910 -34.92 -15.79 -169.13
N HIS F 911 -35.11 -16.28 -170.36
CA HIS F 911 -34.68 -17.63 -170.71
C HIS F 911 -33.26 -17.63 -171.27
N SER F 912 -32.97 -16.68 -172.16
CA SER F 912 -31.69 -16.67 -172.85
C SER F 912 -30.53 -16.52 -171.87
N LEU F 913 -30.83 -16.05 -170.65
CA LEU F 913 -29.77 -15.87 -169.67
C LEU F 913 -29.09 -17.21 -169.39
N PRO F 914 -27.77 -17.24 -169.22
CA PRO F 914 -27.04 -18.50 -169.39
C PRO F 914 -27.29 -19.51 -168.27
N GLU F 915 -27.20 -20.78 -168.66
CA GLU F 915 -27.30 -21.89 -167.71
C GLU F 915 -26.35 -21.75 -166.53
N PRO F 916 -25.12 -21.26 -166.67
CA PRO F 916 -24.29 -21.04 -165.47
C PRO F 916 -24.95 -20.15 -164.43
N GLU F 917 -25.53 -19.02 -164.84
CA GLU F 917 -26.21 -18.15 -163.89
C GLU F 917 -27.47 -18.81 -163.34
N ARG F 918 -28.22 -19.53 -164.18
CA ARG F 918 -29.34 -20.29 -163.65
C ARG F 918 -28.88 -21.28 -162.58
N ASN F 919 -27.84 -22.05 -162.86
CA ASN F 919 -27.33 -23.01 -161.89
C ASN F 919 -26.82 -22.29 -160.64
N TYR F 920 -26.34 -21.06 -160.79
CA TYR F 920 -25.91 -20.30 -159.62
C TYR F 920 -27.08 -19.91 -158.75
N ASN F 921 -28.16 -19.42 -159.35
CA ASN F 921 -29.14 -18.65 -158.60
C ASN F 921 -30.41 -19.45 -158.30
N LEU F 922 -30.64 -20.56 -158.99
CA LEU F 922 -31.76 -21.43 -158.65
C LEU F 922 -31.57 -22.05 -157.27
N GLN F 923 -30.34 -22.48 -156.98
CA GLN F 923 -30.04 -22.97 -155.64
C GLN F 923 -30.21 -21.87 -154.60
N MET F 924 -29.91 -20.62 -154.98
CA MET F 924 -30.12 -19.52 -154.06
C MET F 924 -31.59 -19.29 -153.77
N SER F 925 -32.43 -19.35 -154.81
CA SER F 925 -33.86 -19.22 -154.60
C SER F 925 -34.38 -20.37 -153.74
N GLY F 926 -33.88 -21.58 -153.98
CA GLY F 926 -34.27 -22.71 -153.15
C GLY F 926 -33.87 -22.51 -151.70
N GLU F 927 -32.67 -21.98 -151.48
CA GLU F 927 -32.23 -21.67 -150.12
C GLU F 927 -33.12 -20.61 -149.49
N THR F 928 -33.53 -19.61 -150.26
CA THR F 928 -34.44 -18.59 -149.73
C THR F 928 -35.75 -19.24 -149.26
N LEU F 929 -36.35 -20.05 -150.12
CA LEU F 929 -37.61 -20.69 -149.76
C LEU F 929 -37.44 -21.60 -148.55
N LYS F 930 -36.36 -22.39 -148.54
CA LYS F 930 -36.13 -23.31 -147.42
C LYS F 930 -35.88 -22.54 -146.13
N THR F 931 -35.24 -21.38 -146.21
CA THR F 931 -35.10 -20.55 -145.02
C THR F 931 -36.45 -20.04 -144.56
N LEU F 932 -37.27 -19.53 -145.48
CA LEU F 932 -38.62 -19.11 -145.10
C LEU F 932 -39.33 -20.22 -144.37
N LEU F 933 -39.10 -21.47 -144.79
CA LEU F 933 -39.68 -22.61 -144.09
C LEU F 933 -39.04 -22.81 -142.71
N ALA F 934 -37.72 -22.71 -142.63
CA ALA F 934 -37.01 -22.98 -141.39
C ALA F 934 -37.44 -22.02 -140.30
N LEU F 935 -37.57 -20.74 -140.66
CA LEU F 935 -38.04 -19.70 -139.77
C LEU F 935 -39.39 -20.02 -139.14
N GLY F 936 -40.13 -20.97 -139.71
CA GLY F 936 -41.47 -21.26 -139.24
C GLY F 936 -42.56 -20.52 -139.96
N CYS F 937 -42.22 -19.67 -140.93
CA CYS F 937 -43.23 -19.04 -141.76
C CYS F 937 -43.91 -20.08 -142.62
N HIS F 938 -45.22 -19.96 -142.76
CA HIS F 938 -46.02 -20.88 -143.57
C HIS F 938 -46.31 -20.20 -144.90
N VAL F 939 -45.97 -20.87 -145.99
CA VAL F 939 -46.14 -20.35 -147.33
C VAL F 939 -47.03 -21.32 -148.10
N GLY F 940 -48.15 -20.81 -148.60
CA GLY F 940 -49.00 -21.60 -149.45
C GLY F 940 -49.73 -20.71 -150.45
N MET F 941 -50.44 -21.36 -151.36
CA MET F 941 -51.16 -20.66 -152.42
C MET F 941 -52.39 -20.01 -151.82
N ALA F 942 -52.23 -18.78 -151.31
CA ALA F 942 -53.34 -18.09 -150.68
C ALA F 942 -54.40 -17.67 -151.69
N ASP F 943 -53.99 -17.17 -152.86
CA ASP F 943 -54.94 -16.62 -153.84
C ASP F 943 -54.49 -16.96 -155.25
N GLU F 944 -55.23 -17.86 -155.92
CA GLU F 944 -54.94 -18.20 -157.31
C GLU F 944 -55.11 -17.00 -158.23
N LYS F 945 -55.96 -16.07 -157.84
CA LYS F 945 -56.21 -14.88 -158.66
C LYS F 945 -54.97 -14.00 -158.78
N ALA F 946 -54.13 -13.98 -157.75
CA ALA F 946 -52.91 -13.17 -157.81
C ALA F 946 -51.98 -13.68 -158.91
N GLU F 947 -51.78 -15.00 -158.96
CA GLU F 947 -51.02 -15.58 -160.08
C GLU F 947 -51.71 -15.35 -161.41
N ASP F 948 -53.02 -15.59 -161.48
CA ASP F 948 -53.73 -15.51 -162.76
C ASP F 948 -53.66 -14.11 -163.35
N ASN F 949 -53.96 -13.10 -162.54
CA ASN F 949 -53.94 -11.69 -162.96
C ASN F 949 -52.96 -10.94 -162.08
N LEU F 950 -52.14 -10.09 -162.69
CA LEU F 950 -51.15 -9.34 -161.94
C LEU F 950 -50.86 -8.03 -162.66
N LYS F 951 -50.47 -7.02 -161.88
CA LYS F 951 -50.14 -5.73 -162.45
C LYS F 951 -48.90 -5.84 -163.31
N LYS F 952 -48.99 -5.34 -164.54
CA LYS F 952 -47.94 -5.53 -165.52
C LYS F 952 -47.14 -4.25 -165.64
N THR F 953 -45.95 -4.25 -165.05
CA THR F 953 -45.12 -3.06 -165.08
C THR F 953 -44.60 -2.84 -166.49
N LYS F 954 -44.49 -1.56 -166.86
CA LYS F 954 -44.15 -1.16 -168.21
C LYS F 954 -42.99 -0.17 -168.17
N LEU F 955 -41.85 -0.56 -168.72
CA LEU F 955 -40.75 0.38 -168.80
C LEU F 955 -41.11 1.48 -169.80
N PRO F 956 -40.81 2.75 -169.50
CA PRO F 956 -41.28 3.83 -170.37
C PRO F 956 -40.90 3.58 -171.82
N LYS F 957 -41.91 3.71 -172.69
CA LYS F 957 -41.79 3.44 -174.11
C LYS F 957 -40.64 4.23 -174.72
N THR F 958 -40.39 5.44 -174.19
CA THR F 958 -39.23 6.20 -174.62
C THR F 958 -37.94 5.43 -174.39
N TYR F 959 -37.85 4.72 -173.26
CA TYR F 959 -36.61 4.08 -172.88
C TYR F 959 -36.23 2.99 -173.88
N MET F 960 -34.97 2.60 -173.85
CA MET F 960 -34.34 1.74 -174.85
C MET F 960 -33.27 0.90 -174.18
N MET F 961 -33.20 -0.38 -174.54
CA MET F 961 -32.19 -1.26 -173.99
C MET F 961 -31.66 -2.19 -175.09
N SER F 962 -30.52 -2.83 -174.79
CA SER F 962 -29.83 -3.62 -175.80
C SER F 962 -30.56 -4.92 -176.09
N ASN F 963 -31.35 -5.40 -175.14
CA ASN F 963 -32.18 -6.58 -175.36
C ASN F 963 -33.22 -6.36 -176.44
N GLY F 964 -33.85 -5.18 -176.46
CA GLY F 964 -35.02 -4.95 -177.27
C GLY F 964 -36.34 -5.43 -176.66
N TYR F 965 -36.36 -5.89 -175.40
CA TYR F 965 -37.52 -6.47 -174.68
C TYR F 965 -37.92 -5.94 -173.30
N LYS F 966 -38.85 -5.03 -173.28
CA LYS F 966 -39.06 -4.23 -172.07
C LYS F 966 -39.31 -5.15 -170.88
N PRO F 967 -38.54 -5.04 -169.80
CA PRO F 967 -38.86 -5.82 -168.60
C PRO F 967 -40.27 -5.50 -168.14
N ALA F 968 -40.78 -6.31 -167.21
CA ALA F 968 -42.09 -6.23 -166.58
C ALA F 968 -42.04 -6.94 -165.23
N PRO F 969 -41.49 -6.31 -164.21
CA PRO F 969 -41.64 -6.82 -162.84
C PRO F 969 -43.03 -6.51 -162.32
N LEU F 970 -43.41 -7.20 -161.26
CA LEU F 970 -44.72 -6.99 -160.67
C LEU F 970 -44.80 -5.60 -160.05
N ASP F 971 -45.71 -4.77 -160.56
CA ASP F 971 -45.93 -3.47 -159.95
C ASP F 971 -46.68 -3.65 -158.64
N LEU F 972 -46.15 -3.05 -157.58
CA LEU F 972 -46.61 -3.34 -156.22
C LEU F 972 -46.74 -2.09 -155.36
N SER F 973 -47.07 -0.95 -155.97
CA SER F 973 -47.28 0.25 -155.17
C SER F 973 -48.46 0.10 -154.24
N HIS F 974 -49.38 -0.80 -154.59
CA HIS F 974 -50.54 -1.13 -153.77
C HIS F 974 -50.24 -2.22 -152.74
N VAL F 975 -48.97 -2.46 -152.44
CA VAL F 975 -48.55 -3.53 -151.54
C VAL F 975 -47.75 -2.92 -150.40
N ARG F 976 -48.10 -3.29 -149.17
CA ARG F 976 -47.50 -2.74 -147.97
C ARG F 976 -46.83 -3.86 -147.18
N LEU F 977 -45.53 -3.73 -146.95
CA LEU F 977 -44.77 -4.67 -146.13
C LEU F 977 -44.49 -4.04 -144.77
N THR F 978 -44.83 -4.77 -143.71
CA THR F 978 -44.73 -4.22 -142.37
C THR F 978 -43.29 -4.29 -141.86
N PRO F 979 -42.97 -3.54 -140.80
CA PRO F 979 -41.60 -3.57 -140.27
C PRO F 979 -41.17 -4.94 -139.84
N ALA F 980 -42.12 -5.78 -139.38
CA ALA F 980 -41.72 -7.15 -139.13
C ALA F 980 -41.08 -7.70 -140.39
N GLN F 981 -41.83 -7.68 -141.52
CA GLN F 981 -41.31 -8.24 -142.77
C GLN F 981 -40.02 -7.58 -143.19
N THR F 982 -39.86 -6.29 -142.90
CA THR F 982 -38.59 -5.65 -143.21
C THR F 982 -37.44 -6.29 -142.41
N THR F 983 -37.67 -6.55 -141.12
CA THR F 983 -36.65 -7.20 -140.31
C THR F 983 -36.35 -8.60 -140.83
N LEU F 984 -37.40 -9.33 -141.20
CA LEU F 984 -37.20 -10.65 -141.80
C LEU F 984 -36.38 -10.52 -143.08
N VAL F 985 -36.64 -9.49 -143.88
CA VAL F 985 -35.87 -9.26 -145.10
C VAL F 985 -34.40 -9.07 -144.75
N ASP F 986 -34.14 -8.27 -143.71
CA ASP F 986 -32.76 -8.05 -143.28
C ASP F 986 -32.08 -9.37 -142.94
N ARG F 987 -32.76 -10.21 -142.15
CA ARG F 987 -32.15 -11.47 -141.72
C ARG F 987 -31.93 -12.41 -142.91
N LEU F 988 -32.88 -12.46 -143.84
CA LEU F 988 -32.71 -13.31 -145.02
C LEU F 988 -31.57 -12.81 -145.91
N ALA F 989 -31.41 -11.49 -146.03
CA ALA F 989 -30.28 -10.96 -146.78
C ALA F 989 -28.97 -11.34 -146.11
N GLU F 990 -28.92 -11.24 -144.78
CA GLU F 990 -27.77 -11.70 -144.03
C GLU F 990 -27.45 -13.15 -144.37
N ASN F 991 -28.47 -14.01 -144.31
CA ASN F 991 -28.25 -15.43 -144.57
C ASN F 991 -27.80 -15.68 -146.00
N GLY F 992 -28.38 -14.98 -146.95
CA GLY F 992 -28.02 -15.17 -148.35
C GLY F 992 -26.58 -14.80 -148.59
N HIS F 993 -26.17 -13.65 -148.05
CA HIS F 993 -24.78 -13.23 -148.18
C HIS F 993 -23.85 -14.23 -147.53
N ASN F 994 -24.23 -14.75 -146.37
CA ASN F 994 -23.38 -15.71 -145.67
C ASN F 994 -23.29 -17.03 -146.42
N VAL F 995 -24.38 -17.46 -147.05
CA VAL F 995 -24.35 -18.68 -147.86
C VAL F 995 -23.44 -18.48 -149.05
N TRP F 996 -23.57 -17.35 -149.74
CA TRP F 996 -22.66 -17.02 -150.82
C TRP F 996 -21.22 -17.07 -150.34
N ALA F 997 -20.97 -16.51 -149.16
CA ALA F 997 -19.60 -16.44 -148.63
C ALA F 997 -19.06 -17.84 -148.35
N ARG F 998 -19.86 -18.69 -147.71
CA ARG F 998 -19.37 -20.04 -147.39
C ARG F 998 -19.12 -20.83 -148.67
N ASP F 999 -20.01 -20.72 -149.66
CA ASP F 999 -19.80 -21.45 -150.91
C ASP F 999 -18.55 -20.96 -151.60
N ARG F 1000 -18.35 -19.65 -151.65
CA ARG F 1000 -17.21 -19.09 -152.37
C ARG F 1000 -15.90 -19.39 -151.64
N VAL F 1001 -15.95 -19.45 -150.31
CA VAL F 1001 -14.78 -19.87 -149.55
C VAL F 1001 -14.47 -21.33 -149.81
N ALA F 1002 -15.49 -22.19 -149.79
CA ALA F 1002 -15.28 -23.60 -150.12
C ALA F 1002 -14.63 -23.73 -151.49
N GLN F 1003 -15.02 -22.86 -152.42
CA GLN F 1003 -14.26 -22.76 -153.67
C GLN F 1003 -12.82 -22.35 -153.41
N GLY F 1004 -12.59 -21.40 -152.50
CA GLY F 1004 -11.24 -21.02 -152.11
C GLY F 1004 -10.94 -19.55 -152.13
N TRP F 1005 -11.94 -18.70 -152.32
CA TRP F 1005 -11.72 -17.26 -152.31
C TRP F 1005 -11.37 -16.78 -150.91
N SER F 1006 -10.86 -15.55 -150.83
CA SER F 1006 -10.56 -14.93 -149.54
C SER F 1006 -10.88 -13.45 -149.59
N TYR F 1007 -10.80 -12.82 -148.42
CA TYR F 1007 -11.08 -11.40 -148.30
C TYR F 1007 -9.86 -10.58 -148.67
N SER F 1008 -10.13 -9.38 -149.20
CA SER F 1008 -9.08 -8.44 -149.55
C SER F 1008 -9.73 -7.08 -149.78
N ALA F 1009 -9.20 -6.05 -149.13
CA ALA F 1009 -9.69 -4.70 -149.38
C ALA F 1009 -9.53 -4.31 -150.83
N VAL F 1010 -8.57 -4.92 -151.53
CA VAL F 1010 -8.32 -4.67 -152.94
C VAL F 1010 -8.77 -5.90 -153.72
N GLN F 1011 -9.62 -5.68 -154.72
CA GLN F 1011 -10.19 -6.78 -155.48
C GLN F 1011 -9.15 -7.35 -156.44
N ASP F 1012 -8.97 -8.67 -156.40
CA ASP F 1012 -8.11 -9.39 -157.32
C ASP F 1012 -8.77 -10.72 -157.64
N ILE F 1013 -9.19 -10.88 -158.89
CA ILE F 1013 -9.95 -12.07 -159.29
C ILE F 1013 -8.99 -13.25 -159.51
N PRO F 1014 -7.88 -13.07 -160.25
CA PRO F 1014 -6.96 -14.20 -160.42
C PRO F 1014 -6.45 -14.76 -159.10
N ALA F 1015 -6.17 -13.89 -158.13
CA ALA F 1015 -5.83 -14.32 -156.79
C ALA F 1015 -7.06 -14.77 -156.00
N ARG F 1016 -8.25 -14.55 -156.54
CA ARG F 1016 -9.50 -14.99 -155.92
C ARG F 1016 -9.67 -14.29 -154.57
N ARG F 1017 -9.58 -12.96 -154.62
CA ARG F 1017 -9.71 -12.09 -153.46
C ARG F 1017 -10.81 -11.09 -153.74
N ASN F 1018 -11.69 -10.90 -152.76
CA ASN F 1018 -12.84 -10.03 -152.93
C ASN F 1018 -12.95 -9.12 -151.72
N PRO F 1019 -13.43 -7.88 -151.88
CA PRO F 1019 -13.74 -7.06 -150.70
C PRO F 1019 -15.09 -7.36 -150.07
N ARG F 1020 -15.72 -8.47 -150.43
CA ARG F 1020 -17.02 -8.84 -149.88
C ARG F 1020 -17.07 -10.24 -149.31
N LEU F 1021 -16.00 -11.02 -149.40
CA LEU F 1021 -15.94 -12.28 -148.66
C LEU F 1021 -15.76 -11.95 -147.18
N VAL F 1022 -16.82 -11.43 -146.59
CA VAL F 1022 -16.89 -11.14 -145.16
C VAL F 1022 -18.33 -11.24 -144.72
N PRO F 1023 -18.58 -11.89 -143.58
CA PRO F 1023 -19.97 -12.04 -143.14
C PRO F 1023 -20.70 -10.70 -143.04
N TYR F 1024 -22.03 -10.79 -143.09
CA TYR F 1024 -22.85 -9.62 -143.33
C TYR F 1024 -22.59 -8.52 -142.31
N ARG F 1025 -22.38 -8.89 -141.04
CA ARG F 1025 -22.26 -7.88 -140.00
C ARG F 1025 -21.16 -6.88 -140.32
N LEU F 1026 -20.02 -7.38 -140.80
CA LEU F 1026 -18.89 -6.51 -141.12
C LEU F 1026 -19.07 -5.82 -142.47
N LEU F 1027 -20.11 -6.17 -143.22
CA LEU F 1027 -20.28 -5.64 -144.56
C LEU F 1027 -20.54 -4.14 -144.53
N ASP F 1028 -20.16 -3.48 -145.62
CA ASP F 1028 -20.38 -2.05 -145.75
C ASP F 1028 -21.86 -1.75 -145.90
N GLU F 1029 -22.24 -0.52 -145.53
CA GLU F 1029 -23.64 -0.14 -145.55
C GLU F 1029 -24.19 -0.12 -146.96
N ALA F 1030 -23.37 0.25 -147.94
CA ALA F 1030 -23.83 0.27 -149.33
C ALA F 1030 -24.26 -1.11 -149.79
N THR F 1031 -23.40 -2.11 -149.59
CA THR F 1031 -23.74 -3.48 -149.98
C THR F 1031 -24.90 -4.00 -149.14
N LYS F 1032 -24.91 -3.68 -147.85
CA LYS F 1032 -26.03 -4.05 -147.00
C LYS F 1032 -27.34 -3.57 -147.60
N ARG F 1033 -27.40 -2.28 -147.98
CA ARG F 1033 -28.61 -1.71 -148.54
C ARG F 1033 -28.96 -2.36 -149.86
N SER F 1034 -27.95 -2.61 -150.70
CA SER F 1034 -28.22 -3.22 -152.01
C SER F 1034 -28.88 -4.58 -151.84
N ASN F 1035 -28.28 -5.45 -151.03
CA ASN F 1035 -28.84 -6.77 -150.83
C ASN F 1035 -30.21 -6.69 -150.16
N ARG F 1036 -30.36 -5.79 -149.19
CA ARG F 1036 -31.62 -5.62 -148.49
C ARG F 1036 -32.72 -5.23 -149.46
N ASP F 1037 -32.44 -4.27 -150.35
CA ASP F 1037 -33.44 -3.84 -151.34
C ASP F 1037 -33.79 -4.97 -152.29
N SER F 1038 -32.78 -5.67 -152.80
CA SER F 1038 -33.06 -6.77 -153.73
C SER F 1038 -33.98 -7.78 -153.09
N LEU F 1039 -33.67 -8.19 -151.86
CA LEU F 1039 -34.47 -9.24 -151.24
C LEU F 1039 -35.82 -8.71 -150.79
N CYS F 1040 -35.90 -7.42 -150.44
CA CYS F 1040 -37.19 -6.84 -150.11
C CYS F 1040 -38.11 -6.86 -151.31
N GLN F 1041 -37.58 -6.55 -152.50
CA GLN F 1041 -38.38 -6.67 -153.71
C GLN F 1041 -38.71 -8.12 -154.03
N ALA F 1042 -37.83 -9.05 -153.66
CA ALA F 1042 -38.19 -10.46 -153.79
C ALA F 1042 -39.41 -10.80 -152.94
N VAL F 1043 -39.42 -10.32 -151.69
CA VAL F 1043 -40.56 -10.56 -150.80
C VAL F 1043 -41.81 -9.87 -151.34
N ARG F 1044 -41.64 -8.67 -151.90
CA ARG F 1044 -42.75 -7.96 -152.49
C ARG F 1044 -43.34 -8.75 -153.66
N THR F 1045 -42.46 -9.34 -154.49
CA THR F 1045 -42.92 -10.20 -155.58
C THR F 1045 -43.67 -11.41 -155.04
N LEU F 1046 -43.18 -11.99 -153.95
CA LEU F 1046 -43.89 -13.12 -153.37
C LEU F 1046 -45.26 -12.72 -152.85
N LEU F 1047 -45.37 -11.54 -152.24
CA LEU F 1047 -46.68 -11.10 -151.77
C LEU F 1047 -47.59 -10.74 -152.93
N GLY F 1048 -47.03 -10.29 -154.05
CA GLY F 1048 -47.82 -10.13 -155.26
C GLY F 1048 -48.33 -11.46 -155.77
N TYR F 1049 -47.49 -12.50 -155.69
CA TYR F 1049 -47.98 -13.86 -155.88
C TYR F 1049 -49.06 -14.20 -154.87
N GLY F 1050 -49.07 -13.52 -153.73
CA GLY F 1050 -50.11 -13.68 -152.73
C GLY F 1050 -49.85 -14.73 -151.68
N TYR F 1051 -48.75 -15.47 -151.79
CA TYR F 1051 -48.41 -16.44 -150.76
C TYR F 1051 -48.36 -15.74 -149.41
N ASN F 1052 -49.02 -16.35 -148.41
CA ASN F 1052 -49.07 -15.74 -147.10
C ASN F 1052 -47.68 -15.75 -146.45
N ILE F 1053 -47.42 -14.72 -145.64
CA ILE F 1053 -46.17 -14.59 -144.90
C ILE F 1053 -46.50 -14.59 -143.42
N GLU F 1054 -45.95 -15.55 -142.69
CA GLU F 1054 -46.13 -15.63 -141.25
C GLU F 1054 -44.83 -15.30 -140.55
N PRO F 1055 -44.66 -14.09 -139.99
CA PRO F 1055 -43.41 -13.78 -139.31
C PRO F 1055 -43.28 -14.61 -138.04
N PRO F 1056 -42.09 -15.15 -137.77
CA PRO F 1056 -41.90 -15.90 -136.53
C PRO F 1056 -41.81 -14.99 -135.32
N ASP F 1057 -42.17 -15.55 -134.17
CA ASP F 1057 -42.06 -14.81 -132.91
C ASP F 1057 -40.60 -14.49 -132.60
N GLN F 1058 -40.38 -13.28 -132.11
CA GLN F 1058 -39.02 -12.85 -131.77
C GLN F 1058 -38.43 -13.75 -130.71
N GLU F 1059 -37.20 -14.22 -130.95
CA GLU F 1059 -36.52 -15.12 -130.02
C GLU F 1059 -35.25 -14.46 -129.49
N PRO F 1060 -35.25 -13.95 -128.26
CA PRO F 1060 -34.04 -13.28 -127.75
C PRO F 1060 -32.90 -14.25 -127.53
N SER F 1061 -31.68 -13.71 -127.58
CA SER F 1061 -30.47 -14.46 -127.32
C SER F 1061 -29.42 -13.55 -126.71
N GLN F 1062 -28.43 -14.15 -126.07
CA GLN F 1062 -27.35 -13.43 -125.40
C GLN F 1062 -26.04 -13.72 -126.11
N VAL F 1063 -25.34 -12.65 -126.50
CA VAL F 1063 -24.14 -12.81 -127.34
C VAL F 1063 -23.01 -13.44 -126.55
N GLU F 1064 -22.79 -12.98 -125.32
CA GLU F 1064 -21.66 -13.44 -124.50
C GLU F 1064 -20.33 -13.16 -125.20
N ASN F 1065 -20.18 -11.94 -125.70
CA ASN F 1065 -18.96 -11.58 -126.42
C ASN F 1065 -17.75 -11.54 -125.48
N GLN F 1066 -17.90 -10.88 -124.34
CA GLN F 1066 -16.81 -10.70 -123.38
C GLN F 1066 -17.15 -11.33 -122.05
N SER F 1067 -16.15 -11.44 -121.19
CA SER F 1067 -16.34 -11.95 -119.85
C SER F 1067 -16.93 -10.88 -118.94
N ARG F 1068 -17.53 -11.34 -117.84
CA ARG F 1068 -18.08 -10.43 -116.84
C ARG F 1068 -17.05 -9.38 -116.45
N TRP F 1069 -15.81 -9.83 -116.22
CA TRP F 1069 -14.77 -8.95 -115.73
C TRP F 1069 -14.23 -8.06 -116.84
N ASP F 1070 -14.09 -8.62 -118.03
CA ASP F 1070 -13.63 -7.87 -119.20
C ASP F 1070 -14.64 -6.86 -119.66
N ARG F 1071 -15.87 -6.90 -119.15
CA ARG F 1071 -16.89 -5.93 -119.54
C ARG F 1071 -16.79 -4.61 -118.80
N VAL F 1072 -16.65 -4.62 -117.48
CA VAL F 1072 -16.79 -3.42 -116.66
C VAL F 1072 -15.44 -3.05 -116.05
N ARG F 1073 -15.12 -1.77 -116.12
CA ARG F 1073 -13.93 -1.19 -115.50
C ARG F 1073 -14.34 -0.14 -114.50
N ILE F 1074 -13.79 -0.22 -113.29
CA ILE F 1074 -14.13 0.68 -112.20
C ILE F 1074 -12.93 1.56 -111.89
N PHE F 1075 -13.15 2.86 -111.83
CA PHE F 1075 -12.15 3.83 -111.42
C PHE F 1075 -12.61 4.51 -110.14
N ARG F 1076 -11.73 4.54 -109.14
CA ARG F 1076 -12.06 5.16 -107.86
C ARG F 1076 -10.90 6.03 -107.42
N ALA F 1077 -11.19 6.95 -106.50
CA ALA F 1077 -10.11 7.70 -105.89
C ALA F 1077 -9.34 6.85 -104.90
N GLU F 1078 -8.10 7.25 -104.61
CA GLU F 1078 -7.29 6.52 -103.66
C GLU F 1078 -7.90 6.62 -102.25
N LYS F 1079 -7.67 5.58 -101.45
CA LYS F 1079 -8.29 5.50 -100.14
C LYS F 1079 -7.86 6.66 -99.25
N SER F 1080 -6.66 7.17 -99.46
CA SER F 1080 -6.15 8.25 -98.62
C SER F 1080 -7.03 9.48 -98.68
N TYR F 1081 -7.77 9.65 -99.78
CA TYR F 1081 -8.64 10.80 -99.96
C TYR F 1081 -10.02 10.59 -99.33
N THR F 1082 -10.17 9.56 -98.50
CA THR F 1082 -11.45 9.28 -97.89
C THR F 1082 -11.90 10.45 -97.02
N VAL F 1083 -13.17 10.81 -97.14
CA VAL F 1083 -13.77 11.91 -96.39
C VAL F 1083 -14.85 11.34 -95.49
N GLN F 1084 -14.75 11.64 -94.19
CA GLN F 1084 -15.76 11.24 -93.23
C GLN F 1084 -16.65 12.39 -92.79
N SER F 1085 -16.52 13.56 -93.40
CA SER F 1085 -17.31 14.71 -92.98
C SER F 1085 -17.33 15.74 -94.09
N GLY F 1086 -18.35 16.58 -94.07
CA GLY F 1086 -18.43 17.75 -94.92
C GLY F 1086 -19.41 17.56 -96.07
N ARG F 1087 -19.40 18.57 -96.94
CA ARG F 1087 -20.21 18.59 -98.15
C ARG F 1087 -19.26 18.60 -99.34
N TRP F 1088 -19.39 17.59 -100.20
CA TRP F 1088 -18.45 17.41 -101.30
C TRP F 1088 -19.20 17.27 -102.62
N TYR F 1089 -18.58 17.82 -103.67
CA TYR F 1089 -19.16 17.89 -105.01
C TYR F 1089 -18.13 17.42 -106.01
N PHE F 1090 -18.57 16.67 -107.02
CA PHE F 1090 -17.72 16.37 -108.16
C PHE F 1090 -18.59 16.10 -109.38
N GLU F 1091 -17.97 16.12 -110.56
CA GLU F 1091 -18.68 16.06 -111.83
C GLU F 1091 -18.20 14.87 -112.64
N PHE F 1092 -19.12 14.27 -113.38
CA PHE F 1092 -18.82 13.19 -114.31
C PHE F 1092 -19.54 13.46 -115.62
N GLU F 1093 -18.78 13.74 -116.67
CA GLU F 1093 -19.32 14.01 -117.99
C GLU F 1093 -19.31 12.72 -118.80
N ALA F 1094 -20.45 12.39 -119.38
CA ALA F 1094 -20.61 11.17 -120.15
C ALA F 1094 -20.47 11.50 -121.63
N VAL F 1095 -19.36 11.08 -122.25
CA VAL F 1095 -19.22 11.28 -123.67
C VAL F 1095 -20.10 10.31 -124.46
N THR F 1096 -20.47 9.19 -123.85
CA THR F 1096 -21.36 8.21 -124.44
C THR F 1096 -22.66 8.18 -123.65
N THR F 1097 -23.64 7.44 -124.17
CA THR F 1097 -24.94 7.29 -123.55
C THR F 1097 -25.16 5.88 -123.03
N GLY F 1098 -24.10 5.08 -122.92
CA GLY F 1098 -24.23 3.69 -122.55
C GLY F 1098 -24.06 3.47 -121.06
N GLU F 1099 -23.73 2.22 -120.73
CA GLU F 1099 -23.62 1.80 -119.34
C GLU F 1099 -22.46 2.49 -118.64
N MET F 1100 -22.78 3.46 -117.79
CA MET F 1100 -21.80 4.06 -116.90
C MET F 1100 -22.50 4.37 -115.59
N ARG F 1101 -21.79 4.17 -114.50
CA ARG F 1101 -22.32 4.41 -113.17
C ARG F 1101 -21.38 5.38 -112.46
N VAL F 1102 -21.94 6.31 -111.70
CA VAL F 1102 -21.13 7.30 -111.00
C VAL F 1102 -21.69 7.50 -109.61
N GLY F 1103 -20.80 7.64 -108.62
CA GLY F 1103 -21.25 7.86 -107.27
C GLY F 1103 -20.18 7.78 -106.22
N TRP F 1104 -20.56 7.33 -105.03
CA TRP F 1104 -19.67 7.31 -103.87
C TRP F 1104 -19.53 5.87 -103.39
N ALA F 1105 -18.29 5.50 -103.06
CA ALA F 1105 -17.99 4.13 -102.67
C ALA F 1105 -17.17 4.12 -101.39
N ARG F 1106 -17.27 3.02 -100.66
CA ARG F 1106 -16.50 2.81 -99.47
C ARG F 1106 -15.12 2.25 -99.83
N PRO F 1107 -14.12 2.47 -99.00
CA PRO F 1107 -12.73 2.12 -99.38
C PRO F 1107 -12.52 0.64 -99.65
N GLU F 1108 -13.43 -0.22 -99.20
CA GLU F 1108 -13.31 -1.66 -99.40
C GLU F 1108 -14.10 -2.14 -100.61
N LEU F 1109 -14.42 -1.24 -101.53
CA LEU F 1109 -15.13 -1.62 -102.74
C LEU F 1109 -14.40 -2.73 -103.47
N ARG F 1110 -15.10 -3.82 -103.75
CA ARG F 1110 -14.48 -4.91 -104.49
C ARG F 1110 -14.51 -4.61 -105.99
N PRO F 1111 -13.39 -4.81 -106.69
CA PRO F 1111 -13.37 -4.49 -108.12
C PRO F 1111 -14.26 -5.40 -108.95
N ASP F 1112 -14.41 -6.66 -108.52
CA ASP F 1112 -15.13 -7.64 -109.32
C ASP F 1112 -16.63 -7.38 -109.31
N VAL F 1113 -17.16 -6.92 -108.17
CA VAL F 1113 -18.60 -6.71 -108.06
C VAL F 1113 -19.00 -5.45 -108.82
N GLU F 1114 -20.20 -5.49 -109.40
CA GLU F 1114 -20.73 -4.32 -110.08
C GLU F 1114 -21.20 -3.29 -109.07
N LEU F 1115 -21.03 -2.02 -109.41
CA LEU F 1115 -21.31 -0.95 -108.46
C LEU F 1115 -22.77 -0.95 -108.07
N GLY F 1116 -23.03 -0.91 -106.76
CA GLY F 1116 -24.36 -0.75 -106.22
C GLY F 1116 -25.07 -2.06 -105.95
N ALA F 1117 -24.59 -3.17 -106.52
CA ALA F 1117 -25.17 -4.46 -106.18
C ALA F 1117 -25.00 -4.77 -104.71
N ASP F 1118 -23.86 -4.41 -104.14
CA ASP F 1118 -23.62 -4.55 -102.71
C ASP F 1118 -23.82 -3.21 -102.01
N GLU F 1119 -23.65 -3.24 -100.69
CA GLU F 1119 -23.77 -2.05 -99.86
C GLU F 1119 -22.59 -1.10 -100.00
N LEU F 1120 -21.51 -1.54 -100.65
CA LEU F 1120 -20.26 -0.78 -100.61
C LEU F 1120 -20.34 0.51 -101.42
N ALA F 1121 -21.32 0.62 -102.32
CA ALA F 1121 -21.40 1.76 -103.22
C ALA F 1121 -22.83 2.27 -103.32
N TYR F 1122 -22.94 3.59 -103.47
CA TYR F 1122 -24.18 4.28 -103.79
C TYR F 1122 -23.95 5.01 -105.09
N VAL F 1123 -24.59 4.57 -106.17
CA VAL F 1123 -24.27 5.08 -107.50
C VAL F 1123 -25.54 5.36 -108.28
N PHE F 1124 -25.37 6.05 -109.39
CA PHE F 1124 -26.43 6.38 -110.33
C PHE F 1124 -26.04 5.85 -111.70
N ASN F 1125 -26.96 5.14 -112.34
CA ASN F 1125 -26.81 4.64 -113.71
C ASN F 1125 -27.85 5.31 -114.58
N GLY F 1126 -27.43 6.32 -115.34
CA GLY F 1126 -28.38 7.05 -116.16
C GLY F 1126 -28.94 6.25 -117.32
N HIS F 1127 -28.13 5.36 -117.90
CA HIS F 1127 -28.57 4.64 -119.10
C HIS F 1127 -30.01 4.17 -118.97
N ARG F 1128 -30.39 3.71 -117.78
CA ARG F 1128 -31.75 3.30 -117.48
C ARG F 1128 -32.44 4.19 -116.46
N GLY F 1129 -31.76 5.22 -115.98
CA GLY F 1129 -32.32 6.07 -114.94
C GLY F 1129 -32.55 5.29 -113.66
N GLN F 1130 -31.46 4.85 -113.04
CA GLN F 1130 -31.52 3.98 -111.87
C GLN F 1130 -30.58 4.51 -110.80
N ARG F 1131 -30.94 4.23 -109.55
CA ARG F 1131 -30.08 4.44 -108.40
C ARG F 1131 -29.77 3.09 -107.80
N TRP F 1132 -28.48 2.78 -107.62
CA TRP F 1132 -28.04 1.48 -107.18
C TRP F 1132 -27.44 1.57 -105.79
N HIS F 1133 -28.01 0.80 -104.88
CA HIS F 1133 -27.40 0.48 -103.58
C HIS F 1133 -28.11 -0.77 -103.07
N LEU F 1134 -27.39 -1.89 -103.02
CA LEU F 1134 -27.99 -3.17 -102.64
C LEU F 1134 -29.18 -3.50 -103.55
N GLY F 1135 -29.05 -3.16 -104.83
CA GLY F 1135 -30.09 -3.37 -105.80
C GLY F 1135 -30.37 -2.10 -106.60
N SER F 1136 -31.26 -2.25 -107.57
CA SER F 1136 -31.60 -1.17 -108.48
C SER F 1136 -33.00 -0.65 -108.18
N GLU F 1137 -33.14 0.67 -108.19
CA GLU F 1137 -34.41 1.34 -108.07
C GLU F 1137 -34.46 2.43 -109.12
N PRO F 1138 -35.60 2.65 -109.77
CA PRO F 1138 -35.68 3.74 -110.74
C PRO F 1138 -35.39 5.08 -110.08
N PHE F 1139 -34.64 5.93 -110.78
CA PHE F 1139 -34.28 7.23 -110.25
C PHE F 1139 -33.68 8.05 -111.38
N GLY F 1140 -34.17 9.28 -111.52
CA GLY F 1140 -33.56 10.14 -112.50
C GLY F 1140 -33.78 9.62 -113.92
N ARG F 1141 -33.32 10.42 -114.86
CA ARG F 1141 -33.52 10.16 -116.29
C ARG F 1141 -32.18 9.93 -116.97
N PRO F 1142 -32.18 9.21 -118.09
CA PRO F 1142 -30.94 8.98 -118.82
C PRO F 1142 -30.34 10.29 -119.33
N TRP F 1143 -29.02 10.33 -119.38
CA TRP F 1143 -28.33 11.44 -120.00
C TRP F 1143 -28.27 11.26 -121.51
N GLN F 1144 -27.89 12.34 -122.19
CA GLN F 1144 -27.48 12.32 -123.57
C GLN F 1144 -25.98 12.61 -123.65
N SER F 1145 -25.42 12.42 -124.83
CA SER F 1145 -23.99 12.64 -125.01
C SER F 1145 -23.62 14.07 -124.64
N GLY F 1146 -22.55 14.20 -123.86
CA GLY F 1146 -22.08 15.50 -123.41
C GLY F 1146 -22.65 15.96 -122.10
N ASP F 1147 -23.61 15.22 -121.53
CA ASP F 1147 -24.21 15.62 -120.27
C ASP F 1147 -23.22 15.47 -119.13
N VAL F 1148 -23.46 16.25 -118.08
CA VAL F 1148 -22.63 16.26 -116.88
C VAL F 1148 -23.51 15.89 -115.69
N VAL F 1149 -23.09 14.90 -114.93
CA VAL F 1149 -23.77 14.48 -113.71
C VAL F 1149 -22.98 15.01 -112.53
N GLY F 1150 -23.65 15.78 -111.68
CA GLY F 1150 -23.05 16.30 -110.48
C GLY F 1150 -23.42 15.43 -109.30
N CYS F 1151 -22.41 14.84 -108.66
CA CYS F 1151 -22.58 13.98 -107.51
C CYS F 1151 -22.20 14.76 -106.26
N MET F 1152 -23.10 14.77 -105.29
CA MET F 1152 -22.98 15.57 -104.09
C MET F 1152 -23.20 14.67 -102.89
N ILE F 1153 -22.36 14.83 -101.86
CA ILE F 1153 -22.51 14.06 -100.62
C ILE F 1153 -22.48 15.04 -99.45
N ASP F 1154 -23.50 14.97 -98.60
CA ASP F 1154 -23.59 15.77 -97.39
C ASP F 1154 -23.52 14.84 -96.20
N LEU F 1155 -22.40 14.83 -95.50
CA LEU F 1155 -22.23 13.92 -94.37
C LEU F 1155 -22.74 14.51 -93.06
N THR F 1156 -23.04 15.80 -93.02
CA THR F 1156 -23.73 16.36 -91.86
C THR F 1156 -25.18 15.90 -91.82
N GLU F 1157 -25.87 16.01 -92.95
CA GLU F 1157 -27.26 15.56 -93.07
C GLU F 1157 -27.36 14.10 -93.49
N ASN F 1158 -26.25 13.46 -93.85
CA ASN F 1158 -26.24 12.06 -94.23
C ASN F 1158 -27.12 11.82 -95.45
N THR F 1159 -26.78 12.47 -96.54
CA THR F 1159 -27.55 12.37 -97.77
C THR F 1159 -26.62 12.36 -98.98
N ILE F 1160 -27.11 11.78 -100.07
CA ILE F 1160 -26.44 11.79 -101.36
C ILE F 1160 -27.39 12.38 -102.38
N ILE F 1161 -26.91 13.30 -103.18
CA ILE F 1161 -27.71 14.03 -104.16
C ILE F 1161 -27.06 13.88 -105.54
N PHE F 1162 -27.90 13.74 -106.55
CA PHE F 1162 -27.46 13.67 -107.93
C PHE F 1162 -28.16 14.75 -108.74
N THR F 1163 -27.41 15.39 -109.62
CA THR F 1163 -27.93 16.42 -110.51
C THR F 1163 -27.51 16.10 -111.93
N LEU F 1164 -28.34 16.53 -112.88
CA LEU F 1164 -28.02 16.39 -114.30
C LEU F 1164 -28.11 17.76 -114.96
N ASN F 1165 -26.97 18.24 -115.46
CA ASN F 1165 -26.91 19.54 -116.14
C ASN F 1165 -27.52 20.63 -115.26
N GLY F 1166 -27.19 20.61 -113.97
CA GLY F 1166 -27.66 21.60 -113.04
C GLY F 1166 -29.06 21.37 -112.52
N GLU F 1167 -29.70 20.26 -112.87
CA GLU F 1167 -31.05 19.95 -112.43
C GLU F 1167 -31.01 18.76 -111.49
N VAL F 1168 -31.59 18.93 -110.31
CA VAL F 1168 -31.55 17.89 -109.28
C VAL F 1168 -32.48 16.76 -109.72
N LEU F 1169 -31.91 15.57 -109.90
CA LEU F 1169 -32.73 14.41 -110.25
C LEU F 1169 -33.57 13.99 -109.05
N MET F 1170 -34.80 13.55 -109.34
CA MET F 1170 -35.73 13.11 -108.32
C MET F 1170 -36.20 11.71 -108.63
N SER F 1171 -36.51 10.97 -107.57
CA SER F 1171 -37.06 9.62 -107.73
C SER F 1171 -38.49 9.70 -108.26
N ASP F 1172 -39.15 8.55 -108.32
CA ASP F 1172 -40.56 8.49 -108.72
C ASP F 1172 -41.43 8.90 -107.53
N SER F 1173 -41.08 10.05 -106.96
CA SER F 1173 -41.72 10.60 -105.79
C SER F 1173 -41.22 12.03 -105.63
N GLY F 1174 -41.53 12.65 -104.50
CA GLY F 1174 -41.05 13.98 -104.21
C GLY F 1174 -39.67 14.01 -103.60
N SER F 1175 -39.04 12.85 -103.46
CA SER F 1175 -37.73 12.78 -102.83
C SER F 1175 -36.69 13.47 -103.70
N GLU F 1176 -36.01 14.45 -103.11
CA GLU F 1176 -34.95 15.18 -103.79
C GLU F 1176 -33.59 14.53 -103.57
N THR F 1177 -33.53 13.46 -102.79
CA THR F 1177 -32.28 12.79 -102.44
C THR F 1177 -32.33 11.36 -102.90
N ALA F 1178 -31.27 10.90 -103.55
CA ALA F 1178 -31.21 9.51 -103.99
C ALA F 1178 -31.17 8.56 -102.81
N PHE F 1179 -30.37 8.88 -101.80
CA PHE F 1179 -30.18 8.01 -100.64
C PHE F 1179 -30.21 8.84 -99.36
N ARG F 1180 -30.73 8.23 -98.30
CA ARG F 1180 -30.82 8.88 -97.00
C ARG F 1180 -30.36 7.92 -95.93
N GLU F 1181 -30.18 8.46 -94.72
CA GLU F 1181 -29.79 7.67 -93.55
C GLU F 1181 -28.50 6.89 -93.78
N ILE F 1182 -27.56 7.50 -94.50
CA ILE F 1182 -26.26 6.87 -94.69
C ILE F 1182 -25.48 6.88 -93.39
N GLU F 1183 -24.64 5.87 -93.21
CA GLU F 1183 -23.72 5.81 -92.08
C GLU F 1183 -22.31 6.11 -92.57
N ILE F 1184 -21.66 7.08 -91.93
CA ILE F 1184 -20.35 7.51 -92.38
C ILE F 1184 -19.35 6.36 -92.29
N GLY F 1185 -19.28 5.72 -91.12
CA GLY F 1185 -18.41 4.57 -90.97
C GLY F 1185 -16.98 4.90 -91.36
N ASP F 1186 -16.38 4.00 -92.15
CA ASP F 1186 -15.02 4.22 -92.61
C ASP F 1186 -14.91 5.48 -93.47
N GLY F 1187 -15.88 5.70 -94.34
CA GLY F 1187 -15.93 6.90 -95.15
C GLY F 1187 -16.45 6.58 -96.53
N PHE F 1188 -16.28 7.55 -97.43
CA PHE F 1188 -16.75 7.44 -98.80
C PHE F 1188 -15.69 7.96 -99.75
N LEU F 1189 -15.73 7.47 -100.98
CA LEU F 1189 -14.80 7.87 -102.01
C LEU F 1189 -15.53 8.05 -103.33
N PRO F 1190 -15.10 8.99 -104.17
CA PRO F 1190 -15.68 9.09 -105.52
C PRO F 1190 -15.29 7.90 -106.37
N VAL F 1191 -16.26 7.41 -107.15
CA VAL F 1191 -16.11 6.21 -107.95
C VAL F 1191 -16.97 6.31 -109.20
N CYS F 1192 -16.53 5.60 -110.23
CA CYS F 1192 -17.25 5.52 -111.49
C CYS F 1192 -16.94 4.15 -112.10
N SER F 1193 -17.82 3.68 -112.97
CA SER F 1193 -17.62 2.46 -113.72
C SER F 1193 -18.08 2.69 -115.14
N LEU F 1194 -17.28 2.21 -116.09
CA LEU F 1194 -17.52 2.35 -117.52
C LEU F 1194 -17.67 0.97 -118.12
N GLY F 1195 -18.72 0.76 -118.91
CA GLY F 1195 -18.86 -0.46 -119.66
C GLY F 1195 -18.09 -0.39 -120.96
N PRO F 1196 -18.24 -1.44 -121.76
CA PRO F 1196 -17.55 -1.47 -123.05
C PRO F 1196 -17.99 -0.32 -123.94
N GLY F 1197 -17.02 0.29 -124.62
CA GLY F 1197 -17.32 1.38 -125.53
C GLY F 1197 -17.79 2.64 -124.87
N GLN F 1198 -17.44 2.85 -123.59
CA GLN F 1198 -17.92 3.98 -122.81
C GLN F 1198 -16.77 4.89 -122.47
N VAL F 1199 -17.04 6.20 -122.47
CA VAL F 1199 -16.04 7.22 -122.22
C VAL F 1199 -16.60 8.24 -121.24
N GLY F 1200 -15.83 8.56 -120.21
CA GLY F 1200 -16.25 9.53 -119.23
C GLY F 1200 -15.12 10.50 -118.91
N HIS F 1201 -15.50 11.59 -118.26
CA HIS F 1201 -14.56 12.61 -117.82
C HIS F 1201 -14.90 12.99 -116.39
N LEU F 1202 -14.01 12.65 -115.47
CA LEU F 1202 -14.24 12.85 -114.04
C LEU F 1202 -13.50 14.09 -113.58
N ASN F 1203 -14.25 15.13 -113.19
CA ASN F 1203 -13.69 16.36 -112.67
C ASN F 1203 -13.94 16.40 -111.16
N LEU F 1204 -12.87 16.27 -110.39
CA LEU F 1204 -12.96 16.29 -108.94
C LEU F 1204 -12.77 17.69 -108.35
N GLY F 1205 -12.56 18.69 -109.19
CA GLY F 1205 -12.61 20.07 -108.76
C GLY F 1205 -11.27 20.69 -108.44
N GLN F 1206 -10.16 20.09 -108.86
CA GLN F 1206 -8.85 20.70 -108.61
C GLN F 1206 -8.83 22.11 -109.17
N ASP F 1207 -9.41 22.29 -110.36
CA ASP F 1207 -9.64 23.60 -110.93
C ASP F 1207 -11.13 23.87 -110.94
N VAL F 1208 -11.56 24.78 -110.05
CA VAL F 1208 -12.98 25.03 -109.88
C VAL F 1208 -13.58 25.63 -111.15
N SER F 1209 -12.80 26.44 -111.86
CA SER F 1209 -13.31 27.09 -113.07
C SER F 1209 -13.77 26.07 -114.10
N SER F 1210 -13.20 24.86 -114.07
CA SER F 1210 -13.57 23.83 -115.03
C SER F 1210 -14.86 23.12 -114.68
N LEU F 1211 -15.43 23.39 -113.51
CA LEU F 1211 -16.70 22.79 -113.09
C LEU F 1211 -17.83 23.58 -113.72
N ARG F 1212 -18.55 22.94 -114.64
CA ARG F 1212 -19.56 23.67 -115.42
C ARG F 1212 -20.78 24.01 -114.58
N PHE F 1213 -21.24 23.08 -113.74
CA PHE F 1213 -22.52 23.22 -113.06
C PHE F 1213 -22.39 23.35 -111.55
N PHE F 1214 -21.20 23.69 -111.05
CA PHE F 1214 -21.04 23.87 -109.61
C PHE F 1214 -21.80 25.10 -109.12
N ALA F 1215 -21.68 26.21 -109.85
CA ALA F 1215 -22.34 27.45 -109.43
C ALA F 1215 -23.85 27.29 -109.42
N ILE F 1216 -24.39 26.60 -110.44
CA ILE F 1216 -25.83 26.45 -110.54
C ILE F 1216 -26.38 25.65 -109.37
N CYS F 1217 -25.65 24.61 -108.96
CA CYS F 1217 -26.07 23.77 -107.84
C CYS F 1217 -24.86 23.33 -107.05
N GLY F 1218 -24.88 23.60 -105.74
CA GLY F 1218 -23.86 23.13 -104.82
C GLY F 1218 -23.09 24.25 -104.14
N LEU F 1219 -22.71 25.27 -104.91
CA LEU F 1219 -21.91 26.35 -104.36
C LEU F 1219 -22.66 27.08 -103.25
N GLN F 1220 -23.87 27.55 -103.55
CA GLN F 1220 -24.66 28.24 -102.53
C GLN F 1220 -25.16 27.26 -101.48
N GLU F 1221 -25.41 26.01 -101.88
CA GLU F 1221 -25.83 24.99 -100.93
C GLU F 1221 -24.75 24.65 -99.93
N GLY F 1222 -23.50 25.05 -100.19
CA GLY F 1222 -22.42 24.86 -99.26
C GLY F 1222 -21.49 23.70 -99.57
N PHE F 1223 -21.73 22.99 -100.65
CA PHE F 1223 -20.87 21.88 -101.03
C PHE F 1223 -19.56 22.39 -101.61
N GLU F 1224 -18.50 21.66 -101.33
CA GLU F 1224 -17.17 22.03 -101.78
C GLU F 1224 -16.65 21.00 -102.79
N PRO F 1225 -15.85 21.43 -103.76
CA PRO F 1225 -15.23 20.47 -104.67
C PRO F 1225 -14.32 19.52 -103.92
N PHE F 1226 -14.29 18.28 -104.39
CA PHE F 1226 -13.56 17.23 -103.68
C PHE F 1226 -12.08 17.57 -103.56
N ALA F 1227 -11.51 18.20 -104.60
CA ALA F 1227 -10.09 18.51 -104.65
C ALA F 1227 -9.85 20.02 -104.73
N ILE F 1228 -10.62 20.80 -103.98
CA ILE F 1228 -10.60 22.26 -104.16
C ILE F 1228 -9.21 22.81 -103.90
N ASN F 1229 -8.54 22.32 -102.86
CA ASN F 1229 -7.26 22.89 -102.45
C ASN F 1229 -6.17 21.83 -102.44
N MET F 1230 -6.12 21.02 -103.49
CA MET F 1230 -5.08 20.02 -103.67
C MET F 1230 -4.14 20.47 -104.78
N GLN F 1231 -2.84 20.45 -104.46
CA GLN F 1231 -1.82 20.86 -105.43
CA GLN F 1231 -1.85 20.88 -105.44
C GLN F 1231 -1.72 19.88 -106.58
N ARG F 1232 -1.84 18.60 -106.28
CA ARG F 1232 -1.68 17.54 -107.25
C ARG F 1232 -3.03 16.90 -107.55
N PRO F 1233 -3.22 16.39 -108.77
CA PRO F 1233 -4.47 15.70 -109.08
C PRO F 1233 -4.66 14.48 -108.21
N VAL F 1234 -5.92 14.19 -107.88
CA VAL F 1234 -6.23 13.03 -107.07
C VAL F 1234 -5.70 11.78 -107.74
N THR F 1235 -5.00 10.95 -106.97
CA THR F 1235 -4.56 9.67 -107.50
C THR F 1235 -5.73 8.71 -107.60
N THR F 1236 -5.78 7.98 -108.70
CA THR F 1236 -6.89 7.07 -108.98
C THR F 1236 -6.39 5.63 -109.04
N TRP F 1237 -7.28 4.71 -108.75
CA TRP F 1237 -7.06 3.29 -108.93
C TRP F 1237 -8.13 2.73 -109.84
N PHE F 1238 -7.76 1.73 -110.62
CA PHE F 1238 -8.68 1.13 -111.57
C PHE F 1238 -8.66 -0.38 -111.42
N SER F 1239 -9.80 -0.97 -111.71
CA SER F 1239 -9.93 -2.43 -111.72
C SER F 1239 -9.23 -2.99 -112.94
N LYS F 1240 -8.29 -3.89 -112.70
CA LYS F 1240 -7.46 -4.49 -113.74
C LYS F 1240 -7.88 -5.95 -113.86
N SER F 1241 -8.31 -6.33 -115.06
CA SER F 1241 -8.81 -7.69 -115.31
C SER F 1241 -7.67 -8.59 -115.76
N LEU F 1242 -6.60 -8.57 -114.97
CA LEU F 1242 -5.47 -9.46 -115.16
C LEU F 1242 -5.48 -10.45 -114.00
N PRO F 1243 -5.90 -11.71 -114.21
CA PRO F 1243 -5.98 -12.65 -113.11
C PRO F 1243 -4.65 -12.81 -112.41
N GLN F 1244 -4.68 -12.75 -111.08
CA GLN F 1244 -3.51 -12.97 -110.25
C GLN F 1244 -3.88 -13.89 -109.11
N PHE F 1245 -2.88 -14.61 -108.62
CA PHE F 1245 -3.07 -15.59 -107.56
C PHE F 1245 -3.03 -14.90 -106.21
N GLU F 1246 -4.03 -15.14 -105.39
CA GLU F 1246 -4.13 -14.56 -104.06
C GLU F 1246 -4.44 -15.64 -103.05
N PRO F 1247 -4.03 -15.47 -101.80
CA PRO F 1247 -4.35 -16.46 -100.77
C PRO F 1247 -5.85 -16.62 -100.61
N VAL F 1248 -6.27 -17.86 -100.38
CA VAL F 1248 -7.69 -18.10 -100.12
C VAL F 1248 -8.06 -17.40 -98.82
N PRO F 1249 -9.05 -16.51 -98.81
CA PRO F 1249 -9.45 -15.88 -97.56
C PRO F 1249 -9.93 -16.93 -96.56
N PRO F 1250 -9.60 -16.77 -95.27
CA PRO F 1250 -10.08 -17.75 -94.29
C PRO F 1250 -11.60 -17.82 -94.22
N GLU F 1251 -12.26 -16.71 -94.50
CA GLU F 1251 -13.71 -16.60 -94.38
C GLU F 1251 -14.42 -16.76 -95.71
N HIS F 1252 -13.74 -17.26 -96.74
CA HIS F 1252 -14.38 -17.41 -98.03
C HIS F 1252 -15.59 -18.33 -97.92
N PRO F 1253 -16.77 -17.89 -98.35
CA PRO F 1253 -17.99 -18.69 -98.08
C PRO F 1253 -17.97 -20.07 -98.68
N HIS F 1254 -17.39 -20.24 -99.87
CA HIS F 1254 -17.55 -21.50 -100.61
C HIS F 1254 -16.37 -22.44 -100.49
N TYR F 1255 -15.18 -21.93 -100.20
CA TYR F 1255 -13.96 -22.74 -100.20
C TYR F 1255 -13.25 -22.64 -98.86
N GLU F 1256 -12.83 -23.81 -98.35
CA GLU F 1256 -12.09 -23.92 -97.12
C GLU F 1256 -10.79 -24.67 -97.37
N VAL F 1257 -9.72 -24.24 -96.72
CA VAL F 1257 -8.43 -24.91 -96.79
C VAL F 1257 -8.04 -25.33 -95.38
N ALA F 1258 -7.76 -26.62 -95.20
CA ALA F 1258 -7.34 -27.16 -93.92
C ALA F 1258 -5.89 -27.60 -94.01
N ARG F 1259 -5.07 -27.13 -93.07
CA ARG F 1259 -3.68 -27.56 -92.96
C ARG F 1259 -3.63 -28.78 -92.07
N MET F 1260 -3.31 -29.93 -92.65
CA MET F 1260 -3.20 -31.18 -91.91
C MET F 1260 -1.74 -31.39 -91.50
N ASP F 1261 -1.54 -31.69 -90.22
CA ASP F 1261 -0.21 -32.00 -89.75
C ASP F 1261 0.16 -33.43 -90.11
N GLY F 1262 1.44 -33.63 -90.41
CA GLY F 1262 1.89 -34.94 -90.85
C GLY F 1262 1.89 -35.95 -89.71
N THR F 1263 1.51 -37.18 -90.04
CA THR F 1263 1.54 -38.30 -89.13
C THR F 1263 2.65 -39.25 -89.54
N VAL F 1264 2.75 -40.38 -88.84
CA VAL F 1264 3.71 -41.40 -89.23
C VAL F 1264 3.35 -41.99 -90.59
N ASP F 1265 2.06 -42.26 -90.79
CA ASP F 1265 1.63 -42.87 -92.05
C ASP F 1265 1.42 -41.84 -93.14
N THR F 1266 1.02 -40.62 -92.76
CA THR F 1266 0.68 -39.61 -93.75
C THR F 1266 1.63 -38.43 -93.68
N PRO F 1267 1.83 -37.72 -94.79
CA PRO F 1267 2.69 -36.54 -94.77
C PRO F 1267 1.87 -35.29 -94.47
N PRO F 1268 2.53 -34.13 -94.38
CA PRO F 1268 1.76 -32.88 -94.28
C PRO F 1268 0.91 -32.66 -95.51
N CYS F 1269 -0.24 -32.05 -95.31
CA CYS F 1269 -1.22 -31.92 -96.38
C CYS F 1269 -2.00 -30.63 -96.24
N LEU F 1270 -2.57 -30.21 -97.37
CA LEU F 1270 -3.46 -29.06 -97.46
C LEU F 1270 -4.70 -29.48 -98.24
N ARG F 1271 -5.84 -29.51 -97.56
CA ARG F 1271 -7.06 -30.05 -98.13
C ARG F 1271 -8.01 -28.93 -98.51
N LEU F 1272 -8.69 -29.09 -99.64
CA LEU F 1272 -9.71 -28.16 -100.09
C LEU F 1272 -11.09 -28.75 -99.84
N ALA F 1273 -11.99 -27.91 -99.34
CA ALA F 1273 -13.35 -28.33 -99.01
C ALA F 1273 -14.34 -27.30 -99.52
N HIS F 1274 -15.41 -27.79 -100.15
CA HIS F 1274 -16.50 -26.93 -100.57
C HIS F 1274 -17.51 -26.81 -99.44
N ARG F 1275 -17.70 -25.59 -98.94
CA ARG F 1275 -18.54 -25.37 -97.78
C ARG F 1275 -20.03 -25.39 -98.12
N THR F 1276 -20.40 -25.06 -99.35
CA THR F 1276 -21.80 -24.89 -99.74
C THR F 1276 -22.27 -25.97 -100.70
N TRP F 1277 -21.58 -27.09 -100.75
CA TRP F 1277 -21.94 -28.14 -101.71
C TRP F 1277 -23.31 -28.72 -101.37
N GLY F 1278 -24.05 -29.09 -102.40
CA GLY F 1278 -25.38 -29.62 -102.21
C GLY F 1278 -26.34 -28.66 -101.54
N SER F 1279 -26.16 -27.36 -101.80
CA SER F 1279 -27.01 -26.34 -101.21
C SER F 1279 -27.35 -25.30 -102.25
N GLN F 1280 -28.51 -24.68 -102.09
CA GLN F 1280 -28.87 -23.54 -102.92
C GLN F 1280 -28.05 -22.32 -102.50
N ASN F 1281 -27.56 -21.61 -103.52
CA ASN F 1281 -26.52 -20.56 -103.52
C ASN F 1281 -25.13 -21.16 -103.68
N SER F 1282 -25.00 -22.47 -103.89
CA SER F 1282 -23.68 -23.04 -104.07
C SER F 1282 -23.04 -22.52 -105.35
N LEU F 1283 -21.75 -22.22 -105.28
CA LEU F 1283 -21.00 -21.68 -106.39
C LEU F 1283 -20.09 -22.77 -106.93
N VAL F 1284 -20.41 -23.28 -108.12
CA VAL F 1284 -19.63 -24.33 -108.76
C VAL F 1284 -19.03 -23.75 -110.03
N GLU F 1285 -17.73 -23.48 -109.99
CA GLU F 1285 -17.01 -22.96 -111.14
C GLU F 1285 -15.57 -23.43 -111.05
N MET F 1286 -14.89 -23.43 -112.19
CA MET F 1286 -13.53 -23.92 -112.23
C MET F 1286 -12.65 -23.08 -111.31
N LEU F 1287 -11.82 -23.76 -110.53
CA LEU F 1287 -10.97 -23.14 -109.53
C LEU F 1287 -9.51 -23.43 -109.87
N PHE F 1288 -8.72 -22.38 -109.94
CA PHE F 1288 -7.29 -22.46 -110.24
C PHE F 1288 -6.52 -22.16 -108.98
N LEU F 1289 -5.73 -23.13 -108.52
CA LEU F 1289 -5.00 -23.02 -107.27
C LEU F 1289 -3.54 -23.27 -107.51
N ARG F 1290 -2.69 -22.57 -106.76
CA ARG F 1290 -1.27 -22.86 -106.73
C ARG F 1290 -0.79 -22.80 -105.30
N LEU F 1291 0.47 -23.23 -105.10
CA LEU F 1291 1.13 -23.04 -103.84
C LEU F 1291 1.94 -21.75 -103.87
N SER F 1292 2.05 -21.10 -102.71
CA SER F 1292 2.62 -19.77 -102.66
C SER F 1292 4.09 -19.72 -103.07
N LEU F 1293 4.81 -20.83 -102.95
CA LEU F 1293 6.25 -20.79 -103.16
C LEU F 1293 6.65 -21.64 -104.36
N PRO F 1294 7.60 -21.18 -105.17
CA PRO F 1294 8.04 -21.96 -106.33
C PRO F 1294 9.27 -22.82 -106.04
N VAL F 1295 9.60 -23.64 -107.04
CA VAL F 1295 10.88 -24.32 -107.11
C VAL F 1295 11.61 -23.82 -108.35
N GLN F 1296 12.90 -23.53 -108.19
CA GLN F 1296 13.71 -22.95 -109.24
C GLN F 1296 14.73 -23.96 -109.72
N PHE F 1297 14.79 -24.14 -111.04
CA PHE F 1297 15.76 -25.05 -111.62
C PHE F 1297 17.15 -24.41 -111.64
N HIS F 1298 18.17 -25.27 -111.65
CA HIS F 1298 19.54 -24.78 -111.54
C HIS F 1298 19.91 -23.91 -112.74
N GLN F 1299 20.88 -23.03 -112.51
CA GLN F 1299 21.38 -22.20 -113.59
C GLN F 1299 22.01 -23.04 -114.69
N HIS F 1300 22.76 -24.09 -114.30
CA HIS F 1300 23.44 -24.96 -115.23
C HIS F 1300 22.94 -26.39 -115.05
N PHE F 1301 22.52 -27.01 -116.14
CA PHE F 1301 22.11 -28.40 -116.12
C PHE F 1301 23.29 -29.32 -116.40
N ARG F 1302 23.26 -30.48 -115.77
CA ARG F 1302 24.39 -31.40 -115.86
C ARG F 1302 24.55 -31.91 -117.29
N CYS F 1303 25.82 -32.13 -117.67
CA CYS F 1303 26.12 -32.57 -119.02
C CYS F 1303 25.61 -33.98 -119.27
N THR F 1304 25.03 -34.18 -120.45
CA THR F 1304 24.57 -35.50 -120.90
C THR F 1304 23.88 -35.46 -122.25
N ASP F 1419 13.82 -52.18 -97.41
CA ASP F 1419 12.36 -52.16 -97.35
C ASP F 1419 11.83 -50.72 -97.37
N ASN F 1420 12.17 -49.98 -98.43
CA ASN F 1420 11.68 -48.62 -98.64
C ASN F 1420 12.34 -47.62 -97.68
N ARG F 1421 13.69 -47.70 -97.54
CA ARG F 1421 14.44 -46.76 -96.72
C ARG F 1421 15.36 -46.03 -97.68
N ASP F 1422 15.40 -44.72 -97.55
CA ASP F 1422 16.25 -43.94 -98.44
C ASP F 1422 17.71 -44.24 -98.15
N ASP F 1423 18.45 -44.58 -99.19
CA ASP F 1423 19.89 -44.64 -99.07
C ASP F 1423 20.41 -43.24 -98.77
N PRO F 1424 21.15 -43.02 -97.68
CA PRO F 1424 21.53 -41.65 -97.33
C PRO F 1424 22.27 -40.93 -98.43
N GLU F 1425 23.26 -41.57 -99.06
CA GLU F 1425 24.04 -40.87 -100.06
C GLU F 1425 23.17 -40.50 -101.26
N ILE F 1426 22.27 -41.39 -101.66
CA ILE F 1426 21.35 -41.08 -102.75
C ILE F 1426 20.46 -39.89 -102.38
N ILE F 1427 19.84 -39.95 -101.21
CA ILE F 1427 18.84 -38.95 -100.87
C ILE F 1427 19.50 -37.60 -100.58
N LEU F 1428 20.80 -37.61 -100.26
CA LEU F 1428 21.52 -36.36 -100.04
C LEU F 1428 22.15 -35.81 -101.32
N ASN F 1429 22.45 -36.65 -102.30
CA ASN F 1429 23.03 -36.20 -103.55
C ASN F 1429 21.99 -35.99 -104.65
N THR F 1430 20.74 -36.38 -104.42
CA THR F 1430 19.73 -36.32 -105.46
C THR F 1430 19.28 -34.89 -105.71
N THR F 1431 18.84 -34.64 -106.94
CA THR F 1431 18.29 -33.35 -107.35
C THR F 1431 16.82 -33.46 -107.74
N THR F 1432 16.15 -34.53 -107.32
CA THR F 1432 14.77 -34.79 -107.69
C THR F 1432 13.85 -34.53 -106.50
N TYR F 1433 12.74 -33.89 -106.77
CA TYR F 1433 11.77 -33.52 -105.75
C TYR F 1433 10.37 -33.93 -106.19
N TYR F 1434 9.52 -34.18 -105.21
CA TYR F 1434 8.25 -34.83 -105.41
C TYR F 1434 7.16 -34.14 -104.61
N TYR F 1435 5.97 -34.08 -105.18
CA TYR F 1435 4.77 -33.84 -104.39
C TYR F 1435 3.64 -34.65 -104.99
N SER F 1436 2.49 -34.65 -104.33
CA SER F 1436 1.35 -35.36 -104.89
C SER F 1436 0.05 -34.63 -104.59
N VAL F 1437 -0.99 -35.03 -105.30
CA VAL F 1437 -2.34 -34.50 -105.14
C VAL F 1437 -3.28 -35.69 -105.05
N ARG F 1438 -4.08 -35.71 -103.99
CA ARG F 1438 -5.09 -36.74 -103.80
C ARG F 1438 -6.45 -36.17 -104.19
N VAL F 1439 -7.07 -36.78 -105.20
CA VAL F 1439 -8.43 -36.51 -105.59
C VAL F 1439 -9.31 -37.50 -104.85
N PHE F 1440 -10.16 -36.99 -103.97
CA PHE F 1440 -11.00 -37.81 -103.13
C PHE F 1440 -12.10 -38.47 -103.94
N ALA F 1441 -12.58 -39.60 -103.43
CA ALA F 1441 -13.70 -40.28 -104.06
C ALA F 1441 -14.91 -39.36 -104.12
N GLY F 1442 -15.57 -39.35 -105.27
CA GLY F 1442 -16.66 -38.44 -105.52
C GLY F 1442 -16.28 -37.21 -106.31
N GLN F 1443 -14.99 -36.90 -106.42
CA GLN F 1443 -14.52 -35.80 -107.23
C GLN F 1443 -14.00 -36.37 -108.55
N GLU F 1444 -14.64 -36.00 -109.64
CA GLU F 1444 -14.32 -36.59 -110.94
C GLU F 1444 -12.91 -36.22 -111.35
N PRO F 1445 -12.02 -37.19 -111.58
CA PRO F 1445 -10.68 -36.86 -112.10
C PRO F 1445 -10.72 -36.15 -113.44
N SER F 1446 -11.70 -36.47 -114.27
CA SER F 1446 -11.82 -35.79 -115.56
C SER F 1446 -12.00 -34.29 -115.37
N CYS F 1447 -12.50 -33.88 -114.20
CA CYS F 1447 -12.62 -32.48 -113.84
C CYS F 1447 -11.44 -31.97 -113.03
N VAL F 1448 -10.27 -32.59 -113.18
CA VAL F 1448 -9.10 -32.25 -112.38
C VAL F 1448 -7.88 -32.20 -113.30
N TRP F 1449 -7.06 -31.16 -113.12
CA TRP F 1449 -5.77 -31.05 -113.79
C TRP F 1449 -4.71 -30.78 -112.72
N VAL F 1450 -3.61 -31.51 -112.81
CA VAL F 1450 -2.55 -31.45 -111.81
C VAL F 1450 -1.22 -31.22 -112.50
N GLY F 1451 -0.40 -30.34 -111.93
CA GLY F 1451 0.92 -30.09 -112.45
C GLY F 1451 1.56 -28.82 -111.92
N TRP F 1452 2.22 -28.08 -112.80
CA TRP F 1452 2.94 -26.88 -112.43
C TRP F 1452 2.53 -25.74 -113.36
N VAL F 1453 2.65 -24.52 -112.85
CA VAL F 1453 2.42 -23.31 -113.64
C VAL F 1453 3.56 -22.35 -113.39
N THR F 1454 3.97 -21.64 -114.44
CA THR F 1454 4.92 -20.56 -114.31
C THR F 1454 4.24 -19.34 -113.73
N PRO F 1455 5.02 -18.38 -113.22
CA PRO F 1455 4.42 -17.17 -112.63
C PRO F 1455 3.78 -16.24 -113.63
N ASP F 1456 3.71 -16.63 -114.90
CA ASP F 1456 3.05 -15.83 -115.93
C ASP F 1456 1.70 -16.40 -116.34
N TYR F 1457 1.15 -17.31 -115.53
CA TYR F 1457 -0.18 -17.86 -115.80
C TYR F 1457 -1.22 -16.87 -115.30
N HIS F 1458 -2.02 -16.33 -116.23
CA HIS F 1458 -3.04 -15.35 -115.90
C HIS F 1458 -4.37 -15.69 -116.55
N GLN F 1459 -4.60 -16.97 -116.85
CA GLN F 1459 -5.73 -17.38 -117.67
C GLN F 1459 -6.81 -17.96 -116.77
N HIS F 1460 -7.91 -17.21 -116.63
CA HIS F 1460 -9.07 -17.64 -115.85
C HIS F 1460 -10.14 -18.10 -116.84
N ASP F 1461 -10.12 -19.39 -117.16
CA ASP F 1461 -10.97 -19.96 -118.20
C ASP F 1461 -11.95 -20.92 -117.53
N MET F 1462 -13.23 -20.56 -117.57
CA MET F 1462 -14.26 -21.46 -117.03
C MET F 1462 -14.27 -22.78 -117.79
N ASN F 1463 -14.15 -22.72 -119.12
CA ASN F 1463 -14.15 -23.92 -119.95
C ASN F 1463 -12.70 -24.31 -120.25
N PHE F 1464 -12.00 -24.67 -119.18
CA PHE F 1464 -10.59 -25.00 -119.26
C PHE F 1464 -10.38 -26.42 -119.78
N ASP F 1465 -9.42 -26.56 -120.68
CA ASP F 1465 -8.90 -27.87 -121.07
C ASP F 1465 -7.46 -27.68 -121.51
N LEU F 1466 -6.73 -28.79 -121.57
CA LEU F 1466 -5.30 -28.73 -121.83
C LEU F 1466 -4.96 -28.12 -123.18
N SER F 1467 -5.93 -28.05 -124.10
CA SER F 1467 -5.69 -27.43 -125.39
C SER F 1467 -5.63 -25.91 -125.29
N LYS F 1468 -6.19 -25.33 -124.23
CA LYS F 1468 -6.15 -23.90 -124.02
C LYS F 1468 -4.81 -23.43 -123.47
N VAL F 1469 -3.92 -24.36 -123.12
CA VAL F 1469 -2.63 -24.00 -122.55
C VAL F 1469 -1.80 -23.26 -123.59
N ARG F 1470 -1.22 -22.14 -123.19
CA ARG F 1470 -0.36 -21.39 -124.08
C ARG F 1470 0.87 -22.21 -124.43
N ALA F 1471 1.30 -22.12 -125.68
CA ALA F 1471 2.45 -22.88 -126.14
C ALA F 1471 3.07 -22.15 -127.32
N VAL F 1472 4.39 -22.31 -127.46
CA VAL F 1472 5.11 -21.77 -128.59
C VAL F 1472 6.40 -22.57 -128.74
N THR F 1473 6.97 -22.55 -129.94
CA THR F 1473 8.23 -23.21 -130.21
C THR F 1473 9.16 -22.24 -130.91
N VAL F 1474 10.31 -21.99 -130.29
CA VAL F 1474 11.33 -21.13 -130.85
C VAL F 1474 12.37 -22.05 -131.49
N THR F 1475 12.54 -21.91 -132.80
CA THR F 1475 13.42 -22.79 -133.57
C THR F 1475 14.54 -21.98 -134.18
N MET F 1476 15.77 -22.39 -133.92
CA MET F 1476 16.97 -21.72 -134.43
C MET F 1476 17.75 -22.71 -135.28
N GLY F 1477 18.11 -22.25 -136.48
CA GLY F 1477 18.93 -23.05 -137.38
C GLY F 1477 20.00 -22.18 -138.00
N ASP F 1478 20.92 -22.84 -138.71
CA ASP F 1478 21.96 -22.10 -139.40
C ASP F 1478 21.37 -21.34 -140.57
N GLU F 1479 22.26 -20.67 -141.32
CA GLU F 1479 21.84 -19.85 -142.45
C GLU F 1479 20.96 -20.63 -143.41
N GLN F 1480 21.28 -21.91 -143.63
CA GLN F 1480 20.53 -22.76 -144.54
C GLN F 1480 19.89 -23.91 -143.76
N GLY F 1481 18.71 -23.65 -143.21
CA GLY F 1481 17.98 -24.70 -142.52
C GLY F 1481 18.80 -25.28 -141.38
N ASN F 1482 18.94 -26.61 -141.40
CA ASN F 1482 19.72 -27.33 -140.41
C ASN F 1482 19.41 -26.83 -139.01
N VAL F 1483 18.15 -27.02 -138.56
CA VAL F 1483 17.73 -26.58 -137.25
C VAL F 1483 18.66 -27.16 -136.20
N HIS F 1484 19.36 -26.29 -135.47
CA HIS F 1484 20.25 -26.77 -134.42
C HIS F 1484 19.57 -26.79 -133.07
N SER F 1485 18.51 -26.01 -132.89
CA SER F 1485 17.78 -26.01 -131.63
C SER F 1485 16.29 -25.76 -131.85
N SER F 1486 15.48 -26.38 -131.01
CA SER F 1486 14.04 -26.17 -131.00
C SER F 1486 13.57 -26.29 -129.56
N LEU F 1487 13.12 -25.17 -128.99
CA LEU F 1487 12.70 -25.12 -127.60
C LEU F 1487 11.21 -24.83 -127.51
N LYS F 1488 10.52 -25.58 -126.66
CA LYS F 1488 9.09 -25.42 -126.44
C LYS F 1488 8.86 -24.66 -125.15
N CYS F 1489 8.06 -23.60 -125.22
CA CYS F 1489 7.76 -22.75 -124.09
C CYS F 1489 6.27 -22.78 -123.82
N SER F 1490 5.92 -22.89 -122.54
CA SER F 1490 4.54 -22.94 -122.10
C SER F 1490 4.48 -22.52 -120.63
N ASN F 1491 3.37 -21.89 -120.25
CA ASN F 1491 3.22 -21.44 -118.87
C ASN F 1491 2.69 -22.55 -117.98
N CYS F 1492 1.96 -23.51 -118.56
CA CYS F 1492 1.23 -24.51 -117.80
C CYS F 1492 1.73 -25.90 -118.19
N TYR F 1493 2.19 -26.65 -117.20
CA TYR F 1493 2.59 -28.04 -117.37
C TYR F 1493 1.74 -28.90 -116.45
N MET F 1494 0.86 -29.70 -117.04
CA MET F 1494 -0.15 -30.43 -116.27
C MET F 1494 -0.47 -31.73 -116.96
N VAL F 1495 -1.18 -32.59 -116.23
CA VAL F 1495 -1.73 -33.82 -116.75
C VAL F 1495 -3.20 -33.90 -116.37
N TRP F 1496 -4.00 -34.47 -117.25
CA TRP F 1496 -5.43 -34.59 -117.03
C TRP F 1496 -5.74 -35.89 -116.30
N GLY F 1497 -6.69 -35.82 -115.36
CA GLY F 1497 -7.06 -37.01 -114.61
C GLY F 1497 -7.77 -38.03 -115.48
N GLY F 1498 -8.39 -37.57 -116.56
CA GLY F 1498 -9.03 -38.47 -117.50
C GLY F 1498 -8.04 -39.43 -118.12
N ASP F 1499 -6.81 -38.95 -118.32
CA ASP F 1499 -5.76 -39.79 -118.89
C ASP F 1499 -5.43 -40.97 -118.00
N PHE F 1500 -5.65 -40.84 -116.69
CA PHE F 1500 -5.38 -41.92 -115.74
C PHE F 1500 -6.61 -42.71 -115.37
N VAL F 1501 -7.80 -42.14 -115.54
CA VAL F 1501 -9.03 -42.90 -115.31
C VAL F 1501 -9.11 -44.03 -116.31
N SER F 1502 -9.28 -45.25 -115.82
CA SER F 1502 -9.47 -46.38 -116.72
C SER F 1502 -10.81 -46.23 -117.45
N PRO F 1503 -10.88 -46.62 -118.72
CA PRO F 1503 -12.14 -46.46 -119.45
C PRO F 1503 -13.22 -47.35 -118.88
N GLY F 1504 -14.33 -46.73 -118.48
CA GLY F 1504 -15.46 -47.47 -117.96
C GLY F 1504 -16.78 -47.05 -118.59
N GLN F 1505 -17.47 -48.02 -119.19
CA GLN F 1505 -18.75 -47.70 -119.82
C GLN F 1505 -19.76 -47.22 -118.79
N GLN F 1506 -19.65 -47.68 -117.55
CA GLN F 1506 -20.55 -47.30 -116.48
C GLN F 1506 -19.77 -47.30 -115.17
N GLY F 1507 -20.40 -46.87 -114.10
CA GLY F 1507 -19.75 -46.85 -112.80
C GLY F 1507 -18.60 -45.86 -112.74
N ARG F 1508 -18.79 -44.66 -113.29
CA ARG F 1508 -17.73 -43.67 -113.31
C ARG F 1508 -17.33 -43.27 -111.89
N ILE F 1509 -18.29 -43.23 -110.97
CA ILE F 1509 -17.98 -42.93 -109.58
C ILE F 1509 -17.19 -44.08 -108.99
N SER F 1510 -16.11 -43.75 -108.28
CA SER F 1510 -15.22 -44.74 -107.70
C SER F 1510 -15.04 -44.49 -106.22
N HIS F 1511 -15.09 -45.57 -105.43
CA HIS F 1511 -14.81 -45.46 -104.00
C HIS F 1511 -13.35 -45.10 -103.75
N THR F 1512 -12.47 -45.48 -104.66
CA THR F 1512 -11.04 -45.23 -104.48
C THR F 1512 -10.73 -43.75 -104.74
N ASP F 1513 -9.54 -43.35 -104.28
CA ASP F 1513 -9.05 -41.99 -104.44
C ASP F 1513 -7.83 -42.00 -105.35
N LEU F 1514 -7.75 -41.02 -106.25
CA LEU F 1514 -6.67 -40.97 -107.22
C LEU F 1514 -5.51 -40.14 -106.70
N VAL F 1515 -4.32 -40.70 -106.71
CA VAL F 1515 -3.15 -40.06 -106.12
C VAL F 1515 -2.16 -39.75 -107.23
N ILE F 1516 -2.23 -38.56 -107.79
CA ILE F 1516 -1.33 -38.16 -108.87
C ILE F 1516 -0.06 -37.58 -108.27
N GLY F 1517 1.08 -38.09 -108.70
CA GLY F 1517 2.37 -37.65 -108.20
C GLY F 1517 3.13 -36.89 -109.26
N CYS F 1518 3.86 -35.86 -108.84
CA CYS F 1518 4.63 -35.02 -109.75
C CYS F 1518 6.07 -34.98 -109.27
N LEU F 1519 6.99 -35.29 -110.18
CA LEU F 1519 8.43 -35.34 -109.90
C LEU F 1519 9.13 -34.36 -110.81
N VAL F 1520 10.13 -33.66 -110.28
CA VAL F 1520 10.94 -32.73 -111.07
C VAL F 1520 12.39 -32.88 -110.67
N ASP F 1521 13.26 -32.96 -111.67
CA ASP F 1521 14.71 -32.95 -111.47
C ASP F 1521 15.21 -31.54 -111.75
N LEU F 1522 15.77 -30.90 -110.74
CA LEU F 1522 16.17 -29.51 -110.85
C LEU F 1522 17.53 -29.33 -111.52
N ALA F 1523 18.16 -30.41 -111.97
CA ALA F 1523 19.43 -30.35 -112.67
C ALA F 1523 19.35 -30.75 -114.13
N THR F 1524 18.35 -31.53 -114.53
CA THR F 1524 18.12 -31.85 -115.93
C THR F 1524 16.91 -31.16 -116.51
N GLY F 1525 16.14 -30.44 -115.68
CA GLY F 1525 14.94 -29.78 -116.17
C GLY F 1525 13.88 -30.73 -116.65
N LEU F 1526 13.77 -31.91 -116.04
CA LEU F 1526 12.85 -32.95 -116.48
C LEU F 1526 11.72 -33.07 -115.47
N MET F 1527 10.49 -33.19 -115.99
CA MET F 1527 9.28 -33.24 -115.18
C MET F 1527 8.48 -34.46 -115.60
N THR F 1528 8.15 -35.31 -114.61
CA THR F 1528 7.44 -36.56 -114.85
C THR F 1528 6.26 -36.66 -113.90
N PHE F 1529 5.34 -37.57 -114.23
CA PHE F 1529 4.11 -37.76 -113.47
C PHE F 1529 3.85 -39.24 -113.26
N THR F 1530 3.14 -39.54 -112.18
CA THR F 1530 2.75 -40.89 -111.81
C THR F 1530 1.26 -40.90 -111.48
N ALA F 1531 0.59 -41.99 -111.83
CA ALA F 1531 -0.86 -42.07 -111.63
C ALA F 1531 -1.22 -42.61 -110.25
N ASN F 1532 -0.82 -43.84 -109.94
CA ASN F 1532 -0.97 -44.42 -108.61
C ASN F 1532 0.27 -45.27 -108.31
N GLY F 1533 1.44 -44.72 -108.62
CA GLY F 1533 2.66 -45.46 -108.62
C GLY F 1533 3.08 -45.99 -109.97
N LYS F 1534 2.25 -45.78 -111.00
CA LYS F 1534 2.54 -46.18 -112.37
C LYS F 1534 3.00 -44.94 -113.14
N GLU F 1535 4.12 -45.06 -113.84
CA GLU F 1535 4.69 -43.93 -114.53
C GLU F 1535 3.77 -43.51 -115.68
N SER F 1536 3.46 -42.22 -115.73
CA SER F 1536 2.68 -41.69 -116.83
C SER F 1536 3.57 -41.45 -118.05
N ASN F 1537 2.95 -41.46 -119.23
CA ASN F 1537 3.70 -41.23 -120.46
C ASN F 1537 4.10 -39.76 -120.60
N THR F 1538 3.33 -38.86 -120.00
CA THR F 1538 3.62 -37.44 -120.14
C THR F 1538 4.96 -37.09 -119.51
N PHE F 1539 5.71 -36.24 -120.18
CA PHE F 1539 6.97 -35.72 -119.67
C PHE F 1539 7.19 -34.34 -120.25
N PHE F 1540 7.81 -33.47 -119.46
CA PHE F 1540 8.14 -32.12 -119.90
C PHE F 1540 9.60 -31.84 -119.65
N GLN F 1541 10.17 -30.97 -120.49
CA GLN F 1541 11.53 -30.48 -120.31
C GLN F 1541 11.48 -28.96 -120.34
N VAL F 1542 12.14 -28.34 -119.36
CA VAL F 1542 12.14 -26.90 -119.20
C VAL F 1542 13.58 -26.41 -119.08
N GLU F 1543 13.78 -25.13 -119.36
CA GLU F 1543 15.09 -24.52 -119.36
C GLU F 1543 15.56 -24.21 -117.93
N PRO F 1544 16.86 -24.04 -117.75
CA PRO F 1544 17.37 -23.69 -116.42
C PRO F 1544 16.89 -22.32 -115.96
N ASN F 1545 16.84 -22.15 -114.65
CA ASN F 1545 16.38 -20.96 -113.94
C ASN F 1545 14.86 -20.85 -113.98
N THR F 1546 14.16 -21.84 -114.52
CA THR F 1546 12.71 -21.78 -114.55
C THR F 1546 12.14 -21.91 -113.14
N LYS F 1547 11.12 -21.10 -112.86
CA LYS F 1547 10.40 -21.14 -111.59
C LYS F 1547 9.05 -21.78 -111.84
N LEU F 1548 8.74 -22.82 -111.07
CA LEU F 1548 7.48 -23.53 -111.21
C LEU F 1548 6.77 -23.63 -109.87
N PHE F 1549 5.47 -23.32 -109.88
CA PHE F 1549 4.63 -23.43 -108.71
C PHE F 1549 3.78 -24.68 -108.81
N PRO F 1550 3.63 -25.47 -107.75
CA PRO F 1550 2.68 -26.59 -107.78
C PRO F 1550 1.25 -26.08 -107.91
N ALA F 1551 0.56 -26.51 -108.95
CA ALA F 1551 -0.75 -25.98 -109.29
C ALA F 1551 -1.74 -27.11 -109.54
N VAL F 1552 -3.00 -26.85 -109.18
CA VAL F 1552 -4.11 -27.75 -109.44
C VAL F 1552 -5.28 -26.93 -109.97
N PHE F 1553 -5.85 -27.37 -111.09
CA PHE F 1553 -7.05 -26.77 -111.65
C PHE F 1553 -8.18 -27.80 -111.55
N VAL F 1554 -9.28 -27.43 -110.90
CA VAL F 1554 -10.30 -28.40 -110.55
C VAL F 1554 -11.69 -27.77 -110.69
N LEU F 1555 -12.63 -28.58 -111.18
CA LEU F 1555 -14.04 -28.23 -111.16
C LEU F 1555 -14.71 -29.06 -110.06
N PRO F 1556 -15.14 -28.46 -108.95
CA PRO F 1556 -15.60 -29.26 -107.82
C PRO F 1556 -16.89 -30.01 -108.13
N THR F 1557 -16.87 -31.32 -107.88
CA THR F 1557 -18.05 -32.16 -107.95
C THR F 1557 -18.36 -32.83 -106.61
N HIS F 1558 -17.70 -32.40 -105.53
CA HIS F 1558 -17.83 -33.06 -104.24
C HIS F 1558 -17.45 -32.08 -103.15
N GLN F 1559 -17.86 -32.41 -101.92
CA GLN F 1559 -17.49 -31.55 -100.79
C GLN F 1559 -15.99 -31.54 -100.58
N ASN F 1560 -15.35 -32.70 -100.64
CA ASN F 1560 -13.91 -32.83 -100.48
C ASN F 1560 -13.32 -33.00 -101.87
N VAL F 1561 -12.48 -32.04 -102.27
CA VAL F 1561 -12.08 -31.92 -103.67
C VAL F 1561 -10.69 -32.50 -103.87
N ILE F 1562 -9.68 -31.91 -103.25
CA ILE F 1562 -8.30 -32.30 -103.46
C ILE F 1562 -7.50 -32.11 -102.18
N GLN F 1563 -6.32 -32.74 -102.17
CA GLN F 1563 -5.41 -32.67 -101.04
C GLN F 1563 -3.99 -32.58 -101.59
N PHE F 1564 -3.37 -31.41 -101.45
CA PHE F 1564 -1.94 -31.30 -101.64
C PHE F 1564 -1.24 -32.15 -100.59
N GLU F 1565 -0.41 -33.09 -101.04
CA GLU F 1565 0.37 -33.95 -100.17
C GLU F 1565 1.83 -33.61 -100.36
N LEU F 1566 2.43 -32.98 -99.34
CA LEU F 1566 3.80 -32.50 -99.42
C LEU F 1566 4.73 -33.56 -98.83
N GLY F 1567 4.78 -34.69 -99.50
CA GLY F 1567 5.53 -35.82 -99.03
C GLY F 1567 6.64 -36.23 -99.96
N LYS F 1568 7.26 -37.37 -99.69
CA LYS F 1568 8.39 -37.85 -100.45
C LYS F 1568 8.19 -39.31 -100.84
N GLN F 1569 8.74 -39.68 -101.98
CA GLN F 1569 8.93 -41.08 -102.33
C GLN F 1569 10.36 -41.48 -101.99
N LYS F 1570 10.63 -42.78 -102.08
CA LYS F 1570 11.94 -43.28 -101.72
C LYS F 1570 13.00 -42.65 -102.60
N ASN F 1571 14.10 -42.23 -101.99
CA ASN F 1571 15.25 -41.62 -102.66
C ASN F 1571 14.89 -40.33 -103.38
N ILE F 1572 13.76 -39.72 -103.04
CA ILE F 1572 13.34 -38.45 -103.63
C ILE F 1572 13.01 -37.49 -102.49
N MET F 1573 13.55 -36.28 -102.59
CA MET F 1573 13.36 -35.29 -101.54
C MET F 1573 12.01 -34.60 -101.68
N PRO F 1574 11.50 -34.02 -100.60
CA PRO F 1574 10.24 -33.27 -100.68
C PRO F 1574 10.45 -31.86 -101.20
N LEU F 1575 9.32 -31.17 -101.40
CA LEU F 1575 9.37 -29.82 -101.95
C LEU F 1575 9.97 -28.82 -100.97
N SER F 1576 9.88 -29.11 -99.66
CA SER F 1576 10.43 -28.19 -98.67
C SER F 1576 11.92 -27.98 -98.89
N ALA F 1577 12.64 -29.06 -99.22
CA ALA F 1577 14.07 -28.95 -99.45
C ALA F 1577 14.37 -28.00 -100.60
N ALA F 1578 13.61 -28.10 -101.68
CA ALA F 1578 13.82 -27.22 -102.84
C ALA F 1578 13.42 -25.79 -102.52
N MET F 1579 12.33 -25.61 -101.77
CA MET F 1579 11.81 -24.28 -101.52
C MET F 1579 12.69 -23.50 -100.56
N PHE F 1580 13.25 -24.16 -99.56
CA PHE F 1580 13.93 -23.49 -98.47
C PHE F 1580 15.39 -23.94 -98.40
N LEU F 1581 16.29 -22.97 -98.37
CA LEU F 1581 17.72 -23.26 -98.37
C LEU F 1581 18.12 -24.06 -97.14
N SER F 1582 17.55 -23.72 -95.98
CA SER F 1582 17.93 -24.40 -94.74
C SER F 1582 17.61 -25.88 -94.80
N GLU F 1583 16.66 -26.28 -95.64
CA GLU F 1583 16.20 -27.66 -95.71
C GLU F 1583 16.67 -28.39 -96.95
N ARG F 1584 17.67 -27.85 -97.66
CA ARG F 1584 18.17 -28.52 -98.86
C ARG F 1584 18.55 -29.96 -98.56
N LYS F 1585 19.02 -30.22 -97.34
CA LYS F 1585 19.53 -31.53 -96.95
C LYS F 1585 18.65 -32.20 -95.89
N ASN F 1586 17.42 -31.73 -95.73
CA ASN F 1586 16.52 -32.32 -94.75
C ASN F 1586 15.52 -33.23 -95.47
N PRO F 1587 15.66 -34.55 -95.39
CA PRO F 1587 14.66 -35.42 -96.03
C PRO F 1587 13.28 -35.33 -95.38
N ALA F 1588 13.19 -34.83 -94.17
CA ALA F 1588 11.91 -34.82 -93.46
C ALA F 1588 10.94 -33.88 -94.17
N PRO F 1589 9.79 -34.37 -94.62
CA PRO F 1589 8.78 -33.47 -95.18
C PRO F 1589 8.25 -32.52 -94.12
N GLN F 1590 7.96 -31.29 -94.55
CA GLN F 1590 7.38 -30.29 -93.67
C GLN F 1590 6.70 -29.21 -94.50
N CYS F 1591 5.68 -28.59 -93.91
CA CYS F 1591 4.90 -27.55 -94.58
C CYS F 1591 4.94 -26.27 -93.74
N PRO F 1592 5.87 -25.37 -93.99
CA PRO F 1592 5.96 -24.17 -93.16
C PRO F 1592 4.80 -23.22 -93.40
N PRO F 1593 4.62 -22.23 -92.52
CA PRO F 1593 3.46 -21.34 -92.64
C PRO F 1593 3.41 -20.58 -93.96
N ARG F 1594 4.57 -20.20 -94.51
CA ARG F 1594 4.57 -19.45 -95.75
C ARG F 1594 3.91 -20.23 -96.87
N LEU F 1595 4.12 -21.54 -96.90
CA LEU F 1595 3.44 -22.37 -97.88
C LEU F 1595 1.95 -22.33 -97.66
N GLU F 1596 1.22 -21.85 -98.66
CA GLU F 1596 -0.22 -21.69 -98.52
C GLU F 1596 -0.85 -21.79 -99.90
N VAL F 1597 -2.15 -22.06 -99.91
CA VAL F 1597 -2.90 -22.19 -101.15
C VAL F 1597 -3.34 -20.81 -101.62
N GLN F 1598 -3.03 -20.50 -102.87
CA GLN F 1598 -3.45 -19.27 -103.52
C GLN F 1598 -4.44 -19.61 -104.62
N MET F 1599 -5.48 -18.78 -104.73
CA MET F 1599 -6.53 -18.98 -105.71
C MET F 1599 -6.54 -17.82 -106.70
N LEU F 1600 -6.74 -18.15 -107.97
CA LEU F 1600 -6.72 -17.14 -109.01
C LEU F 1600 -7.92 -16.21 -108.90
N MET F 1601 -7.65 -14.91 -108.77
CA MET F 1601 -8.71 -13.91 -108.77
C MET F 1601 -8.69 -13.10 -110.05
N PRO F 1602 -9.82 -13.01 -110.73
CA PRO F 1602 -9.84 -12.39 -112.06
C PRO F 1602 -9.40 -10.94 -112.09
N VAL F 1603 -9.76 -10.15 -111.07
CA VAL F 1603 -9.59 -8.72 -111.11
C VAL F 1603 -8.89 -8.25 -109.83
N SER F 1604 -8.15 -7.15 -109.96
CA SER F 1604 -7.44 -6.57 -108.83
C SER F 1604 -7.31 -5.07 -109.03
N TRP F 1605 -7.24 -4.33 -107.93
CA TRP F 1605 -7.02 -2.90 -108.01
C TRP F 1605 -5.60 -2.60 -108.44
N SER F 1606 -5.43 -1.54 -109.24
CA SER F 1606 -4.11 -1.12 -109.67
C SER F 1606 -4.06 0.39 -109.74
N ARG F 1607 -2.95 0.96 -109.26
CA ARG F 1607 -2.77 2.40 -109.27
C ARG F 1607 -2.61 2.91 -110.69
N MET F 1608 -3.28 4.02 -110.99
CA MET F 1608 -3.19 4.65 -112.29
C MET F 1608 -1.99 5.60 -112.30
N PRO F 1609 -1.08 5.48 -113.26
CA PRO F 1609 0.05 6.41 -113.31
C PRO F 1609 -0.39 7.85 -113.41
N ASN F 1610 0.34 8.72 -112.71
CA ASN F 1610 0.02 10.14 -112.74
C ASN F 1610 0.30 10.76 -114.10
N HIS F 1611 1.34 10.28 -114.78
CA HIS F 1611 1.71 10.78 -116.10
C HIS F 1611 1.83 9.61 -117.07
N PHE F 1612 1.54 9.89 -118.33
CA PHE F 1612 1.52 8.86 -119.36
C PHE F 1612 2.39 9.31 -120.53
N LEU F 1613 2.97 8.34 -121.21
CA LEU F 1613 3.82 8.64 -122.35
C LEU F 1613 3.03 9.33 -123.44
N GLN F 1614 3.65 10.35 -124.05
CA GLN F 1614 3.03 11.10 -125.13
C GLN F 1614 3.53 10.54 -126.46
N VAL F 1615 2.62 9.92 -127.21
CA VAL F 1615 2.95 9.24 -128.45
C VAL F 1615 2.26 9.99 -129.58
N GLU F 1616 3.03 10.34 -130.61
CA GLU F 1616 2.51 11.03 -131.77
C GLU F 1616 2.37 10.02 -132.91
N THR F 1617 1.15 9.88 -133.41
CA THR F 1617 0.83 8.99 -134.51
C THR F 1617 0.34 9.83 -135.68
N ARG F 1618 0.88 9.55 -136.87
CA ARG F 1618 0.48 10.31 -138.04
C ARG F 1618 0.70 9.47 -139.29
N ARG F 1619 0.23 10.00 -140.42
CA ARG F 1619 0.50 9.41 -141.73
C ARG F 1619 1.48 10.32 -142.45
N ALA F 1620 2.75 9.92 -142.50
CA ALA F 1620 3.76 10.78 -143.11
C ALA F 1620 3.47 10.99 -144.58
N GLY F 1621 3.02 9.95 -145.26
CA GLY F 1621 2.70 10.04 -146.67
C GLY F 1621 2.37 8.67 -147.21
N GLU F 1622 2.08 8.63 -148.51
CA GLU F 1622 1.76 7.36 -149.13
C GLU F 1622 2.98 6.44 -149.15
N ARG F 1623 4.13 6.98 -149.54
CA ARG F 1623 5.35 6.19 -149.54
C ARG F 1623 5.88 5.98 -148.14
N LEU F 1624 5.91 7.04 -147.33
CA LEU F 1624 6.58 6.99 -146.04
C LEU F 1624 5.86 6.06 -145.07
N GLY F 1625 4.54 5.95 -145.19
CA GLY F 1625 3.77 5.11 -144.30
C GLY F 1625 3.32 5.85 -143.07
N TRP F 1626 2.92 5.08 -142.06
CA TRP F 1626 2.46 5.67 -140.81
C TRP F 1626 3.64 5.81 -139.86
N ALA F 1627 3.62 6.86 -139.04
CA ALA F 1627 4.75 7.21 -138.19
C ALA F 1627 4.31 7.27 -136.74
N VAL F 1628 5.13 6.68 -135.87
CA VAL F 1628 4.94 6.69 -134.43
C VAL F 1628 6.20 7.29 -133.81
N GLN F 1629 6.01 8.25 -132.90
CA GLN F 1629 7.13 8.98 -132.32
C GLN F 1629 6.90 9.16 -130.82
N CYS F 1630 7.93 8.86 -130.03
CA CYS F 1630 7.93 9.13 -128.59
C CYS F 1630 9.31 9.70 -128.24
N GLN F 1631 9.32 10.89 -127.63
CA GLN F 1631 10.56 11.60 -127.38
C GLN F 1631 10.78 11.92 -125.91
N ASP F 1632 9.74 11.98 -125.10
CA ASP F 1632 9.86 12.43 -123.72
C ASP F 1632 9.92 11.24 -122.77
N PRO F 1633 10.88 11.19 -121.86
CA PRO F 1633 11.04 10.01 -121.01
C PRO F 1633 10.13 10.03 -119.80
N LEU F 1634 9.77 8.84 -119.34
CA LEU F 1634 9.07 8.64 -118.07
C LEU F 1634 9.71 7.48 -117.34
N THR F 1635 9.86 7.62 -116.03
CA THR F 1635 10.49 6.61 -115.20
C THR F 1635 9.66 6.38 -113.95
N MET F 1636 9.68 5.14 -113.47
CA MET F 1636 8.96 4.75 -112.28
C MET F 1636 9.87 3.92 -111.39
N MET F 1637 9.63 4.01 -110.09
CA MET F 1637 10.30 3.14 -109.13
C MET F 1637 9.46 1.87 -108.97
N ALA F 1638 10.10 0.72 -109.13
CA ALA F 1638 9.40 -0.56 -109.20
C ALA F 1638 9.76 -1.41 -108.00
N LEU F 1639 8.74 -1.95 -107.35
CA LEU F 1639 8.89 -2.90 -106.26
C LEU F 1639 8.70 -4.29 -106.83
N HIS F 1640 9.72 -5.14 -106.68
CA HIS F 1640 9.78 -6.44 -107.35
C HIS F 1640 9.70 -7.55 -106.30
N ILE F 1641 8.74 -8.44 -106.47
CA ILE F 1641 8.64 -9.64 -105.64
C ILE F 1641 9.45 -10.74 -106.31
N PRO F 1642 10.57 -11.17 -105.74
CA PRO F 1642 11.40 -12.18 -106.43
C PRO F 1642 10.69 -13.51 -106.65
N GLU F 1643 9.92 -13.98 -105.67
CA GLU F 1643 9.33 -15.31 -105.78
C GLU F 1643 8.26 -15.35 -106.86
N GLU F 1644 7.55 -14.24 -107.04
CA GLU F 1644 6.49 -14.14 -108.05
C GLU F 1644 6.97 -13.53 -109.36
N ASN F 1645 8.21 -13.03 -109.39
CA ASN F 1645 8.78 -12.43 -110.59
C ASN F 1645 7.84 -11.41 -111.21
N ARG F 1646 7.28 -10.55 -110.37
CA ARG F 1646 6.41 -9.48 -110.81
C ARG F 1646 6.82 -8.18 -110.12
N CYS F 1647 6.37 -7.06 -110.70
CA CYS F 1647 6.69 -5.74 -110.19
C CYS F 1647 5.44 -4.90 -110.13
N MET F 1648 5.46 -3.94 -109.21
CA MET F 1648 4.41 -2.93 -109.10
C MET F 1648 5.09 -1.58 -108.94
N ASP F 1649 4.29 -0.52 -109.05
CA ASP F 1649 4.78 0.79 -108.66
C ASP F 1649 4.88 0.86 -107.14
N ILE F 1650 6.00 1.40 -106.65
CA ILE F 1650 6.19 1.52 -105.22
C ILE F 1650 5.12 2.39 -104.58
N LEU F 1651 4.39 3.15 -105.39
CA LEU F 1651 3.33 4.03 -104.89
C LEU F 1651 2.08 3.27 -104.48
N GLU F 1652 1.96 1.99 -104.83
CA GLU F 1652 0.84 1.19 -104.36
C GLU F 1652 0.94 0.87 -102.88
N LEU F 1653 2.08 1.14 -102.27
CA LEU F 1653 2.26 0.88 -100.85
C LEU F 1653 1.52 1.85 -99.99
N SER F 1654 0.87 2.83 -100.62
CA SER F 1654 -0.09 3.69 -99.92
C SER F 1654 -1.33 2.92 -99.51
N GLU F 1655 -1.74 1.94 -100.31
CA GLU F 1655 -2.90 1.11 -100.00
C GLU F 1655 -2.50 -0.29 -99.54
N ARG F 1656 -1.36 -0.79 -99.98
CA ARG F 1656 -0.84 -2.08 -99.54
C ARG F 1656 0.02 -1.84 -98.30
N LEU F 1657 -0.63 -1.91 -97.14
CA LEU F 1657 -0.02 -1.44 -95.91
C LEU F 1657 1.04 -2.41 -95.40
N ASP F 1658 0.78 -3.72 -95.49
CA ASP F 1658 1.75 -4.69 -95.02
C ASP F 1658 3.07 -4.56 -95.77
N LEU F 1659 3.00 -4.37 -97.09
CA LEU F 1659 4.20 -4.17 -97.87
C LEU F 1659 4.92 -2.89 -97.46
N GLN F 1660 4.17 -1.82 -97.20
CA GLN F 1660 4.78 -0.58 -96.75
C GLN F 1660 5.53 -0.79 -95.45
N ARG F 1661 4.90 -1.47 -94.49
CA ARG F 1661 5.56 -1.75 -93.22
C ARG F 1661 6.82 -2.57 -93.42
N PHE F 1662 6.74 -3.64 -94.19
CA PHE F 1662 7.90 -4.50 -94.39
C PHE F 1662 9.04 -3.73 -95.06
N HIS F 1663 8.72 -2.90 -96.05
CA HIS F 1663 9.76 -2.17 -96.75
C HIS F 1663 10.36 -1.08 -95.87
N SER F 1664 9.53 -0.43 -95.05
CA SER F 1664 10.06 0.57 -94.13
C SER F 1664 11.03 -0.06 -93.14
N HIS F 1665 10.68 -1.22 -92.59
CA HIS F 1665 11.58 -1.90 -91.69
C HIS F 1665 12.80 -2.47 -92.42
N THR F 1666 12.67 -2.79 -93.70
CA THR F 1666 13.83 -3.15 -94.51
C THR F 1666 14.80 -1.98 -94.63
N LEU F 1667 14.27 -0.79 -94.87
CA LEU F 1667 15.12 0.41 -94.90
C LEU F 1667 15.76 0.65 -93.55
N ARG F 1668 15.01 0.40 -92.48
CA ARG F 1668 15.57 0.51 -91.14
C ARG F 1668 16.73 -0.46 -90.96
N LEU F 1669 16.58 -1.68 -91.46
CA LEU F 1669 17.67 -2.66 -91.40
C LEU F 1669 18.87 -2.18 -92.21
N TYR F 1670 18.61 -1.60 -93.39
CA TYR F 1670 19.70 -1.06 -94.20
C TYR F 1670 20.45 0.01 -93.44
N ARG F 1671 19.73 0.88 -92.72
CA ARG F 1671 20.40 1.90 -91.92
C ARG F 1671 21.17 1.27 -90.77
N ALA F 1672 20.61 0.24 -90.13
CA ALA F 1672 21.27 -0.38 -89.00
C ALA F 1672 22.58 -1.04 -89.41
N VAL F 1673 22.58 -1.76 -90.53
CA VAL F 1673 23.79 -2.48 -90.91
C VAL F 1673 24.91 -1.52 -91.30
N CYS F 1674 24.56 -0.36 -91.83
CA CYS F 1674 25.54 0.66 -92.21
C CYS F 1674 25.79 1.67 -91.11
N ALA F 1675 25.13 1.51 -89.96
CA ALA F 1675 25.21 2.51 -88.90
C ALA F 1675 26.60 2.58 -88.29
N LEU F 1676 27.00 3.80 -87.93
CA LEU F 1676 28.14 4.04 -87.07
C LEU F 1676 29.44 3.51 -87.67
N GLY F 1677 29.70 3.86 -88.93
CA GLY F 1677 31.02 3.74 -89.52
C GLY F 1677 31.24 2.57 -90.45
N ASN F 1678 30.22 1.74 -90.71
CA ASN F 1678 30.40 0.60 -91.61
C ASN F 1678 30.30 1.09 -93.05
N ASN F 1679 31.36 1.79 -93.47
CA ASN F 1679 31.40 2.33 -94.82
C ASN F 1679 31.42 1.21 -95.85
N ARG F 1680 31.97 0.05 -95.49
CA ARG F 1680 31.94 -1.10 -96.38
C ARG F 1680 30.51 -1.55 -96.63
N VAL F 1681 29.70 -1.63 -95.56
CA VAL F 1681 28.30 -1.99 -95.73
C VAL F 1681 27.57 -0.90 -96.51
N ALA F 1682 27.96 0.36 -96.33
CA ALA F 1682 27.37 1.42 -97.12
C ALA F 1682 27.64 1.21 -98.61
N HIS F 1683 28.88 0.87 -98.94
CA HIS F 1683 29.23 0.59 -100.33
C HIS F 1683 28.41 -0.58 -100.86
N ALA F 1684 28.27 -1.64 -100.06
CA ALA F 1684 27.48 -2.78 -100.47
C ALA F 1684 26.03 -2.37 -100.73
N LEU F 1685 25.47 -1.54 -99.85
CA LEU F 1685 24.10 -1.08 -100.02
C LEU F 1685 23.94 -0.27 -101.30
N CYS F 1686 24.96 0.52 -101.65
CA CYS F 1686 24.85 1.34 -102.85
C CYS F 1686 24.48 0.51 -104.08
N SER F 1687 24.73 -0.80 -104.03
CA SER F 1687 24.30 -1.67 -105.13
C SER F 1687 22.79 -1.88 -105.09
N HIS F 1688 22.23 -2.12 -103.90
CA HIS F 1688 20.81 -2.42 -103.79
C HIS F 1688 19.95 -1.16 -103.92
N VAL F 1689 20.40 -0.05 -103.35
CA VAL F 1689 19.70 1.23 -103.43
C VAL F 1689 20.67 2.21 -104.06
N ASP F 1690 20.39 2.59 -105.30
CA ASP F 1690 21.33 3.41 -106.05
C ASP F 1690 21.04 4.90 -105.85
N GLN F 1691 22.02 5.70 -106.28
CA GLN F 1691 21.91 7.15 -106.17
C GLN F 1691 20.70 7.66 -106.93
N ALA F 1692 20.43 7.11 -108.10
CA ALA F 1692 19.27 7.53 -108.87
C ALA F 1692 17.98 7.24 -108.12
N GLN F 1693 17.87 6.04 -107.53
CA GLN F 1693 16.69 5.70 -106.75
C GLN F 1693 16.50 6.69 -105.61
N LEU F 1694 17.58 6.95 -104.87
CA LEU F 1694 17.47 7.82 -103.71
C LEU F 1694 17.05 9.22 -104.10
N LEU F 1695 17.69 9.78 -105.14
CA LEU F 1695 17.37 11.13 -105.57
C LEU F 1695 15.96 11.22 -106.13
N HIS F 1696 15.50 10.18 -106.82
CA HIS F 1696 14.12 10.14 -107.28
C HIS F 1696 13.15 10.13 -106.11
N ALA F 1697 13.46 9.35 -105.07
CA ALA F 1697 12.59 9.28 -103.91
C ALA F 1697 12.53 10.62 -103.19
N LEU F 1698 13.65 11.33 -103.13
CA LEU F 1698 13.66 12.63 -102.48
C LEU F 1698 12.60 13.55 -103.08
N GLU F 1699 12.50 13.56 -104.41
CA GLU F 1699 11.59 14.48 -105.07
C GLU F 1699 10.17 13.92 -105.14
N ASP F 1700 10.02 12.60 -105.16
CA ASP F 1700 8.71 12.00 -105.32
C ASP F 1700 7.74 12.49 -104.26
N ALA F 1701 6.66 13.14 -104.69
CA ALA F 1701 5.67 13.67 -103.77
C ALA F 1701 4.61 12.64 -103.37
N HIS F 1702 4.51 11.53 -104.11
CA HIS F 1702 3.45 10.56 -103.88
C HIS F 1702 3.87 9.40 -102.98
N LEU F 1703 5.12 9.37 -102.53
CA LEU F 1703 5.53 8.31 -101.63
C LEU F 1703 4.83 8.45 -100.28
N PRO F 1704 4.50 7.36 -99.62
CA PRO F 1704 4.11 7.45 -98.21
C PRO F 1704 5.24 8.04 -97.38
N GLY F 1705 4.85 8.78 -96.35
CA GLY F 1705 5.80 9.46 -95.51
C GLY F 1705 6.81 8.53 -94.87
N PRO F 1706 6.38 7.35 -94.42
CA PRO F 1706 7.35 6.40 -93.87
C PRO F 1706 8.46 6.07 -94.85
N LEU F 1707 8.11 5.76 -96.10
CA LEU F 1707 9.11 5.42 -97.10
C LEU F 1707 9.96 6.63 -97.44
N ARG F 1708 9.34 7.80 -97.55
CA ARG F 1708 10.08 9.02 -97.85
C ARG F 1708 11.14 9.29 -96.78
N ALA F 1709 10.73 9.26 -95.51
CA ALA F 1709 11.68 9.49 -94.42
C ALA F 1709 12.73 8.39 -94.39
N GLY F 1710 12.34 7.14 -94.63
CA GLY F 1710 13.31 6.07 -94.65
C GLY F 1710 14.36 6.26 -95.71
N TYR F 1711 13.96 6.70 -96.89
CA TYR F 1711 14.92 6.90 -97.97
C TYR F 1711 15.83 8.09 -97.69
N TYR F 1712 15.26 9.18 -97.16
CA TYR F 1712 16.09 10.31 -96.76
C TYR F 1712 17.14 9.87 -95.73
N ASP F 1713 16.70 9.16 -94.69
CA ASP F 1713 17.61 8.72 -93.65
C ASP F 1713 18.62 7.72 -94.19
N LEU F 1714 18.22 6.90 -95.15
CA LEU F 1714 19.15 5.95 -95.75
C LEU F 1714 20.24 6.67 -96.53
N LEU F 1715 19.86 7.71 -97.29
CA LEU F 1715 20.85 8.53 -97.96
C LEU F 1715 21.83 9.12 -96.95
N ILE F 1716 21.28 9.70 -95.88
CA ILE F 1716 22.14 10.31 -94.86
C ILE F 1716 23.09 9.28 -94.27
N SER F 1717 22.56 8.10 -93.95
CA SER F 1717 23.35 7.06 -93.31
C SER F 1717 24.47 6.58 -94.23
N ILE F 1718 24.13 6.26 -95.49
CA ILE F 1718 25.10 5.73 -96.42
C ILE F 1718 26.18 6.76 -96.69
N HIS F 1719 25.79 8.01 -96.94
CA HIS F 1719 26.69 9.00 -97.51
C HIS F 1719 27.19 10.04 -96.53
N LEU F 1720 26.35 10.48 -95.60
CA LEU F 1720 26.63 11.69 -94.83
C LEU F 1720 26.84 11.46 -93.34
N GLU F 1721 26.43 10.32 -92.81
CA GLU F 1721 26.41 10.14 -91.36
C GLU F 1721 27.81 10.19 -90.77
N SER F 1722 28.74 9.40 -91.33
CA SER F 1722 30.09 9.33 -90.78
C SER F 1722 30.79 10.69 -90.85
N ALA F 1723 30.69 11.35 -92.00
CA ALA F 1723 31.33 12.66 -92.16
C ALA F 1723 30.73 13.68 -91.20
N CYS F 1724 29.39 13.68 -91.07
CA CYS F 1724 28.74 14.62 -90.17
C CYS F 1724 29.19 14.40 -88.74
N ARG F 1725 29.24 13.14 -88.31
CA ARG F 1725 29.67 12.84 -86.95
C ARG F 1725 31.12 13.26 -86.71
N SER F 1726 31.99 12.95 -87.67
CA SER F 1726 33.40 13.31 -87.55
C SER F 1726 33.56 14.82 -87.44
N ARG F 1727 32.82 15.56 -88.26
CA ARG F 1727 32.93 17.02 -88.24
C ARG F 1727 32.34 17.61 -86.97
N ARG F 1728 31.23 17.06 -86.49
CA ARG F 1728 30.61 17.56 -85.28
C ARG F 1728 31.52 17.33 -84.08
N SER F 1729 32.22 16.19 -84.06
CA SER F 1729 33.18 15.95 -82.98
C SER F 1729 34.22 17.05 -82.91
N MET F 1730 34.55 17.66 -84.05
CA MET F 1730 35.61 18.65 -84.11
C MET F 1730 35.09 20.08 -83.94
N LEU F 1731 33.83 20.32 -84.28
CA LEU F 1731 33.32 21.69 -84.23
C LEU F 1731 33.50 22.31 -82.84
N SER F 1732 33.37 21.50 -81.79
CA SER F 1732 33.48 22.03 -80.44
C SER F 1732 34.87 22.61 -80.17
N GLU F 1733 35.88 22.17 -80.91
CA GLU F 1733 37.24 22.63 -80.72
C GLU F 1733 37.57 23.72 -81.73
N TYR F 1734 38.33 24.72 -81.27
CA TYR F 1734 38.73 25.86 -82.09
C TYR F 1734 40.25 25.96 -82.08
N ILE F 1735 40.86 25.65 -83.23
CA ILE F 1735 42.30 25.75 -83.40
C ILE F 1735 42.53 26.80 -84.49
N VAL F 1736 43.03 27.96 -84.09
CA VAL F 1736 43.17 29.11 -84.98
C VAL F 1736 44.62 29.15 -85.47
N PRO F 1737 44.85 29.02 -86.78
CA PRO F 1737 46.17 29.35 -87.32
C PRO F 1737 46.35 30.86 -87.40
N LEU F 1738 47.55 31.31 -87.08
CA LEU F 1738 47.88 32.74 -87.13
C LEU F 1738 48.16 33.10 -88.58
N THR F 1739 47.15 33.56 -89.29
CA THR F 1739 47.22 33.82 -90.71
C THR F 1739 46.60 35.17 -91.01
N PRO F 1740 46.97 35.79 -92.14
CA PRO F 1740 46.39 37.09 -92.49
C PRO F 1740 44.88 37.06 -92.51
N GLU F 1741 44.32 35.92 -92.94
CA GLU F 1741 42.87 35.76 -92.90
C GLU F 1741 42.35 35.89 -91.47
N THR F 1742 43.03 35.24 -90.52
CA THR F 1742 42.64 35.36 -89.13
C THR F 1742 42.77 36.80 -88.67
N ARG F 1743 43.86 37.47 -89.05
CA ARG F 1743 44.08 38.85 -88.64
CA ARG F 1743 44.09 38.86 -88.65
C ARG F 1743 42.96 39.75 -89.11
N ALA F 1744 42.46 39.53 -90.33
CA ALA F 1744 41.40 40.38 -90.87
C ALA F 1744 40.11 40.24 -90.10
N ILE F 1745 39.88 39.08 -89.49
CA ILE F 1745 38.57 38.79 -88.89
C ILE F 1745 38.24 39.86 -87.86
N THR F 1746 36.99 40.30 -87.89
CA THR F 1746 36.45 41.23 -86.91
C THR F 1746 35.09 40.75 -86.47
N LEU F 1747 34.71 41.12 -85.23
CA LEU F 1747 33.40 40.75 -84.72
C LEU F 1747 32.31 41.31 -85.61
N PHE F 1748 32.46 42.54 -86.01
CA PHE F 1748 31.48 43.23 -86.79
C PHE F 1748 32.01 43.53 -88.18
N PRO F 1749 31.17 43.48 -89.22
CA PRO F 1749 31.66 43.85 -90.53
C PRO F 1749 31.95 45.35 -90.59
N PRO F 1750 32.85 45.76 -91.47
CA PRO F 1750 33.16 47.20 -91.53
C PRO F 1750 31.93 48.05 -91.84
N GLY F 1751 31.84 49.19 -91.15
CA GLY F 1751 30.70 50.10 -91.34
C GLY F 1751 30.85 51.34 -90.49
N ARG F 1752 30.05 52.35 -90.84
CA ARG F 1752 30.11 53.63 -90.14
C ARG F 1752 29.42 53.56 -88.77
N LYS F 1753 28.44 52.68 -88.63
CA LYS F 1753 27.61 52.65 -87.44
C LYS F 1753 28.45 52.29 -86.22
N GLY F 1754 28.02 52.79 -85.06
CA GLY F 1754 28.82 52.73 -83.85
C GLY F 1754 28.99 51.31 -83.34
N GLY F 1755 30.11 51.08 -82.67
CA GLY F 1755 30.45 49.77 -82.13
C GLY F 1755 29.29 49.06 -81.44
N ASN F 1756 28.69 49.72 -80.45
CA ASN F 1756 27.54 49.15 -79.75
C ASN F 1756 26.39 48.89 -80.70
N ALA F 1757 26.07 49.87 -81.54
CA ALA F 1757 24.90 49.76 -82.42
C ALA F 1757 25.14 48.76 -83.54
N ARG F 1758 26.39 48.58 -83.94
CA ARG F 1758 26.78 47.91 -85.17
C ARG F 1758 25.98 46.66 -85.45
N ARG F 1759 25.25 46.65 -86.58
CA ARG F 1759 24.40 45.50 -86.89
C ARG F 1759 25.20 44.21 -87.12
N HIS F 1760 24.78 43.16 -86.41
CA HIS F 1760 25.47 41.88 -86.46
C HIS F 1760 25.50 41.36 -87.89
N GLY F 1761 26.64 40.79 -88.27
CA GLY F 1761 26.73 40.12 -89.54
C GLY F 1761 25.91 38.85 -89.55
N LEU F 1762 25.55 38.43 -90.75
CA LEU F 1762 24.71 37.25 -90.89
C LEU F 1762 25.47 36.02 -90.40
N PRO F 1763 24.88 35.23 -89.50
CA PRO F 1763 25.59 34.04 -89.00
C PRO F 1763 25.87 33.04 -90.11
N GLY F 1764 27.02 32.40 -90.02
CA GLY F 1764 27.44 31.45 -91.03
C GLY F 1764 27.99 32.07 -92.28
N VAL F 1765 28.08 33.39 -92.35
CA VAL F 1765 28.56 34.12 -93.53
C VAL F 1765 29.79 34.90 -93.11
N GLY F 1766 30.96 34.43 -93.53
CA GLY F 1766 32.19 35.10 -93.17
C GLY F 1766 33.38 34.20 -93.43
N VAL F 1767 34.50 34.59 -92.85
CA VAL F 1767 35.76 33.89 -92.98
C VAL F 1767 36.00 33.10 -91.71
N THR F 1768 36.14 31.78 -91.84
CA THR F 1768 36.44 30.91 -90.71
C THR F 1768 37.79 30.25 -90.95
N THR F 1769 38.72 30.48 -90.02
CA THR F 1769 40.06 29.92 -90.12
C THR F 1769 40.27 28.72 -89.21
N SER F 1770 39.28 28.37 -88.38
CA SER F 1770 39.41 27.21 -87.52
C SER F 1770 39.63 25.95 -88.35
N LEU F 1771 40.44 25.05 -87.81
CA LEU F 1771 40.88 23.88 -88.56
C LEU F 1771 39.87 22.75 -88.37
N ARG F 1772 39.32 22.28 -89.49
CA ARG F 1772 38.47 21.09 -89.51
C ARG F 1772 38.96 20.19 -90.62
N PRO F 1773 39.28 18.93 -90.34
CA PRO F 1773 39.85 18.08 -91.39
C PRO F 1773 38.88 17.87 -92.49
N PRO F 1774 39.34 17.70 -93.74
CA PRO F 1774 38.43 17.53 -94.86
C PRO F 1774 37.68 16.21 -94.82
N HIS F 1775 36.54 16.19 -95.49
CA HIS F 1775 35.81 14.94 -95.70
C HIS F 1775 36.50 14.10 -96.76
N HIS F 1776 36.38 12.78 -96.62
CA HIS F 1776 36.98 11.85 -97.56
C HIS F 1776 35.92 10.83 -97.99
N PHE F 1777 35.79 10.65 -99.29
CA PHE F 1777 34.82 9.74 -99.87
C PHE F 1777 35.50 8.89 -100.93
N SER F 1778 34.96 7.69 -101.15
CA SER F 1778 35.44 6.80 -102.17
C SER F 1778 34.32 6.48 -103.15
N PRO F 1779 34.56 6.51 -104.45
CA PRO F 1779 33.50 6.23 -105.41
C PRO F 1779 32.99 4.81 -105.26
N PRO F 1780 31.69 4.56 -105.48
CA PRO F 1780 31.17 3.19 -105.43
C PRO F 1780 31.46 2.47 -106.74
N CYS F 1781 32.20 1.36 -106.65
CA CYS F 1781 32.49 0.53 -107.80
C CYS F 1781 32.50 -0.92 -107.38
N PHE F 1782 32.01 -1.79 -108.26
CA PHE F 1782 31.93 -3.22 -107.98
C PHE F 1782 32.56 -4.06 -109.07
N VAL F 1783 33.33 -3.46 -109.97
CA VAL F 1783 34.12 -4.18 -110.95
C VAL F 1783 35.61 -4.11 -110.64
N ALA F 1784 35.99 -3.38 -109.60
CA ALA F 1784 37.40 -3.22 -109.26
C ALA F 1784 37.98 -4.53 -108.74
N ALA F 1785 39.29 -4.67 -108.93
CA ALA F 1785 39.98 -5.88 -108.50
C ALA F 1785 39.91 -6.02 -106.97
N LEU F 1786 39.72 -7.25 -106.51
CA LEU F 1786 39.57 -7.49 -105.08
C LEU F 1786 40.92 -7.33 -104.39
N PRO F 1787 41.03 -6.55 -103.30
CA PRO F 1787 42.36 -6.44 -102.67
C PRO F 1787 42.82 -7.77 -102.08
N ALA F 1788 44.02 -8.20 -102.48
CA ALA F 1788 44.55 -9.46 -101.97
C ALA F 1788 44.86 -9.41 -100.48
N ALA F 1789 44.93 -8.22 -99.89
CA ALA F 1789 45.19 -8.13 -98.45
C ALA F 1789 44.02 -8.71 -97.67
N GLY F 1790 44.35 -9.48 -96.65
CA GLY F 1790 43.33 -10.15 -95.87
C GLY F 1790 42.61 -9.21 -94.92
N VAL F 1791 41.57 -9.75 -94.29
CA VAL F 1791 40.78 -8.97 -93.36
C VAL F 1791 41.66 -8.55 -92.17
N ALA F 1792 41.40 -7.35 -91.66
CA ALA F 1792 42.16 -6.78 -90.54
C ALA F 1792 43.55 -6.33 -90.99
N GLU F 1793 43.83 -6.44 -92.29
CA GLU F 1793 45.03 -5.81 -92.83
C GLU F 1793 44.66 -4.77 -93.89
N ALA F 1794 43.53 -4.96 -94.56
CA ALA F 1794 43.09 -4.01 -95.57
C ALA F 1794 42.79 -2.66 -94.93
N PRO F 1795 43.11 -1.55 -95.58
CA PRO F 1795 42.82 -0.24 -95.00
C PRO F 1795 41.32 0.00 -94.87
N ALA F 1796 40.97 0.89 -93.95
CA ALA F 1796 39.58 1.22 -93.71
C ALA F 1796 38.99 1.93 -94.91
N ARG F 1797 37.76 1.55 -95.28
CA ARG F 1797 37.11 2.11 -96.44
C ARG F 1797 36.42 3.42 -96.10
N LEU F 1798 36.36 4.31 -97.09
CA LEU F 1798 35.70 5.60 -96.95
C LEU F 1798 34.22 5.47 -97.31
N SER F 1799 33.46 6.48 -96.93
CA SER F 1799 32.04 6.50 -97.24
C SER F 1799 31.83 6.66 -98.74
N PRO F 1800 30.74 6.10 -99.27
CA PRO F 1800 30.44 6.31 -100.70
C PRO F 1800 30.22 7.78 -101.01
N ALA F 1801 30.62 8.18 -102.21
CA ALA F 1801 30.52 9.56 -102.63
C ALA F 1801 29.21 9.82 -103.36
N ILE F 1802 28.68 11.02 -103.17
CA ILE F 1802 27.50 11.48 -103.88
C ILE F 1802 27.71 12.95 -104.23
N PRO F 1803 27.16 13.46 -105.34
CA PRO F 1803 27.43 14.86 -105.73
C PRO F 1803 26.82 15.87 -104.78
N LEU F 1804 27.69 16.48 -103.98
CA LEU F 1804 27.23 17.27 -102.84
C LEU F 1804 26.67 18.62 -103.28
N GLU F 1805 27.25 19.22 -104.33
CA GLU F 1805 26.74 20.50 -104.79
C GLU F 1805 25.34 20.37 -105.39
N ALA F 1806 25.13 19.35 -106.21
CA ALA F 1806 23.80 19.10 -106.73
C ALA F 1806 22.84 18.75 -105.61
N LEU F 1807 23.31 17.99 -104.63
CA LEU F 1807 22.45 17.63 -103.51
C LEU F 1807 22.02 18.87 -102.72
N ARG F 1808 22.95 19.80 -102.46
CA ARG F 1808 22.58 20.99 -101.71
C ARG F 1808 21.62 21.85 -102.52
N ASP F 1809 21.87 22.00 -103.82
CA ASP F 1809 20.95 22.79 -104.64
C ASP F 1809 19.56 22.20 -104.62
N LYS F 1810 19.46 20.88 -104.78
CA LYS F 1810 18.16 20.22 -104.75
C LYS F 1810 17.51 20.43 -103.40
N ALA F 1811 18.27 20.29 -102.32
CA ALA F 1811 17.71 20.43 -100.98
C ALA F 1811 17.15 21.83 -100.77
N LEU F 1812 17.90 22.85 -101.16
CA LEU F 1812 17.41 24.23 -101.00
C LEU F 1812 16.15 24.45 -101.81
N ARG F 1813 16.14 23.99 -103.06
CA ARG F 1813 14.97 24.19 -103.91
C ARG F 1813 13.75 23.49 -103.33
N MET F 1814 13.94 22.25 -102.84
CA MET F 1814 12.82 21.50 -102.30
C MET F 1814 12.32 22.11 -101.01
N LEU F 1815 13.22 22.63 -100.18
CA LEU F 1815 12.80 23.32 -98.97
C LEU F 1815 11.97 24.55 -99.30
N GLY F 1816 12.40 25.33 -100.28
CA GLY F 1816 11.61 26.48 -100.69
C GLY F 1816 10.24 26.06 -101.20
N GLU F 1817 10.19 24.98 -101.97
CA GLU F 1817 8.91 24.47 -102.45
C GLU F 1817 8.02 24.08 -101.29
N ALA F 1818 8.59 23.42 -100.29
CA ALA F 1818 7.82 23.05 -99.10
C ALA F 1818 7.29 24.28 -98.38
N VAL F 1819 8.11 25.32 -98.29
CA VAL F 1819 7.68 26.55 -97.62
C VAL F 1819 6.49 27.15 -98.35
N ARG F 1820 6.58 27.26 -99.67
CA ARG F 1820 5.47 27.84 -100.43
C ARG F 1820 4.22 26.97 -100.32
N ASP F 1821 4.38 25.65 -100.38
CA ASP F 1821 3.23 24.76 -100.25
C ASP F 1821 2.56 24.92 -98.89
N GLY F 1822 3.36 25.00 -97.82
CA GLY F 1822 2.79 25.24 -96.50
C GLY F 1822 2.07 26.58 -96.44
N GLY F 1823 2.60 27.59 -97.11
CA GLY F 1823 1.90 28.85 -97.19
C GLY F 1823 0.55 28.72 -97.86
N GLN F 1824 0.49 27.93 -98.95
CA GLN F 1824 -0.79 27.71 -99.62
C GLN F 1824 -1.75 26.91 -98.74
N HIS F 1825 -1.21 26.07 -97.86
CA HIS F 1825 -2.02 25.28 -96.94
C HIS F 1825 -2.90 24.27 -97.69
N ALA F 1826 -2.27 23.48 -98.54
CA ALA F 1826 -2.99 22.48 -99.32
C ALA F 1826 -3.41 21.29 -98.46
N ARG F 1827 -4.40 20.56 -98.95
CA ARG F 1827 -4.92 19.40 -98.22
C ARG F 1827 -4.21 18.11 -98.60
N ASP F 1828 -3.21 18.16 -99.48
CA ASP F 1828 -2.45 16.97 -99.85
C ASP F 1828 -0.97 17.21 -99.58
N PRO F 1829 -0.55 17.22 -98.33
CA PRO F 1829 0.88 17.44 -98.04
C PRO F 1829 1.72 16.27 -98.53
N VAL F 1830 2.96 16.58 -98.90
CA VAL F 1830 3.88 15.53 -99.33
C VAL F 1830 4.10 14.57 -98.18
N GLY F 1831 3.92 13.28 -98.45
CA GLY F 1831 4.01 12.27 -97.43
C GLY F 1831 2.74 12.07 -96.63
N GLY F 1832 1.74 12.95 -96.81
CA GLY F 1832 0.50 12.86 -96.07
C GLY F 1832 0.45 13.69 -94.81
N SER F 1833 1.51 14.42 -94.49
CA SER F 1833 1.51 15.26 -93.31
C SER F 1833 2.61 16.31 -93.42
N VAL F 1834 2.44 17.39 -92.66
CA VAL F 1834 3.46 18.44 -92.63
C VAL F 1834 4.77 17.88 -92.12
N GLU F 1835 4.71 16.98 -91.13
CA GLU F 1835 5.92 16.35 -90.63
C GLU F 1835 6.63 15.57 -91.73
N PHE F 1836 5.90 14.69 -92.41
CA PHE F 1836 6.48 13.90 -93.48
C PHE F 1836 7.01 14.79 -94.60
N GLN F 1837 6.42 15.97 -94.77
CA GLN F 1837 6.89 16.90 -95.79
C GLN F 1837 8.20 17.57 -95.39
N PHE F 1838 8.26 18.07 -94.16
CA PHE F 1838 9.33 18.99 -93.79
C PHE F 1838 10.52 18.27 -93.17
N VAL F 1839 10.26 17.35 -92.23
CA VAL F 1839 11.33 16.86 -91.36
C VAL F 1839 12.50 16.30 -92.18
N PRO F 1840 12.30 15.44 -93.17
CA PRO F 1840 13.46 14.90 -93.91
C PRO F 1840 14.30 15.99 -94.55
N VAL F 1841 13.66 16.99 -95.16
CA VAL F 1841 14.40 18.06 -95.81
C VAL F 1841 15.24 18.82 -94.80
N LEU F 1842 14.64 19.14 -93.65
CA LEU F 1842 15.36 19.89 -92.63
C LEU F 1842 16.52 19.09 -92.07
N LYS F 1843 16.32 17.78 -91.86
CA LYS F 1843 17.41 16.93 -91.43
C LYS F 1843 18.56 16.95 -92.42
N LEU F 1844 18.26 16.80 -93.71
CA LEU F 1844 19.30 16.80 -94.73
C LEU F 1844 20.03 18.14 -94.75
N VAL F 1845 19.26 19.24 -94.63
CA VAL F 1845 19.85 20.57 -94.65
C VAL F 1845 20.79 20.75 -93.46
N SER F 1846 20.37 20.30 -92.28
CA SER F 1846 21.21 20.42 -91.10
C SER F 1846 22.48 19.60 -91.25
N THR F 1847 22.34 18.37 -91.78
CA THR F 1847 23.53 17.55 -92.03
C THR F 1847 24.49 18.26 -92.97
N LEU F 1848 23.97 18.85 -94.04
CA LEU F 1848 24.83 19.51 -95.01
C LEU F 1848 25.50 20.74 -94.42
N LEU F 1849 24.76 21.52 -93.61
CA LEU F 1849 25.37 22.65 -92.93
C LEU F 1849 26.52 22.20 -92.05
N VAL F 1850 26.27 21.22 -91.18
CA VAL F 1850 27.33 20.74 -90.29
C VAL F 1850 28.52 20.26 -91.10
N MET F 1851 28.26 19.55 -92.19
CA MET F 1851 29.34 19.07 -93.05
C MET F 1851 30.05 20.21 -93.74
N GLY F 1852 29.42 21.38 -93.83
CA GLY F 1852 30.05 22.55 -94.40
C GLY F 1852 29.86 22.72 -95.89
N ILE F 1853 28.92 22.00 -96.49
CA ILE F 1853 28.75 22.03 -97.94
C ILE F 1853 28.21 23.39 -98.38
N PHE F 1854 27.28 23.94 -97.61
CA PHE F 1854 26.61 25.17 -98.03
C PHE F 1854 27.57 26.34 -98.05
N GLY F 1855 27.44 27.18 -99.08
CA GLY F 1855 28.20 28.40 -99.17
C GLY F 1855 27.47 29.58 -98.56
N ASP F 1856 28.04 30.77 -98.78
CA ASP F 1856 27.50 31.98 -98.18
C ASP F 1856 26.10 32.28 -98.72
N GLU F 1857 25.94 32.21 -100.04
CA GLU F 1857 24.64 32.49 -100.64
C GLU F 1857 23.60 31.47 -100.23
N ASP F 1858 23.99 30.19 -100.16
CA ASP F 1858 23.08 29.16 -99.71
C ASP F 1858 22.65 29.40 -98.26
N VAL F 1859 23.59 29.81 -97.42
CA VAL F 1859 23.26 30.13 -96.03
C VAL F 1859 22.28 31.28 -95.97
N LYS F 1860 22.49 32.30 -96.82
CA LYS F 1860 21.57 33.43 -96.87
C LYS F 1860 20.18 32.98 -97.29
N GLN F 1861 20.10 32.08 -98.27
CA GLN F 1861 18.80 31.56 -98.69
C GLN F 1861 18.12 30.82 -97.55
N ILE F 1862 18.87 30.00 -96.82
CA ILE F 1862 18.30 29.29 -95.68
C ILE F 1862 17.79 30.28 -94.64
N LEU F 1863 18.58 31.33 -94.37
CA LEU F 1863 18.18 32.32 -93.39
C LEU F 1863 16.91 33.04 -93.81
N LYS F 1864 16.78 33.36 -95.09
CA LYS F 1864 15.58 34.02 -95.57
C LYS F 1864 14.38 33.08 -95.48
N MET F 1865 14.59 31.80 -95.76
CA MET F 1865 13.51 30.83 -95.57
C MET F 1865 13.07 30.80 -94.12
N ILE F 1866 14.02 30.86 -93.19
CA ILE F 1866 13.69 30.87 -91.77
C ILE F 1866 12.88 32.12 -91.43
N GLU F 1867 13.47 33.29 -91.65
CA GLU F 1867 12.81 34.56 -91.37
C GLU F 1867 13.43 35.64 -92.25
N PRO F 1868 12.80 36.00 -93.38
CA PRO F 1868 13.45 36.98 -94.27
C PRO F 1868 13.68 38.33 -93.62
N GLU F 1869 12.65 38.89 -92.99
CA GLU F 1869 12.74 40.26 -92.49
C GLU F 1869 13.97 40.44 -91.61
N VAL F 1870 14.19 39.53 -90.66
CA VAL F 1870 15.32 39.66 -89.76
C VAL F 1870 16.64 39.57 -90.52
N PHE F 1871 16.71 38.64 -91.47
CA PHE F 1871 17.97 38.29 -92.11
C PHE F 1871 18.18 38.97 -93.47
N THR F 1872 17.27 39.83 -93.90
CA THR F 1872 17.54 40.67 -95.05
C THR F 1872 18.73 41.57 -94.74
N GLU F 1873 19.66 41.65 -95.67
CA GLU F 1873 20.88 42.42 -95.49
C GLU F 1873 20.82 43.66 -96.38
N GLU F 1874 21.22 44.81 -95.80
CA GLU F 1874 20.81 46.14 -96.28
C GLU F 1874 19.31 46.47 -96.32
N LEU F 1922 3.01 37.89 -99.39
CA LEU F 1922 4.45 38.06 -99.21
C LEU F 1922 5.09 36.74 -98.76
N GLU F 1923 6.40 36.78 -98.55
CA GLU F 1923 7.09 35.60 -98.04
C GLU F 1923 6.76 35.39 -96.57
N GLU F 1924 6.40 34.15 -96.23
CA GLU F 1924 6.10 33.75 -94.87
C GLU F 1924 7.11 32.71 -94.42
N GLY F 1925 7.77 32.97 -93.30
CA GLY F 1925 8.84 32.11 -92.85
C GLY F 1925 8.38 30.96 -91.96
N LEU F 1926 9.20 29.90 -91.94
CA LEU F 1926 8.87 28.71 -91.16
C LEU F 1926 8.51 29.05 -89.73
N LEU F 1927 9.05 30.14 -89.19
CA LEU F 1927 8.74 30.51 -87.82
C LEU F 1927 7.27 30.83 -87.66
N GLN F 1928 6.69 31.54 -88.63
CA GLN F 1928 5.28 31.89 -88.62
C GLN F 1928 4.42 30.85 -89.33
N MET F 1929 5.03 29.83 -89.95
CA MET F 1929 4.24 28.81 -90.63
C MET F 1929 3.53 27.90 -89.64
N LYS F 1930 3.79 28.08 -88.35
CA LYS F 1930 2.90 27.53 -87.34
C LYS F 1930 2.91 26.02 -87.47
N LEU F 1931 4.10 25.45 -87.25
CA LEU F 1931 4.50 24.09 -87.57
C LEU F 1931 4.46 23.21 -86.33
N PRO F 1932 4.45 21.89 -86.51
CA PRO F 1932 4.39 20.98 -85.36
C PRO F 1932 5.73 20.82 -84.66
N GLU F 1933 5.71 19.98 -83.63
CA GLU F 1933 6.80 19.91 -82.67
C GLU F 1933 8.08 19.33 -83.27
N SER F 1934 7.95 18.30 -84.10
CA SER F 1934 9.14 17.71 -84.72
C SER F 1934 9.83 18.71 -85.64
N VAL F 1935 9.05 19.43 -86.43
CA VAL F 1935 9.61 20.48 -87.28
C VAL F 1935 10.27 21.55 -86.42
N LYS F 1936 9.66 21.86 -85.28
CA LYS F 1936 10.26 22.82 -84.36
C LYS F 1936 11.60 22.32 -83.84
N LEU F 1937 11.69 21.02 -83.56
CA LEU F 1937 12.95 20.44 -83.12
C LEU F 1937 14.04 20.59 -84.19
N GLN F 1938 13.67 20.30 -85.44
CA GLN F 1938 14.64 20.48 -86.52
C GLN F 1938 15.08 21.93 -86.65
N MET F 1939 14.13 22.86 -86.54
CA MET F 1939 14.47 24.28 -86.59
C MET F 1939 15.40 24.65 -85.44
N CYS F 1940 15.17 24.06 -84.27
CA CYS F 1940 16.02 24.31 -83.12
C CYS F 1940 17.43 23.82 -83.39
N ASN F 1941 17.58 22.66 -84.02
CA ASN F 1941 18.91 22.18 -84.38
C ASN F 1941 19.60 23.13 -85.35
N LEU F 1942 18.86 23.61 -86.36
CA LEU F 1942 19.42 24.56 -87.31
C LEU F 1942 19.92 25.81 -86.59
N LEU F 1943 19.08 26.36 -85.71
CA LEU F 1943 19.46 27.56 -84.97
C LEU F 1943 20.62 27.30 -84.02
N GLU F 1944 20.72 26.08 -83.49
CA GLU F 1944 21.89 25.70 -82.71
C GLU F 1944 23.15 25.76 -83.55
N TYR F 1945 23.08 25.24 -84.77
CA TYR F 1945 24.21 25.37 -85.68
C TYR F 1945 24.60 26.83 -85.88
N PHE F 1946 23.62 27.69 -86.14
CA PHE F 1946 23.93 29.09 -86.42
C PHE F 1946 24.52 29.78 -85.19
N CYS F 1947 23.98 29.49 -84.01
CA CYS F 1947 24.54 30.05 -82.78
C CYS F 1947 25.95 29.55 -82.53
N ASP F 1948 26.22 28.28 -82.83
CA ASP F 1948 27.57 27.76 -82.73
C ASP F 1948 28.51 28.50 -83.66
N GLN F 1949 28.05 28.82 -84.87
CA GLN F 1949 28.88 29.59 -85.79
C GLN F 1949 29.15 30.99 -85.24
N GLU F 1950 28.15 31.59 -84.60
CA GLU F 1950 28.37 32.89 -83.97
C GLU F 1950 29.45 32.81 -82.89
N LEU F 1951 29.38 31.76 -82.06
CA LEU F 1951 30.40 31.55 -81.04
C LEU F 1951 31.79 31.39 -81.68
N GLN F 1952 31.85 30.61 -82.76
CA GLN F 1952 33.12 30.39 -83.45
C GLN F 1952 33.67 31.71 -83.98
N HIS F 1953 32.79 32.56 -84.51
CA HIS F 1953 33.22 33.87 -84.99
C HIS F 1953 33.77 34.71 -83.84
N ARG F 1954 33.11 34.67 -82.68
CA ARG F 1954 33.63 35.39 -81.53
C ARG F 1954 35.02 34.92 -81.16
N VAL F 1955 35.21 33.60 -81.11
CA VAL F 1955 36.51 33.05 -80.72
C VAL F 1955 37.58 33.46 -81.72
N GLU F 1956 37.29 33.35 -83.01
CA GLU F 1956 38.25 33.72 -84.04
C GLU F 1956 38.59 35.20 -84.00
N SER F 1957 37.60 36.07 -83.78
CA SER F 1957 37.87 37.49 -83.65
C SER F 1957 38.75 37.78 -82.44
N LEU F 1958 38.48 37.11 -81.33
CA LEU F 1958 39.33 37.27 -80.15
C LEU F 1958 40.76 36.85 -80.45
N ALA F 1959 40.94 35.74 -81.16
CA ALA F 1959 42.29 35.30 -81.51
C ALA F 1959 42.99 36.30 -82.42
N ALA F 1960 42.26 36.86 -83.38
CA ALA F 1960 42.86 37.87 -84.25
C ALA F 1960 43.31 39.08 -83.46
N PHE F 1961 42.43 39.59 -82.59
CA PHE F 1961 42.82 40.71 -81.75
C PHE F 1961 44.01 40.34 -80.88
N ALA F 1962 44.07 39.09 -80.44
CA ALA F 1962 45.20 38.65 -79.62
C ALA F 1962 46.49 38.75 -80.42
N GLU F 1963 46.47 38.30 -81.67
CA GLU F 1963 47.64 38.42 -82.52
C GLU F 1963 48.10 39.88 -82.61
N ARG F 1964 47.18 40.77 -82.98
CA ARG F 1964 47.56 42.16 -83.19
C ARG F 1964 48.04 42.80 -81.90
N TYR F 1965 47.32 42.58 -80.81
CA TYR F 1965 47.62 43.23 -79.54
C TYR F 1965 48.91 42.68 -78.95
N VAL F 1966 49.19 41.39 -79.16
CA VAL F 1966 50.45 40.81 -78.73
C VAL F 1966 51.60 41.41 -79.51
N ASP F 1967 51.42 41.61 -80.81
CA ASP F 1967 52.46 42.28 -81.59
C ASP F 1967 52.76 43.66 -81.00
N LYS F 1968 51.70 44.43 -80.74
CA LYS F 1968 51.89 45.78 -80.20
C LYS F 1968 52.58 45.74 -78.84
N LEU F 1969 52.14 44.85 -77.95
CA LEU F 1969 52.73 44.75 -76.63
C LEU F 1969 54.19 44.33 -76.70
N GLN F 1970 54.50 43.39 -77.60
CA GLN F 1970 55.87 42.95 -77.74
C GLN F 1970 56.77 44.08 -78.19
N ALA F 1971 56.31 44.86 -79.17
CA ALA F 1971 57.11 46.00 -79.62
C ALA F 1971 57.31 47.01 -78.50
N ASN F 1972 56.24 47.31 -77.76
CA ASN F 1972 56.35 48.28 -76.68
C ASN F 1972 57.28 47.79 -75.59
N GLN F 1973 57.20 46.50 -75.25
CA GLN F 1973 58.06 45.95 -74.21
C GLN F 1973 59.51 45.99 -74.64
N ARG F 1974 59.79 45.66 -75.91
CA ARG F 1974 61.15 45.78 -76.41
C ARG F 1974 61.66 47.22 -76.29
N SER F 1975 60.85 48.18 -76.73
CA SER F 1975 61.28 49.57 -76.69
C SER F 1975 61.51 50.03 -75.25
N ARG F 1976 60.62 49.64 -74.34
CA ARG F 1976 60.75 50.05 -72.95
C ARG F 1976 61.98 49.43 -72.30
N TYR F 1977 62.27 48.16 -72.62
CA TYR F 1977 63.47 47.54 -72.11
C TYR F 1977 64.72 48.24 -72.63
N ALA F 1978 64.72 48.62 -73.91
CA ALA F 1978 65.86 49.33 -74.47
C ALA F 1978 66.04 50.68 -73.76
N LEU F 1979 64.94 51.41 -73.57
CA LEU F 1979 65.03 52.69 -72.89
C LEU F 1979 65.54 52.52 -71.47
N LEU F 1980 65.11 51.45 -70.79
CA LEU F 1980 65.59 51.20 -69.44
C LEU F 1980 67.08 50.87 -69.42
N MET F 1981 67.54 50.08 -70.39
CA MET F 1981 68.97 49.76 -70.45
C MET F 1981 69.78 51.00 -70.83
N ARG F 1982 69.12 52.01 -71.38
CA ARG F 1982 69.78 53.27 -71.63
C ARG F 1982 69.84 54.13 -70.37
N ALA F 1983 68.74 54.18 -69.62
CA ALA F 1983 68.55 55.16 -68.56
C ALA F 1983 68.69 54.58 -67.15
N PHE F 1984 69.18 53.35 -67.02
CA PHE F 1984 69.36 52.79 -65.68
C PHE F 1984 70.41 53.57 -64.89
N THR F 1985 71.29 54.29 -65.59
CA THR F 1985 72.43 54.92 -64.92
C THR F 1985 71.98 56.03 -63.97
N MET F 1986 70.99 56.84 -64.38
CA MET F 1986 70.48 57.89 -63.50
C MET F 1986 70.01 57.34 -62.16
N SER F 1987 69.09 56.37 -62.18
CA SER F 1987 68.48 55.87 -60.96
C SER F 1987 68.62 54.35 -60.95
N ALA F 1988 69.27 53.83 -59.90
CA ALA F 1988 69.46 52.39 -59.78
C ALA F 1988 68.41 51.73 -58.90
N ALA F 1989 67.70 52.51 -58.09
CA ALA F 1989 66.72 51.93 -57.16
C ALA F 1989 65.46 51.50 -57.90
N GLU F 1990 64.86 52.41 -58.67
CA GLU F 1990 63.61 52.09 -59.36
C GLU F 1990 63.85 51.08 -60.48
N THR F 1991 65.08 50.97 -60.97
CA THR F 1991 65.38 50.02 -62.02
C THR F 1991 65.07 48.60 -61.58
N ALA F 1992 65.26 48.31 -60.29
CA ALA F 1992 64.92 46.99 -59.76
C ALA F 1992 63.43 46.70 -59.94
N ARG F 1993 62.58 47.64 -59.53
CA ARG F 1993 61.14 47.43 -59.64
C ARG F 1993 60.72 47.32 -61.10
N ARG F 1994 61.34 48.14 -61.95
CA ARG F 1994 61.10 48.04 -63.39
C ARG F 1994 61.44 46.67 -63.93
N THR F 1995 62.65 46.19 -63.61
CA THR F 1995 63.12 44.91 -64.09
C THR F 1995 62.37 43.74 -63.48
N ARG F 1996 61.61 43.96 -62.42
CA ARG F 1996 60.69 42.92 -61.95
C ARG F 1996 59.85 42.39 -63.10
N GLU F 1997 59.40 43.29 -63.98
CA GLU F 1997 58.59 42.88 -65.12
C GLU F 1997 59.35 41.94 -66.04
N PHE F 1998 60.55 42.35 -66.49
CA PHE F 1998 61.30 41.54 -67.43
C PHE F 1998 61.84 40.27 -66.78
N ARG F 1999 61.86 40.23 -65.45
CA ARG F 1999 62.29 39.03 -64.76
C ARG F 1999 61.11 38.11 -64.48
N SER F 2000 59.90 38.62 -64.41
CA SER F 2000 58.80 37.73 -64.07
C SER F 2000 58.49 36.75 -65.22
N PRO F 2001 57.78 35.66 -64.95
CA PRO F 2001 57.39 34.75 -66.03
C PRO F 2001 56.55 35.51 -67.07
N PRO F 2002 56.61 35.09 -68.34
CA PRO F 2002 55.84 35.82 -69.35
C PRO F 2002 54.36 35.90 -69.05
N GLN F 2003 53.77 34.84 -68.50
CA GLN F 2003 52.35 34.87 -68.17
C GLN F 2003 52.07 35.96 -67.15
N GLU F 2004 52.92 36.07 -66.13
CA GLU F 2004 52.76 37.12 -65.13
C GLU F 2004 52.99 38.50 -65.72
N GLN F 2005 53.94 38.62 -66.66
CA GLN F 2005 54.13 39.89 -67.35
C GLN F 2005 52.86 40.30 -68.09
N ILE F 2006 52.24 39.34 -68.79
CA ILE F 2006 51.02 39.64 -69.53
C ILE F 2006 49.91 40.04 -68.57
N ASN F 2007 49.79 39.30 -67.46
CA ASN F 2007 48.79 39.62 -66.45
C ASN F 2007 48.96 41.05 -65.94
N MET F 2008 50.19 41.41 -65.57
CA MET F 2008 50.45 42.75 -65.07
C MET F 2008 50.14 43.79 -66.14
N LEU F 2009 50.52 43.52 -67.39
CA LEU F 2009 50.27 44.48 -68.46
C LEU F 2009 48.78 44.67 -68.70
N LEU F 2010 47.99 43.60 -68.55
CA LEU F 2010 46.55 43.68 -68.76
C LEU F 2010 45.79 44.18 -67.54
N HIS F 2011 46.45 44.24 -66.38
CA HIS F 2011 45.80 44.64 -65.13
C HIS F 2011 45.62 46.16 -65.09
N PHE F 2012 44.67 46.65 -65.89
CA PHE F 2012 44.27 48.05 -65.86
C PHE F 2012 42.78 48.27 -66.04
N LYS F 2013 41.95 47.24 -65.83
CA LYS F 2013 40.53 47.38 -66.08
C LYS F 2013 39.86 48.32 -65.07
N ASP F 2014 40.15 48.14 -63.79
CA ASP F 2014 39.39 48.80 -62.74
C ASP F 2014 39.67 50.29 -62.61
N GLU F 2015 40.74 50.79 -63.22
CA GLU F 2015 41.08 52.21 -63.17
C GLU F 2015 41.65 52.59 -61.80
N ALA F 2016 41.60 51.68 -60.84
CA ALA F 2016 42.22 51.92 -59.54
C ALA F 2016 43.68 51.52 -59.55
N ASP F 2017 44.03 50.50 -60.34
CA ASP F 2017 45.40 50.03 -60.48
C ASP F 2017 45.94 50.25 -61.88
N GLU F 2018 45.33 51.16 -62.64
CA GLU F 2018 45.80 51.41 -64.01
C GLU F 2018 47.18 52.06 -64.01
N GLU F 2019 47.45 52.92 -63.03
CA GLU F 2019 48.69 53.69 -63.04
C GLU F 2019 49.91 52.78 -63.01
N ASP F 2020 49.86 51.69 -62.24
CA ASP F 2020 51.02 50.82 -62.11
C ASP F 2020 51.37 50.17 -63.45
N CYS F 2021 50.37 49.97 -64.29
CA CYS F 2021 50.62 49.35 -65.59
C CYS F 2021 51.49 50.26 -66.46
N PRO F 2022 52.60 49.76 -67.00
CA PRO F 2022 53.44 50.62 -67.85
C PRO F 2022 52.77 51.06 -69.13
N LEU F 2023 51.80 50.29 -69.62
CA LEU F 2023 51.30 50.46 -70.98
C LEU F 2023 50.69 51.85 -71.19
N PRO F 2024 50.79 52.39 -72.40
CA PRO F 2024 50.19 53.70 -72.68
C PRO F 2024 48.69 53.59 -72.95
N GLU F 2025 48.08 54.79 -72.98
CA GLU F 2025 46.63 54.88 -73.06
C GLU F 2025 46.10 54.35 -74.39
N ASP F 2026 46.85 54.50 -75.47
CA ASP F 2026 46.38 54.00 -76.76
C ASP F 2026 46.28 52.48 -76.76
N ILE F 2027 47.34 51.80 -76.28
CA ILE F 2027 47.31 50.35 -76.20
C ILE F 2027 46.19 49.90 -75.28
N ARG F 2028 46.04 50.57 -74.13
CA ARG F 2028 44.96 50.20 -73.21
C ARG F 2028 43.59 50.41 -73.85
N GLN F 2029 43.41 51.50 -74.60
CA GLN F 2029 42.11 51.84 -75.15
C GLN F 2029 41.74 50.90 -76.28
N ASP F 2030 42.73 50.37 -77.00
CA ASP F 2030 42.42 49.38 -78.02
C ASP F 2030 41.73 48.17 -77.38
N LEU F 2031 42.29 47.66 -76.30
CA LEU F 2031 41.68 46.54 -75.59
C LEU F 2031 40.31 46.92 -75.02
N GLN F 2032 40.19 48.12 -74.46
CA GLN F 2032 38.91 48.55 -73.93
C GLN F 2032 37.85 48.58 -75.03
N ASP F 2033 38.20 49.11 -76.20
CA ASP F 2033 37.27 49.19 -77.31
C ASP F 2033 36.86 47.80 -77.77
N PHE F 2034 37.83 46.89 -77.88
CA PHE F 2034 37.49 45.53 -78.30
C PHE F 2034 36.58 44.86 -77.28
N HIS F 2035 36.84 45.10 -75.99
CA HIS F 2035 35.99 44.51 -74.96
C HIS F 2035 34.57 45.03 -75.06
N GLN F 2036 34.42 46.34 -75.28
CA GLN F 2036 33.09 46.91 -75.46
C GLN F 2036 32.39 46.30 -76.67
N ASP F 2037 33.13 46.15 -77.77
CA ASP F 2037 32.55 45.57 -78.98
C ASP F 2037 32.11 44.14 -78.75
N LEU F 2038 32.91 43.37 -78.01
CA LEU F 2038 32.56 41.99 -77.69
C LEU F 2038 31.30 41.94 -76.83
N LEU F 2039 31.23 42.81 -75.82
CA LEU F 2039 30.02 42.85 -75.00
C LEU F 2039 28.80 43.19 -75.83
N ALA F 2040 28.94 44.11 -76.78
CA ALA F 2040 27.84 44.43 -77.68
C ALA F 2040 27.46 43.23 -78.54
N HIS F 2041 28.46 42.54 -79.10
CA HIS F 2041 28.18 41.35 -79.90
C HIS F 2041 27.42 40.31 -79.10
N CYS F 2042 27.78 40.15 -77.82
CA CYS F 2042 27.12 39.19 -76.96
C CYS F 2042 25.82 39.73 -76.37
N GLY F 2043 25.51 41.01 -76.59
CA GLY F 2043 24.24 41.57 -76.21
C GLY F 2043 24.20 42.18 -74.82
N ILE F 2044 25.31 42.11 -74.07
CA ILE F 2044 25.30 42.64 -72.71
C ILE F 2044 25.05 44.14 -72.73
N GLN F 2045 25.71 44.85 -73.64
CA GLN F 2045 25.62 46.30 -73.66
C GLN F 2045 24.19 46.73 -73.96
N LEU F 2046 23.72 47.73 -73.24
CA LEU F 2046 22.38 48.27 -73.40
C LEU F 2046 22.17 48.79 -74.81
N GLU F 2088 12.86 48.74 -80.94
CA GLU F 2088 11.86 48.33 -81.92
C GLU F 2088 11.33 46.94 -81.57
N LYS F 2089 10.05 46.70 -81.89
CA LYS F 2089 9.44 45.42 -81.55
C LYS F 2089 10.09 44.29 -82.33
N LYS F 2090 10.43 44.51 -83.60
CA LYS F 2090 10.99 43.43 -84.41
C LYS F 2090 12.38 43.06 -83.88
N PRO F 2091 12.68 41.75 -83.77
CA PRO F 2091 13.94 41.34 -83.12
C PRO F 2091 15.18 42.08 -83.60
N GLN F 2092 15.43 42.07 -84.92
CA GLN F 2092 16.63 42.61 -85.55
C GLN F 2092 17.87 41.78 -85.25
N SER F 2093 17.77 40.72 -84.45
CA SER F 2093 18.94 39.93 -84.11
C SER F 2093 18.53 38.49 -83.84
N LEU F 2094 19.50 37.59 -84.03
CA LEU F 2094 19.25 36.17 -83.86
C LEU F 2094 18.91 35.84 -82.40
N GLN F 2095 19.60 36.47 -81.45
CA GLN F 2095 19.34 36.20 -80.05
C GLN F 2095 17.90 36.55 -79.68
N GLU F 2096 17.47 37.77 -80.04
CA GLU F 2096 16.11 38.19 -79.76
C GLU F 2096 15.10 37.31 -80.48
N LEU F 2097 15.39 36.96 -81.73
CA LEU F 2097 14.49 36.09 -82.47
C LEU F 2097 14.32 34.74 -81.77
N VAL F 2098 15.42 34.13 -81.35
CA VAL F 2098 15.35 32.82 -80.73
C VAL F 2098 14.61 32.90 -79.40
N SER F 2099 14.93 33.90 -78.59
CA SER F 2099 14.25 34.05 -77.30
C SER F 2099 12.76 34.21 -77.50
N HIS F 2100 12.38 35.12 -78.41
CA HIS F 2100 10.96 35.38 -78.66
CA HIS F 2100 10.96 35.37 -78.65
C HIS F 2100 10.27 34.13 -79.20
N MET F 2101 10.94 33.41 -80.10
CA MET F 2101 10.36 32.19 -80.65
C MET F 2101 10.09 31.17 -79.56
N VAL F 2102 11.07 30.93 -78.70
CA VAL F 2102 10.91 29.91 -77.66
C VAL F 2102 9.78 30.32 -76.72
N VAL F 2103 9.78 31.58 -76.29
CA VAL F 2103 8.75 32.04 -75.37
C VAL F 2103 7.37 31.96 -76.01
N ARG F 2104 7.28 32.34 -77.29
CA ARG F 2104 5.99 32.30 -77.98
C ARG F 2104 5.50 30.87 -78.11
N TRP F 2105 6.39 29.93 -78.44
CA TRP F 2105 6.00 28.53 -78.55
C TRP F 2105 5.45 28.02 -77.23
N ALA F 2106 6.20 28.24 -76.16
CA ALA F 2106 5.77 27.75 -74.85
C ALA F 2106 4.46 28.40 -74.43
N GLN F 2107 4.31 29.71 -74.70
CA GLN F 2107 3.07 30.39 -74.38
C GLN F 2107 1.91 29.82 -75.18
N GLU F 2108 2.15 29.49 -76.45
CA GLU F 2108 1.06 29.05 -77.32
C GLU F 2108 0.61 27.65 -76.96
N ASP F 2109 1.53 26.78 -76.54
CA ASP F 2109 1.14 25.42 -76.25
C ASP F 2109 2.04 24.81 -75.19
N TYR F 2110 1.49 23.81 -74.51
CA TYR F 2110 2.25 23.00 -73.55
C TYR F 2110 2.94 21.90 -74.32
N VAL F 2111 4.26 22.05 -74.50
CA VAL F 2111 5.02 21.10 -75.31
C VAL F 2111 5.01 19.73 -74.64
N GLN F 2112 4.70 18.71 -75.43
CA GLN F 2112 4.69 17.33 -74.95
C GLN F 2112 5.95 16.56 -75.36
N SER F 2113 6.93 17.24 -75.95
CA SER F 2113 8.16 16.60 -76.37
C SER F 2113 9.31 17.02 -75.47
N PRO F 2114 9.78 16.16 -74.57
CA PRO F 2114 10.89 16.56 -73.69
C PRO F 2114 12.14 16.94 -74.46
N GLU F 2115 12.41 16.28 -75.58
CA GLU F 2115 13.56 16.63 -76.39
C GLU F 2115 13.45 18.06 -76.90
N LEU F 2116 12.28 18.43 -77.41
CA LEU F 2116 12.06 19.79 -77.87
C LEU F 2116 12.19 20.78 -76.72
N VAL F 2117 11.66 20.43 -75.54
CA VAL F 2117 11.78 21.30 -74.38
C VAL F 2117 13.26 21.55 -74.06
N ARG F 2118 14.03 20.47 -74.01
CA ARG F 2118 15.46 20.58 -73.73
C ARG F 2118 16.14 21.49 -74.75
N ALA F 2119 15.89 21.26 -76.03
CA ALA F 2119 16.57 22.02 -77.07
C ALA F 2119 16.21 23.50 -77.01
N MET F 2120 14.91 23.79 -76.88
CA MET F 2120 14.47 25.18 -76.88
C MET F 2120 15.02 25.93 -75.68
N PHE F 2121 15.03 25.29 -74.51
CA PHE F 2121 15.52 25.97 -73.32
C PHE F 2121 17.04 26.10 -73.35
N SER F 2122 17.73 25.15 -73.98
CA SER F 2122 19.17 25.30 -74.20
C SER F 2122 19.45 26.52 -75.07
N LEU F 2123 18.71 26.67 -76.16
CA LEU F 2123 18.89 27.84 -77.01
C LEU F 2123 18.62 29.13 -76.23
N LEU F 2124 17.56 29.13 -75.42
CA LEU F 2124 17.24 30.32 -74.65
C LEU F 2124 18.37 30.67 -73.68
N HIS F 2125 18.92 29.65 -73.02
CA HIS F 2125 20.05 29.89 -72.12
C HIS F 2125 21.23 30.46 -72.88
N ARG F 2126 21.52 29.93 -74.07
CA ARG F 2126 22.64 30.44 -74.84
C ARG F 2126 22.42 31.90 -75.22
N GLN F 2127 21.20 32.25 -75.62
CA GLN F 2127 20.93 33.63 -76.00
C GLN F 2127 21.07 34.57 -74.79
N TYR F 2128 20.57 34.15 -73.63
CA TYR F 2128 20.65 35.01 -72.46
C TYR F 2128 22.05 35.07 -71.87
N ASP F 2129 22.90 34.09 -72.14
CA ASP F 2129 24.26 34.05 -71.61
C ASP F 2129 25.24 33.80 -72.76
N GLY F 2130 25.69 34.90 -73.38
CA GLY F 2130 26.69 34.78 -74.42
C GLY F 2130 28.10 34.79 -73.87
N LEU F 2131 28.33 35.63 -72.86
CA LEU F 2131 29.66 35.71 -72.26
C LEU F 2131 30.06 34.39 -71.62
N GLY F 2132 29.12 33.74 -70.92
CA GLY F 2132 29.44 32.47 -70.28
C GLY F 2132 29.76 31.37 -71.28
N GLU F 2133 29.02 31.32 -72.38
CA GLU F 2133 29.30 30.32 -73.40
C GLU F 2133 30.69 30.49 -73.98
N LEU F 2134 31.07 31.74 -74.27
CA LEU F 2134 32.41 32.01 -74.75
C LEU F 2134 33.46 31.65 -73.70
N LEU F 2135 33.16 31.96 -72.43
CA LEU F 2135 34.10 31.65 -71.36
C LEU F 2135 34.31 30.16 -71.22
N ARG F 2136 33.28 29.36 -71.47
CA ARG F 2136 33.40 27.91 -71.41
C ARG F 2136 33.99 27.32 -72.68
N ALA F 2137 33.93 28.06 -73.79
CA ALA F 2137 34.54 27.58 -75.03
C ALA F 2137 36.03 27.90 -75.07
N LEU F 2138 36.45 28.98 -74.41
CA LEU F 2138 37.84 29.39 -74.44
C LEU F 2138 38.82 28.28 -74.07
N PRO F 2139 38.57 27.44 -73.06
CA PRO F 2139 39.53 26.37 -72.75
C PRO F 2139 39.81 25.48 -73.95
N ARG F 2140 38.84 25.36 -74.87
CA ARG F 2140 38.99 24.56 -76.07
C ARG F 2140 39.57 25.35 -77.23
N ALA F 2141 40.20 26.49 -76.95
CA ALA F 2141 40.76 27.36 -77.98
C ALA F 2141 42.27 27.34 -77.89
N TYR F 2142 42.92 27.25 -79.06
CA TYR F 2142 44.37 27.20 -79.14
C TYR F 2142 44.83 27.85 -80.42
N THR F 2143 45.88 28.65 -80.32
CA THR F 2143 46.46 29.33 -81.46
C THR F 2143 47.74 28.63 -81.88
N ILE F 2144 47.88 28.38 -83.18
CA ILE F 2144 49.06 27.71 -83.72
C ILE F 2144 49.63 28.58 -84.83
N SER F 2145 50.90 28.30 -85.16
CA SER F 2145 51.52 28.94 -86.29
C SER F 2145 51.04 28.28 -87.58
N PRO F 2146 51.08 29.01 -88.71
CA PRO F 2146 50.67 28.40 -89.98
C PRO F 2146 51.55 27.25 -90.41
N SER F 2147 52.75 27.12 -89.85
CA SER F 2147 53.69 26.08 -90.24
C SER F 2147 53.41 24.74 -89.57
N SER F 2148 52.42 24.68 -88.68
CA SER F 2148 52.03 23.44 -88.01
C SER F 2148 50.69 22.92 -88.49
N VAL F 2149 50.12 23.54 -89.52
CA VAL F 2149 48.75 23.20 -89.93
C VAL F 2149 48.67 21.78 -90.45
N GLU F 2150 49.63 21.37 -91.27
CA GLU F 2150 49.56 20.03 -91.87
C GLU F 2150 49.66 18.94 -90.81
N ASP F 2151 50.62 19.08 -89.89
CA ASP F 2151 50.77 18.09 -88.83
C ASP F 2151 49.55 18.10 -87.91
N THR F 2152 49.03 19.28 -87.62
CA THR F 2152 47.83 19.38 -86.79
C THR F 2152 46.66 18.67 -87.46
N MET F 2153 46.51 18.83 -88.78
CA MET F 2153 45.43 18.19 -89.49
C MET F 2153 45.57 16.68 -89.49
N SER F 2154 46.79 16.18 -89.69
CA SER F 2154 47.01 14.73 -89.62
C SER F 2154 46.66 14.20 -88.23
N LEU F 2155 47.09 14.92 -87.20
CA LEU F 2155 46.77 14.53 -85.83
C LEU F 2155 45.26 14.53 -85.61
N LEU F 2156 44.58 15.53 -86.18
CA LEU F 2156 43.14 15.62 -86.02
C LEU F 2156 42.44 14.46 -86.71
N GLU F 2157 42.91 14.05 -87.89
CA GLU F 2157 42.35 12.90 -88.56
C GLU F 2157 42.52 11.64 -87.72
N CYS F 2158 43.72 11.44 -87.17
CA CYS F 2158 43.95 10.27 -86.32
C CYS F 2158 43.04 10.30 -85.09
N LEU F 2159 42.90 11.46 -84.47
CA LEU F 2159 42.03 11.59 -83.31
C LEU F 2159 40.58 11.33 -83.68
N GLY F 2160 40.15 11.77 -84.86
CA GLY F 2160 38.80 11.46 -85.31
C GLY F 2160 38.58 9.96 -85.47
N GLN F 2161 39.57 9.27 -86.03
CA GLN F 2161 39.48 7.82 -86.12
C GLN F 2161 39.33 7.20 -84.74
N ILE F 2162 40.16 7.63 -83.79
CA ILE F 2162 40.10 7.08 -82.44
C ILE F 2162 38.73 7.35 -81.82
N ARG F 2163 38.24 8.58 -81.97
CA ARG F 2163 36.93 8.93 -81.41
C ARG F 2163 35.83 8.07 -82.01
N SER F 2164 35.92 7.81 -83.32
CA SER F 2164 34.94 6.92 -83.95
C SER F 2164 35.03 5.52 -83.38
N LEU F 2165 36.23 5.08 -82.99
CA LEU F 2165 36.38 3.73 -82.47
C LEU F 2165 35.67 3.53 -81.13
N LEU F 2166 35.21 4.59 -80.46
CA LEU F 2166 34.53 4.41 -79.18
C LEU F 2166 33.20 3.73 -79.34
N ILE F 2167 32.40 4.17 -80.32
CA ILE F 2167 31.02 3.69 -80.43
C ILE F 2167 30.98 2.21 -80.78
N VAL F 2168 31.85 1.78 -81.70
CA VAL F 2168 31.81 0.39 -82.15
C VAL F 2168 32.56 -0.50 -81.16
N GLN F 2169 32.16 -1.78 -81.12
CA GLN F 2169 32.89 -2.77 -80.33
C GLN F 2169 34.22 -3.08 -81.00
N MET F 2170 35.24 -3.29 -80.17
CA MET F 2170 36.59 -3.46 -80.69
C MET F 2170 36.72 -4.80 -81.40
N GLY F 2171 37.43 -4.77 -82.53
CA GLY F 2171 37.75 -5.96 -83.28
C GLY F 2171 39.18 -5.90 -83.76
N PRO F 2172 39.61 -6.90 -84.53
CA PRO F 2172 40.96 -6.87 -85.12
C PRO F 2172 41.26 -5.63 -85.97
N GLN F 2173 40.34 -5.34 -86.88
CA GLN F 2173 40.39 -4.12 -87.68
C GLN F 2173 40.47 -2.85 -86.83
N GLU F 2174 39.60 -2.72 -85.88
CA GLU F 2174 39.59 -1.50 -85.07
C GLU F 2174 40.88 -1.39 -84.25
N GLU F 2175 41.37 -2.52 -83.76
CA GLU F 2175 42.63 -2.52 -83.02
C GLU F 2175 43.78 -2.08 -83.89
N ASN F 2176 43.84 -2.57 -85.13
CA ASN F 2176 44.91 -2.18 -86.03
C ASN F 2176 44.84 -0.70 -86.34
N LEU F 2177 43.63 -0.18 -86.60
CA LEU F 2177 43.49 1.24 -86.88
C LEU F 2177 43.89 2.08 -85.68
N MET F 2178 43.51 1.63 -84.48
CA MET F 2178 43.87 2.34 -83.26
C MET F 2178 45.38 2.39 -83.08
N ILE F 2179 46.05 1.25 -83.27
CA ILE F 2179 47.49 1.19 -83.16
C ILE F 2179 48.13 2.12 -84.18
N GLN F 2180 47.62 2.13 -85.40
CA GLN F 2180 48.16 2.99 -86.44
C GLN F 2180 48.01 4.46 -86.07
N SER F 2181 46.84 4.83 -85.55
CA SER F 2181 46.60 6.23 -85.19
C SER F 2181 47.53 6.65 -84.07
N ILE F 2182 47.69 5.79 -83.05
CA ILE F 2182 48.60 6.08 -81.96
C ILE F 2182 50.02 6.26 -82.48
N GLY F 2183 50.44 5.37 -83.38
CA GLY F 2183 51.79 5.47 -83.91
C GLY F 2183 52.02 6.75 -84.69
N ASN F 2184 51.06 7.11 -85.54
CA ASN F 2184 51.18 8.34 -86.31
C ASN F 2184 51.21 9.56 -85.39
N ILE F 2185 50.36 9.56 -84.36
CA ILE F 2185 50.35 10.67 -83.42
C ILE F 2185 51.70 10.79 -82.72
N MET F 2186 52.24 9.66 -82.25
CA MET F 2186 53.54 9.67 -81.62
C MET F 2186 54.63 10.17 -82.55
N ASN F 2187 54.57 9.80 -83.82
CA ASN F 2187 55.55 10.30 -84.78
C ASN F 2187 55.40 11.80 -85.00
N ASN F 2188 54.17 12.31 -84.90
CA ASN F 2188 53.95 13.74 -85.08
C ASN F 2188 54.68 14.54 -84.01
N LYS F 2189 55.33 15.62 -84.44
CA LYS F 2189 56.01 16.50 -83.49
C LYS F 2189 55.02 17.26 -82.62
N VAL F 2190 53.86 17.61 -83.18
CA VAL F 2190 52.92 18.48 -82.47
C VAL F 2190 52.49 17.85 -81.16
N PHE F 2191 52.41 16.51 -81.14
CA PHE F 2191 52.03 15.82 -79.92
C PHE F 2191 52.93 16.22 -78.76
N TYR F 2192 54.24 16.27 -79.01
CA TYR F 2192 55.19 16.62 -77.97
C TYR F 2192 55.25 18.13 -77.76
N GLN F 2193 55.09 18.91 -78.83
CA GLN F 2193 55.22 20.36 -78.72
C GLN F 2193 54.03 20.99 -78.01
N HIS F 2194 52.85 20.42 -78.15
CA HIS F 2194 51.60 21.06 -77.71
C HIS F 2194 50.80 20.09 -76.84
N PRO F 2195 51.33 19.73 -75.67
CA PRO F 2195 50.54 18.88 -74.76
C PRO F 2195 49.30 19.57 -74.22
N ASN F 2196 49.33 20.90 -74.10
CA ASN F 2196 48.13 21.61 -73.66
C ASN F 2196 47.01 21.43 -74.67
N LEU F 2197 47.34 21.50 -75.96
CA LEU F 2197 46.35 21.26 -77.00
C LEU F 2197 45.82 19.84 -76.92
N MET F 2198 46.70 18.88 -76.63
CA MET F 2198 46.24 17.50 -76.48
C MET F 2198 45.23 17.37 -75.35
N ARG F 2199 45.54 17.97 -74.20
CA ARG F 2199 44.60 17.91 -73.09
C ARG F 2199 43.28 18.59 -73.44
N ALA F 2200 43.35 19.73 -74.11
CA ALA F 2200 42.12 20.40 -74.55
C ALA F 2200 41.31 19.50 -75.47
N LEU F 2201 41.99 18.81 -76.39
CA LEU F 2201 41.33 17.87 -77.28
C LEU F 2201 40.80 16.65 -76.56
N GLY F 2202 41.28 16.38 -75.35
CA GLY F 2202 40.79 15.25 -74.59
C GLY F 2202 41.25 13.91 -75.11
N MET F 2203 42.45 13.86 -75.70
CA MET F 2203 42.89 12.62 -76.34
C MET F 2203 43.13 11.52 -75.32
N HIS F 2204 43.77 11.86 -74.20
CA HIS F 2204 44.08 10.85 -73.20
C HIS F 2204 42.82 10.21 -72.64
N GLU F 2205 41.79 11.01 -72.37
CA GLU F 2205 40.54 10.45 -71.87
C GLU F 2205 39.92 9.50 -72.88
N THR F 2206 39.99 9.86 -74.17
CA THR F 2206 39.45 8.99 -75.20
C THR F 2206 40.18 7.65 -75.26
N VAL F 2207 41.51 7.69 -75.26
CA VAL F 2207 42.29 6.45 -75.26
C VAL F 2207 41.94 5.63 -74.04
N MET F 2208 41.81 6.30 -72.91
CA MET F 2208 41.49 5.67 -71.65
C MET F 2208 40.19 4.90 -71.77
N GLU F 2209 39.14 5.58 -72.27
CA GLU F 2209 37.82 4.99 -72.38
C GLU F 2209 37.83 3.81 -73.31
N VAL F 2210 38.53 3.92 -74.45
CA VAL F 2210 38.63 2.79 -75.36
C VAL F 2210 39.22 1.59 -74.63
N MET F 2211 40.35 1.81 -73.96
CA MET F 2211 41.04 0.71 -73.30
C MET F 2211 40.15 0.05 -72.27
N VAL F 2212 39.53 0.84 -71.39
CA VAL F 2212 38.73 0.28 -70.31
C VAL F 2212 37.49 -0.42 -70.86
N ASN F 2213 36.89 0.14 -71.92
CA ASN F 2213 35.74 -0.51 -72.53
C ASN F 2213 36.13 -1.88 -73.05
N VAL F 2214 37.30 -1.98 -73.68
CA VAL F 2214 37.78 -3.26 -74.19
C VAL F 2214 38.01 -4.23 -73.05
N LEU F 2215 38.67 -3.78 -71.98
CA LEU F 2215 38.93 -4.65 -70.85
C LEU F 2215 37.65 -5.18 -70.22
N GLY F 2216 36.68 -4.30 -70.02
CA GLY F 2216 35.47 -4.67 -69.29
C GLY F 2216 34.75 -5.86 -69.90
N GLY F 2217 34.64 -5.88 -71.22
CA GLY F 2217 33.98 -7.00 -71.87
C GLY F 2217 34.69 -8.31 -71.57
N GLY F 2218 33.96 -9.24 -70.94
CA GLY F 2218 34.50 -10.54 -70.61
C GLY F 2218 35.85 -10.49 -69.94
N GLU F 2219 36.01 -9.61 -68.96
CA GLU F 2219 37.31 -9.46 -68.31
C GLU F 2219 37.71 -10.73 -67.57
N THR F 2220 36.73 -11.46 -67.03
CA THR F 2220 37.06 -12.68 -66.29
C THR F 2220 37.66 -13.74 -67.20
N LYS F 2221 37.07 -13.95 -68.39
CA LYS F 2221 37.55 -15.01 -69.27
C LYS F 2221 38.97 -14.76 -69.72
N GLU F 2222 39.24 -13.58 -70.26
CA GLU F 2222 40.56 -13.27 -70.82
C GLU F 2222 40.56 -11.80 -71.19
N ILE F 2223 41.77 -11.23 -71.25
CA ILE F 2223 41.96 -9.83 -71.62
C ILE F 2223 42.47 -9.81 -73.05
N ARG F 2224 41.55 -9.62 -74.00
CA ARG F 2224 41.89 -9.59 -75.41
C ARG F 2224 42.55 -8.25 -75.76
N PHE F 2225 43.00 -8.16 -77.00
CA PHE F 2225 43.60 -6.94 -77.52
C PHE F 2225 44.71 -6.44 -76.60
N PRO F 2226 45.57 -7.34 -76.13
CA PRO F 2226 46.72 -6.89 -75.33
C PRO F 2226 47.66 -5.99 -76.11
N LYS F 2227 47.76 -6.17 -77.42
CA LYS F 2227 48.51 -5.24 -78.24
C LYS F 2227 47.91 -3.84 -78.15
N MET F 2228 46.58 -3.77 -78.22
CA MET F 2228 45.90 -2.48 -78.07
C MET F 2228 46.22 -1.86 -76.72
N VAL F 2229 46.17 -2.65 -75.66
CA VAL F 2229 46.44 -2.10 -74.33
C VAL F 2229 47.89 -1.63 -74.22
N THR F 2230 48.81 -2.39 -74.81
CA THR F 2230 50.21 -2.01 -74.78
C THR F 2230 50.42 -0.68 -75.50
N SER F 2231 49.75 -0.52 -76.65
CA SER F 2231 49.76 0.78 -77.31
C SER F 2231 49.12 1.84 -76.40
N CYS F 2232 48.13 1.44 -75.61
CA CYS F 2232 47.41 2.40 -74.78
C CYS F 2232 48.30 3.03 -73.71
N CYS F 2233 49.11 2.23 -72.99
CA CYS F 2233 50.29 2.91 -72.47
C CYS F 2233 51.10 3.63 -73.49
N ARG F 2234 51.81 2.95 -74.38
CA ARG F 2234 52.89 3.71 -75.00
C ARG F 2234 52.42 5.14 -75.22
N PHE F 2235 51.18 5.30 -75.68
CA PHE F 2235 50.58 6.63 -75.72
C PHE F 2235 50.55 7.30 -74.36
N LEU F 2236 49.77 6.77 -73.40
CA LEU F 2236 49.52 7.47 -72.14
C LEU F 2236 50.72 7.42 -71.20
N CYS F 2237 51.32 6.25 -71.11
CA CYS F 2237 52.49 6.00 -70.29
C CYS F 2237 53.74 6.72 -70.86
N TYR F 2238 53.65 7.38 -72.05
CA TYR F 2238 54.60 8.43 -72.43
C TYR F 2238 54.03 9.84 -72.25
N PHE F 2239 52.72 9.98 -72.47
CA PHE F 2239 52.04 11.26 -72.33
C PHE F 2239 52.25 11.85 -70.95
N CYS F 2240 52.33 10.98 -69.94
CA CYS F 2240 52.65 11.44 -68.60
C CYS F 2240 54.06 12.02 -68.52
N ARG F 2241 55.01 11.44 -69.25
CA ARG F 2241 56.38 11.94 -69.24
C ARG F 2241 56.53 13.23 -70.02
N ILE F 2242 55.68 13.47 -71.02
CA ILE F 2242 55.83 14.67 -71.83
C ILE F 2242 55.79 15.92 -70.96
N SER F 2243 54.83 15.99 -70.04
CA SER F 2243 54.68 17.15 -69.19
C SER F 2243 54.16 16.73 -67.83
N ARG F 2244 54.49 17.54 -66.81
CA ARG F 2244 53.95 17.30 -65.48
C ARG F 2244 52.46 17.56 -65.42
N GLN F 2245 51.98 18.56 -66.18
CA GLN F 2245 50.54 18.80 -66.26
C GLN F 2245 49.81 17.61 -66.86
N ASN F 2246 50.38 17.02 -67.90
CA ASN F 2246 49.82 15.78 -68.44
C ASN F 2246 49.85 14.68 -67.39
N GLN F 2247 50.94 14.61 -66.63
CA GLN F 2247 51.06 13.62 -65.58
C GLN F 2247 49.98 13.84 -64.52
N ARG F 2248 49.73 15.10 -64.18
CA ARG F 2248 48.66 15.43 -63.23
C ARG F 2248 47.29 15.02 -63.78
N SER F 2249 47.05 15.31 -65.06
CA SER F 2249 45.79 14.96 -65.68
C SER F 2249 45.54 13.47 -65.60
N MET F 2250 46.59 12.67 -65.87
CA MET F 2250 46.43 11.22 -65.79
C MET F 2250 46.30 10.76 -64.33
N PHE F 2251 47.00 11.44 -63.42
CA PHE F 2251 46.87 11.15 -62.00
C PHE F 2251 45.43 11.31 -61.53
N ASP F 2252 44.74 12.30 -62.08
CA ASP F 2252 43.36 12.55 -61.67
C ASP F 2252 42.51 11.31 -61.83
N HIS F 2253 42.86 10.45 -62.79
CA HIS F 2253 42.10 9.24 -63.07
C HIS F 2253 42.69 8.00 -62.42
N LEU F 2254 43.48 8.17 -61.36
CA LEU F 2254 44.19 7.04 -60.77
C LEU F 2254 43.23 5.95 -60.32
N SER F 2255 42.19 6.32 -59.58
CA SER F 2255 41.24 5.32 -59.10
C SER F 2255 40.61 4.55 -60.25
N TYR F 2256 40.28 5.26 -61.34
CA TYR F 2256 39.67 4.60 -62.49
C TYR F 2256 40.61 3.55 -63.06
N LEU F 2257 41.91 3.86 -63.11
CA LEU F 2257 42.88 2.91 -63.63
C LEU F 2257 43.03 1.70 -62.72
N LEU F 2258 43.06 1.93 -61.41
CA LEU F 2258 43.38 0.84 -60.49
C LEU F 2258 42.32 -0.25 -60.50
N GLU F 2259 41.03 0.13 -60.57
CA GLU F 2259 39.97 -0.87 -60.55
C GLU F 2259 40.03 -1.76 -61.78
N ASN F 2260 40.41 -1.20 -62.92
CA ASN F 2260 40.61 -2.02 -64.12
C ASN F 2260 41.93 -2.77 -64.08
N SER F 2261 42.88 -2.32 -63.26
CA SER F 2261 44.21 -2.92 -63.24
C SER F 2261 44.20 -4.36 -62.74
N GLY F 2262 43.22 -4.72 -61.92
CA GLY F 2262 43.27 -6.02 -61.25
C GLY F 2262 43.38 -7.18 -62.22
N ILE F 2263 42.59 -7.16 -63.29
CA ILE F 2263 42.56 -8.28 -64.22
C ILE F 2263 43.77 -8.24 -65.14
N GLY F 2264 44.31 -7.04 -65.41
CA GLY F 2264 45.35 -6.91 -66.41
C GLY F 2264 46.68 -7.51 -65.98
N LEU F 2265 46.74 -8.06 -64.76
CA LEU F 2265 47.97 -8.66 -64.27
C LEU F 2265 48.58 -9.68 -65.23
N GLY F 2266 47.78 -10.63 -65.72
CA GLY F 2266 48.35 -11.71 -66.53
C GLY F 2266 48.98 -11.19 -67.82
N MET F 2267 48.26 -10.30 -68.49
CA MET F 2267 48.59 -9.70 -69.77
C MET F 2267 49.93 -8.95 -69.72
N GLN F 2268 50.95 -9.56 -70.35
CA GLN F 2268 52.35 -9.11 -70.22
CA GLN F 2268 52.35 -9.11 -70.22
C GLN F 2268 52.57 -7.86 -71.07
N GLY F 2269 53.30 -6.89 -70.51
CA GLY F 2269 53.60 -5.63 -71.18
C GLY F 2269 53.20 -4.42 -70.38
N SER F 2270 52.89 -3.32 -71.08
CA SER F 2270 52.54 -2.09 -70.42
C SER F 2270 51.06 -2.09 -70.04
N THR F 2271 50.79 -1.80 -68.78
CA THR F 2271 49.48 -2.02 -68.18
C THR F 2271 48.93 -0.72 -67.60
N PRO F 2272 47.66 -0.71 -67.21
CA PRO F 2272 47.14 0.44 -66.45
C PRO F 2272 47.88 0.66 -65.15
N LEU F 2273 48.42 -0.40 -64.55
CA LEU F 2273 49.30 -0.21 -63.41
C LEU F 2273 50.52 0.60 -63.78
N ASP F 2274 51.08 0.36 -64.96
CA ASP F 2274 52.16 1.21 -65.46
C ASP F 2274 51.67 2.63 -65.75
N VAL F 2275 50.42 2.78 -66.18
CA VAL F 2275 49.86 4.12 -66.33
C VAL F 2275 49.90 4.85 -65.00
N ALA F 2276 49.46 4.18 -63.93
CA ALA F 2276 49.45 4.79 -62.61
C ALA F 2276 50.86 5.12 -62.14
N ALA F 2277 51.79 4.18 -62.36
CA ALA F 2277 53.18 4.43 -61.97
C ALA F 2277 53.74 5.63 -62.71
N ALA F 2278 53.42 5.78 -63.99
CA ALA F 2278 53.85 6.95 -64.74
C ALA F 2278 53.19 8.22 -64.22
N SER F 2279 51.93 8.11 -63.78
CA SER F 2279 51.25 9.28 -63.26
C SER F 2279 51.86 9.75 -61.95
N VAL F 2280 52.42 8.83 -61.16
CA VAL F 2280 52.95 9.19 -59.85
C VAL F 2280 54.48 9.31 -59.84
N ILE F 2281 55.17 8.92 -60.90
CA ILE F 2281 56.62 8.79 -60.83
C ILE F 2281 57.26 10.17 -60.82
N ASP F 2282 58.20 10.38 -59.89
CA ASP F 2282 59.09 11.52 -59.83
C ASP F 2282 58.37 12.84 -59.59
N ASN F 2283 57.14 12.81 -59.09
CA ASN F 2283 56.39 14.00 -58.76
C ASN F 2283 55.99 13.96 -57.30
N ASN F 2284 56.70 14.71 -56.47
CA ASN F 2284 56.38 14.74 -55.04
C ASN F 2284 55.00 15.31 -54.80
N GLU F 2285 54.60 16.31 -55.59
CA GLU F 2285 53.26 16.88 -55.46
C GLU F 2285 52.21 15.79 -55.60
N LEU F 2286 52.29 15.02 -56.69
CA LEU F 2286 51.33 13.96 -56.95
C LEU F 2286 51.41 12.85 -55.90
N ALA F 2287 52.63 12.51 -55.47
CA ALA F 2287 52.78 11.46 -54.46
C ALA F 2287 52.11 11.87 -53.16
N LEU F 2288 52.29 13.12 -52.74
CA LEU F 2288 51.63 13.60 -51.54
C LEU F 2288 50.12 13.67 -51.74
N ALA F 2289 49.67 13.98 -52.96
CA ALA F 2289 48.25 13.96 -53.24
C ALA F 2289 47.67 12.56 -53.19
N LEU F 2290 48.51 11.54 -53.39
CA LEU F 2290 48.05 10.16 -53.46
C LEU F 2290 47.19 9.83 -52.24
N GLN F 2291 46.26 8.89 -52.42
CA GLN F 2291 45.20 8.66 -51.44
C GLN F 2291 45.31 7.29 -50.77
N GLU F 2292 44.94 7.27 -49.48
CA GLU F 2292 44.92 6.10 -48.64
C GLU F 2292 44.06 5.01 -49.25
N GLN F 2293 42.92 5.40 -49.83
CA GLN F 2293 42.00 4.43 -50.41
C GLN F 2293 42.64 3.71 -51.59
N ASP F 2294 43.38 4.44 -52.43
CA ASP F 2294 44.09 3.81 -53.54
C ASP F 2294 45.16 2.86 -53.03
N LEU F 2295 45.92 3.29 -52.01
CA LEU F 2295 46.91 2.40 -51.42
C LEU F 2295 46.25 1.12 -50.90
N GLU F 2296 45.11 1.26 -50.23
CA GLU F 2296 44.40 0.10 -49.71
C GLU F 2296 43.92 -0.82 -50.82
N LYS F 2297 43.45 -0.25 -51.92
CA LYS F 2297 43.06 -1.06 -53.06
C LYS F 2297 44.23 -1.88 -53.58
N VAL F 2298 45.39 -1.23 -53.71
CA VAL F 2298 46.58 -1.94 -54.17
C VAL F 2298 46.93 -3.06 -53.21
N VAL F 2299 46.88 -2.78 -51.91
CA VAL F 2299 47.25 -3.78 -50.91
C VAL F 2299 46.26 -4.94 -50.93
N SER F 2300 44.99 -4.65 -51.18
CA SER F 2300 44.00 -5.71 -51.29
C SER F 2300 44.30 -6.62 -52.47
N TYR F 2301 44.62 -6.02 -53.62
CA TYR F 2301 45.01 -6.84 -54.77
C TYR F 2301 46.23 -7.69 -54.44
N LEU F 2302 47.20 -7.09 -53.76
CA LEU F 2302 48.42 -7.81 -53.41
C LEU F 2302 48.14 -8.96 -52.46
N ALA F 2303 47.22 -8.76 -51.51
CA ALA F 2303 46.84 -9.84 -50.60
C ALA F 2303 46.15 -10.96 -51.36
N GLY F 2304 45.27 -10.62 -52.29
CA GLY F 2304 44.67 -11.63 -53.12
C GLY F 2304 45.70 -12.45 -53.87
N CYS F 2305 46.72 -11.76 -54.41
CA CYS F 2305 47.82 -12.47 -55.07
C CYS F 2305 48.58 -13.36 -54.09
N GLY F 2306 48.80 -12.86 -52.86
CA GLY F 2306 49.56 -13.62 -51.89
C GLY F 2306 48.84 -14.83 -51.36
N LEU F 2307 47.51 -14.84 -51.46
CA LEU F 2307 46.72 -15.96 -50.96
C LEU F 2307 46.13 -16.85 -52.05
N GLN F 2308 46.17 -16.44 -53.31
CA GLN F 2308 45.51 -17.18 -54.38
C GLN F 2308 46.45 -17.33 -55.57
N SER F 2309 46.30 -18.45 -56.27
CA SER F 2309 47.14 -18.74 -57.42
C SER F 2309 46.55 -18.10 -58.68
N CYS F 2310 47.31 -18.13 -59.77
CA CYS F 2310 46.88 -17.49 -61.00
C CYS F 2310 46.15 -18.48 -61.90
N PRO F 2311 44.86 -18.27 -62.18
CA PRO F 2311 44.09 -19.26 -62.94
C PRO F 2311 44.65 -19.49 -64.33
N MET F 2312 45.21 -18.45 -64.96
CA MET F 2312 45.79 -18.62 -66.28
C MET F 2312 46.96 -19.61 -66.24
N LEU F 2313 47.83 -19.46 -65.25
CA LEU F 2313 48.94 -20.41 -65.11
C LEU F 2313 48.42 -21.81 -64.81
N LEU F 2314 47.41 -21.92 -63.95
CA LEU F 2314 46.86 -23.24 -63.67
C LEU F 2314 46.32 -23.89 -64.94
N ALA F 2315 45.61 -23.11 -65.75
CA ALA F 2315 45.09 -23.64 -67.01
C ALA F 2315 46.22 -24.06 -67.93
N LYS F 2316 47.29 -23.27 -67.98
CA LYS F 2316 48.46 -23.61 -68.77
C LYS F 2316 49.19 -24.82 -68.21
N GLY F 2317 48.86 -25.26 -67.00
CA GLY F 2317 49.42 -26.47 -66.45
C GLY F 2317 50.61 -26.28 -65.54
N TYR F 2318 50.88 -25.06 -65.11
CA TYR F 2318 51.96 -24.83 -64.17
C TYR F 2318 51.65 -25.54 -62.85
N PRO F 2319 52.68 -25.97 -62.13
CA PRO F 2319 52.44 -26.55 -60.81
C PRO F 2319 51.74 -25.54 -59.91
N ASP F 2320 50.81 -26.05 -59.10
CA ASP F 2320 49.89 -25.20 -58.36
C ASP F 2320 50.51 -24.83 -57.02
N ILE F 2321 50.89 -23.57 -56.87
CA ILE F 2321 51.23 -23.00 -55.59
C ILE F 2321 50.08 -22.11 -55.15
N GLY F 2322 50.15 -21.62 -53.91
CA GLY F 2322 49.02 -20.92 -53.34
C GLY F 2322 48.95 -19.43 -53.63
N TRP F 2323 49.89 -18.85 -54.37
CA TRP F 2323 49.97 -17.39 -54.46
C TRP F 2323 50.60 -16.97 -55.79
N ASN F 2324 50.45 -15.69 -56.11
CA ASN F 2324 50.81 -15.15 -57.41
C ASN F 2324 51.98 -14.16 -57.31
N PRO F 2325 53.22 -14.63 -57.36
CA PRO F 2325 54.35 -13.71 -57.21
C PRO F 2325 54.43 -12.65 -58.29
N CYS F 2326 54.01 -12.96 -59.52
CA CYS F 2326 54.16 -11.97 -60.59
C CYS F 2326 53.28 -10.74 -60.34
N GLY F 2327 52.00 -10.97 -60.05
CA GLY F 2327 51.13 -9.85 -59.72
C GLY F 2327 51.57 -9.14 -58.45
N GLY F 2328 52.01 -9.92 -57.47
CA GLY F 2328 52.55 -9.30 -56.27
C GLY F 2328 53.69 -8.34 -56.57
N GLU F 2329 54.59 -8.77 -57.46
CA GLU F 2329 55.72 -7.93 -57.84
C GLU F 2329 55.27 -6.68 -58.57
N ARG F 2330 54.29 -6.82 -59.46
CA ARG F 2330 53.76 -5.66 -60.16
C ARG F 2330 53.27 -4.61 -59.17
N TYR F 2331 52.43 -5.04 -58.22
CA TYR F 2331 51.90 -4.09 -57.24
C TYR F 2331 53.01 -3.52 -56.37
N LEU F 2332 53.99 -4.36 -56.02
CA LEU F 2332 55.08 -3.88 -55.16
C LEU F 2332 55.89 -2.80 -55.84
N ASP F 2333 56.18 -2.96 -57.14
CA ASP F 2333 56.93 -1.93 -57.83
C ASP F 2333 56.10 -0.66 -57.98
N PHE F 2334 54.78 -0.79 -58.17
CA PHE F 2334 53.95 0.40 -58.16
C PHE F 2334 54.07 1.14 -56.83
N LEU F 2335 53.98 0.40 -55.72
CA LEU F 2335 54.09 1.03 -54.41
C LEU F 2335 55.46 1.66 -54.21
N ARG F 2336 56.50 1.01 -54.74
CA ARG F 2336 57.83 1.61 -54.76
C ARG F 2336 57.82 2.98 -55.43
N PHE F 2337 57.29 3.05 -56.65
CA PHE F 2337 57.24 4.31 -57.36
C PHE F 2337 56.42 5.34 -56.60
N ALA F 2338 55.42 4.87 -55.84
CA ALA F 2338 54.60 5.79 -55.07
C ALA F 2338 55.36 6.37 -53.87
N VAL F 2339 56.05 5.52 -53.12
CA VAL F 2339 56.60 5.95 -51.85
C VAL F 2339 57.94 6.64 -52.03
N PHE F 2340 58.76 6.23 -52.99
CA PHE F 2340 60.14 6.68 -53.09
C PHE F 2340 60.29 7.53 -54.33
N VAL F 2341 60.69 8.79 -54.14
CA VAL F 2341 60.73 9.78 -55.22
C VAL F 2341 62.06 10.50 -55.17
N ASN F 2342 62.72 10.59 -56.33
CA ASN F 2342 63.91 11.43 -56.49
C ASN F 2342 65.01 11.08 -55.51
N GLY F 2343 65.06 9.82 -55.08
CA GLY F 2343 66.09 9.38 -54.18
C GLY F 2343 65.78 9.49 -52.70
N GLU F 2344 64.60 10.01 -52.35
CA GLU F 2344 64.21 10.15 -50.95
C GLU F 2344 62.84 9.54 -50.74
N SER F 2345 62.64 8.96 -49.56
CA SER F 2345 61.36 8.35 -49.23
C SER F 2345 60.35 9.41 -48.82
N VAL F 2346 59.09 9.15 -49.15
CA VAL F 2346 57.96 9.95 -48.70
C VAL F 2346 57.37 9.25 -47.49
N GLU F 2347 57.66 9.77 -46.29
CA GLU F 2347 57.26 9.07 -45.07
C GLU F 2347 55.75 8.97 -44.96
N GLU F 2348 55.03 9.97 -45.47
CA GLU F 2348 53.57 9.94 -45.37
C GLU F 2348 53.00 8.69 -46.03
N ASN F 2349 53.45 8.38 -47.25
CA ASN F 2349 52.97 7.18 -47.93
C ASN F 2349 53.63 5.92 -47.38
N ALA F 2350 54.90 6.02 -46.98
CA ALA F 2350 55.63 4.84 -46.53
C ALA F 2350 55.02 4.26 -45.26
N ASN F 2351 54.70 5.13 -44.30
CA ASN F 2351 54.10 4.65 -43.06
C ASN F 2351 52.77 3.98 -43.33
N VAL F 2352 51.98 4.57 -44.23
CA VAL F 2352 50.69 3.98 -44.59
C VAL F 2352 50.89 2.60 -45.18
N VAL F 2353 51.84 2.48 -46.10
CA VAL F 2353 52.07 1.19 -46.75
C VAL F 2353 52.48 0.15 -45.71
N VAL F 2354 53.37 0.54 -44.80
CA VAL F 2354 53.83 -0.40 -43.78
C VAL F 2354 52.65 -0.85 -42.92
N ARG F 2355 51.83 0.10 -42.48
CA ARG F 2355 50.70 -0.24 -41.62
C ARG F 2355 49.76 -1.18 -42.33
N LEU F 2356 49.42 -0.87 -43.58
CA LEU F 2356 48.47 -1.70 -44.31
C LEU F 2356 49.03 -3.10 -44.54
N LEU F 2357 50.31 -3.18 -44.91
CA LEU F 2357 50.93 -4.47 -45.17
C LEU F 2357 50.95 -5.33 -43.91
N ILE F 2358 51.29 -4.72 -42.76
CA ILE F 2358 51.32 -5.50 -41.53
C ILE F 2358 49.93 -5.87 -41.07
N ARG F 2359 48.92 -5.06 -41.41
CA ARG F 2359 47.55 -5.45 -41.12
C ARG F 2359 47.15 -6.66 -41.95
N LYS F 2360 47.57 -6.69 -43.22
CA LYS F 2360 47.35 -7.83 -44.09
C LYS F 2360 48.68 -8.55 -44.30
N PRO F 2361 49.10 -9.41 -43.38
CA PRO F 2361 50.43 -10.02 -43.49
C PRO F 2361 50.57 -10.99 -44.65
N GLU F 2362 49.45 -11.44 -45.25
CA GLU F 2362 49.54 -12.32 -46.40
C GLU F 2362 50.29 -11.68 -47.56
N CYS F 2363 50.34 -10.34 -47.59
CA CYS F 2363 51.05 -9.64 -48.66
C CYS F 2363 52.55 -9.91 -48.61
N PHE F 2364 53.07 -10.28 -47.44
CA PHE F 2364 54.49 -10.57 -47.33
C PHE F 2364 54.87 -11.84 -48.09
N GLY F 2365 53.91 -12.75 -48.24
CA GLY F 2365 54.17 -14.03 -48.86
C GLY F 2365 53.98 -15.16 -47.89
N PRO F 2366 53.92 -16.39 -48.40
CA PRO F 2366 53.84 -17.53 -47.48
C PRO F 2366 55.00 -17.58 -46.51
N ALA F 2367 56.18 -17.15 -46.95
CA ALA F 2367 57.27 -16.92 -46.04
C ALA F 2367 57.02 -15.62 -45.27
N LEU F 2368 57.72 -15.48 -44.13
CA LEU F 2368 57.52 -14.32 -43.26
C LEU F 2368 56.12 -14.29 -42.68
N ARG F 2369 55.43 -15.44 -42.77
CA ARG F 2369 54.06 -15.54 -42.26
CA ARG F 2369 54.06 -15.55 -42.26
C ARG F 2369 54.02 -15.44 -40.74
N GLY F 2370 55.02 -15.99 -40.06
CA GLY F 2370 55.01 -16.07 -38.62
C GLY F 2370 54.86 -17.52 -38.18
N GLU F 2371 53.69 -17.88 -37.67
CA GLU F 2371 53.44 -19.26 -37.31
C GLU F 2371 53.51 -20.14 -38.55
N GLY F 2372 54.24 -21.25 -38.44
CA GLY F 2372 54.34 -22.17 -39.56
C GLY F 2372 54.88 -21.50 -40.82
N GLY F 2373 55.82 -20.58 -40.65
CA GLY F 2373 56.35 -19.83 -41.78
C GLY F 2373 57.84 -19.99 -41.93
N SER F 2374 58.28 -20.33 -43.14
CA SER F 2374 59.69 -20.41 -43.42
C SER F 2374 60.30 -19.02 -43.55
N GLY F 2375 61.61 -18.95 -43.36
CA GLY F 2375 62.33 -17.71 -43.51
C GLY F 2375 62.57 -17.34 -44.96
N LEU F 2376 62.98 -16.10 -45.15
CA LEU F 2376 63.24 -15.60 -46.50
C LEU F 2376 64.36 -16.38 -47.17
N LEU F 2377 65.43 -16.66 -46.42
CA LEU F 2377 66.54 -17.42 -46.98
C LEU F 2377 66.09 -18.81 -47.41
N ALA F 2378 65.28 -19.46 -46.57
CA ALA F 2378 64.75 -20.77 -46.92
C ALA F 2378 63.89 -20.69 -48.16
N ALA F 2379 63.07 -19.64 -48.27
CA ALA F 2379 62.24 -19.48 -49.46
C ALA F 2379 63.09 -19.34 -50.72
N ILE F 2380 64.16 -18.55 -50.63
CA ILE F 2380 65.04 -18.37 -51.79
C ILE F 2380 65.70 -19.69 -52.15
N GLU F 2381 66.18 -20.43 -51.15
CA GLU F 2381 66.82 -21.71 -51.42
C GLU F 2381 65.85 -22.67 -52.10
N GLU F 2382 64.61 -22.71 -51.60
CA GLU F 2382 63.60 -23.57 -52.22
C GLU F 2382 63.31 -23.12 -53.64
N ALA F 2383 63.31 -21.81 -53.89
CA ALA F 2383 63.09 -21.30 -55.23
C ALA F 2383 64.20 -21.75 -56.17
N ILE F 2384 65.45 -21.72 -55.71
CA ILE F 2384 66.55 -22.20 -56.53
C ILE F 2384 66.40 -23.70 -56.79
N ARG F 2385 65.99 -24.45 -55.78
CA ARG F 2385 65.75 -25.87 -55.98
C ARG F 2385 64.70 -26.10 -57.06
N ILE F 2386 63.62 -25.30 -57.01
CA ILE F 2386 62.58 -25.41 -58.02
C ILE F 2386 63.14 -25.08 -59.40
N SER F 2387 63.95 -24.03 -59.48
CA SER F 2387 64.53 -23.63 -60.75
C SER F 2387 65.35 -24.78 -61.34
N GLU F 2388 66.14 -25.45 -60.51
CA GLU F 2388 66.87 -26.61 -60.98
C GLU F 2388 65.93 -27.72 -61.41
N ASP F 2389 64.89 -27.98 -60.62
CA ASP F 2389 63.99 -29.11 -60.88
C ASP F 2389 62.83 -28.69 -61.79
N PRO F 2390 62.74 -29.23 -63.00
CA PRO F 2390 61.55 -28.98 -63.81
C PRO F 2390 60.35 -29.75 -63.28
N ALA F 2391 59.18 -29.41 -63.81
CA ALA F 2391 57.91 -29.92 -63.31
C ALA F 2391 57.53 -29.21 -62.02
N ARG F 2392 58.42 -28.34 -61.52
CA ARG F 2392 58.11 -27.49 -60.39
C ARG F 2392 58.24 -26.02 -60.77
N ASP F 2393 59.19 -25.70 -61.64
CA ASP F 2393 59.28 -24.35 -62.21
C ASP F 2393 58.22 -24.14 -63.28
N GLY F 2394 57.87 -25.20 -64.01
CA GLY F 2394 56.84 -25.13 -65.01
C GLY F 2394 56.33 -26.50 -65.41
N PRO F 2395 55.35 -26.54 -66.32
CA PRO F 2395 54.80 -27.83 -66.76
C PRO F 2395 55.86 -28.72 -67.40
N GLY F 2396 56.72 -28.12 -68.21
CA GLY F 2396 57.85 -28.83 -68.79
C GLY F 2396 57.49 -29.90 -69.79
N VAL F 2397 56.31 -29.81 -70.41
CA VAL F 2397 55.85 -30.88 -71.28
C VAL F 2397 56.41 -30.71 -72.69
N PRO F 2410 57.66 -23.45 -76.02
CA PRO F 2410 57.35 -22.04 -75.84
C PRO F 2410 57.80 -21.10 -76.97
N PRO F 2411 56.92 -20.89 -77.95
CA PRO F 2411 57.26 -19.93 -79.03
C PRO F 2411 57.54 -18.54 -78.51
N GLU F 2412 56.83 -18.11 -77.46
CA GLU F 2412 56.98 -16.75 -76.97
C GLU F 2412 58.32 -16.54 -76.28
N GLU F 2413 58.83 -17.56 -75.60
CA GLU F 2413 60.07 -17.55 -74.82
C GLU F 2413 59.91 -16.75 -73.53
N ASN F 2414 58.76 -16.12 -73.31
CA ASN F 2414 58.51 -15.34 -72.10
C ASN F 2414 57.78 -16.13 -71.04
N ARG F 2415 57.76 -17.46 -71.15
CA ARG F 2415 57.07 -18.28 -70.17
C ARG F 2415 57.63 -18.04 -68.77
N VAL F 2416 56.73 -18.01 -67.80
CA VAL F 2416 57.12 -17.67 -66.43
C VAL F 2416 57.88 -18.83 -65.80
N HIS F 2417 58.95 -18.50 -65.09
CA HIS F 2417 59.70 -19.47 -64.29
C HIS F 2417 59.43 -19.16 -62.83
N LEU F 2418 58.83 -20.12 -62.13
CA LEU F 2418 58.30 -19.86 -60.80
C LEU F 2418 59.39 -19.50 -59.80
N GLY F 2419 60.55 -20.13 -59.90
CA GLY F 2419 61.63 -19.80 -58.99
C GLY F 2419 62.05 -18.35 -59.11
N HIS F 2420 62.27 -17.90 -60.36
CA HIS F 2420 62.60 -16.51 -60.59
C HIS F 2420 61.47 -15.60 -60.14
N ALA F 2421 60.23 -16.01 -60.35
CA ALA F 2421 59.09 -15.19 -59.94
C ALA F 2421 59.07 -14.99 -58.43
N ILE F 2422 59.28 -16.07 -57.68
CA ILE F 2422 59.28 -15.98 -56.23
C ILE F 2422 60.44 -15.10 -55.75
N MET F 2423 61.63 -15.33 -56.31
CA MET F 2423 62.78 -14.56 -55.87
C MET F 2423 62.60 -13.08 -56.19
N SER F 2424 62.02 -12.76 -57.35
CA SER F 2424 61.78 -11.37 -57.71
C SER F 2424 60.69 -10.75 -56.84
N PHE F 2425 59.66 -11.51 -56.50
CA PHE F 2425 58.66 -11.02 -55.56
C PHE F 2425 59.29 -10.61 -54.25
N TYR F 2426 60.09 -11.51 -53.68
CA TYR F 2426 60.71 -11.20 -52.39
C TYR F 2426 61.69 -10.04 -52.52
N ALA F 2427 62.45 -9.99 -53.62
CA ALA F 2427 63.38 -8.88 -53.83
C ALA F 2427 62.64 -7.56 -53.91
N ALA F 2428 61.52 -7.52 -54.63
CA ALA F 2428 60.74 -6.29 -54.73
C ALA F 2428 60.17 -5.90 -53.39
N LEU F 2429 59.70 -6.88 -52.61
CA LEU F 2429 59.19 -6.58 -51.28
C LEU F 2429 60.27 -5.95 -50.41
N ILE F 2430 61.45 -6.54 -50.42
CA ILE F 2430 62.55 -6.02 -49.61
C ILE F 2430 62.96 -4.64 -50.09
N ASP F 2431 62.99 -4.42 -51.41
CA ASP F 2431 63.31 -3.11 -51.94
C ASP F 2431 62.30 -2.07 -51.47
N LEU F 2432 61.01 -2.42 -51.54
CA LEU F 2432 59.97 -1.48 -51.12
C LEU F 2432 60.12 -1.15 -49.64
N LEU F 2433 60.38 -2.15 -48.81
CA LEU F 2433 60.55 -1.90 -47.38
C LEU F 2433 61.78 -1.01 -47.14
N GLY F 2434 62.88 -1.29 -47.83
CA GLY F 2434 64.06 -0.47 -47.66
C GLY F 2434 63.80 0.98 -48.06
N ARG F 2435 63.08 1.19 -49.15
CA ARG F 2435 62.75 2.54 -49.58
C ARG F 2435 61.83 3.22 -48.57
N CYS F 2436 60.88 2.46 -48.00
CA CYS F 2436 60.01 3.01 -46.98
C CYS F 2436 60.80 3.35 -45.72
N ALA F 2437 61.97 2.73 -45.55
CA ALA F 2437 62.77 3.00 -44.37
C ALA F 2437 63.05 4.49 -44.23
N PRO F 2438 63.02 5.05 -43.02
CA PRO F 2438 63.21 6.49 -42.87
C PRO F 2438 64.58 6.96 -43.32
N GLU F 2439 64.62 8.22 -43.76
CA GLU F 2439 65.90 8.88 -43.98
C GLU F 2439 66.57 9.19 -42.65
N MET F 2440 67.91 9.24 -42.67
CA MET F 2440 68.66 9.32 -41.42
C MET F 2440 68.35 10.59 -40.64
N HIS F 2441 68.29 11.74 -41.33
CA HIS F 2441 68.09 13.00 -40.62
C HIS F 2441 66.91 12.91 -39.66
N LEU F 2442 65.86 12.19 -40.06
CA LEU F 2442 64.75 11.95 -39.14
C LEU F 2442 65.21 11.17 -37.92
N ILE F 2443 66.07 10.17 -38.12
CA ILE F 2443 66.53 9.36 -37.01
C ILE F 2443 67.31 10.21 -36.01
N GLN F 2444 68.23 11.03 -36.53
CA GLN F 2444 68.94 11.96 -35.64
C GLN F 2444 67.98 12.91 -34.95
N ALA F 2445 66.96 13.39 -35.68
CA ALA F 2445 65.95 14.23 -35.06
C ALA F 2445 65.24 13.49 -33.93
N GLY F 2446 65.20 12.17 -34.01
CA GLY F 2446 64.57 11.36 -32.98
C GLY F 2446 63.10 11.09 -33.20
N LYS F 2447 62.60 11.30 -34.41
CA LYS F 2447 61.18 11.11 -34.69
C LYS F 2447 60.71 9.71 -34.28
N GLY F 2448 59.77 9.68 -33.33
CA GLY F 2448 59.27 8.41 -32.83
C GLY F 2448 58.66 7.56 -33.93
N GLU F 2449 57.96 8.19 -34.87
CA GLU F 2449 57.37 7.45 -35.98
C GLU F 2449 58.46 6.79 -36.82
N ALA F 2450 59.54 7.51 -37.09
CA ALA F 2450 60.66 6.94 -37.83
C ALA F 2450 61.26 5.77 -37.08
N LEU F 2451 61.46 5.92 -35.78
CA LEU F 2451 62.02 4.83 -34.99
C LEU F 2451 61.11 3.61 -35.01
N ARG F 2452 59.80 3.83 -34.84
CA ARG F 2452 58.84 2.76 -35.07
C ARG F 2452 59.12 2.04 -36.37
N ILE F 2453 59.02 2.78 -37.48
CA ILE F 2453 59.03 2.15 -38.79
C ILE F 2453 60.31 1.34 -38.95
N ARG F 2454 61.42 1.90 -38.48
CA ARG F 2454 62.69 1.20 -38.61
C ARG F 2454 62.70 -0.08 -37.77
N ALA F 2455 62.19 -0.01 -36.54
CA ALA F 2455 62.15 -1.20 -35.69
C ALA F 2455 61.25 -2.27 -36.30
N ILE F 2456 60.12 -1.85 -36.85
CA ILE F 2456 59.20 -2.80 -37.48
C ILE F 2456 59.87 -3.47 -38.68
N LEU F 2457 60.58 -2.70 -39.48
CA LEU F 2457 61.27 -3.26 -40.64
C LEU F 2457 62.35 -4.24 -40.21
N ARG F 2458 63.12 -3.87 -39.17
CA ARG F 2458 64.12 -4.78 -38.63
C ARG F 2458 63.49 -6.07 -38.15
N SER F 2459 62.37 -5.97 -37.44
CA SER F 2459 61.69 -7.17 -36.95
C SER F 2459 61.20 -8.03 -38.10
N LEU F 2460 60.66 -7.40 -39.15
CA LEU F 2460 60.18 -8.16 -40.29
C LEU F 2460 61.31 -8.92 -40.97
N VAL F 2461 62.43 -8.25 -41.22
CA VAL F 2461 63.52 -8.84 -41.98
C VAL F 2461 64.74 -8.95 -41.06
N PRO F 2462 65.14 -10.15 -40.65
CA PRO F 2462 66.38 -10.28 -39.88
C PRO F 2462 67.61 -10.11 -40.77
N LEU F 2463 68.67 -9.60 -40.16
CA LEU F 2463 69.88 -9.27 -40.91
C LEU F 2463 70.57 -10.52 -41.43
N ASP F 2464 70.59 -11.58 -40.63
CA ASP F 2464 71.24 -12.83 -41.00
C ASP F 2464 70.74 -13.33 -42.34
N ASP F 2465 69.43 -13.23 -42.57
CA ASP F 2465 68.86 -13.69 -43.83
C ASP F 2465 69.35 -12.85 -45.00
N LEU F 2466 69.42 -11.53 -44.82
CA LEU F 2466 69.97 -10.68 -45.86
C LEU F 2466 71.40 -11.07 -46.20
N VAL F 2467 72.20 -11.32 -45.16
CA VAL F 2467 73.59 -11.69 -45.40
C VAL F 2467 73.66 -13.03 -46.12
N GLY F 2468 72.82 -13.98 -45.73
CA GLY F 2468 72.80 -15.26 -46.42
C GLY F 2468 72.44 -15.13 -47.89
N ILE F 2469 71.40 -14.35 -48.19
CA ILE F 2469 71.01 -14.15 -49.57
C ILE F 2469 72.14 -13.50 -50.35
N ILE F 2470 72.79 -12.50 -49.76
CA ILE F 2470 73.91 -11.85 -50.41
C ILE F 2470 75.04 -12.85 -50.66
N SER F 2471 75.22 -13.78 -49.73
CA SER F 2471 76.29 -14.76 -49.86
C SER F 2471 75.96 -15.86 -50.84
N LEU F 2472 74.69 -16.02 -51.20
CA LEU F 2472 74.30 -17.12 -52.06
C LEU F 2472 75.08 -17.06 -53.37
N PRO F 2473 75.58 -18.18 -53.86
CA PRO F 2473 76.35 -18.17 -55.10
C PRO F 2473 75.46 -17.94 -56.32
N LEU F 2474 76.10 -17.51 -57.41
CA LEU F 2474 75.43 -17.24 -58.66
C LEU F 2474 76.12 -18.02 -59.77
N GLN F 2475 75.33 -18.61 -60.66
CA GLN F 2475 75.91 -19.37 -61.76
C GLN F 2475 76.73 -18.44 -62.65
N ILE F 2476 77.88 -18.94 -63.10
CA ILE F 2476 78.87 -18.13 -63.79
C ILE F 2476 79.09 -18.74 -65.16
N PRO F 2477 79.13 -17.93 -66.23
CA PRO F 2477 79.43 -18.49 -67.55
C PRO F 2477 80.77 -19.19 -67.57
N THR F 2478 80.82 -20.33 -68.27
CA THR F 2478 82.04 -21.10 -68.43
C THR F 2478 82.05 -21.77 -69.78
N LEU F 2479 83.25 -22.01 -70.31
CA LEU F 2479 83.38 -22.75 -71.56
C LEU F 2479 83.73 -24.20 -71.22
N GLY F 2480 82.98 -25.14 -71.81
CA GLY F 2480 83.23 -26.54 -71.59
C GLY F 2480 82.72 -27.35 -72.76
N LYS F 2481 83.18 -28.61 -72.81
CA LYS F 2481 82.76 -29.52 -73.88
C LYS F 2481 83.07 -28.87 -75.22
N ASP F 2482 84.36 -28.76 -75.54
CA ASP F 2482 84.93 -28.19 -76.76
C ASP F 2482 84.90 -26.67 -76.74
N GLY F 2483 84.83 -26.04 -75.57
CA GLY F 2483 84.76 -24.60 -75.53
C GLY F 2483 83.43 -24.04 -75.94
N ALA F 2484 82.36 -24.81 -75.82
CA ALA F 2484 81.02 -24.26 -75.96
C ALA F 2484 80.68 -23.44 -74.72
N LEU F 2485 80.22 -22.21 -74.95
CA LEU F 2485 79.96 -21.29 -73.85
C LEU F 2485 78.66 -21.69 -73.15
N VAL F 2486 78.78 -22.00 -71.87
CA VAL F 2486 77.66 -22.39 -71.03
C VAL F 2486 77.24 -21.17 -70.23
N GLN F 2487 76.01 -20.70 -70.45
CA GLN F 2487 75.58 -19.44 -69.89
C GLN F 2487 74.26 -19.61 -69.14
N PRO F 2488 74.13 -19.06 -67.94
CA PRO F 2488 72.89 -19.24 -67.17
C PRO F 2488 71.75 -18.42 -67.74
N LYS F 2489 70.58 -19.05 -67.83
CA LYS F 2489 69.36 -18.34 -68.16
C LYS F 2489 68.93 -17.47 -66.98
N MET F 2490 68.67 -16.20 -67.25
CA MET F 2490 68.31 -15.26 -66.19
C MET F 2490 66.85 -15.39 -65.78
N SER F 2491 65.96 -15.57 -66.76
CA SER F 2491 64.54 -15.61 -66.45
C SER F 2491 64.20 -16.77 -65.52
N ALA F 2492 65.09 -17.75 -65.42
CA ALA F 2492 64.84 -18.95 -64.62
C ALA F 2492 65.87 -19.13 -63.50
N SER F 2493 66.64 -18.11 -63.17
CA SER F 2493 67.73 -18.25 -62.22
C SER F 2493 67.81 -17.05 -61.28
N PHE F 2494 68.53 -17.27 -60.19
CA PHE F 2494 68.84 -16.21 -59.24
C PHE F 2494 69.75 -15.18 -59.90
N VAL F 2495 69.48 -13.90 -59.65
CA VAL F 2495 70.18 -12.84 -60.37
C VAL F 2495 70.60 -11.75 -59.41
N PRO F 2496 71.57 -10.92 -59.82
CA PRO F 2496 72.14 -9.93 -58.89
C PRO F 2496 71.17 -8.89 -58.36
N ASP F 2497 70.14 -8.51 -59.12
CA ASP F 2497 69.23 -7.47 -58.63
C ASP F 2497 68.51 -7.93 -57.37
N HIS F 2498 68.31 -9.24 -57.24
CA HIS F 2498 67.77 -9.79 -56.00
C HIS F 2498 68.66 -9.43 -54.83
N LYS F 2499 69.98 -9.54 -55.01
CA LYS F 2499 70.92 -9.15 -53.98
C LYS F 2499 70.92 -7.64 -53.78
N ALA F 2500 70.72 -6.90 -54.87
CA ALA F 2500 70.73 -5.44 -54.80
C ALA F 2500 69.62 -4.94 -53.89
N SER F 2501 68.44 -5.55 -53.99
CA SER F 2501 67.34 -5.16 -53.12
C SER F 2501 67.70 -5.39 -51.66
N MET F 2502 68.33 -6.53 -51.37
CA MET F 2502 68.75 -6.82 -50.01
C MET F 2502 69.75 -5.78 -49.53
N VAL F 2503 70.67 -5.38 -50.39
CA VAL F 2503 71.67 -4.39 -50.02
C VAL F 2503 71.01 -3.06 -49.70
N LEU F 2504 70.03 -2.67 -50.51
CA LEU F 2504 69.31 -1.43 -50.24
C LEU F 2504 68.63 -1.49 -48.88
N PHE F 2505 67.97 -2.61 -48.60
CA PHE F 2505 67.33 -2.77 -47.30
C PHE F 2505 68.33 -2.67 -46.16
N LEU F 2506 69.46 -3.37 -46.29
CA LEU F 2506 70.49 -3.37 -45.26
C LEU F 2506 70.98 -1.95 -45.00
N ASP F 2507 71.30 -1.22 -46.08
CA ASP F 2507 71.83 0.12 -45.92
C ASP F 2507 70.81 1.04 -45.28
N ARG F 2508 69.54 0.96 -45.69
CA ARG F 2508 68.57 1.96 -45.27
C ARG F 2508 68.03 1.67 -43.87
N VAL F 2509 67.91 0.41 -43.49
CA VAL F 2509 67.34 0.06 -42.19
C VAL F 2509 68.44 -0.22 -41.18
N TYR F 2510 69.23 -1.26 -41.42
CA TYR F 2510 70.20 -1.71 -40.43
C TYR F 2510 71.41 -0.81 -40.41
N GLY F 2511 71.98 -0.53 -41.58
CA GLY F 2511 73.17 0.28 -41.68
C GLY F 2511 74.41 -0.49 -41.27
N ILE F 2512 75.55 -0.01 -41.78
CA ILE F 2512 76.84 -0.59 -41.46
C ILE F 2512 77.64 0.41 -40.63
N GLU F 2513 77.68 0.19 -39.32
CA GLU F 2513 78.36 1.09 -38.40
C GLU F 2513 79.58 0.46 -37.75
N ASN F 2514 79.74 -0.86 -37.84
CA ASN F 2514 80.79 -1.57 -37.13
C ASN F 2514 81.70 -2.29 -38.11
N GLN F 2515 83.00 -2.16 -37.87
CA GLN F 2515 84.01 -2.72 -38.77
C GLN F 2515 83.89 -4.23 -38.87
N ASP F 2516 83.58 -4.89 -37.76
CA ASP F 2516 83.49 -6.35 -37.80
C ASP F 2516 82.40 -6.80 -38.77
N PHE F 2517 81.23 -6.19 -38.71
CA PHE F 2517 80.16 -6.54 -39.64
C PHE F 2517 80.54 -6.15 -41.06
N LEU F 2518 81.16 -4.98 -41.23
CA LEU F 2518 81.65 -4.59 -42.56
C LEU F 2518 82.49 -5.70 -43.17
N LEU F 2519 83.58 -6.06 -42.47
CA LEU F 2519 84.48 -7.09 -42.96
C LEU F 2519 83.74 -8.41 -43.19
N HIS F 2520 82.81 -8.75 -42.29
CA HIS F 2520 82.06 -9.98 -42.43
C HIS F 2520 81.31 -10.02 -43.75
N VAL F 2521 80.53 -8.97 -44.02
CA VAL F 2521 79.73 -8.92 -45.24
C VAL F 2521 80.63 -8.98 -46.45
N LEU F 2522 81.72 -8.21 -46.42
CA LEU F 2522 82.59 -8.12 -47.59
C LEU F 2522 83.28 -9.44 -47.87
N ASP F 2523 83.65 -10.18 -46.83
CA ASP F 2523 84.30 -11.48 -47.06
C ASP F 2523 83.29 -12.52 -47.50
N VAL F 2524 82.07 -12.49 -46.97
CA VAL F 2524 81.12 -13.55 -47.30
C VAL F 2524 80.53 -13.34 -48.69
N GLY F 2525 79.94 -12.18 -48.96
CA GLY F 2525 79.15 -12.03 -50.16
C GLY F 2525 79.69 -11.12 -51.25
N PHE F 2526 80.29 -9.99 -50.86
CA PHE F 2526 80.60 -8.95 -51.84
C PHE F 2526 81.87 -9.28 -52.62
N LEU F 2527 82.97 -9.51 -51.90
CA LEU F 2527 84.26 -9.73 -52.52
C LEU F 2527 84.21 -10.90 -53.49
N PRO F 2528 83.55 -12.02 -53.15
CA PRO F 2528 83.40 -13.10 -54.12
C PRO F 2528 82.78 -12.65 -55.43
N ASP F 2529 81.72 -11.85 -55.34
CA ASP F 2529 81.03 -11.40 -56.54
C ASP F 2529 81.89 -10.45 -57.36
N MET F 2530 82.63 -9.57 -56.68
CA MET F 2530 83.54 -8.67 -57.40
C MET F 2530 84.63 -9.47 -58.09
N ARG F 2531 85.16 -10.50 -57.42
CA ARG F 2531 86.15 -11.36 -58.05
C ARG F 2531 85.56 -12.05 -59.27
N ALA F 2532 84.32 -12.51 -59.18
CA ALA F 2532 83.68 -13.17 -60.31
C ALA F 2532 83.52 -12.21 -61.48
N ALA F 2533 83.12 -10.97 -61.20
CA ALA F 2533 83.00 -9.98 -62.26
C ALA F 2533 84.34 -9.72 -62.92
N ALA F 2534 85.39 -9.57 -62.12
CA ALA F 2534 86.72 -9.35 -62.69
C ALA F 2534 87.15 -10.53 -63.54
N SER F 2535 86.88 -11.75 -63.06
CA SER F 2535 87.22 -12.95 -63.82
C SER F 2535 86.45 -13.03 -65.13
N LEU F 2536 85.20 -12.59 -65.14
CA LEU F 2536 84.40 -12.57 -66.36
C LEU F 2536 84.72 -11.38 -67.24
N ASP F 2537 85.52 -10.44 -66.77
CA ASP F 2537 85.96 -9.34 -67.62
C ASP F 2537 86.97 -9.84 -68.64
N THR F 2538 86.56 -10.78 -69.49
CA THR F 2538 87.37 -11.31 -70.57
C THR F 2538 86.58 -11.24 -71.86
N ALA F 2539 87.29 -11.22 -72.98
CA ALA F 2539 86.67 -11.09 -74.30
C ALA F 2539 85.45 -11.97 -74.44
N THR F 2540 85.60 -13.25 -74.10
CA THR F 2540 84.48 -14.18 -74.23
C THR F 2540 83.35 -13.85 -73.28
N PHE F 2541 83.69 -13.46 -72.05
CA PHE F 2541 82.73 -13.32 -70.97
C PHE F 2541 82.31 -11.87 -70.71
N SER F 2542 83.08 -10.90 -71.20
CA SER F 2542 82.85 -9.52 -70.79
C SER F 2542 81.47 -9.03 -71.21
N THR F 2543 80.97 -9.49 -72.36
CA THR F 2543 79.69 -9.04 -72.88
C THR F 2543 78.54 -9.89 -72.38
N THR F 2544 78.81 -10.94 -71.62
CA THR F 2544 77.73 -11.79 -71.13
C THR F 2544 76.75 -10.99 -70.29
N GLU F 2545 75.46 -11.26 -70.53
CA GLU F 2545 74.41 -10.61 -69.75
C GLU F 2545 74.61 -10.83 -68.26
N MET F 2546 75.14 -12.00 -67.87
CA MET F 2546 75.42 -12.24 -66.46
C MET F 2546 76.46 -11.26 -65.93
N ALA F 2547 77.53 -11.05 -66.69
CA ALA F 2547 78.57 -10.11 -66.27
C ALA F 2547 78.02 -8.69 -66.21
N LEU F 2548 77.18 -8.33 -67.19
CA LEU F 2548 76.57 -7.00 -67.18
C LEU F 2548 75.70 -6.81 -65.94
N ALA F 2549 74.91 -7.82 -65.60
CA ALA F 2549 74.07 -7.73 -64.41
C ALA F 2549 74.92 -7.61 -63.16
N LEU F 2550 76.02 -8.37 -63.09
CA LEU F 2550 76.90 -8.28 -61.94
C LEU F 2550 77.50 -6.89 -61.82
N ASN F 2551 77.92 -6.31 -62.94
CA ASN F 2551 78.50 -4.97 -62.90
C ASN F 2551 77.48 -3.94 -62.47
N ARG F 2552 76.24 -4.06 -62.99
CA ARG F 2552 75.19 -3.14 -62.56
C ARG F 2552 74.94 -3.28 -61.06
N TYR F 2553 74.83 -4.51 -60.57
CA TYR F 2553 74.67 -4.75 -59.15
C TYR F 2553 75.77 -4.07 -58.35
N LEU F 2554 77.02 -4.34 -58.72
CA LEU F 2554 78.15 -3.74 -58.02
C LEU F 2554 78.03 -2.23 -57.99
N CYS F 2555 78.06 -1.60 -59.16
CA CYS F 2555 78.09 -0.14 -59.23
C CYS F 2555 76.90 0.48 -58.53
N LEU F 2556 75.72 -0.13 -58.64
CA LEU F 2556 74.52 0.48 -58.09
C LEU F 2556 74.47 0.36 -56.58
N ALA F 2557 74.83 -0.80 -56.03
CA ALA F 2557 74.59 -1.09 -54.62
C ALA F 2557 75.89 -1.18 -53.82
N VAL F 2558 76.84 -2.00 -54.25
CA VAL F 2558 77.97 -2.32 -53.39
C VAL F 2558 78.94 -1.13 -53.34
N LEU F 2559 79.46 -0.74 -54.49
CA LEU F 2559 80.54 0.23 -54.52
C LEU F 2559 80.17 1.52 -53.82
N PRO F 2560 78.98 2.10 -54.01
CA PRO F 2560 78.63 3.29 -53.21
C PRO F 2560 78.66 3.01 -51.72
N LEU F 2561 78.22 1.82 -51.32
CA LEU F 2561 78.18 1.48 -49.90
C LEU F 2561 79.58 1.41 -49.32
N ILE F 2562 80.51 0.79 -50.04
CA ILE F 2562 81.89 0.71 -49.57
C ILE F 2562 82.52 2.09 -49.56
N THR F 2563 82.19 2.91 -50.55
CA THR F 2563 82.68 4.29 -50.57
C THR F 2563 82.23 5.02 -49.31
N LYS F 2564 80.97 4.83 -48.93
CA LYS F 2564 80.44 5.51 -47.74
C LYS F 2564 81.07 4.95 -46.47
N CYS F 2565 81.31 3.65 -46.41
CA CYS F 2565 81.87 2.99 -45.24
C CYS F 2565 83.40 2.96 -45.26
N ALA F 2566 84.04 3.69 -46.18
CA ALA F 2566 85.50 3.66 -46.29
C ALA F 2566 86.19 3.95 -44.97
N PRO F 2567 85.78 4.95 -44.18
CA PRO F 2567 86.52 5.28 -42.95
C PRO F 2567 86.66 4.11 -42.01
N LEU F 2568 85.69 3.19 -42.06
CA LEU F 2568 85.72 2.03 -41.16
C LEU F 2568 86.94 1.15 -41.42
N PHE F 2569 87.61 1.31 -42.56
CA PHE F 2569 88.77 0.51 -42.92
C PHE F 2569 90.05 1.01 -42.26
N ALA F 2570 89.97 2.02 -41.40
CA ALA F 2570 91.18 2.67 -40.90
C ALA F 2570 92.08 1.70 -40.17
N GLY F 2571 91.51 0.90 -39.27
CA GLY F 2571 92.27 0.01 -38.42
C GLY F 2571 92.23 -1.45 -38.80
N THR F 2572 91.99 -1.78 -40.06
CA THR F 2572 91.86 -3.18 -40.48
C THR F 2572 93.23 -3.78 -40.79
N GLU F 2573 94.14 -3.61 -39.82
CA GLU F 2573 95.48 -4.19 -39.96
C GLU F 2573 95.44 -5.71 -39.82
N HIS F 2574 94.38 -6.25 -39.20
CA HIS F 2574 94.32 -7.68 -38.96
C HIS F 2574 93.72 -8.44 -40.13
N ARG F 2575 93.18 -7.73 -41.12
CA ARG F 2575 92.66 -8.33 -42.34
C ARG F 2575 93.31 -7.74 -43.58
N ALA F 2576 94.61 -7.43 -43.52
CA ALA F 2576 95.27 -6.74 -44.61
C ALA F 2576 95.26 -7.60 -45.88
N ILE F 2577 95.25 -8.91 -45.73
CA ILE F 2577 95.21 -9.82 -46.87
C ILE F 2577 93.93 -9.54 -47.66
N MET F 2578 92.81 -9.51 -46.94
CA MET F 2578 91.53 -9.28 -47.57
C MET F 2578 91.45 -7.87 -48.14
N VAL F 2579 92.00 -6.89 -47.42
CA VAL F 2579 91.99 -5.52 -47.94
C VAL F 2579 92.76 -5.44 -49.26
N ASP F 2580 93.91 -6.11 -49.32
CA ASP F 2580 94.71 -6.11 -50.54
C ASP F 2580 93.97 -6.80 -51.68
N SER F 2581 93.35 -7.94 -51.39
CA SER F 2581 92.56 -8.63 -52.40
C SER F 2581 91.45 -7.73 -52.91
N MET F 2582 90.80 -7.01 -51.99
CA MET F 2582 89.73 -6.08 -52.33
C MET F 2582 90.24 -5.00 -53.28
N LEU F 2583 91.37 -4.39 -52.93
CA LEU F 2583 91.92 -3.32 -53.76
C LEU F 2583 92.28 -3.84 -55.14
N HIS F 2584 92.89 -5.02 -55.20
CA HIS F 2584 93.26 -5.62 -56.49
CA HIS F 2584 93.26 -5.60 -56.48
C HIS F 2584 92.02 -5.88 -57.33
N THR F 2585 90.97 -6.43 -56.73
CA THR F 2585 89.76 -6.73 -57.47
C THR F 2585 89.12 -5.45 -58.01
N VAL F 2586 89.05 -4.41 -57.18
CA VAL F 2586 88.44 -3.17 -57.65
C VAL F 2586 89.30 -2.54 -58.74
N TYR F 2587 90.62 -2.66 -58.65
CA TYR F 2587 91.48 -2.11 -59.69
C TYR F 2587 91.28 -2.83 -61.01
N ARG F 2588 91.21 -4.17 -60.95
CA ARG F 2588 91.01 -4.93 -62.18
C ARG F 2588 89.64 -4.65 -62.77
N LEU F 2589 88.65 -4.40 -61.92
CA LEU F 2589 87.34 -4.02 -62.42
C LEU F 2589 87.39 -2.65 -63.08
N SER F 2590 88.15 -1.72 -62.50
CA SER F 2590 88.34 -0.42 -63.13
C SER F 2590 88.95 -0.59 -64.52
N ARG F 2591 89.98 -1.43 -64.62
CA ARG F 2591 90.53 -1.82 -65.92
C ARG F 2591 89.62 -2.85 -66.58
N GLY F 2592 88.40 -2.41 -66.86
CA GLY F 2592 87.39 -3.31 -67.37
C GLY F 2592 86.76 -2.89 -68.68
N ARG F 2593 86.77 -3.81 -69.64
CA ARG F 2593 86.08 -3.59 -70.89
C ARG F 2593 84.59 -3.86 -70.73
N SER F 2594 83.80 -3.37 -71.69
CA SER F 2594 82.34 -3.49 -71.64
C SER F 2594 81.81 -2.85 -70.36
N LEU F 2595 82.48 -1.79 -69.91
CA LEU F 2595 82.15 -1.11 -68.67
C LEU F 2595 81.88 0.36 -68.97
N THR F 2596 80.70 0.83 -68.59
CA THR F 2596 80.28 2.18 -68.95
C THR F 2596 81.04 3.23 -68.15
N LYS F 2597 80.89 4.48 -68.60
CA LYS F 2597 81.60 5.59 -67.96
C LYS F 2597 81.19 5.77 -66.51
N ALA F 2598 79.88 5.72 -66.24
CA ALA F 2598 79.40 5.91 -64.87
C ALA F 2598 79.91 4.79 -63.96
N GLN F 2599 79.86 3.56 -64.47
CA GLN F 2599 80.36 2.42 -63.71
C GLN F 2599 81.85 2.58 -63.40
N ARG F 2600 82.62 2.99 -64.41
CA ARG F 2600 84.04 3.21 -64.21
C ARG F 2600 84.29 4.30 -63.18
N ASP F 2601 83.52 5.39 -63.23
CA ASP F 2601 83.69 6.49 -62.29
C ASP F 2601 83.38 6.02 -60.87
N VAL F 2602 82.33 5.21 -60.72
CA VAL F 2602 81.99 4.68 -59.39
C VAL F 2602 83.13 3.83 -58.86
N ILE F 2603 83.67 2.96 -59.71
CA ILE F 2603 84.78 2.11 -59.30
C ILE F 2603 85.95 2.97 -58.86
N GLU F 2604 86.27 3.97 -59.68
CA GLU F 2604 87.38 4.82 -59.31
C GLU F 2604 87.09 5.39 -57.93
N ASP F 2605 85.94 6.06 -57.76
CA ASP F 2605 85.66 6.78 -56.51
C ASP F 2605 85.78 5.88 -55.32
N CYS F 2606 85.31 4.66 -55.46
CA CYS F 2606 85.45 3.70 -54.38
C CYS F 2606 86.92 3.45 -54.07
N LEU F 2607 87.74 3.28 -55.11
CA LEU F 2607 89.15 3.01 -54.88
C LEU F 2607 89.84 4.19 -54.20
N MET F 2608 89.57 5.40 -54.69
CA MET F 2608 90.12 6.59 -54.05
C MET F 2608 89.77 6.62 -52.57
N ALA F 2609 88.48 6.49 -52.26
CA ALA F 2609 88.03 6.61 -50.88
C ALA F 2609 88.64 5.54 -50.00
N LEU F 2610 88.71 4.31 -50.50
CA LEU F 2610 89.33 3.25 -49.73
C LEU F 2610 90.79 3.56 -49.45
N CYS F 2611 91.51 4.03 -50.47
CA CYS F 2611 92.94 4.28 -50.31
C CYS F 2611 93.19 5.37 -49.28
N ARG F 2612 92.37 6.41 -49.27
CA ARG F 2612 92.54 7.46 -48.27
CA ARG F 2612 92.56 7.46 -48.27
C ARG F 2612 92.61 6.89 -46.87
N TYR F 2613 91.55 6.21 -46.46
CA TYR F 2613 91.44 5.78 -45.06
C TYR F 2613 92.29 4.55 -44.79
N ILE F 2614 92.74 3.86 -45.84
CA ILE F 2614 93.63 2.73 -45.63
C ILE F 2614 95.03 3.20 -45.28
N ARG F 2615 95.68 2.45 -44.39
CA ARG F 2615 97.04 2.79 -43.99
C ARG F 2615 98.01 2.61 -45.15
N PRO F 2616 99.10 3.39 -45.18
CA PRO F 2616 100.06 3.26 -46.28
C PRO F 2616 100.67 1.88 -46.41
N SER F 2617 100.92 1.20 -45.29
CA SER F 2617 101.56 -0.11 -45.35
C SER F 2617 100.72 -1.08 -46.18
N MET F 2618 99.41 -0.94 -46.14
CA MET F 2618 98.54 -1.85 -46.87
C MET F 2618 98.68 -1.67 -48.37
N LEU F 2619 98.90 -0.43 -48.82
CA LEU F 2619 98.84 -0.13 -50.24
C LEU F 2619 100.10 -0.60 -50.98
N GLN F 2620 101.02 -1.23 -50.27
CA GLN F 2620 102.29 -1.66 -50.85
C GLN F 2620 102.10 -2.46 -52.14
N HIS F 2621 101.26 -3.49 -52.09
CA HIS F 2621 101.05 -4.34 -53.27
C HIS F 2621 100.40 -3.56 -54.40
N LEU F 2622 99.44 -2.70 -54.07
CA LEU F 2622 98.79 -1.89 -55.10
C LEU F 2622 99.80 -0.98 -55.79
N LEU F 2623 100.70 -0.39 -55.01
CA LEU F 2623 101.76 0.43 -55.60
C LEU F 2623 102.67 -0.43 -56.46
N ARG F 2624 102.95 -1.65 -56.03
CA ARG F 2624 103.77 -2.56 -56.83
C ARG F 2624 103.12 -2.77 -58.20
N ARG F 2625 101.81 -3.00 -58.21
CA ARG F 2625 101.12 -3.25 -59.48
C ARG F 2625 101.08 -1.99 -60.33
N LEU F 2626 100.84 -0.85 -59.69
CA LEU F 2626 100.83 0.42 -60.41
C LEU F 2626 102.19 0.72 -61.03
N VAL F 2627 103.25 0.25 -60.39
CA VAL F 2627 104.60 0.46 -60.92
C VAL F 2627 104.77 -0.22 -62.27
N PHE F 2628 104.00 -1.27 -62.53
CA PHE F 2628 104.03 -1.94 -63.82
C PHE F 2628 102.94 -1.44 -64.77
N ASP F 2629 101.86 -0.88 -64.24
CA ASP F 2629 100.76 -0.40 -65.08
C ASP F 2629 100.93 1.05 -65.53
N VAL F 2630 101.07 1.98 -64.59
CA VAL F 2630 101.05 3.41 -64.94
C VAL F 2630 102.11 3.77 -65.95
N PRO F 2631 103.36 3.30 -65.86
CA PRO F 2631 104.40 3.82 -66.76
C PRO F 2631 104.04 3.74 -68.23
N ILE F 2632 103.15 2.81 -68.62
CA ILE F 2632 102.76 2.70 -70.01
C ILE F 2632 102.09 3.98 -70.51
N LEU F 2633 101.53 4.77 -69.60
CA LEU F 2633 100.86 6.02 -69.96
C LEU F 2633 99.76 5.78 -70.98
N ASN F 2634 98.99 4.72 -70.77
CA ASN F 2634 97.87 4.39 -71.64
C ASN F 2634 96.66 5.21 -71.20
N GLU F 2635 95.48 4.87 -71.73
CA GLU F 2635 94.27 5.61 -71.38
C GLU F 2635 93.81 5.35 -69.95
N PHE F 2636 94.06 4.15 -69.43
CA PHE F 2636 93.69 3.82 -68.06
C PHE F 2636 94.61 4.45 -67.02
N ALA F 2637 95.50 5.34 -67.43
CA ALA F 2637 96.49 5.89 -66.51
C ALA F 2637 96.03 7.15 -65.82
N LYS F 2638 94.84 7.66 -66.14
CA LYS F 2638 94.38 8.88 -65.49
C LYS F 2638 94.13 8.62 -64.00
N MET F 2639 93.14 7.78 -63.68
CA MET F 2639 92.79 7.61 -62.28
C MET F 2639 93.98 7.21 -61.42
N PRO F 2640 94.81 6.23 -61.80
CA PRO F 2640 95.94 5.87 -60.93
C PRO F 2640 96.86 7.04 -60.63
N LEU F 2641 97.03 7.95 -61.59
CA LEU F 2641 97.88 9.10 -61.34
C LEU F 2641 97.33 9.96 -60.21
N LYS F 2642 96.04 10.28 -60.26
CA LYS F 2642 95.44 11.09 -59.20
C LYS F 2642 95.46 10.33 -57.87
N LEU F 2643 95.19 9.02 -57.92
CA LEU F 2643 95.25 8.20 -56.72
C LEU F 2643 96.62 8.32 -56.05
N LEU F 2644 97.68 8.10 -56.83
CA LEU F 2644 99.03 8.15 -56.29
C LEU F 2644 99.37 9.57 -55.81
N THR F 2645 98.95 10.57 -56.56
CA THR F 2645 99.18 11.96 -56.16
C THR F 2645 98.61 12.20 -54.77
N ASN F 2646 97.34 11.86 -54.57
CA ASN F 2646 96.70 12.09 -53.27
C ASN F 2646 97.37 11.26 -52.19
N HIS F 2647 97.65 9.99 -52.49
CA HIS F 2647 98.25 9.09 -51.51
C HIS F 2647 99.57 9.65 -51.01
N TYR F 2648 100.45 10.04 -51.93
CA TYR F 2648 101.76 10.54 -51.54
C TYR F 2648 101.67 11.92 -50.91
N GLU F 2649 100.73 12.74 -51.35
CA GLU F 2649 100.53 14.04 -50.72
C GLU F 2649 100.19 13.87 -49.24
N ARG F 2650 99.29 12.95 -48.93
CA ARG F 2650 98.86 12.79 -47.55
C ARG F 2650 99.88 12.00 -46.73
N CYS F 2651 100.57 11.03 -47.33
CA CYS F 2651 101.51 10.17 -46.63
C CYS F 2651 102.96 10.55 -46.90
N TRP F 2652 103.23 11.80 -47.25
CA TRP F 2652 104.60 12.19 -47.56
C TRP F 2652 105.50 12.05 -46.33
N LYS F 2653 104.96 12.29 -45.13
CA LYS F 2653 105.74 12.11 -43.92
C LYS F 2653 106.21 10.66 -43.77
N TYR F 2654 105.33 9.72 -44.07
CA TYR F 2654 105.62 8.30 -43.95
C TYR F 2654 106.90 7.92 -44.69
N TYR F 2655 106.99 8.33 -45.96
CA TYR F 2655 108.12 7.94 -46.78
C TYR F 2655 109.33 8.83 -46.52
N CYS F 2656 109.11 10.12 -46.32
CA CYS F 2656 110.21 11.08 -46.24
C CYS F 2656 110.89 11.04 -44.87
N LEU F 2657 110.13 11.35 -43.82
CA LEU F 2657 110.74 11.54 -42.51
C LEU F 2657 111.28 10.21 -41.98
N PRO F 2658 112.38 10.23 -41.22
CA PRO F 2658 112.85 8.98 -40.60
C PRO F 2658 111.99 8.55 -39.42
N THR F 2659 111.49 9.51 -38.63
CA THR F 2659 110.56 9.17 -37.57
C THR F 2659 109.28 8.57 -38.14
N GLY F 2660 108.84 9.07 -39.28
CA GLY F 2660 107.66 8.57 -39.95
C GLY F 2660 106.44 9.40 -39.64
N TRP F 2661 105.32 8.93 -40.19
CA TRP F 2661 104.03 9.56 -39.92
C TRP F 2661 103.43 8.96 -38.67
N ALA F 2662 102.99 9.84 -37.77
CA ALA F 2662 102.57 9.40 -36.44
C ALA F 2662 101.51 8.31 -36.54
N ASN F 2663 101.71 7.24 -35.77
CA ASN F 2663 100.76 6.15 -35.66
C ASN F 2663 100.70 5.30 -36.93
N PHE F 2664 101.51 5.65 -37.93
CA PHE F 2664 101.54 4.88 -39.18
C PHE F 2664 102.90 4.30 -39.48
N GLY F 2665 103.92 4.58 -38.67
CA GLY F 2665 105.22 3.98 -38.86
C GLY F 2665 106.02 4.66 -39.96
N VAL F 2666 106.97 3.89 -40.49
CA VAL F 2666 107.91 4.38 -41.50
C VAL F 2666 107.92 3.42 -42.67
N THR F 2667 108.45 3.90 -43.79
CA THR F 2667 108.55 3.10 -44.99
C THR F 2667 109.50 1.92 -44.79
N SER F 2668 109.19 0.82 -45.48
CA SER F 2668 110.00 -0.39 -45.34
C SER F 2668 111.36 -0.24 -46.00
N GLU F 2669 111.39 0.39 -47.19
CA GLU F 2669 112.54 0.48 -48.09
C GLU F 2669 112.13 -0.03 -49.46
N GLU F 2670 111.44 -1.16 -49.50
CA GLU F 2670 110.90 -1.66 -50.77
C GLU F 2670 109.87 -0.70 -51.33
N GLU F 2671 109.07 -0.10 -50.44
CA GLU F 2671 108.12 0.92 -50.88
C GLU F 2671 108.84 2.09 -51.53
N LEU F 2672 109.95 2.53 -50.94
CA LEU F 2672 110.72 3.62 -51.52
C LEU F 2672 111.33 3.23 -52.85
N HIS F 2673 111.80 1.98 -52.96
CA HIS F 2673 112.34 1.49 -54.23
C HIS F 2673 111.28 1.53 -55.31
N LEU F 2674 110.07 1.07 -54.99
CA LEU F 2674 108.97 1.13 -55.95
C LEU F 2674 108.60 2.56 -56.31
N THR F 2675 108.61 3.44 -55.31
CA THR F 2675 108.30 4.85 -55.55
C THR F 2675 109.31 5.47 -56.52
N ARG F 2676 110.59 5.19 -56.31
CA ARG F 2676 111.62 5.72 -57.20
C ARG F 2676 111.46 5.15 -58.61
N LYS F 2677 111.18 3.84 -58.70
CA LYS F 2677 110.93 3.25 -60.00
C LYS F 2677 109.78 3.95 -60.72
N LEU F 2678 108.70 4.20 -59.99
CA LEU F 2678 107.54 4.86 -60.60
C LEU F 2678 107.90 6.26 -61.08
N PHE F 2679 108.58 7.03 -60.23
CA PHE F 2679 109.00 8.37 -60.63
C PHE F 2679 109.79 8.32 -61.93
N TRP F 2680 110.82 7.46 -61.98
CA TRP F 2680 111.71 7.47 -63.12
C TRP F 2680 111.01 6.93 -64.36
N GLY F 2681 110.16 5.92 -64.20
CA GLY F 2681 109.45 5.38 -65.34
C GLY F 2681 108.50 6.39 -65.96
N ILE F 2682 107.72 7.07 -65.12
CA ILE F 2682 106.82 8.10 -65.64
C ILE F 2682 107.62 9.22 -66.30
N PHE F 2683 108.72 9.64 -65.66
CA PHE F 2683 109.54 10.70 -66.22
C PHE F 2683 110.01 10.34 -67.63
N ASP F 2684 110.62 9.16 -67.76
CA ASP F 2684 111.15 8.75 -69.06
C ASP F 2684 110.03 8.58 -70.09
N SER F 2685 108.94 7.94 -69.69
CA SER F 2685 107.85 7.70 -70.63
C SER F 2685 107.27 9.01 -71.13
N LEU F 2686 107.01 9.95 -70.22
CA LEU F 2686 106.43 11.23 -70.62
C LEU F 2686 107.41 12.02 -71.48
N ALA F 2687 108.71 11.92 -71.18
CA ALA F 2687 109.70 12.58 -72.04
C ALA F 2687 109.63 12.05 -73.45
N HIS F 2688 109.48 10.74 -73.60
CA HIS F 2688 109.46 10.15 -74.94
C HIS F 2688 108.14 10.42 -75.65
N LYS F 2689 107.03 10.46 -74.91
CA LYS F 2689 105.72 10.59 -75.53
C LYS F 2689 105.54 11.96 -76.17
N LYS F 2690 104.57 12.02 -77.09
CA LYS F 2690 104.16 13.26 -77.71
C LYS F 2690 103.20 14.02 -76.81
N TYR F 2691 103.08 15.31 -77.05
CA TYR F 2691 102.27 16.16 -76.19
C TYR F 2691 100.84 15.67 -76.14
N ASP F 2692 100.29 15.60 -74.93
CA ASP F 2692 98.87 15.36 -74.69
C ASP F 2692 98.49 16.26 -73.53
N GLN F 2693 97.73 17.32 -73.82
CA GLN F 2693 97.41 18.31 -72.81
C GLN F 2693 96.82 17.66 -71.56
N GLU F 2694 95.97 16.65 -71.75
CA GLU F 2694 95.32 16.02 -70.61
C GLU F 2694 96.30 15.18 -69.80
N LEU F 2695 97.18 14.45 -70.47
CA LEU F 2695 98.19 13.68 -69.75
C LEU F 2695 99.13 14.60 -68.96
N TYR F 2696 99.56 15.69 -69.59
CA TYR F 2696 100.38 16.67 -68.90
C TYR F 2696 99.62 17.31 -67.75
N ARG F 2697 98.31 17.47 -67.90
CA ARG F 2697 97.53 18.04 -66.81
C ARG F 2697 97.37 17.04 -65.68
N MET F 2698 97.36 15.75 -65.99
CA MET F 2698 97.24 14.74 -64.94
C MET F 2698 98.55 14.58 -64.20
N ALA F 2699 99.67 14.77 -64.90
CA ALA F 2699 100.97 14.87 -64.26
C ALA F 2699 101.36 16.33 -64.00
N MET F 2700 100.38 17.23 -63.97
CA MET F 2700 100.53 18.57 -63.42
C MET F 2700 100.41 18.52 -61.89
N PRO F 2701 99.46 17.75 -61.34
CA PRO F 2701 99.66 17.27 -59.97
C PRO F 2701 100.94 16.48 -59.86
N CYS F 2702 101.39 15.94 -61.00
CA CYS F 2702 102.79 15.66 -61.28
C CYS F 2702 103.43 14.65 -60.36
N LEU F 2703 104.64 14.28 -60.70
CA LEU F 2703 105.54 13.48 -59.89
C LEU F 2703 106.01 14.25 -58.67
N CYS F 2704 105.45 15.43 -58.44
CA CYS F 2704 105.90 16.32 -57.38
C CYS F 2704 105.65 15.67 -56.02
N ALA F 2705 104.48 15.07 -55.84
CA ALA F 2705 104.17 14.38 -54.59
C ALA F 2705 105.13 13.22 -54.36
N ILE F 2706 105.39 12.45 -55.40
CA ILE F 2706 106.34 11.35 -55.29
C ILE F 2706 107.71 11.87 -54.87
N ALA F 2707 108.16 12.94 -55.51
CA ALA F 2707 109.48 13.50 -55.21
C ALA F 2707 109.54 14.02 -53.78
N GLY F 2708 108.50 14.72 -53.33
CA GLY F 2708 108.47 15.21 -51.97
C GLY F 2708 108.48 14.07 -50.96
N ALA F 2709 107.77 12.99 -51.27
CA ALA F 2709 107.79 11.82 -50.40
C ALA F 2709 109.19 11.21 -50.35
N LEU F 2710 109.85 11.10 -51.49
CA LEU F 2710 111.16 10.49 -51.53
C LEU F 2710 112.19 11.38 -50.83
N PRO F 2711 112.95 10.84 -49.88
CA PRO F 2711 114.05 11.61 -49.33
C PRO F 2711 115.09 11.90 -50.38
N PRO F 2712 115.64 13.13 -50.42
CA PRO F 2712 116.70 13.41 -51.40
C PRO F 2712 117.94 12.57 -51.19
N ASP F 2713 118.17 12.07 -49.97
CA ASP F 2713 119.34 11.26 -49.68
C ASP F 2713 119.08 9.77 -49.85
N TYR F 2714 117.85 9.38 -50.18
CA TYR F 2714 117.52 7.97 -50.37
C TYR F 2714 118.49 7.30 -51.33
N VAL F 2715 119.08 6.19 -50.90
CA VAL F 2715 119.99 5.41 -51.72
C VAL F 2715 119.39 4.02 -51.90
N ASP F 2716 119.16 3.63 -53.16
CA ASP F 2716 118.53 2.35 -53.45
C ASP F 2716 119.57 1.24 -53.30
N ALA F 2717 119.26 0.28 -52.43
CA ALA F 2717 120.18 -0.84 -52.23
C ALA F 2717 120.46 -1.57 -53.52
N SER F 2718 119.47 -1.64 -54.40
CA SER F 2718 119.59 -2.31 -55.70
C SER F 2718 119.71 -1.25 -56.78
N TYR F 2719 120.86 -1.19 -57.43
CA TYR F 2719 121.12 -0.25 -58.51
C TYR F 2719 121.62 -1.03 -59.72
N SER F 2720 120.85 -1.01 -60.79
CA SER F 2720 121.21 -1.78 -61.97
C SER F 2720 120.50 -1.23 -63.21
N SER F 2721 120.65 -1.92 -64.32
CA SER F 2721 119.85 -1.64 -65.50
C SER F 2721 118.84 -2.75 -65.70
N LYS F 2722 117.56 -2.40 -65.82
CA LYS F 2722 116.51 -3.38 -66.10
C LYS F 2722 116.76 -4.07 -67.43
N ALA F 2723 117.37 -3.36 -68.38
CA ALA F 2723 117.70 -3.72 -69.77
C ALA F 2723 116.46 -3.98 -70.61
N GLU F 2724 115.32 -3.62 -70.04
CA GLU F 2724 114.04 -4.12 -70.48
C GLU F 2724 113.42 -3.12 -71.44
N LYS F 2725 112.36 -3.57 -72.07
CA LYS F 2725 111.61 -2.99 -73.14
C LYS F 2725 111.44 -1.48 -73.10
N ASN F 2734 101.32 -10.60 -71.52
CA ASN F 2734 101.92 -9.27 -71.51
C ASN F 2734 103.44 -9.14 -71.31
N PHE F 2735 103.93 -9.46 -70.11
CA PHE F 2735 105.36 -9.57 -69.87
C PHE F 2735 105.80 -10.96 -70.31
N ASP F 2736 106.88 -11.02 -71.07
CA ASP F 2736 107.35 -12.27 -71.64
C ASP F 2736 108.86 -12.36 -71.53
N PRO F 2737 109.40 -13.11 -70.58
CA PRO F 2737 110.85 -13.33 -70.56
C PRO F 2737 111.29 -14.32 -71.63
N ARG F 2738 112.10 -13.86 -72.58
CA ARG F 2738 112.55 -14.68 -73.70
C ARG F 2738 113.84 -15.39 -73.32
N PRO F 2739 113.86 -16.73 -73.23
CA PRO F 2739 115.11 -17.42 -72.88
C PRO F 2739 116.07 -17.61 -74.06
N VAL F 2740 117.17 -18.29 -73.80
CA VAL F 2740 118.24 -18.49 -74.77
C VAL F 2740 118.69 -19.95 -74.69
N GLU F 2741 118.48 -20.70 -75.76
CA GLU F 2741 118.68 -22.14 -75.73
C GLU F 2741 119.94 -22.51 -76.49
N THR F 2742 120.82 -23.25 -75.81
CA THR F 2742 122.13 -23.62 -76.34
C THR F 2742 122.10 -24.90 -77.16
N LEU F 2743 120.98 -25.64 -77.15
CA LEU F 2743 120.93 -26.94 -77.81
C LEU F 2743 121.47 -26.90 -79.23
N ASN F 2744 121.44 -25.73 -79.86
CA ASN F 2744 121.98 -25.61 -81.21
C ASN F 2744 123.44 -26.05 -81.28
N VAL F 2745 124.24 -25.64 -80.29
CA VAL F 2745 125.65 -26.05 -80.23
C VAL F 2745 125.79 -27.12 -79.15
N ILE F 2746 126.89 -27.87 -79.19
CA ILE F 2746 127.18 -28.93 -78.24
C ILE F 2746 127.34 -28.32 -76.85
N ILE F 2747 127.16 -29.14 -75.83
CA ILE F 2747 127.23 -28.72 -74.43
C ILE F 2747 128.41 -29.43 -73.79
N PRO F 2748 129.31 -28.74 -73.09
CA PRO F 2748 130.53 -29.39 -72.58
C PRO F 2748 130.26 -30.61 -71.71
N GLU F 2749 131.02 -31.68 -71.93
CA GLU F 2749 130.91 -32.85 -71.08
C GLU F 2749 131.45 -32.57 -69.69
N LYS F 2750 132.47 -31.71 -69.60
CA LYS F 2750 132.92 -31.25 -68.29
C LYS F 2750 131.79 -30.55 -67.54
N LEU F 2751 131.03 -29.70 -68.24
CA LEU F 2751 129.90 -29.03 -67.61
C LEU F 2751 128.83 -30.04 -67.22
N ASP F 2752 128.60 -31.06 -68.05
CA ASP F 2752 127.62 -32.08 -67.71
C ASP F 2752 128.03 -32.84 -66.46
N SER F 2753 129.31 -33.21 -66.36
CA SER F 2753 129.80 -33.86 -65.15
C SER F 2753 129.67 -32.95 -63.94
N PHE F 2754 129.98 -31.67 -64.11
CA PHE F 2754 129.79 -30.71 -63.02
C PHE F 2754 128.33 -30.67 -62.58
N ILE F 2755 127.40 -30.67 -63.53
CA ILE F 2755 125.98 -30.61 -63.19
C ILE F 2755 125.56 -31.87 -62.45
N ASN F 2756 126.05 -33.03 -62.89
CA ASN F 2756 125.71 -34.27 -62.22
C ASN F 2756 126.25 -34.27 -60.79
N LYS F 2757 127.48 -33.79 -60.60
CA LYS F 2757 128.04 -33.70 -59.27
C LYS F 2757 127.26 -32.72 -58.41
N PHE F 2758 126.80 -31.62 -59.03
CA PHE F 2758 125.98 -30.65 -58.31
C PHE F 2758 124.68 -31.27 -57.84
N ALA F 2759 124.03 -32.05 -58.72
CA ALA F 2759 122.80 -32.73 -58.32
C ALA F 2759 123.06 -33.74 -57.21
N GLU F 2760 124.15 -34.51 -57.33
CA GLU F 2760 124.54 -35.42 -56.26
C GLU F 2760 124.70 -34.70 -54.94
N TYR F 2761 125.38 -33.56 -54.98
CA TYR F 2761 125.68 -32.87 -53.74
C TYR F 2761 124.42 -32.23 -53.18
N THR F 2762 123.54 -31.71 -54.03
CA THR F 2762 122.29 -31.13 -53.54
C THR F 2762 121.43 -32.21 -52.90
N HIS F 2763 121.43 -33.41 -53.46
CA HIS F 2763 120.76 -34.52 -52.81
C HIS F 2763 121.43 -34.88 -51.48
N GLU F 2764 122.76 -34.73 -51.41
CA GLU F 2764 123.46 -34.95 -50.16
C GLU F 2764 123.07 -33.92 -49.11
N LYS F 2765 122.93 -32.65 -49.51
CA LYS F 2765 122.42 -31.64 -48.59
C LYS F 2765 120.99 -31.95 -48.18
N TRP F 2766 120.20 -32.52 -49.10
CA TRP F 2766 118.84 -32.93 -48.73
C TRP F 2766 118.87 -34.01 -47.66
N ALA F 2767 119.72 -35.02 -47.83
CA ALA F 2767 119.86 -36.05 -46.81
C ALA F 2767 120.35 -35.45 -45.50
N PHE F 2768 121.29 -34.51 -45.58
CA PHE F 2768 121.78 -33.84 -44.38
C PHE F 2768 120.66 -33.11 -43.66
N ASP F 2769 119.82 -32.40 -44.41
CA ASP F 2769 118.74 -31.64 -43.79
C ASP F 2769 117.67 -32.56 -43.22
N LYS F 2770 117.48 -33.75 -43.81
CA LYS F 2770 116.60 -34.74 -43.21
C LYS F 2770 117.16 -35.25 -41.90
N ILE F 2771 118.45 -35.59 -41.88
CA ILE F 2771 119.09 -36.02 -40.64
C ILE F 2771 118.98 -34.92 -39.58
N GLN F 2772 119.19 -33.67 -39.97
CA GLN F 2772 119.12 -32.56 -39.03
C GLN F 2772 117.70 -32.35 -38.52
N ASN F 2773 116.71 -32.54 -39.40
CA ASN F 2773 115.32 -32.29 -39.04
C ASN F 2773 114.85 -33.18 -37.90
N ASN F 2774 115.56 -34.27 -37.62
CA ASN F 2774 115.28 -35.23 -36.55
C ASN F 2774 114.14 -36.17 -36.92
N TRP F 2775 113.76 -36.26 -38.18
CA TRP F 2775 112.69 -37.14 -38.62
C TRP F 2775 113.29 -38.23 -39.51
N SER F 2776 113.04 -39.48 -39.15
CA SER F 2776 113.63 -40.60 -39.86
C SER F 2776 112.82 -40.93 -41.11
N TYR F 2777 113.50 -40.87 -42.26
CA TYR F 2777 112.87 -41.26 -43.52
C TYR F 2777 112.33 -42.68 -43.42
N GLY F 2778 111.23 -42.94 -44.12
CA GLY F 2778 110.54 -44.22 -44.05
C GLY F 2778 110.95 -45.14 -45.18
N GLU F 2779 111.04 -46.43 -44.86
CA GLU F 2779 111.36 -47.43 -45.88
C GLU F 2779 110.22 -47.59 -46.87
N ASN F 2780 108.99 -47.69 -46.37
CA ASN F 2780 107.78 -47.71 -47.19
C ASN F 2780 107.40 -46.31 -47.62
N VAL F 2781 106.40 -46.23 -48.49
CA VAL F 2781 105.85 -44.95 -48.93
C VAL F 2781 104.65 -44.62 -48.05
N ASP F 2782 104.78 -43.57 -47.25
CA ASP F 2782 103.75 -43.13 -46.33
C ASP F 2782 103.69 -41.61 -46.29
N GLU F 2783 102.62 -41.03 -46.84
CA GLU F 2783 102.41 -39.59 -46.84
C GLU F 2783 102.28 -39.03 -45.42
N GLU F 2784 101.78 -39.83 -44.48
CA GLU F 2784 101.57 -39.39 -43.11
C GLU F 2784 102.89 -39.04 -42.43
N LEU F 2785 103.94 -39.85 -42.67
CA LEU F 2785 105.26 -39.62 -42.11
C LEU F 2785 105.87 -38.33 -42.63
N LYS F 2786 105.29 -37.75 -43.69
CA LYS F 2786 105.45 -36.37 -44.15
C LYS F 2786 106.90 -36.00 -44.46
N THR F 2787 107.75 -37.02 -44.62
CA THR F 2787 109.05 -36.85 -45.22
C THR F 2787 108.93 -37.35 -46.65
N HIS F 2788 109.95 -37.14 -47.46
CA HIS F 2788 109.90 -37.54 -48.85
C HIS F 2788 110.20 -39.03 -48.95
N PRO F 2789 109.23 -39.86 -49.31
CA PRO F 2789 109.48 -41.32 -49.32
C PRO F 2789 110.66 -41.73 -50.17
N MET F 2790 111.00 -40.93 -51.17
CA MET F 2790 112.12 -41.24 -52.05
C MET F 2790 113.43 -41.37 -51.28
N LEU F 2791 113.51 -40.79 -50.09
CA LEU F 2791 114.71 -40.93 -49.28
C LEU F 2791 115.09 -42.39 -49.12
N ARG F 2792 116.21 -42.78 -49.73
CA ARG F 2792 116.71 -44.15 -49.77
C ARG F 2792 118.21 -44.11 -49.97
N PRO F 2793 118.90 -45.21 -49.70
CA PRO F 2793 120.36 -45.25 -49.92
C PRO F 2793 120.67 -44.96 -51.37
N TYR F 2794 121.77 -44.22 -51.59
CA TYR F 2794 122.11 -43.77 -52.93
C TYR F 2794 122.20 -44.94 -53.90
N LYS F 2795 122.69 -46.08 -53.43
CA LYS F 2795 122.85 -47.26 -54.29
C LYS F 2795 121.51 -47.72 -54.89
N THR F 2796 120.41 -47.33 -54.26
CA THR F 2796 119.08 -47.62 -54.77
C THR F 2796 118.41 -46.45 -55.46
N PHE F 2797 118.94 -45.23 -55.30
CA PHE F 2797 118.28 -44.05 -55.84
C PHE F 2797 118.05 -44.19 -57.34
N SER F 2798 116.84 -43.86 -57.77
CA SER F 2798 116.45 -44.04 -59.16
C SER F 2798 117.12 -42.98 -60.03
N GLU F 2799 117.59 -43.40 -61.20
CA GLU F 2799 118.19 -42.45 -62.13
C GLU F 2799 117.14 -41.52 -62.74
N LYS F 2800 115.94 -42.04 -62.97
CA LYS F 2800 114.91 -41.26 -63.67
C LYS F 2800 114.70 -39.90 -63.03
N ASP F 2801 114.69 -39.82 -61.69
CA ASP F 2801 114.52 -38.54 -61.03
C ASP F 2801 115.67 -37.59 -61.37
N LYS F 2802 116.90 -38.10 -61.38
CA LYS F 2802 118.04 -37.25 -61.74
C LYS F 2802 117.91 -36.74 -63.16
N GLU F 2803 117.54 -37.61 -64.10
CA GLU F 2803 117.42 -37.16 -65.48
C GLU F 2803 116.27 -36.17 -65.69
N ILE F 2804 115.16 -36.34 -64.97
CA ILE F 2804 114.07 -35.37 -65.11
C ILE F 2804 114.49 -34.04 -64.50
N TYR F 2805 115.15 -34.05 -63.35
CA TYR F 2805 115.66 -32.84 -62.73
C TYR F 2805 116.78 -32.20 -63.53
N ARG F 2806 117.44 -32.98 -64.39
CA ARG F 2806 118.58 -32.48 -65.14
C ARG F 2806 118.18 -31.35 -66.08
N TRP F 2807 117.02 -31.46 -66.73
CA TRP F 2807 116.63 -30.41 -67.69
C TRP F 2807 116.50 -29.06 -67.01
N PRO F 2808 115.88 -28.93 -65.82
CA PRO F 2808 115.96 -27.64 -65.11
C PRO F 2808 117.39 -27.21 -64.81
N ILE F 2809 118.22 -28.12 -64.28
CA ILE F 2809 119.59 -27.76 -63.95
C ILE F 2809 120.35 -27.38 -65.21
N LYS F 2810 120.15 -28.14 -66.29
CA LYS F 2810 120.75 -27.78 -67.57
C LYS F 2810 120.31 -26.38 -68.01
N GLU F 2811 119.01 -26.13 -68.05
CA GLU F 2811 118.52 -24.81 -68.43
C GLU F 2811 119.17 -23.73 -67.59
N SER F 2812 119.27 -23.95 -66.27
CA SER F 2812 119.85 -22.94 -65.39
C SER F 2812 121.30 -22.67 -65.74
N LEU F 2813 122.10 -23.71 -65.95
CA LEU F 2813 123.52 -23.50 -66.23
C LEU F 2813 123.72 -22.92 -67.63
N LYS F 2814 122.89 -23.33 -68.59
CA LYS F 2814 122.91 -22.72 -69.92
C LYS F 2814 122.64 -21.23 -69.83
N ALA F 2815 121.61 -20.84 -69.08
CA ALA F 2815 121.33 -19.44 -68.87
C ALA F 2815 122.50 -18.72 -68.20
N MET F 2816 123.11 -19.37 -67.20
CA MET F 2816 124.28 -18.82 -66.54
C MET F 2816 125.36 -18.47 -67.56
N ILE F 2817 125.72 -19.46 -68.39
CA ILE F 2817 126.78 -19.24 -69.38
C ILE F 2817 126.36 -18.21 -70.40
N ALA F 2818 125.05 -18.14 -70.70
CA ALA F 2818 124.57 -17.28 -71.76
C ALA F 2818 124.56 -15.82 -71.34
N TRP F 2819 124.20 -15.54 -70.10
CA TRP F 2819 124.16 -14.15 -69.63
C TRP F 2819 125.58 -13.68 -69.27
N GLU F 2820 126.50 -13.79 -70.23
CA GLU F 2820 127.87 -13.29 -70.10
C GLU F 2820 128.46 -13.55 -68.71
N TRP F 2821 128.15 -14.71 -68.15
CA TRP F 2821 128.83 -15.24 -66.98
C TRP F 2821 129.66 -16.44 -67.40
N THR F 2822 130.93 -16.42 -67.06
CA THR F 2822 131.87 -17.45 -67.51
C THR F 2822 132.37 -18.25 -66.30
N ILE F 2823 132.21 -19.57 -66.36
CA ILE F 2823 132.70 -20.47 -65.33
C ILE F 2823 134.08 -20.97 -65.76
N GLU F 2824 135.03 -20.92 -64.83
CA GLU F 2824 136.41 -21.29 -65.11
C GLU F 2824 137.07 -21.71 -63.81
N LYS F 2825 137.87 -22.76 -63.86
CA LYS F 2825 138.55 -23.28 -62.67
C LYS F 2825 139.77 -22.40 -62.41
N ALA F 2826 139.81 -21.79 -61.22
CA ALA F 2826 140.81 -20.76 -60.96
C ALA F 2826 142.23 -21.34 -60.95
N ARG F 2827 142.37 -22.62 -60.63
CA ARG F 2827 143.67 -23.24 -60.47
C ARG F 2827 143.75 -24.50 -61.34
N GLU F 2828 144.92 -24.74 -61.91
CA GLU F 2828 145.11 -25.78 -62.90
C GLU F 2828 145.48 -27.12 -62.27
N GLY F 2829 144.60 -28.11 -62.45
CA GLY F 2829 144.74 -29.47 -61.96
C GLY F 2829 145.50 -30.38 -62.90
N GLU F 2830 146.72 -30.76 -62.50
CA GLU F 2830 147.65 -31.67 -63.17
C GLU F 2830 147.08 -32.42 -64.38
N TYR F 2855 130.68 -37.18 -44.33
CA TYR F 2855 129.45 -36.53 -44.74
C TYR F 2855 129.36 -35.09 -44.28
N ASN F 2856 129.79 -34.83 -43.07
CA ASN F 2856 129.76 -33.52 -42.46
C ASN F 2856 130.60 -32.57 -43.26
N PRO F 2857 130.07 -31.40 -43.62
CA PRO F 2857 130.80 -30.60 -44.59
C PRO F 2857 132.13 -30.13 -44.01
N GLN F 2858 133.14 -30.11 -44.87
CA GLN F 2858 134.41 -29.50 -44.48
C GLN F 2858 134.33 -27.99 -44.55
N PRO F 2859 133.82 -27.41 -45.63
CA PRO F 2859 133.54 -25.98 -45.67
C PRO F 2859 132.10 -25.69 -45.30
N PRO F 2860 131.76 -25.72 -44.01
CA PRO F 2860 130.34 -25.58 -43.64
C PRO F 2860 129.73 -24.31 -44.21
N ASP F 2861 128.50 -24.43 -44.70
CA ASP F 2861 127.82 -23.28 -45.28
C ASP F 2861 127.65 -22.20 -44.21
N LEU F 2862 128.39 -21.11 -44.37
CA LEU F 2862 128.41 -20.03 -43.39
C LEU F 2862 127.64 -18.84 -43.95
N SER F 2863 126.61 -18.43 -43.21
CA SER F 2863 125.94 -17.16 -43.50
C SER F 2863 126.87 -15.97 -43.37
N GLY F 2864 127.91 -16.09 -42.52
CA GLY F 2864 128.77 -14.96 -42.26
C GLY F 2864 129.50 -14.47 -43.50
N VAL F 2865 129.89 -15.38 -44.40
CA VAL F 2865 130.69 -15.10 -45.58
C VAL F 2865 130.03 -13.98 -46.37
N THR F 2866 130.74 -12.85 -46.49
CA THR F 2866 130.18 -11.67 -47.15
C THR F 2866 130.28 -11.81 -48.66
N LEU F 2867 129.35 -11.17 -49.36
CA LEU F 2867 129.34 -11.16 -50.81
C LEU F 2867 129.28 -9.72 -51.30
N SER F 2868 130.14 -9.40 -52.26
CA SER F 2868 130.23 -8.04 -52.77
C SER F 2868 128.98 -7.66 -53.55
N ARG F 2869 128.86 -6.37 -53.85
CA ARG F 2869 127.69 -5.86 -54.57
C ARG F 2869 127.55 -6.52 -55.94
N GLU F 2870 128.64 -6.61 -56.68
CA GLU F 2870 128.56 -7.16 -58.03
CA GLU F 2870 128.54 -7.15 -58.03
C GLU F 2870 128.23 -8.65 -58.01
N LEU F 2871 128.82 -9.43 -57.07
CA LEU F 2871 128.48 -10.85 -56.96
C LEU F 2871 127.04 -11.04 -56.55
N GLN F 2872 126.56 -10.22 -55.60
CA GLN F 2872 125.15 -10.27 -55.27
C GLN F 2872 124.30 -9.99 -56.50
N ALA F 2873 124.55 -8.87 -57.18
CA ALA F 2873 123.83 -8.58 -58.42
C ALA F 2873 123.73 -9.83 -59.30
N MET F 2874 124.84 -10.54 -59.49
CA MET F 2874 124.77 -11.75 -60.33
C MET F 2874 123.87 -12.79 -59.70
N ALA F 2875 123.96 -12.97 -58.38
CA ALA F 2875 123.18 -14.03 -57.72
C ALA F 2875 121.68 -13.75 -57.80
N GLU F 2876 121.28 -12.52 -57.46
CA GLU F 2876 119.86 -12.16 -57.53
C GLU F 2876 119.36 -12.15 -58.98
N GLN F 2877 120.20 -11.79 -59.94
CA GLN F 2877 119.75 -11.85 -61.33
C GLN F 2877 119.61 -13.29 -61.80
N LEU F 2878 120.44 -14.19 -61.27
CA LEU F 2878 120.27 -15.61 -61.55
C LEU F 2878 118.96 -16.13 -60.94
N ALA F 2879 118.64 -15.67 -59.72
CA ALA F 2879 117.35 -16.00 -59.13
C ALA F 2879 116.21 -15.46 -60.00
N GLU F 2880 116.42 -14.26 -60.57
CA GLU F 2880 115.40 -13.69 -61.44
C GLU F 2880 115.25 -14.50 -62.72
N ASN F 2881 116.35 -15.09 -63.19
CA ASN F 2881 116.26 -16.00 -64.35
C ASN F 2881 115.53 -17.30 -63.97
N TYR F 2882 115.76 -17.78 -62.76
CA TYR F 2882 114.99 -18.91 -62.27
C TYR F 2882 113.50 -18.58 -62.26
N HIS F 2883 113.17 -17.37 -61.83
CA HIS F 2883 111.76 -16.96 -61.83
C HIS F 2883 111.27 -16.71 -63.25
N ASN F 2884 112.18 -16.37 -64.16
CA ASN F 2884 111.80 -16.28 -65.57
C ASN F 2884 111.35 -17.64 -66.10
N THR F 2885 112.15 -18.67 -65.86
CA THR F 2885 111.76 -20.02 -66.25
C THR F 2885 110.50 -20.46 -65.52
N TRP F 2886 110.38 -20.09 -64.24
CA TRP F 2886 109.21 -20.46 -63.45
C TRP F 2886 107.95 -19.83 -64.01
N GLY F 2887 108.01 -18.54 -64.34
CA GLY F 2887 106.86 -17.88 -64.94
C GLY F 2887 106.59 -18.38 -66.34
N ARG F 2888 107.64 -18.78 -67.06
CA ARG F 2888 107.45 -19.36 -68.38
C ARG F 2888 106.63 -20.65 -68.31
N LYS F 2889 107.05 -21.59 -67.45
CA LYS F 2889 106.28 -22.83 -67.33
C LYS F 2889 104.92 -22.57 -66.69
N LYS F 2890 104.84 -21.60 -65.79
CA LYS F 2890 103.55 -21.17 -65.27
C LYS F 2890 102.62 -20.78 -66.40
N LYS F 2891 103.10 -19.92 -67.29
CA LYS F 2891 102.31 -19.51 -68.46
C LYS F 2891 102.01 -20.69 -69.37
N GLN F 2892 102.91 -21.67 -69.43
CA GLN F 2892 102.65 -22.86 -70.24
C GLN F 2892 101.43 -23.62 -69.71
N GLU F 2893 101.31 -23.72 -68.38
CA GLU F 2893 100.12 -24.38 -67.84
C GLU F 2893 98.90 -23.46 -67.92
N LEU F 2894 99.12 -22.15 -67.79
CA LEU F 2894 98.02 -21.19 -67.77
C LEU F 2894 97.36 -21.02 -69.14
N GLU F 2895 98.15 -21.11 -70.21
CA GLU F 2895 97.64 -20.85 -71.55
C GLU F 2895 96.40 -21.66 -71.85
N ALA F 2896 96.29 -22.86 -71.25
CA ALA F 2896 95.06 -23.62 -71.37
C ALA F 2896 93.90 -22.89 -70.70
N LYS F 2897 94.17 -22.26 -69.56
CA LYS F 2897 93.16 -21.44 -68.88
C LYS F 2897 93.08 -20.05 -69.52
N GLY F 2898 94.19 -19.33 -69.53
CA GLY F 2898 94.26 -18.03 -70.19
C GLY F 2898 93.70 -16.88 -69.39
N GLY F 2899 93.43 -17.06 -68.09
CA GLY F 2899 92.92 -15.99 -67.26
C GLY F 2899 93.35 -16.17 -65.83
N GLY F 2900 92.98 -15.20 -65.00
CA GLY F 2900 93.36 -15.23 -63.60
C GLY F 2900 94.86 -15.15 -63.41
N THR F 2901 95.52 -14.18 -64.06
CA THR F 2901 96.97 -14.10 -63.97
C THR F 2901 97.39 -14.07 -62.52
N HIS F 2902 98.34 -14.92 -62.17
CA HIS F 2902 98.73 -15.07 -60.77
C HIS F 2902 99.34 -13.77 -60.27
N PRO F 2903 98.84 -13.20 -59.17
CA PRO F 2903 99.35 -11.89 -58.72
C PRO F 2903 100.85 -11.87 -58.47
N LEU F 2904 101.41 -12.98 -58.01
CA LEU F 2904 102.82 -13.01 -57.61
C LEU F 2904 103.77 -12.96 -58.79
N LEU F 2905 103.30 -13.09 -60.02
CA LEU F 2905 104.19 -13.15 -61.18
C LEU F 2905 104.77 -11.76 -61.40
N VAL F 2906 105.77 -11.44 -60.58
CA VAL F 2906 106.50 -10.18 -60.69
C VAL F 2906 107.96 -10.42 -60.34
N PRO F 2907 108.83 -9.50 -60.72
CA PRO F 2907 110.26 -9.66 -60.43
C PRO F 2907 110.53 -9.77 -58.93
N TYR F 2908 111.55 -10.57 -58.59
CA TYR F 2908 111.97 -10.68 -57.20
C TYR F 2908 112.36 -9.33 -56.63
N ASP F 2909 113.10 -8.52 -57.40
CA ASP F 2909 113.53 -7.22 -56.89
C ASP F 2909 112.34 -6.33 -56.58
N THR F 2910 111.28 -6.42 -57.37
CA THR F 2910 110.09 -5.61 -57.08
C THR F 2910 109.33 -6.14 -55.88
N LEU F 2911 109.14 -7.46 -55.80
CA LEU F 2911 108.43 -8.03 -54.68
C LEU F 2911 109.33 -8.09 -53.45
N THR F 2912 108.72 -8.44 -52.31
CA THR F 2912 109.41 -8.36 -51.03
C THR F 2912 110.60 -9.32 -50.98
N ALA F 2913 111.59 -8.95 -50.16
CA ALA F 2913 112.79 -9.78 -50.03
C ALA F 2913 112.48 -11.12 -49.39
N LYS F 2914 111.45 -11.16 -48.52
CA LYS F 2914 111.15 -12.40 -47.80
C LYS F 2914 110.79 -13.53 -48.78
N GLU F 2915 109.94 -13.24 -49.75
CA GLU F 2915 109.64 -14.19 -50.82
C GLU F 2915 110.87 -14.44 -51.68
N LYS F 2916 111.68 -13.40 -51.85
CA LYS F 2916 112.97 -13.56 -52.50
C LYS F 2916 113.95 -14.36 -51.64
N ALA F 2917 113.85 -14.23 -50.31
CA ALA F 2917 114.89 -14.73 -49.42
C ALA F 2917 115.24 -16.19 -49.72
N ARG F 2918 114.24 -17.02 -50.03
CA ARG F 2918 114.45 -18.43 -50.33
C ARG F 2918 115.46 -18.60 -51.46
N ASP F 2919 115.11 -18.09 -52.65
CA ASP F 2919 115.96 -18.18 -53.83
C ASP F 2919 117.26 -17.43 -53.64
N ARG F 2920 117.24 -16.35 -52.85
CA ARG F 2920 118.45 -15.61 -52.56
C ARG F 2920 119.44 -16.49 -51.80
N GLU F 2921 118.98 -17.14 -50.74
CA GLU F 2921 119.84 -18.04 -49.98
C GLU F 2921 120.32 -19.20 -50.83
N LYS F 2922 119.45 -19.73 -51.69
CA LYS F 2922 119.84 -20.80 -52.60
C LYS F 2922 120.97 -20.35 -53.53
N ALA F 2923 120.84 -19.14 -54.09
CA ALA F 2923 121.87 -18.63 -54.98
C ALA F 2923 123.17 -18.36 -54.23
N GLN F 2924 123.07 -17.85 -53.00
CA GLN F 2924 124.27 -17.67 -52.18
C GLN F 2924 124.97 -19.00 -51.95
N GLU F 2925 124.21 -20.04 -51.58
CA GLU F 2925 124.81 -21.34 -51.34
C GLU F 2925 125.45 -21.89 -52.61
N LEU F 2926 124.80 -21.70 -53.75
CA LEU F 2926 125.33 -22.14 -55.04
C LEU F 2926 126.67 -21.45 -55.32
N LEU F 2927 126.68 -20.12 -55.26
CA LEU F 2927 127.92 -19.38 -55.50
C LEU F 2927 129.02 -19.80 -54.54
N LYS F 2928 128.67 -20.03 -53.27
CA LYS F 2928 129.67 -20.52 -52.34
C LYS F 2928 130.25 -21.79 -52.92
N PHE F 2929 129.40 -22.77 -53.27
CA PHE F 2929 129.81 -24.06 -53.85
C PHE F 2929 130.86 -23.84 -54.92
N LEU F 2930 130.57 -22.96 -55.85
CA LEU F 2930 131.43 -22.73 -57.00
C LEU F 2930 132.80 -22.18 -56.58
N GLN F 2931 132.82 -21.16 -55.72
CA GLN F 2931 134.07 -20.54 -55.28
C GLN F 2931 134.93 -21.52 -54.49
N MET F 2932 134.32 -22.20 -53.53
CA MET F 2932 134.90 -23.22 -52.66
C MET F 2932 135.28 -24.54 -53.35
N ASN F 2933 134.76 -24.82 -54.54
CA ASN F 2933 135.43 -25.78 -55.43
C ASN F 2933 136.32 -25.12 -56.46
N GLY F 2934 136.58 -23.82 -56.35
CA GLY F 2934 137.46 -23.15 -57.30
C GLY F 2934 136.85 -22.87 -58.65
N TYR F 2935 135.60 -23.24 -58.88
CA TYR F 2935 134.92 -22.98 -60.15
C TYR F 2935 134.44 -21.54 -60.13
N ALA F 2936 135.37 -20.61 -60.33
CA ALA F 2936 135.04 -19.19 -60.29
C ALA F 2936 134.08 -18.83 -61.42
N VAL F 2937 133.07 -18.04 -61.09
CA VAL F 2937 132.13 -17.51 -62.07
C VAL F 2937 132.41 -16.01 -62.20
N THR F 2938 132.87 -15.60 -63.37
CA THR F 2938 133.28 -14.22 -63.63
C THR F 2938 132.24 -13.55 -64.51
N ARG F 2939 132.17 -12.22 -64.41
CA ARG F 2939 131.23 -11.44 -65.19
C ARG F 2939 129.81 -11.83 -64.84
N LEU F 2946 131.46 2.34 -62.61
CA LEU F 2946 130.82 1.47 -61.64
C LEU F 2946 131.35 1.78 -60.23
N ASP F 2947 131.13 0.91 -59.24
CA ASP F 2947 131.51 1.25 -57.87
C ASP F 2947 130.92 2.60 -57.47
N THR F 2948 129.72 2.88 -57.98
CA THR F 2948 129.08 4.17 -57.78
C THR F 2948 128.95 4.47 -56.30
N SER F 2949 129.28 5.70 -55.92
CA SER F 2949 129.22 6.08 -54.52
C SER F 2949 127.78 6.25 -54.07
N SER F 2950 127.59 6.20 -52.75
CA SER F 2950 126.28 6.45 -52.17
C SER F 2950 125.72 7.80 -52.65
N ILE F 2951 126.60 8.79 -52.78
CA ILE F 2951 126.15 10.11 -53.23
C ILE F 2951 125.61 10.03 -54.65
N GLU F 2952 126.33 9.36 -55.54
CA GLU F 2952 125.82 9.15 -56.89
C GLU F 2952 124.49 8.42 -56.85
N LYS F 2953 124.35 7.47 -55.92
CA LYS F 2953 123.14 6.65 -55.88
C LYS F 2953 121.94 7.44 -55.37
N ARG F 2954 122.17 8.49 -54.59
CA ARG F 2954 121.06 9.25 -54.04
C ARG F 2954 120.10 9.69 -55.14
N PHE F 2955 118.83 9.81 -54.77
CA PHE F 2955 117.79 10.16 -55.75
C PHE F 2955 118.02 11.55 -56.31
N ALA F 2956 118.27 12.53 -55.44
CA ALA F 2956 118.41 13.91 -55.90
C ALA F 2956 119.54 14.04 -56.90
N PHE F 2957 120.59 13.23 -56.75
CA PHE F 2957 121.71 13.29 -57.67
C PHE F 2957 121.27 13.02 -59.10
N GLY F 2958 120.56 11.91 -59.32
CA GLY F 2958 120.12 11.59 -60.67
C GLY F 2958 119.11 12.59 -61.19
N PHE F 2959 118.25 13.08 -60.30
CA PHE F 2959 117.28 14.11 -60.69
C PHE F 2959 118.00 15.33 -61.24
N LEU F 2960 119.00 15.81 -60.51
CA LEU F 2960 119.75 16.98 -60.97
C LEU F 2960 120.53 16.69 -62.24
N GLN F 2961 121.07 15.48 -62.36
CA GLN F 2961 121.77 15.10 -63.58
C GLN F 2961 120.83 15.21 -64.79
N GLN F 2962 119.63 14.66 -64.66
CA GLN F 2962 118.66 14.73 -65.76
C GLN F 2962 118.25 16.17 -66.03
N LEU F 2963 118.08 16.97 -64.97
CA LEU F 2963 117.72 18.36 -65.16
C LEU F 2963 118.81 19.10 -65.93
N LEU F 2964 120.07 18.84 -65.61
CA LEU F 2964 121.17 19.49 -66.30
C LEU F 2964 121.23 19.05 -67.76
N ARG F 2965 121.01 17.76 -68.02
CA ARG F 2965 120.98 17.27 -69.39
C ARG F 2965 119.86 17.96 -70.18
N TRP F 2966 118.69 18.09 -69.56
CA TRP F 2966 117.59 18.77 -70.22
C TRP F 2966 117.88 20.26 -70.39
N MET F 2967 118.67 20.84 -69.49
CA MET F 2967 119.08 22.23 -69.67
C MET F 2967 119.97 22.37 -70.89
N ASP F 2968 120.88 21.42 -71.10
CA ASP F 2968 121.68 21.42 -72.32
C ASP F 2968 120.80 21.30 -73.55
N ILE F 2969 119.84 20.38 -73.51
CA ILE F 2969 118.89 20.24 -74.61
C ILE F 2969 118.11 21.54 -74.83
N SER F 2970 117.82 22.25 -73.75
CA SER F 2970 117.07 23.49 -73.86
C SER F 2970 117.88 24.56 -74.56
N GLN F 2971 119.14 24.73 -74.14
CA GLN F 2971 120.05 25.58 -74.87
C GLN F 2971 120.04 25.23 -76.35
N GLU F 2972 120.07 23.93 -76.64
CA GLU F 2972 120.14 23.48 -78.03
C GLU F 2972 118.92 23.94 -78.82
N PHE F 2973 117.72 23.64 -78.34
CA PHE F 2973 116.56 23.94 -79.18
C PHE F 2973 116.31 25.44 -79.24
N ILE F 2974 116.65 26.18 -78.18
CA ILE F 2974 116.47 27.62 -78.27
C ILE F 2974 117.42 28.21 -79.30
N ALA F 2975 118.68 27.74 -79.32
CA ALA F 2975 119.62 28.23 -80.32
C ALA F 2975 119.10 27.94 -81.72
N HIS F 2976 118.63 26.70 -81.94
CA HIS F 2976 118.04 26.36 -83.23
C HIS F 2976 116.85 27.26 -83.53
N LEU F 2977 116.11 27.65 -82.49
CA LEU F 2977 114.91 28.45 -82.68
C LEU F 2977 115.26 29.87 -83.13
N GLU F 2978 116.24 30.50 -82.48
CA GLU F 2978 116.67 31.81 -82.96
C GLU F 2978 117.24 31.69 -84.37
N ALA F 2979 117.96 30.61 -84.65
CA ALA F 2979 118.52 30.44 -85.99
C ALA F 2979 117.43 30.40 -87.04
N VAL F 2980 116.36 29.63 -86.80
CA VAL F 2980 115.28 29.53 -87.78
C VAL F 2980 114.46 30.82 -87.83
N VAL F 2981 114.29 31.50 -86.68
CA VAL F 2981 113.52 32.73 -86.67
C VAL F 2981 114.24 33.81 -87.46
N SER F 2982 115.56 33.87 -87.37
CA SER F 2982 116.31 34.90 -88.08
C SER F 2982 116.07 34.82 -89.58
N SER F 2983 116.00 33.61 -90.13
CA SER F 2983 115.75 33.44 -91.55
C SER F 2983 115.17 32.05 -91.78
N GLY F 2984 114.41 31.93 -92.86
CA GLY F 2984 113.78 30.67 -93.21
C GLY F 2984 112.95 30.10 -92.08
N ARG F 2985 111.87 30.81 -91.72
CA ARG F 2985 111.06 30.39 -90.60
C ARG F 2985 110.32 29.10 -90.90
N VAL F 2986 110.52 28.11 -90.03
CA VAL F 2986 109.81 26.84 -90.11
C VAL F 2986 108.85 26.79 -88.92
N GLU F 2987 107.55 26.77 -89.22
CA GLU F 2987 106.55 26.75 -88.16
C GLU F 2987 106.46 25.39 -87.47
N LYS F 2988 107.13 24.37 -88.01
CA LYS F 2988 107.01 23.03 -87.45
C LYS F 2988 107.50 22.98 -86.00
N SER F 2989 108.66 23.58 -85.73
CA SER F 2989 109.26 23.48 -84.41
C SER F 2989 109.35 22.02 -84.00
N PRO F 2990 110.27 21.26 -84.60
CA PRO F 2990 110.33 19.81 -84.30
C PRO F 2990 110.53 19.52 -82.83
N HIS F 2991 111.20 20.43 -82.11
CA HIS F 2991 111.46 20.20 -80.69
C HIS F 2991 110.22 20.51 -79.84
N GLU F 2992 109.08 20.73 -80.49
CA GLU F 2992 107.83 21.03 -79.80
C GLU F 2992 107.63 20.18 -78.56
N GLN F 2993 107.83 18.87 -78.70
CA GLN F 2993 107.63 17.97 -77.57
C GLN F 2993 108.58 18.30 -76.43
N GLU F 2994 109.85 18.55 -76.75
CA GLU F 2994 110.82 18.89 -75.72
C GLU F 2994 110.45 20.20 -75.03
N ILE F 2995 110.02 21.19 -75.82
CA ILE F 2995 109.66 22.49 -75.26
C ILE F 2995 108.50 22.32 -74.29
N LYS F 2996 107.47 21.58 -74.71
CA LYS F 2996 106.29 21.42 -73.87
C LYS F 2996 106.62 20.62 -72.62
N PHE F 2997 107.42 19.56 -72.76
CA PHE F 2997 107.85 18.81 -71.58
C PHE F 2997 108.56 19.73 -70.60
N PHE F 2998 109.58 20.44 -71.09
CA PHE F 2998 110.28 21.41 -70.26
C PHE F 2998 109.30 22.28 -69.49
N ALA F 2999 108.54 23.09 -70.24
CA ALA F 2999 107.73 24.14 -69.62
C ALA F 2999 106.65 23.57 -68.70
N LYS F 3000 106.06 22.43 -69.05
CA LYS F 3000 104.87 21.95 -68.37
C LYS F 3000 105.20 21.03 -67.19
N ILE F 3001 106.31 20.30 -67.26
CA ILE F 3001 106.68 19.34 -66.24
C ILE F 3001 107.86 19.84 -65.42
N LEU F 3002 108.98 20.16 -66.08
CA LEU F 3002 110.23 20.34 -65.35
C LEU F 3002 110.17 21.55 -64.44
N LEU F 3003 109.69 22.67 -64.96
CA LEU F 3003 109.68 23.90 -64.17
C LEU F 3003 108.81 23.79 -62.93
N PRO F 3004 107.53 23.39 -63.02
CA PRO F 3004 106.76 23.20 -61.79
C PRO F 3004 107.38 22.18 -60.86
N LEU F 3005 107.93 21.12 -61.42
CA LEU F 3005 108.60 20.09 -60.62
C LEU F 3005 109.78 20.69 -59.87
N ILE F 3006 110.59 21.48 -60.57
CA ILE F 3006 111.73 22.15 -59.95
C ILE F 3006 111.24 23.02 -58.80
N ASN F 3007 110.24 23.86 -59.08
CA ASN F 3007 109.73 24.77 -58.07
C ASN F 3007 109.30 24.01 -56.82
N GLN F 3008 108.41 23.04 -56.99
CA GLN F 3008 107.86 22.32 -55.84
C GLN F 3008 108.95 21.58 -55.09
N TYR F 3009 109.80 20.85 -55.82
CA TYR F 3009 110.82 20.02 -55.18
C TYR F 3009 111.77 20.87 -54.35
N PHE F 3010 112.27 21.97 -54.92
CA PHE F 3010 113.28 22.73 -54.23
C PHE F 3010 112.66 23.61 -53.14
N THR F 3011 111.41 24.01 -53.31
CA THR F 3011 110.70 24.65 -52.21
C THR F 3011 110.57 23.70 -51.04
N ASN F 3012 110.28 22.43 -51.32
CA ASN F 3012 110.16 21.45 -50.25
C ASN F 3012 111.50 21.17 -49.58
N HIS F 3013 112.54 20.95 -50.38
CA HIS F 3013 113.83 20.47 -49.89
C HIS F 3013 114.90 21.55 -49.89
N CYS F 3014 114.53 22.82 -49.72
CA CYS F 3014 115.53 23.88 -49.64
C CYS F 3014 116.49 23.64 -48.48
N LEU F 3015 115.95 23.31 -47.30
CA LEU F 3015 116.79 23.19 -46.12
C LEU F 3015 117.82 22.07 -46.28
N TYR F 3016 117.44 20.99 -46.95
CA TYR F 3016 118.37 19.88 -47.16
C TYR F 3016 119.60 20.32 -47.94
N PHE F 3017 119.39 21.16 -48.96
CA PHE F 3017 120.51 21.57 -49.81
C PHE F 3017 121.37 22.61 -49.10
N LEU F 3018 120.76 23.43 -48.24
CA LEU F 3018 121.51 24.43 -47.50
C LEU F 3018 122.14 23.88 -46.23
N SER F 3019 121.69 22.73 -45.77
CA SER F 3019 122.21 22.17 -44.52
C SER F 3019 123.67 21.75 -44.70
N THR F 3020 124.42 21.83 -43.61
CA THR F 3020 125.80 21.39 -43.57
C THR F 3020 125.99 20.46 -42.38
N PRO F 3021 126.99 19.58 -42.42
CA PRO F 3021 127.22 18.68 -41.29
C PRO F 3021 127.37 19.44 -39.99
N ALA F 3022 128.06 20.58 -40.05
CA ALA F 3022 128.20 21.41 -38.85
C ALA F 3022 126.88 21.99 -38.42
N LYS F 3023 126.07 22.47 -39.37
CA LYS F 3023 124.81 23.13 -39.09
C LYS F 3023 123.73 22.47 -39.93
N VAL F 3024 122.87 21.69 -39.28
CA VAL F 3024 121.83 20.95 -39.98
C VAL F 3024 120.49 21.64 -39.78
N LEU F 3025 120.13 22.53 -40.71
CA LEU F 3025 118.86 23.23 -40.61
C LEU F 3025 117.69 22.26 -40.76
N GLY F 3026 117.76 21.35 -41.72
CA GLY F 3026 116.67 20.43 -41.95
C GLY F 3026 116.54 19.41 -40.85
N SER F 3027 115.38 18.77 -40.80
CA SER F 3027 115.15 17.74 -39.79
C SER F 3027 116.13 16.59 -39.95
N GLY F 3028 116.37 16.15 -41.18
CA GLY F 3028 117.29 15.06 -41.43
C GLY F 3028 118.05 15.18 -42.73
N GLY F 3029 119.37 15.12 -42.65
CA GLY F 3029 120.20 15.01 -43.82
C GLY F 3029 120.72 16.35 -44.30
N HIS F 3030 121.89 16.32 -44.94
CA HIS F 3030 122.51 17.48 -45.54
C HIS F 3030 123.02 17.10 -46.93
N ALA F 3031 122.81 18.00 -47.89
CA ALA F 3031 123.18 17.70 -49.26
C ALA F 3031 124.69 17.65 -49.43
N SER F 3032 125.12 16.85 -50.40
CA SER F 3032 126.53 16.73 -50.70
C SER F 3032 127.02 17.93 -51.49
N ASN F 3033 128.34 18.13 -51.46
CA ASN F 3033 128.95 19.22 -52.20
C ASN F 3033 128.66 19.08 -53.69
N LYS F 3034 128.66 17.85 -54.20
CA LYS F 3034 128.37 17.64 -55.61
C LYS F 3034 126.94 18.07 -55.94
N GLU F 3035 125.99 17.72 -55.07
CA GLU F 3035 124.61 18.16 -55.27
C GLU F 3035 124.52 19.69 -55.27
N LYS F 3036 125.25 20.34 -54.36
CA LYS F 3036 125.27 21.79 -54.32
C LYS F 3036 125.80 22.37 -55.62
N GLU F 3037 126.89 21.78 -56.13
CA GLU F 3037 127.44 22.23 -57.40
C GLU F 3037 126.44 22.06 -58.52
N MET F 3038 125.74 20.93 -58.55
CA MET F 3038 124.78 20.68 -59.62
C MET F 3038 123.64 21.70 -59.58
N ILE F 3039 123.14 22.00 -58.38
CA ILE F 3039 122.04 22.96 -58.28
C ILE F 3039 122.50 24.35 -58.70
N THR F 3040 123.71 24.74 -58.29
CA THR F 3040 124.23 26.04 -58.70
C THR F 3040 124.39 26.12 -60.21
N SER F 3041 124.92 25.05 -60.82
CA SER F 3041 125.09 25.02 -62.27
C SER F 3041 123.74 25.10 -62.97
N LEU F 3042 122.74 24.40 -62.43
CA LEU F 3042 121.40 24.48 -63.01
C LEU F 3042 120.87 25.90 -62.96
N PHE F 3043 121.03 26.57 -61.83
CA PHE F 3043 120.59 27.95 -61.70
C PHE F 3043 121.26 28.84 -62.76
N CYS F 3044 122.59 28.72 -62.87
CA CYS F 3044 123.33 29.55 -63.82
C CYS F 3044 122.90 29.26 -65.26
N LYS F 3045 122.73 27.98 -65.59
CA LYS F 3045 122.32 27.63 -66.95
C LYS F 3045 120.94 28.16 -67.27
N LEU F 3046 120.00 28.08 -66.33
CA LEU F 3046 118.67 28.61 -66.58
C LEU F 3046 118.70 30.13 -66.74
N ALA F 3047 119.51 30.82 -65.93
CA ALA F 3047 119.64 32.26 -66.10
C ALA F 3047 120.19 32.61 -67.47
N ALA F 3048 121.22 31.89 -67.92
CA ALA F 3048 121.74 32.12 -69.27
C ALA F 3048 120.69 31.80 -70.33
N LEU F 3049 119.91 30.74 -70.09
CA LEU F 3049 118.89 30.34 -71.04
C LEU F 3049 117.86 31.43 -71.23
N VAL F 3050 117.43 32.07 -70.14
CA VAL F 3050 116.41 33.11 -70.22
C VAL F 3050 116.99 34.48 -70.56
N ARG F 3051 118.32 34.64 -70.47
CA ARG F 3051 118.93 35.91 -70.79
C ARG F 3051 118.59 36.36 -72.20
N HIS F 3052 117.96 37.52 -72.32
CA HIS F 3052 117.62 38.15 -73.59
C HIS F 3052 116.70 37.29 -74.44
N ARG F 3053 116.17 36.19 -73.89
CA ARG F 3053 115.27 35.29 -74.61
C ARG F 3053 113.94 35.12 -73.89
N VAL F 3054 113.58 36.08 -73.04
CA VAL F 3054 112.38 35.99 -72.21
C VAL F 3054 111.14 35.89 -73.09
N SER F 3055 111.09 36.69 -74.15
CA SER F 3055 109.89 36.76 -74.97
C SER F 3055 109.56 35.41 -75.59
N LEU F 3056 110.57 34.71 -76.09
CA LEU F 3056 110.34 33.44 -76.77
C LEU F 3056 109.61 32.45 -75.86
N PHE F 3057 109.83 32.56 -74.55
CA PHE F 3057 109.18 31.65 -73.62
C PHE F 3057 107.70 31.94 -73.49
N GLY F 3058 107.28 33.17 -73.79
CA GLY F 3058 105.87 33.51 -73.66
C GLY F 3058 105.42 33.45 -72.21
N THR F 3059 104.35 32.68 -71.98
CA THR F 3059 103.73 32.63 -70.65
C THR F 3059 104.58 31.86 -69.65
N ASP F 3060 105.57 31.10 -70.11
CA ASP F 3060 106.40 30.28 -69.23
C ASP F 3060 107.51 31.07 -68.55
N ALA F 3061 107.78 32.29 -69.00
CA ALA F 3061 108.82 33.10 -68.38
C ALA F 3061 108.57 33.34 -66.90
N PRO F 3062 107.35 33.62 -66.44
CA PRO F 3062 107.10 33.72 -65.01
C PRO F 3062 107.53 32.46 -64.26
N ALA F 3063 107.25 31.30 -64.85
CA ALA F 3063 107.67 30.05 -64.24
C ALA F 3063 109.19 29.96 -64.17
N VAL F 3064 109.87 30.38 -65.23
CA VAL F 3064 111.33 30.40 -65.22
C VAL F 3064 111.83 31.26 -64.08
N VAL F 3065 111.25 32.45 -63.94
CA VAL F 3065 111.72 33.40 -62.93
C VAL F 3065 111.48 32.85 -61.52
N ASN F 3066 110.31 32.24 -61.30
CA ASN F 3066 110.01 31.70 -59.98
C ASN F 3066 110.95 30.53 -59.64
N CYS F 3067 111.22 29.67 -60.62
CA CYS F 3067 112.16 28.59 -60.39
C CYS F 3067 113.55 29.14 -60.09
N LEU F 3068 113.93 30.23 -60.76
CA LEU F 3068 115.21 30.86 -60.47
C LEU F 3068 115.24 31.40 -59.04
N HIS F 3069 114.15 32.03 -58.61
CA HIS F 3069 114.06 32.49 -57.23
C HIS F 3069 114.30 31.33 -56.26
N ILE F 3070 113.59 30.23 -56.47
CA ILE F 3070 113.69 29.09 -55.55
C ILE F 3070 115.10 28.54 -55.54
N LEU F 3071 115.68 28.38 -56.73
CA LEU F 3071 117.04 27.86 -56.83
C LEU F 3071 118.03 28.77 -56.11
N ALA F 3072 117.88 30.08 -56.30
CA ALA F 3072 118.73 31.03 -55.62
C ALA F 3072 118.65 30.86 -54.11
N ARG F 3073 117.42 30.75 -53.60
CA ARG F 3073 117.26 30.54 -52.16
C ARG F 3073 117.91 29.23 -51.72
N SER F 3074 117.96 28.25 -52.62
CA SER F 3074 118.46 26.93 -52.23
C SER F 3074 119.99 26.86 -52.29
N LEU F 3075 120.62 27.72 -53.07
CA LEU F 3075 122.06 27.61 -53.29
C LEU F 3075 122.85 27.75 -52.00
N ASP F 3076 123.96 27.02 -51.92
CA ASP F 3076 124.96 27.21 -50.87
C ASP F 3076 126.22 27.73 -51.53
N ALA F 3077 126.23 29.05 -51.75
CA ALA F 3077 127.33 29.68 -52.48
C ALA F 3077 128.61 29.62 -51.67
N ARG F 3078 128.51 29.68 -50.33
CA ARG F 3078 129.70 29.56 -49.49
C ARG F 3078 130.49 28.30 -49.84
N THR F 3079 129.86 27.13 -49.70
CA THR F 3079 130.54 25.87 -50.00
C THR F 3079 130.94 25.81 -51.47
N VAL F 3080 130.04 26.22 -52.36
CA VAL F 3080 130.34 26.09 -53.79
C VAL F 3080 131.58 26.88 -54.15
N MET F 3081 131.75 28.06 -53.57
CA MET F 3081 132.83 28.97 -53.92
C MET F 3081 134.10 28.73 -53.13
N LYS F 3082 134.03 28.05 -51.98
CA LYS F 3082 135.25 27.67 -51.26
C LYS F 3082 135.80 26.34 -51.71
N SER F 3083 134.96 25.30 -51.76
CA SER F 3083 135.37 23.97 -52.21
C SER F 3083 134.44 23.56 -53.35
N GLY F 3084 134.78 23.98 -54.56
CA GLY F 3084 133.97 23.69 -55.71
C GLY F 3084 134.75 23.78 -57.01
N PRO F 3085 134.27 23.10 -58.04
CA PRO F 3085 134.98 23.13 -59.32
C PRO F 3085 135.04 24.53 -59.92
N GLU F 3086 136.18 24.81 -60.55
CA GLU F 3086 136.36 26.09 -61.21
C GLU F 3086 135.31 26.31 -62.28
N ILE F 3087 134.76 25.23 -62.85
CA ILE F 3087 133.74 25.38 -63.87
C ILE F 3087 132.48 26.01 -63.28
N VAL F 3088 131.99 25.47 -62.17
CA VAL F 3088 130.81 26.02 -61.52
C VAL F 3088 131.09 27.43 -61.02
N LYS F 3089 132.25 27.62 -60.42
CA LYS F 3089 132.59 28.93 -59.90
C LYS F 3089 132.65 29.97 -61.02
N ALA F 3090 133.20 29.59 -62.17
CA ALA F 3090 133.24 30.49 -63.32
C ALA F 3090 131.84 30.76 -63.84
N GLY F 3091 130.97 29.76 -63.82
CA GLY F 3091 129.59 30.00 -64.21
C GLY F 3091 128.93 31.05 -63.36
N LEU F 3092 129.13 30.96 -62.05
CA LEU F 3092 128.54 31.95 -61.15
C LEU F 3092 129.14 33.33 -61.38
N ARG F 3093 130.47 33.40 -61.52
CA ARG F 3093 131.10 34.69 -61.83
C ARG F 3093 130.54 35.28 -63.12
N SER F 3094 130.36 34.45 -64.13
CA SER F 3094 129.84 34.92 -65.40
C SER F 3094 128.41 35.44 -65.25
N PHE F 3095 127.61 34.75 -64.43
CA PHE F 3095 126.26 35.24 -64.17
C PHE F 3095 126.30 36.64 -63.57
N PHE F 3096 127.13 36.83 -62.55
CA PHE F 3096 127.22 38.15 -61.92
C PHE F 3096 127.71 39.20 -62.91
N GLU F 3097 128.73 38.87 -63.69
CA GLU F 3097 129.30 39.83 -64.62
C GLU F 3097 128.28 40.21 -65.69
N SER F 3098 127.54 39.23 -66.20
CA SER F 3098 126.52 39.51 -67.21
C SER F 3098 125.40 40.37 -66.63
N ALA F 3099 125.03 40.11 -65.37
CA ALA F 3099 124.05 40.97 -64.72
C ALA F 3099 124.54 42.40 -64.67
N SER F 3100 125.82 42.58 -64.32
CA SER F 3100 126.40 43.91 -64.29
C SER F 3100 126.33 44.58 -65.65
N GLU F 3101 126.68 43.84 -66.71
CA GLU F 3101 126.64 44.42 -68.05
C GLU F 3101 125.22 44.84 -68.42
N ASP F 3102 124.25 43.98 -68.13
CA ASP F 3102 122.87 44.29 -68.48
C ASP F 3102 122.40 45.54 -67.75
N ILE F 3103 122.77 45.67 -66.47
CA ILE F 3103 122.40 46.86 -65.72
C ILE F 3103 123.05 48.10 -66.33
N GLU F 3104 124.33 47.99 -66.71
CA GLU F 3104 125.00 49.12 -67.32
C GLU F 3104 124.31 49.54 -68.62
N LYS F 3105 123.92 48.56 -69.44
CA LYS F 3105 123.22 48.89 -70.68
C LYS F 3105 121.88 49.56 -70.39
N MET F 3106 121.15 49.04 -69.41
CA MET F 3106 119.88 49.68 -69.06
C MET F 3106 120.09 51.13 -68.66
N VAL F 3107 121.04 51.37 -67.75
CA VAL F 3107 121.24 52.73 -67.26
C VAL F 3107 121.68 53.63 -68.40
N GLU F 3108 122.47 53.11 -69.34
CA GLU F 3108 122.83 53.90 -70.51
C GLU F 3108 121.58 54.28 -71.32
N ASN F 3109 120.74 53.29 -71.62
CA ASN F 3109 119.52 53.59 -72.37
C ASN F 3109 118.70 54.66 -71.67
N LEU F 3110 118.64 54.60 -70.34
CA LEU F 3110 117.89 55.60 -69.59
C LEU F 3110 118.64 56.92 -69.54
N ARG F 3111 119.95 56.91 -69.77
CA ARG F 3111 120.68 58.15 -70.04
C ARG F 3111 120.26 58.72 -71.39
N LEU F 3112 119.70 57.86 -72.24
CA LEU F 3112 119.21 58.24 -73.56
C LEU F 3112 120.38 58.46 -74.51
N GLY F 3113 121.56 57.93 -74.18
CA GLY F 3113 122.63 57.89 -75.15
C GLY F 3113 122.20 57.20 -76.43
N LYS F 3114 121.28 56.24 -76.33
CA LYS F 3114 120.55 55.69 -77.45
C LYS F 3114 119.11 56.21 -77.40
N VAL F 3115 118.44 56.21 -78.56
CA VAL F 3115 117.11 56.79 -78.63
C VAL F 3115 116.17 56.09 -77.65
N SER F 3116 115.91 54.80 -77.89
CA SER F 3116 115.00 54.00 -77.08
C SER F 3116 113.53 54.35 -77.29
N LYS F 3123 113.38 45.65 -80.04
CA LYS F 3123 114.73 45.41 -80.54
C LYS F 3123 115.67 45.01 -79.39
N GLY F 3124 116.97 45.27 -79.55
CA GLY F 3124 117.92 44.86 -78.53
C GLY F 3124 117.71 45.59 -77.21
N VAL F 3125 117.49 46.90 -77.27
CA VAL F 3125 117.29 47.67 -76.05
C VAL F 3125 116.02 47.21 -75.34
N GLY F 3126 114.95 47.01 -76.09
CA GLY F 3126 113.72 46.52 -75.50
C GLY F 3126 113.89 45.15 -74.88
N GLN F 3127 114.62 44.27 -75.57
CA GLN F 3127 114.87 42.94 -75.04
C GLN F 3127 115.63 43.01 -73.74
N ASN F 3128 116.71 43.80 -73.70
CA ASN F 3128 117.50 43.90 -72.48
C ASN F 3128 116.67 44.49 -71.34
N LEU F 3129 115.89 45.54 -71.64
CA LEU F 3129 115.10 46.19 -70.60
C LEU F 3129 114.06 45.24 -70.03
N THR F 3130 113.31 44.57 -70.89
CA THR F 3130 112.27 43.67 -70.42
C THR F 3130 112.88 42.49 -69.66
N TYR F 3131 113.97 41.91 -70.18
CA TYR F 3131 114.63 40.83 -69.47
C TYR F 3131 115.03 41.28 -68.09
N THR F 3132 115.73 42.40 -67.99
CA THR F 3132 116.19 42.88 -66.69
C THR F 3132 115.01 43.06 -65.76
N THR F 3133 114.08 43.96 -66.10
CA THR F 3133 113.01 44.33 -65.19
C THR F 3133 112.17 43.12 -64.80
N VAL F 3134 112.01 42.14 -65.69
CA VAL F 3134 111.14 41.01 -65.42
C VAL F 3134 111.83 39.94 -64.60
N ALA F 3135 113.08 39.61 -64.92
CA ALA F 3135 113.74 38.46 -64.32
C ALA F 3135 114.95 38.85 -63.47
N LEU F 3136 115.83 39.70 -64.00
CA LEU F 3136 117.14 39.86 -63.38
C LEU F 3136 117.04 40.56 -62.04
N LEU F 3137 116.38 41.72 -61.99
CA LEU F 3137 116.28 42.45 -60.73
C LEU F 3137 115.63 41.62 -59.64
N PRO F 3138 114.50 40.94 -59.88
CA PRO F 3138 113.96 40.07 -58.83
C PRO F 3138 114.90 38.94 -58.43
N VAL F 3139 115.47 38.25 -59.41
CA VAL F 3139 116.33 37.11 -59.09
C VAL F 3139 117.59 37.57 -58.36
N LEU F 3140 118.20 38.65 -58.83
CA LEU F 3140 119.38 39.18 -58.18
C LEU F 3140 119.07 39.66 -56.77
N THR F 3141 117.92 40.32 -56.59
CA THR F 3141 117.50 40.76 -55.27
C THR F 3141 117.33 39.58 -54.34
N THR F 3142 116.69 38.51 -54.83
CA THR F 3142 116.50 37.32 -54.01
C THR F 3142 117.83 36.69 -53.64
N LEU F 3143 118.76 36.61 -54.59
CA LEU F 3143 120.06 36.03 -54.32
C LEU F 3143 120.80 36.83 -53.26
N PHE F 3144 120.77 38.17 -53.38
CA PHE F 3144 121.43 39.02 -52.41
C PHE F 3144 120.80 38.85 -51.04
N GLN F 3145 119.48 38.79 -50.99
CA GLN F 3145 118.77 38.60 -49.72
C GLN F 3145 119.17 37.29 -49.07
N HIS F 3146 119.21 36.22 -49.86
CA HIS F 3146 119.56 34.90 -49.34
C HIS F 3146 120.99 34.90 -48.82
N ILE F 3147 121.90 35.50 -49.59
CA ILE F 3147 123.30 35.59 -49.18
C ILE F 3147 123.42 36.34 -47.86
N ALA F 3148 122.73 37.48 -47.74
CA ALA F 3148 122.81 38.27 -46.52
C ALA F 3148 122.21 37.53 -45.34
N GLN F 3149 121.08 36.86 -45.56
CA GLN F 3149 120.44 36.13 -44.46
C GLN F 3149 121.34 35.03 -43.93
N HIS F 3150 122.00 34.30 -44.83
CA HIS F 3150 122.87 33.22 -44.41
C HIS F 3150 124.32 33.66 -44.21
N GLN F 3151 124.59 34.96 -44.27
CA GLN F 3151 125.91 35.50 -43.94
C GLN F 3151 126.97 34.99 -44.91
N PHE F 3152 126.55 34.68 -46.13
CA PHE F 3152 127.43 34.12 -47.14
C PHE F 3152 128.28 35.18 -47.84
N GLY F 3153 127.96 36.46 -47.66
CA GLY F 3153 128.59 37.48 -48.48
C GLY F 3153 130.10 37.48 -48.38
N ASP F 3154 130.64 37.40 -47.16
CA ASP F 3154 132.08 37.47 -46.97
C ASP F 3154 132.81 36.32 -47.65
N ASP F 3155 132.10 35.25 -47.99
CA ASP F 3155 132.71 34.10 -48.65
C ASP F 3155 132.44 34.08 -50.15
N VAL F 3156 131.32 34.65 -50.58
CA VAL F 3156 130.94 34.62 -51.98
C VAL F 3156 131.45 35.84 -52.74
N ILE F 3157 131.12 37.04 -52.25
CA ILE F 3157 131.44 38.26 -52.97
C ILE F 3157 132.87 38.66 -52.63
N LEU F 3158 133.84 38.14 -53.40
CA LEU F 3158 135.23 38.24 -52.97
C LEU F 3158 136.10 39.13 -53.85
N ASP F 3159 136.30 38.78 -55.13
CA ASP F 3159 137.14 39.59 -55.99
C ASP F 3159 136.32 40.03 -57.23
N ASP F 3160 135.90 39.08 -58.05
CA ASP F 3160 135.26 39.45 -59.31
C ASP F 3160 133.78 39.71 -59.10
N VAL F 3161 133.15 38.92 -58.23
CA VAL F 3161 131.81 39.25 -57.77
C VAL F 3161 131.82 40.59 -57.08
N GLN F 3162 132.90 40.87 -56.34
CA GLN F 3162 133.08 42.19 -55.73
C GLN F 3162 133.04 43.28 -56.79
N VAL F 3163 133.81 43.11 -57.86
CA VAL F 3163 133.85 44.13 -58.91
C VAL F 3163 132.49 44.29 -59.56
N SER F 3164 131.83 43.18 -59.87
CA SER F 3164 130.52 43.24 -60.51
C SER F 3164 129.50 43.95 -59.62
N CYS F 3165 129.49 43.64 -58.33
CA CYS F 3165 128.59 44.31 -57.41
C CYS F 3165 128.92 45.77 -57.25
N TYR F 3166 130.21 46.12 -57.25
CA TYR F 3166 130.60 47.52 -57.28
C TYR F 3166 129.98 48.22 -58.47
N ARG F 3167 130.12 47.63 -59.66
CA ARG F 3167 129.60 48.27 -60.87
C ARG F 3167 128.09 48.43 -60.78
N THR F 3168 127.38 47.40 -60.34
CA THR F 3168 125.93 47.48 -60.21
C THR F 3168 125.54 48.58 -59.23
N LEU F 3169 126.18 48.60 -58.07
CA LEU F 3169 125.93 49.64 -57.08
C LEU F 3169 126.10 51.03 -57.67
N CYS F 3170 127.24 51.25 -58.33
CA CYS F 3170 127.58 52.59 -58.78
C CYS F 3170 126.68 53.03 -59.92
N SER F 3171 126.27 52.09 -60.78
CA SER F 3171 125.35 52.42 -61.85
C SER F 3171 123.98 52.79 -61.30
N ILE F 3172 123.46 51.96 -60.38
CA ILE F 3172 122.15 52.24 -59.80
C ILE F 3172 122.15 53.58 -59.09
N TYR F 3173 123.24 53.90 -58.39
CA TYR F 3173 123.32 55.21 -57.76
C TYR F 3173 123.39 56.34 -58.79
N SER F 3174 124.22 56.18 -59.82
CA SER F 3174 124.34 57.22 -60.83
C SER F 3174 123.01 57.48 -61.51
N LEU F 3175 122.13 56.48 -61.52
CA LEU F 3175 120.82 56.65 -62.15
C LEU F 3175 120.00 57.76 -61.49
N GLY F 3176 120.37 58.17 -60.27
CA GLY F 3176 119.55 59.14 -59.57
C GLY F 3176 119.39 60.45 -60.32
N THR F 3177 120.47 60.93 -60.93
CA THR F 3177 120.42 62.23 -61.60
C THR F 3177 119.42 62.23 -62.73
N THR F 3178 119.29 61.11 -63.44
CA THR F 3178 118.36 61.04 -64.56
C THR F 3178 116.93 61.19 -64.07
N LYS F 3179 116.11 61.88 -64.87
CA LYS F 3179 114.70 62.09 -64.56
C LYS F 3179 113.88 61.67 -65.77
N ASN F 3180 113.08 60.62 -65.60
CA ASN F 3180 112.26 60.12 -66.70
C ASN F 3180 111.12 59.30 -66.11
N THR F 3181 110.06 59.15 -66.92
CA THR F 3181 108.95 58.30 -66.50
C THR F 3181 109.42 56.87 -66.28
N TYR F 3182 110.32 56.39 -67.14
CA TYR F 3182 110.85 55.04 -66.98
C TYR F 3182 111.57 54.91 -65.64
N VAL F 3183 112.39 55.91 -65.29
CA VAL F 3183 113.10 55.87 -64.03
C VAL F 3183 112.11 55.89 -62.87
N GLU F 3184 111.05 56.69 -62.99
CA GLU F 3184 110.06 56.75 -61.92
C GLU F 3184 109.46 55.37 -61.65
N LYS F 3185 109.20 54.62 -62.71
CA LYS F 3185 108.60 53.30 -62.55
C LYS F 3185 109.60 52.27 -62.06
N LEU F 3186 110.85 52.36 -62.50
CA LEU F 3186 111.83 51.31 -62.22
C LEU F 3186 112.65 51.57 -60.97
N ARG F 3187 112.53 52.75 -60.37
CA ARG F 3187 113.36 53.08 -59.21
C ARG F 3187 113.13 52.16 -58.02
N PRO F 3188 111.89 51.80 -57.65
CA PRO F 3188 111.71 50.93 -56.47
C PRO F 3188 112.49 49.61 -56.53
N ALA F 3189 112.42 48.92 -57.67
CA ALA F 3189 113.12 47.65 -57.79
C ALA F 3189 114.63 47.84 -57.67
N LEU F 3190 115.15 48.89 -58.31
CA LEU F 3190 116.58 49.18 -58.20
C LEU F 3190 116.95 49.47 -56.75
N GLY F 3191 116.10 50.19 -56.04
CA GLY F 3191 116.38 50.49 -54.64
C GLY F 3191 116.42 49.24 -53.80
N GLU F 3192 115.47 48.33 -54.02
CA GLU F 3192 115.48 47.07 -53.29
C GLU F 3192 116.74 46.25 -53.60
N CYS F 3193 117.10 46.17 -54.88
CA CYS F 3193 118.30 45.45 -55.27
C CYS F 3193 119.53 46.05 -54.61
N LEU F 3194 119.61 47.39 -54.58
CA LEU F 3194 120.75 48.05 -53.97
C LEU F 3194 120.79 47.82 -52.47
N ALA F 3195 119.62 47.82 -51.82
CA ALA F 3195 119.57 47.57 -50.39
C ALA F 3195 120.08 46.17 -50.07
N ARG F 3196 119.61 45.17 -50.82
CA ARG F 3196 120.07 43.81 -50.60
C ARG F 3196 121.56 43.69 -50.91
N LEU F 3197 122.02 44.38 -51.94
CA LEU F 3197 123.44 44.37 -52.25
C LEU F 3197 124.24 44.96 -51.09
N ALA F 3198 123.77 46.08 -50.53
CA ALA F 3198 124.46 46.66 -49.38
C ALA F 3198 124.49 45.70 -48.21
N ALA F 3199 123.40 44.95 -48.00
CA ALA F 3199 123.36 43.99 -46.90
C ALA F 3199 124.29 42.82 -47.16
N ALA F 3200 124.54 42.48 -48.44
CA ALA F 3200 125.34 41.31 -48.74
C ALA F 3200 126.83 41.62 -48.86
N MET F 3201 127.18 42.84 -49.29
CA MET F 3201 128.56 43.14 -49.62
C MET F 3201 129.44 42.99 -48.37
N PRO F 3202 130.65 42.45 -48.50
CA PRO F 3202 131.52 42.37 -47.33
C PRO F 3202 132.30 43.64 -47.06
N VAL F 3203 132.45 44.51 -48.06
CA VAL F 3203 133.24 45.72 -47.87
C VAL F 3203 132.32 46.91 -47.57
N ALA F 3204 132.92 47.97 -47.05
CA ALA F 3204 132.22 49.19 -46.66
C ALA F 3204 132.55 50.26 -47.70
N PHE F 3205 131.78 50.27 -48.79
CA PHE F 3205 132.04 51.21 -49.87
C PHE F 3205 131.79 52.64 -49.43
N LEU F 3206 130.89 52.85 -48.46
CA LEU F 3206 130.65 54.19 -47.95
C LEU F 3206 131.79 54.67 -47.07
N GLU F 3207 132.50 53.75 -46.43
CA GLU F 3207 133.64 54.08 -45.57
C GLU F 3207 134.91 53.55 -46.21
N PRO F 3208 135.38 54.15 -47.30
CA PRO F 3208 136.56 53.62 -47.99
C PRO F 3208 137.86 53.81 -47.24
N GLN F 3209 137.99 54.92 -46.51
CA GLN F 3209 139.24 55.25 -45.85
C GLN F 3209 139.72 54.12 -44.94
N LEU F 3210 138.77 53.38 -44.35
CA LEU F 3210 139.09 52.29 -43.45
C LEU F 3210 139.10 50.94 -44.14
N ASN F 3211 139.35 50.91 -45.46
CA ASN F 3211 139.34 49.65 -46.18
C ASN F 3211 140.48 48.75 -45.76
N GLU F 3212 141.65 49.32 -45.47
CA GLU F 3212 142.84 48.51 -45.21
C GLU F 3212 142.59 47.51 -44.10
N TYR F 3213 141.77 47.87 -43.11
CA TYR F 3213 141.46 46.94 -42.03
C TYR F 3213 140.56 45.81 -42.50
N ASN F 3214 139.73 46.07 -43.50
CA ASN F 3214 138.85 45.03 -44.02
C ASN F 3214 139.66 43.99 -44.79
N ALA F 3215 139.39 42.73 -44.51
CA ALA F 3215 140.11 41.62 -45.11
C ALA F 3215 139.41 41.05 -46.33
N CYS F 3216 138.07 41.14 -46.38
CA CYS F 3216 137.33 40.61 -47.51
C CYS F 3216 137.24 41.65 -48.62
N SER F 3217 138.40 42.19 -49.02
CA SER F 3217 138.47 43.19 -50.07
C SER F 3217 139.49 42.76 -51.11
N VAL F 3218 139.18 43.04 -52.38
CA VAL F 3218 140.09 42.68 -53.45
C VAL F 3218 141.44 43.37 -53.28
N TYR F 3219 141.44 44.58 -52.73
CA TYR F 3219 142.69 45.32 -52.59
C TYR F 3219 143.63 44.62 -51.62
N THR F 3220 143.10 43.99 -50.59
CA THR F 3220 143.94 43.25 -49.65
C THR F 3220 144.27 41.86 -50.19
N THR F 3221 143.27 41.16 -50.71
CA THR F 3221 143.47 39.78 -51.14
C THR F 3221 144.43 39.70 -52.32
N LYS F 3222 144.31 40.63 -53.26
CA LYS F 3222 145.10 40.61 -54.48
C LYS F 3222 146.29 41.56 -54.36
N SER F 3223 147.41 41.13 -54.94
CA SER F 3223 148.61 41.94 -54.92
C SER F 3223 148.43 43.17 -55.80
N PRO F 3224 149.18 44.25 -55.52
CA PRO F 3224 149.11 45.42 -56.42
C PRO F 3224 149.48 45.08 -57.84
N ARG F 3225 150.35 44.09 -58.03
CA ARG F 3225 150.60 43.59 -59.37
C ARG F 3225 149.35 42.96 -59.99
N GLU F 3226 148.56 42.26 -59.20
CA GLU F 3226 147.17 42.03 -59.57
C GLU F 3226 146.41 43.34 -59.46
N ARG F 3227 145.21 43.34 -60.01
CA ARG F 3227 144.36 44.51 -60.15
C ARG F 3227 144.90 45.42 -61.24
N ALA F 3228 146.08 45.12 -61.79
CA ALA F 3228 146.58 45.82 -62.97
C ALA F 3228 146.17 45.09 -64.24
N ILE F 3229 146.20 43.76 -64.22
CA ILE F 3229 145.76 42.98 -65.38
C ILE F 3229 144.29 43.22 -65.63
N LEU F 3230 143.49 43.21 -64.56
CA LEU F 3230 142.08 43.56 -64.63
C LEU F 3230 141.93 45.01 -64.17
N GLY F 3231 141.25 45.82 -64.97
CA GLY F 3231 141.23 47.25 -64.77
C GLY F 3231 140.70 47.69 -63.43
N LEU F 3232 141.59 48.18 -62.56
CA LEU F 3232 141.21 48.80 -61.30
C LEU F 3232 141.81 50.20 -61.24
N PRO F 3233 141.18 51.12 -60.51
CA PRO F 3233 141.73 52.47 -60.39
C PRO F 3233 142.93 52.57 -59.46
N ASN F 3234 143.25 51.50 -58.74
CA ASN F 3234 144.31 51.45 -57.73
C ASN F 3234 143.85 52.07 -56.42
N SER F 3235 142.61 52.54 -56.31
CA SER F 3235 142.11 53.11 -55.08
C SER F 3235 140.62 52.81 -54.94
N VAL F 3236 140.23 52.38 -53.74
CA VAL F 3236 138.82 52.16 -53.46
C VAL F 3236 138.03 53.43 -53.66
N GLU F 3237 138.60 54.58 -53.27
CA GLU F 3237 137.95 55.85 -53.51
C GLU F 3237 137.75 56.08 -54.99
N GLU F 3238 138.75 55.74 -55.81
CA GLU F 3238 138.64 55.94 -57.25
C GLU F 3238 137.72 54.91 -57.90
N MET F 3239 137.35 53.86 -57.15
CA MET F 3239 136.43 52.86 -57.70
C MET F 3239 135.25 53.50 -58.41
N CYS F 3240 134.41 54.21 -57.66
CA CYS F 3240 133.33 55.03 -58.22
C CYS F 3240 133.03 56.15 -57.22
N PRO F 3241 133.52 57.36 -57.50
CA PRO F 3241 133.34 58.45 -56.52
C PRO F 3241 131.91 58.96 -56.43
N ASP F 3242 131.08 58.69 -57.44
CA ASP F 3242 129.75 59.29 -57.48
C ASP F 3242 128.97 59.02 -56.20
N ILE F 3243 129.22 57.88 -55.56
CA ILE F 3243 128.58 57.63 -54.27
C ILE F 3243 129.27 58.47 -53.20
N PRO F 3244 128.55 59.34 -52.49
CA PRO F 3244 129.19 60.10 -51.41
C PRO F 3244 129.43 59.23 -50.19
N VAL F 3245 130.18 59.81 -49.25
CA VAL F 3245 130.46 59.10 -48.00
C VAL F 3245 129.24 59.16 -47.08
N LEU F 3246 129.29 58.33 -46.04
CA LEU F 3246 128.16 58.15 -45.15
C LEU F 3246 127.80 59.46 -44.44
N ASP F 3247 128.81 60.16 -43.94
CA ASP F 3247 128.60 61.42 -43.26
C ASP F 3247 127.96 62.45 -44.18
N ARG F 3248 128.44 62.51 -45.42
CA ARG F 3248 127.91 63.46 -46.38
C ARG F 3248 126.46 63.16 -46.70
N LEU F 3249 126.13 61.87 -46.86
CA LEU F 3249 124.74 61.51 -47.12
C LEU F 3249 123.84 61.84 -45.94
N MET F 3250 124.31 61.58 -44.72
CA MET F 3250 123.48 61.88 -43.56
C MET F 3250 123.28 63.39 -43.41
N ALA F 3251 124.32 64.17 -43.67
CA ALA F 3251 124.16 65.63 -43.65
C ALA F 3251 123.13 66.07 -44.68
N ASP F 3252 123.18 65.48 -45.87
CA ASP F 3252 122.19 65.82 -46.90
C ASP F 3252 120.78 65.48 -46.45
N ILE F 3253 120.62 64.29 -45.87
CA ILE F 3253 119.29 63.86 -45.45
C ILE F 3253 118.76 64.77 -44.34
N GLY F 3254 119.62 65.12 -43.39
CA GLY F 3254 119.20 66.03 -42.34
C GLY F 3254 118.80 67.39 -42.89
N GLY F 3255 119.57 67.89 -43.86
CA GLY F 3255 119.21 69.15 -44.49
C GLY F 3255 117.86 69.08 -45.18
N LEU F 3256 117.63 67.99 -45.92
CA LEU F 3256 116.34 67.82 -46.59
C LEU F 3256 115.21 67.81 -45.56
N ALA F 3257 115.38 67.04 -44.49
CA ALA F 3257 114.32 66.91 -43.49
C ALA F 3257 114.03 68.25 -42.83
N GLU F 3258 115.07 68.95 -42.38
CA GLU F 3258 114.85 70.23 -41.70
C GLU F 3258 114.28 71.27 -42.66
N SER F 3259 114.63 71.18 -43.94
CA SER F 3259 114.07 72.11 -44.92
C SER F 3259 112.60 71.82 -45.17
N GLY F 3260 112.22 70.55 -45.13
CA GLY F 3260 110.88 70.16 -45.53
C GLY F 3260 110.79 69.65 -46.95
N ALA F 3261 111.88 69.08 -47.48
CA ALA F 3261 111.89 68.62 -48.86
C ALA F 3261 110.80 67.58 -49.09
N ARG F 3262 110.27 67.58 -50.30
CA ARG F 3262 109.14 66.72 -50.64
C ARG F 3262 109.61 65.65 -51.63
N TYR F 3263 108.77 64.63 -51.81
CA TYR F 3263 109.15 63.49 -52.64
C TYR F 3263 109.56 63.93 -54.03
N THR F 3264 108.95 65.02 -54.53
CA THR F 3264 109.29 65.51 -55.86
C THR F 3264 110.74 65.99 -55.92
N GLU F 3265 111.22 66.64 -54.87
CA GLU F 3265 112.59 67.13 -54.83
C GLU F 3265 113.59 66.05 -54.43
N MET F 3266 113.15 65.03 -53.68
CA MET F 3266 114.04 63.98 -53.21
C MET F 3266 113.42 62.61 -53.47
N PRO F 3267 113.15 62.30 -54.74
CA PRO F 3267 112.67 60.96 -55.07
C PRO F 3267 113.76 59.92 -55.06
N HIS F 3268 114.96 60.26 -55.55
CA HIS F 3268 116.07 59.32 -55.57
C HIS F 3268 116.41 58.85 -54.17
N VAL F 3269 116.52 59.81 -53.23
CA VAL F 3269 116.88 59.46 -51.86
C VAL F 3269 115.92 58.42 -51.31
N ILE F 3270 114.63 58.78 -51.26
CA ILE F 3270 113.63 57.96 -50.58
C ILE F 3270 113.65 56.53 -51.11
N GLU F 3271 113.73 56.39 -52.44
CA GLU F 3271 113.51 55.09 -53.07
C GLU F 3271 114.79 54.27 -53.25
N ILE F 3272 115.97 54.88 -53.16
CA ILE F 3272 117.20 54.13 -53.36
C ILE F 3272 118.14 54.29 -52.18
N THR F 3273 118.45 55.54 -51.83
CA THR F 3273 119.51 55.79 -50.86
C THR F 3273 119.11 55.34 -49.46
N LEU F 3274 117.91 55.74 -49.01
CA LEU F 3274 117.48 55.42 -47.66
C LEU F 3274 117.41 53.91 -47.43
N PRO F 3275 116.83 53.12 -48.34
CA PRO F 3275 116.90 51.66 -48.17
C PRO F 3275 118.31 51.14 -48.10
N MET F 3276 119.20 51.69 -48.93
CA MET F 3276 120.59 51.24 -48.94
C MET F 3276 121.24 51.50 -47.59
N LEU F 3277 121.01 52.69 -47.02
CA LEU F 3277 121.54 52.98 -45.69
C LEU F 3277 120.89 52.11 -44.63
N CYS F 3278 119.59 51.86 -44.74
CA CYS F 3278 118.89 51.07 -43.75
C CYS F 3278 119.40 49.63 -43.74
N SER F 3279 119.89 49.15 -44.88
CA SER F 3279 120.49 47.83 -44.96
C SER F 3279 121.99 47.84 -44.69
N TYR F 3280 122.64 48.99 -44.83
CA TYR F 3280 124.07 49.11 -44.62
C TYR F 3280 124.42 49.27 -43.14
N LEU F 3281 123.78 50.21 -42.48
CA LEU F 3281 124.12 50.58 -41.11
C LEU F 3281 123.98 49.40 -40.16
N PRO F 3282 122.88 48.64 -40.20
CA PRO F 3282 122.72 47.52 -39.26
C PRO F 3282 123.84 46.50 -39.37
N ARG F 3283 124.16 46.12 -40.60
CA ARG F 3283 125.20 45.12 -40.80
C ARG F 3283 126.52 45.57 -40.22
N TRP F 3284 126.87 46.84 -40.44
CA TRP F 3284 128.19 47.32 -40.03
C TRP F 3284 128.21 47.67 -38.55
N TRP F 3285 127.05 47.87 -37.94
CA TRP F 3285 127.01 48.06 -36.50
C TRP F 3285 127.52 46.83 -35.77
N GLU F 3286 127.14 45.65 -36.25
CA GLU F 3286 127.56 44.41 -35.60
C GLU F 3286 129.06 44.21 -35.73
N ARG F 3287 129.63 44.58 -36.88
CA ARG F 3287 131.05 44.36 -37.15
C ARG F 3287 131.91 45.56 -36.77
N GLY F 3288 131.31 46.62 -36.24
CA GLY F 3288 132.05 47.80 -35.88
C GLY F 3288 132.15 47.98 -34.38
N PRO F 3289 132.57 49.17 -33.95
CA PRO F 3289 132.60 49.45 -32.51
C PRO F 3289 131.19 49.54 -31.95
N GLU F 3290 131.11 49.37 -30.63
CA GLU F 3290 129.87 49.29 -29.87
C GLU F 3290 129.27 47.90 -30.00
N ALA F 3291 129.86 47.02 -30.80
CA ALA F 3291 129.38 45.66 -30.94
C ALA F 3291 129.86 44.80 -29.77
N PRO F 3292 129.21 43.68 -29.50
CA PRO F 3292 129.69 42.77 -28.46
C PRO F 3292 131.00 42.13 -28.88
N PRO F 3293 132.12 42.49 -28.25
CA PRO F 3293 133.42 42.09 -28.77
C PRO F 3293 133.86 40.76 -28.18
N PRO F 3294 134.19 39.78 -29.02
CA PRO F 3294 134.98 38.64 -28.54
C PRO F 3294 136.41 39.08 -28.29
N ALA F 3295 137.04 38.52 -27.26
CA ALA F 3295 138.32 39.04 -26.79
C ALA F 3295 139.35 39.21 -27.90
N LEU F 3296 139.81 38.10 -28.47
CA LEU F 3296 140.87 38.17 -29.49
C LEU F 3296 140.40 38.82 -30.79
N PRO F 3297 139.28 38.41 -31.39
CA PRO F 3297 138.86 39.07 -32.64
C PRO F 3297 138.70 40.57 -32.49
N ALA F 3298 138.17 41.03 -31.36
CA ALA F 3298 138.03 42.46 -31.13
C ALA F 3298 139.39 43.11 -30.94
N GLY F 3299 140.27 42.50 -30.15
CA GLY F 3299 141.58 43.06 -29.93
C GLY F 3299 142.64 42.51 -30.87
N ALA F 3300 142.89 43.25 -31.95
CA ALA F 3300 143.93 42.96 -32.92
C ALA F 3300 143.69 43.78 -34.18
N PRO F 3301 142.61 43.53 -34.93
CA PRO F 3301 142.35 44.35 -36.11
C PRO F 3301 141.40 45.48 -35.78
N PRO F 3302 141.66 46.69 -36.27
CA PRO F 3302 140.69 47.77 -36.10
C PRO F 3302 139.43 47.50 -36.91
N PRO F 3303 138.26 47.89 -36.41
CA PRO F 3303 137.04 47.73 -37.21
C PRO F 3303 137.03 48.70 -38.39
N CYS F 3304 136.75 48.15 -39.57
CA CYS F 3304 136.69 48.99 -40.78
C CYS F 3304 135.59 50.02 -40.68
N THR F 3305 134.40 49.61 -40.23
CA THR F 3305 133.28 50.53 -40.15
C THR F 3305 133.33 51.34 -38.86
N ALA F 3306 132.72 52.53 -38.90
CA ALA F 3306 132.62 53.41 -37.76
C ALA F 3306 131.17 53.62 -37.32
N VAL F 3307 130.28 52.74 -37.74
CA VAL F 3307 128.85 52.93 -37.46
C VAL F 3307 128.58 52.69 -35.99
N THR F 3308 127.79 53.58 -35.38
CA THR F 3308 127.31 53.44 -34.03
C THR F 3308 125.79 53.63 -34.03
N SER F 3309 125.18 53.43 -32.87
CA SER F 3309 123.73 53.57 -32.75
C SER F 3309 123.30 54.99 -33.06
N ASP F 3310 124.20 55.95 -32.91
CA ASP F 3310 123.87 57.34 -33.20
C ASP F 3310 123.46 57.52 -34.67
N HIS F 3311 124.20 56.89 -35.57
CA HIS F 3311 123.88 56.96 -36.99
C HIS F 3311 122.45 56.46 -37.24
N LEU F 3312 122.12 55.29 -36.69
CA LEU F 3312 120.81 54.70 -36.91
C LEU F 3312 119.71 55.57 -36.30
N ASN F 3313 119.94 56.11 -35.10
CA ASN F 3313 118.94 56.95 -34.47
C ASN F 3313 118.69 58.22 -35.29
N SER F 3314 119.76 58.84 -35.78
CA SER F 3314 119.61 60.02 -36.62
C SER F 3314 118.85 59.68 -37.90
N LEU F 3315 119.18 58.56 -38.52
CA LEU F 3315 118.49 58.16 -39.75
C LEU F 3315 117.00 57.94 -39.49
N LEU F 3316 116.67 57.26 -38.40
CA LEU F 3316 115.26 57.01 -38.08
C LEU F 3316 114.52 58.32 -37.83
N GLY F 3317 115.13 59.23 -37.07
CA GLY F 3317 114.49 60.51 -36.84
C GLY F 3317 114.27 61.26 -38.15
N ASN F 3318 115.27 61.28 -39.01
CA ASN F 3318 115.14 62.00 -40.27
C ASN F 3318 114.07 61.37 -41.16
N ILE F 3319 113.99 60.03 -41.19
CA ILE F 3319 112.95 59.35 -41.95
C ILE F 3319 111.59 59.72 -41.43
N LEU F 3320 111.42 59.69 -40.11
CA LEU F 3320 110.17 60.15 -39.62
C LEU F 3320 109.99 61.51 -40.25
N ARG F 3321 111.27 62.21 -40.58
CA ARG F 3321 111.08 63.41 -39.91
C ARG F 3321 110.22 63.77 -41.17
N ILE F 3322 110.73 63.24 -42.36
CA ILE F 3322 110.32 63.29 -43.75
C ILE F 3322 108.85 62.89 -43.92
N ILE F 3323 108.46 61.80 -43.28
CA ILE F 3323 107.10 61.35 -43.38
C ILE F 3323 106.16 62.44 -42.89
N VAL F 3324 106.51 63.11 -41.79
CA VAL F 3324 105.59 64.13 -41.28
C VAL F 3324 105.54 65.29 -42.25
N ASN F 3325 106.67 65.65 -42.87
CA ASN F 3325 106.59 66.66 -43.93
C ASN F 3325 105.67 66.24 -45.07
N ASN F 3326 105.64 64.95 -45.42
CA ASN F 3326 104.84 64.45 -46.53
C ASN F 3326 103.59 63.71 -46.06
N LEU F 3327 103.01 64.11 -44.92
CA LEU F 3327 101.83 63.43 -44.41
C LEU F 3327 100.60 63.70 -45.25
N GLY F 3328 100.29 64.98 -45.48
CA GLY F 3328 98.98 65.33 -46.00
C GLY F 3328 98.76 64.95 -47.45
N ILE F 3329 99.85 64.77 -48.20
CA ILE F 3329 99.77 64.57 -49.64
C ILE F 3329 98.79 63.45 -49.99
N ASP F 3330 98.07 63.64 -51.11
CA ASP F 3330 97.08 62.65 -51.52
C ASP F 3330 97.74 61.33 -51.90
N GLU F 3331 98.84 61.39 -52.64
CA GLU F 3331 99.48 60.20 -53.19
C GLU F 3331 100.88 60.05 -52.58
N ALA F 3332 101.08 58.96 -51.84
CA ALA F 3332 102.38 58.62 -51.27
C ALA F 3332 102.47 57.10 -51.24
N THR F 3333 103.05 56.52 -52.29
CA THR F 3333 103.26 55.08 -52.33
C THR F 3333 104.60 54.69 -51.73
N TRP F 3334 105.51 55.65 -51.55
CA TRP F 3334 106.83 55.34 -51.03
C TRP F 3334 106.81 55.06 -49.53
N MET F 3335 105.74 55.45 -48.85
CA MET F 3335 105.69 55.35 -47.40
C MET F 3335 105.81 53.90 -46.93
N LYS F 3336 105.02 53.02 -47.54
CA LYS F 3336 105.00 51.62 -47.13
C LYS F 3336 106.34 50.96 -47.34
N ARG F 3337 107.00 51.26 -48.46
CA ARG F 3337 108.32 50.68 -48.72
C ARG F 3337 109.36 51.24 -47.76
N LEU F 3338 109.29 52.54 -47.49
CA LEU F 3338 110.22 53.15 -46.55
C LEU F 3338 110.09 52.52 -45.17
N ALA F 3339 108.86 52.24 -44.75
CA ALA F 3339 108.65 51.63 -43.44
C ALA F 3339 109.31 50.25 -43.35
N VAL F 3340 109.08 49.42 -44.38
CA VAL F 3340 109.64 48.07 -44.34
C VAL F 3340 111.15 48.11 -44.36
N PHE F 3341 111.72 49.09 -45.08
CA PHE F 3341 113.17 49.20 -45.10
C PHE F 3341 113.72 49.75 -43.79
N ALA F 3342 112.93 50.59 -43.10
CA ALA F 3342 113.44 51.29 -41.94
C ALA F 3342 113.23 50.51 -40.65
N GLN F 3343 112.36 49.51 -40.67
CA GLN F 3343 112.07 48.77 -39.45
C GLN F 3343 113.33 48.25 -38.78
N PRO F 3344 114.25 47.61 -39.51
CA PRO F 3344 115.41 47.00 -38.86
C PRO F 3344 116.22 47.94 -37.97
N ILE F 3345 116.36 49.20 -38.39
CA ILE F 3345 117.23 50.13 -37.65
C ILE F 3345 116.55 50.73 -36.44
N VAL F 3346 115.33 50.33 -36.12
CA VAL F 3346 114.61 50.90 -34.99
C VAL F 3346 115.00 50.28 -33.66
N SER F 3347 115.63 49.11 -33.68
CA SER F 3347 116.02 48.45 -32.43
C SER F 3347 117.01 49.30 -31.65
N ARG F 3348 117.95 49.93 -32.36
CA ARG F 3348 118.96 50.74 -31.68
C ARG F 3348 118.38 52.07 -31.22
N ALA F 3349 117.13 52.36 -31.61
CA ALA F 3349 116.50 53.64 -31.29
C ALA F 3349 116.61 53.96 -29.80
N ARG F 3350 117.00 55.19 -29.51
CA ARG F 3350 117.24 55.66 -28.16
C ARG F 3350 115.93 56.13 -27.54
N PRO F 3351 115.85 56.19 -26.21
CA PRO F 3351 114.60 56.59 -25.56
C PRO F 3351 114.15 58.00 -25.93
N GLU F 3352 115.08 58.94 -26.11
CA GLU F 3352 114.70 60.33 -26.37
C GLU F 3352 113.91 60.47 -27.65
N LEU F 3353 114.06 59.52 -28.57
CA LEU F 3353 113.37 59.61 -29.85
C LEU F 3353 111.86 59.75 -29.65
N LEU F 3354 111.33 59.12 -28.60
CA LEU F 3354 109.90 59.20 -28.35
C LEU F 3354 109.44 60.65 -28.25
N HIS F 3355 109.90 61.34 -27.20
CA HIS F 3355 109.50 62.74 -27.00
C HIS F 3355 109.90 63.60 -28.18
N SER F 3356 111.09 63.35 -28.75
CA SER F 3356 111.57 64.21 -29.81
C SER F 3356 110.68 64.16 -31.04
N HIS F 3357 110.29 62.96 -31.48
CA HIS F 3357 109.65 62.78 -32.78
C HIS F 3357 108.25 62.19 -32.67
N PHE F 3358 108.11 61.08 -31.94
CA PHE F 3358 106.91 60.26 -32.05
C PHE F 3358 105.69 61.01 -31.53
N ILE F 3359 105.82 61.67 -30.37
CA ILE F 3359 104.66 62.31 -29.75
C ILE F 3359 104.03 63.32 -30.69
N PRO F 3360 104.77 64.26 -31.30
CA PRO F 3360 104.13 65.18 -32.25
C PRO F 3360 103.46 64.48 -33.43
N THR F 3361 104.09 63.43 -33.97
CA THR F 3361 103.52 62.76 -35.13
C THR F 3361 102.16 62.15 -34.80
N ILE F 3362 102.12 61.37 -33.72
CA ILE F 3362 100.88 60.73 -33.33
C ILE F 3362 99.86 61.78 -32.92
N GLY F 3363 100.30 62.88 -32.31
CA GLY F 3363 99.37 63.93 -31.97
C GLY F 3363 98.72 64.54 -33.20
N ARG F 3364 99.52 64.82 -34.23
CA ARG F 3364 98.97 65.37 -35.47
C ARG F 3364 97.99 64.40 -36.12
N LEU F 3365 98.36 63.12 -36.16
CA LEU F 3365 97.47 62.12 -36.76
C LEU F 3365 96.18 62.01 -35.97
N ARG F 3366 96.27 62.02 -34.65
CA ARG F 3366 95.08 61.95 -33.80
C ARG F 3366 94.19 63.17 -34.00
N LYS F 3367 94.79 64.35 -34.11
CA LYS F 3367 94.01 65.55 -34.38
C LYS F 3367 93.30 65.45 -35.72
N ARG F 3368 93.99 64.98 -36.75
CA ARG F 3368 93.37 64.81 -38.06
C ARG F 3368 92.22 63.82 -37.98
N ALA F 3369 92.40 62.73 -37.25
CA ALA F 3369 91.34 61.74 -37.09
C ALA F 3369 90.14 62.35 -36.39
N GLY F 3370 90.38 63.16 -35.37
CA GLY F 3370 89.28 63.84 -34.69
C GLY F 3370 88.52 64.76 -35.61
N LYS F 3371 89.24 65.51 -36.44
CA LYS F 3371 88.57 66.39 -37.41
C LYS F 3371 87.76 65.58 -38.40
N VAL F 3372 88.30 64.46 -38.86
CA VAL F 3372 87.60 63.63 -39.85
C VAL F 3372 86.32 63.07 -39.24
N VAL F 3373 86.39 62.55 -38.02
CA VAL F 3373 85.20 61.98 -37.41
C VAL F 3373 84.18 63.06 -37.07
N ALA F 3374 84.65 64.26 -36.69
CA ALA F 3374 83.71 65.36 -36.48
C ALA F 3374 82.99 65.69 -37.77
N GLU F 3375 83.73 65.74 -38.88
CA GLU F 3375 83.07 65.94 -40.15
C GLU F 3375 82.03 64.86 -40.38
N GLU F 3376 82.43 63.59 -40.27
CA GLU F 3376 81.49 62.49 -40.50
C GLU F 3376 80.24 62.65 -39.64
N GLU F 3377 80.40 63.08 -38.39
CA GLU F 3377 79.26 63.27 -37.51
C GLU F 3377 78.34 64.36 -38.06
N GLN F 3378 78.92 65.47 -38.51
CA GLN F 3378 78.11 66.54 -39.09
C GLN F 3378 77.39 66.09 -40.36
N LEU F 3379 78.10 65.34 -41.21
CA LEU F 3379 77.51 64.83 -42.44
C LEU F 3379 76.35 63.89 -42.16
N ARG F 3380 76.52 62.96 -41.23
CA ARG F 3380 75.38 62.27 -40.62
C ARG F 3380 74.26 63.23 -40.27
N LEU F 3381 74.55 64.20 -39.40
CA LEU F 3381 73.52 65.06 -38.85
C LEU F 3381 72.67 65.67 -39.96
N GLU F 3382 73.30 66.07 -41.05
CA GLU F 3382 72.60 66.59 -42.22
C GLU F 3382 72.49 65.47 -43.27
N ALA F 3383 71.27 64.97 -43.49
CA ALA F 3383 70.98 63.75 -44.28
C ALA F 3383 70.33 63.95 -45.66
N LYS F 3384 71.13 63.92 -46.73
CA LYS F 3384 70.71 64.29 -48.08
C LYS F 3384 71.54 63.56 -49.11
N ALA F 3385 71.21 63.80 -50.38
CA ALA F 3385 72.15 63.51 -51.44
C ALA F 3385 73.41 64.35 -51.31
N GLU F 3386 73.28 65.60 -50.85
CA GLU F 3386 74.46 66.40 -50.54
C GLU F 3386 75.27 65.76 -49.43
N ALA F 3387 74.62 65.02 -48.53
CA ALA F 3387 75.35 64.27 -47.53
C ALA F 3387 76.13 63.11 -48.15
N GLU F 3388 75.53 62.42 -49.13
CA GLU F 3388 76.27 61.41 -49.88
C GLU F 3388 77.48 62.05 -50.55
N GLU F 3389 77.30 63.23 -51.12
CA GLU F 3389 78.44 64.06 -51.48
C GLU F 3389 79.14 64.51 -50.21
N GLY F 3390 80.47 64.59 -50.26
CA GLY F 3390 81.26 64.83 -49.07
C GLY F 3390 81.56 63.56 -48.31
N GLU F 3391 80.72 62.54 -48.45
CA GLU F 3391 81.07 61.23 -47.94
C GLU F 3391 82.35 60.73 -48.60
N LEU F 3392 82.49 60.95 -49.91
CA LEU F 3392 83.71 60.58 -50.62
C LEU F 3392 84.91 61.40 -50.14
N LEU F 3393 84.71 62.68 -49.84
CA LEU F 3393 85.77 63.51 -49.28
C LEU F 3393 86.27 63.01 -47.93
N VAL F 3394 85.35 62.75 -47.01
CA VAL F 3394 85.78 62.23 -45.71
C VAL F 3394 86.38 60.84 -45.90
N ARG F 3395 85.89 60.09 -46.89
CA ARG F 3395 86.46 58.81 -47.25
C ARG F 3395 87.93 58.95 -47.63
N ASP F 3396 88.24 59.91 -48.50
CA ASP F 3396 89.62 60.11 -48.93
C ASP F 3396 90.49 60.56 -47.76
N GLU F 3397 89.94 61.42 -46.89
CA GLU F 3397 90.67 61.77 -45.68
C GLU F 3397 90.97 60.54 -44.84
N PHE F 3398 89.99 59.65 -44.71
CA PHE F 3398 90.18 58.41 -43.97
C PHE F 3398 91.28 57.56 -44.61
N SER F 3399 91.29 57.48 -45.93
CA SER F 3399 92.28 56.66 -46.63
C SER F 3399 93.68 57.20 -46.44
N VAL F 3400 93.86 58.53 -46.58
CA VAL F 3400 95.18 59.11 -46.37
C VAL F 3400 95.62 58.92 -44.92
N LEU F 3401 94.67 59.05 -43.99
CA LEU F 3401 94.98 58.82 -42.58
C LEU F 3401 95.46 57.39 -42.36
N CYS F 3402 94.76 56.43 -42.96
CA CYS F 3402 95.15 55.02 -42.83
C CYS F 3402 96.53 54.78 -43.44
N ARG F 3403 96.81 55.41 -44.58
CA ARG F 3403 98.11 55.25 -45.23
C ARG F 3403 99.22 55.76 -44.33
N ASP F 3404 99.04 56.97 -43.78
CA ASP F 3404 100.03 57.52 -42.86
C ASP F 3404 100.18 56.63 -41.62
N LEU F 3405 99.08 56.08 -41.13
CA LEU F 3405 99.14 55.22 -39.95
C LEU F 3405 99.95 53.96 -40.24
N TYR F 3406 99.67 53.31 -41.37
CA TYR F 3406 100.42 52.11 -41.72
C TYR F 3406 101.86 52.44 -42.08
N ALA F 3407 102.16 53.71 -42.37
CA ALA F 3407 103.55 54.11 -42.55
C ALA F 3407 104.27 54.26 -41.23
N LEU F 3408 103.62 54.90 -40.25
CA LEU F 3408 104.31 55.23 -39.01
C LEU F 3408 104.31 54.08 -38.03
N TYR F 3409 103.15 53.43 -37.84
CA TYR F 3409 103.01 52.45 -36.76
C TYR F 3409 104.04 51.33 -36.82
N PRO F 3410 104.28 50.65 -37.94
CA PRO F 3410 105.20 49.51 -37.90
C PRO F 3410 106.53 49.83 -37.23
N LEU F 3411 106.97 51.09 -37.32
CA LEU F 3411 108.16 51.51 -36.61
C LEU F 3411 107.89 51.67 -35.12
N LEU F 3412 106.74 52.27 -34.77
CA LEU F 3412 106.43 52.52 -33.37
C LEU F 3412 106.28 51.21 -32.61
N ILE F 3413 105.68 50.20 -33.24
CA ILE F 3413 105.51 48.91 -32.58
C ILE F 3413 106.85 48.39 -32.10
N ARG F 3414 107.88 48.47 -32.95
CA ARG F 3414 109.18 47.95 -32.57
C ARG F 3414 109.83 48.80 -31.50
N TYR F 3415 109.74 50.12 -31.64
CA TYR F 3415 110.25 51.01 -30.60
C TYR F 3415 109.56 50.73 -29.28
N VAL F 3416 108.24 50.49 -29.32
CA VAL F 3416 107.51 50.11 -28.11
C VAL F 3416 108.05 48.79 -27.58
N ASP F 3417 108.12 47.78 -28.45
CA ASP F 3417 108.53 46.45 -28.02
C ASP F 3417 109.86 46.48 -27.30
N ASN F 3418 110.78 47.33 -27.76
CA ASN F 3418 112.08 47.43 -27.12
C ASN F 3418 112.01 48.10 -25.76
N ASN F 3419 111.05 49.00 -25.57
CA ASN F 3419 111.01 49.84 -24.38
C ASN F 3419 109.79 49.61 -23.49
N ARG F 3420 108.98 48.58 -23.76
CA ARG F 3420 107.91 48.26 -22.81
C ARG F 3420 108.48 47.93 -21.44
N ALA F 3421 109.58 47.18 -21.39
CA ALA F 3421 110.13 46.79 -20.11
C ALA F 3421 110.53 48.00 -19.29
N HIS F 3422 111.24 48.94 -19.89
CA HIS F 3422 111.68 50.12 -19.17
CA HIS F 3422 111.68 50.11 -19.16
C HIS F 3422 110.51 51.03 -18.83
N TRP F 3423 109.53 51.16 -19.74
CA TRP F 3423 108.38 51.99 -19.48
C TRP F 3423 107.53 51.44 -18.35
N LEU F 3424 107.47 50.12 -18.21
CA LEU F 3424 106.70 49.48 -17.15
C LEU F 3424 107.45 49.44 -15.84
N THR F 3425 108.78 49.34 -15.88
CA THR F 3425 109.56 49.38 -14.64
C THR F 3425 109.59 50.79 -14.08
N GLU F 3426 110.13 51.74 -14.85
CA GLU F 3426 110.11 53.14 -14.46
C GLU F 3426 108.99 53.84 -15.22
N PRO F 3427 107.92 54.28 -14.55
CA PRO F 3427 106.81 54.89 -15.28
C PRO F 3427 107.25 56.11 -16.06
N ASN F 3428 106.66 56.29 -17.25
CA ASN F 3428 107.01 57.39 -18.14
C ASN F 3428 105.75 58.11 -18.58
N ALA F 3429 105.67 59.40 -18.24
CA ALA F 3429 104.52 60.21 -18.62
C ALA F 3429 104.40 60.31 -20.14
N ASN F 3430 105.53 60.34 -20.84
CA ASN F 3430 105.49 60.37 -22.30
C ASN F 3430 104.85 59.11 -22.85
N ALA F 3431 105.22 57.95 -22.30
CA ALA F 3431 104.59 56.70 -22.71
C ALA F 3431 103.10 56.71 -22.40
N GLU F 3432 102.72 57.26 -21.24
CA GLU F 3432 101.31 57.34 -20.90
C GLU F 3432 100.55 58.23 -21.89
N GLU F 3433 101.15 59.35 -22.30
CA GLU F 3433 100.52 60.22 -23.28
C GLU F 3433 100.36 59.51 -24.60
N LEU F 3434 101.39 58.77 -25.02
CA LEU F 3434 101.28 57.98 -26.25
C LEU F 3434 100.17 56.94 -26.13
N PHE F 3435 100.01 56.35 -24.94
CA PHE F 3435 98.91 55.42 -24.73
C PHE F 3435 97.57 56.11 -24.92
N ARG F 3436 97.42 57.30 -24.34
CA ARG F 3436 96.17 58.05 -24.51
C ARG F 3436 95.90 58.31 -25.98
N MET F 3437 96.95 58.65 -26.73
CA MET F 3437 96.80 58.91 -28.15
C MET F 3437 96.30 57.69 -28.90
N VAL F 3438 96.99 56.55 -28.70
CA VAL F 3438 96.62 55.35 -29.42
C VAL F 3438 95.22 54.90 -29.02
N GLY F 3439 94.86 55.10 -27.76
CA GLY F 3439 93.51 54.75 -27.33
C GLY F 3439 92.46 55.60 -28.00
N GLU F 3440 92.72 56.90 -28.13
CA GLU F 3440 91.78 57.76 -28.83
C GLU F 3440 91.63 57.34 -30.28
N ILE F 3441 92.75 57.03 -30.93
CA ILE F 3441 92.69 56.60 -32.33
C ILE F 3441 91.90 55.31 -32.45
N PHE F 3442 92.11 54.36 -31.53
CA PHE F 3442 91.39 53.10 -31.58
C PHE F 3442 89.90 53.31 -31.33
N ILE F 3443 89.56 54.24 -30.44
CA ILE F 3443 88.16 54.56 -30.20
C ILE F 3443 87.51 55.09 -31.48
N TYR F 3444 88.21 56.00 -32.17
CA TYR F 3444 87.70 56.50 -33.44
C TYR F 3444 87.53 55.36 -34.45
N TRP F 3445 88.51 54.46 -34.51
CA TRP F 3445 88.41 53.30 -35.39
C TRP F 3445 87.19 52.47 -35.07
N SER F 3446 86.93 52.23 -33.79
CA SER F 3446 85.81 51.37 -33.41
C SER F 3446 84.48 52.07 -33.67
N LYS F 3447 84.44 53.40 -33.58
CA LYS F 3447 83.18 54.10 -33.73
C LYS F 3447 82.83 54.34 -35.19
N SER F 3448 83.83 54.60 -36.03
CA SER F 3448 83.58 54.98 -37.42
C SER F 3448 83.69 53.74 -38.32
N HIS F 3449 82.62 53.46 -39.05
CA HIS F 3449 82.65 52.35 -40.01
C HIS F 3449 83.50 52.69 -41.21
N ASN F 3450 83.46 53.96 -41.65
CA ASN F 3450 84.21 54.37 -42.83
C ASN F 3450 85.71 54.13 -42.63
N PHE F 3451 86.22 54.47 -41.45
CA PHE F 3451 87.65 54.33 -41.19
C PHE F 3451 88.10 52.87 -41.27
N LYS F 3452 87.31 51.95 -40.69
CA LYS F 3452 87.68 50.54 -40.68
C LYS F 3452 87.80 49.98 -42.09
N ARG F 3453 86.74 50.12 -42.89
CA ARG F 3453 86.75 49.69 -44.28
C ARG F 3453 87.74 50.45 -45.16
N GLU F 3454 87.97 51.74 -44.92
CA GLU F 3454 89.05 52.41 -45.64
C GLU F 3454 90.38 51.75 -45.34
N GLU F 3455 90.59 51.36 -44.08
CA GLU F 3455 91.80 50.63 -43.72
C GLU F 3455 91.88 49.30 -44.46
N GLN F 3456 90.79 48.55 -44.46
CA GLN F 3456 90.75 47.27 -45.17
C GLN F 3456 91.07 47.46 -46.64
N ASN F 3457 90.48 48.50 -47.25
CA ASN F 3457 90.71 48.78 -48.66
C ASN F 3457 92.18 49.08 -48.91
N PHE F 3458 92.77 49.95 -48.09
CA PHE F 3458 94.19 50.26 -48.23
C PHE F 3458 95.02 48.99 -48.18
N VAL F 3459 94.78 48.14 -47.18
CA VAL F 3459 95.59 46.94 -47.00
C VAL F 3459 95.46 46.04 -48.21
N VAL F 3460 94.23 45.74 -48.63
CA VAL F 3460 94.04 44.79 -49.72
C VAL F 3460 94.58 45.35 -51.04
N GLN F 3461 94.35 46.64 -51.29
CA GLN F 3461 94.78 47.24 -52.55
C GLN F 3461 96.31 47.28 -52.65
N ASN F 3462 96.98 47.65 -51.56
CA ASN F 3462 98.43 47.74 -51.57
C ASN F 3462 99.11 46.43 -51.18
N GLU F 3463 98.33 45.36 -50.99
CA GLU F 3463 98.88 44.03 -50.74
C GLU F 3463 99.76 44.03 -49.50
N ILE F 3464 99.38 44.83 -48.50
CA ILE F 3464 100.10 44.83 -47.23
C ILE F 3464 99.78 43.54 -46.48
N ASN F 3465 100.82 42.87 -45.99
CA ASN F 3465 100.61 41.61 -45.31
C ASN F 3465 100.31 41.82 -43.84
N ASN F 3466 101.13 42.66 -43.18
CA ASN F 3466 101.02 43.03 -41.75
C ASN F 3466 101.46 41.89 -40.81
N MET F 3467 101.62 40.71 -41.48
CA MET F 3467 102.27 39.54 -40.92
C MET F 3467 103.77 39.99 -40.60
N SER F 3468 104.44 40.59 -41.59
CA SER F 3468 105.77 41.04 -41.46
C SER F 3468 105.92 42.05 -40.33
N PHE F 3469 105.03 43.04 -40.27
CA PHE F 3469 105.13 44.05 -39.23
C PHE F 3469 104.98 43.41 -37.85
N LEU F 3470 104.07 42.45 -37.71
CA LEU F 3470 103.89 41.82 -36.41
C LEU F 3470 105.05 40.90 -36.06
N THR F 3471 105.59 40.17 -37.04
CA THR F 3471 106.48 39.05 -36.78
C THR F 3471 107.90 39.24 -37.30
N ALA F 3472 108.34 40.47 -37.56
CA ALA F 3472 109.74 40.64 -37.97
C ALA F 3472 110.70 40.16 -36.89
N ASP F 3473 110.25 40.13 -35.64
CA ASP F 3473 111.06 39.50 -34.61
C ASP F 3473 111.31 38.04 -34.92
N SER F 3474 110.26 37.29 -35.28
CA SER F 3474 110.43 35.90 -35.70
C SER F 3474 111.25 35.83 -36.99
N LYS F 3475 111.07 36.79 -37.89
CA LYS F 3475 111.82 36.78 -39.14
C LYS F 3475 113.32 36.88 -38.89
N SER F 3476 113.74 37.91 -38.15
CA SER F 3476 115.13 38.01 -37.71
C SER F 3476 115.56 36.76 -36.96
N LYS F 3477 114.61 36.13 -36.26
CA LYS F 3477 114.88 34.86 -35.60
C LYS F 3477 115.32 33.80 -36.60
N MET F 3478 114.61 33.70 -37.73
CA MET F 3478 114.90 32.81 -38.85
C MET F 3478 114.47 31.37 -38.57
N ALA F 3479 113.74 31.12 -37.49
CA ALA F 3479 113.42 29.74 -37.12
C ALA F 3479 112.35 29.10 -37.99
N ARG F 3498 92.99 32.45 -48.29
CA ARG F 3498 91.66 32.92 -47.89
C ARG F 3498 91.73 34.31 -47.26
N ARG F 3499 90.61 35.02 -47.40
CA ARG F 3499 90.60 36.45 -47.11
C ARG F 3499 90.67 36.72 -45.61
N GLY F 3500 90.11 35.83 -44.80
CA GLY F 3500 90.13 36.06 -43.36
C GLY F 3500 91.54 36.16 -42.80
N ASP F 3501 92.42 35.22 -43.19
CA ASP F 3501 93.82 35.36 -42.85
C ASP F 3501 94.48 36.47 -43.64
N ARG F 3502 94.13 36.61 -44.91
CA ARG F 3502 94.77 37.63 -45.74
C ARG F 3502 94.66 38.99 -45.07
N TYR F 3503 93.57 39.21 -44.34
CA TYR F 3503 93.42 40.42 -43.54
C TYR F 3503 92.37 40.15 -42.46
N SER F 3504 92.72 40.51 -41.23
CA SER F 3504 91.81 40.37 -40.10
C SER F 3504 92.02 41.54 -39.14
N VAL F 3505 91.01 41.81 -38.33
CA VAL F 3505 91.08 42.94 -37.41
C VAL F 3505 92.27 42.75 -36.45
N GLN F 3506 92.46 41.54 -35.96
CA GLN F 3506 93.57 41.28 -35.04
C GLN F 3506 94.91 41.64 -35.68
N THR F 3507 95.00 41.47 -37.01
CA THR F 3507 96.19 41.93 -37.72
C THR F 3507 96.33 43.45 -37.67
N SER F 3508 95.20 44.15 -37.62
CA SER F 3508 95.20 45.60 -37.78
C SER F 3508 96.23 46.24 -36.86
N LEU F 3509 97.05 47.12 -37.45
CA LEU F 3509 98.11 47.76 -36.70
C LEU F 3509 97.55 48.61 -35.56
N ILE F 3510 96.36 49.18 -35.77
CA ILE F 3510 95.76 50.01 -34.72
C ILE F 3510 95.52 49.19 -33.46
N VAL F 3511 94.77 48.10 -33.59
CA VAL F 3511 94.47 47.28 -32.42
C VAL F 3511 95.73 46.63 -31.88
N ALA F 3512 96.66 46.24 -32.76
CA ALA F 3512 97.89 45.62 -32.29
C ALA F 3512 98.70 46.58 -31.43
N THR F 3513 98.86 47.83 -31.90
CA THR F 3513 99.57 48.83 -31.13
C THR F 3513 98.86 49.11 -29.82
N LEU F 3514 97.53 49.19 -29.85
CA LEU F 3514 96.78 49.44 -28.62
C LEU F 3514 97.01 48.32 -27.61
N LYS F 3515 96.96 47.07 -28.06
CA LYS F 3515 97.20 45.97 -27.14
C LYS F 3515 98.62 46.02 -26.60
N LYS F 3516 99.58 46.39 -27.46
CA LYS F 3516 100.97 46.44 -27.02
C LYS F 3516 101.17 47.49 -25.94
N MET F 3517 100.50 48.63 -26.05
CA MET F 3517 100.67 49.72 -25.11
C MET F 3517 99.67 49.72 -23.96
N LEU F 3518 98.67 48.84 -24.00
CA LEU F 3518 97.68 48.81 -22.93
C LEU F 3518 98.29 48.56 -21.56
N PRO F 3519 99.28 47.69 -21.41
CA PRO F 3519 99.86 47.48 -20.07
C PRO F 3519 100.39 48.76 -19.45
N ILE F 3520 100.83 49.71 -20.26
CA ILE F 3520 101.17 51.03 -19.72
C ILE F 3520 99.94 51.63 -19.10
N GLY F 3521 98.80 51.47 -19.77
CA GLY F 3521 97.56 51.99 -19.24
C GLY F 3521 97.13 51.36 -17.96
N LEU F 3522 97.35 50.07 -17.85
CA LEU F 3522 97.00 49.38 -16.63
C LEU F 3522 97.96 49.73 -15.50
N ASN F 3523 99.24 49.94 -15.83
CA ASN F 3523 100.20 50.38 -14.82
C ASN F 3523 99.81 51.76 -14.29
N MET F 3524 99.30 52.62 -15.18
CA MET F 3524 98.72 53.87 -14.70
C MET F 3524 97.72 53.61 -13.60
N CYS F 3525 96.79 52.69 -13.85
CA CYS F 3525 95.70 52.43 -12.93
C CYS F 3525 96.19 51.65 -11.71
N ALA F 3526 95.72 52.06 -10.54
CA ALA F 3526 95.99 51.28 -9.35
C ALA F 3526 95.13 50.03 -9.35
N PRO F 3527 95.64 48.92 -8.82
CA PRO F 3527 94.84 47.69 -8.79
C PRO F 3527 93.50 47.84 -8.09
N THR F 3528 93.43 48.69 -7.06
CA THR F 3528 92.17 48.87 -6.33
C THR F 3528 91.11 49.49 -7.23
N ASP F 3529 91.53 50.33 -8.19
CA ASP F 3529 90.59 51.00 -9.07
C ASP F 3529 89.87 50.06 -10.02
N GLN F 3530 90.21 48.78 -10.02
CA GLN F 3530 89.67 47.85 -11.00
C GLN F 3530 88.14 47.85 -10.95
N ASP F 3531 87.57 47.83 -9.75
CA ASP F 3531 86.11 47.85 -9.60
C ASP F 3531 85.52 49.07 -10.30
N LEU F 3532 86.06 50.26 -9.99
CA LEU F 3532 85.61 51.47 -10.66
C LEU F 3532 85.74 51.34 -12.17
N ILE F 3533 86.79 50.68 -12.63
CA ILE F 3533 86.98 50.48 -14.06
C ILE F 3533 85.84 49.66 -14.64
N MET F 3534 85.44 48.60 -13.92
CA MET F 3534 84.34 47.78 -14.39
C MET F 3534 83.05 48.58 -14.46
N LEU F 3535 82.78 49.40 -13.44
CA LEU F 3535 81.58 50.24 -13.47
C LEU F 3535 81.61 51.20 -14.66
N ALA F 3536 82.74 51.84 -14.90
CA ALA F 3536 82.83 52.74 -16.04
C ALA F 3536 82.70 51.99 -17.36
N LYS F 3537 83.20 50.76 -17.42
CA LYS F 3537 83.08 49.94 -18.62
C LYS F 3537 81.65 49.54 -18.90
N THR F 3538 80.84 49.34 -17.87
CA THR F 3538 79.40 49.15 -18.05
C THR F 3538 78.68 50.44 -18.40
N ARG F 3539 79.11 51.57 -17.85
CA ARG F 3539 78.51 52.84 -18.24
C ARG F 3539 78.75 53.13 -19.71
N TYR F 3540 79.97 52.84 -20.20
CA TYR F 3540 80.24 52.97 -21.62
C TYR F 3540 79.33 52.07 -22.43
N ALA F 3541 78.97 50.91 -21.89
CA ALA F 3541 77.97 50.06 -22.55
C ALA F 3541 76.61 50.72 -22.51
N LEU F 3542 76.35 51.54 -21.50
CA LEU F 3542 75.14 52.35 -21.49
C LEU F 3542 75.26 53.53 -22.44
N LYS F 3543 76.46 53.76 -22.98
CA LYS F 3543 76.71 54.84 -23.94
C LYS F 3543 76.67 56.20 -23.28
N ASP F 3544 77.15 56.30 -22.05
CA ASP F 3544 77.38 57.59 -21.43
C ASP F 3544 78.63 58.23 -22.03
N THR F 3545 78.69 59.56 -21.95
CA THR F 3545 79.81 60.29 -22.52
C THR F 3545 81.02 60.22 -21.58
N ASP F 3546 82.15 60.70 -22.09
CA ASP F 3546 83.38 60.67 -21.30
C ASP F 3546 83.25 61.54 -20.04
N GLU F 3547 82.72 62.76 -20.19
CA GLU F 3547 82.47 63.61 -19.03
C GLU F 3547 81.46 62.97 -18.08
N GLU F 3548 80.47 62.27 -18.62
CA GLU F 3548 79.45 61.66 -17.78
C GLU F 3548 80.04 60.54 -16.94
N VAL F 3549 80.84 59.66 -17.55
CA VAL F 3549 81.49 58.62 -16.77
C VAL F 3549 82.50 59.24 -15.81
N ARG F 3550 83.14 60.34 -16.20
CA ARG F 3550 84.04 61.04 -15.29
C ARG F 3550 83.32 61.46 -14.02
N GLU F 3551 82.20 62.16 -14.16
CA GLU F 3551 81.50 62.64 -12.97
C GLU F 3551 80.88 61.48 -12.19
N PHE F 3552 80.45 60.43 -12.88
CA PHE F 3552 79.95 59.25 -12.18
C PHE F 3552 81.04 58.62 -11.31
N LEU F 3553 82.25 58.49 -11.84
CA LEU F 3553 83.35 58.00 -11.02
C LEU F 3553 83.64 58.98 -9.90
N GLN F 3554 83.54 60.28 -10.18
CA GLN F 3554 83.87 61.29 -9.19
C GLN F 3554 82.96 61.19 -7.97
N ASN F 3555 81.65 61.03 -8.20
CA ASN F 3555 80.72 60.96 -7.07
C ASN F 3555 80.61 59.55 -6.50
N ASN F 3556 81.02 58.51 -7.26
CA ASN F 3556 81.05 57.15 -6.75
C ASN F 3556 82.44 56.71 -6.32
N LEU F 3557 83.35 57.66 -6.07
CA LEU F 3557 84.70 57.31 -5.64
C LEU F 3557 84.70 56.45 -4.38
N HIS F 3558 83.70 56.61 -3.51
CA HIS F 3558 83.67 55.87 -2.25
C HIS F 3558 83.78 54.38 -2.48
N LEU F 3559 83.29 53.91 -3.63
CA LEU F 3559 83.30 52.47 -3.92
C LEU F 3559 84.71 51.90 -4.05
N GLN F 3560 85.72 52.75 -4.21
CA GLN F 3560 87.07 52.29 -4.47
C GLN F 3560 87.42 51.11 -3.57
N GLY F 3561 88.21 50.18 -4.12
CA GLY F 3561 88.44 48.92 -3.44
C GLY F 3561 89.20 49.08 -2.13
N LYS F 3562 89.00 48.11 -1.25
CA LYS F 3562 89.62 48.08 0.06
C LYS F 3562 90.51 46.84 0.13
N VAL F 3563 91.79 47.06 0.45
CA VAL F 3563 92.77 45.97 0.39
C VAL F 3563 92.51 44.95 1.50
N GLU F 3564 92.17 45.43 2.71
CA GLU F 3564 92.04 44.52 3.84
C GLU F 3564 91.03 43.40 3.56
N GLY F 3565 90.03 43.69 2.73
CA GLY F 3565 89.03 42.68 2.44
C GLY F 3565 89.57 41.50 1.67
N SER F 3566 90.41 41.76 0.66
CA SER F 3566 90.92 40.72 -0.21
C SER F 3566 92.43 40.68 -0.17
N PRO F 3567 93.04 39.50 -0.07
CA PRO F 3567 94.52 39.45 -0.03
C PRO F 3567 95.17 39.83 -1.35
N SER F 3568 94.50 39.60 -2.48
CA SER F 3568 95.11 39.91 -3.76
C SER F 3568 95.54 41.37 -3.83
N LEU F 3569 94.67 42.28 -3.40
CA LEU F 3569 95.00 43.69 -3.45
C LEU F 3569 96.23 44.00 -2.61
N ARG F 3570 96.49 43.20 -1.58
CA ARG F 3570 97.64 43.47 -0.74
C ARG F 3570 98.94 43.27 -1.52
N TRP F 3571 99.08 42.14 -2.21
CA TRP F 3571 100.31 41.89 -2.95
C TRP F 3571 100.35 42.71 -4.23
N GLN F 3572 99.19 43.17 -4.71
CA GLN F 3572 99.22 44.10 -5.84
C GLN F 3572 99.68 45.49 -5.40
N MET F 3573 99.17 45.98 -4.26
CA MET F 3573 99.66 47.24 -3.70
C MET F 3573 101.16 47.15 -3.43
N ALA F 3574 101.63 45.99 -2.96
CA ALA F 3574 103.04 45.84 -2.69
C ALA F 3574 103.87 46.26 -3.91
N LEU F 3575 103.54 45.72 -5.07
CA LEU F 3575 104.28 46.04 -6.28
C LEU F 3575 104.01 47.48 -6.73
N TYR F 3576 102.75 47.92 -6.61
CA TYR F 3576 102.40 49.28 -6.99
C TYR F 3576 103.30 50.29 -6.26
N ARG F 3577 103.46 50.11 -4.95
CA ARG F 3577 104.38 50.95 -4.20
C ARG F 3577 105.83 50.66 -4.55
N GLY F 3578 106.13 49.41 -4.89
CA GLY F 3578 107.48 49.08 -5.30
C GLY F 3578 107.93 49.87 -6.51
N LEU F 3579 106.98 50.30 -7.34
CA LEU F 3579 107.32 51.14 -8.48
C LEU F 3579 108.01 52.40 -7.97
N PRO F 3580 109.15 52.80 -8.55
CA PRO F 3580 109.90 53.93 -7.95
C PRO F 3580 109.14 55.24 -7.95
N GLY F 3581 108.70 55.70 -9.12
CA GLY F 3581 108.13 57.03 -9.21
C GLY F 3581 106.76 57.16 -8.57
N ARG F 3582 106.09 56.03 -8.33
CA ARG F 3582 104.74 56.07 -7.77
C ARG F 3582 104.79 56.35 -6.27
N GLU F 3583 104.01 57.34 -5.85
CA GLU F 3583 103.77 57.61 -4.44
C GLU F 3583 102.29 57.88 -4.24
N GLU F 3584 101.80 57.61 -3.02
CA GLU F 3584 100.38 57.77 -2.75
C GLU F 3584 99.94 59.23 -2.82
N ASP F 3585 100.87 60.18 -2.62
CA ASP F 3585 100.50 61.59 -2.70
C ASP F 3585 100.21 62.01 -4.13
N ALA F 3586 100.86 61.39 -5.11
CA ALA F 3586 100.59 61.71 -6.51
C ALA F 3586 99.15 61.41 -6.89
N ASP F 3587 98.58 60.33 -6.34
CA ASP F 3587 97.23 59.95 -6.68
C ASP F 3587 96.24 61.01 -6.19
N ASP F 3588 95.37 61.46 -7.09
CA ASP F 3588 94.37 62.47 -6.78
C ASP F 3588 93.09 62.16 -7.53
N PRO F 3589 91.93 62.54 -6.97
CA PRO F 3589 90.66 62.06 -7.53
C PRO F 3589 90.53 62.31 -9.02
N GLU F 3590 91.00 63.47 -9.50
CA GLU F 3590 90.99 63.73 -10.93
C GLU F 3590 91.86 62.71 -11.65
N LYS F 3591 93.02 62.38 -11.10
CA LYS F 3591 93.89 61.39 -11.72
C LYS F 3591 93.16 60.06 -11.85
N ILE F 3592 92.55 59.62 -10.75
CA ILE F 3592 91.88 58.32 -10.76
C ILE F 3592 90.75 58.31 -11.78
N VAL F 3593 89.90 59.34 -11.76
CA VAL F 3593 88.74 59.33 -12.66
C VAL F 3593 89.20 59.36 -14.12
N ARG F 3594 90.18 60.22 -14.44
CA ARG F 3594 90.64 60.34 -15.81
C ARG F 3594 91.24 59.04 -16.32
N ARG F 3595 92.18 58.47 -15.56
CA ARG F 3595 92.82 57.25 -16.01
C ARG F 3595 91.82 56.10 -16.07
N VAL F 3596 90.90 56.05 -15.11
CA VAL F 3596 89.93 54.96 -15.06
C VAL F 3596 89.03 55.01 -16.28
N GLN F 3597 88.51 56.18 -16.62
CA GLN F 3597 87.61 56.26 -17.75
C GLN F 3597 88.35 56.06 -19.07
N GLU F 3598 89.60 56.52 -19.16
CA GLU F 3598 90.39 56.24 -20.35
C GLU F 3598 90.53 54.75 -20.58
N VAL F 3599 91.01 54.03 -19.56
CA VAL F 3599 91.22 52.59 -19.71
C VAL F 3599 89.89 51.88 -19.88
N SER F 3600 88.82 52.41 -19.29
CA SER F 3600 87.51 51.79 -19.43
C SER F 3600 87.03 51.86 -20.87
N ALA F 3601 87.16 53.02 -21.50
CA ALA F 3601 86.79 53.16 -22.90
C ALA F 3601 87.62 52.22 -23.76
N VAL F 3602 88.93 52.20 -23.51
CA VAL F 3602 89.81 51.34 -24.31
C VAL F 3602 89.36 49.89 -24.19
N LEU F 3603 89.12 49.44 -22.95
CA LEU F 3603 88.77 48.05 -22.72
C LEU F 3603 87.42 47.70 -23.34
N TYR F 3604 86.44 48.59 -23.17
CA TYR F 3604 85.11 48.37 -23.74
C TYR F 3604 85.20 48.18 -25.24
N HIS F 3605 85.83 49.12 -25.92
CA HIS F 3605 85.94 49.01 -27.37
C HIS F 3605 86.78 47.81 -27.76
N LEU F 3606 87.72 47.41 -26.91
CA LEU F 3606 88.52 46.22 -27.19
C LEU F 3606 87.67 44.96 -27.18
N GLU F 3607 86.81 44.81 -26.16
CA GLU F 3607 85.92 43.64 -26.14
C GLU F 3607 84.95 43.69 -27.31
N GLN F 3608 84.45 44.89 -27.63
CA GLN F 3608 83.53 45.00 -28.76
C GLN F 3608 84.20 44.54 -30.05
N THR F 3609 85.47 44.92 -30.24
CA THR F 3609 86.21 44.45 -31.41
C THR F 3609 86.43 42.95 -31.36
N GLU F 3610 86.78 42.41 -30.20
CA GLU F 3610 87.15 41.00 -30.09
C GLU F 3610 85.95 40.11 -30.39
N HIS F 3611 84.81 40.39 -29.77
CA HIS F 3611 83.61 39.60 -30.01
C HIS F 3611 82.59 40.46 -30.76
N PRO F 3612 82.78 40.61 -32.08
CA PRO F 3612 81.89 41.51 -32.82
C PRO F 3612 80.44 41.07 -32.86
N TYR F 3613 80.17 39.79 -32.63
CA TYR F 3613 78.86 39.20 -32.87
C TYR F 3613 78.46 39.27 -34.34
N LYS F 3614 79.45 39.36 -35.24
CA LYS F 3614 79.16 39.39 -36.67
C LYS F 3614 78.45 38.13 -37.12
N SER F 3615 78.55 37.05 -36.34
CA SER F 3615 77.92 35.80 -36.70
C SER F 3615 76.43 36.00 -36.97
N LYS F 3616 75.95 35.37 -38.05
CA LYS F 3616 74.59 35.31 -38.59
C LYS F 3616 73.99 36.69 -38.87
N LYS F 3617 74.78 37.75 -38.78
CA LYS F 3617 74.26 39.08 -39.06
C LYS F 3617 73.88 39.25 -40.53
N ALA F 3618 74.85 39.12 -41.44
CA ALA F 3618 74.66 39.39 -42.86
C ALA F 3618 74.98 38.10 -43.64
N VAL F 3619 74.46 36.98 -43.15
CA VAL F 3619 74.77 35.68 -43.72
C VAL F 3619 74.72 35.72 -45.23
N TRP F 3620 75.75 35.17 -45.87
CA TRP F 3620 75.77 35.02 -47.31
C TRP F 3620 76.15 33.59 -47.66
N HIS F 3621 75.83 32.65 -46.77
CA HIS F 3621 76.01 31.23 -47.08
C HIS F 3621 75.13 30.82 -48.25
N LYS F 3622 74.10 31.60 -48.55
CA LYS F 3622 73.18 31.41 -49.67
C LYS F 3622 72.70 29.97 -49.76
N LEU F 3623 72.10 29.50 -48.66
CA LEU F 3623 71.69 28.10 -48.60
C LEU F 3623 70.56 27.81 -49.58
N LEU F 3624 69.61 28.75 -49.70
CA LEU F 3624 68.54 28.57 -50.67
C LEU F 3624 69.09 28.41 -52.09
N SER F 3625 69.99 29.30 -52.49
CA SER F 3625 70.48 29.28 -53.87
C SER F 3625 71.50 28.16 -54.06
N LYS F 3626 72.10 27.66 -52.99
CA LYS F 3626 72.99 26.52 -53.11
C LYS F 3626 72.21 25.23 -53.27
N GLN F 3627 71.08 25.12 -52.58
CA GLN F 3627 70.19 23.98 -52.72
C GLN F 3627 69.34 24.05 -53.99
N ARG F 3628 69.19 25.25 -54.57
CA ARG F 3628 68.24 25.45 -55.66
C ARG F 3628 68.82 26.21 -56.85
N ARG F 3629 70.16 26.24 -56.98
CA ARG F 3629 70.81 27.14 -57.93
C ARG F 3629 70.12 27.16 -59.29
N ARG F 3630 69.62 26.01 -59.73
CA ARG F 3630 69.03 25.96 -61.07
C ARG F 3630 67.85 26.92 -61.20
N ALA F 3631 67.09 27.11 -60.12
CA ALA F 3631 65.86 27.89 -60.23
C ALA F 3631 66.13 29.39 -60.28
N VAL F 3632 67.15 29.87 -59.55
CA VAL F 3632 67.48 31.29 -59.65
C VAL F 3632 68.04 31.59 -61.04
N VAL F 3633 68.81 30.65 -61.60
CA VAL F 3633 69.25 30.79 -62.97
C VAL F 3633 68.06 30.83 -63.92
N ALA F 3634 67.09 29.94 -63.71
CA ALA F 3634 65.89 29.97 -64.53
C ALA F 3634 65.20 31.32 -64.41
N CYS F 3635 65.10 31.84 -63.18
CA CYS F 3635 64.48 33.12 -62.96
C CYS F 3635 65.25 34.23 -63.70
N PHE F 3636 66.55 34.15 -63.74
CA PHE F 3636 67.26 35.16 -64.49
C PHE F 3636 67.01 34.98 -66.00
N ARG F 3637 66.92 33.73 -66.46
CA ARG F 3637 66.82 33.44 -67.88
C ARG F 3637 65.44 33.76 -68.42
N MET F 3638 64.46 33.90 -67.53
CA MET F 3638 63.07 34.01 -67.95
C MET F 3638 62.93 34.96 -69.13
N THR F 3639 62.49 34.41 -70.25
CA THR F 3639 62.54 35.13 -71.49
C THR F 3639 61.63 36.36 -71.41
N PRO F 3640 62.08 37.52 -71.90
CA PRO F 3640 61.17 38.64 -72.03
C PRO F 3640 60.05 38.32 -73.00
N LEU F 3641 58.90 38.93 -72.77
CA LEU F 3641 57.72 38.65 -73.59
C LEU F 3641 58.02 38.81 -75.07
N TYR F 3642 58.80 39.82 -75.44
CA TYR F 3642 58.99 40.12 -76.85
C TYR F 3642 59.78 39.04 -77.59
N ASN F 3643 60.42 38.14 -76.85
CA ASN F 3643 61.18 37.07 -77.50
C ASN F 3643 60.37 35.80 -77.75
N LEU F 3644 59.14 35.73 -77.26
CA LEU F 3644 58.37 34.52 -77.42
C LEU F 3644 57.75 34.42 -78.81
N PRO F 3645 57.41 33.20 -79.25
CA PRO F 3645 56.62 33.07 -80.47
C PRO F 3645 55.25 33.68 -80.31
N THR F 3646 54.70 34.17 -81.42
CA THR F 3646 53.45 34.91 -81.37
C THR F 3646 52.31 34.06 -80.85
N HIS F 3647 52.27 32.79 -81.26
CA HIS F 3647 51.11 31.94 -80.93
C HIS F 3647 51.05 31.61 -79.44
N ARG F 3648 52.21 31.29 -78.84
CA ARG F 3648 52.23 31.01 -77.40
C ARG F 3648 51.85 32.25 -76.60
N ALA F 3649 52.38 33.39 -77.00
CA ALA F 3649 52.02 34.64 -76.33
C ALA F 3649 50.54 34.92 -76.49
N CYS F 3650 49.98 34.62 -77.66
CA CYS F 3650 48.56 34.83 -77.89
C CYS F 3650 47.73 33.93 -76.98
N ASN F 3651 48.15 32.68 -76.82
CA ASN F 3651 47.45 31.81 -75.89
C ASN F 3651 47.48 32.41 -74.50
N MET F 3652 48.68 32.76 -74.02
CA MET F 3652 48.80 33.34 -72.68
C MET F 3652 47.90 34.55 -72.52
N PHE F 3653 47.85 35.40 -73.54
CA PHE F 3653 46.96 36.54 -73.54
C PHE F 3653 45.51 36.11 -73.42
N LEU F 3654 45.13 35.07 -74.16
CA LEU F 3654 43.75 34.58 -74.07
C LEU F 3654 43.42 34.23 -72.63
N GLU F 3655 44.29 33.46 -71.97
CA GLU F 3655 43.99 33.07 -70.60
C GLU F 3655 43.94 34.29 -69.69
N SER F 3656 44.88 35.22 -69.83
CA SER F 3656 44.93 36.36 -68.92
C SER F 3656 43.73 37.28 -69.11
N TYR F 3657 43.37 37.56 -70.37
CA TYR F 3657 42.19 38.35 -70.66
C TYR F 3657 40.93 37.68 -70.14
N LYS F 3658 40.85 36.36 -70.34
CA LYS F 3658 39.71 35.59 -69.85
C LYS F 3658 39.55 35.77 -68.35
N ALA F 3659 40.66 35.66 -67.61
CA ALA F 3659 40.59 35.76 -66.16
C ALA F 3659 40.28 37.19 -65.71
N ALA F 3660 40.95 38.17 -66.29
CA ALA F 3660 40.89 39.53 -65.76
C ALA F 3660 39.61 40.25 -66.19
N TRP F 3661 39.18 40.06 -67.44
CA TRP F 3661 38.13 40.86 -68.03
C TRP F 3661 36.81 40.11 -68.15
N ILE F 3662 36.82 38.95 -68.82
CA ILE F 3662 35.58 38.20 -69.02
C ILE F 3662 35.08 37.67 -67.68
N LEU F 3663 35.97 37.04 -66.91
CA LEU F 3663 35.54 36.42 -65.66
C LEU F 3663 35.09 37.46 -64.65
N THR F 3664 35.76 38.62 -64.62
CA THR F 3664 35.42 39.66 -63.65
C THR F 3664 34.17 40.43 -64.04
N GLU F 3665 33.75 40.35 -65.30
CA GLU F 3665 32.60 41.13 -65.74
C GLU F 3665 31.34 40.64 -65.04
N ASP F 3666 30.46 41.58 -64.71
CA ASP F 3666 29.23 41.30 -63.98
C ASP F 3666 28.05 41.61 -64.89
N HIS F 3667 27.42 40.56 -65.41
CA HIS F 3667 26.21 40.66 -66.20
C HIS F 3667 25.10 39.89 -65.49
N SER F 3668 23.97 40.54 -65.26
CA SER F 3668 22.85 39.96 -64.54
C SER F 3668 21.67 39.83 -65.49
N PHE F 3669 21.30 38.58 -65.80
CA PHE F 3669 20.17 38.27 -66.65
C PHE F 3669 19.14 37.38 -65.98
N GLU F 3670 19.40 36.95 -64.75
CA GLU F 3670 18.58 35.93 -64.11
C GLU F 3670 17.15 36.42 -63.92
N ASP F 3671 16.98 37.60 -63.33
CA ASP F 3671 15.64 38.11 -63.04
C ASP F 3671 14.88 38.37 -64.33
N ARG F 3672 15.55 38.93 -65.33
CA ARG F 3672 14.91 39.18 -66.62
C ARG F 3672 14.43 37.87 -67.24
N MET F 3673 15.28 36.85 -67.18
CA MET F 3673 14.92 35.54 -67.71
C MET F 3673 13.71 34.97 -66.98
N ILE F 3674 13.71 35.07 -65.66
CA ILE F 3674 12.62 34.52 -64.86
C ILE F 3674 11.32 35.24 -65.18
N ASP F 3675 11.37 36.57 -65.30
CA ASP F 3675 10.16 37.32 -65.61
C ASP F 3675 9.64 36.96 -67.00
N ASP F 3676 10.53 36.94 -68.00
CA ASP F 3676 10.12 36.61 -69.36
C ASP F 3676 9.51 35.22 -69.44
N LEU F 3677 10.02 34.29 -68.63
CA LEU F 3677 9.45 32.94 -68.64
C LEU F 3677 8.17 32.86 -67.83
N SER F 3678 8.01 33.75 -66.84
CA SER F 3678 6.80 33.73 -66.02
C SER F 3678 5.62 34.30 -66.79
N LYS F 3679 5.85 35.36 -67.57
CA LYS F 3679 4.75 35.99 -68.29
C LYS F 3679 4.09 35.02 -69.25
N ALA F 3680 2.76 35.04 -69.28
CA ALA F 3680 1.96 34.23 -70.19
C ALA F 3680 1.30 35.15 -71.20
N GLY F 3681 1.30 34.73 -72.47
CA GLY F 3681 0.84 35.56 -73.56
C GLY F 3681 -0.38 34.98 -74.26
N GLU F 3682 -1.26 35.86 -74.70
CA GLU F 3682 -2.43 35.52 -75.52
C GLU F 3682 -3.51 34.82 -74.70
N GLN F 3683 -3.21 34.51 -73.43
CA GLN F 3683 -4.27 34.04 -72.54
C GLN F 3683 -5.31 35.13 -72.31
N GLU F 3684 -4.89 36.39 -72.37
CA GLU F 3684 -5.82 37.50 -72.22
C GLU F 3684 -6.86 37.51 -73.33
N GLU F 3685 -6.44 37.24 -74.58
CA GLU F 3685 -7.40 37.15 -75.67
C GLU F 3685 -8.18 35.85 -75.62
N GLU F 3686 -7.54 34.77 -75.18
CA GLU F 3686 -8.22 33.48 -75.13
C GLU F 3686 -9.38 33.50 -74.15
N GLU F 3687 -9.13 33.94 -72.90
CA GLU F 3687 -10.15 34.05 -71.86
C GLU F 3687 -10.58 32.68 -71.33
N GLU F 3688 -10.10 31.61 -71.96
CA GLU F 3688 -10.36 30.27 -71.46
C GLU F 3688 -9.08 29.58 -71.00
N GLU F 3689 -7.93 30.10 -71.46
CA GLU F 3689 -6.67 29.40 -71.21
C GLU F 3689 -6.28 29.47 -69.74
N VAL F 3690 -6.60 30.58 -69.07
CA VAL F 3690 -6.29 30.70 -67.65
C VAL F 3690 -7.05 29.63 -66.87
N GLU F 3691 -8.33 29.43 -67.17
CA GLU F 3691 -9.10 28.40 -66.51
C GLU F 3691 -8.60 27.00 -66.89
N GLU F 3692 -8.16 26.84 -68.14
CA GLU F 3692 -7.52 25.59 -68.53
C GLU F 3692 -6.26 25.34 -67.68
N LYS F 3693 -5.60 26.41 -67.24
CA LYS F 3693 -4.42 26.32 -66.40
C LYS F 3693 -3.25 25.71 -67.17
N LYS F 3694 -3.05 26.19 -68.39
CA LYS F 3694 -1.93 25.72 -69.18
C LYS F 3694 -0.61 26.18 -68.53
N PRO F 3695 0.38 25.29 -68.42
CA PRO F 3695 1.65 25.70 -67.84
C PRO F 3695 2.32 26.80 -68.64
N ASP F 3696 2.83 27.80 -67.95
CA ASP F 3696 3.65 28.81 -68.57
C ASP F 3696 5.06 28.26 -68.74
N PRO F 3697 5.91 28.96 -69.51
CA PRO F 3697 7.23 28.39 -69.84
C PRO F 3697 8.05 27.95 -68.64
N LEU F 3698 8.07 28.75 -67.57
CA LEU F 3698 8.83 28.38 -66.38
C LEU F 3698 8.25 27.13 -65.74
N HIS F 3699 6.92 27.04 -65.69
CA HIS F 3699 6.27 25.84 -65.18
C HIS F 3699 6.68 24.62 -66.00
N GLN F 3700 6.71 24.78 -67.32
CA GLN F 3700 7.09 23.66 -68.19
C GLN F 3700 8.53 23.25 -67.94
N LEU F 3701 9.42 24.22 -67.73
CA LEU F 3701 10.81 23.89 -67.47
C LEU F 3701 10.95 23.12 -66.15
N VAL F 3702 10.25 23.58 -65.11
CA VAL F 3702 10.27 22.87 -63.84
C VAL F 3702 9.73 21.47 -64.00
N LEU F 3703 8.65 21.32 -64.76
CA LEU F 3703 8.06 20.01 -65.00
C LEU F 3703 9.02 19.11 -65.75
N HIS F 3704 9.75 19.67 -66.72
CA HIS F 3704 10.74 18.91 -67.46
C HIS F 3704 11.81 18.36 -66.53
N PHE F 3705 12.32 19.21 -65.64
CA PHE F 3705 13.35 18.75 -64.72
C PHE F 3705 12.79 17.72 -63.74
N SER F 3706 11.55 17.90 -63.30
CA SER F 3706 10.91 16.91 -62.43
C SER F 3706 10.75 15.58 -63.14
N ARG F 3707 10.39 15.62 -64.43
CA ARG F 3707 10.30 14.40 -65.22
C ARG F 3707 11.65 13.71 -65.30
N THR F 3708 12.71 14.48 -65.54
CA THR F 3708 14.05 13.89 -65.57
C THR F 3708 14.38 13.23 -64.24
N ALA F 3709 14.06 13.91 -63.13
CA ALA F 3709 14.36 13.35 -61.82
C ALA F 3709 13.56 12.08 -61.57
N LEU F 3710 12.27 12.07 -61.93
CA LEU F 3710 11.41 10.93 -61.66
C LEU F 3710 11.71 9.75 -62.58
N THR F 3711 12.35 9.99 -63.72
CA THR F 3711 12.71 8.90 -64.61
C THR F 3711 13.55 7.87 -63.87
N GLU F 3712 13.23 6.59 -64.08
CA GLU F 3712 13.89 5.51 -63.37
C GLU F 3712 15.27 5.28 -63.97
N LYS F 3713 16.30 5.48 -63.16
CA LYS F 3713 17.68 5.32 -63.61
C LYS F 3713 18.52 4.86 -62.43
N SER F 3714 19.62 4.19 -62.75
CA SER F 3714 20.55 3.74 -61.71
C SER F 3714 21.23 4.93 -61.05
N LYS F 3715 21.62 5.93 -61.85
CA LYS F 3715 22.34 7.08 -61.36
C LYS F 3715 21.78 8.35 -61.98
N LEU F 3716 22.10 9.48 -61.36
CA LEU F 3716 21.66 10.79 -61.83
C LEU F 3716 22.73 11.37 -62.73
N ASP F 3717 22.45 11.41 -64.03
CA ASP F 3717 23.39 11.98 -64.98
C ASP F 3717 23.52 13.49 -64.77
N GLU F 3718 24.76 13.96 -64.83
CA GLU F 3718 25.04 15.38 -64.78
C GLU F 3718 24.40 16.12 -65.95
N ASP F 3719 23.60 17.13 -65.64
CA ASP F 3719 22.90 17.94 -66.62
C ASP F 3719 23.29 19.41 -66.42
N TYR F 3720 24.17 19.91 -67.28
CA TYR F 3720 24.61 21.29 -67.17
C TYR F 3720 23.45 22.25 -67.32
N LEU F 3721 22.45 21.89 -68.14
CA LEU F 3721 21.28 22.75 -68.28
C LEU F 3721 20.53 22.87 -66.96
N TYR F 3722 20.31 21.74 -66.28
CA TYR F 3722 19.67 21.77 -64.98
C TYR F 3722 20.46 22.63 -64.01
N MET F 3723 21.78 22.44 -63.98
CA MET F 3723 22.57 23.20 -63.02
C MET F 3723 22.48 24.69 -63.30
N ALA F 3724 22.57 25.08 -64.57
CA ALA F 3724 22.51 26.49 -64.93
C ALA F 3724 21.16 27.09 -64.56
N TYR F 3725 20.08 26.39 -64.86
CA TYR F 3725 18.75 26.95 -64.60
C TYR F 3725 18.45 26.98 -63.11
N ALA F 3726 18.92 25.99 -62.36
CA ALA F 3726 18.79 26.03 -60.91
C ALA F 3726 19.55 27.21 -60.33
N ASP F 3727 20.76 27.46 -60.82
CA ASP F 3727 21.50 28.63 -60.39
C ASP F 3727 20.77 29.93 -60.71
N ILE F 3728 20.17 29.99 -61.90
CA ILE F 3728 19.42 31.19 -62.29
C ILE F 3728 18.26 31.43 -61.33
N MET F 3729 17.48 30.37 -61.04
CA MET F 3729 16.35 30.55 -60.14
C MET F 3729 16.81 30.93 -58.74
N ALA F 3730 17.87 30.28 -58.24
CA ALA F 3730 18.36 30.60 -56.91
C ALA F 3730 18.82 32.05 -56.83
N LYS F 3731 19.51 32.52 -57.86
CA LYS F 3731 19.93 33.92 -57.91
C LYS F 3731 18.73 34.86 -57.93
N SER F 3732 17.71 34.50 -58.71
CA SER F 3732 16.53 35.35 -58.81
C SER F 3732 15.77 35.42 -57.48
N CYS F 3733 15.84 34.35 -56.68
CA CYS F 3733 15.04 34.32 -55.46
C CYS F 3733 15.51 35.36 -54.45
N HIS F 3734 16.78 35.29 -54.04
CA HIS F 3734 17.29 36.45 -53.31
C HIS F 3734 17.41 37.76 -54.06
N LEU F 3735 18.09 37.80 -55.18
CA LEU F 3735 18.44 39.06 -55.82
C LEU F 3735 18.97 40.09 -54.82
N GLU F 3736 19.99 39.72 -54.08
CA GLU F 3736 20.65 40.61 -53.12
C GLU F 3736 21.95 40.02 -52.60
N VAL F 3749 24.17 52.14 -40.74
CA VAL F 3749 23.72 50.95 -41.47
C VAL F 3749 22.42 50.39 -40.91
N GLU F 3750 21.43 51.27 -40.79
CA GLU F 3750 20.15 50.95 -40.18
C GLU F 3750 19.08 50.91 -41.27
N VAL F 3751 18.25 49.89 -41.26
CA VAL F 3751 17.20 49.73 -42.25
C VAL F 3751 15.86 49.92 -41.57
N SER F 3752 15.03 50.77 -42.16
CA SER F 3752 13.71 51.03 -41.60
C SER F 3752 12.89 49.75 -41.58
N PHE F 3753 12.00 49.65 -40.58
CA PHE F 3753 11.08 48.52 -40.52
C PHE F 3753 10.33 48.36 -41.83
N GLU F 3754 9.90 49.48 -42.43
CA GLU F 3754 9.19 49.42 -43.70
C GLU F 3754 10.06 48.82 -44.80
N GLU F 3755 11.30 49.29 -44.94
CA GLU F 3755 12.17 48.76 -45.97
C GLU F 3755 12.43 47.28 -45.75
N LYS F 3756 12.69 46.90 -44.50
CA LYS F 3756 12.92 45.49 -44.18
C LYS F 3756 11.73 44.64 -44.60
N GLU F 3757 10.52 45.07 -44.26
CA GLU F 3757 9.35 44.31 -44.64
C GLU F 3757 9.17 44.29 -46.15
N MET F 3758 9.56 45.36 -46.85
CA MET F 3758 9.50 45.36 -48.30
C MET F 3758 10.46 44.34 -48.89
N GLU F 3759 11.68 44.24 -48.36
CA GLU F 3759 12.58 43.19 -48.83
C GLU F 3759 12.00 41.81 -48.57
N LYS F 3760 11.40 41.62 -47.39
CA LYS F 3760 10.78 40.33 -47.10
C LYS F 3760 9.66 40.02 -48.09
N GLN F 3761 8.80 40.99 -48.36
CA GLN F 3761 7.68 40.75 -49.27
C GLN F 3761 8.17 40.47 -50.68
N ARG F 3762 9.16 41.22 -51.15
CA ARG F 3762 9.73 40.92 -52.45
C ARG F 3762 10.30 39.51 -52.48
N LEU F 3763 11.08 39.14 -51.47
CA LEU F 3763 11.65 37.79 -51.46
C LEU F 3763 10.54 36.75 -51.50
N LEU F 3764 9.44 37.02 -50.80
CA LEU F 3764 8.31 36.10 -50.82
C LEU F 3764 7.72 35.99 -52.23
N TYR F 3765 7.59 37.12 -52.93
CA TYR F 3765 7.09 37.09 -54.29
C TYR F 3765 8.00 36.27 -55.21
N GLN F 3766 9.31 36.49 -55.10
CA GLN F 3766 10.25 35.74 -55.93
C GLN F 3766 10.19 34.26 -55.61
N GLN F 3767 10.04 33.91 -54.33
CA GLN F 3767 9.94 32.49 -53.96
C GLN F 3767 8.63 31.89 -54.48
N SER F 3768 7.56 32.69 -54.46
CA SER F 3768 6.27 32.22 -54.96
C SER F 3768 6.34 31.92 -56.44
N ARG F 3769 7.00 32.80 -57.21
CA ARG F 3769 7.18 32.54 -58.63
C ARG F 3769 7.60 31.11 -58.88
N LEU F 3770 8.40 30.55 -57.98
CA LEU F 3770 8.95 29.22 -58.19
C LEU F 3770 8.09 28.13 -57.56
N HIS F 3771 7.76 28.27 -56.27
CA HIS F 3771 7.11 27.15 -55.60
C HIS F 3771 5.65 27.02 -56.04
N THR F 3772 5.10 28.09 -56.62
CA THR F 3772 3.80 27.95 -57.28
C THR F 3772 3.94 27.09 -58.54
N ARG F 3773 5.10 27.14 -59.19
CA ARG F 3773 5.31 26.39 -60.41
C ARG F 3773 5.84 24.98 -60.15
N GLY F 3774 6.15 24.63 -58.91
CA GLY F 3774 6.50 23.26 -58.57
C GLY F 3774 7.99 23.03 -58.38
N ALA F 3775 8.69 24.04 -57.86
CA ALA F 3775 10.14 23.91 -57.69
C ALA F 3775 10.50 23.09 -56.46
N ALA F 3776 9.70 23.16 -55.40
CA ALA F 3776 10.02 22.42 -54.18
C ALA F 3776 10.03 20.91 -54.44
N GLU F 3777 9.00 20.42 -55.14
CA GLU F 3777 8.94 18.99 -55.45
C GLU F 3777 10.10 18.58 -56.34
N MET F 3778 10.50 19.44 -57.27
CA MET F 3778 11.65 19.15 -58.12
C MET F 3778 12.92 19.04 -57.29
N VAL F 3779 13.07 19.94 -56.32
CA VAL F 3779 14.22 19.89 -55.42
C VAL F 3779 14.26 18.55 -54.68
N LEU F 3780 13.12 18.17 -54.11
CA LEU F 3780 13.06 16.93 -53.35
C LEU F 3780 13.33 15.73 -54.25
N GLN F 3781 12.78 15.74 -55.47
CA GLN F 3781 12.98 14.64 -56.40
C GLN F 3781 14.44 14.50 -56.77
N MET F 3782 15.12 15.62 -57.02
CA MET F 3782 16.54 15.56 -57.35
C MET F 3782 17.36 15.07 -56.18
N ILE F 3783 17.01 15.49 -54.96
CA ILE F 3783 17.72 15.01 -53.79
C ILE F 3783 17.56 13.51 -53.65
N SER F 3784 16.35 13.01 -53.89
CA SER F 3784 16.14 11.56 -53.84
C SER F 3784 16.92 10.86 -54.96
N ALA F 3785 16.95 11.46 -56.15
CA ALA F 3785 17.59 10.83 -57.29
C ALA F 3785 19.09 10.73 -57.10
N CYS F 3786 19.70 11.75 -56.48
CA CYS F 3786 21.16 11.74 -56.33
C CYS F 3786 21.62 10.49 -55.59
N LYS F 3787 20.77 9.91 -54.76
CA LYS F 3787 21.03 8.60 -54.15
C LYS F 3787 22.31 8.62 -53.32
N GLY F 3788 22.60 9.78 -52.72
CA GLY F 3788 23.72 9.89 -51.80
C GLY F 3788 25.06 10.10 -52.46
N GLU F 3789 25.10 10.63 -53.68
CA GLU F 3789 26.35 10.92 -54.37
C GLU F 3789 26.52 12.43 -54.47
N THR F 3790 27.61 12.93 -53.91
CA THR F 3790 27.90 14.35 -53.95
C THR F 3790 28.21 14.79 -55.37
N GLY F 3791 27.89 16.04 -55.68
CA GLY F 3791 28.18 16.56 -56.99
C GLY F 3791 27.54 17.92 -57.20
N ALA F 3792 27.86 18.51 -58.35
CA ALA F 3792 27.34 19.83 -58.68
C ALA F 3792 25.83 19.82 -58.78
N MET F 3793 25.25 18.71 -59.23
CA MET F 3793 23.80 18.62 -59.34
C MET F 3793 23.13 18.79 -57.98
N VAL F 3794 23.56 18.00 -57.00
CA VAL F 3794 22.97 18.09 -55.67
C VAL F 3794 23.30 19.41 -55.02
N SER F 3795 24.50 19.94 -55.28
CA SER F 3795 24.84 21.25 -54.72
C SER F 3795 23.89 22.33 -55.24
N SER F 3796 23.62 22.34 -56.55
CA SER F 3796 22.71 23.32 -57.11
C SER F 3796 21.30 23.10 -56.59
N THR F 3797 20.88 21.85 -56.45
CA THR F 3797 19.55 21.57 -55.91
C THR F 3797 19.42 22.12 -54.50
N LEU F 3798 20.45 21.91 -53.67
CA LEU F 3798 20.43 22.41 -52.30
C LEU F 3798 20.42 23.92 -52.27
N LYS F 3799 21.18 24.56 -53.15
CA LYS F 3799 21.18 26.02 -53.20
C LYS F 3799 19.80 26.55 -53.60
N LEU F 3800 19.16 25.90 -54.56
CA LEU F 3800 17.81 26.31 -54.94
C LEU F 3800 16.84 26.14 -53.78
N GLY F 3801 16.95 25.03 -53.06
CA GLY F 3801 16.09 24.82 -51.90
C GLY F 3801 16.30 25.90 -50.86
N ILE F 3802 17.56 26.24 -50.58
CA ILE F 3802 17.86 27.28 -49.61
C ILE F 3802 17.27 28.61 -50.07
N SER F 3803 17.40 28.91 -51.36
CA SER F 3803 16.88 30.18 -51.86
C SER F 3803 15.37 30.25 -51.71
N ILE F 3804 14.66 29.17 -52.02
CA ILE F 3804 13.21 29.22 -51.92
C ILE F 3804 12.74 29.13 -50.48
N LEU F 3805 13.60 28.64 -49.58
CA LEU F 3805 13.22 28.45 -48.19
C LEU F 3805 13.70 29.58 -47.27
N ASN F 3806 14.52 30.50 -47.78
CA ASN F 3806 15.08 31.53 -46.91
C ASN F 3806 13.97 32.33 -46.25
N GLY F 3807 14.18 32.64 -44.97
CA GLY F 3807 13.17 33.29 -44.15
C GLY F 3807 12.15 32.35 -43.56
N GLY F 3808 12.31 31.04 -43.75
CA GLY F 3808 11.37 30.08 -43.22
C GLY F 3808 10.03 30.15 -43.89
N ASN F 3809 10.01 30.01 -45.22
CA ASN F 3809 8.77 30.07 -45.97
C ASN F 3809 7.86 28.92 -45.56
N ALA F 3810 6.79 29.25 -44.83
CA ALA F 3810 5.86 28.23 -44.38
C ALA F 3810 5.14 27.57 -45.55
N GLU F 3811 4.86 28.32 -46.61
CA GLU F 3811 4.20 27.75 -47.77
C GLU F 3811 5.05 26.66 -48.41
N VAL F 3812 6.34 26.95 -48.62
CA VAL F 3812 7.25 25.95 -49.17
C VAL F 3812 7.41 24.79 -48.22
N GLN F 3813 7.51 25.09 -46.91
CA GLN F 3813 7.62 24.01 -45.93
C GLN F 3813 6.44 23.05 -46.04
N GLN F 3814 5.23 23.60 -46.07
CA GLN F 3814 4.03 22.78 -46.15
C GLN F 3814 3.98 21.99 -47.45
N LYS F 3815 4.35 22.62 -48.56
CA LYS F 3815 4.35 21.92 -49.84
C LYS F 3815 5.31 20.74 -49.79
N MET F 3816 6.52 20.97 -49.28
CA MET F 3816 7.52 19.91 -49.20
C MET F 3816 7.02 18.77 -48.33
N LEU F 3817 6.49 19.09 -47.16
CA LEU F 3817 6.04 18.07 -46.23
C LEU F 3817 4.88 17.28 -46.81
N ASP F 3818 3.93 17.96 -47.46
CA ASP F 3818 2.80 17.29 -48.07
C ASP F 3818 3.26 16.34 -49.18
N TYR F 3819 4.17 16.82 -50.03
CA TYR F 3819 4.69 15.96 -51.09
C TYR F 3819 5.34 14.72 -50.51
N LEU F 3820 6.20 14.90 -49.51
CA LEU F 3820 6.91 13.77 -48.92
C LEU F 3820 5.94 12.79 -48.30
N LYS F 3821 4.93 13.29 -47.59
CA LYS F 3821 4.01 12.41 -46.88
C LYS F 3821 3.07 11.68 -47.82
N ASP F 3822 2.68 12.29 -48.93
CA ASP F 3822 1.84 11.57 -49.89
C ASP F 3822 2.65 10.56 -50.68
N LYS F 3823 3.89 10.91 -51.04
CA LYS F 3823 4.69 9.99 -51.86
C LYS F 3823 5.22 8.83 -51.05
N LYS F 3824 5.55 9.06 -49.78
CA LYS F 3824 6.06 8.02 -48.89
C LYS F 3824 7.25 7.30 -49.51
N GLU F 3825 8.29 8.06 -49.78
CA GLU F 3825 9.53 7.54 -50.36
C GLU F 3825 10.65 7.68 -49.34
N VAL F 3826 11.42 6.61 -49.18
CA VAL F 3826 12.57 6.62 -48.28
C VAL F 3826 13.84 7.13 -48.93
N GLY F 3827 13.83 7.29 -50.27
CA GLY F 3827 15.03 7.68 -50.97
C GLY F 3827 15.53 9.05 -50.56
N PHE F 3828 14.61 9.97 -50.27
CA PHE F 3828 15.01 11.32 -49.89
C PHE F 3828 15.89 11.31 -48.65
N PHE F 3829 15.40 10.69 -47.57
CA PHE F 3829 16.17 10.66 -46.34
C PHE F 3829 17.36 9.73 -46.44
N GLN F 3830 17.27 8.68 -47.25
CA GLN F 3830 18.44 7.85 -47.48
C GLN F 3830 19.56 8.65 -48.12
N SER F 3831 19.24 9.46 -49.12
CA SER F 3831 20.23 10.29 -49.77
C SER F 3831 20.78 11.32 -48.79
N ILE F 3832 19.91 11.90 -47.97
CA ILE F 3832 20.36 12.86 -46.96
C ILE F 3832 21.36 12.20 -46.02
N GLN F 3833 21.04 11.00 -45.54
CA GLN F 3833 21.92 10.29 -44.62
C GLN F 3833 23.26 9.99 -45.27
N ALA F 3834 23.23 9.52 -46.53
CA ALA F 3834 24.46 9.19 -47.22
C ALA F 3834 25.33 10.43 -47.41
N LEU F 3835 24.70 11.55 -47.75
CA LEU F 3835 25.44 12.80 -47.92
C LEU F 3835 26.07 13.24 -46.60
N MET F 3836 25.33 13.10 -45.50
CA MET F 3836 25.90 13.40 -44.19
C MET F 3836 27.12 12.53 -43.92
N GLN F 3837 27.01 11.24 -44.23
CA GLN F 3837 28.12 10.33 -43.98
C GLN F 3837 29.33 10.71 -44.83
N THR F 3838 29.09 11.16 -46.06
CA THR F 3838 30.20 11.55 -46.94
C THR F 3838 30.83 12.86 -46.48
N CYS F 3839 30.04 13.76 -45.88
CA CYS F 3839 30.58 15.05 -45.49
C CYS F 3839 31.86 14.90 -44.70
N SER F 3840 32.82 15.76 -44.98
CA SER F 3840 34.20 15.58 -44.54
C SER F 3840 34.49 16.38 -43.27
N VAL F 3841 35.61 16.02 -42.64
CA VAL F 3841 36.14 16.73 -41.47
C VAL F 3841 37.61 17.06 -41.64
N LEU F 3842 38.19 17.74 -40.65
CA LEU F 3842 39.60 18.09 -40.71
C LEU F 3842 40.45 16.81 -40.73
N ASP F 3843 41.44 16.78 -41.62
CA ASP F 3843 42.34 15.64 -41.74
C ASP F 3843 43.78 16.11 -41.56
N LEU F 3844 44.42 15.63 -40.49
CA LEU F 3844 45.78 16.07 -40.18
C LEU F 3844 46.78 15.52 -41.18
N ASN F 3845 46.54 14.31 -41.70
CA ASN F 3845 47.43 13.77 -42.71
C ASN F 3845 47.44 14.67 -43.95
N ALA F 3846 46.25 15.10 -44.38
CA ALA F 3846 46.17 16.02 -45.50
C ALA F 3846 46.82 17.36 -45.17
N PHE F 3847 46.61 17.83 -43.94
CA PHE F 3847 47.27 19.07 -43.51
C PHE F 3847 48.77 18.97 -43.68
N GLU F 3848 49.37 17.90 -43.16
CA GLU F 3848 50.82 17.74 -43.23
C GLU F 3848 51.29 17.56 -44.66
N ARG F 3849 50.54 16.79 -45.47
CA ARG F 3849 50.92 16.59 -46.85
C ARG F 3849 50.93 17.91 -47.61
N GLN F 3850 49.90 18.73 -47.42
CA GLN F 3850 49.85 20.03 -48.06
C GLN F 3850 50.96 20.94 -47.56
N ASN F 3851 51.26 20.87 -46.26
CA ASN F 3851 52.34 21.69 -45.72
C ASN F 3851 53.67 21.35 -46.38
N LYS F 3852 53.98 20.06 -46.48
CA LYS F 3852 55.22 19.66 -47.16
C LYS F 3852 55.19 20.06 -48.63
N ALA F 3853 54.03 19.91 -49.28
CA ALA F 3853 53.92 20.26 -50.69
C ALA F 3853 54.24 21.74 -50.91
N GLU F 3854 53.64 22.61 -50.09
CA GLU F 3854 53.91 24.04 -50.23
C GLU F 3854 55.33 24.39 -49.82
N GLY F 3855 55.89 23.64 -48.86
CA GLY F 3855 57.27 23.88 -48.48
C GLY F 3855 58.26 23.55 -49.58
N LEU F 3856 57.95 22.51 -50.36
CA LEU F 3856 58.82 22.11 -51.46
C LEU F 3856 59.04 23.27 -52.42
N GLY F 3857 58.06 24.16 -52.53
CA GLY F 3857 58.19 25.28 -53.44
C GLY F 3857 58.37 24.86 -54.88
N MET F 3858 57.68 23.79 -55.29
CA MET F 3858 57.80 23.31 -56.65
C MET F 3858 57.33 24.39 -57.63
N VAL F 3859 58.00 24.47 -58.78
CA VAL F 3859 57.70 25.43 -59.81
C VAL F 3859 57.29 24.68 -61.06
N ASN F 3860 56.29 25.19 -61.76
CA ASN F 3860 55.87 24.58 -63.02
C ASN F 3860 57.01 24.59 -64.02
N GLU F 3861 57.29 23.43 -64.61
CA GLU F 3861 58.41 23.31 -65.53
C GLU F 3861 58.21 24.19 -66.76
N ASP F 3862 57.00 24.21 -67.30
CA ASP F 3862 56.69 25.13 -68.39
C ASP F 3862 56.61 26.55 -67.83
N GLY F 3863 57.40 27.46 -68.41
CA GLY F 3863 57.50 28.79 -67.84
C GLY F 3863 57.98 28.69 -66.41
N THR F 3864 57.20 29.27 -65.49
CA THR F 3864 57.48 29.14 -64.07
C THR F 3864 56.25 29.58 -63.29
N VAL F 3865 55.76 28.72 -62.40
CA VAL F 3865 54.66 29.04 -61.51
C VAL F 3865 55.13 28.75 -60.09
N ILE F 3866 55.61 29.79 -59.40
CA ILE F 3866 56.02 29.58 -58.02
C ILE F 3866 54.81 29.22 -57.16
N ASN F 3867 55.08 28.46 -56.11
CA ASN F 3867 54.11 28.13 -55.06
C ASN F 3867 52.71 27.93 -55.65
N ARG F 3868 52.66 27.13 -56.72
CA ARG F 3868 51.39 26.81 -57.35
C ARG F 3868 50.41 26.22 -56.34
N GLN F 3869 49.22 26.79 -56.27
CA GLN F 3869 48.19 26.47 -55.29
C GLN F 3869 47.49 25.20 -55.74
N ASN F 3870 47.54 24.17 -54.89
CA ASN F 3870 46.85 22.92 -55.18
C ASN F 3870 45.41 22.99 -54.69
N GLY F 3871 44.62 22.03 -55.13
CA GLY F 3871 43.27 21.88 -54.62
C GLY F 3871 43.30 21.67 -53.12
N GLU F 3872 42.45 22.39 -52.40
CA GLU F 3872 42.42 22.30 -50.94
C GLU F 3872 41.83 20.97 -50.53
N LYS F 3873 42.68 20.03 -50.09
CA LYS F 3873 42.18 18.73 -49.65
C LYS F 3873 41.38 18.86 -48.36
N VAL F 3874 41.78 19.73 -47.47
CA VAL F 3874 41.14 19.83 -46.17
C VAL F 3874 39.89 20.69 -46.29
N MET F 3875 38.75 20.13 -45.91
CA MET F 3875 37.46 20.80 -46.03
C MET F 3875 37.23 21.31 -47.45
N ALA F 3876 37.27 20.36 -48.39
CA ALA F 3876 36.93 20.70 -49.76
C ALA F 3876 35.43 20.86 -49.93
N ASP F 3877 34.64 20.05 -49.20
CA ASP F 3877 33.19 20.08 -49.27
C ASP F 3877 32.56 20.90 -48.15
N ASP F 3878 33.30 21.89 -47.62
CA ASP F 3878 32.74 22.70 -46.54
C ASP F 3878 31.49 23.44 -46.97
N GLU F 3879 31.51 23.99 -48.18
CA GLU F 3879 30.35 24.72 -48.68
C GLU F 3879 29.15 23.78 -48.83
N PHE F 3880 29.38 22.58 -49.36
CA PHE F 3880 28.30 21.61 -49.49
C PHE F 3880 27.74 21.23 -48.12
N THR F 3881 28.62 21.03 -47.14
CA THR F 3881 28.17 20.67 -45.80
C THR F 3881 27.30 21.79 -45.21
N GLN F 3882 27.79 23.03 -45.31
CA GLN F 3882 27.01 24.16 -44.83
C GLN F 3882 25.68 24.27 -45.54
N ASP F 3883 25.66 24.02 -46.85
CA ASP F 3883 24.40 24.11 -47.60
C ASP F 3883 23.43 23.03 -47.16
N LEU F 3884 23.91 21.81 -46.98
CA LEU F 3884 23.05 20.73 -46.50
C LEU F 3884 22.43 21.07 -45.17
N PHE F 3885 23.25 21.51 -44.21
CA PHE F 3885 22.72 21.75 -42.88
C PHE F 3885 21.87 23.01 -42.83
N ARG F 3886 22.17 24.01 -43.66
CA ARG F 3886 21.32 25.17 -43.78
C ARG F 3886 19.97 24.81 -44.37
N PHE F 3887 19.96 23.90 -45.35
CA PHE F 3887 18.70 23.41 -45.92
C PHE F 3887 17.87 22.72 -44.86
N LEU F 3888 18.49 21.82 -44.10
CA LEU F 3888 17.75 21.12 -43.04
C LEU F 3888 17.24 22.09 -41.98
N GLN F 3889 18.06 23.08 -41.62
CA GLN F 3889 17.64 24.11 -40.68
C GLN F 3889 16.45 24.89 -41.22
N LEU F 3890 16.53 25.31 -42.47
CA LEU F 3890 15.47 26.13 -43.06
C LEU F 3890 14.17 25.36 -43.12
N LEU F 3891 14.26 24.04 -43.32
CA LEU F 3891 13.06 23.24 -43.34
C LEU F 3891 12.31 23.31 -42.02
N CYS F 3892 13.04 23.46 -40.91
CA CYS F 3892 12.44 23.55 -39.58
C CYS F 3892 12.31 24.99 -39.09
N GLU F 3893 12.77 25.97 -39.85
CA GLU F 3893 12.76 27.34 -39.38
C GLU F 3893 11.33 27.80 -39.14
N GLY F 3894 11.17 28.66 -38.13
CA GLY F 3894 9.87 29.11 -37.70
C GLY F 3894 9.17 28.21 -36.71
N HIS F 3895 9.87 27.21 -36.16
CA HIS F 3895 9.30 26.30 -35.18
C HIS F 3895 8.19 25.46 -35.81
N ASN F 3896 8.52 24.82 -36.91
CA ASN F 3896 7.59 23.93 -37.61
C ASN F 3896 7.61 22.57 -36.91
N ASN F 3897 6.64 22.36 -36.02
CA ASN F 3897 6.59 21.12 -35.25
C ASN F 3897 6.42 19.91 -36.17
N ASP F 3898 5.58 20.05 -37.20
CA ASP F 3898 5.31 18.91 -38.08
C ASP F 3898 6.58 18.43 -38.76
N PHE F 3899 7.32 19.33 -39.40
CA PHE F 3899 8.53 18.89 -40.08
C PHE F 3899 9.60 18.47 -39.09
N GLN F 3900 9.67 19.17 -37.95
CA GLN F 3900 10.61 18.77 -36.91
C GLN F 3900 10.42 17.31 -36.52
N ASN F 3901 9.17 16.91 -36.29
CA ASN F 3901 8.90 15.53 -35.90
C ASN F 3901 9.08 14.58 -37.08
N TYR F 3902 8.78 15.03 -38.30
CA TYR F 3902 8.99 14.19 -39.47
C TYR F 3902 10.46 13.85 -39.62
N LEU F 3903 11.34 14.81 -39.33
CA LEU F 3903 12.78 14.53 -39.38
C LEU F 3903 13.16 13.42 -38.41
N ARG F 3904 12.62 13.47 -37.20
CA ARG F 3904 12.91 12.42 -36.23
C ARG F 3904 12.36 11.08 -36.68
N THR F 3905 11.14 11.06 -37.22
CA THR F 3905 10.47 9.81 -37.54
C THR F 3905 9.51 10.04 -38.70
N GLN F 3906 9.42 9.06 -39.58
CA GLN F 3906 8.51 9.08 -40.73
C GLN F 3906 7.50 7.95 -40.54
N THR F 3907 6.33 8.29 -40.00
CA THR F 3907 5.36 7.27 -39.65
C THR F 3907 4.88 6.50 -40.86
N GLY F 3908 4.55 7.21 -41.94
CA GLY F 3908 3.97 6.55 -43.11
C GLY F 3908 4.94 5.61 -43.78
N ASN F 3909 6.22 5.98 -43.84
CA ASN F 3909 7.19 5.19 -44.57
C ASN F 3909 7.44 3.86 -43.88
N THR F 3910 7.87 2.87 -44.67
CA THR F 3910 8.19 1.56 -44.12
C THR F 3910 9.35 1.66 -43.13
N THR F 3911 10.32 2.52 -43.41
CA THR F 3911 11.50 2.67 -42.59
C THR F 3911 11.67 4.13 -42.20
N THR F 3912 12.40 4.34 -41.11
CA THR F 3912 12.59 5.67 -40.55
C THR F 3912 14.07 5.94 -40.34
N ILE F 3913 14.46 7.18 -40.56
CA ILE F 3913 15.83 7.65 -40.37
C ILE F 3913 15.80 8.89 -39.49
N ASN F 3914 16.67 8.93 -38.48
CA ASN F 3914 16.69 10.04 -37.53
C ASN F 3914 17.79 11.01 -37.93
N ILE F 3915 17.39 12.03 -38.70
CA ILE F 3915 18.32 13.05 -39.15
C ILE F 3915 18.97 13.77 -37.98
N ILE F 3916 18.26 13.89 -36.86
CA ILE F 3916 18.83 14.54 -35.69
C ILE F 3916 20.03 13.76 -35.19
N ILE F 3917 19.91 12.44 -35.09
CA ILE F 3917 21.01 11.62 -34.64
C ILE F 3917 22.14 11.63 -35.67
N CYS F 3918 21.81 11.65 -36.96
CA CYS F 3918 22.86 11.74 -37.97
C CYS F 3918 23.66 13.04 -37.81
N THR F 3919 22.96 14.15 -37.56
CA THR F 3919 23.63 15.42 -37.32
C THR F 3919 24.52 15.34 -36.09
N VAL F 3920 24.03 14.70 -35.02
CA VAL F 3920 24.84 14.55 -33.82
C VAL F 3920 26.12 13.76 -34.13
N ASP F 3921 25.99 12.70 -34.93
CA ASP F 3921 27.15 11.91 -35.29
C ASP F 3921 28.18 12.74 -36.05
N TYR F 3922 27.70 13.53 -37.01
CA TYR F 3922 28.63 14.39 -37.74
C TYR F 3922 29.30 15.39 -36.81
N LEU F 3923 28.53 15.95 -35.87
CA LEU F 3923 29.12 16.89 -34.92
C LEU F 3923 30.20 16.21 -34.09
N LEU F 3924 29.97 14.96 -33.69
CA LEU F 3924 30.97 14.23 -32.93
C LEU F 3924 32.24 14.03 -33.74
N ARG F 3925 32.10 13.65 -35.02
CA ARG F 3925 33.29 13.48 -35.85
C ARG F 3925 34.05 14.79 -36.00
N LEU F 3926 33.33 15.88 -36.23
CA LEU F 3926 33.96 17.19 -36.33
C LEU F 3926 34.68 17.55 -35.05
N GLN F 3927 34.06 17.25 -33.90
CA GLN F 3927 34.69 17.53 -32.62
C GLN F 3927 35.99 16.76 -32.47
N GLU F 3928 35.99 15.48 -32.86
CA GLU F 3928 37.20 14.69 -32.77
C GLU F 3928 38.31 15.28 -33.65
N SER F 3929 37.94 15.69 -34.87
CA SER F 3929 38.93 16.28 -35.76
C SER F 3929 39.52 17.55 -35.15
N ILE F 3930 38.66 18.40 -34.60
CA ILE F 3930 39.13 19.67 -34.03
C ILE F 3930 40.02 19.40 -32.82
N SER F 3931 39.66 18.44 -31.99
CA SER F 3931 40.49 18.12 -30.82
C SER F 3931 41.85 17.61 -31.24
N ASP F 3932 41.89 16.74 -32.27
CA ASP F 3932 43.17 16.26 -32.78
C ASP F 3932 44.02 17.41 -33.29
N PHE F 3933 43.40 18.35 -34.00
CA PHE F 3933 44.18 19.43 -34.59
C PHE F 3933 44.68 20.38 -33.50
N TYR F 3934 43.87 20.58 -32.45
CA TYR F 3934 44.34 21.25 -31.24
C TYR F 3934 45.58 20.58 -30.69
N TRP F 3935 45.51 19.28 -30.43
CA TRP F 3935 46.66 18.57 -29.89
C TRP F 3935 47.86 18.73 -30.79
N TYR F 3936 47.63 18.77 -32.10
CA TYR F 3936 48.72 18.92 -33.05
C TYR F 3936 49.43 20.25 -32.86
N TYR F 3937 48.65 21.33 -32.68
CA TYR F 3937 49.23 22.66 -32.50
C TYR F 3937 49.52 23.01 -31.04
N SER F 3938 49.29 22.08 -30.11
CA SER F 3938 49.39 22.44 -28.69
C SER F 3938 50.82 22.84 -28.32
N GLY F 3939 51.80 22.07 -28.76
CA GLY F 3939 53.18 22.43 -28.46
C GLY F 3939 53.60 23.71 -29.17
N LYS F 3940 53.14 23.89 -30.40
CA LYS F 3940 53.52 25.05 -31.19
C LYS F 3940 52.99 26.31 -30.55
N ASP F 3941 53.85 27.31 -30.38
CA ASP F 3941 53.46 28.53 -29.70
C ASP F 3941 52.41 29.30 -30.50
N VAL F 3942 52.60 29.43 -31.80
CA VAL F 3942 51.76 30.25 -32.66
C VAL F 3942 51.21 29.41 -33.80
N ILE F 3943 49.90 29.47 -33.99
CA ILE F 3943 49.27 28.86 -35.15
C ILE F 3943 49.63 29.66 -36.39
N GLU F 3944 49.93 28.96 -37.48
CA GLU F 3944 50.20 29.63 -38.73
C GLU F 3944 48.94 29.76 -39.58
N GLU F 3945 49.07 30.47 -40.69
CA GLU F 3945 47.93 30.98 -41.43
C GLU F 3945 47.06 29.85 -41.97
N GLN F 3946 47.71 28.81 -42.48
CA GLN F 3946 46.98 27.66 -43.01
C GLN F 3946 46.12 27.03 -41.93
N GLY F 3947 46.71 26.84 -40.74
CA GLY F 3947 45.91 26.35 -39.64
C GLY F 3947 44.75 27.29 -39.37
N LYS F 3948 45.00 28.60 -39.34
CA LYS F 3948 43.97 29.61 -38.99
C LYS F 3948 42.72 29.64 -39.89
N ARG F 3949 42.82 29.76 -41.18
CA ARG F 3949 41.97 28.87 -41.96
C ARG F 3949 41.39 27.65 -41.44
N ASN F 3950 42.11 26.55 -41.40
CA ASN F 3950 41.37 25.29 -41.24
C ASN F 3950 40.47 25.35 -40.00
N PHE F 3951 41.00 25.91 -38.90
CA PHE F 3951 40.19 26.28 -37.74
C PHE F 3951 38.94 27.07 -38.12
N SER F 3952 39.07 28.14 -38.92
CA SER F 3952 37.91 28.98 -39.21
C SER F 3952 36.86 28.23 -39.99
N LYS F 3953 37.30 27.43 -40.96
CA LYS F 3953 36.36 26.64 -41.76
C LYS F 3953 35.62 25.64 -40.89
N ALA F 3954 36.36 24.95 -40.01
CA ALA F 3954 35.72 23.98 -39.12
C ALA F 3954 34.74 24.65 -38.19
N MET F 3955 35.08 25.83 -37.65
CA MET F 3955 34.18 26.51 -36.73
C MET F 3955 32.96 27.07 -37.45
N SER F 3956 33.10 27.44 -38.72
CA SER F 3956 31.92 27.83 -39.49
C SER F 3956 30.98 26.65 -39.70
N VAL F 3957 31.54 25.50 -40.07
CA VAL F 3957 30.71 24.32 -40.24
C VAL F 3957 30.02 23.96 -38.93
N ALA F 3958 30.76 23.99 -37.83
CA ALA F 3958 30.19 23.67 -36.53
C ALA F 3958 29.12 24.67 -36.13
N LYS F 3959 29.30 25.95 -36.48
CA LYS F 3959 28.28 26.94 -36.20
C LYS F 3959 26.99 26.62 -36.94
N GLN F 3960 27.10 26.26 -38.22
CA GLN F 3960 25.91 25.90 -38.98
C GLN F 3960 25.24 24.66 -38.38
N VAL F 3961 26.04 23.68 -37.96
CA VAL F 3961 25.50 22.46 -37.38
C VAL F 3961 24.76 22.77 -36.08
N PHE F 3962 25.37 23.61 -35.23
CA PHE F 3962 24.73 23.99 -33.98
C PHE F 3962 23.42 24.70 -34.24
N ASN F 3963 23.40 25.61 -35.21
CA ASN F 3963 22.17 26.33 -35.51
C ASN F 3963 21.09 25.38 -36.02
N SER F 3964 21.47 24.41 -36.85
CA SER F 3964 20.51 23.42 -37.33
C SER F 3964 19.93 22.60 -36.19
N LEU F 3965 20.81 22.14 -35.28
CA LEU F 3965 20.34 21.37 -34.14
C LEU F 3965 19.44 22.20 -33.24
N THR F 3966 19.79 23.46 -33.04
CA THR F 3966 18.97 24.37 -32.26
C THR F 3966 17.60 24.53 -32.88
N GLU F 3967 17.54 24.64 -34.21
CA GLU F 3967 16.26 24.84 -34.88
C GLU F 3967 15.43 23.57 -34.84
N TYR F 3968 16.07 22.39 -34.85
CA TYR F 3968 15.31 21.16 -34.71
C TYR F 3968 14.49 21.11 -33.42
N ILE F 3969 14.99 21.71 -32.33
CA ILE F 3969 14.37 21.56 -31.03
C ILE F 3969 13.57 22.79 -30.63
N GLN F 3970 13.90 23.97 -31.14
CA GLN F 3970 13.17 25.16 -30.74
C GLN F 3970 11.69 25.03 -31.08
N GLY F 3971 10.85 25.59 -30.21
CA GLY F 3971 9.43 25.62 -30.42
C GLY F 3971 8.60 25.34 -29.18
N PRO F 3972 9.04 24.40 -28.32
CA PRO F 3972 10.02 23.32 -28.44
C PRO F 3972 9.44 22.04 -29.03
N CYS F 3973 10.28 21.21 -29.64
CA CYS F 3973 9.91 19.85 -30.02
C CYS F 3973 10.42 18.89 -28.97
N THR F 3974 9.51 18.41 -28.11
CA THR F 3974 9.91 17.60 -26.97
C THR F 3974 10.54 16.28 -27.40
N GLY F 3975 10.01 15.67 -28.45
CA GLY F 3975 10.59 14.42 -28.93
C GLY F 3975 12.02 14.59 -29.38
N ASN F 3976 12.29 15.67 -30.11
CA ASN F 3976 13.65 15.95 -30.55
C ASN F 3976 14.56 16.25 -29.36
N GLN F 3977 14.02 16.99 -28.38
CA GLN F 3977 14.77 17.24 -27.15
C GLN F 3977 15.18 15.95 -26.48
N GLN F 3978 14.24 15.02 -26.31
CA GLN F 3978 14.52 13.74 -25.68
C GLN F 3978 15.53 12.93 -26.49
N SER F 3979 15.37 12.92 -27.82
CA SER F 3979 16.32 12.19 -28.65
C SER F 3979 17.73 12.73 -28.46
N LEU F 3980 17.90 14.05 -28.50
CA LEU F 3980 19.23 14.61 -28.28
C LEU F 3980 19.74 14.31 -26.88
N ALA F 3981 18.86 14.40 -25.88
CA ALA F 3981 19.29 14.16 -24.50
C ALA F 3981 19.82 12.74 -24.34
N HIS F 3982 19.18 11.78 -24.98
CA HIS F 3982 19.62 10.39 -24.92
C HIS F 3982 20.65 10.04 -25.99
N SER F 3983 21.00 11.00 -26.85
CA SER F 3983 22.02 10.79 -27.88
C SER F 3983 23.42 11.02 -27.29
N ARG F 3984 24.41 11.11 -28.16
CA ARG F 3984 25.81 11.29 -27.80
C ARG F 3984 26.25 12.74 -27.81
N LEU F 3985 25.28 13.67 -27.76
CA LEU F 3985 25.61 15.08 -27.89
C LEU F 3985 26.51 15.55 -26.76
N TRP F 3986 26.33 15.00 -25.57
CA TRP F 3986 27.04 15.49 -24.39
C TRP F 3986 28.55 15.32 -24.54
N ASP F 3987 28.98 14.20 -25.14
CA ASP F 3987 30.40 13.98 -25.37
C ASP F 3987 30.96 15.04 -26.30
N ALA F 3988 30.22 15.38 -27.35
CA ALA F 3988 30.65 16.44 -28.25
C ALA F 3988 30.78 17.76 -27.51
N VAL F 3989 29.81 18.05 -26.63
CA VAL F 3989 29.87 19.29 -25.87
C VAL F 3989 31.10 19.29 -24.97
N VAL F 3990 31.40 18.15 -24.35
CA VAL F 3990 32.56 18.05 -23.48
C VAL F 3990 33.84 18.34 -24.26
N GLY F 3991 33.99 17.71 -25.42
CA GLY F 3991 35.18 17.94 -26.22
C GLY F 3991 35.29 19.37 -26.68
N PHE F 3992 34.17 19.96 -27.13
CA PHE F 3992 34.16 21.34 -27.53
C PHE F 3992 34.55 22.26 -26.37
N LEU F 3993 34.10 21.94 -25.16
CA LEU F 3993 34.46 22.75 -24.00
C LEU F 3993 35.96 22.66 -23.73
N HIS F 3994 36.50 21.44 -23.80
CA HIS F 3994 37.94 21.25 -23.66
C HIS F 3994 38.70 22.15 -24.63
N VAL F 3995 38.35 22.04 -25.91
CA VAL F 3995 39.03 22.76 -26.96
C VAL F 3995 38.86 24.27 -26.76
N PHE F 3996 37.64 24.69 -26.43
CA PHE F 3996 37.39 26.10 -26.21
C PHE F 3996 38.30 26.65 -25.13
N ALA F 3997 38.35 26.00 -23.98
CA ALA F 3997 39.16 26.51 -22.89
C ALA F 3997 40.62 26.62 -23.31
N HIS F 3998 41.18 25.53 -23.86
CA HIS F 3998 42.61 25.54 -24.16
C HIS F 3998 42.95 26.49 -25.30
N MET F 3999 42.11 26.54 -26.33
CA MET F 3999 42.35 27.50 -27.42
C MET F 3999 42.22 28.92 -26.93
N MET F 4000 41.26 29.22 -26.06
CA MET F 4000 41.17 30.57 -25.53
C MET F 4000 42.45 30.96 -24.80
N MET F 4001 42.92 30.09 -23.91
CA MET F 4001 44.16 30.41 -23.21
C MET F 4001 45.33 30.58 -24.17
N LYS F 4002 45.42 29.71 -25.18
CA LYS F 4002 46.56 29.75 -26.09
C LYS F 4002 46.51 30.98 -26.99
N LEU F 4003 45.35 31.26 -27.59
CA LEU F 4003 45.20 32.34 -28.53
C LEU F 4003 45.25 33.71 -27.86
N ALA F 4004 44.89 33.79 -26.58
CA ALA F 4004 45.00 35.08 -25.90
C ALA F 4004 46.44 35.58 -25.88
N GLN F 4005 47.40 34.66 -26.03
CA GLN F 4005 48.80 35.04 -25.87
C GLN F 4005 49.30 35.86 -27.06
N ASP F 4006 48.75 35.62 -28.24
CA ASP F 4006 49.13 36.33 -29.45
C ASP F 4006 47.95 37.13 -29.97
N SER F 4007 48.19 38.42 -30.27
CA SER F 4007 47.11 39.29 -30.70
C SER F 4007 46.68 39.01 -32.13
N SER F 4008 47.60 38.52 -32.97
CA SER F 4008 47.30 38.22 -34.37
C SER F 4008 46.18 37.20 -34.48
N GLN F 4009 45.97 36.42 -33.42
CA GLN F 4009 45.00 35.35 -33.37
C GLN F 4009 43.65 35.81 -32.82
N ILE F 4010 43.45 37.12 -32.73
CA ILE F 4010 42.26 37.66 -32.09
C ILE F 4010 41.01 37.35 -32.93
N GLU F 4011 41.14 37.36 -34.26
CA GLU F 4011 40.01 37.03 -35.10
C GLU F 4011 39.56 35.58 -34.90
N LEU F 4012 40.53 34.67 -34.87
CA LEU F 4012 40.21 33.27 -34.61
C LEU F 4012 39.58 33.11 -33.23
N LEU F 4013 40.10 33.85 -32.25
CA LEU F 4013 39.53 33.82 -30.91
C LEU F 4013 38.08 34.29 -30.93
N LYS F 4014 37.80 35.35 -31.68
CA LYS F 4014 36.44 35.87 -31.79
C LYS F 4014 35.50 34.83 -32.39
N GLU F 4015 35.94 34.19 -33.47
CA GLU F 4015 35.10 33.16 -34.08
C GLU F 4015 34.87 32.00 -33.12
N LEU F 4016 35.91 31.62 -32.37
CA LEU F 4016 35.78 30.54 -31.39
C LEU F 4016 34.74 30.91 -30.33
N LEU F 4017 34.81 32.14 -29.83
CA LEU F 4017 33.86 32.59 -28.82
C LEU F 4017 32.44 32.61 -29.36
N ASP F 4018 32.27 33.05 -30.60
CA ASP F 4018 30.95 33.01 -31.22
C ASP F 4018 30.44 31.58 -31.31
N LEU F 4019 31.32 30.64 -31.63
CA LEU F 4019 30.91 29.24 -31.70
C LEU F 4019 30.46 28.74 -30.32
N GLN F 4020 31.19 29.12 -29.27
CA GLN F 4020 30.77 28.76 -27.92
C GLN F 4020 29.39 29.35 -27.62
N LYS F 4021 29.17 30.58 -28.05
CA LYS F 4021 27.87 31.21 -27.87
C LYS F 4021 26.78 30.40 -28.56
N ASP F 4022 27.05 29.92 -29.77
CA ASP F 4022 26.08 29.11 -30.49
C ASP F 4022 25.78 27.81 -29.74
N MET F 4023 26.83 27.17 -29.22
CA MET F 4023 26.61 25.92 -28.48
C MET F 4023 25.79 26.18 -27.22
N VAL F 4024 26.07 27.27 -26.51
CA VAL F 4024 25.30 27.60 -25.32
C VAL F 4024 23.85 27.89 -25.69
N VAL F 4025 23.64 28.51 -26.85
CA VAL F 4025 22.27 28.75 -27.32
C VAL F 4025 21.57 27.43 -27.54
N MET F 4026 22.26 26.45 -28.13
CA MET F 4026 21.67 25.14 -28.31
C MET F 4026 21.30 24.51 -26.98
N LEU F 4027 22.18 24.62 -25.98
CA LEU F 4027 21.86 24.06 -24.66
C LEU F 4027 20.65 24.75 -24.05
N LEU F 4028 20.60 26.08 -24.13
CA LEU F 4028 19.45 26.80 -23.62
C LEU F 4028 18.17 26.42 -24.34
N SER F 4029 18.26 26.12 -25.64
CA SER F 4029 17.12 25.62 -26.38
C SER F 4029 16.69 24.24 -25.88
N LEU F 4030 17.65 23.38 -25.59
CA LEU F 4030 17.32 22.10 -24.95
C LEU F 4030 16.55 22.33 -23.66
N LEU F 4031 16.90 23.38 -22.92
CA LEU F 4031 16.23 23.67 -21.66
C LEU F 4031 14.87 24.36 -21.83
N GLU F 4032 14.37 24.49 -23.06
CA GLU F 4032 13.08 25.12 -23.26
C GLU F 4032 11.99 24.20 -22.69
N GLY F 4033 11.06 24.80 -21.95
CA GLY F 4033 10.00 24.03 -21.32
C GLY F 4033 10.52 23.04 -20.30
N ASN F 4034 11.51 23.45 -19.49
CA ASN F 4034 12.14 22.57 -18.54
C ASN F 4034 11.55 22.81 -17.15
N VAL F 4035 11.04 21.74 -16.55
CA VAL F 4035 10.49 21.84 -15.21
C VAL F 4035 11.60 21.77 -14.19
N VAL F 4036 11.27 22.13 -12.94
CA VAL F 4036 12.24 22.02 -11.85
C VAL F 4036 12.66 20.57 -11.71
N ASN F 4037 13.97 20.36 -11.57
CA ASN F 4037 14.54 19.03 -11.43
C ASN F 4037 14.25 18.17 -12.64
N GLY F 4038 14.26 18.76 -13.82
CA GLY F 4038 14.07 18.00 -15.03
C GLY F 4038 15.27 17.12 -15.35
N MET F 4039 14.98 16.01 -16.03
CA MET F 4039 16.05 15.17 -16.53
C MET F 4039 17.05 15.89 -17.42
N ILE F 4040 16.61 16.71 -18.35
CA ILE F 4040 17.56 17.35 -19.24
C ILE F 4040 18.49 18.27 -18.45
N ALA F 4041 17.93 19.03 -17.51
CA ALA F 4041 18.75 19.92 -16.70
C ALA F 4041 19.75 19.14 -15.85
N ARG F 4042 19.31 18.04 -15.25
CA ARG F 4042 20.21 17.25 -14.42
C ARG F 4042 21.33 16.65 -15.25
N GLN F 4043 21.01 16.18 -16.46
CA GLN F 4043 22.05 15.64 -17.34
C GLN F 4043 22.99 16.73 -17.81
N MET F 4044 22.48 17.95 -18.00
CA MET F 4044 23.36 19.08 -18.29
C MET F 4044 24.33 19.33 -17.15
N VAL F 4045 23.83 19.28 -15.91
CA VAL F 4045 24.69 19.47 -14.75
C VAL F 4045 25.75 18.38 -14.70
N ASP F 4046 25.35 17.14 -15.02
CA ASP F 4046 26.31 16.05 -15.05
C ASP F 4046 27.39 16.28 -16.10
N MET F 4047 27.00 16.75 -17.28
CA MET F 4047 27.98 17.07 -18.32
C MET F 4047 28.93 18.16 -17.84
N LEU F 4048 28.40 19.20 -17.21
CA LEU F 4048 29.24 20.27 -16.70
C LEU F 4048 30.22 19.73 -15.66
N VAL F 4049 29.75 18.84 -14.79
CA VAL F 4049 30.63 18.25 -13.79
C VAL F 4049 31.74 17.45 -14.45
N GLU F 4050 31.39 16.67 -15.47
CA GLU F 4050 32.41 15.92 -16.21
C GLU F 4050 33.42 16.86 -16.85
N SER F 4051 32.96 18.03 -17.30
CA SER F 4051 33.81 19.03 -17.92
C SER F 4051 34.24 20.12 -16.95
N SER F 4052 34.25 19.82 -15.64
CA SER F 4052 34.46 20.85 -14.63
C SER F 4052 35.72 21.66 -14.88
N SER F 4053 36.85 20.97 -15.10
CA SER F 4053 38.12 21.66 -15.20
C SER F 4053 38.10 22.72 -16.30
N ASN F 4054 37.59 22.37 -17.47
CA ASN F 4054 37.57 23.31 -18.58
C ASN F 4054 36.58 24.45 -18.33
N VAL F 4055 35.46 24.14 -17.67
CA VAL F 4055 34.52 25.18 -17.28
C VAL F 4055 35.21 26.17 -16.33
N GLU F 4056 35.96 25.64 -15.36
CA GLU F 4056 36.70 26.50 -14.44
C GLU F 4056 37.70 27.36 -15.20
N MET F 4057 38.38 26.76 -16.19
CA MET F 4057 39.34 27.52 -16.98
C MET F 4057 38.65 28.67 -17.71
N ILE F 4058 37.48 28.41 -18.28
CA ILE F 4058 36.74 29.45 -18.99
C ILE F 4058 36.34 30.57 -18.04
N LEU F 4059 35.78 30.18 -16.89
CA LEU F 4059 35.35 31.16 -15.91
C LEU F 4059 36.53 32.00 -15.43
N LYS F 4060 37.69 31.37 -15.28
CA LYS F 4060 38.88 32.08 -14.85
C LYS F 4060 39.34 33.06 -15.92
N PHE F 4061 39.26 32.67 -17.19
CA PHE F 4061 39.55 33.61 -18.27
C PHE F 4061 38.67 34.85 -18.14
N PHE F 4062 37.36 34.65 -18.04
CA PHE F 4062 36.44 35.78 -17.98
C PHE F 4062 36.71 36.64 -16.76
N ASP F 4063 36.90 36.01 -15.59
CA ASP F 4063 37.04 36.80 -14.37
C ASP F 4063 38.38 37.54 -14.35
N MET F 4064 39.44 36.91 -14.84
CA MET F 4064 40.71 37.61 -14.94
C MET F 4064 40.56 38.88 -15.75
N PHE F 4065 39.96 38.78 -16.94
CA PHE F 4065 39.91 39.97 -17.78
C PHE F 4065 38.94 41.01 -17.25
N LEU F 4066 37.82 40.57 -16.67
CA LEU F 4066 36.89 41.53 -16.06
C LEU F 4066 37.56 42.27 -14.90
N LYS F 4067 38.32 41.55 -14.08
CA LYS F 4067 39.02 42.20 -12.97
C LYS F 4067 40.10 43.14 -13.46
N LEU F 4068 40.81 42.75 -14.53
CA LEU F 4068 41.83 43.62 -15.09
C LEU F 4068 41.22 44.93 -15.58
N LYS F 4069 40.03 44.85 -16.19
CA LYS F 4069 39.41 46.06 -16.70
C LYS F 4069 39.22 47.10 -15.60
N ASP F 4070 38.80 46.67 -14.41
CA ASP F 4070 38.61 47.62 -13.31
C ASP F 4070 39.93 47.98 -12.65
N ILE F 4071 40.86 47.04 -12.57
CA ILE F 4071 42.15 47.32 -11.92
C ILE F 4071 42.89 48.41 -12.67
N VAL F 4072 42.93 48.31 -14.00
CA VAL F 4072 43.65 49.30 -14.80
C VAL F 4072 43.03 50.68 -14.70
N GLY F 4073 41.77 50.77 -14.28
CA GLY F 4073 41.15 52.06 -14.03
C GLY F 4073 41.37 52.50 -12.60
N SER F 4074 41.66 51.54 -11.73
CA SER F 4074 41.95 51.85 -10.34
C SER F 4074 43.15 52.79 -10.24
N GLU F 4075 43.07 53.74 -9.31
CA GLU F 4075 44.12 54.74 -9.18
C GLU F 4075 45.41 54.13 -8.68
N ALA F 4076 45.32 53.09 -7.84
CA ALA F 4076 46.52 52.44 -7.34
C ALA F 4076 47.42 52.00 -8.49
N PHE F 4077 46.82 51.46 -9.55
CA PHE F 4077 47.58 51.15 -10.76
C PHE F 4077 48.19 52.42 -11.36
N GLN F 4078 47.44 53.52 -11.31
CA GLN F 4078 47.97 54.78 -11.81
C GLN F 4078 49.15 55.26 -10.97
N ASP F 4079 49.22 54.83 -9.71
CA ASP F 4079 50.38 55.17 -8.87
C ASP F 4079 51.62 54.45 -9.38
N TYR F 4080 51.47 53.18 -9.75
CA TYR F 4080 52.61 52.42 -10.24
C TYR F 4080 53.03 52.87 -11.63
N VAL F 4081 52.09 53.29 -12.47
CA VAL F 4081 52.46 53.68 -13.82
C VAL F 4081 53.03 55.09 -13.80
N THR F 4082 54.36 55.19 -13.89
CA THR F 4082 55.02 56.49 -13.84
C THR F 4082 55.17 57.08 -15.24
N ASP F 4083 55.47 56.24 -16.23
CA ASP F 4083 55.80 56.70 -17.57
C ASP F 4083 54.72 57.64 -18.11
N PRO F 4084 55.11 58.82 -18.62
CA PRO F 4084 54.08 59.76 -19.11
C PRO F 4084 53.25 59.21 -20.24
N ARG F 4085 53.83 58.39 -21.11
CA ARG F 4085 53.15 57.91 -22.30
C ARG F 4085 52.08 56.86 -21.99
N GLY F 4086 51.82 56.57 -20.72
CA GLY F 4086 50.79 55.63 -20.35
C GLY F 4086 51.17 54.17 -20.46
N LEU F 4087 52.44 53.85 -20.67
CA LEU F 4087 52.88 52.47 -20.75
C LEU F 4087 53.42 52.01 -19.41
N ILE F 4088 53.28 50.71 -19.13
CA ILE F 4088 53.68 50.12 -17.86
C ILE F 4088 54.61 48.94 -18.11
N SER F 4089 55.75 48.94 -17.43
CA SER F 4089 56.73 47.88 -17.63
C SER F 4089 56.20 46.57 -17.06
N LYS F 4090 56.80 45.47 -17.51
CA LYS F 4090 56.35 44.16 -17.04
C LYS F 4090 56.55 44.03 -15.53
N LYS F 4091 57.69 44.50 -15.02
CA LYS F 4091 57.96 44.41 -13.60
C LYS F 4091 56.97 45.25 -12.79
N ASP F 4092 56.72 46.48 -13.24
CA ASP F 4092 55.78 47.35 -12.53
C ASP F 4092 54.37 46.78 -12.59
N PHE F 4093 54.00 46.18 -13.72
CA PHE F 4093 52.70 45.52 -13.84
C PHE F 4093 52.59 44.37 -12.84
N GLN F 4094 53.64 43.57 -12.73
CA GLN F 4094 53.62 42.45 -11.78
C GLN F 4094 53.51 42.96 -10.35
N LYS F 4095 54.24 44.03 -10.04
CA LYS F 4095 54.16 44.61 -8.70
C LYS F 4095 52.74 45.10 -8.42
N ALA F 4096 52.12 45.77 -9.39
CA ALA F 4096 50.75 46.24 -9.19
C ALA F 4096 49.79 45.07 -8.98
N MET F 4097 49.94 44.01 -9.78
CA MET F 4097 49.06 42.86 -9.60
C MET F 4097 49.20 42.26 -8.21
N ASP F 4098 50.43 42.06 -7.75
CA ASP F 4098 50.60 41.46 -6.43
C ASP F 4098 50.10 42.41 -5.34
N SER F 4099 50.18 43.71 -5.58
CA SER F 4099 49.63 44.67 -4.63
C SER F 4099 48.11 44.53 -4.54
N GLN F 4100 47.44 44.42 -5.69
CA GLN F 4100 46.00 44.19 -5.67
C GLN F 4100 45.68 42.86 -4.98
N LYS F 4101 46.55 41.87 -5.12
CA LYS F 4101 46.45 40.59 -4.44
C LYS F 4101 45.26 39.74 -4.92
N GLN F 4102 44.55 40.19 -5.95
CA GLN F 4102 43.44 39.41 -6.49
C GLN F 4102 43.89 38.32 -7.44
N PHE F 4103 45.16 38.33 -7.86
CA PHE F 4103 45.67 37.39 -8.85
C PHE F 4103 46.79 36.54 -8.24
N THR F 4104 46.87 35.30 -8.73
CA THR F 4104 47.99 34.44 -8.37
C THR F 4104 49.16 34.70 -9.31
N GLY F 4105 50.32 34.16 -8.94
CA GLY F 4105 51.51 34.33 -9.73
C GLY F 4105 51.36 33.77 -11.14
N PRO F 4106 50.83 32.55 -11.25
CA PRO F 4106 50.55 32.01 -12.58
C PRO F 4106 49.60 32.87 -13.39
N GLU F 4107 48.59 33.44 -12.75
CA GLU F 4107 47.65 34.31 -13.46
C GLU F 4107 48.34 35.57 -13.95
N ILE F 4108 49.23 36.13 -13.12
CA ILE F 4108 49.98 37.31 -13.55
C ILE F 4108 50.90 36.96 -14.71
N GLN F 4109 51.51 35.77 -14.68
CA GLN F 4109 52.35 35.35 -15.79
C GLN F 4109 51.52 35.20 -17.07
N PHE F 4110 50.32 34.62 -16.95
CA PHE F 4110 49.44 34.50 -18.11
C PHE F 4110 49.07 35.86 -18.66
N LEU F 4111 48.76 36.80 -17.76
CA LEU F 4111 48.41 38.15 -18.20
C LEU F 4111 49.58 38.81 -18.90
N LEU F 4112 50.80 38.62 -18.38
CA LEU F 4112 51.98 39.18 -19.02
C LEU F 4112 52.18 38.57 -20.40
N SER F 4113 51.98 37.26 -20.53
CA SER F 4113 52.11 36.61 -21.82
C SER F 4113 51.10 37.17 -22.82
N CYS F 4114 49.85 37.34 -22.38
CA CYS F 4114 48.82 37.91 -23.24
C CYS F 4114 49.11 39.37 -23.56
N SER F 4115 49.83 40.07 -22.70
CA SER F 4115 50.22 41.44 -22.97
C SER F 4115 51.13 41.49 -24.20
N GLU F 4116 50.87 42.44 -25.08
CA GLU F 4116 51.67 42.61 -26.30
C GLU F 4116 52.82 43.57 -26.02
N ALA F 4117 53.65 43.16 -25.06
CA ALA F 4117 54.79 43.97 -24.66
C ALA F 4117 55.72 44.19 -25.85
N ASP F 4118 56.18 45.43 -26.01
CA ASP F 4118 57.14 45.75 -27.04
C ASP F 4118 58.53 45.24 -26.63
N GLU F 4119 59.51 45.44 -27.51
CA GLU F 4119 60.87 45.02 -27.20
C GLU F 4119 61.39 45.71 -25.95
N ASN F 4120 60.91 46.92 -25.66
CA ASN F 4120 61.27 47.60 -24.42
C ASN F 4120 60.50 47.08 -23.23
N GLU F 4121 59.72 46.02 -23.39
CA GLU F 4121 58.93 45.37 -22.35
C GLU F 4121 57.83 46.28 -21.84
N MET F 4122 57.46 47.32 -22.59
CA MET F 4122 56.46 48.28 -22.16
C MET F 4122 55.10 47.84 -22.69
N ILE F 4123 54.04 48.05 -21.91
CA ILE F 4123 52.71 47.56 -22.21
C ILE F 4123 51.72 48.72 -22.26
N ASN F 4124 50.75 48.62 -23.16
CA ASN F 4124 49.60 49.54 -23.20
C ASN F 4124 48.44 48.89 -22.47
N PHE F 4125 48.27 49.24 -21.19
CA PHE F 4125 47.26 48.56 -20.38
C PHE F 4125 45.86 48.85 -20.89
N GLU F 4126 45.65 50.02 -21.48
CA GLU F 4126 44.32 50.36 -21.99
C GLU F 4126 43.86 49.35 -23.03
N GLU F 4127 44.68 49.13 -24.07
CA GLU F 4127 44.30 48.17 -25.10
C GLU F 4127 44.32 46.75 -24.56
N PHE F 4128 45.28 46.45 -23.67
CA PHE F 4128 45.32 45.13 -23.08
C PHE F 4128 43.99 44.80 -22.41
N ALA F 4129 43.43 45.76 -21.67
CA ALA F 4129 42.16 45.54 -20.99
C ALA F 4129 41.01 45.48 -21.99
N ASN F 4130 40.96 46.45 -22.92
CA ASN F 4130 39.82 46.57 -23.82
C ASN F 4130 39.78 45.49 -24.88
N ARG F 4131 40.86 44.72 -25.06
CA ARG F 4131 40.93 43.78 -26.16
C ARG F 4131 39.84 42.70 -26.05
N PHE F 4132 39.86 41.92 -24.98
CA PHE F 4132 39.00 40.75 -24.89
C PHE F 4132 37.62 41.03 -24.33
N GLN F 4133 37.34 42.27 -23.91
CA GLN F 4133 36.04 42.58 -23.32
C GLN F 4133 34.90 42.37 -24.31
N GLU F 4134 34.90 43.15 -25.39
CA GLU F 4134 33.78 43.11 -26.32
C GLU F 4134 33.60 41.74 -26.94
N PRO F 4135 34.65 41.04 -27.39
CA PRO F 4135 34.43 39.70 -27.96
C PRO F 4135 33.74 38.73 -27.02
N ALA F 4136 33.99 38.84 -25.72
CA ALA F 4136 33.56 37.84 -24.76
C ALA F 4136 32.28 38.22 -24.02
N ARG F 4137 31.64 39.34 -24.39
CA ARG F 4137 30.47 39.77 -23.64
C ARG F 4137 29.27 38.86 -23.92
N ASP F 4138 29.04 38.52 -25.19
CA ASP F 4138 27.91 37.68 -25.52
C ASP F 4138 28.04 36.29 -24.90
N ILE F 4139 29.23 35.69 -25.01
CA ILE F 4139 29.47 34.39 -24.40
C ILE F 4139 29.35 34.48 -22.89
N GLY F 4140 29.87 35.55 -22.30
CA GLY F 4140 29.73 35.72 -20.86
C GLY F 4140 28.28 35.82 -20.44
N PHE F 4141 27.49 36.61 -21.16
CA PHE F 4141 26.07 36.75 -20.85
C PHE F 4141 25.35 35.41 -20.97
N ASN F 4142 25.66 34.65 -22.03
CA ASN F 4142 24.98 33.39 -22.23
C ASN F 4142 25.39 32.37 -21.17
N VAL F 4143 26.65 32.38 -20.75
CA VAL F 4143 27.08 31.50 -19.67
C VAL F 4143 26.36 31.86 -18.38
N ALA F 4144 26.23 33.16 -18.10
CA ALA F 4144 25.51 33.60 -16.91
C ALA F 4144 24.06 33.14 -16.98
N VAL F 4145 23.44 33.27 -18.15
CA VAL F 4145 22.05 32.85 -18.31
C VAL F 4145 21.92 31.35 -18.09
N LEU F 4146 22.83 30.58 -18.68
CA LEU F 4146 22.82 29.13 -18.50
C LEU F 4146 22.91 28.77 -17.03
N LEU F 4147 23.88 29.35 -16.33
CA LEU F 4147 24.08 29.02 -14.93
C LEU F 4147 22.89 29.45 -14.08
N THR F 4148 22.31 30.61 -14.38
CA THR F 4148 21.15 31.09 -13.64
C THR F 4148 19.96 30.16 -13.84
N ASN F 4149 19.67 29.83 -15.10
CA ASN F 4149 18.58 28.91 -15.41
C ASN F 4149 18.77 27.60 -14.67
N LEU F 4150 19.97 27.03 -14.76
CA LEU F 4150 20.23 25.74 -14.14
C LEU F 4150 20.09 25.82 -12.62
N SER F 4151 20.59 26.90 -12.01
CA SER F 4151 20.47 27.06 -10.57
C SER F 4151 19.01 27.16 -10.15
N GLU F 4152 18.22 27.93 -10.90
CA GLU F 4152 16.83 28.15 -10.52
C GLU F 4152 16.00 26.90 -10.73
N HIS F 4153 16.38 26.05 -11.69
CA HIS F 4153 15.60 24.85 -11.97
C HIS F 4153 16.13 23.61 -11.25
N VAL F 4154 17.34 23.68 -10.71
CA VAL F 4154 17.89 22.66 -9.82
C VAL F 4154 18.40 23.36 -8.57
N PRO F 4155 17.51 23.78 -7.67
CA PRO F 4155 17.94 24.65 -6.58
C PRO F 4155 18.98 24.06 -5.65
N HIS F 4156 19.01 22.73 -5.49
CA HIS F 4156 19.90 22.09 -4.52
C HIS F 4156 20.89 21.20 -5.26
N ASP F 4157 22.06 21.75 -5.56
CA ASP F 4157 23.17 20.99 -6.12
C ASP F 4157 24.48 21.68 -5.77
N PRO F 4158 25.28 21.13 -4.85
CA PRO F 4158 26.58 21.75 -4.55
C PRO F 4158 27.47 21.86 -5.77
N ARG F 4159 27.36 20.91 -6.69
CA ARG F 4159 28.15 20.96 -7.92
C ARG F 4159 27.83 22.21 -8.71
N LEU F 4160 26.57 22.65 -8.67
CA LEU F 4160 26.19 23.87 -9.37
C LEU F 4160 26.55 25.12 -8.56
N ARG F 4161 26.41 25.07 -7.23
CA ARG F 4161 26.77 26.23 -6.43
C ARG F 4161 28.25 26.53 -6.53
N ASN F 4162 29.10 25.50 -6.68
CA ASN F 4162 30.52 25.75 -6.87
C ASN F 4162 30.78 26.51 -8.16
N PHE F 4163 30.13 26.10 -9.25
CA PHE F 4163 30.28 26.81 -10.51
C PHE F 4163 29.80 28.24 -10.38
N LEU F 4164 28.69 28.45 -9.68
CA LEU F 4164 28.18 29.81 -9.48
C LEU F 4164 29.17 30.66 -8.71
N GLU F 4165 29.76 30.09 -7.66
CA GLU F 4165 30.77 30.82 -6.90
C GLU F 4165 31.94 31.21 -7.79
N LEU F 4166 32.38 30.29 -8.65
CA LEU F 4166 33.46 30.61 -9.58
C LEU F 4166 33.04 31.72 -10.55
N ALA F 4167 31.76 31.76 -10.90
CA ALA F 4167 31.25 32.73 -11.86
C ALA F 4167 30.66 33.97 -11.19
N GLU F 4168 30.93 34.16 -9.90
CA GLU F 4168 30.33 35.28 -9.16
C GLU F 4168 30.57 36.61 -9.87
N SER F 4169 31.82 36.88 -10.26
CA SER F 4169 32.13 38.18 -10.86
C SER F 4169 31.35 38.38 -12.15
N ILE F 4170 31.25 37.33 -12.97
CA ILE F 4170 30.51 37.43 -14.23
C ILE F 4170 29.05 37.76 -13.96
N LEU F 4171 28.46 37.07 -12.98
CA LEU F 4171 27.06 37.31 -12.65
C LEU F 4171 26.84 38.72 -12.11
N GLU F 4172 27.76 39.20 -11.27
CA GLU F 4172 27.65 40.57 -10.78
C GLU F 4172 27.74 41.56 -11.93
N TYR F 4173 28.65 41.33 -12.87
CA TYR F 4173 28.79 42.24 -14.00
C TYR F 4173 27.55 42.25 -14.87
N PHE F 4174 26.95 41.09 -15.11
CA PHE F 4174 25.83 40.97 -16.03
C PHE F 4174 24.48 41.10 -15.35
N ARG F 4175 24.45 41.32 -14.04
CA ARG F 4175 23.18 41.43 -13.32
C ARG F 4175 22.27 42.51 -13.87
N PRO F 4176 22.72 43.75 -14.05
CA PRO F 4176 21.83 44.77 -14.63
C PRO F 4176 21.36 44.43 -16.03
N TYR F 4177 22.12 43.63 -16.76
CA TYR F 4177 21.84 43.34 -18.16
C TYR F 4177 21.08 42.03 -18.34
N LEU F 4178 20.80 41.29 -17.28
CA LEU F 4178 20.02 40.07 -17.36
C LEU F 4178 18.59 40.38 -16.92
N GLY F 4179 17.66 40.29 -17.86
CA GLY F 4179 16.25 40.46 -17.56
C GLY F 4179 15.57 39.10 -17.48
N ARG F 4180 14.71 38.95 -16.50
CA ARG F 4180 13.97 37.71 -16.30
C ARG F 4180 12.50 38.06 -16.13
N ILE F 4181 11.63 37.25 -16.75
CA ILE F 4181 10.20 37.41 -16.61
C ILE F 4181 9.57 36.03 -16.51
N GLU F 4182 8.26 36.01 -16.28
CA GLU F 4182 7.48 34.78 -16.25
C GLU F 4182 6.28 34.93 -17.17
N ILE F 4183 5.98 33.86 -17.91
CA ILE F 4183 4.83 33.84 -18.80
C ILE F 4183 4.07 32.53 -18.61
N MET F 4184 2.82 32.54 -19.06
CA MET F 4184 2.09 31.30 -19.26
C MET F 4184 2.38 30.79 -20.66
N GLY F 4185 3.09 29.67 -20.75
CA GLY F 4185 3.53 29.12 -22.02
C GLY F 4185 2.47 28.25 -22.67
N ALA F 4186 2.82 27.73 -23.85
CA ALA F 4186 1.91 26.87 -24.58
C ALA F 4186 1.58 25.60 -23.80
N SER F 4187 2.47 25.18 -22.91
CA SER F 4187 2.30 23.97 -22.11
C SER F 4187 1.38 24.16 -20.91
N ARG F 4188 0.60 25.25 -20.81
CA ARG F 4188 -0.30 25.46 -19.67
C ARG F 4188 0.50 25.58 -18.37
N ARG F 4189 1.75 26.02 -18.49
CA ARG F 4189 2.69 26.00 -17.38
C ARG F 4189 3.50 27.29 -17.36
N ILE F 4190 3.70 27.83 -16.15
CA ILE F 4190 4.48 29.05 -16.03
C ILE F 4190 5.93 28.76 -16.35
N GLU F 4191 6.54 29.64 -17.14
CA GLU F 4191 7.90 29.48 -17.59
C GLU F 4191 8.65 30.79 -17.37
N ARG F 4192 9.87 30.68 -16.85
CA ARG F 4192 10.75 31.83 -16.70
C ARG F 4192 11.56 32.03 -17.96
N ILE F 4193 11.68 33.27 -18.39
CA ILE F 4193 12.35 33.65 -19.61
C ILE F 4193 13.49 34.59 -19.24
N TYR F 4194 14.68 34.31 -19.77
CA TYR F 4194 15.86 35.13 -19.56
C TYR F 4194 16.26 35.77 -20.88
N PHE F 4195 16.56 37.07 -20.83
CA PHE F 4195 16.94 37.81 -22.02
C PHE F 4195 17.93 38.91 -21.64
N GLU F 4196 18.41 39.60 -22.66
CA GLU F 4196 19.42 40.63 -22.49
C GLU F 4196 18.79 42.02 -22.53
N ILE F 4197 19.28 42.89 -21.66
CA ILE F 4197 18.83 44.28 -21.56
C ILE F 4197 20.01 45.18 -21.95
N SER F 4198 19.75 46.11 -22.86
CA SER F 4198 20.80 47.03 -23.27
C SER F 4198 20.95 48.17 -22.27
N GLU F 4199 22.19 48.64 -22.15
CA GLU F 4199 22.48 49.75 -21.24
C GLU F 4199 21.72 51.00 -21.65
N THR F 4200 21.62 51.25 -22.95
CA THR F 4200 20.88 52.41 -23.42
C THR F 4200 19.41 52.31 -23.02
N ASN F 4201 18.83 51.12 -23.18
CA ASN F 4201 17.45 50.93 -22.78
C ASN F 4201 17.26 51.19 -21.30
N ARG F 4202 18.18 50.65 -20.48
CA ARG F 4202 18.07 50.85 -19.04
C ARG F 4202 18.19 52.32 -18.67
N ALA F 4203 19.13 53.04 -19.28
CA ALA F 4203 19.31 54.45 -18.97
C ALA F 4203 18.08 55.26 -19.36
N GLN F 4204 17.59 55.04 -20.58
CA GLN F 4204 16.40 55.75 -21.03
C GLN F 4204 15.22 55.45 -20.13
N TRP F 4205 15.12 54.22 -19.62
CA TRP F 4205 14.09 53.90 -18.64
C TRP F 4205 14.28 54.68 -17.35
N GLU F 4206 15.53 54.80 -16.89
CA GLU F 4206 15.81 55.47 -15.64
C GLU F 4206 15.73 57.00 -15.75
N MET F 4207 15.57 57.53 -16.95
CA MET F 4207 15.39 58.98 -17.07
C MET F 4207 14.17 59.42 -16.27
N PRO F 4208 14.23 60.60 -15.63
CA PRO F 4208 13.13 61.00 -14.73
C PRO F 4208 11.78 61.13 -15.41
N GLN F 4209 11.73 61.56 -16.67
CA GLN F 4209 10.45 61.72 -17.34
C GLN F 4209 9.75 60.38 -17.49
N VAL F 4210 10.49 59.33 -17.85
CA VAL F 4210 9.90 58.00 -17.94
C VAL F 4210 9.36 57.57 -16.59
N LYS F 4211 10.08 57.91 -15.51
CA LYS F 4211 9.62 57.55 -14.18
C LYS F 4211 8.33 58.27 -13.81
N GLU F 4212 8.23 59.55 -14.15
CA GLU F 4212 7.00 60.30 -13.89
C GLU F 4212 5.84 59.71 -14.69
N SER F 4213 6.10 59.36 -15.96
CA SER F 4213 5.06 58.74 -16.78
C SER F 4213 4.62 57.42 -16.18
N LYS F 4214 5.58 56.64 -15.68
CA LYS F 4214 5.27 55.37 -15.02
C LYS F 4214 4.39 55.59 -13.80
N ARG F 4215 4.74 56.59 -12.99
CA ARG F 4215 3.96 56.88 -11.79
C ARG F 4215 2.54 57.27 -12.17
N GLN F 4216 2.39 58.12 -13.18
CA GLN F 4216 1.05 58.53 -13.61
C GLN F 4216 0.25 57.34 -14.12
N PHE F 4217 0.89 56.49 -14.92
CA PHE F 4217 0.21 55.32 -15.46
C PHE F 4217 -0.24 54.39 -14.35
N ILE F 4218 0.62 54.16 -13.36
CA ILE F 4218 0.27 53.28 -12.24
C ILE F 4218 -0.90 53.87 -11.47
N PHE F 4219 -0.83 55.17 -11.19
CA PHE F 4219 -1.90 55.81 -10.44
C PHE F 4219 -3.23 55.68 -11.19
N ASP F 4220 -3.21 55.91 -12.50
CA ASP F 4220 -4.44 55.83 -13.27
C ASP F 4220 -4.98 54.41 -13.28
N VAL F 4221 -4.14 53.43 -13.60
CA VAL F 4221 -4.62 52.06 -13.72
C VAL F 4221 -5.05 51.51 -12.37
N VAL F 4222 -4.57 52.08 -11.27
CA VAL F 4222 -4.96 51.57 -9.95
C VAL F 4222 -6.19 52.29 -9.41
N ASN F 4223 -6.39 53.55 -9.77
CA ASN F 4223 -7.52 54.28 -9.23
C ASN F 4223 -8.77 54.13 -10.09
N GLU F 4224 -8.61 54.10 -11.41
CA GLU F 4224 -9.74 53.99 -12.32
C GLU F 4224 -9.41 53.02 -13.46
N GLY F 4225 -8.76 51.91 -13.14
CA GLY F 4225 -8.35 50.95 -14.15
C GLY F 4225 -8.99 49.58 -13.98
N GLY F 4226 -9.57 49.07 -15.07
CA GLY F 4226 -10.17 47.75 -15.03
C GLY F 4226 -9.13 46.66 -15.21
N GLU F 4227 -9.28 45.58 -14.44
CA GLU F 4227 -8.35 44.47 -14.54
C GLU F 4227 -8.38 43.85 -15.93
N ALA F 4228 -9.53 43.86 -16.60
CA ALA F 4228 -9.64 43.24 -17.92
C ALA F 4228 -8.73 43.93 -18.93
N GLU F 4229 -8.72 45.26 -18.94
CA GLU F 4229 -7.91 46.02 -19.87
C GLU F 4229 -6.61 46.51 -19.27
N LYS F 4230 -6.27 46.06 -18.06
CA LYS F 4230 -5.03 46.48 -17.43
C LYS F 4230 -3.81 46.15 -18.28
N MET F 4231 -3.73 44.92 -18.79
CA MET F 4231 -2.57 44.52 -19.57
C MET F 4231 -2.52 45.26 -20.90
N GLU F 4232 -3.67 45.49 -21.53
CA GLU F 4232 -3.68 46.29 -22.76
C GLU F 4232 -3.18 47.70 -22.50
N LEU F 4233 -3.62 48.30 -21.40
CA LEU F 4233 -3.13 49.64 -21.04
C LEU F 4233 -1.64 49.62 -20.77
N PHE F 4234 -1.15 48.58 -20.11
CA PHE F 4234 0.28 48.46 -19.82
C PHE F 4234 1.09 48.36 -21.11
N VAL F 4235 0.60 47.55 -22.06
CA VAL F 4235 1.30 47.41 -23.33
C VAL F 4235 1.29 48.72 -24.11
N SER F 4236 0.16 49.44 -24.08
CA SER F 4236 0.11 50.74 -24.72
C SER F 4236 1.08 51.72 -24.08
N PHE F 4237 1.18 51.69 -22.75
CA PHE F 4237 2.15 52.53 -22.05
C PHE F 4237 3.57 52.18 -22.48
N CYS F 4238 3.86 50.89 -22.62
CA CYS F 4238 5.18 50.47 -23.07
C CYS F 4238 5.49 50.99 -24.46
N GLU F 4239 4.52 50.90 -25.38
CA GLU F 4239 4.73 51.40 -26.73
C GLU F 4239 4.98 52.91 -26.73
N ASP F 4240 4.16 53.65 -25.97
CA ASP F 4240 4.35 55.10 -25.89
C ASP F 4240 5.71 55.44 -25.30
N THR F 4241 6.13 54.68 -24.29
CA THR F 4241 7.43 54.91 -23.68
C THR F 4241 8.56 54.65 -24.67
N ILE F 4242 8.42 53.62 -25.49
CA ILE F 4242 9.41 53.36 -26.54
C ILE F 4242 9.49 54.55 -27.49
N PHE F 4243 8.33 55.08 -27.88
CA PHE F 4243 8.31 56.20 -28.81
C PHE F 4243 8.98 57.42 -28.20
N GLU F 4244 8.71 57.69 -26.91
CA GLU F 4244 9.38 58.79 -26.22
C GLU F 4244 10.88 58.56 -26.09
N MET F 4245 11.30 57.30 -25.88
CA MET F 4245 12.72 57.00 -25.84
C MET F 4245 13.37 57.34 -27.18
N GLN F 4246 12.69 57.01 -28.28
CA GLN F 4246 13.20 57.36 -29.60
C GLN F 4246 13.33 58.87 -29.74
N ILE F 4247 12.32 59.60 -29.28
CA ILE F 4247 12.37 61.06 -29.38
C ILE F 4247 13.56 61.60 -28.59
N ALA F 4248 13.75 61.09 -27.38
CA ALA F 4248 14.86 61.54 -26.55
C ALA F 4248 16.19 61.25 -27.23
N ALA F 4249 16.33 60.07 -27.82
CA ALA F 4249 17.55 59.73 -28.54
C ALA F 4249 17.79 60.70 -29.68
N GLN F 4250 16.73 61.02 -30.44
CA GLN F 4250 16.90 61.92 -31.58
C GLN F 4250 17.34 63.31 -31.12
N ILE F 4251 16.69 63.84 -30.08
CA ILE F 4251 17.02 65.20 -29.66
C ILE F 4251 18.38 65.24 -28.98
N SER F 4252 18.81 64.12 -28.39
CA SER F 4252 20.07 64.11 -27.66
C SER F 4252 21.23 64.51 -28.56
N GLU F 4253 22.11 65.35 -28.03
CA GLU F 4253 23.30 65.79 -28.74
C GLU F 4253 24.46 64.85 -28.42
N PRO F 4254 25.36 64.58 -29.39
CA PRO F 4254 26.51 63.72 -29.11
C PRO F 4254 27.42 64.26 -28.01
N PHE F 4540 24.18 75.60 -49.37
CA PHE F 4540 24.26 75.57 -47.91
C PHE F 4540 22.91 75.25 -47.29
N TRP F 4541 21.98 74.73 -48.11
CA TRP F 4541 20.67 74.36 -47.59
C TRP F 4541 20.80 73.22 -46.58
N GLY F 4542 21.71 72.28 -46.83
CA GLY F 4542 21.98 71.25 -45.84
C GLY F 4542 22.50 71.83 -44.54
N GLU F 4543 23.39 72.83 -44.65
CA GLU F 4543 23.87 73.51 -43.45
C GLU F 4543 22.72 74.15 -42.70
N LEU F 4544 21.85 74.87 -43.42
CA LEU F 4544 20.70 75.50 -42.78
C LEU F 4544 19.83 74.45 -42.10
N GLU F 4545 19.61 73.32 -42.76
CA GLU F 4545 18.78 72.27 -42.18
C GLU F 4545 19.40 71.72 -40.90
N VAL F 4546 20.70 71.50 -40.89
CA VAL F 4546 21.33 70.93 -39.70
C VAL F 4546 21.28 71.93 -38.55
N GLN F 4547 21.51 73.22 -38.82
CA GLN F 4547 21.35 74.19 -37.73
C GLN F 4547 19.91 74.27 -37.27
N ARG F 4548 18.94 74.13 -38.18
CA ARG F 4548 17.55 74.19 -37.79
C ARG F 4548 17.20 73.04 -36.86
N VAL F 4549 17.62 71.83 -37.20
CA VAL F 4549 17.32 70.68 -36.35
C VAL F 4549 18.07 70.80 -35.03
N LYS F 4550 19.29 71.33 -35.06
CA LYS F 4550 20.01 71.58 -33.81
C LYS F 4550 19.22 72.52 -32.91
N PHE F 4551 18.73 73.62 -33.47
CA PHE F 4551 17.99 74.60 -32.69
C PHE F 4551 16.71 74.00 -32.12
N LEU F 4552 15.99 73.25 -32.95
CA LEU F 4552 14.75 72.63 -32.49
C LEU F 4552 15.01 71.61 -31.40
N ASN F 4553 16.08 70.83 -31.54
CA ASN F 4553 16.43 69.85 -30.51
C ASN F 4553 16.83 70.54 -29.22
N TYR F 4554 17.56 71.65 -29.32
CA TYR F 4554 17.91 72.41 -28.12
C TYR F 4554 16.67 72.93 -27.42
N LEU F 4555 15.71 73.44 -28.20
CA LEU F 4555 14.45 73.91 -27.63
C LEU F 4555 13.73 72.77 -26.93
N SER F 4556 13.67 71.61 -27.58
CA SER F 4556 12.98 70.46 -27.00
C SER F 4556 13.64 70.05 -25.69
N ARG F 4557 14.97 70.01 -25.68
CA ARG F 4557 15.69 69.60 -24.48
C ARG F 4557 15.48 70.59 -23.34
N ASN F 4558 15.45 71.88 -23.66
CA ASN F 4558 15.35 72.93 -22.65
C ASN F 4558 13.95 73.52 -22.56
N PHE F 4559 12.93 72.75 -22.95
CA PHE F 4559 11.55 73.24 -22.93
C PHE F 4559 11.15 73.72 -21.54
N TYR F 4560 11.38 72.89 -20.52
CA TYR F 4560 10.92 73.23 -19.17
C TYR F 4560 11.66 74.45 -18.62
N THR F 4561 12.96 74.54 -18.88
CA THR F 4561 13.72 75.71 -18.46
C THR F 4561 13.15 76.97 -19.09
N LEU F 4562 12.72 76.87 -20.36
CA LEU F 4562 12.09 78.02 -21.01
C LEU F 4562 10.80 78.40 -20.30
N ARG F 4563 10.03 77.41 -19.86
CA ARG F 4563 8.79 77.69 -19.15
C ARG F 4563 9.08 78.44 -17.85
N PHE F 4564 10.07 77.94 -17.08
CA PHE F 4564 10.45 78.61 -15.85
C PHE F 4564 10.94 80.03 -16.12
N LEU F 4565 11.71 80.20 -17.20
CA LEU F 4565 12.20 81.53 -17.56
C LEU F 4565 11.04 82.47 -17.86
N ALA F 4566 10.04 81.98 -18.59
CA ALA F 4566 8.87 82.79 -18.90
C ALA F 4566 8.16 83.21 -17.62
N LEU F 4567 8.02 82.28 -16.69
CA LEU F 4567 7.37 82.60 -15.41
C LEU F 4567 8.15 83.67 -14.66
N PHE F 4568 9.47 83.52 -14.62
CA PHE F 4568 10.31 84.51 -13.95
C PHE F 4568 10.19 85.87 -14.60
N LEU F 4569 10.17 85.92 -15.93
CA LEU F 4569 10.03 87.18 -16.63
C LEU F 4569 8.68 87.82 -16.33
N ALA F 4570 7.61 87.04 -16.27
CA ALA F 4570 6.31 87.58 -15.93
C ALA F 4570 6.33 88.18 -14.53
N PHE F 4571 6.94 87.47 -13.59
CA PHE F 4571 7.03 87.98 -12.22
C PHE F 4571 7.79 89.30 -12.18
N ALA F 4572 8.91 89.39 -12.90
CA ALA F 4572 9.69 90.62 -12.93
C ALA F 4572 8.88 91.76 -13.55
N ILE F 4573 8.19 91.47 -14.66
CA ILE F 4573 7.40 92.48 -15.34
C ILE F 4573 6.34 93.03 -14.40
N ASN F 4574 5.66 92.16 -13.65
CA ASN F 4574 4.61 92.62 -12.76
C ASN F 4574 5.18 93.36 -11.57
N PHE F 4575 6.35 92.94 -11.07
CA PHE F 4575 7.04 93.71 -10.05
C PHE F 4575 7.28 95.13 -10.51
N ILE F 4576 7.73 95.30 -11.75
CA ILE F 4576 7.89 96.64 -12.31
C ILE F 4576 6.54 97.34 -12.42
N LEU F 4577 5.53 96.62 -12.90
CA LEU F 4577 4.22 97.22 -13.10
C LEU F 4577 3.62 97.75 -11.81
N LEU F 4578 4.07 97.23 -10.66
CA LEU F 4578 3.57 97.77 -9.39
C LEU F 4578 3.87 99.27 -9.25
N PHE F 4579 4.83 99.78 -10.02
CA PHE F 4579 5.32 101.14 -9.78
C PHE F 4579 4.54 102.18 -10.56
N TYR F 4580 3.65 101.79 -11.47
CA TYR F 4580 2.89 102.78 -12.23
C TYR F 4580 2.08 103.67 -11.30
N LYS F 4581 1.87 104.90 -11.75
CA LYS F 4581 0.95 105.83 -11.14
C LYS F 4581 0.16 106.51 -12.25
N VAL F 4582 -0.98 107.11 -11.88
CA VAL F 4582 -1.84 107.79 -12.83
C VAL F 4582 -1.98 109.25 -12.39
N SER F 4583 -1.81 110.17 -13.33
CA SER F 4583 -1.95 111.59 -13.06
C SER F 4583 -2.67 112.28 -14.21
N ASP F 4584 -3.39 113.36 -13.87
CA ASP F 4584 -4.01 114.17 -14.91
C ASP F 4584 -2.94 114.84 -15.79
N SER F 4585 -1.89 115.36 -15.18
CA SER F 4585 -0.83 116.06 -15.92
C SER F 4585 0.19 115.08 -16.49
N PRO F 4586 0.90 115.45 -17.55
CA PRO F 4586 1.98 114.57 -18.04
C PRO F 4586 3.16 114.56 -17.08
N PRO F 4587 4.01 113.51 -17.12
CA PRO F 4587 5.19 113.46 -16.25
C PRO F 4587 6.15 114.61 -16.51
N ASN F 4626 -7.14 116.43 -19.34
CA ASN F 4626 -8.39 115.75 -18.98
C ASN F 4626 -8.31 114.24 -19.00
N MET F 4627 -7.55 113.72 -19.96
CA MET F 4627 -7.34 112.29 -20.10
C MET F 4627 -6.11 111.93 -19.28
N VAL F 4628 -6.20 110.84 -18.52
CA VAL F 4628 -5.18 110.51 -17.53
C VAL F 4628 -3.96 109.87 -18.20
N TYR F 4629 -2.81 110.02 -17.55
CA TYR F 4629 -1.56 109.43 -18.00
C TYR F 4629 -1.05 108.43 -16.98
N TYR F 4630 -0.62 107.28 -17.48
CA TYR F 4630 -0.05 106.20 -16.69
C TYR F 4630 1.47 106.26 -16.86
N PHE F 4631 2.17 106.61 -15.79
CA PHE F 4631 3.60 106.85 -15.85
C PHE F 4631 4.31 106.09 -14.74
N LEU F 4632 5.49 105.57 -15.07
CA LEU F 4632 6.35 104.93 -14.09
C LEU F 4632 6.86 105.96 -13.08
N GLU F 4633 7.17 105.47 -11.87
CA GLU F 4633 7.77 106.29 -10.82
C GLU F 4633 8.99 105.56 -10.28
N GLU F 4634 10.16 106.02 -10.68
CA GLU F 4634 11.42 105.47 -10.22
C GLU F 4634 12.49 106.55 -10.23
N SER F 4635 13.41 106.45 -9.27
CA SER F 4635 14.53 107.39 -9.23
C SER F 4635 15.57 107.07 -10.29
N THR F 4636 15.79 105.78 -10.57
CA THR F 4636 16.85 105.39 -11.49
C THR F 4636 16.54 105.85 -12.91
N GLY F 4637 15.32 105.61 -13.38
CA GLY F 4637 14.95 105.89 -14.75
C GLY F 4637 15.31 104.80 -15.73
N TYR F 4638 15.94 103.72 -15.27
CA TYR F 4638 16.36 102.63 -16.15
C TYR F 4638 15.30 101.55 -16.27
N MET F 4639 14.10 101.80 -15.75
CA MET F 4639 13.14 100.72 -15.53
C MET F 4639 12.27 100.50 -16.76
N GLU F 4640 11.93 101.58 -17.48
CA GLU F 4640 11.11 101.45 -18.68
C GLU F 4640 11.80 100.63 -19.77
N PRO F 4641 13.05 100.89 -20.15
CA PRO F 4641 13.70 100.02 -21.15
C PRO F 4641 13.83 98.59 -20.67
N ALA F 4642 14.06 98.40 -19.38
CA ALA F 4642 14.12 97.05 -18.84
C ALA F 4642 12.79 96.33 -19.03
N LEU F 4643 11.68 97.04 -18.78
CA LEU F 4643 10.36 96.45 -19.00
C LEU F 4643 10.14 96.12 -20.47
N TRP F 4644 10.54 97.03 -21.36
CA TRP F 4644 10.43 96.78 -22.79
C TRP F 4644 11.16 95.50 -23.18
N CYS F 4645 12.43 95.41 -22.77
CA CYS F 4645 13.21 94.23 -23.08
C CYS F 4645 12.56 92.98 -22.51
N LEU F 4646 12.14 93.04 -21.24
CA LEU F 4646 11.54 91.88 -20.60
C LEU F 4646 10.30 91.42 -21.35
N SER F 4647 9.49 92.36 -21.83
CA SER F 4647 8.32 92.00 -22.62
C SER F 4647 8.73 91.28 -23.89
N LEU F 4648 9.72 91.82 -24.61
CA LEU F 4648 10.16 91.16 -25.84
C LEU F 4648 10.66 89.75 -25.55
N LEU F 4649 11.46 89.60 -24.51
CA LEU F 4649 12.01 88.27 -24.18
C LEU F 4649 10.91 87.31 -23.76
N HIS F 4650 9.92 87.79 -23.02
CA HIS F 4650 8.82 86.93 -22.61
C HIS F 4650 8.05 86.43 -23.83
N THR F 4651 7.76 87.33 -24.77
CA THR F 4651 7.08 86.92 -25.99
C THR F 4651 7.90 85.90 -26.77
N LEU F 4652 9.21 86.15 -26.88
CA LEU F 4652 10.07 85.23 -27.60
C LEU F 4652 10.09 83.86 -26.93
N VAL F 4653 10.15 83.84 -25.60
CA VAL F 4653 10.16 82.57 -24.88
C VAL F 4653 8.85 81.84 -25.07
N ALA F 4654 7.74 82.58 -25.12
CA ALA F 4654 6.45 81.95 -25.39
C ALA F 4654 6.46 81.26 -26.75
N PHE F 4655 6.95 81.96 -27.77
CA PHE F 4655 7.01 81.37 -29.11
C PHE F 4655 7.92 80.14 -29.13
N LEU F 4656 9.06 80.24 -28.44
CA LEU F 4656 9.99 79.11 -28.38
C LEU F 4656 9.37 77.94 -27.64
N CYS F 4657 8.55 78.20 -26.62
CA CYS F 4657 7.86 77.12 -25.93
C CYS F 4657 6.85 76.45 -26.84
N ILE F 4658 6.16 77.24 -27.68
CA ILE F 4658 5.28 76.65 -28.68
C ILE F 4658 6.06 75.69 -29.56
N ILE F 4659 7.20 76.15 -30.07
CA ILE F 4659 8.00 75.29 -30.95
C ILE F 4659 8.48 74.05 -30.22
N GLY F 4660 8.95 74.22 -28.99
CA GLY F 4660 9.43 73.08 -28.23
C GLY F 4660 8.35 72.05 -27.98
N TYR F 4661 7.14 72.52 -27.64
CA TYR F 4661 6.02 71.59 -27.51
C TYR F 4661 5.77 70.85 -28.81
N ASN F 4662 5.68 71.59 -29.92
CA ASN F 4662 5.36 70.96 -31.19
C ASN F 4662 6.40 69.92 -31.57
N CYS F 4663 7.65 70.13 -31.16
CA CYS F 4663 8.72 69.20 -31.53
C CYS F 4663 8.80 68.03 -30.56
N LEU F 4664 8.48 68.26 -29.28
CA LEU F 4664 8.74 67.24 -28.27
C LEU F 4664 7.51 66.36 -28.03
N LYS F 4665 6.35 66.97 -27.80
CA LYS F 4665 5.22 66.25 -27.24
C LYS F 4665 4.12 65.91 -28.23
N VAL F 4666 3.91 66.74 -29.25
CA VAL F 4666 2.90 66.50 -30.28
C VAL F 4666 3.10 65.12 -30.91
N PRO F 4667 4.34 64.72 -31.21
CA PRO F 4667 4.52 63.43 -31.88
C PRO F 4667 3.90 62.27 -31.13
N LEU F 4668 3.96 62.29 -29.80
CA LEU F 4668 3.30 61.24 -29.04
C LEU F 4668 1.79 61.29 -29.21
N VAL F 4669 1.22 62.49 -29.25
CA VAL F 4669 -0.22 62.63 -29.46
C VAL F 4669 -0.61 62.00 -30.79
N ILE F 4670 0.12 62.35 -31.85
CA ILE F 4670 -0.21 61.83 -33.17
C ILE F 4670 0.01 60.32 -33.21
N PHE F 4671 1.07 59.84 -32.57
CA PHE F 4671 1.35 58.41 -32.53
C PHE F 4671 0.20 57.66 -31.88
N LYS F 4672 -0.28 58.15 -30.75
CA LYS F 4672 -1.35 57.48 -30.03
C LYS F 4672 -2.65 57.52 -30.82
N ARG F 4673 -2.97 58.69 -31.40
CA ARG F 4673 -4.20 58.81 -32.17
C ARG F 4673 -4.19 57.88 -33.38
N GLU F 4674 -3.08 57.86 -34.11
CA GLU F 4674 -2.91 56.96 -35.24
C GLU F 4674 -3.00 55.50 -34.82
N LYS F 4675 -2.36 55.15 -33.70
CA LYS F 4675 -2.38 53.78 -33.22
C LYS F 4675 -3.78 53.32 -32.86
N GLU F 4676 -4.52 54.14 -32.10
CA GLU F 4676 -5.88 53.74 -31.74
C GLU F 4676 -6.77 53.62 -32.97
N LEU F 4677 -6.62 54.54 -33.93
CA LEU F 4677 -7.41 54.44 -35.14
C LEU F 4677 -7.09 53.16 -35.90
N ALA F 4678 -5.80 52.82 -36.00
CA ALA F 4678 -5.38 51.61 -36.70
C ALA F 4678 -5.94 50.36 -36.01
N ARG F 4679 -5.86 50.32 -34.69
CA ARG F 4679 -6.36 49.16 -33.97
C ARG F 4679 -7.86 49.01 -34.14
N LYS F 4680 -8.60 50.13 -34.08
CA LYS F 4680 -10.04 50.07 -34.30
C LYS F 4680 -10.35 49.56 -35.70
N LEU F 4681 -9.63 50.05 -36.71
CA LEU F 4681 -9.88 49.60 -38.07
C LEU F 4681 -9.63 48.09 -38.20
N GLU F 4682 -8.47 47.64 -37.72
CA GLU F 4682 -8.08 46.25 -37.93
C GLU F 4682 -8.98 45.30 -37.15
N PHE F 4683 -9.16 45.55 -35.85
CA PHE F 4683 -9.86 44.61 -34.99
C PHE F 4683 -11.34 44.97 -34.85
N ASP F 4684 -11.64 46.21 -34.47
CA ASP F 4684 -13.03 46.61 -34.32
C ASP F 4684 -13.71 46.73 -35.68
N GLY F 4685 -13.01 47.26 -36.67
CA GLY F 4685 -13.62 47.52 -37.96
C GLY F 4685 -14.53 48.72 -37.99
N LEU F 4686 -14.23 49.75 -37.20
CA LEU F 4686 -15.12 50.87 -36.97
C LEU F 4686 -15.74 51.41 -38.25
N TYR F 4687 -14.91 51.92 -39.17
CA TYR F 4687 -15.42 52.55 -40.37
C TYR F 4687 -15.81 51.54 -41.44
N ILE F 4688 -15.56 50.26 -41.21
CA ILE F 4688 -16.01 49.23 -42.13
C ILE F 4688 -17.39 48.71 -41.75
N THR F 4689 -17.59 48.34 -40.49
CA THR F 4689 -18.82 47.71 -40.04
C THR F 4689 -19.59 48.57 -39.03
N GLU F 4690 -18.96 48.94 -37.91
CA GLU F 4690 -19.71 49.59 -36.83
C GLU F 4690 -20.09 51.01 -37.19
N GLN F 4691 -19.11 51.84 -37.56
CA GLN F 4691 -19.32 53.23 -37.95
C GLN F 4691 -19.64 54.04 -36.69
N PRO F 4692 -18.90 55.12 -36.41
CA PRO F 4692 -19.13 55.86 -35.16
C PRO F 4692 -20.55 56.38 -35.03
N GLY F 4693 -20.88 56.79 -33.81
CA GLY F 4693 -22.26 57.10 -33.49
C GLY F 4693 -22.69 58.50 -33.92
N ASP F 4694 -21.74 59.32 -34.33
CA ASP F 4694 -21.89 60.75 -34.63
C ASP F 4694 -21.90 61.58 -33.35
N ASP F 4695 -21.86 60.94 -32.18
CA ASP F 4695 -21.59 61.64 -30.92
C ASP F 4695 -20.10 61.71 -30.63
N ASP F 4696 -19.27 61.05 -31.44
CA ASP F 4696 -17.84 60.96 -31.22
C ASP F 4696 -17.15 61.88 -32.24
N VAL F 4697 -16.94 63.13 -31.83
CA VAL F 4697 -16.35 64.11 -32.74
C VAL F 4697 -14.99 63.63 -33.22
N LYS F 4698 -14.24 62.95 -32.36
CA LYS F 4698 -12.93 62.43 -32.75
C LYS F 4698 -13.07 61.37 -33.82
N GLY F 4699 -14.04 60.47 -33.67
CA GLY F 4699 -14.30 59.47 -34.68
C GLY F 4699 -14.74 60.06 -36.00
N GLN F 4700 -15.50 61.14 -35.98
CA GLN F 4700 -15.88 61.80 -37.23
C GLN F 4700 -14.70 62.52 -37.85
N TRP F 4701 -13.86 63.15 -37.02
CA TRP F 4701 -12.71 63.89 -37.51
C TRP F 4701 -11.69 62.94 -38.15
N ASP F 4702 -11.53 61.74 -37.59
CA ASP F 4702 -10.51 60.82 -38.07
C ASP F 4702 -10.83 60.27 -39.46
N ARG F 4703 -12.03 60.51 -39.99
CA ARG F 4703 -12.35 60.00 -41.33
C ARG F 4703 -11.44 60.63 -42.38
N LEU F 4704 -11.00 61.87 -42.16
CA LEU F 4704 -10.24 62.58 -43.17
C LEU F 4704 -8.93 61.89 -43.48
N VAL F 4705 -8.29 61.32 -42.47
CA VAL F 4705 -6.92 60.87 -42.64
C VAL F 4705 -6.86 59.46 -43.22
N LEU F 4706 -7.99 58.76 -43.25
CA LEU F 4706 -8.00 57.38 -43.77
C LEU F 4706 -7.47 57.32 -45.19
N ASN F 4707 -7.98 58.19 -46.07
CA ASN F 4707 -7.59 58.19 -47.47
C ASN F 4707 -6.22 58.81 -47.71
N THR F 4708 -5.59 59.37 -46.69
CA THR F 4708 -4.34 60.07 -46.87
C THR F 4708 -3.19 59.09 -47.00
N PRO F 4709 -2.24 59.35 -47.91
CA PRO F 4709 -1.03 58.49 -47.96
C PRO F 4709 -0.21 58.54 -46.69
N SER F 4710 -0.21 59.68 -46.00
CA SER F 4710 0.70 59.87 -44.88
C SER F 4710 0.11 59.40 -43.56
N PHE F 4711 -1.06 58.75 -43.59
CA PHE F 4711 -1.71 58.29 -42.37
C PHE F 4711 -0.74 57.70 -41.35
N PRO F 4712 -0.02 56.61 -41.65
CA PRO F 4712 0.87 56.11 -40.59
C PRO F 4712 2.20 56.85 -40.57
N SER F 4713 2.15 58.16 -40.30
CA SER F 4713 3.36 58.97 -40.35
C SER F 4713 4.21 58.77 -39.10
N ASN F 4714 3.60 58.84 -37.92
CA ASN F 4714 4.31 58.67 -36.67
C ASN F 4714 4.17 57.28 -36.09
N TYR F 4715 3.12 56.54 -36.49
CA TYR F 4715 2.93 55.18 -36.02
C TYR F 4715 3.64 54.21 -36.96
N TRP F 4716 4.28 53.21 -36.36
CA TRP F 4716 5.26 52.41 -37.10
C TRP F 4716 4.62 51.64 -38.25
N ASP F 4717 3.45 51.05 -38.01
CA ASP F 4717 2.85 50.13 -38.97
C ASP F 4717 2.43 50.91 -40.22
N LYS F 4718 3.20 50.72 -41.29
CA LYS F 4718 2.88 51.31 -42.59
C LYS F 4718 2.01 50.39 -43.44
N PHE F 4719 1.74 49.18 -42.97
CA PHE F 4719 1.04 48.15 -43.74
C PHE F 4719 -0.36 47.89 -43.18
N VAL F 4720 -0.82 48.73 -42.26
CA VAL F 4720 -2.12 48.53 -41.63
C VAL F 4720 -3.22 48.58 -42.67
N LYS F 4721 -3.05 49.42 -43.70
CA LYS F 4721 -4.07 49.52 -44.74
C LYS F 4721 -4.23 48.19 -45.48
N ARG F 4722 -3.10 47.58 -45.87
CA ARG F 4722 -3.17 46.30 -46.56
C ARG F 4722 -3.69 45.22 -45.62
N LYS F 4723 -3.34 45.29 -44.34
CA LYS F 4723 -3.86 44.33 -43.38
C LYS F 4723 -5.38 44.42 -43.27
N VAL F 4724 -5.90 45.66 -43.23
CA VAL F 4724 -7.35 45.85 -43.17
C VAL F 4724 -8.00 45.37 -44.46
N LEU F 4725 -7.36 45.64 -45.60
CA LEU F 4725 -7.91 45.16 -46.86
C LEU F 4725 -8.00 43.65 -46.88
N ASP F 4726 -6.97 42.97 -46.40
CA ASP F 4726 -7.01 41.52 -46.31
C ASP F 4726 -8.11 41.05 -45.36
N LYS F 4727 -8.25 41.73 -44.22
CA LYS F 4727 -9.19 41.28 -43.19
C LYS F 4727 -10.63 41.45 -43.64
N HIS F 4728 -10.98 42.60 -44.21
CA HIS F 4728 -12.37 42.96 -44.45
C HIS F 4728 -12.72 43.13 -45.92
N GLY F 4729 -11.82 42.80 -46.84
CA GLY F 4729 -12.10 43.04 -48.24
C GLY F 4729 -13.20 42.16 -48.78
N ASP F 4730 -13.22 40.89 -48.39
CA ASP F 4730 -14.18 39.94 -48.95
C ASP F 4730 -15.61 40.35 -48.64
N ILE F 4731 -15.89 40.65 -47.37
CA ILE F 4731 -17.25 40.99 -46.97
C ILE F 4731 -17.64 42.39 -47.44
N PHE F 4732 -16.71 43.34 -47.31
CA PHE F 4732 -17.03 44.75 -47.51
C PHE F 4732 -16.51 45.30 -48.84
N GLY F 4733 -15.81 44.48 -49.62
CA GLY F 4733 -15.38 44.90 -50.94
C GLY F 4733 -13.99 45.49 -50.97
N ARG F 4734 -13.12 44.86 -51.77
CA ARG F 4734 -11.74 45.33 -51.87
C ARG F 4734 -11.67 46.73 -52.46
N GLU F 4735 -12.42 46.97 -53.54
CA GLU F 4735 -12.41 48.28 -54.17
C GLU F 4735 -12.95 49.35 -53.23
N ARG F 4736 -13.97 48.99 -52.46
CA ARG F 4736 -14.57 49.94 -51.51
C ARG F 4736 -13.59 50.26 -50.38
N ILE F 4737 -12.91 49.24 -49.84
CA ILE F 4737 -11.90 49.49 -48.83
C ILE F 4737 -10.78 50.35 -49.40
N ALA F 4738 -10.41 50.10 -50.65
CA ALA F 4738 -9.35 50.88 -51.28
C ALA F 4738 -9.75 52.33 -51.43
N GLU F 4739 -11.00 52.59 -51.82
CA GLU F 4739 -11.48 53.95 -51.91
C GLU F 4739 -11.49 54.61 -50.53
N LEU F 4740 -11.90 53.86 -49.51
CA LEU F 4740 -11.91 54.40 -48.16
C LEU F 4740 -10.50 54.77 -47.69
N LEU F 4741 -9.52 53.93 -47.99
CA LEU F 4741 -8.19 54.04 -47.42
C LEU F 4741 -7.18 54.64 -48.40
N GLY F 4742 -7.63 55.16 -49.53
CA GLY F 4742 -6.71 55.76 -50.48
C GLY F 4742 -5.67 54.80 -51.03
N MET F 4743 -6.10 53.63 -51.47
CA MET F 4743 -5.21 52.56 -51.89
C MET F 4743 -5.36 52.32 -53.39
N ASP F 4744 -4.24 52.02 -54.06
CA ASP F 4744 -4.22 51.76 -55.50
C ASP F 4744 -3.99 50.27 -55.75
N LEU F 4745 -5.09 49.53 -55.93
CA LEU F 4745 -5.00 48.07 -55.98
C LEU F 4745 -3.90 47.60 -56.91
N ALA F 4746 -3.79 48.24 -58.08
CA ALA F 4746 -2.73 47.85 -59.01
C ALA F 4746 -1.36 48.02 -58.35
N SER F 4747 -1.07 49.23 -57.86
CA SER F 4747 0.27 49.49 -57.32
C SER F 4747 0.60 48.57 -56.15
N LEU F 4748 -0.41 48.08 -55.43
CA LEU F 4748 -0.13 47.11 -54.38
C LEU F 4748 0.68 45.94 -54.91
N GLU F 4749 0.29 45.41 -56.08
CA GLU F 4749 0.99 44.28 -56.65
C GLU F 4749 2.41 44.65 -57.09
N ILE F 4750 2.57 45.81 -57.74
CA ILE F 4750 3.88 46.19 -58.26
C ILE F 4750 4.87 46.38 -57.11
N THR F 4751 4.43 47.02 -56.03
CA THR F 4751 5.31 47.19 -54.88
C THR F 4751 5.90 45.86 -54.45
N ALA F 4752 5.08 44.80 -54.45
CA ALA F 4752 5.60 43.48 -54.12
C ALA F 4752 6.50 42.94 -55.23
N HIS F 4753 6.15 43.17 -56.50
CA HIS F 4753 6.95 42.57 -57.56
C HIS F 4753 8.38 43.07 -57.51
N ASN F 4754 8.57 44.37 -57.31
CA ASN F 4754 9.92 44.89 -57.22
C ASN F 4754 9.88 46.33 -56.74
N GLU F 4755 11.04 46.79 -56.29
CA GLU F 4755 11.18 48.18 -55.84
C GLU F 4755 11.40 49.11 -57.03
N ARG F 4756 10.68 50.22 -57.03
CA ARG F 4756 10.82 51.25 -58.05
C ARG F 4756 11.30 52.53 -57.38
N LYS F 4757 12.26 53.21 -58.01
CA LYS F 4757 12.81 54.44 -57.46
C LYS F 4757 12.41 55.62 -58.32
N PRO F 4758 11.36 56.36 -57.97
CA PRO F 4758 11.05 57.59 -58.70
C PRO F 4758 11.75 58.78 -58.08
N ASP F 4759 13.06 58.89 -58.30
CA ASP F 4759 13.87 59.84 -57.58
C ASP F 4759 13.35 61.26 -57.81
N PRO F 4760 12.76 61.90 -56.80
CA PRO F 4760 12.44 63.33 -56.89
C PRO F 4760 13.54 64.19 -56.29
N PRO F 4761 14.61 64.49 -57.02
CA PRO F 4761 15.69 65.31 -56.44
C PRO F 4761 15.14 66.46 -55.63
N PRO F 4762 15.71 66.75 -54.46
CA PRO F 4762 15.05 67.68 -53.54
C PRO F 4762 14.84 69.05 -54.15
N GLY F 4763 13.62 69.58 -53.97
CA GLY F 4763 13.30 70.91 -54.44
C GLY F 4763 12.15 71.48 -53.64
N LEU F 4764 12.01 72.81 -53.70
CA LEU F 4764 10.91 73.47 -53.00
C LEU F 4764 9.57 73.01 -53.55
N LEU F 4765 9.44 72.94 -54.88
CA LEU F 4765 8.20 72.46 -55.48
C LEU F 4765 7.95 71.01 -55.11
N THR F 4766 9.00 70.20 -55.04
CA THR F 4766 8.84 68.80 -54.66
C THR F 4766 8.35 68.69 -53.22
N TRP F 4767 8.86 69.55 -52.34
CA TRP F 4767 8.38 69.58 -50.97
C TRP F 4767 6.91 69.99 -50.92
N LEU F 4768 6.53 71.01 -51.70
CA LEU F 4768 5.13 71.40 -51.76
C LEU F 4768 4.25 70.24 -52.21
N MET F 4769 4.69 69.50 -53.23
CA MET F 4769 3.96 68.32 -53.66
C MET F 4769 3.88 67.30 -52.54
N SER F 4770 4.98 67.13 -51.80
CA SER F 4770 5.00 66.18 -50.70
C SER F 4770 4.01 66.53 -49.61
N ILE F 4771 3.70 67.81 -49.43
CA ILE F 4771 2.74 68.20 -48.40
C ILE F 4771 1.41 67.54 -48.65
N ASP F 4772 0.85 66.92 -47.62
CA ASP F 4772 -0.48 66.31 -47.67
C ASP F 4772 -1.43 67.21 -46.90
N VAL F 4773 -2.24 67.98 -47.65
CA VAL F 4773 -3.08 69.00 -47.06
C VAL F 4773 -4.07 68.39 -46.07
N LYS F 4774 -4.70 67.29 -46.45
CA LYS F 4774 -5.74 66.70 -45.60
C LYS F 4774 -5.15 66.18 -44.30
N TYR F 4775 -4.00 65.50 -44.39
CA TYR F 4775 -3.34 65.01 -43.17
C TYR F 4775 -2.93 66.18 -42.29
N GLN F 4776 -2.40 67.25 -42.89
CA GLN F 4776 -2.00 68.40 -42.10
C GLN F 4776 -3.19 69.03 -41.40
N ILE F 4777 -4.33 69.09 -42.08
CA ILE F 4777 -5.54 69.66 -41.46
C ILE F 4777 -5.98 68.80 -40.29
N TRP F 4778 -6.01 67.47 -40.48
CA TRP F 4778 -6.38 66.58 -39.40
C TRP F 4778 -5.44 66.76 -38.21
N LYS F 4779 -4.14 66.84 -38.48
CA LYS F 4779 -3.16 67.01 -37.43
C LYS F 4779 -3.36 68.34 -36.71
N PHE F 4780 -3.66 69.40 -37.46
CA PHE F 4780 -3.87 70.70 -36.84
C PHE F 4780 -5.10 70.69 -35.95
N GLY F 4781 -6.16 70.01 -36.39
CA GLY F 4781 -7.32 69.84 -35.53
C GLY F 4781 -6.96 69.12 -34.24
N VAL F 4782 -6.19 68.05 -34.35
CA VAL F 4782 -5.77 67.31 -33.15
C VAL F 4782 -4.99 68.22 -32.22
N ILE F 4783 -4.02 68.94 -32.75
CA ILE F 4783 -3.17 69.80 -31.92
C ILE F 4783 -4.01 70.88 -31.25
N PHE F 4784 -4.87 71.55 -32.00
CA PHE F 4784 -5.68 72.61 -31.43
C PHE F 4784 -6.63 72.06 -30.38
N THR F 4785 -7.03 70.80 -30.51
CA THR F 4785 -7.81 70.16 -29.46
C THR F 4785 -6.96 69.88 -28.23
N ASP F 4786 -5.66 69.64 -28.42
CA ASP F 4786 -4.80 69.37 -27.28
C ASP F 4786 -4.79 70.55 -26.32
N ASN F 4787 -4.95 70.25 -25.03
CA ASN F 4787 -5.13 71.31 -24.03
C ASN F 4787 -3.86 72.11 -23.82
N SER F 4788 -2.72 71.43 -23.69
CA SER F 4788 -1.47 72.14 -23.41
C SER F 4788 -1.12 73.12 -24.52
N PHE F 4789 -1.34 72.72 -25.78
CA PHE F 4789 -1.13 73.62 -26.89
C PHE F 4789 -2.01 74.86 -26.75
N LEU F 4790 -3.27 74.65 -26.34
CA LEU F 4790 -4.20 75.76 -26.18
C LEU F 4790 -3.70 76.71 -25.10
N TYR F 4791 -3.24 76.15 -23.98
CA TYR F 4791 -2.73 77.00 -22.90
C TYR F 4791 -1.53 77.81 -23.35
N LEU F 4792 -0.59 77.16 -24.05
CA LEU F 4792 0.59 77.89 -24.51
C LEU F 4792 0.23 78.95 -25.53
N GLY F 4793 -0.74 78.68 -26.39
CA GLY F 4793 -1.20 79.66 -27.35
C GLY F 4793 -1.83 80.85 -26.67
N TRP F 4794 -2.63 80.58 -25.63
CA TRP F 4794 -3.19 81.67 -24.85
C TRP F 4794 -2.09 82.50 -24.19
N TYR F 4795 -1.06 81.82 -23.68
CA TYR F 4795 0.11 82.51 -23.14
C TYR F 4795 0.70 83.48 -24.16
N MET F 4796 0.93 82.96 -25.38
CA MET F 4796 1.52 83.78 -26.44
C MET F 4796 0.64 84.96 -26.79
N VAL F 4797 -0.66 84.72 -26.93
CA VAL F 4797 -1.59 85.79 -27.30
C VAL F 4797 -1.63 86.85 -26.20
N MET F 4798 -1.61 86.43 -24.94
CA MET F 4798 -1.64 87.39 -23.84
C MET F 4798 -0.36 88.21 -23.81
N SER F 4799 0.78 87.59 -24.14
CA SER F 4799 2.01 88.38 -24.24
C SER F 4799 1.93 89.40 -25.36
N LEU F 4800 1.42 88.99 -26.53
CA LEU F 4800 1.28 89.93 -27.64
C LEU F 4800 0.38 91.09 -27.26
N LEU F 4801 -0.74 90.79 -26.58
CA LEU F 4801 -1.62 91.86 -26.12
C LEU F 4801 -0.95 92.68 -25.03
N GLY F 4802 -0.06 92.07 -24.25
CA GLY F 4802 0.69 92.82 -23.27
C GLY F 4802 1.55 93.89 -23.92
N HIS F 4803 2.09 93.58 -25.09
CA HIS F 4803 2.84 94.62 -25.80
C HIS F 4803 1.96 95.83 -26.12
N TYR F 4804 0.68 95.58 -26.44
CA TYR F 4804 -0.24 96.69 -26.68
C TYR F 4804 -0.58 97.41 -25.38
N ASN F 4805 -0.85 96.65 -24.32
CA ASN F 4805 -1.11 97.18 -22.99
C ASN F 4805 -0.39 96.30 -21.98
N ASN F 4806 0.60 96.87 -21.30
CA ASN F 4806 1.52 96.06 -20.50
C ASN F 4806 0.84 95.33 -19.37
N PHE F 4807 -0.38 95.72 -18.99
CA PHE F 4807 -1.05 95.10 -17.86
C PHE F 4807 -1.57 93.70 -18.17
N PHE F 4808 -1.62 93.30 -19.44
CA PHE F 4808 -2.04 91.95 -19.78
C PHE F 4808 -0.99 90.91 -19.40
N PHE F 4809 0.22 91.34 -19.04
CA PHE F 4809 1.26 90.42 -18.60
C PHE F 4809 0.98 89.80 -17.25
N ALA F 4810 -0.02 90.30 -16.52
CA ALA F 4810 -0.38 89.74 -15.23
C ALA F 4810 -1.01 88.36 -15.36
N ALA F 4811 -1.69 88.08 -16.48
CA ALA F 4811 -2.34 86.80 -16.65
C ALA F 4811 -1.34 85.64 -16.63
N HIS F 4812 -0.11 85.90 -17.07
CA HIS F 4812 0.90 84.86 -17.08
C HIS F 4812 1.35 84.44 -15.70
N LEU F 4813 0.97 85.19 -14.66
CA LEU F 4813 1.23 84.77 -13.29
C LEU F 4813 0.33 83.59 -12.90
N LEU F 4814 -0.70 83.30 -13.69
CA LEU F 4814 -1.51 82.12 -13.44
C LEU F 4814 -0.78 80.84 -13.80
N ASP F 4815 0.34 80.96 -14.53
CA ASP F 4815 1.15 79.80 -14.88
C ASP F 4815 1.81 79.17 -13.67
N ILE F 4816 1.83 79.85 -12.52
CA ILE F 4816 2.43 79.27 -11.32
C ILE F 4816 1.71 78.00 -10.93
N ALA F 4817 0.41 77.91 -11.23
CA ALA F 4817 -0.34 76.68 -10.97
C ALA F 4817 0.31 75.49 -11.65
N MET F 4818 0.40 75.54 -12.98
CA MET F 4818 1.04 74.47 -13.74
C MET F 4818 2.51 74.30 -13.35
N GLY F 4819 3.16 75.39 -12.95
CA GLY F 4819 4.56 75.28 -12.56
C GLY F 4819 4.74 74.45 -11.30
N VAL F 4820 3.87 74.65 -10.31
CA VAL F 4820 4.00 74.02 -9.00
C VAL F 4820 2.99 72.89 -8.90
N LYS F 4821 3.48 71.70 -8.53
CA LYS F 4821 2.60 70.56 -8.32
C LYS F 4821 1.65 70.81 -7.15
N THR F 4822 2.16 71.46 -6.09
CA THR F 4822 1.32 71.72 -4.92
C THR F 4822 0.11 72.56 -5.29
N LEU F 4823 0.32 73.60 -6.10
CA LEU F 4823 -0.80 74.41 -6.56
C LEU F 4823 -1.76 73.60 -7.41
N ARG F 4824 -1.23 72.70 -8.24
CA ARG F 4824 -2.11 71.85 -9.04
C ARG F 4824 -2.99 71.00 -8.13
N THR F 4825 -2.41 70.44 -7.06
CA THR F 4825 -3.20 69.63 -6.14
C THR F 4825 -4.27 70.48 -5.46
N ILE F 4826 -3.90 71.66 -4.98
CA ILE F 4826 -4.85 72.52 -4.27
C ILE F 4826 -6.00 72.89 -5.21
N LEU F 4827 -5.68 73.27 -6.45
CA LEU F 4827 -6.71 73.63 -7.41
C LEU F 4827 -7.56 72.42 -7.78
N SER F 4828 -6.93 71.25 -7.89
CA SER F 4828 -7.68 70.03 -8.19
C SER F 4828 -8.68 69.72 -7.08
N SER F 4829 -8.35 70.10 -5.85
CA SER F 4829 -9.32 69.94 -4.77
C SER F 4829 -10.62 70.66 -5.09
N VAL F 4830 -10.52 71.88 -5.61
CA VAL F 4830 -11.72 72.65 -5.99
C VAL F 4830 -12.35 72.05 -7.24
N THR F 4831 -11.55 71.72 -8.25
CA THR F 4831 -12.10 71.28 -9.52
C THR F 4831 -12.83 69.95 -9.37
N HIS F 4832 -12.39 69.12 -8.44
CA HIS F 4832 -12.95 67.79 -8.22
C HIS F 4832 -14.46 67.84 -8.09
N ASN F 4833 -14.96 68.73 -7.23
CA ASN F 4833 -16.39 68.92 -7.03
C ASN F 4833 -16.89 70.22 -7.63
N GLY F 4834 -16.30 70.65 -8.75
CA GLY F 4834 -16.68 71.93 -9.33
C GLY F 4834 -18.11 71.96 -9.81
N LYS F 4835 -18.57 70.88 -10.43
CA LYS F 4835 -19.96 70.83 -10.88
C LYS F 4835 -20.91 70.95 -9.69
N GLN F 4836 -20.60 70.23 -8.60
CA GLN F 4836 -21.42 70.32 -7.41
C GLN F 4836 -21.42 71.73 -6.85
N LEU F 4837 -20.26 72.40 -6.90
CA LEU F 4837 -20.19 73.77 -6.42
C LEU F 4837 -21.07 74.70 -7.25
N VAL F 4838 -21.03 74.52 -8.58
CA VAL F 4838 -21.87 75.35 -9.45
C VAL F 4838 -23.34 75.11 -9.16
N MET F 4839 -23.72 73.85 -8.95
CA MET F 4839 -25.11 73.55 -8.61
C MET F 4839 -25.50 74.19 -7.29
N THR F 4840 -24.59 74.17 -6.31
CA THR F 4840 -24.87 74.81 -5.03
C THR F 4840 -25.07 76.31 -5.20
N VAL F 4841 -24.25 76.94 -6.05
CA VAL F 4841 -24.41 78.36 -6.32
C VAL F 4841 -25.76 78.64 -6.98
N GLY F 4842 -26.16 77.79 -7.92
CA GLY F 4842 -27.48 77.95 -8.53
C GLY F 4842 -28.60 77.83 -7.51
N LEU F 4843 -28.48 76.88 -6.59
CA LEU F 4843 -29.48 76.74 -5.53
C LEU F 4843 -29.51 77.99 -4.65
N LEU F 4844 -28.33 78.55 -4.36
CA LEU F 4844 -28.25 79.78 -3.59
C LEU F 4844 -28.99 80.90 -4.30
N ALA F 4845 -28.78 81.00 -5.62
CA ALA F 4845 -29.48 82.00 -6.40
C ALA F 4845 -30.99 81.79 -6.33
N VAL F 4846 -31.44 80.55 -6.40
CA VAL F 4846 -32.87 80.26 -6.36
C VAL F 4846 -33.46 80.68 -5.02
N VAL F 4847 -32.79 80.33 -3.93
CA VAL F 4847 -33.32 80.67 -2.61
C VAL F 4847 -33.34 82.18 -2.42
N VAL F 4848 -32.31 82.87 -2.91
CA VAL F 4848 -32.32 84.32 -2.82
C VAL F 4848 -33.44 84.90 -3.66
N TYR F 4849 -33.73 84.28 -4.80
CA TYR F 4849 -34.86 84.72 -5.63
C TYR F 4849 -36.18 84.58 -4.87
N LEU F 4850 -36.36 83.47 -4.17
CA LEU F 4850 -37.59 83.28 -3.40
C LEU F 4850 -37.70 84.31 -2.29
N TYR F 4851 -36.60 84.55 -1.57
CA TYR F 4851 -36.62 85.58 -0.53
C TYR F 4851 -36.90 86.94 -1.13
N THR F 4852 -36.39 87.20 -2.33
CA THR F 4852 -36.65 88.46 -3.02
C THR F 4852 -38.13 88.60 -3.37
N VAL F 4853 -38.76 87.50 -3.82
CA VAL F 4853 -40.19 87.54 -4.08
C VAL F 4853 -40.95 87.91 -2.82
N VAL F 4854 -40.60 87.25 -1.70
CA VAL F 4854 -41.28 87.53 -0.44
C VAL F 4854 -41.11 88.98 -0.05
N ALA F 4855 -39.90 89.51 -0.20
CA ALA F 4855 -39.65 90.91 0.17
C ALA F 4855 -40.43 91.86 -0.74
N PHE F 4856 -40.39 91.60 -2.05
CA PHE F 4856 -41.07 92.46 -3.00
C PHE F 4856 -42.57 92.49 -2.75
N ASN F 4857 -43.13 91.40 -2.22
CA ASN F 4857 -44.57 91.35 -1.97
C ASN F 4857 -44.94 91.96 -0.61
N PHE F 4858 -44.17 91.62 0.44
CA PHE F 4858 -44.58 91.93 1.80
C PHE F 4858 -43.67 92.92 2.52
N PHE F 4859 -42.43 93.13 2.06
CA PHE F 4859 -41.47 93.86 2.86
C PHE F 4859 -40.78 94.97 2.08
N ARG F 4860 -41.52 95.65 1.20
CA ARG F 4860 -40.91 96.69 0.37
C ARG F 4860 -40.46 97.87 1.22
N LYS F 4861 -41.29 98.29 2.17
CA LYS F 4861 -41.02 99.50 2.94
C LYS F 4861 -39.67 99.48 3.63
N PHE F 4862 -39.16 98.30 3.95
CA PHE F 4862 -37.94 98.16 4.72
C PHE F 4862 -36.68 98.28 3.89
N TYR F 4863 -36.79 98.51 2.59
CA TYR F 4863 -35.64 98.44 1.70
C TYR F 4863 -35.26 99.82 1.16
N ASN F 4864 -35.35 100.84 2.01
CA ASN F 4864 -34.92 102.19 1.67
C ASN F 4864 -33.50 102.39 2.19
N LYS F 4865 -32.58 102.74 1.29
CA LYS F 4865 -31.17 102.88 1.62
C LYS F 4865 -30.73 104.35 1.56
N SER F 4866 -31.63 105.27 1.88
CA SER F 4866 -31.35 106.69 1.82
C SER F 4866 -31.68 107.34 3.14
N GLU F 4867 -30.74 108.13 3.66
CA GLU F 4867 -31.01 108.86 4.90
C GLU F 4867 -31.82 110.12 4.63
N ASP F 4868 -31.59 110.78 3.49
CA ASP F 4868 -32.33 111.97 3.15
C ASP F 4868 -33.77 111.63 2.79
N GLU F 4869 -34.70 112.05 3.65
CA GLU F 4869 -36.10 111.67 3.52
C GLU F 4869 -36.72 112.20 2.23
N ASP F 4870 -36.26 113.38 1.79
CA ASP F 4870 -36.83 113.96 0.58
C ASP F 4870 -36.61 113.07 -0.63
N GLU F 4871 -35.40 112.50 -0.76
CA GLU F 4871 -35.07 111.63 -1.87
C GLU F 4871 -34.99 110.19 -1.38
N PRO F 4872 -35.95 109.32 -1.70
CA PRO F 4872 -35.87 107.94 -1.25
C PRO F 4872 -35.22 107.04 -2.29
N ASP F 4873 -34.40 106.08 -1.86
CA ASP F 4873 -33.75 105.11 -2.72
C ASP F 4873 -34.23 103.73 -2.31
N MET F 4874 -35.25 103.24 -2.99
CA MET F 4874 -35.89 101.96 -2.66
C MET F 4874 -35.27 100.89 -3.55
N LYS F 4875 -34.66 99.89 -2.92
CA LYS F 4875 -33.99 98.82 -3.65
C LYS F 4875 -34.91 97.69 -4.07
N CYS F 4876 -36.10 97.59 -3.48
CA CYS F 4876 -37.00 96.48 -3.76
C CYS F 4876 -38.32 96.95 -4.36
N ASP F 4877 -38.37 98.15 -4.95
CA ASP F 4877 -39.54 98.57 -5.69
C ASP F 4877 -39.64 97.84 -7.02
N ASP F 4878 -38.52 97.31 -7.50
CA ASP F 4878 -38.48 96.49 -8.71
C ASP F 4878 -37.83 95.15 -8.38
N MET F 4879 -38.35 94.09 -8.99
CA MET F 4879 -37.88 92.74 -8.67
C MET F 4879 -36.43 92.55 -9.05
N MET F 4880 -36.02 93.06 -10.21
CA MET F 4880 -34.64 92.89 -10.64
C MET F 4880 -33.68 93.59 -9.69
N THR F 4881 -34.02 94.82 -9.30
CA THR F 4881 -33.20 95.55 -8.35
C THR F 4881 -33.16 94.85 -7.00
N CYS F 4882 -34.30 94.31 -6.56
CA CYS F 4882 -34.35 93.63 -5.28
C CYS F 4882 -33.49 92.37 -5.31
N TYR F 4883 -33.54 91.62 -6.41
CA TYR F 4883 -32.71 90.43 -6.55
C TYR F 4883 -31.23 90.78 -6.53
N LEU F 4884 -30.86 91.81 -7.28
CA LEU F 4884 -29.47 92.24 -7.29
C LEU F 4884 -29.03 92.66 -5.90
N PHE F 4885 -29.88 93.42 -5.20
CA PHE F 4885 -29.56 93.87 -3.85
C PHE F 4885 -29.32 92.68 -2.93
N HIS F 4886 -30.26 91.73 -2.92
CA HIS F 4886 -30.08 90.55 -2.08
C HIS F 4886 -28.77 89.85 -2.41
N MET F 4887 -28.62 89.40 -3.66
CA MET F 4887 -27.45 88.62 -4.02
C MET F 4887 -26.14 89.37 -3.75
N TYR F 4888 -26.18 90.69 -3.80
CA TYR F 4888 -24.97 91.48 -3.66
C TYR F 4888 -24.61 91.73 -2.20
N VAL F 4889 -25.58 92.22 -1.41
CA VAL F 4889 -25.26 92.63 -0.05
C VAL F 4889 -25.49 91.50 0.94
N GLY F 4890 -26.63 90.80 0.84
CA GLY F 4890 -26.99 89.85 1.89
C GLY F 4890 -26.01 88.71 2.00
N VAL F 4891 -25.64 88.12 0.86
CA VAL F 4891 -24.68 87.02 0.88
C VAL F 4891 -23.35 87.47 1.44
N ARG F 4892 -22.89 88.67 1.04
CA ARG F 4892 -21.62 89.17 1.50
C ARG F 4892 -21.65 89.49 3.00
N ALA F 4893 -22.84 89.82 3.51
CA ALA F 4893 -22.98 90.14 4.92
C ALA F 4893 -22.91 88.88 5.78
N GLY F 4894 -22.47 89.06 7.02
CA GLY F 4894 -22.39 87.94 7.93
C GLY F 4894 -23.73 87.58 8.56
N GLY F 4895 -24.50 88.59 8.95
CA GLY F 4895 -25.83 88.39 9.49
C GLY F 4895 -26.93 88.39 8.46
N GLY F 4896 -26.60 88.52 7.19
CA GLY F 4896 -27.61 88.49 6.16
C GLY F 4896 -28.19 89.87 5.85
N ILE F 4897 -29.29 89.82 5.10
CA ILE F 4897 -29.91 91.04 4.59
C ILE F 4897 -30.43 91.90 5.75
N GLY F 4898 -30.86 91.26 6.83
CA GLY F 4898 -31.38 91.97 7.98
C GLY F 4898 -30.39 92.99 8.53
N ASP F 4899 -29.10 92.69 8.37
CA ASP F 4899 -28.09 93.65 8.77
C ASP F 4899 -28.21 94.95 7.98
N GLU F 4900 -28.51 94.84 6.69
CA GLU F 4900 -28.54 96.01 5.82
C GLU F 4900 -29.87 96.75 5.92
N ILE F 4901 -30.98 96.03 5.97
CA ILE F 4901 -32.29 96.67 5.87
C ILE F 4901 -32.78 97.13 7.23
N GLU F 4902 -33.82 97.97 7.22
CA GLU F 4902 -34.18 98.79 8.37
C GLU F 4902 -34.84 97.97 9.48
N ASP F 4903 -34.56 98.37 10.72
CA ASP F 4903 -35.04 97.63 11.88
C ASP F 4903 -36.57 97.53 11.86
N PRO F 4904 -37.14 96.33 12.01
CA PRO F 4904 -38.61 96.20 12.01
C PRO F 4904 -39.27 96.45 13.36
N ALA F 4905 -38.53 96.92 14.36
CA ALA F 4905 -39.11 97.04 15.69
C ALA F 4905 -40.35 97.92 15.66
N GLY F 4906 -41.36 97.51 16.41
CA GLY F 4906 -42.61 98.24 16.46
C GLY F 4906 -43.37 98.25 15.15
N ASP F 4907 -43.47 97.09 14.50
CA ASP F 4907 -44.18 96.96 13.24
C ASP F 4907 -45.07 95.73 13.27
N GLU F 4908 -46.14 95.78 12.50
CA GLU F 4908 -47.11 94.68 12.45
C GLU F 4908 -46.51 93.42 11.84
N TYR F 4909 -45.45 93.54 11.05
CA TYR F 4909 -44.81 92.40 10.40
C TYR F 4909 -43.46 92.07 11.04
N GLU F 4910 -43.27 92.46 12.30
CA GLU F 4910 -41.98 92.27 12.96
C GLU F 4910 -41.60 90.79 13.04
N LEU F 4911 -42.54 89.96 13.49
CA LEU F 4911 -42.25 88.54 13.64
C LEU F 4911 -42.01 87.88 12.28
N TYR F 4912 -42.81 88.26 11.30
CA TYR F 4912 -42.61 87.73 9.95
C TYR F 4912 -41.21 88.06 9.46
N ARG F 4913 -40.77 89.31 9.67
CA ARG F 4913 -39.46 89.69 9.15
C ARG F 4913 -38.33 89.05 9.93
N VAL F 4914 -38.49 88.87 11.24
CA VAL F 4914 -37.41 88.21 11.98
C VAL F 4914 -37.28 86.77 11.54
N VAL F 4915 -38.40 86.10 11.29
CA VAL F 4915 -38.33 84.76 10.69
C VAL F 4915 -37.63 84.83 9.35
N PHE F 4916 -38.02 85.79 8.52
CA PHE F 4916 -37.41 85.97 7.20
C PHE F 4916 -35.90 86.08 7.30
N ASP F 4917 -35.42 86.98 8.17
CA ASP F 4917 -33.99 87.25 8.27
C ASP F 4917 -33.23 86.07 8.86
N ILE F 4918 -33.77 85.48 9.93
CA ILE F 4918 -33.07 84.37 10.58
C ILE F 4918 -32.99 83.17 9.64
N THR F 4919 -34.08 82.88 8.93
CA THR F 4919 -34.05 81.78 7.97
C THR F 4919 -33.08 82.06 6.84
N PHE F 4920 -33.05 83.30 6.34
CA PHE F 4920 -32.05 83.66 5.34
C PHE F 4920 -30.65 83.39 5.85
N PHE F 4921 -30.37 83.86 7.07
CA PHE F 4921 -29.05 83.69 7.68
C PHE F 4921 -28.67 82.22 7.75
N PHE F 4922 -29.56 81.40 8.28
CA PHE F 4922 -29.23 80.00 8.52
C PHE F 4922 -29.10 79.23 7.19
N PHE F 4923 -30.07 79.39 6.30
CA PHE F 4923 -30.06 78.60 5.07
C PHE F 4923 -28.94 79.03 4.13
N VAL F 4924 -28.77 80.34 3.95
CA VAL F 4924 -27.85 80.84 2.95
C VAL F 4924 -26.44 80.94 3.51
N ILE F 4925 -26.27 81.78 4.54
CA ILE F 4925 -24.94 82.11 5.01
C ILE F 4925 -24.27 80.90 5.65
N VAL F 4926 -25.00 80.16 6.49
CA VAL F 4926 -24.42 79.07 7.25
C VAL F 4926 -24.28 77.84 6.37
N ILE F 4927 -25.42 77.33 5.88
CA ILE F 4927 -25.44 75.99 5.29
C ILE F 4927 -24.74 75.99 3.94
N LEU F 4928 -25.21 76.81 3.01
CA LEU F 4928 -24.70 76.73 1.64
C LEU F 4928 -23.21 76.99 1.60
N LEU F 4929 -22.76 78.04 2.26
CA LEU F 4929 -21.33 78.21 2.40
C LEU F 4929 -20.72 76.96 2.99
N ALA F 4930 -21.26 76.49 4.13
CA ALA F 4930 -20.74 75.28 4.75
C ALA F 4930 -20.70 74.13 3.77
N ILE F 4931 -21.66 74.06 2.86
CA ILE F 4931 -21.63 73.03 1.82
C ILE F 4931 -20.39 73.20 0.94
N ILE F 4932 -20.08 74.45 0.58
CA ILE F 4932 -18.89 74.70 -0.23
C ILE F 4932 -17.63 74.24 0.51
N GLN F 4933 -17.50 74.66 1.77
CA GLN F 4933 -16.29 74.30 2.53
C GLN F 4933 -16.20 72.79 2.70
N GLY F 4934 -17.33 72.13 2.95
CA GLY F 4934 -17.31 70.69 3.11
C GLY F 4934 -16.96 69.97 1.82
N LEU F 4935 -17.40 70.51 0.69
CA LEU F 4935 -17.02 69.92 -0.59
C LEU F 4935 -15.51 69.99 -0.78
N ILE F 4936 -14.92 71.14 -0.47
CA ILE F 4936 -13.46 71.27 -0.61
C ILE F 4936 -12.75 70.30 0.35
N ILE F 4937 -13.23 70.23 1.59
CA ILE F 4937 -12.63 69.34 2.58
C ILE F 4937 -12.72 67.89 2.10
N ASP F 4938 -13.87 67.50 1.58
CA ASP F 4938 -14.05 66.13 1.11
C ASP F 4938 -13.14 65.84 -0.08
N ALA F 4939 -12.93 66.84 -0.95
CA ALA F 4939 -12.00 66.65 -2.05
C ALA F 4939 -10.60 66.38 -1.55
N PHE F 4940 -10.17 67.10 -0.51
CA PHE F 4940 -8.86 66.82 0.07
C PHE F 4940 -8.75 65.36 0.49
N GLY F 4941 -9.73 64.88 1.26
CA GLY F 4941 -9.67 63.51 1.75
C GLY F 4941 -9.74 62.49 0.62
N GLU F 4942 -10.53 62.80 -0.40
CA GLU F 4942 -10.64 61.88 -1.54
C GLU F 4942 -9.30 61.74 -2.26
N LEU F 4943 -8.63 62.86 -2.51
CA LEU F 4943 -7.32 62.78 -3.15
C LEU F 4943 -6.32 62.04 -2.28
N ARG F 4944 -6.33 62.34 -0.97
CA ARG F 4944 -5.42 61.66 -0.06
C ARG F 4944 -5.64 60.15 -0.09
N ASP F 4945 -6.90 59.72 -0.02
CA ASP F 4945 -7.16 58.30 0.05
C ASP F 4945 -6.89 57.63 -1.29
N GLN F 4946 -7.01 58.38 -2.40
CA GLN F 4946 -6.58 57.84 -3.68
C GLN F 4946 -5.09 57.52 -3.67
N GLN F 4947 -4.27 58.50 -3.26
CA GLN F 4947 -2.83 58.23 -3.22
C GLN F 4947 -2.51 57.08 -2.27
N GLU F 4948 -3.14 57.08 -1.10
CA GLU F 4948 -2.87 56.03 -0.13
C GLU F 4948 -3.25 54.67 -0.66
N GLN F 4949 -4.39 54.59 -1.37
CA GLN F 4949 -4.82 53.31 -1.94
C GLN F 4949 -3.89 52.84 -3.04
N VAL F 4950 -3.43 53.75 -3.87
CA VAL F 4950 -2.48 53.35 -4.88
C VAL F 4950 -1.24 52.76 -4.22
N LYS F 4951 -0.72 53.45 -3.20
CA LYS F 4951 0.51 52.99 -2.58
C LYS F 4951 0.30 51.63 -1.91
N GLU F 4952 -0.81 51.45 -1.19
CA GLU F 4952 -1.13 50.18 -0.54
C GLU F 4952 -1.29 49.06 -1.56
N ASP F 4953 -1.98 49.31 -2.67
CA ASP F 4953 -2.12 48.26 -3.66
C ASP F 4953 -0.76 47.85 -4.22
N MET F 4954 0.09 48.83 -4.51
CA MET F 4954 1.40 48.49 -5.07
C MET F 4954 2.27 47.75 -4.05
N GLU F 4955 2.14 48.08 -2.76
CA GLU F 4955 2.95 47.42 -1.74
C GLU F 4955 2.40 46.07 -1.33
N THR F 4956 1.11 45.82 -1.55
CA THR F 4956 0.50 44.57 -1.09
C THR F 4956 0.45 43.53 -2.20
N LYS F 4957 0.27 43.95 -3.44
CA LYS F 4957 0.05 43.02 -4.54
C LYS F 4957 1.01 43.30 -5.68
N CYS F 4958 1.27 42.28 -6.48
CA CYS F 4958 2.07 42.46 -7.68
C CYS F 4958 1.20 43.06 -8.78
N PHE F 4959 1.77 44.03 -9.49
CA PHE F 4959 1.06 44.69 -10.57
C PHE F 4959 0.66 43.69 -11.65
N ILE F 4960 1.46 42.64 -11.83
CA ILE F 4960 1.24 41.68 -12.90
C ILE F 4960 0.29 40.56 -12.46
N CYS F 4961 0.72 39.77 -11.48
CA CYS F 4961 -0.03 38.55 -11.16
C CYS F 4961 -1.21 38.84 -10.24
N GLY F 4962 -1.12 39.87 -9.41
CA GLY F 4962 -2.17 40.17 -8.47
C GLY F 4962 -2.10 39.38 -7.18
N ILE F 4963 -1.13 38.48 -7.04
CA ILE F 4963 -1.00 37.71 -5.80
C ILE F 4963 -0.53 38.63 -4.68
N GLY F 4964 -1.05 38.37 -3.48
CA GLY F 4964 -0.77 39.24 -2.36
C GLY F 4964 0.63 39.10 -1.82
N SER F 4965 1.03 40.11 -1.04
CA SER F 4965 2.37 40.12 -0.49
C SER F 4965 2.58 39.01 0.53
N ASP F 4966 1.49 38.53 1.15
CA ASP F 4966 1.62 37.53 2.20
C ASP F 4966 2.19 36.22 1.68
N TYR F 4967 1.64 35.72 0.56
CA TYR F 4967 2.13 34.48 -0.02
C TYR F 4967 3.63 34.57 -0.27
N PHE F 4968 4.06 35.67 -0.89
CA PHE F 4968 5.48 35.82 -1.22
C PHE F 4968 6.32 35.96 0.04
N ASP F 4969 5.83 36.73 1.02
CA ASP F 4969 6.57 36.95 2.25
C ASP F 4969 6.64 35.69 3.11
N THR F 4970 5.87 34.66 2.77
CA THR F 4970 6.14 33.34 3.36
C THR F 4970 7.62 33.01 3.22
N THR F 4971 8.20 33.29 2.06
CA THR F 4971 9.64 33.33 1.90
C THR F 4971 10.16 34.72 2.27
N PRO F 4972 11.28 34.81 3.01
CA PRO F 4972 11.80 36.13 3.38
C PRO F 4972 12.08 37.00 2.16
N HIS F 4973 11.67 38.27 2.26
CA HIS F 4973 11.82 39.24 1.18
C HIS F 4973 11.18 38.75 -0.11
N GLY F 4974 10.19 37.88 0.01
CA GLY F 4974 9.63 37.24 -1.17
C GLY F 4974 8.96 38.23 -2.10
N PHE F 4975 8.18 39.17 -1.55
CA PHE F 4975 7.48 40.12 -2.41
C PHE F 4975 8.47 41.04 -3.11
N GLU F 4976 9.52 41.48 -2.40
CA GLU F 4976 10.55 42.28 -3.04
C GLU F 4976 11.21 41.53 -4.18
N THR F 4977 11.57 40.26 -3.95
CA THR F 4977 12.18 39.48 -5.02
C THR F 4977 11.21 39.29 -6.17
N HIS F 4978 9.92 39.10 -5.87
CA HIS F 4978 8.93 38.90 -6.92
C HIS F 4978 8.78 40.14 -7.78
N THR F 4979 8.73 41.31 -7.16
CA THR F 4979 8.48 42.55 -7.86
C THR F 4979 9.73 43.14 -8.51
N LEU F 4980 10.92 42.68 -8.13
CA LEU F 4980 12.15 43.14 -8.75
C LEU F 4980 12.70 42.17 -9.77
N GLU F 4981 12.66 40.87 -9.47
CA GLU F 4981 13.22 39.85 -10.33
C GLU F 4981 12.15 39.15 -11.16
N GLU F 4982 11.20 38.50 -10.48
CA GLU F 4982 10.29 37.59 -11.17
C GLU F 4982 9.28 38.33 -12.04
N HIS F 4983 8.60 39.31 -11.48
CA HIS F 4983 7.50 39.99 -12.16
C HIS F 4983 7.71 41.49 -12.20
N ASN F 4984 8.91 41.93 -12.56
CA ASN F 4984 9.15 43.34 -12.76
C ASN F 4984 8.59 43.78 -14.11
N LEU F 4985 7.76 44.83 -14.08
CA LEU F 4985 7.14 45.33 -15.30
C LEU F 4985 8.16 45.97 -16.22
N ALA F 4986 9.20 46.59 -15.66
CA ALA F 4986 10.26 47.13 -16.49
C ALA F 4986 10.90 46.04 -17.32
N ASN F 4987 11.01 44.83 -16.76
CA ASN F 4987 11.58 43.72 -17.51
C ASN F 4987 10.66 43.28 -18.65
N TYR F 4988 9.35 43.33 -18.44
CA TYR F 4988 8.42 43.05 -19.54
C TYR F 4988 8.57 44.07 -20.65
N MET F 4989 8.68 45.34 -20.30
CA MET F 4989 8.90 46.37 -21.30
C MET F 4989 10.20 46.14 -22.06
N PHE F 4990 11.28 45.85 -21.32
CA PHE F 4990 12.55 45.56 -21.96
C PHE F 4990 12.45 44.35 -22.88
N PHE F 4991 11.68 43.34 -22.47
CA PHE F 4991 11.47 42.18 -23.31
C PHE F 4991 10.78 42.55 -24.60
N LEU F 4992 9.77 43.42 -24.52
CA LEU F 4992 9.10 43.86 -25.74
C LEU F 4992 10.08 44.58 -26.67
N MET F 4993 10.92 45.46 -26.12
CA MET F 4993 11.91 46.13 -26.96
C MET F 4993 12.89 45.13 -27.57
N TYR F 4994 13.30 44.15 -26.77
CA TYR F 4994 14.23 43.12 -27.22
C TYR F 4994 13.65 42.30 -28.35
N LEU F 4995 12.37 41.95 -28.25
CA LEU F 4995 11.70 41.24 -29.35
C LEU F 4995 11.61 42.11 -30.59
N ILE F 4996 11.27 43.38 -30.43
CA ILE F 4996 11.14 44.26 -31.59
C ILE F 4996 12.47 44.35 -32.32
N ASN F 4997 13.56 44.51 -31.57
CA ASN F 4997 14.87 44.69 -32.20
C ASN F 4997 15.39 43.37 -32.77
N LYS F 4998 15.07 42.25 -32.13
CA LYS F 4998 15.60 40.97 -32.55
C LYS F 4998 14.94 40.50 -33.84
N ASP F 4999 15.72 39.80 -34.67
CA ASP F 4999 15.19 39.20 -35.88
C ASP F 4999 14.29 38.01 -35.54
N GLU F 5000 13.26 37.81 -36.35
CA GLU F 5000 12.30 36.75 -36.09
C GLU F 5000 12.94 35.38 -36.19
N THR F 5001 13.84 35.16 -37.15
CA THR F 5001 14.46 33.86 -37.29
C THR F 5001 15.26 33.49 -36.05
N GLU F 5002 15.84 34.50 -35.38
CA GLU F 5002 16.61 34.24 -34.19
C GLU F 5002 15.72 33.99 -32.98
N HIS F 5003 14.43 34.35 -33.08
CA HIS F 5003 13.52 34.19 -31.95
C HIS F 5003 13.49 32.73 -31.49
N THR F 5004 13.51 32.56 -30.18
CA THR F 5004 13.30 31.25 -29.59
C THR F 5004 11.82 30.89 -29.63
N GLY F 5005 11.50 29.71 -29.10
CA GLY F 5005 10.11 29.31 -29.04
C GLY F 5005 9.28 30.22 -28.16
N GLN F 5006 9.80 30.54 -26.98
CA GLN F 5006 9.09 31.45 -26.08
C GLN F 5006 8.93 32.82 -26.70
N GLU F 5007 10.00 33.33 -27.30
CA GLU F 5007 9.96 34.66 -27.90
C GLU F 5007 8.96 34.70 -29.05
N SER F 5008 8.94 33.67 -29.88
CA SER F 5008 7.99 33.62 -30.99
C SER F 5008 6.56 33.53 -30.48
N TYR F 5009 6.34 32.71 -29.45
CA TYR F 5009 5.02 32.60 -28.84
C TYR F 5009 4.52 33.96 -28.37
N VAL F 5010 5.35 34.64 -27.57
CA VAL F 5010 4.93 35.93 -27.02
C VAL F 5010 4.78 36.96 -28.13
N TRP F 5011 5.66 36.92 -29.14
CA TRP F 5011 5.59 37.86 -30.24
C TRP F 5011 4.31 37.70 -31.03
N LYS F 5012 3.95 36.46 -31.34
CA LYS F 5012 2.71 36.21 -32.07
C LYS F 5012 1.50 36.64 -31.26
N MET F 5013 1.50 36.36 -29.95
CA MET F 5013 0.39 36.78 -29.12
C MET F 5013 0.31 38.30 -29.02
N TYR F 5014 1.46 38.98 -28.99
CA TYR F 5014 1.47 40.43 -28.99
C TYR F 5014 0.90 40.99 -30.28
N GLN F 5015 1.29 40.40 -31.41
CA GLN F 5015 0.75 40.86 -32.70
C GLN F 5015 -0.75 40.63 -32.77
N GLU F 5016 -1.21 39.49 -32.26
CA GLU F 5016 -2.65 39.22 -32.21
C GLU F 5016 -3.34 40.04 -31.13
N ARG F 5017 -2.56 40.70 -30.27
CA ARG F 5017 -3.08 41.50 -29.19
C ARG F 5017 -3.82 40.64 -28.18
N CYS F 5018 -3.30 39.43 -27.95
CA CYS F 5018 -3.77 38.55 -26.88
C CYS F 5018 -2.77 38.61 -25.73
N TRP F 5019 -3.28 38.90 -24.54
CA TRP F 5019 -2.45 39.11 -23.35
C TRP F 5019 -2.53 37.93 -22.39
N ASP F 5020 -2.79 36.73 -22.92
CA ASP F 5020 -2.94 35.56 -22.06
C ASP F 5020 -1.60 35.09 -21.51
N PHE F 5021 -0.49 35.47 -22.15
CA PHE F 5021 0.81 35.01 -21.70
C PHE F 5021 1.22 35.67 -20.39
N PHE F 5022 0.62 36.81 -20.09
CA PHE F 5022 0.87 37.46 -18.80
C PHE F 5022 0.39 36.55 -17.67
N PRO F 5023 1.23 36.23 -16.69
CA PRO F 5023 0.79 35.35 -15.60
C PRO F 5023 -0.18 36.08 -14.69
N ALA F 5024 -1.39 35.53 -14.56
CA ALA F 5024 -2.42 36.07 -13.70
C ALA F 5024 -2.85 35.00 -12.71
N GLY F 5025 -2.71 35.30 -11.42
CA GLY F 5025 -3.08 34.36 -10.39
C GLY F 5025 -2.12 33.20 -10.20
N ASP F 5026 -1.03 33.16 -10.95
CA ASP F 5026 -0.08 32.07 -10.87
C ASP F 5026 1.34 32.63 -10.95
N CYS F 5027 2.29 31.84 -10.46
CA CYS F 5027 3.68 32.22 -10.47
C CYS F 5027 4.54 30.96 -10.49
N PHE F 5028 5.80 31.14 -10.84
CA PHE F 5028 6.75 30.02 -10.86
C PHE F 5028 6.83 29.36 -9.49
N ARG F 5029 6.92 30.18 -8.44
CA ARG F 5029 6.98 29.65 -7.08
C ARG F 5029 5.75 28.80 -6.75
N LYS F 5030 4.57 29.35 -7.02
CA LYS F 5030 3.33 28.64 -6.71
C LYS F 5030 3.24 27.34 -7.51
N GLN F 5031 3.61 27.40 -8.78
CA GLN F 5031 3.53 26.20 -9.62
C GLN F 5031 4.46 25.11 -9.10
N TYR F 5032 5.69 25.47 -8.74
CA TYR F 5032 6.69 24.50 -8.32
C TYR F 5032 6.88 24.54 -6.81
N GLU F 5033 5.79 24.81 -6.09
CA GLU F 5033 5.87 24.97 -4.64
C GLU F 5033 6.48 23.73 -3.98
N ASP F 5034 5.95 22.55 -4.28
CA ASP F 5034 6.43 21.33 -3.63
C ASP F 5034 7.84 20.97 -4.09
N GLN F 5035 8.12 21.12 -5.39
CA GLN F 5035 9.45 20.79 -5.89
C GLN F 5035 10.49 21.77 -5.39
N LEU F 5036 10.15 23.07 -5.37
CA LEU F 5036 11.07 24.06 -4.83
C LEU F 5036 11.32 23.82 -3.35
N SER F 5037 10.32 23.25 -2.66
CA SER F 5037 10.46 22.79 -1.27
C SER F 5037 9.62 21.58 -0.93
N GLU G 10 18.57 -3.09 19.69
CA GLU G 10 19.03 -2.94 21.06
C GLU G 10 19.31 -4.31 21.66
N VAL G 11 20.13 -4.34 22.71
CA VAL G 11 20.47 -5.58 23.42
C VAL G 11 19.96 -5.46 24.84
N GLN G 12 19.26 -6.50 25.30
CA GLN G 12 18.61 -6.44 26.60
C GLN G 12 19.63 -6.33 27.72
N PHE G 13 19.30 -5.53 28.73
CA PHE G 13 20.14 -5.33 29.90
C PHE G 13 19.44 -5.91 31.12
N LEU G 14 20.15 -6.72 31.89
CA LEU G 14 19.60 -7.23 33.14
C LEU G 14 19.39 -6.08 34.11
N ARG G 15 18.23 -6.08 34.76
CA ARG G 15 17.88 -5.06 35.74
C ARG G 15 17.36 -5.73 37.00
N THR G 16 17.20 -4.92 38.04
CA THR G 16 16.64 -5.41 39.29
C THR G 16 15.16 -5.72 39.13
N ASP G 17 14.65 -6.52 40.08
CA ASP G 17 13.28 -7.00 40.11
C ASP G 17 13.01 -7.97 38.97
N ASP G 18 14.04 -8.38 38.25
CA ASP G 18 13.91 -9.38 37.19
C ASP G 18 14.25 -10.76 37.74
N GLU G 19 13.60 -11.77 37.18
CA GLU G 19 13.88 -13.15 37.54
C GLU G 19 14.86 -13.74 36.54
N VAL G 20 15.86 -14.45 37.06
CA VAL G 20 16.89 -15.05 36.23
C VAL G 20 17.18 -16.46 36.74
N VAL G 21 17.72 -17.27 35.85
CA VAL G 21 18.24 -18.59 36.20
C VAL G 21 19.72 -18.62 35.85
N LEU G 22 20.51 -19.20 36.75
CA LEU G 22 21.94 -19.33 36.55
C LEU G 22 22.24 -20.67 35.91
N GLN G 23 22.79 -20.62 34.71
CA GLN G 23 23.09 -21.82 33.92
C GLN G 23 24.59 -22.01 33.79
N CYS G 24 25.01 -23.25 33.93
CA CYS G 24 26.36 -23.69 33.66
C CYS G 24 26.34 -24.80 32.62
N SER G 25 27.48 -24.99 31.98
CA SER G 25 27.63 -25.99 30.92
C SER G 25 28.66 -27.03 31.35
N ALA G 26 28.32 -28.29 31.16
CA ALA G 26 29.20 -29.39 31.53
C ALA G 26 29.25 -30.40 30.40
N THR G 27 30.46 -30.85 30.07
CA THR G 27 30.65 -31.83 29.01
C THR G 27 30.70 -33.22 29.61
N VAL G 28 29.70 -34.04 29.28
CA VAL G 28 29.62 -35.42 29.73
C VAL G 28 29.33 -36.30 28.53
N LEU G 29 30.12 -37.35 28.35
CA LEU G 29 29.98 -38.25 27.22
C LEU G 29 30.07 -37.48 25.90
N LYS G 30 30.94 -36.47 25.88
CA LYS G 30 31.13 -35.63 24.70
C LYS G 30 29.83 -34.96 24.28
N GLU G 31 28.91 -34.82 25.23
CA GLU G 31 27.60 -34.22 25.00
C GLU G 31 27.43 -33.07 25.98
N GLN G 32 27.59 -31.84 25.50
CA GLN G 32 27.43 -30.69 26.36
C GLN G 32 26.02 -30.65 26.95
N LEU G 33 25.92 -30.26 28.21
CA LEU G 33 24.68 -30.32 28.96
C LEU G 33 24.54 -29.04 29.77
N LYS G 34 23.35 -28.45 29.72
CA LYS G 34 23.06 -27.22 30.44
C LYS G 34 22.37 -27.53 31.76
N LEU G 35 22.85 -26.92 32.82
CA LEU G 35 22.34 -27.15 34.17
C LEU G 35 21.97 -25.82 34.81
N CYS G 36 20.83 -25.81 35.49
CA CYS G 36 20.34 -24.63 36.18
C CYS G 36 20.50 -24.82 37.68
N LEU G 37 20.95 -23.77 38.35
CA LEU G 37 21.04 -23.81 39.81
C LEU G 37 19.66 -23.92 40.42
N ALA G 38 19.53 -24.75 41.46
CA ALA G 38 18.25 -25.03 42.07
C ALA G 38 18.41 -25.20 43.56
N ALA G 39 17.36 -24.88 44.31
CA ALA G 39 17.30 -25.09 45.74
C ALA G 39 15.86 -25.11 46.20
N GLU G 40 15.49 -26.13 46.97
CA GLU G 40 14.13 -26.20 47.49
C GLU G 40 13.90 -25.17 48.58
N GLY G 41 14.81 -25.10 49.55
CA GLY G 41 14.73 -24.13 50.61
C GLY G 41 14.13 -24.68 51.89
N PHE G 42 13.05 -25.45 51.75
CA PHE G 42 12.38 -26.06 52.90
C PHE G 42 12.78 -27.53 52.98
N GLY G 43 13.30 -27.93 54.13
CA GLY G 43 13.85 -29.26 54.31
C GLY G 43 15.26 -29.42 53.78
N ASN G 44 15.68 -28.57 52.85
CA ASN G 44 17.03 -28.59 52.32
C ASN G 44 17.39 -27.20 51.83
N ARG G 45 18.56 -26.73 52.24
CA ARG G 45 19.05 -25.42 51.85
C ARG G 45 20.12 -25.46 50.79
N LEU G 46 20.74 -26.62 50.58
CA LEU G 46 21.86 -26.74 49.67
C LEU G 46 21.40 -26.62 48.24
N CYS G 47 22.25 -26.03 47.41
CA CYS G 47 21.96 -25.87 46.01
C CYS G 47 22.46 -27.06 45.22
N PHE G 48 21.70 -27.44 44.21
CA PHE G 48 22.04 -28.52 43.32
C PHE G 48 21.80 -28.04 41.89
N LEU G 49 21.91 -28.97 40.94
CA LEU G 49 21.86 -28.65 39.52
C LEU G 49 20.77 -29.47 38.86
N GLU G 50 19.91 -28.80 38.09
CA GLU G 50 18.82 -29.45 37.38
C GLU G 50 19.08 -29.35 35.89
N PRO G 51 19.09 -30.46 35.14
CA PRO G 51 19.42 -30.38 33.71
C PRO G 51 18.26 -29.82 32.90
N THR G 52 18.57 -28.88 32.02
CA THR G 52 17.58 -28.20 31.18
C THR G 52 17.67 -28.61 29.72
N SER G 53 18.55 -29.54 29.36
CA SER G 53 18.79 -29.84 27.95
C SER G 53 17.70 -30.74 27.38
N ASN G 54 17.42 -31.86 28.05
CA ASN G 54 16.47 -32.80 27.50
C ASN G 54 15.10 -32.17 27.34
N ALA G 55 14.66 -31.41 28.36
CA ALA G 55 13.38 -30.69 28.34
C ALA G 55 12.30 -31.36 27.47
N GLN G 56 12.59 -31.56 26.16
CA GLN G 56 11.52 -32.02 25.28
C GLN G 56 11.00 -33.37 25.84
N ASN G 57 11.88 -34.28 26.19
CA ASN G 57 11.49 -35.59 26.66
C ASN G 57 11.21 -35.61 28.16
N VAL G 58 11.79 -34.66 28.91
CA VAL G 58 11.60 -34.60 30.36
C VAL G 58 11.57 -33.14 30.80
N PRO G 59 10.43 -32.61 31.24
CA PRO G 59 10.38 -31.23 31.68
C PRO G 59 11.25 -30.99 32.89
N PRO G 60 11.91 -29.84 32.99
CA PRO G 60 12.70 -29.53 34.18
C PRO G 60 11.88 -28.80 35.24
N ASP G 61 12.38 -28.88 36.48
CA ASP G 61 11.76 -28.21 37.62
C ASP G 61 12.36 -26.82 37.75
N LEU G 62 11.82 -25.90 36.95
CA LEU G 62 12.41 -24.57 36.81
C LEU G 62 12.02 -23.65 37.96
N ALA G 63 10.90 -23.94 38.63
CA ALA G 63 10.38 -23.03 39.64
C ALA G 63 11.37 -22.83 40.77
N ILE G 64 11.99 -23.92 41.24
CA ILE G 64 12.94 -23.85 42.34
C ILE G 64 14.29 -23.40 41.82
N CYS G 65 14.39 -23.18 40.51
CA CYS G 65 15.61 -22.67 39.90
C CYS G 65 15.56 -21.16 39.67
N CYS G 66 14.37 -20.58 39.57
CA CYS G 66 14.25 -19.15 39.32
C CYS G 66 14.72 -18.35 40.52
N PHE G 67 15.47 -17.28 40.24
CA PHE G 67 15.93 -16.33 41.25
C PHE G 67 15.60 -14.93 40.79
N THR G 68 15.24 -14.06 41.73
CA THR G 68 14.96 -12.66 41.43
C THR G 68 16.06 -11.79 42.01
N LEU G 69 16.48 -10.79 41.24
CA LEU G 69 17.49 -9.84 41.69
C LEU G 69 16.82 -8.73 42.49
N GLU G 70 17.28 -8.53 43.73
CA GLU G 70 16.76 -7.44 44.54
C GLU G 70 17.63 -6.18 44.44
N GLN G 71 18.91 -6.31 44.74
CA GLN G 71 19.80 -5.16 44.85
C GLN G 71 21.06 -5.41 44.06
N SER G 72 21.55 -4.35 43.40
CA SER G 72 22.84 -4.36 42.71
C SER G 72 23.59 -3.11 43.17
N LEU G 73 24.55 -3.30 44.07
CA LEU G 73 25.26 -2.18 44.69
C LEU G 73 26.76 -2.36 44.53
N SER G 74 27.47 -1.23 44.51
CA SER G 74 28.91 -1.27 44.52
C SER G 74 29.42 -1.74 45.87
N VAL G 75 30.69 -2.17 45.88
CA VAL G 75 31.28 -2.72 47.10
C VAL G 75 31.22 -1.71 48.23
N ARG G 76 31.50 -0.43 47.92
CA ARG G 76 31.54 0.58 48.96
C ARG G 76 30.17 0.83 49.55
N ALA G 77 29.14 0.93 48.70
CA ALA G 77 27.78 1.10 49.20
C ALA G 77 27.36 -0.10 50.04
N LEU G 78 27.72 -1.30 49.59
CA LEU G 78 27.45 -2.49 50.38
C LEU G 78 28.12 -2.40 51.74
N GLN G 79 29.36 -1.91 51.78
CA GLN G 79 30.08 -1.78 53.03
C GLN G 79 29.37 -0.82 53.97
N GLU G 80 28.97 0.35 53.45
CA GLU G 80 28.27 1.32 54.30
C GLU G 80 26.96 0.73 54.83
N MET G 81 26.20 0.07 53.96
CA MET G 81 24.91 -0.49 54.38
C MET G 81 25.11 -1.56 55.45
N LEU G 82 26.11 -2.42 55.26
CA LEU G 82 26.39 -3.44 56.27
C LEU G 82 26.82 -2.82 57.58
N ALA G 83 27.64 -1.75 57.52
CA ALA G 83 28.03 -1.06 58.74
C ALA G 83 26.82 -0.49 59.45
N ASN G 84 25.87 0.06 58.70
CA ASN G 84 24.66 0.62 59.29
C ASN G 84 23.60 -0.47 59.47
N HIS G 98 13.90 0.77 38.78
CA HIS G 98 14.82 -0.36 38.72
C HIS G 98 16.24 0.10 38.37
N ARG G 99 17.20 -0.80 38.57
CA ARG G 99 18.61 -0.47 38.39
C ARG G 99 19.27 -1.50 37.49
N THR G 100 20.00 -1.02 36.49
CA THR G 100 20.74 -1.91 35.62
C THR G 100 21.95 -2.48 36.34
N LEU G 101 22.29 -3.72 36.02
CA LEU G 101 23.48 -4.35 36.61
C LEU G 101 24.73 -3.86 35.90
N LEU G 102 25.77 -3.60 36.68
CA LEU G 102 27.08 -3.23 36.16
C LEU G 102 28.12 -4.21 36.66
N TYR G 103 29.01 -4.63 35.78
CA TYR G 103 30.10 -5.51 36.17
C TYR G 103 30.90 -4.87 37.30
N GLY G 104 31.26 -5.68 38.30
CA GLY G 104 31.94 -5.21 39.47
C GLY G 104 31.03 -4.91 40.65
N HIS G 105 29.72 -4.84 40.41
CA HIS G 105 28.76 -4.60 41.47
C HIS G 105 28.51 -5.88 42.26
N ALA G 106 27.86 -5.72 43.41
CA ALA G 106 27.45 -6.83 44.24
C ALA G 106 25.94 -6.96 44.20
N ILE G 107 25.45 -8.17 44.00
CA ILE G 107 24.04 -8.42 43.76
C ILE G 107 23.48 -9.31 44.85
N LEU G 108 22.17 -9.18 45.08
CA LEU G 108 21.45 -9.99 46.04
C LEU G 108 20.39 -10.79 45.30
N LEU G 109 20.42 -12.10 45.47
CA LEU G 109 19.57 -13.04 44.74
C LEU G 109 18.62 -13.72 45.72
N ARG G 110 17.33 -13.65 45.41
CA ARG G 110 16.28 -14.22 46.25
C ARG G 110 15.60 -15.36 45.52
N HIS G 111 15.50 -16.49 46.20
CA HIS G 111 14.74 -17.63 45.70
C HIS G 111 13.26 -17.27 45.64
N ALA G 112 12.66 -17.40 44.47
CA ALA G 112 11.27 -16.98 44.30
C ALA G 112 10.32 -17.80 45.15
N HIS G 113 10.49 -19.12 45.17
CA HIS G 113 9.56 -19.99 45.88
C HIS G 113 9.67 -19.81 47.38
N SER G 114 10.89 -19.85 47.92
CA SER G 114 11.10 -19.84 49.36
C SER G 114 11.31 -18.44 49.93
N ARG G 115 11.58 -17.45 49.08
CA ARG G 115 11.85 -16.09 49.54
C ARG G 115 13.04 -16.07 50.50
N MET G 116 13.97 -16.99 50.30
CA MET G 116 15.26 -16.98 50.98
C MET G 116 16.29 -16.34 50.05
N TYR G 117 17.53 -16.31 50.51
CA TYR G 117 18.58 -15.59 49.81
C TYR G 117 19.77 -16.51 49.55
N LEU G 118 20.28 -16.47 48.32
CA LEU G 118 21.44 -17.28 47.98
C LEU G 118 22.65 -16.83 48.77
N SER G 119 23.41 -17.80 49.28
CA SER G 119 24.48 -17.50 50.22
C SER G 119 25.59 -18.53 50.09
N CYS G 120 26.76 -18.15 50.59
CA CYS G 120 27.91 -19.04 50.71
C CYS G 120 27.96 -19.57 52.14
N LEU G 121 27.74 -20.87 52.28
CA LEU G 121 27.65 -21.46 53.61
C LEU G 121 29.04 -21.78 54.16
N THR G 122 29.15 -21.69 55.48
CA THR G 122 30.41 -21.99 56.16
C THR G 122 30.76 -23.47 56.14
N THR G 123 29.81 -24.33 55.78
CA THR G 123 30.00 -25.76 55.85
C THR G 123 30.57 -26.29 54.54
N SER G 124 31.26 -27.43 54.63
CA SER G 124 31.86 -28.05 53.46
C SER G 124 31.84 -29.57 53.66
N ARG G 125 31.04 -30.24 52.84
CA ARG G 125 31.04 -31.70 52.78
C ARG G 125 31.83 -32.27 51.62
N SER G 126 32.42 -31.43 50.78
CA SER G 126 33.13 -31.93 49.61
C SER G 126 34.36 -32.72 50.06
N MET G 127 34.38 -34.01 49.70
CA MET G 127 35.56 -34.83 49.98
C MET G 127 36.71 -34.47 49.05
N THR G 128 36.38 -34.09 47.82
CA THR G 128 37.38 -33.73 46.82
C THR G 128 38.17 -32.49 47.25
N ASP G 129 37.46 -31.38 47.46
CA ASP G 129 38.08 -30.10 47.79
C ASP G 129 37.96 -29.85 49.29
N LYS G 130 39.10 -29.66 49.95
CA LYS G 130 39.10 -29.31 51.37
C LYS G 130 38.73 -27.85 51.58
N LEU G 131 39.15 -26.98 50.67
CA LEU G 131 39.00 -25.54 50.84
C LEU G 131 37.70 -25.00 50.28
N ALA G 132 36.83 -25.87 49.77
CA ALA G 132 35.57 -25.42 49.19
C ALA G 132 34.52 -25.26 50.27
N PHE G 133 33.51 -24.44 49.97
CA PHE G 133 32.39 -24.21 50.85
C PHE G 133 31.09 -24.58 50.15
N ASP G 134 30.13 -25.04 50.93
CA ASP G 134 28.82 -25.37 50.39
C ASP G 134 28.04 -24.09 50.08
N VAL G 135 27.23 -24.16 49.04
CA VAL G 135 26.41 -23.03 48.59
C VAL G 135 24.95 -23.39 48.80
N GLY G 136 24.21 -22.49 49.42
CA GLY G 136 22.82 -22.77 49.71
C GLY G 136 22.07 -21.50 50.05
N LEU G 137 20.86 -21.69 50.53
CA LEU G 137 19.95 -20.58 50.80
C LEU G 137 20.02 -20.18 52.27
N GLN G 138 19.80 -18.90 52.52
CA GLN G 138 19.78 -18.33 53.86
C GLN G 138 18.51 -17.51 54.04
N GLU G 139 17.93 -17.60 55.22
CA GLU G 139 16.64 -16.97 55.47
C GLU G 139 16.70 -15.45 55.38
N ASP G 140 17.76 -14.86 55.93
CA ASP G 140 17.87 -13.41 56.04
C ASP G 140 18.93 -12.89 55.09
N ALA G 141 18.63 -11.76 54.44
CA ALA G 141 19.59 -11.10 53.57
C ALA G 141 20.73 -10.46 54.35
N THR G 142 20.64 -10.43 55.67
CA THR G 142 21.68 -9.84 56.49
C THR G 142 23.00 -10.59 56.30
N GLY G 143 24.10 -9.84 56.35
CA GLY G 143 25.43 -10.41 56.27
C GLY G 143 26.00 -10.38 54.87
N GLU G 144 27.27 -10.77 54.80
CA GLU G 144 28.02 -10.70 53.55
C GLU G 144 27.78 -11.93 52.68
N ALA G 145 27.57 -13.09 53.31
CA ALA G 145 27.47 -14.33 52.56
C ALA G 145 26.42 -14.25 51.46
N CYS G 146 25.34 -13.50 51.71
CA CYS G 146 24.28 -13.39 50.73
C CYS G 146 24.74 -12.72 49.44
N TRP G 147 25.72 -11.83 49.52
CA TRP G 147 26.07 -10.98 48.39
C TRP G 147 27.13 -11.64 47.51
N TRP G 148 26.99 -11.42 46.21
CA TRP G 148 27.90 -11.95 45.21
C TRP G 148 28.28 -10.84 44.24
N THR G 149 29.50 -10.92 43.72
CA THR G 149 30.02 -9.95 42.77
C THR G 149 30.17 -10.61 41.41
N MET G 150 29.75 -9.88 40.37
CA MET G 150 29.80 -10.35 38.99
C MET G 150 31.04 -9.79 38.31
N HIS G 151 31.74 -10.63 37.58
CA HIS G 151 32.90 -10.23 36.81
C HIS G 151 32.83 -10.82 35.41
N PRO G 152 33.40 -10.14 34.42
CA PRO G 152 33.33 -10.65 33.04
C PRO G 152 34.19 -11.88 32.87
N ALA G 153 33.67 -12.86 32.14
CA ALA G 153 34.43 -14.07 31.87
C ALA G 153 35.50 -13.83 30.82
N SER G 154 35.30 -12.85 29.95
CA SER G 154 36.25 -12.51 28.90
C SER G 154 36.62 -11.04 29.00
N LYS G 155 37.74 -10.70 28.37
CA LYS G 155 38.19 -9.31 28.31
C LYS G 155 37.28 -8.44 27.45
N GLN G 156 36.47 -9.05 26.58
CA GLN G 156 35.49 -8.34 25.77
C GLN G 156 34.78 -7.30 26.62
N ARG G 157 34.13 -7.76 27.69
CA ARG G 157 33.44 -6.90 28.63
C ARG G 157 34.42 -6.39 29.67
N SER G 158 34.11 -5.22 30.22
CA SER G 158 34.99 -4.56 31.17
C SER G 158 34.17 -4.04 32.34
N GLU G 159 34.86 -3.77 33.44
CA GLU G 159 34.19 -3.30 34.64
C GLU G 159 33.49 -1.98 34.38
N GLY G 160 32.28 -1.85 34.91
CA GLY G 160 31.43 -0.71 34.66
C GLY G 160 30.47 -0.89 33.50
N GLU G 161 30.75 -1.86 32.62
CA GLU G 161 29.84 -2.13 31.52
C GLU G 161 28.58 -2.81 32.02
N LYS G 162 27.45 -2.43 31.42
CA LYS G 162 26.18 -3.03 31.80
C LYS G 162 26.16 -4.49 31.39
N VAL G 163 25.70 -5.34 32.30
CA VAL G 163 25.63 -6.78 32.03
C VAL G 163 24.52 -7.03 31.03
N ARG G 164 24.82 -7.83 30.00
CA ARG G 164 23.91 -8.09 28.91
C ARG G 164 23.56 -9.57 28.85
N VAL G 165 22.33 -9.85 28.42
CA VAL G 165 21.82 -11.20 28.37
C VAL G 165 22.74 -12.07 27.52
N GLY G 166 23.01 -13.27 28.01
CA GLY G 166 23.87 -14.21 27.33
C GLY G 166 25.30 -14.21 27.81
N ASP G 167 25.72 -13.19 28.54
CA ASP G 167 27.13 -13.00 28.87
C ASP G 167 27.57 -14.07 29.85
N ASP G 168 28.76 -14.63 29.61
CA ASP G 168 29.36 -15.52 30.59
C ASP G 168 29.88 -14.71 31.76
N LEU G 169 29.53 -15.14 32.97
CA LEU G 169 29.80 -14.37 34.17
C LEU G 169 30.59 -15.21 35.15
N ILE G 170 31.28 -14.50 36.05
CA ILE G 170 32.00 -15.12 37.16
C ILE G 170 31.44 -14.52 38.44
N LEU G 171 31.04 -15.39 39.37
CA LEU G 171 30.41 -14.97 40.60
C LEU G 171 31.36 -15.24 41.76
N VAL G 172 31.65 -14.22 42.55
CA VAL G 172 32.56 -14.32 43.67
C VAL G 172 31.82 -13.97 44.95
N SER G 173 31.95 -14.81 45.96
CA SER G 173 31.36 -14.52 47.26
C SER G 173 32.11 -13.38 47.92
N VAL G 174 31.35 -12.40 48.43
CA VAL G 174 31.97 -11.26 49.10
C VAL G 174 32.69 -11.72 50.36
N SER G 175 32.05 -12.57 51.15
CA SER G 175 32.62 -13.00 52.41
C SER G 175 33.79 -13.95 52.20
N SER G 176 33.62 -14.93 51.32
CA SER G 176 34.57 -16.03 51.19
C SER G 176 35.61 -15.81 50.10
N GLU G 177 35.40 -14.85 49.19
CA GLU G 177 36.33 -14.61 48.10
C GLU G 177 36.54 -15.87 47.27
N ARG G 178 35.46 -16.64 47.11
CA ARG G 178 35.50 -17.89 46.37
C ARG G 178 34.49 -17.82 45.24
N TYR G 179 34.82 -18.42 44.11
CA TYR G 179 33.93 -18.39 42.96
C TYR G 179 32.81 -19.39 43.13
N LEU G 180 31.70 -19.12 42.44
CA LEU G 180 30.69 -20.15 42.26
C LEU G 180 31.20 -21.16 41.23
N HIS G 181 31.24 -22.42 41.64
CA HIS G 181 31.99 -23.43 40.90
C HIS G 181 31.16 -24.69 40.74
N LEU G 182 31.32 -25.32 39.58
CA LEU G 182 30.69 -26.60 39.29
C LEU G 182 31.73 -27.70 39.47
N SER G 183 31.44 -28.65 40.35
CA SER G 183 32.36 -29.72 40.68
C SER G 183 32.03 -30.96 39.87
N THR G 184 32.99 -31.44 39.10
CA THR G 184 32.86 -32.67 38.33
C THR G 184 33.83 -33.75 38.79
N ALA G 185 34.58 -33.50 39.86
CA ALA G 185 35.55 -34.48 40.33
C ALA G 185 34.87 -35.79 40.69
N SER G 186 33.83 -35.74 41.52
CA SER G 186 32.99 -36.90 41.75
C SER G 186 32.16 -37.17 40.51
N GLY G 187 31.72 -38.42 40.36
CA GLY G 187 30.91 -38.77 39.21
C GLY G 187 29.67 -37.92 39.09
N GLU G 188 29.03 -37.63 40.21
CA GLU G 188 27.89 -36.73 40.22
C GLU G 188 28.36 -35.28 40.16
N LEU G 189 27.56 -34.44 39.51
CA LEU G 189 27.89 -33.02 39.39
C LEU G 189 27.35 -32.27 40.60
N GLN G 190 28.18 -31.40 41.16
CA GLN G 190 27.84 -30.64 42.35
C GLN G 190 28.23 -29.19 42.16
N VAL G 191 27.66 -28.34 43.02
CA VAL G 191 27.91 -26.91 43.02
C VAL G 191 28.51 -26.52 44.36
N ASP G 192 29.58 -25.73 44.33
CA ASP G 192 30.28 -25.35 45.55
C ASP G 192 30.94 -24.01 45.35
N ALA G 193 31.50 -23.48 46.42
CA ALA G 193 32.31 -22.27 46.40
C ALA G 193 33.76 -22.68 46.47
N SER G 194 34.52 -22.41 45.41
CA SER G 194 35.89 -22.88 45.30
C SER G 194 36.75 -21.77 44.71
N PHE G 195 38.07 -21.90 44.92
CA PHE G 195 38.99 -20.92 44.39
C PHE G 195 39.12 -21.05 42.88
N MET G 196 38.71 -22.19 42.32
CA MET G 196 38.57 -22.29 40.88
C MET G 196 37.30 -21.57 40.45
N GLN G 197 37.22 -21.25 39.15
CA GLN G 197 36.15 -20.43 38.61
C GLN G 197 35.31 -21.22 37.62
N THR G 198 34.04 -20.84 37.54
CA THR G 198 33.10 -21.42 36.58
C THR G 198 32.33 -20.29 35.91
N LEU G 199 32.02 -20.49 34.64
CA LEU G 199 31.32 -19.49 33.85
C LEU G 199 29.82 -19.72 33.94
N TRP G 200 29.09 -18.69 34.36
CA TRP G 200 27.65 -18.77 34.55
C TRP G 200 26.94 -17.79 33.62
N ASN G 201 25.80 -18.22 33.11
CA ASN G 201 24.93 -17.38 32.29
C ASN G 201 23.67 -17.04 33.06
N MET G 202 23.32 -15.76 33.09
CA MET G 202 22.08 -15.30 33.70
C MET G 202 21.02 -15.24 32.61
N ASN G 203 20.18 -16.27 32.54
CA ASN G 203 19.15 -16.20 31.51
C ASN G 203 17.84 -15.67 32.13
N PRO G 204 17.17 -14.73 31.47
CA PRO G 204 16.02 -14.09 32.11
C PRO G 204 14.72 -14.85 31.88
N ILE G 205 13.84 -14.75 32.87
CA ILE G 205 12.52 -15.38 32.82
C ILE G 205 11.47 -14.31 32.61
N CYS G 206 11.51 -13.28 33.45
CA CYS G 206 10.56 -12.18 33.38
C CYS G 206 11.24 -10.90 33.83
N SER G 207 10.79 -9.78 33.27
CA SER G 207 11.33 -8.48 33.64
C SER G 207 10.27 -7.61 34.30
N CYS G 208 9.17 -7.36 33.57
CA CYS G 208 8.08 -6.52 34.05
C CYS G 208 6.81 -6.91 33.32
N CYS G 209 5.72 -7.02 34.05
CA CYS G 209 4.44 -7.45 33.52
C CYS G 209 3.38 -6.38 33.75
N GLU G 210 2.55 -6.16 32.74
CA GLU G 210 1.39 -5.30 32.88
C GLU G 210 0.31 -6.00 33.69
N GLU G 211 -0.60 -5.20 34.24
CA GLU G 211 -1.65 -5.72 35.09
C GLU G 211 -2.45 -6.79 34.36
N GLY G 212 -2.93 -7.77 35.12
CA GLY G 212 -3.55 -8.93 34.50
C GLY G 212 -2.53 -9.60 33.60
N TYR G 213 -2.93 -9.88 32.37
CA TYR G 213 -1.97 -10.23 31.33
C TYR G 213 -1.13 -11.42 31.76
N VAL G 214 -1.78 -12.59 31.85
CA VAL G 214 -1.15 -13.80 32.36
C VAL G 214 0.25 -13.97 31.78
N THR G 215 1.17 -14.41 32.63
CA THR G 215 2.54 -14.73 32.26
C THR G 215 2.84 -16.16 32.64
N GLY G 216 3.72 -16.79 31.87
CA GLY G 216 4.05 -18.18 32.12
C GLY G 216 4.81 -18.36 33.42
N GLY G 217 4.71 -19.56 33.98
CA GLY G 217 5.40 -19.90 35.19
C GLY G 217 4.68 -19.58 36.47
N HIS G 218 3.41 -19.20 36.41
CA HIS G 218 2.64 -18.81 37.57
C HIS G 218 1.57 -19.85 37.85
N VAL G 219 1.38 -20.15 39.13
CA VAL G 219 0.34 -21.07 39.55
C VAL G 219 -1.01 -20.38 39.44
N LEU G 220 -1.99 -21.07 38.85
CA LEU G 220 -3.29 -20.48 38.63
C LEU G 220 -4.35 -21.57 38.64
N ARG G 221 -5.60 -21.14 38.57
CA ARG G 221 -6.74 -22.04 38.49
C ARG G 221 -7.47 -21.84 37.18
N LEU G 222 -8.01 -22.93 36.63
CA LEU G 222 -8.84 -22.88 35.43
C LEU G 222 -10.28 -23.16 35.84
N PHE G 223 -11.16 -22.21 35.54
CA PHE G 223 -12.56 -22.27 35.93
C PHE G 223 -13.43 -22.44 34.69
N HIS G 224 -14.31 -23.43 34.71
CA HIS G 224 -15.08 -23.74 33.51
C HIS G 224 -15.94 -22.56 33.08
N GLY G 225 -16.67 -21.96 34.03
CA GLY G 225 -17.58 -20.88 33.71
C GLY G 225 -17.59 -19.79 34.76
N HIS G 226 -18.79 -19.50 35.27
CA HIS G 226 -19.00 -18.40 36.22
C HIS G 226 -18.46 -18.80 37.61
N MET G 227 -17.16 -19.05 37.64
CA MET G 227 -16.43 -19.27 38.88
C MET G 227 -17.04 -20.36 39.75
N ASP G 228 -17.76 -21.31 39.15
CA ASP G 228 -18.36 -22.38 39.95
C ASP G 228 -17.49 -23.63 39.95
N GLU G 229 -17.03 -24.05 38.77
CA GLU G 229 -16.30 -25.29 38.60
C GLU G 229 -14.88 -25.00 38.13
N CYS G 230 -13.95 -25.82 38.58
CA CYS G 230 -12.54 -25.67 38.23
C CYS G 230 -11.95 -27.02 37.86
N LEU G 231 -10.95 -26.99 37.00
CA LEU G 231 -10.24 -28.21 36.64
C LEU G 231 -9.43 -28.71 37.82
N THR G 232 -9.54 -30.01 38.10
CA THR G 232 -8.86 -30.59 39.25
C THR G 232 -8.63 -32.06 38.99
N ILE G 233 -7.94 -32.69 39.93
CA ILE G 233 -7.72 -34.13 39.94
C ILE G 233 -8.36 -34.69 41.20
N SER G 234 -8.31 -36.01 41.36
CA SER G 234 -8.96 -36.64 42.49
C SER G 234 -8.25 -36.27 43.78
N ALA G 235 -9.00 -36.33 44.88
CA ALA G 235 -8.43 -36.05 46.18
C ALA G 235 -7.47 -37.17 46.59
N ALA G 236 -6.67 -36.88 47.62
CA ALA G 236 -5.78 -37.90 48.15
C ALA G 236 -6.58 -39.09 48.62
N ASP G 237 -6.02 -40.29 48.41
CA ASP G 237 -6.40 -41.69 48.76
C ASP G 237 -7.46 -42.18 47.79
N SER G 238 -7.60 -41.53 46.62
CA SER G 238 -8.60 -41.94 45.64
C SER G 238 -8.15 -43.20 44.91
N ASP G 239 -9.13 -43.94 44.41
CA ASP G 239 -8.84 -45.17 43.67
C ASP G 239 -8.16 -44.87 42.34
N ASP G 240 -8.53 -43.75 41.70
CA ASP G 240 -7.97 -43.41 40.40
C ASP G 240 -6.47 -43.14 40.44
N GLN G 241 -5.86 -43.16 41.62
CA GLN G 241 -4.44 -42.88 41.79
C GLN G 241 -4.08 -41.45 41.44
N ARG G 242 -5.07 -40.56 41.44
CA ARG G 242 -4.85 -39.15 41.13
C ARG G 242 -4.29 -38.97 39.72
N ARG G 243 -4.73 -39.83 38.80
CA ARG G 243 -4.28 -39.81 37.41
C ARG G 243 -5.37 -39.39 36.45
N LEU G 244 -6.48 -38.86 36.97
CA LEU G 244 -7.62 -38.47 36.15
C LEU G 244 -7.98 -37.03 36.45
N VAL G 245 -8.59 -36.36 35.47
CA VAL G 245 -8.86 -34.94 35.52
C VAL G 245 -10.36 -34.71 35.46
N TYR G 246 -10.85 -33.85 36.35
CA TYR G 246 -12.28 -33.58 36.45
C TYR G 246 -12.52 -32.09 36.57
N TYR G 247 -13.68 -31.67 36.10
CA TYR G 247 -14.25 -30.37 36.41
C TYR G 247 -15.11 -30.54 37.65
N GLU G 248 -14.80 -29.79 38.69
CA GLU G 248 -15.46 -29.94 39.97
C GLU G 248 -15.61 -28.58 40.63
N GLY G 249 -16.70 -28.43 41.38
CA GLY G 249 -16.96 -27.21 42.12
C GLY G 249 -17.11 -27.47 43.60
N GLY G 250 -16.94 -26.43 44.41
CA GLY G 250 -17.00 -26.58 45.85
C GLY G 250 -15.74 -26.09 46.53
N ALA G 251 -15.31 -26.80 47.58
CA ALA G 251 -14.09 -26.42 48.28
C ALA G 251 -12.86 -26.72 47.44
N VAL G 252 -12.99 -27.51 46.38
CA VAL G 252 -11.88 -27.80 45.49
C VAL G 252 -11.37 -26.48 44.93
N CYS G 253 -12.27 -25.50 44.80
CA CYS G 253 -11.88 -24.19 44.29
C CYS G 253 -10.84 -23.55 45.18
N THR G 254 -10.99 -23.69 46.50
CA THR G 254 -10.03 -23.15 47.45
C THR G 254 -8.88 -24.12 47.72
N HIS G 255 -9.03 -25.38 47.33
CA HIS G 255 -8.02 -26.39 47.63
C HIS G 255 -6.84 -26.29 46.66
N ALA G 256 -5.74 -26.95 47.04
CA ALA G 256 -4.52 -26.89 46.25
C ALA G 256 -4.61 -27.75 45.00
N ARG G 257 -5.29 -28.90 45.10
CA ARG G 257 -5.32 -29.81 43.96
C ARG G 257 -5.99 -29.19 42.75
N SER G 258 -6.72 -28.10 42.96
CA SER G 258 -7.25 -27.33 41.83
C SER G 258 -6.18 -26.47 41.17
N LEU G 259 -5.01 -26.33 41.78
CA LEU G 259 -4.00 -25.42 41.28
C LEU G 259 -3.16 -26.09 40.19
N TRP G 260 -2.75 -25.28 39.21
CA TRP G 260 -1.94 -25.74 38.10
C TRP G 260 -0.89 -24.68 37.80
N ARG G 261 0.20 -25.13 37.19
CA ARG G 261 1.29 -24.24 36.78
C ARG G 261 1.49 -24.37 35.26
N LEU G 262 1.68 -23.23 34.60
CA LEU G 262 1.88 -23.19 33.17
C LEU G 262 3.38 -23.05 32.88
N GLU G 263 3.91 -23.96 32.08
CA GLU G 263 5.33 -24.01 31.77
C GLU G 263 5.55 -23.89 30.27
N PRO G 264 5.98 -22.74 29.77
CA PRO G 264 6.32 -22.66 28.34
C PRO G 264 7.47 -23.59 28.00
N LEU G 265 7.44 -24.09 26.75
CA LEU G 265 8.46 -25.04 26.32
C LEU G 265 9.86 -24.44 26.31
N ARG G 266 9.96 -23.10 26.25
CA ARG G 266 11.26 -22.45 26.27
C ARG G 266 11.66 -22.12 27.70
N ILE G 267 12.93 -22.38 28.02
CA ILE G 267 13.44 -22.01 29.34
C ILE G 267 13.61 -20.51 29.45
N SER G 268 14.24 -19.90 28.45
CA SER G 268 14.46 -18.47 28.46
C SER G 268 13.16 -17.72 28.19
N TRP G 269 12.96 -16.64 28.93
CA TRP G 269 11.78 -15.79 28.77
C TRP G 269 10.50 -16.62 28.88
N SER G 270 10.53 -17.59 29.79
CA SER G 270 9.35 -18.38 30.08
C SER G 270 8.34 -17.62 30.93
N GLY G 271 8.76 -16.53 31.56
CA GLY G 271 7.86 -15.70 32.33
C GLY G 271 7.25 -14.61 31.47
N SER G 272 7.42 -14.73 30.16
CA SER G 272 6.83 -13.79 29.23
C SER G 272 5.30 -13.93 29.22
N HIS G 273 4.64 -12.90 28.71
CA HIS G 273 3.19 -12.94 28.59
C HIS G 273 2.77 -14.12 27.73
N LEU G 274 1.76 -14.84 28.19
CA LEU G 274 1.17 -15.89 27.38
C LEU G 274 0.48 -15.29 26.18
N ARG G 275 0.65 -15.94 25.03
CA ARG G 275 0.08 -15.47 23.78
C ARG G 275 -0.63 -16.63 23.10
N TRP G 276 -1.70 -16.30 22.38
CA TRP G 276 -2.54 -17.32 21.78
C TRP G 276 -1.71 -18.22 20.87
N GLY G 277 -1.93 -19.53 20.99
CA GLY G 277 -1.21 -20.51 20.21
C GLY G 277 0.07 -20.99 20.85
N GLN G 278 0.44 -20.46 22.01
CA GLN G 278 1.72 -20.79 22.58
C GLN G 278 1.73 -22.22 23.11
N PRO G 279 2.63 -23.07 22.62
CA PRO G 279 2.73 -24.43 23.18
C PRO G 279 3.28 -24.37 24.59
N LEU G 280 2.66 -25.14 25.47
CA LEU G 280 3.08 -25.13 26.86
C LEU G 280 2.66 -26.43 27.52
N ARG G 281 3.23 -26.67 28.69
CA ARG G 281 2.95 -27.83 29.50
C ARG G 281 2.18 -27.37 30.73
N ILE G 282 1.30 -28.23 31.23
CA ILE G 282 0.48 -27.91 32.38
C ILE G 282 0.82 -28.90 33.48
N ARG G 283 1.28 -28.38 34.62
CA ARG G 283 1.79 -29.18 35.71
C ARG G 283 0.88 -29.08 36.92
N HIS G 284 0.72 -30.18 37.62
CA HIS G 284 -0.01 -30.21 38.88
C HIS G 284 0.98 -30.05 40.02
N VAL G 285 0.81 -29.00 40.82
CA VAL G 285 1.84 -28.59 41.77
C VAL G 285 2.03 -29.66 42.85
N THR G 286 0.93 -30.14 43.42
CA THR G 286 1.02 -31.04 44.56
C THR G 286 1.49 -32.43 44.18
N THR G 287 1.44 -32.81 42.91
CA THR G 287 1.86 -34.13 42.47
C THR G 287 3.06 -34.10 41.53
N GLY G 288 3.36 -32.96 40.92
CA GLY G 288 4.46 -32.89 39.98
C GLY G 288 4.15 -33.51 38.63
N ARG G 289 2.90 -33.89 38.39
CA ARG G 289 2.52 -34.58 37.17
C ARG G 289 1.97 -33.60 36.15
N TYR G 290 2.17 -33.94 34.89
CA TYR G 290 1.88 -33.07 33.75
C TYR G 290 0.68 -33.60 33.00
N LEU G 291 -0.21 -32.70 32.61
CA LEU G 291 -1.36 -33.06 31.80
C LEU G 291 -0.89 -33.62 30.47
N ALA G 292 -1.45 -34.75 30.05
CA ALA G 292 -0.98 -35.46 28.88
C ALA G 292 -2.14 -36.19 28.22
N LEU G 293 -1.96 -36.43 26.92
CA LEU G 293 -2.87 -37.25 26.14
C LEU G 293 -2.21 -38.61 25.92
N THR G 294 -2.81 -39.65 26.48
CA THR G 294 -2.34 -41.02 26.31
C THR G 294 -3.37 -41.80 25.50
N GLU G 295 -2.88 -42.49 24.46
CA GLU G 295 -3.78 -43.24 23.59
C GLU G 295 -4.54 -44.31 24.38
N ASP G 296 -3.89 -44.91 25.38
CA ASP G 296 -4.51 -45.98 26.13
C ASP G 296 -5.57 -45.46 27.09
N GLN G 297 -5.31 -44.31 27.73
CA GLN G 297 -6.19 -43.79 28.76
C GLN G 297 -6.64 -42.36 28.48
N GLY G 298 -6.33 -41.83 27.30
CA GLY G 298 -6.76 -40.49 26.97
C GLY G 298 -6.15 -39.46 27.91
N LEU G 299 -6.96 -38.45 28.24
CA LEU G 299 -6.48 -37.35 29.07
C LEU G 299 -6.18 -37.83 30.49
N VAL G 300 -4.92 -37.67 30.89
CA VAL G 300 -4.49 -38.03 32.24
C VAL G 300 -3.41 -37.06 32.70
N VAL G 301 -2.89 -37.28 33.91
CA VAL G 301 -1.67 -36.61 34.37
C VAL G 301 -0.61 -37.68 34.56
N VAL G 302 0.50 -37.52 33.87
CA VAL G 302 1.57 -38.50 33.88
C VAL G 302 2.80 -37.91 34.55
N ASP G 303 3.80 -38.77 34.75
CA ASP G 303 5.04 -38.32 35.36
C ASP G 303 5.91 -37.61 34.34
N ALA G 304 6.87 -36.84 34.86
CA ALA G 304 7.77 -36.08 33.99
C ALA G 304 8.56 -37.01 33.07
N CYS G 305 8.98 -38.16 33.59
CA CYS G 305 9.74 -39.10 32.78
C CYS G 305 8.98 -39.51 31.52
N LYS G 306 7.66 -39.58 31.58
CA LYS G 306 6.85 -39.91 30.43
C LYS G 306 6.33 -38.69 29.70
N ALA G 307 6.50 -37.50 30.27
CA ALA G 307 6.05 -36.28 29.63
C ALA G 307 7.04 -35.93 28.53
N HIS G 308 6.67 -36.22 27.28
CA HIS G 308 7.56 -36.06 26.14
C HIS G 308 6.98 -35.04 25.14
N THR G 309 6.52 -33.91 25.66
CA THR G 309 6.16 -32.77 24.82
C THR G 309 4.92 -33.07 23.98
N LYS G 310 5.05 -34.01 23.02
CA LYS G 310 3.95 -34.32 22.14
C LYS G 310 2.68 -34.62 22.93
N ALA G 311 2.81 -35.41 24.00
CA ALA G 311 1.65 -35.72 24.83
C ALA G 311 1.22 -34.54 25.69
N THR G 312 2.18 -33.73 26.12
CA THR G 312 1.93 -32.71 27.13
C THR G 312 1.89 -31.30 26.56
N SER G 313 2.07 -31.13 25.25
CA SER G 313 2.05 -29.80 24.65
C SER G 313 0.62 -29.35 24.44
N PHE G 314 0.28 -28.20 25.02
CA PHE G 314 -1.06 -27.63 24.92
C PHE G 314 -0.95 -26.17 24.52
N CYS G 315 -2.05 -25.65 23.98
CA CYS G 315 -2.12 -24.25 23.58
C CYS G 315 -3.48 -23.68 23.96
N PHE G 316 -3.49 -22.38 24.18
CA PHE G 316 -4.71 -21.63 24.43
C PHE G 316 -5.09 -20.90 23.15
N ARG G 317 -6.32 -21.11 22.68
CA ARG G 317 -6.84 -20.41 21.53
C ARG G 317 -8.14 -19.71 21.89
N VAL G 318 -8.32 -18.51 21.33
CA VAL G 318 -9.54 -17.75 21.61
C VAL G 318 -10.74 -18.35 20.89
N SER G 319 -10.53 -18.96 19.73
CA SER G 319 -11.60 -19.54 18.94
C SER G 319 -11.22 -20.95 18.53
N LYS G 320 -12.24 -21.80 18.37
CA LYS G 320 -12.03 -23.20 18.04
C LYS G 320 -11.87 -23.44 16.55
N GLU G 321 -11.87 -22.38 15.74
CA GLU G 321 -11.74 -22.55 14.30
C GLU G 321 -10.34 -23.06 13.95
N LYS G 322 -10.29 -23.95 12.96
CA LYS G 322 -9.04 -24.59 12.55
C LYS G 322 -8.23 -23.66 11.66
N LEU G 323 -7.69 -22.61 12.28
CA LEU G 323 -6.87 -21.66 11.55
C LEU G 323 -5.47 -22.22 11.30
N ASP G 324 -4.74 -22.48 12.38
CA ASP G 324 -3.42 -23.13 12.37
C ASP G 324 -2.65 -22.76 11.10
N THR G 325 -2.61 -21.46 10.79
CA THR G 325 -2.03 -21.02 9.53
C THR G 325 -0.51 -21.06 9.57
N ALA G 326 0.09 -20.46 10.60
CA ALA G 326 1.52 -20.27 10.64
C ALA G 326 2.11 -20.89 11.91
N PRO G 327 3.19 -21.65 11.83
CA PRO G 327 3.92 -22.01 13.04
C PRO G 327 4.56 -20.78 13.65
N LYS G 328 4.83 -20.86 14.94
CA LYS G 328 5.19 -19.67 15.67
C LYS G 328 6.68 -19.33 15.56
N ARG G 329 7.00 -18.14 16.07
CA ARG G 329 8.34 -17.59 16.02
C ARG G 329 8.73 -17.12 17.41
N ASP G 330 9.83 -17.66 17.93
CA ASP G 330 10.31 -17.25 19.24
C ASP G 330 10.66 -15.77 19.28
N VAL G 331 10.24 -15.10 20.35
CA VAL G 331 10.46 -13.68 20.53
C VAL G 331 11.21 -13.47 21.84
N GLU G 332 12.34 -12.78 21.76
CA GLU G 332 13.04 -12.38 22.97
C GLU G 332 12.29 -11.23 23.64
N GLY G 333 12.17 -11.31 24.96
CA GLY G 333 11.46 -10.31 25.72
C GLY G 333 10.11 -10.80 26.20
N MET G 334 9.43 -9.90 26.91
CA MET G 334 8.16 -10.25 27.53
C MET G 334 7.06 -10.43 26.49
N GLY G 335 7.08 -9.65 25.42
CA GLY G 335 6.12 -9.78 24.36
C GLY G 335 4.81 -9.07 24.63
N PRO G 336 3.87 -9.17 23.69
CA PRO G 336 2.63 -8.42 23.81
C PRO G 336 1.72 -9.03 24.88
N PRO G 337 0.96 -8.21 25.60
CA PRO G 337 0.05 -8.74 26.63
C PRO G 337 -1.29 -9.19 26.07
N GLU G 338 -1.38 -10.43 25.61
CA GLU G 338 -2.59 -10.91 24.94
C GLU G 338 -3.65 -11.40 25.93
N ILE G 339 -3.33 -12.38 26.77
CA ILE G 339 -4.31 -13.09 27.59
C ILE G 339 -4.38 -12.46 28.98
N LYS G 340 -5.59 -12.18 29.44
CA LYS G 340 -5.83 -11.51 30.70
C LYS G 340 -6.50 -12.46 31.69
N TYR G 341 -6.23 -12.23 32.98
CA TYR G 341 -6.90 -12.97 34.03
C TYR G 341 -8.37 -12.58 34.11
N GLY G 342 -9.21 -13.57 34.39
CA GLY G 342 -10.62 -13.25 34.69
C GLY G 342 -11.47 -12.90 33.49
N GLU G 343 -10.94 -12.11 32.56
CA GLU G 343 -11.73 -11.63 31.43
C GLU G 343 -11.66 -12.60 30.24
N SER G 344 -10.46 -12.99 29.85
CA SER G 344 -10.29 -13.75 28.62
C SER G 344 -10.88 -15.14 28.74
N LEU G 345 -11.47 -15.60 27.66
CA LEU G 345 -12.00 -16.95 27.53
C LEU G 345 -11.10 -17.75 26.60
N CYS G 346 -10.62 -18.88 27.08
CA CYS G 346 -9.61 -19.66 26.38
C CYS G 346 -10.09 -21.08 26.18
N PHE G 347 -9.72 -21.67 25.04
CA PHE G 347 -9.96 -23.07 24.74
C PHE G 347 -8.61 -23.78 24.71
N VAL G 348 -8.51 -24.86 25.47
CA VAL G 348 -7.28 -25.63 25.55
C VAL G 348 -7.28 -26.66 24.43
N GLN G 349 -6.19 -26.71 23.67
CA GLN G 349 -6.07 -27.60 22.54
C GLN G 349 -4.76 -28.36 22.62
N HIS G 350 -4.83 -29.67 22.46
CA HIS G 350 -3.62 -30.49 22.34
C HIS G 350 -3.02 -30.27 20.96
N VAL G 351 -1.80 -29.74 20.92
CA VAL G 351 -1.24 -29.23 19.67
C VAL G 351 -1.11 -30.36 18.66
N ALA G 352 -0.51 -31.47 19.05
CA ALA G 352 -0.22 -32.54 18.10
C ALA G 352 -1.51 -33.14 17.54
N SER G 353 -2.42 -33.54 18.43
CA SER G 353 -3.68 -34.12 17.99
C SER G 353 -4.63 -33.06 17.45
N GLY G 354 -4.65 -31.88 18.05
CA GLY G 354 -5.61 -30.87 17.73
C GLY G 354 -6.92 -31.00 18.47
N LEU G 355 -7.06 -31.99 19.34
CA LEU G 355 -8.30 -32.20 20.07
C LEU G 355 -8.53 -31.08 21.08
N TRP G 356 -9.80 -30.92 21.46
CA TRP G 356 -10.21 -29.88 22.38
C TRP G 356 -10.61 -30.49 23.73
N LEU G 357 -10.29 -29.77 24.79
CA LEU G 357 -10.59 -30.22 26.14
C LEU G 357 -12.05 -29.95 26.45
N THR G 358 -12.77 -30.97 26.92
CA THR G 358 -14.20 -30.85 27.15
C THR G 358 -14.63 -31.90 28.18
N TYR G 359 -15.85 -31.74 28.67
CA TYR G 359 -16.41 -32.66 29.65
C TYR G 359 -16.89 -33.94 28.96
N ALA G 360 -17.03 -35.01 29.75
CA ALA G 360 -17.32 -36.33 29.19
C ALA G 360 -18.81 -36.50 28.92
N ALA G 361 -19.61 -35.50 29.27
CA ALA G 361 -21.04 -35.52 29.11
C ALA G 361 -21.62 -36.60 30.01
N PRO G 362 -21.58 -36.39 31.34
CA PRO G 362 -21.97 -37.45 32.28
C PRO G 362 -23.29 -38.11 31.93
N ASP G 363 -23.32 -39.43 32.07
CA ASP G 363 -24.53 -40.18 31.83
C ASP G 363 -25.55 -39.90 32.91
N PRO G 364 -26.82 -40.18 32.66
CA PRO G 364 -27.83 -40.07 33.73
C PRO G 364 -27.52 -41.07 34.84
N LYS G 365 -28.13 -40.82 36.00
CA LYS G 365 -27.88 -41.45 37.29
C LYS G 365 -26.64 -40.86 37.97
N ALA G 366 -25.85 -40.03 37.28
CA ALA G 366 -24.80 -39.30 37.98
C ALA G 366 -25.39 -38.33 38.99
N LEU G 367 -26.58 -37.79 38.69
CA LEU G 367 -27.28 -36.96 39.66
C LEU G 367 -27.59 -37.77 40.92
N ARG G 368 -28.01 -39.03 40.74
CA ARG G 368 -28.23 -39.89 41.89
C ARG G 368 -26.93 -40.12 42.65
N LEU G 369 -25.83 -40.34 41.92
CA LEU G 369 -24.52 -40.40 42.56
C LEU G 369 -24.19 -39.12 43.30
N GLY G 370 -24.81 -38.00 42.94
CA GLY G 370 -24.56 -36.74 43.59
C GLY G 370 -23.17 -36.21 43.29
N VAL G 371 -22.56 -36.72 42.23
CA VAL G 371 -21.22 -36.27 41.87
C VAL G 371 -21.29 -34.92 41.20
N LEU G 372 -20.48 -33.98 41.70
CA LEU G 372 -20.26 -32.70 41.05
C LEU G 372 -19.11 -32.76 40.06
N LYS G 373 -18.59 -33.96 39.80
CA LYS G 373 -17.38 -34.14 39.01
C LYS G 373 -17.74 -34.54 37.59
N LYS G 374 -17.18 -33.84 36.62
CA LYS G 374 -17.32 -34.18 35.21
C LYS G 374 -15.96 -34.53 34.65
N LYS G 375 -15.78 -35.78 34.23
CA LYS G 375 -14.49 -36.19 33.72
C LYS G 375 -14.13 -35.37 32.48
N ALA G 376 -12.85 -35.01 32.36
CA ALA G 376 -12.37 -34.19 31.27
C ALA G 376 -11.74 -35.06 30.20
N ILE G 377 -12.09 -34.77 28.95
CA ILE G 377 -11.68 -35.58 27.80
C ILE G 377 -11.22 -34.64 26.69
N LEU G 378 -10.56 -35.24 25.70
CA LEU G 378 -10.09 -34.52 24.52
C LEU G 378 -10.92 -34.97 23.33
N HIS G 379 -11.79 -34.09 22.86
CA HIS G 379 -12.75 -34.39 21.80
C HIS G 379 -12.63 -33.35 20.71
N GLN G 380 -12.62 -33.81 19.46
CA GLN G 380 -12.33 -32.90 18.35
C GLN G 380 -13.45 -31.89 18.14
N GLU G 381 -14.70 -32.28 18.37
CA GLU G 381 -15.81 -31.32 18.26
C GLU G 381 -15.91 -30.45 19.50
N GLY G 382 -16.02 -31.07 20.66
CA GLY G 382 -16.10 -30.31 21.91
C GLY G 382 -17.49 -29.74 22.14
N HIS G 383 -17.50 -28.65 22.92
CA HIS G 383 -18.73 -27.96 23.26
C HIS G 383 -18.47 -26.47 23.23
N MET G 384 -19.55 -25.69 23.30
CA MET G 384 -19.43 -24.23 23.30
C MET G 384 -18.89 -23.75 24.64
N ASP G 385 -19.34 -24.35 25.75
CA ASP G 385 -18.96 -23.94 27.09
C ASP G 385 -17.57 -24.44 27.48
N ASP G 386 -16.81 -24.97 26.52
CA ASP G 386 -15.48 -25.47 26.80
C ASP G 386 -14.51 -24.37 27.22
N ALA G 387 -14.86 -23.11 27.04
CA ALA G 387 -13.96 -22.02 27.37
C ALA G 387 -13.68 -22.00 28.87
N LEU G 388 -12.49 -21.50 29.21
CA LEU G 388 -12.02 -21.48 30.58
C LEU G 388 -11.55 -20.09 30.97
N PHE G 389 -11.81 -19.72 32.22
CA PHE G 389 -11.31 -18.50 32.82
C PHE G 389 -10.06 -18.84 33.62
N LEU G 390 -9.00 -18.06 33.40
CA LEU G 390 -7.80 -18.22 34.22
C LEU G 390 -7.88 -17.29 35.42
N THR G 391 -7.58 -17.83 36.59
CA THR G 391 -7.71 -17.10 37.84
C THR G 391 -6.40 -17.17 38.61
N ARG G 392 -6.02 -16.03 39.18
CA ARG G 392 -4.74 -15.92 39.87
C ARG G 392 -4.76 -16.67 41.19
N CYS G 393 -3.57 -17.08 41.61
CA CYS G 393 -3.38 -17.82 42.86
C CYS G 393 -2.47 -17.02 43.78
N GLN G 394 -2.78 -17.07 45.08
CA GLN G 394 -1.96 -16.39 46.07
C GLN G 394 -0.58 -17.00 46.16
N GLN G 395 0.40 -16.15 46.45
CA GLN G 395 1.76 -16.64 46.71
C GLN G 395 1.74 -17.66 47.83
N GLU G 396 0.92 -17.43 48.86
CA GLU G 396 0.85 -18.36 49.97
C GLU G 396 0.38 -19.73 49.51
N GLU G 397 -0.67 -19.77 48.68
CA GLU G 397 -1.18 -21.05 48.19
C GLU G 397 -0.17 -21.75 47.30
N SER G 398 0.50 -21.01 46.41
CA SER G 398 1.50 -21.61 45.55
C SER G 398 2.62 -22.23 46.37
N GLN G 399 3.12 -21.44 47.34
CA GLN G 399 4.18 -21.91 48.23
C GLN G 399 3.72 -23.16 48.98
N ALA G 400 2.49 -23.15 49.48
CA ALA G 400 1.99 -24.27 50.26
C ALA G 400 1.88 -25.53 49.39
N ALA G 401 1.42 -25.38 48.15
CA ALA G 401 1.31 -26.55 47.27
C ALA G 401 2.68 -27.15 46.98
N ARG G 402 3.65 -26.31 46.66
CA ARG G 402 4.99 -26.84 46.39
C ARG G 402 5.57 -27.48 47.65
N MET G 403 5.35 -26.85 48.81
CA MET G 403 5.72 -27.44 50.08
C MET G 403 5.12 -28.82 50.24
N ILE G 404 3.83 -28.95 49.95
CA ILE G 404 3.13 -30.22 50.11
C ILE G 404 3.77 -31.28 49.24
N HIS G 405 4.06 -30.93 47.99
CA HIS G 405 4.67 -31.90 47.09
C HIS G 405 6.02 -32.38 47.64
N SER G 406 6.89 -31.45 48.00
CA SER G 406 8.22 -31.82 48.49
C SER G 406 8.13 -32.63 49.78
N THR G 407 7.29 -32.18 50.71
CA THR G 407 7.17 -32.85 51.99
C THR G 407 6.61 -34.25 51.83
N ALA G 408 5.60 -34.41 50.97
CA ALA G 408 5.07 -35.74 50.72
C ALA G 408 6.15 -36.66 50.19
N GLY G 409 6.93 -36.18 49.21
CA GLY G 409 8.00 -37.03 48.70
C GLY G 409 8.97 -37.44 49.77
N LEU G 410 9.44 -36.48 50.57
CA LEU G 410 10.45 -36.78 51.58
C LEU G 410 9.91 -37.75 52.63
N TYR G 411 8.71 -37.47 53.15
CA TYR G 411 8.16 -38.32 54.20
C TYR G 411 7.86 -39.72 53.69
N ASN G 412 7.40 -39.84 52.44
CA ASN G 412 7.15 -41.16 51.90
C ASN G 412 8.45 -41.94 51.71
N GLN G 413 9.53 -41.26 51.30
CA GLN G 413 10.82 -41.92 51.26
C GLN G 413 11.24 -42.41 52.64
N PHE G 414 11.04 -41.57 53.66
CA PHE G 414 11.37 -41.97 55.03
C PHE G 414 10.58 -43.20 55.44
N ILE G 415 9.26 -43.20 55.19
CA ILE G 415 8.39 -44.32 55.55
C ILE G 415 8.83 -45.59 54.83
N LYS G 416 9.22 -45.43 53.59
CA LYS G 416 9.92 -46.45 52.82
C LYS G 416 11.14 -47.04 53.45
N GLY G 417 12.05 -46.25 53.91
CA GLY G 417 13.18 -46.87 54.56
C GLY G 417 12.75 -47.61 55.83
N LEU G 418 11.85 -47.00 56.59
CA LEU G 418 11.40 -47.62 57.83
C LEU G 418 10.77 -48.98 57.57
N ASP G 419 9.89 -49.05 56.57
CA ASP G 419 9.28 -50.33 56.20
C ASP G 419 10.28 -51.30 55.63
N SER G 420 11.30 -50.81 54.93
CA SER G 420 12.32 -51.70 54.36
C SER G 420 13.06 -52.44 55.46
N PHE G 421 13.43 -51.75 56.54
CA PHE G 421 14.12 -52.41 57.64
C PHE G 421 13.20 -52.66 58.84
N SER G 422 11.88 -52.70 58.62
CA SER G 422 10.96 -52.94 59.72
C SER G 422 11.23 -54.28 60.39
N GLY G 423 11.06 -55.37 59.66
CA GLY G 423 11.21 -56.71 60.20
C GLY G 423 12.58 -57.33 60.02
N LYS G 424 13.57 -56.57 59.55
CA LYS G 424 14.90 -57.10 59.28
C LYS G 424 15.89 -56.51 60.28
N PRO G 425 16.21 -57.21 61.36
CA PRO G 425 17.23 -56.70 62.27
C PRO G 425 18.57 -56.59 61.58
N ARG G 426 19.31 -55.54 61.92
CA ARG G 426 20.65 -55.37 61.35
C ARG G 426 21.62 -56.39 61.90
N GLY G 427 21.27 -57.03 63.01
CA GLY G 427 22.19 -57.97 63.62
C GLY G 427 23.47 -57.28 64.03
N SER G 428 24.57 -58.02 63.92
CA SER G 428 25.90 -57.47 64.19
C SER G 428 26.52 -56.95 62.89
N GLY G 429 25.74 -56.12 62.21
CA GLY G 429 26.13 -55.60 60.92
C GLY G 429 25.38 -54.33 60.58
N PRO G 430 25.41 -53.92 59.31
CA PRO G 430 24.73 -52.69 58.92
C PRO G 430 23.24 -52.92 58.80
N PRO G 431 22.43 -51.86 58.82
CA PRO G 431 20.99 -52.05 58.58
C PRO G 431 20.71 -52.63 57.20
N ALA G 432 21.69 -52.56 56.29
CA ALA G 432 21.56 -53.15 54.96
C ALA G 432 20.41 -52.51 54.19
N GLY G 433 20.48 -51.21 53.97
CA GLY G 433 19.48 -50.50 53.21
C GLY G 433 19.85 -49.05 53.00
N PRO G 434 19.13 -48.37 52.14
CA PRO G 434 19.45 -46.97 51.84
C PRO G 434 19.35 -46.09 53.07
N ALA G 435 20.27 -45.13 53.15
CA ALA G 435 20.33 -44.25 54.32
C ALA G 435 19.06 -43.42 54.43
N LEU G 436 18.57 -43.27 55.65
CA LEU G 436 17.36 -42.49 55.89
C LEU G 436 17.68 -41.00 55.80
N PRO G 437 16.77 -40.18 55.28
CA PRO G 437 16.99 -38.72 55.21
C PRO G 437 16.70 -38.04 56.54
N ILE G 438 17.50 -38.38 57.55
CA ILE G 438 17.23 -37.91 58.91
C ILE G 438 17.33 -36.40 59.00
N GLU G 439 18.42 -35.83 58.48
CA GLU G 439 18.62 -34.38 58.60
C GLU G 439 17.60 -33.62 57.79
N ALA G 440 17.25 -34.11 56.60
CA ALA G 440 16.23 -33.46 55.79
C ALA G 440 14.88 -33.47 56.50
N VAL G 441 14.52 -34.61 57.09
CA VAL G 441 13.27 -34.70 57.82
C VAL G 441 13.27 -33.71 58.98
N ILE G 442 14.38 -33.65 59.71
CA ILE G 442 14.46 -32.75 60.86
C ILE G 442 14.29 -31.30 60.42
N LEU G 443 15.00 -30.90 59.37
CA LEU G 443 14.94 -29.52 58.92
C LEU G 443 13.55 -29.18 58.40
N SER G 444 12.93 -30.12 57.66
CA SER G 444 11.58 -29.90 57.16
C SER G 444 10.60 -29.72 58.31
N LEU G 445 10.72 -30.56 59.33
CA LEU G 445 9.84 -30.48 60.48
C LEU G 445 9.99 -29.15 61.20
N GLN G 446 11.24 -28.73 61.41
CA GLN G 446 11.49 -27.46 62.10
C GLN G 446 10.93 -26.29 61.30
N ASP G 447 11.19 -26.28 59.99
CA ASP G 447 10.71 -25.19 59.15
C ASP G 447 9.20 -25.16 59.12
N LEU G 448 8.55 -26.33 59.08
CA LEU G 448 7.10 -26.37 59.06
C LEU G 448 6.52 -25.91 60.39
N ILE G 449 7.18 -26.24 61.50
CA ILE G 449 6.73 -25.74 62.80
C ILE G 449 6.80 -24.22 62.82
N GLY G 450 7.92 -23.66 62.37
CA GLY G 450 8.03 -22.21 62.30
C GLY G 450 7.03 -21.61 61.33
N TYR G 451 6.68 -22.35 60.28
CA TYR G 451 5.74 -21.89 59.27
C TYR G 451 4.31 -21.87 59.80
N PHE G 452 3.99 -22.80 60.70
CA PHE G 452 2.67 -22.89 61.32
C PHE G 452 2.63 -22.23 62.69
N GLU G 453 3.70 -21.56 63.10
CA GLU G 453 3.72 -20.93 64.41
C GLU G 453 2.61 -19.89 64.50
N PRO G 454 1.86 -19.87 65.60
CA PRO G 454 0.79 -18.88 65.74
C PRO G 454 1.35 -17.48 65.96
N PRO G 455 0.60 -16.45 65.58
CA PRO G 455 1.09 -15.08 65.76
C PRO G 455 1.26 -14.73 67.23
N SER G 456 2.19 -13.82 67.49
CA SER G 456 2.45 -13.38 68.86
C SER G 456 1.29 -12.52 69.37
N GLU G 457 1.09 -12.58 70.69
CA GLU G 457 0.00 -11.81 71.29
C GLU G 457 0.29 -10.32 71.27
N GLU G 458 1.55 -9.92 71.31
CA GLU G 458 1.89 -8.51 71.30
C GLU G 458 1.42 -7.83 70.02
N LEU G 459 1.33 -8.59 68.93
CA LEU G 459 0.88 -8.02 67.67
C LEU G 459 -0.50 -7.41 67.83
N GLN G 460 -0.80 -6.45 66.96
CA GLN G 460 -2.10 -5.80 66.98
C GLN G 460 -3.19 -6.73 66.50
N HIS G 461 -4.43 -6.38 66.84
CA HIS G 461 -5.57 -7.25 66.61
C HIS G 461 -5.73 -7.59 65.14
N GLU G 462 -5.63 -6.58 64.27
CA GLU G 462 -5.85 -6.80 62.84
C GLU G 462 -4.80 -7.75 62.26
N GLU G 463 -3.53 -7.50 62.58
CA GLU G 463 -2.48 -8.37 62.08
C GLU G 463 -2.63 -9.79 62.60
N LYS G 464 -2.98 -9.93 63.88
CA LYS G 464 -3.22 -11.27 64.42
C LYS G 464 -4.33 -11.98 63.66
N GLN G 465 -5.41 -11.25 63.36
CA GLN G 465 -6.51 -11.86 62.63
C GLN G 465 -6.06 -12.30 61.24
N SER G 466 -5.27 -11.47 60.56
CA SER G 466 -4.80 -11.84 59.22
C SER G 466 -3.92 -13.09 59.28
N LYS G 467 -2.98 -13.12 60.23
CA LYS G 467 -2.12 -14.30 60.35
C LYS G 467 -2.92 -15.53 60.70
N LEU G 468 -3.93 -15.40 61.57
CA LEU G 468 -4.74 -16.55 61.92
C LEU G 468 -5.53 -17.06 60.72
N ARG G 469 -6.07 -16.14 59.92
CA ARG G 469 -6.76 -16.54 58.70
C ARG G 469 -5.82 -17.32 57.78
N SER G 470 -4.62 -16.78 57.57
CA SER G 470 -3.64 -17.45 56.72
C SER G 470 -3.30 -18.82 57.28
N LEU G 471 -3.13 -18.92 58.60
CA LEU G 471 -2.76 -20.17 59.23
C LEU G 471 -3.85 -21.21 59.08
N ARG G 472 -5.12 -20.81 59.29
CA ARG G 472 -6.22 -21.75 59.09
C ARG G 472 -6.26 -22.23 57.66
N ASN G 473 -6.07 -21.31 56.70
CA ASN G 473 -6.06 -21.70 55.30
C ASN G 473 -4.97 -22.73 55.02
N ARG G 474 -3.75 -22.47 55.53
CA ARG G 474 -2.64 -23.38 55.28
C ARG G 474 -2.90 -24.74 55.92
N GLN G 475 -3.41 -24.73 57.15
CA GLN G 475 -3.79 -25.96 57.82
C GLN G 475 -4.77 -26.77 56.99
N SER G 476 -5.81 -26.10 56.47
CA SER G 476 -6.81 -26.80 55.69
C SER G 476 -6.22 -27.37 54.42
N LEU G 477 -5.35 -26.60 53.75
CA LEU G 477 -4.72 -27.11 52.53
C LEU G 477 -3.90 -28.36 52.82
N PHE G 478 -3.07 -28.31 53.86
CA PHE G 478 -2.25 -29.47 54.20
C PHE G 478 -3.12 -30.68 54.55
N GLN G 479 -4.16 -30.46 55.35
CA GLN G 479 -5.04 -31.56 55.73
C GLN G 479 -5.71 -32.16 54.51
N GLU G 480 -6.23 -31.33 53.62
CA GLU G 480 -6.90 -31.81 52.43
C GLU G 480 -5.96 -32.53 51.48
N GLU G 481 -4.67 -32.21 51.52
CA GLU G 481 -3.69 -32.95 50.73
C GLU G 481 -3.09 -34.13 51.49
N GLY G 482 -3.51 -34.35 52.74
CA GLY G 482 -3.20 -35.57 53.45
C GLY G 482 -1.91 -35.59 54.25
N MET G 483 -1.32 -34.43 54.56
CA MET G 483 -0.08 -34.41 55.27
C MET G 483 -0.26 -35.02 56.64
N LEU G 484 -1.39 -34.68 57.30
CA LEU G 484 -1.65 -35.12 58.65
C LEU G 484 -1.61 -36.65 58.77
N SER G 485 -2.27 -37.35 57.83
CA SER G 485 -2.21 -38.81 57.83
C SER G 485 -0.79 -39.31 57.67
N LEU G 486 0.01 -38.61 56.85
CA LEU G 486 1.41 -38.99 56.68
C LEU G 486 2.17 -38.86 57.99
N VAL G 487 1.93 -37.77 58.72
CA VAL G 487 2.56 -37.58 60.01
C VAL G 487 2.18 -38.71 60.97
N LEU G 488 0.89 -39.05 60.99
CA LEU G 488 0.44 -40.13 61.86
C LEU G 488 1.10 -41.45 61.49
N ASN G 489 1.23 -41.72 60.19
CA ASN G 489 1.86 -42.96 59.75
C ASN G 489 3.32 -43.01 60.16
N CYS G 490 4.05 -41.91 59.96
CA CYS G 490 5.44 -41.84 60.40
C CYS G 490 5.54 -42.07 61.91
N ILE G 491 4.62 -41.47 62.67
CA ILE G 491 4.64 -41.63 64.11
C ILE G 491 4.38 -43.08 64.50
N ASP G 492 3.47 -43.74 63.80
CA ASP G 492 3.19 -45.14 64.09
C ASP G 492 4.42 -46.01 63.85
N ARG G 493 5.06 -45.82 62.71
CA ARG G 493 6.22 -46.65 62.37
C ARG G 493 7.41 -46.35 63.28
N LEU G 494 7.49 -45.12 63.77
CA LEU G 494 8.52 -44.80 64.75
C LEU G 494 8.17 -45.30 66.14
N ASN G 495 6.88 -45.44 66.43
CA ASN G 495 6.42 -45.89 67.74
C ASN G 495 6.59 -47.39 67.91
N VAL G 496 6.47 -48.15 66.81
CA VAL G 496 6.68 -49.59 66.90
C VAL G 496 7.95 -49.89 67.67
N TYR G 497 8.93 -48.98 67.62
CA TYR G 497 10.15 -49.11 68.40
C TYR G 497 10.00 -48.34 69.69
N THR G 498 10.22 -49.03 70.82
CA THR G 498 9.97 -48.41 72.12
C THR G 498 11.03 -47.37 72.45
N THR G 499 12.29 -47.64 72.14
CA THR G 499 13.39 -46.80 72.56
C THR G 499 14.42 -46.69 71.44
N ALA G 500 15.39 -45.80 71.66
CA ALA G 500 16.40 -45.54 70.65
C ALA G 500 17.26 -46.76 70.39
N ALA G 501 17.58 -47.54 71.45
CA ALA G 501 18.36 -48.75 71.26
C ALA G 501 17.58 -49.78 70.44
N HIS G 502 16.28 -49.91 70.74
CA HIS G 502 15.42 -50.79 69.96
C HIS G 502 15.39 -50.36 68.50
N PHE G 503 15.36 -49.05 68.26
CA PHE G 503 15.44 -48.55 66.89
C PHE G 503 16.79 -48.88 66.25
N ALA G 504 17.87 -48.74 67.02
CA ALA G 504 19.21 -48.99 66.50
C ALA G 504 19.35 -50.43 66.06
N GLU G 505 18.76 -51.36 66.82
CA GLU G 505 18.84 -52.77 66.46
C GLU G 505 18.44 -53.01 65.02
N TYR G 506 17.63 -52.11 64.45
CA TYR G 506 17.15 -52.26 63.08
C TYR G 506 17.76 -51.25 62.12
N ALA G 507 18.10 -50.05 62.63
CA ALA G 507 18.53 -48.95 61.77
C ALA G 507 19.90 -48.39 62.14
N GLY G 508 20.43 -48.70 63.32
CA GLY G 508 21.74 -48.26 63.70
C GLY G 508 21.73 -47.09 64.67
N GLU G 509 22.85 -46.94 65.37
CA GLU G 509 22.99 -45.87 66.35
C GLU G 509 22.82 -44.50 65.70
N GLU G 510 23.34 -44.35 64.48
CA GLU G 510 23.34 -43.05 63.82
C GLU G 510 21.93 -42.49 63.69
N ALA G 511 20.96 -43.34 63.40
CA ALA G 511 19.56 -42.90 63.37
C ALA G 511 18.94 -42.96 64.76
N ALA G 512 19.47 -43.82 65.63
CA ALA G 512 18.94 -43.91 66.98
C ALA G 512 19.08 -42.59 67.73
N GLU G 513 20.16 -41.85 67.48
CA GLU G 513 20.30 -40.58 68.20
C GLU G 513 19.13 -39.66 67.90
N SER G 514 18.74 -39.55 66.63
CA SER G 514 17.72 -38.61 66.19
C SER G 514 16.31 -39.17 66.29
N TRP G 515 16.15 -40.45 66.63
CA TRP G 515 14.83 -41.00 66.88
C TRP G 515 13.97 -40.09 67.75
N LYS G 516 14.45 -39.76 68.95
CA LYS G 516 13.65 -38.99 69.90
C LYS G 516 13.34 -37.60 69.38
N GLU G 517 14.34 -36.94 68.80
CA GLU G 517 14.14 -35.61 68.26
C GLU G 517 13.06 -35.64 67.18
N ILE G 518 13.09 -36.65 66.32
CA ILE G 518 12.13 -36.74 65.23
C ILE G 518 10.73 -36.96 65.75
N VAL G 519 10.58 -37.84 66.76
CA VAL G 519 9.24 -38.09 67.28
C VAL G 519 8.68 -36.83 67.94
N ASN G 520 9.51 -36.12 68.72
CA ASN G 520 9.03 -34.89 69.33
C ASN G 520 8.65 -33.87 68.27
N LEU G 521 9.47 -33.73 67.22
CA LEU G 521 9.16 -32.80 66.16
C LEU G 521 7.86 -33.17 65.46
N LEU G 522 7.63 -34.45 65.25
CA LEU G 522 6.41 -34.89 64.58
C LEU G 522 5.18 -34.56 65.41
N TYR G 523 5.24 -34.82 66.72
CA TYR G 523 4.11 -34.47 67.58
C TYR G 523 3.87 -32.97 67.58
N GLU G 524 4.95 -32.19 67.64
CA GLU G 524 4.80 -30.74 67.63
C GLU G 524 4.19 -30.25 66.31
N LEU G 525 4.60 -30.84 65.19
CA LEU G 525 4.02 -30.48 63.91
C LEU G 525 2.54 -30.82 63.85
N LEU G 526 2.17 -31.99 64.39
CA LEU G 526 0.75 -32.36 64.41
C LEU G 526 -0.05 -31.35 65.23
N ALA G 527 0.48 -30.97 66.39
CA ALA G 527 -0.21 -30.00 67.23
C ALA G 527 -0.35 -28.66 66.49
N SER G 528 0.71 -28.22 65.81
CA SER G 528 0.63 -26.98 65.04
C SER G 528 -0.40 -27.08 63.94
N LEU G 529 -0.49 -28.23 63.27
CA LEU G 529 -1.43 -28.39 62.17
C LEU G 529 -2.87 -28.34 62.66
N ILE G 530 -3.15 -28.96 63.80
CA ILE G 530 -4.54 -29.05 64.27
C ILE G 530 -4.95 -27.86 65.13
N ARG G 531 -4.00 -27.10 65.69
CA ARG G 531 -4.34 -26.07 66.65
C ARG G 531 -5.26 -25.04 66.02
N GLY G 532 -6.36 -24.73 66.71
CA GLY G 532 -7.29 -23.71 66.28
C GLY G 532 -8.21 -24.10 65.15
N ASN G 533 -8.11 -25.32 64.63
CA ASN G 533 -8.92 -25.77 63.51
C ASN G 533 -9.86 -26.88 64.00
N ARG G 534 -11.14 -26.52 64.11
CA ARG G 534 -12.11 -27.45 64.69
C ARG G 534 -12.25 -28.71 63.84
N ALA G 535 -12.23 -28.57 62.52
CA ALA G 535 -12.36 -29.74 61.66
C ALA G 535 -11.18 -30.69 61.83
N ASN G 536 -9.97 -30.15 61.80
CA ASN G 536 -8.79 -31.00 61.93
C ASN G 536 -8.73 -31.66 63.30
N CYS G 537 -9.23 -30.96 64.34
CA CYS G 537 -9.30 -31.60 65.64
C CYS G 537 -10.41 -32.64 65.70
N ALA G 538 -11.50 -32.42 64.98
CA ALA G 538 -12.61 -33.36 64.98
C ALA G 538 -12.26 -34.65 64.26
N LEU G 539 -11.31 -34.59 63.33
CA LEU G 539 -10.91 -35.81 62.63
C LEU G 539 -10.51 -36.90 63.61
N PHE G 540 -9.99 -36.53 64.78
CA PHE G 540 -9.51 -37.49 65.76
C PHE G 540 -10.63 -38.19 66.52
N SER G 541 -11.89 -37.84 66.27
CA SER G 541 -12.99 -38.53 66.94
C SER G 541 -12.97 -40.02 66.61
N THR G 542 -12.51 -40.38 65.41
CA THR G 542 -12.48 -41.78 65.02
C THR G 542 -11.37 -42.54 65.74
N ASN G 543 -10.22 -41.90 65.95
CA ASN G 543 -9.03 -42.59 66.45
C ASN G 543 -8.48 -41.86 67.68
N LEU G 544 -9.40 -41.51 68.59
CA LEU G 544 -8.96 -40.93 69.86
C LEU G 544 -8.01 -41.86 70.61
N ASP G 545 -8.24 -43.17 70.53
CA ASP G 545 -7.37 -44.12 71.22
C ASP G 545 -5.93 -43.98 70.75
N TRP G 546 -5.75 -43.49 69.52
CA TRP G 546 -4.42 -43.28 68.97
C TRP G 546 -3.56 -42.40 69.87
N VAL G 547 -4.18 -41.42 70.54
CA VAL G 547 -3.44 -40.49 71.38
C VAL G 547 -3.34 -41.02 72.81
N VAL G 548 -4.44 -41.56 73.34
CA VAL G 548 -4.45 -42.04 74.71
C VAL G 548 -3.49 -43.21 74.88
N SER G 549 -3.43 -44.10 73.91
CA SER G 549 -2.51 -45.23 73.98
C SER G 549 -1.06 -44.75 74.05
N LYS G 550 -0.75 -43.64 73.40
CA LYS G 550 0.62 -43.14 73.33
C LYS G 550 0.95 -42.17 74.46
N LEU G 551 -0.06 -41.70 75.19
CA LEU G 551 0.21 -40.77 76.29
C LEU G 551 1.28 -41.31 77.24
N ASP G 552 1.26 -42.61 77.52
CA ASP G 552 2.17 -43.16 78.52
C ASP G 552 3.63 -43.11 78.08
N ARG G 553 3.88 -43.09 76.78
CA ARG G 553 5.25 -43.09 76.29
C ARG G 553 6.00 -41.87 76.80
N LEU G 554 7.27 -42.08 77.16
CA LEU G 554 8.04 -41.07 77.87
C LEU G 554 8.77 -40.10 76.95
N GLU G 555 9.05 -40.50 75.71
CA GLU G 555 9.90 -39.69 74.84
C GLU G 555 9.24 -38.36 74.49
N ALA G 556 7.93 -38.36 74.26
CA ALA G 556 7.20 -37.17 73.80
C ALA G 556 5.90 -37.01 74.56
N SER G 557 5.96 -37.21 75.88
CA SER G 557 4.77 -37.09 76.70
C SER G 557 4.16 -35.70 76.59
N SER G 558 4.99 -34.67 76.68
CA SER G 558 4.50 -33.31 76.62
C SER G 558 3.85 -33.02 75.27
N GLY G 559 4.47 -33.47 74.18
CA GLY G 559 3.90 -33.23 72.87
C GLY G 559 2.57 -33.93 72.68
N ILE G 560 2.48 -35.19 73.10
CA ILE G 560 1.22 -35.92 72.99
C ILE G 560 0.15 -35.23 73.82
N LEU G 561 0.51 -34.77 75.01
CA LEU G 561 -0.44 -34.07 75.87
C LEU G 561 -0.93 -32.79 75.22
N GLU G 562 -0.02 -32.04 74.58
CA GLU G 562 -0.43 -30.82 73.89
C GLU G 562 -1.38 -31.14 72.74
N VAL G 563 -1.08 -32.21 72.00
CA VAL G 563 -1.99 -32.64 70.93
C VAL G 563 -3.38 -32.90 71.48
N LEU G 564 -3.45 -33.66 72.58
CA LEU G 564 -4.73 -33.96 73.20
C LEU G 564 -5.44 -32.69 73.65
N TYR G 565 -4.69 -31.77 74.27
CA TYR G 565 -5.27 -30.52 74.74
C TYR G 565 -5.90 -29.75 73.58
N CYS G 566 -5.15 -29.61 72.49
CA CYS G 566 -5.67 -28.89 71.34
C CYS G 566 -6.94 -29.54 70.81
N VAL G 567 -6.91 -30.87 70.68
CA VAL G 567 -8.09 -31.57 70.16
C VAL G 567 -9.30 -31.30 71.04
N LEU G 568 -9.11 -31.41 72.36
CA LEU G 568 -10.26 -31.33 73.27
C LEU G 568 -10.80 -29.91 73.36
N ILE G 569 -9.94 -28.89 73.31
CA ILE G 569 -10.46 -27.53 73.18
C ILE G 569 -11.27 -27.37 71.91
N GLU G 570 -10.72 -27.80 70.77
CA GLU G 570 -11.35 -27.40 69.53
C GLU G 570 -12.65 -28.17 69.27
N SER G 571 -12.70 -29.43 69.66
CA SER G 571 -13.78 -30.30 69.22
C SER G 571 -14.63 -30.79 70.38
N PRO G 572 -15.96 -30.57 70.34
CA PRO G 572 -16.84 -31.27 71.29
C PRO G 572 -17.18 -32.69 70.85
N GLU G 573 -17.04 -32.99 69.56
CA GLU G 573 -17.34 -34.33 69.06
C GLU G 573 -16.53 -35.37 69.80
N VAL G 574 -15.27 -35.06 70.10
CA VAL G 574 -14.44 -35.97 70.88
C VAL G 574 -14.99 -36.09 72.30
N LEU G 575 -15.40 -34.96 72.89
CA LEU G 575 -15.93 -34.98 74.24
C LEU G 575 -17.17 -35.87 74.35
N ASN G 576 -17.97 -35.94 73.29
CA ASN G 576 -19.15 -36.79 73.32
C ASN G 576 -18.79 -38.27 73.25
N ILE G 577 -17.62 -38.60 72.69
CA ILE G 577 -17.22 -40.00 72.57
C ILE G 577 -16.25 -40.43 73.65
N ILE G 578 -15.83 -39.51 74.54
CA ILE G 578 -14.93 -39.89 75.62
C ILE G 578 -15.49 -41.07 76.39
N GLN G 579 -14.59 -41.90 76.95
CA GLN G 579 -14.97 -43.01 77.81
C GLN G 579 -14.16 -43.06 79.08
N GLU G 580 -14.63 -43.92 79.98
CA GLU G 580 -13.99 -44.14 81.27
C GLU G 580 -12.54 -44.59 81.08
N ASN G 581 -12.29 -45.44 80.07
CA ASN G 581 -10.94 -45.87 79.79
C ASN G 581 -10.02 -44.67 79.57
N HIS G 582 -10.49 -43.70 78.80
CA HIS G 582 -9.67 -42.50 78.52
C HIS G 582 -9.48 -41.68 79.78
N ILE G 583 -10.55 -41.47 80.54
CA ILE G 583 -10.43 -40.70 81.78
C ILE G 583 -9.41 -41.36 82.70
N LYS G 584 -9.49 -42.68 82.83
CA LYS G 584 -8.58 -43.41 83.71
C LYS G 584 -7.16 -43.38 83.19
N SER G 585 -6.98 -43.39 81.88
CA SER G 585 -5.63 -43.26 81.33
C SER G 585 -5.03 -41.90 81.68
N ILE G 586 -5.82 -40.84 81.59
CA ILE G 586 -5.30 -39.51 81.95
C ILE G 586 -5.00 -39.42 83.44
N ILE G 587 -5.86 -40.02 84.26
CA ILE G 587 -5.61 -40.04 85.70
C ILE G 587 -4.34 -40.82 86.01
N SER G 588 -4.14 -41.94 85.31
CA SER G 588 -2.90 -42.69 85.45
C SER G 588 -1.70 -41.87 85.00
N LEU G 589 -1.90 -40.99 84.01
CA LEU G 589 -0.83 -40.11 83.61
C LEU G 589 -0.45 -39.17 84.74
N LEU G 590 -1.44 -38.60 85.41
CA LEU G 590 -1.15 -37.85 86.64
C LEU G 590 -0.36 -38.70 87.63
N ASP G 591 -0.83 -39.91 87.88
CA ASP G 591 -0.23 -40.78 88.89
C ASP G 591 1.23 -41.11 88.57
N LYS G 592 1.52 -41.38 87.29
CA LYS G 592 2.83 -41.92 86.94
C LYS G 592 3.83 -40.81 86.61
N HIS G 593 3.36 -39.72 86.02
CA HIS G 593 4.26 -38.67 85.56
C HIS G 593 4.39 -37.51 86.55
N GLY G 594 3.48 -37.38 87.50
CA GLY G 594 3.57 -36.35 88.50
C GLY G 594 2.40 -35.37 88.42
N ARG G 595 2.46 -34.38 89.30
CA ARG G 595 1.42 -33.37 89.43
C ARG G 595 1.70 -32.27 88.42
N ASN G 596 1.11 -32.39 87.24
CA ASN G 596 1.26 -31.43 86.15
C ASN G 596 -0.07 -30.75 85.89
N HIS G 597 -0.06 -29.42 85.93
CA HIS G 597 -1.30 -28.65 85.81
C HIS G 597 -1.91 -28.78 84.43
N LYS G 598 -1.10 -29.16 83.43
CA LYS G 598 -1.65 -29.34 82.08
C LYS G 598 -2.67 -30.46 82.04
N VAL G 599 -2.44 -31.54 82.78
CA VAL G 599 -3.41 -32.62 82.82
C VAL G 599 -4.70 -32.16 83.47
N LEU G 600 -4.60 -31.34 84.51
CA LEU G 600 -5.79 -30.76 85.11
C LEU G 600 -6.54 -29.90 84.10
N ASP G 601 -5.81 -29.13 83.31
CA ASP G 601 -6.44 -28.31 82.27
C ASP G 601 -7.15 -29.19 81.24
N VAL G 602 -6.51 -30.29 80.85
CA VAL G 602 -7.14 -31.23 79.91
C VAL G 602 -8.43 -31.79 80.49
N LEU G 603 -8.39 -32.18 81.77
CA LEU G 603 -9.58 -32.70 82.40
C LEU G 603 -10.68 -31.65 82.46
N CYS G 604 -10.31 -30.40 82.74
CA CYS G 604 -11.28 -29.32 82.73
C CYS G 604 -11.90 -29.17 81.34
N SER G 605 -11.08 -29.24 80.30
CA SER G 605 -11.60 -29.13 78.95
C SER G 605 -12.53 -30.29 78.61
N LEU G 606 -12.26 -31.47 79.18
CA LEU G 606 -13.15 -32.61 78.94
C LEU G 606 -14.57 -32.34 79.42
N CYS G 607 -14.72 -31.45 80.40
CA CYS G 607 -16.03 -31.24 81.02
C CYS G 607 -16.91 -30.33 80.17
N VAL G 608 -16.39 -29.16 79.79
CA VAL G 608 -17.18 -28.12 79.14
C VAL G 608 -16.46 -27.69 77.87
N CYS G 609 -17.21 -27.60 76.77
CA CYS G 609 -16.73 -27.00 75.54
C CYS G 609 -17.79 -26.07 74.98
N ASN G 610 -17.39 -24.83 74.70
CA ASN G 610 -18.28 -23.85 74.06
C ASN G 610 -19.57 -23.66 74.86
N GLY G 611 -19.43 -23.59 76.19
CA GLY G 611 -20.59 -23.35 77.04
C GLY G 611 -21.50 -24.54 77.23
N VAL G 612 -21.08 -25.73 76.81
CA VAL G 612 -21.88 -26.94 76.95
C VAL G 612 -21.10 -27.94 77.79
N ALA G 613 -21.77 -28.51 78.78
CA ALA G 613 -21.16 -29.44 79.73
C ALA G 613 -21.54 -30.88 79.37
N VAL G 614 -20.61 -31.80 79.59
CA VAL G 614 -20.85 -33.22 79.40
C VAL G 614 -20.95 -33.86 80.78
N ARG G 615 -22.18 -34.20 81.18
CA ARG G 615 -22.39 -34.75 82.52
C ARG G 615 -21.68 -36.09 82.67
N SER G 616 -21.64 -36.89 81.61
CA SER G 616 -20.96 -38.18 81.68
C SER G 616 -19.50 -38.01 82.04
N ASN G 617 -18.81 -37.10 81.34
CA ASN G 617 -17.40 -36.86 81.62
C ASN G 617 -17.22 -36.28 83.01
N GLN G 618 -18.08 -35.32 83.38
CA GLN G 618 -18.02 -34.75 84.72
C GLN G 618 -18.08 -35.84 85.78
N ASP G 619 -19.10 -36.70 85.69
CA ASP G 619 -19.31 -37.74 86.68
C ASP G 619 -18.16 -38.74 86.68
N LEU G 620 -17.65 -39.11 85.50
CA LEU G 620 -16.54 -40.06 85.45
C LEU G 620 -15.31 -39.50 86.15
N ILE G 621 -14.96 -38.25 85.84
CA ILE G 621 -13.81 -37.63 86.50
C ILE G 621 -14.02 -37.60 88.01
N THR G 622 -15.20 -37.16 88.43
CA THR G 622 -15.47 -37.06 89.86
C THR G 622 -15.35 -38.42 90.54
N GLU G 623 -15.89 -39.46 89.91
CA GLU G 623 -15.94 -40.77 90.54
C GLU G 623 -14.56 -41.43 90.58
N ASN G 624 -13.72 -41.18 89.57
CA ASN G 624 -12.47 -41.90 89.44
C ASN G 624 -11.25 -41.08 89.80
N LEU G 625 -11.43 -39.84 90.28
CA LEU G 625 -10.30 -39.05 90.75
C LEU G 625 -10.47 -38.62 92.20
N LEU G 626 -11.63 -38.07 92.52
CA LEU G 626 -11.82 -37.46 93.84
C LEU G 626 -11.81 -38.47 94.99
N PRO G 627 -12.61 -39.54 94.97
CA PRO G 627 -12.78 -40.33 96.20
C PRO G 627 -11.50 -40.91 96.77
N GLY G 628 -10.55 -41.31 95.92
CA GLY G 628 -9.32 -41.88 96.43
C GLY G 628 -8.56 -40.94 97.34
N ARG G 629 -8.49 -39.67 96.96
CA ARG G 629 -7.91 -38.58 97.73
C ARG G 629 -6.40 -38.70 97.84
N GLU G 630 -5.74 -39.46 96.95
CA GLU G 630 -4.29 -39.55 96.98
C GLU G 630 -3.63 -38.55 96.04
N LEU G 631 -4.16 -38.42 94.82
CA LEU G 631 -3.47 -37.65 93.79
C LEU G 631 -3.60 -36.15 93.99
N LEU G 632 -4.76 -35.68 94.42
CA LEU G 632 -4.99 -34.26 94.61
C LEU G 632 -4.70 -33.87 96.05
N LEU G 633 -4.12 -32.68 96.20
CA LEU G 633 -3.83 -32.16 97.53
C LEU G 633 -5.13 -31.89 98.28
N GLN G 634 -5.14 -32.29 99.56
CA GLN G 634 -6.32 -32.20 100.39
C GLN G 634 -6.19 -31.03 101.35
N THR G 635 -7.34 -30.42 101.66
CA THR G 635 -7.39 -29.26 102.53
C THR G 635 -8.43 -29.47 103.61
N ASN G 636 -8.08 -29.06 104.82
CA ASN G 636 -8.98 -29.12 105.96
C ASN G 636 -8.49 -28.15 107.02
N LEU G 637 -9.39 -27.78 107.91
CA LEU G 637 -9.08 -26.86 108.99
C LEU G 637 -8.70 -27.63 110.24
N ILE G 638 -7.55 -27.28 110.82
CA ILE G 638 -7.02 -27.98 111.97
C ILE G 638 -6.63 -26.98 113.04
N ASN G 639 -6.81 -27.37 114.29
CA ASN G 639 -6.46 -26.52 115.41
C ASN G 639 -4.97 -26.57 115.68
N TYR G 640 -4.45 -25.46 116.21
CA TYR G 640 -3.07 -25.42 116.65
C TYR G 640 -2.92 -26.18 117.95
N VAL G 641 -1.77 -26.81 118.13
CA VAL G 641 -1.48 -27.62 119.31
C VAL G 641 -0.14 -27.16 119.89
N THR G 642 -0.07 -27.12 121.21
CA THR G 642 1.12 -26.65 121.92
C THR G 642 1.46 -27.63 123.03
N SER G 643 2.76 -27.74 123.30
CA SER G 643 3.29 -28.68 124.28
C SER G 643 3.99 -27.91 125.38
N ILE G 644 3.78 -28.34 126.62
CA ILE G 644 4.36 -27.72 127.80
C ILE G 644 5.00 -28.79 128.66
N ARG G 645 6.17 -28.49 129.21
CA ARG G 645 6.93 -29.40 130.04
C ARG G 645 7.47 -28.68 131.26
N PRO G 646 7.69 -29.39 132.36
CA PRO G 646 8.56 -28.86 133.41
C PRO G 646 10.01 -28.97 133.02
N ASN G 647 10.85 -28.19 133.69
CA ASN G 647 12.30 -28.24 133.45
C ASN G 647 12.91 -29.42 134.21
N ILE G 648 12.36 -30.60 133.96
CA ILE G 648 12.80 -31.83 134.57
C ILE G 648 13.32 -32.76 133.49
N PHE G 649 14.56 -33.19 133.63
CA PHE G 649 15.24 -33.99 132.62
C PHE G 649 15.93 -35.16 133.30
N VAL G 650 15.51 -36.37 132.96
CA VAL G 650 16.04 -37.59 133.56
C VAL G 650 16.31 -38.59 132.45
N GLY G 651 17.40 -39.34 132.59
CA GLY G 651 17.80 -40.29 131.58
C GLY G 651 18.65 -41.37 132.21
N ARG G 652 19.10 -42.30 131.36
CA ARG G 652 19.93 -43.42 131.80
C ARG G 652 21.22 -43.42 131.02
N ALA G 653 22.33 -43.59 131.72
CA ALA G 653 23.64 -43.74 131.11
C ALA G 653 24.54 -44.49 132.08
N GLU G 654 25.54 -45.17 131.53
CA GLU G 654 26.50 -45.87 132.37
C GLU G 654 27.32 -44.87 133.18
N GLY G 655 27.37 -45.10 134.48
CA GLY G 655 28.02 -44.16 135.38
C GLY G 655 27.19 -42.94 135.71
N SER G 656 25.94 -42.89 135.25
CA SER G 656 25.11 -41.72 135.48
C SER G 656 24.80 -41.56 136.96
N THR G 657 24.71 -40.31 137.40
CA THR G 657 24.34 -39.99 138.77
C THR G 657 22.83 -39.97 138.98
N GLN G 658 22.05 -40.19 137.94
CA GLN G 658 20.60 -40.06 138.00
C GLN G 658 19.95 -41.34 138.47
N TYR G 659 18.78 -41.18 139.08
CA TYR G 659 17.92 -42.28 139.47
C TYR G 659 17.09 -42.74 138.28
N GLY G 660 16.62 -43.98 138.35
CA GLY G 660 15.99 -44.60 137.19
C GLY G 660 14.49 -44.45 137.11
N LYS G 661 13.82 -44.48 138.26
CA LYS G 661 12.37 -44.54 138.32
C LYS G 661 11.81 -43.20 138.76
N TRP G 662 10.80 -42.71 138.03
CA TRP G 662 10.23 -41.40 138.27
C TRP G 662 8.73 -41.44 138.09
N TYR G 663 8.06 -40.47 138.71
CA TYR G 663 6.60 -40.45 138.83
C TYR G 663 6.12 -39.02 138.78
N PHE G 664 5.03 -38.78 138.07
CA PHE G 664 4.36 -37.47 138.15
C PHE G 664 2.88 -37.65 137.83
N GLU G 665 2.12 -36.58 138.08
CA GLU G 665 0.67 -36.62 137.89
C GLU G 665 0.21 -35.37 137.18
N VAL G 666 -0.94 -35.49 136.50
CA VAL G 666 -1.60 -34.38 135.84
C VAL G 666 -3.07 -34.44 136.21
N MET G 667 -3.60 -33.32 136.69
CA MET G 667 -5.00 -33.21 137.08
C MET G 667 -5.72 -32.27 136.12
N VAL G 668 -6.78 -32.76 135.50
CA VAL G 668 -7.57 -31.94 134.59
C VAL G 668 -8.61 -31.16 135.38
N ASP G 669 -8.74 -29.87 135.08
CA ASP G 669 -9.73 -29.03 135.74
C ASP G 669 -10.87 -28.62 134.82
N GLU G 670 -10.56 -28.18 133.60
CA GLU G 670 -11.58 -27.82 132.64
C GLU G 670 -11.15 -28.29 131.25
N VAL G 671 -12.08 -28.88 130.52
CA VAL G 671 -11.85 -29.33 129.16
C VAL G 671 -13.11 -29.05 128.34
N VAL G 672 -12.95 -28.35 127.23
CA VAL G 672 -14.04 -28.11 126.29
C VAL G 672 -13.91 -29.15 125.17
N PRO G 673 -14.80 -30.15 125.09
CA PRO G 673 -14.63 -31.19 124.07
C PRO G 673 -14.57 -30.65 122.65
N PHE G 674 -15.41 -29.66 122.33
CA PHE G 674 -15.45 -29.08 120.98
C PHE G 674 -15.57 -27.56 121.13
N LEU G 675 -14.42 -26.90 121.25
CA LEU G 675 -14.39 -25.45 121.12
C LEU G 675 -14.37 -25.03 119.66
N THR G 676 -13.97 -25.95 118.78
CA THR G 676 -14.05 -25.76 117.33
C THR G 676 -14.64 -27.00 116.69
N ALA G 677 -14.64 -27.05 115.35
CA ALA G 677 -15.12 -28.24 114.67
C ALA G 677 -14.24 -29.44 114.96
N GLN G 678 -12.93 -29.22 115.09
CA GLN G 678 -12.01 -30.28 115.45
C GLN G 678 -12.05 -30.53 116.95
N ALA G 679 -11.99 -31.79 117.33
CA ALA G 679 -12.07 -32.16 118.74
C ALA G 679 -10.87 -31.63 119.50
N THR G 680 -11.11 -31.30 120.77
CA THR G 680 -10.04 -30.80 121.62
C THR G 680 -8.98 -31.87 121.83
N HIS G 681 -7.74 -31.43 121.91
CA HIS G 681 -6.58 -32.31 122.05
C HIS G 681 -6.00 -32.14 123.45
N LEU G 682 -5.85 -33.27 124.15
CA LEU G 682 -5.20 -33.29 125.45
C LEU G 682 -4.50 -34.64 125.62
N ARG G 683 -3.17 -34.61 125.75
CA ARG G 683 -2.38 -35.81 125.93
C ARG G 683 -1.33 -35.55 126.99
N VAL G 684 -1.01 -36.59 127.76
CA VAL G 684 -0.04 -36.53 128.84
C VAL G 684 0.96 -37.64 128.64
N GLY G 685 2.24 -37.35 128.87
CA GLY G 685 3.24 -38.40 128.78
C GLY G 685 4.67 -37.94 128.92
N TRP G 686 5.57 -38.69 128.30
CA TRP G 686 6.99 -38.41 128.34
C TRP G 686 7.50 -38.16 126.91
N ALA G 687 8.59 -37.42 126.83
CA ALA G 687 9.18 -37.10 125.53
C ALA G 687 10.68 -37.01 125.69
N LEU G 688 11.39 -37.31 124.60
CA LEU G 688 12.85 -37.30 124.60
C LEU G 688 13.36 -35.96 124.11
N THR G 689 14.40 -35.45 124.78
CA THR G 689 14.90 -34.11 124.47
C THR G 689 15.38 -34.02 123.03
N GLU G 690 16.10 -35.02 122.56
CA GLU G 690 16.65 -35.02 121.20
C GLU G 690 15.63 -35.69 120.29
N GLY G 691 14.96 -34.89 119.47
CA GLY G 691 14.04 -35.38 118.46
C GLY G 691 12.62 -34.86 118.60
N TYR G 692 12.18 -34.55 119.82
CA TYR G 692 10.82 -34.04 120.03
C TYR G 692 10.83 -32.55 119.77
N SER G 693 10.48 -32.16 118.55
CA SER G 693 10.47 -30.76 118.13
C SER G 693 9.14 -30.48 117.44
N PRO G 694 8.04 -30.49 118.18
CA PRO G 694 6.74 -30.18 117.57
C PRO G 694 6.65 -28.71 117.26
N TYR G 695 6.81 -28.37 115.99
CA TYR G 695 6.75 -26.96 115.66
C TYR G 695 5.31 -26.55 115.37
N PRO G 696 4.92 -25.33 115.71
CA PRO G 696 3.53 -24.92 115.50
C PRO G 696 3.11 -25.05 114.05
N GLY G 697 1.87 -25.46 113.85
CA GLY G 697 1.29 -25.48 112.52
C GLY G 697 1.32 -26.87 111.92
N GLY G 698 1.89 -26.96 110.72
CA GLY G 698 1.89 -28.22 110.01
C GLY G 698 2.93 -29.19 110.53
N GLY G 699 2.82 -30.42 110.06
CA GLY G 699 3.72 -31.47 110.46
C GLY G 699 3.32 -32.81 109.88
N GLU G 700 3.45 -33.86 110.68
CA GLU G 700 3.11 -35.20 110.21
C GLU G 700 1.59 -35.37 110.16
N GLY G 701 1.14 -36.13 109.17
CA GLY G 701 -0.28 -36.36 109.02
C GLY G 701 -1.01 -35.07 108.72
N TRP G 702 -2.06 -34.82 109.48
CA TRP G 702 -2.89 -33.62 109.32
C TRP G 702 -2.57 -32.57 110.39
N GLY G 703 -1.35 -32.56 110.91
CA GLY G 703 -0.96 -31.58 111.88
C GLY G 703 -1.41 -31.94 113.29
N GLY G 704 -1.46 -30.92 114.14
CA GLY G 704 -1.77 -31.15 115.54
C GLY G 704 -0.75 -32.02 116.22
N ASN G 705 0.53 -31.81 115.90
CA ASN G 705 1.58 -32.65 116.45
C ASN G 705 1.68 -32.46 117.96
N GLY G 706 1.66 -33.57 118.68
CA GLY G 706 1.78 -33.53 120.13
C GLY G 706 2.42 -34.81 120.62
N VAL G 707 2.19 -35.10 121.90
CA VAL G 707 2.74 -36.28 122.53
C VAL G 707 2.24 -37.51 121.77
N GLY G 708 3.17 -38.34 121.33
CA GLY G 708 2.83 -39.57 120.64
C GLY G 708 2.67 -39.44 119.14
N ASP G 709 2.94 -38.27 118.57
CA ASP G 709 2.90 -38.07 117.14
C ASP G 709 4.26 -38.30 116.49
N ASP G 710 5.23 -38.77 117.26
CA ASP G 710 6.55 -39.11 116.75
C ASP G 710 7.10 -40.27 117.57
N LEU G 711 8.24 -40.80 117.14
CA LEU G 711 8.90 -41.89 117.85
C LEU G 711 9.80 -41.39 118.97
N TYR G 712 9.60 -40.15 119.41
CA TYR G 712 10.33 -39.58 120.54
C TYR G 712 9.39 -39.26 121.70
N SER G 713 8.11 -39.57 121.59
CA SER G 713 7.12 -39.17 122.58
C SER G 713 6.16 -40.33 122.82
N TYR G 714 5.62 -40.39 124.03
CA TYR G 714 4.76 -41.48 124.45
C TYR G 714 3.65 -40.89 125.31
N GLY G 715 2.40 -41.05 124.87
CA GLY G 715 1.30 -40.30 125.45
C GLY G 715 0.09 -41.17 125.75
N PHE G 716 -0.87 -40.55 126.41
CA PHE G 716 -2.12 -41.18 126.80
C PHE G 716 -3.22 -40.14 126.77
N ASP G 717 -4.29 -40.42 126.01
CA ASP G 717 -5.40 -39.49 125.88
C ASP G 717 -6.63 -39.89 126.68
N GLY G 718 -6.58 -40.99 127.42
CA GLY G 718 -7.72 -41.45 128.17
C GLY G 718 -8.30 -42.72 127.58
N LEU G 719 -8.25 -42.81 126.25
CA LEU G 719 -8.78 -43.96 125.51
C LEU G 719 -7.70 -44.71 124.74
N HIS G 720 -6.58 -44.07 124.46
CA HIS G 720 -5.57 -44.64 123.57
C HIS G 720 -4.18 -44.36 124.13
N LEU G 721 -3.22 -45.13 123.63
CA LEU G 721 -1.80 -44.84 123.81
C LEU G 721 -1.24 -44.40 122.47
N TRP G 722 -0.48 -43.31 122.48
CA TRP G 722 -0.04 -42.67 121.26
C TRP G 722 1.48 -42.80 121.11
N THR G 723 1.90 -43.25 119.93
CA THR G 723 3.30 -43.27 119.56
C THR G 723 3.39 -43.53 118.07
N GLY G 724 4.32 -42.84 117.41
CA GLY G 724 4.43 -42.93 115.97
C GLY G 724 3.20 -42.43 115.25
N HIS G 725 2.50 -41.45 115.82
CA HIS G 725 1.32 -40.86 115.22
C HIS G 725 0.23 -41.91 115.02
N VAL G 726 0.25 -42.95 115.86
CA VAL G 726 -0.71 -44.04 115.82
C VAL G 726 -1.38 -44.12 117.17
N ALA G 727 -2.72 -44.17 117.16
CA ALA G 727 -3.50 -44.35 118.37
C ALA G 727 -3.85 -45.82 118.53
N ARG G 728 -3.44 -46.41 119.65
CA ARG G 728 -3.76 -47.79 119.95
C ARG G 728 -4.64 -47.86 121.18
N PRO G 729 -5.86 -48.39 121.08
CA PRO G 729 -6.76 -48.38 122.24
C PRO G 729 -6.17 -49.13 123.42
N VAL G 730 -6.44 -48.62 124.61
CA VAL G 730 -6.01 -49.23 125.86
C VAL G 730 -7.21 -49.29 126.80
N THR G 731 -7.30 -50.39 127.53
CA THR G 731 -8.46 -50.68 128.37
C THR G 731 -8.23 -50.19 129.79
N SER G 732 -9.19 -49.46 130.33
CA SER G 732 -9.15 -48.98 131.69
C SER G 732 -10.56 -49.00 132.27
N PRO G 733 -10.69 -49.17 133.59
CA PRO G 733 -12.01 -49.05 134.21
C PRO G 733 -12.60 -47.67 134.00
N GLY G 734 -13.89 -47.61 133.72
CA GLY G 734 -14.55 -46.35 133.46
C GLY G 734 -13.89 -45.63 132.31
N GLN G 735 -13.58 -46.38 131.26
CA GLN G 735 -12.80 -45.87 130.15
C GLN G 735 -13.50 -44.67 129.52
N HIS G 736 -12.81 -43.53 129.50
CA HIS G 736 -13.36 -42.32 128.90
C HIS G 736 -12.22 -41.41 128.49
N LEU G 737 -12.54 -40.50 127.58
CA LEU G 737 -11.59 -39.48 127.16
C LEU G 737 -11.33 -38.52 128.32
N LEU G 738 -10.11 -37.99 128.36
CA LEU G 738 -9.71 -37.11 129.45
C LEU G 738 -10.77 -36.04 129.72
N ALA G 739 -11.31 -36.07 130.92
CA ALA G 739 -12.41 -35.22 131.34
C ALA G 739 -12.00 -34.44 132.58
N PRO G 740 -12.79 -33.43 132.96
CA PRO G 740 -12.48 -32.68 134.18
C PRO G 740 -12.46 -33.59 135.40
N GLU G 741 -11.59 -33.24 136.35
CA GLU G 741 -11.34 -33.93 137.62
C GLU G 741 -10.57 -35.23 137.41
N ASP G 742 -10.25 -35.60 136.17
CA ASP G 742 -9.46 -36.79 135.93
C ASP G 742 -8.02 -36.56 136.39
N VAL G 743 -7.42 -37.62 136.92
CA VAL G 743 -6.03 -37.58 137.37
C VAL G 743 -5.27 -38.69 136.66
N VAL G 744 -4.20 -38.33 135.98
CA VAL G 744 -3.37 -39.25 135.22
C VAL G 744 -2.02 -39.34 135.92
N SER G 745 -1.64 -40.55 136.31
CA SER G 745 -0.37 -40.81 136.98
C SER G 745 0.55 -41.51 136.01
N CYS G 746 1.68 -40.89 135.70
CA CYS G 746 2.63 -41.40 134.73
C CYS G 746 3.88 -41.85 135.46
N CYS G 747 4.33 -43.07 135.14
CA CYS G 747 5.46 -43.71 135.78
C CYS G 747 6.47 -44.10 134.71
N LEU G 748 7.75 -43.80 134.96
CA LEU G 748 8.84 -44.11 134.05
C LEU G 748 9.87 -44.95 134.78
N ASP G 749 10.20 -46.11 134.22
CA ASP G 749 11.32 -46.92 134.67
C ASP G 749 12.33 -46.98 133.53
N LEU G 750 13.53 -46.48 133.79
CA LEU G 750 14.56 -46.43 132.76
C LEU G 750 15.34 -47.72 132.63
N SER G 751 15.18 -48.65 133.58
CA SER G 751 15.93 -49.90 133.52
C SER G 751 15.35 -50.85 132.48
N VAL G 752 14.02 -50.95 132.42
CA VAL G 752 13.40 -51.97 131.58
C VAL G 752 13.74 -51.76 130.11
N PRO G 753 13.50 -50.59 129.50
CA PRO G 753 12.72 -49.43 129.95
C PRO G 753 11.21 -49.61 129.76
N SER G 754 10.43 -48.86 130.53
CA SER G 754 8.98 -49.00 130.51
C SER G 754 8.33 -47.69 130.92
N ILE G 755 7.20 -47.39 130.30
CA ILE G 755 6.35 -46.26 130.67
C ILE G 755 4.96 -46.79 130.93
N SER G 756 4.36 -46.37 132.05
CA SER G 756 3.07 -46.87 132.46
C SER G 756 2.20 -45.73 132.96
N PHE G 757 0.89 -45.98 132.97
CA PHE G 757 -0.09 -44.98 133.37
C PHE G 757 -1.12 -45.58 134.31
N ARG G 758 -1.69 -44.71 135.12
CA ARG G 758 -2.86 -45.02 135.92
C ARG G 758 -3.85 -43.88 135.75
N ILE G 759 -5.14 -44.21 135.71
CA ILE G 759 -6.21 -43.22 135.56
C ILE G 759 -7.05 -43.24 136.83
N ASN G 760 -7.11 -42.10 137.50
CA ASN G 760 -7.90 -41.95 138.73
C ASN G 760 -7.56 -43.07 139.71
N GLY G 761 -6.28 -43.43 139.77
CA GLY G 761 -5.82 -44.51 140.62
C GLY G 761 -6.06 -45.90 140.06
N CYS G 762 -6.60 -46.02 138.85
CA CYS G 762 -6.90 -47.30 138.26
C CYS G 762 -5.84 -47.66 137.22
N PRO G 763 -5.43 -48.92 137.13
CA PRO G 763 -4.39 -49.29 136.16
C PRO G 763 -4.85 -49.08 134.73
N VAL G 764 -3.90 -48.72 133.88
CA VAL G 764 -4.11 -48.66 132.44
C VAL G 764 -3.43 -49.88 131.83
N GLN G 765 -4.22 -50.71 131.14
CA GLN G 765 -3.75 -52.03 130.70
C GLN G 765 -2.97 -51.92 129.39
N GLY G 766 -1.91 -51.11 129.44
CA GLY G 766 -1.00 -50.98 128.32
C GLY G 766 0.26 -50.29 128.75
N VAL G 767 1.35 -50.59 128.03
CA VAL G 767 2.66 -50.04 128.40
C VAL G 767 3.49 -49.81 127.14
N PHE G 768 4.34 -48.81 127.22
CA PHE G 768 5.43 -48.60 126.27
C PHE G 768 6.69 -49.20 126.87
N GLU G 769 7.47 -49.90 126.04
CA GLU G 769 8.71 -50.50 126.51
C GLU G 769 9.70 -50.59 125.36
N ALA G 770 10.93 -50.98 125.70
CA ALA G 770 11.96 -51.26 124.71
C ALA G 770 12.16 -50.08 123.76
N PHE G 771 12.13 -48.87 124.31
CA PHE G 771 12.34 -47.69 123.49
C PHE G 771 13.75 -47.16 123.65
N ASN G 772 14.12 -46.24 122.76
CA ASN G 772 15.46 -45.70 122.72
C ASN G 772 15.74 -44.85 123.95
N LEU G 773 16.98 -44.93 124.43
CA LEU G 773 17.44 -44.17 125.58
C LEU G 773 18.56 -43.21 125.22
N ASP G 774 18.50 -42.63 124.02
CA ASP G 774 19.62 -41.82 123.52
C ASP G 774 19.70 -40.47 124.22
N GLY G 775 18.58 -40.01 124.79
CA GLY G 775 18.55 -38.68 125.37
C GLY G 775 17.97 -38.62 126.78
N LEU G 776 17.44 -37.47 127.13
CA LEU G 776 16.83 -37.25 128.44
C LEU G 776 15.32 -37.16 128.28
N PHE G 777 14.60 -37.75 129.23
CA PHE G 777 13.14 -37.74 129.21
C PHE G 777 12.61 -36.66 130.14
N PHE G 778 11.53 -36.01 129.70
CA PHE G 778 10.86 -35.02 130.54
C PHE G 778 9.37 -35.22 130.50
N PRO G 779 8.65 -34.87 131.57
CA PRO G 779 7.19 -34.84 131.51
C PRO G 779 6.72 -33.82 130.49
N VAL G 780 5.60 -34.10 129.85
CA VAL G 780 5.07 -33.21 128.83
C VAL G 780 3.57 -33.42 128.69
N VAL G 781 2.88 -32.32 128.41
CA VAL G 781 1.46 -32.35 128.07
C VAL G 781 1.26 -31.55 126.79
N SER G 782 0.55 -32.16 125.85
CA SER G 782 0.21 -31.51 124.59
C SER G 782 -1.28 -31.21 124.60
N PHE G 783 -1.65 -30.02 124.14
CA PHE G 783 -3.02 -29.59 124.26
C PHE G 783 -3.37 -28.60 123.16
N SER G 784 -4.66 -28.48 122.92
CA SER G 784 -5.24 -27.43 122.10
C SER G 784 -5.96 -26.45 123.02
N ALA G 785 -6.58 -25.45 122.41
CA ALA G 785 -7.32 -24.46 123.19
C ALA G 785 -8.55 -25.09 123.83
N GLY G 786 -8.82 -24.67 125.06
CA GLY G 786 -9.92 -25.20 125.83
C GLY G 786 -9.52 -26.09 126.99
N VAL G 787 -8.35 -25.89 127.58
CA VAL G 787 -7.82 -26.81 128.59
C VAL G 787 -7.30 -26.00 129.77
N LYS G 788 -7.57 -26.52 130.97
CA LYS G 788 -6.85 -26.15 132.18
C LYS G 788 -6.38 -27.42 132.86
N VAL G 789 -5.06 -27.53 133.08
CA VAL G 789 -4.47 -28.72 133.67
C VAL G 789 -3.48 -28.29 134.74
N ARG G 790 -3.14 -29.22 135.61
CA ARG G 790 -2.20 -28.97 136.69
C ARG G 790 -1.20 -30.11 136.79
N PHE G 791 0.07 -29.76 136.65
CA PHE G 791 1.18 -30.65 136.92
C PHE G 791 1.34 -30.79 138.43
N LEU G 792 1.36 -32.04 138.90
CA LEU G 792 1.67 -32.39 140.27
C LEU G 792 2.96 -33.19 140.27
N LEU G 793 4.01 -32.62 140.86
CA LEU G 793 5.35 -33.20 140.79
C LEU G 793 5.87 -33.68 142.12
N GLY G 794 5.22 -33.33 143.23
CA GLY G 794 5.63 -33.82 144.53
C GLY G 794 6.07 -32.72 145.47
N GLY G 795 5.96 -32.99 146.77
CA GLY G 795 6.41 -32.03 147.76
C GLY G 795 5.67 -30.71 147.62
N ARG G 796 6.43 -29.62 147.71
CA ARG G 796 5.84 -28.30 147.62
C ARG G 796 5.33 -27.99 146.22
N HIS G 797 5.95 -28.57 145.19
CA HIS G 797 5.61 -28.19 143.82
C HIS G 797 4.35 -28.89 143.34
N GLY G 798 3.86 -29.87 144.10
CA GLY G 798 2.60 -30.50 143.82
C GLY G 798 2.32 -31.65 144.75
N GLU G 799 1.08 -31.78 145.20
CA GLU G 799 0.69 -32.82 146.13
C GLU G 799 0.02 -33.95 145.35
N PHE G 800 0.62 -35.13 145.42
CA PHE G 800 0.07 -36.28 144.73
C PHE G 800 -1.27 -36.69 145.36
N LYS G 801 -2.20 -37.11 144.51
CA LYS G 801 -3.47 -37.64 144.97
C LYS G 801 -3.42 -39.14 145.17
N PHE G 802 -2.60 -39.84 144.40
CA PHE G 802 -2.41 -41.27 144.50
C PHE G 802 -0.96 -41.56 144.79
N LEU G 803 -0.73 -42.49 145.72
CA LEU G 803 0.62 -42.75 146.18
C LEU G 803 1.48 -43.31 145.04
N PRO G 804 2.70 -42.80 144.85
CA PRO G 804 3.58 -43.37 143.83
C PRO G 804 3.89 -44.82 144.14
N PRO G 805 4.09 -45.64 143.11
CA PRO G 805 4.47 -47.03 143.35
C PRO G 805 5.87 -47.09 143.95
N PRO G 806 6.21 -48.19 144.61
CA PRO G 806 7.50 -48.27 145.30
C PRO G 806 8.66 -48.04 144.35
N GLY G 807 9.64 -47.29 144.81
CA GLY G 807 10.87 -47.07 144.08
C GLY G 807 10.80 -45.98 143.03
N TYR G 808 9.64 -45.35 142.84
CA TYR G 808 9.46 -44.32 141.83
C TYR G 808 9.54 -42.96 142.50
N ALA G 809 10.59 -42.20 142.18
CA ALA G 809 10.81 -40.94 142.85
C ALA G 809 9.90 -39.86 142.25
N PRO G 810 9.42 -38.93 143.08
CA PRO G 810 8.72 -37.77 142.53
C PRO G 810 9.64 -36.95 141.66
N CYS G 811 9.07 -36.40 140.58
CA CYS G 811 9.87 -35.67 139.60
C CYS G 811 10.42 -34.37 140.14
N HIS G 812 9.88 -33.85 141.24
CA HIS G 812 10.41 -32.61 141.81
C HIS G 812 11.81 -32.81 142.36
N GLU G 813 12.20 -34.05 142.64
CA GLU G 813 13.54 -34.34 143.15
C GLU G 813 14.62 -34.19 142.08
N ALA G 814 14.25 -34.02 140.82
CA ALA G 814 15.20 -33.97 139.73
C ALA G 814 15.61 -32.56 139.35
N VAL G 815 14.99 -31.53 139.93
CA VAL G 815 15.37 -30.16 139.60
C VAL G 815 16.83 -29.96 139.97
N LEU G 816 17.60 -29.39 139.05
CA LEU G 816 19.03 -29.27 139.24
C LEU G 816 19.35 -28.13 140.19
N PRO G 817 20.52 -28.18 140.84
CA PRO G 817 20.86 -27.14 141.82
C PRO G 817 20.86 -25.74 141.25
N ARG G 818 21.34 -25.57 140.01
CA ARG G 818 21.47 -24.24 139.43
C ARG G 818 20.14 -23.68 138.98
N GLU G 819 19.19 -24.54 138.64
CA GLU G 819 17.90 -24.13 138.10
C GLU G 819 16.82 -24.21 139.17
N ARG G 820 15.66 -23.63 138.85
CA ARG G 820 14.47 -23.71 139.67
C ARG G 820 13.33 -24.25 138.82
N LEU G 821 12.41 -24.97 139.47
CA LEU G 821 11.34 -25.61 138.73
C LEU G 821 10.49 -24.57 138.01
N ARG G 822 10.17 -24.86 136.76
CA ARG G 822 9.38 -23.96 135.94
C ARG G 822 8.74 -24.76 134.82
N LEU G 823 7.70 -24.18 134.24
CA LEU G 823 7.03 -24.74 133.07
C LEU G 823 7.39 -23.90 131.85
N GLU G 824 7.87 -24.56 130.82
CA GLU G 824 8.43 -23.89 129.65
C GLU G 824 7.93 -24.58 128.40
N PRO G 825 7.89 -23.85 127.27
CA PRO G 825 7.64 -24.51 126.00
C PRO G 825 8.87 -25.27 125.52
N ILE G 826 8.71 -25.97 124.41
CA ILE G 826 9.73 -26.85 123.87
C ILE G 826 10.18 -26.32 122.51
N LYS G 827 11.47 -26.04 122.40
CA LYS G 827 12.09 -25.60 121.15
C LYS G 827 11.25 -24.51 120.48
N GLU G 828 11.13 -23.40 121.19
CA GLU G 828 10.41 -22.24 120.70
C GLU G 828 11.35 -21.31 119.95
N TYR G 829 10.86 -20.79 118.82
CA TYR G 829 11.58 -19.77 118.07
C TYR G 829 10.96 -18.39 118.23
N ARG G 830 10.04 -18.23 119.18
CA ARG G 830 9.26 -17.02 119.28
C ARG G 830 8.70 -16.91 120.70
N ARG G 831 8.75 -15.70 121.24
CA ARG G 831 8.14 -15.42 122.52
C ARG G 831 7.61 -13.98 122.52
N GLU G 832 6.78 -13.66 123.49
CA GLU G 832 6.31 -12.29 123.64
C GLU G 832 7.27 -11.50 124.52
N GLY G 833 7.24 -10.18 124.38
CA GLY G 833 8.03 -9.31 125.21
C GLY G 833 7.50 -7.89 125.21
N PRO G 834 8.04 -7.08 126.13
CA PRO G 834 7.44 -5.78 126.43
C PRO G 834 6.99 -5.00 125.22
N ARG G 835 7.90 -4.77 124.27
CA ARG G 835 7.54 -4.00 123.09
C ARG G 835 6.92 -4.88 122.01
N GLY G 836 7.35 -6.13 121.88
CA GLY G 836 6.92 -6.96 120.79
C GLY G 836 7.41 -8.39 120.90
N PRO G 837 7.23 -9.16 119.84
CA PRO G 837 7.77 -10.53 119.83
C PRO G 837 9.29 -10.53 119.77
N HIS G 838 9.88 -11.46 120.51
CA HIS G 838 11.30 -11.76 120.45
C HIS G 838 11.51 -13.07 119.70
N LEU G 839 12.37 -13.01 118.69
CA LEU G 839 12.85 -14.21 118.03
C LEU G 839 13.94 -14.85 118.87
N VAL G 840 13.89 -16.18 118.98
CA VAL G 840 14.75 -16.94 119.86
C VAL G 840 15.52 -17.96 119.02
N GLY G 841 16.81 -18.07 119.26
CA GLY G 841 17.60 -19.08 118.62
C GLY G 841 17.46 -20.41 119.29
N PRO G 842 18.23 -21.38 118.80
CA PRO G 842 18.18 -22.72 119.39
C PRO G 842 18.56 -22.69 120.85
N SER G 843 18.05 -23.67 121.60
CA SER G 843 18.28 -23.76 123.04
C SER G 843 19.33 -24.82 123.33
N ARG G 844 20.35 -24.44 124.07
CA ARG G 844 21.33 -25.41 124.54
C ARG G 844 20.66 -26.38 125.50
N CYS G 845 20.85 -27.67 125.27
CA CYS G 845 20.20 -28.71 126.03
C CYS G 845 21.23 -29.72 126.52
N LEU G 846 20.91 -30.34 127.65
CA LEU G 846 21.81 -31.31 128.25
C LEU G 846 21.70 -32.65 127.52
N SER G 847 22.65 -33.53 127.85
CA SER G 847 22.68 -34.88 127.30
C SER G 847 22.80 -35.88 128.45
N HIS G 848 22.33 -37.09 128.19
CA HIS G 848 22.38 -38.13 129.22
C HIS G 848 23.81 -38.41 129.66
N THR G 849 24.78 -38.15 128.78
CA THR G 849 26.18 -38.38 129.13
C THR G 849 26.74 -37.30 130.05
N ASP G 850 26.16 -36.10 130.02
CA ASP G 850 26.71 -35.00 130.81
C ASP G 850 26.71 -35.33 132.29
N PHE G 851 25.70 -36.07 132.75
CA PHE G 851 25.61 -36.39 134.17
C PHE G 851 26.68 -37.40 134.58
N VAL G 852 27.19 -38.16 133.62
CA VAL G 852 28.25 -39.12 133.90
C VAL G 852 29.53 -38.35 134.24
N PRO G 853 30.11 -38.55 135.42
CA PRO G 853 31.41 -37.93 135.71
C PRO G 853 32.51 -38.61 134.93
N CYS G 854 33.44 -37.81 134.41
CA CYS G 854 34.54 -38.28 133.58
C CYS G 854 35.84 -37.71 134.10
N PRO G 855 36.33 -38.20 135.24
CA PRO G 855 37.62 -37.73 135.75
C PRO G 855 38.77 -38.24 134.89
N VAL G 856 39.91 -37.55 135.01
CA VAL G 856 41.06 -37.87 134.20
C VAL G 856 41.61 -39.24 134.59
N ASP G 857 42.14 -39.96 133.62
CA ASP G 857 42.65 -41.30 133.88
C ASP G 857 43.89 -41.24 134.77
N THR G 858 43.95 -42.15 135.73
CA THR G 858 45.07 -42.23 136.65
C THR G 858 45.49 -43.68 136.94
N VAL G 859 44.95 -44.65 136.20
CA VAL G 859 45.07 -46.06 136.55
C VAL G 859 46.54 -46.45 136.79
N GLN G 860 47.46 -45.83 136.03
CA GLN G 860 48.89 -46.07 136.22
C GLN G 860 49.41 -45.12 137.31
N ILE G 861 49.06 -45.44 138.55
CA ILE G 861 49.37 -44.59 139.69
C ILE G 861 50.82 -44.85 140.11
N VAL G 862 51.70 -43.89 139.81
CA VAL G 862 53.09 -43.93 140.26
C VAL G 862 53.39 -42.63 140.97
N LEU G 863 54.00 -42.73 142.15
CA LEU G 863 54.24 -41.57 142.99
C LEU G 863 55.70 -41.52 143.39
N PRO G 864 56.41 -40.42 143.14
CA PRO G 864 57.78 -40.32 143.60
C PRO G 864 57.85 -40.44 145.11
N PRO G 865 58.94 -40.98 145.65
CA PRO G 865 58.97 -41.26 147.10
C PRO G 865 58.72 -40.05 147.96
N HIS G 866 59.22 -38.87 147.57
CA HIS G 866 58.99 -37.68 148.38
C HIS G 866 57.51 -37.30 148.42
N LEU G 867 56.73 -37.77 147.45
CA LEU G 867 55.30 -37.49 147.47
C LEU G 867 54.53 -38.59 148.20
N GLU G 868 55.16 -39.75 148.39
CA GLU G 868 54.54 -40.82 149.14
C GLU G 868 54.49 -40.50 150.63
N ARG G 869 55.52 -39.81 151.13
CA ARG G 869 55.53 -39.42 152.54
C ARG G 869 54.58 -38.26 152.81
N ILE G 870 54.47 -37.34 151.86
CA ILE G 870 53.81 -36.07 152.12
C ILE G 870 52.29 -36.19 151.97
N ARG G 871 51.82 -37.24 151.31
CA ARG G 871 50.37 -37.39 151.12
C ARG G 871 49.65 -37.56 152.46
N GLU G 872 50.23 -38.34 153.38
CA GLU G 872 49.59 -38.52 154.67
C GLU G 872 49.57 -37.21 155.46
N LYS G 873 50.63 -36.41 155.36
CA LYS G 873 50.63 -35.11 156.01
C LYS G 873 49.58 -34.19 155.39
N LEU G 874 49.42 -34.24 154.08
CA LEU G 874 48.34 -33.48 153.44
C LEU G 874 46.98 -33.94 153.95
N ALA G 875 46.81 -35.26 154.12
CA ALA G 875 45.56 -35.76 154.70
C ALA G 875 45.33 -35.19 156.09
N GLU G 876 46.38 -35.21 156.93
CA GLU G 876 46.26 -34.63 158.26
C GLU G 876 45.86 -33.16 158.19
N ASN G 877 46.49 -32.39 157.31
CA ASN G 877 46.23 -30.96 157.28
C ASN G 877 44.85 -30.65 156.72
N ILE G 878 44.39 -31.40 155.72
CA ILE G 878 43.04 -31.18 155.20
C ILE G 878 42.00 -31.60 156.24
N HIS G 879 42.27 -32.67 156.98
CA HIS G 879 41.40 -33.01 158.11
C HIS G 879 41.39 -31.87 159.13
N GLU G 880 42.54 -31.23 159.33
CA GLU G 880 42.63 -30.11 160.25
C GLU G 880 41.78 -28.94 159.78
N LEU G 881 41.87 -28.60 158.49
CA LEU G 881 41.06 -27.52 157.94
C LEU G 881 39.59 -27.86 158.00
N TRP G 882 39.25 -29.14 157.79
CA TRP G 882 37.88 -29.60 157.99
C TRP G 882 37.43 -29.36 159.42
N ALA G 883 38.31 -29.66 160.38
CA ALA G 883 38.02 -29.42 161.78
C ALA G 883 37.77 -27.94 162.05
N LEU G 884 38.59 -27.08 161.47
CA LEU G 884 38.35 -25.64 161.61
C LEU G 884 37.00 -25.25 161.03
N THR G 885 36.70 -25.70 159.81
CA THR G 885 35.40 -25.36 159.24
C THR G 885 34.28 -25.77 160.18
N ARG G 886 34.37 -26.98 160.74
CA ARG G 886 33.33 -27.44 161.65
C ARG G 886 33.26 -26.58 162.91
N ILE G 887 34.42 -26.25 163.50
CA ILE G 887 34.42 -25.57 164.79
C ILE G 887 33.89 -24.15 164.63
N GLU G 888 34.34 -23.44 163.59
CA GLU G 888 33.79 -22.11 163.33
C GLU G 888 32.33 -22.19 162.91
N GLN G 889 31.92 -23.30 162.28
CA GLN G 889 30.49 -23.52 162.05
C GLN G 889 29.75 -23.79 163.35
N GLY G 890 30.48 -24.06 164.42
CA GLY G 890 29.87 -24.27 165.72
C GLY G 890 29.75 -25.71 166.15
N TRP G 891 30.41 -26.63 165.46
CA TRP G 891 30.36 -28.04 165.83
C TRP G 891 31.20 -28.27 167.08
N THR G 892 31.03 -29.45 167.67
CA THR G 892 31.72 -29.82 168.89
C THR G 892 32.15 -31.27 168.80
N TYR G 893 33.04 -31.68 169.71
CA TYR G 893 33.55 -33.04 169.69
C TYR G 893 32.39 -34.02 169.75
N GLY G 894 32.40 -34.98 168.83
CA GLY G 894 31.32 -35.93 168.72
C GLY G 894 31.80 -37.37 168.80
N PRO G 895 31.38 -38.10 169.85
CA PRO G 895 31.69 -39.54 169.88
C PRO G 895 31.03 -40.30 168.74
N VAL G 896 29.94 -39.77 168.18
CA VAL G 896 29.22 -40.41 167.08
C VAL G 896 28.85 -39.34 166.06
N ARG G 897 29.07 -39.64 164.78
CA ARG G 897 28.68 -38.72 163.72
C ARG G 897 27.17 -38.72 163.52
N ASP G 898 26.60 -37.52 163.37
CA ASP G 898 25.18 -37.34 163.08
C ASP G 898 24.95 -35.93 162.53
N ASP G 899 24.14 -35.80 161.47
CA ASP G 899 23.98 -34.57 160.68
C ASP G 899 23.41 -33.44 161.51
N ASN G 900 22.24 -33.64 162.12
CA ASN G 900 21.58 -32.54 162.83
C ASN G 900 22.29 -32.19 164.12
N LYS G 901 22.94 -33.17 164.76
CA LYS G 901 23.46 -32.95 166.11
C LYS G 901 24.66 -32.00 166.12
N ARG G 902 25.25 -31.71 164.97
CA ARG G 902 26.48 -30.91 164.89
C ARG G 902 27.63 -31.63 165.58
N LEU G 903 27.87 -32.88 165.23
CA LEU G 903 28.93 -33.69 165.80
C LEU G 903 29.71 -34.38 164.69
N HIS G 904 31.02 -34.44 164.85
CA HIS G 904 31.91 -35.04 163.87
C HIS G 904 33.06 -35.75 164.57
N PRO G 905 33.11 -37.08 164.56
CA PRO G 905 34.22 -37.76 165.26
C PRO G 905 35.57 -37.39 164.69
N CYS G 906 35.61 -36.81 163.49
CA CYS G 906 36.90 -36.46 162.88
C CYS G 906 37.62 -35.42 163.72
N LEU G 907 36.92 -34.37 164.15
CA LEU G 907 37.52 -33.39 165.04
C LEU G 907 37.94 -34.06 166.35
N VAL G 908 39.23 -33.99 166.65
CA VAL G 908 39.78 -34.49 167.90
C VAL G 908 41.28 -34.35 167.88
N ASN G 909 41.90 -34.73 166.76
CA ASN G 909 43.33 -34.63 166.50
C ASN G 909 43.73 -35.19 165.14
N PHE G 910 44.90 -34.77 164.66
CA PHE G 910 45.35 -35.19 163.34
C PHE G 910 45.61 -36.69 163.24
N HIS G 911 46.03 -37.31 164.35
CA HIS G 911 46.17 -38.76 164.39
C HIS G 911 44.89 -39.43 164.87
N SER G 912 44.29 -38.88 165.92
CA SER G 912 43.14 -39.51 166.55
C SER G 912 41.97 -39.62 165.57
N LEU G 913 42.01 -38.83 164.50
CA LEU G 913 40.92 -38.86 163.53
C LEU G 913 40.80 -40.26 162.95
N PRO G 914 39.58 -40.76 162.72
CA PRO G 914 39.41 -42.22 162.57
C PRO G 914 39.98 -42.79 161.28
N GLU G 915 40.39 -44.05 161.38
CA GLU G 915 40.88 -44.80 160.22
C GLU G 915 39.91 -44.79 159.06
N PRO G 916 38.59 -44.86 159.25
CA PRO G 916 37.69 -44.73 158.10
C PRO G 916 37.91 -43.45 157.29
N GLU G 917 38.02 -42.30 157.96
CA GLU G 917 38.27 -41.05 157.24
C GLU G 917 39.66 -41.04 156.62
N ARG G 918 40.66 -41.58 157.32
CA ARG G 918 41.98 -41.71 156.69
C ARG G 918 41.89 -42.54 155.42
N ASN G 919 41.24 -43.70 155.48
CA ASN G 919 41.09 -44.55 154.31
C ASN G 919 40.29 -43.84 153.22
N TYR G 920 39.38 -42.95 153.61
CA TYR G 920 38.64 -42.19 152.62
C TYR G 920 39.53 -41.20 151.89
N ASN G 921 40.36 -40.47 152.63
CA ASN G 921 40.94 -39.24 152.11
C ASN G 921 42.41 -39.40 151.70
N LEU G 922 43.07 -40.46 152.15
CA LEU G 922 44.43 -40.73 151.68
C LEU G 922 44.43 -41.07 150.20
N GLN G 923 43.45 -41.87 149.76
CA GLN G 923 43.30 -42.14 148.34
C GLN G 923 42.99 -40.86 147.56
N MET G 924 42.25 -39.94 148.18
CA MET G 924 41.97 -38.67 147.53
C MET G 924 43.23 -37.84 147.36
N SER G 925 44.06 -37.79 148.40
CA SER G 925 45.33 -37.08 148.29
C SER G 925 46.21 -37.72 147.22
N GLY G 926 46.24 -39.06 147.19
CA GLY G 926 46.99 -39.73 146.15
C GLY G 926 46.48 -39.42 144.75
N GLU G 927 45.16 -39.34 144.60
CA GLU G 927 44.57 -38.96 143.33
C GLU G 927 44.96 -37.52 142.97
N THR G 928 44.99 -36.62 143.96
CA THR G 928 45.41 -35.25 143.69
C THR G 928 46.83 -35.23 143.16
N LEU G 929 47.75 -35.91 143.84
CA LEU G 929 49.15 -35.92 143.41
C LEU G 929 49.28 -36.55 142.02
N LYS G 930 48.60 -37.67 141.80
CA LYS G 930 48.69 -38.35 140.51
C LYS G 930 48.11 -37.48 139.40
N THR G 931 47.08 -36.69 139.70
CA THR G 931 46.57 -35.75 138.71
C THR G 931 47.60 -34.67 138.42
N LEU G 932 48.19 -34.10 139.47
CA LEU G 932 49.25 -33.12 139.24
C LEU G 932 50.32 -33.68 138.32
N LEU G 933 50.60 -34.99 138.45
CA LEU G 933 51.55 -35.64 137.55
C LEU G 933 50.98 -35.77 136.14
N ALA G 934 49.72 -36.18 136.03
CA ALA G 934 49.10 -36.42 134.72
C ALA G 934 49.09 -35.15 133.88
N LEU G 935 48.73 -34.04 134.51
CA LEU G 935 48.72 -32.74 133.88
C LEU G 935 50.06 -32.37 133.26
N GLY G 936 51.14 -33.05 133.64
CA GLY G 936 52.46 -32.70 133.18
C GLY G 936 53.21 -31.77 134.10
N CYS G 937 52.61 -31.35 135.20
CA CYS G 937 53.33 -30.56 136.19
C CYS G 937 54.40 -31.42 136.85
N HIS G 938 55.57 -30.83 137.06
CA HIS G 938 56.69 -31.53 137.69
C HIS G 938 56.77 -31.09 139.14
N VAL G 939 56.75 -32.05 140.05
CA VAL G 939 56.77 -31.80 141.48
C VAL G 939 57.98 -32.49 142.06
N GLY G 940 58.85 -31.71 142.71
CA GLY G 940 59.98 -32.27 143.41
C GLY G 940 60.34 -31.40 144.60
N MET G 941 61.29 -31.90 145.38
CA MET G 941 61.72 -31.23 146.59
C MET G 941 62.59 -30.04 146.20
N ALA G 942 61.94 -28.89 145.96
CA ALA G 942 62.67 -27.71 145.54
C ALA G 942 63.53 -27.13 146.66
N ASP G 943 63.01 -27.08 147.89
CA ASP G 943 63.71 -26.45 149.00
C ASP G 943 63.49 -27.22 150.29
N GLU G 944 64.54 -27.88 150.78
CA GLU G 944 64.47 -28.60 152.06
C GLU G 944 64.21 -27.65 153.22
N LYS G 945 64.62 -26.39 153.08
CA LYS G 945 64.42 -25.42 154.13
C LYS G 945 62.95 -25.13 154.40
N ALA G 946 62.12 -25.22 153.36
CA ALA G 946 60.68 -24.97 153.53
C ALA G 946 60.07 -26.02 154.46
N GLU G 947 60.40 -27.30 154.22
CA GLU G 947 59.98 -28.35 155.15
C GLU G 947 60.57 -28.15 156.53
N ASP G 948 61.88 -27.88 156.61
CA ASP G 948 62.55 -27.81 157.90
C ASP G 948 61.98 -26.71 158.78
N ASN G 949 61.83 -25.50 158.21
CA ASN G 949 61.29 -24.35 158.91
C ASN G 949 60.06 -23.86 158.17
N LEU G 950 59.00 -23.55 158.92
CA LEU G 950 57.77 -23.09 158.29
C LEU G 950 57.02 -22.18 159.26
N LYS G 951 56.24 -21.26 158.70
CA LYS G 951 55.46 -20.36 159.53
C LYS G 951 54.40 -21.12 160.28
N LYS G 952 54.34 -20.90 161.60
CA LYS G 952 53.49 -21.67 162.47
C LYS G 952 52.26 -20.86 162.82
N THR G 953 51.14 -21.20 162.19
CA THR G 953 49.92 -20.45 162.44
C THR G 953 49.41 -20.76 163.85
N LYS G 954 48.84 -19.73 164.47
CA LYS G 954 48.43 -19.80 165.86
C LYS G 954 46.98 -19.34 165.98
N LEU G 955 46.10 -20.25 166.38
CA LEU G 955 44.73 -19.84 166.62
C LEU G 955 44.67 -18.94 167.84
N PRO G 956 43.89 -17.85 167.80
CA PRO G 956 43.95 -16.88 168.90
C PRO G 956 43.76 -17.56 170.25
N LYS G 957 44.67 -17.24 171.16
CA LYS G 957 44.73 -17.83 172.50
C LYS G 957 43.39 -17.69 173.21
N THR G 958 42.67 -16.60 172.94
CA THR G 958 41.32 -16.45 173.47
C THR G 958 40.43 -17.59 173.02
N TYR G 959 40.57 -18.02 171.77
CA TYR G 959 39.65 -19.00 171.20
C TYR G 959 39.77 -20.33 171.93
N MET G 960 38.76 -21.16 171.77
CA MET G 960 38.55 -22.39 172.53
C MET G 960 37.86 -23.42 171.65
N MET G 961 38.31 -24.66 171.74
CA MET G 961 37.70 -25.74 170.97
C MET G 961 37.61 -27.01 171.81
N SER G 962 36.80 -27.95 171.33
CA SER G 962 36.51 -29.15 172.12
C SER G 962 37.69 -30.09 172.16
N ASN G 963 38.58 -30.01 171.16
CA ASN G 963 39.80 -30.80 171.16
C ASN G 963 40.72 -30.42 172.31
N GLY G 964 40.84 -29.14 172.61
CA GLY G 964 41.88 -28.65 173.50
C GLY G 964 43.25 -28.44 172.86
N TYR G 965 43.39 -28.57 171.54
CA TYR G 965 44.65 -28.50 170.75
C TYR G 965 44.75 -27.57 169.55
N LYS G 966 45.26 -26.39 169.76
CA LYS G 966 45.09 -25.34 168.75
C LYS G 966 45.63 -25.81 167.40
N PRO G 967 44.83 -25.78 166.34
CA PRO G 967 45.37 -26.10 165.02
C PRO G 967 46.52 -25.17 164.69
N ALA G 968 47.26 -25.50 163.64
CA ALA G 968 48.42 -24.79 163.10
C ALA G 968 48.59 -25.16 161.63
N PRO G 969 47.79 -24.59 160.74
CA PRO G 969 48.07 -24.70 159.30
C PRO G 969 49.20 -23.77 158.93
N LEU G 970 49.78 -24.02 157.76
CA LEU G 970 50.88 -23.20 157.29
C LEU G 970 50.39 -21.79 156.98
N ASP G 971 50.93 -20.80 157.68
CA ASP G 971 50.60 -19.42 157.38
C ASP G 971 51.30 -19.01 156.10
N LEU G 972 50.54 -18.45 155.16
CA LEU G 972 51.02 -18.25 153.80
C LEU G 972 50.62 -16.89 153.24
N SER G 973 50.50 -15.87 154.08
CA SER G 973 50.19 -14.55 153.57
C SER G 973 51.31 -14.02 152.67
N HIS G 974 52.52 -14.55 152.86
CA HIS G 974 53.67 -14.22 152.04
C HIS G 974 53.77 -15.10 150.80
N VAL G 975 52.68 -15.74 150.40
CA VAL G 975 52.67 -16.66 149.27
C VAL G 975 51.65 -16.19 148.26
N ARG G 976 52.06 -16.13 147.00
CA ARG G 976 51.25 -15.61 145.91
C ARG G 976 51.03 -16.71 144.87
N LEU G 977 49.77 -17.04 144.62
CA LEU G 977 49.39 -17.99 143.59
C LEU G 977 48.83 -17.25 142.39
N THR G 978 49.38 -17.56 141.20
CA THR G 978 49.02 -16.82 140.00
C THR G 978 47.70 -17.33 139.43
N PRO G 979 47.07 -16.55 138.55
CA PRO G 979 45.79 -16.99 137.96
C PRO G 979 45.92 -18.30 137.23
N ALA G 980 47.09 -18.59 136.66
CA ALA G 980 47.24 -19.91 136.09
C ALA G 980 46.92 -20.92 137.18
N GLN G 981 47.65 -20.86 138.32
CA GLN G 981 47.44 -21.82 139.40
C GLN G 981 46.01 -21.82 139.89
N THR G 982 45.36 -20.66 139.87
CA THR G 982 43.94 -20.65 140.26
C THR G 982 43.11 -21.49 139.30
N THR G 983 43.37 -21.37 137.99
CA THR G 983 42.64 -22.17 137.01
C THR G 983 42.92 -23.65 137.22
N LEU G 984 44.19 -23.98 137.46
CA LEU G 984 44.53 -25.36 137.76
C LEU G 984 43.79 -25.85 139.00
N VAL G 985 43.67 -24.99 140.01
CA VAL G 985 42.92 -25.34 141.22
C VAL G 985 41.48 -25.66 140.86
N ASP G 986 40.88 -24.83 140.00
CA ASP G 986 39.50 -25.07 139.57
C ASP G 986 39.38 -26.44 138.92
N ARG G 987 40.29 -26.77 138.00
CA ARG G 987 40.20 -28.04 137.30
C ARG G 987 40.41 -29.21 138.24
N LEU G 988 41.35 -29.10 139.18
CA LEU G 988 41.57 -30.18 140.14
C LEU G 988 40.36 -30.36 141.06
N ALA G 989 39.72 -29.26 141.47
CA ALA G 989 38.50 -29.39 142.26
C ALA G 989 37.42 -30.09 141.46
N GLU G 990 37.27 -29.73 140.18
CA GLU G 990 36.36 -30.43 139.30
C GLU G 990 36.63 -31.93 139.31
N ASN G 991 37.90 -32.30 139.12
CA ASN G 991 38.26 -33.70 139.05
C ASN G 991 38.00 -34.41 140.38
N GLY G 992 38.31 -33.76 141.49
CA GLY G 992 38.11 -34.37 142.79
C GLY G 992 36.65 -34.64 143.06
N HIS G 993 35.81 -33.65 142.74
CA HIS G 993 34.37 -33.84 142.90
C HIS G 993 33.87 -34.96 142.02
N ASN G 994 34.38 -35.03 140.78
CA ASN G 994 33.93 -36.07 139.87
C ASN G 994 34.39 -37.46 140.31
N VAL G 995 35.59 -37.55 140.88
CA VAL G 995 36.07 -38.83 141.41
C VAL G 995 35.20 -39.26 142.58
N TRP G 996 34.92 -38.34 143.50
CA TRP G 996 34.00 -38.62 144.58
C TRP G 996 32.67 -39.13 144.04
N ALA G 997 32.17 -38.47 143.00
CA ALA G 997 30.86 -38.82 142.44
C ALA G 997 30.89 -40.23 141.84
N ARG G 998 31.93 -40.55 141.07
CA ARG G 998 31.99 -41.87 140.46
C ARG G 998 32.11 -42.95 141.51
N ASP G 999 32.93 -42.73 142.54
CA ASP G 999 33.08 -43.72 143.59
C ASP G 999 31.76 -43.91 144.33
N ARG G 1000 31.08 -42.83 144.64
CA ARG G 1000 29.84 -42.92 145.42
C ARG G 1000 28.72 -43.54 144.59
N VAL G 1001 28.73 -43.29 143.28
CA VAL G 1001 27.79 -43.95 142.38
C VAL G 1001 28.08 -45.45 142.33
N ALA G 1002 29.35 -45.81 142.15
CA ALA G 1002 29.71 -47.23 142.18
C ALA G 1002 29.22 -47.89 143.45
N GLN G 1003 29.28 -47.16 144.56
CA GLN G 1003 28.60 -47.62 145.77
C GLN G 1003 27.11 -47.76 145.54
N GLY G 1004 26.48 -46.80 144.84
CA GLY G 1004 25.08 -46.91 144.50
C GLY G 1004 24.22 -45.70 144.81
N TRP G 1005 24.83 -44.58 145.21
CA TRP G 1005 24.07 -43.38 145.50
C TRP G 1005 23.50 -42.79 144.22
N SER G 1006 22.56 -41.86 144.38
CA SER G 1006 21.99 -41.15 143.25
C SER G 1006 21.71 -39.71 143.62
N TYR G 1007 21.35 -38.92 142.62
CA TYR G 1007 21.05 -37.52 142.81
C TYR G 1007 19.62 -37.33 143.30
N SER G 1008 19.42 -36.27 144.09
CA SER G 1008 18.12 -35.90 144.58
C SER G 1008 18.20 -34.48 145.13
N ALA G 1009 17.28 -33.62 144.68
CA ALA G 1009 17.23 -32.27 145.23
C ALA G 1009 16.99 -32.29 146.73
N VAL G 1010 16.38 -33.36 147.23
CA VAL G 1010 16.11 -33.53 148.66
C VAL G 1010 17.03 -34.62 149.18
N GLN G 1011 17.78 -34.31 150.23
CA GLN G 1011 18.76 -35.24 150.78
C GLN G 1011 18.06 -36.36 151.54
N ASP G 1012 18.40 -37.60 151.20
CA ASP G 1012 17.93 -38.78 151.92
C ASP G 1012 19.06 -39.79 151.98
N ILE G 1013 19.57 -40.04 153.18
CA ILE G 1013 20.73 -40.90 153.35
C ILE G 1013 20.31 -42.37 153.27
N PRO G 1014 19.27 -42.80 153.98
CA PRO G 1014 18.86 -44.20 153.87
C PRO G 1014 18.55 -44.62 152.44
N ALA G 1015 17.91 -43.74 151.68
CA ALA G 1015 17.71 -43.97 150.25
C ALA G 1015 18.98 -43.73 149.45
N ARG G 1016 20.02 -43.19 150.07
CA ARG G 1016 21.31 -42.97 149.41
C ARG G 1016 21.14 -41.99 148.25
N ARG G 1017 20.55 -40.84 148.59
CA ARG G 1017 20.27 -39.77 147.65
C ARG G 1017 20.91 -38.50 148.18
N ASN G 1018 21.60 -37.78 147.30
CA ASN G 1018 22.34 -36.59 147.70
C ASN G 1018 22.04 -35.47 146.71
N PRO G 1019 22.01 -34.21 147.15
CA PRO G 1019 21.93 -33.11 146.20
C PRO G 1019 23.26 -32.71 145.57
N ARG G 1020 24.29 -33.55 145.71
CA ARG G 1020 25.60 -33.26 145.16
C ARG G 1020 26.16 -34.37 144.30
N LEU G 1021 25.47 -35.52 144.18
CA LEU G 1021 25.88 -36.50 143.18
C LEU G 1021 25.52 -35.97 141.81
N VAL G 1022 26.28 -34.96 141.38
CA VAL G 1022 26.15 -34.37 140.05
C VAL G 1022 27.51 -33.81 139.66
N PRO G 1023 27.95 -34.05 138.43
CA PRO G 1023 29.26 -33.56 138.02
C PRO G 1023 29.40 -32.06 138.24
N TYR G 1024 30.67 -31.64 138.32
CA TYR G 1024 30.99 -30.31 138.84
C TYR G 1024 30.28 -29.21 138.07
N ARG G 1025 30.18 -29.35 136.76
CA ARG G 1025 29.63 -28.27 135.94
C ARG G 1025 28.24 -27.87 136.42
N LEU G 1026 27.40 -28.86 136.74
CA LEU G 1026 26.05 -28.58 137.19
C LEU G 1026 26.00 -28.18 138.65
N LEU G 1027 27.13 -28.25 139.35
CA LEU G 1027 27.14 -28.00 140.78
C LEU G 1027 26.80 -26.54 141.09
N ASP G 1028 26.24 -26.33 142.28
CA ASP G 1028 25.89 -24.99 142.71
C ASP G 1028 27.15 -24.17 143.00
N GLU G 1029 27.00 -22.86 142.90
CA GLU G 1029 28.16 -21.97 143.06
C GLU G 1029 28.72 -22.05 144.48
N ALA G 1030 27.86 -22.24 145.48
CA ALA G 1030 28.34 -22.34 146.85
C ALA G 1030 29.29 -23.51 147.03
N THR G 1031 28.87 -24.70 146.59
CA THR G 1031 29.73 -25.88 146.69
C THR G 1031 30.96 -25.72 145.81
N LYS G 1032 30.79 -25.14 144.61
CA LYS G 1032 31.93 -24.87 143.76
C LYS G 1032 32.98 -24.06 144.50
N ARG G 1033 32.55 -22.96 145.14
CA ARG G 1033 33.47 -22.10 145.86
C ARG G 1033 34.09 -22.83 147.05
N SER G 1034 33.30 -23.63 147.76
CA SER G 1034 33.84 -24.34 148.91
C SER G 1034 34.97 -25.28 148.50
N ASN G 1035 34.72 -26.11 147.49
CA ASN G 1035 35.74 -27.04 147.03
C ASN G 1035 36.94 -26.29 146.46
N ARG G 1036 36.67 -25.23 145.70
CA ARG G 1036 37.75 -24.44 145.12
C ARG G 1036 38.66 -23.87 146.20
N ASP G 1037 38.07 -23.31 147.26
CA ASP G 1037 38.86 -22.75 148.35
C ASP G 1037 39.66 -23.82 149.06
N SER G 1038 39.03 -24.95 149.37
CA SER G 1038 39.74 -26.02 150.06
C SER G 1038 40.96 -26.45 149.25
N LEU G 1039 40.78 -26.66 147.95
CA LEU G 1039 41.88 -27.17 147.15
C LEU G 1039 42.92 -26.08 146.88
N CYS G 1040 42.48 -24.82 146.82
CA CYS G 1040 43.43 -23.72 146.68
C CYS G 1040 44.33 -23.64 147.89
N GLN G 1041 43.77 -23.82 149.09
CA GLN G 1041 44.61 -23.87 150.28
C GLN G 1041 45.48 -25.12 150.29
N ALA G 1042 45.02 -26.21 149.70
CA ALA G 1042 45.90 -27.37 149.55
C ALA G 1042 47.12 -27.03 148.69
N VAL G 1043 46.89 -26.32 147.58
CA VAL G 1043 47.99 -25.91 146.71
C VAL G 1043 48.90 -24.92 147.44
N ARG G 1044 48.31 -24.03 148.23
CA ARG G 1044 49.09 -23.09 149.01
C ARG G 1044 49.98 -23.82 150.01
N THR G 1045 49.44 -24.86 150.65
CA THR G 1045 50.24 -25.68 151.55
C THR G 1045 51.37 -26.37 150.81
N LEU G 1046 51.10 -26.85 149.59
CA LEU G 1046 52.16 -27.47 148.81
C LEU G 1046 53.25 -26.47 148.45
N LEU G 1047 52.87 -25.24 148.11
CA LEU G 1047 53.88 -24.24 147.80
C LEU G 1047 54.64 -23.80 149.05
N GLY G 1048 53.99 -23.86 150.21
CA GLY G 1048 54.70 -23.67 151.46
C GLY G 1048 55.72 -24.77 151.70
N TYR G 1049 55.34 -26.01 151.36
CA TYR G 1049 56.33 -27.09 151.29
C TYR G 1049 57.41 -26.75 150.29
N GLY G 1050 57.11 -25.91 149.30
CA GLY G 1050 58.08 -25.44 148.35
C GLY G 1050 58.20 -26.26 147.09
N TYR G 1051 57.49 -27.36 146.98
CA TYR G 1051 57.50 -28.15 145.76
C TYR G 1051 57.13 -27.25 144.59
N ASN G 1052 57.92 -27.33 143.51
CA ASN G 1052 57.66 -26.48 142.36
C ASN G 1052 56.37 -26.88 141.67
N ILE G 1053 55.70 -25.90 141.08
CA ILE G 1053 54.46 -26.10 140.34
C ILE G 1053 54.71 -25.66 138.90
N GLU G 1054 54.54 -26.58 137.96
CA GLU G 1054 54.67 -26.27 136.54
C GLU G 1054 53.31 -26.33 135.88
N PRO G 1055 52.67 -25.20 135.58
CA PRO G 1055 51.37 -25.26 134.93
C PRO G 1055 51.51 -25.78 133.51
N PRO G 1056 50.61 -26.66 133.07
CA PRO G 1056 50.68 -27.15 131.70
C PRO G 1056 50.19 -26.11 130.70
N ASP G 1057 50.68 -26.22 129.48
CA ASP G 1057 50.24 -25.34 128.41
C ASP G 1057 48.76 -25.54 128.11
N GLN G 1058 48.06 -24.44 127.87
CA GLN G 1058 46.63 -24.51 127.59
C GLN G 1058 46.39 -25.32 126.32
N GLU G 1059 45.45 -26.26 126.40
CA GLU G 1059 45.12 -27.14 125.28
C GLU G 1059 43.68 -26.91 124.85
N PRO G 1060 43.43 -26.20 123.76
CA PRO G 1060 42.04 -25.96 123.34
C PRO G 1060 41.34 -27.23 122.88
N SER G 1061 40.02 -27.22 122.98
CA SER G 1061 39.19 -28.31 122.52
C SER G 1061 37.84 -27.77 122.08
N GLN G 1062 37.13 -28.55 121.27
CA GLN G 1062 35.83 -28.18 120.73
C GLN G 1062 34.77 -29.10 121.32
N VAL G 1063 33.72 -28.49 121.89
CA VAL G 1063 32.72 -29.27 122.62
C VAL G 1063 31.88 -30.12 121.67
N GLU G 1064 31.44 -29.53 120.55
CA GLU G 1064 30.55 -30.20 119.61
C GLU G 1064 29.25 -30.61 120.29
N ASN G 1065 28.66 -29.67 121.03
CA ASN G 1065 27.43 -29.98 121.75
C ASN G 1065 26.26 -30.21 120.80
N GLN G 1066 26.09 -29.31 119.82
CA GLN G 1066 24.98 -29.37 118.89
C GLN G 1066 25.48 -29.52 117.46
N SER G 1067 24.56 -29.82 116.57
CA SER G 1067 24.87 -29.92 115.15
C SER G 1067 24.97 -28.54 114.52
N ARG G 1068 25.64 -28.48 113.37
CA ARG G 1068 25.76 -27.25 112.62
C ARG G 1068 24.39 -26.62 112.41
N TRP G 1069 23.41 -27.45 112.03
CA TRP G 1069 22.09 -26.96 111.71
C TRP G 1069 21.30 -26.61 112.96
N ASP G 1070 21.43 -27.42 114.00
CA ASP G 1070 20.77 -27.17 115.26
C ASP G 1070 21.33 -25.97 115.99
N ARG G 1071 22.46 -25.42 115.53
CA ARG G 1071 23.04 -24.24 116.16
C ARG G 1071 22.41 -22.94 115.72
N VAL G 1072 22.22 -22.73 114.41
CA VAL G 1072 21.85 -21.42 113.88
C VAL G 1072 20.44 -21.48 113.31
N ARG G 1073 19.65 -20.46 113.63
CA ARG G 1073 18.30 -20.28 113.10
C ARG G 1073 18.24 -18.95 112.36
N ILE G 1074 17.71 -18.99 111.14
CA ILE G 1074 17.63 -17.81 110.28
C ILE G 1074 16.16 -17.42 110.12
N PHE G 1075 15.86 -16.15 110.35
CA PHE G 1075 14.54 -15.58 110.11
C PHE G 1075 14.66 -14.52 109.02
N ARG G 1076 13.80 -14.63 108.00
CA ARG G 1076 13.80 -13.67 106.91
C ARG G 1076 12.37 -13.24 106.61
N ALA G 1077 12.25 -12.11 105.92
CA ALA G 1077 10.94 -11.71 105.45
C ALA G 1077 10.52 -12.57 104.26
N GLU G 1078 9.21 -12.62 104.01
CA GLU G 1078 8.70 -13.39 102.88
C GLU G 1078 9.15 -12.78 101.57
N LYS G 1079 9.32 -13.62 100.56
CA LYS G 1079 9.86 -13.18 99.28
C LYS G 1079 8.98 -12.11 98.63
N SER G 1080 7.67 -12.16 98.90
CA SER G 1080 6.76 -11.21 98.29
C SER G 1080 7.11 -9.78 98.65
N TYR G 1081 7.77 -9.57 99.78
CA TYR G 1081 8.14 -8.25 100.25
C TYR G 1081 9.45 -7.77 99.65
N THR G 1082 9.95 -8.46 98.63
CA THR G 1082 11.22 -8.08 98.03
C THR G 1082 11.14 -6.67 97.44
N VAL G 1083 12.18 -5.88 97.70
CA VAL G 1083 12.27 -4.51 97.23
C VAL G 1083 13.45 -4.41 96.27
N GLN G 1084 13.19 -3.91 95.07
CA GLN G 1084 14.23 -3.66 94.07
C GLN G 1084 14.58 -2.20 93.93
N SER G 1085 14.03 -1.33 94.77
CA SER G 1085 14.31 0.10 94.65
C SER G 1085 13.97 0.80 95.95
N GLY G 1086 14.58 1.95 96.15
CA GLY G 1086 14.24 2.84 97.23
C GLY G 1086 15.27 2.81 98.35
N ARG G 1087 14.91 3.52 99.42
CA ARG G 1087 15.70 3.60 100.63
C ARG G 1087 14.88 2.99 101.76
N TRP G 1088 15.42 1.96 102.39
CA TRP G 1088 14.68 1.19 103.39
C TRP G 1088 15.47 1.08 104.68
N TYR G 1089 14.74 1.11 105.80
CA TYR G 1089 15.29 1.10 107.14
C TYR G 1089 14.57 0.07 107.98
N PHE G 1090 15.32 -0.64 108.82
CA PHE G 1090 14.70 -1.49 109.84
C PHE G 1090 15.66 -1.65 111.00
N GLU G 1091 15.12 -2.13 112.13
CA GLU G 1091 15.86 -2.17 113.38
C GLU G 1091 15.91 -3.60 113.91
N PHE G 1092 17.03 -3.94 114.54
CA PHE G 1092 17.21 -5.22 115.20
C PHE G 1092 17.82 -4.98 116.57
N GLU G 1093 17.05 -5.25 117.63
CA GLU G 1093 17.50 -5.08 118.99
C GLU G 1093 18.03 -6.41 119.50
N ALA G 1094 19.24 -6.39 120.05
CA ALA G 1094 19.89 -7.59 120.56
C ALA G 1094 19.70 -7.66 122.06
N VAL G 1095 18.87 -8.60 122.52
CA VAL G 1095 18.71 -8.78 123.96
C VAL G 1095 19.93 -9.48 124.55
N THR G 1096 20.68 -10.21 123.74
CA THR G 1096 21.91 -10.86 124.14
C THR G 1096 23.09 -10.22 123.42
N THR G 1097 24.29 -10.62 123.83
CA THR G 1097 25.53 -10.12 123.23
C THR G 1097 26.25 -11.19 122.43
N GLY G 1098 25.57 -12.29 122.11
CA GLY G 1098 26.21 -13.41 121.46
C GLY G 1098 26.08 -13.36 119.95
N GLU G 1099 26.25 -14.53 119.35
CA GLU G 1099 26.25 -14.66 117.89
C GLU G 1099 24.88 -14.34 117.31
N MET G 1100 24.76 -13.16 116.70
CA MET G 1100 23.59 -12.82 115.91
C MET G 1100 24.06 -11.99 114.73
N ARG G 1101 23.44 -12.21 113.59
CA ARG G 1101 23.77 -11.50 112.37
C ARG G 1101 22.51 -10.85 111.84
N VAL G 1102 22.63 -9.64 111.33
CA VAL G 1102 21.47 -8.92 110.83
C VAL G 1102 21.85 -8.22 109.53
N GLY G 1103 20.93 -8.23 108.56
CA GLY G 1103 21.21 -7.57 107.31
C GLY G 1103 20.20 -7.83 106.21
N TRP G 1104 20.68 -7.83 104.97
CA TRP G 1104 19.82 -7.95 103.80
C TRP G 1104 20.21 -9.19 103.02
N ALA G 1105 19.21 -9.94 102.56
CA ALA G 1105 19.43 -11.20 101.87
C ALA G 1105 18.62 -11.25 100.59
N ARG G 1106 19.12 -12.04 99.66
CA ARG G 1106 18.43 -12.28 98.41
C ARG G 1106 17.40 -13.39 98.59
N PRO G 1107 16.34 -13.40 97.77
CA PRO G 1107 15.23 -14.33 98.00
C PRO G 1107 15.62 -15.80 97.95
N GLU G 1108 16.77 -16.12 97.37
CA GLU G 1108 17.22 -17.51 97.26
C GLU G 1108 18.18 -17.89 98.36
N LEU G 1109 18.18 -17.15 99.47
CA LEU G 1109 19.03 -17.47 100.60
C LEU G 1109 18.80 -18.91 101.05
N ARG G 1110 19.89 -19.68 101.12
CA ARG G 1110 19.78 -21.06 101.59
C ARG G 1110 19.75 -21.09 103.11
N PRO G 1111 18.83 -21.86 103.70
CA PRO G 1111 18.74 -21.88 105.17
C PRO G 1111 19.96 -22.53 105.81
N ASP G 1112 20.55 -23.52 105.14
CA ASP G 1112 21.64 -24.29 105.75
C ASP G 1112 22.92 -23.46 105.85
N VAL G 1113 23.19 -22.61 104.86
CA VAL G 1113 24.42 -21.84 104.86
C VAL G 1113 24.34 -20.71 105.88
N GLU G 1114 25.47 -20.42 106.49
CA GLU G 1114 25.55 -19.31 107.44
C GLU G 1114 25.54 -17.98 106.68
N LEU G 1115 24.91 -16.97 107.28
CA LEU G 1115 24.71 -15.71 106.59
C LEU G 1115 26.05 -15.06 106.27
N GLY G 1116 26.20 -14.64 105.02
CA GLY G 1116 27.35 -13.88 104.58
C GLY G 1116 28.50 -14.71 104.07
N ALA G 1117 28.50 -16.02 104.36
CA ALA G 1117 29.52 -16.89 103.79
C ALA G 1117 29.43 -16.91 102.27
N ASP G 1118 28.21 -16.90 101.75
CA ASP G 1118 27.98 -16.82 100.31
C ASP G 1118 27.62 -15.39 99.92
N GLU G 1119 27.41 -15.21 98.62
CA GLU G 1119 27.03 -13.91 98.07
C GLU G 1119 25.58 -13.55 98.35
N LEU G 1120 24.78 -14.49 98.85
CA LEU G 1120 23.34 -14.28 98.91
C LEU G 1120 22.95 -13.27 99.99
N ALA G 1121 23.85 -12.99 100.93
CA ALA G 1121 23.52 -12.12 102.06
C ALA G 1121 24.64 -11.14 102.33
N TYR G 1122 24.23 -9.94 102.76
CA TYR G 1122 25.13 -8.91 103.27
C TYR G 1122 24.68 -8.62 104.69
N VAL G 1123 25.49 -9.00 105.67
CA VAL G 1123 25.07 -8.95 107.07
C VAL G 1123 26.17 -8.36 107.94
N PHE G 1124 25.79 -8.06 109.17
CA PHE G 1124 26.68 -7.55 110.19
C PHE G 1124 26.58 -8.46 111.41
N ASN G 1125 27.74 -8.88 111.93
CA ASN G 1125 27.84 -9.68 113.14
C ASN G 1125 28.59 -8.87 114.19
N GLY G 1126 27.84 -8.28 115.12
CA GLY G 1126 28.47 -7.44 116.11
C GLY G 1126 29.35 -8.18 117.10
N HIS G 1127 28.97 -9.42 117.44
CA HIS G 1127 29.70 -10.15 118.48
C HIS G 1127 31.20 -9.99 118.31
N ARG G 1128 31.68 -9.99 117.07
CA ARG G 1128 33.08 -9.79 116.76
C ARG G 1128 33.32 -8.50 115.98
N GLY G 1129 32.28 -7.72 115.70
CA GLY G 1129 32.42 -6.54 114.89
C GLY G 1129 32.88 -6.87 113.49
N GLN G 1130 32.01 -7.56 112.73
CA GLN G 1130 32.35 -8.06 111.42
C GLN G 1130 31.25 -7.72 110.44
N ARG G 1131 31.63 -7.56 109.17
CA ARG G 1131 30.70 -7.48 108.06
C ARG G 1131 30.91 -8.68 107.17
N TRP G 1132 29.84 -9.41 106.89
CA TRP G 1132 29.92 -10.65 106.15
C TRP G 1132 29.26 -10.51 104.79
N HIS G 1133 30.06 -10.79 103.75
CA HIS G 1133 29.56 -11.04 102.41
C HIS G 1133 30.67 -11.76 101.67
N LEU G 1134 30.45 -13.05 101.35
CA LEU G 1134 31.47 -13.88 100.74
C LEU G 1134 32.73 -13.90 101.59
N GLY G 1135 32.54 -13.92 102.91
CA GLY G 1135 33.63 -13.91 103.86
C GLY G 1135 33.42 -12.84 104.92
N SER G 1136 34.33 -12.85 105.88
CA SER G 1136 34.28 -11.94 107.02
C SER G 1136 35.35 -10.86 106.89
N GLU G 1137 34.97 -9.63 107.19
CA GLU G 1137 35.89 -8.51 107.26
C GLU G 1137 35.55 -7.73 108.52
N PRO G 1138 36.54 -7.23 109.25
CA PRO G 1138 36.23 -6.43 110.43
C PRO G 1138 35.42 -5.20 110.06
N PHE G 1139 34.44 -4.88 110.90
CA PHE G 1139 33.58 -3.74 110.65
C PHE G 1139 32.76 -3.47 111.90
N GLY G 1140 32.74 -2.21 112.32
CA GLY G 1140 31.89 -1.88 113.43
C GLY G 1140 32.34 -2.57 114.70
N ARG G 1141 31.65 -2.24 115.79
CA ARG G 1141 32.00 -2.68 117.12
C ARG G 1141 30.89 -3.56 117.69
N PRO G 1142 31.22 -4.44 118.62
CA PRO G 1142 30.18 -5.27 119.24
C PRO G 1142 29.16 -4.44 119.98
N TRP G 1143 27.93 -4.93 119.99
CA TRP G 1143 26.90 -4.33 120.81
C TRP G 1143 26.97 -4.83 122.23
N GLN G 1144 26.23 -4.16 123.10
CA GLN G 1144 25.93 -4.63 124.44
C GLN G 1144 24.44 -4.97 124.50
N SER G 1145 24.03 -5.61 125.60
CA SER G 1145 22.65 -6.00 125.75
C SER G 1145 21.73 -4.78 125.68
N GLY G 1146 20.66 -4.90 124.90
CA GLY G 1146 19.70 -3.83 124.73
C GLY G 1146 20.01 -2.91 123.56
N ASP G 1147 21.15 -3.09 122.89
CA ASP G 1147 21.50 -2.23 121.78
C ASP G 1147 20.59 -2.50 120.59
N VAL G 1148 20.45 -1.49 119.73
CA VAL G 1148 19.64 -1.55 118.53
C VAL G 1148 20.55 -1.28 117.33
N VAL G 1149 20.51 -2.18 116.35
CA VAL G 1149 21.25 -2.03 115.11
C VAL G 1149 20.27 -1.60 114.03
N GLY G 1150 20.54 -0.47 113.40
CA GLY G 1150 19.74 0.02 112.31
C GLY G 1150 20.36 -0.37 110.98
N CYS G 1151 19.62 -1.15 110.21
CA CYS G 1151 20.07 -1.61 108.90
C CYS G 1151 19.36 -0.80 107.84
N MET G 1152 20.15 -0.23 106.92
CA MET G 1152 19.67 0.69 105.91
C MET G 1152 20.17 0.23 104.55
N ILE G 1153 19.30 0.27 103.55
CA ILE G 1153 19.67 -0.09 102.19
C ILE G 1153 19.21 1.01 101.26
N ASP G 1154 20.15 1.53 100.46
CA ASP G 1154 19.87 2.54 99.45
C ASP G 1154 20.12 1.93 98.08
N LEU G 1155 19.06 1.63 97.34
CA LEU G 1155 19.20 1.00 96.05
C LEU G 1155 19.39 1.99 94.91
N THR G 1156 19.16 3.28 95.17
CA THR G 1156 19.53 4.29 94.18
C THR G 1156 21.04 4.45 94.10
N GLU G 1157 21.69 4.58 95.26
CA GLU G 1157 23.14 4.68 95.34
C GLU G 1157 23.82 3.33 95.46
N ASN G 1158 23.05 2.25 95.61
CA ASN G 1158 23.62 0.90 95.68
C ASN G 1158 24.58 0.77 96.85
N THR G 1159 24.05 0.99 98.05
CA THR G 1159 24.85 0.93 99.26
C THR G 1159 24.05 0.31 100.40
N ILE G 1160 24.78 -0.25 101.36
CA ILE G 1160 24.20 -0.78 102.60
C ILE G 1160 24.91 -0.10 103.76
N ILE G 1161 24.13 0.37 104.72
CA ILE G 1161 24.63 1.13 105.86
C ILE G 1161 24.16 0.45 107.14
N PHE G 1162 25.03 0.43 108.14
CA PHE G 1162 24.71 -0.09 109.45
C PHE G 1162 24.97 0.97 110.51
N THR G 1163 24.06 1.07 111.47
CA THR G 1163 24.18 2.00 112.58
C THR G 1163 23.98 1.25 113.88
N LEU G 1164 24.61 1.76 114.94
CA LEU G 1164 24.45 1.20 116.27
C LEU G 1164 24.04 2.33 117.22
N ASN G 1165 22.82 2.21 117.75
CA ASN G 1165 22.29 3.21 118.69
C ASN G 1165 22.39 4.61 118.09
N GLY G 1166 22.04 4.74 116.81
CA GLY G 1166 22.05 6.01 116.13
C GLY G 1166 23.41 6.45 115.64
N GLU G 1167 24.43 5.63 115.77
CA GLU G 1167 25.78 5.96 115.34
C GLU G 1167 26.17 5.08 114.16
N VAL G 1168 26.58 5.71 113.07
CA VAL G 1168 26.91 4.98 111.84
C VAL G 1168 28.21 4.24 112.07
N LEU G 1169 28.16 2.91 111.97
CA LEU G 1169 29.37 2.11 112.10
C LEU G 1169 30.26 2.31 110.88
N MET G 1170 31.57 2.34 111.12
CA MET G 1170 32.55 2.51 110.07
C MET G 1170 33.55 1.37 110.10
N SER G 1171 34.08 1.05 108.93
CA SER G 1171 35.10 0.03 108.81
C SER G 1171 36.41 0.53 109.41
N ASP G 1172 37.47 -0.26 109.24
CA ASP G 1172 38.80 0.14 109.68
C ASP G 1172 39.41 1.11 108.66
N SER G 1173 38.61 2.12 108.34
CA SER G 1173 38.95 3.11 107.33
C SER G 1173 37.92 4.24 107.46
N GLY G 1174 37.91 5.15 106.50
CA GLY G 1174 36.94 6.22 106.48
C GLY G 1174 35.64 5.84 105.82
N SER G 1175 35.50 4.59 105.41
CA SER G 1175 34.30 4.15 104.73
C SER G 1175 33.11 4.20 105.68
N GLU G 1176 32.08 4.94 105.29
CA GLU G 1176 30.85 5.04 106.05
C GLU G 1176 29.83 3.97 105.64
N THR G 1177 30.15 3.15 104.65
CA THR G 1177 29.25 2.16 104.12
C THR G 1177 29.88 0.78 104.26
N ALA G 1178 29.10 -0.18 104.75
CA ALA G 1178 29.60 -1.54 104.89
C ALA G 1178 29.88 -2.17 103.53
N PHE G 1179 28.98 -1.96 102.57
CA PHE G 1179 29.09 -2.57 101.25
C PHE G 1179 28.72 -1.55 100.19
N ARG G 1180 29.39 -1.67 99.04
CA ARG G 1180 29.18 -0.77 97.92
C ARG G 1180 29.07 -1.59 96.63
N GLU G 1181 28.64 -0.92 95.57
CA GLU G 1181 28.55 -1.52 94.24
C GLU G 1181 27.68 -2.76 94.24
N ILE G 1182 26.60 -2.74 95.04
CA ILE G 1182 25.66 -3.85 95.04
C ILE G 1182 24.87 -3.86 93.73
N GLU G 1183 24.48 -5.05 93.30
CA GLU G 1183 23.61 -5.22 92.14
C GLU G 1183 22.22 -5.60 92.63
N ILE G 1184 21.22 -4.84 92.18
CA ILE G 1184 19.86 -5.06 92.65
C ILE G 1184 19.39 -6.46 92.27
N GLY G 1185 19.51 -6.81 91.01
CA GLY G 1185 19.14 -8.15 90.57
C GLY G 1185 17.72 -8.49 90.96
N ASP G 1186 17.55 -9.69 91.52
CA ASP G 1186 16.22 -10.12 91.94
C ASP G 1186 15.68 -9.22 93.04
N GLY G 1187 16.53 -8.83 93.99
CA GLY G 1187 16.15 -7.91 95.03
C GLY G 1187 16.81 -8.29 96.34
N PHE G 1188 16.32 -7.67 97.42
CA PHE G 1188 16.86 -7.88 98.75
C PHE G 1188 15.71 -8.02 99.75
N LEU G 1189 15.99 -8.72 100.85
CA LEU G 1189 15.02 -8.94 101.89
C LEU G 1189 15.69 -8.77 103.25
N PRO G 1190 14.97 -8.27 104.25
CA PRO G 1190 15.52 -8.25 105.61
C PRO G 1190 15.66 -9.65 106.17
N VAL G 1191 16.77 -9.87 106.88
CA VAL G 1191 17.14 -11.18 107.39
C VAL G 1191 17.93 -11.03 108.68
N CYS G 1192 17.85 -12.05 109.51
CA CYS G 1192 18.60 -12.12 110.75
C CYS G 1192 18.87 -13.60 111.03
N SER G 1193 19.91 -13.85 111.83
CA SER G 1193 20.23 -15.19 112.29
C SER G 1193 20.61 -15.12 113.75
N LEU G 1194 20.11 -16.06 114.53
CA LEU G 1194 20.34 -16.14 115.97
C LEU G 1194 21.03 -17.45 116.28
N GLY G 1195 22.12 -17.40 117.05
CA GLY G 1195 22.74 -18.60 117.52
C GLY G 1195 22.07 -19.11 118.77
N PRO G 1196 22.65 -20.16 119.34
CA PRO G 1196 22.07 -20.73 120.57
C PRO G 1196 22.08 -19.72 121.69
N GLY G 1197 20.97 -19.69 122.45
CA GLY G 1197 20.87 -18.79 123.58
C GLY G 1197 20.79 -17.33 123.22
N GLN G 1198 20.33 -17.01 122.01
CA GLN G 1198 20.31 -15.65 121.51
C GLN G 1198 18.87 -15.20 121.31
N VAL G 1199 18.62 -13.92 121.60
CA VAL G 1199 17.28 -13.34 121.53
C VAL G 1199 17.38 -11.99 120.82
N GLY G 1200 16.49 -11.79 119.84
CA GLY G 1200 16.46 -10.55 119.11
C GLY G 1200 15.04 -10.05 118.95
N HIS G 1201 14.93 -8.78 118.57
CA HIS G 1201 13.66 -8.13 118.33
C HIS G 1201 13.76 -7.36 117.02
N LEU G 1202 13.03 -7.82 116.01
CA LEU G 1202 13.10 -7.24 114.67
C LEU G 1202 11.91 -6.31 114.45
N ASN G 1203 12.20 -5.01 114.32
CA ASN G 1203 11.18 -4.01 114.05
C ASN G 1203 11.34 -3.56 112.61
N LEU G 1204 10.36 -3.92 111.77
CA LEU G 1204 10.38 -3.56 110.36
C LEU G 1204 9.64 -2.26 110.08
N GLY G 1205 9.10 -1.61 111.10
CA GLY G 1205 8.58 -0.26 110.98
C GLY G 1205 7.10 -0.16 110.74
N GLN G 1206 6.32 -1.22 110.97
CA GLN G 1206 4.88 -1.12 110.80
C GLN G 1206 4.33 0.02 111.66
N ASP G 1207 4.85 0.15 112.87
CA ASP G 1207 4.57 1.29 113.73
C ASP G 1207 5.85 2.11 113.85
N VAL G 1208 5.86 3.28 113.20
CA VAL G 1208 7.07 4.09 113.15
C VAL G 1208 7.43 4.59 114.54
N SER G 1209 6.44 4.86 115.38
CA SER G 1209 6.71 5.39 116.72
C SER G 1209 7.57 4.43 117.53
N SER G 1210 7.52 3.14 117.21
CA SER G 1210 8.29 2.15 117.95
C SER G 1210 9.75 2.09 117.50
N LEU G 1211 10.12 2.79 116.44
CA LEU G 1211 11.49 2.83 115.96
C LEU G 1211 12.26 3.85 116.80
N ARG G 1212 13.21 3.37 117.59
CA ARG G 1212 13.89 4.23 118.55
C ARG G 1212 14.85 5.19 117.85
N PHE G 1213 15.60 4.70 116.86
CA PHE G 1213 16.69 5.47 116.28
C PHE G 1213 16.45 5.87 114.83
N PHE G 1214 15.21 5.82 114.35
CA PHE G 1214 14.92 6.22 112.99
C PHE G 1214 15.13 7.72 112.81
N ALA G 1215 14.61 8.52 113.75
CA ALA G 1215 14.73 9.97 113.63
C ALA G 1215 16.19 10.41 113.65
N ILE G 1216 16.99 9.79 114.52
CA ILE G 1216 18.38 10.19 114.66
C ILE G 1216 19.14 9.93 113.36
N CYS G 1217 18.86 8.80 112.70
CA CYS G 1217 19.53 8.45 111.45
C CYS G 1217 18.54 7.76 110.53
N GLY G 1218 18.40 8.29 109.31
CA GLY G 1218 17.59 7.66 108.28
C GLY G 1218 16.43 8.52 107.82
N LEU G 1219 15.72 9.13 108.77
CA LEU G 1219 14.54 9.90 108.42
C LEU G 1219 14.89 11.08 107.54
N GLN G 1220 15.85 11.90 107.98
CA GLN G 1220 16.27 13.04 107.17
C GLN G 1220 17.06 12.58 105.95
N GLU G 1221 17.78 11.47 106.09
CA GLU G 1221 18.53 10.93 104.97
C GLU G 1221 17.62 10.41 103.87
N GLY G 1222 16.34 10.23 104.16
CA GLY G 1222 15.36 9.84 103.15
C GLY G 1222 14.98 8.38 103.17
N PHE G 1223 15.52 7.60 104.09
CA PHE G 1223 15.17 6.19 104.19
C PHE G 1223 13.78 6.03 104.79
N GLU G 1224 13.07 5.01 104.32
CA GLU G 1224 11.73 4.74 104.79
C GLU G 1224 11.69 3.41 105.52
N PRO G 1225 10.83 3.27 106.53
CA PRO G 1225 10.68 1.98 107.18
C PRO G 1225 10.17 0.93 106.21
N PHE G 1226 10.63 -0.30 106.41
CA PHE G 1226 10.33 -1.37 105.46
C PHE G 1226 8.83 -1.61 105.36
N ALA G 1227 8.11 -1.49 106.47
CA ALA G 1227 6.68 -1.76 106.54
C ALA G 1227 5.88 -0.52 106.92
N ILE G 1228 6.27 0.64 106.40
CA ILE G 1228 5.70 1.90 106.87
C ILE G 1228 4.18 1.91 106.67
N ASN G 1229 3.71 1.44 105.52
CA ASN G 1229 2.29 1.54 105.20
C ASN G 1229 1.71 0.17 104.91
N MET G 1230 2.02 -0.80 105.77
CA MET G 1230 1.45 -2.14 105.69
C MET G 1230 0.46 -2.33 106.82
N GLN G 1231 -0.74 -2.78 106.45
CA GLN G 1231 -1.81 -3.02 107.43
CA GLN G 1231 -1.79 -2.99 107.44
C GLN G 1231 -1.47 -4.18 108.34
N ARG G 1232 -0.88 -5.22 107.78
CA ARG G 1232 -0.56 -6.43 108.49
C ARG G 1232 0.93 -6.56 108.72
N PRO G 1233 1.36 -7.20 109.80
CA PRO G 1233 2.79 -7.40 110.02
C PRO G 1233 3.40 -8.24 108.91
N VAL G 1234 4.66 -7.94 108.59
CA VAL G 1234 5.36 -8.69 107.55
C VAL G 1234 5.38 -10.16 107.93
N THR G 1235 5.03 -11.01 106.97
CA THR G 1235 5.13 -12.44 107.18
C THR G 1235 6.59 -12.87 107.13
N THR G 1236 6.97 -13.74 108.05
CA THR G 1236 8.34 -14.19 108.18
C THR G 1236 8.43 -15.69 107.91
N TRP G 1237 9.62 -16.10 107.47
CA TRP G 1237 9.95 -17.51 107.34
C TRP G 1237 11.20 -17.79 108.15
N PHE G 1238 11.28 -18.99 108.69
CA PHE G 1238 12.39 -19.38 109.53
C PHE G 1238 12.96 -20.72 109.06
N SER G 1239 14.26 -20.86 109.26
CA SER G 1239 14.93 -22.12 108.96
C SER G 1239 14.55 -23.16 110.01
N LYS G 1240 14.03 -24.28 109.54
CA LYS G 1240 13.55 -25.35 110.39
C LYS G 1240 14.50 -26.53 110.22
N SER G 1241 15.10 -26.96 111.32
CA SER G 1241 16.09 -28.04 111.31
C SER G 1241 15.41 -29.38 111.50
N LEU G 1242 14.39 -29.61 110.69
CA LEU G 1242 13.69 -30.89 110.63
C LEU G 1242 14.04 -31.53 109.29
N PRO G 1243 14.92 -32.54 109.26
CA PRO G 1243 15.31 -33.11 107.97
C PRO G 1243 14.11 -33.63 107.20
N GLN G 1244 14.06 -33.28 105.92
CA GLN G 1244 13.03 -33.75 105.01
C GLN G 1244 13.68 -34.19 103.71
N PHE G 1245 13.01 -35.12 103.04
CA PHE G 1245 13.52 -35.70 101.81
C PHE G 1245 13.15 -34.81 100.64
N GLU G 1246 14.14 -34.46 99.82
CA GLU G 1246 13.94 -33.62 98.67
C GLU G 1246 14.61 -34.25 97.46
N PRO G 1247 14.10 -33.99 96.25
CA PRO G 1247 14.74 -34.54 95.06
C PRO G 1247 16.17 -34.07 94.93
N VAL G 1248 17.03 -34.97 94.46
CA VAL G 1248 18.42 -34.58 94.21
C VAL G 1248 18.44 -33.54 93.10
N PRO G 1249 19.00 -32.35 93.33
CA PRO G 1249 19.08 -31.36 92.25
C PRO G 1249 19.88 -31.90 91.09
N PRO G 1250 19.45 -31.62 89.84
CA PRO G 1250 20.24 -32.10 88.69
C PRO G 1250 21.65 -31.57 88.69
N GLU G 1251 21.86 -30.38 89.23
CA GLU G 1251 23.13 -29.69 89.19
C GLU G 1251 23.92 -29.84 90.49
N HIS G 1252 23.53 -30.78 91.34
CA HIS G 1252 24.22 -30.94 92.62
C HIS G 1252 25.69 -31.27 92.35
N PRO G 1253 26.63 -30.52 92.91
CA PRO G 1253 28.04 -30.70 92.54
C PRO G 1253 28.60 -32.08 92.84
N HIS G 1254 28.18 -32.71 93.92
CA HIS G 1254 28.85 -33.93 94.39
C HIS G 1254 28.11 -35.21 94.02
N TYR G 1255 26.80 -35.15 93.79
CA TYR G 1255 26.00 -36.34 93.58
C TYR G 1255 25.25 -36.25 92.26
N GLU G 1256 25.29 -37.34 91.49
CA GLU G 1256 24.59 -37.47 90.23
C GLU G 1256 23.70 -38.70 90.26
N VAL G 1257 22.52 -38.59 89.68
CA VAL G 1257 21.59 -39.70 89.54
C VAL G 1257 21.34 -39.93 88.06
N ALA G 1258 21.57 -41.15 87.60
CA ALA G 1258 21.33 -41.53 86.21
C ALA G 1258 20.17 -42.51 86.14
N ARG G 1259 19.20 -42.20 85.30
CA ARG G 1259 18.07 -43.10 85.03
C ARG G 1259 18.45 -44.02 83.90
N MET G 1260 18.63 -45.30 84.21
CA MET G 1260 18.97 -46.30 83.22
C MET G 1260 17.71 -46.98 82.71
N ASP G 1261 17.58 -47.05 81.39
CA ASP G 1261 16.44 -47.74 80.80
C ASP G 1261 16.68 -49.25 80.84
N GLY G 1262 15.58 -49.98 81.03
CA GLY G 1262 15.69 -51.42 81.16
C GLY G 1262 16.04 -52.09 79.84
N THR G 1263 16.88 -53.10 79.91
CA THR G 1263 17.25 -53.94 78.78
C THR G 1263 16.59 -55.31 78.93
N VAL G 1264 16.91 -56.21 78.01
CA VAL G 1264 16.44 -57.58 78.13
C VAL G 1264 17.06 -58.26 79.34
N ASP G 1265 18.37 -58.05 79.55
CA ASP G 1265 19.05 -58.70 80.65
C ASP G 1265 18.90 -57.92 81.95
N THR G 1266 18.78 -56.59 81.86
CA THR G 1266 18.75 -55.77 83.05
C THR G 1266 17.40 -55.06 83.19
N PRO G 1267 17.00 -54.74 84.42
CA PRO G 1267 15.76 -54.01 84.62
C PRO G 1267 16.01 -52.51 84.63
N PRO G 1268 14.96 -51.70 84.76
CA PRO G 1268 15.17 -50.26 84.95
C PRO G 1268 15.92 -50.00 86.25
N CYS G 1269 16.74 -48.96 86.23
CA CYS G 1269 17.64 -48.69 87.33
C CYS G 1269 17.85 -47.20 87.52
N LEU G 1270 18.26 -46.84 88.72
CA LEU G 1270 18.64 -45.49 89.10
C LEU G 1270 19.97 -45.56 89.81
N ARG G 1271 21.02 -44.98 89.21
CA ARG G 1271 22.37 -45.13 89.69
C ARG G 1271 22.83 -43.83 90.34
N LEU G 1272 23.56 -43.96 91.44
CA LEU G 1272 24.17 -42.83 92.13
C LEU G 1272 25.66 -42.77 91.82
N ALA G 1273 26.14 -41.56 91.54
CA ALA G 1273 27.54 -41.35 91.19
C ALA G 1273 28.08 -40.14 91.96
N HIS G 1274 29.27 -40.30 92.51
CA HIS G 1274 29.98 -39.20 93.15
C HIS G 1274 30.81 -38.47 92.11
N ARG G 1275 30.48 -37.19 91.89
CA ARG G 1275 31.13 -36.41 90.86
C ARG G 1275 32.52 -35.93 91.23
N THR G 1276 32.79 -35.76 92.53
CA THR G 1276 34.03 -35.15 93.00
C THR G 1276 34.92 -36.14 93.74
N TRP G 1277 34.72 -37.43 93.52
CA TRP G 1277 35.49 -38.43 94.24
C TRP G 1277 36.96 -38.34 93.85
N GLY G 1278 37.83 -38.61 94.82
CA GLY G 1278 39.26 -38.54 94.56
C GLY G 1278 39.74 -37.17 94.17
N SER G 1279 39.10 -36.12 94.68
CA SER G 1279 39.46 -34.75 94.35
C SER G 1279 39.41 -33.90 95.60
N GLN G 1280 40.24 -32.87 95.63
CA GLN G 1280 40.17 -31.88 96.70
C GLN G 1280 38.92 -31.02 96.52
N ASN G 1281 38.23 -30.77 97.64
CA ASN G 1281 36.87 -30.25 97.82
C ASN G 1281 35.83 -31.36 97.78
N SER G 1282 36.22 -32.62 97.71
CA SER G 1282 35.23 -33.69 97.71
C SER G 1282 34.50 -33.73 99.04
N LEU G 1283 33.19 -33.95 98.97
CA LEU G 1283 32.33 -33.99 100.15
C LEU G 1283 31.95 -35.44 100.39
N VAL G 1284 32.48 -36.02 101.46
CA VAL G 1284 32.21 -37.40 101.83
C VAL G 1284 31.49 -37.38 103.17
N GLU G 1285 30.18 -37.63 103.13
CA GLU G 1285 29.36 -37.69 104.33
C GLU G 1285 28.22 -38.65 104.08
N MET G 1286 27.64 -39.16 105.17
CA MET G 1286 26.57 -40.13 105.04
C MET G 1286 25.40 -39.53 104.29
N LEU G 1287 24.86 -40.29 103.35
CA LEU G 1287 23.79 -39.84 102.46
C LEU G 1287 22.59 -40.74 102.67
N PHE G 1288 21.44 -40.12 102.94
CA PHE G 1288 20.18 -40.81 103.15
C PHE G 1288 19.30 -40.57 101.94
N LEU G 1289 18.92 -41.64 101.25
CA LEU G 1289 18.16 -41.56 100.02
C LEU G 1289 16.90 -42.40 100.14
N ARG G 1290 15.83 -41.94 99.53
CA ARG G 1290 14.64 -42.75 99.37
C ARG G 1290 14.09 -42.58 97.96
N LEU G 1291 13.11 -43.40 97.64
CA LEU G 1291 12.35 -43.22 96.41
C LEU G 1291 11.12 -42.38 96.68
N SER G 1292 10.72 -41.59 95.68
CA SER G 1292 9.68 -40.60 95.88
C SER G 1292 8.33 -41.22 96.24
N LEU G 1293 8.08 -42.46 95.85
CA LEU G 1293 6.75 -43.03 96.01
C LEU G 1293 6.76 -44.20 96.98
N PRO G 1294 5.75 -44.33 97.81
CA PRO G 1294 5.69 -45.44 98.76
C PRO G 1294 4.88 -46.63 98.25
N VAL G 1295 4.93 -47.70 99.03
CA VAL G 1295 4.02 -48.83 98.91
C VAL G 1295 3.21 -48.92 100.18
N GLN G 1296 1.90 -49.13 100.04
CA GLN G 1296 0.97 -49.15 101.16
C GLN G 1296 0.45 -50.55 101.37
N PHE G 1297 0.52 -51.01 102.61
CA PHE G 1297 0.00 -52.33 102.95
C PHE G 1297 -1.52 -52.29 103.03
N HIS G 1298 -2.14 -53.45 102.82
CA HIS G 1298 -3.58 -53.53 102.76
C HIS G 1298 -4.21 -53.14 104.10
N GLN G 1299 -5.46 -52.68 104.02
CA GLN G 1299 -6.21 -52.36 105.24
C GLN G 1299 -6.40 -53.59 106.10
N HIS G 1300 -6.70 -54.73 105.46
CA HIS G 1300 -6.96 -55.98 106.15
C HIS G 1300 -5.95 -57.03 105.69
N PHE G 1301 -5.28 -57.66 106.64
CA PHE G 1301 -4.36 -58.74 106.34
C PHE G 1301 -5.08 -60.08 106.37
N ARG G 1302 -4.64 -60.98 105.50
CA ARG G 1302 -5.31 -62.26 105.36
C ARG G 1302 -5.22 -63.08 106.63
N CYS G 1303 -6.27 -63.85 106.91
CA CYS G 1303 -6.32 -64.66 108.12
C CYS G 1303 -5.29 -65.78 108.08
N THR G 1304 -4.63 -65.98 109.22
CA THR G 1304 -3.69 -67.09 109.38
C THR G 1304 -3.00 -67.07 110.75
N ASP G 1419 11.64 -72.91 83.37
CA ASP G 1419 12.97 -72.31 83.38
C ASP G 1419 12.93 -70.82 83.74
N ASN G 1420 12.37 -70.51 84.92
CA ASN G 1420 12.30 -69.14 85.43
C ASN G 1420 11.25 -68.29 84.68
N ARG G 1421 10.05 -68.86 84.47
CA ARG G 1421 8.96 -68.13 83.84
C ARG G 1421 7.87 -68.03 84.88
N ASP G 1422 7.32 -66.85 85.03
CA ASP G 1422 6.28 -66.67 86.03
C ASP G 1422 5.03 -67.44 85.62
N ASP G 1423 4.52 -68.25 86.54
CA ASP G 1423 3.22 -68.83 86.34
C ASP G 1423 2.18 -67.70 86.33
N PRO G 1424 1.37 -67.57 85.27
CA PRO G 1424 0.48 -66.41 85.21
C PRO G 1424 -0.45 -66.29 86.40
N GLU G 1425 -1.07 -67.38 86.83
CA GLU G 1425 -2.02 -67.26 87.93
C GLU G 1425 -1.31 -66.85 89.21
N ILE G 1426 -0.11 -67.39 89.45
CA ILE G 1426 0.66 -66.98 90.63
C ILE G 1426 1.00 -65.50 90.56
N ILE G 1427 1.55 -65.05 89.43
CA ILE G 1427 2.06 -63.70 89.35
C ILE G 1427 0.92 -62.69 89.33
N LEU G 1428 -0.29 -63.13 88.97
CA LEU G 1428 -1.45 -62.24 88.99
C LEU G 1428 -2.19 -62.26 90.31
N ASN G 1429 -2.08 -63.34 91.09
CA ASN G 1429 -2.74 -63.43 92.39
C ASN G 1429 -1.81 -63.07 93.54
N THR G 1430 -0.52 -62.89 93.29
CA THR G 1430 0.42 -62.67 94.37
C THR G 1430 0.30 -61.26 94.93
N THR G 1431 0.66 -61.13 96.21
CA THR G 1431 0.69 -59.84 96.89
C THR G 1431 2.11 -59.46 97.31
N THR G 1432 3.12 -60.07 96.70
CA THR G 1432 4.50 -59.85 97.07
C THR G 1432 5.19 -59.01 96.01
N TYR G 1433 5.99 -58.05 96.46
CA TYR G 1433 6.69 -57.14 95.58
C TYR G 1433 8.16 -57.06 95.99
N TYR G 1434 8.99 -56.74 95.00
CA TYR G 1434 10.43 -56.88 95.13
C TYR G 1434 11.12 -55.67 94.54
N TYR G 1435 12.23 -55.28 95.16
CA TYR G 1435 13.20 -54.42 94.48
C TYR G 1435 14.58 -54.85 94.95
N SER G 1436 15.62 -54.25 94.37
CA SER G 1436 16.97 -54.58 94.81
C SER G 1436 17.87 -53.36 94.72
N VAL G 1437 19.02 -53.47 95.38
CA VAL G 1437 20.04 -52.44 95.38
C VAL G 1437 21.37 -53.12 95.08
N ARG G 1438 22.07 -52.61 94.08
CA ARG G 1438 23.39 -53.10 93.72
C ARG G 1438 24.44 -52.15 94.28
N VAL G 1439 25.28 -52.68 95.17
CA VAL G 1439 26.46 -51.99 95.66
C VAL G 1439 27.62 -52.38 94.77
N PHE G 1440 28.16 -51.40 94.06
CA PHE G 1440 29.21 -51.64 93.09
C PHE G 1440 30.52 -51.98 93.80
N ALA G 1441 31.38 -52.70 93.08
CA ALA G 1441 32.70 -53.01 93.60
C ALA G 1441 33.46 -51.73 93.90
N GLY G 1442 34.12 -51.71 95.06
CA GLY G 1442 34.78 -50.53 95.54
C GLY G 1442 33.99 -49.72 96.55
N GLN G 1443 32.69 -49.98 96.67
CA GLN G 1443 31.86 -49.35 97.68
C GLN G 1443 31.66 -50.34 98.82
N GLU G 1444 32.16 -49.99 100.00
CA GLU G 1444 32.14 -50.92 101.12
C GLU G 1444 30.72 -51.22 101.55
N PRO G 1445 30.29 -52.48 101.53
CA PRO G 1445 28.94 -52.80 102.04
C PRO G 1445 28.76 -52.45 103.49
N SER G 1446 29.82 -52.54 104.30
CA SER G 1446 29.73 -52.15 105.70
C SER G 1446 29.31 -50.69 105.84
N CYS G 1447 29.55 -49.89 104.80
CA CYS G 1447 29.11 -48.50 104.75
C CYS G 1447 27.80 -48.33 104.01
N VAL G 1448 26.96 -49.37 103.98
CA VAL G 1448 25.72 -49.35 103.23
C VAL G 1448 24.62 -49.97 104.08
N TRP G 1449 23.45 -49.32 104.09
CA TRP G 1449 22.25 -49.85 104.71
C TRP G 1449 21.13 -49.79 103.69
N VAL G 1450 20.38 -50.90 103.56
CA VAL G 1450 19.35 -51.04 102.55
C VAL G 1450 18.06 -51.49 103.21
N GLY G 1451 16.94 -50.90 102.81
CA GLY G 1451 15.65 -51.30 103.32
C GLY G 1451 14.56 -50.29 103.05
N TRP G 1452 13.70 -50.07 104.03
CA TRP G 1452 12.56 -49.18 103.91
C TRP G 1452 12.53 -48.21 105.07
N VAL G 1453 11.93 -47.04 104.83
CA VAL G 1453 11.71 -46.04 105.86
C VAL G 1453 10.27 -45.56 105.77
N THR G 1454 9.67 -45.31 106.92
CA THR G 1454 8.37 -44.68 106.99
C THR G 1454 8.49 -43.19 106.72
N PRO G 1455 7.39 -42.53 106.39
CA PRO G 1455 7.44 -41.09 106.09
C PRO G 1455 7.72 -40.22 107.30
N ASP G 1456 7.99 -40.82 108.45
CA ASP G 1456 8.32 -40.06 109.66
C ASP G 1456 9.81 -40.14 109.99
N TYR G 1457 10.64 -40.57 109.04
CA TYR G 1457 12.08 -40.61 109.25
C TYR G 1457 12.65 -39.21 109.00
N HIS G 1458 13.20 -38.61 110.06
CA HIS G 1458 13.76 -37.27 109.99
C HIS G 1458 15.14 -37.20 110.63
N GLN G 1459 15.86 -38.32 110.66
CA GLN G 1459 17.09 -38.43 111.41
C GLN G 1459 18.29 -38.34 110.46
N HIS G 1460 19.00 -37.22 110.52
CA HIS G 1460 20.20 -36.99 109.72
C HIS G 1460 21.40 -37.20 110.63
N ASP G 1461 21.90 -38.43 110.68
CA ASP G 1461 22.95 -38.83 111.60
C ASP G 1461 24.19 -39.18 110.79
N MET G 1462 25.24 -38.37 110.95
CA MET G 1462 26.51 -38.66 110.30
C MET G 1462 27.06 -40.01 110.75
N ASN G 1463 26.99 -40.28 112.05
CA ASN G 1463 27.48 -41.53 112.62
C ASN G 1463 26.31 -42.51 112.75
N PHE G 1464 25.76 -42.87 111.60
CA PHE G 1464 24.58 -43.73 111.56
C PHE G 1464 24.97 -45.19 111.74
N ASP G 1465 24.17 -45.89 112.55
CA ASP G 1465 24.22 -47.34 112.63
C ASP G 1465 22.84 -47.83 113.04
N LEU G 1466 22.59 -49.12 112.83
CA LEU G 1466 21.26 -49.67 113.03
C LEU G 1466 20.78 -49.53 114.47
N SER G 1467 21.68 -49.30 115.42
CA SER G 1467 21.28 -49.11 116.81
C SER G 1467 20.63 -47.75 117.03
N LYS G 1468 20.88 -46.79 116.14
CA LYS G 1468 20.28 -45.47 116.24
C LYS G 1468 18.83 -45.45 115.75
N VAL G 1469 18.36 -46.55 115.17
CA VAL G 1469 17.01 -46.60 114.63
C VAL G 1469 16.01 -46.48 115.77
N ARG G 1470 15.02 -45.62 115.58
CA ARG G 1470 13.98 -45.47 116.59
C ARG G 1470 13.17 -46.75 116.69
N ALA G 1471 12.79 -47.10 117.92
CA ALA G 1471 12.06 -48.33 118.16
C ALA G 1471 11.25 -48.16 119.44
N VAL G 1472 10.11 -48.85 119.47
CA VAL G 1472 9.28 -48.89 120.67
C VAL G 1472 8.41 -50.13 120.58
N THR G 1473 7.93 -50.58 121.73
CA THR G 1473 7.03 -51.73 121.81
C THR G 1473 5.83 -51.36 122.65
N VAL G 1474 4.65 -51.45 122.05
CA VAL G 1474 3.39 -51.20 122.75
C VAL G 1474 2.83 -52.56 123.13
N THR G 1475 2.66 -52.78 124.42
CA THR G 1475 2.23 -54.06 124.95
C THR G 1475 0.91 -53.90 125.68
N MET G 1476 -0.07 -54.69 125.28
CA MET G 1476 -1.41 -54.66 125.86
C MET G 1476 -1.71 -56.03 126.46
N GLY G 1477 -2.17 -56.02 127.71
CA GLY G 1477 -2.57 -57.23 128.38
C GLY G 1477 -3.87 -57.01 129.12
N ASP G 1478 -4.43 -58.10 129.63
CA ASP G 1478 -5.66 -57.99 130.41
C ASP G 1478 -5.36 -57.33 131.76
N GLU G 1479 -6.39 -57.23 132.59
CA GLU G 1479 -6.28 -56.57 133.88
C GLU G 1479 -5.12 -57.13 134.68
N GLN G 1480 -4.91 -58.45 134.62
CA GLN G 1480 -3.85 -59.12 135.36
C GLN G 1480 -2.85 -59.75 134.38
N GLY G 1481 -1.89 -58.93 133.95
CA GLY G 1481 -0.85 -59.44 133.08
C GLY G 1481 -1.42 -60.05 131.82
N ASN G 1482 -1.03 -61.29 131.54
CA ASN G 1482 -1.52 -62.03 130.38
C ASN G 1482 -1.48 -61.16 129.13
N VAL G 1483 -0.28 -60.76 128.72
CA VAL G 1483 -0.11 -59.91 127.55
C VAL G 1483 -0.79 -60.58 126.36
N HIS G 1484 -1.80 -59.91 125.80
CA HIS G 1484 -2.48 -60.46 124.64
C HIS G 1484 -1.91 -59.92 123.34
N SER G 1485 -1.24 -58.77 123.38
CA SER G 1485 -0.63 -58.23 122.18
C SER G 1485 0.65 -57.48 122.52
N SER G 1486 1.62 -57.54 121.59
CA SER G 1486 2.86 -56.79 121.69
C SER G 1486 3.28 -56.41 120.28
N LEU G 1487 3.24 -55.11 119.99
CA LEU G 1487 3.55 -54.61 118.65
C LEU G 1487 4.80 -53.75 118.70
N LYS G 1488 5.69 -53.98 117.74
CA LYS G 1488 6.93 -53.24 117.62
C LYS G 1488 6.80 -52.19 116.53
N CYS G 1489 7.12 -50.95 116.87
CA CYS G 1489 7.02 -49.83 115.95
C CYS G 1489 8.40 -49.22 115.74
N SER G 1490 8.71 -48.91 114.48
CA SER G 1490 9.98 -48.32 114.10
C SER G 1490 9.81 -47.61 112.77
N ASN G 1491 10.57 -46.54 112.57
CA ASN G 1491 10.47 -45.79 111.33
C ASN G 1491 11.36 -46.39 110.24
N CYS G 1492 12.41 -47.09 110.64
CA CYS G 1492 13.44 -47.55 109.72
C CYS G 1492 13.54 -49.07 109.78
N TYR G 1493 13.37 -49.71 108.64
CA TYR G 1493 13.54 -51.15 108.50
C TYR G 1493 14.62 -51.40 107.45
N MET G 1494 15.76 -51.90 107.89
CA MET G 1494 16.94 -52.00 107.02
C MET G 1494 17.77 -53.19 107.43
N VAL G 1495 18.72 -53.53 106.56
CA VAL G 1495 19.72 -54.54 106.83
C VAL G 1495 21.09 -53.96 106.51
N TRP G 1496 22.09 -54.35 107.30
CA TRP G 1496 23.44 -53.86 107.10
C TRP G 1496 24.20 -54.74 106.14
N GLY G 1497 25.00 -54.12 105.28
CA GLY G 1497 25.78 -54.88 104.31
C GLY G 1497 26.87 -55.71 104.97
N GLY G 1498 27.30 -55.29 106.15
CA GLY G 1498 28.28 -56.05 106.90
C GLY G 1498 27.76 -57.43 107.25
N ASP G 1499 26.44 -57.52 107.49
CA ASP G 1499 25.84 -58.79 107.83
C ASP G 1499 25.95 -59.79 106.69
N PHE G 1500 26.04 -59.31 105.45
CA PHE G 1500 26.16 -60.18 104.29
C PHE G 1500 27.60 -60.34 103.81
N VAL G 1501 28.48 -59.40 104.16
CA VAL G 1501 29.89 -59.55 103.81
C VAL G 1501 30.45 -60.76 104.57
N SER G 1502 31.06 -61.68 103.82
CA SER G 1502 31.71 -62.80 104.47
C SER G 1502 32.92 -62.32 105.27
N PRO G 1503 33.18 -62.91 106.44
CA PRO G 1503 34.31 -62.44 107.24
C PRO G 1503 35.64 -62.69 106.54
N GLY G 1504 36.40 -61.62 106.32
CA GLY G 1504 37.70 -61.74 105.71
C GLY G 1504 38.78 -60.99 106.46
N GLN G 1505 39.82 -61.72 106.89
CA GLN G 1505 40.90 -61.08 107.61
C GLN G 1505 41.61 -60.04 106.76
N GLN G 1506 41.62 -60.22 105.45
CA GLN G 1506 42.25 -59.30 104.52
C GLN G 1506 41.48 -59.33 103.21
N GLY G 1507 41.85 -58.46 102.28
CA GLY G 1507 41.18 -58.42 100.99
C GLY G 1507 39.74 -57.97 101.09
N ARG G 1508 39.49 -56.93 101.89
CA ARG G 1508 38.12 -56.46 102.07
C ARG G 1508 37.54 -55.96 100.76
N ILE G 1509 38.37 -55.36 99.91
CA ILE G 1509 37.90 -54.91 98.60
C ILE G 1509 37.60 -56.12 97.74
N SER G 1510 36.44 -56.09 97.07
CA SER G 1510 35.98 -57.20 96.26
C SER G 1510 35.65 -56.72 94.87
N HIS G 1511 36.08 -57.51 93.88
CA HIS G 1511 35.72 -57.21 92.49
C HIS G 1511 34.23 -57.40 92.25
N THR G 1512 33.59 -58.28 93.02
CA THR G 1512 32.18 -58.56 92.85
C THR G 1512 31.32 -57.42 93.39
N ASP G 1513 30.05 -57.42 92.98
CA ASP G 1513 29.08 -56.43 93.40
C ASP G 1513 28.01 -57.10 94.23
N LEU G 1514 27.60 -56.44 95.31
CA LEU G 1514 26.63 -57.02 96.23
C LEU G 1514 25.22 -56.60 95.85
N VAL G 1515 24.32 -57.58 95.68
CA VAL G 1515 22.97 -57.31 95.19
C VAL G 1515 22.00 -57.67 96.30
N ILE G 1516 21.63 -56.68 97.10
CA ILE G 1516 20.69 -56.90 98.20
C ILE G 1516 19.27 -56.75 97.68
N GLY G 1517 18.43 -57.74 97.96
CA GLY G 1517 17.05 -57.73 97.50
C GLY G 1517 16.11 -57.57 98.68
N CYS G 1518 15.02 -56.85 98.45
CA CYS G 1518 14.02 -56.58 99.47
C CYS G 1518 12.65 -56.99 98.95
N LEU G 1519 11.96 -57.83 99.73
CA LEU G 1519 10.65 -58.36 99.38
C LEU G 1519 9.66 -57.95 100.46
N VAL G 1520 8.45 -57.59 100.04
CA VAL G 1520 7.39 -57.23 100.97
C VAL G 1520 6.08 -57.85 100.49
N ASP G 1521 5.35 -58.47 101.41
CA ASP G 1521 4.01 -58.98 101.15
C ASP G 1521 3.03 -57.97 101.71
N LEU G 1522 2.21 -57.39 100.83
CA LEU G 1522 1.30 -56.33 101.22
C LEU G 1522 0.02 -56.83 101.86
N ALA G 1523 -0.13 -58.14 102.04
CA ALA G 1523 -1.29 -58.72 102.68
C ALA G 1523 -1.01 -59.37 104.03
N THR G 1524 0.24 -59.76 104.29
CA THR G 1524 0.64 -60.26 105.60
C THR G 1524 1.52 -59.29 106.36
N GLY G 1525 1.91 -58.18 105.75
CA GLY G 1525 2.78 -57.22 106.41
C GLY G 1525 4.15 -57.77 106.73
N LEU G 1526 4.66 -58.66 105.88
CA LEU G 1526 5.94 -59.32 106.13
C LEU G 1526 6.99 -58.78 105.17
N MET G 1527 8.19 -58.53 105.70
CA MET G 1527 9.28 -57.93 104.96
C MET G 1527 10.51 -58.81 105.13
N THR G 1528 11.11 -59.23 104.01
CA THR G 1528 12.25 -60.13 104.00
C THR G 1528 13.34 -59.56 103.10
N PHE G 1529 14.55 -60.09 103.27
CA PHE G 1529 15.71 -59.63 102.54
C PHE G 1529 16.53 -60.81 102.04
N THR G 1530 17.25 -60.57 100.94
CA THR G 1530 18.11 -61.56 100.32
C THR G 1530 19.47 -60.92 100.05
N ALA G 1531 20.53 -61.71 100.19
CA ALA G 1531 21.88 -61.18 100.04
C ALA G 1531 22.37 -61.24 98.59
N ASN G 1532 22.46 -62.43 98.02
CA ASN G 1532 22.77 -62.61 96.60
C ASN G 1532 21.94 -63.78 96.08
N GLY G 1533 20.66 -63.80 96.45
CA GLY G 1533 19.81 -64.95 96.23
C GLY G 1533 19.70 -65.87 97.43
N LYS G 1534 20.43 -65.58 98.50
CA LYS G 1534 20.36 -66.34 99.74
C LYS G 1534 19.51 -65.57 100.75
N GLU G 1535 18.55 -66.27 101.35
CA GLU G 1535 17.61 -65.62 102.25
C GLU G 1535 18.34 -65.13 103.50
N SER G 1536 18.15 -63.86 103.83
CA SER G 1536 18.70 -63.32 105.06
C SER G 1536 17.84 -63.70 106.25
N ASN G 1537 18.47 -63.73 107.43
CA ASN G 1537 17.75 -64.07 108.64
C ASN G 1537 16.81 -62.94 109.07
N THR G 1538 17.15 -61.70 108.73
CA THR G 1538 16.34 -60.57 109.15
C THR G 1538 14.95 -60.64 108.54
N PHE G 1539 13.95 -60.31 109.36
CA PHE G 1539 12.57 -60.22 108.90
C PHE G 1539 11.85 -59.19 109.77
N PHE G 1540 10.92 -58.48 109.15
CA PHE G 1540 10.11 -57.49 109.85
C PHE G 1540 8.64 -57.75 109.60
N GLN G 1541 7.83 -57.37 110.58
CA GLN G 1541 6.37 -57.42 110.45
C GLN G 1541 5.82 -56.04 110.80
N VAL G 1542 4.94 -55.53 109.95
CA VAL G 1542 4.37 -54.20 110.11
C VAL G 1542 2.86 -54.29 110.02
N GLU G 1543 2.20 -53.28 110.56
CA GLU G 1543 0.75 -53.24 110.63
C GLU G 1543 0.14 -52.84 109.30
N PRO G 1544 -1.15 -53.15 109.09
CA PRO G 1544 -1.80 -52.75 107.85
C PRO G 1544 -1.91 -51.24 107.72
N ASN G 1545 -1.98 -50.79 106.47
CA ASN G 1545 -2.05 -49.39 106.06
C ASN G 1545 -0.69 -48.71 106.18
N THR G 1546 0.36 -49.44 106.52
CA THR G 1546 1.68 -48.84 106.63
C THR G 1546 2.18 -48.44 105.26
N LYS G 1547 2.80 -47.26 105.19
CA LYS G 1547 3.43 -46.75 103.98
C LYS G 1547 4.93 -46.85 104.15
N LEU G 1548 5.59 -47.49 103.18
CA LEU G 1548 7.03 -47.67 103.23
C LEU G 1548 7.66 -47.20 101.92
N PHE G 1549 8.72 -46.43 102.05
CA PHE G 1549 9.50 -45.96 100.92
C PHE G 1549 10.78 -46.77 100.80
N PRO G 1550 11.17 -47.20 99.60
CA PRO G 1550 12.48 -47.84 99.44
C PRO G 1550 13.60 -46.86 99.72
N ALA G 1551 14.45 -47.20 100.69
CA ALA G 1551 15.47 -46.29 101.18
C ALA G 1551 16.83 -46.97 101.23
N VAL G 1552 17.87 -46.17 101.00
CA VAL G 1552 19.26 -46.61 101.10
C VAL G 1552 20.03 -45.54 101.85
N PHE G 1553 20.79 -45.95 102.86
CA PHE G 1553 21.69 -45.07 103.59
C PHE G 1553 23.11 -45.53 103.33
N VAL G 1554 23.95 -44.64 102.82
CA VAL G 1554 25.26 -45.04 102.32
C VAL G 1554 26.29 -43.98 102.65
N LEU G 1555 27.49 -44.44 102.99
CA LEU G 1555 28.67 -43.57 103.10
C LEU G 1555 29.56 -43.81 101.90
N PRO G 1556 29.67 -42.88 100.96
CA PRO G 1556 30.36 -43.19 99.70
C PRO G 1556 31.84 -43.43 99.90
N THR G 1557 32.32 -44.56 99.37
CA THR G 1557 33.74 -44.87 99.30
C THR G 1557 34.23 -45.07 97.87
N HIS G 1558 33.41 -44.71 96.89
CA HIS G 1558 33.73 -44.98 95.50
C HIS G 1558 32.95 -44.01 94.62
N GLN G 1559 33.39 -43.88 93.36
CA GLN G 1559 32.68 -43.02 92.42
C GLN G 1559 31.28 -43.54 92.16
N ASN G 1560 31.15 -44.84 91.94
CA ASN G 1560 29.87 -45.48 91.69
C ASN G 1560 29.43 -46.15 92.99
N VAL G 1561 28.32 -45.70 93.54
CA VAL G 1561 27.96 -46.04 94.92
C VAL G 1561 26.92 -47.15 94.94
N ILE G 1562 25.73 -46.87 94.40
CA ILE G 1562 24.62 -47.80 94.47
C ILE G 1562 23.75 -47.67 93.23
N GLN G 1563 22.91 -48.69 93.03
CA GLN G 1563 21.99 -48.74 91.91
C GLN G 1563 20.67 -49.32 92.41
N PHE G 1564 19.65 -48.48 92.48
CA PHE G 1564 18.29 -48.98 92.63
C PHE G 1564 17.93 -49.79 91.41
N GLU G 1565 17.55 -51.05 91.60
CA GLU G 1565 17.13 -51.94 90.53
C GLU G 1565 15.64 -52.23 90.74
N LEU G 1566 14.82 -51.68 89.85
CA LEU G 1566 13.36 -51.80 89.97
C LEU G 1566 12.89 -52.98 89.12
N GLY G 1567 13.32 -54.16 89.53
CA GLY G 1567 13.04 -55.37 88.79
C GLY G 1567 12.22 -56.36 89.58
N LYS G 1568 12.08 -57.56 89.04
CA LYS G 1568 11.25 -58.59 89.63
C LYS G 1568 12.02 -59.90 89.70
N GLN G 1569 11.70 -60.69 90.72
CA GLN G 1569 12.08 -62.10 90.76
C GLN G 1569 10.90 -62.94 90.27
N LYS G 1570 11.16 -64.23 90.08
CA LYS G 1570 10.13 -65.11 89.57
C LYS G 1570 8.94 -65.14 90.52
N ASN G 1571 7.74 -65.05 89.96
CA ASN G 1571 6.49 -65.09 90.69
C ASN G 1571 6.35 -63.95 91.68
N ILE G 1572 7.14 -62.89 91.53
CA ILE G 1572 7.06 -61.72 92.40
C ILE G 1572 6.94 -60.48 91.51
N MET G 1573 5.98 -59.63 91.82
CA MET G 1573 5.73 -58.45 91.02
C MET G 1573 6.71 -57.33 91.37
N PRO G 1574 6.91 -56.39 90.46
CA PRO G 1574 7.79 -55.25 90.75
C PRO G 1574 7.07 -54.17 91.55
N LEU G 1575 7.85 -53.16 91.94
CA LEU G 1575 7.30 -52.08 92.76
C LEU G 1575 6.32 -51.21 91.99
N SER G 1576 6.46 -51.15 90.67
CA SER G 1576 5.57 -50.33 89.86
C SER G 1576 4.11 -50.76 90.06
N ALA G 1577 3.88 -52.08 90.12
CA ALA G 1577 2.53 -52.58 90.30
C ALA G 1577 1.94 -52.09 91.61
N ALA G 1578 2.73 -52.12 92.69
CA ALA G 1578 2.25 -51.65 93.98
C ALA G 1578 2.05 -50.15 94.00
N MET G 1579 2.95 -49.41 93.36
CA MET G 1579 2.90 -47.96 93.42
C MET G 1579 1.75 -47.39 92.62
N PHE G 1580 1.44 -48.00 91.47
CA PHE G 1580 0.50 -47.42 90.52
C PHE G 1580 -0.66 -48.37 90.29
N LEU G 1581 -1.87 -47.84 90.43
CA LEU G 1581 -3.07 -48.66 90.31
C LEU G 1581 -3.19 -49.27 88.92
N SER G 1582 -2.83 -48.49 87.89
CA SER G 1582 -2.98 -48.99 86.52
C SER G 1582 -2.11 -50.21 86.27
N GLU G 1583 -1.05 -50.38 87.04
CA GLU G 1583 -0.08 -51.45 86.83
C GLU G 1583 -0.18 -52.55 87.88
N ARG G 1584 -1.28 -52.61 88.64
CA ARG G 1584 -1.44 -53.65 89.64
C ARG G 1584 -1.24 -55.03 89.02
N LYS G 1585 -1.63 -55.19 87.76
CA LYS G 1585 -1.60 -56.48 87.08
C LYS G 1585 -0.58 -56.51 85.95
N ASN G 1586 0.37 -55.58 85.93
CA ASN G 1586 1.38 -55.55 84.89
C ASN G 1586 2.68 -56.13 85.45
N PRO G 1587 3.06 -57.36 85.08
CA PRO G 1587 4.34 -57.89 85.56
C PRO G 1587 5.55 -57.14 85.02
N ALA G 1588 5.38 -56.40 83.93
CA ALA G 1588 6.52 -55.75 83.31
C ALA G 1588 7.10 -54.68 84.24
N PRO G 1589 8.37 -54.77 84.63
CA PRO G 1589 8.97 -53.69 85.41
C PRO G 1589 9.05 -52.40 84.60
N GLN G 1590 8.86 -51.28 85.28
CA GLN G 1590 8.96 -49.97 84.66
C GLN G 1590 9.21 -48.92 85.73
N CYS G 1591 9.89 -47.84 85.33
CA CYS G 1591 10.23 -46.75 86.24
C CYS G 1591 9.67 -45.44 85.70
N PRO G 1592 8.47 -45.04 86.10
CA PRO G 1592 7.88 -43.82 85.53
C PRO G 1592 8.59 -42.57 86.02
N PRO G 1593 8.36 -41.43 85.37
CA PRO G 1593 9.08 -40.20 85.75
C PRO G 1593 8.88 -39.79 87.19
N ARG G 1594 7.69 -40.01 87.75
CA ARG G 1594 7.45 -39.60 89.12
C ARG G 1594 8.40 -40.28 90.09
N LEU G 1595 8.74 -41.54 89.82
CA LEU G 1595 9.71 -42.24 90.63
C LEU G 1595 11.07 -41.58 90.48
N GLU G 1596 11.59 -41.08 91.60
CA GLU G 1596 12.86 -40.35 91.57
C GLU G 1596 13.54 -40.49 92.91
N VAL G 1597 14.83 -40.24 92.92
CA VAL G 1597 15.63 -40.32 94.13
C VAL G 1597 15.51 -39.02 94.91
N GLN G 1598 15.18 -39.13 96.19
CA GLN G 1598 15.11 -38.00 97.09
C GLN G 1598 16.21 -38.15 98.14
N MET G 1599 16.84 -37.03 98.48
CA MET G 1599 17.94 -37.01 99.44
C MET G 1599 17.54 -36.18 100.64
N LEU G 1600 17.90 -36.67 101.82
CA LEU G 1600 17.54 -35.99 103.06
C LEU G 1600 18.29 -34.67 103.19
N MET G 1601 17.53 -33.58 103.33
CA MET G 1601 18.12 -32.28 103.59
C MET G 1601 17.84 -31.82 105.01
N PRO G 1602 18.88 -31.45 105.74
CA PRO G 1602 18.71 -31.17 107.17
C PRO G 1602 17.76 -30.04 107.49
N VAL G 1603 17.73 -28.98 106.67
CA VAL G 1603 17.02 -27.77 107.01
C VAL G 1603 16.14 -27.35 105.85
N SER G 1604 15.04 -26.67 106.17
CA SER G 1604 14.12 -26.18 105.16
C SER G 1604 13.41 -24.93 105.66
N TRP G 1605 13.03 -24.06 104.74
CA TRP G 1605 12.28 -22.88 105.13
C TRP G 1605 10.87 -23.25 105.54
N SER G 1606 10.34 -22.54 106.53
CA SER G 1606 8.98 -22.75 107.00
C SER G 1606 8.34 -21.43 107.38
N ARG G 1607 7.09 -21.26 106.98
CA ARG G 1607 6.37 -20.03 107.29
C ARG G 1607 6.08 -19.94 108.79
N MET G 1608 6.29 -18.75 109.33
CA MET G 1608 6.01 -18.50 110.74
C MET G 1608 4.55 -18.11 110.90
N PRO G 1609 3.80 -18.77 111.77
CA PRO G 1609 2.39 -18.39 111.96
C PRO G 1609 2.26 -16.94 112.39
N ASN G 1610 1.22 -16.30 111.87
CA ASN G 1610 0.96 -14.90 112.21
C ASN G 1610 0.52 -14.75 113.66
N HIS G 1611 -0.23 -15.72 114.18
CA HIS G 1611 -0.70 -15.69 115.55
C HIS G 1611 -0.31 -16.99 116.24
N PHE G 1612 -0.10 -16.90 117.54
CA PHE G 1612 0.35 -18.04 118.33
C PHE G 1612 -0.56 -18.22 119.53
N LEU G 1613 -0.69 -19.46 119.96
CA LEU G 1613 -1.55 -19.76 121.10
C LEU G 1613 -1.03 -19.07 122.35
N GLN G 1614 -1.97 -18.53 123.13
CA GLN G 1614 -1.65 -17.84 124.38
C GLN G 1614 -1.83 -18.82 125.53
N VAL G 1615 -0.72 -19.19 126.17
CA VAL G 1615 -0.71 -20.19 127.23
C VAL G 1615 -0.31 -19.49 128.52
N GLU G 1616 -1.12 -19.69 129.55
CA GLU G 1616 -0.86 -19.12 130.87
C GLU G 1616 -0.29 -20.21 131.76
N THR G 1617 0.91 -19.97 132.28
CA THR G 1617 1.60 -20.89 133.18
C THR G 1617 1.77 -20.19 134.53
N ARG G 1618 1.45 -20.90 135.60
CA ARG G 1618 1.57 -20.32 136.92
C ARG G 1618 1.74 -21.41 137.95
N ARG G 1619 2.02 -21.00 139.19
CA ARG G 1619 2.05 -21.92 140.32
C ARG G 1619 0.84 -21.63 141.19
N ALA G 1620 -0.18 -22.49 141.09
CA ALA G 1620 -1.42 -22.23 141.82
C ALA G 1620 -1.16 -22.25 143.32
N GLY G 1621 -0.32 -23.16 143.78
CA GLY G 1621 0.00 -23.25 145.19
C GLY G 1621 0.86 -24.47 145.43
N GLU G 1622 1.20 -24.66 146.71
CA GLU G 1622 2.00 -25.81 147.07
C GLU G 1622 1.24 -27.11 146.84
N ARG G 1623 -0.01 -27.16 147.27
CA ARG G 1623 -0.83 -28.34 147.06
C ARG G 1623 -1.30 -28.44 145.62
N LEU G 1624 -1.77 -27.32 145.06
CA LEU G 1624 -2.42 -27.35 143.76
C LEU G 1624 -1.44 -27.70 142.65
N GLY G 1625 -0.18 -27.32 142.79
CA GLY G 1625 0.82 -27.59 141.78
C GLY G 1625 0.89 -26.48 140.75
N TRP G 1626 1.51 -26.80 139.63
CA TRP G 1626 1.64 -25.84 138.55
C TRP G 1626 0.47 -25.96 137.60
N ALA G 1627 0.05 -24.84 137.02
CA ALA G 1627 -1.16 -24.78 136.22
C ALA G 1627 -0.85 -24.24 134.83
N VAL G 1628 -1.41 -24.91 133.83
CA VAL G 1628 -1.30 -24.51 132.43
C VAL G 1628 -2.71 -24.33 131.89
N GLN G 1629 -2.95 -23.21 131.22
CA GLN G 1629 -4.29 -22.85 130.76
C GLN G 1629 -4.22 -22.29 129.36
N CYS G 1630 -5.08 -22.79 128.47
CA CYS G 1630 -5.25 -22.24 127.12
C CYS G 1630 -6.75 -22.18 126.84
N GLN G 1631 -7.25 -21.00 126.51
CA GLN G 1631 -8.68 -20.78 126.36
C GLN G 1631 -9.08 -20.26 124.97
N ASP G 1632 -8.17 -19.63 124.23
CA ASP G 1632 -8.51 -18.99 122.98
C ASP G 1632 -8.15 -19.87 121.81
N PRO G 1633 -9.07 -20.10 120.86
CA PRO G 1633 -8.79 -21.04 119.77
C PRO G 1633 -8.01 -20.41 118.63
N LEU G 1634 -7.25 -21.25 117.94
CA LEU G 1634 -6.57 -20.88 116.71
C LEU G 1634 -6.74 -22.01 115.72
N THR G 1635 -6.99 -21.66 114.45
CA THR G 1635 -7.21 -22.64 113.41
C THR G 1635 -6.41 -22.26 112.17
N MET G 1636 -5.98 -23.28 111.44
CA MET G 1636 -5.21 -23.10 110.22
C MET G 1636 -5.77 -24.00 109.14
N MET G 1637 -5.65 -23.55 107.89
CA MET G 1637 -5.96 -24.39 106.75
C MET G 1637 -4.71 -25.17 106.35
N ALA G 1638 -4.84 -26.48 106.25
CA ALA G 1638 -3.71 -27.38 106.07
C ALA G 1638 -3.76 -28.02 104.69
N LEU G 1639 -2.64 -27.97 103.99
CA LEU G 1639 -2.45 -28.66 102.72
C LEU G 1639 -1.72 -29.95 103.00
N HIS G 1640 -2.34 -31.07 102.63
CA HIS G 1640 -1.86 -32.40 102.99
C HIS G 1640 -1.41 -33.15 101.74
N ILE G 1641 -0.16 -33.61 101.76
CA ILE G 1641 0.34 -34.47 100.69
C ILE G 1641 0.06 -35.92 101.08
N PRO G 1642 -0.84 -36.62 100.38
CA PRO G 1642 -1.17 -37.98 100.80
C PRO G 1642 0.00 -38.95 100.77
N GLU G 1643 0.84 -38.87 99.74
CA GLU G 1643 1.91 -39.86 99.59
C GLU G 1643 2.96 -39.71 100.69
N GLU G 1644 3.20 -38.48 101.13
CA GLU G 1644 4.17 -38.20 102.17
C GLU G 1644 3.54 -38.11 103.56
N ASN G 1645 2.22 -38.15 103.65
CA ASN G 1645 1.51 -38.09 104.93
C ASN G 1645 2.01 -36.93 105.79
N ARG G 1646 2.16 -35.77 105.17
CA ARG G 1646 2.56 -34.57 105.88
C ARG G 1646 1.66 -33.41 105.46
N CYS G 1647 1.67 -32.36 106.28
CA CYS G 1647 0.84 -31.19 106.05
C CYS G 1647 1.66 -29.94 106.23
N MET G 1648 1.24 -28.89 105.53
CA MET G 1648 1.79 -27.56 105.68
C MET G 1648 0.65 -26.57 105.79
N ASP G 1649 0.99 -25.33 106.14
CA ASP G 1649 0.01 -24.26 106.02
C ASP G 1649 -0.18 -23.91 104.56
N ILE G 1650 -1.44 -23.76 104.14
CA ILE G 1650 -1.72 -23.42 102.76
C ILE G 1650 -1.10 -22.09 102.38
N LEU G 1651 -0.68 -21.30 103.36
CA LEU G 1651 -0.07 -20.00 103.11
C LEU G 1651 1.35 -20.10 102.58
N GLU G 1652 1.98 -21.28 102.67
CA GLU G 1652 3.30 -21.47 102.09
C GLU G 1652 3.26 -21.48 100.57
N LEU G 1653 2.08 -21.55 99.98
CA LEU G 1653 1.96 -21.55 98.53
C LEU G 1653 2.23 -20.20 97.93
N SER G 1654 2.48 -19.21 98.78
CA SER G 1654 2.99 -17.93 98.32
C SER G 1654 4.42 -18.04 97.81
N GLU G 1655 5.21 -18.93 98.41
CA GLU G 1655 6.58 -19.17 97.98
C GLU G 1655 6.74 -20.48 97.22
N ARG G 1656 5.89 -21.46 97.49
CA ARG G 1656 5.90 -22.73 96.76
C ARG G 1656 4.96 -22.59 95.57
N LEU G 1657 5.54 -22.15 94.44
CA LEU G 1657 4.73 -21.70 93.31
C LEU G 1657 4.11 -22.87 92.57
N ASP G 1658 4.87 -23.96 92.39
CA ASP G 1658 4.33 -25.11 91.67
C ASP G 1658 3.08 -25.65 92.38
N LEU G 1659 3.14 -25.75 93.71
CA LEU G 1659 1.99 -26.20 94.47
C LEU G 1659 0.81 -25.24 94.31
N GLN G 1660 1.08 -23.93 94.32
CA GLN G 1660 0.02 -22.96 94.11
C GLN G 1660 -0.64 -23.15 92.76
N ARG G 1661 0.16 -23.33 91.71
CA ARG G 1661 -0.40 -23.56 90.38
C ARG G 1661 -1.25 -24.82 90.34
N PHE G 1662 -0.71 -25.92 90.89
CA PHE G 1662 -1.45 -27.18 90.83
C PHE G 1662 -2.76 -27.07 91.60
N HIS G 1663 -2.74 -26.42 92.76
CA HIS G 1663 -3.95 -26.31 93.56
C HIS G 1663 -4.97 -25.38 92.91
N SER G 1664 -4.50 -24.30 92.28
CA SER G 1664 -5.40 -23.40 91.57
C SER G 1664 -6.10 -24.14 90.43
N HIS G 1665 -5.34 -24.92 89.66
CA HIS G 1665 -5.96 -25.70 88.59
C HIS G 1665 -6.83 -26.83 89.13
N THR G 1666 -6.52 -27.34 90.33
CA THR G 1666 -7.42 -28.29 90.98
C THR G 1666 -8.77 -27.63 91.32
N LEU G 1667 -8.72 -26.41 91.82
CA LEU G 1667 -9.96 -25.67 92.08
C LEU G 1667 -10.71 -25.41 90.78
N ARG G 1668 -9.97 -25.12 89.71
CA ARG G 1668 -10.58 -24.96 88.39
C ARG G 1668 -11.29 -26.23 87.96
N LEU G 1669 -10.66 -27.38 88.20
CA LEU G 1669 -11.29 -28.67 87.89
C LEU G 1669 -12.54 -28.87 88.74
N TYR G 1670 -12.48 -28.50 90.01
CA TYR G 1670 -13.65 -28.61 90.87
C TYR G 1670 -14.80 -27.77 90.32
N ARG G 1671 -14.50 -26.57 89.85
CA ARG G 1671 -15.54 -25.74 89.25
C ARG G 1671 -16.06 -26.36 87.95
N ALA G 1672 -15.16 -26.93 87.15
CA ALA G 1672 -15.58 -27.50 85.87
C ALA G 1672 -16.52 -28.68 86.07
N VAL G 1673 -16.20 -29.57 87.02
CA VAL G 1673 -17.01 -30.77 87.19
C VAL G 1673 -18.40 -30.41 87.71
N CYS G 1674 -18.51 -29.35 88.51
CA CYS G 1674 -19.78 -28.90 89.04
C CYS G 1674 -20.46 -27.85 88.17
N ALA G 1675 -19.84 -27.50 87.05
CA ALA G 1675 -20.33 -26.41 86.22
C ALA G 1675 -21.67 -26.75 85.59
N LEU G 1676 -22.52 -25.73 85.48
CA LEU G 1676 -23.71 -25.78 84.64
C LEU G 1676 -24.67 -26.88 85.06
N GLY G 1677 -25.00 -26.93 86.35
CA GLY G 1677 -26.13 -27.68 86.83
C GLY G 1677 -25.84 -29.01 87.49
N ASN G 1678 -24.58 -29.42 87.60
CA ASN G 1678 -24.26 -30.70 88.23
C ASN G 1678 -24.29 -30.53 89.75
N ASN G 1679 -25.52 -30.40 90.26
CA ASN G 1679 -25.72 -30.22 91.69
C ASN G 1679 -25.25 -31.45 92.47
N ARG G 1680 -25.34 -32.63 91.85
CA ARG G 1680 -24.82 -33.83 92.46
C ARG G 1680 -23.32 -33.74 92.67
N VAL G 1681 -22.59 -33.28 91.65
CA VAL G 1681 -21.15 -33.09 91.80
C VAL G 1681 -20.86 -32.00 92.83
N ALA G 1682 -21.72 -30.98 92.89
CA ALA G 1682 -21.55 -29.96 93.93
C ALA G 1682 -21.66 -30.57 95.31
N HIS G 1683 -22.65 -31.43 95.52
CA HIS G 1683 -22.80 -32.11 96.80
C HIS G 1683 -21.58 -32.97 97.10
N ALA G 1684 -21.08 -33.69 96.10
CA ALA G 1684 -19.88 -34.49 96.30
C ALA G 1684 -18.70 -33.62 96.70
N LEU G 1685 -18.54 -32.47 96.04
CA LEU G 1685 -17.44 -31.57 96.36
C LEU G 1685 -17.56 -31.05 97.78
N CYS G 1686 -18.78 -30.81 98.25
CA CYS G 1686 -18.95 -30.29 99.61
C CYS G 1686 -18.23 -31.15 100.64
N SER G 1687 -17.96 -32.41 100.31
CA SER G 1687 -17.18 -33.26 101.21
C SER G 1687 -15.71 -32.86 101.19
N HIS G 1688 -15.16 -32.60 100.00
CA HIS G 1688 -13.74 -32.30 99.89
C HIS G 1688 -13.42 -30.87 100.33
N VAL G 1689 -14.29 -29.93 99.99
CA VAL G 1689 -14.13 -28.52 100.37
C VAL G 1689 -15.38 -28.15 101.16
N ASP G 1690 -15.22 -27.96 102.45
CA ASP G 1690 -16.36 -27.74 103.31
C ASP G 1690 -16.69 -26.26 103.46
N GLN G 1691 -17.88 -26.01 104.00
CA GLN G 1691 -18.35 -24.65 104.21
C GLN G 1691 -17.39 -23.87 105.10
N ALA G 1692 -16.88 -24.52 106.14
CA ALA G 1692 -15.94 -23.86 107.04
C ALA G 1692 -14.67 -23.46 106.30
N GLN G 1693 -14.13 -24.37 105.48
CA GLN G 1693 -12.95 -24.05 104.69
C GLN G 1693 -13.20 -22.84 103.80
N LEU G 1694 -14.33 -22.87 103.08
CA LEU G 1694 -14.62 -21.81 102.13
C LEU G 1694 -14.75 -20.46 102.84
N LEU G 1695 -15.51 -20.43 103.94
CA LEU G 1695 -15.72 -19.19 104.66
C LEU G 1695 -14.43 -18.68 105.29
N HIS G 1696 -13.57 -19.59 105.77
CA HIS G 1696 -12.27 -19.18 106.27
C HIS G 1696 -11.43 -18.57 105.16
N ALA G 1697 -11.45 -19.17 103.97
CA ALA G 1697 -10.68 -18.65 102.85
C ALA G 1697 -11.16 -17.27 102.45
N LEU G 1698 -12.48 -17.06 102.49
CA LEU G 1698 -13.01 -15.75 102.13
C LEU G 1698 -12.38 -14.64 102.96
N GLU G 1699 -12.22 -14.88 104.26
CA GLU G 1699 -11.71 -13.84 105.15
C GLU G 1699 -10.19 -13.81 105.15
N ASP G 1700 -9.55 -14.94 104.89
CA ASP G 1700 -8.09 -15.01 104.98
C ASP G 1700 -7.43 -13.97 104.09
N ALA G 1701 -6.67 -13.06 104.71
CA ALA G 1701 -5.99 -12.01 103.97
C ALA G 1701 -4.65 -12.44 103.40
N HIS G 1702 -4.09 -13.55 103.88
CA HIS G 1702 -2.75 -13.97 103.51
C HIS G 1702 -2.73 -14.98 102.37
N LEU G 1703 -3.88 -15.39 101.86
CA LEU G 1703 -3.89 -16.31 100.73
C LEU G 1703 -3.36 -15.62 99.48
N PRO G 1704 -2.67 -16.34 98.61
CA PRO G 1704 -2.40 -15.81 97.27
C PRO G 1704 -3.70 -15.54 96.54
N GLY G 1705 -3.68 -14.51 95.71
CA GLY G 1705 -4.85 -14.08 94.99
C GLY G 1705 -5.46 -15.17 94.13
N PRO G 1706 -4.62 -15.96 93.45
CA PRO G 1706 -5.18 -17.08 92.67
C PRO G 1706 -6.02 -18.01 93.52
N LEU G 1707 -5.52 -18.42 94.68
CA LEU G 1707 -6.28 -19.33 95.54
C LEU G 1707 -7.52 -18.63 96.09
N ARG G 1708 -7.38 -17.37 96.47
CA ARG G 1708 -8.52 -16.62 96.99
C ARG G 1708 -9.65 -16.56 95.97
N ALA G 1709 -9.33 -16.16 94.75
CA ALA G 1709 -10.32 -16.09 93.69
C ALA G 1709 -10.88 -17.47 93.38
N GLY G 1710 -10.01 -18.50 93.37
CA GLY G 1710 -10.49 -19.84 93.10
C GLY G 1710 -11.50 -20.30 94.13
N TYR G 1711 -11.25 -20.01 95.41
CA TYR G 1711 -12.17 -20.42 96.45
C TYR G 1711 -13.47 -19.65 96.40
N TYR G 1712 -13.39 -18.34 96.14
CA TYR G 1712 -14.61 -17.56 95.95
C TYR G 1712 -15.45 -18.13 94.81
N ASP G 1713 -14.81 -18.38 93.67
CA ASP G 1713 -15.52 -18.91 92.51
C ASP G 1713 -16.06 -20.31 92.78
N LEU G 1714 -15.32 -21.10 93.56
CA LEU G 1714 -15.78 -22.43 93.91
C LEU G 1714 -17.03 -22.37 94.77
N LEU G 1715 -17.05 -21.46 95.74
CA LEU G 1715 -18.25 -21.25 96.53
C LEU G 1715 -19.42 -20.88 95.63
N ILE G 1716 -19.20 -19.93 94.73
CA ILE G 1716 -20.26 -19.49 93.84
C ILE G 1716 -20.76 -20.65 93.00
N SER G 1717 -19.83 -21.44 92.46
CA SER G 1717 -20.20 -22.55 91.58
C SER G 1717 -21.00 -23.60 92.33
N ILE G 1718 -20.50 -24.02 93.49
CA ILE G 1718 -21.15 -25.07 94.25
C ILE G 1718 -22.55 -24.63 94.70
N HIS G 1719 -22.65 -23.40 95.21
CA HIS G 1719 -23.83 -22.99 95.95
C HIS G 1719 -24.74 -22.04 95.18
N LEU G 1720 -24.18 -21.12 94.40
CA LEU G 1720 -24.93 -19.97 93.91
C LEU G 1720 -25.10 -19.95 92.40
N GLU G 1721 -24.30 -20.70 91.65
CA GLU G 1721 -24.29 -20.54 90.20
C GLU G 1721 -25.62 -20.92 89.57
N SER G 1722 -26.15 -22.10 89.92
CA SER G 1722 -27.38 -22.56 89.29
C SER G 1722 -28.55 -21.63 89.62
N ALA G 1723 -28.67 -21.25 90.89
CA ALA G 1723 -29.76 -20.35 91.29
C ALA G 1723 -29.63 -19.00 90.61
N CYS G 1724 -28.42 -18.46 90.54
CA CYS G 1724 -28.21 -17.17 89.89
C CYS G 1724 -28.60 -17.24 88.42
N ARG G 1725 -28.18 -18.30 87.73
CA ARG G 1725 -28.53 -18.44 86.32
C ARG G 1725 -30.03 -18.58 86.12
N SER G 1726 -30.68 -19.40 86.96
CA SER G 1726 -32.11 -19.58 86.84
C SER G 1726 -32.85 -18.27 87.06
N ARG G 1727 -32.41 -17.49 88.05
CA ARG G 1727 -33.09 -16.22 88.34
C ARG G 1727 -32.83 -15.20 87.25
N ARG G 1728 -31.60 -15.15 86.72
CA ARG G 1728 -31.29 -14.21 85.65
C ARG G 1728 -32.09 -14.52 84.40
N SER G 1729 -32.30 -15.80 84.10
CA SER G 1729 -33.12 -16.16 82.96
C SER G 1729 -34.51 -15.56 83.08
N MET G 1730 -35.00 -15.38 84.31
CA MET G 1730 -36.36 -14.91 84.53
C MET G 1730 -36.45 -13.40 84.69
N LEU G 1731 -35.35 -12.76 85.12
CA LEU G 1731 -35.42 -11.33 85.39
C LEU G 1731 -35.88 -10.54 84.16
N SER G 1732 -35.50 -11.00 82.97
CA SER G 1732 -35.87 -10.28 81.75
C SER G 1732 -37.38 -10.24 81.56
N GLU G 1733 -38.10 -11.18 82.15
CA GLU G 1733 -39.55 -11.26 82.01
C GLU G 1733 -40.24 -10.61 83.20
N TYR G 1734 -41.34 -9.92 82.94
CA TYR G 1734 -42.11 -9.22 83.95
C TYR G 1734 -43.55 -9.72 83.91
N ILE G 1735 -43.94 -10.47 84.93
CA ILE G 1735 -45.30 -10.98 85.07
C ILE G 1735 -45.86 -10.36 86.34
N VAL G 1736 -46.80 -9.43 86.17
CA VAL G 1736 -47.33 -8.63 87.27
C VAL G 1736 -48.65 -9.26 87.71
N PRO G 1737 -48.77 -9.75 88.94
CA PRO G 1737 -50.09 -10.07 89.48
C PRO G 1737 -50.83 -8.81 89.88
N LEU G 1738 -52.13 -8.80 89.61
CA LEU G 1738 -52.98 -7.65 89.95
C LEU G 1738 -53.32 -7.75 91.43
N THR G 1739 -52.53 -7.09 92.26
CA THR G 1739 -52.63 -7.19 93.70
C THR G 1739 -52.57 -5.80 94.31
N PRO G 1740 -53.11 -5.63 95.52
CA PRO G 1740 -53.06 -4.31 96.17
C PRO G 1740 -51.64 -3.76 96.24
N GLU G 1741 -50.67 -4.66 96.45
CA GLU G 1741 -49.28 -4.24 96.44
C GLU G 1741 -48.92 -3.62 95.10
N THR G 1742 -49.32 -4.26 94.00
CA THR G 1742 -49.07 -3.70 92.68
C THR G 1742 -49.76 -2.36 92.53
N ARG G 1743 -51.02 -2.27 93.01
CA ARG G 1743 -51.78 -1.02 92.88
CA ARG G 1743 -51.78 -1.02 92.90
C ARG G 1743 -51.07 0.12 93.59
N ALA G 1744 -50.47 -0.14 94.75
CA ALA G 1744 -49.81 0.91 95.51
C ALA G 1744 -48.58 1.45 94.78
N ILE G 1745 -47.94 0.62 93.94
CA ILE G 1745 -46.67 0.99 93.35
C ILE G 1745 -46.81 2.30 92.60
N THR G 1746 -45.83 3.18 92.76
CA THR G 1746 -45.74 4.43 92.04
C THR G 1746 -44.31 4.62 91.56
N LEU G 1747 -44.17 5.35 90.45
CA LEU G 1747 -42.84 5.64 89.93
C LEU G 1747 -42.01 6.38 90.96
N PHE G 1748 -42.61 7.33 91.61
CA PHE G 1748 -41.92 8.17 92.56
C PHE G 1748 -42.47 7.94 93.96
N PRO G 1749 -41.65 7.99 95.00
CA PRO G 1749 -42.17 7.85 96.34
C PRO G 1749 -43.02 9.08 96.70
N PRO G 1750 -43.97 8.92 97.60
CA PRO G 1750 -44.82 10.07 97.97
C PRO G 1750 -43.99 11.25 98.49
N GLY G 1751 -44.37 12.45 98.07
CA GLY G 1751 -43.68 13.65 98.49
C GLY G 1751 -44.33 14.90 97.93
N ARG G 1752 -43.96 16.05 98.51
CA ARG G 1752 -44.54 17.32 98.09
C ARG G 1752 -43.94 17.81 96.79
N LYS G 1753 -42.70 17.43 96.50
CA LYS G 1753 -41.99 17.98 95.36
C LYS G 1753 -42.67 17.59 94.05
N GLY G 1754 -42.51 18.45 93.06
CA GLY G 1754 -43.28 18.35 91.83
C GLY G 1754 -42.91 17.12 91.02
N GLY G 1755 -43.89 16.62 90.27
CA GLY G 1755 -43.71 15.43 89.44
C GLY G 1755 -42.40 15.38 88.68
N ASN G 1756 -42.14 16.42 87.88
CA ASN G 1756 -40.90 16.50 87.11
C ASN G 1756 -39.68 16.50 88.04
N ALA G 1757 -39.74 17.34 89.09
CA ALA G 1757 -38.59 17.50 89.97
C ALA G 1757 -38.36 16.27 90.83
N ARG G 1758 -39.44 15.55 91.13
CA ARG G 1758 -39.48 14.53 92.17
C ARG G 1758 -38.24 13.65 92.22
N ARG G 1759 -37.51 13.69 93.34
CA ARG G 1759 -36.28 12.92 93.46
C ARG G 1759 -36.52 11.40 93.36
N HIS G 1760 -35.76 10.78 92.46
CA HIS G 1760 -35.89 9.35 92.21
C HIS G 1760 -35.66 8.57 93.50
N GLY G 1761 -36.47 7.54 93.69
CA GLY G 1761 -36.24 6.63 94.78
C GLY G 1761 -34.99 5.80 94.57
N LEU G 1762 -34.44 5.30 95.67
CA LEU G 1762 -33.22 4.54 95.59
C LEU G 1762 -33.46 3.25 94.81
N PRO G 1763 -32.65 2.95 93.79
CA PRO G 1763 -32.85 1.73 93.01
C PRO G 1763 -32.68 0.48 93.88
N GLY G 1764 -33.51 -0.52 93.60
CA GLY G 1764 -33.49 -1.75 94.35
C GLY G 1764 -34.17 -1.67 95.70
N VAL G 1765 -34.77 -0.53 96.05
CA VAL G 1765 -35.43 -0.32 97.32
C VAL G 1765 -36.88 0.00 97.02
N GLY G 1766 -37.76 -0.96 97.28
CA GLY G 1766 -39.17 -0.76 97.03
C GLY G 1766 -39.91 -2.08 97.03
N VAL G 1767 -41.13 -2.04 96.49
CA VAL G 1767 -42.01 -3.19 96.43
C VAL G 1767 -41.98 -3.72 95.00
N THR G 1768 -41.59 -4.98 94.85
CA THR G 1768 -41.57 -5.64 93.56
C THR G 1768 -42.55 -6.80 93.59
N THR G 1769 -43.54 -6.76 92.69
CA THR G 1769 -44.56 -7.80 92.60
C THR G 1769 -44.32 -8.77 91.45
N SER G 1770 -43.31 -8.52 90.62
CA SER G 1770 -43.02 -9.42 89.51
C SER G 1770 -42.70 -10.82 90.05
N LEU G 1771 -43.13 -11.83 89.30
CA LEU G 1771 -43.05 -13.20 89.75
C LEU G 1771 -41.69 -13.79 89.38
N ARG G 1772 -40.95 -14.24 90.39
CA ARG G 1772 -39.70 -14.98 90.19
C ARG G 1772 -39.76 -16.22 91.08
N PRO G 1773 -39.59 -17.41 90.52
CA PRO G 1773 -39.74 -18.61 91.34
C PRO G 1773 -38.72 -18.67 92.40
N PRO G 1774 -39.02 -19.27 93.56
CA PRO G 1774 -38.06 -19.30 94.67
C PRO G 1774 -36.87 -20.19 94.38
N HIS G 1775 -35.77 -19.91 95.08
CA HIS G 1775 -34.61 -20.79 95.05
C HIS G 1775 -34.87 -22.03 95.87
N HIS G 1776 -34.26 -23.15 95.47
CA HIS G 1776 -34.41 -24.42 96.15
C HIS G 1776 -33.03 -25.01 96.40
N PHE G 1777 -32.77 -25.40 97.65
CA PHE G 1777 -31.50 -25.96 98.05
C PHE G 1777 -31.75 -27.22 98.87
N SER G 1778 -30.79 -28.13 98.85
CA SER G 1778 -30.84 -29.34 99.65
C SER G 1778 -29.64 -29.39 100.58
N PRO G 1779 -29.83 -29.74 101.85
CA PRO G 1779 -28.69 -29.78 102.77
C PRO G 1779 -27.68 -30.83 102.34
N PRO G 1780 -26.38 -30.59 102.56
CA PRO G 1780 -25.38 -31.62 102.25
C PRO G 1780 -25.32 -32.65 103.36
N CYS G 1781 -25.56 -33.91 103.00
CA CYS G 1781 -25.47 -35.02 103.94
C CYS G 1781 -24.92 -36.23 103.21
N PHE G 1782 -24.10 -37.01 103.91
CA PHE G 1782 -23.48 -38.20 103.33
C PHE G 1782 -23.69 -39.44 104.19
N VAL G 1783 -24.60 -39.38 105.17
CA VAL G 1783 -25.02 -40.55 105.94
C VAL G 1783 -26.42 -40.99 105.58
N ALA G 1784 -27.11 -40.26 104.70
CA ALA G 1784 -28.48 -40.59 104.35
C ALA G 1784 -28.54 -41.88 103.54
N ALA G 1785 -29.67 -42.55 103.63
CA ALA G 1785 -29.85 -43.81 102.92
C ALA G 1785 -29.81 -43.58 101.41
N LEU G 1786 -29.18 -44.51 100.70
CA LEU G 1786 -29.02 -44.37 99.26
C LEU G 1786 -30.35 -44.61 98.56
N PRO G 1787 -30.80 -43.71 97.66
CA PRO G 1787 -32.09 -44.00 97.02
C PRO G 1787 -32.03 -45.24 96.13
N ALA G 1788 -32.95 -46.17 96.37
CA ALA G 1788 -32.96 -47.40 95.59
C ALA G 1788 -33.33 -47.16 94.13
N ALA G 1789 -33.88 -45.99 93.80
CA ALA G 1789 -34.22 -45.70 92.42
C ALA G 1789 -32.96 -45.61 91.58
N GLY G 1790 -33.00 -46.21 90.40
CA GLY G 1790 -31.85 -46.25 89.54
C GLY G 1790 -31.59 -44.93 88.85
N VAL G 1791 -30.44 -44.88 88.17
CA VAL G 1791 -30.06 -43.67 87.46
C VAL G 1791 -31.08 -43.38 86.36
N ALA G 1792 -31.33 -42.09 86.11
CA ALA G 1792 -32.29 -41.65 85.12
C ALA G 1792 -33.73 -41.87 85.59
N GLU G 1793 -33.89 -42.35 86.82
CA GLU G 1793 -35.21 -42.37 87.43
C GLU G 1793 -35.24 -41.52 88.70
N ALA G 1794 -34.09 -41.39 89.36
CA ALA G 1794 -34.01 -40.59 90.57
C ALA G 1794 -34.27 -39.12 90.24
N PRO G 1795 -34.98 -38.39 91.11
CA PRO G 1795 -35.23 -36.97 90.84
C PRO G 1795 -33.96 -36.16 90.82
N ALA G 1796 -34.01 -35.02 90.12
CA ALA G 1796 -32.87 -34.14 90.01
C ALA G 1796 -32.54 -33.53 91.38
N ARG G 1797 -31.26 -33.48 91.69
CA ARG G 1797 -30.83 -32.97 92.99
C ARG G 1797 -30.70 -31.45 92.96
N LEU G 1798 -30.95 -30.84 94.11
CA LEU G 1798 -30.84 -29.40 94.29
C LEU G 1798 -29.43 -29.02 94.67
N SER G 1799 -29.13 -27.74 94.56
CA SER G 1799 -27.81 -27.24 94.92
C SER G 1799 -27.61 -27.33 96.43
N PRO G 1800 -26.37 -27.53 96.88
CA PRO G 1800 -26.11 -27.53 98.32
C PRO G 1800 -26.46 -26.19 98.94
N ALA G 1801 -26.93 -26.24 100.19
CA ALA G 1801 -27.36 -25.05 100.90
C ALA G 1801 -26.22 -24.47 101.72
N ILE G 1802 -26.21 -23.14 101.81
CA ILE G 1802 -25.26 -22.43 102.66
C ILE G 1802 -26.01 -21.27 103.30
N PRO G 1803 -25.64 -20.82 104.51
CA PRO G 1803 -26.43 -19.77 105.17
C PRO G 1803 -26.29 -18.42 104.50
N LEU G 1804 -27.36 -18.04 103.81
CA LEU G 1804 -27.29 -16.90 102.88
C LEU G 1804 -27.28 -15.58 103.63
N GLU G 1805 -27.99 -15.48 104.75
CA GLU G 1805 -28.02 -14.23 105.50
C GLU G 1805 -26.65 -13.94 106.11
N ALA G 1806 -26.02 -14.95 106.71
CA ALA G 1806 -24.67 -14.77 107.23
C ALA G 1806 -23.71 -14.47 106.09
N LEU G 1807 -23.89 -15.13 104.95
CA LEU G 1807 -23.01 -14.88 103.82
C LEU G 1807 -23.11 -13.43 103.33
N ARG G 1808 -24.34 -12.90 103.23
CA ARG G 1808 -24.49 -11.53 102.78
C ARG G 1808 -23.91 -10.56 103.79
N ASP G 1809 -24.13 -10.80 105.09
CA ASP G 1809 -23.56 -9.91 106.09
C ASP G 1809 -22.05 -9.90 106.00
N LYS G 1810 -21.45 -11.08 105.87
CA LYS G 1810 -20.01 -11.16 105.77
C LYS G 1810 -19.53 -10.43 104.52
N ALA G 1811 -20.23 -10.63 103.41
CA ALA G 1811 -19.82 -9.99 102.16
C ALA G 1811 -19.85 -8.48 102.26
N LEU G 1812 -20.93 -7.93 102.83
CA LEU G 1812 -21.01 -6.48 102.99
C LEU G 1812 -19.90 -5.96 103.88
N ARG G 1813 -19.66 -6.64 105.01
CA ARG G 1813 -18.63 -6.19 105.93
C ARG G 1813 -17.26 -6.22 105.26
N MET G 1814 -16.97 -7.31 104.53
CA MET G 1814 -15.68 -7.43 103.89
C MET G 1814 -15.50 -6.41 102.78
N LEU G 1815 -16.58 -6.12 102.04
CA LEU G 1815 -16.50 -5.08 101.01
C LEU G 1815 -16.20 -3.72 101.63
N GLY G 1816 -16.86 -3.40 102.74
CA GLY G 1816 -16.55 -2.15 103.42
C GLY G 1816 -15.11 -2.10 103.90
N GLU G 1817 -14.62 -3.22 104.42
CA GLU G 1817 -13.22 -3.29 104.84
C GLU G 1817 -12.29 -3.04 103.65
N ALA G 1818 -12.61 -3.65 102.50
CA ALA G 1818 -11.80 -3.43 101.30
C ALA G 1818 -11.82 -1.97 100.89
N VAL G 1819 -12.99 -1.33 100.99
CA VAL G 1819 -13.10 0.08 100.62
C VAL G 1819 -12.19 0.93 101.50
N ARG G 1820 -12.27 0.71 102.82
CA ARG G 1820 -11.43 1.50 103.72
C ARG G 1820 -9.95 1.22 103.48
N ASP G 1821 -9.58 -0.03 103.25
CA ASP G 1821 -8.19 -0.37 102.98
C ASP G 1821 -7.69 0.33 101.72
N GLY G 1822 -8.50 0.32 100.67
CA GLY G 1822 -8.14 1.04 99.46
C GLY G 1822 -7.98 2.53 99.70
N GLY G 1823 -8.84 3.09 100.55
CA GLY G 1823 -8.68 4.48 100.93
C GLY G 1823 -7.35 4.73 101.62
N GLN G 1824 -6.95 3.82 102.51
CA GLN G 1824 -5.65 3.97 103.18
C GLN G 1824 -4.50 3.81 102.19
N HIS G 1825 -4.70 3.04 101.12
CA HIS G 1825 -3.69 2.84 100.09
C HIS G 1825 -2.46 2.11 100.65
N ALA G 1826 -2.70 0.97 101.29
CA ALA G 1826 -1.62 0.19 101.87
C ALA G 1826 -0.82 -0.53 100.79
N ARG G 1827 0.42 -0.90 101.15
CA ARG G 1827 1.29 -1.60 100.22
C ARG G 1827 1.17 -3.11 100.28
N ASP G 1828 0.27 -3.63 101.11
CA ASP G 1828 0.04 -5.07 101.18
C ASP G 1828 -1.43 -5.37 100.92
N PRO G 1829 -1.88 -5.26 99.67
CA PRO G 1829 -3.28 -5.55 99.37
C PRO G 1829 -3.59 -7.02 99.57
N VAL G 1830 -4.83 -7.31 99.95
CA VAL G 1830 -5.26 -8.70 100.10
C VAL G 1830 -5.14 -9.41 98.76
N GLY G 1831 -4.47 -10.55 98.76
CA GLY G 1831 -4.20 -11.27 97.55
C GLY G 1831 -2.99 -10.79 96.77
N GLY G 1832 -2.40 -9.66 97.18
CA GLY G 1832 -1.26 -9.10 96.49
C GLY G 1832 -1.59 -8.06 95.45
N SER G 1833 -2.87 -7.76 95.23
CA SER G 1833 -3.24 -6.75 94.26
C SER G 1833 -4.65 -6.26 94.55
N VAL G 1834 -4.95 -5.06 94.04
CA VAL G 1834 -6.28 -4.50 94.20
C VAL G 1834 -7.31 -5.40 93.51
N GLU G 1835 -6.94 -5.97 92.37
CA GLU G 1835 -7.83 -6.90 91.69
C GLU G 1835 -8.14 -8.11 92.57
N PHE G 1836 -7.09 -8.76 93.08
CA PHE G 1836 -7.27 -9.92 93.94
C PHE G 1836 -8.07 -9.57 95.18
N GLN G 1837 -7.97 -8.32 95.63
CA GLN G 1837 -8.71 -7.88 96.81
C GLN G 1837 -10.19 -7.70 96.50
N PHE G 1838 -10.51 -7.01 95.40
CA PHE G 1838 -11.87 -6.52 95.19
C PHE G 1838 -12.70 -7.50 94.37
N VAL G 1839 -12.16 -8.02 93.27
CA VAL G 1839 -12.99 -8.70 92.29
C VAL G 1839 -13.81 -9.81 92.90
N PRO G 1840 -13.25 -10.72 93.70
CA PRO G 1840 -14.07 -11.81 94.26
C PRO G 1840 -15.25 -11.30 95.08
N VAL G 1841 -15.01 -10.28 95.91
CA VAL G 1841 -16.08 -9.74 96.75
C VAL G 1841 -17.19 -9.17 95.88
N LEU G 1842 -16.81 -8.41 94.86
CA LEU G 1842 -17.81 -7.79 94.00
C LEU G 1842 -18.59 -8.84 93.22
N LYS G 1843 -17.92 -9.89 92.76
CA LYS G 1843 -18.61 -10.99 92.09
C LYS G 1843 -19.64 -11.63 93.02
N LEU G 1844 -19.24 -11.92 94.25
CA LEU G 1844 -20.16 -12.54 95.20
C LEU G 1844 -21.34 -11.62 95.49
N VAL G 1845 -21.08 -10.32 95.64
CA VAL G 1845 -22.14 -9.35 95.91
C VAL G 1845 -23.12 -9.30 94.74
N SER G 1846 -22.61 -9.29 93.53
CA SER G 1846 -23.48 -9.26 92.35
C SER G 1846 -24.32 -10.52 92.27
N THR G 1847 -23.71 -11.67 92.53
CA THR G 1847 -24.46 -12.92 92.55
C THR G 1847 -25.58 -12.86 93.57
N LEU G 1848 -25.28 -12.36 94.77
CA LEU G 1848 -26.28 -12.30 95.83
C LEU G 1848 -27.40 -11.33 95.48
N LEU G 1849 -27.06 -10.18 94.88
CA LEU G 1849 -28.09 -9.25 94.44
C LEU G 1849 -29.02 -9.91 93.43
N VAL G 1850 -28.44 -10.51 92.39
CA VAL G 1850 -29.27 -11.16 91.37
C VAL G 1850 -30.15 -12.22 92.00
N MET G 1851 -29.58 -12.99 92.94
CA MET G 1851 -30.35 -14.02 93.61
C MET G 1851 -31.44 -13.42 94.50
N GLY G 1852 -31.29 -12.15 94.87
CA GLY G 1852 -32.30 -11.46 95.65
C GLY G 1852 -32.12 -11.55 97.14
N ILE G 1853 -30.95 -11.96 97.62
CA ILE G 1853 -30.76 -12.18 99.05
C ILE G 1853 -30.76 -10.84 99.79
N PHE G 1854 -30.15 -9.82 99.19
CA PHE G 1854 -29.98 -8.55 99.90
C PHE G 1854 -31.33 -7.88 100.11
N GLY G 1855 -31.49 -7.29 101.31
CA GLY G 1855 -32.66 -6.51 101.63
C GLY G 1855 -32.46 -5.04 101.31
N ASP G 1856 -33.43 -4.24 101.76
CA ASP G 1856 -33.42 -2.81 101.45
C ASP G 1856 -32.23 -2.12 102.10
N GLU G 1857 -31.99 -2.40 103.39
CA GLU G 1857 -30.88 -1.77 104.10
C GLU G 1857 -29.55 -2.21 103.52
N ASP G 1858 -29.42 -3.49 103.16
CA ASP G 1858 -28.19 -3.97 102.54
C ASP G 1858 -27.96 -3.28 101.20
N VAL G 1859 -29.02 -3.09 100.42
CA VAL G 1859 -28.89 -2.38 99.15
C VAL G 1859 -28.45 -0.96 99.38
N LYS G 1860 -29.00 -0.31 100.41
CA LYS G 1860 -28.58 1.04 100.73
C LYS G 1860 -27.10 1.10 101.11
N GLN G 1861 -26.64 0.11 101.89
CA GLN G 1861 -25.23 0.06 102.23
C GLN G 1861 -24.36 -0.10 100.99
N ILE G 1862 -24.77 -0.97 100.07
CA ILE G 1862 -24.02 -1.14 98.83
C ILE G 1862 -23.98 0.16 98.06
N LEU G 1863 -25.12 0.85 97.99
CA LEU G 1863 -25.18 2.10 97.26
C LEU G 1863 -24.27 3.16 97.87
N LYS G 1864 -24.23 3.22 99.19
CA LYS G 1864 -23.34 4.18 99.86
C LYS G 1864 -21.88 3.81 99.63
N MET G 1865 -21.56 2.52 99.62
CA MET G 1865 -20.20 2.11 99.27
C MET G 1865 -19.85 2.57 97.86
N ILE G 1866 -20.80 2.45 96.93
CA ILE G 1866 -20.55 2.89 95.57
C ILE G 1866 -20.31 4.39 95.53
N GLU G 1867 -21.29 5.17 95.97
CA GLU G 1867 -21.19 6.62 96.00
C GLU G 1867 -22.13 7.16 97.05
N PRO G 1868 -21.65 7.48 98.26
CA PRO G 1868 -22.58 7.93 99.31
C PRO G 1868 -23.34 9.19 98.96
N GLU G 1869 -22.64 10.22 98.51
CA GLU G 1869 -23.27 11.52 98.29
C GLU G 1869 -24.52 11.40 97.42
N VAL G 1870 -24.40 10.71 96.30
CA VAL G 1870 -25.54 10.58 95.39
C VAL G 1870 -26.68 9.82 96.06
N PHE G 1871 -26.35 8.76 96.80
CA PHE G 1871 -27.35 7.82 97.29
C PHE G 1871 -27.74 8.06 98.74
N THR G 1872 -27.21 9.09 99.38
CA THR G 1872 -27.74 9.50 100.68
C THR G 1872 -29.19 9.92 100.52
N GLU G 1873 -30.05 9.43 101.41
CA GLU G 1873 -31.49 9.68 101.34
C GLU G 1873 -31.86 10.63 102.47
N GLU G 1874 -32.69 11.62 102.14
CA GLU G 1874 -32.82 12.88 102.90
C GLU G 1874 -31.56 13.74 103.07
N LEU G 1922 -13.10 11.69 104.96
CA LEU G 1922 -14.50 11.32 104.75
C LEU G 1922 -14.59 9.99 104.01
N GLU G 1923 -15.82 9.57 103.74
CA GLU G 1923 -16.04 8.34 102.97
C GLU G 1923 -15.70 8.60 101.51
N GLU G 1924 -14.90 7.70 100.93
CA GLU G 1924 -14.53 7.74 99.53
C GLU G 1924 -15.09 6.51 98.83
N GLY G 1925 -15.85 6.73 97.76
CA GLY G 1925 -16.52 5.64 97.08
C GLY G 1925 -15.68 4.98 96.00
N LEU G 1926 -16.04 3.72 95.71
CA LEU G 1926 -15.31 2.94 94.71
C LEU G 1926 -15.16 3.69 93.40
N LEU G 1927 -16.12 4.57 93.08
CA LEU G 1927 -16.03 5.31 91.84
C LEU G 1927 -14.79 6.21 91.81
N GLN G 1928 -14.50 6.87 92.93
CA GLN G 1928 -13.32 7.72 93.06
C GLN G 1928 -12.10 6.97 93.57
N MET G 1929 -12.25 5.68 93.94
CA MET G 1929 -11.11 4.93 94.41
C MET G 1929 -10.14 4.59 93.29
N LYS G 1930 -10.50 4.94 92.06
CA LYS G 1930 -9.51 5.00 90.99
C LYS G 1930 -8.94 3.61 90.80
N LEU G 1931 -9.81 2.70 90.40
CA LEU G 1931 -9.66 1.25 90.41
C LEU G 1931 -9.32 0.73 89.01
N PRO G 1932 -8.79 -0.48 88.91
CA PRO G 1932 -8.44 -1.03 87.60
C PRO G 1932 -9.65 -1.55 86.83
N GLU G 1933 -9.34 -2.07 85.64
CA GLU G 1933 -10.37 -2.36 84.63
C GLU G 1933 -11.29 -3.49 85.05
N SER G 1934 -10.75 -4.55 85.65
CA SER G 1934 -11.59 -5.67 86.07
C SER G 1934 -12.57 -5.23 87.16
N VAL G 1935 -12.09 -4.45 88.12
CA VAL G 1935 -12.97 -3.90 89.15
C VAL G 1935 -14.03 -3.02 88.50
N LYS G 1936 -13.64 -2.26 87.47
CA LYS G 1936 -14.60 -1.43 86.76
C LYS G 1936 -15.67 -2.29 86.10
N LEU G 1937 -15.27 -3.43 85.54
CA LEU G 1937 -16.23 -4.35 84.92
C LEU G 1937 -17.23 -4.86 85.96
N GLN G 1938 -16.74 -5.25 87.14
CA GLN G 1938 -17.65 -5.69 88.19
C GLN G 1938 -18.60 -4.59 88.60
N MET G 1939 -18.09 -3.36 88.73
CA MET G 1939 -18.95 -2.23 89.06
C MET G 1939 -19.99 -2.01 87.98
N CYS G 1940 -19.60 -2.20 86.72
CA CYS G 1940 -20.54 -2.06 85.61
C CYS G 1940 -21.65 -3.10 85.72
N ASN G 1941 -21.31 -4.33 86.08
CA ASN G 1941 -22.33 -5.35 86.26
C ASN G 1941 -23.29 -4.98 87.40
N LEU G 1942 -22.74 -4.48 88.50
CA LEU G 1942 -23.58 -4.04 89.61
C LEU G 1942 -24.56 -2.96 89.15
N LEU G 1943 -24.04 -1.95 88.45
CA LEU G 1943 -24.88 -0.87 87.97
C LEU G 1943 -25.89 -1.35 86.94
N GLU G 1944 -25.54 -2.37 86.15
CA GLU G 1944 -26.50 -2.99 85.25
C GLU G 1944 -27.65 -3.61 86.03
N TYR G 1945 -27.33 -4.30 87.13
CA TYR G 1945 -28.39 -4.82 87.99
C TYR G 1945 -29.31 -3.71 88.48
N PHE G 1946 -28.72 -2.60 88.96
CA PHE G 1946 -29.54 -1.53 89.51
C PHE G 1946 -30.40 -0.87 88.44
N CYS G 1947 -29.84 -0.68 87.25
CA CYS G 1947 -30.61 -0.13 86.14
C CYS G 1947 -31.75 -1.07 85.73
N ASP G 1948 -31.48 -2.37 85.74
CA ASP G 1948 -32.53 -3.35 85.47
C ASP G 1948 -33.65 -3.24 86.50
N GLN G 1949 -33.29 -3.03 87.77
CA GLN G 1949 -34.32 -2.86 88.79
C GLN G 1949 -35.12 -1.59 88.55
N GLU G 1950 -34.47 -0.52 88.09
CA GLU G 1950 -35.21 0.69 87.74
C GLU G 1950 -36.20 0.43 86.62
N LEU G 1951 -35.77 -0.30 85.59
CA LEU G 1951 -36.69 -0.68 84.51
C LEU G 1951 -37.86 -1.49 85.03
N GLN G 1952 -37.57 -2.44 85.91
CA GLN G 1952 -38.62 -3.27 86.50
C GLN G 1952 -39.62 -2.41 87.26
N HIS G 1953 -39.12 -1.43 88.01
CA HIS G 1953 -40.00 -0.52 88.72
C HIS G 1953 -40.89 0.26 87.76
N ARG G 1954 -40.31 0.73 86.66
CA ARG G 1954 -41.12 1.42 85.66
C ARG G 1954 -42.24 0.54 85.14
N VAL G 1955 -41.90 -0.71 84.80
CA VAL G 1955 -42.90 -1.62 84.25
C VAL G 1955 -44.01 -1.88 85.26
N GLU G 1956 -43.63 -2.14 86.52
CA GLU G 1956 -44.62 -2.40 87.56
C GLU G 1956 -45.51 -1.19 87.83
N SER G 1957 -44.94 0.02 87.83
CA SER G 1957 -45.74 1.22 88.00
C SER G 1957 -46.72 1.39 86.85
N LEU G 1958 -46.26 1.13 85.61
CA LEU G 1958 -47.15 1.20 84.47
C LEU G 1958 -48.29 0.21 84.60
N ALA G 1959 -48.00 -1.01 85.07
CA ALA G 1959 -49.05 -2.00 85.25
C ALA G 1959 -50.05 -1.56 86.31
N ALA G 1960 -49.56 -0.99 87.41
CA ALA G 1960 -50.46 -0.50 88.45
C ALA G 1960 -51.38 0.58 87.92
N PHE G 1961 -50.81 1.57 87.21
CA PHE G 1961 -51.62 2.60 86.61
C PHE G 1961 -52.62 1.99 85.63
N ALA G 1962 -52.21 0.94 84.92
CA ALA G 1962 -53.11 0.28 84.00
C ALA G 1962 -54.31 -0.29 84.73
N GLU G 1963 -54.06 -0.96 85.86
CA GLU G 1963 -55.16 -1.48 86.66
C GLU G 1963 -56.13 -0.37 87.04
N ARG G 1964 -55.61 0.71 87.63
CA ARG G 1964 -56.50 1.77 88.12
C ARG G 1964 -57.25 2.43 86.97
N TYR G 1965 -56.53 2.74 85.89
CA TYR G 1965 -57.13 3.48 84.79
C TYR G 1965 -58.13 2.61 84.03
N VAL G 1966 -57.87 1.31 83.96
CA VAL G 1966 -58.83 0.39 83.35
C VAL G 1966 -60.09 0.32 84.19
N ASP G 1967 -59.95 0.29 85.51
CA ASP G 1967 -61.12 0.32 86.37
C ASP G 1967 -61.96 1.57 86.07
N LYS G 1968 -61.29 2.73 86.02
CA LYS G 1968 -62.01 3.98 85.78
C LYS G 1968 -62.70 3.96 84.41
N LEU G 1969 -61.98 3.52 83.39
CA LEU G 1969 -62.54 3.49 82.03
C LEU G 1969 -63.72 2.54 81.97
N GLN G 1970 -63.60 1.38 82.62
CA GLN G 1970 -64.69 0.41 82.61
C GLN G 1970 -65.94 1.00 83.24
N ALA G 1971 -65.78 1.66 84.40
CA ALA G 1971 -66.93 2.28 85.05
C ALA G 1971 -67.54 3.34 84.15
N ASN G 1972 -66.71 4.18 83.54
CA ASN G 1972 -67.24 5.25 82.70
C ASN G 1972 -67.95 4.68 81.48
N GLN G 1973 -67.39 3.63 80.88
CA GLN G 1973 -68.02 3.01 79.71
C GLN G 1973 -69.36 2.40 80.07
N ARG G 1974 -69.43 1.73 81.23
CA ARG G 1974 -70.71 1.21 81.69
C ARG G 1974 -71.73 2.33 81.85
N SER G 1975 -71.34 3.41 82.52
CA SER G 1975 -72.28 4.50 82.75
C SER G 1975 -72.73 5.13 81.45
N ARG G 1976 -71.80 5.32 80.51
CA ARG G 1976 -72.14 5.93 79.23
C ARG G 1976 -73.07 5.04 78.42
N TYR G 1977 -72.83 3.72 78.44
CA TYR G 1977 -73.72 2.80 77.76
C TYR G 1977 -75.11 2.84 78.37
N ALA G 1978 -75.20 2.90 79.69
CA ALA G 1978 -76.50 2.99 80.34
C ALA G 1978 -77.22 4.28 79.93
N LEU G 1979 -76.49 5.40 79.95
CA LEU G 1979 -77.10 6.66 79.55
C LEU G 1979 -77.57 6.62 78.10
N LEU G 1980 -76.80 5.96 77.23
CA LEU G 1980 -77.20 5.83 75.84
C LEU G 1980 -78.44 4.98 75.69
N MET G 1981 -78.51 3.88 76.45
CA MET G 1981 -79.70 3.03 76.38
C MET G 1981 -80.91 3.73 76.98
N ARG G 1982 -80.67 4.79 77.76
CA ARG G 1982 -81.77 5.62 78.24
C ARG G 1982 -82.20 6.63 77.18
N ALA G 1983 -81.24 7.25 76.51
CA ALA G 1983 -81.48 8.43 75.70
C ALA G 1983 -81.45 8.17 74.19
N PHE G 1984 -81.43 6.90 73.77
CA PHE G 1984 -81.44 6.61 72.34
C PHE G 1984 -82.74 7.07 71.70
N THR G 1985 -83.80 7.23 72.49
CA THR G 1985 -85.12 7.50 71.93
C THR G 1985 -85.19 8.88 71.25
N MET G 1986 -84.58 9.89 71.87
CA MET G 1986 -84.54 11.22 71.26
C MET G 1986 -83.95 11.19 69.85
N SER G 1987 -82.74 10.68 69.71
CA SER G 1987 -82.02 10.72 68.43
C SER G 1987 -81.57 9.31 68.09
N ALA G 1988 -82.01 8.82 66.94
CA ALA G 1988 -81.64 7.47 66.51
C ALA G 1988 -80.45 7.47 65.55
N ALA G 1989 -80.13 8.62 64.94
CA ALA G 1989 -79.06 8.67 63.97
C ALA G 1989 -77.69 8.62 64.65
N GLU G 1990 -77.45 9.50 65.62
CA GLU G 1990 -76.15 9.54 66.28
C GLU G 1990 -75.92 8.32 67.15
N THR G 1991 -77.01 7.63 67.55
CA THR G 1991 -76.86 6.44 68.37
C THR G 1991 -76.04 5.38 67.63
N ALA G 1992 -76.16 5.32 66.30
CA ALA G 1992 -75.37 4.38 65.53
C ALA G 1992 -73.88 4.65 65.71
N ARG G 1993 -73.48 5.92 65.53
CA ARG G 1993 -72.06 6.26 65.66
C ARG G 1993 -71.58 6.01 67.09
N ARG G 1994 -72.42 6.33 68.07
CA ARG G 1994 -72.09 6.03 69.46
C ARG G 1994 -71.86 4.55 69.69
N THR G 1995 -72.79 3.72 69.20
CA THR G 1995 -72.72 2.28 69.39
C THR G 1995 -71.59 1.65 68.58
N ARG G 1996 -71.03 2.38 67.62
CA ARG G 1996 -69.81 1.89 66.99
C ARG G 1996 -68.78 1.50 68.03
N GLU G 1997 -68.68 2.29 69.10
CA GLU G 1997 -67.72 2.00 70.16
C GLU G 1997 -68.02 0.65 70.83
N PHE G 1998 -69.25 0.47 71.29
CA PHE G 1998 -69.59 -0.75 72.01
C PHE G 1998 -69.63 -1.95 71.09
N ARG G 1999 -69.68 -1.71 69.77
CA ARG G 1999 -69.66 -2.81 68.82
C ARG G 1999 -68.23 -3.12 68.42
N SER G 2000 -67.31 -2.19 68.50
CA SER G 2000 -65.96 -2.49 68.03
C SER G 2000 -65.25 -3.48 68.95
N PRO G 2001 -64.18 -4.14 68.48
CA PRO G 2001 -63.43 -5.03 69.37
C PRO G 2001 -62.90 -4.24 70.59
N PRO G 2002 -62.75 -4.92 71.72
CA PRO G 2002 -62.27 -4.18 72.91
C PRO G 2002 -60.95 -3.47 72.70
N GLN G 2003 -60.03 -4.08 71.95
CA GLN G 2003 -58.74 -3.43 71.70
C GLN G 2003 -58.94 -2.12 70.94
N GLU G 2004 -59.82 -2.14 69.94
CA GLU G 2004 -60.11 -0.92 69.19
C GLU G 2004 -60.84 0.10 70.06
N GLN G 2005 -61.71 -0.36 70.95
CA GLN G 2005 -62.36 0.55 71.89
C GLN G 2005 -61.32 1.26 72.75
N ILE G 2006 -60.35 0.49 73.27
CA ILE G 2006 -59.29 1.08 74.10
C ILE G 2006 -58.47 2.06 73.29
N ASN G 2007 -58.12 1.69 72.06
CA ASN G 2007 -57.37 2.57 71.19
C ASN G 2007 -58.10 3.89 70.99
N MET G 2008 -59.39 3.82 70.66
CA MET G 2008 -60.17 5.02 70.44
C MET G 2008 -60.24 5.86 71.71
N LEU G 2009 -60.43 5.20 72.86
CA LEU G 2009 -60.53 5.94 74.11
C LEU G 2009 -59.21 6.63 74.46
N LEU G 2010 -58.08 6.01 74.11
CA LEU G 2010 -56.78 6.58 74.40
C LEU G 2010 -56.33 7.59 73.35
N HIS G 2011 -57.01 7.64 72.20
CA HIS G 2011 -56.62 8.52 71.10
C HIS G 2011 -57.03 9.96 71.39
N PHE G 2012 -56.31 10.59 72.32
CA PHE G 2012 -56.49 12.01 72.59
C PHE G 2012 -55.18 12.75 72.89
N LYS G 2013 -54.05 12.18 72.49
CA LYS G 2013 -52.77 12.81 72.84
C LYS G 2013 -52.57 14.12 72.08
N ASP G 2014 -52.81 14.12 70.78
CA ASP G 2014 -52.41 15.23 69.92
C ASP G 2014 -53.25 16.49 70.10
N GLU G 2015 -54.40 16.40 70.77
CA GLU G 2015 -55.28 17.55 71.00
C GLU G 2015 -56.00 17.96 69.72
N ALA G 2016 -55.65 17.36 68.59
CA ALA G 2016 -56.37 17.62 67.35
C ALA G 2016 -57.57 16.70 67.21
N ASP G 2017 -57.46 15.48 67.75
CA ASP G 2017 -58.52 14.49 67.72
C ASP G 2017 -59.06 14.19 69.12
N GLU G 2018 -58.80 15.07 70.08
CA GLU G 2018 -59.28 14.83 71.44
C GLU G 2018 -60.79 14.88 71.53
N GLU G 2019 -61.42 15.75 70.74
CA GLU G 2019 -62.87 15.96 70.86
C GLU G 2019 -63.64 14.68 70.58
N ASP G 2020 -63.19 13.89 69.60
CA ASP G 2020 -63.94 12.69 69.24
C ASP G 2020 -63.96 11.68 70.38
N CYS G 2021 -62.92 11.71 71.22
CA CYS G 2021 -62.85 10.78 72.34
C CYS G 2021 -63.96 11.08 73.33
N PRO G 2022 -64.78 10.08 73.72
CA PRO G 2022 -65.85 10.35 74.69
C PRO G 2022 -65.33 10.73 76.07
N LEU G 2023 -64.12 10.31 76.42
CA LEU G 2023 -63.67 10.37 77.81
C LEU G 2023 -63.65 11.80 78.33
N PRO G 2024 -63.90 11.99 79.63
CA PRO G 2024 -63.82 13.34 80.21
C PRO G 2024 -62.40 13.77 80.51
N GLU G 2025 -62.29 15.07 80.83
CA GLU G 2025 -60.99 15.70 80.98
C GLU G 2025 -60.24 15.14 82.18
N ASP G 2026 -60.94 14.75 83.24
CA ASP G 2026 -60.25 14.22 84.42
C ASP G 2026 -59.59 12.89 84.09
N ILE G 2027 -60.31 11.98 83.44
CA ILE G 2027 -59.73 10.70 83.05
C ILE G 2027 -58.57 10.92 82.10
N ARG G 2028 -58.73 11.83 81.13
CA ARG G 2028 -57.64 12.11 80.21
C ARG G 2028 -56.42 12.68 80.94
N GLN G 2029 -56.66 13.58 81.89
CA GLN G 2029 -55.56 14.26 82.56
C GLN G 2029 -54.80 13.33 83.49
N ASP G 2030 -55.48 12.32 84.04
CA ASP G 2030 -54.76 11.33 84.82
C ASP G 2030 -53.69 10.63 83.99
N LEU G 2031 -54.06 10.20 82.78
CA LEU G 2031 -53.10 9.58 81.88
C LEU G 2031 -52.01 10.57 81.48
N GLN G 2032 -52.39 11.82 81.19
CA GLN G 2032 -51.39 12.81 80.82
C GLN G 2032 -50.38 13.02 81.94
N ASP G 2033 -50.86 13.11 83.18
CA ASP G 2033 -49.97 13.30 84.32
C ASP G 2033 -49.05 12.11 84.49
N PHE G 2034 -49.58 10.89 84.36
CA PHE G 2034 -48.74 9.72 84.50
C PHE G 2034 -47.68 9.68 83.41
N HIS G 2035 -48.05 10.07 82.19
CA HIS G 2035 -47.11 10.09 81.09
C HIS G 2035 -45.98 11.09 81.36
N GLN G 2036 -46.35 12.27 81.87
CA GLN G 2036 -45.32 13.27 82.21
C GLN G 2036 -44.40 12.73 83.30
N ASP G 2037 -44.97 12.07 84.31
CA ASP G 2037 -44.16 11.52 85.39
C ASP G 2037 -43.22 10.45 84.88
N LEU G 2038 -43.69 9.61 83.95
CA LEU G 2038 -42.84 8.58 83.37
C LEU G 2038 -41.70 9.20 82.57
N LEU G 2039 -42.01 10.22 81.78
CA LEU G 2039 -40.96 10.90 81.03
C LEU G 2039 -39.92 11.50 81.97
N ALA G 2040 -40.36 12.07 83.08
CA ALA G 2040 -39.44 12.59 84.09
C ALA G 2040 -38.59 11.47 84.68
N HIS G 2041 -39.22 10.35 85.03
CA HIS G 2041 -38.47 9.22 85.57
C HIS G 2041 -37.41 8.76 84.60
N CYS G 2042 -37.73 8.74 83.32
CA CYS G 2042 -36.79 8.32 82.29
C CYS G 2042 -35.82 9.43 81.89
N GLY G 2043 -36.01 10.65 82.40
CA GLY G 2043 -35.08 11.73 82.19
C GLY G 2043 -35.34 12.58 80.97
N ILE G 2044 -36.37 12.26 80.17
CA ILE G 2044 -36.63 13.02 78.95
C ILE G 2044 -36.98 14.46 79.31
N GLN G 2045 -37.82 14.64 80.32
CA GLN G 2045 -38.28 15.98 80.64
C GLN G 2045 -37.12 16.86 81.09
N LEU G 2046 -37.12 18.09 80.63
CA LEU G 2046 -36.08 19.05 80.96
C LEU G 2046 -36.02 19.31 82.46
N GLU G 2088 -27.16 21.55 88.82
CA GLU G 2088 -26.03 21.36 89.73
C GLU G 2088 -25.02 20.39 89.13
N LYS G 2089 -23.75 20.60 89.44
CA LYS G 2089 -22.70 19.76 88.87
C LYS G 2089 -22.83 18.33 89.35
N LYS G 2090 -23.18 18.12 90.62
CA LYS G 2090 -23.24 16.77 91.16
C LYS G 2090 -24.39 16.01 90.52
N PRO G 2091 -24.18 14.74 90.11
CA PRO G 2091 -25.20 14.03 89.34
C PRO G 2091 -26.61 14.11 89.91
N GLN G 2092 -26.77 13.73 91.17
CA GLN G 2092 -28.06 13.61 91.85
C GLN G 2092 -28.90 12.45 91.33
N SER G 2093 -28.43 11.71 90.34
CA SER G 2093 -29.21 10.62 89.78
C SER G 2093 -28.29 9.55 89.23
N LEU G 2094 -28.83 8.32 89.19
CA LEU G 2094 -28.06 7.18 88.72
C LEU G 2094 -27.68 7.33 87.25
N GLN G 2095 -28.61 7.83 86.43
CA GLN G 2095 -28.32 7.98 85.01
C GLN G 2095 -27.15 8.93 84.79
N GLU G 2096 -27.21 10.11 85.42
CA GLU G 2096 -26.13 11.08 85.28
C GLU G 2096 -24.83 10.52 85.84
N LEU G 2097 -24.91 9.83 86.98
CA LEU G 2097 -23.71 9.24 87.56
C LEU G 2097 -23.06 8.25 86.60
N VAL G 2098 -23.86 7.36 86.01
CA VAL G 2098 -23.31 6.34 85.12
C VAL G 2098 -22.72 6.98 83.87
N SER G 2099 -23.43 7.93 83.28
CA SER G 2099 -22.93 8.60 82.09
C SER G 2099 -21.60 9.29 82.39
N HIS G 2100 -21.56 10.05 83.48
CA HIS G 2100 -20.35 10.77 83.85
CA HIS G 2100 -20.35 10.77 83.84
C HIS G 2100 -19.21 9.81 84.14
N MET G 2101 -19.51 8.71 84.83
CA MET G 2101 -18.48 7.72 85.13
C MET G 2101 -17.87 7.15 83.86
N VAL G 2102 -18.72 6.73 82.92
CA VAL G 2102 -18.23 6.11 81.70
C VAL G 2102 -17.38 7.11 80.91
N VAL G 2103 -17.90 8.33 80.77
CA VAL G 2103 -17.16 9.34 80.02
C VAL G 2103 -15.84 9.65 80.69
N ARG G 2104 -15.83 9.76 82.02
CA ARG G 2104 -14.61 10.07 82.74
C ARG G 2104 -13.59 8.95 82.59
N TRP G 2105 -14.05 7.70 82.67
CA TRP G 2105 -13.13 6.57 82.50
C TRP G 2105 -12.49 6.60 81.12
N ALA G 2106 -13.32 6.74 80.08
CA ALA G 2106 -12.78 6.75 78.72
C ALA G 2106 -11.85 7.93 78.50
N GLN G 2107 -12.20 9.10 79.05
CA GLN G 2107 -11.33 10.26 78.95
C GLN G 2107 -10.01 10.02 79.65
N GLU G 2108 -10.04 9.37 80.81
CA GLU G 2108 -8.85 9.21 81.61
C GLU G 2108 -7.90 8.20 80.99
N ASP G 2109 -8.43 7.15 80.36
CA ASP G 2109 -7.55 6.14 79.80
C ASP G 2109 -8.19 5.48 78.60
N TYR G 2110 -7.34 4.94 77.73
CA TYR G 2110 -7.76 4.13 76.59
C TYR G 2110 -7.95 2.70 77.09
N VAL G 2111 -9.21 2.28 77.23
CA VAL G 2111 -9.50 0.97 77.78
C VAL G 2111 -8.99 -0.10 76.84
N GLN G 2112 -8.28 -1.08 77.40
CA GLN G 2112 -7.76 -2.21 76.66
C GLN G 2112 -8.60 -3.46 76.83
N SER G 2113 -9.75 -3.37 77.51
CA SER G 2113 -10.61 -4.51 77.74
C SER G 2113 -11.87 -4.38 76.89
N PRO G 2114 -12.01 -5.15 75.81
CA PRO G 2114 -13.23 -5.03 74.99
C PRO G 2114 -14.49 -5.33 75.76
N GLU G 2115 -14.43 -6.27 76.71
CA GLU G 2115 -15.61 -6.58 77.52
C GLU G 2115 -16.04 -5.36 78.33
N LEU G 2116 -15.06 -4.67 78.95
CA LEU G 2116 -15.37 -3.47 79.69
C LEU G 2116 -15.93 -2.39 78.78
N VAL G 2117 -15.36 -2.25 77.59
CA VAL G 2117 -15.85 -1.27 76.63
C VAL G 2117 -17.32 -1.54 76.31
N ARG G 2118 -17.63 -2.80 76.00
CA ARG G 2118 -19.00 -3.19 75.69
C ARG G 2118 -19.93 -2.85 76.84
N ALA G 2119 -19.55 -3.24 78.06
CA ALA G 2119 -20.43 -3.04 79.21
C ALA G 2119 -20.66 -1.56 79.47
N MET G 2120 -19.60 -0.77 79.47
CA MET G 2120 -19.72 0.65 79.78
C MET G 2120 -20.57 1.36 78.74
N PHE G 2121 -20.38 1.03 77.47
CA PHE G 2121 -21.15 1.71 76.43
C PHE G 2121 -22.60 1.23 76.42
N SER G 2122 -22.83 -0.02 76.80
CA SER G 2122 -24.21 -0.48 76.98
C SER G 2122 -24.91 0.31 78.08
N LEU G 2123 -24.23 0.50 79.22
CA LEU G 2123 -24.81 1.30 80.28
C LEU G 2123 -25.09 2.72 79.81
N LEU G 2124 -24.15 3.31 79.07
CA LEU G 2124 -24.35 4.67 78.58
C LEU G 2124 -25.56 4.75 77.66
N HIS G 2125 -25.71 3.76 76.77
CA HIS G 2125 -26.88 3.73 75.90
C HIS G 2125 -28.16 3.63 76.71
N ARG G 2126 -28.17 2.78 77.74
CA ARG G 2126 -29.37 2.65 78.56
C ARG G 2126 -29.71 3.96 79.24
N GLN G 2127 -28.71 4.66 79.77
CA GLN G 2127 -28.98 5.93 80.43
C GLN G 2127 -29.51 6.97 79.46
N TYR G 2128 -28.95 7.03 78.25
CA TYR G 2128 -29.40 8.02 77.29
C TYR G 2128 -30.74 7.67 76.66
N ASP G 2129 -31.14 6.39 76.69
CA ASP G 2129 -32.39 5.95 76.10
C ASP G 2129 -33.15 5.10 77.13
N GLY G 2130 -33.96 5.78 77.95
CA GLY G 2130 -34.80 5.06 78.90
C GLY G 2130 -36.12 4.65 78.30
N LEU G 2131 -36.71 5.53 77.47
CA LEU G 2131 -37.99 5.22 76.84
C LEU G 2131 -37.87 4.01 75.93
N GLY G 2132 -36.78 3.94 75.16
CA GLY G 2132 -36.62 2.81 74.24
C GLY G 2132 -36.44 1.49 74.96
N GLU G 2133 -35.70 1.50 76.07
CA GLU G 2133 -35.52 0.27 76.83
C GLU G 2133 -36.84 -0.24 77.38
N LEU G 2134 -37.66 0.68 77.91
CA LEU G 2134 -38.99 0.30 78.38
C LEU G 2134 -39.84 -0.20 77.23
N LEU G 2135 -39.76 0.46 76.08
CA LEU G 2135 -40.54 0.05 74.92
C LEU G 2135 -40.17 -1.35 74.46
N ARG G 2136 -38.89 -1.71 74.58
CA ARG G 2136 -38.46 -3.05 74.19
C ARG G 2136 -38.71 -4.08 75.29
N ALA G 2137 -38.90 -3.63 76.53
CA ALA G 2137 -39.22 -4.55 77.61
C ALA G 2137 -40.71 -4.85 77.66
N LEU G 2138 -41.55 -3.91 77.22
CA LEU G 2138 -42.99 -4.08 77.28
C LEU G 2138 -43.48 -5.37 76.64
N PRO G 2139 -42.96 -5.82 75.48
CA PRO G 2139 -43.45 -7.09 74.93
C PRO G 2139 -43.30 -8.24 75.89
N ARG G 2140 -42.33 -8.18 76.80
CA ARG G 2140 -42.10 -9.21 77.80
C ARG G 2140 -42.91 -8.97 79.08
N ALA G 2141 -43.94 -8.14 79.01
CA ALA G 2141 -44.74 -7.78 80.17
C ALA G 2141 -46.13 -8.37 80.03
N TYR G 2142 -46.63 -8.94 81.11
CA TYR G 2142 -47.95 -9.57 81.11
C TYR G 2142 -48.57 -9.44 82.50
N THR G 2143 -49.86 -9.11 82.52
CA THR G 2143 -50.60 -8.96 83.76
C THR G 2143 -51.50 -10.17 83.96
N ILE G 2144 -51.46 -10.73 85.16
CA ILE G 2144 -52.27 -11.89 85.50
C ILE G 2144 -53.09 -11.57 86.74
N SER G 2145 -54.12 -12.38 86.95
CA SER G 2145 -54.90 -12.29 88.17
C SER G 2145 -54.15 -12.97 89.31
N PRO G 2146 -54.42 -12.57 90.55
CA PRO G 2146 -53.76 -13.23 91.69
C PRO G 2146 -54.10 -14.70 91.82
N SER G 2147 -55.17 -15.16 91.19
CA SER G 2147 -55.63 -16.55 91.31
C SER G 2147 -54.88 -17.49 90.38
N SER G 2148 -53.98 -16.97 89.54
CA SER G 2148 -53.18 -17.79 88.65
C SER G 2148 -51.72 -17.84 89.06
N VAL G 2149 -51.38 -17.28 90.22
CA VAL G 2149 -49.98 -17.14 90.60
C VAL G 2149 -49.33 -18.50 90.81
N GLU G 2150 -50.01 -19.43 91.50
CA GLU G 2150 -49.41 -20.71 91.80
C GLU G 2150 -49.14 -21.51 90.53
N ASP G 2151 -50.10 -21.56 89.61
CA ASP G 2151 -49.90 -22.28 88.36
C ASP G 2151 -48.84 -21.61 87.52
N THR G 2152 -48.82 -20.28 87.50
CA THR G 2152 -47.79 -19.55 86.78
C THR G 2152 -46.41 -19.89 87.33
N MET G 2153 -46.28 -19.96 88.66
CA MET G 2153 -44.99 -20.27 89.27
C MET G 2153 -44.54 -21.69 88.93
N SER G 2154 -45.46 -22.64 88.96
CA SER G 2154 -45.11 -24.01 88.58
C SER G 2154 -44.64 -24.06 87.13
N LEU G 2155 -45.37 -23.36 86.26
CA LEU G 2155 -44.97 -23.29 84.85
C LEU G 2155 -43.60 -22.67 84.70
N LEU G 2156 -43.33 -21.62 85.49
CA LEU G 2156 -42.04 -20.95 85.43
C LEU G 2156 -40.92 -21.86 85.88
N GLU G 2157 -41.16 -22.67 86.93
CA GLU G 2157 -40.15 -23.63 87.35
C GLU G 2157 -39.87 -24.65 86.25
N CYS G 2158 -40.92 -25.17 85.63
CA CYS G 2158 -40.72 -26.13 84.55
C CYS G 2158 -39.94 -25.49 83.40
N LEU G 2159 -40.28 -24.26 83.04
CA LEU G 2159 -39.58 -23.57 81.97
C LEU G 2159 -38.12 -23.31 82.34
N GLY G 2160 -37.84 -23.02 83.61
CA GLY G 2160 -36.46 -22.85 84.03
C GLY G 2160 -35.68 -24.15 83.88
N GLN G 2161 -36.30 -25.27 84.25
CA GLN G 2161 -35.66 -26.56 84.02
C GLN G 2161 -35.33 -26.76 82.54
N ILE G 2162 -36.32 -26.49 81.68
CA ILE G 2162 -36.11 -26.68 80.24
C ILE G 2162 -34.97 -25.78 79.76
N ARG G 2163 -34.98 -24.51 80.19
CA ARG G 2163 -33.94 -23.58 79.78
C ARG G 2163 -32.58 -24.05 80.23
N SER G 2164 -32.49 -24.60 81.44
CA SER G 2164 -31.23 -25.16 81.91
C SER G 2164 -30.79 -26.32 81.05
N LEU G 2165 -31.74 -27.10 80.52
CA LEU G 2165 -31.38 -28.26 79.71
C LEU G 2165 -30.70 -27.88 78.40
N LEU G 2166 -30.73 -26.61 78.00
CA LEU G 2166 -30.09 -26.23 76.73
C LEU G 2166 -28.58 -26.36 76.81
N ILE G 2167 -27.97 -25.87 77.90
CA ILE G 2167 -26.52 -25.79 77.96
C ILE G 2167 -25.90 -27.18 77.99
N VAL G 2168 -26.48 -28.09 78.75
CA VAL G 2168 -25.90 -29.42 78.90
C VAL G 2168 -26.28 -30.30 77.71
N GLN G 2169 -25.43 -31.28 77.41
CA GLN G 2169 -25.74 -32.28 76.41
C GLN G 2169 -26.83 -33.22 76.92
N MET G 2170 -27.71 -33.63 76.03
CA MET G 2170 -28.87 -34.41 76.44
C MET G 2170 -28.45 -35.82 76.85
N GLY G 2171 -29.06 -36.30 77.92
CA GLY G 2171 -28.87 -37.66 78.38
C GLY G 2171 -30.18 -38.26 78.82
N PRO G 2172 -30.16 -39.48 79.33
CA PRO G 2172 -31.39 -40.10 79.85
C PRO G 2172 -32.10 -39.29 80.92
N GLN G 2173 -31.33 -38.86 81.93
CA GLN G 2173 -31.81 -37.96 82.96
C GLN G 2173 -32.41 -36.67 82.41
N GLU G 2174 -31.71 -36.01 81.53
CA GLU G 2174 -32.21 -34.75 81.01
C GLU G 2174 -33.46 -34.96 80.18
N GLU G 2175 -33.51 -36.07 79.43
CA GLU G 2175 -34.69 -36.40 78.66
C GLU G 2175 -35.89 -36.63 79.56
N ASN G 2176 -35.70 -37.36 80.65
CA ASN G 2176 -36.80 -37.62 81.57
C ASN G 2176 -37.29 -36.32 82.19
N LEU G 2177 -36.37 -35.45 82.61
CA LEU G 2177 -36.78 -34.18 83.19
C LEU G 2177 -37.52 -33.33 82.17
N MET G 2178 -37.05 -33.33 80.93
CA MET G 2178 -37.70 -32.57 79.87
C MET G 2178 -39.13 -33.07 79.65
N ILE G 2179 -39.29 -34.39 79.56
CA ILE G 2179 -40.61 -34.97 79.37
C ILE G 2179 -41.52 -34.60 80.53
N GLN G 2180 -40.98 -34.66 81.75
CA GLN G 2180 -41.78 -34.32 82.92
C GLN G 2180 -42.21 -32.86 82.89
N SER G 2181 -41.31 -31.97 82.52
CA SER G 2181 -41.64 -30.55 82.46
C SER G 2181 -42.71 -30.28 81.41
N ILE G 2182 -42.56 -30.90 80.25
CA ILE G 2182 -43.57 -30.76 79.20
C ILE G 2182 -44.92 -31.25 79.68
N GLY G 2183 -44.93 -32.41 80.35
CA GLY G 2183 -46.20 -32.96 80.83
C GLY G 2183 -46.86 -32.06 81.86
N ASN G 2184 -46.07 -31.54 82.79
CA ASN G 2184 -46.63 -30.65 83.80
C ASN G 2184 -47.16 -29.37 83.17
N ILE G 2185 -46.44 -28.83 82.20
CA ILE G 2185 -46.89 -27.62 81.51
C ILE G 2185 -48.20 -27.89 80.80
N MET G 2186 -48.29 -29.01 80.09
CA MET G 2186 -49.53 -29.37 79.41
C MET G 2186 -50.68 -29.55 80.38
N ASN G 2187 -50.42 -30.12 81.55
CA ASN G 2187 -51.48 -30.26 82.54
C ASN G 2187 -51.91 -28.90 83.08
N ASN G 2188 -50.99 -27.95 83.15
CA ASN G 2188 -51.32 -26.61 83.63
C ASN G 2188 -52.35 -25.95 82.72
N LYS G 2189 -53.34 -25.32 83.36
CA LYS G 2189 -54.35 -24.59 82.59
C LYS G 2189 -53.77 -23.34 81.95
N VAL G 2190 -52.82 -22.70 82.62
CA VAL G 2190 -52.31 -21.40 82.15
C VAL G 2190 -51.72 -21.53 80.76
N PHE G 2191 -51.15 -22.69 80.44
CA PHE G 2191 -50.58 -22.91 79.12
C PHE G 2191 -51.62 -22.65 78.04
N TYR G 2192 -52.83 -23.17 78.25
CA TYR G 2192 -53.89 -22.99 77.25
C TYR G 2192 -54.52 -21.61 77.36
N GLN G 2193 -54.65 -21.09 78.59
CA GLN G 2193 -55.33 -19.81 78.79
C GLN G 2193 -54.51 -18.64 78.27
N HIS G 2194 -53.18 -18.72 78.34
CA HIS G 2194 -52.31 -17.57 78.10
C HIS G 2194 -51.22 -17.94 77.08
N PRO G 2195 -51.62 -18.23 75.85
CA PRO G 2195 -50.61 -18.49 74.80
C PRO G 2195 -49.76 -17.27 74.49
N ASN G 2196 -50.30 -16.07 74.64
CA ASN G 2196 -49.50 -14.87 74.42
C ASN G 2196 -48.34 -14.81 75.42
N LEU G 2197 -48.63 -15.15 76.68
CA LEU G 2197 -47.58 -15.21 77.68
C LEU G 2197 -46.54 -16.26 77.33
N MET G 2198 -46.98 -17.40 76.80
CA MET G 2198 -46.05 -18.43 76.38
C MET G 2198 -45.12 -17.92 75.29
N ARG G 2199 -45.67 -17.25 74.28
CA ARG G 2199 -44.83 -16.70 73.22
C ARG G 2199 -43.87 -15.66 73.77
N ALA G 2200 -44.34 -14.80 74.67
CA ALA G 2200 -43.45 -13.82 75.29
C ALA G 2200 -42.32 -14.51 76.03
N LEU G 2201 -42.63 -15.59 76.75
CA LEU G 2201 -41.62 -16.37 77.46
C LEU G 2201 -40.69 -17.11 76.51
N GLY G 2202 -41.09 -17.28 75.25
CA GLY G 2202 -40.23 -17.94 74.29
C GLY G 2202 -40.11 -19.43 74.49
N MET G 2203 -41.17 -20.07 75.01
CA MET G 2203 -41.08 -21.49 75.35
C MET G 2203 -40.92 -22.35 74.11
N HIS G 2204 -41.69 -22.05 73.05
CA HIS G 2204 -41.63 -22.87 71.85
C HIS G 2204 -40.24 -22.83 71.24
N GLU G 2205 -39.61 -21.66 71.18
CA GLU G 2205 -38.27 -21.57 70.62
C GLU G 2205 -37.28 -22.40 71.44
N THR G 2206 -37.43 -22.38 72.76
CA THR G 2206 -36.55 -23.17 73.62
C THR G 2206 -36.70 -24.67 73.35
N VAL G 2207 -37.95 -25.15 73.30
CA VAL G 2207 -38.20 -26.56 73.00
C VAL G 2207 -37.60 -26.90 71.65
N MET G 2208 -37.80 -26.01 70.70
CA MET G 2208 -37.30 -26.18 69.36
C MET G 2208 -35.80 -26.40 69.35
N GLU G 2209 -35.08 -25.49 70.03
CA GLU G 2209 -33.63 -25.53 70.07
C GLU G 2209 -33.14 -26.80 70.74
N VAL G 2210 -33.79 -27.20 71.83
CA VAL G 2210 -33.39 -28.45 72.48
C VAL G 2210 -33.50 -29.60 71.49
N MET G 2211 -34.66 -29.70 70.83
CA MET G 2211 -34.90 -30.81 69.93
C MET G 2211 -33.86 -30.84 68.81
N VAL G 2212 -33.66 -29.71 68.15
CA VAL G 2212 -32.73 -29.67 67.02
C VAL G 2212 -31.31 -29.94 67.47
N ASN G 2213 -30.92 -29.42 68.64
CA ASN G 2213 -29.58 -29.70 69.14
C ASN G 2213 -29.39 -31.19 69.35
N VAL G 2214 -30.40 -31.86 69.88
CA VAL G 2214 -30.32 -33.31 70.09
C VAL G 2214 -30.21 -34.03 68.75
N LEU G 2215 -31.04 -33.65 67.79
CA LEU G 2215 -31.00 -34.29 66.49
C LEU G 2215 -29.64 -34.13 65.81
N GLY G 2216 -29.09 -32.93 65.84
CA GLY G 2216 -27.87 -32.64 65.12
C GLY G 2216 -26.73 -33.56 65.48
N GLY G 2217 -26.56 -33.82 66.77
CA GLY G 2217 -25.49 -34.71 67.19
C GLY G 2217 -25.65 -36.09 66.59
N GLY G 2218 -24.65 -36.51 65.82
CA GLY G 2218 -24.64 -37.81 65.19
C GLY G 2218 -25.94 -38.15 64.49
N GLU G 2219 -26.47 -37.21 63.71
CA GLU G 2219 -27.76 -37.44 63.05
C GLU G 2219 -27.66 -38.58 62.05
N THR G 2220 -26.51 -38.74 61.39
CA THR G 2220 -26.37 -39.80 60.41
C THR G 2220 -26.48 -41.18 61.04
N LYS G 2221 -25.80 -41.39 62.17
CA LYS G 2221 -25.79 -42.71 62.79
C LYS G 2221 -27.18 -43.14 63.23
N GLU G 2222 -27.87 -42.30 64.00
CA GLU G 2222 -29.16 -42.64 64.54
C GLU G 2222 -29.73 -41.41 65.23
N ILE G 2223 -31.05 -41.37 65.36
CA ILE G 2223 -31.75 -40.27 66.00
C ILE G 2223 -32.16 -40.76 67.38
N ARG G 2224 -31.35 -40.43 68.38
CA ARG G 2224 -31.62 -40.83 69.75
C ARG G 2224 -32.72 -39.96 70.35
N PHE G 2225 -33.13 -40.33 71.56
CA PHE G 2225 -34.13 -39.57 72.31
C PHE G 2225 -35.39 -39.35 71.46
N PRO G 2226 -35.85 -40.39 70.78
CA PRO G 2226 -37.12 -40.26 70.04
C PRO G 2226 -38.29 -39.98 70.95
N LYS G 2227 -38.25 -40.46 72.19
CA LYS G 2227 -39.28 -40.09 73.16
C LYS G 2227 -39.26 -38.59 73.40
N MET G 2228 -38.07 -38.02 73.52
CA MET G 2228 -37.94 -36.57 73.69
C MET G 2228 -38.53 -35.85 72.50
N VAL G 2229 -38.23 -36.32 71.28
CA VAL G 2229 -38.74 -35.64 70.09
C VAL G 2229 -40.27 -35.75 70.03
N THR G 2230 -40.80 -36.92 70.41
CA THR G 2230 -42.25 -37.11 70.40
C THR G 2230 -42.91 -36.15 71.38
N SER G 2231 -42.32 -35.99 72.55
CA SER G 2231 -42.78 -34.97 73.47
C SER G 2231 -42.66 -33.58 72.85
N CYS G 2232 -41.62 -33.39 72.02
CA CYS G 2232 -41.35 -32.07 71.45
C CYS G 2232 -42.47 -31.63 70.51
N CYS G 2233 -42.93 -32.50 69.60
CA CYS G 2233 -44.32 -32.23 69.19
C CYS G 2233 -45.29 -32.12 70.31
N ARG G 2234 -45.64 -33.19 70.99
CA ARG G 2234 -46.90 -33.06 71.71
C ARG G 2234 -47.02 -31.64 72.26
N PHE G 2235 -45.91 -31.11 72.78
CA PHE G 2235 -45.87 -29.70 73.14
C PHE G 2235 -46.17 -28.79 71.94
N LEU G 2236 -45.28 -28.77 70.94
CA LEU G 2236 -45.38 -27.77 69.87
C LEU G 2236 -46.51 -28.09 68.89
N CYS G 2237 -46.62 -29.35 68.52
CA CYS G 2237 -47.64 -29.85 67.62
C CYS G 2237 -49.03 -29.81 68.28
N TYR G 2238 -49.14 -29.43 69.58
CA TYR G 2238 -50.42 -28.94 70.14
C TYR G 2238 -50.45 -27.41 70.27
N PHE G 2239 -49.29 -26.83 70.58
CA PHE G 2239 -49.16 -25.39 70.75
C PHE G 2239 -49.65 -24.65 69.52
N CYS G 2240 -49.41 -25.24 68.35
CA CYS G 2240 -49.96 -24.67 67.11
C CYS G 2240 -51.47 -24.68 67.10
N ARG G 2241 -52.10 -25.72 67.65
CA ARG G 2241 -53.55 -25.79 67.69
C ARG G 2241 -54.16 -24.86 68.72
N ILE G 2242 -53.42 -24.53 69.78
CA ILE G 2242 -53.98 -23.69 70.83
C ILE G 2242 -54.47 -22.36 70.24
N SER G 2243 -53.65 -21.73 69.40
CA SER G 2243 -54.00 -20.45 68.83
C SER G 2243 -53.42 -20.34 67.42
N ARG G 2244 -54.07 -19.52 66.60
CA ARG G 2244 -53.56 -19.25 65.27
C ARG G 2244 -52.27 -18.42 65.33
N GLN G 2245 -52.19 -17.52 66.30
CA GLN G 2245 -50.96 -16.75 66.48
C GLN G 2245 -49.80 -17.67 66.85
N ASN G 2246 -50.04 -18.64 67.73
CA ASN G 2246 -49.03 -19.64 68.01
C ASN G 2246 -48.68 -20.42 66.75
N GLN G 2247 -49.69 -20.75 65.95
CA GLN G 2247 -49.45 -21.45 64.70
C GLN G 2247 -48.60 -20.62 63.76
N ARG G 2248 -48.86 -19.31 63.70
CA ARG G 2248 -48.04 -18.41 62.90
C ARG G 2248 -46.61 -18.36 63.41
N SER G 2249 -46.44 -18.28 64.73
CA SER G 2249 -45.11 -18.23 65.31
C SER G 2249 -44.32 -19.47 64.93
N MET G 2250 -44.95 -20.64 64.97
CA MET G 2250 -44.25 -21.86 64.59
C MET G 2250 -44.03 -21.92 63.09
N PHE G 2251 -44.97 -21.38 62.31
CA PHE G 2251 -44.80 -21.30 60.86
C PHE G 2251 -43.56 -20.49 60.50
N ASP G 2252 -43.28 -19.45 61.28
CA ASP G 2252 -42.12 -18.61 60.99
C ASP G 2252 -40.84 -19.43 60.93
N HIS G 2253 -40.79 -20.54 61.66
CA HIS G 2253 -39.61 -21.39 61.72
C HIS G 2253 -39.72 -22.59 60.79
N LEU G 2254 -40.55 -22.52 59.75
CA LEU G 2254 -40.79 -23.68 58.90
C LEU G 2254 -39.51 -24.20 58.27
N SER G 2255 -38.72 -23.31 57.68
CA SER G 2255 -37.48 -23.73 57.03
C SER G 2255 -36.56 -24.42 58.02
N TYR G 2256 -36.48 -23.89 59.24
CA TYR G 2256 -35.62 -24.49 60.25
C TYR G 2256 -36.05 -25.92 60.56
N LEU G 2257 -37.37 -26.15 60.61
CA LEU G 2257 -37.87 -27.49 60.88
C LEU G 2257 -37.57 -28.44 59.73
N LEU G 2258 -37.76 -27.97 58.49
CA LEU G 2258 -37.67 -28.87 57.34
C LEU G 2258 -36.26 -29.44 57.18
N GLU G 2259 -35.23 -28.63 57.38
CA GLU G 2259 -33.87 -29.11 57.18
C GLU G 2259 -33.52 -30.19 58.20
N ASN G 2260 -34.03 -30.07 59.42
CA ASN G 2260 -33.86 -31.14 60.40
C ASN G 2260 -34.78 -32.32 60.15
N SER G 2261 -35.87 -32.11 59.40
CA SER G 2261 -36.86 -33.16 59.20
C SER G 2261 -36.33 -34.34 58.40
N GLY G 2262 -35.31 -34.11 57.56
CA GLY G 2262 -34.89 -35.15 56.64
C GLY G 2262 -34.50 -36.44 57.33
N ILE G 2263 -33.72 -36.34 58.41
CA ILE G 2263 -33.23 -37.54 59.08
C ILE G 2263 -34.33 -38.17 59.95
N GLY G 2264 -35.26 -37.36 60.44
CA GLY G 2264 -36.24 -37.86 61.39
C GLY G 2264 -37.25 -38.82 60.79
N LEU G 2265 -37.15 -39.07 59.48
CA LEU G 2265 -38.06 -39.98 58.81
C LEU G 2265 -38.19 -41.34 59.51
N GLY G 2266 -37.06 -41.99 59.82
CA GLY G 2266 -37.13 -43.34 60.36
C GLY G 2266 -37.85 -43.39 61.69
N MET G 2267 -37.52 -42.46 62.57
CA MET G 2267 -37.99 -42.32 63.94
C MET G 2267 -39.52 -42.15 63.99
N GLN G 2268 -40.21 -43.23 64.42
CA GLN G 2268 -41.66 -43.34 64.35
CA GLN G 2268 -41.66 -43.34 64.35
C GLN G 2268 -42.31 -42.48 65.42
N GLY G 2269 -43.39 -41.78 65.05
CA GLY G 2269 -44.12 -40.91 65.96
C GLY G 2269 -44.25 -39.49 65.45
N SER G 2270 -44.36 -38.55 66.39
CA SER G 2270 -44.54 -37.15 66.02
C SER G 2270 -43.20 -36.50 65.72
N THR G 2271 -43.11 -35.87 64.55
CA THR G 2271 -41.84 -35.44 63.99
C THR G 2271 -41.88 -33.94 63.72
N PRO G 2272 -40.72 -33.35 63.40
CA PRO G 2272 -40.72 -31.96 62.92
C PRO G 2272 -41.54 -31.77 61.66
N LEU G 2273 -41.65 -32.80 60.82
CA LEU G 2273 -42.58 -32.73 59.71
C LEU G 2273 -44.02 -32.55 60.20
N ASP G 2274 -44.39 -33.23 61.28
CA ASP G 2274 -45.68 -32.99 61.90
C ASP G 2274 -45.77 -31.59 62.51
N VAL G 2275 -44.66 -31.07 63.02
CA VAL G 2275 -44.65 -29.68 63.47
C VAL G 2275 -45.03 -28.75 62.32
N ALA G 2276 -44.41 -28.96 61.16
CA ALA G 2276 -44.69 -28.13 59.99
C ALA G 2276 -46.14 -28.28 59.55
N ALA G 2277 -46.63 -29.53 59.52
CA ALA G 2277 -48.01 -29.75 59.13
C ALA G 2277 -48.97 -29.05 60.08
N ALA G 2278 -48.66 -29.06 61.38
CA ALA G 2278 -49.49 -28.34 62.34
C ALA G 2278 -49.39 -26.84 62.14
N SER G 2279 -48.22 -26.35 61.74
CA SER G 2279 -48.05 -24.93 61.51
C SER G 2279 -48.87 -24.46 60.31
N VAL G 2280 -49.05 -25.33 59.31
CA VAL G 2280 -49.74 -24.95 58.09
C VAL G 2280 -51.19 -25.42 58.03
N ILE G 2281 -51.63 -26.26 58.96
CA ILE G 2281 -52.92 -26.93 58.80
C ILE G 2281 -54.05 -25.93 59.06
N ASP G 2282 -55.02 -25.91 58.15
CA ASP G 2282 -56.30 -25.22 58.30
C ASP G 2282 -56.16 -23.71 58.38
N ASN G 2283 -55.02 -23.15 57.93
CA ASN G 2283 -54.81 -21.72 57.90
C ASN G 2283 -54.48 -21.29 56.48
N ASN G 2284 -55.47 -20.71 55.80
CA ASN G 2284 -55.26 -20.26 54.43
C ASN G 2284 -54.20 -19.17 54.37
N GLU G 2285 -54.19 -18.28 55.37
CA GLU G 2285 -53.19 -17.23 55.43
C GLU G 2285 -51.79 -17.83 55.38
N LEU G 2286 -51.51 -18.78 56.27
CA LEU G 2286 -50.21 -19.41 56.33
C LEU G 2286 -49.91 -20.22 55.08
N ALA G 2287 -50.91 -20.91 54.54
CA ALA G 2287 -50.70 -21.69 53.32
C ALA G 2287 -50.29 -20.79 52.16
N LEU G 2288 -50.96 -19.65 52.01
CA LEU G 2288 -50.59 -18.71 50.97
C LEU G 2288 -49.22 -18.10 51.24
N ALA G 2289 -48.87 -17.91 52.52
CA ALA G 2289 -47.54 -17.43 52.86
C ALA G 2289 -46.46 -18.47 52.53
N LEU G 2290 -46.84 -19.74 52.48
CA LEU G 2290 -45.87 -20.82 52.26
C LEU G 2290 -45.00 -20.52 51.04
N GLN G 2291 -43.78 -21.05 51.06
CA GLN G 2291 -42.75 -20.64 50.11
C GLN G 2291 -42.36 -21.76 49.15
N GLU G 2292 -42.07 -21.36 47.91
CA GLU G 2292 -41.62 -22.23 46.83
C GLU G 2292 -40.38 -23.01 47.24
N GLN G 2293 -39.47 -22.33 47.94
CA GLN G 2293 -38.22 -22.98 48.34
C GLN G 2293 -38.48 -24.12 49.31
N ASP G 2294 -39.41 -23.92 50.24
CA ASP G 2294 -39.76 -25.00 51.16
C ASP G 2294 -40.42 -26.16 50.41
N LEU G 2295 -41.32 -25.85 49.48
CA LEU G 2295 -41.91 -26.91 48.68
C LEU G 2295 -40.84 -27.69 47.92
N GLU G 2296 -39.86 -26.99 47.36
CA GLU G 2296 -38.79 -27.64 46.62
C GLU G 2296 -37.95 -28.52 47.53
N LYS G 2297 -37.69 -28.06 48.76
CA LYS G 2297 -36.95 -28.88 49.71
C LYS G 2297 -37.71 -30.17 49.99
N VAL G 2298 -39.02 -30.07 50.20
CA VAL G 2298 -39.82 -31.26 50.45
C VAL G 2298 -39.75 -32.20 49.25
N VAL G 2299 -39.87 -31.65 48.05
CA VAL G 2299 -39.86 -32.48 46.85
C VAL G 2299 -38.50 -33.14 46.67
N SER G 2300 -37.42 -32.44 47.03
CA SER G 2300 -36.10 -33.03 46.94
C SER G 2300 -35.97 -34.21 47.89
N TYR G 2301 -36.45 -34.05 49.13
CA TYR G 2301 -36.45 -35.18 50.06
C TYR G 2301 -37.26 -36.34 49.51
N LEU G 2302 -38.41 -36.04 48.93
CA LEU G 2302 -39.28 -37.08 48.38
C LEU G 2302 -38.61 -37.80 47.22
N ALA G 2303 -37.90 -37.06 46.36
CA ALA G 2303 -37.17 -37.70 45.28
C ALA G 2303 -36.06 -38.60 45.79
N GLY G 2304 -35.34 -38.14 46.82
CA GLY G 2304 -34.35 -39.00 47.45
C GLY G 2304 -34.97 -40.29 47.96
N CYS G 2305 -36.15 -40.18 48.58
CA CYS G 2305 -36.84 -41.38 49.02
C CYS G 2305 -37.25 -42.26 47.85
N GLY G 2306 -37.69 -41.64 46.76
CA GLY G 2306 -38.16 -42.41 45.61
C GLY G 2306 -37.04 -43.11 44.87
N LEU G 2307 -35.81 -42.62 45.01
CA LEU G 2307 -34.67 -43.22 44.33
C LEU G 2307 -33.73 -44.01 45.22
N GLN G 2308 -33.88 -43.93 46.54
CA GLN G 2308 -32.94 -44.57 47.45
C GLN G 2308 -33.68 -45.32 48.54
N SER G 2309 -33.09 -46.42 49.00
CA SER G 2309 -33.70 -47.25 50.03
C SER G 2309 -33.34 -46.71 51.41
N CYS G 2310 -34.00 -47.27 52.43
CA CYS G 2310 -33.79 -46.78 53.79
C CYS G 2310 -32.70 -47.58 54.50
N PRO G 2311 -31.57 -46.95 54.86
CA PRO G 2311 -30.45 -47.71 55.43
C PRO G 2311 -30.81 -48.42 56.72
N MET G 2312 -31.70 -47.84 57.52
CA MET G 2312 -32.12 -48.51 58.76
C MET G 2312 -32.81 -49.84 58.45
N LEU G 2313 -33.72 -49.83 57.47
CA LEU G 2313 -34.38 -51.08 57.10
C LEU G 2313 -33.38 -52.08 56.52
N LEU G 2314 -32.45 -51.60 55.71
CA LEU G 2314 -31.43 -52.50 55.18
C LEU G 2314 -30.64 -53.16 56.30
N ALA G 2315 -30.23 -52.35 57.29
CA ALA G 2315 -29.50 -52.90 58.42
C ALA G 2315 -30.35 -53.90 59.19
N LYS G 2316 -31.62 -53.62 59.36
CA LYS G 2316 -32.55 -54.55 60.01
C LYS G 2316 -32.79 -55.79 59.17
N GLY G 2317 -32.36 -55.80 57.91
CA GLY G 2317 -32.43 -56.99 57.10
C GLY G 2317 -33.63 -57.08 56.19
N TYR G 2318 -34.37 -56.00 56.02
CA TYR G 2318 -35.49 -56.01 55.11
C TYR G 2318 -35.00 -56.25 53.68
N PRO G 2319 -35.81 -56.88 52.84
CA PRO G 2319 -35.42 -57.02 51.43
C PRO G 2319 -35.21 -55.66 50.80
N ASP G 2320 -34.18 -55.58 49.94
CA ASP G 2320 -33.70 -54.30 49.43
C ASP G 2320 -34.47 -53.93 48.18
N ILE G 2321 -35.31 -52.91 48.30
CA ILE G 2321 -35.91 -52.26 47.15
C ILE G 2321 -35.20 -50.92 46.95
N GLY G 2322 -35.52 -50.25 45.86
CA GLY G 2322 -34.78 -49.06 45.49
C GLY G 2322 -35.27 -47.76 46.09
N TRP G 2323 -36.32 -47.76 46.91
CA TRP G 2323 -36.96 -46.50 47.29
C TRP G 2323 -37.64 -46.65 48.65
N ASN G 2324 -37.99 -45.50 49.24
CA ASN G 2324 -38.46 -45.44 50.62
C ASN G 2324 -39.93 -44.98 50.67
N PRO G 2325 -40.89 -45.89 50.56
CA PRO G 2325 -42.30 -45.47 50.57
C PRO G 2325 -42.73 -44.78 51.85
N CYS G 2326 -42.17 -45.16 53.00
CA CYS G 2326 -42.64 -44.56 54.25
C CYS G 2326 -42.32 -43.06 54.30
N GLY G 2327 -41.06 -42.70 54.04
CA GLY G 2327 -40.71 -41.29 53.99
C GLY G 2327 -41.44 -40.56 52.88
N GLY G 2328 -41.59 -41.22 51.73
CA GLY G 2328 -42.38 -40.61 50.67
C GLY G 2328 -43.78 -40.26 51.13
N GLU G 2329 -44.42 -41.18 51.86
CA GLU G 2329 -45.76 -40.95 52.36
C GLU G 2329 -45.80 -39.80 53.36
N ARG G 2330 -44.80 -39.74 54.24
CA ARG G 2330 -44.74 -38.64 55.19
C ARG G 2330 -44.73 -37.30 54.46
N TYR G 2331 -43.83 -37.16 53.50
CA TYR G 2331 -43.75 -35.90 52.76
C TYR G 2331 -45.03 -35.63 51.98
N LEU G 2332 -45.64 -36.69 51.42
CA LEU G 2332 -46.85 -36.50 50.63
C LEU G 2332 -47.99 -35.99 51.49
N ASP G 2333 -48.13 -36.51 52.71
CA ASP G 2333 -49.20 -36.02 53.57
C ASP G 2333 -48.92 -34.60 54.03
N PHE G 2334 -47.64 -34.25 54.25
CA PHE G 2334 -47.34 -32.86 54.52
C PHE G 2334 -47.80 -31.96 53.38
N LEU G 2335 -47.48 -32.35 52.14
CA LEU G 2335 -47.87 -31.54 50.99
C LEU G 2335 -49.39 -31.48 50.86
N ARG G 2336 -50.07 -32.57 51.21
CA ARG G 2336 -51.52 -32.54 51.29
C ARG G 2336 -52.02 -31.46 52.24
N PHE G 2337 -51.49 -31.45 53.47
CA PHE G 2337 -51.91 -30.45 54.44
C PHE G 2337 -51.58 -29.05 53.94
N ALA G 2338 -50.52 -28.91 53.15
CA ALA G 2338 -50.14 -27.61 52.63
C ALA G 2338 -51.12 -27.13 51.55
N VAL G 2339 -51.47 -28.00 50.61
CA VAL G 2339 -52.20 -27.56 49.43
C VAL G 2339 -53.70 -27.49 49.69
N PHE G 2340 -54.24 -28.38 50.51
CA PHE G 2340 -55.68 -28.53 50.64
C PHE G 2340 -56.11 -28.10 52.03
N VAL G 2341 -56.96 -27.08 52.10
CA VAL G 2341 -57.34 -26.43 53.34
C VAL G 2341 -58.85 -26.29 53.41
N ASN G 2342 -59.44 -26.71 54.52
CA ASN G 2342 -60.85 -26.45 54.82
C ASN G 2342 -61.77 -26.98 53.72
N GLY G 2343 -61.34 -28.03 53.04
CA GLY G 2343 -62.17 -28.64 52.02
C GLY G 2343 -61.99 -28.10 50.62
N GLU G 2344 -61.11 -27.11 50.43
CA GLU G 2344 -60.87 -26.53 49.12
C GLU G 2344 -59.37 -26.51 48.84
N SER G 2345 -59.02 -26.70 47.58
CA SER G 2345 -57.62 -26.68 47.18
C SER G 2345 -57.11 -25.25 47.05
N VAL G 2346 -55.83 -25.07 47.37
CA VAL G 2346 -55.13 -23.82 47.14
C VAL G 2346 -54.36 -23.96 45.83
N GLU G 2347 -54.88 -23.35 44.77
CA GLU G 2347 -54.31 -23.57 43.45
C GLU G 2347 -52.88 -23.05 43.38
N GLU G 2348 -52.57 -21.98 44.13
CA GLU G 2348 -51.23 -21.42 44.08
C GLU G 2348 -50.19 -22.46 44.48
N ASN G 2349 -50.43 -23.18 45.58
CA ASN G 2349 -49.49 -24.21 46.01
C ASN G 2349 -49.65 -25.48 45.19
N ALA G 2350 -50.87 -25.80 44.77
CA ALA G 2350 -51.11 -27.05 44.05
C ALA G 2350 -50.38 -27.06 42.71
N ASN G 2351 -50.46 -25.95 41.96
CA ASN G 2351 -49.78 -25.89 40.68
C ASN G 2351 -48.28 -26.03 40.86
N VAL G 2352 -47.73 -25.39 41.89
CA VAL G 2352 -46.30 -25.49 42.18
C VAL G 2352 -45.92 -26.93 42.45
N VAL G 2353 -46.71 -27.61 43.29
CA VAL G 2353 -46.41 -28.99 43.64
C VAL G 2353 -46.42 -29.86 42.39
N VAL G 2354 -47.44 -29.66 41.54
CA VAL G 2354 -47.54 -30.46 40.32
C VAL G 2354 -46.32 -30.24 39.44
N ARG G 2355 -45.95 -28.97 39.25
CA ARG G 2355 -44.82 -28.66 38.39
C ARG G 2355 -43.54 -29.29 38.92
N LEU G 2356 -43.30 -29.15 40.22
CA LEU G 2356 -42.08 -29.68 40.80
C LEU G 2356 -42.04 -31.20 40.69
N LEU G 2357 -43.17 -31.84 40.97
CA LEU G 2357 -43.23 -33.30 40.94
C LEU G 2357 -42.98 -33.81 39.52
N ILE G 2358 -43.57 -33.15 38.52
CA ILE G 2358 -43.36 -33.60 37.15
C ILE G 2358 -41.95 -33.29 36.69
N ARG G 2359 -41.32 -32.25 37.23
CA ARG G 2359 -39.91 -32.01 36.93
C ARG G 2359 -39.04 -33.12 37.50
N LYS G 2360 -39.36 -33.58 38.71
CA LYS G 2360 -38.69 -34.70 39.33
C LYS G 2360 -39.62 -35.90 39.32
N PRO G 2361 -39.71 -36.64 38.22
CA PRO G 2361 -40.70 -37.73 38.14
C PRO G 2361 -40.40 -38.90 39.06
N GLU G 2362 -39.19 -39.00 39.60
CA GLU G 2362 -38.88 -40.07 40.53
C GLU G 2362 -39.76 -40.03 41.76
N CYS G 2363 -40.31 -38.86 42.08
CA CYS G 2363 -41.20 -38.73 43.23
C CYS G 2363 -42.48 -39.53 43.07
N PHE G 2364 -42.87 -39.83 41.83
CA PHE G 2364 -44.08 -40.61 41.60
C PHE G 2364 -43.90 -42.05 42.05
N GLY G 2365 -42.66 -42.54 42.04
CA GLY G 2365 -42.38 -43.91 42.37
C GLY G 2365 -41.80 -44.65 41.18
N PRO G 2366 -41.24 -45.83 41.41
CA PRO G 2366 -40.76 -46.63 40.28
C PRO G 2366 -41.86 -46.92 39.28
N ALA G 2367 -43.09 -47.08 39.75
CA ALA G 2367 -44.24 -47.10 38.86
C ALA G 2367 -44.54 -45.67 38.39
N LEU G 2368 -45.28 -45.58 37.29
CA LEU G 2368 -45.59 -44.29 36.68
C LEU G 2368 -44.32 -43.58 36.19
N ARG G 2369 -43.25 -44.37 36.06
CA ARG G 2369 -41.97 -43.82 35.60
CA ARG G 2369 -41.97 -43.83 35.60
C ARG G 2369 -42.04 -43.39 34.14
N GLY G 2370 -42.78 -44.13 33.32
CA GLY G 2370 -42.80 -43.89 31.89
C GLY G 2370 -42.13 -45.04 31.16
N GLU G 2371 -40.93 -44.80 30.64
CA GLU G 2371 -40.18 -45.87 30.01
C GLU G 2371 -39.84 -46.95 31.03
N GLY G 2372 -40.09 -48.20 30.66
CA GLY G 2372 -39.79 -49.31 31.55
C GLY G 2372 -40.48 -49.18 32.88
N GLY G 2373 -41.71 -48.68 32.89
CA GLY G 2373 -42.44 -48.45 34.12
C GLY G 2373 -43.75 -49.21 34.18
N SER G 2374 -43.96 -49.94 35.27
CA SER G 2374 -45.23 -50.62 35.46
C SER G 2374 -46.32 -49.63 35.85
N GLY G 2375 -47.56 -50.03 35.63
CA GLY G 2375 -48.69 -49.23 36.00
C GLY G 2375 -48.99 -49.30 37.49
N LEU G 2376 -49.85 -48.38 37.92
CA LEU G 2376 -50.23 -48.32 39.33
C LEU G 2376 -50.92 -49.60 39.77
N LEU G 2377 -51.84 -50.10 38.94
CA LEU G 2377 -52.54 -51.33 39.27
C LEU G 2377 -51.57 -52.49 39.40
N ALA G 2378 -50.61 -52.59 38.49
CA ALA G 2378 -49.60 -53.63 38.57
C ALA G 2378 -48.78 -53.50 39.84
N ALA G 2379 -48.43 -52.26 40.22
CA ALA G 2379 -47.67 -52.05 41.44
C ALA G 2379 -48.46 -52.52 42.65
N ILE G 2380 -49.75 -52.20 42.70
CA ILE G 2380 -50.57 -52.63 43.82
C ILE G 2380 -50.67 -54.15 43.88
N GLU G 2381 -50.86 -54.78 42.71
CA GLU G 2381 -50.94 -56.23 42.69
C GLU G 2381 -49.65 -56.87 43.18
N GLU G 2382 -48.52 -56.32 42.75
CA GLU G 2382 -47.23 -56.83 43.21
C GLU G 2382 -47.07 -56.62 44.71
N ALA G 2383 -47.58 -55.50 45.22
CA ALA G 2383 -47.51 -55.24 46.65
C ALA G 2383 -48.31 -56.27 47.43
N ILE G 2384 -49.49 -56.63 46.92
CA ILE G 2384 -50.29 -57.66 47.58
C ILE G 2384 -49.57 -59.00 47.52
N ARG G 2385 -48.95 -59.30 46.38
CA ARG G 2385 -48.16 -60.53 46.28
C ARG G 2385 -47.06 -60.55 47.33
N ILE G 2386 -46.37 -59.42 47.51
CA ILE G 2386 -45.32 -59.33 48.52
C ILE G 2386 -45.90 -59.54 49.91
N SER G 2387 -47.06 -58.92 50.17
CA SER G 2387 -47.68 -59.06 51.48
C SER G 2387 -47.97 -60.53 51.78
N GLU G 2388 -48.48 -61.26 50.78
CA GLU G 2388 -48.69 -62.69 50.97
C GLU G 2388 -47.37 -63.41 51.20
N ASP G 2389 -46.34 -63.07 50.42
CA ASP G 2389 -45.08 -63.80 50.46
C ASP G 2389 -44.13 -63.16 51.48
N PRO G 2390 -43.79 -63.87 52.56
CA PRO G 2390 -42.75 -63.36 53.46
C PRO G 2390 -41.37 -63.48 52.82
N ALA G 2391 -40.40 -62.83 53.47
CA ALA G 2391 -39.06 -62.69 52.92
C ALA G 2391 -39.03 -61.63 51.83
N ARG G 2392 -40.22 -61.10 51.50
CA ARG G 2392 -40.29 -59.96 50.58
C ARG G 2392 -40.97 -58.78 51.25
N ASP G 2393 -41.94 -59.04 52.14
CA ASP G 2393 -42.50 -57.99 52.97
C ASP G 2393 -41.57 -57.63 54.11
N GLY G 2394 -40.81 -58.59 54.62
CA GLY G 2394 -39.84 -58.35 55.66
C GLY G 2394 -38.82 -59.46 55.77
N PRO G 2395 -37.87 -59.31 56.68
CA PRO G 2395 -36.85 -60.36 56.86
C PRO G 2395 -37.44 -61.69 57.26
N GLY G 2396 -38.43 -61.66 58.15
CA GLY G 2396 -39.18 -62.86 58.50
C GLY G 2396 -38.39 -63.90 59.28
N VAL G 2397 -37.32 -63.49 59.96
CA VAL G 2397 -36.44 -64.46 60.59
C VAL G 2397 -36.96 -64.82 61.98
N PRO G 2410 -40.78 -59.50 66.71
CA PRO G 2410 -41.03 -58.07 66.86
C PRO G 2410 -41.76 -57.64 68.14
N PRO G 2411 -41.00 -57.33 69.19
CA PRO G 2411 -41.63 -56.82 70.41
C PRO G 2411 -42.45 -55.57 70.19
N GLU G 2412 -42.00 -54.69 69.29
CA GLU G 2412 -42.68 -53.42 69.10
C GLU G 2412 -44.04 -53.61 68.42
N GLU G 2413 -44.15 -54.58 67.51
CA GLU G 2413 -45.32 -54.88 66.70
C GLU G 2413 -45.53 -53.82 65.62
N ASN G 2414 -44.73 -52.76 65.59
CA ASN G 2414 -44.86 -51.71 64.59
C ASN G 2414 -43.92 -51.91 63.40
N ARG G 2415 -43.38 -53.12 63.23
CA ARG G 2415 -42.47 -53.39 62.14
C ARG G 2415 -43.14 -53.09 60.80
N VAL G 2416 -42.38 -52.51 59.88
CA VAL G 2416 -42.92 -52.06 58.62
C VAL G 2416 -43.19 -53.25 57.72
N HIS G 2417 -44.34 -53.23 57.04
CA HIS G 2417 -44.69 -54.21 56.04
C HIS G 2417 -44.63 -53.52 54.68
N LEU G 2418 -43.74 -54.01 53.82
CA LEU G 2418 -43.40 -53.28 52.60
C LEU G 2418 -44.59 -53.17 51.66
N GLY G 2419 -45.41 -54.20 51.57
CA GLY G 2419 -46.57 -54.13 50.70
C GLY G 2419 -47.52 -53.01 51.12
N HIS G 2420 -47.83 -52.95 52.41
CA HIS G 2420 -48.67 -51.89 52.93
C HIS G 2420 -48.00 -50.54 52.72
N ALA G 2421 -46.68 -50.48 52.90
CA ALA G 2421 -45.98 -49.22 52.73
C ALA G 2421 -46.10 -48.71 51.29
N ILE G 2422 -45.91 -49.60 50.32
CA ILE G 2422 -46.02 -49.21 48.92
C ILE G 2422 -47.43 -48.76 48.60
N MET G 2423 -48.42 -49.54 49.03
CA MET G 2423 -49.79 -49.20 48.72
C MET G 2423 -50.18 -47.88 49.35
N SER G 2424 -49.73 -47.61 50.58
CA SER G 2424 -50.02 -46.35 51.24
C SER G 2424 -49.31 -45.19 50.57
N PHE G 2425 -48.07 -45.40 50.12
CA PHE G 2425 -47.37 -44.37 49.36
C PHE G 2425 -48.18 -43.97 48.13
N TYR G 2426 -48.59 -44.97 47.35
CA TYR G 2426 -49.34 -44.65 46.13
C TYR G 2426 -50.69 -44.02 46.47
N ALA G 2427 -51.35 -44.50 47.52
CA ALA G 2427 -52.62 -43.91 47.91
C ALA G 2427 -52.46 -42.45 48.30
N ALA G 2428 -51.41 -42.14 49.07
CA ALA G 2428 -51.16 -40.76 49.46
C ALA G 2428 -50.83 -39.90 48.25
N LEU G 2429 -50.07 -40.43 47.31
CA LEU G 2429 -49.76 -39.68 46.10
C LEU G 2429 -51.04 -39.35 45.34
N ILE G 2430 -51.91 -40.33 45.16
CA ILE G 2430 -53.15 -40.12 44.44
C ILE G 2430 -54.05 -39.14 45.18
N ASP G 2431 -54.09 -39.24 46.51
CA ASP G 2431 -54.87 -38.29 47.30
C ASP G 2431 -54.36 -36.87 47.11
N LEU G 2432 -53.04 -36.70 47.15
CA LEU G 2432 -52.46 -35.37 46.98
C LEU G 2432 -52.79 -34.82 45.61
N LEU G 2433 -52.67 -35.64 44.57
CA LEU G 2433 -53.01 -35.18 43.23
C LEU G 2433 -54.47 -34.81 43.12
N GLY G 2434 -55.35 -35.62 43.69
CA GLY G 2434 -56.77 -35.30 43.65
C GLY G 2434 -57.08 -34.00 44.35
N ARG G 2435 -56.45 -33.76 45.51
CA ARG G 2435 -56.64 -32.51 46.22
C ARG G 2435 -56.10 -31.33 45.42
N CYS G 2436 -54.97 -31.53 44.75
CA CYS G 2436 -54.42 -30.48 43.89
C CYS G 2436 -55.33 -30.21 42.71
N ALA G 2437 -56.18 -31.18 42.36
CA ALA G 2437 -57.07 -30.99 41.22
C ALA G 2437 -57.91 -29.74 41.41
N PRO G 2438 -58.15 -28.97 40.34
CA PRO G 2438 -58.88 -27.71 40.50
C PRO G 2438 -60.31 -27.92 40.96
N GLU G 2439 -60.82 -26.90 41.67
CA GLU G 2439 -62.24 -26.84 41.97
C GLU G 2439 -63.04 -26.55 40.71
N MET G 2440 -64.28 -27.01 40.68
CA MET G 2440 -65.07 -26.97 39.45
C MET G 2440 -65.30 -25.55 38.97
N HIS G 2441 -65.65 -24.63 39.89
CA HIS G 2441 -66.00 -23.28 39.48
C HIS G 2441 -64.91 -22.69 38.57
N LEU G 2442 -63.65 -23.02 38.85
CA LEU G 2442 -62.57 -22.61 37.95
C LEU G 2442 -62.75 -23.23 36.57
N ILE G 2443 -63.15 -24.51 36.52
CA ILE G 2443 -63.31 -25.18 35.23
C ILE G 2443 -64.39 -24.49 34.42
N GLN G 2444 -65.53 -24.22 35.06
CA GLN G 2444 -66.59 -23.49 34.36
C GLN G 2444 -66.10 -22.11 33.92
N ALA G 2445 -65.32 -21.44 34.78
CA ALA G 2445 -64.74 -20.16 34.40
C ALA G 2445 -63.85 -20.31 33.17
N GLY G 2446 -63.30 -21.50 32.96
CA GLY G 2446 -62.44 -21.76 31.82
C GLY G 2446 -60.97 -21.48 32.04
N LYS G 2447 -60.54 -21.35 33.29
CA LYS G 2447 -59.14 -21.04 33.58
C LYS G 2447 -58.20 -22.03 32.90
N GLY G 2448 -57.36 -21.49 32.02
CA GLY G 2448 -56.44 -22.34 31.28
C GLY G 2448 -55.49 -23.09 32.19
N GLU G 2449 -55.05 -22.45 33.28
CA GLU G 2449 -54.17 -23.13 34.22
C GLU G 2449 -54.87 -24.33 34.86
N ALA G 2450 -56.15 -24.15 35.22
CA ALA G 2450 -56.92 -25.25 35.78
C ALA G 2450 -57.05 -26.38 34.77
N LEU G 2451 -57.36 -26.04 33.52
CA LEU G 2451 -57.49 -27.06 32.49
C LEU G 2451 -56.18 -27.81 32.29
N ARG G 2452 -55.07 -27.08 32.24
CA ARG G 2452 -53.76 -27.72 32.28
C ARG G 2452 -53.68 -28.75 33.38
N ILE G 2453 -53.82 -28.29 34.62
CA ILE G 2453 -53.53 -29.13 35.76
C ILE G 2453 -54.39 -30.38 35.70
N ARG G 2454 -55.66 -30.21 35.32
CA ARG G 2454 -56.55 -31.35 35.22
C ARG G 2454 -56.10 -32.32 34.14
N ALA G 2455 -55.71 -31.80 32.97
CA ALA G 2455 -55.25 -32.68 31.90
C ALA G 2455 -53.98 -33.42 32.30
N ILE G 2456 -53.07 -32.73 32.98
CA ILE G 2456 -51.84 -33.36 33.43
C ILE G 2456 -52.13 -34.46 34.42
N LEU G 2457 -53.06 -34.22 35.35
CA LEU G 2457 -53.42 -35.24 36.32
C LEU G 2457 -54.06 -36.44 35.64
N ARG G 2458 -54.95 -36.18 34.68
CA ARG G 2458 -55.55 -37.28 33.92
C ARG G 2458 -54.49 -38.09 33.21
N SER G 2459 -53.52 -37.42 32.57
CA SER G 2459 -52.46 -38.12 31.88
C SER G 2459 -51.63 -38.96 32.84
N LEU G 2460 -51.33 -38.40 34.02
CA LEU G 2460 -50.54 -39.14 34.99
C LEU G 2460 -51.25 -40.40 35.44
N VAL G 2461 -52.54 -40.29 35.78
CA VAL G 2461 -53.30 -41.40 36.35
C VAL G 2461 -54.41 -41.78 35.37
N PRO G 2462 -54.33 -42.92 34.70
CA PRO G 2462 -55.45 -43.35 33.86
C PRO G 2462 -56.61 -43.86 34.71
N LEU G 2463 -57.82 -43.68 34.18
CA LEU G 2463 -59.03 -44.01 34.93
C LEU G 2463 -59.16 -45.51 35.15
N ASP G 2464 -58.80 -46.30 34.13
CA ASP G 2464 -58.91 -47.76 34.21
C ASP G 2464 -58.18 -48.29 35.43
N ASP G 2465 -57.01 -47.75 35.74
CA ASP G 2465 -56.25 -48.20 36.89
C ASP G 2465 -56.97 -47.89 38.20
N LEU G 2466 -57.56 -46.70 38.29
CA LEU G 2466 -58.35 -46.36 39.47
C LEU G 2466 -59.50 -47.34 39.65
N VAL G 2467 -60.19 -47.65 38.56
CA VAL G 2467 -61.32 -48.58 38.63
C VAL G 2467 -60.84 -49.96 39.06
N GLY G 2468 -59.70 -50.40 38.52
CA GLY G 2468 -59.16 -51.69 38.91
C GLY G 2468 -58.83 -51.75 40.38
N ILE G 2469 -58.16 -50.71 40.88
CA ILE G 2469 -57.81 -50.68 42.30
C ILE G 2469 -59.07 -50.69 43.16
N ILE G 2470 -60.07 -49.92 42.76
CA ILE G 2470 -61.34 -49.91 43.49
C ILE G 2470 -61.97 -51.30 43.47
N SER G 2471 -61.82 -52.01 42.36
CA SER G 2471 -62.42 -53.32 42.22
C SER G 2471 -61.65 -54.39 42.97
N LEU G 2472 -60.40 -54.12 43.34
CA LEU G 2472 -59.58 -55.14 43.96
C LEU G 2472 -60.27 -55.66 45.21
N PRO G 2473 -60.27 -56.97 45.43
CA PRO G 2473 -60.93 -57.53 46.62
C PRO G 2473 -60.15 -57.24 47.89
N LEU G 2474 -60.86 -57.32 49.01
CA LEU G 2474 -60.30 -57.09 50.33
C LEU G 2474 -60.58 -58.29 51.21
N GLN G 2475 -59.59 -58.71 51.98
CA GLN G 2475 -59.77 -59.85 52.87
C GLN G 2475 -60.85 -59.52 53.91
N ILE G 2476 -61.69 -60.50 54.20
CA ILE G 2476 -62.89 -60.31 54.98
C ILE G 2476 -62.81 -61.23 56.20
N PRO G 2477 -63.11 -60.75 57.41
CA PRO G 2477 -63.10 -61.65 58.56
C PRO G 2477 -64.07 -62.80 58.37
N THR G 2478 -63.65 -63.99 58.82
CA THR G 2478 -64.47 -65.18 58.76
C THR G 2478 -64.15 -66.09 59.92
N LEU G 2479 -65.14 -66.88 60.34
CA LEU G 2479 -64.93 -67.85 61.39
C LEU G 2479 -64.70 -69.21 60.74
N GLY G 2480 -63.63 -69.89 61.16
CA GLY G 2480 -63.33 -71.20 60.64
C GLY G 2480 -62.50 -71.99 61.62
N LYS G 2481 -62.42 -73.30 61.39
CA LYS G 2481 -61.64 -74.18 62.24
C LYS G 2481 -62.12 -74.01 63.68
N ASP G 2482 -63.33 -74.48 63.96
CA ASP G 2482 -64.03 -74.44 65.26
C ASP G 2482 -64.59 -73.06 65.56
N GLY G 2483 -64.82 -72.22 64.55
CA GLY G 2483 -65.31 -70.89 64.82
C GLY G 2483 -64.29 -69.96 65.41
N ALA G 2484 -63.00 -70.21 65.17
CA ALA G 2484 -61.98 -69.23 65.47
C ALA G 2484 -62.04 -68.10 64.46
N LEU G 2485 -62.08 -66.87 64.96
CA LEU G 2485 -62.24 -65.71 64.10
C LEU G 2485 -60.93 -65.41 63.38
N VAL G 2486 -60.97 -65.47 62.05
CA VAL G 2486 -59.81 -65.21 61.20
C VAL G 2486 -59.95 -63.78 60.70
N GLN G 2487 -58.99 -62.93 61.08
CA GLN G 2487 -59.09 -61.51 60.82
C GLN G 2487 -57.85 -61.00 60.11
N PRO G 2488 -57.99 -60.20 59.05
CA PRO G 2488 -56.82 -59.72 58.32
C PRO G 2488 -56.05 -58.66 59.10
N LYS G 2489 -54.73 -58.79 59.10
CA LYS G 2489 -53.86 -57.75 59.62
C LYS G 2489 -53.85 -56.56 58.67
N MET G 2490 -54.09 -55.37 59.23
CA MET G 2490 -54.17 -54.17 58.40
C MET G 2490 -52.79 -53.63 58.05
N SER G 2491 -51.87 -53.66 59.00
CA SER G 2491 -50.55 -53.08 58.75
C SER G 2491 -49.83 -53.79 57.61
N ALA G 2492 -50.27 -55.00 57.26
CA ALA G 2492 -49.62 -55.80 56.24
C ALA G 2492 -50.54 -56.12 55.06
N SER G 2493 -51.67 -55.44 54.93
CA SER G 2493 -52.66 -55.78 53.93
C SER G 2493 -53.22 -54.54 53.26
N PHE G 2494 -53.86 -54.79 52.11
CA PHE G 2494 -54.58 -53.74 51.39
C PHE G 2494 -55.79 -53.31 52.21
N VAL G 2495 -56.06 -52.00 52.26
CA VAL G 2495 -57.07 -51.48 53.17
C VAL G 2495 -57.93 -50.46 52.43
N PRO G 2496 -59.12 -50.17 52.96
CA PRO G 2496 -60.08 -49.31 52.24
C PRO G 2496 -59.61 -47.88 52.00
N ASP G 2497 -58.77 -47.31 52.87
CA ASP G 2497 -58.36 -45.93 52.65
C ASP G 2497 -57.58 -45.78 51.35
N HIS G 2498 -56.89 -46.86 50.95
CA HIS G 2498 -56.23 -46.88 49.65
C HIS G 2498 -57.24 -46.65 48.54
N LYS G 2499 -58.40 -47.30 48.63
CA LYS G 2499 -59.47 -47.09 47.66
C LYS G 2499 -60.06 -45.70 47.81
N ALA G 2500 -60.12 -45.19 49.03
CA ALA G 2500 -60.68 -43.86 49.28
C ALA G 2500 -59.90 -42.79 48.55
N SER G 2501 -58.57 -42.90 48.56
CA SER G 2501 -57.74 -41.94 47.84
C SER G 2501 -58.05 -41.98 46.35
N MET G 2502 -58.20 -43.18 45.80
CA MET G 2502 -58.54 -43.32 44.39
C MET G 2502 -59.88 -42.67 44.09
N VAL G 2503 -60.85 -42.85 44.99
CA VAL G 2503 -62.17 -42.27 44.78
C VAL G 2503 -62.08 -40.75 44.79
N LEU G 2504 -61.30 -40.19 45.71
CA LEU G 2504 -61.12 -38.74 45.74
C LEU G 2504 -60.53 -38.25 44.43
N PHE G 2505 -59.50 -38.94 43.93
CA PHE G 2505 -58.90 -38.55 42.66
C PHE G 2505 -59.93 -38.61 41.54
N LEU G 2506 -60.68 -39.70 41.47
CA LEU G 2506 -61.67 -39.88 40.42
C LEU G 2506 -62.69 -38.74 40.44
N ASP G 2507 -63.22 -38.45 41.63
CA ASP G 2507 -64.23 -37.41 41.75
C ASP G 2507 -63.68 -36.05 41.35
N ARG G 2508 -62.47 -35.72 41.80
CA ARG G 2508 -61.97 -34.36 41.63
C ARG G 2508 -61.43 -34.11 40.24
N VAL G 2509 -60.85 -35.12 39.60
CA VAL G 2509 -60.24 -34.93 38.28
C VAL G 2509 -61.19 -35.39 37.19
N TYR G 2510 -61.49 -36.69 37.17
CA TYR G 2510 -62.25 -37.25 36.07
C TYR G 2510 -63.73 -36.91 36.19
N GLY G 2511 -64.31 -37.13 37.36
CA GLY G 2511 -65.71 -36.88 37.58
C GLY G 2511 -66.59 -37.97 36.97
N ILE G 2512 -67.79 -38.08 37.51
CA ILE G 2512 -68.77 -39.03 37.02
C ILE G 2512 -69.92 -38.27 36.39
N GLU G 2513 -69.94 -38.20 35.06
CA GLU G 2513 -70.95 -37.46 34.33
C GLU G 2513 -71.86 -38.35 33.51
N ASN G 2514 -71.49 -39.62 33.30
CA ASN G 2514 -72.22 -40.51 32.42
C ASN G 2514 -72.74 -41.72 33.17
N GLN G 2515 -74.00 -42.06 32.91
CA GLN G 2515 -74.67 -43.14 33.63
C GLN G 2515 -73.98 -44.47 33.41
N ASP G 2516 -73.47 -44.72 32.19
CA ASP G 2516 -72.82 -45.99 31.93
C ASP G 2516 -71.61 -46.19 32.84
N PHE G 2517 -70.76 -45.16 32.95
CA PHE G 2517 -69.61 -45.26 33.84
C PHE G 2517 -70.05 -45.36 35.29
N LEU G 2518 -71.07 -44.60 35.68
CA LEU G 2518 -71.60 -44.71 37.03
C LEU G 2518 -71.94 -46.16 37.35
N LEU G 2519 -72.82 -46.76 36.56
CA LEU G 2519 -73.24 -48.14 36.77
C LEU G 2519 -72.04 -49.08 36.74
N HIS G 2520 -71.09 -48.84 35.84
CA HIS G 2520 -69.91 -49.69 35.74
C HIS G 2520 -69.14 -49.71 37.05
N VAL G 2521 -68.82 -48.52 37.58
CA VAL G 2521 -68.04 -48.44 38.81
C VAL G 2521 -68.81 -49.09 39.95
N LEU G 2522 -70.11 -48.81 40.03
CA LEU G 2522 -70.90 -49.31 41.16
C LEU G 2522 -71.00 -50.84 41.12
N ASP G 2523 -71.10 -51.41 39.92
CA ASP G 2523 -71.19 -52.87 39.84
C ASP G 2523 -69.84 -53.52 40.10
N VAL G 2524 -68.75 -52.91 39.64
CA VAL G 2524 -67.46 -53.56 39.77
C VAL G 2524 -66.93 -53.44 41.21
N GLY G 2525 -66.83 -52.23 41.73
CA GLY G 2525 -66.10 -52.04 42.98
C GLY G 2525 -66.90 -51.67 44.21
N PHE G 2526 -67.90 -50.80 44.04
CA PHE G 2526 -68.56 -50.20 45.21
C PHE G 2526 -69.57 -51.15 45.84
N LEU G 2527 -70.52 -51.62 45.04
CA LEU G 2527 -71.59 -52.45 45.55
C LEU G 2527 -71.06 -53.70 46.25
N PRO G 2528 -70.03 -54.37 45.71
CA PRO G 2528 -69.44 -55.50 46.43
C PRO G 2528 -68.98 -55.12 47.83
N ASP G 2529 -68.31 -53.98 47.96
CA ASP G 2529 -67.80 -53.57 49.26
C ASP G 2529 -68.93 -53.22 50.22
N MET G 2530 -69.97 -52.56 49.72
CA MET G 2530 -71.12 -52.26 50.56
C MET G 2530 -71.79 -53.55 51.02
N ARG G 2531 -71.92 -54.53 50.13
CA ARG G 2531 -72.46 -55.83 50.52
C ARG G 2531 -71.61 -56.48 51.58
N ALA G 2532 -70.28 -56.39 51.44
CA ALA G 2532 -69.40 -56.98 52.45
C ALA G 2532 -69.58 -56.30 53.80
N ALA G 2533 -69.69 -54.98 53.80
CA ALA G 2533 -69.91 -54.27 55.06
C ALA G 2533 -71.23 -54.69 55.70
N ALA G 2534 -72.29 -54.79 54.90
CA ALA G 2534 -73.57 -55.23 55.45
C ALA G 2534 -73.47 -56.64 56.01
N SER G 2535 -72.78 -57.53 55.30
CA SER G 2535 -72.60 -58.90 55.77
C SER G 2535 -71.80 -58.95 57.06
N LEU G 2536 -70.81 -58.07 57.22
CA LEU G 2536 -70.03 -58.01 58.45
C LEU G 2536 -70.73 -57.25 59.55
N ASP G 2537 -71.87 -56.61 59.26
CA ASP G 2537 -72.65 -55.99 60.30
C ASP G 2537 -73.36 -57.04 61.15
N THR G 2538 -72.57 -57.89 61.78
CA THR G 2538 -73.06 -58.92 62.70
C THR G 2538 -72.31 -58.82 64.01
N ALA G 2539 -72.92 -59.32 65.08
CA ALA G 2539 -72.36 -59.24 66.41
C ALA G 2539 -70.87 -59.59 66.42
N THR G 2540 -70.53 -60.73 65.81
CA THR G 2540 -69.13 -61.16 65.79
C THR G 2540 -68.27 -60.22 64.97
N PHE G 2541 -68.78 -59.74 63.85
CA PHE G 2541 -68.00 -59.01 62.87
C PHE G 2541 -68.18 -57.51 62.94
N SER G 2542 -69.24 -57.03 63.59
CA SER G 2542 -69.59 -55.61 63.49
C SER G 2542 -68.48 -54.73 64.06
N THR G 2543 -67.81 -55.19 65.11
CA THR G 2543 -66.77 -54.41 65.77
C THR G 2543 -65.39 -54.61 65.16
N THR G 2544 -65.27 -55.49 64.16
CA THR G 2544 -63.98 -55.75 63.56
C THR G 2544 -63.42 -54.47 62.96
N GLU G 2545 -62.12 -54.26 63.18
CA GLU G 2545 -61.44 -53.11 62.61
C GLU G 2545 -61.61 -53.07 61.10
N MET G 2546 -61.64 -54.23 60.45
CA MET G 2546 -61.87 -54.26 59.00
C MET G 2546 -63.23 -53.67 58.64
N ALA G 2547 -64.27 -54.06 59.39
CA ALA G 2547 -65.60 -53.53 59.14
C ALA G 2547 -65.65 -52.03 59.41
N LEU G 2548 -64.98 -51.59 60.48
CA LEU G 2548 -64.93 -50.16 60.77
C LEU G 2548 -64.26 -49.39 59.65
N ALA G 2549 -63.15 -49.92 59.13
CA ALA G 2549 -62.47 -49.25 58.02
C ALA G 2549 -63.35 -49.21 56.78
N LEU G 2550 -64.06 -50.30 56.51
CA LEU G 2550 -64.96 -50.32 55.37
C LEU G 2550 -66.05 -49.27 55.52
N ASN G 2551 -66.63 -49.15 56.72
CA ASN G 2551 -67.69 -48.17 56.93
C ASN G 2551 -67.15 -46.75 56.79
N ARG G 2552 -65.95 -46.50 57.31
CA ARG G 2552 -65.35 -45.18 57.13
C ARG G 2552 -65.14 -44.88 55.66
N TYR G 2553 -64.58 -45.85 54.93
CA TYR G 2553 -64.39 -45.69 53.49
C TYR G 2553 -65.71 -45.34 52.81
N LEU G 2554 -66.75 -46.14 53.06
CA LEU G 2554 -68.05 -45.89 52.46
C LEU G 2554 -68.51 -44.48 52.75
N CYS G 2555 -68.73 -44.18 54.04
CA CYS G 2555 -69.33 -42.90 54.40
C CYS G 2555 -68.49 -41.72 53.91
N LEU G 2556 -67.18 -41.84 53.94
CA LEU G 2556 -66.33 -40.71 53.58
C LEU G 2556 -66.29 -40.47 52.07
N ALA G 2557 -66.19 -41.55 51.29
CA ALA G 2557 -65.93 -41.41 49.86
C ALA G 2557 -67.12 -41.82 49.00
N VAL G 2558 -67.67 -43.02 49.19
CA VAL G 2558 -68.63 -43.56 48.25
C VAL G 2558 -69.97 -42.86 48.40
N LEU G 2559 -70.56 -42.95 49.60
CA LEU G 2559 -71.93 -42.51 49.79
C LEU G 2559 -72.13 -41.05 49.38
N PRO G 2560 -71.25 -40.11 49.75
CA PRO G 2560 -71.39 -38.75 49.23
C PRO G 2560 -71.39 -38.68 47.72
N LEU G 2561 -70.54 -39.50 47.10
CA LEU G 2561 -70.44 -39.49 45.64
C LEU G 2561 -71.73 -39.97 45.00
N ILE G 2562 -72.31 -41.04 45.53
CA ILE G 2562 -73.57 -41.54 45.00
C ILE G 2562 -74.69 -40.55 45.25
N THR G 2563 -74.66 -39.89 46.41
CA THR G 2563 -75.63 -38.85 46.69
C THR G 2563 -75.57 -37.75 45.65
N LYS G 2564 -74.35 -37.35 45.28
CA LYS G 2564 -74.17 -36.29 44.29
C LYS G 2564 -74.59 -36.76 42.91
N CYS G 2565 -74.31 -38.01 42.57
CA CYS G 2565 -74.63 -38.57 41.26
C CYS G 2565 -76.02 -39.19 41.21
N ALA G 2566 -76.85 -38.97 42.22
CA ALA G 2566 -78.17 -39.58 42.26
C ALA G 2566 -78.99 -39.31 41.00
N PRO G 2567 -79.02 -38.09 40.47
CA PRO G 2567 -79.89 -37.82 39.31
C PRO G 2567 -79.61 -38.73 38.13
N LEU G 2568 -78.36 -39.19 38.02
CA LEU G 2568 -77.98 -40.04 36.91
C LEU G 2568 -78.75 -41.36 36.91
N PHE G 2569 -79.37 -41.71 38.03
CA PHE G 2569 -80.13 -42.96 38.16
C PHE G 2569 -81.52 -42.87 37.56
N ALA G 2570 -81.87 -41.74 36.95
CA ALA G 2570 -83.26 -41.52 36.55
C ALA G 2570 -83.75 -42.59 35.58
N GLY G 2571 -82.96 -42.91 34.57
CA GLY G 2571 -83.36 -43.82 33.51
C GLY G 2571 -82.74 -45.19 33.57
N THR G 2572 -82.32 -45.65 34.74
CA THR G 2572 -81.65 -46.95 34.87
C THR G 2572 -82.68 -48.08 34.97
N GLU G 2573 -83.62 -48.09 34.03
CA GLU G 2573 -84.61 -49.14 33.98
C GLU G 2573 -83.99 -50.47 33.53
N HIS G 2574 -82.84 -50.40 32.86
CA HIS G 2574 -82.25 -51.62 32.30
C HIS G 2574 -81.35 -52.32 33.32
N ARG G 2575 -81.08 -51.67 34.46
CA ARG G 2575 -80.32 -52.28 35.54
C ARG G 2575 -81.09 -52.26 36.86
N ALA G 2576 -82.40 -52.47 36.79
CA ALA G 2576 -83.24 -52.34 37.99
C ALA G 2576 -82.85 -53.38 39.04
N ILE G 2577 -82.33 -54.53 38.62
CA ILE G 2577 -81.89 -55.56 39.55
C ILE G 2577 -80.80 -54.98 40.41
N MET G 2578 -79.80 -54.37 39.78
CA MET G 2578 -78.68 -53.80 40.50
C MET G 2578 -79.12 -52.62 41.36
N VAL G 2579 -80.05 -51.81 40.84
CA VAL G 2579 -80.54 -50.68 41.64
C VAL G 2579 -81.22 -51.19 42.90
N ASP G 2580 -82.03 -52.25 42.78
CA ASP G 2580 -82.71 -52.82 43.94
C ASP G 2580 -81.71 -53.40 44.93
N SER G 2581 -80.71 -54.12 44.43
CA SER G 2581 -79.67 -54.65 45.30
C SER G 2581 -78.97 -53.52 46.05
N MET G 2582 -78.69 -52.44 45.33
CA MET G 2582 -78.06 -51.25 45.90
C MET G 2582 -78.89 -50.68 47.03
N LEU G 2583 -80.19 -50.49 46.78
CA LEU G 2583 -81.07 -49.92 47.79
C LEU G 2583 -81.15 -50.83 49.01
N HIS G 2584 -81.25 -52.13 48.79
CA HIS G 2584 -81.30 -53.08 49.90
CA HIS G 2584 -81.31 -53.06 49.91
C HIS G 2584 -80.03 -53.03 50.73
N THR G 2585 -78.87 -52.98 50.06
CA THR G 2585 -77.61 -52.94 50.78
C THR G 2585 -77.50 -51.67 51.61
N VAL G 2586 -77.85 -50.52 51.02
CA VAL G 2586 -77.76 -49.27 51.76
C VAL G 2586 -78.75 -49.28 52.94
N TYR G 2587 -79.93 -49.88 52.76
CA TYR G 2587 -80.88 -49.93 53.85
C TYR G 2587 -80.35 -50.79 55.00
N ARG G 2588 -79.78 -51.95 54.66
CA ARG G 2588 -79.24 -52.81 55.71
C ARG G 2588 -78.06 -52.16 56.40
N LEU G 2589 -77.28 -51.37 55.67
CA LEU G 2589 -76.20 -50.62 56.29
C LEU G 2589 -76.76 -49.56 57.22
N SER G 2590 -77.84 -48.89 56.83
CA SER G 2590 -78.50 -47.93 57.72
C SER G 2590 -78.92 -48.62 59.01
N ARG G 2591 -79.55 -49.79 58.88
CA ARG G 2591 -79.86 -50.63 60.04
C ARG G 2591 -78.59 -51.35 60.50
N GLY G 2592 -77.61 -50.54 60.93
CA GLY G 2592 -76.31 -51.06 61.27
C GLY G 2592 -75.84 -50.72 62.66
N ARG G 2593 -75.46 -51.75 63.41
CA ARG G 2593 -74.84 -51.56 64.71
C ARG G 2593 -73.37 -51.19 64.56
N SER G 2594 -72.79 -50.65 65.63
CA SER G 2594 -71.42 -50.18 65.61
C SER G 2594 -71.22 -49.13 64.53
N LEU G 2595 -72.26 -48.34 64.29
CA LEU G 2595 -72.29 -47.34 63.24
C LEU G 2595 -72.59 -45.99 63.86
N THR G 2596 -71.71 -45.02 63.64
CA THR G 2596 -71.82 -43.73 64.30
C THR G 2596 -72.97 -42.91 63.71
N LYS G 2597 -73.28 -41.82 64.40
CA LYS G 2597 -74.39 -40.97 64.00
C LYS G 2597 -74.14 -40.33 62.64
N ALA G 2598 -72.94 -39.82 62.42
CA ALA G 2598 -72.63 -39.17 61.15
C ALA G 2598 -72.70 -40.18 60.00
N GLN G 2599 -72.16 -41.37 60.22
CA GLN G 2599 -72.20 -42.43 59.22
C GLN G 2599 -73.65 -42.79 58.90
N ARG G 2600 -74.48 -42.93 59.93
CA ARG G 2600 -75.89 -43.24 59.73
C ARG G 2600 -76.58 -42.14 58.94
N ASP G 2601 -76.28 -40.88 59.26
CA ASP G 2601 -76.90 -39.76 58.56
C ASP G 2601 -76.50 -39.76 57.09
N VAL G 2602 -75.23 -40.04 56.81
CA VAL G 2602 -74.77 -40.10 55.43
C VAL G 2602 -75.53 -41.20 54.67
N ILE G 2603 -75.63 -42.38 55.29
CA ILE G 2603 -76.36 -43.48 54.67
C ILE G 2603 -77.78 -43.06 54.37
N GLU G 2604 -78.42 -42.46 55.36
CA GLU G 2604 -79.79 -42.06 55.14
C GLU G 2604 -79.81 -41.15 53.93
N ASP G 2605 -79.01 -40.05 53.96
CA ASP G 2605 -79.09 -39.03 52.90
C ASP G 2605 -78.90 -39.62 51.54
N CYS G 2606 -77.98 -40.58 51.43
CA CYS G 2606 -77.80 -41.26 50.17
C CYS G 2606 -79.07 -41.98 49.76
N LEU G 2607 -79.71 -42.68 50.70
CA LEU G 2607 -80.93 -43.41 50.36
C LEU G 2607 -82.05 -42.47 49.91
N MET G 2608 -82.24 -41.38 50.65
CA MET G 2608 -83.23 -40.39 50.27
C MET G 2608 -82.98 -39.92 48.83
N ALA G 2609 -81.76 -39.47 48.56
CA ALA G 2609 -81.45 -38.89 47.26
C ALA G 2609 -81.64 -39.90 46.15
N LEU G 2610 -81.20 -41.15 46.37
CA LEU G 2610 -81.40 -42.17 45.37
C LEU G 2610 -82.89 -42.39 45.10
N CYS G 2611 -83.69 -42.47 46.16
CA CYS G 2611 -85.10 -42.76 46.01
C CYS G 2611 -85.80 -41.66 45.22
N ARG G 2612 -85.45 -40.41 45.47
CA ARG G 2612 -86.05 -39.32 44.71
CA ARG G 2612 -86.06 -39.33 44.71
C ARG G 2612 -85.95 -39.56 43.21
N TYR G 2613 -84.72 -39.67 42.70
CA TYR G 2613 -84.53 -39.72 41.26
C TYR G 2613 -84.85 -41.10 40.69
N ILE G 2614 -84.96 -42.11 41.55
CA ILE G 2614 -85.33 -43.42 41.07
C ILE G 2614 -86.82 -43.47 40.77
N ARG G 2615 -87.18 -44.20 39.72
CA ARG G 2615 -88.57 -44.34 39.33
C ARG G 2615 -89.35 -45.12 40.39
N PRO G 2616 -90.65 -44.86 40.53
CA PRO G 2616 -91.44 -45.57 41.54
C PRO G 2616 -91.46 -47.07 41.35
N SER G 2617 -91.47 -47.54 40.10
CA SER G 2617 -91.55 -48.98 39.85
C SER G 2617 -90.38 -49.70 40.48
N MET G 2618 -89.22 -49.06 40.54
CA MET G 2618 -88.04 -49.70 41.09
C MET G 2618 -88.18 -49.91 42.59
N LEU G 2619 -88.83 -48.97 43.28
CA LEU G 2619 -88.83 -48.99 44.73
C LEU G 2619 -89.78 -50.05 45.30
N GLN G 2620 -90.43 -50.82 44.44
CA GLN G 2620 -91.40 -51.82 44.86
C GLN G 2620 -90.86 -52.73 45.95
N HIS G 2621 -89.68 -53.32 45.72
CA HIS G 2621 -89.12 -54.26 46.69
C HIS G 2621 -88.77 -53.55 47.99
N LEU G 2622 -88.24 -52.34 47.90
CA LEU G 2622 -87.90 -51.59 49.10
C LEU G 2622 -89.15 -51.30 49.93
N LEU G 2623 -90.24 -50.95 49.26
CA LEU G 2623 -91.51 -50.75 49.96
C LEU G 2623 -91.98 -52.05 50.58
N ARG G 2624 -91.79 -53.17 49.88
CA ARG G 2624 -92.15 -54.47 50.44
C ARG G 2624 -91.42 -54.71 51.76
N ARG G 2625 -90.12 -54.41 51.78
CA ARG G 2625 -89.34 -54.63 52.99
C ARG G 2625 -89.74 -53.67 54.10
N LEU G 2626 -89.99 -52.41 53.72
CA LEU G 2626 -90.44 -51.42 54.70
C LEU G 2626 -91.78 -51.83 55.30
N VAL G 2627 -92.61 -52.51 54.53
CA VAL G 2627 -93.90 -52.96 55.04
C VAL G 2627 -93.75 -53.92 56.20
N PHE G 2628 -92.61 -54.62 56.27
CA PHE G 2628 -92.33 -55.51 57.39
C PHE G 2628 -91.49 -54.84 58.46
N ASP G 2629 -90.72 -53.80 58.11
CA ASP G 2629 -89.86 -53.13 59.07
C ASP G 2629 -90.56 -51.99 59.81
N VAL G 2630 -91.08 -51.01 59.08
CA VAL G 2630 -91.59 -49.79 59.73
C VAL G 2630 -92.67 -50.09 60.76
N PRO G 2631 -93.64 -50.97 60.52
CA PRO G 2631 -94.77 -51.10 61.46
C PRO G 2631 -94.34 -51.35 62.90
N ILE G 2632 -93.16 -51.92 63.11
CA ILE G 2632 -92.69 -52.17 64.47
C ILE G 2632 -92.54 -50.88 65.25
N LEU G 2633 -92.37 -49.75 64.56
CA LEU G 2633 -92.22 -48.45 65.21
C LEU G 2633 -91.06 -48.46 66.20
N ASN G 2634 -89.95 -49.07 65.80
CA ASN G 2634 -88.76 -49.10 66.63
C ASN G 2634 -87.97 -47.81 66.43
N GLU G 2635 -86.73 -47.77 66.92
CA GLU G 2635 -85.93 -46.56 66.80
C GLU G 2635 -85.47 -46.32 65.36
N PHE G 2636 -85.26 -47.39 64.59
CA PHE G 2636 -84.84 -47.24 63.19
C PHE G 2636 -85.98 -46.82 62.28
N ALA G 2637 -87.13 -46.45 62.82
CA ALA G 2637 -88.30 -46.14 62.01
C ALA G 2637 -88.38 -44.68 61.62
N LYS G 2638 -87.46 -43.83 62.08
CA LYS G 2638 -87.54 -42.42 61.73
C LYS G 2638 -87.27 -42.24 60.24
N MET G 2639 -86.06 -42.54 59.79
CA MET G 2639 -85.72 -42.26 58.40
C MET G 2639 -86.70 -42.91 57.41
N PRO G 2640 -87.08 -44.18 57.55
CA PRO G 2640 -88.01 -44.75 56.57
C PRO G 2640 -89.33 -43.99 56.49
N LEU G 2641 -89.79 -43.45 57.61
CA LEU G 2641 -91.04 -42.69 57.58
C LEU G 2641 -90.92 -41.47 56.68
N LYS G 2642 -89.84 -40.69 56.85
CA LYS G 2642 -89.64 -39.52 56.01
C LYS G 2642 -89.43 -39.92 54.56
N LEU G 2643 -88.68 -40.99 54.34
CA LEU G 2643 -88.47 -41.51 52.98
C LEU G 2643 -89.80 -41.78 52.31
N LEU G 2644 -90.66 -42.55 52.97
CA LEU G 2644 -91.95 -42.91 52.38
C LEU G 2644 -92.83 -41.67 52.21
N THR G 2645 -92.79 -40.77 53.18
CA THR G 2645 -93.55 -39.53 53.07
C THR G 2645 -93.19 -38.79 51.79
N ASN G 2646 -91.90 -38.57 51.58
CA ASN G 2646 -91.46 -37.84 50.39
C ASN G 2646 -91.79 -38.61 49.13
N HIS G 2647 -91.54 -39.93 49.14
CA HIS G 2647 -91.80 -40.75 47.96
C HIS G 2647 -93.26 -40.65 47.54
N TYR G 2648 -94.17 -40.84 48.48
CA TYR G 2648 -95.59 -40.82 48.14
C TYR G 2648 -96.07 -39.40 47.82
N GLU G 2649 -95.50 -38.40 48.48
CA GLU G 2649 -95.84 -37.02 48.15
C GLU G 2649 -95.54 -36.73 46.69
N ARG G 2650 -94.35 -37.14 46.23
CA ARG G 2650 -93.96 -36.83 44.86
C ARG G 2650 -94.63 -37.75 43.85
N CYS G 2651 -94.86 -39.02 44.20
CA CYS G 2651 -95.43 -40.01 43.28
C CYS G 2651 -96.90 -40.29 43.56
N TRP G 2652 -97.62 -39.33 44.17
CA TRP G 2652 -99.02 -39.58 44.49
C TRP G 2652 -99.85 -39.79 43.22
N LYS G 2653 -99.48 -39.11 42.13
CA LYS G 2653 -100.20 -39.32 40.88
C LYS G 2653 -100.08 -40.76 40.40
N TYR G 2654 -98.89 -41.34 40.53
CA TYR G 2654 -98.62 -42.70 40.09
C TYR G 2654 -99.61 -43.69 40.69
N TYR G 2655 -99.80 -43.63 42.01
CA TYR G 2655 -100.66 -44.59 42.68
C TYR G 2655 -102.13 -44.21 42.56
N CYS G 2656 -102.43 -42.91 42.65
CA CYS G 2656 -103.82 -42.46 42.71
C CYS G 2656 -104.48 -42.46 41.34
N LEU G 2657 -103.96 -41.68 40.43
CA LEU G 2657 -104.64 -41.46 39.16
C LEU G 2657 -104.64 -42.74 38.33
N PRO G 2658 -105.71 -43.00 37.55
CA PRO G 2658 -105.67 -44.16 36.66
C PRO G 2658 -104.77 -43.97 35.46
N THR G 2659 -104.72 -42.75 34.91
CA THR G 2659 -103.77 -42.47 33.83
C THR G 2659 -102.35 -42.64 34.33
N GLY G 2660 -102.08 -42.25 35.57
CA GLY G 2660 -100.77 -42.39 36.16
C GLY G 2660 -99.97 -41.11 36.09
N TRP G 2661 -98.74 -41.21 36.57
CA TRP G 2661 -97.81 -40.10 36.51
C TRP G 2661 -97.08 -40.13 35.18
N ALA G 2662 -97.04 -38.98 34.50
CA ALA G 2662 -96.56 -38.94 33.14
C ALA G 2662 -95.15 -39.52 33.04
N ASN G 2663 -94.96 -40.40 32.06
CA ASN G 2663 -93.66 -40.98 31.76
C ASN G 2663 -93.23 -42.00 32.82
N PHE G 2664 -94.06 -42.21 33.84
CA PHE G 2664 -93.73 -43.18 34.89
C PHE G 2664 -94.76 -44.30 35.00
N GLY G 2665 -95.83 -44.26 34.23
CA GLY G 2665 -96.78 -45.35 34.23
C GLY G 2665 -97.74 -45.27 35.41
N VAL G 2666 -98.31 -46.44 35.73
CA VAL G 2666 -99.31 -46.58 36.76
C VAL G 2666 -98.91 -47.71 37.71
N THR G 2667 -99.53 -47.71 38.88
CA THR G 2667 -99.25 -48.72 39.88
C THR G 2667 -99.68 -50.10 39.39
N SER G 2668 -98.95 -51.12 39.85
CA SER G 2668 -99.23 -52.48 39.41
C SER G 2668 -100.51 -53.02 40.04
N GLU G 2669 -100.73 -52.72 41.33
CA GLU G 2669 -101.79 -53.27 42.17
C GLU G 2669 -101.15 -53.86 43.42
N GLU G 2670 -100.07 -54.62 43.24
CA GLU G 2670 -99.34 -55.13 44.40
C GLU G 2670 -98.72 -53.98 45.20
N GLU G 2671 -98.27 -52.95 44.50
CA GLU G 2671 -97.77 -51.76 45.18
C GLU G 2671 -98.85 -51.13 46.04
N LEU G 2672 -100.07 -51.04 45.51
CA LEU G 2672 -101.17 -50.47 46.27
C LEU G 2672 -101.52 -51.36 47.46
N HIS G 2673 -101.47 -52.67 47.28
CA HIS G 2673 -101.73 -53.59 48.38
C HIS G 2673 -100.72 -53.37 49.51
N LEU G 2674 -99.44 -53.26 49.15
CA LEU G 2674 -98.41 -52.99 50.14
C LEU G 2674 -98.61 -51.63 50.80
N THR G 2675 -99.00 -50.63 50.02
CA THR G 2675 -99.25 -49.30 50.57
C THR G 2675 -100.37 -49.34 51.61
N ARG G 2676 -101.46 -50.04 51.29
CA ARG G 2676 -102.57 -50.15 52.22
C ARG G 2676 -102.15 -50.91 53.48
N LYS G 2677 -101.37 -51.98 53.30
CA LYS G 2677 -100.86 -52.70 54.47
C LYS G 2677 -100.04 -51.78 55.36
N LEU G 2678 -99.16 -50.98 54.75
CA LEU G 2678 -98.33 -50.07 55.53
C LEU G 2678 -99.18 -49.06 56.28
N PHE G 2679 -100.14 -48.45 55.59
CA PHE G 2679 -101.03 -47.50 56.24
C PHE G 2679 -101.67 -48.12 57.47
N TRP G 2680 -102.29 -49.29 57.28
CA TRP G 2680 -103.06 -49.89 58.37
C TRP G 2680 -102.16 -50.35 59.50
N GLY G 2681 -100.99 -50.90 59.16
CA GLY G 2681 -100.08 -51.35 60.19
C GLY G 2681 -99.57 -50.21 61.06
N ILE G 2682 -99.16 -49.12 60.41
CA ILE G 2682 -98.71 -47.96 61.18
C ILE G 2682 -99.84 -47.40 62.02
N PHE G 2683 -101.04 -47.31 61.44
CA PHE G 2683 -102.18 -46.80 62.18
C PHE G 2683 -102.42 -47.61 63.45
N ASP G 2684 -102.51 -48.93 63.31
CA ASP G 2684 -102.79 -49.78 64.47
C ASP G 2684 -101.66 -49.71 65.48
N SER G 2685 -100.41 -49.79 65.01
CA SER G 2685 -99.28 -49.78 65.92
C SER G 2685 -99.23 -48.48 66.71
N LEU G 2686 -99.39 -47.35 66.03
CA LEU G 2686 -99.34 -46.06 66.72
C LEU G 2686 -100.50 -45.91 67.69
N ALA G 2687 -101.68 -46.44 67.32
CA ALA G 2687 -102.80 -46.40 68.24
C ALA G 2687 -102.48 -47.16 69.52
N HIS G 2688 -101.83 -48.33 69.39
CA HIS G 2688 -101.51 -49.12 70.57
C HIS G 2688 -100.37 -48.51 71.38
N LYS G 2689 -99.40 -47.90 70.71
CA LYS G 2689 -98.22 -47.41 71.41
C LYS G 2689 -98.54 -46.24 72.33
N LYS G 2690 -97.64 -46.01 73.28
CA LYS G 2690 -97.72 -44.87 74.17
C LYS G 2690 -97.17 -43.63 73.49
N TYR G 2691 -97.55 -42.47 74.01
CA TYR G 2691 -97.17 -41.21 73.38
C TYR G 2691 -95.65 -41.09 73.29
N ASP G 2692 -95.19 -40.68 72.12
CA ASP G 2692 -93.79 -40.30 71.89
C ASP G 2692 -93.84 -39.09 70.97
N GLN G 2693 -93.53 -37.91 71.51
CA GLN G 2693 -93.66 -36.68 70.74
C GLN G 2693 -92.92 -36.78 69.43
N GLU G 2694 -91.73 -37.40 69.43
CA GLU G 2694 -90.94 -37.47 68.21
C GLU G 2694 -91.56 -38.42 67.20
N LEU G 2695 -92.07 -39.56 67.66
CA LEU G 2695 -92.73 -40.50 66.73
C LEU G 2695 -93.97 -39.86 66.13
N TYR G 2696 -94.76 -39.18 66.96
CA TYR G 2696 -95.94 -38.47 66.46
C TYR G 2696 -95.53 -37.36 65.51
N ARG G 2697 -94.38 -36.74 65.74
CA ARG G 2697 -93.94 -35.69 64.83
C ARG G 2697 -93.44 -36.29 63.51
N MET G 2698 -92.92 -37.51 63.55
CA MET G 2698 -92.46 -38.14 62.32
C MET G 2698 -93.65 -38.65 61.51
N ALA G 2699 -94.72 -39.05 62.18
CA ALA G 2699 -95.99 -39.32 61.52
C ALA G 2699 -96.92 -38.12 61.57
N MET G 2700 -96.36 -36.92 61.75
CA MET G 2700 -97.04 -35.67 61.51
C MET G 2700 -96.97 -35.33 60.01
N PRO G 2701 -95.83 -35.55 59.35
CA PRO G 2701 -95.89 -35.76 57.90
C PRO G 2701 -96.77 -36.94 57.58
N CYS G 2702 -96.93 -37.84 58.55
CA CYS G 2702 -98.09 -38.69 58.70
C CYS G 2702 -98.32 -39.65 57.56
N LEU G 2703 -99.30 -40.53 57.77
CA LEU G 2703 -99.84 -41.41 56.76
C LEU G 2703 -100.64 -40.65 55.72
N CYS G 2704 -100.58 -39.32 55.77
CA CYS G 2704 -101.37 -38.47 54.89
C CYS G 2704 -100.96 -38.66 53.45
N ALA G 2705 -99.66 -38.73 53.20
CA ALA G 2705 -99.16 -38.95 51.84
C ALA G 2705 -99.61 -40.30 51.32
N ILE G 2706 -99.52 -41.32 52.16
CA ILE G 2706 -99.96 -42.65 51.78
C ILE G 2706 -101.44 -42.63 51.43
N ALA G 2707 -102.24 -41.97 52.26
CA ALA G 2707 -103.69 -41.92 52.02
C ALA G 2707 -104.01 -41.17 50.74
N GLY G 2708 -103.34 -40.05 50.50
CA GLY G 2708 -103.56 -39.31 49.27
C GLY G 2708 -103.18 -40.12 48.05
N ALA G 2709 -102.08 -40.88 48.14
CA ALA G 2709 -101.70 -41.75 47.04
C ALA G 2709 -102.74 -42.83 46.80
N LEU G 2710 -103.26 -43.42 47.87
CA LEU G 2710 -104.23 -44.49 47.73
C LEU G 2710 -105.55 -43.93 47.19
N PRO G 2711 -106.09 -44.51 46.12
CA PRO G 2711 -107.43 -44.13 45.68
C PRO G 2711 -108.46 -44.49 46.73
N PRO G 2712 -109.43 -43.62 47.01
CA PRO G 2712 -110.47 -43.99 47.98
C PRO G 2712 -111.30 -45.17 47.54
N ASP G 2713 -111.37 -45.44 46.24
CA ASP G 2713 -112.14 -46.56 45.72
C ASP G 2713 -111.33 -47.84 45.59
N TYR G 2714 -110.02 -47.79 45.88
CA TYR G 2714 -109.18 -48.96 45.76
C TYR G 2714 -109.76 -50.14 46.54
N VAL G 2715 -109.89 -51.27 45.85
CA VAL G 2715 -110.39 -52.49 46.44
C VAL G 2715 -109.29 -53.54 46.35
N ASP G 2716 -108.89 -54.07 47.50
CA ASP G 2716 -107.81 -55.05 47.55
C ASP G 2716 -108.33 -56.41 47.12
N ALA G 2717 -107.72 -56.98 46.08
CA ALA G 2717 -108.14 -58.29 45.60
C ALA G 2717 -108.05 -59.33 46.70
N SER G 2718 -107.07 -59.20 47.59
CA SER G 2718 -106.87 -60.11 48.70
C SER G 2718 -107.34 -59.44 49.98
N TYR G 2719 -108.40 -59.98 50.58
CA TYR G 2719 -108.96 -59.46 51.81
C TYR G 2719 -109.07 -60.61 52.80
N SER G 2720 -108.32 -60.52 53.90
CA SER G 2720 -108.30 -61.61 54.87
C SER G 2720 -107.82 -61.09 56.21
N SER G 2721 -107.62 -62.01 57.16
CA SER G 2721 -106.95 -61.70 58.40
C SER G 2721 -105.58 -62.35 58.40
N LYS G 2722 -104.53 -61.57 58.64
CA LYS G 2722 -103.17 -62.10 58.75
C LYS G 2722 -103.09 -63.10 59.89
N ALA G 2723 -103.89 -62.90 60.95
CA ALA G 2723 -103.98 -63.65 62.22
C ALA G 2723 -102.70 -63.58 63.04
N GLU G 2724 -101.82 -62.70 62.61
CA GLU G 2724 -100.42 -62.74 62.98
C GLU G 2724 -100.19 -61.81 64.16
N LYS G 2725 -99.01 -61.95 64.72
CA LYS G 2725 -98.50 -61.36 65.93
C LYS G 2725 -98.93 -59.92 66.22
N ASN G 2734 -86.14 -63.88 63.17
CA ASN G 2734 -87.22 -62.90 63.42
C ASN G 2734 -88.67 -63.33 63.19
N PHE G 2735 -89.06 -63.55 61.93
CA PHE G 2735 -90.36 -64.15 61.61
C PHE G 2735 -90.19 -65.66 61.73
N ASP G 2736 -91.13 -66.31 62.40
CA ASP G 2736 -91.05 -67.72 62.67
C ASP G 2736 -92.43 -68.37 62.49
N PRO G 2737 -92.68 -69.04 61.37
CA PRO G 2737 -93.93 -69.80 61.24
C PRO G 2737 -93.89 -71.08 62.06
N ARG G 2738 -94.79 -71.18 63.04
CA ARG G 2738 -94.83 -72.33 63.94
C ARG G 2738 -95.76 -73.38 63.36
N PRO G 2739 -95.27 -74.58 62.98
CA PRO G 2739 -96.17 -75.60 62.46
C PRO G 2739 -96.92 -76.39 63.51
N VAL G 2740 -97.69 -77.38 63.07
CA VAL G 2740 -98.55 -78.18 63.93
C VAL G 2740 -98.41 -79.64 63.52
N GLU G 2741 -97.89 -80.47 64.42
CA GLU G 2741 -97.50 -81.83 64.06
C GLU G 2741 -98.50 -82.81 64.68
N THR G 2742 -99.05 -83.67 63.83
CA THR G 2742 -100.09 -84.62 64.20
C THR G 2742 -99.54 -85.94 64.73
N LEU G 2743 -98.22 -86.16 64.62
CA LEU G 2743 -97.64 -87.45 64.97
C LEU G 2743 -98.09 -87.92 66.35
N ASN G 2744 -98.48 -86.99 67.23
CA ASN G 2744 -98.98 -87.38 68.54
C ASN G 2744 -100.15 -88.36 68.45
N VAL G 2745 -101.09 -88.10 67.54
CA VAL G 2745 -102.22 -88.98 67.32
C VAL G 2745 -101.99 -89.78 66.04
N ILE G 2746 -102.72 -90.87 65.88
CA ILE G 2746 -102.60 -91.74 64.71
C ILE G 2746 -103.06 -90.96 63.48
N ILE G 2747 -102.62 -91.41 62.30
CA ILE G 2747 -102.90 -90.76 61.03
C ILE G 2747 -103.74 -91.72 60.21
N PRO G 2748 -104.87 -91.29 59.63
CA PRO G 2748 -105.76 -92.23 58.95
C PRO G 2748 -105.08 -93.04 57.85
N GLU G 2749 -105.37 -94.35 57.80
CA GLU G 2749 -104.84 -95.18 56.73
C GLU G 2749 -105.50 -94.83 55.41
N LYS G 2750 -106.78 -94.43 55.45
CA LYS G 2750 -107.43 -93.92 54.26
C LYS G 2750 -106.70 -92.69 53.72
N LEU G 2751 -106.29 -91.79 54.62
CA LEU G 2751 -105.53 -90.62 54.19
C LEU G 2751 -104.17 -91.02 53.64
N ASP G 2752 -103.54 -92.03 54.25
CA ASP G 2752 -102.25 -92.50 53.75
C ASP G 2752 -102.40 -93.07 52.34
N SER G 2753 -103.44 -93.87 52.11
CA SER G 2753 -103.70 -94.40 50.77
C SER G 2753 -103.97 -93.26 49.78
N PHE G 2754 -104.74 -92.27 50.21
CA PHE G 2754 -104.98 -91.10 49.36
C PHE G 2754 -103.68 -90.41 49.00
N ILE G 2755 -102.78 -90.25 49.97
CA ILE G 2755 -101.51 -89.57 49.72
C ILE G 2755 -100.67 -90.39 48.74
N ASN G 2756 -100.65 -91.71 48.91
CA ASN G 2756 -99.89 -92.55 48.00
C ASN G 2756 -100.44 -92.45 46.58
N LYS G 2757 -101.77 -92.46 46.45
CA LYS G 2757 -102.39 -92.32 45.14
C LYS G 2757 -102.08 -90.95 44.54
N PHE G 2758 -102.05 -89.92 45.39
CA PHE G 2758 -101.70 -88.57 44.95
C PHE G 2758 -100.28 -88.53 44.41
N ALA G 2759 -99.35 -89.16 45.12
CA ALA G 2759 -97.97 -89.22 44.65
C ALA G 2759 -97.87 -89.98 43.33
N GLU G 2760 -98.58 -91.12 43.24
CA GLU G 2760 -98.61 -91.86 41.99
C GLU G 2760 -99.11 -91.00 40.85
N TYR G 2761 -100.18 -90.24 41.09
CA TYR G 2761 -100.77 -89.48 40.02
C TYR G 2761 -99.89 -88.30 39.67
N THR G 2762 -99.23 -87.68 40.65
CA THR G 2762 -98.32 -86.57 40.34
C THR G 2762 -97.15 -87.07 39.51
N HIS G 2763 -96.66 -88.27 39.82
CA HIS G 2763 -95.64 -88.87 38.97
C HIS G 2763 -96.19 -89.16 37.58
N GLU G 2764 -97.47 -89.53 37.48
CA GLU G 2764 -98.08 -89.73 36.17
C GLU G 2764 -98.16 -88.42 35.39
N LYS G 2765 -98.50 -87.32 36.06
CA LYS G 2765 -98.46 -86.02 35.39
C LYS G 2765 -97.04 -85.66 35.00
N TRP G 2766 -96.05 -86.07 35.80
CA TRP G 2766 -94.66 -85.83 35.42
C TRP G 2766 -94.31 -86.58 34.14
N ALA G 2767 -94.70 -87.85 34.06
CA ALA G 2767 -94.48 -88.61 32.83
C ALA G 2767 -95.21 -87.98 31.66
N PHE G 2768 -96.45 -87.52 31.89
CA PHE G 2768 -97.21 -86.86 30.85
C PHE G 2768 -96.49 -85.61 30.35
N ASP G 2769 -95.95 -84.80 31.27
CA ASP G 2769 -95.27 -83.57 30.88
C ASP G 2769 -93.97 -83.88 30.16
N LYS G 2770 -93.30 -84.99 30.50
CA LYS G 2770 -92.13 -85.40 29.74
C LYS G 2770 -92.52 -85.80 28.32
N ILE G 2771 -93.58 -86.60 28.18
CA ILE G 2771 -94.04 -86.97 26.84
C ILE G 2771 -94.42 -85.72 26.05
N GLN G 2772 -95.07 -84.76 26.70
CA GLN G 2772 -95.49 -83.53 26.01
C GLN G 2772 -94.28 -82.69 25.63
N ASN G 2773 -93.25 -82.67 26.48
CA ASN G 2773 -92.08 -81.83 26.24
C ASN G 2773 -91.36 -82.20 24.96
N ASN G 2774 -91.60 -83.40 24.43
CA ASN G 2774 -91.02 -83.92 23.19
C ASN G 2774 -89.59 -84.40 23.39
N TRP G 2775 -89.15 -84.60 24.63
CA TRP G 2775 -87.81 -85.08 24.92
C TRP G 2775 -87.90 -86.47 25.53
N SER G 2776 -87.19 -87.42 24.92
CA SER G 2776 -87.28 -88.81 25.34
C SER G 2776 -86.36 -89.07 26.53
N TYR G 2777 -86.95 -89.51 27.63
CA TYR G 2777 -86.16 -89.88 28.80
C TYR G 2777 -85.13 -90.94 28.43
N GLY G 2778 -83.99 -90.89 29.11
CA GLY G 2778 -82.86 -91.76 28.80
C GLY G 2778 -82.83 -92.98 29.69
N GLU G 2779 -82.42 -94.11 29.10
CA GLU G 2779 -82.29 -95.34 29.87
C GLU G 2779 -81.13 -95.26 30.85
N ASN G 2780 -79.98 -94.77 30.39
CA ASN G 2780 -78.82 -94.50 31.23
C ASN G 2780 -79.00 -93.18 31.98
N VAL G 2781 -78.08 -92.90 32.88
CA VAL G 2781 -78.05 -91.64 33.61
C VAL G 2781 -77.11 -90.69 32.87
N ASP G 2782 -77.67 -89.63 32.32
CA ASP G 2782 -76.91 -88.64 31.56
C ASP G 2782 -77.46 -87.24 31.83
N GLU G 2783 -76.67 -86.43 32.55
CA GLU G 2783 -77.03 -85.05 32.86
C GLU G 2783 -77.20 -84.20 31.60
N GLU G 2784 -76.46 -84.53 30.53
CA GLU G 2784 -76.50 -83.76 29.29
C GLU G 2784 -77.89 -83.81 28.66
N LEU G 2785 -78.52 -84.99 28.67
CA LEU G 2785 -79.86 -85.18 28.12
C LEU G 2785 -80.90 -84.36 28.88
N LYS G 2786 -80.52 -83.86 30.06
CA LYS G 2786 -81.20 -82.76 30.79
C LYS G 2786 -82.66 -83.07 31.11
N THR G 2787 -83.03 -84.34 31.00
CA THR G 2787 -84.28 -84.82 31.58
C THR G 2787 -83.91 -85.52 32.86
N HIS G 2788 -84.91 -85.90 33.65
CA HIS G 2788 -84.64 -86.53 34.93
C HIS G 2788 -84.35 -88.01 34.69
N PRO G 2789 -83.10 -88.46 34.92
CA PRO G 2789 -82.77 -89.86 34.61
C PRO G 2789 -83.67 -90.87 35.30
N MET G 2790 -84.24 -90.49 36.43
CA MET G 2790 -85.11 -91.40 37.18
C MET G 2790 -86.30 -91.87 36.34
N LEU G 2791 -86.65 -91.11 35.30
CA LEU G 2791 -87.75 -91.52 34.43
C LEU G 2791 -87.53 -92.96 33.94
N ARG G 2792 -88.39 -93.86 34.40
CA ARG G 2792 -88.32 -95.29 34.13
C ARG G 2792 -89.71 -95.88 34.28
N PRO G 2793 -89.94 -97.08 33.73
CA PRO G 2793 -91.24 -97.73 33.89
C PRO G 2793 -91.60 -97.89 35.35
N TYR G 2794 -92.87 -97.70 35.67
CA TYR G 2794 -93.30 -97.71 37.06
C TYR G 2794 -92.89 -99.00 37.76
N LYS G 2795 -92.92 -100.13 37.04
CA LYS G 2795 -92.57 -101.42 37.62
C LYS G 2795 -91.15 -101.44 38.16
N THR G 2796 -90.30 -100.53 37.69
CA THR G 2796 -88.94 -100.39 38.18
C THR G 2796 -88.76 -99.23 39.13
N PHE G 2797 -89.71 -98.30 39.21
CA PHE G 2797 -89.55 -97.11 40.02
C PHE G 2797 -89.21 -97.46 41.45
N SER G 2798 -88.20 -96.79 42.00
CA SER G 2798 -87.72 -97.10 43.33
C SER G 2798 -88.70 -96.58 44.38
N GLU G 2799 -88.93 -97.39 45.41
CA GLU G 2799 -89.80 -96.97 46.50
C GLU G 2799 -89.18 -95.86 47.33
N LYS G 2800 -87.85 -95.91 47.50
CA LYS G 2800 -87.17 -94.97 48.39
C LYS G 2800 -87.53 -93.52 48.07
N ASP G 2801 -87.61 -93.17 46.78
CA ASP G 2801 -87.99 -91.81 46.41
C ASP G 2801 -89.38 -91.47 46.90
N LYS G 2802 -90.33 -92.41 46.75
CA LYS G 2802 -91.69 -92.16 47.23
C LYS G 2802 -91.71 -91.95 48.73
N GLU G 2803 -90.99 -92.79 49.48
CA GLU G 2803 -90.99 -92.64 50.93
C GLU G 2803 -90.31 -91.35 51.38
N ILE G 2804 -89.24 -90.92 50.70
CA ILE G 2804 -88.62 -89.66 51.09
C ILE G 2804 -89.55 -88.50 50.76
N TYR G 2805 -90.20 -88.52 49.59
CA TYR G 2805 -91.16 -87.50 49.23
C TYR G 2805 -92.41 -87.53 50.11
N ARG G 2806 -92.66 -88.67 50.76
CA ARG G 2806 -93.88 -88.81 51.55
C ARG G 2806 -93.91 -87.84 52.71
N TRP G 2807 -92.78 -87.63 53.38
CA TRP G 2807 -92.78 -86.75 54.55
C TRP G 2807 -93.21 -85.33 54.18
N PRO G 2808 -92.73 -84.74 53.08
CA PRO G 2808 -93.34 -83.46 52.66
C PRO G 2808 -94.83 -83.55 52.38
N ILE G 2809 -95.27 -84.59 51.65
CA ILE G 2809 -96.69 -84.72 51.34
C ILE G 2809 -97.48 -84.93 52.62
N LYS G 2810 -96.96 -85.77 53.52
CA LYS G 2810 -97.60 -85.95 54.82
C LYS G 2810 -97.72 -84.63 55.56
N GLU G 2811 -96.60 -83.90 55.71
CA GLU G 2811 -96.64 -82.60 56.38
C GLU G 2811 -97.70 -81.70 55.76
N SER G 2812 -97.77 -81.67 54.43
CA SER G 2812 -98.72 -80.81 53.76
C SER G 2812 -100.16 -81.19 54.10
N LEU G 2813 -100.47 -82.48 54.04
CA LEU G 2813 -101.85 -82.89 54.31
C LEU G 2813 -102.21 -82.76 55.79
N LYS G 2814 -101.24 -83.00 56.67
CA LYS G 2814 -101.43 -82.75 58.10
C LYS G 2814 -101.76 -81.29 58.34
N ALA G 2815 -101.00 -80.39 57.73
CA ALA G 2815 -101.29 -78.96 57.84
C ALA G 2815 -102.67 -78.64 57.28
N MET G 2816 -103.02 -79.25 56.15
CA MET G 2816 -104.35 -79.06 55.57
C MET G 2816 -105.44 -79.39 56.59
N ILE G 2817 -105.36 -80.58 57.18
CA ILE G 2817 -106.37 -81.02 58.14
C ILE G 2817 -106.33 -80.13 59.38
N ALA G 2818 -105.15 -79.63 59.73
CA ALA G 2818 -104.99 -78.90 60.98
C ALA G 2818 -105.57 -77.49 60.88
N TRP G 2819 -105.39 -76.84 59.74
CA TRP G 2819 -105.92 -75.48 59.58
C TRP G 2819 -107.41 -75.52 59.27
N GLU G 2820 -108.18 -76.18 60.14
CA GLU G 2820 -109.64 -76.23 60.07
C GLU G 2820 -110.14 -76.41 58.63
N TRP G 2821 -109.43 -77.21 57.84
CA TRP G 2821 -109.91 -77.69 56.56
C TRP G 2821 -110.18 -79.17 56.68
N THR G 2822 -111.39 -79.59 56.30
CA THR G 2822 -111.84 -80.97 56.48
C THR G 2822 -112.03 -81.61 55.11
N ILE G 2823 -111.37 -82.75 54.89
CA ILE G 2823 -111.53 -83.52 53.67
C ILE G 2823 -112.58 -84.60 53.91
N GLU G 2824 -113.52 -84.73 52.98
CA GLU G 2824 -114.64 -85.65 53.12
C GLU G 2824 -115.13 -86.01 51.72
N LYS G 2825 -115.47 -87.28 51.52
CA LYS G 2825 -115.94 -87.74 50.22
C LYS G 2825 -117.42 -87.37 50.10
N ALA G 2826 -117.75 -86.58 49.07
CA ALA G 2826 -119.08 -85.99 48.99
C ALA G 2826 -120.15 -87.05 48.80
N ARG G 2827 -119.80 -88.20 48.21
CA ARG G 2827 -120.77 -89.22 47.86
C ARG G 2827 -120.32 -90.56 48.44
N GLU G 2828 -121.29 -91.35 48.90
CA GLU G 2828 -121.00 -92.58 49.63
C GLU G 2828 -120.86 -93.78 48.71
N GLY G 2829 -119.66 -94.37 48.71
CA GLY G 2829 -119.29 -95.54 47.94
C GLY G 2829 -119.60 -96.85 48.63
N GLU G 2830 -120.58 -97.58 48.11
CA GLU G 2830 -121.07 -98.90 48.53
C GLU G 2830 -120.19 -99.60 49.58
N TYR G 2855 -104.11 -93.29 29.70
CA TYR G 2855 -103.22 -92.30 30.29
C TYR G 2855 -103.71 -90.89 30.16
N ASN G 2856 -104.26 -90.55 29.01
CA ASN G 2856 -104.76 -89.24 28.69
C ASN G 2856 -105.87 -88.88 29.63
N PRO G 2857 -105.82 -87.70 30.26
CA PRO G 2857 -106.77 -87.47 31.34
C PRO G 2857 -108.20 -87.44 30.83
N GLN G 2858 -109.10 -87.99 31.63
CA GLN G 2858 -110.51 -87.86 31.32
C GLN G 2858 -111.02 -86.48 31.72
N PRO G 2859 -110.73 -85.99 32.91
CA PRO G 2859 -111.03 -84.61 33.27
C PRO G 2859 -109.83 -83.72 33.02
N PRO G 2860 -109.55 -83.34 31.78
CA PRO G 2860 -108.32 -82.58 31.52
C PRO G 2860 -108.22 -81.33 32.37
N ASP G 2861 -107.01 -81.07 32.87
CA ASP G 2861 -106.81 -79.89 33.71
C ASP G 2861 -107.11 -78.63 32.91
N LEU G 2862 -108.22 -77.97 33.26
CA LEU G 2862 -108.70 -76.81 32.53
C LEU G 2862 -108.42 -75.56 33.35
N SER G 2863 -107.66 -74.63 32.78
CA SER G 2863 -107.52 -73.30 33.36
C SER G 2863 -108.85 -72.57 33.44
N GLY G 2864 -109.78 -72.89 32.54
CA GLY G 2864 -111.04 -72.17 32.50
C GLY G 2864 -111.84 -72.26 33.78
N VAL G 2865 -111.80 -73.42 34.44
CA VAL G 2865 -112.60 -73.73 35.62
C VAL G 2865 -112.39 -72.63 36.66
N THR G 2866 -113.47 -71.93 36.99
CA THR G 2866 -113.39 -70.80 37.89
C THR G 2866 -113.37 -71.28 39.35
N LEU G 2867 -112.72 -70.49 40.20
CA LEU G 2867 -112.66 -70.78 41.63
C LEU G 2867 -113.13 -69.57 42.42
N SER G 2868 -114.01 -69.83 43.38
CA SER G 2868 -114.59 -68.74 44.16
C SER G 2868 -113.55 -68.08 45.06
N ARG G 2869 -113.93 -66.94 45.64
CA ARG G 2869 -113.02 -66.20 46.48
C ARG G 2869 -112.58 -67.02 47.68
N GLU G 2870 -113.52 -67.68 48.35
CA GLU G 2870 -113.16 -68.43 49.56
CA GLU G 2870 -113.16 -68.43 49.56
C GLU G 2870 -112.28 -69.65 49.24
N LEU G 2871 -112.56 -70.36 48.12
CA LEU G 2871 -111.72 -71.48 47.74
C LEU G 2871 -110.33 -71.01 47.35
N GLN G 2872 -110.24 -69.90 46.62
CA GLN G 2872 -108.94 -69.31 46.35
C GLN G 2872 -108.21 -69.00 47.64
N ALA G 2873 -108.85 -68.25 48.54
CA ALA G 2873 -108.25 -67.96 49.84
C ALA G 2873 -107.63 -69.23 50.43
N MET G 2874 -108.37 -70.34 50.43
CA MET G 2874 -107.80 -71.57 50.98
C MET G 2874 -106.59 -72.03 50.18
N ALA G 2875 -106.67 -71.96 48.86
CA ALA G 2875 -105.57 -72.45 48.02
C ALA G 2875 -104.29 -71.64 48.23
N GLU G 2876 -104.40 -70.31 48.18
CA GLU G 2876 -103.25 -69.45 48.39
C GLU G 2876 -102.72 -69.55 49.81
N GLN G 2877 -103.59 -69.76 50.80
CA GLN G 2877 -103.09 -69.93 52.16
C GLN G 2877 -102.38 -71.28 52.32
N LEU G 2878 -102.84 -72.29 51.58
CA LEU G 2878 -102.11 -73.56 51.54
C LEU G 2878 -100.74 -73.39 50.90
N ALA G 2879 -100.67 -72.61 49.82
CA ALA G 2879 -99.38 -72.27 49.24
C ALA G 2879 -98.51 -71.53 50.25
N GLU G 2880 -99.12 -70.66 51.05
CA GLU G 2880 -98.38 -69.93 52.06
C GLU G 2880 -97.87 -70.88 53.15
N ASN G 2881 -98.63 -71.94 53.44
CA ASN G 2881 -98.14 -72.95 54.38
C ASN G 2881 -96.99 -73.76 53.77
N TYR G 2882 -97.06 -74.03 52.47
CA TYR G 2882 -95.94 -74.65 51.78
C TYR G 2882 -94.70 -73.76 51.91
N HIS G 2883 -94.87 -72.46 51.76
CA HIS G 2883 -93.74 -71.54 51.91
C HIS G 2883 -93.32 -71.44 53.37
N ASN G 2884 -94.25 -71.68 54.29
CA ASN G 2884 -93.88 -71.75 55.70
C ASN G 2884 -92.92 -72.91 55.95
N THR G 2885 -93.27 -74.10 55.46
CA THR G 2885 -92.36 -75.24 55.56
C THR G 2885 -91.06 -74.98 54.82
N TRP G 2886 -91.16 -74.34 53.65
CA TRP G 2886 -89.97 -74.05 52.85
C TRP G 2886 -89.03 -73.11 53.60
N GLY G 2887 -89.56 -72.05 54.18
CA GLY G 2887 -88.73 -71.14 54.96
C GLY G 2887 -88.23 -71.78 56.24
N ARG G 2888 -89.01 -72.70 56.80
CA ARG G 2888 -88.55 -73.43 57.98
C ARG G 2888 -87.31 -74.26 57.67
N LYS G 2889 -87.36 -75.08 56.62
CA LYS G 2889 -86.19 -75.87 56.26
C LYS G 2889 -85.05 -74.98 55.76
N LYS G 2890 -85.40 -73.88 55.08
CA LYS G 2890 -84.39 -72.89 54.72
C LYS G 2890 -83.64 -72.42 55.96
N LYS G 2891 -84.38 -72.02 56.99
CA LYS G 2891 -83.76 -71.60 58.24
C LYS G 2891 -82.98 -72.74 58.90
N GLN G 2892 -83.43 -73.98 58.70
CA GLN G 2892 -82.69 -75.11 59.24
C GLN G 2892 -81.31 -75.21 58.63
N GLU G 2893 -81.21 -74.97 57.32
CA GLU G 2893 -79.88 -74.99 56.70
C GLU G 2893 -79.11 -73.71 57.02
N LEU G 2894 -79.83 -72.60 57.17
CA LEU G 2894 -79.19 -71.30 57.40
C LEU G 2894 -78.59 -71.19 58.79
N GLU G 2895 -79.23 -71.81 59.79
CA GLU G 2895 -78.81 -71.65 61.18
C GLU G 2895 -77.33 -71.97 61.35
N ALA G 2896 -76.79 -72.87 60.52
CA ALA G 2896 -75.36 -73.10 60.53
C ALA G 2896 -74.61 -71.86 60.08
N LYS G 2897 -75.15 -71.15 59.09
CA LYS G 2897 -74.56 -69.88 58.65
C LYS G 2897 -75.00 -68.74 59.57
N GLY G 2898 -76.30 -68.53 59.68
CA GLY G 2898 -76.84 -67.53 60.59
C GLY G 2898 -76.80 -66.11 60.08
N GLY G 2899 -76.53 -65.89 58.80
CA GLY G 2899 -76.51 -64.56 58.23
C GLY G 2899 -76.91 -64.58 56.78
N GLY G 2900 -76.98 -63.39 56.19
CA GLY G 2900 -77.37 -63.26 54.80
C GLY G 2900 -78.80 -63.73 54.57
N THR G 2901 -79.74 -63.26 55.38
CA THR G 2901 -81.11 -63.72 55.25
C THR G 2901 -81.58 -63.54 53.81
N HIS G 2902 -82.16 -64.61 53.26
CA HIS G 2902 -82.50 -64.59 51.84
C HIS G 2902 -83.60 -63.55 51.60
N PRO G 2903 -83.40 -62.62 50.66
CA PRO G 2903 -84.39 -61.54 50.49
C PRO G 2903 -85.79 -62.04 50.18
N LEU G 2904 -85.91 -63.17 49.47
CA LEU G 2904 -87.20 -63.65 49.01
C LEU G 2904 -88.06 -64.22 50.14
N LEU G 2905 -87.51 -64.42 51.33
CA LEU G 2905 -88.26 -65.06 52.41
C LEU G 2905 -89.33 -64.08 52.89
N VAL G 2906 -90.40 -64.01 52.13
CA VAL G 2906 -91.56 -63.19 52.46
C VAL G 2906 -92.82 -63.89 52.01
N PRO G 2907 -93.97 -63.48 52.54
CA PRO G 2907 -95.23 -64.11 52.16
C PRO G 2907 -95.50 -64.00 50.66
N TYR G 2908 -96.15 -65.04 50.12
CA TYR G 2908 -96.55 -65.00 48.71
C TYR G 2908 -97.47 -63.82 48.42
N ASP G 2909 -98.42 -63.54 49.33
CA ASP G 2909 -99.35 -62.44 49.09
C ASP G 2909 -98.62 -61.11 49.02
N THR G 2910 -97.56 -60.95 49.82
CA THR G 2910 -96.79 -59.71 49.76
C THR G 2910 -95.93 -59.64 48.51
N LEU G 2911 -95.26 -60.73 48.16
CA LEU G 2911 -94.43 -60.73 46.97
C LEU G 2911 -95.28 -60.86 45.71
N THR G 2912 -94.64 -60.70 44.56
CA THR G 2912 -95.36 -60.62 43.30
C THR G 2912 -96.10 -61.93 43.00
N ALA G 2913 -97.17 -61.80 42.23
CA ALA G 2913 -97.97 -62.98 41.88
C ALA G 2913 -97.19 -63.94 40.97
N LYS G 2914 -96.27 -63.40 40.16
CA LYS G 2914 -95.54 -64.23 39.21
C LYS G 2914 -94.74 -65.31 39.93
N GLU G 2915 -94.02 -64.95 40.99
CA GLU G 2915 -93.32 -65.90 41.85
C GLU G 2915 -94.33 -66.78 42.56
N LYS G 2916 -95.48 -66.20 42.92
CA LYS G 2916 -96.58 -66.98 43.47
C LYS G 2916 -97.19 -67.89 42.42
N ALA G 2917 -97.21 -67.45 41.15
CA ALA G 2917 -98.02 -68.12 40.14
C ALA G 2917 -97.76 -69.62 40.09
N ARG G 2918 -96.51 -70.04 40.26
CA ARG G 2918 -96.14 -71.46 40.25
C ARG G 2918 -96.96 -72.24 41.28
N ASP G 2919 -96.79 -71.90 42.56
CA ASP G 2919 -97.47 -72.56 43.66
C ASP G 2919 -98.98 -72.34 43.58
N ARG G 2920 -99.40 -71.20 43.04
CA ARG G 2920 -100.83 -70.94 42.85
C ARG G 2920 -101.43 -71.96 41.88
N GLU G 2921 -100.79 -72.15 40.73
CA GLU G 2921 -101.27 -73.11 39.76
C GLU G 2921 -101.23 -74.52 40.31
N LYS G 2922 -100.18 -74.85 41.09
CA LYS G 2922 -100.09 -76.15 41.73
C LYS G 2922 -101.27 -76.37 42.69
N ALA G 2923 -101.60 -75.36 43.49
CA ALA G 2923 -102.71 -75.49 44.43
C ALA G 2923 -104.04 -75.60 43.70
N GLN G 2924 -104.20 -74.84 42.60
CA GLN G 2924 -105.41 -74.97 41.80
C GLN G 2924 -105.55 -76.39 41.26
N GLU G 2925 -104.47 -76.94 40.71
CA GLU G 2925 -104.52 -78.28 40.17
C GLU G 2925 -104.85 -79.29 41.26
N LEU G 2926 -104.26 -79.11 42.45
CA LEU G 2926 -104.54 -80.00 43.58
C LEU G 2926 -106.02 -79.95 43.95
N LEU G 2927 -106.56 -78.75 44.17
CA LEU G 2927 -107.97 -78.61 44.52
C LEU G 2927 -108.85 -79.21 43.44
N LYS G 2928 -108.50 -79.01 42.17
CA LYS G 2928 -109.27 -79.64 41.11
C LYS G 2928 -109.30 -81.13 41.39
N PHE G 2929 -108.11 -81.75 41.55
CA PHE G 2929 -107.98 -83.19 41.82
C PHE G 2929 -108.97 -83.62 42.87
N LEU G 2930 -109.00 -82.92 43.98
CA LEU G 2930 -109.84 -83.30 45.11
C LEU G 2930 -111.33 -83.23 44.76
N GLN G 2931 -111.78 -82.15 44.14
CA GLN G 2931 -113.19 -81.98 43.78
C GLN G 2931 -113.65 -83.03 42.77
N MET G 2932 -112.86 -83.19 41.71
CA MET G 2932 -113.04 -84.15 40.62
C MET G 2932 -112.85 -85.63 41.00
N ASN G 2933 -112.21 -85.93 42.12
CA ASN G 2933 -112.41 -87.24 42.75
C ASN G 2933 -113.44 -87.21 43.87
N GLY G 2934 -114.19 -86.13 44.02
CA GLY G 2934 -115.22 -86.06 45.04
C GLY G 2934 -114.72 -85.87 46.46
N TYR G 2935 -113.40 -85.76 46.66
CA TYR G 2935 -112.83 -85.53 47.99
C TYR G 2935 -112.94 -84.05 48.29
N ALA G 2936 -114.15 -83.62 48.64
CA ALA G 2936 -114.39 -82.21 48.92
C ALA G 2936 -113.61 -81.76 50.14
N VAL G 2937 -112.98 -80.59 50.04
CA VAL G 2937 -112.28 -79.96 51.15
C VAL G 2937 -113.11 -78.76 51.58
N THR G 2938 -113.66 -78.81 52.79
CA THR G 2938 -114.55 -77.79 53.32
C THR G 2938 -113.81 -76.96 54.35
N ARG G 2939 -114.27 -75.72 54.56
CA ARG G 2939 -113.66 -74.82 55.51
C ARG G 2939 -112.22 -74.55 55.16
N LEU G 2946 -119.31 -62.00 55.93
CA LEU G 2946 -118.43 -62.34 54.82
C LEU G 2946 -119.10 -61.96 53.49
N ASP G 2947 -118.60 -62.43 52.35
CA ASP G 2947 -119.14 -61.99 51.06
C ASP G 2947 -119.13 -60.46 50.98
N THR G 2948 -118.11 -59.86 51.59
CA THR G 2948 -118.04 -58.41 51.70
C THR G 2948 -118.09 -57.77 50.32
N SER G 2949 -118.89 -56.73 50.19
CA SER G 2949 -119.05 -56.06 48.92
C SER G 2949 -117.80 -55.25 48.58
N SER G 2950 -117.66 -54.94 47.29
CA SER G 2950 -116.57 -54.08 46.84
C SER G 2950 -116.56 -52.77 47.61
N ILE G 2951 -117.75 -52.24 47.92
CA ILE G 2951 -117.83 -50.98 48.65
C ILE G 2951 -117.23 -51.14 50.05
N GLU G 2952 -117.60 -52.21 50.73
CA GLU G 2952 -116.99 -52.50 52.03
C GLU G 2952 -115.48 -52.62 51.90
N LYS G 2953 -115.02 -53.23 50.80
CA LYS G 2953 -113.61 -53.48 50.63
C LYS G 2953 -112.82 -52.21 50.36
N ARG G 2954 -113.48 -51.19 49.81
CA ARG G 2954 -112.76 -49.96 49.48
C ARG G 2954 -112.01 -49.43 50.69
N PHE G 2955 -110.89 -48.75 50.41
CA PHE G 2955 -110.04 -48.24 51.48
C PHE G 2955 -110.75 -47.20 52.32
N ALA G 2956 -111.41 -46.23 51.66
CA ALA G 2956 -112.05 -45.15 52.40
C ALA G 2956 -113.10 -45.68 53.36
N PHE G 2957 -113.76 -46.78 52.99
CA PHE G 2957 -114.78 -47.36 53.85
C PHE G 2957 -114.20 -47.73 55.21
N GLY G 2958 -113.11 -48.51 55.22
CA GLY G 2958 -112.51 -48.91 56.49
C GLY G 2958 -111.95 -47.73 57.25
N PHE G 2959 -111.39 -46.76 56.52
CA PHE G 2959 -110.88 -45.55 57.15
C PHE G 2959 -111.98 -44.85 57.93
N LEU G 2960 -113.12 -44.65 57.28
CA LEU G 2960 -114.25 -43.99 57.95
C LEU G 2960 -114.80 -44.82 59.09
N GLN G 2961 -114.82 -46.15 58.93
CA GLN G 2961 -115.26 -47.01 60.01
C GLN G 2961 -114.40 -46.81 61.25
N GLN G 2962 -113.08 -46.81 61.06
CA GLN G 2962 -112.17 -46.60 62.19
C GLN G 2962 -112.33 -45.21 62.77
N LEU G 2963 -112.53 -44.20 61.93
CA LEU G 2963 -112.73 -42.85 62.42
C LEU G 2963 -113.99 -42.77 63.29
N LEU G 2964 -115.06 -43.43 62.85
CA LEU G 2964 -116.30 -43.42 63.63
C LEU G 2964 -116.12 -44.15 64.96
N ARG G 2965 -115.41 -45.27 64.94
CA ARG G 2965 -115.13 -45.99 66.18
C ARG G 2965 -114.32 -45.11 67.14
N TRP G 2966 -113.33 -44.41 66.61
CA TRP G 2966 -112.55 -43.51 67.45
C TRP G 2966 -113.38 -42.33 67.92
N MET G 2967 -114.38 -41.92 67.13
CA MET G 2967 -115.29 -40.87 67.58
C MET G 2967 -116.11 -41.35 68.77
N ASP G 2968 -116.56 -42.60 68.73
CA ASP G 2968 -117.26 -43.16 69.88
C ASP G 2968 -116.33 -43.19 71.10
N ILE G 2969 -115.09 -43.64 70.91
CA ILE G 2969 -114.11 -43.63 71.99
C ILE G 2969 -113.90 -42.22 72.52
N SER G 2970 -113.94 -41.23 71.63
CA SER G 2970 -113.72 -39.85 72.03
C SER G 2970 -114.87 -39.35 72.91
N GLN G 2971 -116.10 -39.60 72.48
CA GLN G 2971 -117.24 -39.34 73.34
C GLN G 2971 -117.03 -39.97 74.71
N GLU G 2972 -116.54 -41.22 74.71
CA GLU G 2972 -116.37 -41.94 75.97
C GLU G 2972 -115.40 -41.22 76.89
N PHE G 2973 -114.19 -40.92 76.41
CA PHE G 2973 -113.21 -40.40 77.34
C PHE G 2973 -113.55 -38.96 77.73
N ILE G 2974 -114.19 -38.20 76.84
CA ILE G 2974 -114.58 -36.85 77.24
C ILE G 2974 -115.64 -36.92 78.33
N ALA G 2975 -116.61 -37.83 78.19
CA ALA G 2975 -117.63 -37.95 79.24
C ALA G 2975 -116.97 -38.32 80.56
N HIS G 2976 -116.06 -39.29 80.53
CA HIS G 2976 -115.33 -39.65 81.75
C HIS G 2976 -114.57 -38.44 82.28
N LEU G 2977 -114.08 -37.59 81.38
CA LEU G 2977 -113.28 -36.44 81.79
C LEU G 2977 -114.13 -35.41 82.52
N GLU G 2978 -115.31 -35.08 81.97
CA GLU G 2978 -116.19 -34.17 82.71
C GLU G 2978 -116.60 -34.79 84.03
N ALA G 2979 -116.83 -36.10 84.04
CA ALA G 2979 -117.23 -36.76 85.29
C ALA G 2979 -116.15 -36.60 86.35
N VAL G 2980 -114.89 -36.82 86.00
CA VAL G 2980 -113.82 -36.70 86.98
C VAL G 2980 -113.55 -35.24 87.34
N VAL G 2981 -113.70 -34.33 86.37
CA VAL G 2981 -113.48 -32.91 86.66
C VAL G 2981 -114.52 -32.39 87.63
N SER G 2982 -115.77 -32.84 87.49
CA SER G 2982 -116.82 -32.35 88.37
C SER G 2982 -116.50 -32.64 89.84
N SER G 2983 -115.95 -33.82 90.11
CA SER G 2983 -115.59 -34.18 91.47
C SER G 2983 -114.51 -35.25 91.43
N GLY G 2984 -113.71 -35.30 92.49
CA GLY G 2984 -112.63 -36.27 92.59
C GLY G 2984 -111.69 -36.20 91.40
N ARG G 2985 -111.00 -35.08 91.25
CA ARG G 2985 -110.14 -34.90 90.09
C ARG G 2985 -108.95 -35.84 90.15
N VAL G 2986 -108.77 -36.62 89.09
CA VAL G 2986 -107.63 -37.50 88.92
C VAL G 2986 -106.78 -36.92 87.79
N GLU G 2987 -105.56 -36.50 88.13
CA GLU G 2987 -104.68 -35.91 87.14
C GLU G 2987 -104.11 -36.95 86.18
N LYS G 2988 -104.31 -38.24 86.46
CA LYS G 2988 -103.70 -39.28 85.63
C LYS G 2988 -104.18 -39.19 84.19
N SER G 2989 -105.50 -39.06 84.00
CA SER G 2989 -106.07 -39.09 82.66
C SER G 2989 -105.62 -40.35 81.95
N PRO G 2990 -106.14 -41.52 82.33
CA PRO G 2990 -105.64 -42.78 81.73
C PRO G 2990 -105.79 -42.80 80.22
N HIS G 2991 -106.78 -42.10 79.69
CA HIS G 2991 -106.99 -42.09 78.24
C HIS G 2991 -106.01 -41.16 77.53
N GLU G 2992 -105.01 -40.66 78.25
CA GLU G 2992 -104.00 -39.75 77.71
C GLU G 2992 -103.55 -40.18 76.31
N GLN G 2993 -103.22 -41.46 76.17
CA GLN G 2993 -102.73 -41.95 74.88
C GLN G 2993 -103.79 -41.78 73.80
N GLU G 2994 -105.04 -42.11 74.12
CA GLU G 2994 -106.11 -41.97 73.14
C GLU G 2994 -106.31 -40.50 72.76
N ILE G 2995 -106.27 -39.62 73.76
CA ILE G 2995 -106.45 -38.19 73.51
C ILE G 2995 -105.36 -37.69 72.57
N LYS G 2996 -104.11 -38.05 72.87
CA LYS G 2996 -103.00 -37.56 72.06
C LYS G 2996 -103.05 -38.13 70.66
N PHE G 2997 -103.37 -39.42 70.52
CA PHE G 2997 -103.52 -40.01 69.21
C PHE G 2997 -104.58 -39.25 68.41
N PHE G 2998 -105.77 -39.10 69.00
CA PHE G 2998 -106.83 -38.34 68.37
C PHE G 2998 -106.29 -37.01 67.85
N ALA G 2999 -105.88 -36.14 68.77
CA ALA G 2999 -105.57 -34.76 68.42
C ALA G 2999 -104.39 -34.66 67.46
N LYS G 3000 -103.39 -35.53 67.59
CA LYS G 3000 -102.13 -35.35 66.88
C LYS G 3000 -102.14 -36.06 65.52
N ILE G 3001 -102.87 -37.16 65.38
CA ILE G 3001 -102.89 -37.94 64.16
C ILE G 3001 -104.21 -37.78 63.41
N LEU G 3002 -105.32 -38.06 64.08
CA LEU G 3002 -106.58 -38.24 63.35
C LEU G 3002 -107.04 -36.92 62.72
N LEU G 3003 -107.00 -35.84 63.49
CA LEU G 3003 -107.50 -34.57 62.98
C LEU G 3003 -106.70 -34.06 61.79
N PRO G 3004 -105.37 -33.95 61.84
CA PRO G 3004 -104.64 -33.56 60.63
C PRO G 3004 -104.86 -34.52 59.48
N LEU G 3005 -104.94 -35.82 59.78
CA LEU G 3005 -105.19 -36.81 58.75
C LEU G 3005 -106.54 -36.57 58.09
N ILE G 3006 -107.57 -36.34 58.91
CA ILE G 3006 -108.89 -36.03 58.39
C ILE G 3006 -108.84 -34.81 57.48
N ASN G 3007 -108.22 -33.74 57.98
CA ASN G 3007 -108.14 -32.51 57.21
C ASN G 3007 -107.52 -32.76 55.85
N GLN G 3008 -106.31 -33.32 55.84
CA GLN G 3008 -105.59 -33.51 54.59
C GLN G 3008 -106.33 -34.45 53.65
N TYR G 3009 -106.79 -35.58 54.17
CA TYR G 3009 -107.44 -36.58 53.33
C TYR G 3009 -108.69 -36.01 52.66
N PHE G 3010 -109.53 -35.33 53.43
CA PHE G 3010 -110.80 -34.89 52.87
C PHE G 3010 -110.62 -33.63 52.02
N THR G 3011 -109.60 -32.82 52.33
CA THR G 3011 -109.25 -31.74 51.42
C THR G 3011 -108.81 -32.29 50.08
N ASN G 3012 -108.05 -33.38 50.09
CA ASN G 3012 -107.59 -33.99 48.85
C ASN G 3012 -108.75 -34.61 48.08
N HIS G 3013 -109.60 -35.39 48.76
CA HIS G 3013 -110.62 -36.21 48.13
C HIS G 3013 -112.03 -35.66 48.31
N CYS G 3014 -112.17 -34.33 48.43
CA CYS G 3014 -113.51 -33.75 48.54
C CYS G 3014 -114.35 -34.09 47.32
N LEU G 3015 -113.78 -33.93 46.12
CA LEU G 3015 -114.57 -34.12 44.91
C LEU G 3015 -115.06 -35.55 44.77
N TYR G 3016 -114.27 -36.52 45.22
CA TYR G 3016 -114.69 -37.91 45.14
C TYR G 3016 -115.96 -38.16 45.95
N PHE G 3017 -116.05 -37.55 47.13
CA PHE G 3017 -117.20 -37.78 47.99
C PHE G 3017 -118.42 -37.03 47.49
N LEU G 3018 -118.22 -35.88 46.85
CA LEU G 3018 -119.32 -35.11 46.31
C LEU G 3018 -119.75 -35.58 44.93
N SER G 3019 -118.90 -36.34 44.25
CA SER G 3019 -119.23 -36.79 42.89
C SER G 3019 -120.40 -37.76 42.91
N THR G 3020 -121.17 -37.75 41.83
CA THR G 3020 -122.28 -38.67 41.64
C THR G 3020 -122.15 -39.32 40.27
N PRO G 3021 -122.73 -40.50 40.08
CA PRO G 3021 -122.64 -41.16 38.78
C PRO G 3021 -123.12 -40.26 37.66
N ALA G 3022 -124.19 -39.51 37.93
CA ALA G 3022 -124.71 -38.57 36.93
C ALA G 3022 -123.72 -37.44 36.68
N LYS G 3023 -123.13 -36.91 37.75
CA LYS G 3023 -122.22 -35.76 37.68
C LYS G 3023 -120.95 -36.11 38.41
N VAL G 3024 -119.87 -36.34 37.65
CA VAL G 3024 -118.60 -36.76 38.21
C VAL G 3024 -117.65 -35.58 38.22
N LEU G 3025 -117.61 -34.84 39.34
CA LEU G 3025 -116.71 -33.69 39.44
C LEU G 3025 -115.26 -34.15 39.42
N GLY G 3026 -114.94 -35.20 40.17
CA GLY G 3026 -113.57 -35.65 40.25
C GLY G 3026 -113.11 -36.28 38.96
N SER G 3027 -111.78 -36.40 38.83
CA SER G 3027 -111.22 -37.02 37.64
C SER G 3027 -111.68 -38.47 37.50
N GLY G 3028 -111.66 -39.22 38.60
CA GLY G 3028 -112.08 -40.60 38.57
C GLY G 3028 -112.77 -41.07 39.83
N GLY G 3029 -113.97 -41.61 39.68
CA GLY G 3029 -114.65 -42.28 40.77
C GLY G 3029 -115.62 -41.38 41.50
N HIS G 3030 -116.66 -42.01 42.06
CA HIS G 3030 -117.64 -41.32 42.88
C HIS G 3030 -117.91 -42.15 44.13
N ALA G 3031 -118.02 -41.47 45.26
CA ALA G 3031 -118.19 -42.17 46.53
C ALA G 3031 -119.56 -42.84 46.61
N SER G 3032 -119.60 -43.93 47.37
CA SER G 3032 -120.84 -44.65 47.58
C SER G 3032 -121.73 -43.92 48.58
N ASN G 3033 -123.02 -44.25 48.53
CA ASN G 3033 -123.96 -43.68 49.46
C ASN G 3033 -123.59 -44.00 50.90
N LYS G 3034 -123.08 -45.20 51.14
CA LYS G 3034 -122.67 -45.58 52.48
C LYS G 3034 -121.50 -44.73 52.95
N GLU G 3035 -120.54 -44.47 52.07
CA GLU G 3035 -119.43 -43.59 52.42
C GLU G 3035 -119.94 -42.19 52.75
N LYS G 3036 -120.89 -41.70 51.97
CA LYS G 3036 -121.47 -40.38 52.24
C LYS G 3036 -122.14 -40.35 53.61
N GLU G 3037 -122.89 -41.40 53.94
CA GLU G 3037 -123.52 -41.48 55.25
C GLU G 3037 -122.47 -41.49 56.35
N MET G 3038 -121.40 -42.24 56.16
CA MET G 3038 -120.37 -42.32 57.20
C MET G 3038 -119.71 -40.97 57.42
N ILE G 3039 -119.42 -40.24 56.34
CA ILE G 3039 -118.78 -38.93 56.49
C ILE G 3039 -119.73 -37.96 57.18
N THR G 3040 -121.01 -37.99 56.82
CA THR G 3040 -121.97 -37.10 57.47
C THR G 3040 -122.08 -37.42 58.95
N SER G 3041 -122.14 -38.71 59.30
CA SER G 3041 -122.22 -39.11 60.70
C SER G 3041 -120.97 -38.66 61.45
N LEU G 3042 -119.80 -38.80 60.82
CA LEU G 3042 -118.58 -38.33 61.46
C LEU G 3042 -118.63 -36.83 61.74
N PHE G 3043 -119.09 -36.06 60.77
CA PHE G 3043 -119.23 -34.62 60.96
C PHE G 3043 -120.14 -34.32 62.15
N CYS G 3044 -121.31 -34.96 62.18
CA CYS G 3044 -122.27 -34.69 63.25
C CYS G 3044 -121.70 -35.09 64.60
N LYS G 3045 -121.03 -36.24 64.67
CA LYS G 3045 -120.47 -36.69 65.94
C LYS G 3045 -119.38 -35.76 66.43
N LEU G 3046 -118.54 -35.28 65.53
CA LEU G 3046 -117.49 -34.33 65.95
C LEU G 3046 -118.10 -33.01 66.42
N ALA G 3047 -119.15 -32.53 65.74
CA ALA G 3047 -119.83 -31.32 66.21
C ALA G 3047 -120.40 -31.53 67.60
N ALA G 3048 -121.06 -32.65 67.84
CA ALA G 3048 -121.57 -32.94 69.18
C ALA G 3048 -120.44 -33.05 70.20
N LEU G 3049 -119.31 -33.64 69.77
CA LEU G 3049 -118.17 -33.81 70.66
C LEU G 3049 -117.64 -32.47 71.12
N VAL G 3050 -117.53 -31.50 70.21
CA VAL G 3050 -117.00 -30.19 70.56
C VAL G 3050 -118.05 -29.27 71.15
N ARG G 3051 -119.34 -29.61 71.04
CA ARG G 3051 -120.38 -28.77 71.60
C ARG G 3051 -120.17 -28.53 73.09
N HIS G 3052 -120.03 -27.27 73.48
CA HIS G 3052 -119.90 -26.85 74.87
C HIS G 3052 -118.69 -27.45 75.55
N ARG G 3053 -117.80 -28.11 74.80
CA ARG G 3053 -116.60 -28.73 75.35
C ARG G 3053 -115.35 -28.21 74.67
N VAL G 3054 -115.42 -27.03 74.06
CA VAL G 3054 -114.32 -26.47 73.29
C VAL G 3054 -113.09 -26.27 74.17
N SER G 3055 -113.31 -25.76 75.39
CA SER G 3055 -112.19 -25.41 76.25
C SER G 3055 -111.34 -26.62 76.58
N LEU G 3056 -111.98 -27.75 76.88
CA LEU G 3056 -111.24 -28.94 77.28
C LEU G 3056 -110.24 -29.37 76.22
N PHE G 3057 -110.53 -29.06 74.95
CA PHE G 3057 -109.63 -29.43 73.87
C PHE G 3057 -108.37 -28.57 73.87
N GLY G 3058 -108.45 -27.37 74.43
CA GLY G 3058 -107.28 -26.49 74.45
C GLY G 3058 -106.91 -26.07 73.05
N THR G 3059 -105.63 -26.29 72.70
CA THR G 3059 -105.12 -25.83 71.42
C THR G 3059 -105.65 -26.62 70.23
N ASP G 3060 -106.23 -27.79 70.48
CA ASP G 3060 -106.72 -28.66 69.42
C ASP G 3060 -108.08 -28.23 68.87
N ALA G 3061 -108.78 -27.33 69.56
CA ALA G 3061 -110.08 -26.87 69.08
C ALA G 3061 -110.01 -26.25 67.69
N PRO G 3062 -109.01 -25.42 67.37
CA PRO G 3062 -108.88 -24.94 66.00
C PRO G 3062 -108.82 -26.07 64.98
N ALA G 3063 -108.09 -27.13 65.32
CA ALA G 3063 -108.02 -28.29 64.45
C ALA G 3063 -109.39 -28.93 64.29
N VAL G 3064 -110.14 -29.05 65.38
CA VAL G 3064 -111.48 -29.61 65.32
C VAL G 3064 -112.34 -28.77 64.36
N VAL G 3065 -112.27 -27.45 64.51
CA VAL G 3065 -113.10 -26.56 63.70
C VAL G 3065 -112.73 -26.67 62.22
N ASN G 3066 -111.43 -26.71 61.93
CA ASN G 3066 -111.01 -26.81 60.53
C ASN G 3066 -111.43 -28.14 59.92
N CYS G 3067 -111.30 -29.22 60.67
CA CYS G 3067 -111.77 -30.52 60.18
C CYS G 3067 -113.26 -30.50 59.94
N LEU G 3068 -114.00 -29.81 60.80
CA LEU G 3068 -115.44 -29.67 60.61
C LEU G 3068 -115.75 -28.90 59.33
N HIS G 3069 -115.00 -27.82 59.09
CA HIS G 3069 -115.16 -27.07 57.84
C HIS G 3069 -114.98 -28.00 56.64
N ILE G 3070 -113.88 -28.76 56.64
CA ILE G 3070 -113.57 -29.62 55.50
C ILE G 3070 -114.67 -30.66 55.31
N LEU G 3071 -115.09 -31.28 56.41
CA LEU G 3071 -116.13 -32.30 56.34
C LEU G 3071 -117.42 -31.71 55.79
N ALA G 3072 -117.79 -30.52 56.25
CA ALA G 3072 -118.97 -29.85 55.76
C ALA G 3072 -118.88 -29.64 54.25
N ARG G 3073 -117.74 -29.16 53.77
CA ARG G 3073 -117.56 -28.98 52.35
C ARG G 3073 -117.68 -30.32 51.61
N SER G 3074 -117.30 -31.40 52.27
CA SER G 3074 -117.27 -32.70 51.59
C SER G 3074 -118.65 -33.36 51.56
N LEU G 3075 -119.53 -33.00 52.49
CA LEU G 3075 -120.81 -33.71 52.62
C LEU G 3075 -121.64 -33.61 51.34
N ASP G 3076 -122.40 -34.69 51.07
CA ASP G 3076 -123.43 -34.68 50.04
C ASP G 3076 -124.77 -34.83 50.74
N ALA G 3077 -125.28 -33.70 51.24
CA ALA G 3077 -126.50 -33.72 52.03
C ALA G 3077 -127.70 -34.09 51.17
N ARG G 3078 -127.68 -33.71 49.89
CA ARG G 3078 -128.76 -34.11 48.99
C ARG G 3078 -128.99 -35.61 49.02
N THR G 3079 -127.97 -36.38 48.66
CA THR G 3079 -128.10 -37.84 48.66
C THR G 3079 -128.38 -38.36 50.07
N VAL G 3080 -127.68 -37.84 51.06
CA VAL G 3080 -127.83 -38.37 52.42
C VAL G 3080 -129.27 -38.22 52.89
N MET G 3081 -129.90 -37.10 52.56
CA MET G 3081 -131.24 -36.78 53.05
C MET G 3081 -132.35 -37.33 52.17
N LYS G 3082 -132.07 -37.66 50.91
CA LYS G 3082 -133.08 -38.31 50.08
C LYS G 3082 -133.05 -39.83 50.20
N SER G 3083 -131.88 -40.44 50.07
CA SER G 3083 -131.72 -41.88 50.21
C SER G 3083 -130.65 -42.13 51.28
N GLY G 3084 -131.08 -42.14 52.53
CA GLY G 3084 -130.17 -42.34 53.63
C GLY G 3084 -130.87 -42.84 54.87
N PRO G 3085 -130.11 -43.48 55.76
CA PRO G 3085 -130.72 -44.00 56.99
C PRO G 3085 -131.29 -42.90 57.87
N GLU G 3086 -132.42 -43.22 58.49
CA GLU G 3086 -133.07 -42.28 59.41
C GLU G 3086 -132.12 -41.91 60.54
N ILE G 3087 -131.19 -42.78 60.89
CA ILE G 3087 -130.25 -42.47 61.97
C ILE G 3087 -129.37 -41.29 61.57
N VAL G 3088 -128.75 -41.35 60.40
CA VAL G 3088 -127.90 -40.26 59.93
C VAL G 3088 -128.72 -39.00 59.73
N LYS G 3089 -129.90 -39.15 59.13
CA LYS G 3089 -130.75 -37.99 58.89
C LYS G 3089 -131.15 -37.32 60.20
N ALA G 3090 -131.46 -38.12 61.22
CA ALA G 3090 -131.78 -37.59 62.53
C ALA G 3090 -130.59 -36.90 63.16
N GLY G 3091 -129.39 -37.46 62.96
CA GLY G 3091 -128.19 -36.79 63.46
C GLY G 3091 -128.03 -35.41 62.88
N LEU G 3092 -128.23 -35.30 61.57
CA LEU G 3092 -128.12 -33.99 60.91
C LEU G 3092 -129.19 -33.02 61.42
N ARG G 3093 -130.44 -33.50 61.52
CA ARG G 3093 -131.50 -32.67 62.06
C ARG G 3093 -131.17 -32.20 63.47
N SER G 3094 -130.63 -33.08 64.29
CA SER G 3094 -130.27 -32.72 65.66
C SER G 3094 -129.17 -31.68 65.67
N PHE G 3095 -128.20 -31.81 64.77
CA PHE G 3095 -127.15 -30.79 64.67
C PHE G 3095 -127.76 -29.43 64.39
N PHE G 3096 -128.64 -29.36 63.39
CA PHE G 3096 -129.26 -28.08 63.06
C PHE G 3096 -130.07 -27.53 64.23
N GLU G 3097 -130.86 -28.39 64.87
CA GLU G 3097 -131.71 -27.96 65.96
C GLU G 3097 -130.87 -27.43 67.13
N SER G 3098 -129.79 -28.14 67.45
CA SER G 3098 -128.91 -27.71 68.54
C SER G 3098 -128.24 -26.39 68.20
N ALA G 3099 -127.85 -26.20 66.94
CA ALA G 3099 -127.31 -24.92 66.52
C ALA G 3099 -128.32 -23.82 66.77
N SER G 3100 -129.58 -24.07 66.40
CA SER G 3100 -130.63 -23.09 66.63
C SER G 3100 -130.76 -22.76 68.11
N GLU G 3101 -130.76 -23.78 68.97
CA GLU G 3101 -130.88 -23.53 70.40
C GLU G 3101 -129.72 -22.69 70.91
N ASP G 3102 -128.51 -23.02 70.49
CA ASP G 3102 -127.34 -22.28 70.96
C ASP G 3102 -127.42 -20.82 70.53
N ILE G 3103 -127.87 -20.58 69.29
CA ILE G 3103 -128.02 -19.20 68.83
C ILE G 3103 -129.07 -18.47 69.66
N GLU G 3104 -130.18 -19.15 69.95
CA GLU G 3104 -131.22 -18.52 70.76
C GLU G 3104 -130.68 -18.15 72.14
N LYS G 3105 -129.91 -19.05 72.76
CA LYS G 3105 -129.35 -18.76 74.07
C LYS G 3105 -128.39 -17.58 73.99
N MET G 3106 -127.55 -17.54 72.95
CA MET G 3106 -126.65 -16.41 72.79
C MET G 3106 -127.42 -15.11 72.71
N VAL G 3107 -128.43 -15.06 71.83
CA VAL G 3107 -129.15 -13.81 71.63
C VAL G 3107 -129.86 -13.42 72.91
N GLU G 3108 -130.34 -14.39 73.69
CA GLU G 3108 -130.92 -14.07 74.99
C GLU G 3108 -129.89 -13.42 75.90
N ASN G 3109 -128.71 -14.04 76.03
CA ASN G 3109 -127.68 -13.46 76.88
C ASN G 3109 -127.36 -12.04 76.46
N LEU G 3110 -127.35 -11.79 75.15
CA LEU G 3110 -127.07 -10.44 74.66
C LEU G 3110 -128.28 -9.53 74.86
N ARG G 3111 -129.47 -10.11 75.02
CA ARG G 3111 -130.60 -9.33 75.52
C ARG G 3111 -130.38 -8.94 76.98
N LEU G 3112 -129.50 -9.68 77.65
CA LEU G 3112 -129.14 -9.43 79.04
C LEU G 3112 -130.26 -9.88 79.97
N GLY G 3113 -131.14 -10.75 79.47
CA GLY G 3113 -132.08 -11.40 80.37
C GLY G 3113 -131.37 -12.13 81.50
N LYS G 3114 -130.16 -12.61 81.23
CA LYS G 3114 -129.22 -13.06 82.24
C LYS G 3114 -128.10 -12.03 82.37
N VAL G 3115 -127.44 -12.01 83.53
CA VAL G 3115 -126.43 -10.99 83.77
C VAL G 3115 -125.33 -11.05 82.71
N SER G 3116 -124.58 -12.16 82.68
CA SER G 3116 -123.47 -12.35 81.76
C SER G 3116 -122.24 -11.52 82.10
N LYS G 3123 -118.63 -19.87 82.94
CA LYS G 3123 -119.75 -20.69 83.32
C LYS G 3123 -120.51 -21.17 82.08
N GLY G 3124 -121.80 -21.48 82.23
CA GLY G 3124 -122.56 -22.00 81.10
C GLY G 3124 -122.72 -20.99 79.98
N VAL G 3125 -123.01 -19.74 80.33
CA VAL G 3125 -123.18 -18.71 79.31
C VAL G 3125 -121.87 -18.48 78.57
N GLY G 3126 -120.76 -18.40 79.31
CA GLY G 3126 -119.47 -18.24 78.67
C GLY G 3126 -119.12 -19.41 77.77
N GLN G 3127 -119.42 -20.62 78.23
CA GLN G 3127 -119.16 -21.80 77.42
C GLN G 3127 -119.95 -21.75 76.12
N ASN G 3128 -121.24 -21.46 76.21
CA ASN G 3128 -122.06 -21.40 75.01
C ASN G 3128 -121.58 -20.31 74.06
N LEU G 3129 -121.26 -19.14 74.61
CA LEU G 3129 -120.83 -18.02 73.76
C LEU G 3129 -119.53 -18.37 73.04
N THR G 3130 -118.54 -18.85 73.79
CA THR G 3130 -117.26 -19.16 73.17
C THR G 3130 -117.40 -20.29 72.16
N TYR G 3131 -118.14 -21.34 72.50
CA TYR G 3131 -118.36 -22.42 71.55
C TYR G 3131 -118.98 -21.87 70.26
N THR G 3132 -120.06 -21.11 70.39
CA THR G 3132 -120.72 -20.58 69.20
C THR G 3132 -119.74 -19.78 68.38
N THR G 3133 -119.23 -18.68 68.94
CA THR G 3133 -118.42 -17.75 68.17
C THR G 3133 -117.19 -18.41 67.57
N VAL G 3134 -116.63 -19.43 68.24
CA VAL G 3134 -115.39 -20.03 67.78
C VAL G 3134 -115.65 -21.09 66.72
N ALA G 3135 -116.66 -21.94 66.91
CA ALA G 3135 -116.87 -23.11 66.05
C ALA G 3135 -118.16 -23.03 65.26
N LEU G 3136 -119.27 -22.73 65.91
CA LEU G 3136 -120.58 -22.96 65.29
C LEU G 3136 -120.81 -22.01 64.11
N LEU G 3137 -120.65 -20.70 64.36
CA LEU G 3137 -120.90 -19.75 63.29
C LEU G 3137 -120.01 -20.01 62.07
N PRO G 3138 -118.70 -20.22 62.21
CA PRO G 3138 -117.91 -20.57 61.01
C PRO G 3138 -118.36 -21.86 60.35
N VAL G 3139 -118.58 -22.92 61.13
CA VAL G 3139 -118.95 -24.21 60.55
C VAL G 3139 -120.31 -24.11 59.88
N LEU G 3140 -121.27 -23.48 60.54
CA LEU G 3140 -122.61 -23.33 59.97
C LEU G 3140 -122.55 -22.48 58.71
N THR G 3141 -121.77 -21.40 58.72
CA THR G 3141 -121.60 -20.56 57.54
C THR G 3141 -121.03 -21.37 56.39
N THR G 3142 -120.00 -22.18 56.67
CA THR G 3142 -119.40 -23.00 55.63
C THR G 3142 -120.41 -24.00 55.07
N LEU G 3143 -121.19 -24.63 55.94
CA LEU G 3143 -122.18 -25.59 55.48
C LEU G 3143 -123.22 -24.93 54.60
N PHE G 3144 -123.70 -23.75 55.01
CA PHE G 3144 -124.68 -23.03 54.21
C PHE G 3144 -124.10 -22.65 52.86
N GLN G 3145 -122.85 -22.18 52.86
CA GLN G 3145 -122.19 -21.81 51.61
C GLN G 3145 -122.07 -23.01 50.68
N HIS G 3146 -121.65 -24.15 51.22
CA HIS G 3146 -121.50 -25.36 50.42
C HIS G 3146 -122.83 -25.80 49.85
N ILE G 3147 -123.88 -25.78 50.68
CA ILE G 3147 -125.22 -26.15 50.25
C ILE G 3147 -125.67 -25.24 49.12
N ALA G 3148 -125.48 -23.92 49.27
CA ALA G 3148 -125.92 -22.98 48.24
C ALA G 3148 -125.13 -23.18 46.96
N GLN G 3149 -123.82 -23.38 47.06
CA GLN G 3149 -123.00 -23.55 45.88
C GLN G 3149 -123.43 -24.77 45.09
N HIS G 3150 -123.71 -25.87 45.78
CA HIS G 3150 -124.12 -27.09 45.10
C HIS G 3150 -125.62 -27.21 44.94
N GLN G 3151 -126.37 -26.16 45.26
CA GLN G 3151 -127.81 -26.11 45.00
C GLN G 3151 -128.55 -27.20 45.79
N PHE G 3152 -127.99 -27.58 46.93
CA PHE G 3152 -128.55 -28.63 47.76
C PHE G 3152 -129.70 -28.16 48.63
N GLY G 3153 -129.92 -26.85 48.74
CA GLY G 3153 -130.85 -26.34 49.73
C GLY G 3153 -132.26 -26.91 49.57
N ASP G 3154 -132.77 -26.92 48.35
CA ASP G 3154 -134.13 -27.38 48.11
C ASP G 3154 -134.33 -28.84 48.49
N ASP G 3155 -133.24 -29.60 48.63
CA ASP G 3155 -133.34 -31.00 49.00
C ASP G 3155 -133.01 -31.24 50.47
N VAL G 3156 -132.18 -30.39 51.07
CA VAL G 3156 -131.75 -30.56 52.44
C VAL G 3156 -132.67 -29.83 53.42
N ILE G 3157 -132.85 -28.52 53.21
CA ILE G 3157 -133.59 -27.70 54.16
C ILE G 3157 -135.08 -27.83 53.85
N LEU G 3158 -135.74 -28.83 54.45
CA LEU G 3158 -137.07 -29.19 54.00
C LEU G 3158 -138.17 -28.90 55.01
N ASP G 3159 -138.17 -29.57 56.17
CA ASP G 3159 -139.22 -29.35 57.15
C ASP G 3159 -138.58 -28.91 58.49
N ASP G 3160 -137.78 -29.77 59.10
CA ASP G 3160 -137.28 -29.46 60.44
C ASP G 3160 -136.03 -28.61 60.35
N VAL G 3161 -135.19 -28.89 59.37
CA VAL G 3161 -134.09 -27.98 59.05
C VAL G 3161 -134.66 -26.63 58.65
N GLN G 3162 -135.80 -26.64 57.95
CA GLN G 3162 -136.48 -25.39 57.63
C GLN G 3162 -136.84 -24.62 58.89
N VAL G 3163 -137.42 -25.31 59.86
CA VAL G 3163 -137.82 -24.63 61.11
C VAL G 3163 -136.59 -24.10 61.83
N SER G 3164 -135.54 -24.92 61.92
CA SER G 3164 -134.33 -24.48 62.62
C SER G 3164 -133.71 -23.26 61.95
N CYS G 3165 -133.64 -23.26 60.62
CA CYS G 3165 -133.09 -22.12 59.91
C CYS G 3165 -133.98 -20.90 60.05
N TYR G 3166 -135.30 -21.09 60.06
CA TYR G 3166 -136.20 -19.98 60.38
C TYR G 3166 -135.84 -19.37 61.71
N ARG G 3167 -135.69 -20.20 62.75
CA ARG G 3167 -135.41 -19.69 64.08
C ARG G 3167 -134.08 -18.94 64.10
N THR G 3168 -133.05 -19.51 63.47
CA THR G 3168 -131.76 -18.84 63.43
C THR G 3168 -131.86 -17.49 62.73
N LEU G 3169 -132.51 -17.47 61.57
CA LEU G 3169 -132.73 -16.23 60.84
C LEU G 3169 -133.40 -15.18 61.70
N CYS G 3170 -134.50 -15.56 62.35
CA CYS G 3170 -135.31 -14.58 63.05
C CYS G 3170 -134.60 -14.09 64.30
N SER G 3171 -133.82 -14.96 64.95
CA SER G 3171 -133.05 -14.53 66.11
C SER G 3171 -131.95 -13.56 65.71
N ILE G 3172 -131.20 -13.90 64.65
CA ILE G 3172 -130.12 -13.02 64.21
C ILE G 3172 -130.68 -11.66 63.80
N TYR G 3173 -131.84 -11.65 63.14
CA TYR G 3173 -132.44 -10.37 62.80
C TYR G 3173 -132.90 -9.60 64.03
N SER G 3174 -133.56 -10.29 64.97
CA SER G 3174 -134.03 -9.62 66.18
C SER G 3174 -132.86 -9.02 66.95
N LEU G 3175 -131.66 -9.57 66.79
CA LEU G 3175 -130.51 -9.05 67.50
C LEU G 3175 -130.21 -7.60 67.13
N GLY G 3176 -130.75 -7.11 66.01
CA GLY G 3176 -130.41 -5.77 65.56
C GLY G 3176 -130.74 -4.71 66.58
N THR G 3177 -131.89 -4.81 67.23
CA THR G 3177 -132.32 -3.77 68.16
C THR G 3177 -131.34 -3.63 69.31
N THR G 3178 -130.76 -4.73 69.78
CA THR G 3178 -129.83 -4.68 70.89
C THR G 3178 -128.58 -3.88 70.50
N LYS G 3179 -128.07 -3.11 71.46
CA LYS G 3179 -126.87 -2.31 71.27
C LYS G 3179 -125.89 -2.63 72.40
N ASN G 3180 -124.76 -3.23 72.06
CA ASN G 3180 -123.76 -3.59 73.05
C ASN G 3180 -122.41 -3.76 72.35
N THR G 3181 -121.35 -3.67 73.14
CA THR G 3181 -120.02 -3.91 72.61
C THR G 3181 -119.91 -5.33 72.07
N TYR G 3182 -120.51 -6.29 72.77
CA TYR G 3182 -120.49 -7.67 72.30
C TYR G 3182 -121.16 -7.78 70.93
N VAL G 3183 -122.30 -7.13 70.77
CA VAL G 3183 -123.01 -7.17 69.50
C VAL G 3183 -122.16 -6.52 68.41
N GLU G 3184 -121.48 -5.43 68.74
CA GLU G 3184 -120.64 -4.76 67.76
C GLU G 3184 -119.56 -5.70 67.23
N LYS G 3185 -118.98 -6.51 68.12
CA LYS G 3185 -117.92 -7.42 67.71
C LYS G 3185 -118.47 -8.63 66.96
N LEU G 3186 -119.64 -9.13 67.36
CA LEU G 3186 -120.16 -10.38 66.81
C LEU G 3186 -121.06 -10.20 65.61
N ARG G 3187 -121.44 -8.96 65.28
CA ARG G 3187 -122.38 -8.74 64.19
C ARG G 3187 -121.86 -9.23 62.83
N PRO G 3188 -120.60 -9.00 62.46
CA PRO G 3188 -120.14 -9.46 61.13
C PRO G 3188 -120.34 -10.95 60.88
N ALA G 3189 -119.98 -11.80 61.84
CA ALA G 3189 -120.12 -13.24 61.65
C ALA G 3189 -121.58 -13.62 61.52
N LEU G 3190 -122.45 -13.01 62.34
CA LEU G 3190 -123.87 -13.27 62.22
C LEU G 3190 -124.40 -12.85 60.87
N GLY G 3191 -123.91 -11.72 60.36
CA GLY G 3191 -124.35 -11.27 59.05
C GLY G 3191 -123.94 -12.22 57.94
N GLU G 3192 -122.71 -12.73 58.02
CA GLU G 3192 -122.27 -13.70 57.04
C GLU G 3192 -123.09 -14.98 57.12
N CYS G 3193 -123.33 -15.47 58.33
CA CYS G 3193 -124.15 -16.67 58.51
C CYS G 3193 -125.54 -16.46 57.93
N LEU G 3194 -126.13 -15.29 58.19
CA LEU G 3194 -127.46 -15.00 57.69
C LEU G 3194 -127.48 -14.90 56.17
N ALA G 3195 -126.44 -14.31 55.59
CA ALA G 3195 -126.35 -14.21 54.13
C ALA G 3195 -126.29 -15.60 53.51
N ARG G 3196 -125.44 -16.47 54.05
CA ARG G 3196 -125.36 -17.83 53.52
C ARG G 3196 -126.66 -18.58 53.74
N LEU G 3197 -127.32 -18.35 54.87
CA LEU G 3197 -128.60 -18.98 55.11
C LEU G 3197 -129.61 -18.51 54.07
N ALA G 3198 -129.65 -17.22 53.77
CA ALA G 3198 -130.55 -16.70 52.75
C ALA G 3198 -130.26 -17.32 51.40
N ALA G 3199 -128.98 -17.53 51.08
CA ALA G 3199 -128.62 -18.14 49.81
C ALA G 3199 -129.00 -19.61 49.77
N ALA G 3200 -129.06 -20.28 50.93
CA ALA G 3200 -129.32 -21.71 50.95
C ALA G 3200 -130.81 -22.03 51.07
N MET G 3201 -131.57 -21.17 51.73
CA MET G 3201 -132.96 -21.51 52.05
C MET G 3201 -133.76 -21.70 50.77
N PRO G 3202 -134.66 -22.68 50.73
CA PRO G 3202 -135.49 -22.85 49.53
C PRO G 3202 -136.70 -21.94 49.50
N VAL G 3203 -137.13 -21.43 50.65
CA VAL G 3203 -138.34 -20.61 50.70
C VAL G 3203 -137.97 -19.13 50.69
N ALA G 3204 -138.96 -18.30 50.38
CA ALA G 3204 -138.78 -16.86 50.30
C ALA G 3204 -139.46 -16.25 51.53
N PHE G 3205 -138.72 -16.16 52.62
CA PHE G 3205 -139.28 -15.65 53.86
C PHE G 3205 -139.62 -14.17 53.76
N LEU G 3206 -138.91 -13.45 52.88
CA LEU G 3206 -139.23 -12.03 52.69
C LEU G 3206 -140.51 -11.85 51.88
N GLU G 3207 -140.83 -12.82 51.02
CA GLU G 3207 -142.04 -12.78 50.21
C GLU G 3207 -142.98 -13.89 50.66
N PRO G 3208 -143.61 -13.75 51.84
CA PRO G 3208 -144.45 -14.84 52.34
C PRO G 3208 -145.76 -15.01 51.60
N GLN G 3209 -146.33 -13.90 51.11
CA GLN G 3209 -147.65 -13.95 50.49
C GLN G 3209 -147.68 -14.95 49.34
N LEU G 3210 -146.56 -15.13 48.65
CA LEU G 3210 -146.46 -16.04 47.52
C LEU G 3210 -145.91 -17.40 47.91
N ASN G 3211 -146.08 -17.80 49.18
CA ASN G 3211 -145.55 -19.08 49.61
C ASN G 3211 -146.28 -20.25 48.96
N GLU G 3212 -147.60 -20.12 48.75
CA GLU G 3212 -148.38 -21.26 48.28
C GLU G 3212 -147.81 -21.83 46.98
N TYR G 3213 -147.24 -20.97 46.14
CA TYR G 3213 -146.65 -21.46 44.89
C TYR G 3213 -145.36 -22.22 45.16
N ASN G 3214 -144.65 -21.89 46.22
CA ASN G 3214 -143.42 -22.59 46.54
C ASN G 3214 -143.72 -23.99 47.04
N ALA G 3215 -143.00 -24.97 46.51
CA ALA G 3215 -143.20 -26.37 46.82
C ALA G 3215 -142.28 -26.86 47.93
N CYS G 3216 -141.10 -26.28 48.06
CA CYS G 3216 -140.15 -26.70 49.08
C CYS G 3216 -140.43 -25.97 50.39
N SER G 3217 -141.68 -26.02 50.84
CA SER G 3217 -142.10 -25.38 52.07
C SER G 3217 -142.82 -26.39 52.95
N VAL G 3218 -142.59 -26.27 54.27
CA VAL G 3218 -143.25 -27.18 55.20
C VAL G 3218 -144.75 -27.05 55.12
N TYR G 3219 -145.24 -25.84 54.84
CA TYR G 3219 -146.69 -25.63 54.81
C TYR G 3219 -147.34 -26.41 53.67
N THR G 3220 -146.64 -26.56 52.55
CA THR G 3220 -147.18 -27.35 51.44
C THR G 3220 -146.91 -28.83 51.66
N THR G 3221 -145.69 -29.18 52.06
CA THR G 3221 -145.34 -30.60 52.17
C THR G 3221 -146.13 -31.28 53.27
N LYS G 3222 -146.35 -30.61 54.39
CA LYS G 3222 -147.01 -31.20 55.55
C LYS G 3222 -148.47 -30.78 55.58
N SER G 3223 -149.31 -31.71 56.01
CA SER G 3223 -150.74 -31.44 56.11
C SER G 3223 -151.02 -30.46 57.23
N PRO G 3224 -152.13 -29.72 57.16
CA PRO G 3224 -152.47 -28.84 58.28
C PRO G 3224 -152.62 -29.58 59.58
N ARG G 3225 -153.03 -30.85 59.52
CA ARG G 3225 -153.01 -31.68 60.71
C ARG G 3225 -151.59 -31.90 61.25
N GLU G 3226 -150.63 -32.05 60.35
CA GLU G 3226 -149.25 -31.80 60.72
C GLU G 3226 -149.05 -30.30 60.93
N ARG G 3227 -147.92 -29.96 61.52
CA ARG G 3227 -147.58 -28.61 61.94
C ARG G 3227 -148.40 -28.24 63.18
N ALA G 3228 -149.35 -29.07 63.60
CA ALA G 3228 -150.02 -28.89 64.88
C ALA G 3228 -149.30 -29.66 65.98
N ILE G 3229 -148.83 -30.86 65.68
CA ILE G 3229 -148.06 -31.64 66.66
C ILE G 3229 -146.78 -30.91 67.01
N LEU G 3230 -146.09 -30.38 66.01
CA LEU G 3230 -144.93 -29.54 66.22
C LEU G 3230 -145.37 -28.08 66.07
N GLY G 3231 -145.02 -27.27 67.06
CA GLY G 3231 -145.57 -25.92 67.17
C GLY G 3231 -145.30 -25.04 65.97
N LEU G 3232 -146.34 -24.76 65.19
CA LEU G 3232 -146.30 -23.80 64.11
C LEU G 3232 -147.39 -22.76 64.32
N PRO G 3233 -147.19 -21.53 63.83
CA PRO G 3233 -148.23 -20.50 63.98
C PRO G 3233 -149.42 -20.68 63.05
N ASN G 3234 -149.33 -21.60 62.10
CA ASN G 3234 -150.32 -21.85 61.06
C ASN G 3234 -150.20 -20.83 59.93
N SER G 3235 -149.24 -19.91 59.99
CA SER G 3235 -149.05 -18.94 58.92
C SER G 3235 -147.57 -18.60 58.79
N VAL G 3236 -147.10 -18.58 57.54
CA VAL G 3236 -145.72 -18.18 57.27
C VAL G 3236 -145.48 -16.77 57.78
N GLU G 3237 -146.48 -15.89 57.62
CA GLU G 3237 -146.36 -14.55 58.15
C GLU G 3237 -146.19 -14.57 59.66
N GLU G 3238 -146.95 -15.44 60.34
CA GLU G 3238 -146.86 -15.52 61.79
C GLU G 3238 -145.59 -16.23 62.24
N MET G 3239 -144.86 -16.87 61.31
CA MET G 3239 -143.61 -17.54 61.67
C MET G 3239 -142.74 -16.65 62.55
N CYS G 3240 -142.27 -15.52 62.00
CA CYS G 3240 -141.58 -14.50 62.78
C CYS G 3240 -141.77 -13.16 62.05
N PRO G 3241 -142.67 -12.32 62.56
CA PRO G 3241 -142.97 -11.07 61.84
C PRO G 3241 -141.86 -10.04 61.92
N ASP G 3242 -140.94 -10.18 62.88
CA ASP G 3242 -139.95 -9.13 63.11
C ASP G 3242 -139.17 -8.81 61.84
N ILE G 3243 -139.00 -9.78 60.96
CA ILE G 3243 -138.37 -9.49 59.67
C ILE G 3243 -139.38 -8.77 58.78
N PRO G 3244 -139.09 -7.57 58.30
CA PRO G 3244 -140.01 -6.90 57.39
C PRO G 3244 -139.96 -7.51 56.00
N VAL G 3245 -140.91 -7.09 55.17
CA VAL G 3245 -140.95 -7.56 53.79
C VAL G 3245 -139.88 -6.84 52.96
N LEU G 3246 -139.66 -7.39 51.76
CA LEU G 3246 -138.57 -6.92 50.91
C LEU G 3246 -138.79 -5.46 50.51
N ASP G 3247 -140.02 -5.11 50.12
CA ASP G 3247 -140.33 -3.74 49.73
C ASP G 3247 -140.10 -2.78 50.89
N ARG G 3248 -140.52 -3.17 52.08
CA ARG G 3248 -140.36 -2.32 53.25
C ARG G 3248 -138.88 -2.10 53.56
N LEU G 3249 -138.08 -3.16 53.45
CA LEU G 3249 -136.64 -3.02 53.69
C LEU G 3249 -136.00 -2.11 52.65
N MET G 3250 -136.38 -2.26 51.38
CA MET G 3250 -135.78 -1.42 50.35
C MET G 3250 -136.18 0.04 50.53
N ALA G 3251 -137.44 0.29 50.91
CA ALA G 3251 -137.85 1.66 51.20
C ALA G 3251 -137.02 2.22 52.35
N ASP G 3252 -136.78 1.43 53.39
CA ASP G 3252 -135.96 1.90 54.50
C ASP G 3252 -134.56 2.23 54.05
N ILE G 3253 -133.97 1.36 53.24
CA ILE G 3253 -132.59 1.56 52.79
C ILE G 3253 -132.50 2.83 51.93
N GLY G 3254 -133.48 3.01 51.04
CA GLY G 3254 -133.49 4.22 50.23
C GLY G 3254 -133.63 5.47 51.07
N GLY G 3255 -134.49 5.42 52.09
CA GLY G 3255 -134.61 6.55 53.00
C GLY G 3255 -133.32 6.86 53.71
N LEU G 3256 -132.65 5.82 54.21
CA LEU G 3256 -131.36 6.03 54.87
C LEU G 3256 -130.36 6.67 53.92
N ALA G 3257 -130.26 6.13 52.70
CA ALA G 3257 -129.29 6.64 51.75
C ALA G 3257 -129.56 8.10 51.40
N GLU G 3258 -130.81 8.42 51.07
CA GLU G 3258 -131.13 9.80 50.69
C GLU G 3258 -130.97 10.75 51.87
N SER G 3259 -131.20 10.26 53.09
CA SER G 3259 -131.00 11.11 54.26
C SER G 3259 -129.53 11.36 54.51
N GLY G 3260 -128.68 10.37 54.22
CA GLY G 3260 -127.28 10.44 54.58
C GLY G 3260 -126.95 9.72 55.86
N ALA G 3261 -127.70 8.67 56.21
CA ALA G 3261 -127.48 7.97 57.46
C ALA G 3261 -126.06 7.41 57.51
N ARG G 3262 -125.52 7.36 58.71
CA ARG G 3262 -124.14 6.94 58.91
C ARG G 3262 -124.11 5.59 59.63
N TYR G 3263 -122.92 4.97 59.62
CA TYR G 3263 -122.80 3.62 60.16
C TYR G 3263 -123.28 3.57 61.61
N THR G 3264 -123.13 4.67 62.34
CA THR G 3264 -123.58 4.70 63.74
C THR G 3264 -125.09 4.54 63.84
N GLU G 3265 -125.83 5.18 62.92
CA GLU G 3265 -127.28 5.09 62.94
C GLU G 3265 -127.80 3.83 62.27
N MET G 3266 -127.04 3.24 61.34
CA MET G 3266 -127.48 2.04 60.62
C MET G 3266 -126.37 1.01 60.61
N PRO G 3267 -125.94 0.56 61.79
CA PRO G 3267 -124.96 -0.53 61.86
C PRO G 3267 -125.57 -1.89 61.58
N HIS G 3268 -126.78 -2.13 62.07
CA HIS G 3268 -127.44 -3.41 61.85
C HIS G 3268 -127.64 -3.67 60.36
N VAL G 3269 -128.15 -2.66 59.65
CA VAL G 3269 -128.40 -2.81 58.22
C VAL G 3269 -127.13 -3.25 57.51
N ILE G 3270 -126.10 -2.43 57.59
CA ILE G 3270 -124.89 -2.64 56.79
C ILE G 3270 -124.33 -4.03 57.01
N GLU G 3271 -124.28 -4.48 58.27
CA GLU G 3271 -123.57 -5.69 58.61
C GLU G 3271 -124.41 -6.95 58.56
N ILE G 3272 -125.73 -6.84 58.55
CA ILE G 3272 -126.58 -8.04 58.54
C ILE G 3272 -127.56 -8.01 57.38
N THR G 3273 -128.34 -6.93 57.29
CA THR G 3273 -129.46 -6.91 56.35
C THR G 3273 -128.97 -6.86 54.91
N LEU G 3274 -128.04 -5.95 54.61
CA LEU G 3274 -127.59 -5.78 53.23
C LEU G 3274 -126.94 -7.06 52.70
N PRO G 3275 -126.05 -7.73 53.44
CA PRO G 3275 -125.56 -9.03 52.95
C PRO G 3275 -126.68 -10.04 52.72
N MET G 3276 -127.67 -10.06 53.60
CA MET G 3276 -128.77 -11.00 53.46
C MET G 3276 -129.54 -10.73 52.17
N LEU G 3277 -129.80 -9.46 51.88
CA LEU G 3277 -130.45 -9.11 50.62
C LEU G 3277 -129.58 -9.43 49.43
N CYS G 3278 -128.28 -9.16 49.54
CA CYS G 3278 -127.36 -9.40 48.43
C CYS G 3278 -127.29 -10.88 48.09
N SER G 3279 -127.49 -11.74 49.08
CA SER G 3279 -127.53 -13.17 48.85
C SER G 3279 -128.93 -13.69 48.51
N TYR G 3280 -129.97 -12.93 48.88
CA TYR G 3280 -131.35 -13.34 48.64
C TYR G 3280 -131.79 -13.02 47.22
N LEU G 3281 -131.59 -11.78 46.80
CA LEU G 3281 -132.12 -11.29 45.53
C LEU G 3281 -131.57 -12.11 44.35
N PRO G 3282 -130.26 -12.37 44.28
CA PRO G 3282 -129.72 -13.10 43.12
C PRO G 3282 -130.34 -14.47 42.97
N ARG G 3283 -130.45 -15.21 44.08
CA ARG G 3283 -131.01 -16.54 44.01
C ARG G 3283 -132.43 -16.53 43.48
N TRP G 3284 -133.23 -15.57 43.95
CA TRP G 3284 -134.64 -15.55 43.60
C TRP G 3284 -134.87 -14.94 42.23
N TRP G 3285 -133.90 -14.19 41.72
CA TRP G 3285 -134.00 -13.68 40.36
C TRP G 3285 -134.03 -14.83 39.36
N GLU G 3286 -133.19 -15.84 39.59
CA GLU G 3286 -133.14 -16.98 38.68
C GLU G 3286 -134.44 -17.77 38.70
N ARG G 3287 -135.06 -17.91 39.88
CA ARG G 3287 -136.26 -18.71 40.04
C ARG G 3287 -137.53 -17.88 39.88
N GLY G 3288 -137.42 -16.59 39.62
CA GLY G 3288 -138.58 -15.74 39.49
C GLY G 3288 -138.80 -15.29 38.05
N PRO G 3289 -139.67 -14.30 37.86
CA PRO G 3289 -139.86 -13.75 36.54
C PRO G 3289 -138.62 -13.02 36.06
N GLU G 3290 -138.53 -12.84 34.74
CA GLU G 3290 -137.40 -12.28 34.03
C GLU G 3290 -136.30 -13.32 33.88
N ALA G 3291 -136.46 -14.51 34.46
CA ALA G 3291 -135.50 -15.58 34.32
C ALA G 3291 -135.67 -16.28 32.98
N PRO G 3292 -134.63 -16.97 32.50
CA PRO G 3292 -134.78 -17.76 31.27
C PRO G 3292 -135.72 -18.93 31.49
N PRO G 3293 -136.91 -18.90 30.90
CA PRO G 3293 -137.93 -19.88 31.27
C PRO G 3293 -137.86 -21.12 30.39
N PRO G 3294 -137.74 -22.30 30.99
CA PRO G 3294 -138.06 -23.53 30.24
C PRO G 3294 -139.56 -23.63 30.03
N ALA G 3295 -139.96 -24.17 28.88
CA ALA G 3295 -141.36 -24.08 28.47
C ALA G 3295 -142.32 -24.57 29.55
N LEU G 3296 -142.30 -25.87 29.85
CA LEU G 3296 -143.25 -26.43 30.81
C LEU G 3296 -143.02 -25.95 32.24
N PRO G 3297 -141.80 -26.00 32.78
CA PRO G 3297 -141.61 -25.51 34.16
C PRO G 3297 -142.06 -24.07 34.35
N ALA G 3298 -141.79 -23.22 33.37
CA ALA G 3298 -142.22 -21.83 33.45
C ALA G 3298 -143.74 -21.73 33.35
N GLY G 3299 -144.34 -22.45 32.41
CA GLY G 3299 -145.77 -22.41 32.25
C GLY G 3299 -146.49 -23.50 33.01
N ALA G 3300 -146.97 -23.17 34.21
CA ALA G 3300 -147.77 -24.04 35.05
C ALA G 3300 -147.81 -23.48 36.46
N PRO G 3301 -146.69 -23.44 37.19
CA PRO G 3301 -146.71 -22.87 38.53
C PRO G 3301 -146.29 -21.40 38.49
N PRO G 3302 -146.98 -20.53 39.21
CA PRO G 3302 -146.50 -19.15 39.33
C PRO G 3302 -145.20 -19.09 40.10
N PRO G 3303 -144.30 -18.16 39.75
CA PRO G 3303 -143.09 -18.01 40.55
C PRO G 3303 -143.40 -17.39 41.91
N CYS G 3304 -142.88 -18.02 42.96
CA CYS G 3304 -143.09 -17.52 44.31
C CYS G 3304 -142.48 -16.13 44.48
N THR G 3305 -141.25 -15.95 44.01
CA THR G 3305 -140.58 -14.67 44.18
C THR G 3305 -140.99 -13.69 43.09
N ALA G 3306 -140.89 -12.40 43.41
CA ALA G 3306 -141.19 -11.32 42.49
C ALA G 3306 -139.95 -10.48 42.17
N VAL G 3307 -138.76 -11.01 42.43
CA VAL G 3307 -137.54 -10.23 42.26
C VAL G 3307 -137.26 -10.03 40.78
N THR G 3308 -136.89 -8.81 40.41
CA THR G 3308 -136.45 -8.44 39.08
C THR G 3308 -135.14 -7.69 39.19
N SER G 3309 -134.54 -7.40 38.04
CA SER G 3309 -133.27 -6.68 38.02
C SER G 3309 -133.40 -5.30 38.64
N ASP G 3310 -134.62 -4.76 38.66
CA ASP G 3310 -134.83 -3.44 39.25
C ASP G 3310 -134.46 -3.44 40.74
N HIS G 3311 -134.87 -4.49 41.46
CA HIS G 3311 -134.52 -4.59 42.87
C HIS G 3311 -133.02 -4.55 43.07
N LEU G 3312 -132.28 -5.35 42.30
CA LEU G 3312 -130.83 -5.42 42.44
C LEU G 3312 -130.18 -4.08 42.08
N ASN G 3313 -130.66 -3.44 41.02
CA ASN G 3313 -130.09 -2.16 40.63
C ASN G 3313 -130.31 -1.11 41.70
N SER G 3314 -131.52 -1.06 42.27
CA SER G 3314 -131.79 -0.13 43.35
C SER G 3314 -130.91 -0.40 44.55
N LEU G 3315 -130.74 -1.68 44.91
CA LEU G 3315 -129.90 -2.02 46.05
C LEU G 3315 -128.47 -1.59 45.82
N LEU G 3316 -127.94 -1.84 44.62
CA LEU G 3316 -126.57 -1.45 44.32
C LEU G 3316 -126.39 0.05 44.38
N GLY G 3317 -127.34 0.81 43.81
CA GLY G 3317 -127.26 2.25 43.89
C GLY G 3317 -127.28 2.73 45.33
N ASN G 3318 -128.18 2.16 46.14
CA ASN G 3318 -128.28 2.59 47.51
C ASN G 3318 -127.01 2.26 48.30
N ILE G 3319 -126.42 1.08 48.05
CA ILE G 3319 -125.17 0.71 48.70
C ILE G 3319 -124.08 1.68 48.32
N LEU G 3320 -123.98 2.00 47.04
CA LEU G 3320 -123.02 3.00 46.71
C LEU G 3320 -123.36 4.16 47.62
N ARG G 3321 -124.77 4.21 48.04
CA ARG G 3321 -125.11 5.50 47.65
C ARG G 3321 -124.39 5.90 48.99
N ILE G 3322 -124.61 4.98 50.02
CA ILE G 3322 -124.19 4.89 51.41
C ILE G 3322 -122.68 5.06 51.54
N ILE G 3323 -121.93 4.36 50.71
CA ILE G 3323 -120.48 4.46 50.77
C ILE G 3323 -120.05 5.91 50.56
N VAL G 3324 -120.69 6.61 49.62
CA VAL G 3324 -120.27 7.99 49.38
C VAL G 3324 -120.63 8.85 50.57
N ASN G 3325 -121.78 8.59 51.21
CA ASN G 3325 -122.05 9.31 52.46
C ASN G 3325 -120.98 9.05 53.52
N ASN G 3326 -120.45 7.83 53.59
CA ASN G 3326 -119.47 7.45 54.60
C ASN G 3326 -118.05 7.36 54.04
N LEU G 3327 -117.72 8.20 53.04
CA LEU G 3327 -116.39 8.15 52.44
C LEU G 3327 -115.32 8.69 53.38
N GLY G 3328 -115.52 9.91 53.89
CA GLY G 3328 -114.43 10.62 54.53
C GLY G 3328 -114.03 10.05 55.87
N ILE G 3329 -114.92 9.31 56.52
CA ILE G 3329 -114.71 8.85 57.89
C ILE G 3329 -113.36 8.16 58.03
N ASP G 3330 -112.73 8.36 59.19
CA ASP G 3330 -111.41 7.77 59.42
C ASP G 3330 -111.48 6.25 59.49
N GLU G 3331 -112.49 5.71 60.18
CA GLU G 3331 -112.60 4.28 60.43
C GLU G 3331 -113.85 3.75 59.75
N ALA G 3332 -113.65 2.85 58.78
CA ALA G 3332 -114.74 2.16 58.10
C ALA G 3332 -114.25 0.76 57.73
N THR G 3333 -114.51 -0.20 58.62
CA THR G 3333 -114.15 -1.59 58.34
C THR G 3333 -115.26 -2.33 57.60
N TRP G 3334 -116.47 -1.77 57.60
CA TRP G 3334 -117.60 -2.45 56.97
C TRP G 3334 -117.52 -2.38 55.45
N MET G 3335 -116.72 -1.47 54.91
CA MET G 3335 -116.71 -1.23 53.48
C MET G 3335 -116.27 -2.48 52.71
N LYS G 3336 -115.18 -3.09 53.15
CA LYS G 3336 -114.63 -4.25 52.45
C LYS G 3336 -115.60 -5.42 52.46
N ARG G 3337 -116.28 -5.64 53.58
CA ARG G 3337 -117.25 -6.71 53.66
C ARG G 3337 -118.47 -6.41 52.79
N LEU G 3338 -118.93 -5.16 52.81
CA LEU G 3338 -120.06 -4.78 51.98
C LEU G 3338 -119.76 -5.00 50.51
N ALA G 3339 -118.53 -4.68 50.09
CA ALA G 3339 -118.16 -4.87 48.69
C ALA G 3339 -118.23 -6.34 48.28
N VAL G 3340 -117.67 -7.22 49.12
CA VAL G 3340 -117.65 -8.64 48.76
C VAL G 3340 -119.07 -9.19 48.74
N PHE G 3341 -119.94 -8.69 49.62
CA PHE G 3341 -121.32 -9.16 49.60
C PHE G 3341 -122.08 -8.59 48.42
N ALA G 3342 -121.71 -7.38 47.96
CA ALA G 3342 -122.51 -6.70 46.95
C ALA G 3342 -122.07 -7.05 45.53
N GLN G 3343 -120.88 -7.61 45.38
CA GLN G 3343 -120.38 -7.90 44.04
C GLN G 3343 -121.38 -8.72 43.22
N PRO G 3344 -121.95 -9.80 43.76
CA PRO G 3344 -122.80 -10.67 42.93
C PRO G 3344 -123.95 -9.95 42.24
N ILE G 3345 -124.55 -8.96 42.91
CA ILE G 3345 -125.74 -8.30 42.35
C ILE G 3345 -125.40 -7.24 41.32
N VAL G 3346 -124.13 -7.06 40.98
CA VAL G 3346 -123.74 -6.02 40.03
C VAL G 3346 -123.91 -6.45 38.59
N SER G 3347 -124.04 -7.75 38.32
CA SER G 3347 -124.19 -8.22 36.95
C SER G 3347 -125.48 -7.69 36.33
N ARG G 3348 -126.56 -7.64 37.11
CA ARG G 3348 -127.83 -7.15 36.58
C ARG G 3348 -127.82 -5.63 36.43
N ALA G 3349 -126.78 -4.97 36.93
CA ALA G 3349 -126.70 -3.51 36.92
C ALA G 3349 -126.99 -2.95 35.53
N ARG G 3350 -127.84 -1.93 35.48
CA ARG G 3350 -128.30 -1.31 34.26
C ARG G 3350 -127.30 -0.26 33.80
N PRO G 3351 -127.31 0.10 32.53
CA PRO G 3351 -126.34 1.09 32.05
C PRO G 3351 -126.45 2.45 32.72
N GLU G 3352 -127.66 2.89 33.05
CA GLU G 3352 -127.84 4.23 33.62
C GLU G 3352 -127.11 4.40 34.94
N LEU G 3353 -126.83 3.29 35.63
CA LEU G 3353 -126.18 3.37 36.93
C LEU G 3353 -124.86 4.11 36.82
N LEU G 3354 -124.16 3.98 35.69
CA LEU G 3354 -122.89 4.65 35.52
C LEU G 3354 -123.04 6.15 35.75
N HIS G 3355 -123.77 6.82 34.86
CA HIS G 3355 -123.94 8.27 34.97
C HIS G 3355 -124.60 8.63 36.29
N SER G 3356 -125.57 7.83 36.75
CA SER G 3356 -126.31 8.19 37.94
C SER G 3356 -125.40 8.23 39.18
N HIS G 3357 -124.57 7.20 39.36
CA HIS G 3357 -123.85 7.02 40.62
C HIS G 3357 -122.34 7.05 40.44
N PHE G 3358 -121.82 6.26 39.50
CA PHE G 3358 -120.39 5.97 39.48
C PHE G 3358 -119.57 7.22 39.19
N ILE G 3359 -120.00 8.01 38.19
CA ILE G 3359 -119.21 9.17 37.78
C ILE G 3359 -118.97 10.12 38.94
N PRO G 3360 -119.99 10.55 39.69
CA PRO G 3360 -119.71 11.42 40.85
C PRO G 3360 -118.78 10.79 41.88
N THR G 3361 -118.92 9.50 42.16
CA THR G 3361 -118.09 8.87 43.18
C THR G 3361 -116.63 8.92 42.77
N ILE G 3362 -116.33 8.47 41.56
CA ILE G 3362 -114.96 8.45 41.09
C ILE G 3362 -114.43 9.86 40.96
N GLY G 3363 -115.30 10.82 40.59
CA GLY G 3363 -114.86 12.20 40.52
C GLY G 3363 -114.45 12.73 41.88
N ARG G 3364 -115.25 12.46 42.91
CA ARG G 3364 -114.90 12.90 44.25
C ARG G 3364 -113.59 12.26 44.73
N LEU G 3365 -113.44 10.97 44.47
CA LEU G 3365 -112.21 10.29 44.89
C LEU G 3365 -111.00 10.85 44.15
N ARG G 3366 -111.15 11.11 42.85
CA ARG G 3366 -110.07 11.69 42.06
C ARG G 3366 -109.70 13.08 42.56
N LYS G 3367 -110.71 13.88 42.89
CA LYS G 3367 -110.44 15.20 43.44
C LYS G 3367 -109.68 15.10 44.76
N ARG G 3368 -110.11 14.19 45.64
CA ARG G 3368 -109.40 14.01 46.91
C ARG G 3368 -107.96 13.58 46.67
N ALA G 3369 -107.74 12.67 45.71
CA ALA G 3369 -106.39 12.24 45.39
C ALA G 3369 -105.55 13.41 44.89
N GLY G 3370 -106.13 14.26 44.05
CA GLY G 3370 -105.42 15.43 43.59
C GLY G 3370 -105.02 16.35 44.72
N LYS G 3371 -105.95 16.58 45.66
CA LYS G 3371 -105.63 17.40 46.81
C LYS G 3371 -104.52 16.79 47.65
N VAL G 3372 -104.57 15.47 47.84
CA VAL G 3372 -103.56 14.80 48.65
C VAL G 3372 -102.18 14.92 47.99
N VAL G 3373 -102.11 14.69 46.68
CA VAL G 3373 -100.82 14.76 46.02
C VAL G 3373 -100.31 16.19 45.96
N ALA G 3374 -101.21 17.16 45.83
CA ALA G 3374 -100.78 18.57 45.90
C ALA G 3374 -100.19 18.87 47.26
N GLU G 3375 -100.84 18.39 48.32
CA GLU G 3375 -100.26 18.55 49.64
C GLU G 3375 -98.88 17.93 49.67
N GLU G 3376 -98.76 16.67 49.27
CA GLU G 3376 -97.46 15.99 49.31
C GLU G 3376 -96.40 16.80 48.56
N GLU G 3377 -96.78 17.38 47.43
CA GLU G 3377 -95.84 18.19 46.66
C GLU G 3377 -95.38 19.41 47.46
N GLN G 3378 -96.33 20.09 48.12
CA GLN G 3378 -95.96 21.24 48.94
C GLN G 3378 -95.08 20.83 50.12
N LEU G 3379 -95.40 19.70 50.76
CA LEU G 3379 -94.61 19.21 51.88
C LEU G 3379 -93.18 18.88 51.44
N ARG G 3380 -93.03 18.18 50.33
CA ARG G 3380 -91.74 18.13 49.65
C ARG G 3380 -91.09 19.50 49.56
N LEU G 3381 -91.77 20.44 48.90
CA LEU G 3381 -91.17 21.73 48.59
C LEU G 3381 -90.58 22.37 49.84
N GLU G 3382 -91.28 22.25 50.96
CA GLU G 3382 -90.77 22.74 52.25
C GLU G 3382 -90.20 21.55 53.02
N ALA G 3383 -88.86 21.53 53.20
CA ALA G 3383 -88.09 20.38 53.73
C ALA G 3383 -87.52 20.51 55.14
N LYS G 3384 -88.20 19.95 56.14
CA LYS G 3384 -87.89 20.16 57.56
C LYS G 3384 -88.34 18.96 58.37
N ALA G 3385 -88.07 19.03 59.67
CA ALA G 3385 -88.77 18.19 60.61
C ALA G 3385 -90.27 18.48 60.61
N GLU G 3386 -90.64 19.75 60.43
CA GLU G 3386 -92.05 20.08 60.25
C GLU G 3386 -92.61 19.43 58.98
N ALA G 3387 -91.76 19.21 57.98
CA ALA G 3387 -92.19 18.46 56.80
C ALA G 3387 -92.42 16.99 57.14
N GLU G 3388 -91.56 16.40 57.98
CA GLU G 3388 -91.83 15.05 58.46
C GLU G 3388 -93.15 15.00 59.20
N GLU G 3389 -93.43 16.01 60.02
CA GLU G 3389 -94.78 16.24 60.49
C GLU G 3389 -95.66 16.65 59.32
N GLY G 3390 -96.90 16.20 59.33
CA GLY G 3390 -97.78 16.36 58.18
C GLY G 3390 -97.60 15.26 57.15
N GLU G 3391 -96.43 14.64 57.11
CA GLU G 3391 -96.27 13.44 56.32
C GLU G 3391 -97.23 12.36 56.81
N LEU G 3392 -97.37 12.22 58.13
CA LEU G 3392 -98.33 11.27 58.69
C LEU G 3392 -99.77 11.64 58.33
N LEU G 3393 -100.09 12.93 58.33
CA LEU G 3393 -101.42 13.38 57.91
C LEU G 3393 -101.73 13.03 56.47
N VAL G 3394 -100.83 13.35 55.55
CA VAL G 3394 -101.08 12.99 54.16
C VAL G 3394 -101.09 11.47 54.01
N ARG G 3395 -100.30 10.78 54.84
CA ARG G 3395 -100.32 9.33 54.90
C ARG G 3395 -101.71 8.80 55.24
N ASP G 3396 -102.33 9.36 56.28
CA ASP G 3396 -103.67 8.92 56.68
C ASP G 3396 -104.69 9.24 55.59
N GLU G 3397 -104.55 10.40 54.95
CA GLU G 3397 -105.42 10.70 53.82
C GLU G 3397 -105.25 9.65 52.72
N PHE G 3398 -104.00 9.27 52.45
CA PHE G 3398 -103.75 8.23 51.45
C PHE G 3398 -104.40 6.92 51.84
N SER G 3399 -104.31 6.55 53.11
CA SER G 3399 -104.88 5.29 53.57
C SER G 3399 -106.40 5.27 53.46
N VAL G 3400 -107.06 6.35 53.85
CA VAL G 3400 -108.51 6.41 53.73
C VAL G 3400 -108.91 6.39 52.26
N LEU G 3401 -108.13 7.07 51.41
CA LEU G 3401 -108.38 7.04 49.97
C LEU G 3401 -108.28 5.63 49.43
N CYS G 3402 -107.24 4.90 49.85
CA CYS G 3402 -107.06 3.52 49.41
C CYS G 3402 -108.20 2.63 49.89
N ARG G 3403 -108.66 2.85 51.12
CA ARG G 3403 -109.76 2.07 51.65
C ARG G 3403 -111.03 2.29 50.84
N ASP G 3404 -111.35 3.56 50.57
CA ASP G 3404 -112.51 3.86 49.75
C ASP G 3404 -112.37 3.27 48.35
N LEU G 3405 -111.17 3.31 47.80
CA LEU G 3405 -110.93 2.77 46.46
C LEU G 3405 -111.17 1.27 46.43
N TYR G 3406 -110.63 0.55 47.42
CA TYR G 3406 -110.85 -0.90 47.47
C TYR G 3406 -112.28 -1.23 47.83
N ALA G 3407 -113.03 -0.27 48.37
CA ALA G 3407 -114.45 -0.48 48.58
C ALA G 3407 -115.23 -0.34 47.28
N LEU G 3408 -114.93 0.69 46.49
CA LEU G 3408 -115.74 0.99 45.32
C LEU G 3408 -115.33 0.16 44.12
N TYR G 3409 -114.04 0.06 43.84
CA TYR G 3409 -113.56 -0.54 42.59
C TYR G 3409 -114.09 -1.95 42.36
N PRO G 3410 -114.00 -2.89 43.30
CA PRO G 3410 -114.41 -4.27 42.99
C PRO G 3410 -115.78 -4.34 42.34
N LEU G 3411 -116.66 -3.41 42.68
CA LEU G 3411 -117.96 -3.34 42.02
C LEU G 3411 -117.83 -2.77 40.61
N LEU G 3412 -117.02 -1.72 40.45
CA LEU G 3412 -116.88 -1.08 39.15
C LEU G 3412 -116.28 -2.02 38.13
N ILE G 3413 -115.32 -2.84 38.56
CA ILE G 3413 -114.69 -3.79 37.65
C ILE G 3413 -115.75 -4.68 37.01
N ARG G 3414 -116.68 -5.18 37.81
CA ARG G 3414 -117.70 -6.08 37.28
C ARG G 3414 -118.68 -5.32 36.38
N TYR G 3415 -119.09 -4.13 36.81
CA TYR G 3415 -119.96 -3.32 35.95
C TYR G 3415 -119.26 -3.02 34.64
N VAL G 3416 -117.96 -2.73 34.68
CA VAL G 3416 -117.19 -2.54 33.46
C VAL G 3416 -117.19 -3.81 32.64
N ASP G 3417 -116.84 -4.94 33.27
CA ASP G 3417 -116.71 -6.19 32.54
C ASP G 3417 -117.99 -6.53 31.79
N ASN G 3418 -119.15 -6.21 32.38
CA ASN G 3418 -120.41 -6.50 31.72
C ASN G 3418 -120.66 -5.57 30.53
N ASN G 3419 -120.12 -4.35 30.58
CA ASN G 3419 -120.47 -3.33 29.61
C ASN G 3419 -119.29 -2.88 28.74
N ARG G 3420 -118.14 -3.54 28.82
CA ARG G 3420 -117.08 -3.22 27.87
C ARG G 3420 -117.53 -3.44 26.44
N ALA G 3421 -118.25 -4.53 26.18
CA ALA G 3421 -118.67 -4.84 24.82
C ALA G 3421 -119.53 -3.72 24.26
N HIS G 3422 -120.53 -3.28 25.02
CA HIS G 3422 -121.42 -2.23 24.55
CA HIS G 3422 -121.42 -2.23 24.54
C HIS G 3422 -120.71 -0.89 24.46
N TRP G 3423 -119.82 -0.60 25.42
CA TRP G 3423 -119.08 0.66 25.39
C TRP G 3423 -118.14 0.73 24.20
N LEU G 3424 -117.58 -0.40 23.80
CA LEU G 3424 -116.67 -0.46 22.66
C LEU G 3424 -117.41 -0.50 21.34
N THR G 3425 -118.59 -1.11 21.30
CA THR G 3425 -119.38 -1.11 20.07
C THR G 3425 -119.98 0.26 19.81
N GLU G 3426 -120.81 0.74 20.74
CA GLU G 3426 -121.35 2.09 20.67
C GLU G 3426 -120.55 2.99 21.60
N PRO G 3427 -119.77 3.94 21.09
CA PRO G 3427 -118.95 4.76 21.98
C PRO G 3427 -119.79 5.52 22.98
N ASN G 3428 -119.27 5.66 24.20
CA ASN G 3428 -119.97 6.31 25.29
C ASN G 3428 -119.07 7.36 25.93
N ALA G 3429 -119.51 8.62 25.88
CA ALA G 3429 -118.74 9.71 26.47
C ALA G 3429 -118.61 9.52 27.98
N ASN G 3430 -119.64 8.96 28.62
CA ASN G 3430 -119.55 8.69 30.05
C ASN G 3430 -118.44 7.69 30.35
N ALA G 3431 -118.35 6.63 29.54
CA ALA G 3431 -117.28 5.66 29.71
C ALA G 3431 -115.93 6.31 29.47
N GLU G 3432 -115.84 7.20 28.48
CA GLU G 3432 -114.58 7.88 28.23
C GLU G 3432 -114.18 8.77 29.41
N GLU G 3433 -115.15 9.46 30.02
CA GLU G 3433 -114.85 10.27 31.19
C GLU G 3433 -114.38 9.40 32.34
N LEU G 3434 -115.02 8.25 32.54
CA LEU G 3434 -114.57 7.34 33.58
C LEU G 3434 -113.15 6.86 33.30
N PHE G 3435 -112.83 6.64 32.02
CA PHE G 3435 -111.47 6.27 31.65
C PHE G 3435 -110.49 7.37 32.05
N ARG G 3436 -110.83 8.62 31.74
CA ARG G 3436 -109.97 9.73 32.12
C ARG G 3436 -109.75 9.76 33.62
N MET G 3437 -110.82 9.51 34.38
CA MET G 3437 -110.72 9.50 35.83
C MET G 3437 -109.76 8.43 36.32
N VAL G 3438 -109.95 7.19 35.86
CA VAL G 3438 -109.12 6.09 36.32
C VAL G 3438 -107.67 6.32 35.90
N GLY G 3439 -107.47 6.90 34.71
CA GLY G 3439 -106.12 7.20 34.28
C GLY G 3439 -105.45 8.23 35.17
N GLU G 3440 -106.18 9.27 35.56
CA GLU G 3440 -105.62 10.26 36.47
C GLU G 3440 -105.26 9.63 37.80
N ILE G 3441 -106.13 8.78 38.32
CA ILE G 3441 -105.86 8.12 39.60
C ILE G 3441 -104.61 7.23 39.48
N PHE G 3442 -104.50 6.50 38.37
CA PHE G 3442 -103.34 5.64 38.17
C PHE G 3442 -102.07 6.46 38.04
N ILE G 3443 -102.15 7.61 37.38
CA ILE G 3443 -100.99 8.49 37.28
C ILE G 3443 -100.55 8.94 38.67
N TYR G 3444 -101.50 9.34 39.51
CA TYR G 3444 -101.16 9.72 40.87
C TYR G 3444 -100.53 8.55 41.63
N TRP G 3445 -101.08 7.35 41.45
CA TRP G 3445 -100.51 6.16 42.06
C TRP G 3445 -99.06 5.95 41.63
N SER G 3446 -98.79 6.11 40.33
CA SER G 3446 -97.45 5.86 39.83
C SER G 3446 -96.47 6.94 40.30
N LYS G 3447 -96.96 8.16 40.49
CA LYS G 3447 -96.07 9.25 40.84
C LYS G 3447 -95.78 9.29 42.34
N SER G 3448 -96.75 8.95 43.17
CA SER G 3448 -96.61 9.10 44.62
C SER G 3448 -96.21 7.76 45.22
N HIS G 3449 -95.07 7.76 45.93
CA HIS G 3449 -94.62 6.56 46.62
C HIS G 3449 -95.49 6.27 47.84
N ASN G 3450 -95.93 7.33 48.52
CA ASN G 3450 -96.73 7.15 49.73
C ASN G 3450 -98.02 6.41 49.43
N PHE G 3451 -98.68 6.75 48.32
CA PHE G 3451 -99.95 6.14 47.97
C PHE G 3451 -99.79 4.64 47.73
N LYS G 3452 -98.74 4.25 47.01
CA LYS G 3452 -98.53 2.84 46.68
C LYS G 3452 -98.38 1.99 47.93
N ARG G 3453 -97.42 2.36 48.78
CA ARG G 3453 -97.19 1.66 50.04
C ARG G 3453 -98.36 1.78 51.03
N GLU G 3454 -99.08 2.90 51.05
CA GLU G 3454 -100.31 2.92 51.85
C GLU G 3454 -101.30 1.89 51.37
N GLU G 3455 -101.39 1.73 50.05
CA GLU G 3455 -102.24 0.68 49.48
C GLU G 3455 -101.78 -0.70 49.92
N GLN G 3456 -100.47 -0.96 49.80
CA GLN G 3456 -99.91 -2.23 50.23
C GLN G 3456 -100.21 -2.50 51.69
N ASN G 3457 -100.05 -1.48 52.54
CA ASN G 3457 -100.31 -1.62 53.96
C ASN G 3457 -101.77 -1.96 54.20
N PHE G 3458 -102.68 -1.23 53.56
CA PHE G 3458 -104.10 -1.54 53.70
C PHE G 3458 -104.38 -2.99 53.35
N VAL G 3459 -103.87 -3.44 52.20
CA VAL G 3459 -104.16 -4.79 51.74
C VAL G 3459 -103.64 -5.81 52.73
N VAL G 3460 -102.38 -5.69 53.13
CA VAL G 3460 -101.79 -6.71 54.00
C VAL G 3460 -102.45 -6.69 55.38
N GLN G 3461 -102.72 -5.50 55.92
CA GLN G 3461 -103.30 -5.40 57.25
C GLN G 3461 -104.71 -5.96 57.28
N ASN G 3462 -105.51 -5.66 56.27
CA ASN G 3462 -106.89 -6.15 56.24
C ASN G 3462 -107.02 -7.50 55.56
N GLU G 3463 -105.91 -8.12 55.17
CA GLU G 3463 -105.91 -9.47 54.62
C GLU G 3463 -106.78 -9.55 53.37
N ILE G 3464 -106.77 -8.47 52.58
CA ILE G 3464 -107.49 -8.48 51.32
C ILE G 3464 -106.73 -9.35 50.32
N ASN G 3465 -107.46 -10.25 49.66
CA ASN G 3465 -106.80 -11.16 48.73
C ASN G 3465 -106.68 -10.54 47.35
N ASN G 3466 -107.78 -9.96 46.85
CA ASN G 3466 -107.88 -9.29 45.54
C ASN G 3466 -107.90 -10.28 44.36
N MET G 3467 -107.55 -11.54 44.76
CA MET G 3467 -107.72 -12.72 43.93
C MET G 3467 -109.29 -12.84 43.65
N SER G 3468 -110.09 -12.75 44.71
CA SER G 3468 -111.51 -12.84 44.63
C SER G 3468 -112.09 -11.76 43.73
N PHE G 3469 -111.65 -10.51 43.93
CA PHE G 3469 -112.16 -9.41 43.11
C PHE G 3469 -111.86 -9.64 41.64
N LEU G 3470 -110.65 -10.12 41.34
CA LEU G 3470 -110.28 -10.34 39.94
C LEU G 3470 -111.02 -11.54 39.36
N THR G 3471 -111.20 -12.61 40.14
CA THR G 3471 -111.59 -13.90 39.60
C THR G 3471 -112.95 -14.40 40.10
N ALA G 3472 -113.83 -13.51 40.59
CA ALA G 3472 -115.16 -13.99 40.97
C ALA G 3472 -115.90 -14.56 39.77
N ASP G 3473 -115.52 -14.14 38.56
CA ASP G 3473 -116.07 -14.80 37.37
C ASP G 3473 -115.74 -16.28 37.37
N SER G 3474 -114.46 -16.62 37.60
CA SER G 3474 -114.06 -18.02 37.71
C SER G 3474 -114.72 -18.69 38.92
N LYS G 3475 -114.91 -17.94 40.00
CA LYS G 3475 -115.53 -18.51 41.19
C LYS G 3475 -116.97 -18.94 40.91
N SER G 3476 -117.78 -18.02 40.39
CA SER G 3476 -119.12 -18.39 39.92
C SER G 3476 -119.06 -19.50 38.90
N LYS G 3477 -117.98 -19.55 38.13
CA LYS G 3477 -117.75 -20.66 37.20
C LYS G 3477 -117.71 -21.99 37.93
N MET G 3478 -116.98 -22.05 39.04
CA MET G 3478 -116.85 -23.20 39.94
C MET G 3478 -115.91 -24.26 39.38
N ALA G 3479 -115.18 -23.97 38.30
CA ALA G 3479 -114.38 -25.01 37.65
C ALA G 3479 -113.10 -25.36 38.41
N ARG G 3498 -96.11 -17.06 50.02
CA ARG G 3498 -95.09 -16.06 49.78
C ARG G 3498 -95.71 -14.69 49.47
N ARG G 3499 -94.95 -13.65 49.80
CA ARG G 3499 -95.51 -12.30 49.83
C ARG G 3499 -95.75 -11.77 48.42
N GLY G 3500 -94.91 -12.18 47.46
CA GLY G 3500 -95.08 -11.68 46.10
C GLY G 3500 -96.44 -12.01 45.52
N ASP G 3501 -96.87 -13.27 45.66
CA ASP G 3501 -98.25 -13.62 45.29
C ASP G 3501 -99.25 -13.04 46.27
N ARG G 3502 -98.92 -13.06 47.56
CA ARG G 3502 -99.86 -12.56 48.55
C ARG G 3502 -100.31 -11.15 48.20
N TYR G 3503 -99.43 -10.38 47.58
CA TYR G 3503 -99.79 -9.07 47.05
C TYR G 3503 -98.78 -8.68 46.00
N SER G 3504 -99.28 -8.23 44.84
CA SER G 3504 -98.45 -7.76 43.76
C SER G 3504 -99.13 -6.60 43.07
N VAL G 3505 -98.34 -5.79 42.38
CA VAL G 3505 -98.88 -4.61 41.71
C VAL G 3505 -99.93 -5.02 40.69
N GLN G 3506 -99.67 -6.09 39.94
CA GLN G 3506 -100.63 -6.56 38.94
C GLN G 3506 -101.97 -6.87 39.59
N THR G 3507 -101.95 -7.35 40.85
CA THR G 3507 -103.19 -7.55 41.58
C THR G 3507 -103.89 -6.22 41.85
N SER G 3508 -103.12 -5.15 42.01
CA SER G 3508 -103.69 -3.88 42.47
C SER G 3508 -104.92 -3.52 41.66
N LEU G 3509 -105.99 -3.17 42.39
CA LEU G 3509 -107.25 -2.84 41.74
C LEU G 3509 -107.11 -1.62 40.84
N ILE G 3510 -106.22 -0.69 41.20
CA ILE G 3510 -106.04 0.50 40.40
C ILE G 3510 -105.56 0.13 39.00
N VAL G 3511 -104.44 -0.58 38.92
CA VAL G 3511 -103.89 -0.95 37.63
C VAL G 3511 -104.84 -1.91 36.90
N ALA G 3512 -105.50 -2.80 37.64
CA ALA G 3512 -106.41 -3.74 36.99
C ALA G 3512 -107.56 -3.00 36.32
N THR G 3513 -108.17 -2.05 37.04
CA THR G 3513 -109.25 -1.26 36.46
C THR G 3513 -108.77 -0.45 35.27
N LEU G 3514 -107.56 0.13 35.39
CA LEU G 3514 -107.03 0.90 34.28
C LEU G 3514 -106.85 0.03 33.04
N LYS G 3515 -106.30 -1.17 33.21
CA LYS G 3515 -106.14 -2.07 32.07
C LYS G 3515 -107.49 -2.46 31.50
N LYS G 3516 -108.47 -2.67 32.37
CA LYS G 3516 -109.79 -3.06 31.89
C LYS G 3516 -110.42 -1.98 31.04
N MET G 3517 -110.24 -0.71 31.43
CA MET G 3517 -110.87 0.40 30.73
C MET G 3517 -110.00 1.03 29.66
N LEU G 3518 -108.74 0.62 29.56
CA LEU G 3518 -107.84 1.20 28.55
C LEU G 3518 -108.38 1.03 27.13
N PRO G 3519 -108.95 -0.10 26.75
CA PRO G 3519 -109.48 -0.22 25.38
C PRO G 3519 -110.48 0.84 25.02
N ILE G 3520 -111.23 1.36 26.00
CA ILE G 3520 -112.07 2.51 25.73
C ILE G 3520 -111.19 3.67 25.31
N GLY G 3521 -110.05 3.82 25.98
CA GLY G 3521 -109.14 4.89 25.63
C GLY G 3521 -108.55 4.76 24.26
N LEU G 3522 -108.26 3.54 23.87
CA LEU G 3522 -107.73 3.31 22.54
C LEU G 3522 -108.79 3.50 21.48
N ASN G 3523 -110.04 3.12 21.79
CA ASN G 3523 -111.13 3.37 20.85
C ASN G 3523 -111.34 4.86 20.65
N MET G 3524 -111.16 5.64 21.72
CA MET G 3524 -111.12 7.09 21.55
C MET G 3524 -110.14 7.48 20.46
N CYS G 3525 -108.93 6.96 20.54
CA CYS G 3525 -107.85 7.34 19.64
C CYS G 3525 -108.06 6.71 18.27
N ALA G 3526 -107.84 7.50 17.23
CA ALA G 3526 -107.85 6.95 15.89
C ALA G 3526 -106.56 6.17 15.66
N PRO G 3527 -106.63 5.10 14.88
CA PRO G 3527 -105.41 4.30 14.63
C PRO G 3527 -104.27 5.11 14.04
N THR G 3528 -104.57 6.11 13.21
CA THR G 3528 -103.53 6.92 12.60
C THR G 3528 -102.74 7.69 13.65
N ASP G 3529 -103.40 8.07 14.74
CA ASP G 3529 -102.77 8.86 15.79
C ASP G 3529 -101.70 8.09 16.55
N GLN G 3530 -101.52 6.80 16.26
CA GLN G 3530 -100.61 5.97 17.04
C GLN G 3530 -99.21 6.58 17.06
N ASP G 3531 -98.73 7.03 15.91
CA ASP G 3531 -97.40 7.64 15.84
C ASP G 3531 -97.30 8.82 16.80
N LEU G 3532 -98.27 9.74 16.73
CA LEU G 3532 -98.30 10.86 17.66
C LEU G 3532 -98.28 10.38 19.10
N ILE G 3533 -98.99 9.28 19.36
CA ILE G 3533 -99.03 8.72 20.71
C ILE G 3533 -97.63 8.30 21.13
N MET G 3534 -96.89 7.66 20.24
CA MET G 3534 -95.54 7.25 20.57
C MET G 3534 -94.64 8.46 20.86
N LEU G 3535 -94.77 9.51 20.05
CA LEU G 3535 -93.98 10.72 20.31
C LEU G 3535 -94.32 11.32 21.68
N ALA G 3536 -95.61 11.40 22.00
CA ALA G 3536 -95.99 11.93 23.30
C ALA G 3536 -95.53 11.03 24.43
N LYS G 3537 -95.50 9.72 24.21
CA LYS G 3537 -95.03 8.77 25.22
C LYS G 3537 -93.53 8.89 25.47
N THR G 3538 -92.76 9.26 24.44
CA THR G 3538 -91.36 9.60 24.65
C THR G 3538 -91.17 10.96 25.29
N ARG G 3539 -92.03 11.93 24.98
CA ARG G 3539 -91.95 13.22 25.66
C ARG G 3539 -92.23 13.07 27.15
N TYR G 3540 -93.21 12.24 27.50
CA TYR G 3540 -93.45 11.95 28.91
C TYR G 3540 -92.23 11.32 29.55
N ALA G 3541 -91.47 10.52 28.79
CA ALA G 3541 -90.20 10.02 29.28
C ALA G 3541 -89.20 11.15 29.46
N LEU G 3542 -89.32 12.20 28.65
CA LEU G 3542 -88.51 13.40 28.86
C LEU G 3542 -89.04 14.20 30.05
N LYS G 3543 -90.21 13.83 30.57
CA LYS G 3543 -90.82 14.49 31.72
C LYS G 3543 -91.34 15.88 31.37
N ASP G 3544 -91.87 16.04 30.16
CA ASP G 3544 -92.61 17.24 29.83
C ASP G 3544 -93.98 17.20 30.48
N THR G 3545 -94.55 18.39 30.70
CA THR G 3545 -95.84 18.49 31.36
C THR G 3545 -96.97 18.17 30.38
N ASP G 3546 -98.18 18.04 30.93
CA ASP G 3546 -99.34 17.72 30.09
C ASP G 3546 -99.61 18.81 29.06
N GLU G 3547 -99.57 20.09 29.49
CA GLU G 3547 -99.72 21.19 28.55
C GLU G 3547 -98.60 21.21 27.52
N GLU G 3548 -97.39 20.85 27.95
CA GLU G 3548 -96.25 20.87 27.05
C GLU G 3548 -96.39 19.82 25.96
N VAL G 3549 -96.75 18.59 26.33
CA VAL G 3549 -97.00 17.57 25.32
C VAL G 3549 -98.19 17.94 24.46
N ARG G 3550 -99.20 18.60 25.07
CA ARG G 3550 -100.34 19.07 24.29
C ARG G 3550 -99.90 19.98 23.16
N GLU G 3551 -99.13 21.03 23.50
CA GLU G 3551 -98.71 21.98 22.48
C GLU G 3551 -97.74 21.35 21.48
N PHE G 3552 -96.91 20.42 21.95
CA PHE G 3552 -96.01 19.71 21.05
C PHE G 3552 -96.81 18.91 20.02
N LEU G 3553 -97.85 18.21 20.45
CA LEU G 3553 -98.71 17.52 19.50
C LEU G 3553 -99.42 18.53 18.60
N GLN G 3554 -99.81 19.67 19.16
CA GLN G 3554 -100.55 20.66 18.39
C GLN G 3554 -99.72 21.18 17.22
N ASN G 3555 -98.45 21.49 17.46
CA ASN G 3555 -97.61 22.03 16.39
C ASN G 3555 -96.99 20.93 15.53
N ASN G 3556 -96.94 19.68 16.04
CA ASN G 3556 -96.46 18.55 15.25
C ASN G 3556 -97.58 17.71 14.66
N LEU G 3557 -98.79 18.27 14.59
CA LEU G 3557 -99.93 17.53 14.03
C LEU G 3557 -99.64 17.03 12.63
N HIS G 3558 -98.83 17.74 11.86
CA HIS G 3558 -98.57 17.35 10.48
C HIS G 3558 -98.08 15.91 10.38
N LEU G 3559 -97.40 15.44 11.42
CA LEU G 3559 -96.84 14.09 11.40
C LEU G 3559 -97.91 13.01 11.33
N GLN G 3560 -99.17 13.34 11.63
CA GLN G 3560 -100.23 12.34 11.72
C GLN G 3560 -100.13 11.35 10.58
N GLY G 3561 -100.47 10.09 10.88
CA GLY G 3561 -100.23 9.02 9.94
C GLY G 3561 -101.05 9.14 8.67
N LYS G 3562 -100.52 8.54 7.62
CA LYS G 3562 -101.15 8.54 6.30
C LYS G 3562 -101.49 7.12 5.93
N VAL G 3563 -102.77 6.87 5.61
CA VAL G 3563 -103.24 5.52 5.38
C VAL G 3563 -102.66 4.94 4.10
N GLU G 3564 -102.59 5.75 3.04
CA GLU G 3564 -102.16 5.23 1.74
C GLU G 3564 -100.79 4.56 1.83
N GLY G 3565 -99.94 5.03 2.74
CA GLY G 3565 -98.60 4.44 2.85
C GLY G 3565 -98.62 3.01 3.33
N SER G 3566 -99.46 2.70 4.32
CA SER G 3566 -99.48 1.39 4.94
C SER G 3566 -100.87 0.77 4.83
N PRO G 3567 -100.98 -0.50 4.45
CA PRO G 3567 -102.31 -1.11 4.34
C PRO G 3567 -103.01 -1.30 5.68
N SER G 3568 -102.26 -1.48 6.76
CA SER G 3568 -102.88 -1.71 8.06
C SER G 3568 -103.84 -0.58 8.41
N LEU G 3569 -103.41 0.66 8.22
CA LEU G 3569 -104.26 1.79 8.56
C LEU G 3569 -105.54 1.76 7.75
N ARG G 3570 -105.52 1.17 6.57
CA ARG G 3570 -106.72 1.13 5.75
C ARG G 3570 -107.81 0.30 6.42
N TRP G 3571 -107.47 -0.92 6.84
CA TRP G 3571 -108.46 -1.78 7.46
C TRP G 3571 -108.77 -1.33 8.88
N GLN G 3572 -107.85 -0.57 9.50
CA GLN G 3572 -108.19 0.02 10.79
C GLN G 3572 -109.18 1.18 10.64
N MET G 3573 -108.94 2.06 9.65
CA MET G 3573 -109.91 3.12 9.36
C MET G 3573 -111.26 2.52 9.01
N ALA G 3574 -111.27 1.40 8.28
CA ALA G 3574 -112.53 0.77 7.93
C ALA G 3574 -113.39 0.57 9.16
N LEU G 3575 -112.82 -0.04 10.21
CA LEU G 3575 -113.59 -0.29 11.42
C LEU G 3575 -113.87 1.01 12.17
N TYR G 3576 -112.89 1.91 12.20
CA TYR G 3576 -113.08 3.20 12.88
C TYR G 3576 -114.33 3.91 12.35
N ARG G 3577 -114.46 3.96 11.02
CA ARG G 3577 -115.66 4.53 10.43
C ARG G 3577 -116.87 3.63 10.65
N GLY G 3578 -116.66 2.31 10.70
CA GLY G 3578 -117.75 1.41 10.97
C GLY G 3578 -118.42 1.69 12.30
N LEU G 3579 -117.67 2.25 13.24
CA LEU G 3579 -118.27 2.64 14.52
C LEU G 3579 -119.41 3.62 14.26
N PRO G 3580 -120.59 3.42 14.86
CA PRO G 3580 -121.74 4.26 14.49
C PRO G 3580 -121.55 5.73 14.80
N GLY G 3581 -121.27 6.07 16.05
CA GLY G 3581 -121.25 7.47 16.46
C GLY G 3581 -120.07 8.24 15.91
N ARG G 3582 -119.02 7.54 15.47
CA ARG G 3582 -117.83 8.22 14.99
C ARG G 3582 -118.05 8.77 13.59
N GLU G 3583 -117.71 10.05 13.42
CA GLU G 3583 -117.67 10.69 12.11
C GLU G 3583 -116.41 11.53 12.04
N GLU G 3584 -115.92 11.74 10.81
CA GLU G 3584 -114.68 12.49 10.64
C GLU G 3584 -114.84 13.96 11.03
N ASP G 3585 -116.07 14.49 11.01
CA ASP G 3585 -116.26 15.88 11.39
C ASP G 3585 -116.10 16.07 12.89
N ALA G 3586 -116.41 15.04 13.69
CA ALA G 3586 -116.24 15.15 15.14
C ALA G 3586 -114.77 15.36 15.51
N ASP G 3587 -113.86 14.72 14.76
CA ASP G 3587 -112.44 14.83 15.07
C ASP G 3587 -111.96 16.27 14.87
N ASP G 3588 -111.30 16.81 15.88
CA ASP G 3588 -110.78 18.18 15.83
C ASP G 3588 -109.45 18.24 16.56
N PRO G 3589 -108.56 19.13 16.14
CA PRO G 3589 -107.18 19.08 16.64
C PRO G 3589 -107.09 19.04 18.16
N GLU G 3590 -107.95 19.79 18.84
CA GLU G 3590 -107.98 19.73 20.30
C GLU G 3590 -108.35 18.32 20.75
N LYS G 3591 -109.32 17.70 20.09
CA LYS G 3591 -109.71 16.34 20.45
C LYS G 3591 -108.52 15.40 20.32
N ILE G 3592 -107.83 15.48 19.18
CA ILE G 3592 -106.71 14.56 18.94
C ILE G 3592 -105.62 14.78 19.98
N VAL G 3593 -105.23 16.03 20.22
CA VAL G 3593 -104.13 16.28 21.15
C VAL G 3593 -104.50 15.82 22.56
N ARG G 3594 -105.72 16.14 23.01
CA ARG G 3594 -106.13 15.79 24.35
C ARG G 3594 -106.15 14.28 24.55
N ARG G 3595 -106.84 13.57 23.65
CA ARG G 3595 -106.94 12.12 23.79
C ARG G 3595 -105.57 11.47 23.66
N VAL G 3596 -104.75 11.98 22.73
CA VAL G 3596 -103.43 11.38 22.51
C VAL G 3596 -102.57 11.51 23.75
N GLN G 3597 -102.53 12.70 24.35
CA GLN G 3597 -101.68 12.88 25.51
C GLN G 3597 -102.22 12.14 26.73
N GLU G 3598 -103.55 12.05 26.85
CA GLU G 3598 -104.13 11.24 27.92
C GLU G 3598 -103.65 9.79 27.82
N VAL G 3599 -103.87 9.18 26.65
CA VAL G 3599 -103.50 7.78 26.49
C VAL G 3599 -101.99 7.61 26.56
N SER G 3600 -101.24 8.63 26.14
CA SER G 3600 -99.79 8.54 26.20
C SER G 3600 -99.30 8.49 27.64
N ALA G 3601 -99.85 9.35 28.50
CA ALA G 3601 -99.50 9.32 29.91
C ALA G 3601 -99.87 7.97 30.51
N VAL G 3602 -101.08 7.50 30.22
CA VAL G 3602 -101.52 6.22 30.77
C VAL G 3602 -100.55 5.12 30.37
N LEU G 3603 -100.22 5.07 29.08
CA LEU G 3603 -99.36 3.99 28.56
C LEU G 3603 -97.96 4.08 29.16
N TYR G 3604 -97.40 5.29 29.22
CA TYR G 3604 -96.07 5.49 29.78
C TYR G 3604 -96.01 4.96 31.20
N HIS G 3605 -96.92 5.42 32.05
CA HIS G 3605 -96.92 4.97 33.44
C HIS G 3605 -97.22 3.48 33.52
N LEU G 3606 -97.96 2.94 32.56
CA LEU G 3606 -98.23 1.51 32.55
C LEU G 3606 -96.96 0.70 32.31
N GLU G 3607 -96.15 1.11 31.32
CA GLU G 3607 -94.89 0.42 31.09
C GLU G 3607 -93.95 0.59 32.28
N GLN G 3608 -93.94 1.79 32.88
CA GLN G 3608 -93.09 2.00 34.04
C GLN G 3608 -93.48 1.06 35.17
N THR G 3609 -94.78 0.87 35.38
CA THR G 3609 -95.23 -0.09 36.39
C THR G 3609 -94.85 -1.51 36.01
N GLU G 3610 -95.03 -1.88 34.74
CA GLU G 3610 -94.82 -3.27 34.33
C GLU G 3610 -93.36 -3.66 34.48
N HIS G 3611 -92.46 -2.84 33.99
CA HIS G 3611 -91.02 -3.13 34.09
C HIS G 3611 -90.39 -2.14 35.07
N PRO G 3612 -90.55 -2.35 36.38
CA PRO G 3612 -90.05 -1.36 37.34
C PRO G 3612 -88.54 -1.21 37.34
N TYR G 3613 -87.81 -2.19 36.85
CA TYR G 3613 -86.36 -2.28 37.02
C TYR G 3613 -85.96 -2.37 38.48
N LYS G 3614 -86.86 -2.86 39.34
CA LYS G 3614 -86.56 -3.02 40.75
C LYS G 3614 -85.39 -3.99 40.95
N SER G 3615 -85.10 -4.81 39.95
CA SER G 3615 -84.02 -5.78 40.07
C SER G 3615 -82.72 -5.08 40.44
N LYS G 3616 -81.99 -5.69 41.38
CA LYS G 3616 -80.69 -5.33 41.96
C LYS G 3616 -80.65 -3.92 42.54
N LYS G 3617 -81.80 -3.25 42.64
CA LYS G 3617 -81.83 -1.92 43.24
C LYS G 3617 -81.46 -1.93 44.72
N ALA G 3618 -82.28 -2.62 45.54
CA ALA G 3618 -82.13 -2.62 46.99
C ALA G 3618 -81.91 -4.05 47.46
N VAL G 3619 -81.02 -4.76 46.76
CA VAL G 3619 -80.78 -6.17 47.04
C VAL G 3619 -80.67 -6.42 48.53
N TRP G 3620 -81.39 -7.45 48.98
CA TRP G 3620 -81.29 -7.90 50.36
C TRP G 3620 -81.07 -9.41 50.38
N HIS G 3621 -80.44 -9.94 49.32
CA HIS G 3621 -80.05 -11.34 49.32
C HIS G 3621 -79.03 -11.63 50.41
N LYS G 3622 -78.38 -10.59 50.91
CA LYS G 3622 -77.40 -10.64 52.01
C LYS G 3622 -76.40 -11.77 51.80
N LEU G 3623 -75.70 -11.73 50.66
CA LEU G 3623 -74.80 -12.81 50.31
C LEU G 3623 -73.60 -12.85 51.25
N LEU G 3624 -73.09 -11.67 51.62
CA LEU G 3624 -71.98 -11.62 52.58
C LEU G 3624 -72.36 -12.27 53.90
N SER G 3625 -73.53 -11.91 54.45
CA SER G 3625 -73.91 -12.41 55.76
C SER G 3625 -74.41 -13.85 55.67
N LYS G 3626 -74.82 -14.30 54.49
CA LYS G 3626 -75.20 -15.69 54.33
C LYS G 3626 -73.96 -16.58 54.25
N GLN G 3627 -72.90 -16.10 53.59
CA GLN G 3627 -71.65 -16.81 53.53
C GLN G 3627 -70.83 -16.69 54.82
N ARG G 3628 -71.13 -15.69 55.65
CA ARG G 3628 -70.29 -15.36 56.79
C ARG G 3628 -71.07 -15.16 58.09
N ARG G 3629 -72.30 -15.68 58.17
CA ARG G 3629 -73.21 -15.32 59.26
C ARG G 3629 -72.52 -15.32 60.62
N ARG G 3630 -71.59 -16.25 60.84
CA ARG G 3630 -70.97 -16.36 62.15
C ARG G 3630 -70.25 -15.07 62.53
N ALA G 3631 -69.68 -14.37 61.55
CA ALA G 3631 -68.84 -13.22 61.88
C ALA G 3631 -69.67 -11.99 62.22
N VAL G 3632 -70.82 -11.81 61.57
CA VAL G 3632 -71.68 -10.68 61.97
C VAL G 3632 -72.24 -10.92 63.35
N VAL G 3633 -72.56 -12.18 63.67
CA VAL G 3633 -72.97 -12.52 65.03
C VAL G 3633 -71.84 -12.22 66.00
N ALA G 3634 -70.61 -12.61 65.66
CA ALA G 3634 -69.48 -12.28 66.52
C ALA G 3634 -69.37 -10.78 66.72
N CYS G 3635 -69.54 -10.03 65.62
CA CYS G 3635 -69.46 -8.58 65.72
C CYS G 3635 -70.57 -8.03 66.63
N PHE G 3636 -71.74 -8.61 66.60
CA PHE G 3636 -72.75 -8.15 67.53
C PHE G 3636 -72.40 -8.53 68.96
N ARG G 3637 -71.81 -9.72 69.15
CA ARG G 3637 -71.54 -10.24 70.49
C ARG G 3637 -70.36 -9.54 71.14
N MET G 3638 -69.56 -8.85 70.35
CA MET G 3638 -68.29 -8.30 70.84
C MET G 3638 -68.48 -7.64 72.19
N THR G 3639 -67.82 -8.21 73.19
CA THR G 3639 -68.10 -7.84 74.56
C THR G 3639 -67.72 -6.37 74.78
N PRO G 3640 -68.57 -5.61 75.48
CA PRO G 3640 -68.15 -4.28 75.89
C PRO G 3640 -66.95 -4.35 76.82
N LEU G 3641 -66.14 -3.30 76.76
CA LEU G 3641 -64.92 -3.27 77.56
C LEU G 3641 -65.19 -3.55 79.04
N TYR G 3642 -66.28 -3.02 79.57
CA TYR G 3642 -66.51 -3.13 81.01
C TYR G 3642 -66.78 -4.56 81.45
N ASN G 3643 -67.06 -5.47 80.53
CA ASN G 3643 -67.32 -6.85 80.89
C ASN G 3643 -66.08 -7.73 80.90
N LEU G 3644 -64.93 -7.21 80.47
CA LEU G 3644 -63.74 -8.04 80.38
C LEU G 3644 -63.07 -8.18 81.76
N PRO G 3645 -62.29 -9.24 81.94
CA PRO G 3645 -61.45 -9.32 83.14
C PRO G 3645 -60.43 -8.20 83.18
N THR G 3646 -60.06 -7.79 84.39
CA THR G 3646 -59.21 -6.63 84.54
C THR G 3646 -57.84 -6.84 83.91
N HIS G 3647 -57.29 -8.06 84.03
CA HIS G 3647 -55.92 -8.30 83.59
C HIS G 3647 -55.81 -8.26 82.06
N ARG G 3648 -56.76 -8.86 81.36
CA ARG G 3648 -56.73 -8.82 79.90
C ARG G 3648 -56.90 -7.39 79.39
N ALA G 3649 -57.82 -6.65 80.00
CA ALA G 3649 -57.99 -5.25 79.64
C ALA G 3649 -56.72 -4.45 79.91
N CYS G 3650 -56.04 -4.76 81.01
CA CYS G 3650 -54.81 -4.07 81.34
C CYS G 3650 -53.74 -4.36 80.30
N ASN G 3651 -53.64 -5.62 79.86
CA ASN G 3651 -52.70 -5.92 78.80
C ASN G 3651 -53.03 -5.10 77.57
N MET G 3652 -54.28 -5.15 77.12
CA MET G 3652 -54.69 -4.41 75.93
C MET G 3652 -54.33 -2.93 76.08
N PHE G 3653 -54.57 -2.36 77.26
CA PHE G 3653 -54.19 -0.99 77.52
C PHE G 3653 -52.69 -0.79 77.39
N LEU G 3654 -51.90 -1.74 77.90
CA LEU G 3654 -50.46 -1.62 77.77
C LEU G 3654 -50.08 -1.51 76.31
N GLU G 3655 -50.61 -2.39 75.46
CA GLU G 3655 -50.25 -2.33 74.05
C GLU G 3655 -50.70 -1.02 73.42
N SER G 3656 -51.93 -0.59 73.72
CA SER G 3656 -52.45 0.61 73.07
C SER G 3656 -51.69 1.86 73.50
N TYR G 3657 -51.42 1.98 74.80
CA TYR G 3657 -50.62 3.08 75.31
C TYR G 3657 -49.23 3.08 74.71
N LYS G 3658 -48.62 1.88 74.63
CA LYS G 3658 -47.30 1.74 74.04
C LYS G 3658 -47.28 2.28 72.61
N ALA G 3659 -48.30 1.91 71.83
CA ALA G 3659 -48.33 2.34 70.43
C ALA G 3659 -48.62 3.84 70.31
N ALA G 3660 -49.60 4.33 71.05
CA ALA G 3660 -50.08 5.69 70.83
C ALA G 3660 -49.16 6.74 71.46
N TRP G 3661 -48.65 6.46 72.66
CA TRP G 3661 -47.96 7.47 73.45
C TRP G 3661 -46.44 7.27 73.46
N ILE G 3662 -45.98 6.09 73.88
CA ILE G 3662 -44.55 5.85 73.95
C ILE G 3662 -43.93 5.85 72.56
N LEU G 3663 -44.53 5.12 71.63
CA LEU G 3663 -43.97 4.99 70.30
C LEU G 3663 -43.99 6.31 69.56
N THR G 3664 -45.06 7.10 69.75
CA THR G 3664 -45.18 8.36 69.04
C THR G 3664 -44.31 9.46 69.64
N GLU G 3665 -43.84 9.28 70.87
CA GLU G 3665 -43.07 10.33 71.52
C GLU G 3665 -41.75 10.53 70.78
N ASP G 3666 -41.31 11.78 70.69
CA ASP G 3666 -40.10 12.16 69.98
C ASP G 3666 -39.09 12.69 70.98
N HIS G 3667 -38.08 11.89 71.30
CA HIS G 3667 -36.97 12.29 72.14
C HIS G 3667 -35.69 12.16 71.34
N SER G 3668 -34.91 13.24 71.30
CA SER G 3668 -33.68 13.30 70.52
C SER G 3668 -32.51 13.43 71.48
N PHE G 3669 -31.66 12.40 71.51
CA PHE G 3669 -30.47 12.38 72.34
C PHE G 3669 -29.21 12.12 71.53
N GLU G 3670 -29.34 11.89 70.22
CA GLU G 3670 -28.22 11.43 69.42
C GLU G 3670 -27.08 12.46 69.40
N ASP G 3671 -27.42 13.71 69.09
CA ASP G 3671 -26.40 14.74 68.98
C ASP G 3671 -25.74 15.00 70.33
N ARG G 3672 -26.53 15.03 71.39
CA ARG G 3672 -25.97 15.23 72.72
C ARG G 3672 -25.00 14.11 73.06
N MET G 3673 -25.39 12.87 72.76
CA MET G 3673 -24.54 11.72 73.02
C MET G 3673 -23.23 11.84 72.23
N ILE G 3674 -23.33 12.21 70.96
CA ILE G 3674 -22.14 12.31 70.11
C ILE G 3674 -21.20 13.38 70.64
N ASP G 3675 -21.75 14.53 71.03
CA ASP G 3675 -20.92 15.61 71.56
C ASP G 3675 -20.24 15.19 72.86
N ASP G 3676 -21.02 14.61 73.78
CA ASP G 3676 -20.45 14.19 75.06
C ASP G 3676 -19.35 13.15 74.86
N LEU G 3677 -19.49 12.29 73.87
CA LEU G 3677 -18.46 11.30 73.61
C LEU G 3677 -17.27 11.90 72.85
N SER G 3678 -17.50 12.97 72.08
CA SER G 3678 -16.43 13.59 71.34
C SER G 3678 -15.52 14.40 72.25
N LYS G 3679 -16.11 15.10 73.23
CA LYS G 3679 -15.31 15.94 74.11
C LYS G 3679 -14.28 15.11 74.88
N ALA G 3680 -13.07 15.63 74.97
CA ALA G 3680 -11.98 15.02 75.71
C ALA G 3680 -11.68 15.89 76.93
N GLY G 3681 -11.46 15.24 78.07
CA GLY G 3681 -11.31 15.94 79.33
C GLY G 3681 -9.94 15.73 79.94
N GLU G 3682 -9.44 16.78 80.60
CA GLU G 3682 -8.20 16.75 81.38
C GLU G 3682 -6.97 16.71 80.47
N GLN G 3683 -7.17 16.59 79.17
CA GLN G 3683 -6.06 16.76 78.24
C GLN G 3683 -5.54 18.19 78.30
N GLU G 3684 -6.42 19.15 78.60
CA GLU G 3684 -5.98 20.53 78.74
C GLU G 3684 -4.98 20.70 79.87
N GLU G 3685 -5.21 20.04 81.01
CA GLU G 3685 -4.24 20.10 82.09
C GLU G 3685 -3.02 19.24 81.80
N GLU G 3686 -3.22 18.12 81.11
CA GLU G 3686 -2.10 17.23 80.81
C GLU G 3686 -1.07 17.91 79.91
N GLU G 3687 -1.53 18.48 78.79
CA GLU G 3687 -0.68 19.19 77.83
C GLU G 3687 0.22 18.24 77.05
N GLU G 3688 0.23 16.96 77.42
CA GLU G 3688 0.97 15.96 76.64
C GLU G 3688 0.02 14.95 75.99
N GLU G 3689 -1.21 14.87 76.50
CA GLU G 3689 -2.11 13.81 76.06
C GLU G 3689 -2.56 14.03 74.63
N VAL G 3690 -2.73 15.29 74.22
CA VAL G 3690 -3.12 15.59 72.85
C VAL G 3690 -2.05 15.08 71.88
N GLU G 3691 -0.78 15.33 72.20
CA GLU G 3691 0.31 14.85 71.35
C GLU G 3691 0.40 13.32 71.41
N GLU G 3692 0.11 12.74 72.58
CA GLU G 3692 0.01 11.29 72.66
C GLU G 3692 -1.07 10.76 71.74
N LYS G 3693 -2.12 11.56 71.51
CA LYS G 3693 -3.22 11.20 70.61
C LYS G 3693 -4.02 10.04 71.17
N LYS G 3694 -4.33 10.13 72.46
CA LYS G 3694 -5.16 9.11 73.08
C LYS G 3694 -6.56 9.14 72.49
N PRO G 3695 -7.14 7.99 72.15
CA PRO G 3695 -8.50 7.99 71.61
C PRO G 3695 -9.50 8.54 72.62
N ASP G 3696 -10.39 9.39 72.12
CA ASP G 3696 -11.51 9.86 72.91
C ASP G 3696 -12.60 8.77 72.90
N PRO G 3697 -13.62 8.91 73.75
CA PRO G 3697 -14.59 7.82 73.90
C PRO G 3697 -15.23 7.37 72.60
N LEU G 3698 -15.61 8.30 71.74
CA LEU G 3698 -16.21 7.93 70.47
C LEU G 3698 -15.22 7.17 69.59
N HIS G 3699 -13.96 7.62 69.58
CA HIS G 3699 -12.93 6.89 68.85
C HIS G 3699 -12.79 5.47 69.38
N GLN G 3700 -12.82 5.32 70.70
CA GLN G 3700 -12.70 3.98 71.28
C GLN G 3700 -13.88 3.11 70.90
N LEU G 3701 -15.09 3.68 70.87
CA LEU G 3701 -16.26 2.91 70.47
C LEU G 3701 -16.15 2.44 69.03
N VAL G 3702 -15.72 3.34 68.13
CA VAL G 3702 -15.53 2.98 66.73
C VAL G 3702 -14.48 1.89 66.62
N LEU G 3703 -13.38 2.02 67.37
CA LEU G 3703 -12.34 1.01 67.35
C LEU G 3703 -12.83 -0.33 67.86
N HIS G 3704 -13.68 -0.31 68.89
CA HIS G 3704 -14.27 -1.53 69.41
C HIS G 3704 -15.08 -2.25 68.34
N PHE G 3705 -15.92 -1.49 67.63
CA PHE G 3705 -16.73 -2.10 66.58
C PHE G 3705 -15.86 -2.60 65.44
N SER G 3706 -14.80 -1.87 65.11
CA SER G 3706 -13.88 -2.32 64.07
C SER G 3706 -13.18 -3.60 64.49
N ARG G 3707 -12.81 -3.70 65.76
CA ARG G 3707 -12.22 -4.94 66.29
C ARG G 3707 -13.19 -6.09 66.15
N THR G 3708 -14.45 -5.87 66.51
CA THR G 3708 -15.46 -6.92 66.36
C THR G 3708 -15.58 -7.35 64.90
N ALA G 3709 -15.58 -6.39 63.98
CA ALA G 3709 -15.69 -6.72 62.56
C ALA G 3709 -14.48 -7.50 62.08
N LEU G 3710 -13.28 -7.09 62.49
CA LEU G 3710 -12.05 -7.72 62.02
C LEU G 3710 -11.84 -9.09 62.65
N THR G 3711 -12.48 -9.37 63.79
CA THR G 3711 -12.34 -10.67 64.41
C THR G 3711 -12.75 -11.77 63.44
N GLU G 3712 -11.96 -12.83 63.38
CA GLU G 3712 -12.16 -13.91 62.43
C GLU G 3712 -13.33 -14.77 62.91
N LYS G 3713 -14.40 -14.82 62.11
CA LYS G 3713 -15.57 -15.59 62.46
C LYS G 3713 -16.23 -16.08 61.17
N SER G 3714 -16.97 -17.18 61.29
CA SER G 3714 -17.69 -17.71 60.14
C SER G 3714 -18.81 -16.77 59.72
N LYS G 3715 -19.52 -16.19 60.69
CA LYS G 3715 -20.66 -15.34 60.43
C LYS G 3715 -20.59 -14.11 61.33
N LEU G 3716 -21.36 -13.09 60.96
CA LEU G 3716 -21.43 -11.84 61.71
C LEU G 3716 -22.61 -11.93 62.68
N ASP G 3717 -22.32 -12.06 63.95
CA ASP G 3717 -23.36 -12.12 64.96
C ASP G 3717 -24.07 -10.76 65.07
N GLU G 3718 -25.39 -10.83 65.18
CA GLU G 3718 -26.21 -9.66 65.43
C GLU G 3718 -25.85 -8.99 66.76
N ASP G 3719 -25.51 -7.71 66.70
CA ASP G 3719 -25.13 -6.92 67.87
C ASP G 3719 -26.06 -5.71 67.95
N TYR G 3720 -27.04 -5.79 68.86
CA TYR G 3720 -27.99 -4.69 69.03
C TYR G 3720 -27.28 -3.41 69.43
N LEU G 3721 -26.19 -3.52 70.19
CA LEU G 3721 -25.43 -2.33 70.56
C LEU G 3721 -24.84 -1.66 69.34
N TYR G 3722 -24.23 -2.44 68.46
CA TYR G 3722 -23.70 -1.88 67.21
C TYR G 3722 -24.80 -1.22 66.41
N MET G 3723 -25.95 -1.89 66.28
CA MET G 3723 -27.02 -1.30 65.47
C MET G 3723 -27.50 0.01 66.08
N ALA G 3724 -27.68 0.05 67.40
CA ALA G 3724 -28.15 1.27 68.05
C ALA G 3724 -27.16 2.40 67.86
N TYR G 3725 -25.87 2.13 68.06
CA TYR G 3725 -24.88 3.19 67.99
C TYR G 3725 -24.68 3.66 66.56
N ALA G 3726 -24.76 2.75 65.59
CA ALA G 3726 -24.72 3.14 64.19
C ALA G 3726 -25.90 4.03 63.84
N ASP G 3727 -27.10 3.68 64.33
CA ASP G 3727 -28.25 4.54 64.10
C ASP G 3727 -28.05 5.92 64.74
N ILE G 3728 -27.48 5.95 65.94
CA ILE G 3728 -27.24 7.23 66.61
C ILE G 3728 -26.30 8.10 65.77
N MET G 3729 -25.18 7.52 65.29
CA MET G 3729 -24.25 8.30 64.50
C MET G 3729 -24.88 8.77 63.20
N ALA G 3730 -25.63 7.88 62.53
CA ALA G 3730 -26.27 8.26 61.27
C ALA G 3730 -27.25 9.40 61.48
N LYS G 3731 -28.02 9.34 62.57
CA LYS G 3731 -28.95 10.42 62.88
C LYS G 3731 -28.20 11.72 63.16
N SER G 3732 -27.09 11.63 63.89
CA SER G 3732 -26.32 12.83 64.22
C SER G 3732 -25.72 13.46 62.97
N CYS G 3733 -25.41 12.66 61.96
CA CYS G 3733 -24.71 13.19 60.79
C CYS G 3733 -25.58 14.16 60.01
N HIS G 3734 -26.74 13.69 59.53
CA HIS G 3734 -27.70 14.69 59.04
C HIS G 3734 -28.28 15.66 60.05
N LEU G 3735 -28.86 15.19 61.14
CA LEU G 3735 -29.65 16.05 62.00
C LEU G 3735 -30.58 16.99 61.23
N GLU G 3736 -31.42 16.42 60.37
CA GLU G 3736 -32.41 17.17 59.61
C GLU G 3736 -33.40 16.24 58.91
N VAL G 3749 -40.64 28.80 49.82
CA VAL G 3749 -39.73 27.75 50.30
C VAL G 3749 -38.34 27.86 49.69
N GLU G 3750 -37.77 29.05 49.80
CA GLU G 3750 -36.50 29.39 49.19
C GLU G 3750 -35.46 29.54 50.30
N VAL G 3751 -34.28 28.95 50.10
CA VAL G 3751 -33.21 29.00 51.08
C VAL G 3751 -32.08 29.83 50.52
N SER G 3752 -31.61 30.79 51.32
CA SER G 3752 -30.52 31.65 50.88
C SER G 3752 -29.28 30.82 50.61
N PHE G 3753 -28.48 31.29 49.66
CA PHE G 3753 -27.18 30.65 49.40
C PHE G 3753 -26.37 30.52 50.68
N GLU G 3754 -26.40 31.55 51.53
CA GLU G 3754 -25.65 31.50 52.78
C GLU G 3754 -26.17 30.39 53.68
N GLU G 3755 -27.49 30.31 53.87
CA GLU G 3755 -28.05 29.28 54.73
C GLU G 3755 -27.72 27.90 54.19
N LYS G 3756 -27.88 27.71 52.87
CA LYS G 3756 -27.55 26.44 52.25
C LYS G 3756 -26.11 26.04 52.52
N GLU G 3757 -25.18 26.97 52.33
CA GLU G 3757 -23.78 26.66 52.60
C GLU G 3757 -23.54 26.39 54.09
N MET G 3758 -24.30 27.05 54.97
CA MET G 3758 -24.17 26.76 56.39
C MET G 3758 -24.64 25.35 56.72
N GLU G 3759 -25.74 24.90 56.12
CA GLU G 3759 -26.15 23.51 56.32
C GLU G 3759 -25.09 22.55 55.79
N LYS G 3760 -24.51 22.86 54.63
CA LYS G 3760 -23.46 22.01 54.10
C LYS G 3760 -22.26 21.95 55.03
N GLN G 3761 -21.84 23.10 55.56
CA GLN G 3761 -20.68 23.12 56.44
C GLN G 3761 -20.96 22.38 57.73
N ARG G 3762 -22.15 22.57 58.30
CA ARG G 3762 -22.49 21.81 59.49
C ARG G 3762 -22.48 20.31 59.19
N LEU G 3763 -23.09 19.89 58.09
CA LEU G 3763 -23.08 18.47 57.77
C LEU G 3763 -21.67 17.95 57.63
N LEU G 3764 -20.78 18.77 57.06
CA LEU G 3764 -19.39 18.37 56.94
C LEU G 3764 -18.74 18.21 58.31
N TYR G 3765 -19.04 19.12 59.24
CA TYR G 3765 -18.49 19.00 60.59
C TYR G 3765 -18.98 17.71 61.26
N GLN G 3766 -20.28 17.43 61.15
CA GLN G 3766 -20.82 16.21 61.76
C GLN G 3766 -20.21 14.97 61.13
N GLN G 3767 -19.98 14.99 59.81
CA GLN G 3767 -19.36 13.85 59.17
C GLN G 3767 -17.91 13.69 59.60
N SER G 3768 -17.22 14.83 59.80
CA SER G 3768 -15.84 14.81 60.24
C SER G 3768 -15.72 14.19 61.62
N ARG G 3769 -16.63 14.56 62.53
CA ARG G 3769 -16.65 13.96 63.84
C ARG G 3769 -16.46 12.45 63.77
N LEU G 3770 -17.02 11.84 62.73
CA LEU G 3770 -17.00 10.38 62.64
C LEU G 3770 -15.83 9.87 61.82
N HIS G 3771 -15.63 10.40 60.61
CA HIS G 3771 -14.62 9.79 59.75
C HIS G 3771 -13.22 10.14 60.22
N THR G 3772 -13.08 11.20 61.03
CA THR G 3772 -11.81 11.42 61.71
C THR G 3772 -11.55 10.34 62.73
N ARG G 3773 -12.60 9.80 63.33
CA ARG G 3773 -12.45 8.78 64.35
C ARG G 3773 -12.42 7.36 63.78
N GLY G 3774 -12.61 7.20 62.47
CA GLY G 3774 -12.44 5.91 61.85
C GLY G 3774 -13.72 5.16 61.55
N ALA G 3775 -14.79 5.90 61.22
CA ALA G 3775 -16.07 5.27 60.96
C ALA G 3775 -16.15 4.65 59.58
N ALA G 3776 -15.48 5.24 58.59
CA ALA G 3776 -15.53 4.72 57.23
C ALA G 3776 -14.95 3.30 57.17
N GLU G 3777 -13.79 3.11 57.79
CA GLU G 3777 -13.17 1.79 57.78
C GLU G 3777 -14.04 0.78 58.51
N MET G 3778 -14.70 1.20 59.60
CA MET G 3778 -15.60 0.32 60.30
C MET G 3778 -16.77 -0.09 59.41
N VAL G 3779 -17.31 0.86 58.66
CA VAL G 3779 -18.38 0.56 57.71
C VAL G 3779 -17.92 -0.49 56.71
N LEU G 3780 -16.75 -0.27 56.11
CA LEU G 3780 -16.25 -1.21 55.11
C LEU G 3780 -16.01 -2.58 55.72
N GLN G 3781 -15.45 -2.60 56.94
CA GLN G 3781 -15.16 -3.87 57.60
C GLN G 3781 -16.44 -4.65 57.89
N MET G 3782 -17.49 -3.95 58.33
CA MET G 3782 -18.75 -4.63 58.59
C MET G 3782 -19.38 -5.14 57.29
N ILE G 3783 -19.26 -4.37 56.21
CA ILE G 3783 -19.79 -4.82 54.93
C ILE G 3783 -19.07 -6.07 54.48
N SER G 3784 -17.75 -6.11 54.67
CA SER G 3784 -17.00 -7.32 54.33
C SER G 3784 -17.39 -8.48 55.22
N ALA G 3785 -17.60 -8.21 56.51
CA ALA G 3785 -17.89 -9.27 57.47
C ALA G 3785 -19.26 -9.90 57.20
N CYS G 3786 -20.24 -9.08 56.78
CA CYS G 3786 -21.58 -9.62 56.57
C CYS G 3786 -21.56 -10.77 55.56
N LYS G 3787 -20.59 -10.79 54.67
CA LYS G 3787 -20.35 -11.93 53.78
C LYS G 3787 -21.58 -12.23 52.92
N GLY G 3788 -22.31 -11.17 52.56
CA GLY G 3788 -23.41 -11.31 51.65
C GLY G 3788 -24.71 -11.78 52.27
N GLU G 3789 -24.89 -11.58 53.57
CA GLU G 3789 -26.12 -11.95 54.26
C GLU G 3789 -26.86 -10.68 54.67
N THR G 3790 -28.09 -10.53 54.17
CA THR G 3790 -28.90 -9.38 54.51
C THR G 3790 -29.30 -9.41 55.98
N GLY G 3791 -29.46 -8.23 56.56
CA GLY G 3791 -29.89 -8.15 57.94
C GLY G 3791 -29.82 -6.72 58.45
N ALA G 3792 -30.28 -6.57 59.69
CA ALA G 3792 -30.30 -5.26 60.32
C ALA G 3792 -28.89 -4.70 60.47
N MET G 3793 -27.91 -5.56 60.71
CA MET G 3793 -26.54 -5.11 60.86
C MET G 3793 -26.05 -4.41 59.60
N VAL G 3794 -26.18 -5.08 58.46
CA VAL G 3794 -25.72 -4.49 57.20
C VAL G 3794 -26.58 -3.29 56.83
N SER G 3795 -27.87 -3.33 57.14
CA SER G 3795 -28.72 -2.17 56.87
C SER G 3795 -28.24 -0.94 57.64
N SER G 3796 -27.94 -1.11 58.93
CA SER G 3796 -27.45 0.00 59.73
C SER G 3796 -26.09 0.47 59.24
N THR G 3797 -25.22 -0.46 58.85
CA THR G 3797 -23.92 -0.09 58.32
C THR G 3797 -24.07 0.75 57.06
N LEU G 3798 -24.97 0.34 56.17
CA LEU G 3798 -25.21 1.09 54.95
C LEU G 3798 -25.79 2.47 55.23
N LYS G 3799 -26.70 2.55 56.19
CA LYS G 3799 -27.26 3.85 56.55
C LYS G 3799 -26.18 4.77 57.11
N LEU G 3800 -25.29 4.23 57.94
CA LEU G 3800 -24.18 5.04 58.47
C LEU G 3800 -23.27 5.51 57.34
N GLY G 3801 -22.98 4.62 56.39
CA GLY G 3801 -22.16 5.02 55.26
C GLY G 3801 -22.81 6.13 54.45
N ILE G 3802 -24.12 6.00 54.20
CA ILE G 3802 -24.83 7.03 53.46
C ILE G 3802 -24.79 8.35 54.22
N SER G 3803 -24.96 8.30 55.53
CA SER G 3803 -24.96 9.52 56.33
C SER G 3803 -23.60 10.21 56.25
N ILE G 3804 -22.52 9.44 56.35
CA ILE G 3804 -21.20 10.07 56.34
C ILE G 3804 -20.80 10.48 54.92
N LEU G 3805 -21.43 9.90 53.91
CA LEU G 3805 -21.08 10.18 52.52
C LEU G 3805 -21.99 11.19 51.85
N ASN G 3806 -23.08 11.60 52.50
CA ASN G 3806 -24.03 12.49 51.86
C ASN G 3806 -23.35 13.78 51.43
N GLY G 3807 -23.72 14.25 50.24
CA GLY G 3807 -23.07 15.39 49.62
C GLY G 3807 -21.80 15.07 48.88
N GLY G 3808 -21.44 13.79 48.78
CA GLY G 3808 -20.22 13.40 48.10
C GLY G 3808 -18.97 13.84 48.83
N ASN G 3809 -18.86 13.45 50.10
CA ASN G 3809 -17.70 13.82 50.90
C ASN G 3809 -16.43 13.22 50.29
N ALA G 3810 -15.61 14.09 49.70
CA ALA G 3810 -14.37 13.64 49.09
C ALA G 3810 -13.40 13.07 50.10
N GLU G 3811 -13.40 13.62 51.32
CA GLU G 3811 -12.50 13.12 52.36
C GLU G 3811 -12.85 11.68 52.71
N VAL G 3812 -14.14 11.39 52.93
CA VAL G 3812 -14.56 10.03 53.22
C VAL G 3812 -14.31 9.13 52.02
N GLN G 3813 -14.56 9.63 50.81
CA GLN G 3813 -14.30 8.83 49.62
C GLN G 3813 -12.84 8.41 49.56
N GLN G 3814 -11.93 9.36 49.78
CA GLN G 3814 -10.51 9.07 49.72
C GLN G 3814 -10.11 8.10 50.82
N LYS G 3815 -10.63 8.30 52.03
CA LYS G 3815 -10.31 7.38 53.12
C LYS G 3815 -10.74 5.97 52.80
N MET G 3816 -11.96 5.81 52.29
CA MET G 3816 -12.47 4.50 51.94
C MET G 3816 -11.61 3.85 50.87
N LEU G 3817 -11.30 4.59 49.82
CA LEU G 3817 -10.53 4.04 48.71
C LEU G 3817 -9.13 3.66 49.15
N ASP G 3818 -8.50 4.50 49.98
CA ASP G 3818 -7.16 4.20 50.49
C ASP G 3818 -7.18 2.94 51.34
N TYR G 3819 -8.16 2.84 52.24
CA TYR G 3819 -8.27 1.65 53.06
C TYR G 3819 -8.41 0.40 52.20
N LEU G 3820 -9.32 0.45 51.23
CA LEU G 3820 -9.56 -0.72 50.39
C LEU G 3820 -8.31 -1.10 49.61
N LYS G 3821 -7.61 -0.10 49.08
CA LYS G 3821 -6.46 -0.39 48.23
C LYS G 3821 -5.27 -0.88 49.02
N ASP G 3822 -5.09 -0.42 50.27
CA ASP G 3822 -4.00 -0.95 51.08
C ASP G 3822 -4.32 -2.34 51.61
N LYS G 3823 -5.58 -2.57 51.98
CA LYS G 3823 -5.93 -3.88 52.55
C LYS G 3823 -6.01 -4.96 51.48
N LYS G 3824 -6.45 -4.60 50.29
CA LYS G 3824 -6.56 -5.55 49.17
C LYS G 3824 -7.34 -6.79 49.58
N GLU G 3825 -8.59 -6.56 49.96
CA GLU G 3825 -9.50 -7.62 50.34
C GLU G 3825 -10.64 -7.72 49.35
N VAL G 3826 -10.94 -8.95 48.92
CA VAL G 3826 -12.04 -9.19 47.99
C VAL G 3826 -13.37 -9.36 48.69
N GLY G 3827 -13.37 -9.49 50.02
CA GLY G 3827 -14.61 -9.76 50.73
C GLY G 3827 -15.61 -8.64 50.60
N PHE G 3828 -15.13 -7.40 50.55
CA PHE G 3828 -16.04 -6.26 50.47
C PHE G 3828 -16.90 -6.34 49.21
N PHE G 3829 -16.25 -6.48 48.05
CA PHE G 3829 -16.99 -6.53 46.81
C PHE G 3829 -17.74 -7.85 46.64
N GLN G 3830 -17.21 -8.93 47.22
CA GLN G 3830 -17.96 -10.19 47.23
C GLN G 3830 -19.28 -10.04 47.97
N SER G 3831 -19.24 -9.40 49.14
CA SER G 3831 -20.46 -9.17 49.90
C SER G 3831 -21.41 -8.25 49.14
N ILE G 3832 -20.85 -7.22 48.49
CA ILE G 3832 -21.68 -6.32 47.69
C ILE G 3832 -22.39 -7.10 46.60
N GLN G 3833 -21.66 -7.94 45.88
CA GLN G 3833 -22.23 -8.73 44.80
C GLN G 3833 -23.32 -9.66 45.32
N ALA G 3834 -23.06 -10.33 46.43
CA ALA G 3834 -24.04 -11.25 47.00
C ALA G 3834 -25.31 -10.51 47.40
N LEU G 3835 -25.15 -9.33 48.00
CA LEU G 3835 -26.31 -8.54 48.39
C LEU G 3835 -27.11 -8.10 47.18
N MET G 3836 -26.42 -7.71 46.11
CA MET G 3836 -27.13 -7.38 44.87
C MET G 3836 -27.91 -8.57 44.36
N GLN G 3837 -27.31 -9.76 44.40
CA GLN G 3837 -27.99 -10.95 43.92
C GLN G 3837 -29.21 -11.26 44.77
N THR G 3838 -29.11 -11.02 46.08
CA THR G 3838 -30.24 -11.28 46.96
C THR G 3838 -31.35 -10.26 46.78
N CYS G 3839 -31.00 -9.02 46.41
CA CYS G 3839 -32.00 -7.98 46.28
C CYS G 3839 -33.17 -8.45 45.42
N SER G 3840 -34.38 -8.11 45.85
CA SER G 3840 -35.59 -8.70 45.31
C SER G 3840 -36.23 -7.83 44.24
N VAL G 3841 -37.14 -8.44 43.49
CA VAL G 3841 -37.95 -7.77 42.49
C VAL G 3841 -39.43 -8.08 42.65
N LEU G 3842 -40.28 -7.48 41.81
CA LEU G 3842 -41.71 -7.73 41.88
C LEU G 3842 -42.00 -9.20 41.58
N ASP G 3843 -42.86 -9.81 42.40
CA ASP G 3843 -43.23 -11.20 42.25
C ASP G 3843 -44.75 -11.30 42.10
N LEU G 3844 -45.21 -11.75 40.93
CA LEU G 3844 -46.63 -11.81 40.66
C LEU G 3844 -47.30 -12.91 41.47
N ASN G 3845 -46.60 -14.00 41.73
CA ASN G 3845 -47.16 -15.05 42.58
C ASN G 3845 -47.46 -14.51 43.96
N ALA G 3846 -46.52 -13.76 44.54
CA ALA G 3846 -46.74 -13.14 45.83
C ALA G 3846 -47.87 -12.12 45.75
N PHE G 3847 -47.92 -11.35 44.66
CA PHE G 3847 -49.02 -10.40 44.49
C PHE G 3847 -50.37 -11.11 44.57
N GLU G 3848 -50.53 -12.19 43.80
CA GLU G 3848 -51.79 -12.91 43.77
C GLU G 3848 -52.10 -13.55 45.12
N ARG G 3849 -51.08 -14.13 45.76
CA ARG G 3849 -51.30 -14.75 47.07
C ARG G 3849 -51.77 -13.73 48.08
N GLN G 3850 -51.15 -12.56 48.12
CA GLN G 3850 -51.57 -11.50 49.03
C GLN G 3850 -52.97 -11.01 48.68
N ASN G 3851 -53.29 -10.92 47.39
CA ASN G 3851 -54.61 -10.47 46.98
C ASN G 3851 -55.69 -11.44 47.49
N LYS G 3852 -55.47 -12.74 47.31
CA LYS G 3852 -56.42 -13.72 47.83
C LYS G 3852 -56.48 -13.66 49.36
N ALA G 3853 -55.34 -13.49 50.01
CA ALA G 3853 -55.30 -13.43 51.45
C ALA G 3853 -56.16 -12.27 51.97
N GLU G 3854 -55.98 -11.08 51.39
CA GLU G 3854 -56.78 -9.94 51.82
C GLU G 3854 -58.24 -10.09 51.43
N GLY G 3855 -58.51 -10.77 50.31
CA GLY G 3855 -59.89 -11.00 49.92
C GLY G 3855 -60.61 -11.92 50.89
N LEU G 3856 -59.91 -12.90 51.44
CA LEU G 3856 -60.49 -13.83 52.39
C LEU G 3856 -61.11 -13.08 53.57
N GLY G 3857 -60.53 -11.92 53.90
CA GLY G 3857 -61.06 -11.16 55.03
C GLY G 3857 -61.00 -11.91 56.33
N MET G 3858 -59.93 -12.69 56.53
CA MET G 3858 -59.81 -13.46 57.76
C MET G 3858 -59.73 -12.52 58.96
N VAL G 3859 -60.33 -12.95 60.07
CA VAL G 3859 -60.38 -12.19 61.30
C VAL G 3859 -59.66 -12.97 62.38
N ASN G 3860 -58.91 -12.28 63.22
CA ASN G 3860 -58.23 -12.93 64.33
C ASN G 3860 -59.25 -13.57 65.27
N GLU G 3861 -59.02 -14.85 65.58
CA GLU G 3861 -59.97 -15.59 66.40
C GLU G 3861 -60.08 -14.98 67.79
N ASP G 3862 -58.95 -14.61 68.38
CA ASP G 3862 -58.98 -13.89 69.65
C ASP G 3862 -59.48 -12.47 69.42
N GLY G 3863 -60.52 -12.09 70.14
CA GLY G 3863 -61.16 -10.81 69.86
C GLY G 3863 -61.61 -10.77 68.41
N THR G 3864 -61.16 -9.77 67.68
CA THR G 3864 -61.44 -9.68 66.25
C THR G 3864 -60.51 -8.64 65.64
N VAL G 3865 -59.76 -9.04 64.61
CA VAL G 3865 -58.90 -8.14 63.86
C VAL G 3865 -59.28 -8.28 62.39
N ILE G 3866 -60.16 -7.38 61.91
CA ILE G 3866 -60.53 -7.44 60.51
C ILE G 3866 -59.30 -7.12 59.65
N ASN G 3867 -59.30 -7.67 58.44
CA ASN G 3867 -58.32 -7.37 57.40
C ASN G 3867 -56.93 -7.14 57.99
N ARG G 3868 -56.54 -8.06 58.87
CA ARG G 3868 -55.22 -7.99 59.47
C ARG G 3868 -54.14 -7.93 58.40
N GLN G 3869 -53.24 -6.94 58.51
CA GLN G 3869 -52.23 -6.62 57.51
C GLN G 3869 -51.06 -7.59 57.71
N ASN G 3870 -50.75 -8.35 56.67
CA ASN G 3870 -49.62 -9.27 56.72
C ASN G 3870 -48.35 -8.54 56.32
N GLY G 3871 -47.22 -9.19 56.58
CA GLY G 3871 -45.95 -8.70 56.09
C GLY G 3871 -45.96 -8.58 54.59
N GLU G 3872 -45.48 -7.45 54.07
CA GLU G 3872 -45.49 -7.21 52.64
C GLU G 3872 -44.45 -8.09 51.98
N LYS G 3873 -44.89 -9.17 51.32
CA LYS G 3873 -43.94 -10.05 50.62
C LYS G 3873 -43.30 -9.35 49.44
N VAL G 3874 -44.06 -8.53 48.72
CA VAL G 3874 -43.56 -7.91 47.50
C VAL G 3874 -42.74 -6.69 47.87
N MET G 3875 -41.49 -6.67 47.42
CA MET G 3875 -40.55 -5.59 47.73
C MET G 3875 -40.47 -5.35 49.24
N ALA G 3876 -40.11 -6.42 49.96
CA ALA G 3876 -39.86 -6.28 51.39
C ALA G 3876 -38.52 -5.59 51.64
N ASP G 3877 -37.53 -5.85 50.80
CA ASP G 3877 -36.20 -5.28 50.94
C ASP G 3877 -35.99 -4.07 50.04
N ASP G 3878 -37.06 -3.35 49.71
CA ASP G 3878 -36.92 -2.17 48.84
C ASP G 3878 -36.02 -1.12 49.48
N GLU G 3879 -36.20 -0.89 50.78
CA GLU G 3879 -35.39 0.10 51.47
C GLU G 3879 -33.93 -0.31 51.47
N PHE G 3880 -33.65 -1.59 51.72
CA PHE G 3880 -32.28 -2.07 51.68
C PHE G 3880 -31.67 -1.90 50.29
N THR G 3881 -32.44 -2.21 49.25
CA THR G 3881 -31.95 -2.07 47.89
C THR G 3881 -31.61 -0.61 47.59
N GLN G 3882 -32.53 0.29 47.93
CA GLN G 3882 -32.27 1.71 47.73
C GLN G 3882 -31.05 2.17 48.50
N ASP G 3883 -30.88 1.68 49.74
CA ASP G 3883 -29.73 2.09 50.54
C ASP G 3883 -28.44 1.59 49.93
N LEU G 3884 -28.42 0.34 49.46
CA LEU G 3884 -27.22 -0.20 48.82
C LEU G 3884 -26.83 0.64 47.60
N PHE G 3885 -27.80 0.92 46.73
CA PHE G 3885 -27.47 1.62 45.51
C PHE G 3885 -27.18 3.09 45.76
N ARG G 3886 -27.81 3.69 46.78
CA ARG G 3886 -27.46 5.04 47.17
C ARG G 3886 -26.05 5.11 47.73
N PHE G 3887 -25.65 4.09 48.49
CA PHE G 3887 -24.28 4.02 49.00
C PHE G 3887 -23.29 3.95 47.85
N LEU G 3888 -23.54 3.06 46.88
CA LEU G 3888 -22.64 2.94 45.75
C LEU G 3888 -22.60 4.23 44.94
N GLN G 3889 -23.75 4.88 44.76
CA GLN G 3889 -23.80 6.17 44.08
C GLN G 3889 -22.98 7.21 44.82
N LEU G 3890 -23.16 7.29 46.14
CA LEU G 3890 -22.48 8.31 46.92
C LEU G 3890 -20.98 8.11 46.87
N LEU G 3891 -20.54 6.85 46.79
CA LEU G 3891 -19.11 6.59 46.70
C LEU G 3891 -18.52 7.22 45.44
N CYS G 3892 -19.29 7.32 44.37
CA CYS G 3892 -18.84 7.91 43.12
C CYS G 3892 -19.29 9.36 42.95
N GLU G 3893 -20.07 9.89 43.87
CA GLU G 3893 -20.61 11.23 43.70
C GLU G 3893 -19.48 12.25 43.63
N GLY G 3894 -19.71 13.30 42.83
CA GLY G 3894 -18.70 14.29 42.57
C GLY G 3894 -17.76 13.96 41.45
N HIS G 3895 -18.04 12.91 40.67
CA HIS G 3895 -17.20 12.52 39.54
C HIS G 3895 -15.82 12.06 40.01
N ASN G 3896 -15.84 11.12 40.95
CA ASN G 3896 -14.61 10.54 41.47
C ASN G 3896 -14.12 9.46 40.51
N ASN G 3897 -13.19 9.84 39.63
CA ASN G 3897 -12.69 8.90 38.63
C ASN G 3897 -12.04 7.69 39.27
N ASP G 3898 -11.28 7.92 40.35
CA ASP G 3898 -10.54 6.82 40.96
C ASP G 3898 -11.49 5.75 41.48
N PHE G 3899 -12.49 6.13 42.26
CA PHE G 3899 -13.41 5.13 42.78
C PHE G 3899 -14.28 4.55 41.68
N GLN G 3900 -14.66 5.39 40.70
CA GLN G 3900 -15.43 4.89 39.56
C GLN G 3900 -14.70 3.74 38.89
N ASN G 3901 -13.40 3.91 38.64
CA ASN G 3901 -12.64 2.86 37.97
C ASN G 3901 -12.39 1.69 38.91
N TYR G 3902 -12.23 1.96 40.20
CA TYR G 3902 -12.05 0.87 41.15
C TYR G 3902 -13.27 -0.04 41.16
N LEU G 3903 -14.47 0.54 41.05
CA LEU G 3903 -15.67 -0.27 40.98
C LEU G 3903 -15.64 -1.21 39.78
N ARG G 3904 -15.21 -0.70 38.63
CA ARG G 3904 -15.11 -1.55 37.44
C ARG G 3904 -14.08 -2.64 37.64
N THR G 3905 -12.92 -2.30 38.20
CA THR G 3905 -11.81 -3.23 38.29
C THR G 3905 -10.96 -2.90 39.51
N GLN G 3906 -10.45 -3.93 40.15
CA GLN G 3906 -9.58 -3.80 41.32
C GLN G 3906 -8.22 -4.39 40.94
N THR G 3907 -7.30 -3.52 40.54
CA THR G 3907 -6.03 -3.98 40.02
C THR G 3907 -5.23 -4.75 41.07
N GLY G 3908 -5.15 -4.21 42.29
CA GLY G 3908 -4.31 -4.82 43.30
C GLY G 3908 -4.81 -6.19 43.73
N ASN G 3909 -6.13 -6.36 43.81
CA ASN G 3909 -6.69 -7.61 44.30
C ASN G 3909 -6.43 -8.75 43.34
N THR G 3910 -6.42 -9.97 43.88
CA THR G 3910 -6.23 -11.15 43.04
C THR G 3910 -7.37 -11.30 42.05
N THR G 3911 -8.59 -10.96 42.46
CA THR G 3911 -9.77 -11.11 41.64
C THR G 3911 -10.51 -9.78 41.57
N THR G 3912 -11.32 -9.64 40.52
CA THR G 3912 -12.02 -8.40 40.24
C THR G 3912 -13.51 -8.69 40.03
N ILE G 3913 -14.34 -7.76 40.50
CA ILE G 3913 -15.79 -7.84 40.35
C ILE G 3913 -16.27 -6.53 39.76
N ASN G 3914 -17.14 -6.61 38.74
CA ASN G 3914 -17.62 -5.42 38.05
C ASN G 3914 -19.00 -5.07 38.61
N ILE G 3915 -18.98 -4.16 39.58
CA ILE G 3915 -20.22 -3.70 40.21
C ILE G 3915 -21.14 -3.05 39.18
N ILE G 3916 -20.58 -2.43 38.15
CA ILE G 3916 -21.41 -1.82 37.12
C ILE G 3916 -22.25 -2.88 36.42
N ILE G 3917 -21.61 -3.99 36.04
CA ILE G 3917 -22.34 -5.06 35.38
C ILE G 3917 -23.33 -5.70 36.33
N CYS G 3918 -22.98 -5.83 37.61
CA CYS G 3918 -23.95 -6.37 38.57
C CYS G 3918 -25.19 -5.48 38.65
N THR G 3919 -24.99 -4.16 38.69
CA THR G 3919 -26.10 -3.23 38.69
C THR G 3919 -26.95 -3.38 37.43
N VAL G 3920 -26.29 -3.54 36.28
CA VAL G 3920 -27.04 -3.74 35.04
C VAL G 3920 -27.89 -5.00 35.11
N ASP G 3921 -27.33 -6.07 35.68
CA ASP G 3921 -28.09 -7.31 35.81
C ASP G 3921 -29.31 -7.13 36.69
N TYR G 3922 -29.14 -6.44 37.82
CA TYR G 3922 -30.29 -6.17 38.67
C TYR G 3922 -31.34 -5.34 37.94
N LEU G 3923 -30.89 -4.34 37.18
CA LEU G 3923 -31.83 -3.52 36.42
C LEU G 3923 -32.61 -4.37 35.42
N LEU G 3924 -31.92 -5.32 34.78
CA LEU G 3924 -32.60 -6.20 33.83
C LEU G 3924 -33.66 -7.04 34.52
N ARG G 3925 -33.33 -7.60 35.69
CA ARG G 3925 -34.31 -8.39 36.42
C ARG G 3925 -35.52 -7.54 36.82
N LEU G 3926 -35.26 -6.32 37.30
CA LEU G 3926 -36.34 -5.42 37.66
C LEU G 3926 -37.21 -5.10 36.44
N GLN G 3927 -36.58 -4.89 35.29
CA GLN G 3927 -37.31 -4.61 34.06
C GLN G 3927 -38.22 -5.77 33.71
N GLU G 3928 -37.70 -7.00 33.82
CA GLU G 3928 -38.53 -8.16 33.51
C GLU G 3928 -39.72 -8.24 34.44
N SER G 3929 -39.50 -7.99 35.73
CA SER G 3929 -40.61 -8.04 36.69
C SER G 3929 -41.66 -6.99 36.33
N ILE G 3930 -41.23 -5.78 36.02
CA ILE G 3930 -42.17 -4.71 35.70
C ILE G 3930 -42.95 -5.03 34.44
N SER G 3931 -42.27 -5.58 33.43
CA SER G 3931 -42.96 -5.93 32.19
C SER G 3931 -44.00 -7.01 32.44
N ASP G 3932 -43.66 -8.02 33.26
CA ASP G 3932 -44.63 -9.05 33.58
C ASP G 3932 -45.84 -8.45 34.29
N PHE G 3933 -45.60 -7.53 35.21
CA PHE G 3933 -46.71 -6.99 35.99
C PHE G 3933 -47.58 -6.10 35.11
N TYR G 3934 -46.96 -5.38 34.16
CA TYR G 3934 -47.70 -4.70 33.10
C TYR G 3934 -48.62 -5.66 32.37
N TRP G 3935 -48.04 -6.75 31.84
CA TRP G 3935 -48.85 -7.72 31.10
C TRP G 3935 -50.00 -8.23 31.97
N TYR G 3936 -49.73 -8.38 33.27
CA TYR G 3936 -50.76 -8.87 34.18
C TYR G 3936 -51.93 -7.90 34.25
N TYR G 3937 -51.64 -6.60 34.33
CA TYR G 3937 -52.69 -5.59 34.42
C TYR G 3937 -53.16 -5.08 33.06
N SER G 3938 -52.64 -5.62 31.96
CA SER G 3938 -52.93 -5.04 30.65
C SER G 3938 -54.40 -5.15 30.31
N GLY G 3939 -55.01 -6.32 30.52
CA GLY G 3939 -56.43 -6.46 30.26
C GLY G 3939 -57.27 -5.63 31.20
N LYS G 3940 -56.87 -5.56 32.46
CA LYS G 3940 -57.63 -4.83 33.46
C LYS G 3940 -57.65 -3.35 33.13
N ASP G 3941 -58.85 -2.75 33.14
CA ASP G 3941 -58.98 -1.36 32.75
C ASP G 3941 -58.28 -0.43 33.74
N VAL G 3942 -58.45 -0.67 35.04
CA VAL G 3942 -57.96 0.21 36.08
C VAL G 3942 -57.08 -0.58 37.03
N ILE G 3943 -55.87 -0.05 37.29
CA ILE G 3943 -55.02 -0.61 38.32
C ILE G 3943 -55.59 -0.29 39.69
N GLU G 3944 -55.57 -1.27 40.59
CA GLU G 3944 -56.02 -1.04 41.95
C GLU G 3944 -54.87 -0.62 42.85
N GLU G 3945 -55.22 -0.26 44.08
CA GLU G 3945 -54.33 0.48 44.97
C GLU G 3945 -53.07 -0.32 45.28
N GLN G 3946 -53.24 -1.61 45.53
CA GLN G 3946 -52.09 -2.47 45.83
C GLN G 3946 -51.12 -2.48 44.68
N GLY G 3947 -51.63 -2.62 43.47
CA GLY G 3947 -50.76 -2.52 42.32
C GLY G 3947 -50.05 -1.17 42.31
N LYS G 3948 -50.81 -0.08 42.53
CA LYS G 3948 -50.26 1.29 42.46
C LYS G 3948 -49.07 1.61 43.39
N ARG G 3949 -49.16 1.41 44.69
CA ARG G 3949 -48.00 0.77 45.30
C ARG G 3949 -47.01 0.01 44.54
N ASN G 3950 -47.25 -1.25 44.24
CA ASN G 3950 -46.10 -2.05 43.84
C ASN G 3950 -45.35 -1.39 42.68
N PHE G 3951 -46.09 -0.86 41.70
CA PHE G 3951 -45.54 0.03 40.70
C PHE G 3951 -44.68 1.14 41.29
N SER G 3952 -45.18 1.88 42.29
CA SER G 3952 -44.43 3.02 42.79
C SER G 3952 -43.13 2.59 43.46
N LYS G 3953 -43.18 1.50 44.22
CA LYS G 3953 -41.98 0.98 44.86
C LYS G 3953 -40.94 0.56 43.82
N ALA G 3954 -41.39 -0.17 42.79
CA ALA G 3954 -40.48 -0.60 41.74
C ALA G 3954 -39.86 0.58 41.02
N MET G 3955 -40.67 1.62 40.74
CA MET G 3955 -40.14 2.77 40.02
C MET G 3955 -39.20 3.59 40.89
N SER G 3956 -39.42 3.61 42.20
CA SER G 3956 -38.45 4.25 43.09
C SER G 3956 -37.11 3.50 43.09
N VAL G 3957 -37.16 2.18 43.17
CA VAL G 3957 -35.93 1.40 43.13
C VAL G 3957 -35.22 1.62 41.80
N ALA G 3958 -35.97 1.60 40.70
CA ALA G 3958 -35.37 1.81 39.39
C ALA G 3958 -34.78 3.21 39.25
N LYS G 3959 -35.43 4.21 39.86
CA LYS G 3959 -34.88 5.55 39.85
C LYS G 3959 -33.54 5.60 40.56
N GLN G 3960 -33.45 4.97 41.72
CA GLN G 3960 -32.17 4.94 42.43
C GLN G 3960 -31.12 4.21 41.61
N VAL G 3961 -31.49 3.11 40.97
CA VAL G 3961 -30.54 2.36 40.17
C VAL G 3961 -30.05 3.19 38.99
N PHE G 3962 -30.96 3.90 38.32
CA PHE G 3962 -30.57 4.75 37.21
C PHE G 3962 -29.64 5.85 37.67
N ASN G 3963 -29.92 6.45 38.82
CA ASN G 3963 -29.05 7.51 39.32
C ASN G 3963 -27.67 6.96 39.65
N SER G 3964 -27.61 5.77 40.25
CA SER G 3964 -26.31 5.16 40.55
C SER G 3964 -25.53 4.88 39.27
N LEU G 3965 -26.18 4.33 38.26
CA LEU G 3965 -25.51 4.06 36.99
C LEU G 3965 -25.04 5.34 36.34
N THR G 3966 -25.87 6.38 36.39
CA THR G 3966 -25.48 7.68 35.86
C THR G 3966 -24.25 8.22 36.56
N GLU G 3967 -24.20 8.06 37.89
CA GLU G 3967 -23.07 8.59 38.63
C GLU G 3967 -21.80 7.78 38.36
N TYR G 3968 -21.94 6.48 38.08
CA TYR G 3968 -20.77 5.70 37.72
C TYR G 3968 -20.06 6.24 36.49
N ILE G 3969 -20.80 6.81 35.54
CA ILE G 3969 -20.22 7.19 34.26
C ILE G 3969 -19.97 8.69 34.16
N GLN G 3970 -20.70 9.52 34.91
CA GLN G 3970 -20.51 10.96 34.79
C GLN G 3970 -19.09 11.34 35.15
N GLY G 3971 -18.57 12.34 34.46
CA GLY G 3971 -17.25 12.88 34.75
C GLY G 3971 -16.44 13.21 33.51
N PRO G 3972 -16.52 12.38 32.45
CA PRO G 3972 -17.01 11.00 32.30
C PRO G 3972 -15.95 9.95 32.63
N CYS G 3973 -16.38 8.75 33.00
CA CYS G 3973 -15.49 7.60 33.11
C CYS G 3973 -15.63 6.77 31.84
N THR G 3974 -14.65 6.87 30.95
CA THR G 3974 -14.76 6.24 29.64
C THR G 3974 -14.81 4.71 29.76
N GLY G 3975 -14.04 4.14 30.68
CA GLY G 3975 -14.07 2.70 30.84
C GLY G 3975 -15.44 2.20 31.26
N ASN G 3976 -16.07 2.91 32.21
CA ASN G 3976 -17.41 2.54 32.62
C ASN G 3976 -18.41 2.73 31.49
N GLN G 3977 -18.26 3.80 30.71
CA GLN G 3977 -19.09 3.99 29.53
C GLN G 3977 -19.00 2.81 28.58
N GLN G 3978 -17.76 2.38 28.27
CA GLN G 3978 -17.57 1.26 27.37
C GLN G 3978 -18.15 -0.03 27.94
N SER G 3979 -17.95 -0.26 29.23
CA SER G 3979 -18.50 -1.46 29.86
C SER G 3979 -20.02 -1.49 29.73
N LEU G 3980 -20.68 -0.37 30.03
CA LEU G 3980 -22.13 -0.33 29.88
C LEU G 3980 -22.54 -0.50 28.43
N ALA G 3981 -21.81 0.13 27.51
CA ALA G 3981 -22.17 0.04 26.10
C ALA G 3981 -22.12 -1.40 25.61
N HIS G 3982 -21.13 -2.15 26.06
CA HIS G 3982 -21.01 -3.56 25.68
C HIS G 3982 -21.78 -4.49 26.62
N SER G 3983 -22.43 -3.95 27.64
CA SER G 3983 -23.24 -4.75 28.55
C SER G 3983 -24.64 -4.96 27.97
N ARG G 3984 -25.56 -5.45 28.80
CA ARG G 3984 -26.94 -5.76 28.43
C ARG G 3984 -27.89 -4.62 28.73
N LEU G 3985 -27.37 -3.40 28.91
CA LEU G 3985 -28.21 -2.29 29.33
C LEU G 3985 -29.27 -1.98 28.29
N TRP G 3986 -28.94 -2.14 27.01
CA TRP G 3986 -29.84 -1.72 25.94
C TRP G 3986 -31.14 -2.50 25.99
N ASP G 3987 -31.08 -3.80 26.31
CA ASP G 3987 -32.29 -4.59 26.42
C ASP G 3987 -33.20 -4.06 27.53
N ALA G 3988 -32.59 -3.69 28.66
CA ALA G 3988 -33.36 -3.10 29.75
C ALA G 3988 -34.01 -1.80 29.30
N VAL G 3989 -33.28 -0.98 28.55
CA VAL G 3989 -33.85 0.27 28.06
C VAL G 3989 -35.02 -0.01 27.13
N VAL G 3990 -34.88 -1.02 26.28
CA VAL G 3990 -35.95 -1.37 25.34
C VAL G 3990 -37.21 -1.76 26.12
N GLY G 3991 -37.05 -2.64 27.10
CA GLY G 3991 -38.21 -3.06 27.89
C GLY G 3991 -38.84 -1.92 28.65
N PHE G 3992 -38.00 -1.06 29.25
CA PHE G 3992 -38.53 0.10 29.94
C PHE G 3992 -39.29 1.02 28.99
N LEU G 3993 -38.79 1.17 27.76
CA LEU G 3993 -39.50 2.00 26.79
C LEU G 3993 -40.84 1.40 26.43
N HIS G 3994 -40.88 0.08 26.21
CA HIS G 3994 -42.14 -0.62 25.97
C HIS G 3994 -43.14 -0.31 27.08
N VAL G 3995 -42.71 -0.55 28.32
CA VAL G 3995 -43.59 -0.38 29.48
C VAL G 3995 -44.01 1.08 29.61
N PHE G 3996 -43.07 2.00 29.43
CA PHE G 3996 -43.39 3.41 29.52
C PHE G 3996 -44.49 3.78 28.55
N ALA G 3997 -44.33 3.42 27.28
CA ALA G 3997 -45.33 3.80 26.29
C ALA G 3997 -46.70 3.24 26.65
N HIS G 3998 -46.76 1.94 26.94
CA HIS G 3998 -48.06 1.33 27.17
C HIS G 3998 -48.71 1.80 28.47
N MET G 3999 -47.91 1.95 29.54
CA MET G 3999 -48.44 2.49 30.79
C MET G 3999 -48.91 3.92 30.62
N MET G 4000 -48.17 4.74 29.86
CA MET G 4000 -48.62 6.11 29.64
C MET G 4000 -49.98 6.11 28.97
N MET G 4001 -50.13 5.34 27.89
CA MET G 4001 -51.43 5.30 27.21
C MET G 4001 -52.53 4.80 28.14
N LYS G 4002 -52.23 3.76 28.94
CA LYS G 4002 -53.26 3.17 29.79
C LYS G 4002 -53.64 4.10 30.93
N LEU G 4003 -52.65 4.67 31.62
CA LEU G 4003 -52.89 5.49 32.79
C LEU G 4003 -53.49 6.85 32.42
N ALA G 4004 -53.26 7.33 31.19
CA ALA G 4004 -53.89 8.59 30.80
C ALA G 4004 -55.41 8.49 30.83
N GLN G 4005 -55.93 7.26 30.73
CA GLN G 4005 -57.37 7.09 30.60
C GLN G 4005 -58.09 7.39 31.91
N ASP G 4006 -57.44 7.14 33.04
CA ASP G 4006 -58.02 7.36 34.36
C ASP G 4006 -57.21 8.43 35.09
N SER G 4007 -57.92 9.43 35.64
CA SER G 4007 -57.24 10.54 36.30
C SER G 4007 -56.68 10.14 37.65
N SER G 4008 -57.30 9.17 38.32
CA SER G 4008 -56.85 8.73 39.63
C SER G 4008 -55.42 8.21 39.57
N GLN G 4009 -54.97 7.82 38.38
CA GLN G 4009 -53.66 7.25 38.16
C GLN G 4009 -52.63 8.29 37.77
N ILE G 4010 -52.95 9.57 37.98
CA ILE G 4010 -52.08 10.65 37.52
C ILE G 4010 -50.79 10.67 38.32
N GLU G 4011 -50.85 10.35 39.61
CA GLU G 4011 -49.63 10.31 40.42
C GLU G 4011 -48.68 9.22 39.94
N LEU G 4012 -49.21 8.04 39.66
CA LEU G 4012 -48.39 6.96 39.12
C LEU G 4012 -47.82 7.35 37.77
N LEU G 4013 -48.62 8.03 36.94
CA LEU G 4013 -48.13 8.51 35.66
C LEU G 4013 -46.97 9.49 35.85
N LYS G 4014 -47.10 10.39 36.81
CA LYS G 4014 -46.05 11.35 37.08
C LYS G 4014 -44.76 10.66 37.49
N GLU G 4015 -44.86 9.68 38.39
CA GLU G 4015 -43.67 8.95 38.81
C GLU G 4015 -43.05 8.21 37.62
N LEU G 4016 -43.89 7.62 36.78
CA LEU G 4016 -43.39 6.92 35.60
C LEU G 4016 -42.63 7.87 34.69
N LEU G 4017 -43.19 9.06 34.45
CA LEU G 4017 -42.54 10.04 33.59
C LEU G 4017 -41.21 10.49 34.19
N ASP G 4018 -41.17 10.68 35.51
CA ASP G 4018 -39.91 11.03 36.16
C ASP G 4018 -38.87 9.93 35.98
N LEU G 4019 -39.31 8.67 36.05
CA LEU G 4019 -38.39 7.56 35.82
C LEU G 4019 -37.85 7.57 34.40
N GLN G 4020 -38.72 7.85 33.42
CA GLN G 4020 -38.23 7.99 32.05
C GLN G 4020 -37.22 9.11 31.94
N LYS G 4021 -37.47 10.21 32.63
CA LYS G 4021 -36.52 11.32 32.64
C LYS G 4021 -35.17 10.86 33.18
N ASP G 4022 -35.19 10.07 34.26
CA ASP G 4022 -33.94 9.57 34.83
C ASP G 4022 -33.20 8.67 33.84
N MET G 4023 -33.93 7.80 33.15
CA MET G 4023 -33.29 6.92 32.16
C MET G 4023 -32.68 7.74 31.02
N VAL G 4024 -33.40 8.77 30.56
CA VAL G 4024 -32.87 9.61 29.50
C VAL G 4024 -31.63 10.35 29.99
N VAL G 4025 -31.63 10.74 31.25
CA VAL G 4025 -30.44 11.38 31.83
C VAL G 4025 -29.27 10.42 31.80
N MET G 4026 -29.51 9.16 32.12
CA MET G 4026 -28.45 8.17 32.05
C MET G 4026 -27.92 8.03 30.62
N LEU G 4027 -28.81 8.01 29.64
CA LEU G 4027 -28.36 7.90 28.25
C LEU G 4027 -27.54 9.12 27.85
N LEU G 4028 -28.00 10.31 28.21
CA LEU G 4028 -27.24 11.52 27.92
C LEU G 4028 -25.88 11.51 28.60
N SER G 4029 -25.80 10.93 29.80
CA SER G 4029 -24.52 10.77 30.47
C SER G 4029 -23.62 9.81 29.71
N LEU G 4030 -24.18 8.72 29.19
CA LEU G 4030 -23.40 7.84 28.32
C LEU G 4030 -22.85 8.61 27.13
N LEU G 4031 -23.60 9.58 26.62
CA LEU G 4031 -23.14 10.37 25.48
C LEU G 4031 -22.16 11.47 25.86
N GLU G 4032 -21.70 11.52 27.10
CA GLU G 4032 -20.73 12.54 27.48
C GLU G 4032 -19.41 12.27 26.78
N GLY G 4033 -18.80 13.32 26.24
CA GLY G 4033 -17.57 13.16 25.49
C GLY G 4033 -17.71 12.30 24.26
N ASN G 4034 -18.80 12.45 23.53
CA ASN G 4034 -19.09 11.62 22.37
C ASN G 4034 -18.70 12.36 21.10
N VAL G 4035 -17.84 11.73 20.31
CA VAL G 4035 -17.43 12.31 19.04
C VAL G 4035 -18.48 12.04 17.98
N VAL G 4036 -18.37 12.76 16.86
CA VAL G 4036 -19.26 12.52 15.74
C VAL G 4036 -19.10 11.08 15.27
N ASN G 4037 -20.23 10.42 15.02
CA ASN G 4037 -20.25 9.04 14.57
C ASN G 4037 -19.60 8.11 15.58
N GLY G 4038 -19.78 8.39 16.86
CA GLY G 4038 -19.26 7.52 17.89
C GLY G 4038 -20.01 6.20 17.96
N MET G 4039 -19.29 5.18 18.40
CA MET G 4039 -19.93 3.90 18.67
C MET G 4039 -21.09 3.96 19.65
N ILE G 4040 -20.95 4.68 20.74
CA ILE G 4040 -22.04 4.70 21.72
C ILE G 4040 -23.28 5.34 21.11
N ALA G 4041 -23.10 6.43 20.37
CA ALA G 4041 -24.24 7.09 19.73
C ALA G 4041 -24.89 6.18 18.69
N ARG G 4042 -24.08 5.49 17.89
CA ARG G 4042 -24.65 4.61 16.87
C ARG G 4042 -25.42 3.46 17.51
N GLN G 4043 -24.89 2.91 18.60
CA GLN G 4043 -25.59 1.83 19.30
C GLN G 4043 -26.87 2.34 19.96
N MET G 4044 -26.86 3.59 20.42
CA MET G 4044 -28.09 4.22 20.91
C MET G 4044 -29.14 4.31 19.80
N VAL G 4045 -28.70 4.72 18.60
CA VAL G 4045 -29.63 4.80 17.48
C VAL G 4045 -30.17 3.42 17.14
N ASP G 4046 -29.32 2.40 17.22
CA ASP G 4046 -29.78 1.04 16.96
C ASP G 4046 -30.82 0.61 17.99
N MET G 4047 -30.60 0.93 19.26
CA MET G 4047 -31.57 0.62 20.30
C MET G 4047 -32.90 1.32 20.04
N LEU G 4048 -32.83 2.60 19.65
CA LEU G 4048 -34.05 3.34 19.36
C LEU G 4048 -34.78 2.71 18.18
N VAL G 4049 -34.05 2.27 17.17
CA VAL G 4049 -34.67 1.62 16.02
C VAL G 4049 -35.36 0.33 16.45
N GLU G 4050 -34.69 -0.46 17.30
CA GLU G 4050 -35.31 -1.67 17.80
C GLU G 4050 -36.57 -1.36 18.59
N SER G 4051 -36.58 -0.23 19.30
CA SER G 4051 -37.73 0.21 20.08
C SER G 4051 -38.59 1.23 19.34
N SER G 4052 -38.53 1.23 18.01
CA SER G 4052 -39.15 2.29 17.23
C SER G 4052 -40.63 2.48 17.58
N SER G 4053 -41.38 1.38 17.60
CA SER G 4053 -42.83 1.48 17.80
C SER G 4053 -43.17 2.21 19.09
N ASN G 4054 -42.51 1.84 20.19
CA ASN G 4054 -42.80 2.46 21.47
C ASN G 4054 -42.35 3.92 21.50
N VAL G 4055 -41.23 4.22 20.85
CA VAL G 4055 -40.78 5.59 20.74
C VAL G 4055 -41.83 6.42 19.99
N GLU G 4056 -42.37 5.86 18.90
CA GLU G 4056 -43.41 6.54 18.16
C GLU G 4056 -44.64 6.75 19.03
N MET G 4057 -45.00 5.75 19.84
CA MET G 4057 -46.13 5.89 20.74
C MET G 4057 -45.92 7.04 21.72
N ILE G 4058 -44.71 7.14 22.27
CA ILE G 4058 -44.40 8.20 23.22
C ILE G 4058 -44.49 9.56 22.55
N LEU G 4059 -43.89 9.68 21.36
CA LEU G 4059 -43.92 10.93 20.64
C LEU G 4059 -45.34 11.33 20.30
N LYS G 4060 -46.17 10.34 19.96
CA LYS G 4060 -47.57 10.62 19.65
C LYS G 4060 -48.32 11.09 20.88
N PHE G 4061 -48.05 10.50 22.04
CA PHE G 4061 -48.61 11.00 23.28
C PHE G 4061 -48.30 12.48 23.45
N PHE G 4062 -47.02 12.83 23.37
CA PHE G 4062 -46.61 14.21 23.59
C PHE G 4062 -47.24 15.14 22.56
N ASP G 4063 -47.23 14.75 21.29
CA ASP G 4063 -47.72 15.66 20.25
C ASP G 4063 -49.22 15.82 20.33
N MET G 4064 -49.95 14.73 20.64
CA MET G 4064 -51.39 14.85 20.83
C MET G 4064 -51.70 15.88 21.90
N PHE G 4065 -51.05 15.77 23.06
CA PHE G 4065 -51.44 16.68 24.14
C PHE G 4065 -50.97 18.09 23.88
N LEU G 4066 -49.79 18.26 23.27
CA LEU G 4066 -49.33 19.60 22.91
C LEU G 4066 -50.28 20.26 21.93
N LYS G 4067 -50.75 19.50 20.92
CA LYS G 4067 -51.67 20.05 19.95
C LYS G 4067 -53.02 20.37 20.59
N LEU G 4068 -53.47 19.52 21.51
CA LEU G 4068 -54.72 19.79 22.21
C LEU G 4068 -54.64 21.09 22.98
N LYS G 4069 -53.50 21.34 23.62
CA LYS G 4069 -53.38 22.57 24.41
C LYS G 4069 -53.65 23.81 23.56
N ASP G 4070 -53.15 23.83 22.32
CA ASP G 4070 -53.38 24.99 21.47
C ASP G 4070 -54.77 24.95 20.84
N ILE G 4071 -55.27 23.76 20.52
CA ILE G 4071 -56.58 23.65 19.89
C ILE G 4071 -57.67 24.19 20.82
N VAL G 4072 -57.61 23.80 22.10
CA VAL G 4072 -58.62 24.24 23.05
C VAL G 4072 -58.58 25.74 23.27
N GLY G 4073 -57.47 26.39 22.94
CA GLY G 4073 -57.41 27.85 22.99
C GLY G 4073 -57.85 28.46 21.69
N SER G 4074 -57.78 27.67 20.62
CA SER G 4074 -58.22 28.14 19.32
C SER G 4074 -59.70 28.54 19.37
N GLU G 4075 -60.03 29.62 18.66
CA GLU G 4075 -61.39 30.14 18.71
C GLU G 4075 -62.37 29.19 18.02
N ALA G 4076 -61.92 28.47 17.00
CA ALA G 4076 -62.80 27.53 16.31
C ALA G 4076 -63.41 26.55 17.31
N PHE G 4077 -62.60 26.07 18.25
CA PHE G 4077 -63.12 25.24 19.34
C PHE G 4077 -64.15 26.01 20.16
N GLN G 4078 -63.89 27.30 20.38
CA GLN G 4078 -64.84 28.13 21.10
C GLN G 4078 -66.14 28.28 20.34
N ASP G 4079 -66.11 28.14 19.01
CA ASP G 4079 -67.33 28.17 18.23
C ASP G 4079 -68.17 26.94 18.52
N TYR G 4080 -67.54 25.78 18.60
CA TYR G 4080 -68.27 24.55 18.87
C TYR G 4080 -68.78 24.49 20.31
N VAL G 4081 -68.04 25.06 21.26
CA VAL G 4081 -68.46 24.98 22.66
C VAL G 4081 -69.54 26.03 22.90
N THR G 4082 -70.79 25.58 22.96
CA THR G 4082 -71.91 26.50 23.16
C THR G 4082 -72.22 26.68 24.65
N ASP G 4083 -72.12 25.60 25.42
CA ASP G 4083 -72.55 25.60 26.81
C ASP G 4083 -71.90 26.75 27.59
N PRO G 4084 -72.67 27.54 28.31
CA PRO G 4084 -72.08 28.68 29.04
C PRO G 4084 -71.04 28.27 30.06
N ARG G 4085 -71.24 27.12 30.71
CA ARG G 4085 -70.37 26.70 31.79
C ARG G 4085 -68.98 26.24 31.32
N GLY G 4086 -68.69 26.35 30.02
CA GLY G 4086 -67.39 25.98 29.50
C GLY G 4086 -67.18 24.50 29.29
N LEU G 4087 -68.22 23.68 29.38
CA LEU G 4087 -68.09 22.25 29.14
C LEU G 4087 -68.47 21.92 27.70
N ILE G 4088 -67.84 20.86 27.16
CA ILE G 4088 -68.04 20.45 25.77
C ILE G 4088 -68.43 18.98 25.74
N SER G 4089 -69.51 18.68 25.02
CA SER G 4089 -70.00 17.32 24.95
C SER G 4089 -69.03 16.46 24.14
N LYS G 4090 -69.12 15.15 24.31
CA LYS G 4090 -68.23 14.24 23.60
C LYS G 4090 -68.43 14.37 22.09
N LYS G 4091 -69.68 14.47 21.64
CA LYS G 4091 -69.96 14.58 20.21
C LYS G 4091 -69.40 15.88 19.66
N ASP G 4092 -69.62 16.99 20.37
CA ASP G 4092 -69.14 18.28 19.90
C ASP G 4092 -67.61 18.31 19.89
N PHE G 4093 -66.99 17.67 20.89
CA PHE G 4093 -65.54 17.56 20.92
C PHE G 4093 -65.02 16.78 19.71
N GLN G 4094 -65.69 15.68 19.38
CA GLN G 4094 -65.28 14.88 18.22
C GLN G 4094 -65.43 15.69 16.94
N LYS G 4095 -66.55 16.43 16.82
CA LYS G 4095 -66.75 17.27 15.65
C LYS G 4095 -65.65 18.31 15.53
N ALA G 4096 -65.29 18.95 16.65
CA ALA G 4096 -64.22 19.94 16.62
C ALA G 4096 -62.89 19.31 16.21
N MET G 4097 -62.59 18.13 16.74
CA MET G 4097 -61.34 17.47 16.38
C MET G 4097 -61.29 17.18 14.88
N ASP G 4098 -62.36 16.62 14.34
CA ASP G 4098 -62.36 16.30 12.91
C ASP G 4098 -62.30 17.57 12.07
N SER G 4099 -62.88 18.66 12.58
CA SER G 4099 -62.77 19.95 11.88
C SER G 4099 -61.33 20.42 11.82
N GLN G 4100 -60.62 20.33 12.95
CA GLN G 4100 -59.20 20.68 12.94
C GLN G 4100 -58.41 19.77 12.02
N LYS G 4101 -58.83 18.51 11.89
CA LYS G 4101 -58.27 17.54 10.97
C LYS G 4101 -56.84 17.14 11.30
N GLN G 4102 -56.31 17.59 12.44
CA GLN G 4102 -54.97 17.21 12.85
C GLN G 4102 -54.92 15.86 13.52
N PHE G 4103 -56.06 15.29 13.87
CA PHE G 4103 -56.14 14.04 14.62
C PHE G 4103 -56.85 12.98 13.80
N THR G 4104 -56.44 11.72 14.00
CA THR G 4104 -57.15 10.60 13.43
C THR G 4104 -58.30 10.18 14.35
N GLY G 4105 -59.17 9.32 13.83
CA GLY G 4105 -60.29 8.84 14.58
C GLY G 4105 -59.88 8.11 15.84
N PRO G 4106 -58.92 7.19 15.71
CA PRO G 4106 -58.39 6.52 16.91
C PRO G 4106 -57.81 7.49 17.92
N GLU G 4107 -57.12 8.54 17.45
CA GLU G 4107 -56.57 9.52 18.38
C GLU G 4107 -57.67 10.29 19.10
N ILE G 4108 -58.74 10.62 18.37
CA ILE G 4108 -59.87 11.30 19.01
C ILE G 4108 -60.53 10.38 20.03
N GLN G 4109 -60.64 9.09 19.72
CA GLN G 4109 -61.19 8.15 20.68
C GLN G 4109 -60.32 8.06 21.92
N PHE G 4110 -59.00 8.02 21.75
CA PHE G 4110 -58.09 8.01 22.89
C PHE G 4110 -58.25 9.26 23.72
N LEU G 4111 -58.37 10.42 23.07
CA LEU G 4111 -58.55 11.66 23.79
C LEU G 4111 -59.86 11.66 24.57
N LEU G 4112 -60.92 11.13 23.96
CA LEU G 4112 -62.20 11.04 24.65
C LEU G 4112 -62.09 10.13 25.87
N SER G 4113 -61.39 9.00 25.72
CA SER G 4113 -61.20 8.09 26.84
C SER G 4113 -60.44 8.77 27.97
N CYS G 4114 -59.37 9.50 27.63
CA CYS G 4114 -58.62 10.22 28.65
C CYS G 4114 -59.43 11.36 29.26
N SER G 4115 -60.40 11.89 28.53
CA SER G 4115 -61.28 12.91 29.08
C SER G 4115 -62.08 12.33 30.24
N GLU G 4116 -62.16 13.10 31.32
CA GLU G 4116 -62.92 12.69 32.50
C GLU G 4116 -64.37 13.16 32.39
N ALA G 4117 -65.02 12.69 31.33
CA ALA G 4117 -66.40 13.05 31.07
C ALA G 4117 -67.29 12.64 32.22
N ASP G 4118 -68.18 13.54 32.63
CA ASP G 4118 -69.14 13.23 33.66
C ASP G 4118 -70.24 12.33 33.09
N GLU G 4119 -71.19 11.95 33.95
CA GLU G 4119 -72.29 11.11 33.50
C GLU G 4119 -73.09 11.79 32.41
N ASN G 4120 -73.12 13.12 32.40
CA ASN G 4120 -73.78 13.86 31.33
C ASN G 4120 -72.92 13.95 30.08
N GLU G 4121 -71.78 13.26 30.05
CA GLU G 4121 -70.85 13.20 28.93
C GLU G 4121 -70.20 14.56 28.67
N MET G 4122 -70.24 15.47 29.64
CA MET G 4122 -69.70 16.81 29.46
C MET G 4122 -68.26 16.82 29.94
N ILE G 4123 -67.39 17.60 29.27
CA ILE G 4123 -65.96 17.60 29.53
C ILE G 4123 -65.51 19.01 29.87
N ASN G 4124 -64.52 19.11 30.76
CA ASN G 4124 -63.83 20.37 31.05
C ASN G 4124 -62.54 20.39 30.24
N PHE G 4125 -62.56 21.04 29.08
CA PHE G 4125 -61.42 20.99 28.19
C PHE G 4125 -60.21 21.69 28.80
N GLU G 4126 -60.45 22.70 29.65
CA GLU G 4126 -59.32 23.40 30.27
C GLU G 4126 -58.47 22.45 31.09
N GLU G 4127 -59.09 21.72 32.01
CA GLU G 4127 -58.33 20.79 32.84
C GLU G 4127 -57.83 19.62 32.01
N PHE G 4128 -58.63 19.16 31.04
CA PHE G 4128 -58.17 18.09 30.18
C PHE G 4128 -56.85 18.45 29.52
N ALA G 4129 -56.75 19.68 29.01
CA ALA G 4129 -55.53 20.12 28.36
C ALA G 4129 -54.40 20.30 29.38
N ASN G 4130 -54.68 20.99 30.48
CA ASN G 4130 -53.64 21.34 31.44
C ASN G 4130 -53.13 20.16 32.25
N ARG G 4131 -53.83 19.02 32.22
CA ARG G 4131 -53.47 17.92 33.09
C ARG G 4131 -52.06 17.39 32.80
N PHE G 4132 -51.83 16.91 31.58
CA PHE G 4132 -50.59 16.21 31.29
C PHE G 4132 -49.45 17.12 30.86
N GLN G 4133 -49.69 18.43 30.72
CA GLN G 4133 -48.64 19.33 30.26
C GLN G 4133 -47.47 19.38 31.24
N GLU G 4134 -47.72 19.85 32.46
CA GLU G 4134 -46.63 20.04 33.42
C GLU G 4134 -45.90 18.75 33.73
N PRO G 4135 -46.58 17.62 33.97
CA PRO G 4135 -45.85 16.38 34.25
C PRO G 4135 -44.88 15.97 33.17
N ALA G 4136 -45.20 16.25 31.90
CA ALA G 4136 -44.45 15.73 30.77
C ALA G 4136 -43.45 16.72 30.19
N ARG G 4137 -43.29 17.90 30.80
CA ARG G 4137 -42.41 18.90 30.22
C ARG G 4137 -40.94 18.49 30.35
N ASP G 4138 -40.54 17.99 31.52
CA ASP G 4138 -39.16 17.61 31.72
C ASP G 4138 -38.78 16.44 30.81
N ILE G 4139 -39.63 15.42 30.75
CA ILE G 4139 -39.36 14.29 29.87
C ILE G 4139 -39.35 14.75 28.41
N GLY G 4140 -40.28 15.63 28.03
CA GLY G 4140 -40.28 16.14 26.68
C GLY G 4140 -39.00 16.88 26.35
N PHE G 4141 -38.55 17.74 27.27
CA PHE G 4141 -37.31 18.48 27.04
C PHE G 4141 -36.13 17.52 26.92
N ASN G 4142 -36.06 16.50 27.78
CA ASN G 4142 -34.94 15.59 27.72
C ASN G 4142 -34.97 14.74 26.46
N VAL G 4143 -36.16 14.35 26.00
CA VAL G 4143 -36.27 13.63 24.74
C VAL G 4143 -35.79 14.50 23.59
N ALA G 4144 -36.19 15.78 23.60
CA ALA G 4144 -35.74 16.70 22.56
C ALA G 4144 -34.22 16.84 22.59
N VAL G 4145 -33.65 16.95 23.79
CA VAL G 4145 -32.20 17.08 23.91
C VAL G 4145 -31.51 15.82 23.39
N LEU G 4146 -32.03 14.65 23.75
CA LEU G 4146 -31.48 13.39 23.27
C LEU G 4146 -31.47 13.35 21.76
N LEU G 4147 -32.63 13.64 21.15
CA LEU G 4147 -32.74 13.57 19.71
C LEU G 4147 -31.85 14.59 19.03
N THR G 4148 -31.75 15.79 19.59
CA THR G 4148 -30.90 16.83 19.02
C THR G 4148 -29.43 16.42 19.08
N ASN G 4149 -28.98 15.97 20.25
CA ASN G 4149 -27.61 15.50 20.39
C ASN G 4149 -27.31 14.40 19.38
N LEU G 4150 -28.20 13.41 19.29
CA LEU G 4150 -27.97 12.28 18.40
C LEU G 4150 -27.94 12.73 16.95
N SER G 4151 -28.84 13.64 16.57
CA SER G 4151 -28.85 14.14 15.20
C SER G 4151 -27.56 14.88 14.87
N GLU G 4152 -27.10 15.71 15.80
CA GLU G 4152 -25.92 16.52 15.53
C GLU G 4152 -24.65 15.68 15.51
N HIS G 4153 -24.64 14.57 16.24
CA HIS G 4153 -23.45 13.74 16.29
C HIS G 4153 -23.49 12.56 15.31
N VAL G 4154 -24.66 12.28 14.75
CA VAL G 4154 -24.80 11.34 13.64
C VAL G 4154 -25.60 12.04 12.55
N PRO G 4155 -24.98 12.94 11.79
CA PRO G 4155 -25.76 13.80 10.90
C PRO G 4155 -26.52 13.07 9.81
N HIS G 4156 -26.06 11.89 9.37
CA HIS G 4156 -26.66 11.18 8.26
C HIS G 4156 -27.21 9.84 8.75
N ASP G 4157 -28.48 9.82 9.11
CA ASP G 4157 -29.19 8.58 9.44
C ASP G 4157 -30.68 8.78 9.18
N PRO G 4158 -31.24 8.17 8.14
CA PRO G 4158 -32.69 8.29 7.93
C PRO G 4158 -33.49 7.79 9.10
N ARG G 4159 -32.99 6.77 9.80
CA ARG G 4159 -33.68 6.26 10.97
C ARG G 4159 -33.85 7.35 12.03
N LEU G 4160 -32.85 8.22 12.15
CA LEU G 4160 -32.94 9.32 13.10
C LEU G 4160 -33.80 10.47 12.55
N ARG G 4161 -33.70 10.76 11.26
CA ARG G 4161 -34.52 11.83 10.70
C ARG G 4161 -36.00 11.51 10.80
N ASN G 4162 -36.36 10.23 10.68
CA ASN G 4162 -37.76 9.86 10.87
C ASN G 4162 -38.24 10.17 12.27
N PHE G 4163 -37.44 9.82 13.28
CA PHE G 4163 -37.80 10.13 14.66
C PHE G 4163 -37.91 11.63 14.85
N LEU G 4164 -36.99 12.40 14.26
CA LEU G 4164 -37.06 13.85 14.39
C LEU G 4164 -38.33 14.40 13.77
N GLU G 4165 -38.71 13.88 12.59
CA GLU G 4165 -39.96 14.31 11.97
C GLU G 4165 -41.15 14.02 12.86
N LEU G 4166 -41.16 12.84 13.48
CA LEU G 4166 -42.22 12.52 14.42
C LEU G 4166 -42.22 13.46 15.61
N ALA G 4167 -41.05 13.92 16.04
CA ALA G 4167 -40.91 14.78 17.19
C ALA G 4167 -40.88 16.27 16.82
N GLU G 4168 -41.26 16.61 15.59
CA GLU G 4168 -41.17 18.00 15.15
C GLU G 4168 -41.88 18.95 16.10
N SER G 4169 -43.11 18.62 16.49
CA SER G 4169 -43.88 19.54 17.33
C SER G 4169 -43.18 19.75 18.68
N ILE G 4170 -42.65 18.67 19.26
CA ILE G 4170 -41.96 18.78 20.54
C ILE G 4170 -40.75 19.70 20.40
N LEU G 4171 -39.96 19.52 19.34
CA LEU G 4171 -38.78 20.35 19.13
C LEU G 4171 -39.16 21.81 18.91
N GLU G 4172 -40.22 22.07 18.15
CA GLU G 4172 -40.68 23.44 17.97
C GLU G 4172 -41.08 24.05 19.29
N TYR G 4173 -41.79 23.29 20.13
CA TYR G 4173 -42.24 23.81 21.41
C TYR G 4173 -41.06 24.13 22.32
N PHE G 4174 -40.05 23.25 22.33
CA PHE G 4174 -38.93 23.39 23.25
C PHE G 4174 -37.75 24.16 22.68
N ARG G 4175 -37.87 24.66 21.44
CA ARG G 4175 -36.77 25.39 20.82
C ARG G 4175 -36.33 26.60 21.62
N PRO G 4176 -37.22 27.50 22.05
CA PRO G 4176 -36.76 28.64 22.87
C PRO G 4176 -36.14 28.21 24.19
N TYR G 4177 -36.51 27.04 24.70
CA TYR G 4177 -36.07 26.60 26.00
C TYR G 4177 -34.85 25.68 25.95
N LEU G 4178 -34.37 25.35 24.76
CA LEU G 4178 -33.17 24.54 24.61
C LEU G 4178 -31.99 25.46 24.32
N GLY G 4179 -31.05 25.54 25.25
CA GLY G 4179 -29.83 26.30 25.05
C GLY G 4179 -28.68 25.36 24.72
N ARG G 4180 -27.87 25.77 23.75
CA ARG G 4180 -26.72 24.98 23.34
C ARG G 4180 -25.50 25.90 23.31
N ILE G 4181 -24.37 25.38 23.78
CA ILE G 4181 -23.12 26.10 23.74
C ILE G 4181 -22.00 25.12 23.38
N GLU G 4182 -20.81 25.67 23.20
CA GLU G 4182 -19.62 24.87 22.94
C GLU G 4182 -18.53 25.27 23.93
N ILE G 4183 -17.81 24.27 24.43
CA ILE G 4183 -16.70 24.50 25.34
C ILE G 4183 -15.51 23.67 24.91
N MET G 4184 -14.33 24.06 25.40
CA MET G 4184 -13.16 23.19 25.38
C MET G 4184 -13.18 22.32 26.63
N GLY G 4185 -13.41 21.02 26.44
CA GLY G 4185 -13.54 20.09 27.54
C GLY G 4185 -12.20 19.57 28.04
N ALA G 4186 -12.28 18.73 29.06
CA ALA G 4186 -11.06 18.15 29.63
C ALA G 4186 -10.31 17.30 28.62
N SER G 4187 -11.00 16.76 27.62
CA SER G 4187 -10.41 15.92 26.59
C SER G 4187 -9.69 16.71 25.49
N ARG G 4188 -9.40 18.00 25.67
CA ARG G 4188 -8.71 18.78 24.64
C ARG G 4188 -9.54 18.86 23.37
N ARG G 4189 -10.86 18.74 23.51
CA ARG G 4189 -11.76 18.60 22.38
C ARG G 4189 -13.00 19.45 22.60
N ILE G 4190 -13.44 20.11 21.54
CA ILE G 4190 -14.65 20.93 21.64
C ILE G 4190 -15.86 20.04 21.83
N GLU G 4191 -16.72 20.43 22.76
CA GLU G 4191 -17.90 19.67 23.11
C GLU G 4191 -19.10 20.60 23.14
N ARG G 4192 -20.20 20.14 22.55
CA ARG G 4192 -21.46 20.87 22.60
C ARG G 4192 -22.24 20.45 23.84
N ILE G 4193 -22.81 21.43 24.52
CA ILE G 4193 -23.53 21.26 25.78
C ILE G 4193 -24.95 21.74 25.57
N TYR G 4194 -25.92 20.92 25.96
CA TYR G 4194 -27.34 21.24 25.89
C TYR G 4194 -27.89 21.38 27.29
N PHE G 4195 -28.67 22.44 27.51
CA PHE G 4195 -29.25 22.71 28.81
C PHE G 4195 -30.60 23.39 28.63
N GLU G 4196 -31.28 23.61 29.75
CA GLU G 4196 -32.60 24.18 29.77
C GLU G 4196 -32.56 25.66 30.13
N ILE G 4197 -33.39 26.45 29.44
CA ILE G 4197 -33.52 27.88 29.67
C ILE G 4197 -34.92 28.15 30.17
N SER G 4198 -35.02 28.89 31.27
CA SER G 4198 -36.31 29.22 31.83
C SER G 4198 -36.93 30.40 31.09
N GLU G 4199 -38.27 30.37 31.01
CA GLU G 4199 -39.00 31.45 30.35
C GLU G 4199 -38.76 32.77 31.04
N THR G 4200 -38.72 32.76 32.38
CA THR G 4200 -38.46 33.99 33.11
C THR G 4200 -37.09 34.55 32.77
N ASN G 4201 -36.09 33.68 32.70
CA ASN G 4201 -34.74 34.12 32.33
C ASN G 4201 -34.75 34.74 30.94
N ARG G 4202 -35.42 34.08 29.99
CA ARG G 4202 -35.46 34.61 28.63
C ARG G 4202 -36.15 35.96 28.58
N ALA G 4203 -37.27 36.11 29.29
CA ALA G 4203 -38.00 37.38 29.27
C ALA G 4203 -37.16 38.49 29.89
N GLN G 4204 -36.57 38.23 31.05
CA GLN G 4204 -35.73 39.22 31.68
C GLN G 4204 -34.55 39.61 30.79
N TRP G 4205 -34.02 38.65 30.04
CA TRP G 4205 -32.98 38.97 29.06
C TRP G 4205 -33.52 39.86 27.96
N GLU G 4206 -34.74 39.59 27.48
CA GLU G 4206 -35.32 40.35 26.39
C GLU G 4206 -35.81 41.73 26.82
N MET G 4207 -35.83 42.03 28.11
CA MET G 4207 -36.21 43.36 28.55
C MET G 4207 -35.29 44.40 27.91
N PRO G 4208 -35.83 45.57 27.54
CA PRO G 4208 -35.01 46.55 26.80
C PRO G 4208 -33.78 47.03 27.54
N GLN G 4209 -33.86 47.18 28.87
CA GLN G 4209 -32.71 47.66 29.62
C GLN G 4209 -31.54 46.70 29.50
N VAL G 4210 -31.80 45.40 29.59
CA VAL G 4210 -30.74 44.41 29.43
C VAL G 4210 -30.14 44.53 28.04
N LYS G 4211 -30.98 44.79 27.04
CA LYS G 4211 -30.46 44.92 25.67
C LYS G 4211 -29.58 46.14 25.53
N GLU G 4212 -29.97 47.26 26.14
CA GLU G 4212 -29.13 48.46 26.10
C GLU G 4212 -27.81 48.21 26.81
N SER G 4213 -27.85 47.53 27.96
CA SER G 4213 -26.62 47.19 28.66
C SER G 4213 -25.73 46.31 27.81
N LYS G 4214 -26.34 45.34 27.12
CA LYS G 4214 -25.58 44.47 26.23
C LYS G 4214 -24.92 45.27 25.11
N ARG G 4215 -25.66 46.19 24.51
CA ARG G 4215 -25.10 47.01 23.45
C ARG G 4215 -23.92 47.83 23.97
N GLN G 4216 -24.07 48.44 25.13
CA GLN G 4216 -22.99 49.23 25.70
C GLN G 4216 -21.76 48.36 25.98
N PHE G 4217 -21.99 47.18 26.56
CA PHE G 4217 -20.88 46.28 26.86
C PHE G 4217 -20.15 45.86 25.59
N ILE G 4218 -20.91 45.52 24.55
CA ILE G 4218 -20.30 45.11 23.29
C ILE G 4218 -19.48 46.26 22.71
N PHE G 4219 -20.06 47.46 22.71
CA PHE G 4219 -19.35 48.60 22.15
C PHE G 4219 -18.04 48.84 22.91
N ASP G 4220 -18.09 48.76 24.24
CA ASP G 4220 -16.90 49.01 25.04
C ASP G 4220 -15.84 47.94 24.77
N VAL G 4221 -16.23 46.66 24.84
CA VAL G 4221 -15.25 45.59 24.67
C VAL G 4221 -14.70 45.55 23.25
N VAL G 4222 -15.41 46.11 22.28
CA VAL G 4222 -14.92 46.08 20.92
C VAL G 4222 -14.08 47.32 20.59
N ASN G 4223 -14.37 48.46 21.21
CA ASN G 4223 -13.63 49.67 20.89
C ASN G 4223 -12.39 49.83 21.76
N GLU G 4224 -12.47 49.45 23.04
CA GLU G 4224 -11.33 49.60 23.94
C GLU G 4224 -11.21 48.36 24.83
N GLY G 4225 -11.41 47.17 24.25
CA GLY G 4225 -11.37 45.95 25.01
C GLY G 4225 -10.25 45.00 24.60
N GLY G 4226 -9.48 44.53 25.58
CA GLY G 4226 -8.42 43.59 25.27
C GLY G 4226 -8.95 42.17 25.18
N GLU G 4227 -8.42 41.42 24.21
CA GLU G 4227 -8.85 40.04 24.03
C GLU G 4227 -8.52 39.20 25.26
N ALA G 4228 -7.43 39.52 25.96
CA ALA G 4228 -7.04 38.72 27.11
C ALA G 4228 -8.10 38.77 28.20
N GLU G 4229 -8.62 39.95 28.50
CA GLU G 4229 -9.62 40.14 29.55
C GLU G 4229 -11.04 40.20 29.00
N LYS G 4230 -11.23 39.91 27.71
CA LYS G 4230 -12.56 39.95 27.13
C LYS G 4230 -13.52 39.00 27.83
N MET G 4231 -13.09 37.76 28.06
CA MET G 4231 -13.98 36.80 28.70
C MET G 4231 -14.25 37.14 30.15
N GLU G 4232 -13.25 37.67 30.85
CA GLU G 4232 -13.50 38.12 32.22
C GLU G 4232 -14.52 39.25 32.26
N LEU G 4233 -14.40 40.20 31.33
CA LEU G 4233 -15.37 41.28 31.25
C LEU G 4233 -16.75 40.75 30.90
N PHE G 4234 -16.83 39.77 30.01
CA PHE G 4234 -18.10 39.17 29.65
C PHE G 4234 -18.75 38.49 30.85
N VAL G 4235 -17.96 37.75 31.64
CA VAL G 4235 -18.50 37.08 32.82
C VAL G 4235 -18.95 38.10 33.84
N SER G 4236 -18.20 39.18 34.02
CA SER G 4236 -18.63 40.24 34.93
C SER G 4236 -19.93 40.87 34.47
N PHE G 4237 -20.06 41.10 33.16
CA PHE G 4237 -21.31 41.62 32.62
C PHE G 4237 -22.47 40.67 32.90
N CYS G 4238 -22.22 39.37 32.75
CA CYS G 4238 -23.26 38.38 33.03
C CYS G 4238 -23.69 38.44 34.49
N GLU G 4239 -22.71 38.54 35.41
CA GLU G 4239 -23.05 38.62 36.83
C GLU G 4239 -23.85 39.88 37.13
N ASP G 4240 -23.43 41.02 36.59
CA ASP G 4240 -24.15 42.27 36.81
C ASP G 4240 -25.57 42.17 36.24
N THR G 4241 -25.72 41.53 35.09
CA THR G 4241 -27.03 41.37 34.49
C THR G 4241 -27.92 40.49 35.35
N ILE G 4242 -27.36 39.44 35.94
CA ILE G 4242 -28.13 38.62 36.86
C ILE G 4242 -28.61 39.44 38.04
N PHE G 4243 -27.72 40.28 38.58
CA PHE G 4243 -28.11 41.10 39.72
C PHE G 4243 -29.23 42.07 39.35
N GLU G 4244 -29.14 42.69 38.18
CA GLU G 4244 -30.21 43.56 37.71
C GLU G 4244 -31.51 42.80 37.47
N MET G 4245 -31.42 41.56 36.97
CA MET G 4245 -32.61 40.75 36.81
C MET G 4245 -33.28 40.51 38.15
N GLN G 4246 -32.48 40.24 39.18
CA GLN G 4246 -33.04 40.08 40.52
C GLN G 4246 -33.73 41.36 40.99
N ILE G 4247 -33.09 42.51 40.73
CA ILE G 4247 -33.70 43.77 41.13
C ILE G 4247 -35.04 43.97 40.43
N ALA G 4248 -35.08 43.69 39.13
CA ALA G 4248 -36.31 43.84 38.38
C ALA G 4248 -37.40 42.93 38.91
N ALA G 4249 -37.03 41.68 39.24
CA ALA G 4249 -38.00 40.75 39.81
C ALA G 4249 -38.55 41.29 41.13
N GLN G 4250 -37.66 41.82 41.98
CA GLN G 4250 -38.12 42.32 43.27
C GLN G 4250 -39.07 43.50 43.10
N ILE G 4251 -38.73 44.45 42.24
CA ILE G 4251 -39.57 45.63 42.09
C ILE G 4251 -40.87 45.29 41.37
N SER G 4252 -40.87 44.25 40.55
CA SER G 4252 -42.05 43.90 39.78
C SER G 4252 -43.23 43.63 40.69
N GLU G 4253 -44.39 44.15 40.31
CA GLU G 4253 -45.63 43.93 41.04
C GLU G 4253 -46.34 42.71 40.50
N PRO G 4254 -47.03 41.92 41.33
CA PRO G 4254 -47.77 40.75 40.83
C PRO G 4254 -48.87 41.12 39.84
N PHE G 4540 -49.33 48.00 63.24
CA PHE G 4540 -49.46 48.26 61.81
C PHE G 4540 -48.11 48.63 61.20
N TRP G 4541 -47.03 48.34 61.93
CA TRP G 4541 -45.70 48.62 61.38
C TRP G 4541 -45.41 47.77 60.16
N GLY G 4542 -45.89 46.52 60.16
CA GLY G 4542 -45.78 45.71 58.96
C GLY G 4542 -46.55 46.30 57.80
N GLU G 4543 -47.74 46.82 58.07
CA GLU G 4543 -48.50 47.50 57.03
C GLU G 4543 -47.72 48.69 56.48
N LEU G 4544 -47.16 49.52 57.37
CA LEU G 4544 -46.37 50.66 56.93
C LEU G 4544 -45.20 50.20 56.08
N GLU G 4545 -44.53 49.13 56.49
CA GLU G 4545 -43.38 48.63 55.74
C GLU G 4545 -43.79 48.17 54.35
N VAL G 4546 -44.92 47.47 54.24
CA VAL G 4546 -45.33 46.97 52.93
C VAL G 4546 -45.71 48.13 52.02
N GLN G 4547 -46.41 49.14 52.55
CA GLN G 4547 -46.69 50.31 51.70
C GLN G 4547 -45.40 51.03 51.33
N ARG G 4548 -44.43 51.09 52.24
CA ARG G 4548 -43.17 51.77 51.92
C ARG G 4548 -42.45 51.07 50.79
N VAL G 4549 -42.36 49.75 50.85
CA VAL G 4549 -41.67 49.01 49.77
C VAL G 4549 -42.47 49.11 48.48
N LYS G 4550 -43.80 49.11 48.56
CA LYS G 4550 -44.61 49.32 47.37
C LYS G 4550 -44.29 50.66 46.73
N PHE G 4551 -44.23 51.72 47.54
CA PHE G 4551 -43.96 53.05 47.01
C PHE G 4551 -42.58 53.13 46.39
N LEU G 4552 -41.59 52.56 47.06
CA LEU G 4552 -40.23 52.58 46.55
C LEU G 4552 -40.12 51.80 45.24
N ASN G 4553 -40.80 50.65 45.17
CA ASN G 4553 -40.79 49.85 43.95
C ASN G 4553 -41.48 50.59 42.81
N TYR G 4554 -42.58 51.29 43.11
CA TYR G 4554 -43.25 52.09 42.09
C TYR G 4554 -42.34 53.18 41.58
N LEU G 4555 -41.62 53.85 42.48
CA LEU G 4555 -40.66 54.87 42.08
C LEU G 4555 -39.58 54.28 41.19
N SER G 4556 -39.04 53.12 41.58
CA SER G 4556 -38.00 52.48 40.79
C SER G 4556 -38.50 52.13 39.40
N ARG G 4557 -39.72 51.59 39.32
CA ARG G 4557 -40.28 51.20 38.03
C ARG G 4557 -40.50 52.41 37.15
N ASN G 4558 -40.97 53.51 37.73
CA ASN G 4558 -41.32 54.71 36.98
C ASN G 4558 -40.27 55.79 37.07
N PHE G 4559 -39.02 55.41 37.34
CA PHE G 4559 -37.93 56.39 37.47
C PHE G 4559 -37.81 57.27 36.24
N TYR G 4560 -37.74 56.66 35.05
CA TYR G 4560 -37.51 57.43 33.84
C TYR G 4560 -38.69 58.35 33.52
N THR G 4561 -39.91 57.87 33.73
CA THR G 4561 -41.08 58.72 33.54
C THR G 4561 -41.01 59.94 34.45
N LEU G 4562 -40.53 59.75 35.68
CA LEU G 4562 -40.36 60.88 36.59
C LEU G 4562 -39.36 61.87 36.04
N ARG G 4563 -38.27 61.37 35.43
CA ARG G 4563 -37.27 62.26 34.85
C ARG G 4563 -37.88 63.09 33.72
N PHE G 4564 -38.63 62.43 32.84
CA PHE G 4564 -39.30 63.15 31.75
C PHE G 4564 -40.29 64.17 32.31
N LEU G 4565 -41.02 63.80 33.36
CA LEU G 4565 -41.97 64.73 33.97
C LEU G 4565 -41.24 65.95 34.52
N ALA G 4566 -40.10 65.74 35.17
CA ALA G 4566 -39.32 66.86 35.69
C ALA G 4566 -38.89 67.78 34.56
N LEU G 4567 -38.44 67.20 33.45
CA LEU G 4567 -38.02 68.01 32.31
C LEU G 4567 -39.19 68.83 31.77
N PHE G 4568 -40.35 68.19 31.64
CA PHE G 4568 -41.53 68.90 31.15
C PHE G 4568 -41.92 70.04 32.09
N LEU G 4569 -41.86 69.79 33.39
CA LEU G 4569 -42.18 70.83 34.36
C LEU G 4569 -41.21 72.01 34.25
N ALA G 4570 -39.92 71.71 34.09
CA ALA G 4570 -38.95 72.78 33.93
C ALA G 4570 -39.26 73.61 32.68
N PHE G 4571 -39.59 72.93 31.59
CA PHE G 4571 -39.93 73.65 30.36
C PHE G 4571 -41.14 74.55 30.57
N ALA G 4572 -42.17 74.04 31.24
CA ALA G 4572 -43.36 74.84 31.49
C ALA G 4572 -43.04 76.04 32.38
N ILE G 4573 -42.23 75.81 33.42
CA ILE G 4573 -41.86 76.88 34.33
C ILE G 4573 -41.14 77.99 33.59
N ASN G 4574 -40.22 77.62 32.70
CA ASN G 4574 -39.46 78.63 31.98
C ASN G 4574 -40.33 79.33 30.94
N PHE G 4575 -41.26 78.61 30.32
CA PHE G 4575 -42.24 79.24 29.45
C PHE G 4575 -42.99 80.33 30.20
N ILE G 4576 -43.42 80.04 31.43
CA ILE G 4576 -44.06 81.06 32.25
C ILE G 4576 -43.08 82.19 32.56
N LEU G 4577 -41.85 81.84 32.92
CA LEU G 4577 -40.86 82.84 33.30
C LEU G 4577 -40.58 83.82 32.18
N LEU G 4578 -40.84 83.43 30.94
CA LEU G 4578 -40.65 84.37 29.83
C LEU G 4578 -41.49 85.63 30.00
N PHE G 4579 -42.55 85.56 30.81
CA PHE G 4579 -43.52 86.64 30.85
C PHE G 4579 -43.19 87.71 31.87
N TYR G 4580 -42.18 87.50 32.71
CA TYR G 4580 -41.83 88.52 33.69
C TYR G 4580 -41.46 89.83 33.01
N LYS G 4581 -41.72 90.92 33.72
CA LYS G 4581 -41.26 92.25 33.36
C LYS G 4581 -40.75 92.93 34.62
N VAL G 4582 -39.95 93.98 34.44
CA VAL G 4582 -39.38 94.73 35.55
C VAL G 4582 -39.83 96.18 35.43
N SER G 4583 -40.30 96.74 36.55
CA SER G 4583 -40.73 98.12 36.59
C SER G 4583 -40.29 98.78 37.89
N ASP G 4584 -40.06 100.09 37.83
CA ASP G 4584 -39.75 100.84 39.03
C ASP G 4584 -40.95 100.85 39.98
N SER G 4585 -42.15 101.03 39.45
CA SER G 4585 -43.35 101.10 40.28
C SER G 4585 -43.90 99.70 40.58
N PRO G 4586 -44.66 99.54 41.67
CA PRO G 4586 -45.29 98.22 41.92
C PRO G 4586 -46.42 97.96 40.93
N PRO G 4587 -46.78 96.69 40.70
CA PRO G 4587 -47.89 96.37 39.79
C PRO G 4587 -49.21 96.97 40.25
N ASN G 4626 -37.55 103.14 43.98
CA ASN G 4626 -36.15 103.09 43.54
C ASN G 4626 -35.64 101.70 43.24
N MET G 4627 -36.10 100.73 44.02
CA MET G 4627 -35.73 99.33 43.85
C MET G 4627 -36.77 98.71 42.90
N VAL G 4628 -36.29 97.94 41.93
CA VAL G 4628 -37.15 97.46 40.87
C VAL G 4628 -37.99 96.27 41.33
N TYR G 4629 -39.14 96.09 40.68
CA TYR G 4629 -40.04 94.98 40.93
C TYR G 4629 -40.17 94.11 39.70
N TYR G 4630 -40.11 92.80 39.93
CA TYR G 4630 -40.25 91.78 38.91
C TYR G 4630 -41.65 91.22 39.02
N PHE G 4631 -42.48 91.49 38.02
CA PHE G 4631 -43.89 91.13 38.07
C PHE G 4631 -44.30 90.41 36.79
N LEU G 4632 -45.17 89.43 36.95
CA LEU G 4632 -45.76 88.73 35.81
C LEU G 4632 -46.68 89.67 35.03
N GLU G 4633 -46.82 89.37 33.73
CA GLU G 4633 -47.74 90.10 32.85
C GLU G 4633 -48.60 89.09 32.11
N GLU G 4634 -49.85 88.96 32.56
CA GLU G 4634 -50.81 88.07 31.93
C GLU G 4634 -52.22 88.63 32.12
N SER G 4635 -53.07 88.39 31.13
CA SER G 4635 -54.46 88.80 31.23
C SER G 4635 -55.24 87.89 32.17
N THR G 4636 -54.94 86.59 32.16
CA THR G 4636 -55.72 85.64 32.93
C THR G 4636 -55.56 85.86 34.43
N GLY G 4637 -54.32 86.02 34.88
CA GLY G 4637 -54.03 86.13 36.29
C GLY G 4637 -53.89 84.80 37.01
N TYR G 4638 -54.09 83.68 36.30
CA TYR G 4638 -54.01 82.36 36.90
C TYR G 4638 -52.61 81.77 36.83
N MET G 4639 -51.62 82.57 36.43
CA MET G 4639 -50.34 82.01 36.04
C MET G 4639 -49.39 81.90 37.23
N GLU G 4640 -49.46 82.84 38.17
CA GLU G 4640 -48.61 82.78 39.36
C GLU G 4640 -48.88 81.55 40.21
N PRO G 4641 -50.11 81.22 40.58
CA PRO G 4641 -50.33 79.98 41.35
C PRO G 4641 -49.92 78.74 40.57
N ALA G 4642 -50.12 78.76 39.25
CA ALA G 4642 -49.67 77.64 38.43
C ALA G 4642 -48.16 77.47 38.53
N LEU G 4643 -47.42 78.58 38.49
CA LEU G 4643 -45.98 78.52 38.62
C LEU G 4643 -45.58 78.00 40.00
N TRP G 4644 -46.26 78.47 41.05
CA TRP G 4644 -45.99 77.98 42.40
C TRP G 4644 -46.17 76.47 42.47
N CYS G 4645 -47.31 75.98 42.01
CA CYS G 4645 -47.56 74.55 42.02
C CYS G 4645 -46.50 73.81 41.21
N LEU G 4646 -46.20 74.30 40.01
CA LEU G 4646 -45.22 73.63 39.16
C LEU G 4646 -43.87 73.52 39.85
N SER G 4647 -43.47 74.59 40.56
CA SER G 4647 -42.22 74.54 41.30
C SER G 4647 -42.25 73.47 42.38
N LEU G 4648 -43.35 73.42 43.14
CA LEU G 4648 -43.45 72.40 44.18
C LEU G 4648 -43.37 71.00 43.59
N LEU G 4649 -44.10 70.77 42.49
CA LEU G 4649 -44.11 69.45 41.88
C LEU G 4649 -42.74 69.09 41.31
N HIS G 4650 -42.05 70.06 40.72
CA HIS G 4650 -40.71 69.81 40.20
C HIS G 4650 -39.76 69.39 41.30
N THR G 4651 -39.81 70.11 42.43
CA THR G 4651 -38.96 69.75 43.56
C THR G 4651 -39.29 68.35 44.08
N LEU G 4652 -40.59 68.05 44.19
CA LEU G 4652 -41.00 66.73 44.65
C LEU G 4652 -40.51 65.63 43.71
N VAL G 4653 -40.62 65.87 42.40
CA VAL G 4653 -40.17 64.88 41.43
C VAL G 4653 -38.67 64.70 41.51
N ALA G 4654 -37.93 65.78 41.77
CA ALA G 4654 -36.49 65.66 41.95
C ALA G 4654 -36.17 64.75 43.13
N PHE G 4655 -36.85 64.96 44.26
CA PHE G 4655 -36.62 64.13 45.43
C PHE G 4655 -36.98 62.67 45.14
N LEU G 4656 -38.10 62.46 44.46
CA LEU G 4656 -38.52 61.11 44.11
C LEU G 4656 -37.53 60.45 43.17
N CYS G 4657 -36.93 61.22 42.26
CA CYS G 4657 -35.90 60.66 41.38
C CYS G 4657 -34.67 60.26 42.18
N ILE G 4658 -34.31 61.05 43.19
CA ILE G 4658 -33.22 60.65 44.08
C ILE G 4658 -33.54 59.29 44.71
N ILE G 4659 -34.74 59.16 45.25
CA ILE G 4659 -35.11 57.90 45.90
C ILE G 4659 -35.09 56.76 44.89
N GLY G 4660 -35.64 56.99 43.71
CA GLY G 4660 -35.69 55.94 42.71
C GLY G 4660 -34.31 55.49 42.28
N TYR G 4661 -33.39 56.44 42.12
CA TYR G 4661 -32.01 56.08 41.83
C TYR G 4661 -31.42 55.23 42.95
N ASN G 4662 -31.58 55.69 44.20
CA ASN G 4662 -30.99 54.98 45.33
C ASN G 4662 -31.53 53.56 45.43
N CYS G 4663 -32.78 53.36 45.02
CA CYS G 4663 -33.39 52.03 45.13
C CYS G 4663 -33.06 51.15 43.93
N LEU G 4664 -32.91 51.76 42.75
CA LEU G 4664 -32.79 50.97 41.52
C LEU G 4664 -31.34 50.69 41.17
N LYS G 4665 -30.50 51.73 41.12
CA LYS G 4665 -29.21 51.65 40.46
C LYS G 4665 -28.03 51.56 41.41
N VAL G 4666 -28.11 52.17 42.59
CA VAL G 4666 -27.04 52.12 43.58
C VAL G 4666 -26.66 50.67 43.90
N PRO G 4667 -27.63 49.77 44.06
CA PRO G 4667 -27.27 48.39 44.42
C PRO G 4667 -26.29 47.76 43.47
N LEU G 4668 -26.40 48.03 42.17
CA LEU G 4668 -25.42 47.51 41.23
C LEU G 4668 -24.05 48.10 41.49
N VAL G 4669 -23.99 49.39 41.80
CA VAL G 4669 -22.71 50.02 42.11
C VAL G 4669 -22.05 49.33 43.29
N ILE G 4670 -22.80 49.14 44.36
CA ILE G 4670 -22.25 48.51 45.55
C ILE G 4670 -21.86 47.07 45.26
N PHE G 4671 -22.69 46.36 44.49
CA PHE G 4671 -22.39 44.98 44.14
C PHE G 4671 -21.07 44.88 43.39
N LYS G 4672 -20.87 45.77 42.40
CA LYS G 4672 -19.65 45.72 41.61
C LYS G 4672 -18.43 46.09 42.44
N ARG G 4673 -18.57 47.13 43.27
CA ARG G 4673 -17.45 47.56 44.10
C ARG G 4673 -17.04 46.46 45.09
N GLU G 4674 -18.03 45.86 45.75
CA GLU G 4674 -17.78 44.75 46.65
C GLU G 4674 -17.15 43.56 45.93
N LYS G 4675 -17.66 43.23 44.75
CA LYS G 4675 -17.13 42.12 43.97
C LYS G 4675 -15.67 42.33 43.60
N GLU G 4676 -15.34 43.50 43.06
CA GLU G 4676 -13.95 43.75 42.67
C GLU G 4676 -13.04 43.72 43.89
N LEU G 4677 -13.50 44.28 45.01
CA LEU G 4677 -12.67 44.25 46.22
C LEU G 4677 -12.44 42.81 46.66
N ALA G 4678 -13.50 41.99 46.64
CA ALA G 4678 -13.37 40.59 47.05
C ALA G 4678 -12.41 39.84 46.14
N ARG G 4679 -12.52 40.05 44.82
CA ARG G 4679 -11.65 39.34 43.90
C ARG G 4679 -10.20 39.77 44.09
N LYS G 4680 -9.96 41.06 44.32
CA LYS G 4680 -8.60 41.52 44.58
C LYS G 4680 -8.06 40.88 45.85
N LEU G 4681 -8.86 40.84 46.91
CA LEU G 4681 -8.40 40.23 48.15
C LEU G 4681 -8.05 38.76 47.94
N GLU G 4682 -8.96 38.00 47.33
CA GLU G 4682 -8.77 36.56 47.23
C GLU G 4682 -7.60 36.22 46.29
N PHE G 4683 -7.60 36.79 45.10
CA PHE G 4683 -6.63 36.40 44.08
C PHE G 4683 -5.41 37.32 44.08
N ASP G 4684 -5.63 38.63 43.98
CA ASP G 4684 -4.50 39.56 43.99
C ASP G 4684 -3.86 39.65 45.37
N GLY G 4685 -4.68 39.64 46.42
CA GLY G 4685 -4.16 39.83 47.76
C GLY G 4685 -3.77 41.26 48.08
N LEU G 4686 -4.49 42.23 47.53
CA LEU G 4686 -4.10 43.63 47.57
C LEU G 4686 -3.69 44.09 48.97
N TYR G 4687 -4.61 44.02 49.93
CA TYR G 4687 -4.33 44.53 51.26
C TYR G 4687 -3.54 43.54 52.11
N ILE G 4688 -3.28 42.35 51.60
CA ILE G 4688 -2.43 41.40 52.30
C ILE G 4688 -0.97 41.55 51.87
N THR G 4689 -0.71 41.56 50.57
CA THR G 4689 0.65 41.58 50.05
C THR G 4689 0.98 42.85 49.29
N GLU G 4690 0.22 43.19 48.26
CA GLU G 4690 0.61 44.28 47.37
C GLU G 4690 0.42 45.64 48.04
N GLN G 4691 -0.78 45.91 48.53
CA GLN G 4691 -1.11 47.17 49.21
C GLN G 4691 -1.18 48.28 48.17
N PRO G 4692 -2.29 49.02 48.09
CA PRO G 4692 -2.43 50.04 47.04
C PRO G 4692 -1.32 51.08 47.09
N GLY G 4693 -1.22 51.84 45.99
CA GLY G 4693 -0.09 52.73 45.81
C GLY G 4693 -0.21 54.04 46.55
N ASP G 4694 -1.39 54.33 47.08
CA ASP G 4694 -1.79 55.61 47.68
C ASP G 4694 -2.16 56.63 46.61
N ASP G 4695 -2.00 56.30 45.33
CA ASP G 4695 -2.57 57.08 44.25
C ASP G 4695 -3.97 56.63 43.91
N ASP G 4696 -4.45 55.54 44.52
CA ASP G 4696 -5.74 54.95 44.23
C ASP G 4696 -6.69 55.30 45.38
N VAL G 4697 -7.39 56.42 45.24
CA VAL G 4697 -8.27 56.89 46.31
C VAL G 4697 -9.32 55.83 46.62
N LYS G 4698 -9.79 55.12 45.60
CA LYS G 4698 -10.77 54.06 45.82
C LYS G 4698 -10.19 52.93 46.65
N GLY G 4699 -8.96 52.53 46.34
CA GLY G 4699 -8.28 51.51 47.13
C GLY G 4699 -8.06 51.93 48.57
N GLN G 4700 -7.77 53.22 48.80
CA GLN G 4700 -7.62 53.68 50.18
C GLN G 4700 -8.96 53.74 50.89
N TRP G 4701 -10.00 54.16 50.18
CA TRP G 4701 -11.34 54.26 50.77
C TRP G 4701 -11.88 52.89 51.15
N ASP G 4702 -11.59 51.87 50.33
CA ASP G 4702 -12.14 50.55 50.57
C ASP G 4702 -11.59 49.88 51.81
N ARG G 4703 -10.55 50.45 52.45
CA ARG G 4703 -10.01 49.84 53.64
C ARG G 4703 -11.04 49.81 54.77
N LEU G 4704 -11.93 50.81 54.79
CA LEU G 4704 -12.87 50.93 55.90
C LEU G 4704 -13.79 49.74 56.00
N VAL G 4705 -14.20 49.20 54.86
CA VAL G 4705 -15.29 48.22 54.87
C VAL G 4705 -14.76 46.81 55.14
N LEU G 4706 -13.45 46.61 55.08
CA LEU G 4706 -12.89 45.28 55.29
C LEU G 4706 -13.29 44.72 56.65
N ASN G 4707 -13.12 45.51 57.70
CA ASN G 4707 -13.42 45.06 59.05
C ASN G 4707 -14.91 45.03 59.35
N THR G 4708 -15.74 45.51 58.45
CA THR G 4708 -17.17 45.62 58.73
C THR G 4708 -17.85 44.26 58.60
N PRO G 4709 -18.79 43.93 59.50
CA PRO G 4709 -19.55 42.69 59.31
C PRO G 4709 -20.39 42.68 58.05
N SER G 4710 -20.86 43.86 57.62
CA SER G 4710 -21.82 43.92 56.53
C SER G 4710 -21.14 44.01 55.16
N PHE G 4711 -19.82 43.86 55.10
CA PHE G 4711 -19.10 43.96 53.84
C PHE G 4711 -19.81 43.27 52.68
N PRO G 4712 -20.02 41.95 52.71
CA PRO G 4712 -20.71 41.39 51.52
C PRO G 4712 -22.23 41.54 51.62
N SER G 4713 -22.69 42.79 51.63
CA SER G 4713 -24.12 43.03 51.80
C SER G 4713 -24.88 42.80 50.50
N ASN G 4714 -24.40 43.35 49.40
CA ASN G 4714 -25.04 43.19 48.10
C ASN G 4714 -24.39 42.12 47.24
N TYR G 4715 -23.13 41.78 47.51
CA TYR G 4715 -22.45 40.72 46.78
C TYR G 4715 -22.69 39.39 47.45
N TRP G 4716 -22.92 38.36 46.64
CA TRP G 4716 -23.48 37.11 47.15
C TRP G 4716 -22.53 36.43 48.13
N ASP G 4717 -21.24 36.40 47.83
CA ASP G 4717 -20.29 35.60 48.60
C ASP G 4717 -20.16 36.19 50.00
N LYS G 4718 -20.74 35.50 50.97
CA LYS G 4718 -20.62 35.87 52.38
C LYS G 4718 -19.42 35.21 53.04
N PHE G 4719 -18.72 34.32 52.34
CA PHE G 4719 -17.66 33.51 52.90
C PHE G 4719 -16.29 33.93 52.36
N VAL G 4720 -16.23 35.06 51.66
CA VAL G 4720 -14.98 35.51 51.06
C VAL G 4720 -13.94 35.77 52.14
N LYS G 4721 -14.37 36.24 53.30
CA LYS G 4721 -13.42 36.49 54.39
C LYS G 4721 -12.74 35.21 54.83
N ARG G 4722 -13.53 34.14 55.04
CA ARG G 4722 -12.94 32.87 55.43
C ARG G 4722 -12.08 32.30 54.33
N LYS G 4723 -12.49 32.50 53.07
CA LYS G 4723 -11.67 32.04 51.95
C LYS G 4723 -10.32 32.74 51.94
N VAL G 4724 -10.32 34.06 52.17
CA VAL G 4724 -9.06 34.80 52.23
C VAL G 4724 -8.22 34.35 53.40
N LEU G 4725 -8.86 34.10 54.54
CA LEU G 4725 -8.12 33.61 55.71
C LEU G 4725 -7.45 32.29 55.39
N ASP G 4726 -8.16 31.38 54.74
CA ASP G 4726 -7.56 30.11 54.35
C ASP G 4726 -6.42 30.32 53.36
N LYS G 4727 -6.60 31.23 52.40
CA LYS G 4727 -5.61 31.40 51.34
C LYS G 4727 -4.32 32.01 51.89
N HIS G 4728 -4.42 33.06 52.69
CA HIS G 4728 -3.27 33.87 53.07
C HIS G 4728 -2.94 33.85 54.56
N GLY G 4729 -3.60 33.00 55.35
CA GLY G 4729 -3.38 33.03 56.78
C GLY G 4729 -1.99 32.55 57.16
N ASP G 4730 -1.50 31.51 56.51
CA ASP G 4730 -0.24 30.90 56.91
C ASP G 4730 0.91 31.89 56.74
N ILE G 4731 0.99 32.54 55.59
CA ILE G 4731 2.11 33.45 55.33
C ILE G 4731 1.94 34.76 56.09
N PHE G 4732 0.72 35.28 56.14
CA PHE G 4732 0.48 36.62 56.64
C PHE G 4732 -0.16 36.64 58.03
N GLY G 4733 -0.45 35.47 58.59
CA GLY G 4733 -0.95 35.40 59.95
C GLY G 4733 -2.46 35.38 60.05
N ARG G 4734 -2.99 34.31 60.65
CA ARG G 4734 -4.44 34.17 60.79
C ARG G 4734 -5.01 35.28 61.67
N GLU G 4735 -4.37 35.55 62.81
CA GLU G 4735 -4.86 36.60 63.69
C GLU G 4735 -4.81 37.96 63.02
N ARG G 4736 -3.76 38.20 62.24
CA ARG G 4736 -3.63 39.48 61.54
C ARG G 4736 -4.70 39.64 60.47
N ILE G 4737 -4.95 38.58 59.70
CA ILE G 4737 -6.03 38.62 58.71
C ILE G 4737 -7.37 38.84 59.40
N ALA G 4738 -7.56 38.20 60.57
CA ALA G 4738 -8.82 38.36 61.30
C ALA G 4738 -8.99 39.79 61.76
N GLU G 4739 -7.92 40.42 62.25
CA GLU G 4739 -8.01 41.81 62.66
C GLU G 4739 -8.30 42.70 61.44
N LEU G 4740 -7.69 42.40 60.30
CA LEU G 4740 -7.95 43.18 59.10
C LEU G 4740 -9.40 43.06 58.66
N LEU G 4741 -9.97 41.86 58.73
CA LEU G 4741 -11.27 41.57 58.16
C LEU G 4741 -12.39 41.52 59.19
N GLY G 4742 -12.12 41.91 60.43
CA GLY G 4742 -13.17 41.89 61.45
C GLY G 4742 -13.72 40.52 61.72
N MET G 4743 -12.86 39.53 61.91
CA MET G 4743 -13.25 38.14 62.07
C MET G 4743 -12.95 37.66 63.49
N ASP G 4744 -13.83 36.82 64.02
CA ASP G 4744 -13.69 36.27 65.37
C ASP G 4744 -13.32 34.80 65.29
N LEU G 4745 -12.01 34.51 65.36
CA LEU G 4745 -11.52 33.16 65.09
C LEU G 4745 -12.31 32.13 65.86
N ALA G 4746 -12.61 32.40 67.12
CA ALA G 4746 -13.40 31.44 67.90
C ALA G 4746 -14.75 31.21 67.24
N SER G 4747 -15.52 32.28 67.00
CA SER G 4747 -16.87 32.12 66.47
C SER G 4747 -16.87 31.42 65.12
N LEU G 4748 -15.78 31.52 64.37
CA LEU G 4748 -15.72 30.77 63.11
C LEU G 4748 -15.98 29.28 63.35
N GLU G 4749 -15.37 28.72 64.40
CA GLU G 4749 -15.55 27.30 64.69
C GLU G 4749 -16.99 27.00 65.13
N ILE G 4750 -17.56 27.84 66.00
CA ILE G 4750 -18.89 27.56 66.54
C ILE G 4750 -19.92 27.59 65.42
N THR G 4751 -19.81 28.56 64.51
CA THR G 4751 -20.73 28.63 63.39
C THR G 4751 -20.79 27.29 62.66
N ALA G 4752 -19.62 26.65 62.47
CA ALA G 4752 -19.59 25.34 61.85
C ALA G 4752 -20.17 24.27 62.76
N HIS G 4753 -19.89 24.35 64.08
CA HIS G 4753 -20.35 23.27 64.95
C HIS G 4753 -21.86 23.18 64.94
N ASN G 4754 -22.55 24.32 65.02
CA ASN G 4754 -24.00 24.28 64.99
C ASN G 4754 -24.54 25.69 64.81
N GLU G 4755 -25.80 25.75 64.43
CA GLU G 4755 -26.48 27.04 64.28
C GLU G 4755 -26.99 27.53 65.62
N ARG G 4756 -26.77 28.81 65.89
CA ARG G 4756 -27.25 29.46 67.10
C ARG G 4756 -28.20 30.57 66.70
N LYS G 4757 -29.32 30.68 67.42
CA LYS G 4757 -30.33 31.68 67.11
C LYS G 4757 -30.38 32.71 68.23
N PRO G 4758 -29.71 33.86 68.10
CA PRO G 4758 -29.87 34.92 69.09
C PRO G 4758 -31.00 35.87 68.70
N ASP G 4759 -32.25 35.40 68.88
CA ASP G 4759 -33.39 36.10 68.34
C ASP G 4759 -33.44 37.52 68.90
N PRO G 4760 -33.20 38.54 68.07
CA PRO G 4760 -33.46 39.92 68.48
C PRO G 4760 -34.82 40.40 68.02
N PRO G 4761 -35.90 40.10 68.75
CA PRO G 4761 -37.24 40.54 68.32
C PRO G 4761 -37.20 41.96 67.80
N PRO G 4762 -37.89 42.25 66.68
CA PRO G 4762 -37.67 43.54 66.01
C PRO G 4762 -37.98 44.72 66.92
N GLY G 4763 -37.09 45.70 66.90
CA GLY G 4763 -37.28 46.92 67.65
C GLY G 4763 -36.47 48.05 67.04
N LEU G 4764 -36.86 49.28 67.40
CA LEU G 4764 -36.12 50.45 66.91
C LEU G 4764 -34.68 50.44 67.40
N LEU G 4765 -34.49 50.14 68.68
CA LEU G 4765 -33.14 50.05 69.23
C LEU G 4765 -32.35 48.93 68.57
N THR G 4766 -33.02 47.81 68.28
CA THR G 4766 -32.35 46.70 67.62
C THR G 4766 -31.91 47.10 66.21
N TRP G 4767 -32.76 47.86 65.51
CA TRP G 4767 -32.38 48.37 64.19
C TRP G 4767 -31.19 49.31 64.30
N LEU G 4768 -31.20 50.20 65.30
CA LEU G 4768 -30.06 51.09 65.50
C LEU G 4768 -28.78 50.29 65.73
N MET G 4769 -28.86 49.24 66.56
CA MET G 4769 -27.71 48.37 66.75
C MET G 4769 -27.29 47.72 65.45
N SER G 4770 -28.26 47.30 64.63
CA SER G 4770 -27.97 46.67 63.35
C SER G 4770 -27.23 47.61 62.41
N ILE G 4771 -27.45 48.92 62.52
CA ILE G 4771 -26.77 49.85 61.64
C ILE G 4771 -25.26 49.72 61.80
N ASP G 4772 -24.56 49.60 60.68
CA ASP G 4772 -23.10 49.56 60.67
C ASP G 4772 -22.60 50.90 60.16
N VAL G 4773 -22.11 51.73 61.08
CA VAL G 4773 -21.76 53.11 60.75
C VAL G 4773 -20.67 53.15 59.70
N LYS G 4774 -19.63 52.32 59.87
CA LYS G 4774 -18.50 52.37 58.97
C LYS G 4774 -18.89 51.95 57.55
N TYR G 4775 -19.68 50.88 57.44
CA TYR G 4775 -20.15 50.45 56.13
C TYR G 4775 -21.03 51.52 55.50
N GLN G 4776 -21.89 52.15 56.28
CA GLN G 4776 -22.75 53.20 55.74
C GLN G 4776 -21.92 54.38 55.24
N ILE G 4777 -20.86 54.73 55.97
CA ILE G 4777 -20.00 55.83 55.55
C ILE G 4777 -19.30 55.49 54.24
N TRP G 4778 -18.77 54.26 54.15
CA TRP G 4778 -18.12 53.83 52.91
C TRP G 4778 -19.10 53.89 51.74
N LYS G 4779 -20.32 53.40 51.98
CA LYS G 4779 -21.35 53.40 50.95
C LYS G 4779 -21.71 54.82 50.53
N PHE G 4780 -21.80 55.73 51.49
CA PHE G 4780 -22.14 57.11 51.18
C PHE G 4780 -21.04 57.76 50.36
N GLY G 4781 -19.78 57.47 50.70
CA GLY G 4781 -18.69 57.95 49.86
C GLY G 4781 -18.79 57.44 48.44
N VAL G 4782 -19.09 56.16 48.28
CA VAL G 4782 -19.23 55.59 46.94
C VAL G 4782 -20.34 56.30 46.18
N ILE G 4783 -21.50 56.47 46.83
CA ILE G 4783 -22.64 57.08 46.15
C ILE G 4783 -22.32 58.51 45.76
N PHE G 4784 -21.75 59.28 46.69
CA PHE G 4784 -21.45 60.67 46.39
C PHE G 4784 -20.40 60.77 45.29
N THR G 4785 -19.54 59.76 45.16
CA THR G 4785 -18.63 59.73 44.04
C THR G 4785 -19.35 59.40 42.74
N ASP G 4786 -20.44 58.64 42.82
CA ASP G 4786 -21.19 58.31 41.60
C ASP G 4786 -21.69 59.56 40.92
N ASN G 4787 -21.49 59.63 39.59
CA ASN G 4787 -21.76 60.87 38.85
C ASN G 4787 -23.27 61.15 38.76
N SER G 4788 -24.06 60.12 38.46
CA SER G 4788 -25.49 60.33 38.28
C SER G 4788 -26.13 60.85 39.56
N PHE G 4789 -25.73 60.30 40.70
CA PHE G 4789 -26.23 60.79 41.98
C PHE G 4789 -25.89 62.27 42.13
N LEU G 4790 -24.67 62.65 41.75
CA LEU G 4790 -24.26 64.05 41.87
C LEU G 4790 -25.13 64.93 40.99
N TYR G 4791 -25.39 64.50 39.76
CA TYR G 4791 -26.23 65.29 38.87
C TYR G 4791 -27.63 65.45 39.43
N LEU G 4792 -28.22 64.36 39.93
CA LEU G 4792 -29.56 64.46 40.47
C LEU G 4792 -29.59 65.34 41.71
N GLY G 4793 -28.55 65.28 42.55
CA GLY G 4793 -28.47 66.13 43.71
C GLY G 4793 -28.38 67.59 43.33
N TRP G 4794 -27.59 67.88 42.29
CA TRP G 4794 -27.52 69.25 41.77
C TRP G 4794 -28.88 69.70 41.26
N TYR G 4795 -29.60 68.80 40.57
CA TYR G 4795 -30.96 69.09 40.15
C TYR G 4795 -31.83 69.51 41.33
N MET G 4796 -31.80 68.70 42.39
CA MET G 4796 -32.61 68.97 43.57
C MET G 4796 -32.24 70.30 44.21
N VAL G 4797 -30.93 70.56 44.35
CA VAL G 4797 -30.49 71.81 44.97
C VAL G 4797 -30.91 73.00 44.14
N MET G 4798 -30.81 72.88 42.82
CA MET G 4798 -31.20 73.99 41.95
C MET G 4798 -32.70 74.24 42.03
N SER G 4799 -33.50 73.18 42.18
CA SER G 4799 -34.94 73.39 42.39
C SER G 4799 -35.21 74.10 43.71
N LEU G 4800 -34.52 73.68 44.77
CA LEU G 4800 -34.72 74.33 46.06
C LEU G 4800 -34.34 75.80 45.99
N LEU G 4801 -33.24 76.11 45.31
CA LEU G 4801 -32.85 77.51 45.12
C LEU G 4801 -33.84 78.22 44.21
N GLY G 4802 -34.45 77.49 43.28
CA GLY G 4802 -35.48 78.08 42.45
C GLY G 4802 -36.65 78.58 43.26
N HIS G 4803 -36.98 77.84 44.33
CA HIS G 4803 -38.04 78.33 45.21
C HIS G 4803 -37.68 79.69 45.81
N TYR G 4804 -36.40 79.90 46.13
CA TYR G 4804 -35.96 81.19 46.63
C TYR G 4804 -35.99 82.24 45.54
N ASN G 4805 -35.49 81.89 44.34
CA ASN G 4805 -35.52 82.76 43.18
C ASN G 4805 -35.88 81.91 41.97
N ASN G 4806 -37.05 82.19 41.38
CA ASN G 4806 -37.61 81.27 40.40
C ASN G 4806 -36.74 81.11 39.17
N PHE G 4807 -35.80 82.02 38.94
CA PHE G 4807 -34.98 81.96 37.73
C PHE G 4807 -33.95 80.83 37.75
N PHE G 4808 -33.69 80.23 38.91
CA PHE G 4808 -32.78 79.11 38.97
C PHE G 4808 -33.36 77.85 38.32
N PHE G 4809 -34.65 77.85 38.01
CA PHE G 4809 -35.28 76.70 37.36
C PHE G 4809 -34.83 76.55 35.92
N ALA G 4810 -34.14 77.54 35.36
CA ALA G 4810 -33.64 77.45 33.99
C ALA G 4810 -32.52 76.43 33.84
N ALA G 4811 -31.75 76.20 34.91
CA ALA G 4811 -30.64 75.26 34.83
C ALA G 4811 -31.12 73.85 34.53
N HIS G 4812 -32.33 73.51 34.95
CA HIS G 4812 -32.87 72.17 34.71
C HIS G 4812 -33.17 71.93 33.23
N LEU G 4813 -33.16 72.97 32.41
CA LEU G 4813 -33.28 72.78 30.97
C LEU G 4813 -32.03 72.15 30.38
N LEU G 4814 -30.93 72.12 31.13
CA LEU G 4814 -29.73 71.43 30.66
C LEU G 4814 -29.90 69.92 30.72
N ASP G 4815 -30.95 69.44 31.40
CA ASP G 4815 -31.24 68.01 31.46
C ASP G 4815 -31.65 67.44 30.11
N ILE G 4816 -31.98 68.30 29.14
CA ILE G 4816 -32.36 67.80 27.82
C ILE G 4816 -31.22 67.02 27.20
N ALA G 4817 -29.98 67.38 27.53
CA ALA G 4817 -28.83 66.62 27.04
C ALA G 4817 -28.94 65.16 27.44
N MET G 4818 -28.98 64.88 28.74
CA MET G 4818 -29.12 63.51 29.22
C MET G 4818 -30.42 62.88 28.74
N GLY G 4819 -31.47 63.68 28.55
CA GLY G 4819 -32.73 63.13 28.08
C GLY G 4819 -32.63 62.58 26.67
N VAL G 4820 -31.95 63.31 25.79
CA VAL G 4820 -31.88 62.97 24.38
C VAL G 4820 -30.52 62.37 24.07
N LYS G 4821 -30.53 61.19 23.45
CA LYS G 4821 -29.28 60.56 23.02
C LYS G 4821 -28.56 61.39 21.97
N THR G 4822 -29.31 62.01 21.06
CA THR G 4822 -28.70 62.81 20.01
C THR G 4822 -27.90 63.96 20.61
N LEU G 4823 -28.45 64.64 21.61
CA LEU G 4823 -27.71 65.70 22.28
C LEU G 4823 -26.48 65.16 22.98
N ARG G 4824 -26.59 63.97 23.58
CA ARG G 4824 -25.41 63.38 24.21
C ARG G 4824 -24.31 63.14 23.19
N THR G 4825 -24.67 62.65 22.00
CA THR G 4825 -23.68 62.43 20.96
C THR G 4825 -23.04 63.74 20.51
N ILE G 4826 -23.87 64.76 20.28
CA ILE G 4826 -23.34 66.05 19.83
C ILE G 4826 -22.40 66.63 20.86
N LEU G 4827 -22.78 66.58 22.14
CA LEU G 4827 -21.93 67.10 23.19
C LEU G 4827 -20.66 66.26 23.35
N SER G 4828 -20.78 64.94 23.16
CA SER G 4828 -19.61 64.08 23.23
C SER G 4828 -18.62 64.42 22.14
N SER G 4829 -19.12 64.90 21.00
CA SER G 4829 -18.22 65.35 19.95
C SER G 4829 -17.28 66.44 20.48
N VAL G 4830 -17.83 67.39 21.25
CA VAL G 4830 -17.00 68.45 21.82
C VAL G 4830 -16.12 67.90 22.93
N THR G 4831 -16.69 67.09 23.82
CA THR G 4831 -15.96 66.62 24.99
C THR G 4831 -14.77 65.75 24.60
N HIS G 4832 -14.91 65.02 23.49
CA HIS G 4832 -13.89 64.09 23.02
C HIS G 4832 -12.52 64.75 22.97
N ASN G 4833 -12.44 65.93 22.33
CA ASN G 4833 -11.21 66.69 22.24
C ASN G 4833 -11.22 67.92 23.13
N GLY G 4834 -11.88 67.84 24.29
CA GLY G 4834 -12.01 69.01 25.15
C GLY G 4834 -10.67 69.49 25.69
N LYS G 4835 -9.80 68.57 26.08
CA LYS G 4835 -8.49 68.96 26.56
C LYS G 4835 -7.72 69.69 25.47
N GLN G 4836 -7.77 69.16 24.25
CA GLN G 4836 -7.10 69.81 23.12
C GLN G 4836 -7.67 71.20 22.89
N LEU G 4837 -8.98 71.35 23.02
CA LEU G 4837 -9.60 72.66 22.84
C LEU G 4837 -9.13 73.64 23.90
N VAL G 4838 -9.03 73.19 25.14
CA VAL G 4838 -8.54 74.06 26.21
C VAL G 4838 -7.11 74.48 25.95
N MET G 4839 -6.27 73.54 25.49
CA MET G 4839 -4.90 73.88 25.15
C MET G 4839 -4.84 74.89 24.01
N THR G 4840 -5.72 74.72 23.02
CA THR G 4840 -5.76 75.68 21.92
C THR G 4840 -6.15 77.06 22.42
N VAL G 4841 -7.10 77.13 23.35
CA VAL G 4841 -7.50 78.42 23.91
C VAL G 4841 -6.34 79.05 24.67
N GLY G 4842 -5.59 78.23 25.42
CA GLY G 4842 -4.41 78.76 26.10
C GLY G 4842 -3.39 79.31 25.15
N LEU G 4843 -3.16 78.60 24.03
CA LEU G 4843 -2.24 79.08 23.01
C LEU G 4843 -2.73 80.40 22.42
N LEU G 4844 -4.04 80.51 22.20
CA LEU G 4844 -4.63 81.75 21.70
C LEU G 4844 -4.35 82.89 22.67
N ALA G 4845 -4.52 82.62 23.97
CA ALA G 4845 -4.22 83.62 24.99
C ALA G 4845 -2.76 84.04 24.94
N VAL G 4846 -1.86 83.07 24.76
CA VAL G 4846 -0.43 83.38 24.73
C VAL G 4846 -0.11 84.27 23.52
N VAL G 4847 -0.64 83.93 22.35
CA VAL G 4847 -0.34 84.72 21.17
C VAL G 4847 -0.91 86.13 21.31
N VAL G 4848 -2.10 86.24 21.89
CA VAL G 4848 -2.67 87.57 22.10
C VAL G 4848 -1.82 88.34 23.10
N TYR G 4849 -1.25 87.65 24.09
CA TYR G 4849 -0.36 88.32 25.03
C TYR G 4849 0.88 88.85 24.33
N LEU G 4850 1.45 88.07 23.41
CA LEU G 4850 2.62 88.54 22.68
C LEU G 4850 2.28 89.76 21.82
N TYR G 4851 1.14 89.69 21.11
CA TYR G 4851 0.71 90.84 20.33
C TYR G 4851 0.48 92.04 21.22
N THR G 4852 -0.05 91.82 22.42
CA THR G 4852 -0.26 92.91 23.37
C THR G 4852 1.07 93.53 23.81
N VAL G 4853 2.08 92.69 24.03
CA VAL G 4853 3.40 93.22 24.36
C VAL G 4853 3.90 94.12 23.23
N VAL G 4854 3.78 93.63 22.00
CA VAL G 4854 4.25 94.40 20.86
C VAL G 4854 3.52 95.73 20.77
N ALA G 4855 2.20 95.71 20.98
CA ALA G 4855 1.43 96.95 20.90
C ALA G 4855 1.81 97.90 22.03
N PHE G 4856 1.92 97.39 23.25
CA PHE G 4856 2.27 98.21 24.40
C PHE G 4856 3.62 98.88 24.22
N ASN G 4857 4.53 98.23 23.50
CA ASN G 4857 5.88 98.79 23.29
C ASN G 4857 5.91 99.76 22.12
N PHE G 4858 5.31 99.39 21.00
CA PHE G 4858 5.50 100.11 19.74
C PHE G 4858 4.25 100.80 19.21
N PHE G 4859 3.04 100.41 19.66
CA PHE G 4859 1.84 100.87 18.99
C PHE G 4859 0.81 101.43 19.96
N ARG G 4860 1.27 102.14 21.00
CA ARG G 4860 0.34 102.67 21.99
C ARG G 4860 -0.57 103.73 21.40
N LYS G 4861 -0.01 104.63 20.60
CA LYS G 4861 -0.76 105.78 20.10
C LYS G 4861 -2.02 105.38 19.35
N PHE G 4862 -2.05 104.19 18.77
CA PHE G 4862 -3.16 103.76 17.92
C PHE G 4862 -4.33 103.21 18.71
N TYR G 4863 -4.25 103.18 20.04
CA TYR G 4863 -5.25 102.49 20.84
C TYR G 4863 -6.11 103.46 21.64
N ASN G 4864 -6.46 104.59 21.03
CA ASN G 4864 -7.36 105.55 21.64
C ASN G 4864 -8.77 105.30 21.11
N LYS G 4865 -9.71 105.07 22.02
CA LYS G 4865 -11.09 104.72 21.67
C LYS G 4865 -12.05 105.85 22.02
N SER G 4866 -11.59 107.09 21.94
CA SER G 4866 -12.40 108.25 22.30
C SER G 4866 -12.40 109.25 21.15
N GLU G 4867 -13.60 109.70 20.77
CA GLU G 4867 -13.69 110.73 19.74
C GLU G 4867 -13.41 112.11 20.29
N ASP G 4868 -13.83 112.37 21.54
CA ASP G 4868 -13.59 113.66 22.17
C ASP G 4868 -12.11 113.83 22.50
N GLU G 4869 -11.46 114.75 21.79
CA GLU G 4869 -10.00 114.92 21.90
C GLU G 4869 -9.60 115.36 23.30
N ASP G 4870 -10.45 116.14 23.97
CA ASP G 4870 -10.10 116.63 25.30
C ASP G 4870 -9.91 115.48 26.28
N GLU G 4871 -10.79 114.49 26.23
CA GLU G 4871 -10.72 113.33 27.11
C GLU G 4871 -10.26 112.12 26.32
N PRO G 4872 -9.02 111.64 26.49
CA PRO G 4872 -8.58 110.46 25.76
C PRO G 4872 -8.79 109.18 26.55
N ASP G 4873 -9.19 108.12 25.88
CA ASP G 4873 -9.38 106.80 26.50
C ASP G 4873 -8.42 105.84 25.81
N MET G 4874 -7.25 105.64 26.42
CA MET G 4874 -6.20 104.81 25.86
C MET G 4874 -6.30 103.42 26.47
N LYS G 4875 -6.52 102.42 25.62
CA LYS G 4875 -6.69 101.05 26.08
C LYS G 4875 -5.38 100.29 26.28
N CYS G 4876 -4.28 100.79 25.73
CA CYS G 4876 -3.00 100.08 25.82
C CYS G 4876 -1.94 100.89 26.56
N ASP G 4877 -2.34 101.86 27.38
CA ASP G 4877 -1.39 102.53 28.25
C ASP G 4877 -0.95 101.63 29.40
N ASP G 4878 -1.77 100.61 29.71
CA ASP G 4878 -1.43 99.61 30.71
C ASP G 4878 -1.52 98.23 30.07
N MET G 4879 -0.61 97.35 30.46
CA MET G 4879 -0.54 96.03 29.84
C MET G 4879 -1.79 95.21 30.12
N MET G 4880 -2.30 95.26 31.34
CA MET G 4880 -3.50 94.48 31.66
C MET G 4880 -4.69 94.94 30.84
N THR G 4881 -4.87 96.26 30.74
CA THR G 4881 -5.95 96.80 29.93
C THR G 4881 -5.77 96.45 28.46
N CYS G 4882 -4.53 96.51 27.97
CA CYS G 4882 -4.28 96.17 26.57
C CYS G 4882 -4.59 94.71 26.29
N TYR G 4883 -4.20 93.82 27.22
CA TYR G 4883 -4.50 92.40 27.05
C TYR G 4883 -6.00 92.15 27.06
N LEU G 4884 -6.71 92.77 27.99
CA LEU G 4884 -8.16 92.62 28.03
C LEU G 4884 -8.78 93.12 26.73
N PHE G 4885 -8.32 94.28 26.26
CA PHE G 4885 -8.84 94.84 25.02
C PHE G 4885 -8.65 93.88 23.86
N HIS G 4886 -7.42 93.39 23.69
CA HIS G 4886 -7.17 92.45 22.61
C HIS G 4886 -8.09 91.24 22.72
N MET G 4887 -7.99 90.51 23.84
CA MET G 4887 -8.75 89.28 23.99
C MET G 4887 -10.25 89.51 23.82
N TYR G 4888 -10.74 90.70 24.16
CA TYR G 4888 -12.17 90.97 24.14
C TYR G 4888 -12.65 91.37 22.75
N VAL G 4889 -11.99 92.34 22.11
CA VAL G 4889 -12.49 92.88 20.86
C VAL G 4889 -11.89 92.17 19.67
N GLY G 4890 -10.57 91.95 19.66
CA GLY G 4890 -9.92 91.47 18.46
C GLY G 4890 -10.38 90.09 18.06
N VAL G 4891 -10.45 89.17 19.03
CA VAL G 4891 -10.90 87.82 18.74
C VAL G 4891 -12.33 87.83 18.22
N ARG G 4892 -13.19 88.64 18.86
CA ARG G 4892 -14.59 88.70 18.45
C ARG G 4892 -14.73 89.32 17.07
N ALA G 4893 -13.79 90.18 16.68
CA ALA G 4893 -13.85 90.83 15.39
C ALA G 4893 -13.46 89.85 14.28
N GLY G 4894 -14.00 90.10 13.08
CA GLY G 4894 -13.67 89.26 11.95
C GLY G 4894 -12.33 89.59 11.32
N GLY G 4895 -12.03 90.88 11.18
CA GLY G 4895 -10.75 91.32 10.67
C GLY G 4895 -9.69 91.53 11.72
N GLY G 4896 -9.98 91.25 12.98
CA GLY G 4896 -9.00 91.39 14.03
C GLY G 4896 -8.99 92.79 14.64
N ILE G 4897 -7.92 93.02 15.41
CA ILE G 4897 -7.80 94.24 16.19
C ILE G 4897 -7.71 95.46 15.27
N GLY G 4898 -7.10 95.28 14.10
CA GLY G 4898 -6.95 96.37 13.15
C GLY G 4898 -8.28 97.01 12.79
N ASP G 4899 -9.34 96.21 12.83
CA ASP G 4899 -10.67 96.77 12.60
C ASP G 4899 -11.02 97.81 13.65
N GLU G 4900 -10.65 97.55 14.90
CA GLU G 4900 -11.03 98.43 16.00
C GLU G 4900 -10.10 99.63 16.11
N ILE G 4901 -8.80 99.42 15.96
CA ILE G 4901 -7.84 100.48 16.24
C ILE G 4901 -7.61 101.39 15.03
N GLU G 4902 -6.98 102.53 15.26
CA GLU G 4902 -7.02 103.65 14.34
C GLU G 4902 -6.15 103.41 13.11
N ASP G 4903 -6.61 103.92 11.98
CA ASP G 4903 -5.93 103.68 10.70
C ASP G 4903 -4.49 104.19 10.76
N PRO G 4904 -3.50 103.37 10.40
CA PRO G 4904 -2.10 103.81 10.42
C PRO G 4904 -1.64 104.57 9.20
N ALA G 4905 -2.55 104.92 8.28
CA ALA G 4905 -2.13 105.54 7.03
C ALA G 4905 -1.32 106.81 7.30
N GLY G 4906 -0.26 106.99 6.53
CA GLY G 4906 0.61 108.14 6.70
C GLY G 4906 1.36 108.15 8.00
N ASP G 4907 1.93 107.01 8.40
CA ASP G 4907 2.69 106.91 9.63
C ASP G 4907 3.98 106.15 9.37
N GLU G 4908 4.98 106.45 10.20
CA GLU G 4908 6.30 105.83 10.05
C GLU G 4908 6.27 104.33 10.34
N TYR G 4909 5.27 103.86 11.09
CA TYR G 4909 5.15 102.46 11.46
C TYR G 4909 4.01 101.77 10.71
N GLU G 4910 3.63 102.31 9.55
CA GLU G 4910 2.49 101.79 8.81
C GLU G 4910 2.71 100.34 8.40
N LEU G 4911 3.87 100.05 7.83
CA LEU G 4911 4.14 98.69 7.37
C LEU G 4911 4.23 97.72 8.53
N TYR G 4912 4.87 98.15 9.62
CA TYR G 4912 4.95 97.32 10.80
C TYR G 4912 3.55 96.97 11.31
N ARG G 4913 2.66 97.96 11.35
CA ARG G 4913 1.34 97.69 11.87
C ARG G 4913 0.50 96.84 10.92
N VAL G 4914 0.66 97.02 9.60
CA VAL G 4914 -0.12 96.18 8.70
C VAL G 4914 0.34 94.73 8.82
N VAL G 4915 1.64 94.51 8.98
CA VAL G 4915 2.12 93.15 9.26
C VAL G 4915 1.50 92.66 10.56
N PHE G 4916 1.53 93.50 11.60
CA PHE G 4916 0.96 93.15 12.90
C PHE G 4916 -0.49 92.69 12.75
N ASP G 4917 -1.31 93.49 12.08
CA ASP G 4917 -2.73 93.20 11.97
C ASP G 4917 -3.01 91.98 11.11
N ILE G 4918 -2.33 91.87 9.96
CA ILE G 4918 -2.57 90.74 9.07
C ILE G 4918 -2.14 89.44 9.72
N THR G 4919 -1.00 89.45 10.41
CA THR G 4919 -0.55 88.25 11.10
C THR G 4919 -1.51 87.88 12.23
N PHE G 4920 -1.99 88.87 12.97
CA PHE G 4920 -3.01 88.60 13.99
C PHE G 4920 -4.22 87.94 13.36
N PHE G 4921 -4.72 88.50 12.27
CA PHE G 4921 -5.89 87.98 11.59
C PHE G 4921 -5.68 86.52 11.17
N PHE G 4922 -4.55 86.24 10.52
CA PHE G 4922 -4.33 84.90 9.99
C PHE G 4922 -4.10 83.88 11.10
N PHE G 4923 -3.23 84.21 12.06
CA PHE G 4923 -2.87 83.23 13.08
C PHE G 4923 -4.03 82.99 14.04
N VAL G 4924 -4.68 84.06 14.49
CA VAL G 4924 -5.69 83.94 15.55
C VAL G 4924 -7.05 83.61 14.95
N ILE G 4925 -7.56 84.51 14.11
CA ILE G 4925 -8.95 84.39 13.66
C ILE G 4925 -9.13 83.18 12.77
N VAL G 4926 -8.20 82.99 11.82
CA VAL G 4926 -8.35 81.95 10.81
C VAL G 4926 -7.96 80.60 11.40
N ILE G 4927 -6.70 80.48 11.83
CA ILE G 4927 -6.14 79.16 12.12
C ILE G 4927 -6.72 78.59 13.40
N LEU G 4928 -6.55 79.31 14.51
CA LEU G 4928 -6.93 78.76 15.80
C LEU G 4928 -8.41 78.41 15.84
N LEU G 4929 -9.26 79.32 15.39
CA LEU G 4929 -10.65 78.94 15.23
C LEU G 4929 -10.76 77.71 14.35
N ALA G 4930 -10.13 77.74 13.18
CA ALA G 4930 -10.17 76.59 12.28
C ALA G 4930 -9.72 75.33 13.00
N ILE G 4931 -8.77 75.44 13.92
CA ILE G 4931 -8.36 74.28 14.71
C ILE G 4931 -9.52 73.78 15.54
N ILE G 4932 -10.27 74.70 16.16
CA ILE G 4932 -11.43 74.29 16.95
C ILE G 4932 -12.45 73.55 16.07
N GLN G 4933 -12.79 74.15 14.92
CA GLN G 4933 -13.79 73.52 14.06
C GLN G 4933 -13.30 72.16 13.56
N GLY G 4934 -12.02 72.06 13.23
CA GLY G 4934 -11.48 70.79 12.77
C GLY G 4934 -11.47 69.74 13.85
N LEU G 4935 -11.22 70.16 15.10
CA LEU G 4935 -11.30 69.20 16.20
C LEU G 4935 -12.70 68.64 16.34
N ILE G 4936 -13.71 69.51 16.25
CA ILE G 4936 -15.10 69.03 16.34
C ILE G 4936 -15.42 68.09 15.18
N ILE G 4937 -15.00 68.49 13.98
CA ILE G 4937 -15.26 67.66 12.80
C ILE G 4937 -14.59 66.29 12.94
N ASP G 4938 -13.35 66.28 13.43
CA ASP G 4938 -12.64 65.01 13.61
C ASP G 4938 -13.32 64.16 14.67
N ALA G 4939 -13.86 64.79 15.71
CA ALA G 4939 -14.59 64.02 16.72
C ALA G 4939 -15.80 63.34 16.11
N PHE G 4940 -16.52 64.04 15.23
CA PHE G 4940 -17.64 63.41 14.55
C PHE G 4940 -17.20 62.14 13.81
N GLY G 4941 -16.15 62.25 13.00
CA GLY G 4941 -15.70 61.11 12.24
C GLY G 4941 -15.19 59.98 13.11
N GLU G 4942 -14.53 60.34 14.21
CA GLU G 4942 -14.03 59.32 15.14
C GLU G 4942 -15.18 58.53 15.74
N LEU G 4943 -16.22 59.22 16.20
CA LEU G 4943 -17.36 58.50 16.76
C LEU G 4943 -18.03 57.64 15.70
N ARG G 4944 -18.20 58.19 14.49
CA ARG G 4944 -18.81 57.42 13.41
C ARG G 4944 -18.03 56.15 13.14
N ASP G 4945 -16.70 56.26 13.04
CA ASP G 4945 -15.91 55.10 12.68
C ASP G 4945 -15.85 54.11 13.83
N GLN G 4946 -15.98 54.59 15.07
CA GLN G 4946 -16.11 53.67 16.20
C GLN G 4946 -17.37 52.81 16.06
N GLN G 4947 -18.52 53.46 15.82
CA GLN G 4947 -19.74 52.67 15.66
C GLN G 4947 -19.63 51.72 14.49
N GLU G 4948 -19.10 52.21 13.36
CA GLU G 4948 -18.99 51.37 12.17
C GLU G 4948 -18.08 50.18 12.43
N GLN G 4949 -16.98 50.40 13.15
CA GLN G 4949 -16.06 49.29 13.45
C GLN G 4949 -16.68 48.28 14.38
N VAL G 4950 -17.43 48.74 15.36
CA VAL G 4950 -18.10 47.80 16.23
C VAL G 4950 -19.05 46.94 15.41
N LYS G 4951 -19.83 47.57 14.54
CA LYS G 4951 -20.82 46.81 13.77
C LYS G 4951 -20.13 45.81 12.84
N GLU G 4952 -19.07 46.24 12.16
CA GLU G 4952 -18.32 45.36 11.27
C GLU G 4952 -17.69 44.20 12.02
N ASP G 4953 -17.10 44.45 13.18
CA ASP G 4953 -16.52 43.36 13.94
C ASP G 4953 -17.58 42.35 14.33
N MET G 4954 -18.75 42.83 14.79
CA MET G 4954 -19.79 41.90 15.20
C MET G 4954 -20.36 41.13 14.03
N GLU G 4955 -20.42 41.74 12.85
CA GLU G 4955 -20.96 41.05 11.67
C GLU G 4955 -19.94 40.13 11.01
N THR G 4956 -18.65 40.36 11.23
CA THR G 4956 -17.63 39.58 10.54
C THR G 4956 -17.13 38.43 11.39
N LYS G 4957 -17.07 38.61 12.71
CA LYS G 4957 -16.46 37.63 13.58
C LYS G 4957 -17.41 37.27 14.71
N CYS G 4958 -17.22 36.07 15.27
CA CYS G 4958 -17.96 35.68 16.45
C CYS G 4958 -17.36 36.32 17.69
N PHE G 4959 -18.23 36.82 18.56
CA PHE G 4959 -17.78 37.45 19.78
C PHE G 4959 -16.97 36.48 20.64
N ILE G 4960 -17.30 35.19 20.56
CA ILE G 4960 -16.67 34.18 21.41
C ILE G 4960 -15.39 33.64 20.79
N CYS G 4961 -15.51 32.97 19.64
CA CYS G 4961 -14.38 32.24 19.11
C CYS G 4961 -13.43 33.15 18.31
N GLY G 4962 -13.95 34.21 17.73
CA GLY G 4962 -13.14 35.09 16.91
C GLY G 4962 -12.96 34.63 15.49
N ILE G 4963 -13.52 33.48 15.10
CA ILE G 4963 -13.39 33.00 13.74
C ILE G 4963 -14.22 33.88 12.81
N GLY G 4964 -13.70 34.10 11.61
CA GLY G 4964 -14.34 35.02 10.70
C GLY G 4964 -15.60 34.46 10.07
N SER G 4965 -16.38 35.38 9.51
CA SER G 4965 -17.66 34.99 8.91
C SER G 4965 -17.45 34.14 7.67
N ASP G 4966 -16.30 34.25 7.02
CA ASP G 4966 -16.09 33.53 5.77
C ASP G 4966 -16.08 32.02 5.99
N TYR G 4967 -15.33 31.55 6.98
CA TYR G 4967 -15.28 30.12 7.27
C TYR G 4967 -16.68 29.56 7.47
N PHE G 4968 -17.48 30.25 8.29
CA PHE G 4968 -18.82 29.78 8.58
C PHE G 4968 -19.71 29.84 7.35
N ASP G 4969 -19.60 30.93 6.57
CA ASP G 4969 -20.41 31.10 5.39
C ASP G 4969 -20.02 30.13 4.28
N THR G 4970 -18.90 29.43 4.41
CA THR G 4970 -18.68 28.27 3.56
C THR G 4970 -19.91 27.39 3.55
N THR G 4971 -20.50 27.15 4.72
CA THR G 4971 -21.83 26.60 4.82
C THR G 4971 -22.87 27.72 4.73
N PRO G 4972 -23.95 27.53 3.99
CA PRO G 4972 -24.97 28.59 3.88
C PRO G 4972 -25.51 29.00 5.25
N HIS G 4973 -25.63 30.32 5.44
CA HIS G 4973 -26.10 30.91 6.70
C HIS G 4973 -25.27 30.44 7.88
N GLY G 4974 -24.02 30.07 7.62
CA GLY G 4974 -23.20 29.46 8.66
C GLY G 4974 -22.92 30.40 9.81
N PHE G 4975 -22.59 31.66 9.51
CA PHE G 4975 -22.28 32.61 10.57
C PHE G 4975 -23.52 32.90 11.41
N GLU G 4976 -24.68 33.04 10.76
CA GLU G 4976 -25.92 33.23 11.51
C GLU G 4976 -26.17 32.05 12.44
N THR G 4977 -26.04 30.82 11.93
CA THR G 4977 -26.25 29.66 12.78
C THR G 4977 -25.22 29.62 13.91
N HIS G 4978 -23.99 30.01 13.63
CA HIS G 4978 -22.95 29.99 14.65
C HIS G 4978 -23.25 30.98 15.77
N THR G 4979 -23.69 32.19 15.40
CA THR G 4979 -23.91 33.24 16.36
C THR G 4979 -25.25 33.15 17.08
N LEU G 4980 -26.19 32.36 16.55
CA LEU G 4980 -27.47 32.17 17.20
C LEU G 4980 -27.56 30.86 17.97
N GLU G 4981 -27.02 29.78 17.39
CA GLU G 4981 -27.12 28.46 18.01
C GLU G 4981 -25.83 28.07 18.70
N GLU G 4982 -24.73 28.00 17.94
CA GLU G 4982 -23.52 27.38 18.46
C GLU G 4982 -22.83 28.25 19.51
N HIS G 4983 -22.60 29.53 19.20
CA HIS G 4983 -21.82 30.41 20.06
C HIS G 4983 -22.60 31.66 20.40
N ASN G 4984 -23.86 31.51 20.79
CA ASN G 4984 -24.61 32.65 21.29
C ASN G 4984 -24.20 32.97 22.72
N LEU G 4985 -23.84 34.24 22.95
CA LEU G 4985 -23.42 34.67 24.27
C LEU G 4985 -24.57 34.66 25.27
N ALA G 4986 -25.78 34.94 24.80
CA ALA G 4986 -26.94 34.83 25.68
C ALA G 4986 -27.06 33.42 26.24
N ASN G 4987 -26.73 32.41 25.43
CA ASN G 4987 -26.80 31.04 25.91
C ASN G 4987 -25.73 30.76 26.96
N TYR G 4988 -24.55 31.36 26.83
CA TYR G 4988 -23.54 31.23 27.86
C TYR G 4988 -24.01 31.85 29.18
N MET G 4989 -24.62 33.03 29.09
CA MET G 4989 -25.18 33.65 30.28
C MET G 4989 -26.26 32.78 30.91
N PHE G 4990 -27.17 32.25 30.09
CA PHE G 4990 -28.21 31.37 30.59
C PHE G 4990 -27.61 30.13 31.23
N PHE G 4991 -26.53 29.62 30.65
CA PHE G 4991 -25.84 28.46 31.23
C PHE G 4991 -25.29 28.80 32.61
N LEU G 4992 -24.71 29.98 32.77
CA LEU G 4992 -24.21 30.39 34.07
C LEU G 4992 -25.34 30.44 35.09
N MET G 4993 -26.47 31.02 34.71
CA MET G 4993 -27.62 31.07 35.62
C MET G 4993 -28.10 29.66 35.96
N TYR G 4994 -28.14 28.79 34.95
CA TYR G 4994 -28.59 27.41 35.13
C TYR G 4994 -27.68 26.66 36.09
N LEU G 4995 -26.37 26.86 35.97
CA LEU G 4995 -25.44 26.24 36.91
C LEU G 4995 -25.63 26.80 38.32
N ILE G 4996 -25.82 28.11 38.45
CA ILE G 4996 -25.98 28.70 39.78
C ILE G 4996 -27.22 28.11 40.44
N ASN G 4997 -28.32 27.99 39.71
CA ASN G 4997 -29.55 27.51 40.31
C ASN G 4997 -29.50 26.00 40.56
N LYS G 4998 -28.81 25.26 39.71
CA LYS G 4998 -28.78 23.82 39.82
C LYS G 4998 -27.94 23.38 41.01
N ASP G 4999 -28.35 22.27 41.62
CA ASP G 4999 -27.58 21.68 42.71
C ASP G 4999 -26.31 21.03 42.17
N GLU G 5000 -25.23 21.08 42.97
CA GLU G 5000 -23.96 20.56 42.52
C GLU G 5000 -24.01 19.05 42.29
N THR G 5001 -24.71 18.31 43.16
CA THR G 5001 -24.78 16.87 42.99
C THR G 5001 -25.43 16.50 41.66
N GLU G 5002 -26.38 17.32 41.20
CA GLU G 5002 -27.04 17.04 39.93
C GLU G 5002 -26.17 17.42 38.75
N HIS G 5003 -25.13 18.21 38.98
CA HIS G 5003 -24.27 18.66 37.89
C HIS G 5003 -23.71 17.48 37.13
N THR G 5004 -23.71 17.58 35.80
CA THR G 5004 -23.04 16.61 34.95
C THR G 5004 -21.53 16.86 34.99
N GLY G 5005 -20.81 16.03 34.24
CA GLY G 5005 -19.37 16.22 34.15
C GLY G 5005 -19.00 17.54 33.53
N GLN G 5006 -19.65 17.89 32.41
CA GLN G 5006 -19.39 19.16 31.75
C GLN G 5006 -19.74 20.32 32.67
N GLU G 5007 -20.91 20.24 33.31
CA GLU G 5007 -21.35 21.33 34.18
C GLU G 5007 -20.40 21.50 35.35
N SER G 5008 -19.95 20.41 35.95
CA SER G 5008 -19.00 20.50 37.06
C SER G 5008 -17.67 21.07 36.60
N TYR G 5009 -17.19 20.65 35.43
CA TYR G 5009 -15.96 21.18 34.88
C TYR G 5009 -16.04 22.69 34.72
N VAL G 5010 -17.10 23.17 34.05
CA VAL G 5010 -17.25 24.59 33.81
C VAL G 5010 -17.45 25.34 35.12
N TRP G 5011 -18.21 24.75 36.05
CA TRP G 5011 -18.46 25.39 37.34
C TRP G 5011 -17.19 25.57 38.13
N LYS G 5012 -16.36 24.53 38.19
CA LYS G 5012 -15.09 24.63 38.90
C LYS G 5012 -14.18 25.67 38.24
N MET G 5013 -14.13 25.68 36.92
CA MET G 5013 -13.29 26.67 36.25
C MET G 5013 -13.82 28.08 36.47
N TYR G 5014 -15.14 28.25 36.53
CA TYR G 5014 -15.71 29.55 36.84
C TYR G 5014 -15.35 30.00 38.24
N GLN G 5015 -15.43 29.08 39.21
CA GLN G 5015 -15.06 29.42 40.58
C GLN G 5015 -13.57 29.78 40.67
N GLU G 5016 -12.72 29.05 39.95
CA GLU G 5016 -11.31 29.37 39.91
C GLU G 5016 -11.04 30.60 39.05
N ARG G 5017 -12.04 31.07 38.33
CA ARG G 5017 -11.91 32.23 37.46
C ARG G 5017 -10.95 31.95 36.32
N CYS G 5018 -10.98 30.72 35.82
CA CYS G 5018 -10.25 30.33 34.62
C CYS G 5018 -11.24 30.25 33.46
N TRP G 5019 -10.93 30.96 32.37
CA TRP G 5019 -11.83 31.08 31.23
C TRP G 5019 -11.33 30.25 30.04
N ASP G 5020 -10.62 29.17 30.32
CA ASP G 5020 -10.07 28.35 29.24
C ASP G 5020 -11.15 27.55 28.54
N PHE G 5021 -12.28 27.32 29.20
CA PHE G 5021 -13.32 26.49 28.61
C PHE G 5021 -14.01 27.21 27.45
N PHE G 5022 -13.92 28.52 27.41
CA PHE G 5022 -14.45 29.28 26.29
C PHE G 5022 -13.70 28.89 25.02
N PRO G 5023 -14.40 28.49 23.96
CA PRO G 5023 -13.70 28.10 22.73
C PRO G 5023 -13.12 29.32 22.02
N ALA G 5024 -11.81 29.32 21.84
CA ALA G 5024 -11.11 30.39 21.16
C ALA G 5024 -10.34 29.81 19.99
N GLY G 5025 -10.63 30.30 18.78
CA GLY G 5025 -9.98 29.81 17.59
C GLY G 5025 -10.42 28.45 17.11
N ASP G 5026 -11.39 27.84 17.79
CA ASP G 5026 -11.84 26.50 17.44
C ASP G 5026 -13.36 26.44 17.59
N CYS G 5027 -13.94 25.47 16.88
CA CYS G 5027 -15.38 25.27 16.93
C CYS G 5027 -15.67 23.80 16.63
N PHE G 5028 -16.90 23.40 16.96
CA PHE G 5028 -17.33 22.03 16.70
C PHE G 5028 -17.22 21.70 15.22
N ARG G 5029 -17.66 22.62 14.36
CA ARG G 5029 -17.58 22.40 12.92
C ARG G 5029 -16.13 22.19 12.48
N LYS G 5030 -15.24 23.09 12.91
CA LYS G 5030 -13.84 22.99 12.51
C LYS G 5030 -13.21 21.70 13.02
N GLN G 5031 -13.52 21.32 14.26
CA GLN G 5031 -12.96 20.10 14.82
C GLN G 5031 -13.41 18.88 14.05
N TYR G 5032 -14.70 18.81 13.71
CA TYR G 5032 -15.26 17.65 13.05
C TYR G 5032 -15.52 17.93 11.58
N GLU G 5033 -14.65 18.73 10.98
CA GLU G 5033 -14.85 19.15 9.59
C GLU G 5033 -14.96 17.95 8.66
N ASP G 5034 -14.00 17.03 8.73
CA ASP G 5034 -14.00 15.89 7.81
C ASP G 5034 -15.14 14.93 8.13
N GLN G 5035 -15.39 14.67 9.41
CA GLN G 5035 -16.46 13.76 9.76
C GLN G 5035 -17.83 14.34 9.44
N LEU G 5036 -18.02 15.64 9.71
CA LEU G 5036 -19.28 16.29 9.35
C LEU G 5036 -19.47 16.30 7.84
N SER G 5037 -18.37 16.32 7.10
CA SER G 5037 -18.38 16.15 5.65
C SER G 5037 -17.14 15.46 5.09
N GLU H 10 20.42 1.52 -17.97
CA GLU H 10 21.70 2.04 -18.43
C GLU H 10 22.70 0.89 -18.58
N VAL H 11 23.74 1.11 -19.37
CA VAL H 11 24.79 0.13 -19.59
C VAL H 11 26.10 0.72 -19.08
N GLN H 12 26.82 -0.07 -18.28
CA GLN H 12 28.02 0.44 -17.62
C GLN H 12 29.09 0.79 -18.64
N PHE H 13 29.79 1.89 -18.37
CA PHE H 13 30.88 2.36 -19.20
C PHE H 13 32.19 2.24 -18.44
N LEU H 14 33.20 1.66 -19.07
CA LEU H 14 34.51 1.60 -18.46
C LEU H 14 35.09 3.00 -18.34
N ARG H 15 35.66 3.30 -17.18
CA ARG H 15 36.27 4.59 -16.91
C ARG H 15 37.66 4.39 -16.31
N THR H 16 38.39 5.49 -16.22
CA THR H 16 39.71 5.46 -15.61
C THR H 16 39.60 5.23 -14.10
N ASP H 17 40.71 4.80 -13.51
CA ASP H 17 40.84 4.46 -12.10
C ASP H 17 40.04 3.23 -11.76
N ASP H 18 39.51 2.52 -12.76
CA ASP H 18 38.81 1.27 -12.55
C ASP H 18 39.75 0.10 -12.75
N GLU H 19 39.51 -0.98 -12.01
CA GLU H 19 40.27 -2.21 -12.16
C GLU H 19 39.53 -3.15 -13.10
N VAL H 20 40.28 -3.75 -14.02
CA VAL H 20 39.71 -4.66 -15.00
C VAL H 20 40.64 -5.86 -15.15
N VAL H 21 40.06 -6.95 -15.63
CA VAL H 21 40.81 -8.14 -16.02
C VAL H 21 40.55 -8.40 -17.49
N LEU H 22 41.61 -8.74 -18.22
CA LEU H 22 41.52 -9.04 -19.64
C LEU H 22 41.33 -10.54 -19.82
N GLN H 23 40.18 -10.90 -20.39
CA GLN H 23 39.81 -12.29 -20.58
C GLN H 23 39.79 -12.64 -22.06
N CYS H 24 40.33 -13.82 -22.36
CA CYS H 24 40.26 -14.42 -23.67
C CYS H 24 39.60 -15.79 -23.56
N SER H 25 39.09 -16.27 -24.69
CA SER H 25 38.39 -17.54 -24.75
C SER H 25 39.15 -18.48 -25.68
N ALA H 26 39.34 -19.73 -25.23
CA ALA H 26 40.06 -20.73 -26.00
C ALA H 26 39.30 -22.03 -25.97
N THR H 27 39.16 -22.66 -27.13
CA THR H 27 38.46 -23.93 -27.25
C THR H 27 39.46 -25.07 -27.17
N VAL H 28 39.35 -25.86 -26.10
CA VAL H 28 40.19 -27.02 -25.89
C VAL H 28 39.30 -28.20 -25.53
N LEU H 29 39.48 -29.32 -26.23
CA LEU H 29 38.67 -30.51 -26.02
C LEU H 29 37.18 -30.19 -26.19
N LYS H 30 36.89 -29.31 -27.15
CA LYS H 30 35.51 -28.88 -27.43
C LYS H 30 34.87 -28.26 -26.20
N GLU H 31 35.70 -27.77 -25.28
CA GLU H 31 35.24 -27.16 -24.04
C GLU H 31 35.83 -25.76 -23.96
N GLN H 32 35.01 -24.75 -24.24
CA GLN H 32 35.46 -23.38 -24.17
C GLN H 32 35.95 -23.05 -22.77
N LEU H 33 37.04 -22.29 -22.70
CA LEU H 33 37.72 -22.01 -21.44
C LEU H 33 38.10 -20.54 -21.41
N LYS H 34 37.83 -19.89 -20.28
CA LYS H 34 38.12 -18.48 -20.09
C LYS H 34 39.44 -18.32 -19.37
N LEU H 35 40.30 -17.44 -19.89
CA LEU H 35 41.62 -17.22 -19.35
C LEU H 35 41.81 -15.73 -19.09
N CYS H 36 42.41 -15.41 -17.95
CA CYS H 36 42.71 -14.05 -17.56
C CYS H 36 44.20 -13.78 -17.68
N LEU H 37 44.54 -12.62 -18.22
CA LEU H 37 45.93 -12.22 -18.29
C LEU H 37 46.50 -12.03 -16.90
N ALA H 38 47.73 -12.49 -16.68
CA ALA H 38 48.34 -12.46 -15.37
C ALA H 38 49.83 -12.17 -15.50
N ALA H 39 50.39 -11.56 -14.47
CA ALA H 39 51.83 -11.32 -14.38
C ALA H 39 52.21 -11.07 -12.94
N GLU H 40 53.24 -11.77 -12.47
CA GLU H 40 53.71 -11.57 -11.10
C GLU H 40 54.42 -10.23 -10.95
N GLY H 41 55.36 -9.96 -11.85
CA GLY H 41 56.08 -8.70 -11.85
C GLY H 41 57.44 -8.79 -11.18
N PHE H 42 57.50 -9.47 -10.04
CA PHE H 42 58.74 -9.65 -9.30
C PHE H 42 59.28 -11.05 -9.57
N GLY H 43 60.52 -11.12 -10.03
CA GLY H 43 61.11 -12.37 -10.46
C GLY H 43 60.71 -12.80 -11.85
N ASN H 44 59.59 -12.32 -12.36
CA ASN H 44 59.15 -12.61 -13.71
C ASN H 44 58.27 -11.46 -14.19
N ARG H 45 58.56 -11.00 -15.40
CA ARG H 45 57.82 -9.92 -16.02
C ARG H 45 56.86 -10.37 -17.09
N LEU H 46 57.04 -11.58 -17.60
CA LEU H 46 56.25 -12.07 -18.71
C LEU H 46 54.82 -12.35 -18.29
N CYS H 47 53.90 -12.11 -19.20
CA CYS H 47 52.50 -12.36 -18.94
C CYS H 47 52.14 -13.78 -19.34
N PHE H 48 51.26 -14.37 -18.56
CA PHE H 48 50.74 -15.71 -18.81
C PHE H 48 49.23 -15.67 -18.63
N LEU H 49 48.61 -16.84 -18.66
CA LEU H 49 47.16 -16.96 -18.66
C LEU H 49 46.74 -17.86 -17.51
N GLU H 50 45.76 -17.38 -16.73
CA GLU H 50 45.25 -18.13 -15.59
C GLU H 50 43.80 -18.51 -15.87
N PRO H 51 43.42 -19.79 -15.79
CA PRO H 51 42.06 -20.18 -16.14
C PRO H 51 41.07 -19.79 -15.05
N THR H 52 39.95 -19.19 -15.46
CA THR H 52 38.92 -18.73 -14.54
C THR H 52 37.65 -19.56 -14.61
N SER H 53 37.63 -20.63 -15.41
CA SER H 53 36.38 -21.36 -15.63
C SER H 53 36.07 -22.31 -14.48
N ASN H 54 37.02 -23.14 -14.09
CA ASN H 54 36.75 -24.12 -13.06
C ASN H 54 36.35 -23.45 -11.76
N ALA H 55 37.07 -22.39 -11.37
CA ALA H 55 36.80 -21.60 -10.17
C ALA H 55 36.12 -22.40 -9.04
N GLN H 56 34.95 -23.02 -9.32
CA GLN H 56 34.20 -23.64 -8.23
C GLN H 56 35.13 -24.71 -7.58
N ASN H 57 35.77 -25.54 -8.37
CA ASN H 57 36.60 -26.61 -7.86
C ASN H 57 38.03 -26.14 -7.56
N VAL H 58 38.48 -25.07 -8.21
CA VAL H 58 39.82 -24.55 -8.02
C VAL H 58 39.81 -23.03 -8.11
N PRO H 59 40.02 -22.30 -7.01
CA PRO H 59 40.02 -20.83 -7.09
C PRO H 59 41.14 -20.32 -7.97
N PRO H 60 40.91 -19.25 -8.72
CA PRO H 60 41.98 -18.66 -9.52
C PRO H 60 42.74 -17.59 -8.76
N ASP H 61 43.95 -17.33 -9.24
CA ASP H 61 44.83 -16.29 -8.67
C ASP H 61 44.54 -14.98 -9.39
N LEU H 62 43.49 -14.29 -8.95
CA LEU H 62 42.98 -13.13 -9.67
C LEU H 62 43.78 -11.88 -9.35
N ALA H 63 44.46 -11.86 -8.20
CA ALA H 63 45.13 -10.64 -7.74
C ALA H 63 46.19 -10.19 -8.74
N ILE H 64 46.97 -11.13 -9.25
CA ILE H 64 48.05 -10.80 -10.19
C ILE H 64 47.47 -10.66 -11.58
N CYS H 65 46.16 -10.85 -11.72
CA CYS H 65 45.47 -10.64 -12.98
C CYS H 65 44.79 -9.29 -13.08
N CYS H 66 44.48 -8.67 -11.95
CA CYS H 66 43.79 -7.38 -11.96
C CYS H 66 44.72 -6.29 -12.49
N PHE H 67 44.15 -5.43 -13.34
CA PHE H 67 44.85 -4.27 -13.87
C PHE H 67 43.97 -3.05 -13.68
N THR H 68 44.58 -1.91 -13.39
CA THR H 68 43.88 -0.64 -13.24
C THR H 68 44.21 0.28 -14.41
N LEU H 69 43.19 0.95 -14.92
CA LEU H 69 43.36 1.90 -16.01
C LEU H 69 43.76 3.26 -15.44
N GLU H 70 44.89 3.78 -15.90
CA GLU H 70 45.33 5.11 -15.48
C GLU H 70 44.87 6.19 -16.46
N GLN H 71 45.27 6.07 -17.71
CA GLN H 71 45.06 7.11 -18.70
C GLN H 71 44.41 6.52 -19.95
N SER H 72 43.50 7.29 -20.54
CA SER H 72 42.90 6.96 -21.83
C SER H 72 42.99 8.22 -22.68
N LEU H 73 43.93 8.24 -23.61
CA LEU H 73 44.20 9.43 -24.42
C LEU H 73 44.17 9.08 -25.90
N SER H 74 43.84 10.09 -26.70
CA SER H 74 43.92 9.95 -28.14
C SER H 74 45.37 9.85 -28.59
N VAL H 75 45.56 9.35 -29.81
CA VAL H 75 46.91 9.15 -30.34
C VAL H 75 47.68 10.46 -30.36
N ARG H 76 47.01 11.55 -30.75
CA ARG H 76 47.69 12.83 -30.88
C ARG H 76 48.13 13.35 -29.51
N ALA H 77 47.25 13.28 -28.52
CA ALA H 77 47.62 13.71 -27.17
C ALA H 77 48.76 12.86 -26.64
N LEU H 78 48.71 11.55 -26.89
CA LEU H 78 49.81 10.69 -26.50
C LEU H 78 51.11 11.13 -27.16
N GLN H 79 51.04 11.50 -28.44
CA GLN H 79 52.23 11.95 -29.15
C GLN H 79 52.80 13.22 -28.53
N GLU H 80 51.94 14.19 -28.24
CA GLU H 80 52.43 15.42 -27.62
C GLU H 80 53.06 15.14 -26.26
N MET H 81 52.40 14.31 -25.45
CA MET H 81 52.92 14.03 -24.11
C MET H 81 54.26 13.31 -24.19
N LEU H 82 54.39 12.36 -25.12
CA LEU H 82 55.67 11.67 -25.29
C LEU H 82 56.75 12.63 -25.76
N ALA H 83 56.40 13.55 -26.67
CA ALA H 83 57.36 14.54 -27.11
C ALA H 83 57.83 15.40 -25.95
N ASN H 84 56.90 15.78 -25.07
CA ASN H 84 57.24 16.58 -23.90
C ASN H 84 57.71 15.69 -22.75
N HIS H 98 37.25 11.38 -13.45
CA HIS H 98 37.57 10.21 -14.27
C HIS H 98 37.15 10.43 -15.72
N ARG H 99 37.65 9.56 -16.59
CA ARG H 99 37.43 9.69 -18.03
C ARG H 99 36.92 8.39 -18.60
N THR H 100 35.85 8.47 -19.39
CA THR H 100 35.31 7.31 -20.05
C THR H 100 36.23 6.89 -21.19
N LEU H 101 36.31 5.57 -21.42
CA LEU H 101 37.10 5.07 -22.54
C LEU H 101 36.33 5.20 -23.84
N LEU H 102 37.03 5.61 -24.89
CA LEU H 102 36.47 5.68 -26.23
C LEU H 102 37.30 4.82 -27.17
N TYR H 103 36.61 4.08 -28.04
CA TYR H 103 37.30 3.28 -29.03
C TYR H 103 38.21 4.16 -29.87
N GLY H 104 39.41 3.66 -30.14
CA GLY H 104 40.42 4.41 -30.86
C GLY H 104 41.41 5.13 -29.96
N HIS H 105 41.12 5.24 -28.67
CA HIS H 105 42.02 5.87 -27.72
C HIS H 105 43.15 4.91 -27.34
N ALA H 106 44.16 5.46 -26.70
CA ALA H 106 45.28 4.70 -26.18
C ALA H 106 45.22 4.70 -24.66
N ILE H 107 45.38 3.52 -24.07
CA ILE H 107 45.16 3.32 -22.64
C ILE H 107 46.46 2.87 -21.99
N LEU H 108 46.58 3.17 -20.69
CA LEU H 108 47.71 2.75 -19.89
C LEU H 108 47.21 1.86 -18.77
N LEU H 109 47.77 0.66 -18.68
CA LEU H 109 47.33 -0.38 -17.76
C LEU H 109 48.41 -0.65 -16.74
N ARG H 110 48.06 -0.56 -15.46
CA ARG H 110 48.98 -0.76 -14.35
C ARG H 110 48.61 -2.01 -13.58
N HIS H 111 49.59 -2.87 -13.37
CA HIS H 111 49.43 -4.04 -12.51
C HIS H 111 49.22 -3.59 -11.07
N ALA H 112 48.11 -4.02 -10.48
CA ALA H 112 47.76 -3.54 -9.14
C ALA H 112 48.79 -4.00 -8.11
N HIS H 113 49.20 -5.26 -8.15
CA HIS H 113 50.10 -5.78 -7.13
C HIS H 113 51.49 -5.16 -7.24
N SER H 114 52.07 -5.14 -8.45
CA SER H 114 53.44 -4.72 -8.64
C SER H 114 53.56 -3.24 -8.97
N ARG H 115 52.48 -2.57 -9.34
CA ARG H 115 52.52 -1.17 -9.73
C ARG H 115 53.47 -0.94 -10.90
N MET H 116 53.59 -1.96 -11.75
CA MET H 116 54.28 -1.85 -13.03
C MET H 116 53.25 -1.62 -14.12
N TYR H 117 53.72 -1.54 -15.36
CA TYR H 117 52.88 -1.18 -16.47
C TYR H 117 52.96 -2.22 -17.58
N LEU H 118 51.79 -2.60 -18.11
CA LEU H 118 51.76 -3.58 -19.19
C LEU H 118 52.43 -3.00 -20.43
N SER H 119 53.24 -3.83 -21.08
CA SER H 119 54.07 -3.36 -22.17
C SER H 119 54.32 -4.47 -23.17
N CYS H 120 54.72 -4.05 -24.38
CA CYS H 120 55.14 -4.96 -25.43
C CYS H 120 56.66 -5.02 -25.42
N LEU H 121 57.20 -6.19 -25.08
CA LEU H 121 58.64 -6.35 -24.92
C LEU H 121 59.31 -6.58 -26.27
N THR H 122 60.55 -6.11 -26.38
CA THR H 122 61.33 -6.29 -27.59
C THR H 122 61.76 -7.74 -27.80
N THR H 123 61.65 -8.58 -26.78
CA THR H 123 62.15 -9.93 -26.84
C THR H 123 61.09 -10.89 -27.37
N SER H 124 61.56 -11.99 -27.95
CA SER H 124 60.66 -13.00 -28.51
C SER H 124 61.29 -14.37 -28.34
N ARG H 125 60.69 -15.20 -27.50
CA ARG H 125 61.07 -16.59 -27.37
C ARG H 125 60.16 -17.55 -28.11
N SER H 126 59.14 -17.06 -28.79
CA SER H 126 58.21 -17.95 -29.46
C SER H 126 58.92 -18.67 -30.61
N MET H 127 58.96 -20.00 -30.52
CA MET H 127 59.53 -20.78 -31.61
C MET H 127 58.58 -20.83 -32.80
N THR H 128 57.28 -20.81 -32.52
CA THR H 128 56.26 -20.86 -33.56
C THR H 128 56.32 -19.63 -34.46
N ASP H 129 56.16 -18.45 -33.85
CA ASP H 129 56.11 -17.19 -34.58
C ASP H 129 57.46 -16.48 -34.47
N LYS H 130 58.07 -16.19 -35.61
CA LYS H 130 59.32 -15.44 -35.63
C LYS H 130 59.07 -13.96 -35.39
N LEU H 131 57.96 -13.44 -35.90
CA LEU H 131 57.67 -12.01 -35.88
C LEU H 131 56.92 -11.56 -34.64
N ALA H 132 56.66 -12.47 -33.70
CA ALA H 132 55.93 -12.11 -32.50
C ALA H 132 56.87 -11.53 -31.45
N PHE H 133 56.29 -10.78 -30.53
CA PHE H 133 57.03 -10.18 -29.42
C PHE H 133 56.42 -10.65 -28.10
N ASP H 134 57.27 -10.77 -27.10
CA ASP H 134 56.79 -11.13 -25.77
C ASP H 134 56.09 -9.95 -25.11
N VAL H 135 55.08 -10.25 -24.31
CA VAL H 135 54.28 -9.26 -23.61
C VAL H 135 54.52 -9.42 -22.11
N GLY H 136 54.83 -8.31 -21.46
CA GLY H 136 55.13 -8.37 -20.04
C GLY H 136 55.03 -7.00 -19.41
N LEU H 137 55.50 -6.92 -18.17
CA LEU H 137 55.40 -5.72 -17.37
C LEU H 137 56.67 -4.89 -17.46
N GLN H 138 56.51 -3.58 -17.35
CA GLN H 138 57.62 -2.64 -17.37
C GLN H 138 57.49 -1.69 -16.18
N GLU H 139 58.62 -1.37 -15.58
CA GLU H 139 58.61 -0.59 -14.34
C GLU H 139 58.08 0.81 -14.55
N ASP H 140 58.46 1.46 -15.65
CA ASP H 140 58.13 2.85 -15.90
C ASP H 140 57.10 2.96 -17.01
N ALA H 141 56.14 3.87 -16.82
CA ALA H 141 55.15 4.15 -17.85
C ALA H 141 55.74 4.90 -19.03
N THR H 142 56.99 5.34 -18.93
CA THR H 142 57.63 6.06 -20.01
C THR H 142 57.71 5.19 -21.26
N GLY H 143 57.58 5.82 -22.42
CA GLY H 143 57.74 5.14 -23.69
C GLY H 143 56.42 4.69 -24.28
N GLU H 144 56.52 4.19 -25.51
CA GLU H 144 55.34 3.82 -26.28
C GLU H 144 54.87 2.41 -25.93
N ALA H 145 55.80 1.52 -25.61
CA ALA H 145 55.46 0.11 -25.41
C ALA H 145 54.36 -0.05 -24.39
N CYS H 146 54.32 0.82 -23.38
CA CYS H 146 53.32 0.72 -22.34
C CYS H 146 51.91 0.92 -22.87
N TRP H 147 51.75 1.71 -23.93
CA TRP H 147 50.44 2.14 -24.38
C TRP H 147 49.84 1.16 -25.37
N TRP H 148 48.52 0.99 -25.27
CA TRP H 148 47.76 0.10 -26.14
C TRP H 148 46.52 0.82 -26.63
N THR H 149 46.10 0.48 -27.85
CA THR H 149 44.92 1.07 -28.46
C THR H 149 43.82 0.02 -28.57
N MET H 150 42.60 0.43 -28.23
CA MET H 150 41.44 -0.44 -28.26
C MET H 150 40.67 -0.20 -29.55
N HIS H 151 40.26 -1.30 -30.18
CA HIS H 151 39.45 -1.24 -31.38
C HIS H 151 38.29 -2.23 -31.27
N PRO H 152 37.17 -1.94 -31.91
CA PRO H 152 36.00 -2.82 -31.81
C PRO H 152 36.24 -4.12 -32.57
N ALA H 153 35.82 -5.23 -31.96
CA ALA H 153 35.96 -6.53 -32.61
C ALA H 153 34.92 -6.71 -33.71
N SER H 154 33.79 -6.02 -33.62
CA SER H 154 32.72 -6.10 -34.60
C SER H 154 32.40 -4.70 -35.11
N LYS H 155 31.74 -4.67 -36.26
CA LYS H 155 31.27 -3.40 -36.84
C LYS H 155 30.16 -2.76 -36.01
N GLN H 156 29.49 -3.54 -35.17
CA GLN H 156 28.47 -3.03 -34.26
C GLN H 156 28.93 -1.73 -33.64
N ARG H 157 30.06 -1.79 -32.94
CA ARG H 157 30.67 -0.63 -32.32
C ARG H 157 31.54 0.10 -33.33
N SER H 158 31.69 1.40 -33.12
CA SER H 158 32.44 2.25 -34.05
C SER H 158 33.36 3.16 -33.27
N GLU H 159 34.36 3.69 -33.97
CA GLU H 159 35.34 4.55 -33.33
C GLU H 159 34.65 5.79 -32.75
N GLY H 160 35.07 6.18 -31.55
CA GLY H 160 34.46 7.26 -30.81
C GLY H 160 33.38 6.80 -29.86
N GLU H 161 32.84 5.60 -30.05
CA GLU H 161 31.84 5.08 -29.14
C GLU H 161 32.47 4.71 -27.82
N LYS H 162 31.74 4.97 -26.73
CA LYS H 162 32.23 4.62 -25.40
C LYS H 162 32.28 3.11 -25.26
N VAL H 163 33.39 2.62 -24.71
CA VAL H 163 33.55 1.18 -24.51
C VAL H 163 32.63 0.72 -23.40
N ARG H 164 31.92 -0.37 -23.64
CA ARG H 164 30.92 -0.87 -22.72
C ARG H 164 31.29 -2.27 -22.24
N VAL H 165 30.91 -2.54 -20.99
CA VAL H 165 31.27 -3.82 -20.36
C VAL H 165 30.75 -4.98 -21.21
N GLY H 166 31.59 -5.99 -21.35
CA GLY H 166 31.27 -7.16 -22.14
C GLY H 166 31.78 -7.13 -23.56
N ASP H 167 32.18 -5.97 -24.06
CA ASP H 167 32.49 -5.81 -25.48
C ASP H 167 33.77 -6.57 -25.81
N ASP H 168 33.75 -7.26 -26.94
CA ASP H 168 34.98 -7.86 -27.45
C ASP H 168 35.87 -6.77 -28.02
N LEU H 169 37.14 -6.80 -27.62
CA LEU H 169 38.06 -5.72 -27.95
C LEU H 169 39.28 -6.28 -28.64
N ILE H 170 39.95 -5.40 -29.39
CA ILE H 170 41.22 -5.71 -30.03
C ILE H 170 42.24 -4.70 -29.51
N LEU H 171 43.36 -5.21 -29.02
CA LEU H 171 44.39 -4.38 -28.43
C LEU H 171 45.61 -4.37 -29.33
N VAL H 172 46.06 -3.18 -29.70
CA VAL H 172 47.21 -3.01 -30.59
C VAL H 172 48.28 -2.21 -29.87
N SER H 173 49.51 -2.73 -29.91
CA SER H 173 50.64 -2.01 -29.33
C SER H 173 50.95 -0.77 -30.17
N VAL H 174 51.10 0.36 -29.50
CA VAL H 174 51.43 1.60 -30.21
C VAL H 174 52.79 1.49 -30.88
N SER H 175 53.77 0.97 -30.15
CA SER H 175 55.13 0.90 -30.67
C SER H 175 55.26 -0.16 -31.74
N SER H 176 54.72 -1.35 -31.50
CA SER H 176 54.96 -2.51 -32.34
C SER H 176 53.89 -2.72 -33.41
N GLU H 177 52.74 -2.07 -33.29
CA GLU H 177 51.66 -2.25 -34.26
C GLU H 177 51.26 -3.72 -34.36
N ARG H 178 51.29 -4.41 -33.22
CA ARG H 178 50.97 -5.83 -33.15
C ARG H 178 49.83 -6.01 -32.16
N TYR H 179 48.94 -6.95 -32.46
CA TYR H 179 47.81 -7.20 -31.59
C TYR H 179 48.22 -8.01 -30.37
N LEU H 180 47.45 -7.87 -29.30
CA LEU H 180 47.53 -8.81 -28.20
C LEU H 180 46.89 -10.12 -28.63
N HIS H 181 47.67 -11.20 -28.55
CA HIS H 181 47.30 -12.44 -29.21
C HIS H 181 47.49 -13.62 -28.27
N LEU H 182 46.59 -14.59 -28.39
CA LEU H 182 46.67 -15.84 -27.65
C LEU H 182 47.21 -16.91 -28.58
N SER H 183 48.33 -17.51 -28.19
CA SER H 183 49.00 -18.52 -29.01
C SER H 183 48.60 -19.91 -28.57
N THR H 184 48.04 -20.68 -29.49
CA THR H 184 47.67 -22.07 -29.26
C THR H 184 48.47 -23.04 -30.12
N ALA H 185 49.45 -22.54 -30.88
CA ALA H 185 50.23 -23.41 -31.75
C ALA H 185 50.95 -24.49 -30.94
N SER H 186 51.68 -24.09 -29.92
CA SER H 186 52.21 -25.06 -28.97
C SER H 186 51.08 -25.62 -28.12
N GLY H 187 51.31 -26.81 -27.57
CA GLY H 187 50.28 -27.43 -26.75
C GLY H 187 49.86 -26.55 -25.59
N GLU H 188 50.82 -25.88 -24.97
CA GLU H 188 50.51 -24.92 -23.91
C GLU H 188 50.03 -23.61 -24.51
N LEU H 189 49.12 -22.95 -23.81
CA LEU H 189 48.60 -21.67 -24.26
C LEU H 189 49.50 -20.54 -23.79
N GLN H 190 49.79 -19.61 -24.68
CA GLN H 190 50.69 -18.50 -24.40
C GLN H 190 50.09 -17.20 -24.92
N VAL H 191 50.64 -16.10 -24.42
CA VAL H 191 50.20 -14.76 -24.81
C VAL H 191 51.40 -14.04 -25.42
N ASP H 192 51.17 -13.38 -26.56
CA ASP H 192 52.23 -12.71 -27.28
C ASP H 192 51.65 -11.54 -28.06
N ALA H 193 52.55 -10.77 -28.65
CA ALA H 193 52.19 -9.69 -29.57
C ALA H 193 52.45 -10.19 -30.98
N SER H 194 51.38 -10.32 -31.77
CA SER H 194 51.47 -10.90 -33.09
C SER H 194 50.61 -10.11 -34.06
N PHE H 195 50.90 -10.28 -35.36
CA PHE H 195 50.13 -9.60 -36.38
C PHE H 195 48.73 -10.18 -36.51
N MET H 196 48.53 -11.39 -36.00
CA MET H 196 47.19 -11.93 -35.87
C MET H 196 46.50 -11.26 -34.67
N GLN H 197 45.18 -11.35 -34.64
CA GLN H 197 44.38 -10.64 -33.66
C GLN H 197 43.64 -11.63 -32.76
N THR H 198 43.38 -11.20 -31.53
CA THR H 198 42.62 -11.94 -30.55
C THR H 198 41.61 -11.02 -29.90
N LEU H 199 40.44 -11.57 -29.59
CA LEU H 199 39.35 -10.80 -28.99
C LEU H 199 39.46 -10.87 -27.48
N TRP H 200 39.52 -9.71 -26.84
CA TRP H 200 39.66 -9.60 -25.40
C TRP H 200 38.46 -8.90 -24.79
N ASN H 201 38.05 -9.36 -23.62
CA ASN H 201 36.99 -8.74 -22.85
C ASN H 201 37.57 -8.08 -21.61
N MET H 202 37.20 -6.83 -21.38
CA MET H 202 37.59 -6.09 -20.17
C MET H 202 36.49 -6.29 -19.15
N ASN H 203 36.70 -7.21 -18.21
CA ASN H 203 35.67 -7.36 -17.20
C ASN H 203 36.04 -6.57 -15.94
N PRO H 204 35.10 -5.81 -15.37
CA PRO H 204 35.46 -4.92 -14.27
C PRO H 204 35.43 -5.61 -12.91
N ILE H 205 36.30 -5.13 -12.03
CA ILE H 205 36.41 -5.64 -10.67
C ILE H 205 35.84 -4.60 -9.72
N CYS H 206 36.33 -3.37 -9.84
CA CYS H 206 35.89 -2.27 -9.00
C CYS H 206 35.96 -0.98 -9.79
N SER H 207 35.07 -0.05 -9.45
CA SER H 207 35.05 1.25 -10.10
C SER H 207 35.36 2.37 -9.11
N CYS H 208 34.56 2.48 -8.06
CA CYS H 208 34.71 3.51 -7.04
C CYS H 208 34.08 3.02 -5.75
N CYS H 209 34.78 3.25 -4.64
CA CYS H 209 34.35 2.78 -3.33
C CYS H 209 34.21 3.94 -2.38
N GLU H 210 33.14 3.91 -1.58
CA GLU H 210 32.97 4.88 -0.51
C GLU H 210 33.90 4.56 0.65
N GLU H 211 34.16 5.56 1.48
CA GLU H 211 35.09 5.40 2.59
C GLU H 211 34.68 4.23 3.47
N GLY H 212 35.68 3.57 4.05
CA GLY H 212 35.41 2.34 4.77
C GLY H 212 34.81 1.34 3.81
N TYR H 213 33.69 0.75 4.21
CA TYR H 213 32.85 0.00 3.28
C TYR H 213 33.65 -1.07 2.55
N VAL H 214 34.06 -2.09 3.31
CA VAL H 214 34.95 -3.14 2.80
C VAL H 214 34.51 -3.59 1.41
N THR H 215 35.49 -3.82 0.54
CA THR H 215 35.28 -4.35 -0.79
C THR H 215 36.09 -5.63 -0.95
N GLY H 216 35.57 -6.53 -1.78
CA GLY H 216 36.24 -7.80 -1.98
C GLY H 216 37.56 -7.64 -2.70
N GLY H 217 38.45 -8.60 -2.49
CA GLY H 217 39.75 -8.61 -3.13
C GLY H 217 40.84 -7.85 -2.42
N HIS H 218 40.60 -7.41 -1.20
CA HIS H 218 41.57 -6.62 -0.45
C HIS H 218 42.12 -7.43 0.71
N VAL H 219 43.41 -7.31 0.94
CA VAL H 219 44.06 -7.97 2.07
C VAL H 219 43.69 -7.23 3.35
N LEU H 220 43.30 -7.98 4.37
CA LEU H 220 42.84 -7.38 5.61
C LEU H 220 43.15 -8.33 6.77
N ARG H 221 42.90 -7.84 7.98
CA ARG H 221 43.05 -8.62 9.19
C ARG H 221 41.71 -8.77 9.89
N LEU H 222 41.51 -9.92 10.52
CA LEU H 222 40.32 -10.17 11.32
C LEU H 222 40.72 -10.18 12.79
N PHE H 223 40.11 -9.30 13.57
CA PHE H 223 40.46 -9.12 14.98
C PHE H 223 39.29 -9.58 15.85
N HIS H 224 39.58 -10.45 16.81
CA HIS H 224 38.50 -11.05 17.60
C HIS H 224 37.70 -9.98 18.34
N GLY H 225 38.40 -9.07 19.02
CA GLY H 225 37.73 -8.06 19.82
C GLY H 225 38.39 -6.70 19.75
N HIS H 226 38.74 -6.17 20.92
CA HIS H 226 39.32 -4.83 21.05
C HIS H 226 40.77 -4.83 20.55
N MET H 227 40.92 -5.17 19.28
CA MET H 227 42.21 -5.05 18.59
C MET H 227 43.34 -5.78 19.31
N ASP H 228 43.03 -6.80 20.11
CA ASP H 228 44.10 -7.52 20.81
C ASP H 228 44.50 -8.78 20.06
N GLU H 229 43.52 -9.58 19.63
CA GLU H 229 43.77 -10.86 19.00
C GLU H 229 43.28 -10.85 17.56
N CYS H 230 43.99 -11.58 16.72
CA CYS H 230 43.69 -11.65 15.30
C CYS H 230 43.76 -13.10 14.84
N LEU H 231 42.97 -13.41 13.82
CA LEU H 231 43.01 -14.74 13.22
C LEU H 231 44.33 -14.92 12.48
N THR H 232 44.98 -16.06 12.71
CA THR H 232 46.28 -16.31 12.10
C THR H 232 46.49 -17.82 12.00
N ILE H 233 47.61 -18.18 11.38
CA ILE H 233 48.05 -19.56 11.30
C ILE H 233 49.40 -19.66 12.00
N SER H 234 49.95 -20.87 12.07
CA SER H 234 51.20 -21.06 12.80
C SER H 234 52.35 -20.38 12.07
N ALA H 235 53.37 -20.04 12.83
CA ALA H 235 54.56 -19.43 12.25
C ALA H 235 55.31 -20.44 11.40
N ALA H 236 56.23 -19.93 10.59
CA ALA H 236 57.08 -20.81 9.81
C ALA H 236 57.87 -21.71 10.72
N ASP H 237 58.05 -22.97 10.27
CA ASP H 237 58.79 -24.16 10.79
C ASP H 237 57.96 -24.83 11.87
N SER H 238 56.66 -24.56 11.94
CA SER H 238 55.81 -25.16 12.96
C SER H 238 55.51 -26.62 12.62
N ASP H 239 55.21 -27.40 13.66
CA ASP H 239 54.90 -28.81 13.47
C ASP H 239 53.57 -28.97 12.75
N ASP H 240 52.61 -28.09 13.00
CA ASP H 240 51.28 -28.21 12.41
C ASP H 240 51.31 -28.07 10.88
N GLN H 241 52.46 -27.78 10.29
CA GLN H 241 52.60 -27.58 8.86
C GLN H 241 51.84 -26.35 8.36
N ARG H 242 51.53 -25.43 9.27
CA ARG H 242 50.81 -24.20 8.91
C ARG H 242 49.45 -24.51 8.32
N ARG H 243 48.81 -25.57 8.84
CA ARG H 243 47.50 -26.01 8.36
C ARG H 243 46.41 -25.81 9.40
N LEU H 244 46.71 -25.05 10.46
CA LEU H 244 45.75 -24.84 11.55
C LEU H 244 45.60 -23.34 11.78
N VAL H 245 44.44 -22.97 12.32
CA VAL H 245 44.05 -21.58 12.45
C VAL H 245 43.87 -21.26 13.93
N TYR H 246 44.42 -20.13 14.35
CA TYR H 246 44.39 -19.72 15.74
C TYR H 246 44.03 -18.25 15.84
N TYR H 247 43.42 -17.90 16.96
CA TYR H 247 43.29 -16.53 17.41
C TYR H 247 44.49 -16.24 18.30
N GLU H 248 45.27 -15.22 17.94
CA GLU H 248 46.52 -14.93 18.62
C GLU H 248 46.72 -13.42 18.65
N GLY H 249 47.34 -12.96 19.73
CA GLY H 249 47.67 -11.55 19.88
C GLY H 249 49.15 -11.34 20.08
N GLY H 250 49.62 -10.12 19.82
CA GLY H 250 51.04 -9.82 19.91
C GLY H 250 51.59 -9.26 18.62
N ALA H 251 52.81 -9.64 18.28
CA ALA H 251 53.41 -9.17 17.03
C ALA H 251 52.76 -9.81 15.82
N VAL H 252 51.98 -10.87 16.02
CA VAL H 252 51.26 -11.51 14.93
C VAL H 252 50.35 -10.48 14.29
N CYS H 253 49.89 -9.52 15.09
CA CYS H 253 49.03 -8.46 14.58
C CYS H 253 49.73 -7.67 13.49
N THR H 254 51.01 -7.38 13.68
CA THR H 254 51.80 -6.67 12.67
C THR H 254 52.40 -7.60 11.63
N HIS H 255 52.40 -8.90 11.88
CA HIS H 255 53.02 -9.86 10.98
C HIS H 255 52.12 -10.15 9.78
N ALA H 256 52.72 -10.75 8.75
CA ALA H 256 52.00 -11.03 7.52
C ALA H 256 51.07 -12.23 7.67
N ARG H 257 51.47 -13.22 8.46
CA ARG H 257 50.68 -14.44 8.56
C ARG H 257 49.30 -14.15 9.15
N SER H 258 49.14 -13.00 9.79
CA SER H 258 47.82 -12.56 10.23
C SER H 258 46.97 -12.05 9.08
N LEU H 259 47.56 -11.83 7.90
CA LEU H 259 46.84 -11.21 6.81
C LEU H 259 46.04 -12.24 6.02
N TRP H 260 44.88 -11.80 5.53
CA TRP H 260 43.99 -12.65 4.75
C TRP H 260 43.42 -11.82 3.60
N ARG H 261 43.02 -12.53 2.55
CA ARG H 261 42.40 -11.90 1.38
C ARG H 261 41.01 -12.49 1.18
N LEU H 262 40.05 -11.64 0.87
CA LEU H 262 38.67 -12.06 0.65
C LEU H 262 38.41 -12.14 -0.85
N GLU H 263 37.95 -13.29 -1.31
CA GLU H 263 37.73 -13.54 -2.73
C GLU H 263 36.27 -13.91 -2.97
N PRO H 264 35.45 -13.01 -3.52
CA PRO H 264 34.09 -13.40 -3.88
C PRO H 264 34.09 -14.48 -4.94
N LEU H 265 33.06 -15.32 -4.88
CA LEU H 265 32.96 -16.45 -5.81
C LEU H 265 32.82 -15.99 -7.26
N ARG H 266 32.38 -14.76 -7.48
CA ARG H 266 32.25 -14.24 -8.84
C ARG H 266 33.53 -13.52 -9.25
N ILE H 267 33.97 -13.78 -10.49
CA ILE H 267 35.13 -13.07 -11.01
C ILE H 267 34.78 -11.62 -11.31
N SER H 268 33.67 -11.41 -12.01
CA SER H 268 33.25 -10.07 -12.37
C SER H 268 32.72 -9.33 -11.14
N TRP H 269 33.08 -8.06 -11.03
CA TRP H 269 32.64 -7.20 -9.94
C TRP H 269 32.95 -7.83 -8.59
N SER H 270 34.11 -8.50 -8.52
CA SER H 270 34.57 -9.06 -7.26
C SER H 270 35.11 -7.99 -6.32
N GLY H 271 35.41 -6.80 -6.83
CA GLY H 271 35.84 -5.71 -6.00
C GLY H 271 34.68 -4.88 -5.50
N SER H 272 33.46 -5.41 -5.67
CA SER H 272 32.28 -4.74 -5.18
C SER H 272 32.25 -4.76 -3.65
N HIS H 273 31.42 -3.88 -3.09
CA HIS H 273 31.27 -3.83 -1.65
C HIS H 273 30.79 -5.18 -1.13
N LEU H 274 31.41 -5.63 -0.05
CA LEU H 274 30.93 -6.83 0.62
C LEU H 274 29.57 -6.57 1.24
N ARG H 275 28.69 -7.55 1.11
CA ARG H 275 27.33 -7.44 1.63
C ARG H 275 27.00 -8.69 2.43
N TRP H 276 26.18 -8.50 3.46
CA TRP H 276 25.88 -9.59 4.38
C TRP H 276 25.32 -10.79 3.63
N GLY H 277 25.81 -11.98 3.97
CA GLY H 277 25.41 -13.20 3.33
C GLY H 277 26.21 -13.57 2.10
N GLN H 278 27.17 -12.74 1.71
CA GLN H 278 27.86 -12.98 0.46
C GLN H 278 28.80 -14.18 0.59
N PRO H 279 28.62 -15.22 -0.23
CA PRO H 279 29.56 -16.34 -0.20
C PRO H 279 30.91 -15.91 -0.73
N LEU H 280 31.97 -16.31 -0.04
CA LEU H 280 33.30 -15.91 -0.43
C LEU H 280 34.30 -16.91 0.11
N ARG H 281 35.51 -16.83 -0.42
CA ARG H 281 36.63 -17.65 -0.03
C ARG H 281 37.62 -16.79 0.71
N ILE H 282 38.33 -17.36 1.67
CA ILE H 282 39.30 -16.65 2.48
C ILE H 282 40.66 -17.28 2.23
N ARG H 283 41.60 -16.48 1.75
CA ARG H 283 42.91 -16.95 1.31
C ARG H 283 43.99 -16.40 2.24
N HIS H 284 44.99 -17.23 2.51
CA HIS H 284 46.16 -16.81 3.25
C HIS H 284 47.24 -16.40 2.26
N VAL H 285 47.68 -15.15 2.35
CA VAL H 285 48.50 -14.55 1.29
C VAL H 285 49.85 -15.25 1.21
N THR H 286 50.50 -15.44 2.36
CA THR H 286 51.86 -15.96 2.37
C THR H 286 51.95 -17.44 2.02
N THR H 287 50.83 -18.17 2.09
CA THR H 287 50.83 -19.59 1.79
C THR H 287 49.98 -19.95 0.58
N GLY H 288 49.07 -19.09 0.16
CA GLY H 288 48.19 -19.40 -0.94
C GLY H 288 47.09 -20.37 -0.60
N ARG H 289 46.92 -20.70 0.68
CA ARG H 289 45.96 -21.69 1.10
C ARG H 289 44.66 -21.02 1.55
N TYR H 290 43.57 -21.76 1.37
CA TYR H 290 42.22 -21.24 1.57
C TYR H 290 41.62 -21.88 2.80
N LEU H 291 40.93 -21.07 3.60
CA LEU H 291 40.23 -21.57 4.77
C LEU H 291 39.14 -22.53 4.34
N ALA H 292 39.07 -23.68 4.99
CA ALA H 292 38.19 -24.76 4.57
C ALA H 292 37.73 -25.56 5.78
N LEU H 293 36.58 -26.19 5.62
CA LEU H 293 36.05 -27.14 6.59
C LEU H 293 36.28 -28.55 6.06
N THR H 294 37.10 -29.32 6.76
CA THR H 294 37.36 -30.70 6.41
C THR H 294 36.78 -31.61 7.49
N GLU H 295 36.03 -32.62 7.06
CA GLU H 295 35.40 -33.52 8.02
C GLU H 295 36.43 -34.24 8.88
N ASP H 296 37.60 -34.55 8.29
CA ASP H 296 38.62 -35.29 9.02
C ASP H 296 39.33 -34.41 10.04
N GLN H 297 39.59 -33.15 9.69
CA GLN H 297 40.39 -32.26 10.53
C GLN H 297 39.67 -30.95 10.84
N GLY H 298 38.40 -30.84 10.47
CA GLY H 298 37.67 -29.63 10.77
C GLY H 298 38.26 -28.42 10.08
N LEU H 299 38.25 -27.30 10.79
CA LEU H 299 38.73 -26.04 10.23
C LEU H 299 40.23 -26.08 9.99
N VAL H 300 40.62 -25.91 8.73
CA VAL H 300 42.03 -25.87 8.35
C VAL H 300 42.21 -24.91 7.19
N VAL H 301 43.44 -24.79 6.71
CA VAL H 301 43.73 -24.11 5.44
C VAL H 301 44.29 -25.15 4.48
N VAL H 302 43.63 -25.31 3.35
CA VAL H 302 43.97 -26.34 2.38
C VAL H 302 44.47 -25.68 1.10
N ASP H 303 44.96 -26.51 0.19
CA ASP H 303 45.47 -26.00 -1.07
C ASP H 303 44.30 -25.71 -2.03
N ALA H 304 44.61 -24.91 -3.04
CA ALA H 304 43.59 -24.53 -4.01
C ALA H 304 43.03 -25.75 -4.73
N CYS H 305 43.89 -26.72 -5.04
CA CYS H 305 43.43 -27.92 -5.72
C CYS H 305 42.32 -28.63 -4.94
N LYS H 306 42.35 -28.57 -3.61
CA LYS H 306 41.31 -29.17 -2.79
C LYS H 306 40.23 -28.19 -2.40
N ALA H 307 40.42 -26.90 -2.68
CA ALA H 307 39.42 -25.89 -2.34
C ALA H 307 38.31 -25.98 -3.37
N HIS H 308 37.20 -26.61 -2.99
CA HIS H 308 36.09 -26.88 -3.90
C HIS H 308 34.82 -26.17 -3.44
N THR H 309 34.94 -24.90 -3.08
CA THR H 309 33.78 -24.05 -2.83
C THR H 309 33.03 -24.49 -1.58
N LYS H 310 32.41 -25.67 -1.63
CA LYS H 310 31.61 -26.14 -0.51
C LYS H 310 32.41 -26.08 0.78
N ALA H 311 33.67 -26.51 0.75
CA ALA H 311 34.50 -26.47 1.93
C ALA H 311 34.95 -25.05 2.26
N THR H 312 35.16 -24.22 1.23
CA THR H 312 35.80 -22.92 1.39
C THR H 312 34.82 -21.76 1.31
N SER H 313 33.55 -22.01 1.10
CA SER H 313 32.57 -20.94 0.99
C SER H 313 32.18 -20.45 2.37
N PHE H 314 32.37 -19.16 2.61
CA PHE H 314 32.04 -18.53 3.88
C PHE H 314 31.23 -17.28 3.64
N CYS H 315 30.51 -16.85 4.68
CA CYS H 315 29.71 -15.64 4.61
C CYS H 315 29.85 -14.88 5.91
N PHE H 316 29.66 -13.57 5.82
CA PHE H 316 29.61 -12.67 6.97
C PHE H 316 28.16 -12.34 7.27
N ARG H 317 27.74 -12.59 8.50
CA ARG H 317 26.41 -12.23 8.94
C ARG H 317 26.49 -11.34 10.17
N VAL H 318 25.59 -10.37 10.24
CA VAL H 318 25.56 -9.45 11.38
C VAL H 318 25.02 -10.14 12.62
N SER H 319 24.10 -11.09 12.46
CA SER H 319 23.49 -11.79 13.57
C SER H 319 23.55 -13.29 13.32
N LYS H 320 23.60 -14.06 14.41
CA LYS H 320 23.72 -15.51 14.32
C LYS H 320 22.37 -16.20 14.17
N GLU H 321 21.29 -15.45 14.06
CA GLU H 321 19.97 -16.05 13.93
C GLU H 321 19.85 -16.77 12.58
N LYS H 322 19.17 -17.91 12.60
CA LYS H 322 19.04 -18.75 11.41
C LYS H 322 17.93 -18.21 10.50
N LEU H 323 18.23 -17.07 9.88
CA LEU H 323 17.26 -16.44 8.97
C LEU H 323 17.26 -17.18 7.62
N ASP H 324 18.40 -17.15 6.93
CA ASP H 324 18.63 -17.89 5.68
C ASP H 324 17.35 -17.99 4.86
N THR H 325 16.67 -16.86 4.70
CA THR H 325 15.35 -16.87 4.06
C THR H 325 15.45 -17.02 2.56
N ALA H 326 16.27 -16.19 1.91
CA ALA H 326 16.32 -16.11 0.47
C ALA H 326 17.74 -16.35 -0.04
N PRO H 327 17.93 -17.21 -1.05
CA PRO H 327 19.24 -17.24 -1.73
C PRO H 327 19.46 -15.94 -2.47
N LYS H 328 20.72 -15.64 -2.72
CA LYS H 328 21.08 -14.32 -3.17
C LYS H 328 20.93 -14.15 -4.69
N ARG H 329 21.06 -12.90 -5.11
CA ARG H 329 20.90 -12.51 -6.51
C ARG H 329 22.09 -11.67 -6.92
N ASP H 330 22.79 -12.12 -7.95
CA ASP H 330 23.95 -11.36 -8.45
C ASP H 330 23.55 -9.98 -8.94
N VAL H 331 24.35 -8.98 -8.57
CA VAL H 331 24.10 -7.59 -8.92
C VAL H 331 25.31 -7.07 -9.67
N GLU H 332 25.08 -6.53 -10.86
CA GLU H 332 26.13 -5.84 -11.58
C GLU H 332 26.39 -4.48 -10.92
N GLY H 333 27.66 -4.15 -10.78
CA GLY H 333 28.06 -2.90 -10.16
C GLY H 333 28.60 -3.10 -8.77
N MET H 334 28.99 -1.98 -8.16
CA MET H 334 29.64 -2.02 -6.85
C MET H 334 28.66 -2.41 -5.76
N GLY H 335 27.40 -1.99 -5.86
CA GLY H 335 26.40 -2.37 -4.90
C GLY H 335 26.39 -1.50 -3.66
N PRO H 336 25.49 -1.81 -2.73
CA PRO H 336 25.33 -0.95 -1.56
C PRO H 336 26.48 -1.14 -0.59
N PRO H 337 26.90 -0.07 0.10
CA PRO H 337 28.01 -0.18 1.07
C PRO H 337 27.55 -0.66 2.44
N GLU H 338 27.49 -1.98 2.64
CA GLU H 338 26.96 -2.54 3.88
C GLU H 338 28.00 -2.61 4.99
N ILE H 339 29.11 -3.31 4.77
CA ILE H 339 30.06 -3.64 5.82
C ILE H 339 31.18 -2.63 5.85
N LYS H 340 31.50 -2.12 7.04
CA LYS H 340 32.50 -1.08 7.23
C LYS H 340 33.69 -1.61 8.00
N TYR H 341 34.85 -1.03 7.72
CA TYR H 341 36.06 -1.36 8.47
C TYR H 341 35.97 -0.84 9.89
N GLY H 342 36.48 -1.61 10.83
CA GLY H 342 36.62 -1.11 12.20
C GLY H 342 35.35 -1.06 13.01
N GLU H 343 34.24 -0.65 12.40
CA GLU H 343 32.99 -0.48 13.12
C GLU H 343 32.15 -1.75 13.13
N SER H 344 31.95 -2.34 11.96
CA SER H 344 31.01 -3.45 11.85
C SER H 344 31.53 -4.69 12.57
N LEU H 345 30.60 -5.42 13.18
CA LEU H 345 30.88 -6.68 13.83
C LEU H 345 30.26 -7.80 13.00
N CYS H 346 31.08 -8.77 12.62
CA CYS H 346 30.68 -9.81 11.69
C CYS H 346 30.90 -11.18 12.30
N PHE H 347 30.01 -12.10 11.96
CA PHE H 347 30.14 -13.50 12.33
C PHE H 347 30.39 -14.30 11.05
N VAL H 348 31.44 -15.11 11.06
CA VAL H 348 31.80 -15.92 9.91
C VAL H 348 31.04 -17.24 9.99
N GLN H 349 30.38 -17.61 8.90
CA GLN H 349 29.57 -18.81 8.85
C GLN H 349 29.93 -19.61 7.61
N HIS H 350 30.17 -20.90 7.80
CA HIS H 350 30.35 -21.81 6.67
C HIS H 350 28.99 -22.08 6.03
N VAL H 351 28.85 -21.69 4.77
CA VAL H 351 27.53 -21.64 4.15
C VAL H 351 26.89 -23.02 4.11
N ALA H 352 27.64 -24.01 3.62
CA ALA H 352 27.07 -25.34 3.42
C ALA H 352 26.67 -25.97 4.75
N SER H 353 27.60 -26.00 5.71
CA SER H 353 27.31 -26.58 7.01
C SER H 353 26.43 -25.67 7.86
N GLY H 354 26.65 -24.36 7.77
CA GLY H 354 26.00 -23.41 8.63
C GLY H 354 26.69 -23.20 9.96
N LEU H 355 27.82 -23.87 10.20
CA LEU H 355 28.52 -23.74 11.46
C LEU H 355 29.13 -22.35 11.60
N TRP H 356 29.41 -21.97 12.85
CA TRP H 356 29.95 -20.67 13.18
C TRP H 356 31.40 -20.80 13.65
N LEU H 357 32.21 -19.82 13.27
CA LEU H 357 33.62 -19.82 13.63
C LEU H 357 33.78 -19.33 15.07
N THR H 358 34.50 -20.11 15.88
CA THR H 358 34.63 -19.80 17.30
C THR H 358 35.90 -20.44 17.83
N TYR H 359 36.27 -20.05 19.04
CA TYR H 359 37.46 -20.58 19.69
C TYR H 359 37.17 -21.96 20.28
N ALA H 360 38.25 -22.72 20.52
CA ALA H 360 38.10 -24.12 20.93
C ALA H 360 37.84 -24.24 22.43
N ALA H 361 37.83 -23.12 23.12
CA ALA H 361 37.63 -23.05 24.56
C ALA H 361 38.79 -23.77 25.24
N PRO H 362 39.99 -23.17 25.20
CA PRO H 362 41.19 -23.85 25.70
C PRO H 362 41.02 -24.47 27.07
N ASP H 363 41.55 -25.68 27.22
CA ASP H 363 41.49 -26.37 28.49
C ASP H 363 42.41 -25.68 29.50
N PRO H 364 42.19 -25.92 30.79
CA PRO H 364 43.14 -25.41 31.79
C PRO H 364 44.51 -26.03 31.59
N LYS H 365 45.51 -25.40 32.19
CA LYS H 365 46.94 -25.63 32.02
C LYS H 365 47.46 -24.96 30.73
N ALA H 366 46.59 -24.45 29.86
CA ALA H 366 47.07 -23.63 28.75
C ALA H 366 47.71 -22.36 29.26
N LEU H 367 47.22 -21.84 30.39
CA LEU H 367 47.88 -20.70 31.03
C LEU H 367 49.30 -21.05 31.43
N ARG H 368 49.50 -22.26 31.96
CA ARG H 368 50.85 -22.72 32.27
C ARG H 368 51.69 -22.81 31.01
N LEU H 369 51.10 -23.33 29.92
CA LEU H 369 51.79 -23.31 28.63
C LEU H 369 52.12 -21.89 28.20
N GLY H 370 51.40 -20.89 28.71
CA GLY H 370 51.65 -19.51 28.35
C GLY H 370 51.27 -19.22 26.91
N VAL H 371 50.42 -20.07 26.34
CA VAL H 371 50.01 -19.88 24.95
C VAL H 371 48.96 -18.78 24.89
N LEU H 372 49.19 -17.82 24.01
CA LEU H 372 48.18 -16.81 23.67
C LEU H 372 47.31 -17.27 22.52
N LYS H 373 47.44 -18.52 22.10
CA LYS H 373 46.79 -19.04 20.90
C LYS H 373 45.55 -19.83 21.29
N LYS H 374 44.43 -19.51 20.65
CA LYS H 374 43.18 -20.25 20.81
C LYS H 374 42.82 -20.86 19.47
N LYS H 375 42.79 -22.18 19.41
CA LYS H 375 42.48 -22.84 18.15
C LYS H 375 41.07 -22.48 17.71
N ALA H 376 40.90 -22.28 16.40
CA ALA H 376 39.63 -21.87 15.83
C ALA H 376 38.89 -23.08 15.27
N ILE H 377 37.60 -23.16 15.58
CA ILE H 377 36.78 -24.30 15.22
C ILE H 377 35.46 -23.79 14.67
N LEU H 378 34.71 -24.71 14.06
CA LEU H 378 33.39 -24.43 13.50
C LEU H 378 32.36 -25.16 14.36
N HIS H 379 31.61 -24.39 15.14
CA HIS H 379 30.66 -24.92 16.11
C HIS H 379 29.30 -24.28 15.88
N GLN H 380 28.25 -25.09 15.90
CA GLN H 380 26.93 -24.60 15.52
C GLN H 380 26.39 -23.60 16.54
N GLU H 381 26.68 -23.80 17.82
CA GLU H 381 26.23 -22.83 18.83
C GLU H 381 27.15 -21.61 18.87
N GLY H 382 28.45 -21.83 19.04
CA GLY H 382 29.39 -20.74 19.07
C GLY H 382 29.39 -19.99 20.41
N HIS H 383 29.80 -18.73 20.33
CA HIS H 383 29.88 -17.87 21.49
C HIS H 383 29.40 -16.47 21.09
N MET H 384 29.19 -15.63 22.10
CA MET H 384 28.76 -14.26 21.85
C MET H 384 29.90 -13.44 21.28
N ASP H 385 31.11 -13.63 21.80
CA ASP H 385 32.29 -12.87 21.40
C ASP H 385 32.87 -13.34 20.07
N ASP H 386 32.15 -14.19 19.35
CA ASP H 386 32.60 -14.70 18.07
C ASP H 386 32.72 -13.62 17.01
N ALA H 387 32.15 -12.45 17.24
CA ALA H 387 32.17 -11.38 16.25
C ALA H 387 33.60 -10.93 15.98
N LEU H 388 33.82 -10.45 14.75
CA LEU H 388 35.15 -10.06 14.31
C LEU H 388 35.11 -8.65 13.71
N PHE H 389 36.19 -7.91 13.96
CA PHE H 389 36.41 -6.60 13.35
C PHE H 389 37.32 -6.78 12.15
N LEU H 390 36.92 -6.21 11.02
CA LEU H 390 37.78 -6.20 9.85
C LEU H 390 38.64 -4.95 9.86
N THR H 391 39.94 -5.13 9.62
CA THR H 391 40.91 -4.04 9.69
C THR H 391 41.71 -3.99 8.41
N ARG H 392 41.93 -2.77 7.93
CA ARG H 392 42.59 -2.55 6.66
C ARG H 392 44.07 -2.87 6.76
N CYS H 393 44.66 -3.22 5.62
CA CYS H 393 46.07 -3.56 5.51
C CYS H 393 46.75 -2.60 4.55
N GLN H 394 47.99 -2.23 4.87
CA GLN H 394 48.75 -1.34 4.01
C GLN H 394 49.07 -2.02 2.69
N GLN H 395 49.13 -1.20 1.64
CA GLN H 395 49.59 -1.70 0.34
C GLN H 395 50.97 -2.33 0.46
N GLU H 396 51.84 -1.73 1.27
CA GLU H 396 53.18 -2.26 1.44
C GLU H 396 53.13 -3.66 2.03
N GLU H 397 52.31 -3.86 3.06
CA GLU H 397 52.21 -5.18 3.68
C GLU H 397 51.62 -6.21 2.73
N SER H 398 50.57 -5.82 1.99
CA SER H 398 49.97 -6.75 1.04
C SER H 398 50.99 -7.17 -0.01
N GLN H 399 51.69 -6.18 -0.57
CA GLN H 399 52.71 -6.45 -1.57
C GLN H 399 53.79 -7.36 -0.99
N ALA H 400 54.22 -7.08 0.24
CA ALA H 400 55.27 -7.88 0.85
C ALA H 400 54.83 -9.32 1.06
N ALA H 401 53.58 -9.53 1.49
CA ALA H 401 53.10 -10.89 1.70
C ALA H 401 53.05 -11.67 0.39
N ARG H 402 52.53 -11.05 -0.67
CA ARG H 402 52.49 -11.73 -1.95
C ARG H 402 53.91 -12.02 -2.46
N MET H 403 54.81 -11.05 -2.28
CA MET H 403 56.22 -11.26 -2.57
C MET H 403 56.77 -12.47 -1.85
N ILE H 404 56.46 -12.56 -0.56
CA ILE H 404 56.99 -13.66 0.26
C ILE H 404 56.50 -14.99 -0.29
N HIS H 405 55.22 -15.07 -0.63
CA HIS H 405 54.67 -16.31 -1.16
C HIS H 405 55.39 -16.71 -2.45
N SER H 406 55.49 -15.78 -3.40
CA SER H 406 56.12 -16.10 -4.68
C SER H 406 57.59 -16.47 -4.50
N THR H 407 58.31 -15.68 -3.70
CA THR H 407 59.73 -15.92 -3.50
C THR H 407 59.99 -17.26 -2.81
N ALA H 408 59.18 -17.59 -1.81
CA ALA H 408 59.31 -18.87 -1.16
C ALA H 408 59.13 -20.00 -2.16
N GLY H 409 58.08 -19.92 -2.99
CA GLY H 409 57.88 -20.97 -3.98
C GLY H 409 59.08 -21.11 -4.90
N LEU H 410 59.57 -20.00 -5.44
CA LEU H 410 60.66 -20.05 -6.41
C LEU H 410 61.93 -20.61 -5.78
N TYR H 411 62.29 -20.09 -4.59
CA TYR H 411 63.53 -20.52 -3.96
C TYR H 411 63.45 -21.98 -3.54
N ASN H 412 62.28 -22.44 -3.08
CA ASN H 412 62.16 -23.84 -2.72
C ASN H 412 62.25 -24.74 -3.94
N GLN H 413 61.71 -24.30 -5.09
CA GLN H 413 61.92 -25.07 -6.31
C GLN H 413 63.40 -25.15 -6.67
N PHE H 414 64.10 -24.02 -6.54
CA PHE H 414 65.54 -24.00 -6.81
C PHE H 414 66.29 -24.98 -5.90
N ILE H 415 65.99 -24.93 -4.59
CA ILE H 415 66.63 -25.83 -3.63
C ILE H 415 66.35 -27.28 -3.95
N LYS H 416 65.13 -27.55 -4.37
CA LYS H 416 64.74 -28.80 -4.98
C LYS H 416 65.56 -29.28 -6.15
N GLY H 417 65.79 -28.46 -7.11
CA GLY H 417 66.65 -28.95 -8.16
C GLY H 417 68.06 -29.23 -7.66
N LEU H 418 68.57 -28.33 -6.80
CA LEU H 418 69.92 -28.52 -6.29
C LEU H 418 70.05 -29.83 -5.54
N ASP H 419 69.09 -30.14 -4.67
CA ASP H 419 69.10 -31.39 -3.95
C ASP H 419 68.90 -32.58 -4.86
N SER H 420 68.12 -32.42 -5.93
CA SER H 420 67.89 -33.51 -6.87
C SER H 420 69.19 -33.95 -7.52
N PHE H 421 70.01 -33.00 -7.94
CA PHE H 421 71.30 -33.35 -8.56
C PHE H 421 72.48 -33.14 -7.61
N SER H 422 72.23 -33.12 -6.29
CA SER H 422 73.32 -32.95 -5.34
C SER H 422 74.37 -34.04 -5.48
N GLY H 423 74.00 -35.29 -5.22
CA GLY H 423 74.92 -36.40 -5.24
C GLY H 423 74.99 -37.15 -6.54
N LYS H 424 74.35 -36.66 -7.60
CA LYS H 424 74.31 -37.36 -8.88
C LYS H 424 75.11 -36.59 -9.91
N PRO H 425 76.37 -36.94 -10.15
CA PRO H 425 77.13 -36.27 -11.21
C PRO H 425 76.49 -36.48 -12.56
N ARG H 426 76.52 -35.44 -13.39
CA ARG H 426 75.97 -35.56 -14.74
C ARG H 426 76.85 -36.44 -15.61
N GLY H 427 78.09 -36.69 -15.19
CA GLY H 427 78.99 -37.47 -16.01
C GLY H 427 79.23 -36.80 -17.35
N SER H 428 79.38 -37.63 -18.38
CA SER H 428 79.53 -37.14 -19.75
C SER H 428 78.16 -37.10 -20.43
N GLY H 429 77.22 -36.45 -19.74
CA GLY H 429 75.85 -36.37 -20.18
C GLY H 429 75.12 -35.21 -19.56
N PRO H 430 73.79 -35.22 -19.64
CA PRO H 430 73.03 -34.11 -19.08
C PRO H 430 72.92 -34.24 -17.58
N PRO H 431 72.59 -33.16 -16.87
CA PRO H 431 72.34 -33.30 -15.42
C PRO H 431 71.20 -34.24 -15.11
N ALA H 432 70.35 -34.53 -16.10
CA ALA H 432 69.26 -35.48 -15.93
C ALA H 432 68.30 -35.02 -14.85
N GLY H 433 67.69 -33.85 -15.05
CA GLY H 433 66.72 -33.34 -14.13
C GLY H 433 66.09 -32.05 -14.63
N PRO H 434 65.03 -31.60 -13.98
CA PRO H 434 64.33 -30.40 -14.44
C PRO H 434 65.24 -29.18 -14.41
N ALA H 435 65.06 -28.31 -15.41
CA ALA H 435 65.92 -27.14 -15.53
C ALA H 435 65.72 -26.21 -14.34
N LEU H 436 66.82 -25.66 -13.85
CA LEU H 436 66.75 -24.74 -12.72
C LEU H 436 66.24 -23.38 -13.18
N PRO H 437 65.46 -22.68 -12.35
CA PRO H 437 64.96 -21.34 -12.70
C PRO H 437 66.01 -20.26 -12.46
N ILE H 438 67.11 -20.34 -13.22
CA ILE H 438 68.25 -19.46 -12.97
C ILE H 438 67.86 -18.00 -13.20
N GLU H 439 67.26 -17.71 -14.35
CA GLU H 439 66.93 -16.33 -14.69
C GLU H 439 65.90 -15.75 -13.74
N ALA H 440 64.90 -16.56 -13.37
CA ALA H 440 63.88 -16.11 -12.43
C ALA H 440 64.50 -15.79 -11.07
N VAL H 441 65.40 -16.66 -10.60
CA VAL H 441 66.08 -16.42 -9.34
C VAL H 441 66.88 -15.13 -9.42
N ILE H 442 67.61 -14.93 -10.52
CA ILE H 442 68.44 -13.74 -10.66
C ILE H 442 67.57 -12.49 -10.63
N LEU H 443 66.48 -12.48 -11.39
CA LEU H 443 65.62 -11.30 -11.46
C LEU H 443 64.97 -11.03 -10.11
N SER H 444 64.52 -12.08 -9.42
CA SER H 444 63.92 -11.92 -8.11
C SER H 444 64.93 -11.31 -7.13
N LEU H 445 66.16 -11.82 -7.16
CA LEU H 445 67.20 -11.31 -6.26
C LEU H 445 67.49 -9.84 -6.54
N GLN H 446 67.62 -9.49 -7.82
CA GLN H 446 67.90 -8.10 -8.18
C GLN H 446 66.76 -7.19 -7.74
N ASP H 447 65.52 -7.59 -8.01
CA ASP H 447 64.37 -6.78 -7.65
C ASP H 447 64.27 -6.63 -6.14
N LEU H 448 64.57 -7.70 -5.39
CA LEU H 448 64.50 -7.62 -3.95
C LEU H 448 65.60 -6.72 -3.39
N ILE H 449 66.78 -6.75 -4.00
CA ILE H 449 67.84 -5.85 -3.59
C ILE H 449 67.42 -4.40 -3.80
N GLY H 450 66.87 -4.11 -4.97
CA GLY H 450 66.36 -2.76 -5.21
C GLY H 450 65.22 -2.41 -4.28
N TYR H 451 64.43 -3.40 -3.88
CA TYR H 451 63.29 -3.19 -3.00
C TYR H 451 63.74 -2.89 -1.57
N PHE H 452 64.86 -3.47 -1.16
CA PHE H 452 65.42 -3.26 0.18
C PHE H 452 66.52 -2.20 0.18
N GLU H 453 66.76 -1.54 -0.95
CA GLU H 453 67.81 -0.54 -1.01
C GLU H 453 67.55 0.57 0.00
N PRO H 454 68.56 0.99 0.76
CA PRO H 454 68.35 2.05 1.73
C PRO H 454 68.16 3.40 1.05
N PRO H 455 67.46 4.33 1.70
CA PRO H 455 67.23 5.64 1.08
C PRO H 455 68.53 6.40 0.90
N SER H 456 68.54 7.28 -0.11
CA SER H 456 69.71 8.08 -0.39
C SER H 456 69.91 9.15 0.69
N GLU H 457 71.16 9.51 0.92
CA GLU H 457 71.47 10.52 1.93
C GLU H 457 71.01 11.91 1.51
N GLU H 458 70.97 12.18 0.21
CA GLU H 458 70.55 13.50 -0.24
C GLU H 458 69.11 13.78 0.14
N LEU H 459 68.30 12.75 0.30
CA LEU H 459 66.91 12.94 0.67
C LEU H 459 66.81 13.67 1.99
N GLN H 460 65.68 14.34 2.19
CA GLN H 460 65.46 15.09 3.42
C GLN H 460 65.24 14.14 4.59
N HIS H 461 65.40 14.69 5.79
CA HIS H 461 65.41 13.88 7.01
C HIS H 461 64.09 13.13 7.18
N GLU H 462 62.98 13.82 6.98
CA GLU H 462 61.68 13.18 7.20
C GLU H 462 61.44 12.02 6.24
N GLU H 463 61.73 12.24 4.96
CA GLU H 463 61.55 11.19 3.98
C GLU H 463 62.47 10.01 4.27
N LYS H 464 63.72 10.29 4.64
CA LYS H 464 64.62 9.20 5.00
C LYS H 464 64.08 8.41 6.17
N GLN H 465 63.53 9.09 7.18
CA GLN H 465 62.98 8.37 8.32
C GLN H 465 61.80 7.49 7.89
N SER H 466 60.94 8.01 7.02
CA SER H 466 59.80 7.21 6.57
C SER H 466 60.26 5.98 5.81
N LYS H 467 61.22 6.15 4.89
CA LYS H 467 61.72 5.00 4.14
C LYS H 467 62.39 4.00 5.05
N LEU H 468 63.13 4.48 6.06
CA LEU H 468 63.79 3.57 6.98
C LEU H 468 62.77 2.78 7.80
N ARG H 469 61.71 3.45 8.24
CA ARG H 469 60.64 2.76 8.95
C ARG H 469 60.03 1.67 8.08
N SER H 470 59.72 2.02 6.83
CA SER H 470 59.16 1.03 5.91
C SER H 470 60.12 -0.13 5.70
N LEU H 471 61.40 0.18 5.55
CA LEU H 471 62.40 -0.85 5.31
C LEU H 471 62.53 -1.80 6.49
N ARG H 472 62.56 -1.25 7.71
CA ARG H 472 62.61 -2.10 8.89
C ARG H 472 61.38 -2.99 8.96
N ASN H 473 60.21 -2.44 8.68
CA ASN H 473 58.99 -3.23 8.69
C ASN H 473 59.08 -4.38 7.69
N ARG H 474 59.52 -4.08 6.47
CA ARG H 474 59.61 -5.12 5.44
C ARG H 474 60.63 -6.19 5.82
N GLN H 475 61.77 -5.76 6.35
CA GLN H 475 62.77 -6.70 6.85
C GLN H 475 62.17 -7.63 7.89
N SER H 476 61.45 -7.07 8.86
CA SER H 476 60.88 -7.89 9.91
C SER H 476 59.85 -8.87 9.36
N LEU H 477 59.02 -8.42 8.41
CA LEU H 477 58.04 -9.32 7.82
C LEU H 477 58.72 -10.49 7.12
N PHE H 478 59.73 -10.19 6.30
CA PHE H 478 60.43 -11.26 5.60
C PHE H 478 61.10 -12.22 6.57
N GLN H 479 61.77 -11.68 7.60
CA GLN H 479 62.42 -12.54 8.58
C GLN H 479 61.42 -13.43 9.29
N GLU H 480 60.28 -12.85 9.72
CA GLU H 480 59.27 -13.62 10.42
C GLU H 480 58.63 -14.68 9.53
N GLU H 481 58.61 -14.47 8.22
CA GLU H 481 58.14 -15.50 7.31
C GLU H 481 59.24 -16.43 6.82
N GLY H 482 60.48 -16.23 7.28
CA GLY H 482 61.54 -17.19 7.09
C GLY H 482 62.35 -17.08 5.82
N MET H 483 62.32 -15.93 5.13
CA MET H 483 63.05 -15.80 3.90
C MET H 483 64.52 -15.94 4.16
N LEU H 484 64.99 -15.33 5.26
CA LEU H 484 66.41 -15.31 5.57
C LEU H 484 66.99 -16.72 5.67
N SER H 485 66.28 -17.62 6.37
CA SER H 485 66.72 -19.01 6.45
C SER H 485 66.78 -19.66 5.08
N LEU H 486 65.81 -19.30 4.21
CA LEU H 486 65.82 -19.84 2.85
C LEU H 486 67.06 -19.38 2.10
N VAL H 487 67.42 -18.10 2.25
CA VAL H 487 68.62 -17.58 1.61
C VAL H 487 69.84 -18.33 2.11
N LEU H 488 69.93 -18.53 3.43
CA LEU H 488 71.07 -19.26 3.99
C LEU H 488 71.14 -20.68 3.45
N ASN H 489 69.99 -21.34 3.33
CA ASN H 489 69.96 -22.71 2.81
C ASN H 489 70.44 -22.76 1.36
N CYS H 490 69.94 -21.83 0.53
CA CYS H 490 70.39 -21.75 -0.85
C CYS H 490 71.89 -21.52 -0.91
N ILE H 491 72.41 -20.64 -0.05
CA ILE H 491 73.83 -20.34 -0.03
C ILE H 491 74.62 -21.58 0.36
N ASP H 492 74.12 -22.35 1.32
CA ASP H 492 74.82 -23.57 1.74
C ASP H 492 74.90 -24.56 0.59
N ARG H 493 73.77 -24.79 -0.08
CA ARG H 493 73.75 -25.77 -1.16
C ARG H 493 74.56 -25.31 -2.36
N LEU H 494 74.67 -24.00 -2.55
CA LEU H 494 75.55 -23.48 -3.60
C LEU H 494 77.01 -23.51 -3.18
N ASN H 495 77.28 -23.44 -1.87
CA ASN H 495 78.64 -23.44 -1.37
C ASN H 495 79.25 -24.83 -1.40
N VAL H 496 78.44 -25.87 -1.22
CA VAL H 496 78.97 -27.23 -1.30
C VAL H 496 79.85 -27.39 -2.53
N TYR H 497 79.55 -26.62 -3.58
CA TYR H 497 80.38 -26.59 -4.78
C TYR H 497 81.38 -25.45 -4.69
N THR H 498 82.67 -25.78 -4.83
CA THR H 498 83.72 -24.79 -4.63
C THR H 498 83.76 -23.78 -5.77
N THR H 499 83.59 -24.25 -7.00
CA THR H 499 83.79 -23.41 -8.17
C THR H 499 82.73 -23.74 -9.22
N ALA H 500 82.71 -22.91 -10.26
CA ALA H 500 81.70 -23.06 -11.30
C ALA H 500 81.86 -24.37 -12.06
N ALA H 501 83.10 -24.80 -12.29
CA ALA H 501 83.32 -26.08 -12.95
C ALA H 501 82.83 -27.23 -12.09
N HIS H 502 83.09 -27.15 -10.78
CA HIS H 502 82.58 -28.16 -9.86
C HIS H 502 81.07 -28.20 -9.88
N PHE H 503 80.44 -27.02 -9.98
CA PHE H 503 78.99 -26.98 -10.12
C PHE H 503 78.54 -27.60 -11.43
N ALA H 504 79.26 -27.31 -12.52
CA ALA H 504 78.91 -27.83 -13.83
C ALA H 504 78.92 -29.34 -13.85
N GLU H 505 79.90 -29.94 -13.16
CA GLU H 505 80.00 -31.39 -13.12
C GLU H 505 78.67 -32.03 -12.72
N TYR H 506 77.83 -31.28 -12.00
CA TYR H 506 76.55 -31.80 -11.53
C TYR H 506 75.36 -31.17 -12.24
N ALA H 507 75.48 -29.93 -12.68
CA ALA H 507 74.36 -29.17 -13.22
C ALA H 507 74.60 -28.64 -14.63
N GLY H 508 75.83 -28.63 -15.11
CA GLY H 508 76.11 -28.21 -16.46
C GLY H 508 76.68 -26.80 -16.54
N GLU H 509 77.34 -26.53 -17.66
CA GLU H 509 77.96 -25.22 -17.89
C GLU H 509 76.92 -24.12 -17.85
N GLU H 510 75.73 -24.39 -18.39
CA GLU H 510 74.71 -23.35 -18.53
C GLU H 510 74.36 -22.74 -17.17
N ALA H 511 74.31 -23.56 -16.13
CA ALA H 511 74.10 -23.03 -14.78
C ALA H 511 75.41 -22.61 -14.14
N ALA H 512 76.53 -23.21 -14.57
CA ALA H 512 77.82 -22.84 -14.03
C ALA H 512 78.14 -21.37 -14.28
N GLU H 513 77.72 -20.83 -15.43
CA GLU H 513 78.02 -19.42 -15.67
C GLU H 513 77.40 -18.53 -14.59
N SER H 514 76.15 -18.80 -14.23
CA SER H 514 75.41 -17.95 -13.31
C SER H 514 75.62 -18.33 -11.85
N TRP H 515 76.32 -19.43 -11.57
CA TRP H 515 76.68 -19.77 -10.20
C TRP H 515 77.18 -18.55 -9.42
N LYS H 516 78.25 -17.92 -9.91
CA LYS H 516 78.90 -16.84 -9.17
C LYS H 516 77.98 -15.64 -9.00
N GLU H 517 77.26 -15.29 -10.07
CA GLU H 517 76.32 -14.18 -9.99
C GLU H 517 75.27 -14.43 -8.93
N ILE H 518 74.76 -15.67 -8.88
CA ILE H 518 73.70 -15.99 -7.93
C ILE H 518 74.22 -15.93 -6.50
N VAL H 519 75.43 -16.45 -6.26
CA VAL H 519 75.96 -16.41 -4.90
C VAL H 519 76.17 -14.97 -4.45
N ASN H 520 76.74 -14.13 -5.33
CA ASN H 520 76.93 -12.74 -4.96
C ASN H 520 75.60 -12.05 -4.68
N LEU H 521 74.60 -12.32 -5.53
CA LEU H 521 73.28 -11.73 -5.32
C LEU H 521 72.67 -12.17 -4.00
N LEU H 522 72.86 -13.45 -3.65
CA LEU H 522 72.30 -13.97 -2.41
C LEU H 522 72.95 -13.28 -1.20
N TYR H 523 74.28 -13.14 -1.23
CA TYR H 523 74.95 -12.46 -0.12
C TYR H 523 74.49 -11.01 -0.02
N GLU H 524 74.35 -10.33 -1.16
CA GLU H 524 73.88 -8.95 -1.15
C GLU H 524 72.47 -8.85 -0.60
N LEU H 525 71.59 -9.79 -0.97
CA LEU H 525 70.23 -9.78 -0.44
C LEU H 525 70.24 -10.00 1.07
N LEU H 526 71.07 -10.91 1.55
CA LEU H 526 71.16 -11.14 2.99
C LEU H 526 71.60 -9.87 3.71
N ALA H 527 72.62 -9.20 3.16
CA ALA H 527 73.08 -7.95 3.76
C ALA H 527 71.98 -6.90 3.78
N SER H 528 71.24 -6.79 2.67
CA SER H 528 70.13 -5.84 2.63
C SER H 528 69.06 -6.18 3.65
N LEU H 529 68.78 -7.47 3.83
CA LEU H 529 67.74 -7.88 4.77
C LEU H 529 68.13 -7.55 6.21
N ILE H 530 69.39 -7.77 6.55
CA ILE H 530 69.81 -7.59 7.95
C ILE H 530 70.27 -6.17 8.26
N ARG H 531 70.60 -5.37 7.25
CA ARG H 531 71.19 -4.06 7.51
C ARG H 531 70.24 -3.19 8.33
N GLY H 532 70.76 -2.61 9.40
CA GLY H 532 70.01 -1.69 10.23
C GLY H 532 69.02 -2.33 11.16
N ASN H 533 68.89 -3.65 11.17
CA ASN H 533 67.93 -4.35 12.01
C ASN H 533 68.69 -5.16 13.05
N ARG H 534 68.63 -4.70 14.30
CA ARG H 534 69.43 -5.31 15.36
C ARG H 534 69.01 -6.76 15.60
N ALA H 535 67.70 -7.03 15.54
CA ALA H 535 67.22 -8.39 15.77
C ALA H 535 67.73 -9.34 14.70
N ASN H 536 67.59 -8.94 13.44
CA ASN H 536 68.00 -9.80 12.34
C ASN H 536 69.51 -10.01 12.36
N CYS H 537 70.26 -9.00 12.80
CA CYS H 537 71.71 -9.20 12.94
C CYS H 537 72.04 -10.08 14.14
N ALA H 538 71.23 -10.00 15.21
CA ALA H 538 71.47 -10.79 16.40
C ALA H 538 71.19 -12.26 16.15
N LEU H 539 70.32 -12.58 15.20
CA LEU H 539 70.05 -13.97 14.90
C LEU H 539 71.33 -14.75 14.61
N PHE H 540 72.35 -14.08 14.08
CA PHE H 540 73.59 -14.73 13.70
C PHE H 540 74.48 -15.07 14.88
N SER H 541 74.09 -14.71 16.11
CA SER H 541 74.88 -15.07 17.27
C SER H 541 75.03 -16.59 17.39
N THR H 542 74.02 -17.33 16.94
CA THR H 542 74.07 -18.78 17.05
C THR H 542 75.03 -19.38 16.02
N ASN H 543 75.08 -18.80 14.81
CA ASN H 543 75.80 -19.39 13.69
C ASN H 543 76.79 -18.39 13.10
N LEU H 544 77.51 -17.68 13.99
CA LEU H 544 78.57 -16.80 13.51
C LEU H 544 79.58 -17.53 12.66
N ASP H 545 79.91 -18.78 13.01
CA ASP H 545 80.88 -19.53 12.24
C ASP H 545 80.44 -19.66 10.79
N TRP H 546 79.13 -19.59 10.55
CA TRP H 546 78.59 -19.68 9.20
C TRP H 546 79.23 -18.64 8.27
N VAL H 547 79.54 -17.46 8.81
CA VAL H 547 80.09 -16.38 8.00
C VAL H 547 81.61 -16.45 7.96
N VAL H 548 82.23 -16.72 9.11
CA VAL H 548 83.69 -16.74 9.18
C VAL H 548 84.25 -17.87 8.33
N SER H 549 83.58 -19.04 8.35
CA SER H 549 84.03 -20.16 7.53
C SER H 549 84.02 -19.81 6.05
N LYS H 550 83.07 -18.98 5.63
CA LYS H 550 82.90 -18.63 4.23
C LYS H 550 83.71 -17.40 3.82
N LEU H 551 84.22 -16.65 4.79
CA LEU H 551 85.00 -15.46 4.45
C LEU H 551 86.11 -15.76 3.45
N ASP H 552 86.77 -16.91 3.58
CA ASP H 552 87.92 -17.21 2.74
C ASP H 552 87.54 -17.42 1.28
N ARG H 553 86.29 -17.82 1.01
CA ARG H 553 85.89 -18.08 -0.36
C ARG H 553 86.04 -16.83 -1.21
N LEU H 554 86.48 -17.02 -2.46
CA LEU H 554 86.90 -15.91 -3.31
C LEU H 554 85.76 -15.34 -4.14
N GLU H 555 84.71 -16.12 -4.38
CA GLU H 555 83.67 -15.68 -5.32
C GLU H 555 82.90 -14.47 -4.79
N ALA H 556 82.63 -14.42 -3.49
CA ALA H 556 81.81 -13.39 -2.88
C ALA H 556 82.42 -12.89 -1.58
N SER H 557 83.74 -12.68 -1.62
CA SER H 557 84.45 -12.22 -0.43
C SER H 557 83.90 -10.89 0.05
N SER H 558 83.71 -9.95 -0.87
CA SER H 558 83.22 -8.62 -0.50
C SER H 558 81.81 -8.71 0.10
N GLY H 559 80.95 -9.53 -0.49
CA GLY H 559 79.59 -9.65 0.04
C GLY H 559 79.57 -10.27 1.42
N ILE H 560 80.36 -11.32 1.64
CA ILE H 560 80.43 -11.94 2.96
C ILE H 560 80.96 -10.95 3.98
N LEU H 561 81.97 -10.18 3.58
CA LEU H 561 82.54 -9.17 4.48
C LEU H 561 81.52 -8.11 4.84
N GLU H 562 80.71 -7.67 3.86
CA GLU H 562 79.67 -6.69 4.14
C GLU H 562 78.64 -7.27 5.10
N VAL H 563 78.27 -8.53 4.91
CA VAL H 563 77.35 -9.18 5.82
C VAL H 563 77.90 -9.15 7.24
N LEU H 564 79.17 -9.52 7.39
CA LEU H 564 79.80 -9.52 8.70
C LEU H 564 79.82 -8.11 9.30
N TYR H 565 80.16 -7.12 8.47
CA TYR H 565 80.19 -5.74 8.94
C TYR H 565 78.84 -5.31 9.48
N CYS H 566 77.78 -5.57 8.71
CA CYS H 566 76.44 -5.19 9.15
C CYS H 566 76.09 -5.87 10.46
N VAL H 567 76.37 -7.17 10.56
CA VAL H 567 76.04 -7.90 11.79
C VAL H 567 76.76 -7.27 12.98
N LEU H 568 78.04 -6.98 12.82
CA LEU H 568 78.84 -6.54 13.96
C LEU H 568 78.49 -5.11 14.38
N ILE H 569 78.16 -4.24 13.42
CA ILE H 569 77.61 -2.94 13.82
C ILE H 569 76.32 -3.12 14.59
N GLU H 570 75.39 -3.91 14.07
CA GLU H 570 74.04 -3.85 14.65
C GLU H 570 73.99 -4.56 16.01
N SER H 571 74.75 -5.64 16.18
CA SER H 571 74.54 -6.51 17.33
C SER H 571 75.77 -6.53 18.24
N PRO H 572 75.61 -6.23 19.54
CA PRO H 572 76.68 -6.54 20.49
C PRO H 572 76.68 -7.98 20.95
N GLU H 573 75.55 -8.67 20.82
CA GLU H 573 75.47 -10.06 21.25
C GLU H 573 76.52 -10.91 20.54
N VAL H 574 76.76 -10.62 19.26
CA VAL H 574 77.81 -11.31 18.53
C VAL H 574 79.17 -10.96 19.10
N LEU H 575 79.38 -9.68 19.41
CA LEU H 575 80.64 -9.23 19.97
C LEU H 575 80.97 -9.94 21.28
N ASN H 576 79.96 -10.27 22.07
CA ASN H 576 80.21 -10.96 23.32
C ASN H 576 80.59 -12.42 23.10
N ILE H 577 80.20 -13.00 21.96
CA ILE H 577 80.52 -14.39 21.68
C ILE H 577 81.73 -14.55 20.77
N ILE H 578 82.31 -13.45 20.28
CA ILE H 578 83.49 -13.55 19.43
C ILE H 578 84.57 -14.40 20.11
N GLN H 579 85.37 -15.07 19.29
CA GLN H 579 86.51 -15.84 19.79
C GLN H 579 87.78 -15.57 18.99
N GLU H 580 88.88 -16.06 19.56
CA GLU H 580 90.19 -15.94 18.95
C GLU H 580 90.22 -16.55 17.55
N ASN H 581 89.52 -17.67 17.38
CA ASN H 581 89.44 -18.29 16.06
C ASN H 581 88.90 -17.30 15.03
N HIS H 582 87.84 -16.56 15.40
CA HIS H 582 87.26 -15.59 14.48
C HIS H 582 88.21 -14.43 14.22
N ILE H 583 88.83 -13.92 15.27
CA ILE H 583 89.77 -12.83 15.09
C ILE H 583 90.90 -13.24 14.16
N LYS H 584 91.42 -14.45 14.36
CA LYS H 584 92.51 -14.96 13.53
C LYS H 584 92.07 -15.21 12.11
N SER H 585 90.81 -15.63 11.91
CA SER H 585 90.30 -15.78 10.55
C SER H 585 90.27 -14.44 9.83
N ILE H 586 89.83 -13.39 10.52
CA ILE H 586 89.78 -12.08 9.88
C ILE H 586 91.19 -11.56 9.59
N ILE H 587 92.12 -11.80 10.52
CA ILE H 587 93.50 -11.40 10.28
C ILE H 587 94.08 -12.16 9.10
N SER H 588 93.77 -13.44 8.99
CA SER H 588 94.18 -14.22 7.82
C SER H 588 93.54 -13.69 6.56
N LEU H 589 92.34 -13.13 6.66
CA LEU H 589 91.71 -12.50 5.51
C LEU H 589 92.52 -11.30 5.05
N LEU H 590 92.96 -10.47 6.01
CA LEU H 590 93.91 -9.42 5.66
C LEU H 590 95.13 -9.98 4.96
N ASP H 591 95.72 -11.02 5.54
CA ASP H 591 96.98 -11.58 5.03
C ASP H 591 96.83 -12.12 3.61
N LYS H 592 95.71 -12.79 3.33
CA LYS H 592 95.58 -13.51 2.07
C LYS H 592 94.98 -12.65 0.97
N HIS H 593 94.05 -11.75 1.33
CA HIS H 593 93.34 -10.97 0.33
C HIS H 593 93.94 -9.59 0.11
N GLY H 594 94.77 -9.10 1.01
CA GLY H 594 95.41 -7.81 0.84
C GLY H 594 95.00 -6.81 1.92
N ARG H 595 95.54 -5.62 1.77
CA ARG H 595 95.32 -4.53 2.72
C ARG H 595 94.03 -3.81 2.33
N ASN H 596 92.92 -4.24 2.92
CA ASN H 596 91.61 -3.68 2.66
C ASN H 596 91.10 -3.00 3.92
N HIS H 597 90.73 -1.71 3.79
CA HIS H 597 90.34 -0.93 4.95
C HIS H 597 89.03 -1.42 5.55
N LYS H 598 88.23 -2.16 4.77
CA LYS H 598 86.98 -2.69 5.32
C LYS H 598 87.24 -3.68 6.44
N VAL H 599 88.28 -4.50 6.32
CA VAL H 599 88.61 -5.43 7.38
C VAL H 599 89.04 -4.68 8.63
N LEU H 600 89.78 -3.59 8.47
CA LEU H 600 90.14 -2.76 9.61
C LEU H 600 88.88 -2.20 10.26
N ASP H 601 87.91 -1.77 9.45
CA ASP H 601 86.66 -1.26 10.00
C ASP H 601 85.91 -2.34 10.77
N VAL H 602 85.90 -3.56 10.23
CA VAL H 602 85.26 -4.67 10.93
C VAL H 602 85.93 -4.93 12.27
N LEU H 603 87.27 -4.92 12.28
CA LEU H 603 87.99 -5.12 13.53
C LEU H 603 87.68 -4.01 14.53
N CYS H 604 87.59 -2.77 14.04
CA CYS H 604 87.21 -1.66 14.91
C CYS H 604 85.82 -1.89 15.50
N SER H 605 84.89 -2.35 14.67
CA SER H 605 83.53 -2.62 15.17
C SER H 605 83.53 -3.74 16.19
N LEU H 606 84.45 -4.70 16.05
CA LEU H 606 84.53 -5.78 17.03
C LEU H 606 84.84 -5.25 18.43
N CYS H 607 85.50 -4.10 18.51
CA CYS H 607 85.98 -3.61 19.80
C CYS H 607 84.86 -2.92 20.58
N VAL H 608 84.17 -1.98 19.95
CA VAL H 608 83.20 -1.13 20.64
C VAL H 608 81.89 -1.16 19.86
N CYS H 609 80.78 -1.35 20.58
CA CYS H 609 79.44 -1.20 20.04
C CYS H 609 78.60 -0.39 21.00
N ASN H 610 77.96 0.66 20.49
CA ASN H 610 77.03 1.47 21.27
C ASN H 610 77.68 2.00 22.55
N GLY H 611 78.92 2.46 22.42
CA GLY H 611 79.61 3.05 23.56
C GLY H 611 80.11 2.06 24.58
N VAL H 612 80.11 0.77 24.27
CA VAL H 612 80.58 -0.27 25.18
C VAL H 612 81.70 -1.04 24.50
N ALA H 613 82.79 -1.23 25.23
CA ALA H 613 83.99 -1.87 24.72
C ALA H 613 84.08 -3.31 25.23
N VAL H 614 84.61 -4.19 24.39
CA VAL H 614 84.84 -5.58 24.76
C VAL H 614 86.35 -5.76 24.94
N ARG H 615 86.79 -5.84 26.19
CA ARG H 615 88.21 -5.95 26.47
C ARG H 615 88.79 -7.23 25.89
N SER H 616 88.02 -8.32 25.91
CA SER H 616 88.51 -9.57 25.36
C SER H 616 88.86 -9.42 23.89
N ASN H 617 87.94 -8.84 23.11
CA ASN H 617 88.18 -8.64 21.68
C ASN H 617 89.35 -7.67 21.47
N GLN H 618 89.38 -6.59 22.25
CA GLN H 618 90.49 -5.65 22.14
C GLN H 618 91.83 -6.35 22.33
N ASP H 619 91.96 -7.11 23.41
CA ASP H 619 93.21 -7.78 23.72
C ASP H 619 93.56 -8.82 22.67
N LEU H 620 92.56 -9.56 22.19
CA LEU H 620 92.83 -10.58 21.18
C LEU H 620 93.39 -9.94 19.90
N ILE H 621 92.74 -8.87 19.43
CA ILE H 621 93.22 -8.19 18.24
C ILE H 621 94.63 -7.69 18.46
N THR H 622 94.86 -7.04 19.61
CA THR H 622 96.18 -6.47 19.88
C THR H 622 97.24 -7.56 19.90
N GLU H 623 96.93 -8.70 20.52
CA GLU H 623 97.92 -9.75 20.69
C GLU H 623 98.21 -10.48 19.38
N ASN H 624 97.22 -10.62 18.52
CA ASN H 624 97.36 -11.46 17.33
C ASN H 624 97.49 -10.66 16.05
N LEU H 625 97.57 -9.34 16.12
CA LEU H 625 97.82 -8.54 14.92
C LEU H 625 99.07 -7.67 15.07
N LEU H 626 99.17 -6.95 16.18
CA LEU H 626 100.23 -5.96 16.33
C LEU H 626 101.63 -6.56 16.43
N PRO H 627 101.91 -7.52 17.32
CA PRO H 627 103.31 -7.88 17.58
C PRO H 627 104.08 -8.36 16.36
N GLY H 628 103.42 -9.07 15.44
CA GLY H 628 104.14 -9.57 14.28
C GLY H 628 104.74 -8.46 13.45
N ARG H 629 104.01 -7.38 13.25
CA ARG H 629 104.43 -6.16 12.58
C ARG H 629 104.62 -6.38 11.09
N GLU H 630 104.04 -7.41 10.50
CA GLU H 630 104.15 -7.62 9.06
C GLU H 630 102.98 -7.00 8.31
N LEU H 631 101.76 -7.22 8.80
CA LEU H 631 100.57 -6.86 8.03
C LEU H 631 100.30 -5.36 8.03
N LEU H 632 100.52 -4.68 9.15
CA LEU H 632 100.26 -3.26 9.25
C LEU H 632 101.52 -2.47 8.93
N LEU H 633 101.33 -1.35 8.26
CA LEU H 633 102.46 -0.48 7.93
C LEU H 633 103.05 0.12 9.21
N GLN H 634 104.37 0.13 9.27
CA GLN H 634 105.09 0.57 10.45
C GLN H 634 105.67 1.96 10.24
N THR H 635 105.72 2.73 11.31
CA THR H 635 106.19 4.10 11.27
C THR H 635 107.25 4.32 12.34
N ASN H 636 108.30 5.05 11.96
CA ASN H 636 109.37 5.41 12.88
C ASN H 636 110.10 6.61 12.32
N LEU H 637 110.80 7.32 13.19
CA LEU H 637 111.55 8.50 12.81
C LEU H 637 113.00 8.11 12.51
N ILE H 638 113.49 8.52 11.35
CA ILE H 638 114.83 8.15 10.90
C ILE H 638 115.54 9.41 10.44
N ASN H 639 116.86 9.43 10.66
CA ASN H 639 117.68 10.54 10.25
C ASN H 639 118.01 10.46 8.76
N TYR H 640 118.20 11.62 8.16
CA TYR H 640 118.66 11.70 6.78
C TYR H 640 120.14 11.36 6.72
N VAL H 641 120.54 10.71 5.63
CA VAL H 641 121.91 10.27 5.43
C VAL H 641 122.39 10.77 4.07
N THR H 642 123.64 11.21 4.01
CA THR H 642 124.21 11.76 2.80
C THR H 642 125.58 11.15 2.55
N SER H 643 125.92 11.02 1.27
CA SER H 643 127.15 10.38 0.85
C SER H 643 128.01 11.39 0.09
N ILE H 644 129.31 11.37 0.35
CA ILE H 644 130.27 12.27 -0.27
C ILE H 644 131.43 11.46 -0.80
N ARG H 645 131.91 11.83 -1.98
CA ARG H 645 133.01 11.15 -2.64
C ARG H 645 133.98 12.16 -3.23
N PRO H 646 135.25 11.80 -3.37
CA PRO H 646 136.12 12.56 -4.27
C PRO H 646 135.84 12.20 -5.72
N ASN H 647 136.27 13.09 -6.62
CA ASN H 647 136.12 12.84 -8.06
C ASN H 647 137.22 11.91 -8.55
N ILE H 648 137.31 10.75 -7.90
CA ILE H 648 138.30 9.73 -8.20
C ILE H 648 137.56 8.48 -8.66
N PHE H 649 137.88 8.01 -9.86
CA PHE H 649 137.18 6.88 -10.47
C PHE H 649 138.21 5.93 -11.04
N VAL H 650 138.23 4.71 -10.52
CA VAL H 650 139.20 3.69 -10.92
C VAL H 650 138.46 2.37 -11.11
N GLY H 651 138.86 1.63 -12.12
CA GLY H 651 138.20 0.38 -12.45
C GLY H 651 139.16 -0.53 -13.19
N ARG H 652 138.65 -1.70 -13.56
CA ARG H 652 139.43 -2.71 -14.27
C ARG H 652 138.73 -3.05 -15.58
N ALA H 653 139.51 -3.09 -16.66
CA ALA H 653 139.02 -3.53 -17.96
C ALA H 653 140.21 -4.03 -18.77
N GLU H 654 139.93 -4.91 -19.71
CA GLU H 654 140.98 -5.41 -20.59
C GLU H 654 141.47 -4.29 -21.49
N GLY H 655 142.79 -4.11 -21.51
CA GLY H 655 143.38 -3.00 -22.23
C GLY H 655 143.30 -1.67 -21.51
N SER H 656 142.80 -1.66 -20.28
CA SER H 656 142.63 -0.41 -19.55
C SER H 656 143.99 0.22 -19.24
N THR H 657 144.02 1.55 -19.27
CA THR H 657 145.21 2.31 -18.91
C THR H 657 145.35 2.51 -17.40
N GLN H 658 144.38 2.05 -16.61
CA GLN H 658 144.35 2.32 -15.18
C GLN H 658 145.17 1.30 -14.40
N TYR H 659 145.65 1.74 -13.26
CA TYR H 659 146.32 0.87 -12.30
C TYR H 659 145.29 0.16 -11.43
N GLY H 660 145.70 -0.96 -10.85
CA GLY H 660 144.77 -1.85 -10.19
C GLY H 660 144.59 -1.60 -8.71
N LYS H 661 145.67 -1.23 -8.02
CA LYS H 661 145.69 -1.15 -6.57
C LYS H 661 145.68 0.31 -6.12
N TRP H 662 144.80 0.63 -5.18
CA TRP H 662 144.61 2.00 -4.74
C TRP H 662 144.39 2.03 -3.24
N TYR H 663 144.65 3.20 -2.64
CA TYR H 663 144.70 3.37 -1.21
C TYR H 663 144.22 4.76 -0.85
N PHE H 664 143.42 4.87 0.21
CA PHE H 664 143.07 6.17 0.75
C PHE H 664 142.77 6.05 2.23
N GLU H 665 142.64 7.19 2.90
CA GLU H 665 142.42 7.22 4.34
C GLU H 665 141.34 8.23 4.69
N VAL H 666 140.70 8.00 5.82
CA VAL H 666 139.71 8.91 6.37
C VAL H 666 140.02 9.09 7.85
N MET H 667 140.12 10.34 8.29
CA MET H 667 140.39 10.67 9.67
C MET H 667 139.18 11.34 10.28
N VAL H 668 138.67 10.78 11.38
CA VAL H 668 137.53 11.34 12.08
C VAL H 668 138.02 12.41 13.05
N ASP H 669 137.34 13.55 13.06
CA ASP H 669 137.67 14.64 13.98
C ASP H 669 136.62 14.83 15.06
N GLU H 670 135.35 14.85 14.70
CA GLU H 670 134.27 15.00 15.67
C GLU H 670 133.12 14.09 15.26
N VAL H 671 132.56 13.38 16.25
CA VAL H 671 131.40 12.52 16.03
C VAL H 671 130.50 12.65 17.25
N VAL H 672 129.23 12.96 17.01
CA VAL H 672 128.22 12.98 18.08
C VAL H 672 127.48 11.66 18.02
N PRO H 673 127.67 10.76 19.00
CA PRO H 673 127.01 9.45 18.92
C PRO H 673 125.50 9.52 18.79
N PHE H 674 124.86 10.43 19.54
CA PHE H 674 123.41 10.57 19.49
C PHE H 674 123.07 12.06 19.48
N LEU H 675 123.04 12.63 18.28
CA LEU H 675 122.48 13.96 18.12
C LEU H 675 120.96 13.91 18.05
N THR H 676 120.42 12.74 17.71
CA THR H 676 118.98 12.49 17.75
C THR H 676 118.72 11.17 18.45
N ALA H 677 117.46 10.72 18.45
CA ALA H 677 117.15 9.41 19.02
C ALA H 677 117.83 8.29 18.26
N GLN H 678 117.93 8.43 16.94
CA GLN H 678 118.63 7.45 16.13
C GLN H 678 120.14 7.69 16.20
N ALA H 679 120.88 6.59 16.26
CA ALA H 679 122.33 6.67 16.39
C ALA H 679 122.94 7.33 15.16
N THR H 680 124.04 8.04 15.38
CA THR H 680 124.75 8.68 14.27
C THR H 680 125.32 7.64 13.33
N HIS H 681 125.31 7.97 12.05
CA HIS H 681 125.74 7.08 10.97
C HIS H 681 127.05 7.62 10.41
N LEU H 682 128.06 6.76 10.36
CA LEU H 682 129.33 7.07 9.73
C LEU H 682 129.93 5.80 9.16
N ARG H 683 130.10 5.75 7.85
CA ARG H 683 130.67 4.60 7.16
C ARG H 683 131.64 5.07 6.10
N VAL H 684 132.70 4.30 5.90
CA VAL H 684 133.75 4.61 4.94
C VAL H 684 133.93 3.40 4.03
N GLY H 685 134.10 3.64 2.74
CA GLY H 685 134.39 2.55 1.84
C GLY H 685 134.43 2.90 0.37
N TRP H 686 134.11 1.92 -0.46
CA TRP H 686 134.11 2.07 -1.91
C TRP H 686 132.71 1.83 -2.45
N ALA H 687 132.43 2.42 -3.60
CA ALA H 687 131.14 2.28 -4.23
C ALA H 687 131.31 2.29 -5.74
N LEU H 688 130.40 1.61 -6.43
CA LEU H 688 130.44 1.50 -7.87
C LEU H 688 129.60 2.59 -8.51
N THR H 689 130.12 3.18 -9.59
CA THR H 689 129.44 4.31 -10.22
C THR H 689 128.06 3.93 -10.71
N GLU H 690 127.94 2.77 -11.36
CA GLU H 690 126.67 2.31 -11.91
C GLU H 690 125.97 1.48 -10.84
N GLY H 691 124.92 2.05 -10.27
CA GLY H 691 124.07 1.35 -9.32
C GLY H 691 123.99 2.01 -7.95
N TYR H 692 125.03 2.72 -7.52
CA TYR H 692 125.04 3.37 -6.22
C TYR H 692 124.34 4.71 -6.36
N SER H 693 123.04 4.73 -6.06
CA SER H 693 122.21 5.93 -6.19
C SER H 693 121.41 6.09 -4.90
N PRO H 694 122.09 6.41 -3.80
CA PRO H 694 121.37 6.62 -2.54
C PRO H 694 120.62 7.94 -2.59
N TYR H 695 119.32 7.85 -2.79
CA TYR H 695 118.56 9.09 -2.86
C TYR H 695 118.11 9.51 -1.47
N PRO H 696 118.05 10.81 -1.19
CA PRO H 696 117.68 11.26 0.15
C PRO H 696 116.31 10.72 0.56
N GLY H 697 116.20 10.38 1.83
CA GLY H 697 114.92 10.01 2.40
C GLY H 697 114.76 8.50 2.49
N GLY H 698 113.67 8.00 1.92
CA GLY H 698 113.37 6.60 2.02
C GLY H 698 114.20 5.74 1.08
N GLY H 699 114.12 4.44 1.30
CA GLY H 699 114.86 3.49 0.50
C GLY H 699 114.70 2.07 1.02
N GLU H 700 115.78 1.31 1.00
CA GLU H 700 115.73 -0.07 1.45
C GLU H 700 115.66 -0.13 2.98
N GLY H 701 114.94 -1.11 3.48
CA GLY H 701 114.81 -1.26 4.93
C GLY H 701 114.10 -0.06 5.53
N TRP H 702 114.71 0.51 6.57
CA TRP H 702 114.16 1.66 7.27
C TRP H 702 114.88 2.95 6.87
N GLY H 703 115.41 3.01 5.66
CA GLY H 703 116.06 4.22 5.19
C GLY H 703 117.49 4.33 5.69
N GLY H 704 117.99 5.57 5.66
CA GLY H 704 119.37 5.80 6.00
C GLY H 704 120.33 5.09 5.07
N ASN H 705 120.02 5.09 3.78
CA ASN H 705 120.84 4.37 2.82
C ASN H 705 122.22 5.01 2.73
N GLY H 706 123.24 4.17 2.85
CA GLY H 706 124.61 4.63 2.74
C GLY H 706 125.49 3.53 2.22
N VAL H 707 126.78 3.67 2.50
CA VAL H 707 127.77 2.68 2.07
C VAL H 707 127.40 1.34 2.67
N GLY H 708 127.27 0.32 1.82
CA GLY H 708 126.97 -1.02 2.26
C GLY H 708 125.50 -1.35 2.39
N ASP H 709 124.62 -0.43 2.01
CA ASP H 709 123.19 -0.67 2.00
C ASP H 709 122.69 -1.20 0.67
N ASP H 710 123.61 -1.50 -0.25
CA ASP H 710 123.27 -2.08 -1.54
C ASP H 710 124.43 -2.98 -1.96
N LEU H 711 124.22 -3.70 -3.06
CA LEU H 711 125.24 -4.58 -3.61
C LEU H 711 126.21 -3.84 -4.54
N TYR H 712 126.24 -2.51 -4.44
CA TYR H 712 127.18 -1.69 -5.20
C TYR H 712 128.15 -0.95 -4.29
N SER H 713 128.07 -1.17 -2.98
CA SER H 713 128.86 -0.41 -2.02
C SER H 713 129.40 -1.36 -0.97
N TYR H 714 130.55 -1.00 -0.40
CA TYR H 714 131.26 -1.84 0.56
C TYR H 714 131.85 -0.92 1.62
N GLY H 715 131.42 -1.09 2.87
CA GLY H 715 131.72 -0.12 3.91
C GLY H 715 132.21 -0.76 5.19
N PHE H 716 132.62 0.12 6.10
CA PHE H 716 133.13 -0.26 7.40
C PHE H 716 132.74 0.82 8.41
N ASP H 717 132.07 0.41 9.49
CA ASP H 717 131.61 1.34 10.51
C ASP H 717 132.44 1.31 11.77
N GLY H 718 133.48 0.48 11.84
CA GLY H 718 134.30 0.37 13.03
C GLY H 718 134.09 -0.96 13.71
N LEU H 719 132.85 -1.46 13.65
CA LEU H 719 132.48 -2.72 14.28
C LEU H 719 132.02 -3.76 13.28
N HIS H 720 131.59 -3.34 12.08
CA HIS H 720 130.97 -4.22 11.12
C HIS H 720 131.47 -3.91 9.73
N LEU H 721 131.27 -4.87 8.83
CA LEU H 721 131.40 -4.67 7.39
C LEU H 721 130.01 -4.71 6.77
N TRP H 722 129.73 -3.74 5.91
CA TRP H 722 128.38 -3.52 5.40
C TRP H 722 128.33 -3.82 3.91
N THR H 723 127.37 -4.65 3.51
CA THR H 723 127.09 -4.90 2.12
C THR H 723 125.74 -5.61 2.03
N GLY H 724 124.94 -5.22 1.04
CA GLY H 724 123.60 -5.77 0.92
C GLY H 724 122.71 -5.40 2.10
N HIS H 725 122.94 -4.24 2.70
CA HIS H 725 122.14 -3.77 3.82
C HIS H 725 122.23 -4.74 4.99
N VAL H 726 123.34 -5.47 5.08
CA VAL H 726 123.58 -6.44 6.14
C VAL H 726 124.87 -6.04 6.84
N ALA H 727 124.83 -5.98 8.16
CA ALA H 727 126.01 -5.71 8.97
C ALA H 727 126.59 -7.03 9.46
N ARG H 728 127.85 -7.28 9.13
CA ARG H 728 128.54 -8.48 9.56
C ARG H 728 129.69 -8.09 10.46
N PRO H 729 129.72 -8.53 11.72
CA PRO H 729 130.78 -8.08 12.64
C PRO H 729 132.16 -8.49 12.13
N VAL H 730 133.13 -7.62 12.37
CA VAL H 730 134.51 -7.86 12.02
C VAL H 730 135.37 -7.52 13.22
N THR H 731 136.41 -8.33 13.42
CA THR H 731 137.24 -8.25 14.61
C THR H 731 138.46 -7.38 14.35
N SER H 732 138.71 -6.45 15.26
CA SER H 732 139.87 -5.56 15.19
C SER H 732 140.38 -5.30 16.59
N PRO H 733 141.67 -5.06 16.76
CA PRO H 733 142.18 -4.64 18.08
C PRO H 733 141.52 -3.33 18.52
N GLY H 734 141.20 -3.27 19.81
CA GLY H 734 140.55 -2.08 20.34
C GLY H 734 139.26 -1.81 19.61
N GLN H 735 138.50 -2.87 19.35
CA GLN H 735 137.31 -2.78 18.52
C GLN H 735 136.33 -1.79 19.09
N HIS H 736 135.99 -0.77 18.29
CA HIS H 736 135.04 0.24 18.73
C HIS H 736 134.40 0.90 17.51
N LEU H 737 133.25 1.51 17.73
CA LEU H 737 132.58 2.27 16.69
C LEU H 737 133.40 3.51 16.35
N LEU H 738 133.33 3.93 15.09
CA LEU H 738 134.13 5.05 14.62
C LEU H 738 134.01 6.23 15.58
N ALA H 739 135.14 6.62 16.13
CA ALA H 739 135.25 7.66 17.16
C ALA H 739 136.20 8.73 16.70
N PRO H 740 136.23 9.86 17.39
CA PRO H 740 137.18 10.93 17.03
C PRO H 740 138.62 10.44 17.10
N GLU H 741 139.46 10.98 16.22
CA GLU H 741 140.87 10.69 16.05
C GLU H 741 141.09 9.33 15.40
N ASP H 742 140.04 8.57 15.11
CA ASP H 742 140.22 7.31 14.42
C ASP H 742 140.63 7.54 12.97
N VAL H 743 141.47 6.65 12.47
CA VAL H 743 141.96 6.70 11.10
C VAL H 743 141.64 5.37 10.43
N VAL H 744 140.92 5.42 9.32
CA VAL H 744 140.52 4.24 8.58
C VAL H 744 141.27 4.25 7.25
N SER H 745 142.02 3.19 6.99
CA SER H 745 142.79 3.06 5.77
C SER H 745 142.11 2.01 4.89
N CYS H 746 141.67 2.42 3.70
CA CYS H 746 140.94 1.56 2.80
C CYS H 746 141.82 1.24 1.60
N CYS H 747 141.90 -0.05 1.26
CA CYS H 747 142.74 -0.56 0.19
C CYS H 747 141.89 -1.34 -0.79
N LEU H 748 142.08 -1.08 -2.07
CA LEU H 748 141.35 -1.75 -3.15
C LEU H 748 142.33 -2.41 -4.09
N ASP H 749 142.17 -3.71 -4.31
CA ASP H 749 142.88 -4.43 -5.36
C ASP H 749 141.87 -4.92 -6.36
N LEU H 750 142.00 -4.46 -7.61
CA LEU H 750 141.05 -4.82 -8.65
C LEU H 750 141.35 -6.15 -9.31
N SER H 751 142.52 -6.73 -9.05
CA SER H 751 142.87 -7.99 -9.68
C SER H 751 142.15 -9.17 -9.03
N VAL H 752 142.06 -9.16 -7.70
CA VAL H 752 141.54 -10.34 -7.00
C VAL H 752 140.10 -10.62 -7.36
N PRO H 753 139.15 -9.66 -7.25
CA PRO H 753 139.19 -8.37 -6.56
C PRO H 753 139.03 -8.48 -5.06
N SER H 754 139.50 -7.46 -4.34
CA SER H 754 139.47 -7.48 -2.88
C SER H 754 139.43 -6.06 -2.36
N ILE H 755 138.71 -5.86 -1.26
CA ILE H 755 138.68 -4.61 -0.52
C ILE H 755 139.04 -4.90 0.92
N SER H 756 139.96 -4.12 1.49
CA SER H 756 140.45 -4.37 2.83
C SER H 756 140.55 -3.06 3.60
N PHE H 757 140.57 -3.17 4.92
CA PHE H 757 140.60 -2.02 5.81
C PHE H 757 141.64 -2.23 6.90
N ARG H 758 142.14 -1.10 7.40
CA ARG H 758 142.95 -1.06 8.62
C ARG H 758 142.40 0.06 9.49
N ILE H 759 142.42 -0.16 10.80
CA ILE H 759 141.93 0.81 11.77
C ILE H 759 143.10 1.25 12.62
N ASN H 760 143.40 2.56 12.59
CA ASN H 760 144.50 3.13 13.37
C ASN H 760 145.79 2.34 13.15
N GLY H 761 145.99 1.90 11.91
CA GLY H 761 147.14 1.11 11.56
C GLY H 761 147.04 -0.36 11.92
N CYS H 762 145.90 -0.79 12.46
CA CYS H 762 145.71 -2.18 12.86
C CYS H 762 144.86 -2.92 11.82
N PRO H 763 145.18 -4.18 11.53
CA PRO H 763 144.41 -4.91 10.52
C PRO H 763 142.97 -5.11 10.95
N VAL H 764 142.08 -5.10 9.96
CA VAL H 764 140.68 -5.47 10.15
C VAL H 764 140.50 -6.87 9.57
N GLN H 765 140.07 -7.80 10.42
CA GLN H 765 140.05 -9.21 10.08
C GLN H 765 138.81 -9.58 9.27
N GLY H 766 138.66 -8.89 8.15
CA GLY H 766 137.58 -9.19 7.21
C GLY H 766 137.84 -8.51 5.89
N VAL H 767 137.28 -9.09 4.83
CA VAL H 767 137.51 -8.58 3.48
C VAL H 767 136.28 -8.82 2.62
N PHE H 768 136.08 -7.91 1.68
CA PHE H 768 135.17 -8.08 0.56
C PHE H 768 135.97 -8.59 -0.63
N GLU H 769 135.42 -9.55 -1.35
CA GLU H 769 136.09 -10.09 -2.52
C GLU H 769 135.06 -10.61 -3.51
N ALA H 770 135.56 -10.99 -4.70
CA ALA H 770 134.74 -11.64 -5.71
C ALA H 770 133.49 -10.82 -6.02
N PHE H 771 133.64 -9.51 -6.11
CA PHE H 771 132.51 -8.65 -6.43
C PHE H 771 132.55 -8.21 -7.89
N ASN H 772 131.45 -7.64 -8.33
CA ASN H 772 131.30 -7.26 -9.73
C ASN H 772 132.22 -6.11 -10.08
N LEU H 773 132.75 -6.14 -11.30
CA LEU H 773 133.65 -5.10 -11.81
C LEU H 773 133.05 -4.38 -13.02
N ASP H 774 131.73 -4.20 -13.03
CA ASP H 774 131.06 -3.69 -14.22
C ASP H 774 131.32 -2.20 -14.41
N GLY H 775 131.68 -1.50 -13.34
CA GLY H 775 131.83 -0.05 -13.42
C GLY H 775 133.12 0.48 -12.84
N LEU H 776 133.09 1.74 -12.41
CA LEU H 776 134.25 2.39 -11.80
C LEU H 776 134.00 2.55 -10.31
N PHE H 777 135.05 2.35 -9.52
CA PHE H 777 134.99 2.46 -8.08
C PHE H 777 135.52 3.81 -7.63
N PHE H 778 134.87 4.39 -6.62
CA PHE H 778 135.33 5.64 -6.04
C PHE H 778 135.30 5.56 -4.52
N PRO H 779 136.18 6.28 -3.84
CA PRO H 779 136.06 6.41 -2.39
C PRO H 779 134.77 7.12 -2.03
N VAL H 780 134.20 6.75 -0.89
CA VAL H 780 132.94 7.31 -0.46
C VAL H 780 132.81 7.21 1.05
N VAL H 781 132.17 8.22 1.64
CA VAL H 781 131.82 8.21 3.05
C VAL H 781 130.35 8.59 3.16
N SER H 782 129.60 7.80 3.91
CA SER H 782 128.19 8.06 4.17
C SER H 782 128.05 8.46 5.62
N PHE H 783 127.25 9.49 5.88
CA PHE H 783 127.18 10.04 7.22
C PHE H 783 125.82 10.68 7.45
N SER H 784 125.49 10.82 8.72
CA SER H 784 124.38 11.62 9.19
C SER H 784 124.92 12.89 9.83
N ALA H 785 124.02 13.71 10.35
CA ALA H 785 124.43 14.94 11.00
C ALA H 785 125.19 14.64 12.29
N GLY H 786 126.21 15.43 12.54
CA GLY H 786 127.07 15.26 13.69
C GLY H 786 128.45 14.73 13.40
N VAL H 787 129.00 15.01 12.21
CA VAL H 787 130.25 14.41 11.78
C VAL H 787 131.17 15.48 11.21
N LYS H 788 132.46 15.38 11.53
CA LYS H 788 133.53 16.04 10.80
C LYS H 788 134.57 15.00 10.46
N VAL H 789 134.87 14.86 9.17
CA VAL H 789 135.82 13.87 8.69
C VAL H 789 136.73 14.52 7.67
N ARG H 790 137.87 13.86 7.43
CA ARG H 790 138.84 14.36 6.48
C ARG H 790 139.33 13.22 5.60
N PHE H 791 139.13 13.40 4.29
CA PHE H 791 139.72 12.54 3.28
C PHE H 791 141.20 12.85 3.15
N LEU H 792 142.03 11.82 3.25
CA LEU H 792 143.46 11.87 2.99
C LEU H 792 143.74 11.00 1.77
N LEU H 793 144.17 11.63 0.69
CA LEU H 793 144.33 10.95 -0.59
C LEU H 793 145.77 10.87 -1.06
N GLY H 794 146.70 11.58 -0.42
CA GLY H 794 148.10 11.48 -0.77
C GLY H 794 148.68 12.77 -1.31
N GLY H 795 149.99 12.92 -1.16
CA GLY H 795 150.65 14.10 -1.67
C GLY H 795 150.09 15.36 -1.06
N ARG H 796 149.87 16.37 -1.92
CA ARG H 796 149.37 17.65 -1.46
C ARG H 796 147.93 17.55 -1.00
N HIS H 797 147.14 16.63 -1.56
CA HIS H 797 145.72 16.61 -1.28
C HIS H 797 145.42 15.90 0.03
N GLY H 798 146.43 15.25 0.62
CA GLY H 798 146.29 14.67 1.94
C GLY H 798 147.52 13.88 2.33
N GLU H 799 147.93 14.01 3.59
CA GLU H 799 149.12 13.32 4.08
C GLU H 799 148.70 12.07 4.84
N PHE H 800 149.13 10.92 4.35
CA PHE H 800 148.81 9.66 5.00
C PHE H 800 149.48 9.59 6.36
N LYS H 801 148.76 9.00 7.32
CA LYS H 801 149.32 8.75 8.64
C LYS H 801 149.96 7.39 8.74
N PHE H 802 149.46 6.43 7.97
CA PHE H 802 150.01 5.07 7.93
C PHE H 802 150.43 4.77 6.50
N LEU H 803 151.59 4.14 6.36
CA LEU H 803 152.16 3.94 5.05
C LEU H 803 151.29 2.99 4.23
N PRO H 804 151.00 3.31 2.98
CA PRO H 804 150.24 2.38 2.13
C PRO H 804 150.97 1.06 1.96
N PRO H 805 150.25 -0.04 1.83
CA PRO H 805 150.92 -1.31 1.58
C PRO H 805 151.57 -1.31 0.20
N PRO H 806 152.55 -2.18 -0.02
CA PRO H 806 153.27 -2.16 -1.29
C PRO H 806 152.34 -2.33 -2.49
N GLY H 807 152.60 -1.55 -3.53
CA GLY H 807 151.87 -1.66 -4.77
C GLY H 807 150.55 -0.95 -4.82
N TYR H 808 150.13 -0.32 -3.73
CA TYR H 808 148.84 0.37 -3.66
C TYR H 808 149.08 1.87 -3.86
N ALA H 809 148.59 2.39 -4.96
CA ALA H 809 148.85 3.79 -5.30
C ALA H 809 147.92 4.70 -4.50
N PRO H 810 148.41 5.87 -4.10
CA PRO H 810 147.51 6.87 -3.52
C PRO H 810 146.46 7.31 -4.52
N CYS H 811 145.25 7.54 -4.01
CA CYS H 811 144.13 7.86 -4.88
C CYS H 811 144.26 9.22 -5.54
N HIS H 812 145.14 10.10 -5.04
CA HIS H 812 145.33 11.40 -5.67
C HIS H 812 145.97 11.26 -7.05
N GLU H 813 146.62 10.14 -7.32
CA GLU H 813 147.25 9.90 -8.61
C GLU H 813 146.23 9.63 -9.72
N ALA H 814 144.96 9.44 -9.37
CA ALA H 814 143.94 9.07 -10.34
C ALA H 814 143.17 10.27 -10.89
N VAL H 815 143.38 11.46 -10.36
CA VAL H 815 142.67 12.63 -10.87
C VAL H 815 143.02 12.82 -12.33
N LEU H 816 142.00 13.01 -13.15
CA LEU H 816 142.20 13.05 -14.59
C LEU H 816 142.78 14.41 -15.00
N PRO H 817 143.45 14.45 -16.15
CA PRO H 817 144.09 15.71 -16.57
C PRO H 817 143.12 16.87 -16.72
N ARG H 818 141.92 16.61 -17.23
CA ARG H 818 140.97 17.69 -17.48
C ARG H 818 140.31 18.20 -16.20
N GLU H 819 140.20 17.34 -15.19
CA GLU H 819 139.53 17.69 -13.95
C GLU H 819 140.53 18.02 -12.86
N ARG H 820 139.99 18.57 -11.77
CA ARG H 820 140.75 18.86 -10.56
C ARG H 820 140.07 18.19 -9.38
N LEU H 821 140.86 17.77 -8.40
CA LEU H 821 140.31 17.02 -7.28
C LEU H 821 139.29 17.86 -6.54
N ARG H 822 138.15 17.23 -6.21
CA ARG H 822 137.07 17.90 -5.51
C ARG H 822 136.22 16.86 -4.81
N LEU H 823 135.46 17.32 -3.83
CA LEU H 823 134.49 16.49 -3.13
C LEU H 823 133.09 16.88 -3.58
N GLU H 824 132.32 15.90 -4.02
CA GLU H 824 131.04 16.13 -4.65
C GLU H 824 130.02 15.15 -4.11
N PRO H 825 128.74 15.49 -4.15
CA PRO H 825 127.70 14.49 -3.85
C PRO H 825 127.54 13.52 -5.02
N ILE H 826 126.68 12.53 -4.80
CA ILE H 826 126.47 11.45 -5.75
C ILE H 826 125.04 11.50 -6.25
N LYS H 827 124.89 11.64 -7.56
CA LYS H 827 123.59 11.61 -8.24
C LYS H 827 122.58 12.52 -7.52
N GLU H 828 122.94 13.80 -7.48
CA GLU H 828 122.08 14.81 -6.88
C GLU H 828 121.12 15.37 -7.90
N TYR H 829 119.88 15.58 -7.49
CA TYR H 829 118.88 16.25 -8.30
C TYR H 829 118.59 17.65 -7.81
N ARG H 830 119.41 18.17 -6.90
CA ARG H 830 119.11 19.43 -6.23
C ARG H 830 120.41 20.00 -5.67
N ARG H 831 120.56 21.31 -5.82
CA ARG H 831 121.67 22.03 -5.21
C ARG H 831 121.20 23.42 -4.83
N GLU H 832 122.01 24.10 -4.01
CA GLU H 832 121.72 25.48 -3.68
C GLU H 832 122.36 26.42 -4.70
N GLY H 833 121.81 27.63 -4.79
CA GLY H 833 122.38 28.64 -5.65
C GLY H 833 121.93 30.04 -5.25
N PRO H 834 122.57 31.04 -5.85
CA PRO H 834 122.45 32.42 -5.36
C PRO H 834 121.03 32.82 -5.00
N ARG H 835 120.11 32.69 -5.94
CA ARG H 835 118.73 33.08 -5.67
C ARG H 835 117.95 31.97 -4.97
N GLY H 836 118.22 30.71 -5.30
CA GLY H 836 117.42 29.62 -4.81
C GLY H 836 117.97 28.27 -5.17
N PRO H 837 117.19 27.22 -4.93
CA PRO H 837 117.61 25.88 -5.34
C PRO H 837 117.62 25.72 -6.85
N HIS H 838 118.63 25.02 -7.33
CA HIS H 838 118.70 24.60 -8.73
C HIS H 838 118.40 23.12 -8.83
N LEU H 839 117.46 22.79 -9.70
CA LEU H 839 117.21 21.40 -10.08
C LEU H 839 118.25 20.96 -11.10
N VAL H 840 118.74 19.75 -10.92
CA VAL H 840 119.85 19.21 -11.70
C VAL H 840 119.39 17.93 -12.37
N GLY H 841 119.71 17.80 -13.66
CA GLY H 841 119.43 16.57 -14.36
C GLY H 841 120.47 15.51 -14.08
N PRO H 842 120.32 14.38 -14.76
CA PRO H 842 121.28 13.29 -14.59
C PRO H 842 122.69 13.73 -14.96
N SER H 843 123.67 13.09 -14.35
CA SER H 843 125.07 13.41 -14.54
C SER H 843 125.72 12.41 -15.49
N ARG H 844 126.35 12.91 -16.54
CA ARG H 844 127.13 12.05 -17.42
C ARG H 844 128.32 11.49 -16.65
N CYS H 845 128.48 10.16 -16.73
CA CYS H 845 129.50 9.46 -15.96
C CYS H 845 130.31 8.57 -16.89
N LEU H 846 131.57 8.35 -16.51
CA LEU H 846 132.47 7.54 -17.30
C LEU H 846 132.18 6.06 -17.09
N SER H 847 132.78 5.24 -17.94
CA SER H 847 132.68 3.79 -17.86
C SER H 847 134.08 3.19 -17.87
N HIS H 848 134.18 1.99 -17.30
CA HIS H 848 135.48 1.32 -17.23
C HIS H 848 136.04 1.07 -18.63
N THR H 849 135.16 0.97 -19.63
CA THR H 849 135.62 0.74 -21.00
C THR H 849 136.18 2.01 -21.64
N ASP H 850 135.76 3.18 -21.18
CA ASP H 850 136.20 4.42 -21.82
C ASP H 850 137.72 4.55 -21.77
N PHE H 851 138.35 4.07 -20.69
CA PHE H 851 139.79 4.21 -20.56
C PHE H 851 140.53 3.29 -21.52
N VAL H 852 139.87 2.23 -21.97
CA VAL H 852 140.45 1.32 -22.94
C VAL H 852 140.61 2.04 -24.28
N PRO H 853 141.81 2.16 -24.82
CA PRO H 853 141.95 2.73 -26.16
C PRO H 853 141.46 1.75 -27.22
N CYS H 854 140.76 2.29 -28.21
CA CYS H 854 140.16 1.48 -29.28
C CYS H 854 140.52 2.08 -30.63
N PRO H 855 141.77 1.92 -31.05
CA PRO H 855 142.17 2.41 -32.37
C PRO H 855 141.54 1.58 -33.49
N VAL H 856 141.49 2.18 -34.68
CA VAL H 856 140.87 1.52 -35.81
C VAL H 856 141.68 0.29 -36.21
N ASP H 857 141.00 -0.74 -36.68
CA ASP H 857 141.67 -1.96 -37.07
C ASP H 857 142.54 -1.74 -38.30
N THR H 858 143.74 -2.32 -38.27
CA THR H 858 144.68 -2.21 -39.37
C THR H 858 145.41 -3.52 -39.65
N VAL H 859 144.99 -4.62 -39.03
CA VAL H 859 145.74 -5.88 -39.02
C VAL H 859 146.14 -6.28 -40.44
N GLN H 860 145.27 -6.01 -41.42
CA GLN H 860 145.59 -6.30 -42.82
C GLN H 860 146.36 -5.12 -43.40
N ILE H 861 147.62 -5.01 -43.02
CA ILE H 861 148.47 -3.88 -43.40
C ILE H 861 148.99 -4.11 -44.81
N VAL H 862 148.46 -3.38 -45.77
CA VAL H 862 148.94 -3.39 -47.14
C VAL H 862 149.23 -1.96 -47.57
N LEU H 863 150.42 -1.75 -48.14
CA LEU H 863 150.88 -0.42 -48.48
C LEU H 863 151.31 -0.38 -49.94
N PRO H 864 150.76 0.54 -50.74
CA PRO H 864 151.23 0.65 -52.12
C PRO H 864 152.70 1.00 -52.15
N PRO H 865 153.41 0.55 -53.18
CA PRO H 865 154.89 0.73 -53.18
C PRO H 865 155.33 2.16 -53.01
N HIS H 866 154.62 3.12 -53.63
CA HIS H 866 155.03 4.52 -53.50
C HIS H 866 154.90 5.02 -52.07
N LEU H 867 154.07 4.35 -51.26
CA LEU H 867 153.95 4.73 -49.85
C LEU H 867 154.96 3.98 -48.98
N GLU H 868 155.51 2.87 -49.51
CA GLU H 868 156.53 2.14 -48.77
C GLU H 868 157.84 2.91 -48.73
N ARG H 869 158.16 3.62 -49.81
CA ARG H 869 159.38 4.42 -49.85
C ARG H 869 159.25 5.68 -49.01
N ILE H 870 158.05 6.28 -48.98
CA ILE H 870 157.90 7.63 -48.45
C ILE H 870 157.73 7.59 -46.93
N ARG H 871 157.41 6.43 -46.36
CA ARG H 871 157.21 6.35 -44.91
C ARG H 871 158.50 6.66 -44.17
N GLU H 872 159.63 6.16 -44.66
CA GLU H 872 160.90 6.43 -44.00
C GLU H 872 161.25 7.91 -44.07
N LYS H 873 160.95 8.55 -45.21
CA LYS H 873 161.19 9.99 -45.32
C LYS H 873 160.28 10.76 -44.37
N LEU H 874 159.04 10.32 -44.22
CA LEU H 874 158.16 10.93 -43.23
C LEU H 874 158.73 10.77 -41.83
N ALA H 875 159.28 9.59 -41.53
CA ALA H 875 159.94 9.39 -40.24
C ALA H 875 161.08 10.38 -40.04
N GLU H 876 161.91 10.53 -41.07
CA GLU H 876 163.02 11.48 -40.98
C GLU H 876 162.49 12.90 -40.72
N ASN H 877 161.45 13.30 -41.44
CA ASN H 877 160.96 14.68 -41.31
C ASN H 877 160.29 14.92 -39.97
N ILE H 878 159.55 13.93 -39.45
CA ILE H 878 158.93 14.10 -38.14
C ILE H 878 160.00 14.12 -37.05
N HIS H 879 161.05 13.30 -37.21
CA HIS H 879 162.19 13.40 -36.31
C HIS H 879 162.81 14.78 -36.39
N GLU H 880 162.86 15.35 -37.59
CA GLU H 880 163.40 16.69 -37.76
C GLU H 880 162.56 17.73 -37.04
N LEU H 881 161.24 17.65 -37.17
CA LEU H 881 160.36 18.58 -36.47
C LEU H 881 160.46 18.39 -34.96
N TRP H 882 160.63 17.14 -34.52
CA TRP H 882 160.90 16.88 -33.10
C TRP H 882 162.18 17.59 -32.67
N ALA H 883 163.22 17.51 -33.51
CA ALA H 883 164.47 18.19 -33.22
C ALA H 883 164.27 19.70 -33.11
N LEU H 884 163.47 20.28 -34.01
CA LEU H 884 163.17 21.70 -33.90
C LEU H 884 162.45 22.01 -32.60
N THR H 885 161.42 21.24 -32.26
CA THR H 885 160.72 21.49 -31.02
C THR H 885 161.68 21.48 -29.85
N ARG H 886 162.59 20.50 -29.81
CA ARG H 886 163.56 20.43 -28.73
C ARG H 886 164.50 21.63 -28.73
N ILE H 887 165.01 22.02 -29.90
CA ILE H 887 166.03 23.07 -29.95
C ILE H 887 165.42 24.42 -29.57
N GLU H 888 164.23 24.73 -30.08
CA GLU H 888 163.57 25.96 -29.66
C GLU H 888 163.13 25.87 -28.21
N GLN H 889 162.85 24.66 -27.70
CA GLN H 889 162.65 24.50 -26.27
C GLN H 889 163.93 24.72 -25.49
N GLY H 890 165.07 24.73 -26.16
CA GLY H 890 166.34 24.97 -25.53
C GLY H 890 167.18 23.73 -25.28
N TRP H 891 166.82 22.59 -25.86
CA TRP H 891 167.60 21.39 -25.67
C TRP H 891 168.89 21.47 -26.48
N THR H 892 169.81 20.55 -26.19
CA THR H 892 171.12 20.51 -26.82
C THR H 892 171.48 19.06 -27.13
N TYR H 893 172.50 18.89 -27.96
CA TYR H 893 172.91 17.55 -28.34
C TYR H 893 173.23 16.73 -27.10
N GLY H 894 172.65 15.53 -27.03
CA GLY H 894 172.78 14.69 -25.87
C GLY H 894 173.31 13.32 -26.20
N PRO H 895 174.50 12.97 -25.72
CA PRO H 895 174.98 11.59 -25.89
C PRO H 895 174.10 10.58 -25.18
N VAL H 896 173.37 10.99 -24.15
CA VAL H 896 172.49 10.13 -23.39
C VAL H 896 171.18 10.86 -23.14
N ARG H 897 170.06 10.17 -23.32
CA ARG H 897 168.76 10.75 -23.05
C ARG H 897 168.51 10.81 -21.54
N ASP H 898 167.99 11.96 -21.09
CA ASP H 898 167.59 12.15 -19.69
C ASP H 898 166.64 13.34 -19.60
N ASP H 899 165.55 13.22 -18.82
CA ASP H 899 164.43 14.15 -18.79
C ASP H 899 164.85 15.53 -18.31
N ASN H 900 165.45 15.63 -17.12
CA ASN H 900 165.76 16.93 -16.55
C ASN H 900 166.92 17.61 -17.28
N LYS H 901 167.84 16.81 -17.83
CA LYS H 901 169.08 17.39 -18.35
C LYS H 901 168.86 18.18 -19.63
N ARG H 902 167.69 18.06 -20.26
CA ARG H 902 167.43 18.69 -21.55
C ARG H 902 168.34 18.14 -22.63
N LEU H 903 168.40 16.81 -22.75
CA LEU H 903 169.23 16.13 -23.74
C LEU H 903 168.40 15.07 -24.46
N HIS H 904 168.63 14.95 -25.75
CA HIS H 904 167.91 14.01 -26.59
C HIS H 904 168.84 13.45 -27.67
N PRO H 905 169.23 12.18 -27.60
CA PRO H 905 170.14 11.66 -28.63
C PRO H 905 169.55 11.72 -30.02
N CYS H 906 168.23 11.90 -30.13
CA CYS H 906 167.60 11.95 -31.43
C CYS H 906 168.10 13.13 -32.26
N LEU H 907 168.18 14.31 -31.64
CA LEU H 907 168.75 15.46 -32.32
C LEU H 907 170.21 15.19 -32.66
N VAL H 908 170.53 15.25 -33.95
CA VAL H 908 171.90 15.11 -34.42
C VAL H 908 171.90 15.10 -35.95
N ASN H 909 170.96 14.36 -36.54
CA ASN H 909 170.75 14.24 -37.98
C ASN H 909 169.63 13.27 -38.33
N PHE H 910 169.10 13.41 -39.55
CA PHE H 910 167.97 12.57 -39.97
C PHE H 910 168.35 11.11 -40.10
N HIS H 911 169.62 10.83 -40.44
CA HIS H 911 170.08 9.44 -40.44
C HIS H 911 170.70 9.06 -39.11
N SER H 912 171.52 9.96 -38.55
CA SER H 912 172.26 9.64 -37.33
C SER H 912 171.32 9.35 -36.17
N LEU H 913 170.05 9.76 -36.29
CA LEU H 913 169.10 9.53 -35.22
C LEU H 913 168.97 8.03 -34.98
N PRO H 914 168.85 7.59 -33.73
CA PRO H 914 169.15 6.18 -33.42
C PRO H 914 168.11 5.19 -33.95
N GLU H 915 168.60 3.99 -34.25
CA GLU H 915 167.75 2.90 -34.68
C GLU H 915 166.60 2.62 -33.72
N PRO H 916 166.75 2.73 -32.40
CA PRO H 916 165.56 2.58 -31.52
C PRO H 916 164.43 3.52 -31.87
N GLU H 917 164.72 4.81 -32.08
CA GLU H 917 163.67 5.75 -32.46
C GLU H 917 163.13 5.46 -33.85
N ARG H 918 164.00 5.08 -34.79
CA ARG H 918 163.49 4.66 -36.10
C ARG H 918 162.53 3.48 -35.94
N ASN H 919 162.92 2.46 -35.19
CA ASN H 919 162.04 1.31 -34.98
C ASN H 919 160.76 1.71 -34.26
N TYR H 920 160.83 2.76 -33.44
CA TYR H 920 159.62 3.23 -32.77
C TYR H 920 158.67 3.88 -33.77
N ASN H 921 159.19 4.73 -34.65
CA ASN H 921 158.34 5.69 -35.34
C ASN H 921 158.06 5.29 -36.78
N LEU H 922 158.82 4.36 -37.35
CA LEU H 922 158.52 3.84 -38.67
C LEU H 922 157.20 3.07 -38.66
N GLN H 923 157.00 2.27 -37.63
CA GLN H 923 155.72 1.59 -37.47
C GLN H 923 154.58 2.59 -37.29
N MET H 924 154.86 3.71 -36.63
CA MET H 924 153.85 4.75 -36.48
C MET H 924 153.49 5.37 -37.81
N SER H 925 154.49 5.68 -38.63
CA SER H 925 154.21 6.20 -39.96
C SER H 925 153.44 5.19 -40.79
N GLY H 926 153.80 3.92 -40.69
CA GLY H 926 153.05 2.89 -41.39
C GLY H 926 151.61 2.82 -40.93
N GLU H 927 151.39 2.95 -39.62
CA GLU H 927 150.02 2.98 -39.09
C GLU H 927 149.27 4.19 -39.62
N THR H 928 149.93 5.34 -39.70
CA THR H 928 149.29 6.53 -40.26
C THR H 928 148.83 6.27 -41.69
N LEU H 929 149.73 5.75 -42.53
CA LEU H 929 149.37 5.50 -43.92
C LEU H 929 148.25 4.46 -44.01
N LYS H 930 148.35 3.39 -43.24
CA LYS H 930 147.32 2.36 -43.27
C LYS H 930 145.98 2.88 -42.80
N THR H 931 145.99 3.80 -41.84
CA THR H 931 144.74 4.44 -41.43
C THR H 931 144.19 5.29 -42.56
N LEU H 932 145.03 6.11 -43.19
CA LEU H 932 144.56 6.88 -44.33
C LEU H 932 143.90 5.97 -45.36
N LEU H 933 144.43 4.76 -45.52
CA LEU H 933 143.80 3.79 -46.41
C LEU H 933 142.47 3.28 -45.85
N ALA H 934 142.44 2.95 -44.56
CA ALA H 934 141.25 2.38 -43.94
C ALA H 934 140.07 3.33 -44.05
N LEU H 935 140.31 4.60 -43.78
CA LEU H 935 139.32 5.65 -43.90
C LEU H 935 138.67 5.70 -45.28
N GLY H 936 139.28 5.08 -46.29
CA GLY H 936 138.79 5.15 -47.64
C GLY H 936 139.41 6.26 -48.46
N CYS H 937 140.31 7.04 -47.89
CA CYS H 937 141.04 8.03 -48.67
C CYS H 937 141.97 7.32 -49.65
N HIS H 938 142.04 7.85 -50.87
CA HIS H 938 142.90 7.29 -51.90
C HIS H 938 144.15 8.15 -52.01
N VAL H 939 145.30 7.50 -51.89
CA VAL H 939 146.59 8.19 -51.91
C VAL H 939 147.40 7.61 -53.05
N GLY H 940 147.82 8.46 -53.98
CA GLY H 940 148.69 8.06 -55.05
C GLY H 940 149.58 9.21 -55.47
N MET H 941 150.52 8.89 -56.36
CA MET H 941 151.48 9.87 -56.84
C MET H 941 150.78 10.81 -57.81
N ALA H 942 150.18 11.87 -57.27
CA ALA H 942 149.45 12.80 -58.12
C ALA H 942 150.38 13.61 -59.01
N ASP H 943 151.51 14.08 -58.48
CA ASP H 943 152.41 14.96 -59.22
C ASP H 943 153.86 14.64 -58.92
N GLU H 944 154.57 14.08 -59.91
CA GLU H 944 156.00 13.79 -59.75
C GLU H 944 156.81 15.07 -59.57
N LYS H 945 156.31 16.18 -60.09
CA LYS H 945 157.01 17.45 -59.97
C LYS H 945 157.11 17.92 -58.53
N ALA H 946 156.11 17.60 -57.69
CA ALA H 946 156.16 18.01 -56.30
C ALA H 946 157.32 17.34 -55.57
N GLU H 947 157.50 16.04 -55.79
CA GLU H 947 158.68 15.34 -55.26
C GLU H 947 159.97 15.91 -55.85
N ASP H 948 160.01 16.08 -57.18
CA ASP H 948 161.25 16.48 -57.84
C ASP H 948 161.72 17.85 -57.36
N ASN H 949 160.82 18.83 -57.34
CA ASN H 949 161.12 20.18 -56.89
C ASN H 949 160.21 20.53 -55.72
N LEU H 950 160.79 21.13 -54.68
CA LEU H 950 160.01 21.49 -53.51
C LEU H 950 160.63 22.70 -52.83
N LYS H 951 159.79 23.47 -52.16
CA LYS H 951 160.26 24.64 -51.45
C LYS H 951 161.17 24.24 -50.30
N LYS H 952 162.35 24.86 -50.26
CA LYS H 952 163.39 24.46 -49.33
C LYS H 952 163.43 25.43 -48.17
N THR H 953 162.89 25.02 -47.03
CA THR H 953 162.85 25.90 -45.89
C THR H 953 164.25 26.09 -45.34
N LYS H 954 164.52 27.31 -44.85
CA LYS H 954 165.85 27.70 -44.41
C LYS H 954 165.77 28.29 -43.02
N LEU H 955 166.39 27.63 -42.05
CA LEU H 955 166.44 28.20 -40.71
C LEU H 955 167.33 29.44 -40.74
N PRO H 956 166.93 30.51 -40.06
CA PRO H 956 167.69 31.76 -40.19
C PRO H 956 169.17 31.55 -39.93
N LYS H 957 169.99 32.05 -40.86
CA LYS H 957 171.43 31.90 -40.84
C LYS H 957 172.01 32.36 -39.51
N THR H 958 171.40 33.37 -38.90
CA THR H 958 171.81 33.78 -37.57
C THR H 958 171.69 32.64 -36.56
N TYR H 959 170.63 31.83 -36.69
CA TYR H 959 170.36 30.81 -35.69
C TYR H 959 171.45 29.76 -35.68
N MET H 960 171.51 29.01 -34.59
CA MET H 960 172.60 28.10 -34.26
C MET H 960 172.05 26.91 -33.49
N MET H 961 172.52 25.72 -33.83
CA MET H 961 172.08 24.51 -33.13
C MET H 961 173.27 23.58 -32.92
N SER H 962 173.07 22.61 -32.03
CA SER H 962 174.17 21.73 -31.62
C SER H 962 174.54 20.75 -32.71
N ASN H 963 173.61 20.44 -33.61
CA ASN H 963 173.89 19.59 -34.76
C ASN H 963 174.91 20.22 -35.70
N GLY H 964 174.81 21.52 -35.93
CA GLY H 964 175.55 22.18 -36.99
C GLY H 964 174.93 22.07 -38.39
N TYR H 965 173.71 21.53 -38.53
CA TYR H 965 172.99 21.25 -39.79
C TYR H 965 171.56 21.76 -40.00
N LYS H 966 171.43 22.89 -40.60
CA LYS H 966 170.15 23.59 -40.55
C LYS H 966 169.03 22.71 -41.06
N PRO H 967 167.97 22.48 -40.28
CA PRO H 967 166.84 21.71 -40.81
C PRO H 967 166.29 22.40 -42.05
N ALA H 968 165.42 21.70 -42.77
CA ALA H 968 164.73 22.12 -43.98
C ALA H 968 163.45 21.31 -44.14
N PRO H 969 162.40 21.64 -43.40
CA PRO H 969 161.08 21.08 -43.69
C PRO H 969 160.47 21.76 -44.91
N LEU H 970 159.47 21.10 -45.48
CA LEU H 970 158.80 21.65 -46.65
C LEU H 970 158.07 22.93 -46.29
N ASP H 971 158.47 24.05 -46.90
CA ASP H 971 157.74 25.29 -46.72
C ASP H 971 156.43 25.22 -47.48
N LEU H 972 155.34 25.54 -46.77
CA LEU H 972 153.99 25.28 -47.29
C LEU H 972 153.03 26.42 -47.01
N SER H 973 153.53 27.66 -46.99
CA SER H 973 152.62 28.79 -46.80
C SER H 973 151.66 28.91 -47.98
N HIS H 974 152.05 28.37 -49.13
CA HIS H 974 151.22 28.33 -50.32
C HIS H 974 150.30 27.11 -50.35
N VAL H 975 150.06 26.47 -49.21
CA VAL H 975 149.27 25.26 -49.13
C VAL H 975 148.12 25.49 -48.17
N ARG H 976 146.91 25.13 -48.60
CA ARG H 976 145.69 25.35 -47.84
C ARG H 976 145.03 24.02 -47.54
N LEU H 977 144.84 23.74 -46.26
CA LEU H 977 144.14 22.54 -45.82
C LEU H 977 142.73 22.92 -45.34
N THR H 978 141.73 22.24 -45.87
CA THR H 978 140.35 22.59 -45.60
C THR H 978 139.91 22.05 -44.24
N PRO H 979 138.80 22.58 -43.69
CA PRO H 979 138.33 22.08 -42.39
C PRO H 979 138.03 20.60 -42.40
N ALA H 980 137.61 20.05 -43.54
CA ALA H 980 137.49 18.61 -43.58
C ALA H 980 138.82 18.02 -43.16
N GLN H 981 139.91 18.37 -43.88
CA GLN H 981 141.22 17.79 -43.57
C GLN H 981 141.64 18.07 -42.14
N THR H 982 141.24 19.22 -41.59
CA THR H 982 141.55 19.47 -40.18
C THR H 982 140.85 18.44 -39.28
N THR H 983 139.59 18.14 -39.56
CA THR H 983 138.87 17.14 -38.78
C THR H 983 139.51 15.77 -38.93
N LEU H 984 139.90 15.43 -40.16
CA LEU H 984 140.62 14.18 -40.36
C LEU H 984 141.92 14.16 -39.57
N VAL H 985 142.62 15.29 -39.52
CA VAL H 985 143.84 15.39 -38.71
C VAL H 985 143.53 15.10 -37.25
N ASP H 986 142.44 15.68 -36.75
CA ASP H 986 142.05 15.43 -35.36
C ASP H 986 141.85 13.94 -35.12
N ARG H 987 141.11 13.28 -36.01
CA ARG H 987 140.81 11.87 -35.81
C ARG H 987 142.08 11.02 -35.90
N LEU H 988 142.97 11.34 -36.84
CA LEU H 988 144.22 10.58 -36.95
C LEU H 988 145.11 10.79 -35.72
N ALA H 989 145.15 12.01 -35.18
CA ALA H 989 145.88 12.24 -33.94
C ALA H 989 145.29 11.42 -32.81
N GLU H 990 143.96 11.39 -32.71
CA GLU H 990 143.30 10.53 -31.74
C GLU H 990 143.77 9.08 -31.88
N ASN H 991 143.74 8.57 -33.11
CA ASN H 991 144.13 7.18 -33.34
C ASN H 991 145.59 6.94 -32.99
N GLY H 992 146.46 7.87 -33.35
CA GLY H 992 147.88 7.70 -33.08
C GLY H 992 148.15 7.65 -31.59
N HIS H 993 147.53 8.57 -30.85
CA HIS H 993 147.68 8.56 -29.41
C HIS H 993 147.15 7.26 -28.82
N ASN H 994 146.02 6.78 -29.33
CA ASN H 994 145.44 5.55 -28.80
C ASN H 994 146.31 4.34 -29.13
N VAL H 995 146.93 4.32 -30.30
CA VAL H 995 147.83 3.23 -30.65
C VAL H 995 149.04 3.24 -29.73
N TRP H 996 149.62 4.42 -29.54
CA TRP H 996 150.71 4.57 -28.58
C TRP H 996 150.29 4.03 -27.22
N ALA H 997 149.07 4.38 -26.79
CA ALA H 997 148.60 3.98 -25.47
C ALA H 997 148.46 2.47 -25.37
N ARG H 998 147.86 1.83 -26.38
CA ARG H 998 147.68 0.39 -26.33
C ARG H 998 149.02 -0.33 -26.33
N ASP H 999 149.96 0.14 -27.17
CA ASP H 999 151.27 -0.49 -27.20
C ASP H 999 151.98 -0.35 -25.86
N ARG H 1000 151.92 0.84 -25.27
CA ARG H 1000 152.64 1.09 -24.03
C ARG H 1000 152.00 0.34 -22.87
N VAL H 1001 150.67 0.17 -22.92
CA VAL H 1001 149.99 -0.65 -21.93
C VAL H 1001 150.39 -2.11 -22.07
N ALA H 1002 150.39 -2.62 -23.31
CA ALA H 1002 150.85 -3.98 -23.54
C ALA H 1002 152.25 -4.17 -22.98
N GLN H 1003 153.09 -3.14 -23.10
CA GLN H 1003 154.35 -3.16 -22.36
C GLN H 1003 154.12 -3.24 -20.86
N GLY H 1004 153.14 -2.49 -20.33
CA GLY H 1004 152.78 -2.58 -18.94
C GLY H 1004 152.68 -1.27 -18.19
N TRP H 1005 152.76 -0.13 -18.90
CA TRP H 1005 152.64 1.16 -18.24
C TRP H 1005 151.22 1.38 -17.75
N SER H 1006 151.06 2.38 -16.89
CA SER H 1006 149.74 2.76 -16.40
C SER H 1006 149.64 4.27 -16.25
N TYR H 1007 148.43 4.73 -15.97
CA TYR H 1007 148.18 6.15 -15.81
C TYR H 1007 148.53 6.61 -14.40
N SER H 1008 148.95 7.86 -14.29
CA SER H 1008 149.25 8.48 -13.01
C SER H 1008 149.35 9.98 -13.21
N ALA H 1009 148.64 10.74 -12.39
CA ALA H 1009 148.75 12.20 -12.45
C ALA H 1009 150.18 12.65 -12.20
N VAL H 1010 150.95 11.84 -11.48
CA VAL H 1010 152.34 12.13 -11.19
C VAL H 1010 153.21 11.17 -12.00
N GLN H 1011 154.16 11.73 -12.75
CA GLN H 1011 154.98 10.93 -13.64
C GLN H 1011 156.02 10.17 -12.84
N ASP H 1012 156.10 8.85 -13.07
CA ASP H 1012 157.11 8.00 -12.46
C ASP H 1012 157.52 6.96 -13.50
N ILE H 1013 158.76 7.04 -13.98
CA ILE H 1013 159.23 6.18 -15.06
C ILE H 1013 159.58 4.81 -14.50
N PRO H 1014 160.35 4.71 -13.42
CA PRO H 1014 160.64 3.36 -12.87
C PRO H 1014 159.40 2.56 -12.55
N ALA H 1015 158.37 3.21 -12.01
CA ALA H 1015 157.08 2.58 -11.80
C ALA H 1015 156.29 2.45 -13.10
N ARG H 1016 156.76 3.08 -14.18
CA ARG H 1016 156.13 2.97 -15.49
C ARG H 1016 154.72 3.56 -15.42
N ARG H 1017 154.66 4.80 -14.94
CA ARG H 1017 153.44 5.56 -14.77
C ARG H 1017 153.58 6.87 -15.52
N ASN H 1018 152.56 7.23 -16.28
CA ASN H 1018 152.61 8.41 -17.12
C ASN H 1018 151.32 9.20 -16.93
N PRO H 1019 151.36 10.53 -17.02
CA PRO H 1019 150.10 11.30 -17.05
C PRO H 1019 149.45 11.37 -18.41
N ARG H 1020 149.88 10.53 -19.36
CA ARG H 1020 149.31 10.52 -20.69
C ARG H 1020 148.85 9.16 -21.17
N LEU H 1021 149.05 8.10 -20.38
CA LEU H 1021 148.42 6.82 -20.71
C LEU H 1021 146.93 6.95 -20.42
N VAL H 1022 146.26 7.72 -21.26
CA VAL H 1022 144.80 7.88 -21.21
C VAL H 1022 144.32 8.18 -22.62
N PRO H 1023 143.23 7.54 -23.05
CA PRO H 1023 142.75 7.77 -24.41
C PRO H 1023 142.50 9.24 -24.68
N TYR H 1024 142.51 9.56 -25.99
CA TYR H 1024 142.62 10.94 -26.42
C TYR H 1024 141.52 11.82 -25.82
N ARG H 1025 140.30 11.29 -25.71
CA ARG H 1025 139.18 12.11 -25.28
C ARG H 1025 139.46 12.75 -23.92
N LEU H 1026 140.02 11.98 -23.00
CA LEU H 1026 140.32 12.50 -21.67
C LEU H 1026 141.59 13.34 -21.65
N LEU H 1027 142.33 13.39 -22.76
CA LEU H 1027 143.61 14.05 -22.77
C LEU H 1027 143.45 15.56 -22.56
N ASP H 1028 144.49 16.17 -22.00
CA ASP H 1028 144.49 17.61 -21.78
C ASP H 1028 144.55 18.36 -23.11
N GLU H 1029 144.07 19.60 -23.08
CA GLU H 1029 144.00 20.39 -24.31
C GLU H 1029 145.39 20.70 -24.85
N ALA H 1030 146.37 20.89 -23.95
CA ALA H 1030 147.73 21.18 -24.40
C ALA H 1030 148.28 20.04 -25.25
N THR H 1031 148.20 18.81 -24.73
CA THR H 1031 148.69 17.66 -25.47
C THR H 1031 147.86 17.43 -26.72
N LYS H 1032 146.54 17.63 -26.61
CA LYS H 1032 145.69 17.53 -27.79
C LYS H 1032 146.19 18.44 -28.90
N ARG H 1033 146.46 19.71 -28.56
CA ARG H 1033 146.92 20.67 -29.56
C ARG H 1033 148.28 20.29 -30.09
N SER H 1034 149.17 19.82 -29.23
CA SER H 1034 150.51 19.45 -29.68
C SER H 1034 150.44 18.34 -30.73
N ASN H 1035 149.72 17.25 -30.40
CA ASN H 1035 149.61 16.14 -31.35
C ASN H 1035 148.89 16.58 -32.62
N ARG H 1036 147.84 17.39 -32.46
CA ARG H 1036 147.08 17.87 -33.61
C ARG H 1036 147.97 18.66 -34.55
N ASP H 1037 148.79 19.56 -34.00
CA ASP H 1037 149.69 20.36 -34.82
C ASP H 1037 150.72 19.49 -35.52
N SER H 1038 151.33 18.56 -34.77
CA SER H 1038 152.34 17.70 -35.38
C SER H 1038 151.75 16.95 -36.57
N LEU H 1039 150.57 16.36 -36.39
CA LEU H 1039 150.01 15.55 -37.45
C LEU H 1039 149.46 16.42 -38.57
N CYS H 1040 149.00 17.63 -38.26
CA CYS H 1040 148.57 18.55 -39.31
C CYS H 1040 149.74 18.91 -40.21
N GLN H 1041 150.91 19.15 -39.62
CA GLN H 1041 152.10 19.40 -40.42
C GLN H 1041 152.52 18.16 -41.18
N ALA H 1042 152.27 16.98 -40.63
CA ALA H 1042 152.51 15.76 -41.40
C ALA H 1042 151.64 15.72 -42.65
N VAL H 1043 150.36 16.07 -42.51
CA VAL H 1043 149.45 16.10 -43.66
C VAL H 1043 149.87 17.18 -44.63
N ARG H 1044 150.34 18.32 -44.11
CA ARG H 1044 150.82 19.38 -44.98
C ARG H 1044 152.03 18.91 -45.78
N THR H 1045 152.94 18.17 -45.14
CA THR H 1045 154.08 17.60 -45.86
C THR H 1045 153.61 16.62 -46.93
N LEU H 1046 152.60 15.82 -46.63
CA LEU H 1046 152.08 14.90 -47.64
C LEU H 1046 151.48 15.66 -48.81
N LEU H 1047 150.77 16.76 -48.55
CA LEU H 1047 150.21 17.53 -49.66
C LEU H 1047 151.30 18.25 -50.44
N GLY H 1048 152.40 18.61 -49.76
CA GLY H 1048 153.56 19.11 -50.48
C GLY H 1048 154.16 18.05 -51.38
N TYR H 1049 154.20 16.80 -50.91
CA TYR H 1049 154.49 15.67 -51.78
C TYR H 1049 153.47 15.59 -52.91
N GLY H 1050 152.27 16.12 -52.70
CA GLY H 1050 151.25 16.21 -53.72
C GLY H 1050 150.31 15.03 -53.78
N TYR H 1051 150.52 14.00 -52.96
CA TYR H 1051 149.59 12.89 -52.92
C TYR H 1051 148.19 13.41 -52.64
N ASN H 1052 147.22 12.95 -53.44
CA ASN H 1052 145.85 13.42 -53.28
C ASN H 1052 145.27 12.93 -51.96
N ILE H 1053 144.39 13.75 -51.39
CA ILE H 1053 143.69 13.42 -50.15
C ILE H 1053 142.20 13.39 -50.46
N GLU H 1054 141.57 12.25 -50.21
CA GLU H 1054 140.14 12.10 -50.40
C GLU H 1054 139.46 11.95 -49.05
N PRO H 1055 138.82 12.99 -48.51
CA PRO H 1055 138.16 12.84 -47.22
C PRO H 1055 136.97 11.91 -47.32
N PRO H 1056 136.79 11.02 -46.36
CA PRO H 1056 135.63 10.13 -46.40
C PRO H 1056 134.35 10.85 -46.01
N ASP H 1057 133.24 10.32 -46.51
CA ASP H 1057 131.93 10.87 -46.17
C ASP H 1057 131.65 10.72 -44.68
N GLN H 1058 131.06 11.75 -44.08
CA GLN H 1058 130.75 11.72 -42.66
C GLN H 1058 129.79 10.57 -42.36
N GLU H 1059 130.11 9.79 -41.34
CA GLU H 1059 129.30 8.64 -40.94
C GLU H 1059 128.76 8.85 -39.53
N PRO H 1060 127.49 9.21 -39.35
CA PRO H 1060 126.97 9.43 -38.01
C PRO H 1060 126.88 8.14 -37.20
N SER H 1061 126.93 8.30 -35.88
CA SER H 1061 126.79 7.18 -34.96
C SER H 1061 126.14 7.69 -33.67
N GLN H 1062 125.59 6.75 -32.90
CA GLN H 1062 124.91 7.06 -31.65
C GLN H 1062 125.70 6.44 -30.50
N VAL H 1063 126.02 7.28 -29.50
CA VAL H 1063 126.91 6.84 -28.43
C VAL H 1063 126.23 5.83 -27.52
N GLU H 1064 124.97 6.08 -27.16
CA GLU H 1064 124.24 5.23 -26.22
C GLU H 1064 124.97 5.17 -24.88
N ASN H 1065 125.37 6.33 -24.37
CA ASN H 1065 126.10 6.36 -23.10
C ASN H 1065 125.21 5.95 -21.93
N GLN H 1066 124.01 6.51 -21.86
CA GLN H 1066 123.10 6.26 -20.75
C GLN H 1066 121.80 5.65 -21.26
N SER H 1067 121.00 5.16 -20.31
CA SER H 1067 119.70 4.62 -20.65
C SER H 1067 118.68 5.73 -20.87
N ARG H 1068 117.59 5.37 -21.56
CA ARG H 1068 116.50 6.31 -21.80
C ARG H 1068 116.06 6.95 -20.49
N TRP H 1069 115.92 6.13 -19.45
CA TRP H 1069 115.40 6.62 -18.18
C TRP H 1069 116.46 7.39 -17.42
N ASP H 1070 117.70 6.92 -17.46
CA ASP H 1070 118.81 7.60 -16.81
C ASP H 1070 119.14 8.92 -17.47
N ARG H 1071 118.59 9.20 -18.64
CA ARG H 1071 118.86 10.46 -19.33
C ARG H 1071 118.02 11.63 -18.83
N VAL H 1072 116.71 11.44 -18.67
CA VAL H 1072 115.79 12.54 -18.42
C VAL H 1072 115.20 12.43 -17.03
N ARG H 1073 115.17 13.57 -16.33
CA ARG H 1073 114.57 13.69 -15.01
C ARG H 1073 113.46 14.73 -15.07
N ILE H 1074 112.28 14.37 -14.56
CA ILE H 1074 111.10 15.23 -14.59
C ILE H 1074 110.77 15.67 -13.18
N PHE H 1075 110.59 16.97 -12.99
CA PHE H 1075 110.14 17.55 -11.73
C PHE H 1075 108.80 18.21 -11.95
N ARG H 1076 107.83 17.87 -11.11
CA ARG H 1076 106.49 18.45 -11.21
C ARG H 1076 106.03 18.88 -9.83
N ALA H 1077 105.02 19.75 -9.82
CA ALA H 1077 104.39 20.10 -8.55
C ALA H 1077 103.51 18.95 -8.07
N GLU H 1078 103.23 18.95 -6.77
CA GLU H 1078 102.38 17.91 -6.21
C GLU H 1078 100.95 18.06 -6.73
N LYS H 1079 100.26 16.93 -6.83
CA LYS H 1079 98.93 16.92 -7.42
C LYS H 1079 97.95 17.81 -6.65
N SER H 1080 98.17 17.95 -5.34
CA SER H 1080 97.26 18.74 -4.53
C SER H 1080 97.18 20.19 -5.00
N TYR H 1081 98.23 20.67 -5.66
CA TYR H 1081 98.29 22.04 -6.15
C TYR H 1081 97.62 22.20 -7.50
N THR H 1082 96.87 21.20 -7.95
CA THR H 1082 96.25 21.26 -9.26
C THR H 1082 95.26 22.43 -9.31
N VAL H 1083 95.30 23.17 -10.41
CA VAL H 1083 94.43 24.32 -10.64
C VAL H 1083 93.54 24.02 -11.83
N GLN H 1084 92.23 24.16 -11.64
CA GLN H 1084 91.26 23.99 -12.70
C GLN H 1084 90.69 25.32 -13.19
N SER H 1085 91.22 26.44 -12.72
CA SER H 1085 90.67 27.73 -13.11
C SER H 1085 91.69 28.82 -12.83
N GLY H 1086 91.55 29.93 -13.55
CA GLY H 1086 92.30 31.13 -13.28
C GLY H 1086 93.42 31.36 -14.28
N ARG H 1087 94.20 32.39 -13.98
CA ARG H 1087 95.37 32.77 -14.76
C ARG H 1087 96.60 32.59 -13.88
N TRP H 1088 97.53 31.76 -14.31
CA TRP H 1088 98.68 31.40 -13.49
C TRP H 1088 99.98 31.62 -14.25
N TYR H 1089 101.00 32.05 -13.52
CA TYR H 1089 102.30 32.41 -14.05
C TYR H 1089 103.39 31.75 -13.22
N PHE H 1090 104.43 31.26 -13.90
CA PHE H 1090 105.63 30.82 -13.18
C PHE H 1090 106.83 30.94 -14.12
N GLU H 1091 108.03 30.87 -13.52
CA GLU H 1091 109.26 31.16 -14.24
C GLU H 1091 110.19 29.96 -14.16
N PHE H 1092 110.94 29.73 -15.22
CA PHE H 1092 111.98 28.70 -15.28
C PHE H 1092 113.23 29.29 -15.90
N GLU H 1093 114.27 29.43 -15.09
CA GLU H 1093 115.55 29.97 -15.54
C GLU H 1093 116.46 28.82 -15.94
N ALA H 1094 117.02 28.90 -17.14
CA ALA H 1094 117.89 27.87 -17.67
C ALA H 1094 119.34 28.27 -17.45
N VAL H 1095 120.03 27.59 -16.54
CA VAL H 1095 121.44 27.86 -16.34
C VAL H 1095 122.27 27.29 -17.49
N THR H 1096 121.74 26.28 -18.17
CA THR H 1096 122.38 25.68 -19.34
C THR H 1096 121.54 25.98 -20.58
N THR H 1097 122.09 25.62 -21.73
CA THR H 1097 121.42 25.81 -23.01
C THR H 1097 121.02 24.48 -23.65
N GLY H 1098 121.02 23.40 -22.88
CA GLY H 1098 120.76 22.08 -23.42
C GLY H 1098 119.31 21.68 -23.30
N GLU H 1099 119.09 20.37 -23.38
CA GLU H 1099 117.74 19.82 -23.38
C GLU H 1099 117.03 20.05 -22.05
N MET H 1100 116.10 20.99 -22.05
CA MET H 1100 115.20 21.17 -20.93
C MET H 1100 113.84 21.57 -21.49
N ARG H 1101 112.80 21.06 -20.85
CA ARG H 1101 111.43 21.34 -21.27
C ARG H 1101 110.68 21.89 -20.07
N VAL H 1102 109.83 22.89 -20.31
CA VAL H 1102 109.08 23.52 -19.24
C VAL H 1102 107.65 23.75 -19.69
N GLY H 1103 106.70 23.52 -18.79
CA GLY H 1103 105.31 23.73 -19.14
C GLY H 1103 104.32 23.24 -18.12
N TRP H 1104 103.15 22.83 -18.61
CA TRP H 1104 102.04 22.42 -17.76
C TRP H 1104 101.68 20.98 -18.05
N ALA H 1105 101.44 20.21 -16.99
CA ALA H 1105 101.18 18.78 -17.10
C ALA H 1105 99.93 18.41 -16.31
N ARG H 1106 99.30 17.33 -16.74
CA ARG H 1106 98.16 16.79 -16.05
C ARG H 1106 98.62 15.88 -14.91
N PRO H 1107 97.81 15.71 -13.87
CA PRO H 1107 98.27 15.00 -12.68
C PRO H 1107 98.68 13.55 -12.92
N GLU H 1108 98.27 12.96 -14.05
CA GLU H 1108 98.59 11.59 -14.38
C GLU H 1108 99.81 11.47 -15.29
N LEU H 1109 100.63 12.51 -15.33
CA LEU H 1109 101.83 12.48 -16.15
C LEU H 1109 102.69 11.27 -15.78
N ARG H 1110 103.03 10.47 -16.79
CA ARG H 1110 103.89 9.33 -16.55
C ARG H 1110 105.35 9.75 -16.50
N PRO H 1111 106.11 9.29 -15.50
CA PRO H 1111 107.51 9.71 -15.40
C PRO H 1111 108.37 9.20 -16.54
N ASP H 1112 108.04 8.01 -17.05
CA ASP H 1112 108.89 7.37 -18.05
C ASP H 1112 108.81 8.08 -19.39
N VAL H 1113 107.61 8.55 -19.76
CA VAL H 1113 107.43 9.18 -21.06
C VAL H 1113 108.06 10.57 -21.07
N GLU H 1114 108.60 10.94 -22.22
CA GLU H 1114 109.16 12.27 -22.39
C GLU H 1114 108.04 13.30 -22.50
N LEU H 1115 108.28 14.49 -21.96
CA LEU H 1115 107.24 15.50 -21.88
C LEU H 1115 106.78 15.92 -23.28
N GLY H 1116 105.46 15.92 -23.49
CA GLY H 1116 104.87 16.41 -24.71
C GLY H 1116 104.69 15.36 -25.78
N ALA H 1117 105.36 14.22 -25.66
CA ALA H 1117 105.11 13.13 -26.60
C ALA H 1117 103.67 12.66 -26.53
N ASP H 1118 103.13 12.60 -25.32
CA ASP H 1118 101.73 12.26 -25.11
C ASP H 1118 100.90 13.53 -24.90
N GLU H 1119 99.60 13.33 -24.72
CA GLU H 1119 98.67 14.42 -24.46
C GLU H 1119 98.77 14.97 -23.06
N LEU H 1120 99.50 14.30 -22.16
CA LEU H 1120 99.44 14.64 -20.75
C LEU H 1120 100.15 15.95 -20.44
N ALA H 1121 100.99 16.43 -21.35
CA ALA H 1121 101.79 17.62 -21.09
C ALA H 1121 101.79 18.55 -22.29
N TYR H 1122 101.82 19.84 -21.99
CA TYR H 1122 102.03 20.90 -22.96
C TYR H 1122 103.27 21.66 -22.53
N VAL H 1123 104.36 21.52 -23.30
CA VAL H 1123 105.66 22.03 -22.86
C VAL H 1123 106.36 22.76 -24.00
N PHE H 1124 107.42 23.46 -23.63
CA PHE H 1124 108.28 24.18 -24.56
C PHE H 1124 109.71 23.68 -24.35
N ASN H 1125 110.37 23.35 -25.47
CA ASN H 1125 111.77 22.96 -25.48
C ASN H 1125 112.55 23.99 -26.29
N GLY H 1126 113.24 24.88 -25.59
CA GLY H 1126 113.95 25.95 -26.28
C GLY H 1126 115.15 25.46 -27.07
N HIS H 1127 115.84 24.42 -26.58
CA HIS H 1127 117.07 23.99 -27.22
C HIS H 1127 116.93 23.95 -28.74
N ARG H 1128 115.76 23.53 -29.23
CA ARG H 1128 115.45 23.52 -30.64
C ARG H 1128 114.34 24.48 -31.01
N GLY H 1129 113.80 25.22 -30.05
CA GLY H 1129 112.67 26.09 -30.31
C GLY H 1129 111.45 25.30 -30.75
N GLN H 1130 110.91 24.49 -29.84
CA GLN H 1130 109.82 23.59 -30.14
C GLN H 1130 108.74 23.70 -29.09
N ARG H 1131 107.51 23.43 -29.50
CA ARG H 1131 106.38 23.27 -28.59
C ARG H 1131 105.91 21.83 -28.70
N TRP H 1132 105.81 21.15 -27.57
CA TRP H 1132 105.50 19.73 -27.54
C TRP H 1132 104.13 19.50 -26.92
N HIS H 1133 103.26 18.87 -27.70
CA HIS H 1133 102.02 18.25 -27.20
C HIS H 1133 101.59 17.24 -28.24
N LEU H 1134 101.66 15.96 -27.91
CA LEU H 1134 101.37 14.89 -28.86
C LEU H 1134 102.25 15.02 -30.10
N GLY H 1135 103.50 15.41 -29.89
CA GLY H 1135 104.45 15.62 -30.95
C GLY H 1135 105.12 16.98 -30.85
N SER H 1136 106.07 17.20 -31.74
CA SER H 1136 106.87 18.41 -31.76
C SER H 1136 106.47 19.30 -32.92
N GLU H 1137 106.37 20.60 -32.65
CA GLU H 1137 106.13 21.61 -33.67
C GLU H 1137 107.09 22.76 -33.38
N PRO H 1138 107.67 23.37 -34.42
CA PRO H 1138 108.54 24.52 -34.16
C PRO H 1138 107.78 25.64 -33.48
N PHE H 1139 108.45 26.27 -32.52
CA PHE H 1139 107.83 27.35 -31.77
C PHE H 1139 108.90 28.06 -30.97
N GLY H 1140 108.92 29.38 -31.05
CA GLY H 1140 109.85 30.10 -30.22
C GLY H 1140 111.29 29.80 -30.60
N ARG H 1141 112.19 30.50 -29.93
CA ARG H 1141 113.62 30.46 -30.21
C ARG H 1141 114.36 29.90 -29.03
N PRO H 1142 115.54 29.31 -29.26
CA PRO H 1142 116.34 28.80 -28.15
C PRO H 1142 116.76 29.90 -27.20
N TRP H 1143 116.86 29.54 -25.92
CA TRP H 1143 117.41 30.44 -24.94
C TRP H 1143 118.93 30.39 -24.95
N GLN H 1144 119.53 31.36 -24.27
CA GLN H 1144 120.94 31.35 -23.90
C GLN H 1144 121.04 31.17 -22.39
N SER H 1145 122.25 30.93 -21.92
CA SER H 1145 122.47 30.73 -20.50
C SER H 1145 121.99 31.94 -19.70
N GLY H 1146 121.25 31.67 -18.63
CA GLY H 1146 120.71 32.71 -17.78
C GLY H 1146 119.34 33.21 -18.18
N ASP H 1147 118.81 32.74 -19.30
CA ASP H 1147 117.49 33.19 -19.74
C ASP H 1147 116.41 32.65 -18.83
N VAL H 1148 115.29 33.37 -18.80
CA VAL H 1148 114.12 33.00 -18.00
C VAL H 1148 112.93 32.82 -18.94
N VAL H 1149 112.28 31.67 -18.83
CA VAL H 1149 111.08 31.38 -19.59
C VAL H 1149 109.88 31.52 -18.66
N GLY H 1150 108.95 32.38 -19.05
CA GLY H 1150 107.73 32.58 -18.31
C GLY H 1150 106.61 31.77 -18.91
N CYS H 1151 106.08 30.84 -18.12
CA CYS H 1151 104.98 29.97 -18.54
C CYS H 1151 103.70 30.48 -17.92
N MET H 1152 102.69 30.67 -18.75
CA MET H 1152 101.43 31.29 -18.38
C MET H 1152 100.30 30.38 -18.86
N ILE H 1153 99.30 30.19 -18.01
CA ILE H 1153 98.12 29.40 -18.36
C ILE H 1153 96.88 30.20 -18.02
N ASP H 1154 95.99 30.36 -19.00
CA ASP H 1154 94.72 31.05 -18.83
C ASP H 1154 93.61 30.03 -19.04
N LEU H 1155 92.96 29.61 -17.95
CA LEU H 1155 91.93 28.60 -18.07
C LEU H 1155 90.55 29.18 -18.35
N THR H 1156 90.39 30.50 -18.24
CA THR H 1156 89.16 31.14 -18.71
C THR H 1156 89.10 31.13 -20.24
N GLU H 1157 90.19 31.56 -20.88
CA GLU H 1157 90.30 31.55 -22.33
C GLU H 1157 90.83 30.24 -22.89
N ASN H 1158 91.29 29.33 -22.02
CA ASN H 1158 91.78 28.02 -22.44
C ASN H 1158 92.98 28.18 -23.38
N THR H 1159 94.03 28.80 -22.86
CA THR H 1159 95.23 29.05 -23.64
C THR H 1159 96.47 28.87 -22.78
N ILE H 1160 97.59 28.57 -23.43
CA ILE H 1160 98.89 28.49 -22.80
C ILE H 1160 99.83 29.43 -23.55
N ILE H 1161 100.57 30.23 -22.81
CA ILE H 1161 101.45 31.26 -23.37
C ILE H 1161 102.85 31.05 -22.82
N PHE H 1162 103.84 31.26 -23.67
CA PHE H 1162 105.24 31.20 -23.28
C PHE H 1162 105.93 32.50 -23.64
N THR H 1163 106.79 32.96 -22.72
CA THR H 1163 107.56 34.17 -22.91
C THR H 1163 109.02 33.88 -22.63
N LEU H 1164 109.90 34.62 -23.30
CA LEU H 1164 111.33 34.53 -23.07
C LEU H 1164 111.87 35.91 -22.75
N ASN H 1165 112.37 36.08 -21.52
CA ASN H 1165 112.94 37.34 -21.07
C ASN H 1165 111.96 38.48 -21.30
N GLY H 1166 110.69 38.24 -20.99
CA GLY H 1166 109.66 39.24 -21.12
C GLY H 1166 109.10 39.40 -22.52
N GLU H 1167 109.51 38.57 -23.46
CA GLU H 1167 109.05 38.65 -24.84
C GLU H 1167 108.22 37.41 -25.16
N VAL H 1168 107.01 37.64 -25.64
CA VAL H 1168 106.07 36.56 -25.91
C VAL H 1168 106.56 35.80 -27.14
N LEU H 1169 106.86 34.52 -26.97
CA LEU H 1169 107.27 33.70 -28.10
C LEU H 1169 106.09 33.44 -29.02
N MET H 1170 106.36 33.43 -30.32
CA MET H 1170 105.35 33.20 -31.33
C MET H 1170 105.76 32.03 -32.21
N SER H 1171 104.75 31.33 -32.73
CA SER H 1171 105.00 30.24 -33.66
C SER H 1171 105.47 30.79 -35.00
N ASP H 1172 105.59 29.90 -35.98
CA ASP H 1172 105.94 30.31 -37.34
C ASP H 1172 104.69 30.85 -38.04
N SER H 1173 104.05 31.78 -37.35
CA SER H 1173 102.81 32.40 -37.78
C SER H 1173 102.55 33.59 -36.86
N GLY H 1174 101.35 34.17 -36.95
CA GLY H 1174 100.97 35.25 -36.08
C GLY H 1174 100.42 34.81 -34.75
N SER H 1175 100.40 33.49 -34.51
CA SER H 1175 99.83 32.98 -33.27
C SER H 1175 100.68 33.40 -32.08
N GLU H 1176 100.04 34.08 -31.14
CA GLU H 1176 100.70 34.51 -29.91
C GLU H 1176 100.58 33.47 -28.80
N THR H 1177 99.90 32.36 -29.06
CA THR H 1177 99.66 31.32 -28.08
C THR H 1177 100.23 30.00 -28.58
N ALA H 1178 100.96 29.31 -27.70
CA ALA H 1178 101.52 28.01 -28.08
C ALA H 1178 100.43 26.98 -28.32
N PHE H 1179 99.42 26.96 -27.45
CA PHE H 1179 98.35 25.98 -27.52
C PHE H 1179 97.01 26.64 -27.26
N ARG H 1180 95.98 26.13 -27.93
CA ARG H 1180 94.63 26.66 -27.80
C ARG H 1180 93.66 25.50 -27.65
N GLU H 1181 92.42 25.86 -27.30
CA GLU H 1181 91.33 24.89 -27.15
C GLU H 1181 91.68 23.77 -26.17
N ILE H 1182 92.38 24.12 -25.10
CA ILE H 1182 92.68 23.15 -24.06
C ILE H 1182 91.41 22.82 -23.29
N GLU H 1183 91.35 21.59 -22.79
CA GLU H 1183 90.26 21.14 -21.93
C GLU H 1183 90.79 21.05 -20.51
N ILE H 1184 90.09 21.71 -19.59
CA ILE H 1184 90.55 21.77 -18.20
C ILE H 1184 90.60 20.36 -17.60
N GLY H 1185 89.49 19.63 -17.71
CA GLY H 1185 89.47 18.26 -17.22
C GLY H 1185 89.89 18.18 -15.78
N ASP H 1186 90.77 17.22 -15.49
CA ASP H 1186 91.26 17.05 -14.12
C ASP H 1186 92.02 18.29 -13.66
N GLY H 1187 92.83 18.87 -14.52
CA GLY H 1187 93.54 20.10 -14.22
C GLY H 1187 94.92 20.09 -14.81
N PHE H 1188 95.73 21.04 -14.38
CA PHE H 1188 97.10 21.20 -14.88
C PHE H 1188 98.04 21.46 -13.72
N LEU H 1189 99.31 21.12 -13.92
CA LEU H 1189 100.34 21.31 -12.92
C LEU H 1189 101.60 21.82 -13.58
N PRO H 1190 102.37 22.66 -12.90
CA PRO H 1190 103.68 23.05 -13.44
C PRO H 1190 104.65 21.88 -13.44
N VAL H 1191 105.44 21.79 -14.52
CA VAL H 1191 106.33 20.68 -14.76
C VAL H 1191 107.53 21.16 -15.55
N CYS H 1192 108.63 20.44 -15.35
CA CYS H 1192 109.87 20.69 -16.09
C CYS H 1192 110.60 19.36 -16.21
N SER H 1193 111.47 19.26 -17.21
CA SER H 1193 112.33 18.11 -17.40
C SER H 1193 113.71 18.59 -17.78
N LEU H 1194 114.73 17.98 -17.18
CA LEU H 1194 116.13 18.33 -17.39
C LEU H 1194 116.84 17.11 -17.95
N GLY H 1195 117.60 17.31 -19.03
CA GLY H 1195 118.45 16.26 -19.53
C GLY H 1195 119.77 16.21 -18.80
N PRO H 1196 120.64 15.33 -19.26
CA PRO H 1196 121.96 15.22 -18.63
C PRO H 1196 122.73 16.53 -18.72
N GLY H 1197 123.39 16.86 -17.61
CA GLY H 1197 124.19 18.07 -17.58
C GLY H 1197 123.41 19.36 -17.64
N GLN H 1198 122.13 19.33 -17.23
CA GLN H 1198 121.25 20.47 -17.33
C GLN H 1198 120.87 20.97 -15.94
N VAL H 1199 120.75 22.29 -15.81
CA VAL H 1199 120.46 22.92 -14.53
C VAL H 1199 119.38 23.98 -14.75
N GLY H 1200 118.35 23.95 -13.91
CA GLY H 1200 117.28 24.91 -14.00
C GLY H 1200 116.92 25.45 -12.63
N HIS H 1201 116.17 26.55 -12.64
CA HIS H 1201 115.69 27.19 -11.44
C HIS H 1201 114.21 27.52 -11.63
N LEU H 1202 113.36 26.85 -10.87
CA LEU H 1202 111.91 26.97 -11.01
C LEU H 1202 111.38 27.89 -9.92
N ASN H 1203 110.88 29.05 -10.31
CA ASN H 1203 110.27 30.01 -9.40
C ASN H 1203 108.76 29.98 -9.61
N LEU H 1204 108.05 29.47 -8.62
CA LEU H 1204 106.60 29.38 -8.69
C LEU H 1204 105.90 30.59 -8.08
N GLY H 1205 106.66 31.56 -7.58
CA GLY H 1205 106.11 32.85 -7.19
C GLY H 1205 105.79 33.01 -5.73
N GLN H 1206 106.31 32.13 -4.86
CA GLN H 1206 106.06 32.29 -3.43
C GLN H 1206 106.50 33.67 -2.98
N ASP H 1207 107.64 34.13 -3.50
CA ASP H 1207 108.10 35.49 -3.31
C ASP H 1207 108.02 36.20 -4.65
N VAL H 1208 107.05 37.12 -4.78
CA VAL H 1208 106.80 37.78 -6.06
C VAL H 1208 107.99 38.63 -6.46
N SER H 1209 108.66 39.24 -5.48
CA SER H 1209 109.79 40.11 -5.78
C SER H 1209 110.88 39.38 -6.55
N SER H 1210 110.98 38.07 -6.37
CA SER H 1210 112.01 37.28 -7.04
C SER H 1210 111.66 36.96 -8.49
N LEU H 1211 110.45 37.29 -8.94
CA LEU H 1211 110.04 37.05 -10.32
C LEU H 1211 110.56 38.21 -11.17
N ARG H 1212 111.50 37.91 -12.05
CA ARG H 1212 112.17 38.97 -12.80
C ARG H 1212 111.25 39.59 -13.84
N PHE H 1213 110.48 38.77 -14.57
CA PHE H 1213 109.75 39.22 -15.73
C PHE H 1213 108.24 39.18 -15.54
N PHE H 1214 107.75 39.09 -14.31
CA PHE H 1214 106.31 39.08 -14.08
C PHE H 1214 105.70 40.43 -14.42
N ALA H 1215 106.32 41.52 -13.97
CA ALA H 1215 105.78 42.85 -14.22
C ALA H 1215 105.73 43.16 -15.71
N ILE H 1216 106.77 42.76 -16.45
CA ILE H 1216 106.83 43.07 -17.87
C ILE H 1216 105.71 42.35 -18.62
N CYS H 1217 105.41 41.12 -18.24
CA CYS H 1217 104.36 40.35 -18.88
C CYS H 1217 103.65 39.49 -17.84
N GLY H 1218 102.33 39.63 -17.78
CA GLY H 1218 101.50 38.79 -16.93
C GLY H 1218 100.76 39.55 -15.86
N LEU H 1219 101.44 40.48 -15.20
CA LEU H 1219 100.84 41.21 -14.08
C LEU H 1219 99.64 42.04 -14.56
N GLN H 1220 99.85 42.86 -15.59
CA GLN H 1220 98.75 43.66 -16.11
C GLN H 1220 97.77 42.80 -16.88
N GLU H 1221 98.27 41.71 -17.49
CA GLU H 1221 97.39 40.79 -18.20
C GLU H 1221 96.46 40.05 -17.26
N GLY H 1222 96.74 40.07 -15.95
CA GLY H 1222 95.87 39.49 -14.97
C GLY H 1222 96.31 38.14 -14.44
N PHE H 1223 97.44 37.62 -14.90
CA PHE H 1223 97.94 36.35 -14.42
C PHE H 1223 98.52 36.49 -13.02
N GLU H 1224 98.35 35.44 -12.23
CA GLU H 1224 98.82 35.44 -10.87
C GLU H 1224 99.93 34.41 -10.69
N PRO H 1225 100.89 34.66 -9.82
CA PRO H 1225 101.90 33.64 -9.53
C PRO H 1225 101.27 32.39 -8.94
N PHE H 1226 101.85 31.25 -9.29
CA PHE H 1226 101.25 29.96 -8.90
C PHE H 1226 101.17 29.84 -7.39
N ALA H 1227 102.17 30.35 -6.67
CA ALA H 1227 102.25 30.24 -5.22
C ALA H 1227 102.21 31.59 -4.53
N ILE H 1228 101.37 32.50 -5.03
CA ILE H 1228 101.43 33.89 -4.57
C ILE H 1228 101.18 33.97 -3.06
N ASN H 1229 100.21 33.21 -2.56
CA ASN H 1229 99.82 33.32 -1.17
C ASN H 1229 99.93 31.98 -0.46
N MET H 1230 101.05 31.30 -0.67
CA MET H 1230 101.35 30.05 0.01
C MET H 1230 102.45 30.29 1.03
N GLN H 1231 102.19 29.86 2.27
CA GLN H 1231 103.15 30.03 3.36
CA GLN H 1231 103.16 30.05 3.34
C GLN H 1231 104.38 29.17 3.14
N ARG H 1232 104.19 27.96 2.64
CA ARG H 1232 105.25 27.00 2.45
C ARG H 1232 105.56 26.83 0.97
N PRO H 1233 106.81 26.51 0.62
CA PRO H 1233 107.12 26.27 -0.79
C PRO H 1233 106.35 25.08 -1.33
N VAL H 1234 106.00 25.16 -2.62
CA VAL H 1234 105.27 24.08 -3.26
C VAL H 1234 106.07 22.79 -3.14
N THR H 1235 105.40 21.73 -2.72
CA THR H 1235 106.04 20.43 -2.68
C THR H 1235 106.18 19.87 -4.10
N THR H 1236 107.33 19.30 -4.39
CA THR H 1236 107.65 18.80 -5.71
C THR H 1236 107.84 17.30 -5.67
N TRP H 1237 107.60 16.67 -6.81
CA TRP H 1237 107.90 15.26 -7.02
C TRP H 1237 108.82 15.15 -8.23
N PHE H 1238 109.69 14.15 -8.19
CA PHE H 1238 110.65 13.94 -9.25
C PHE H 1238 110.63 12.49 -9.69
N SER H 1239 110.92 12.30 -10.98
CA SER H 1239 111.05 10.96 -11.53
C SER H 1239 112.34 10.33 -11.05
N LYS H 1240 112.22 9.18 -10.43
CA LYS H 1240 113.33 8.44 -9.85
C LYS H 1240 113.56 7.20 -10.69
N SER H 1241 114.77 7.07 -11.23
CA SER H 1241 115.11 5.97 -12.12
C SER H 1241 115.68 4.81 -11.31
N LEU H 1242 114.93 4.42 -10.28
CA LEU H 1242 115.24 3.26 -9.48
C LEU H 1242 114.17 2.21 -9.78
N PRO H 1243 114.48 1.18 -10.55
CA PRO H 1243 113.44 0.20 -10.92
C PRO H 1243 112.82 -0.43 -9.68
N GLN H 1244 111.49 -0.47 -9.67
CA GLN H 1244 110.73 -1.12 -8.62
C GLN H 1244 109.65 -1.98 -9.23
N PHE H 1245 109.26 -3.01 -8.49
CA PHE H 1245 108.28 -3.99 -8.97
C PHE H 1245 106.88 -3.47 -8.69
N GLU H 1246 106.05 -3.46 -9.72
CA GLU H 1246 104.67 -3.01 -9.61
C GLU H 1246 103.74 -4.03 -10.24
N PRO H 1247 102.50 -4.11 -9.77
CA PRO H 1247 101.55 -5.05 -10.37
C PRO H 1247 101.35 -4.76 -11.84
N VAL H 1248 101.20 -5.83 -12.62
CA VAL H 1248 100.90 -5.65 -14.04
C VAL H 1248 99.53 -4.99 -14.17
N PRO H 1249 99.41 -3.85 -14.84
CA PRO H 1249 98.10 -3.25 -15.02
C PRO H 1249 97.17 -4.18 -15.78
N PRO H 1250 95.89 -4.26 -15.39
CA PRO H 1250 94.97 -5.13 -16.14
C PRO H 1250 94.85 -4.75 -17.60
N GLU H 1251 95.02 -3.47 -17.90
CA GLU H 1251 94.83 -2.93 -19.24
C GLU H 1251 96.14 -2.75 -20.00
N HIS H 1252 97.23 -3.33 -19.51
CA HIS H 1252 98.51 -3.17 -20.17
C HIS H 1252 98.42 -3.68 -21.61
N PRO H 1253 98.76 -2.86 -22.61
CA PRO H 1253 98.51 -3.27 -24.00
C PRO H 1253 99.23 -4.55 -24.42
N HIS H 1254 100.45 -4.77 -23.94
CA HIS H 1254 101.29 -5.84 -24.48
C HIS H 1254 101.29 -7.10 -23.63
N TYR H 1255 101.01 -7.01 -22.33
CA TYR H 1255 101.13 -8.14 -21.43
C TYR H 1255 99.81 -8.40 -20.71
N GLU H 1256 99.42 -9.66 -20.66
CA GLU H 1256 98.23 -10.11 -19.97
C GLU H 1256 98.60 -11.20 -18.97
N VAL H 1257 97.96 -11.17 -17.81
CA VAL H 1257 98.13 -12.20 -16.79
C VAL H 1257 96.78 -12.83 -16.53
N ALA H 1258 96.72 -14.15 -16.65
CA ALA H 1258 95.51 -14.92 -16.40
C ALA H 1258 95.69 -15.77 -15.15
N ARG H 1259 94.74 -15.66 -14.22
CA ARG H 1259 94.73 -16.49 -13.02
C ARG H 1259 93.94 -17.75 -13.33
N MET H 1260 94.63 -18.88 -13.39
CA MET H 1260 94.00 -20.17 -13.64
C MET H 1260 93.67 -20.85 -12.33
N ASP H 1261 92.43 -21.30 -12.21
CA ASP H 1261 92.03 -22.05 -11.02
C ASP H 1261 92.53 -23.49 -11.11
N GLY H 1262 92.90 -24.04 -9.96
CA GLY H 1262 93.46 -25.38 -9.94
C GLY H 1262 92.42 -26.44 -10.24
N THR H 1263 92.83 -27.45 -10.98
CA THR H 1263 92.01 -28.61 -11.28
C THR H 1263 92.55 -29.82 -10.50
N VAL H 1264 91.95 -30.98 -10.75
CA VAL H 1264 92.46 -32.21 -10.15
C VAL H 1264 93.85 -32.52 -10.69
N ASP H 1265 94.04 -32.38 -12.01
CA ASP H 1265 95.31 -32.72 -12.62
C ASP H 1265 96.30 -31.56 -12.52
N THR H 1266 95.81 -30.32 -12.52
CA THR H 1266 96.69 -29.17 -12.56
C THR H 1266 96.56 -28.35 -11.28
N PRO H 1267 97.62 -27.63 -10.90
CA PRO H 1267 97.54 -26.78 -9.72
C PRO H 1267 97.10 -25.38 -10.10
N PRO H 1268 96.93 -24.48 -9.13
CA PRO H 1268 96.70 -23.07 -9.48
C PRO H 1268 97.88 -22.49 -10.23
N CYS H 1269 97.58 -21.58 -11.14
CA CYS H 1269 98.59 -21.06 -12.05
C CYS H 1269 98.31 -19.60 -12.39
N LEU H 1270 99.38 -18.94 -12.82
CA LEU H 1270 99.34 -17.57 -13.32
C LEU H 1270 100.10 -17.53 -14.63
N ARG H 1271 99.38 -17.26 -15.72
CA ARG H 1271 99.95 -17.36 -17.06
C ARG H 1271 100.19 -15.98 -17.63
N LEU H 1272 101.31 -15.82 -18.33
CA LEU H 1272 101.64 -14.59 -19.03
C LEU H 1272 101.39 -14.75 -20.52
N ALA H 1273 100.78 -13.73 -21.12
CA ALA H 1273 100.44 -13.75 -22.54
C ALA H 1273 100.82 -12.42 -23.17
N HIS H 1274 101.44 -12.50 -24.34
CA HIS H 1274 101.75 -11.33 -25.14
C HIS H 1274 100.57 -11.01 -26.04
N ARG H 1275 99.96 -9.84 -25.84
CA ARG H 1275 98.75 -9.47 -26.57
C ARG H 1275 99.03 -9.01 -27.99
N THR H 1276 100.22 -8.48 -28.27
CA THR H 1276 100.54 -7.86 -29.55
C THR H 1276 101.56 -8.66 -30.34
N TRP H 1277 101.74 -9.93 -30.02
CA TRP H 1277 102.77 -10.72 -30.69
C TRP H 1277 102.43 -10.88 -32.16
N GLY H 1278 103.45 -10.91 -32.99
CA GLY H 1278 103.26 -11.04 -34.42
C GLY H 1278 102.47 -9.90 -35.03
N SER H 1279 102.63 -8.69 -34.48
CA SER H 1279 101.92 -7.53 -34.96
C SER H 1279 102.85 -6.33 -34.98
N GLN H 1280 102.59 -5.42 -35.91
CA GLN H 1280 103.31 -4.15 -35.91
C GLN H 1280 102.83 -3.28 -34.75
N ASN H 1281 103.80 -2.65 -34.08
CA ASN H 1281 103.76 -1.97 -32.76
C ASN H 1281 104.02 -2.95 -31.62
N SER H 1282 104.34 -4.22 -31.91
CA SER H 1282 104.63 -5.14 -30.82
C SER H 1282 105.88 -4.72 -30.08
N LEU H 1283 105.83 -4.83 -28.75
CA LEU H 1283 106.93 -4.44 -27.87
C LEU H 1283 107.59 -5.71 -27.36
N VAL H 1284 108.80 -5.98 -27.82
CA VAL H 1284 109.56 -7.15 -27.42
C VAL H 1284 110.80 -6.66 -26.69
N GLU H 1285 110.79 -6.81 -25.37
CA GLU H 1285 111.92 -6.43 -24.53
C GLU H 1285 111.92 -7.33 -23.31
N MET H 1286 113.08 -7.43 -22.67
CA MET H 1286 113.22 -8.30 -21.51
C MET H 1286 112.27 -7.86 -20.41
N LEU H 1287 111.59 -8.82 -19.82
CA LEU H 1287 110.57 -8.58 -18.81
C LEU H 1287 110.98 -9.26 -17.52
N PHE H 1288 111.00 -8.49 -16.44
CA PHE H 1288 111.36 -8.98 -15.12
C PHE H 1288 110.11 -9.05 -14.27
N LEU H 1289 109.77 -10.24 -13.80
CA LEU H 1289 108.54 -10.48 -13.07
C LEU H 1289 108.86 -11.14 -11.74
N ARG H 1290 108.08 -10.79 -10.72
CA ARG H 1290 108.14 -11.51 -9.46
C ARG H 1290 106.72 -11.73 -8.96
N LEU H 1291 106.62 -12.51 -7.90
CA LEU H 1291 105.37 -12.66 -7.18
C LEU H 1291 105.32 -11.68 -6.02
N SER H 1292 104.12 -11.21 -5.71
CA SER H 1292 103.97 -10.12 -4.76
C SER H 1292 104.44 -10.48 -3.36
N LEU H 1293 104.45 -11.76 -3.00
CA LEU H 1293 104.70 -12.13 -1.62
C LEU H 1293 105.99 -12.96 -1.52
N PRO H 1294 106.79 -12.74 -0.47
CA PRO H 1294 108.03 -13.50 -0.31
C PRO H 1294 107.87 -14.71 0.59
N VAL H 1295 108.94 -15.50 0.66
CA VAL H 1295 109.11 -16.53 1.66
C VAL H 1295 110.33 -16.16 2.50
N GLN H 1296 110.21 -16.28 3.81
CA GLN H 1296 111.23 -15.88 4.75
C GLN H 1296 111.84 -17.11 5.40
N PHE H 1297 113.17 -17.18 5.40
CA PHE H 1297 113.86 -18.28 6.04
C PHE H 1297 113.88 -18.09 7.55
N HIS H 1298 114.00 -19.20 8.27
CA HIS H 1298 113.91 -19.17 9.72
C HIS H 1298 115.04 -18.35 10.32
N GLN H 1299 114.79 -17.82 11.51
CA GLN H 1299 115.81 -17.09 12.24
C GLN H 1299 116.99 -17.99 12.56
N HIS H 1300 116.72 -19.23 12.96
CA HIS H 1300 117.76 -20.19 13.34
C HIS H 1300 117.67 -21.40 12.42
N PHE H 1301 118.79 -21.77 11.82
CA PHE H 1301 118.87 -22.96 11.00
C PHE H 1301 119.27 -24.16 11.85
N ARG H 1302 118.74 -25.32 11.48
CA ARG H 1302 118.96 -26.53 12.26
C ARG H 1302 120.43 -26.92 12.26
N CYS H 1303 120.87 -27.48 13.38
CA CYS H 1303 122.27 -27.86 13.52
C CYS H 1303 122.62 -29.02 12.61
N THR H 1304 123.79 -28.93 11.97
CA THR H 1304 124.32 -30.01 11.14
C THR H 1304 125.64 -29.64 10.47
N ASP H 1419 101.91 -44.73 -3.90
CA ASP H 1419 101.79 -44.27 -5.28
C ASP H 1419 101.67 -42.76 -5.37
N ASN H 1420 102.68 -42.06 -4.83
CA ASN H 1420 102.75 -40.60 -4.88
C ASN H 1420 101.74 -39.94 -3.92
N ARG H 1421 101.66 -40.43 -2.67
CA ARG H 1421 100.80 -39.85 -1.66
C ARG H 1421 101.72 -39.34 -0.57
N ASP H 1422 101.49 -38.13 -0.13
CA ASP H 1422 102.34 -37.56 0.90
C ASP H 1422 102.14 -38.32 2.21
N ASP H 1423 103.23 -38.77 2.80
CA ASP H 1423 103.17 -39.26 4.15
C ASP H 1423 102.77 -38.11 5.07
N PRO H 1424 101.69 -38.24 5.86
CA PRO H 1424 101.25 -37.09 6.64
C PRO H 1424 102.32 -36.53 7.56
N GLU H 1425 103.03 -37.38 8.29
CA GLU H 1425 104.00 -36.86 9.24
C GLU H 1425 105.13 -36.13 8.51
N ILE H 1426 105.57 -36.67 7.37
CA ILE H 1426 106.60 -35.99 6.58
C ILE H 1426 106.09 -34.63 6.10
N ILE H 1427 104.90 -34.60 5.50
CA ILE H 1427 104.44 -33.37 4.87
C ILE H 1427 104.07 -32.33 5.91
N LEU H 1428 103.80 -32.75 7.15
CA LEU H 1428 103.51 -31.81 8.22
C LEU H 1428 104.75 -31.36 8.97
N ASN H 1429 105.82 -32.17 8.99
CA ASN H 1429 107.06 -31.80 9.65
C ASN H 1429 108.09 -31.18 8.71
N THR H 1430 107.83 -31.20 7.41
CA THR H 1430 108.83 -30.74 6.46
C THR H 1430 108.93 -29.22 6.46
N THR H 1431 110.13 -28.74 6.10
CA THR H 1431 110.40 -27.31 5.97
C THR H 1431 110.74 -26.94 4.53
N THR H 1432 110.38 -27.78 3.58
CA THR H 1432 110.72 -27.58 2.17
C THR H 1432 109.48 -27.17 1.40
N TYR H 1433 109.65 -26.19 0.52
CA TYR H 1433 108.57 -25.64 -0.27
C TYR H 1433 108.99 -25.57 -1.74
N TYR H 1434 107.99 -25.64 -2.61
CA TYR H 1434 108.20 -25.86 -4.03
C TYR H 1434 107.31 -24.95 -4.83
N TYR H 1435 107.82 -24.48 -5.97
CA TYR H 1435 106.96 -23.95 -7.02
C TYR H 1435 107.59 -24.32 -8.35
N SER H 1436 106.89 -24.03 -9.45
CA SER H 1436 107.45 -24.32 -10.75
C SER H 1436 107.05 -23.27 -11.76
N VAL H 1437 107.76 -23.26 -12.89
CA VAL H 1437 107.49 -22.37 -14.00
C VAL H 1437 107.46 -23.21 -15.26
N ARG H 1438 106.38 -23.10 -16.02
CA ARG H 1438 106.23 -23.78 -17.29
C ARG H 1438 106.52 -22.80 -18.42
N VAL H 1439 107.55 -23.10 -19.19
CA VAL H 1439 107.87 -22.40 -20.43
C VAL H 1439 107.18 -23.14 -21.56
N PHE H 1440 106.22 -22.47 -22.19
CA PHE H 1440 105.43 -23.08 -23.23
C PHE H 1440 106.24 -23.30 -24.49
N ALA H 1441 105.81 -24.26 -25.30
CA ALA H 1441 106.46 -24.52 -26.57
C ALA H 1441 106.38 -23.27 -27.45
N GLY H 1442 107.51 -22.95 -28.09
CA GLY H 1442 107.63 -21.73 -28.85
C GLY H 1442 108.33 -20.61 -28.13
N GLN H 1443 108.47 -20.70 -26.81
CA GLN H 1443 109.20 -19.73 -26.02
C GLN H 1443 110.58 -20.30 -25.72
N GLU H 1444 111.61 -19.65 -26.22
CA GLU H 1444 112.96 -20.19 -26.12
C GLU H 1444 113.40 -20.23 -24.66
N PRO H 1445 113.75 -21.40 -24.13
CA PRO H 1445 114.28 -21.43 -22.75
C PRO H 1445 115.56 -20.63 -22.58
N SER H 1446 116.38 -20.56 -23.62
CA SER H 1446 117.59 -19.76 -23.55
C SER H 1446 117.27 -18.30 -23.27
N CYS H 1447 116.06 -17.88 -23.59
CA CYS H 1447 115.57 -16.53 -23.28
C CYS H 1447 114.77 -16.49 -21.99
N VAL H 1448 115.02 -17.42 -21.07
CA VAL H 1448 114.24 -17.53 -19.84
C VAL H 1448 115.20 -17.76 -18.68
N TRP H 1449 114.97 -17.04 -17.58
CA TRP H 1449 115.67 -17.26 -16.33
C TRP H 1449 114.63 -17.42 -15.23
N VAL H 1450 114.82 -18.43 -14.38
CA VAL H 1450 113.86 -18.79 -13.35
C VAL H 1450 114.58 -18.92 -12.03
N GLY H 1451 113.97 -18.38 -10.97
CA GLY H 1451 114.53 -18.50 -9.63
C GLY H 1451 113.92 -17.54 -8.65
N TRP H 1452 114.76 -16.96 -7.80
CA TRP H 1452 114.32 -16.06 -6.74
C TRP H 1452 115.13 -14.77 -6.80
N VAL H 1453 114.52 -13.69 -6.30
CA VAL H 1453 115.20 -12.40 -6.17
C VAL H 1453 114.91 -11.85 -4.78
N THR H 1454 115.92 -11.22 -4.19
CA THR H 1454 115.73 -10.50 -2.95
C THR H 1454 115.02 -9.17 -3.21
N PRO H 1455 114.47 -8.55 -2.17
CA PRO H 1455 113.76 -7.29 -2.37
C PRO H 1455 114.65 -6.10 -2.71
N ASP H 1456 115.95 -6.35 -2.91
CA ASP H 1456 116.88 -5.30 -3.30
C ASP H 1456 117.28 -5.39 -4.76
N TYR H 1457 116.53 -6.15 -5.57
CA TYR H 1457 116.79 -6.25 -7.00
C TYR H 1457 116.17 -5.05 -7.69
N HIS H 1458 117.01 -4.21 -8.29
CA HIS H 1458 116.57 -3.00 -8.97
C HIS H 1458 117.20 -2.86 -10.34
N GLN H 1459 117.59 -3.97 -10.95
CA GLN H 1459 118.40 -3.95 -12.16
C GLN H 1459 117.51 -4.25 -13.37
N HIS H 1460 117.26 -3.23 -14.18
CA HIS H 1460 116.48 -3.34 -15.40
C HIS H 1460 117.46 -3.37 -16.57
N ASP H 1461 117.88 -4.58 -16.94
CA ASP H 1461 118.93 -4.77 -17.95
C ASP H 1461 118.32 -5.44 -19.17
N MET H 1462 118.27 -4.71 -20.29
CA MET H 1462 117.77 -5.30 -21.53
C MET H 1462 118.63 -6.47 -21.95
N ASN H 1463 119.95 -6.33 -21.83
CA ASN H 1463 120.88 -7.39 -22.20
C ASN H 1463 121.27 -8.18 -20.94
N PHE H 1464 120.26 -8.83 -20.38
CA PHE H 1464 120.43 -9.56 -19.13
C PHE H 1464 121.07 -10.92 -19.38
N ASP H 1465 122.01 -11.27 -18.51
CA ASP H 1465 122.53 -12.62 -18.42
C ASP H 1465 123.01 -12.85 -16.99
N LEU H 1466 123.20 -14.11 -16.64
CA LEU H 1466 123.50 -14.45 -15.26
C LEU H 1466 124.81 -13.86 -14.77
N SER H 1467 125.69 -13.43 -15.69
CA SER H 1467 126.92 -12.78 -15.27
C SER H 1467 126.70 -11.36 -14.76
N LYS H 1468 125.57 -10.75 -15.11
CA LYS H 1468 125.25 -9.42 -14.63
C LYS H 1468 124.72 -9.43 -13.20
N VAL H 1469 124.48 -10.61 -12.63
CA VAL H 1469 123.93 -10.71 -11.29
C VAL H 1469 124.93 -10.17 -10.29
N ARG H 1470 124.46 -9.31 -9.38
CA ARG H 1470 125.33 -8.79 -8.34
C ARG H 1470 125.79 -9.91 -7.43
N ALA H 1471 127.04 -9.82 -7.00
CA ALA H 1471 127.61 -10.85 -6.16
C ALA H 1471 128.75 -10.25 -5.34
N VAL H 1472 128.95 -10.78 -4.14
CA VAL H 1472 130.07 -10.39 -3.31
C VAL H 1472 130.33 -11.52 -2.33
N THR H 1473 131.54 -11.57 -1.80
CA THR H 1473 131.92 -12.56 -0.80
C THR H 1473 132.57 -11.85 0.37
N VAL H 1474 131.97 -12.02 1.55
CA VAL H 1474 132.51 -11.46 2.79
C VAL H 1474 133.26 -12.59 3.48
N THR H 1475 134.56 -12.39 3.68
CA THR H 1475 135.43 -13.41 4.23
C THR H 1475 136.02 -12.92 5.55
N MET H 1476 135.84 -13.72 6.59
CA MET H 1476 136.34 -13.39 7.92
C MET H 1476 137.30 -14.48 8.37
N GLY H 1477 138.48 -14.06 8.83
CA GLY H 1477 139.46 -14.97 9.35
C GLY H 1477 140.06 -14.42 10.63
N ASP H 1478 140.85 -15.25 11.30
CA ASP H 1478 141.51 -14.80 12.51
C ASP H 1478 142.60 -13.79 12.18
N GLU H 1479 143.32 -13.37 13.20
CA GLU H 1479 144.36 -12.36 13.05
C GLU H 1479 145.35 -12.74 11.95
N GLN H 1480 145.69 -14.03 11.86
CA GLN H 1480 146.63 -14.53 10.88
C GLN H 1480 145.93 -15.50 9.94
N GLY H 1481 145.32 -14.94 8.89
CA GLY H 1481 144.68 -15.77 7.89
C GLY H 1481 143.64 -16.69 8.51
N ASN H 1482 143.77 -17.98 8.24
CA ASN H 1482 142.87 -18.99 8.77
C ASN H 1482 141.42 -18.56 8.64
N VAL H 1483 140.95 -18.39 7.40
CA VAL H 1483 139.59 -17.97 7.13
C VAL H 1483 138.63 -18.91 7.86
N HIS H 1484 137.85 -18.35 8.80
CA HIS H 1484 136.89 -19.18 9.51
C HIS H 1484 135.51 -19.11 8.87
N SER H 1485 135.23 -18.06 8.10
CA SER H 1485 133.94 -17.96 7.43
C SER H 1485 134.09 -17.26 6.09
N SER H 1486 133.27 -17.68 5.13
CA SER H 1486 133.18 -17.05 3.82
C SER H 1486 131.74 -17.14 3.36
N LEU H 1487 131.06 -16.00 3.28
CA LEU H 1487 129.65 -15.95 2.91
C LEU H 1487 129.48 -15.23 1.58
N LYS H 1488 128.67 -15.82 0.70
CA LYS H 1488 128.39 -15.26 -0.61
C LYS H 1488 127.03 -14.58 -0.58
N CYS H 1489 126.98 -13.33 -1.02
CA CYS H 1489 125.77 -12.53 -1.03
C CYS H 1489 125.44 -12.13 -2.46
N SER H 1490 124.16 -12.26 -2.81
CA SER H 1490 123.67 -11.91 -4.14
C SER H 1490 122.18 -11.64 -4.05
N ASN H 1491 121.69 -10.74 -4.91
CA ASN H 1491 120.28 -10.40 -4.89
C ASN H 1491 119.46 -11.37 -5.73
N CYS H 1492 120.10 -12.00 -6.71
CA CYS H 1492 119.40 -12.81 -7.71
C CYS H 1492 119.93 -14.23 -7.66
N TYR H 1493 119.02 -15.19 -7.45
CA TYR H 1493 119.33 -16.61 -7.49
C TYR H 1493 118.45 -17.25 -8.55
N MET H 1494 119.06 -17.69 -9.64
CA MET H 1494 118.32 -18.13 -10.80
C MET H 1494 119.10 -19.22 -11.53
N VAL H 1495 118.41 -19.88 -12.45
CA VAL H 1495 119.02 -20.85 -13.36
C VAL H 1495 118.58 -20.50 -14.77
N TRP H 1496 119.48 -20.72 -15.72
CA TRP H 1496 119.21 -20.43 -17.11
C TRP H 1496 118.58 -21.63 -17.79
N GLY H 1497 117.60 -21.36 -18.66
CA GLY H 1497 116.95 -22.45 -19.37
C GLY H 1497 117.87 -23.13 -20.38
N GLY H 1498 118.88 -22.41 -20.84
CA GLY H 1498 119.87 -22.98 -21.73
C GLY H 1498 120.60 -24.12 -21.08
N ASP H 1499 120.81 -24.02 -19.77
CA ASP H 1499 121.49 -25.09 -19.04
C ASP H 1499 120.71 -26.39 -19.07
N PHE H 1500 119.39 -26.32 -19.23
CA PHE H 1500 118.54 -27.51 -19.28
C PHE H 1500 118.19 -27.92 -20.70
N VAL H 1501 118.27 -27.01 -21.66
CA VAL H 1501 118.05 -27.37 -23.05
C VAL H 1501 119.15 -28.33 -23.49
N SER H 1502 118.75 -29.48 -24.02
CA SER H 1502 119.73 -30.41 -24.56
C SER H 1502 120.40 -29.81 -25.80
N PRO H 1503 121.69 -30.03 -25.99
CA PRO H 1503 122.35 -29.43 -27.15
C PRO H 1503 121.82 -30.01 -28.45
N GLY H 1504 121.32 -29.12 -29.32
CA GLY H 1504 120.82 -29.53 -30.61
C GLY H 1504 121.36 -28.68 -31.73
N GLN H 1505 122.02 -29.32 -32.70
CA GLN H 1505 122.57 -28.59 -33.84
C GLN H 1505 121.46 -27.91 -34.64
N GLN H 1506 120.28 -28.50 -34.65
CA GLN H 1506 119.13 -27.95 -35.38
C GLN H 1506 117.86 -28.33 -34.62
N GLY H 1507 116.74 -27.81 -35.09
CA GLY H 1507 115.46 -28.11 -34.44
C GLY H 1507 115.37 -27.52 -33.04
N ARG H 1508 115.80 -26.27 -32.87
CA ARG H 1508 115.78 -25.66 -31.55
C ARG H 1508 114.35 -25.53 -31.04
N ILE H 1509 113.40 -25.29 -31.93
CA ILE H 1509 112.00 -25.23 -31.52
C ILE H 1509 111.54 -26.61 -31.11
N SER H 1510 110.85 -26.69 -29.98
CA SER H 1510 110.39 -27.96 -29.43
C SER H 1510 108.90 -27.90 -29.16
N HIS H 1511 108.20 -28.99 -29.52
CA HIS H 1511 106.79 -29.09 -29.21
C HIS H 1511 106.56 -29.23 -27.71
N THR H 1512 107.54 -29.77 -26.98
CA THR H 1512 107.39 -29.97 -25.56
C THR H 1512 107.53 -28.65 -24.80
N ASP H 1513 107.09 -28.67 -23.54
CA ASP H 1513 107.15 -27.51 -22.66
C ASP H 1513 108.11 -27.80 -21.52
N LEU H 1514 108.93 -26.81 -21.16
CA LEU H 1514 109.94 -27.01 -20.13
C LEU H 1514 109.39 -26.62 -18.77
N VAL H 1515 109.50 -27.51 -17.79
CA VAL H 1515 108.89 -27.30 -16.48
C VAL H 1515 110.02 -27.22 -15.45
N ILE H 1516 110.47 -26.00 -15.17
CA ILE H 1516 111.55 -25.79 -14.21
C ILE H 1516 110.95 -25.69 -12.82
N GLY H 1517 111.47 -26.48 -11.88
CA GLY H 1517 110.98 -26.50 -10.51
C GLY H 1517 112.01 -25.91 -9.57
N CYS H 1518 111.54 -25.20 -8.56
CA CYS H 1518 112.39 -24.54 -7.58
C CYS H 1518 111.97 -24.99 -6.18
N LEU H 1519 112.94 -25.48 -5.41
CA LEU H 1519 112.72 -25.98 -4.06
C LEU H 1519 113.57 -25.18 -3.10
N VAL H 1520 113.02 -24.86 -1.93
CA VAL H 1520 113.76 -24.16 -0.89
C VAL H 1520 113.44 -24.77 0.46
N ASP H 1521 114.47 -25.02 1.25
CA ASP H 1521 114.33 -25.47 2.63
C ASP H 1521 114.51 -24.26 3.52
N LEU H 1522 113.47 -23.91 4.27
CA LEU H 1522 113.48 -22.70 5.09
C LEU H 1522 114.20 -22.89 6.42
N ALA H 1523 114.76 -24.06 6.68
CA ALA H 1523 115.49 -24.32 7.91
C ALA H 1523 116.98 -24.55 7.70
N THR H 1524 117.40 -24.93 6.49
CA THR H 1524 118.81 -25.05 6.16
C THR H 1524 119.28 -23.96 5.21
N GLY H 1525 118.37 -23.14 4.70
CA GLY H 1525 118.75 -22.10 3.76
C GLY H 1525 119.27 -22.63 2.45
N LEU H 1526 118.76 -23.78 2.01
CA LEU H 1526 119.24 -24.44 0.80
C LEU H 1526 118.21 -24.31 -0.31
N MET H 1527 118.69 -24.01 -1.51
CA MET H 1527 117.84 -23.76 -2.67
C MET H 1527 118.32 -24.65 -3.81
N THR H 1528 117.40 -25.43 -4.37
CA THR H 1528 117.71 -26.38 -5.44
C THR H 1528 116.73 -26.20 -6.58
N PHE H 1529 117.10 -26.75 -7.74
CA PHE H 1529 116.31 -26.65 -8.94
C PHE H 1529 116.22 -27.99 -9.65
N THR H 1530 115.13 -28.16 -10.41
CA THR H 1530 114.86 -29.36 -11.18
C THR H 1530 114.48 -28.94 -12.59
N ALA H 1531 114.89 -29.74 -13.58
CA ALA H 1531 114.64 -29.40 -14.98
C ALA H 1531 113.29 -29.93 -15.47
N ASN H 1532 113.11 -31.25 -15.47
CA ASN H 1532 111.83 -31.87 -15.77
C ASN H 1532 111.65 -33.07 -14.83
N GLY H 1533 111.96 -32.88 -13.56
CA GLY H 1533 112.07 -33.97 -12.61
C GLY H 1533 113.48 -34.45 -12.41
N LYS H 1534 114.45 -33.92 -13.15
CA LYS H 1534 115.86 -34.25 -12.99
C LYS H 1534 116.54 -33.15 -12.20
N GLU H 1535 117.29 -33.55 -11.18
CA GLU H 1535 117.91 -32.58 -10.29
C GLU H 1535 118.97 -31.79 -11.05
N SER H 1536 118.91 -30.47 -10.97
CA SER H 1536 119.93 -29.63 -11.56
C SER H 1536 121.16 -29.56 -10.64
N ASN H 1537 122.31 -29.28 -11.26
CA ASN H 1537 123.54 -29.17 -10.49
C ASN H 1537 123.57 -27.89 -9.66
N THR H 1538 122.87 -26.85 -10.10
CA THR H 1538 122.91 -25.58 -9.40
C THR H 1538 122.30 -25.71 -8.02
N PHE H 1539 122.93 -25.06 -7.05
CA PHE H 1539 122.42 -25.01 -5.69
C PHE H 1539 122.90 -23.71 -5.06
N PHE H 1540 122.06 -23.14 -4.20
CA PHE H 1540 122.40 -21.92 -3.48
C PHE H 1540 122.19 -22.12 -1.99
N GLN H 1541 122.97 -21.39 -1.19
CA GLN H 1541 122.80 -21.35 0.25
C GLN H 1541 122.70 -19.90 0.67
N VAL H 1542 121.70 -19.60 1.50
CA VAL H 1542 121.42 -18.23 1.94
C VAL H 1542 121.31 -18.22 3.45
N GLU H 1543 121.49 -17.04 4.03
CA GLU H 1543 121.49 -16.87 5.46
C GLU H 1543 120.08 -16.84 6.02
N PRO H 1544 119.92 -17.09 7.33
CA PRO H 1544 118.59 -17.04 7.94
C PRO H 1544 118.00 -15.63 7.89
N ASN H 1545 116.67 -15.58 7.90
CA ASN H 1545 115.85 -14.37 7.84
C ASN H 1545 115.82 -13.80 6.43
N THR H 1546 116.42 -14.48 5.45
CA THR H 1546 116.38 -13.99 4.09
C THR H 1546 114.97 -14.07 3.53
N LYS H 1547 114.58 -13.02 2.81
CA LYS H 1547 113.29 -12.96 2.12
C LYS H 1547 113.54 -13.13 0.64
N LEU H 1548 112.84 -14.09 0.03
CA LEU H 1548 113.00 -14.37 -1.39
C LEU H 1548 111.65 -14.37 -2.07
N PHE H 1549 111.57 -13.69 -3.20
CA PHE H 1549 110.38 -13.64 -4.03
C PHE H 1549 110.56 -14.56 -5.23
N PRO H 1550 109.57 -15.37 -5.59
CA PRO H 1550 109.65 -16.14 -6.84
C PRO H 1550 109.68 -15.21 -8.05
N ALA H 1551 110.73 -15.32 -8.85
CA ALA H 1551 110.97 -14.39 -9.95
C ALA H 1551 111.27 -15.12 -11.24
N VAL H 1552 110.84 -14.53 -12.34
CA VAL H 1552 111.14 -15.03 -13.69
C VAL H 1552 111.55 -13.86 -14.55
N PHE H 1553 112.67 -13.99 -15.24
CA PHE H 1553 113.14 -13.02 -16.22
C PHE H 1553 113.08 -13.66 -17.59
N VAL H 1554 112.35 -13.03 -18.52
CA VAL H 1554 112.06 -13.68 -19.80
C VAL H 1554 112.09 -12.65 -20.92
N LEU H 1555 112.60 -13.09 -22.07
CA LEU H 1555 112.49 -12.32 -23.31
C LEU H 1555 111.45 -13.00 -24.19
N PRO H 1556 110.27 -12.40 -24.40
CA PRO H 1556 109.19 -13.13 -25.08
C PRO H 1556 109.52 -13.44 -26.53
N THR H 1557 109.38 -14.70 -26.90
CA THR H 1557 109.47 -15.14 -28.29
C THR H 1557 108.18 -15.80 -28.76
N HIS H 1558 107.10 -15.70 -28.00
CA HIS H 1558 105.87 -16.40 -28.31
C HIS H 1558 104.71 -15.69 -27.64
N GLN H 1559 103.50 -15.98 -28.10
CA GLN H 1559 102.32 -15.39 -27.49
C GLN H 1559 102.17 -15.84 -26.04
N ASN H 1560 102.34 -17.14 -25.80
CA ASN H 1560 102.25 -17.72 -24.47
C ASN H 1560 103.67 -17.93 -23.95
N VAL H 1561 104.02 -17.23 -22.88
CA VAL H 1561 105.42 -17.11 -22.48
C VAL H 1561 105.73 -18.07 -21.34
N ILE H 1562 105.09 -17.85 -20.19
CA ILE H 1562 105.40 -18.63 -19.00
C ILE H 1562 104.13 -18.81 -18.16
N GLN H 1563 104.23 -19.76 -17.23
CA GLN H 1563 103.13 -20.08 -16.32
C GLN H 1563 103.73 -20.36 -14.95
N PHE H 1564 103.51 -19.47 -14.00
CA PHE H 1564 103.75 -19.78 -12.61
C PHE H 1564 102.81 -20.89 -12.19
N GLU H 1565 103.36 -21.98 -11.69
CA GLU H 1565 102.60 -23.13 -11.20
C GLU H 1565 102.81 -23.21 -9.70
N LEU H 1566 101.77 -22.89 -8.93
CA LEU H 1566 101.87 -22.85 -7.48
C LEU H 1566 101.40 -24.18 -6.90
N GLY H 1567 102.17 -25.22 -7.22
CA GLY H 1567 101.82 -26.57 -6.84
C GLY H 1567 102.83 -27.19 -5.92
N LYS H 1568 102.68 -28.49 -5.68
CA LYS H 1568 103.52 -29.23 -4.75
C LYS H 1568 104.02 -30.51 -5.40
N GLN H 1569 105.21 -30.92 -4.99
CA GLN H 1569 105.68 -32.26 -5.24
C GLN H 1569 105.43 -33.12 -3.99
N LYS H 1570 105.65 -34.42 -4.14
CA LYS H 1570 105.38 -35.33 -3.04
C LYS H 1570 106.25 -34.97 -1.84
N ASN H 1571 105.64 -34.95 -0.66
CA ASN H 1571 106.31 -34.67 0.60
C ASN H 1571 106.91 -33.27 0.64
N ILE H 1572 106.47 -32.38 -0.24
CA ILE H 1572 106.93 -30.99 -0.26
C ILE H 1572 105.71 -30.09 -0.27
N MET H 1573 105.72 -29.09 0.61
CA MET H 1573 104.59 -28.20 0.76
C MET H 1573 104.62 -27.12 -0.32
N PRO H 1574 103.47 -26.52 -0.63
CA PRO H 1574 103.44 -25.42 -1.60
C PRO H 1574 103.85 -24.09 -0.97
N LEU H 1575 103.94 -23.07 -1.83
CA LEU H 1575 104.38 -21.76 -1.38
C LEU H 1575 103.34 -21.09 -0.49
N SER H 1576 102.06 -21.45 -0.66
CA SER H 1576 101.02 -20.84 0.15
C SER H 1576 101.28 -21.07 1.64
N ALA H 1577 101.72 -22.27 1.99
CA ALA H 1577 102.00 -22.59 3.39
C ALA H 1577 103.08 -21.67 3.94
N ALA H 1578 104.14 -21.44 3.17
CA ALA H 1578 105.22 -20.56 3.63
C ALA H 1578 104.76 -19.11 3.69
N MET H 1579 103.96 -18.68 2.71
CA MET H 1579 103.58 -17.28 2.63
C MET H 1579 102.61 -16.89 3.72
N PHE H 1580 101.68 -17.79 4.07
CA PHE H 1580 100.56 -17.46 4.93
C PHE H 1580 100.59 -18.33 6.17
N LEU H 1581 100.51 -17.68 7.33
CA LEU H 1581 100.59 -18.40 8.60
C LEU H 1581 99.45 -19.39 8.76
N SER H 1582 98.24 -19.00 8.33
CA SER H 1582 97.09 -19.86 8.50
C SER H 1582 97.25 -21.18 7.75
N GLU H 1583 98.09 -21.19 6.71
CA GLU H 1583 98.25 -22.35 5.84
C GLU H 1583 99.57 -23.06 6.05
N ARG H 1584 100.27 -22.80 7.16
CA ARG H 1584 101.54 -23.47 7.43
C ARG H 1584 101.37 -24.98 7.35
N LYS H 1585 100.20 -25.48 7.75
CA LYS H 1585 99.94 -26.92 7.82
C LYS H 1585 98.91 -27.38 6.79
N ASN H 1586 98.66 -26.58 5.76
CA ASN H 1586 97.70 -26.96 4.74
C ASN H 1586 98.45 -27.44 3.51
N PRO H 1587 98.49 -28.75 3.24
CA PRO H 1587 99.16 -29.21 2.02
C PRO H 1587 98.46 -28.78 0.74
N ALA H 1588 97.20 -28.38 0.82
CA ALA H 1588 96.46 -28.05 -0.38
C ALA H 1588 97.03 -26.81 -1.04
N PRO H 1589 97.48 -26.88 -2.29
CA PRO H 1589 97.92 -25.67 -2.98
C PRO H 1589 96.77 -24.70 -3.19
N GLN H 1590 97.08 -23.40 -3.10
CA GLN H 1590 96.09 -22.37 -3.32
C GLN H 1590 96.80 -21.06 -3.66
N CYS H 1591 96.13 -20.21 -4.43
CA CYS H 1591 96.67 -18.93 -4.86
C CYS H 1591 95.74 -17.81 -4.43
N PRO H 1592 95.94 -17.20 -3.27
CA PRO H 1592 95.02 -16.18 -2.80
C PRO H 1592 95.14 -14.90 -3.62
N PRO H 1593 94.17 -13.99 -3.49
CA PRO H 1593 94.17 -12.78 -4.32
C PRO H 1593 95.41 -11.93 -4.14
N ARG H 1594 95.98 -11.86 -2.94
CA ARG H 1594 97.15 -11.03 -2.71
C ARG H 1594 98.30 -11.48 -3.59
N LEU H 1595 98.45 -12.78 -3.81
CA LEU H 1595 99.47 -13.28 -4.71
C LEU H 1595 99.19 -12.81 -6.13
N GLU H 1596 100.11 -12.04 -6.68
CA GLU H 1596 99.91 -11.46 -8.01
C GLU H 1596 101.27 -11.23 -8.65
N VAL H 1597 101.25 -11.11 -9.97
CA VAL H 1597 102.46 -10.89 -10.74
C VAL H 1597 102.80 -9.40 -10.73
N GLN H 1598 104.03 -9.08 -10.37
CA GLN H 1598 104.55 -7.73 -10.40
C GLN H 1598 105.64 -7.65 -11.46
N MET H 1599 105.64 -6.54 -12.19
CA MET H 1599 106.59 -6.32 -13.27
C MET H 1599 107.48 -5.13 -12.94
N LEU H 1600 108.77 -5.27 -13.24
CA LEU H 1600 109.72 -4.22 -12.92
C LEU H 1600 109.48 -2.99 -13.79
N MET H 1601 109.25 -1.84 -13.13
CA MET H 1601 109.13 -0.57 -13.84
C MET H 1601 110.33 0.31 -13.59
N PRO H 1602 110.96 0.81 -14.65
CA PRO H 1602 112.23 1.51 -14.49
C PRO H 1602 112.15 2.76 -13.63
N VAL H 1603 111.06 3.52 -13.72
CA VAL H 1603 110.98 4.84 -13.12
C VAL H 1603 109.70 4.95 -12.30
N SER H 1604 109.77 5.78 -11.26
CA SER H 1604 108.62 6.03 -10.40
C SER H 1604 108.70 7.42 -9.80
N TRP H 1605 107.54 8.00 -9.52
CA TRP H 1605 107.51 9.30 -8.87
C TRP H 1605 107.98 9.20 -7.43
N SER H 1606 108.68 10.22 -6.96
CA SER H 1606 109.13 10.26 -5.57
C SER H 1606 109.07 11.69 -5.06
N ARG H 1607 108.60 11.83 -3.83
CA ARG H 1607 108.49 13.15 -3.23
C ARG H 1607 109.87 13.73 -2.93
N MET H 1608 110.04 15.00 -3.24
CA MET H 1608 111.29 15.69 -2.96
C MET H 1608 111.26 16.23 -1.54
N PRO H 1609 112.27 15.93 -0.71
CA PRO H 1609 112.29 16.47 0.65
C PRO H 1609 112.25 17.98 0.65
N ASN H 1610 111.51 18.53 1.62
CA ASN H 1610 111.40 19.97 1.75
C ASN H 1610 112.72 20.60 2.20
N HIS H 1611 113.48 19.90 3.04
CA HIS H 1611 114.76 20.38 3.52
C HIS H 1611 115.83 19.32 3.26
N PHE H 1612 117.05 19.79 3.05
CA PHE H 1612 118.16 18.92 2.72
C PHE H 1612 119.32 19.18 3.66
N LEU H 1613 120.11 18.14 3.92
CA LEU H 1613 121.25 18.28 4.81
C LEU H 1613 122.25 19.28 4.24
N GLN H 1614 122.79 20.10 5.13
CA GLN H 1614 123.78 21.11 4.77
C GLN H 1614 125.17 20.55 5.05
N VAL H 1615 125.93 20.30 4.00
CA VAL H 1615 127.24 19.67 4.07
C VAL H 1615 128.27 20.70 3.65
N GLU H 1616 129.30 20.89 4.47
CA GLU H 1616 130.38 21.81 4.18
C GLU H 1616 131.59 21.00 3.71
N THR H 1617 132.05 21.28 2.50
CA THR H 1617 133.21 20.63 1.91
C THR H 1617 134.29 21.68 1.70
N ARG H 1618 135.52 21.36 2.10
CA ARG H 1618 136.60 22.32 1.94
C ARG H 1618 137.92 21.57 1.88
N ARG H 1619 138.98 22.31 1.59
CA ARG H 1619 140.35 21.79 1.65
C ARG H 1619 141.03 22.42 2.84
N ALA H 1620 141.16 21.67 3.93
CA ALA H 1620 141.74 22.23 5.14
C ALA H 1620 143.18 22.66 4.92
N GLY H 1621 143.92 21.87 4.16
CA GLY H 1621 145.31 22.18 3.88
C GLY H 1621 145.94 21.03 3.13
N GLU H 1622 147.22 21.21 2.83
CA GLU H 1622 147.94 20.15 2.13
C GLU H 1622 148.09 18.91 3.01
N ARG H 1623 148.48 19.10 4.27
CA ARG H 1623 148.59 17.99 5.20
C ARG H 1623 147.23 17.50 5.65
N LEU H 1624 146.34 18.42 6.01
CA LEU H 1624 145.08 18.06 6.64
C LEU H 1624 144.18 17.30 5.68
N GLY H 1625 144.25 17.60 4.40
CA GLY H 1625 143.40 16.95 3.42
C GLY H 1625 142.09 17.70 3.23
N TRP H 1626 141.14 16.98 2.63
CA TRP H 1626 139.83 17.58 2.39
C TRP H 1626 138.91 17.26 3.56
N ALA H 1627 138.01 18.18 3.87
CA ALA H 1627 137.18 18.09 5.06
C ALA H 1627 135.71 18.15 4.68
N VAL H 1628 134.92 17.27 5.30
CA VAL H 1628 133.48 17.20 5.14
C VAL H 1628 132.86 17.33 6.52
N GLN H 1629 131.88 18.21 6.64
CA GLN H 1629 131.28 18.52 7.93
C GLN H 1629 129.76 18.63 7.79
N CYS H 1630 129.04 17.95 8.69
CA CYS H 1630 127.59 18.07 8.79
C CYS H 1630 127.25 18.17 10.27
N GLN H 1631 126.54 19.23 10.66
CA GLN H 1631 126.28 19.51 12.06
C GLN H 1631 124.79 19.62 12.40
N ASP H 1632 123.94 19.91 11.42
CA ASP H 1632 122.54 20.17 11.70
C ASP H 1632 121.69 18.94 11.39
N PRO H 1633 120.82 18.52 12.32
CA PRO H 1633 120.09 17.27 12.11
C PRO H 1633 118.84 17.46 11.27
N LEU H 1634 118.47 16.39 10.57
CA LEU H 1634 117.21 16.30 9.85
C LEU H 1634 116.59 14.94 10.11
N THR H 1635 115.28 14.90 10.32
CA THR H 1635 114.57 13.68 10.62
C THR H 1635 113.31 13.60 9.77
N MET H 1636 112.93 12.37 9.42
CA MET H 1636 111.75 12.11 8.62
C MET H 1636 110.98 10.96 9.27
N MET H 1637 109.66 11.00 9.08
CA MET H 1637 108.81 9.88 9.45
C MET H 1637 108.71 8.93 8.27
N ALA H 1638 109.00 7.66 8.53
CA ALA H 1638 109.15 6.66 7.48
C ALA H 1638 108.03 5.64 7.57
N LEU H 1639 107.39 5.37 6.44
CA LEU H 1639 106.39 4.32 6.30
C LEU H 1639 107.08 3.11 5.70
N HIS H 1640 107.05 1.98 6.40
CA HIS H 1640 107.81 0.80 6.06
C HIS H 1640 106.86 -0.33 5.66
N ILE H 1641 107.06 -0.88 4.46
CA ILE H 1641 106.33 -2.05 4.02
C ILE H 1641 107.13 -3.28 4.45
N PRO H 1642 106.63 -4.09 5.40
CA PRO H 1642 107.44 -5.23 5.86
C PRO H 1642 107.74 -6.25 4.78
N GLU H 1643 106.78 -6.56 3.92
CA GLU H 1643 106.98 -7.63 2.95
C GLU H 1643 108.01 -7.24 1.90
N GLU H 1644 108.07 -5.96 1.56
CA GLU H 1644 109.02 -5.45 0.57
C GLU H 1644 110.30 -4.90 1.21
N ASN H 1645 110.34 -4.80 2.53
CA ASN H 1645 111.51 -4.29 3.24
C ASN H 1645 112.00 -2.97 2.65
N ARG H 1646 111.06 -2.07 2.39
CA ARG H 1646 111.38 -0.75 1.89
C ARG H 1646 110.60 0.29 2.67
N CYS H 1647 111.07 1.54 2.58
CA CYS H 1647 110.47 2.65 3.29
C CYS H 1647 110.29 3.84 2.36
N MET H 1648 109.29 4.64 2.68
CA MET H 1648 109.05 5.91 2.01
C MET H 1648 108.81 6.98 3.05
N ASP H 1649 108.79 8.23 2.61
CA ASP H 1649 108.31 9.29 3.48
C ASP H 1649 106.79 9.18 3.63
N ILE H 1650 106.31 9.31 4.86
CA ILE H 1650 104.88 9.24 5.09
C ILE H 1650 104.14 10.33 4.34
N LEU H 1651 104.85 11.35 3.87
CA LEU H 1651 104.23 12.44 3.14
C LEU H 1651 103.83 12.07 1.73
N GLU H 1652 104.30 10.93 1.21
CA GLU H 1652 103.85 10.47 -0.10
C GLU H 1652 102.40 9.99 -0.07
N LEU H 1653 101.81 9.84 1.10
CA LEU H 1653 100.43 9.41 1.22
C LEU H 1653 99.46 10.48 0.80
N SER H 1654 99.98 11.66 0.47
CA SER H 1654 99.18 12.70 -0.16
C SER H 1654 98.78 12.31 -1.57
N GLU H 1655 99.65 11.58 -2.28
CA GLU H 1655 99.36 11.11 -3.63
C GLU H 1655 99.05 9.63 -3.67
N ARG H 1656 99.57 8.85 -2.73
CA ARG H 1656 99.25 7.43 -2.62
C ARG H 1656 98.03 7.28 -1.72
N LEU H 1657 96.86 7.30 -2.36
CA LEU H 1657 95.62 7.44 -1.60
C LEU H 1657 95.24 6.16 -0.89
N ASP H 1658 95.42 5.01 -1.54
CA ASP H 1658 95.07 3.74 -0.90
C ASP H 1658 95.86 3.55 0.39
N LEU H 1659 97.15 3.86 0.35
CA LEU H 1659 97.96 3.77 1.55
C LEU H 1659 97.47 4.73 2.63
N GLN H 1660 97.10 5.94 2.24
CA GLN H 1660 96.57 6.89 3.21
C GLN H 1660 95.32 6.36 3.88
N ARG H 1661 94.40 5.80 3.09
CA ARG H 1661 93.18 5.23 3.64
C ARG H 1661 93.50 4.09 4.60
N PHE H 1662 94.36 3.16 4.17
CA PHE H 1662 94.67 2.02 5.02
C PHE H 1662 95.31 2.46 6.32
N HIS H 1663 96.23 3.43 6.27
CA HIS H 1663 96.91 3.87 7.48
C HIS H 1663 95.95 4.65 8.39
N SER H 1664 95.06 5.44 7.81
CA SER H 1664 94.07 6.15 8.62
C SER H 1664 93.18 5.16 9.37
N HIS H 1665 92.72 4.13 8.68
CA HIS H 1665 91.91 3.11 9.36
C HIS H 1665 92.74 2.27 10.33
N THR H 1666 94.03 2.13 10.09
CA THR H 1666 94.91 1.51 11.07
C THR H 1666 94.97 2.34 12.36
N LEU H 1667 95.09 3.66 12.21
CA LEU H 1667 95.06 4.53 13.37
C LEU H 1667 93.71 4.44 14.08
N ARG H 1668 92.64 4.34 13.30
CA ARG H 1668 91.32 4.14 13.88
C ARG H 1668 91.27 2.86 14.70
N LEU H 1669 91.86 1.79 14.19
CA LEU H 1669 91.92 0.54 14.93
C LEU H 1669 92.74 0.69 16.20
N TYR H 1670 93.85 1.43 16.12
CA TYR H 1670 94.66 1.70 17.30
C TYR H 1670 93.84 2.41 18.37
N ARG H 1671 93.03 3.39 17.95
CA ARG H 1671 92.17 4.07 18.90
C ARG H 1671 91.11 3.15 19.46
N ALA H 1672 90.54 2.28 18.61
CA ALA H 1672 89.48 1.38 19.06
C ALA H 1672 90.00 0.39 20.11
N VAL H 1673 91.17 -0.18 19.89
CA VAL H 1673 91.66 -1.20 20.80
C VAL H 1673 92.01 -0.59 22.16
N CYS H 1674 92.43 0.68 22.18
CA CYS H 1674 92.77 1.37 23.41
C CYS H 1674 91.59 2.15 23.98
N ALA H 1675 90.44 2.10 23.32
CA ALA H 1675 89.30 2.92 23.70
C ALA H 1675 88.74 2.51 25.06
N LEU H 1676 88.31 3.52 25.81
CA LEU H 1676 87.46 3.33 26.99
C LEU H 1676 88.16 2.48 28.05
N GLY H 1677 89.40 2.85 28.39
CA GLY H 1677 90.04 2.39 29.61
C GLY H 1677 91.08 1.30 29.44
N ASN H 1678 91.36 0.84 28.22
CA ASN H 1678 92.36 -0.21 28.03
C ASN H 1678 93.75 0.42 28.06
N ASN H 1679 94.15 0.80 29.28
CA ASN H 1679 95.45 1.42 29.48
C ASN H 1679 96.57 0.45 29.14
N ARG H 1680 96.33 -0.85 29.33
CA ARG H 1680 97.31 -1.85 28.92
C ARG H 1680 97.54 -1.83 27.42
N VAL H 1681 96.46 -1.75 26.65
CA VAL H 1681 96.59 -1.65 25.20
C VAL H 1681 97.25 -0.33 24.82
N ALA H 1682 96.98 0.73 25.58
CA ALA H 1682 97.66 1.99 25.33
C ALA H 1682 99.17 1.85 25.51
N HIS H 1683 99.58 1.19 26.58
CA HIS H 1683 101.00 0.94 26.81
C HIS H 1683 101.59 0.13 25.68
N ALA H 1684 100.87 -0.90 25.23
CA ALA H 1684 101.36 -1.71 24.11
C ALA H 1684 101.52 -0.86 22.86
N LEU H 1685 100.55 0.01 22.58
CA LEU H 1685 100.63 0.87 21.42
C LEU H 1685 101.82 1.80 21.50
N CYS H 1686 102.15 2.28 22.70
CA CYS H 1686 103.27 3.21 22.84
C CYS H 1686 104.55 2.65 22.22
N SER H 1687 104.62 1.32 22.06
CA SER H 1687 105.77 0.73 21.37
C SER H 1687 105.70 0.98 19.87
N HIS H 1688 104.50 0.82 19.28
CA HIS H 1688 104.36 0.95 17.84
C HIS H 1688 104.36 2.41 17.40
N VAL H 1689 103.72 3.28 18.17
CA VAL H 1689 103.65 4.71 17.89
C VAL H 1689 104.24 5.40 19.11
N ASP H 1690 105.43 5.98 18.95
CA ASP H 1690 106.14 6.53 20.08
C ASP H 1690 105.81 8.01 20.26
N GLN H 1691 106.20 8.51 21.43
CA GLN H 1691 105.98 9.91 21.78
C GLN H 1691 106.64 10.83 20.77
N ALA H 1692 107.84 10.49 20.33
CA ALA H 1692 108.53 11.32 19.33
C ALA H 1692 107.75 11.37 18.03
N GLN H 1693 107.26 10.21 17.57
CA GLN H 1693 106.47 10.17 16.35
C GLN H 1693 105.25 11.06 16.48
N LEU H 1694 104.53 10.92 17.59
CA LEU H 1694 103.29 11.67 17.78
C LEU H 1694 103.55 13.17 17.80
N LEU H 1695 104.56 13.58 18.56
CA LEU H 1695 104.87 15.00 18.66
C LEU H 1695 105.36 15.57 17.34
N HIS H 1696 106.11 14.78 16.58
CA HIS H 1696 106.52 15.21 15.25
C HIS H 1696 105.32 15.38 14.34
N ALA H 1697 104.37 14.45 14.41
CA ALA H 1697 103.18 14.54 13.57
C ALA H 1697 102.35 15.77 13.92
N LEU H 1698 102.27 16.10 15.22
CA LEU H 1698 101.51 17.27 15.63
C LEU H 1698 102.00 18.51 14.90
N GLU H 1699 103.32 18.67 14.78
CA GLU H 1699 103.86 19.89 14.19
C GLU H 1699 103.92 19.80 12.67
N ASP H 1700 104.04 18.58 12.13
CA ASP H 1700 104.20 18.42 10.69
C ASP H 1700 103.07 19.08 9.93
N ALA H 1701 103.40 20.07 9.09
CA ALA H 1701 102.41 20.78 8.31
C ALA H 1701 102.05 20.10 7.01
N HIS H 1702 102.87 19.13 6.57
CA HIS H 1702 102.69 18.51 5.26
C HIS H 1702 101.91 17.21 5.31
N LEU H 1703 101.50 16.76 6.49
CA LEU H 1703 100.72 15.54 6.57
C LEU H 1703 99.33 15.78 5.97
N PRO H 1704 98.75 14.77 5.33
CA PRO H 1704 97.33 14.84 5.01
C PRO H 1704 96.50 14.98 6.27
N GLY H 1705 95.39 15.71 6.14
CA GLY H 1705 94.53 15.99 7.26
C GLY H 1705 94.02 14.75 7.95
N PRO H 1706 93.65 13.73 7.19
CA PRO H 1706 93.22 12.47 7.83
C PRO H 1706 94.27 11.91 8.77
N LEU H 1707 95.52 11.84 8.32
CA LEU H 1707 96.58 11.31 9.17
C LEU H 1707 96.86 12.23 10.34
N ARG H 1708 96.84 13.54 10.10
CA ARG H 1708 97.06 14.50 11.17
C ARG H 1708 96.03 14.34 12.28
N ALA H 1709 94.75 14.33 11.90
CA ALA H 1709 93.68 14.14 12.87
C ALA H 1709 93.78 12.78 13.55
N GLY H 1710 94.12 11.75 12.78
CA GLY H 1710 94.26 10.43 13.38
C GLY H 1710 95.34 10.38 14.44
N TYR H 1711 96.46 11.04 14.18
CA TYR H 1711 97.56 11.03 15.14
C TYR H 1711 97.21 11.86 16.37
N TYR H 1712 96.57 13.02 16.17
CA TYR H 1712 96.11 13.80 17.30
C TYR H 1712 95.17 12.98 18.18
N ASP H 1713 94.18 12.34 17.55
CA ASP H 1713 93.21 11.55 18.30
C ASP H 1713 93.86 10.35 18.96
N LEU H 1714 94.88 9.77 18.31
CA LEU H 1714 95.59 8.65 18.90
C LEU H 1714 96.36 9.08 20.14
N LEU H 1715 97.00 10.24 20.10
CA LEU H 1715 97.65 10.78 21.28
C LEU H 1715 96.63 10.95 22.40
N ILE H 1716 95.49 11.57 22.08
CA ILE H 1716 94.46 11.80 23.08
C ILE H 1716 93.99 10.48 23.68
N SER H 1717 93.75 9.49 22.83
CA SER H 1717 93.24 8.20 23.27
C SER H 1717 94.24 7.50 24.17
N ILE H 1718 95.50 7.41 23.73
CA ILE H 1718 96.51 6.70 24.50
C ILE H 1718 96.74 7.38 25.84
N HIS H 1719 96.86 8.71 25.84
CA HIS H 1719 97.39 9.42 26.98
C HIS H 1719 96.34 10.17 27.80
N LEU H 1720 95.34 10.75 27.15
CA LEU H 1720 94.50 11.75 27.78
C LEU H 1720 93.03 11.34 27.93
N GLU H 1721 92.58 10.32 27.19
CA GLU H 1721 91.15 10.02 27.15
C GLU H 1721 90.61 9.59 28.51
N SER H 1722 91.28 8.63 29.14
CA SER H 1722 90.79 8.10 30.41
C SER H 1722 90.78 9.17 31.48
N ALA H 1723 91.86 9.94 31.59
CA ALA H 1723 91.93 11.00 32.59
C ALA H 1723 90.87 12.07 32.33
N CYS H 1724 90.69 12.46 31.07
CA CYS H 1724 89.69 13.46 30.74
C CYS H 1724 88.30 12.98 31.12
N ARG H 1725 87.98 11.73 30.80
CA ARG H 1725 86.66 11.20 31.13
C ARG H 1725 86.45 11.13 32.64
N SER H 1726 87.47 10.66 33.36
CA SER H 1726 87.37 10.57 34.81
C SER H 1726 87.15 11.95 35.43
N ARG H 1727 87.87 12.95 34.93
CA ARG H 1727 87.73 14.30 35.49
C ARG H 1727 86.40 14.92 35.12
N ARG H 1728 85.93 14.69 33.89
CA ARG H 1728 84.64 15.24 33.48
C ARG H 1728 83.51 14.63 34.29
N SER H 1729 83.61 13.34 34.62
CA SER H 1729 82.60 12.72 35.46
C SER H 1729 82.46 13.45 36.80
N MET H 1730 83.56 14.03 37.27
CA MET H 1730 83.58 14.65 38.58
C MET H 1730 83.28 16.15 38.53
N LEU H 1731 83.54 16.80 37.39
CA LEU H 1731 83.35 18.24 37.32
C LEU H 1731 81.93 18.65 37.70
N SER H 1732 80.95 17.82 37.36
CA SER H 1732 79.56 18.16 37.64
C SER H 1732 79.31 18.28 39.14
N GLU H 1733 80.12 17.62 39.95
CA GLU H 1733 79.94 17.62 41.40
C GLU H 1733 80.87 18.65 42.03
N TYR H 1734 80.35 19.33 43.06
CA TYR H 1734 81.09 20.36 43.77
C TYR H 1734 81.15 20.00 45.25
N ILE H 1735 82.32 19.62 45.72
CA ILE H 1735 82.55 19.31 47.13
C ILE H 1735 83.55 20.32 47.64
N VAL H 1736 83.08 21.23 48.50
CA VAL H 1736 83.87 22.37 48.96
C VAL H 1736 84.42 22.03 50.34
N PRO H 1737 85.74 21.94 50.51
CA PRO H 1737 86.29 21.91 51.87
C PRO H 1737 86.26 23.29 52.49
N LEU H 1738 85.95 23.34 53.79
CA LEU H 1738 85.90 24.59 54.53
C LEU H 1738 87.32 24.97 54.89
N THR H 1739 87.95 25.79 54.05
CA THR H 1739 89.35 26.14 54.19
C THR H 1739 89.51 27.64 54.01
N PRO H 1740 90.59 28.22 54.54
CA PRO H 1740 90.81 29.66 54.37
C PRO H 1740 90.77 30.09 52.91
N GLU H 1741 91.27 29.23 52.04
CA GLU H 1741 91.19 29.50 50.61
C GLU H 1741 89.74 29.65 50.18
N THR H 1742 88.88 28.73 50.62
CA THR H 1742 87.45 28.84 50.31
C THR H 1742 86.88 30.14 50.87
N ARG H 1743 87.25 30.46 52.11
CA ARG H 1743 86.73 31.67 52.76
CA ARG H 1743 86.74 31.67 52.77
C ARG H 1743 87.08 32.92 51.95
N ALA H 1744 88.29 32.97 51.40
CA ALA H 1744 88.73 34.14 50.65
C ALA H 1744 87.92 34.33 49.37
N ILE H 1745 87.40 33.24 48.80
CA ILE H 1745 86.77 33.30 47.49
C ILE H 1745 85.64 34.32 47.51
N THR H 1746 85.59 35.12 46.44
CA THR H 1746 84.51 36.09 46.24
C THR H 1746 84.06 35.99 44.79
N LEU H 1747 82.79 36.35 44.57
CA LEU H 1747 82.26 36.34 43.21
C LEU H 1747 83.05 37.29 42.32
N PHE H 1748 83.36 38.44 42.85
CA PHE H 1748 84.03 39.47 42.10
C PHE H 1748 85.41 39.72 42.68
N PRO H 1749 86.41 40.02 41.87
CA PRO H 1749 87.72 40.34 42.42
C PRO H 1749 87.65 41.68 43.16
N PRO H 1750 88.53 41.90 44.13
CA PRO H 1750 88.48 43.17 44.87
C PRO H 1750 88.67 44.37 43.95
N GLY H 1751 87.89 45.41 44.21
CA GLY H 1751 87.95 46.63 43.41
C GLY H 1751 87.01 47.69 43.94
N ARG H 1752 87.24 48.92 43.48
CA ARG H 1752 86.43 50.05 43.94
C ARG H 1752 85.06 50.07 43.28
N LYS H 1753 84.95 49.52 42.07
CA LYS H 1753 83.73 49.65 41.30
C LYS H 1753 82.58 48.92 42.00
N GLY H 1754 81.37 49.42 41.76
CA GLY H 1754 80.20 49.02 42.52
C GLY H 1754 79.82 47.57 42.24
N GLY H 1755 79.21 46.95 43.25
CA GLY H 1755 78.80 45.56 43.17
C GLY H 1755 78.13 45.17 41.87
N ASN H 1756 77.06 45.88 41.51
CA ASN H 1756 76.37 45.64 40.25
C ASN H 1756 77.30 45.82 39.05
N ALA H 1757 78.03 46.92 39.04
CA ALA H 1757 78.87 47.25 37.89
C ALA H 1757 80.08 46.33 37.78
N ARG H 1758 80.54 45.82 38.93
CA ARG H 1758 81.84 45.19 39.08
C ARG H 1758 82.19 44.26 37.93
N ARG H 1759 83.29 44.57 37.21
CA ARG H 1759 83.67 43.77 36.06
C ARG H 1759 84.03 42.33 36.43
N HIS H 1760 83.40 41.39 35.72
CA HIS H 1760 83.59 39.98 35.98
C HIS H 1760 85.05 39.60 35.84
N GLY H 1761 85.52 38.76 36.73
CA GLY H 1761 86.84 38.21 36.60
C GLY H 1761 86.93 37.25 35.44
N LEU H 1762 88.15 37.07 34.95
CA LEU H 1762 88.35 36.21 33.80
C LEU H 1762 87.99 34.78 34.15
N PRO H 1763 87.14 34.12 33.36
CA PRO H 1763 86.77 32.74 33.66
C PRO H 1763 87.97 31.81 33.62
N GLY H 1764 87.98 30.84 34.53
CA GLY H 1764 89.08 29.90 34.63
C GLY H 1764 90.31 30.44 35.32
N VAL H 1765 90.26 31.68 35.81
CA VAL H 1765 91.39 32.32 36.47
C VAL H 1765 90.95 32.66 37.89
N GLY H 1766 91.45 31.90 38.86
CA GLY H 1766 91.09 32.14 40.24
C GLY H 1766 91.47 30.95 41.09
N VAL H 1767 90.90 30.92 42.29
CA VAL H 1767 91.15 29.88 43.27
C VAL H 1767 89.95 28.94 43.27
N THR H 1768 90.20 27.66 43.01
CA THR H 1768 89.16 26.64 43.03
C THR H 1768 89.51 25.63 44.11
N THR H 1769 88.60 25.48 45.09
CA THR H 1769 88.79 24.55 46.19
C THR H 1769 88.01 23.26 46.03
N SER H 1770 87.17 23.16 44.99
CA SER H 1770 86.41 21.95 44.78
C SER H 1770 87.35 20.76 44.58
N LEU H 1771 86.93 19.61 45.10
CA LEU H 1771 87.78 18.43 45.15
C LEU H 1771 87.65 17.64 43.85
N ARG H 1772 88.78 17.47 43.17
CA ARG H 1772 88.87 16.61 41.98
C ARG H 1772 90.07 15.70 42.17
N PRO H 1773 89.91 14.38 42.10
CA PRO H 1773 91.06 13.50 42.37
C PRO H 1773 92.12 13.69 41.37
N PRO H 1774 93.40 13.51 41.74
CA PRO H 1774 94.50 13.73 40.80
C PRO H 1774 94.53 12.69 39.69
N HIS H 1775 95.17 13.08 38.59
CA HIS H 1775 95.44 12.15 37.51
C HIS H 1775 96.60 11.23 37.89
N HIS H 1776 96.57 10.00 37.38
CA HIS H 1776 97.61 9.02 37.65
C HIS H 1776 98.07 8.42 36.34
N PHE H 1777 99.39 8.40 36.13
CA PHE H 1777 99.99 7.88 34.93
C PHE H 1777 101.15 6.97 35.31
N SER H 1778 101.44 6.02 34.42
CA SER H 1778 102.55 5.11 34.59
C SER H 1778 103.51 5.25 33.41
N PRO H 1779 104.82 5.32 33.65
CA PRO H 1779 105.75 5.46 32.53
C PRO H 1779 105.70 4.25 31.61
N PRO H 1780 105.89 4.44 30.31
CA PRO H 1780 105.94 3.28 29.40
C PRO H 1780 107.31 2.64 29.44
N CYS H 1781 107.35 1.35 29.79
CA CYS H 1781 108.57 0.58 29.82
C CYS H 1781 108.27 -0.84 29.37
N PHE H 1782 109.20 -1.44 28.64
CA PHE H 1782 109.04 -2.79 28.13
C PHE H 1782 110.22 -3.69 28.46
N VAL H 1783 111.10 -3.26 29.36
CA VAL H 1783 112.16 -4.10 29.90
C VAL H 1783 111.91 -4.50 31.34
N ALA H 1784 110.82 -4.02 31.94
CA ALA H 1784 110.53 -4.33 33.33
C ALA H 1784 110.15 -5.79 33.49
N ALA H 1785 110.40 -6.31 34.69
CA ALA H 1785 110.09 -7.71 34.97
C ALA H 1785 108.58 -7.95 34.90
N LEU H 1786 108.22 -9.10 34.34
CA LEU H 1786 106.81 -9.41 34.15
C LEU H 1786 106.16 -9.73 35.49
N PRO H 1787 105.02 -9.13 35.85
CA PRO H 1787 104.44 -9.49 37.15
C PRO H 1787 103.98 -10.93 37.19
N ALA H 1788 104.45 -11.68 38.20
CA ALA H 1788 104.08 -13.08 38.32
C ALA H 1788 102.60 -13.27 38.64
N ALA H 1789 101.91 -12.21 39.08
CA ALA H 1789 100.49 -12.33 39.37
C ALA H 1789 99.71 -12.60 38.10
N GLY H 1790 98.77 -13.53 38.18
CA GLY H 1790 98.01 -13.93 37.02
C GLY H 1790 96.96 -12.91 36.64
N VAL H 1791 96.34 -13.16 35.49
CA VAL H 1791 95.32 -12.27 34.99
C VAL H 1791 94.13 -12.25 35.96
N ALA H 1792 93.51 -11.07 36.08
CA ALA H 1792 92.38 -10.87 37.01
C ALA H 1792 92.84 -10.82 38.45
N GLU H 1793 94.15 -10.88 38.67
CA GLU H 1793 94.69 -10.60 39.99
C GLU H 1793 95.64 -9.41 39.95
N ALA H 1794 96.28 -9.18 38.81
CA ALA H 1794 97.19 -8.06 38.68
C ALA H 1794 96.43 -6.74 38.81
N PRO H 1795 97.00 -5.73 39.44
CA PRO H 1795 96.30 -4.45 39.56
C PRO H 1795 96.08 -3.79 38.21
N ALA H 1796 95.08 -2.92 38.16
CA ALA H 1796 94.76 -2.20 36.94
C ALA H 1796 95.88 -1.24 36.57
N ARG H 1797 96.22 -1.20 35.29
CA ARG H 1797 97.31 -0.35 34.83
C ARG H 1797 96.83 1.06 34.57
N LEU H 1798 97.74 2.01 34.77
CA LEU H 1798 97.47 3.42 34.54
C LEU H 1798 97.78 3.78 33.09
N SER H 1799 97.29 4.94 32.68
CA SER H 1799 97.53 5.40 31.32
C SER H 1799 99.01 5.76 31.15
N PRO H 1800 99.55 5.61 29.94
CA PRO H 1800 100.93 6.03 29.71
C PRO H 1800 101.11 7.52 29.93
N ALA H 1801 102.29 7.89 30.42
CA ALA H 1801 102.59 9.27 30.74
C ALA H 1801 103.24 9.98 29.57
N ILE H 1802 102.93 11.26 29.44
CA ILE H 1802 103.56 12.13 28.44
C ILE H 1802 103.78 13.49 29.08
N PRO H 1803 104.82 14.24 28.69
CA PRO H 1803 105.10 15.51 29.39
C PRO H 1803 104.06 16.58 29.11
N LEU H 1804 103.23 16.82 30.13
CA LEU H 1804 102.02 17.60 29.95
C LEU H 1804 102.32 19.09 29.84
N GLU H 1805 103.34 19.58 30.56
CA GLU H 1805 103.68 20.99 30.46
C GLU H 1805 104.22 21.34 29.08
N ALA H 1806 105.13 20.51 28.56
CA ALA H 1806 105.61 20.72 27.20
C ALA H 1806 104.48 20.59 26.20
N LEU H 1807 103.58 19.63 26.43
CA LEU H 1807 102.47 19.45 25.51
C LEU H 1807 101.56 20.68 25.48
N ARG H 1808 101.26 21.25 26.65
CA ARG H 1808 100.40 22.43 26.67
C ARG H 1808 101.10 23.62 26.01
N ASP H 1809 102.39 23.80 26.28
CA ASP H 1809 103.11 24.89 25.65
C ASP H 1809 103.08 24.76 24.13
N LYS H 1810 103.34 23.54 23.64
CA LYS H 1810 103.32 23.32 22.21
C LYS H 1810 101.93 23.58 21.65
N ALA H 1811 100.89 23.12 22.36
CA ALA H 1811 99.53 23.30 21.88
C ALA H 1811 99.18 24.78 21.78
N LEU H 1812 99.51 25.56 22.80
CA LEU H 1812 99.22 26.99 22.75
C LEU H 1812 99.96 27.66 21.60
N ARG H 1813 101.24 27.35 21.44
CA ARG H 1813 102.02 27.97 20.38
C ARG H 1813 101.45 27.61 19.01
N MET H 1814 101.09 26.35 18.82
CA MET H 1814 100.56 25.91 17.53
C MET H 1814 99.21 26.54 17.26
N LEU H 1815 98.37 26.68 18.29
CA LEU H 1815 97.09 27.34 18.11
C LEU H 1815 97.28 28.79 17.69
N GLY H 1816 98.22 29.49 18.33
CA GLY H 1816 98.49 30.86 17.91
C GLY H 1816 98.99 30.94 16.48
N GLU H 1817 99.84 29.98 16.10
CA GLU H 1817 100.31 29.94 14.72
C GLU H 1817 99.15 29.72 13.76
N ALA H 1818 98.23 28.84 14.12
CA ALA H 1818 97.05 28.60 13.28
C ALA H 1818 96.21 29.87 13.16
N VAL H 1819 96.06 30.60 14.26
CA VAL H 1819 95.29 31.83 14.23
C VAL H 1819 95.90 32.82 13.27
N ARG H 1820 97.23 33.03 13.38
CA ARG H 1820 97.88 33.98 12.48
C ARG H 1820 97.79 33.53 11.03
N ASP H 1821 97.97 32.23 10.78
CA ASP H 1821 97.87 31.72 9.42
C ASP H 1821 96.47 31.96 8.85
N GLY H 1822 95.43 31.69 9.64
CA GLY H 1822 94.09 31.98 9.20
C GLY H 1822 93.88 33.45 8.91
N GLY H 1823 94.48 34.31 9.72
CA GLY H 1823 94.42 35.74 9.44
C GLY H 1823 95.06 36.07 8.09
N GLN H 1824 96.20 35.44 7.79
CA GLN H 1824 96.83 35.67 6.50
C GLN H 1824 95.99 35.14 5.35
N HIS H 1825 95.21 34.09 5.61
CA HIS H 1825 94.32 33.50 4.60
C HIS H 1825 95.12 32.88 3.46
N ALA H 1826 96.06 32.01 3.82
CA ALA H 1826 96.89 31.36 2.81
C ALA H 1826 96.12 30.29 2.07
N ARG H 1827 96.63 29.93 0.88
CA ARG H 1827 95.98 28.91 0.05
C ARG H 1827 96.50 27.51 0.31
N ASP H 1828 97.40 27.34 1.27
CA ASP H 1828 97.89 26.02 1.63
C ASP H 1828 97.67 25.78 3.12
N PRO H 1829 96.44 25.54 3.55
CA PRO H 1829 96.19 25.28 4.96
C PRO H 1829 96.81 23.97 5.41
N VAL H 1830 97.20 23.92 6.68
CA VAL H 1830 97.75 22.69 7.23
C VAL H 1830 96.69 21.60 7.16
N GLY H 1831 97.06 20.46 6.60
CA GLY H 1831 96.14 19.37 6.38
C GLY H 1831 95.31 19.50 5.12
N GLY H 1832 95.38 20.65 4.44
CA GLY H 1832 94.59 20.87 3.24
C GLY H 1832 93.27 21.56 3.46
N SER H 1833 92.93 21.91 4.70
CA SER H 1833 91.68 22.60 4.98
C SER H 1833 91.75 23.27 6.33
N VAL H 1834 90.90 24.27 6.52
CA VAL H 1834 90.82 24.96 7.79
C VAL H 1834 90.41 23.98 8.89
N GLU H 1835 89.50 23.06 8.56
CA GLU H 1835 89.10 22.05 9.53
C GLU H 1835 90.29 21.19 9.96
N PHE H 1836 91.02 20.65 8.98
CA PHE H 1836 92.18 19.82 9.27
C PHE H 1836 93.23 20.60 10.05
N GLN H 1837 93.27 21.92 9.84
CA GLN H 1837 94.24 22.75 10.55
C GLN H 1837 93.83 22.95 12.01
N PHE H 1838 92.57 23.30 12.25
CA PHE H 1838 92.16 23.81 13.55
C PHE H 1838 91.65 22.72 14.47
N VAL H 1839 90.78 21.84 13.96
CA VAL H 1839 90.00 20.96 14.84
C VAL H 1839 90.90 20.15 15.77
N PRO H 1840 91.96 19.49 15.29
CA PRO H 1840 92.79 18.70 16.23
C PRO H 1840 93.36 19.53 17.36
N VAL H 1841 93.86 20.73 17.05
CA VAL H 1841 94.46 21.58 18.07
C VAL H 1841 93.41 21.96 19.11
N LEU H 1842 92.22 22.35 18.65
CA LEU H 1842 91.17 22.73 19.58
C LEU H 1842 90.72 21.57 20.44
N LYS H 1843 90.63 20.38 19.85
CA LYS H 1843 90.30 19.20 20.64
C LYS H 1843 91.33 18.95 21.74
N LEU H 1844 92.61 19.03 21.38
CA LEU H 1844 93.67 18.80 22.37
C LEU H 1844 93.61 19.87 23.46
N VAL H 1845 93.37 21.12 23.07
CA VAL H 1845 93.30 22.20 24.04
C VAL H 1845 92.14 21.98 25.01
N SER H 1846 90.99 21.57 24.48
CA SER H 1846 89.83 21.32 25.33
C SER H 1846 90.10 20.17 26.29
N THR H 1847 90.72 19.10 25.78
CA THR H 1847 91.08 17.99 26.64
C THR H 1847 92.00 18.45 27.77
N LEU H 1848 93.00 19.27 27.44
CA LEU H 1848 93.94 19.73 28.44
C LEU H 1848 93.28 20.64 29.46
N LEU H 1849 92.38 21.52 29.02
CA LEU H 1849 91.63 22.35 29.94
C LEU H 1849 90.83 21.50 30.92
N VAL H 1850 90.04 20.56 30.40
CA VAL H 1850 89.24 19.71 31.26
C VAL H 1850 90.13 18.97 32.24
N MET H 1851 91.27 18.47 31.76
CA MET H 1851 92.20 17.77 32.63
C MET H 1851 92.82 18.70 33.66
N GLY H 1852 92.79 20.00 33.41
CA GLY H 1852 93.28 20.97 34.35
C GLY H 1852 94.75 21.34 34.21
N ILE H 1853 95.37 20.99 33.08
CA ILE H 1853 96.80 21.21 32.93
C ILE H 1853 97.10 22.69 32.81
N PHE H 1854 96.26 23.44 32.11
CA PHE H 1854 96.54 24.84 31.83
C PHE H 1854 96.50 25.67 33.11
N GLY H 1855 97.45 26.59 33.23
CA GLY H 1855 97.48 27.53 34.33
C GLY H 1855 96.73 28.82 33.99
N ASP H 1856 96.87 29.79 34.89
CA ASP H 1856 96.16 31.05 34.75
C ASP H 1856 96.62 31.80 33.50
N GLU H 1857 97.93 31.90 33.31
CA GLU H 1857 98.46 32.62 32.15
C GLU H 1857 98.08 31.92 30.86
N ASP H 1858 98.15 30.59 30.85
CA ASP H 1858 97.74 29.85 29.66
C ASP H 1858 96.27 30.07 29.35
N VAL H 1859 95.43 30.10 30.39
CA VAL H 1859 94.00 30.37 30.18
C VAL H 1859 93.81 31.76 29.60
N LYS H 1860 94.58 32.73 30.10
CA LYS H 1860 94.50 34.09 29.57
C LYS H 1860 94.90 34.12 28.10
N GLN H 1861 95.94 33.39 27.74
CA GLN H 1861 96.36 33.32 26.34
C GLN H 1861 95.26 32.73 25.47
N ILE H 1862 94.62 31.65 25.95
CA ILE H 1862 93.53 31.04 25.20
C ILE H 1862 92.39 32.04 25.03
N LEU H 1863 92.08 32.77 26.10
CA LEU H 1863 90.99 33.75 26.04
C LEU H 1863 91.30 34.85 25.05
N LYS H 1864 92.54 35.31 25.01
CA LYS H 1864 92.92 36.35 24.05
C LYS H 1864 92.86 35.82 22.63
N MET H 1865 93.26 34.55 22.43
CA MET H 1865 93.11 33.95 21.11
C MET H 1865 91.64 33.92 20.70
N ILE H 1866 90.75 33.60 21.64
CA ILE H 1866 89.33 33.58 21.34
C ILE H 1866 88.85 34.97 20.96
N GLU H 1867 88.99 35.92 21.87
CA GLU H 1867 88.59 37.31 21.64
C GLU H 1867 89.40 38.23 22.55
N PRO H 1868 90.46 38.85 22.05
CA PRO H 1868 91.30 39.67 22.94
C PRO H 1868 90.54 40.82 23.58
N GLU H 1869 89.83 41.61 22.78
CA GLU H 1869 89.22 42.83 23.29
C GLU H 1869 88.38 42.55 24.53
N VAL H 1870 87.51 41.54 24.47
CA VAL H 1870 86.65 41.24 25.60
C VAL H 1870 87.47 40.83 26.81
N PHE H 1871 88.50 40.01 26.60
CA PHE H 1871 89.22 39.36 27.68
C PHE H 1871 90.51 40.06 28.06
N THR H 1872 90.83 41.19 27.44
CA THR H 1872 91.92 42.01 27.96
C THR H 1872 91.58 42.48 29.36
N GLU H 1873 92.54 42.36 30.27
CA GLU H 1873 92.34 42.70 31.67
C GLU H 1873 93.12 43.98 31.98
N GLU H 1874 92.47 44.89 32.70
CA GLU H 1874 92.82 46.33 32.72
C GLU H 1874 92.77 47.09 31.40
N LEU H 1922 95.91 44.18 13.22
CA LEU H 1922 95.76 43.87 14.64
C LEU H 1922 95.46 42.40 14.85
N GLU H 1923 95.29 42.01 16.11
CA GLU H 1923 94.91 40.64 16.43
C GLU H 1923 93.45 40.40 16.07
N GLU H 1924 93.22 39.30 15.33
CA GLU H 1924 91.88 38.89 14.94
C GLU H 1924 91.55 37.56 15.61
N GLY H 1925 90.44 37.50 16.33
CA GLY H 1925 90.10 36.32 17.09
C GLY H 1925 89.30 35.29 16.30
N LEU H 1926 89.39 34.04 16.77
CA LEU H 1926 88.71 32.93 16.11
C LEU H 1926 87.24 33.23 15.87
N LEU H 1927 86.64 34.05 16.74
CA LEU H 1927 85.22 34.38 16.57
C LEU H 1927 84.99 35.10 15.26
N GLN H 1928 85.86 36.05 14.92
CA GLN H 1928 85.77 36.79 13.68
C GLN H 1928 86.53 36.13 12.53
N MET H 1929 87.26 35.05 12.80
CA MET H 1929 87.99 34.37 11.73
C MET H 1929 87.05 33.64 10.79
N LYS H 1930 85.76 33.62 11.11
CA LYS H 1930 84.77 33.26 10.10
C LYS H 1930 85.03 31.84 9.65
N LEU H 1931 84.90 30.92 10.60
CA LEU H 1931 85.35 29.54 10.58
C LEU H 1931 84.19 28.61 10.27
N PRO H 1932 84.48 27.37 9.86
CA PRO H 1932 83.41 26.42 9.54
C PRO H 1932 82.78 25.79 10.79
N GLU H 1933 81.82 24.91 10.51
CA GLU H 1933 80.91 24.42 11.55
C GLU H 1933 81.61 23.54 12.58
N SER H 1934 82.53 22.68 12.14
CA SER H 1934 83.22 21.83 13.09
C SER H 1934 84.09 22.64 14.04
N VAL H 1935 84.78 23.65 13.50
CA VAL H 1935 85.56 24.54 14.34
C VAL H 1935 84.65 25.27 15.31
N LYS H 1936 83.46 25.65 14.83
CA LYS H 1936 82.49 26.30 15.71
C LYS H 1936 82.07 25.37 16.84
N LEU H 1937 81.91 24.09 16.54
CA LEU H 1937 81.56 23.11 17.57
C LEU H 1937 82.65 23.03 18.62
N GLN H 1938 83.91 22.98 18.19
CA GLN H 1938 85.01 22.95 19.15
C GLN H 1938 85.04 24.21 20.01
N MET H 1939 84.81 25.36 19.38
CA MET H 1939 84.75 26.61 20.14
C MET H 1939 83.62 26.58 21.14
N CYS H 1940 82.49 25.99 20.76
CA CYS H 1940 81.36 25.85 21.67
C CYS H 1940 81.71 24.99 22.86
N ASN H 1941 82.45 23.90 22.64
CA ASN H 1941 82.90 23.08 23.76
C ASN H 1941 83.82 23.86 24.69
N LEU H 1942 84.75 24.63 24.11
CA LEU H 1942 85.63 25.45 24.93
C LEU H 1942 84.84 26.42 25.79
N LEU H 1943 83.88 27.11 25.18
CA LEU H 1943 83.06 28.06 25.91
C LEU H 1943 82.18 27.38 26.94
N GLU H 1944 81.76 26.14 26.67
CA GLU H 1944 81.05 25.37 27.68
C GLU H 1944 81.94 25.11 28.89
N TYR H 1945 83.20 24.77 28.65
CA TYR H 1945 84.13 24.62 29.77
C TYR H 1945 84.22 25.91 30.58
N PHE H 1946 84.38 27.04 29.90
CA PHE H 1946 84.55 28.30 30.62
C PHE H 1946 83.29 28.66 31.41
N CYS H 1947 82.12 28.44 30.82
CA CYS H 1947 80.88 28.69 31.53
C CYS H 1947 80.72 27.78 32.73
N ASP H 1948 81.14 26.51 32.58
CA ASP H 1948 81.13 25.59 33.72
C ASP H 1948 82.03 26.11 34.84
N GLN H 1949 83.19 26.66 34.48
CA GLN H 1949 84.08 27.22 35.49
C GLN H 1949 83.42 28.41 36.17
N GLU H 1950 82.69 29.23 35.42
CA GLU H 1950 81.96 30.34 36.04
C GLU H 1950 80.94 29.83 37.04
N LEU H 1951 80.20 28.80 36.68
CA LEU H 1951 79.24 28.18 37.60
C LEU H 1951 79.95 27.68 38.85
N GLN H 1952 81.09 27.01 38.66
CA GLN H 1952 81.85 26.50 39.79
C GLN H 1952 82.28 27.62 40.71
N HIS H 1953 82.72 28.74 40.13
CA HIS H 1953 83.09 29.89 40.94
C HIS H 1953 81.90 30.42 41.74
N ARG H 1954 80.73 30.47 41.11
CA ARG H 1954 79.54 30.90 41.83
C ARG H 1954 79.26 29.99 43.02
N VAL H 1955 79.33 28.68 42.80
CA VAL H 1955 79.04 27.74 43.87
C VAL H 1955 80.04 27.88 45.01
N GLU H 1956 81.32 28.00 44.67
CA GLU H 1956 82.35 28.14 45.69
C GLU H 1956 82.22 29.45 46.47
N SER H 1957 81.88 30.55 45.80
CA SER H 1957 81.63 31.81 46.49
C SER H 1957 80.44 31.71 47.43
N LEU H 1958 79.38 31.04 46.98
CA LEU H 1958 78.22 30.83 47.85
C LEU H 1958 78.61 30.03 49.08
N ALA H 1959 79.43 28.99 48.90
CA ALA H 1959 79.86 28.19 50.04
C ALA H 1959 80.71 29.01 51.02
N ALA H 1960 81.59 29.84 50.48
CA ALA H 1960 82.41 30.70 51.34
C ALA H 1960 81.53 31.66 52.15
N PHE H 1961 80.58 32.32 51.49
CA PHE H 1961 79.67 33.19 52.20
C PHE H 1961 78.88 32.39 53.23
N ALA H 1962 78.55 31.15 52.91
CA ALA H 1962 77.82 30.32 53.86
C ALA H 1962 78.65 30.09 55.12
N GLU H 1963 79.93 29.79 54.94
CA GLU H 1963 80.82 29.62 56.09
C GLU H 1963 80.80 30.88 56.96
N ARG H 1964 81.06 32.03 56.36
CA ARG H 1964 81.16 33.26 57.14
C ARG H 1964 79.84 33.61 57.82
N TYR H 1965 78.75 33.51 57.07
CA TYR H 1965 77.44 33.92 57.57
C TYR H 1965 76.95 32.95 58.64
N VAL H 1966 77.29 31.67 58.51
CA VAL H 1966 76.95 30.71 59.54
C VAL H 1966 77.72 30.99 60.80
N ASP H 1967 79.00 31.35 60.68
CA ASP H 1967 79.75 31.76 61.86
C ASP H 1967 79.06 32.91 62.58
N LYS H 1968 78.70 33.94 61.80
CA LYS H 1968 78.05 35.11 62.41
C LYS H 1968 76.73 34.73 63.07
N LEU H 1969 75.91 33.94 62.38
CA LEU H 1969 74.62 33.56 62.93
C LEU H 1969 74.78 32.72 64.19
N GLN H 1970 75.77 31.81 64.19
CA GLN H 1970 76.00 30.99 65.37
C GLN H 1970 76.39 31.84 66.56
N ALA H 1971 77.30 32.80 66.35
CA ALA H 1971 77.67 33.68 67.45
C ALA H 1971 76.47 34.48 67.96
N ASN H 1972 75.67 35.03 67.04
CA ASN H 1972 74.52 35.81 67.46
C ASN H 1972 73.51 34.96 68.21
N GLN H 1973 73.28 33.73 67.74
CA GLN H 1973 72.32 32.86 68.40
C GLN H 1973 72.81 32.49 69.80
N ARG H 1974 74.10 32.21 69.95
CA ARG H 1974 74.65 31.97 71.27
C ARG H 1974 74.43 33.16 72.19
N SER H 1975 74.75 34.36 71.71
CA SER H 1975 74.61 35.55 72.55
C SER H 1975 73.15 35.78 72.92
N ARG H 1976 72.25 35.59 71.97
CA ARG H 1976 70.82 35.82 72.23
C ARG H 1976 70.30 34.80 73.23
N TYR H 1977 70.72 33.54 73.11
CA TYR H 1977 70.31 32.53 74.07
C TYR H 1977 70.82 32.87 75.47
N ALA H 1978 72.07 33.35 75.56
CA ALA H 1978 72.60 33.74 76.86
C ALA H 1978 71.79 34.88 77.45
N LEU H 1979 71.50 35.89 76.62
CA LEU H 1979 70.71 37.02 77.10
C LEU H 1979 69.33 36.58 77.56
N LEU H 1980 68.73 35.63 76.84
CA LEU H 1980 67.42 35.12 77.23
C LEU H 1980 67.50 34.36 78.55
N MET H 1981 68.55 33.56 78.74
CA MET H 1981 68.69 32.83 80.00
C MET H 1981 68.99 33.79 81.14
N ARG H 1982 69.43 35.00 80.81
CA ARG H 1982 69.60 36.02 81.83
C ARG H 1982 68.27 36.70 82.16
N ALA H 1983 67.48 37.01 81.14
CA ALA H 1983 66.33 37.90 81.26
C ALA H 1983 64.99 37.18 81.24
N PHE H 1984 64.97 35.85 81.33
CA PHE H 1984 63.70 35.14 81.35
C PHE H 1984 62.88 35.49 82.59
N THR H 1985 63.55 35.97 83.64
CA THR H 1985 62.88 36.17 84.92
C THR H 1985 61.83 37.27 84.85
N MET H 1986 62.13 38.38 84.16
CA MET H 1986 61.14 39.45 84.00
C MET H 1986 59.84 38.94 83.39
N SER H 1987 59.90 38.30 82.23
CA SER H 1987 58.70 37.90 81.50
C SER H 1987 58.83 36.42 81.17
N ALA H 1988 57.85 35.63 81.64
CA ALA H 1988 57.87 34.20 81.40
C ALA H 1988 57.00 33.80 80.21
N ALA H 1989 56.09 34.68 79.77
CA ALA H 1989 55.19 34.35 78.68
C ALA H 1989 55.90 34.38 77.34
N GLU H 1990 56.57 35.50 77.03
CA GLU H 1990 57.24 35.64 75.74
C GLU H 1990 58.45 34.71 75.65
N THR H 1991 58.99 34.29 76.78
CA THR H 1991 60.13 33.38 76.76
C THR H 1991 59.80 32.09 76.03
N ALA H 1992 58.55 31.64 76.14
CA ALA H 1992 58.12 30.44 75.43
C ALA H 1992 58.26 30.63 73.92
N ARG H 1993 57.73 31.74 73.40
CA ARG H 1993 57.81 31.99 71.96
C ARG H 1993 59.26 32.15 71.52
N ARG H 1994 60.06 32.81 72.34
CA ARG H 1994 61.50 32.93 72.06
C ARG H 1994 62.16 31.57 71.97
N THR H 1995 61.92 30.72 72.97
CA THR H 1995 62.54 29.41 73.04
C THR H 1995 62.00 28.47 71.95
N ARG H 1996 60.89 28.83 71.31
CA ARG H 1996 60.47 28.06 70.14
C ARG H 1996 61.63 27.92 69.16
N GLU H 1997 62.41 28.99 69.00
CA GLU H 1997 63.56 28.95 68.09
C GLU H 1997 64.57 27.91 68.51
N PHE H 1998 65.03 27.99 69.76
CA PHE H 1998 66.06 27.07 70.22
C PHE H 1998 65.54 25.65 70.36
N ARG H 1999 64.23 25.48 70.37
CA ARG H 1999 63.66 24.14 70.44
C ARG H 1999 63.41 23.60 69.04
N SER H 2000 63.25 24.44 68.04
CA SER H 2000 62.94 23.90 66.72
C SER H 2000 64.15 23.18 66.11
N PRO H 2001 63.95 22.32 65.10
CA PRO H 2001 65.10 21.69 64.44
C PRO H 2001 66.03 22.75 63.87
N PRO H 2002 67.33 22.45 63.79
CA PRO H 2002 68.26 23.47 63.26
C PRO H 2002 67.89 23.97 61.87
N GLN H 2003 67.40 23.08 61.01
CA GLN H 2003 67.01 23.52 59.66
C GLN H 2003 65.89 24.54 59.73
N GLU H 2004 64.91 24.30 60.59
CA GLU H 2004 63.81 25.25 60.77
C GLU H 2004 64.31 26.55 61.41
N GLN H 2005 65.26 26.45 62.33
CA GLN H 2005 65.85 27.66 62.90
C GLN H 2005 66.49 28.50 61.81
N ILE H 2006 67.25 27.85 60.92
CA ILE H 2006 67.91 28.57 59.83
C ILE H 2006 66.88 29.19 58.90
N ASN H 2007 65.83 28.43 58.58
CA ASN H 2007 64.76 28.94 57.73
C ASN H 2007 64.15 30.20 58.34
N MET H 2008 63.80 30.14 59.63
CA MET H 2008 63.20 31.28 60.29
C MET H 2008 64.15 32.46 60.29
N LEU H 2009 65.44 32.20 60.56
CA LEU H 2009 66.41 33.29 60.61
C LEU H 2009 66.58 33.94 59.25
N LEU H 2010 66.48 33.16 58.17
CA LEU H 2010 66.64 33.68 56.82
C LEU H 2010 65.34 34.28 56.26
N HIS H 2011 64.21 34.03 56.92
CA HIS H 2011 62.91 34.49 56.44
C HIS H 2011 62.73 35.98 56.72
N PHE H 2012 63.46 36.80 55.96
CA PHE H 2012 63.29 38.25 56.02
C PHE H 2012 63.39 38.93 54.65
N LYS H 2013 63.23 38.17 53.56
CA LYS H 2013 63.42 38.77 52.24
C LYS H 2013 62.31 39.76 51.91
N ASP H 2014 61.06 39.40 52.15
CA ASP H 2014 59.93 40.15 51.62
C ASP H 2014 59.69 41.47 52.34
N GLU H 2015 60.30 41.68 53.52
CA GLU H 2015 60.14 42.92 54.28
C GLU H 2015 58.76 42.99 54.94
N ALA H 2016 57.88 42.04 54.64
CA ALA H 2016 56.59 41.96 55.31
C ALA H 2016 56.69 41.14 56.59
N ASP H 2017 57.58 40.14 56.60
CA ASP H 2017 57.81 39.29 57.75
C ASP H 2017 59.21 39.47 58.33
N GLU H 2018 59.88 40.58 58.01
CA GLU H 2018 61.22 40.80 58.51
C GLU H 2018 61.23 41.01 60.03
N GLU H 2019 60.19 41.66 60.56
CA GLU H 2019 60.19 42.01 61.98
C GLU H 2019 60.27 40.77 62.86
N ASP H 2020 59.60 39.69 62.48
CA ASP H 2020 59.59 38.49 63.32
C ASP H 2020 60.99 37.90 63.45
N CYS H 2021 61.82 38.08 62.43
CA CYS H 2021 63.16 37.54 62.46
C CYS H 2021 63.98 38.22 63.55
N PRO H 2022 64.61 37.46 64.45
CA PRO H 2022 65.42 38.10 65.51
C PRO H 2022 66.64 38.84 64.98
N LEU H 2023 67.14 38.45 63.81
CA LEU H 2023 68.46 38.89 63.37
C LEU H 2023 68.53 40.41 63.22
N PRO H 2024 69.69 41.00 63.47
CA PRO H 2024 69.84 42.44 63.28
C PRO H 2024 70.06 42.82 61.83
N GLU H 2025 69.97 44.15 61.60
CA GLU H 2025 69.97 44.68 60.26
C GLU H 2025 71.32 44.46 59.57
N ASP H 2026 72.42 44.47 60.32
CA ASP H 2026 73.72 44.26 59.70
C ASP H 2026 73.85 42.85 59.15
N ILE H 2027 73.47 41.85 59.96
CA ILE H 2027 73.52 40.46 59.48
C ILE H 2027 72.59 40.30 58.29
N ARG H 2028 71.38 40.86 58.37
CA ARG H 2028 70.46 40.77 57.24
C ARG H 2028 71.03 41.43 55.98
N GLN H 2029 71.66 42.59 56.15
CA GLN H 2029 72.14 43.35 55.00
C GLN H 2029 73.33 42.68 54.35
N ASP H 2030 74.13 41.94 55.12
CA ASP H 2030 75.21 41.18 54.50
C ASP H 2030 74.66 40.19 53.49
N LEU H 2031 73.63 39.43 53.88
CA LEU H 2031 73.00 38.49 52.97
C LEU H 2031 72.35 39.21 51.79
N GLN H 2032 71.69 40.34 52.05
CA GLN H 2032 71.07 41.09 50.96
C GLN H 2032 72.12 41.54 49.94
N ASP H 2033 73.26 42.04 50.43
CA ASP H 2033 74.31 42.50 49.54
C ASP H 2033 74.88 41.34 48.73
N PHE H 2034 75.11 40.20 49.38
CA PHE H 2034 75.62 39.05 48.64
C PHE H 2034 74.63 38.60 47.58
N HIS H 2035 73.34 38.63 47.90
CA HIS H 2035 72.31 38.24 46.95
C HIS H 2035 72.32 39.17 45.74
N GLN H 2036 72.43 40.47 46.00
CA GLN H 2036 72.50 41.43 44.89
C GLN H 2036 73.73 41.17 44.04
N ASP H 2037 74.87 40.91 44.68
CA ASP H 2037 76.10 40.65 43.93
C ASP H 2037 75.97 39.39 43.09
N LEU H 2038 75.33 38.36 43.63
CA LEU H 2038 75.12 37.13 42.87
C LEU H 2038 74.21 37.38 41.67
N LEU H 2039 73.13 38.14 41.86
CA LEU H 2039 72.27 38.46 40.75
C LEU H 2039 73.02 39.24 39.67
N ALA H 2040 73.89 40.15 40.08
CA ALA H 2040 74.72 40.87 39.11
C ALA H 2040 75.67 39.92 38.38
N HIS H 2041 76.31 39.02 39.12
CA HIS H 2041 77.20 38.05 38.48
C HIS H 2041 76.46 37.22 37.45
N CYS H 2042 75.21 36.84 37.76
CA CYS H 2042 74.41 36.06 36.85
C CYS H 2042 73.73 36.90 35.78
N GLY H 2043 73.83 38.23 35.86
CA GLY H 2043 73.34 39.12 34.84
C GLY H 2043 71.91 39.57 35.00
N ILE H 2044 71.22 39.11 36.04
CA ILE H 2044 69.82 39.49 36.22
C ILE H 2044 69.71 40.98 36.44
N GLN H 2045 70.57 41.54 37.27
CA GLN H 2045 70.46 42.94 37.61
C GLN H 2045 70.68 43.81 36.39
N LEU H 2046 69.85 44.85 36.26
CA LEU H 2046 69.92 45.77 35.14
C LEU H 2046 71.27 46.47 35.07
N GLU H 2088 77.01 49.78 26.12
CA GLU H 2088 77.98 49.79 25.03
C GLU H 2088 77.74 48.61 24.12
N LYS H 2089 78.01 48.80 22.82
CA LYS H 2089 77.77 47.73 21.85
C LYS H 2089 78.66 46.52 22.12
N LYS H 2090 79.92 46.75 22.50
CA LYS H 2090 80.83 45.64 22.69
C LYS H 2090 80.40 44.81 23.90
N PRO H 2091 80.41 43.47 23.80
CA PRO H 2091 79.85 42.64 24.87
C PRO H 2091 80.32 43.02 26.27
N GLN H 2092 81.63 43.05 26.50
CA GLN H 2092 82.26 43.26 27.79
C GLN H 2092 82.09 42.07 28.73
N SER H 2093 81.38 41.02 28.31
CA SER H 2093 81.15 39.88 29.19
C SER H 2093 80.98 38.62 28.37
N LEU H 2094 81.28 37.49 29.01
CA LEU H 2094 81.22 36.19 28.35
C LEU H 2094 79.79 35.86 27.93
N GLN H 2095 78.82 36.16 28.81
CA GLN H 2095 77.43 35.85 28.48
C GLN H 2095 76.98 36.59 27.23
N GLU H 2096 77.22 37.90 27.18
CA GLU H 2096 76.84 38.69 26.02
C GLU H 2096 77.60 38.22 24.79
N LEU H 2097 78.89 37.92 24.93
CA LEU H 2097 79.66 37.43 23.80
C LEU H 2097 79.07 36.15 23.24
N VAL H 2098 78.75 35.19 24.10
CA VAL H 2098 78.24 33.91 23.65
C VAL H 2098 76.88 34.08 22.98
N SER H 2099 75.99 34.87 23.60
CA SER H 2099 74.68 35.09 23.02
C SER H 2099 74.81 35.72 21.64
N HIS H 2100 75.61 36.78 21.54
CA HIS H 2100 75.79 37.47 20.27
CA HIS H 2100 75.78 37.47 20.27
C HIS H 2100 76.40 36.55 19.23
N MET H 2101 77.38 35.75 19.64
CA MET H 2101 78.02 34.82 18.71
C MET H 2101 77.00 33.84 18.14
N VAL H 2102 76.20 33.22 19.01
CA VAL H 2102 75.25 32.22 18.56
C VAL H 2102 74.23 32.85 17.62
N VAL H 2103 73.71 34.02 18.02
CA VAL H 2103 72.70 34.68 17.19
C VAL H 2103 73.30 35.07 15.85
N ARG H 2104 74.53 35.59 15.86
CA ARG H 2104 75.18 35.99 14.61
C ARG H 2104 75.40 34.79 13.70
N TRP H 2105 75.84 33.67 14.27
CA TRP H 2105 76.06 32.47 13.46
C TRP H 2105 74.77 32.02 12.80
N ALA H 2106 73.71 31.91 13.60
CA ALA H 2106 72.43 31.46 13.05
C ALA H 2106 71.90 32.44 12.01
N GLN H 2107 72.06 33.74 12.25
CA GLN H 2107 71.63 34.74 11.28
C GLN H 2107 72.43 34.63 10.00
N GLU H 2108 73.73 34.35 10.12
CA GLU H 2108 74.60 34.34 8.94
C GLU H 2108 74.34 33.12 8.08
N ASP H 2109 74.03 31.98 8.70
CA ASP H 2109 73.84 30.77 7.91
C ASP H 2109 72.87 29.83 8.60
N TYR H 2110 72.25 28.99 7.78
CA TYR H 2110 71.40 27.91 8.26
C TYR H 2110 72.28 26.71 8.59
N VAL H 2111 72.50 26.48 9.88
CA VAL H 2111 73.41 25.42 10.30
C VAL H 2111 72.86 24.07 9.88
N GLN H 2112 73.72 23.26 9.27
CA GLN H 2112 73.36 21.91 8.84
C GLN H 2112 73.88 20.85 9.80
N SER H 2113 74.44 21.24 10.94
CA SER H 2113 74.98 20.30 11.92
C SER H 2113 74.08 20.28 13.14
N PRO H 2114 73.27 19.23 13.34
CA PRO H 2114 72.42 19.19 14.53
C PRO H 2114 73.19 19.24 15.83
N GLU H 2115 74.38 18.63 15.86
CA GLU H 2115 75.20 18.70 17.07
C GLU H 2115 75.58 20.13 17.39
N LEU H 2116 76.01 20.88 16.38
CA LEU H 2116 76.35 22.28 16.58
C LEU H 2116 75.13 23.07 17.02
N VAL H 2117 73.97 22.79 16.43
CA VAL H 2117 72.74 23.47 16.82
C VAL H 2117 72.46 23.24 18.30
N ARG H 2118 72.53 21.97 18.72
CA ARG H 2118 72.30 21.63 20.11
C ARG H 2118 73.27 22.38 21.02
N ALA H 2119 74.55 22.35 20.69
CA ALA H 2119 75.55 22.96 21.56
C ALA H 2119 75.35 24.46 21.66
N MET H 2120 75.14 25.12 20.53
CA MET H 2120 75.01 26.58 20.52
C MET H 2120 73.77 27.01 21.30
N PHE H 2121 72.66 26.29 21.12
CA PHE H 2121 71.44 26.68 21.82
C PHE H 2121 71.52 26.36 23.30
N SER H 2122 72.26 25.30 23.65
CA SER H 2122 72.51 25.03 25.07
C SER H 2122 73.29 26.17 25.71
N LEU H 2123 74.33 26.64 25.02
CA LEU H 2123 75.09 27.78 25.55
C LEU H 2123 74.19 29.00 25.68
N LEU H 2124 73.36 29.25 24.68
CA LEU H 2124 72.46 30.41 24.75
C LEU H 2124 71.52 30.31 25.94
N HIS H 2125 70.96 29.12 26.18
CA HIS H 2125 70.10 28.92 27.33
C HIS H 2125 70.85 29.19 28.62
N ARG H 2126 72.09 28.69 28.73
CA ARG H 2126 72.85 28.91 29.94
C ARG H 2126 73.10 30.40 30.17
N GLN H 2127 73.43 31.13 29.11
CA GLN H 2127 73.67 32.56 29.27
C GLN H 2127 72.41 33.29 29.69
N TYR H 2128 71.26 32.94 29.11
CA TYR H 2128 70.02 33.63 29.46
C TYR H 2128 69.48 33.22 30.82
N ASP H 2129 69.87 32.04 31.33
CA ASP H 2129 69.40 31.54 32.62
C ASP H 2129 70.61 31.12 33.46
N GLY H 2130 71.15 32.08 34.22
CA GLY H 2130 72.24 31.76 35.12
C GLY H 2130 71.73 31.31 36.48
N LEU H 2131 70.67 31.93 36.97
CA LEU H 2131 70.12 31.55 38.27
C LEU H 2131 69.61 30.11 38.24
N GLY H 2132 68.93 29.72 37.16
CA GLY H 2132 68.41 28.37 37.09
C GLY H 2132 69.51 27.31 37.04
N GLU H 2133 70.58 27.59 36.32
CA GLU H 2133 71.69 26.64 36.26
C GLU H 2133 72.31 26.45 37.63
N LEU H 2134 72.51 27.54 38.36
CA LEU H 2134 73.02 27.44 39.73
C LEU H 2134 72.05 26.68 40.61
N LEU H 2135 70.74 26.94 40.45
CA LEU H 2135 69.73 26.28 41.26
C LEU H 2135 69.74 24.78 41.01
N ARG H 2136 70.02 24.36 39.77
CA ARG H 2136 70.07 22.94 39.46
C ARG H 2136 71.42 22.32 39.82
N ALA H 2137 72.45 23.14 39.98
CA ALA H 2137 73.75 22.61 40.40
C ALA H 2137 73.82 22.48 41.91
N LEU H 2138 73.09 23.30 42.65
CA LEU H 2138 73.14 23.27 44.10
C LEU H 2138 72.90 21.90 44.70
N PRO H 2139 71.96 21.09 44.22
CA PRO H 2139 71.78 19.75 44.80
C PRO H 2139 73.07 18.93 44.78
N ARG H 2140 73.94 19.20 43.82
CA ARG H 2140 75.22 18.50 43.70
C ARG H 2140 76.33 19.18 44.49
N ALA H 2141 75.98 20.04 45.44
CA ALA H 2141 76.95 20.79 46.21
C ALA H 2141 76.93 20.31 47.66
N TYR H 2142 78.12 20.14 48.23
CA TYR H 2142 78.26 19.66 49.59
C TYR H 2142 79.51 20.25 50.21
N THR H 2143 79.38 20.68 51.46
CA THR H 2143 80.49 21.26 52.21
C THR H 2143 81.01 20.25 53.21
N ILE H 2144 82.33 20.08 53.24
CA ILE H 2144 82.97 19.16 54.15
C ILE H 2144 84.02 19.90 54.96
N SER H 2145 84.42 19.29 56.07
CA SER H 2145 85.52 19.81 56.85
C SER H 2145 86.85 19.45 56.17
N PRO H 2146 87.90 20.23 56.42
CA PRO H 2146 89.21 19.89 55.84
C PRO H 2146 89.77 18.57 56.31
N SER H 2147 89.26 18.03 57.42
CA SER H 2147 89.78 16.80 58.00
C SER H 2147 89.20 15.55 57.33
N SER H 2148 88.29 15.71 56.38
CA SER H 2148 87.71 14.59 55.65
C SER H 2148 88.18 14.55 54.20
N VAL H 2149 89.13 15.40 53.82
CA VAL H 2149 89.51 15.53 52.42
C VAL H 2149 90.14 14.25 51.90
N GLU H 2150 91.04 13.65 52.67
CA GLU H 2150 91.75 12.46 52.19
C GLU H 2150 90.78 11.29 51.98
N ASP H 2151 89.89 11.05 52.94
CA ASP H 2151 88.93 9.97 52.79
C ASP H 2151 87.96 10.26 51.66
N THR H 2152 87.55 11.52 51.51
CA THR H 2152 86.67 11.89 50.42
C THR H 2152 87.36 11.64 49.08
N MET H 2153 88.64 11.95 48.97
CA MET H 2153 89.37 11.74 47.72
C MET H 2153 89.50 10.26 47.40
N SER H 2154 89.79 9.43 48.42
CA SER H 2154 89.85 8.00 48.17
C SER H 2154 88.50 7.47 47.70
N LEU H 2155 87.42 7.92 48.35
CA LEU H 2155 86.08 7.52 47.93
C LEU H 2155 85.81 7.97 46.51
N LEU H 2156 86.26 9.17 46.15
CA LEU H 2156 86.04 9.68 44.80
C LEU H 2156 86.79 8.85 43.77
N GLU H 2157 88.01 8.44 44.10
CA GLU H 2157 88.76 7.56 43.19
C GLU H 2157 88.04 6.24 42.99
N CYS H 2158 87.55 5.64 44.08
CA CYS H 2158 86.82 4.38 43.95
C CYS H 2158 85.56 4.57 43.11
N LEU H 2159 84.83 5.66 43.33
CA LEU H 2159 83.63 5.93 42.55
C LEU H 2159 83.96 6.17 41.08
N GLY H 2160 85.10 6.82 40.79
CA GLY H 2160 85.51 6.98 39.42
C GLY H 2160 85.78 5.64 38.75
N GLN H 2161 86.44 4.74 39.48
CA GLN H 2161 86.65 3.39 38.95
C GLN H 2161 85.31 2.72 38.63
N ILE H 2162 84.37 2.80 39.57
CA ILE H 2162 83.07 2.16 39.36
C ILE H 2162 82.38 2.78 38.15
N ARG H 2163 82.40 4.10 38.04
CA ARG H 2163 81.77 4.78 36.92
C ARG H 2163 82.40 4.36 35.60
N SER H 2164 83.72 4.20 35.58
CA SER H 2164 84.39 3.71 34.38
C SER H 2164 83.93 2.30 34.04
N LEU H 2165 83.63 1.50 35.05
CA LEU H 2165 83.23 0.12 34.80
C LEU H 2165 81.89 0.01 34.08
N LEU H 2166 81.11 1.10 33.97
CA LEU H 2166 79.83 1.02 33.29
C LEU H 2166 80.00 0.79 31.79
N ILE H 2167 80.90 1.53 31.16
CA ILE H 2167 80.99 1.51 29.71
C ILE H 2167 81.47 0.15 29.22
N VAL H 2168 82.46 -0.44 29.89
CA VAL H 2168 83.01 -1.70 29.43
C VAL H 2168 82.14 -2.86 29.87
N GLN H 2169 82.19 -3.95 29.12
CA GLN H 2169 81.52 -5.19 29.51
C GLN H 2169 82.25 -5.82 30.68
N MET H 2170 81.49 -6.41 31.59
CA MET H 2170 82.08 -6.93 32.82
C MET H 2170 82.91 -8.18 32.53
N GLY H 2171 84.05 -8.26 33.20
CA GLY H 2171 84.91 -9.42 33.14
C GLY H 2171 85.45 -9.75 34.51
N PRO H 2172 86.31 -10.76 34.61
CA PRO H 2172 86.94 -11.09 35.90
C PRO H 2172 87.69 -9.93 36.54
N GLN H 2173 88.54 -9.28 35.74
CA GLN H 2173 89.23 -8.07 36.15
C GLN H 2173 88.30 -6.97 36.63
N GLU H 2174 87.29 -6.67 35.85
CA GLU H 2174 86.39 -5.59 36.23
C GLU H 2174 85.61 -5.94 37.49
N GLU H 2175 85.24 -7.21 37.63
CA GLU H 2175 84.55 -7.66 38.82
C GLU H 2175 85.43 -7.50 40.05
N ASN H 2176 86.70 -7.88 39.94
CA ASN H 2176 87.61 -7.75 41.07
C ASN H 2176 87.78 -6.29 41.45
N LEU H 2177 87.96 -5.41 40.45
CA LEU H 2177 88.11 -4.00 40.75
C LEU H 2177 86.86 -3.43 41.40
N MET H 2178 85.69 -3.85 40.92
CA MET H 2178 84.43 -3.40 41.49
C MET H 2178 84.31 -3.83 42.95
N ILE H 2179 84.63 -5.09 43.23
CA ILE H 2179 84.56 -5.59 44.60
C ILE H 2179 85.53 -4.81 45.48
N GLN H 2180 86.73 -4.54 44.97
CA GLN H 2180 87.71 -3.79 45.74
C GLN H 2180 87.22 -2.38 46.05
N SER H 2181 86.62 -1.71 45.05
CA SER H 2181 86.13 -0.36 45.25
C SER H 2181 85.01 -0.34 46.28
N ILE H 2182 84.09 -1.30 46.17
CA ILE H 2182 83.01 -1.39 47.15
C ILE H 2182 83.57 -1.61 48.55
N GLY H 2183 84.56 -2.50 48.68
CA GLY H 2183 85.13 -2.77 49.99
C GLY H 2183 85.80 -1.54 50.58
N ASN H 2184 86.58 -0.83 49.76
CA ASN H 2184 87.25 0.38 50.25
C ASN H 2184 86.24 1.43 50.66
N ILE H 2185 85.17 1.60 49.87
CA ILE H 2185 84.14 2.56 50.20
C ILE H 2185 83.49 2.21 51.52
N MET H 2186 83.14 0.93 51.70
CA MET H 2186 82.56 0.48 52.96
C MET H 2186 83.49 0.71 54.14
N ASN H 2187 84.78 0.50 53.94
CA ASN H 2187 85.73 0.76 55.03
C ASN H 2187 85.82 2.25 55.33
N ASN H 2188 85.64 3.09 54.33
CA ASN H 2188 85.68 4.53 54.54
C ASN H 2188 84.58 4.97 55.49
N LYS H 2189 84.94 5.84 56.44
CA LYS H 2189 83.96 6.39 57.36
C LYS H 2189 82.98 7.33 56.66
N VAL H 2190 83.46 8.07 55.66
CA VAL H 2190 82.65 9.11 55.03
C VAL H 2190 81.38 8.52 54.44
N PHE H 2191 81.46 7.27 53.98
CA PHE H 2191 80.29 6.61 53.41
C PHE H 2191 79.14 6.62 54.41
N TYR H 2192 79.44 6.29 55.66
CA TYR H 2192 78.41 6.24 56.69
C TYR H 2192 78.07 7.63 57.21
N GLN H 2193 79.07 8.52 57.28
CA GLN H 2193 78.84 9.84 57.85
C GLN H 2193 78.04 10.74 56.92
N HIS H 2194 78.18 10.58 55.61
CA HIS H 2194 77.64 11.51 54.63
C HIS H 2194 76.82 10.76 53.58
N PRO H 2195 75.71 10.14 53.98
CA PRO H 2195 74.85 9.50 52.98
C PRO H 2195 74.21 10.48 52.02
N ASN H 2196 73.97 11.72 52.45
CA ASN H 2196 73.42 12.72 51.54
C ASN H 2196 74.41 12.98 50.40
N LEU H 2197 75.69 13.06 50.73
CA LEU H 2197 76.71 13.23 49.70
C LEU H 2197 76.74 12.04 48.75
N MET H 2198 76.55 10.83 49.30
CA MET H 2198 76.50 9.64 48.45
C MET H 2198 75.35 9.72 47.47
N ARG H 2199 74.17 10.10 47.95
CA ARG H 2199 73.02 10.22 47.05
C ARG H 2199 73.27 11.29 46.00
N ALA H 2200 73.86 12.42 46.40
CA ALA H 2200 74.17 13.47 45.44
C ALA H 2200 75.14 12.94 44.37
N LEU H 2201 76.13 12.17 44.79
CA LEU H 2201 77.07 11.56 43.87
C LEU H 2201 76.43 10.49 43.00
N GLY H 2202 75.27 9.98 43.40
CA GLY H 2202 74.60 8.99 42.59
C GLY H 2202 75.24 7.63 42.61
N MET H 2203 75.88 7.27 43.73
CA MET H 2203 76.64 6.02 43.78
C MET H 2203 75.72 4.81 43.69
N HIS H 2204 74.61 4.83 44.41
CA HIS H 2204 73.70 3.68 44.41
C HIS H 2204 73.16 3.41 43.01
N GLU H 2205 72.77 4.46 42.28
CA GLU H 2205 72.28 4.26 40.93
C GLU H 2205 73.34 3.64 40.03
N THR H 2206 74.60 4.07 40.19
CA THR H 2206 75.69 3.51 39.40
C THR H 2206 75.87 2.03 39.69
N VAL H 2207 75.92 1.66 40.97
CA VAL H 2207 76.06 0.25 41.34
C VAL H 2207 74.90 -0.54 40.76
N MET H 2208 73.71 0.03 40.87
CA MET H 2208 72.50 -0.58 40.37
C MET H 2208 72.63 -0.92 38.90
N GLU H 2209 73.03 0.10 38.11
CA GLU H 2209 73.13 -0.04 36.67
C GLU H 2209 74.16 -1.09 36.30
N VAL H 2210 75.31 -1.09 37.00
CA VAL H 2210 76.32 -2.11 36.73
C VAL H 2210 75.72 -3.49 36.94
N MET H 2211 75.07 -3.69 38.08
CA MET H 2211 74.53 -5.00 38.42
C MET H 2211 73.53 -5.46 37.37
N VAL H 2212 72.57 -4.60 37.05
CA VAL H 2212 71.51 -4.99 36.12
C VAL H 2212 72.07 -5.22 34.73
N ASN H 2213 73.05 -4.41 34.30
CA ASN H 2213 73.67 -4.63 33.01
C ASN H 2213 74.31 -6.00 32.95
N VAL H 2214 74.99 -6.39 34.03
CA VAL H 2214 75.63 -7.70 34.09
C VAL H 2214 74.58 -8.80 34.02
N LEU H 2215 73.52 -8.66 34.81
CA LEU H 2215 72.46 -9.68 34.81
C LEU H 2215 71.84 -9.85 33.44
N GLY H 2216 71.52 -8.74 32.77
CA GLY H 2216 70.78 -8.78 31.53
C GLY H 2216 71.45 -9.65 30.47
N GLY H 2217 72.77 -9.52 30.35
CA GLY H 2217 73.49 -10.32 29.37
C GLY H 2217 73.32 -11.80 29.65
N GLY H 2218 72.74 -12.51 28.68
CA GLY H 2218 72.56 -13.94 28.79
C GLY H 2218 71.94 -14.37 30.11
N GLU H 2219 70.88 -13.67 30.53
CA GLU H 2219 70.28 -13.98 31.83
C GLU H 2219 69.66 -15.38 31.83
N THR H 2220 69.14 -15.83 30.69
CA THR H 2220 68.52 -17.15 30.63
C THR H 2220 69.55 -18.25 30.88
N LYS H 2221 70.72 -18.16 30.23
CA LYS H 2221 71.70 -19.23 30.35
C LYS H 2221 72.19 -19.38 31.78
N GLU H 2222 72.64 -18.29 32.39
CA GLU H 2222 73.22 -18.35 33.73
C GLU H 2222 73.48 -16.92 34.19
N ILE H 2223 73.53 -16.74 35.50
CA ILE H 2223 73.78 -15.44 36.11
C ILE H 2223 75.24 -15.44 36.57
N ARG H 2224 76.12 -14.89 35.75
CA ARG H 2224 77.53 -14.83 36.06
C ARG H 2224 77.79 -13.74 37.09
N PHE H 2225 79.04 -13.67 37.55
CA PHE H 2225 79.48 -12.65 38.48
C PHE H 2225 78.57 -12.59 39.70
N PRO H 2226 78.21 -13.75 40.25
CA PRO H 2226 77.42 -13.74 41.49
C PRO H 2226 78.16 -13.10 42.64
N LYS H 2227 79.49 -13.19 42.67
CA LYS H 2227 80.25 -12.45 43.67
C LYS H 2227 80.02 -10.96 43.52
N MET H 2228 80.03 -10.48 42.27
CA MET H 2228 79.74 -9.07 42.02
C MET H 2228 78.37 -8.70 42.52
N VAL H 2229 77.37 -9.53 42.25
CA VAL H 2229 76.01 -9.20 42.69
C VAL H 2229 75.92 -9.21 44.22
N THR H 2230 76.61 -10.16 44.85
CA THR H 2230 76.60 -10.22 46.31
C THR H 2230 77.22 -8.96 46.89
N SER H 2231 78.32 -8.49 46.31
CA SER H 2231 78.87 -7.20 46.69
C SER H 2231 77.86 -6.09 46.43
N CYS H 2232 77.05 -6.23 45.37
CA CYS H 2232 76.12 -5.19 44.97
C CYS H 2232 75.04 -4.96 46.03
N CYS H 2233 74.42 -6.03 46.56
CA CYS H 2233 73.89 -5.79 47.91
C CYS H 2233 74.88 -5.25 48.88
N ARG H 2234 75.84 -6.02 49.34
CA ARG H 2234 76.45 -5.59 50.59
C ARG H 2234 76.54 -4.06 50.59
N PHE H 2235 76.92 -3.49 49.44
CA PHE H 2235 76.83 -2.05 49.27
C PHE H 2235 75.41 -1.53 49.47
N LEU H 2236 74.48 -1.88 48.57
CA LEU H 2236 73.15 -1.25 48.57
C LEU H 2236 72.26 -1.75 49.71
N CYS H 2237 72.30 -3.06 49.93
CA CYS H 2237 71.56 -3.72 50.98
C CYS H 2237 72.11 -3.36 52.37
N TYR H 2238 73.23 -2.60 52.47
CA TYR H 2238 73.57 -1.86 53.70
C TYR H 2238 73.24 -0.37 53.59
N PHE H 2239 73.40 0.18 52.39
CA PHE H 2239 73.13 1.59 52.12
C PHE H 2239 71.70 1.96 52.52
N CYS H 2240 70.77 1.02 52.34
CA CYS H 2240 69.42 1.23 52.81
C CYS H 2240 69.35 1.35 54.32
N ARG H 2241 70.15 0.58 55.05
CA ARG H 2241 70.16 0.64 56.51
C ARG H 2241 70.84 1.89 57.03
N ILE H 2242 71.77 2.46 56.28
CA ILE H 2242 72.49 3.63 56.78
C ILE H 2242 71.51 4.75 57.13
N SER H 2243 70.55 5.02 56.24
CA SER H 2243 69.60 6.10 56.46
C SER H 2243 68.26 5.73 55.87
N ARG H 2244 67.21 6.30 56.44
CA ARG H 2244 65.87 6.11 55.87
C ARG H 2244 65.73 6.81 54.53
N GLN H 2245 66.38 7.97 54.36
CA GLN H 2245 66.38 8.63 53.07
C GLN H 2245 67.05 7.79 52.01
N ASN H 2246 68.16 7.15 52.34
CA ASN H 2246 68.78 6.20 51.44
C ASN H 2246 67.83 5.05 51.14
N GLN H 2247 67.13 4.58 52.17
CA GLN H 2247 66.16 3.51 51.99
C GLN H 2247 65.05 3.94 51.05
N ARG H 2248 64.59 5.20 51.19
CA ARG H 2248 63.58 5.73 50.27
C ARG H 2248 64.11 5.81 48.85
N SER H 2249 65.35 6.28 48.69
CA SER H 2249 65.94 6.38 47.37
C SER H 2249 65.98 5.03 46.69
N MET H 2250 66.35 3.99 47.43
CA MET H 2250 66.39 2.65 46.84
C MET H 2250 64.98 2.11 46.61
N PHE H 2251 64.04 2.47 47.49
CA PHE H 2251 62.64 2.10 47.29
C PHE H 2251 62.10 2.65 45.98
N ASP H 2252 62.54 3.85 45.61
CA ASP H 2252 62.06 4.46 44.38
C ASP H 2252 62.29 3.55 43.18
N HIS H 2253 63.33 2.72 43.24
CA HIS H 2253 63.68 1.83 42.14
C HIS H 2253 63.16 0.41 42.35
N LEU H 2254 62.12 0.25 43.15
CA LEU H 2254 61.65 -1.09 43.50
C LEU H 2254 61.27 -1.89 42.26
N SER H 2255 60.46 -1.29 41.38
CA SER H 2255 60.02 -1.98 40.19
C SER H 2255 61.21 -2.42 39.34
N TYR H 2256 62.21 -1.55 39.22
CA TYR H 2256 63.39 -1.89 38.44
C TYR H 2256 64.09 -3.12 39.00
N LEU H 2257 64.16 -3.21 40.33
CA LEU H 2257 64.81 -4.36 40.95
C LEU H 2257 64.00 -5.64 40.73
N LEU H 2258 62.67 -5.56 40.86
CA LEU H 2258 61.86 -6.76 40.84
C LEU H 2258 61.92 -7.47 39.49
N GLU H 2259 61.92 -6.72 38.39
CA GLU H 2259 61.93 -7.35 37.08
C GLU H 2259 63.23 -8.10 36.84
N ASN H 2260 64.34 -7.57 37.35
CA ASN H 2260 65.61 -8.30 37.29
C ASN H 2260 65.68 -9.42 38.32
N SER H 2261 64.86 -9.36 39.37
CA SER H 2261 64.95 -10.32 40.45
C SER H 2261 64.57 -11.73 40.02
N GLY H 2262 63.75 -11.86 38.97
CA GLY H 2262 63.19 -13.17 38.64
C GLY H 2262 64.26 -14.21 38.38
N ILE H 2263 65.29 -13.85 37.61
CA ILE H 2263 66.31 -14.83 37.24
C ILE H 2263 67.28 -15.07 38.40
N GLY H 2264 67.46 -14.07 39.26
CA GLY H 2264 68.49 -14.17 40.29
C GLY H 2264 68.16 -15.18 41.38
N LEU H 2265 67.00 -15.83 41.29
CA LEU H 2265 66.61 -16.82 42.27
C LEU H 2265 67.68 -17.89 42.53
N GLY H 2266 68.21 -18.50 41.47
CA GLY H 2266 69.12 -19.61 41.67
C GLY H 2266 70.39 -19.20 42.41
N MET H 2267 70.96 -18.07 42.01
CA MET H 2267 72.20 -17.47 42.48
C MET H 2267 72.14 -17.18 43.98
N GLN H 2268 72.85 -18.02 44.77
CA GLN H 2268 72.75 -18.02 46.23
CA GLN H 2268 72.74 -18.02 46.23
C GLN H 2268 73.49 -16.81 46.81
N GLY H 2269 72.88 -16.18 47.81
CA GLY H 2269 73.45 -15.02 48.48
C GLY H 2269 72.54 -13.81 48.46
N SER H 2270 73.13 -12.62 48.50
CA SER H 2270 72.35 -11.40 48.56
C SER H 2270 71.92 -10.99 47.15
N THR H 2271 70.63 -10.74 46.99
CA THR H 2271 70.00 -10.61 45.68
C THR H 2271 69.29 -9.27 45.57
N PRO H 2272 68.86 -8.91 44.36
CA PRO H 2272 67.99 -7.74 44.23
C PRO H 2272 66.70 -7.87 45.02
N LEU H 2273 66.21 -9.09 45.21
CA LEU H 2273 65.09 -9.29 46.12
C LEU H 2273 65.44 -8.84 47.54
N ASP H 2274 66.66 -9.14 47.98
CA ASP H 2274 67.13 -8.61 49.25
C ASP H 2274 67.28 -7.09 49.22
N VAL H 2275 67.66 -6.53 48.07
CA VAL H 2275 67.66 -5.07 47.95
C VAL H 2275 66.27 -4.52 48.22
N ALA H 2276 65.25 -5.12 47.61
CA ALA H 2276 63.89 -4.66 47.80
C ALA H 2276 63.44 -4.82 49.25
N ALA H 2277 63.78 -5.97 49.85
CA ALA H 2277 63.43 -6.19 51.24
C ALA H 2277 64.08 -5.15 52.15
N ALA H 2278 65.33 -4.79 51.86
CA ALA H 2278 66.00 -3.74 52.62
C ALA H 2278 65.35 -2.39 52.39
N SER H 2279 64.88 -2.15 51.17
CA SER H 2279 64.23 -0.88 50.87
C SER H 2279 62.91 -0.74 51.62
N VAL H 2280 62.22 -1.84 51.88
CA VAL H 2280 60.90 -1.80 52.51
C VAL H 2280 60.94 -2.13 54.00
N ILE H 2281 62.07 -2.61 54.52
CA ILE H 2281 62.06 -3.18 55.87
C ILE H 2281 61.96 -2.08 56.91
N ASP H 2282 61.05 -2.25 57.86
CA ASP H 2282 60.93 -1.44 59.07
C ASP H 2282 60.55 0.00 58.79
N ASN H 2283 60.01 0.30 57.61
CA ASN H 2283 59.56 1.64 57.26
C ASN H 2283 58.09 1.58 56.88
N ASN H 2284 57.22 2.00 57.80
CA ASN H 2284 55.79 1.99 57.53
C ASN H 2284 55.44 2.93 56.38
N GLU H 2285 56.12 4.07 56.30
CA GLU H 2285 55.90 5.00 55.20
C GLU H 2285 56.09 4.31 53.87
N LEU H 2286 57.24 3.65 53.69
CA LEU H 2286 57.55 2.96 52.45
C LEU H 2286 56.61 1.78 52.21
N ALA H 2287 56.25 1.05 53.26
CA ALA H 2287 55.35 -0.07 53.11
C ALA H 2287 53.98 0.38 52.61
N LEU H 2288 53.47 1.48 53.17
CA LEU H 2288 52.21 2.03 52.70
C LEU H 2288 52.34 2.57 51.28
N ALA H 2289 53.52 3.10 50.93
CA ALA H 2289 53.74 3.55 49.56
C ALA H 2289 53.78 2.38 48.59
N LEU H 2290 54.11 1.19 49.08
CA LEU H 2290 54.27 0.02 48.21
C LEU H 2290 53.05 -0.15 47.30
N GLN H 2291 53.27 -0.74 46.13
CA GLN H 2291 52.27 -0.73 45.06
C GLN H 2291 51.72 -2.12 44.76
N GLU H 2292 50.44 -2.14 44.43
CA GLU H 2292 49.69 -3.33 44.05
C GLU H 2292 50.36 -4.05 42.89
N GLN H 2293 50.86 -3.27 41.93
CA GLN H 2293 51.47 -3.87 40.74
C GLN H 2293 52.73 -4.64 41.11
N ASP H 2294 53.54 -4.09 42.04
CA ASP H 2294 54.72 -4.80 42.50
C ASP H 2294 54.34 -6.07 43.25
N LEU H 2295 53.32 -5.99 44.11
CA LEU H 2295 52.84 -7.18 44.78
C LEU H 2295 52.40 -8.25 43.78
N GLU H 2296 51.68 -7.83 42.73
CA GLU H 2296 51.23 -8.77 41.72
C GLU H 2296 52.40 -9.39 40.97
N LYS H 2297 53.43 -8.60 40.69
CA LYS H 2297 54.62 -9.16 40.04
C LYS H 2297 55.25 -10.23 40.91
N VAL H 2298 55.36 -9.96 42.21
CA VAL H 2298 55.93 -10.95 43.12
C VAL H 2298 55.08 -12.21 43.13
N VAL H 2299 53.76 -12.04 43.17
CA VAL H 2299 52.87 -13.20 43.23
C VAL H 2299 52.94 -13.99 41.94
N SER H 2300 53.13 -13.31 40.80
CA SER H 2300 53.28 -14.01 39.54
C SER H 2300 54.55 -14.85 39.53
N TYR H 2301 55.65 -14.28 40.01
CA TYR H 2301 56.88 -15.06 40.12
C TYR H 2301 56.67 -16.27 41.03
N LEU H 2302 55.98 -16.06 42.14
CA LEU H 2302 55.74 -17.14 43.09
C LEU H 2302 54.88 -18.24 42.48
N ALA H 2303 53.88 -17.86 41.69
CA ALA H 2303 53.05 -18.85 41.01
C ALA H 2303 53.87 -19.64 39.99
N GLY H 2304 54.73 -18.95 39.25
CA GLY H 2304 55.63 -19.66 38.35
C GLY H 2304 56.49 -20.67 39.09
N CYS H 2305 57.00 -20.29 40.26
CA CYS H 2305 57.76 -21.23 41.07
C CYS H 2305 56.89 -22.39 41.54
N GLY H 2306 55.63 -22.10 41.91
CA GLY H 2306 54.77 -23.14 42.43
C GLY H 2306 54.30 -24.12 41.38
N LEU H 2307 54.35 -23.72 40.10
CA LEU H 2307 53.91 -24.58 39.02
C LEU H 2307 55.05 -25.15 38.17
N GLN H 2308 56.27 -24.66 38.32
CA GLN H 2308 57.37 -25.06 37.46
C GLN H 2308 58.61 -25.38 38.28
N SER H 2309 59.39 -26.34 37.80
CA SER H 2309 60.60 -26.75 38.50
C SER H 2309 61.77 -25.85 38.10
N CYS H 2310 62.89 -26.02 38.82
CA CYS H 2310 64.04 -25.15 38.58
C CYS H 2310 65.00 -25.80 37.58
N PRO H 2311 65.20 -25.19 36.40
CA PRO H 2311 66.02 -25.82 35.37
C PRO H 2311 67.45 -26.08 35.80
N MET H 2312 68.01 -25.21 36.65
CA MET H 2312 69.36 -25.43 37.14
C MET H 2312 69.44 -26.72 37.94
N LEU H 2313 68.48 -26.94 38.84
CA LEU H 2313 68.46 -28.18 39.60
C LEU H 2313 68.27 -29.38 38.70
N LEU H 2314 67.37 -29.26 37.71
CA LEU H 2314 67.18 -30.37 36.77
C LEU H 2314 68.48 -30.70 36.06
N ALA H 2315 69.20 -29.68 35.60
CA ALA H 2315 70.48 -29.91 34.92
C ALA H 2315 71.47 -30.56 35.87
N LYS H 2316 71.50 -30.12 37.12
CA LYS H 2316 72.36 -30.74 38.13
C LYS H 2316 71.93 -32.16 38.47
N GLY H 2317 70.75 -32.58 38.03
CA GLY H 2317 70.33 -33.95 38.20
C GLY H 2317 69.45 -34.22 39.39
N TYR H 2318 68.93 -33.17 40.03
CA TYR H 2318 68.02 -33.38 41.14
C TYR H 2318 66.76 -34.07 40.66
N PRO H 2319 66.11 -34.87 41.51
CA PRO H 2319 64.83 -35.46 41.12
C PRO H 2319 63.82 -34.38 40.78
N ASP H 2320 63.03 -34.64 39.74
CA ASP H 2320 62.18 -33.63 39.14
C ASP H 2320 60.84 -33.60 39.85
N ILE H 2321 60.61 -32.53 40.60
CA ILE H 2321 59.30 -32.20 41.12
C ILE H 2321 58.73 -31.05 40.28
N GLY H 2322 57.46 -30.72 40.52
CA GLY H 2322 56.80 -29.77 39.67
C GLY H 2322 56.95 -28.31 40.05
N TRP H 2323 57.68 -27.97 41.11
CA TRP H 2323 57.65 -26.61 41.64
C TRP H 2323 58.96 -26.28 42.34
N ASN H 2324 59.17 -24.97 42.59
CA ASN H 2324 60.43 -24.46 43.08
C ASN H 2324 60.29 -23.88 44.49
N PRO H 2325 60.43 -24.70 45.53
CA PRO H 2325 60.25 -24.19 46.90
C PRO H 2325 61.23 -23.10 47.28
N CYS H 2326 62.47 -23.15 46.77
CA CYS H 2326 63.46 -22.17 47.19
C CYS H 2326 63.07 -20.76 46.74
N GLY H 2327 62.76 -20.61 45.45
CA GLY H 2327 62.30 -19.31 44.97
C GLY H 2327 61.00 -18.89 45.62
N GLY H 2328 60.09 -19.86 45.82
CA GLY H 2328 58.87 -19.53 46.53
C GLY H 2328 59.14 -18.95 47.90
N GLU H 2329 60.10 -19.55 48.63
CA GLU H 2329 60.45 -19.06 49.95
C GLU H 2329 61.05 -17.67 49.89
N ARG H 2330 61.92 -17.42 48.91
CA ARG H 2330 62.49 -16.09 48.76
C ARG H 2330 61.39 -15.04 48.62
N TYR H 2331 60.46 -15.28 47.69
CA TYR H 2331 59.37 -14.32 47.49
C TYR H 2331 58.51 -14.19 48.73
N LEU H 2332 58.26 -15.32 49.42
CA LEU H 2332 57.41 -15.27 50.60
C LEU H 2332 58.03 -14.43 51.71
N ASP H 2333 59.35 -14.54 51.90
CA ASP H 2333 59.98 -13.73 52.93
C ASP H 2333 59.99 -12.26 52.53
N PHE H 2334 60.14 -11.98 51.23
CA PHE H 2334 60.00 -10.59 50.80
C PHE H 2334 58.62 -10.05 51.16
N LEU H 2335 57.57 -10.83 50.87
CA LEU H 2335 56.22 -10.37 51.17
C LEU H 2335 56.02 -10.22 52.67
N ARG H 2336 56.64 -11.10 53.46
CA ARG H 2336 56.67 -10.93 54.90
C ARG H 2336 57.22 -9.57 55.30
N PHE H 2337 58.40 -9.23 54.80
CA PHE H 2337 59.00 -7.94 55.14
C PHE H 2337 58.13 -6.80 54.67
N ALA H 2338 57.36 -7.01 53.59
CA ALA H 2338 56.49 -5.95 53.09
C ALA H 2338 55.29 -5.75 54.00
N VAL H 2339 54.63 -6.83 54.42
CA VAL H 2339 53.35 -6.71 55.10
C VAL H 2339 53.52 -6.44 56.58
N PHE H 2340 54.56 -6.99 57.21
CA PHE H 2340 54.66 -6.98 58.66
C PHE H 2340 55.84 -6.09 59.07
N VAL H 2341 55.56 -5.04 59.83
CA VAL H 2341 56.55 -4.02 60.15
C VAL H 2341 56.49 -3.72 61.65
N ASN H 2342 57.66 -3.74 62.29
CA ASN H 2342 57.81 -3.29 63.67
C ASN H 2342 56.90 -4.05 64.62
N GLY H 2343 56.58 -5.30 64.28
CA GLY H 2343 55.76 -6.11 65.15
C GLY H 2343 54.26 -6.04 64.91
N GLU H 2344 53.82 -5.23 63.94
CA GLU H 2344 52.41 -5.09 63.63
C GLU H 2344 52.19 -5.28 62.13
N SER H 2345 51.06 -5.89 61.78
CA SER H 2345 50.73 -6.11 60.38
C SER H 2345 50.19 -4.83 59.75
N VAL H 2346 50.50 -4.67 58.46
CA VAL H 2346 49.93 -3.61 57.65
C VAL H 2346 48.76 -4.21 56.88
N GLU H 2347 47.54 -3.91 57.32
CA GLU H 2347 46.37 -4.57 56.76
C GLU H 2347 46.20 -4.22 55.28
N GLU H 2348 46.60 -3.01 54.89
CA GLU H 2348 46.45 -2.60 53.50
C GLU H 2348 47.19 -3.55 52.57
N ASN H 2349 48.44 -3.87 52.88
CA ASN H 2349 49.20 -4.80 52.05
C ASN H 2349 48.78 -6.25 52.31
N ALA H 2350 48.43 -6.57 53.56
CA ALA H 2350 48.11 -7.96 53.90
C ALA H 2350 46.87 -8.44 53.16
N ASN H 2351 45.83 -7.61 53.12
CA ASN H 2351 44.61 -7.99 52.43
C ASN H 2351 44.88 -8.19 50.95
N VAL H 2352 45.70 -7.32 50.36
CA VAL H 2352 46.05 -7.45 48.95
C VAL H 2352 46.77 -8.77 48.71
N VAL H 2353 47.74 -9.09 49.56
CA VAL H 2353 48.49 -10.32 49.39
C VAL H 2353 47.57 -11.52 49.47
N VAL H 2354 46.67 -11.51 50.45
CA VAL H 2354 45.74 -12.63 50.61
C VAL H 2354 44.88 -12.79 49.37
N ARG H 2355 44.34 -11.67 48.88
CA ARG H 2355 43.45 -11.73 47.72
C ARG H 2355 44.20 -12.28 46.51
N LEU H 2356 45.41 -11.77 46.27
CA LEU H 2356 46.17 -12.20 45.11
C LEU H 2356 46.54 -13.67 45.21
N LEU H 2357 46.96 -14.11 46.40
CA LEU H 2357 47.35 -15.49 46.59
C LEU H 2357 46.16 -16.42 46.37
N ILE H 2358 44.99 -16.06 46.89
CA ILE H 2358 43.83 -16.92 46.70
C ILE H 2358 43.35 -16.89 45.26
N ARG H 2359 43.59 -15.79 44.54
CA ARG H 2359 43.27 -15.77 43.12
C ARG H 2359 44.19 -16.72 42.36
N LYS H 2360 45.46 -16.75 42.74
CA LYS H 2360 46.42 -17.70 42.17
C LYS H 2360 46.74 -18.76 43.21
N PRO H 2361 45.91 -19.79 43.36
CA PRO H 2361 46.12 -20.76 44.44
C PRO H 2361 47.36 -21.62 44.26
N GLU H 2362 47.96 -21.65 43.07
CA GLU H 2362 49.19 -22.41 42.87
C GLU H 2362 50.31 -21.92 43.76
N CYS H 2363 50.24 -20.66 44.21
CA CYS H 2363 51.27 -20.12 45.09
C CYS H 2363 51.29 -20.83 46.43
N PHE H 2364 50.19 -21.45 46.84
CA PHE H 2364 50.16 -22.16 48.11
C PHE H 2364 51.03 -23.39 48.07
N GLY H 2365 51.23 -23.96 46.88
CA GLY H 2365 51.97 -25.19 46.73
C GLY H 2365 51.08 -26.30 46.21
N PRO H 2366 51.68 -27.41 45.77
CA PRO H 2366 50.86 -28.55 45.35
C PRO H 2366 49.95 -29.04 46.46
N ALA H 2367 50.40 -28.94 47.70
CA ALA H 2367 49.51 -29.13 48.84
C ALA H 2367 48.62 -27.90 49.01
N LEU H 2368 47.51 -28.08 49.71
CA LEU H 2368 46.53 -27.01 49.90
C LEU H 2368 45.90 -26.61 48.57
N ARG H 2369 46.05 -27.48 47.56
CA ARG H 2369 45.51 -27.21 46.24
CA ARG H 2369 45.50 -27.22 46.24
C ARG H 2369 43.99 -27.24 46.25
N GLY H 2370 43.39 -28.13 47.04
CA GLY H 2370 41.96 -28.34 47.03
C GLY H 2370 41.64 -29.70 46.45
N GLU H 2371 41.11 -29.73 45.23
CA GLU H 2371 40.86 -31.01 44.58
C GLU H 2371 42.18 -31.75 44.35
N GLY H 2372 42.19 -33.03 44.71
CA GLY H 2372 43.39 -33.82 44.52
C GLY H 2372 44.60 -33.24 45.21
N GLY H 2373 44.40 -32.66 46.40
CA GLY H 2373 45.48 -32.01 47.11
C GLY H 2373 45.71 -32.59 48.49
N SER H 2374 46.95 -32.94 48.78
CA SER H 2374 47.29 -33.43 50.11
C SER H 2374 47.32 -32.28 51.11
N GLY H 2375 47.19 -32.63 52.37
CA GLY H 2375 47.26 -31.65 53.43
C GLY H 2375 48.68 -31.25 53.75
N LEU H 2376 48.78 -30.16 54.53
CA LEU H 2376 50.09 -29.64 54.92
C LEU H 2376 50.87 -30.66 55.73
N LEU H 2377 50.19 -31.33 56.68
CA LEU H 2377 50.85 -32.33 57.50
C LEU H 2377 51.38 -33.47 56.64
N ALA H 2378 50.56 -33.92 55.67
CA ALA H 2378 51.00 -34.97 54.77
C ALA H 2378 52.20 -34.52 53.96
N ALA H 2379 52.20 -33.27 53.50
CA ALA H 2379 53.32 -32.76 52.74
C ALA H 2379 54.60 -32.77 53.58
N ILE H 2380 54.50 -32.35 54.84
CA ILE H 2380 55.66 -32.33 55.71
C ILE H 2380 56.16 -33.76 55.95
N GLU H 2381 55.25 -34.70 56.18
CA GLU H 2381 55.65 -36.08 56.40
C GLU H 2381 56.37 -36.64 55.18
N GLU H 2382 55.83 -36.35 53.99
CA GLU H 2382 56.47 -36.80 52.76
C GLU H 2382 57.84 -36.15 52.60
N ALA H 2383 57.97 -34.89 53.01
CA ALA H 2383 59.27 -34.21 52.93
C ALA H 2383 60.29 -34.89 53.83
N ILE H 2384 59.86 -35.28 55.04
CA ILE H 2384 60.76 -35.99 55.94
C ILE H 2384 61.14 -37.34 55.34
N ARG H 2385 60.18 -38.03 54.72
CA ARG H 2385 60.49 -39.29 54.06
C ARG H 2385 61.54 -39.07 52.97
N ILE H 2386 61.39 -38.01 52.19
CA ILE H 2386 62.37 -37.70 51.15
C ILE H 2386 63.73 -37.43 51.77
N SER H 2387 63.75 -36.67 52.86
CA SER H 2387 65.01 -36.35 53.51
C SER H 2387 65.73 -37.63 53.94
N GLU H 2388 64.99 -38.58 54.51
CA GLU H 2388 65.58 -39.87 54.84
C GLU H 2388 66.07 -40.59 53.60
N ASP H 2389 65.26 -40.60 52.54
CA ASP H 2389 65.57 -41.37 51.34
C ASP H 2389 66.39 -40.54 50.35
N PRO H 2390 67.64 -40.92 50.09
CA PRO H 2390 68.40 -40.24 49.02
C PRO H 2390 67.87 -40.67 47.66
N ALA H 2391 68.32 -39.93 46.63
CA ALA H 2391 67.82 -40.07 45.28
C ALA H 2391 66.46 -39.41 45.14
N ARG H 2392 65.93 -38.91 46.27
CA ARG H 2392 64.72 -38.10 46.23
C ARG H 2392 64.97 -36.72 46.81
N ASP H 2393 65.86 -36.62 47.80
CA ASP H 2393 66.31 -35.32 48.28
C ASP H 2393 67.32 -34.70 47.33
N GLY H 2394 68.12 -35.53 46.66
CA GLY H 2394 69.09 -35.06 45.69
C GLY H 2394 69.56 -36.16 44.78
N PRO H 2395 70.43 -35.83 43.83
CA PRO H 2395 70.96 -36.85 42.91
C PRO H 2395 71.71 -37.95 43.63
N GLY H 2396 72.51 -37.57 44.62
CA GLY H 2396 73.18 -38.53 45.48
C GLY H 2396 74.26 -39.34 44.80
N VAL H 2397 74.82 -38.84 43.71
CA VAL H 2397 75.76 -39.64 42.93
C VAL H 2397 77.17 -39.52 43.50
N PRO H 2410 79.93 -32.70 46.86
CA PRO H 2410 79.62 -31.28 46.98
C PRO H 2410 80.68 -30.43 47.69
N PRO H 2411 81.61 -29.87 46.91
CA PRO H 2411 82.61 -28.97 47.51
C PRO H 2411 81.99 -27.78 48.21
N GLU H 2412 80.88 -27.25 47.67
CA GLU H 2412 80.28 -26.05 48.23
C GLU H 2412 79.64 -26.32 49.59
N GLU H 2413 79.06 -27.51 49.77
CA GLU H 2413 78.33 -27.95 50.96
C GLU H 2413 76.97 -27.25 51.06
N ASN H 2414 76.65 -26.33 50.16
CA ASN H 2414 75.38 -25.63 50.19
C ASN H 2414 74.36 -26.25 49.25
N ARG H 2415 74.58 -27.49 48.83
CA ARG H 2415 73.64 -28.16 47.93
C ARG H 2415 72.26 -28.22 48.56
N VAL H 2416 71.25 -28.02 47.73
CA VAL H 2416 69.87 -27.93 48.21
C VAL H 2416 69.37 -29.32 48.59
N HIS H 2417 68.68 -29.39 49.71
CA HIS H 2417 68.00 -30.62 50.16
C HIS H 2417 66.50 -30.37 50.01
N LEU H 2418 65.86 -31.17 49.15
CA LEU H 2418 64.50 -30.88 48.73
C LEU H 2418 63.51 -30.96 49.89
N GLY H 2419 63.72 -31.91 50.81
CA GLY H 2419 62.82 -32.00 51.95
C GLY H 2419 62.85 -30.74 52.79
N HIS H 2420 64.05 -30.26 53.11
CA HIS H 2420 64.18 -29.02 53.85
C HIS H 2420 63.60 -27.85 53.06
N ALA H 2421 63.80 -27.86 51.75
CA ALA H 2421 63.28 -26.76 50.93
C ALA H 2421 61.77 -26.72 50.99
N ILE H 2422 61.12 -27.87 50.87
CA ILE H 2422 59.66 -27.92 50.92
C ILE H 2422 59.16 -27.48 52.28
N MET H 2423 59.77 -28.01 53.35
CA MET H 2423 59.32 -27.65 54.68
C MET H 2423 59.51 -26.18 54.95
N SER H 2424 60.61 -25.59 54.50
CA SER H 2424 60.84 -24.17 54.67
C SER H 2424 59.88 -23.33 53.85
N PHE H 2425 59.57 -23.77 52.63
CA PHE H 2425 58.56 -23.07 51.83
C PHE H 2425 57.24 -23.02 52.58
N TYR H 2426 56.77 -24.16 53.08
CA TYR H 2426 55.49 -24.17 53.78
C TYR H 2426 55.56 -23.36 55.07
N ALA H 2427 56.68 -23.44 55.78
CA ALA H 2427 56.84 -22.65 57.00
C ALA H 2427 56.78 -21.16 56.71
N ALA H 2428 57.45 -20.72 55.64
CA ALA H 2428 57.41 -19.31 55.27
C ALA H 2428 56.02 -18.89 54.85
N LEU H 2429 55.31 -19.74 54.13
CA LEU H 2429 53.93 -19.42 53.74
C LEU H 2429 53.06 -19.24 54.98
N ILE H 2430 53.17 -20.15 55.93
CA ILE H 2430 52.36 -20.06 57.14
C ILE H 2430 52.75 -18.83 57.95
N ASP H 2431 54.04 -18.52 58.02
CA ASP H 2431 54.46 -17.32 58.72
C ASP H 2431 53.87 -16.07 58.07
N LEU H 2432 53.92 -16.01 56.74
CA LEU H 2432 53.38 -14.85 56.04
C LEU H 2432 51.89 -14.71 56.31
N LEU H 2433 51.16 -15.82 56.25
CA LEU H 2433 49.72 -15.76 56.52
C LEU H 2433 49.45 -15.31 57.95
N GLY H 2434 50.20 -15.84 58.91
CA GLY H 2434 50.02 -15.43 60.29
C GLY H 2434 50.28 -13.95 60.49
N ARG H 2435 51.32 -13.43 59.85
CA ARG H 2435 51.61 -12.01 59.94
C ARG H 2435 50.52 -11.18 59.28
N CYS H 2436 49.98 -11.67 58.16
CA CYS H 2436 48.88 -10.98 57.51
C CYS H 2436 47.63 -11.00 58.38
N ALA H 2437 47.56 -11.95 59.31
CA ALA H 2437 46.39 -12.06 60.16
C ALA H 2437 46.14 -10.74 60.88
N PRO H 2438 44.89 -10.32 61.04
CA PRO H 2438 44.63 -9.01 61.65
C PRO H 2438 45.08 -8.94 63.11
N GLU H 2439 45.42 -7.73 63.52
CA GLU H 2439 45.64 -7.46 64.94
C GLU H 2439 44.32 -7.50 65.69
N MET H 2440 44.38 -7.84 66.97
CA MET H 2440 43.16 -8.12 67.73
C MET H 2440 42.27 -6.88 67.83
N HIS H 2441 42.85 -5.72 68.11
CA HIS H 2441 42.03 -4.52 68.32
C HIS H 2441 41.04 -4.34 67.18
N LEU H 2442 41.45 -4.67 65.95
CA LEU H 2442 40.52 -4.64 64.83
C LEU H 2442 39.38 -5.64 65.05
N ILE H 2443 39.70 -6.82 65.56
CA ILE H 2443 38.68 -7.84 65.77
C ILE H 2443 37.66 -7.35 66.78
N GLN H 2444 38.13 -6.80 67.90
CA GLN H 2444 37.20 -6.22 68.87
C GLN H 2444 36.39 -5.09 68.25
N ALA H 2445 37.04 -4.27 67.43
CA ALA H 2445 36.30 -3.22 66.72
C ALA H 2445 35.22 -3.80 65.84
N GLY H 2446 35.40 -5.05 65.40
CA GLY H 2446 34.43 -5.71 64.55
C GLY H 2446 34.62 -5.50 63.07
N LYS H 2447 35.79 -5.04 62.63
CA LYS H 2447 36.01 -4.77 61.22
C LYS H 2447 35.71 -5.99 60.37
N GLY H 2448 34.73 -5.82 59.47
CA GLY H 2448 34.33 -6.92 58.62
C GLY H 2448 35.45 -7.45 57.75
N GLU H 2449 36.31 -6.55 57.27
CA GLU H 2449 37.45 -6.98 56.47
C GLU H 2449 38.39 -7.85 57.29
N ALA H 2450 38.64 -7.47 58.54
CA ALA H 2450 39.47 -8.28 59.42
C ALA H 2450 38.85 -9.65 59.65
N LEU H 2451 37.54 -9.68 59.90
CA LEU H 2451 36.87 -10.95 60.12
C LEU H 2451 36.96 -11.83 58.88
N ARG H 2452 36.72 -11.25 57.71
CA ARG H 2452 37.00 -11.95 56.46
C ARG H 2452 38.37 -12.60 56.49
N ILE H 2453 39.40 -11.77 56.60
CA ILE H 2453 40.76 -12.25 56.40
C ILE H 2453 41.04 -13.38 57.38
N ARG H 2454 40.57 -13.24 58.61
CA ARG H 2454 40.80 -14.27 59.61
C ARG H 2454 40.07 -15.56 59.23
N ALA H 2455 38.83 -15.46 58.78
CA ALA H 2455 38.09 -16.65 58.39
C ALA H 2455 38.74 -17.34 57.21
N ILE H 2456 39.22 -16.55 56.24
CA ILE H 2456 39.89 -17.10 55.08
C ILE H 2456 41.15 -17.84 55.48
N LEU H 2457 41.93 -17.24 56.40
CA LEU H 2457 43.15 -17.88 56.86
C LEU H 2457 42.84 -19.18 57.60
N ARG H 2458 41.81 -19.16 58.45
CA ARG H 2458 41.38 -20.38 59.14
C ARG H 2458 40.99 -21.45 58.15
N SER H 2459 40.23 -21.08 57.12
CA SER H 2459 39.82 -22.06 56.11
C SER H 2459 41.02 -22.63 55.37
N LEU H 2460 41.98 -21.77 55.04
CA LEU H 2460 43.17 -22.24 54.33
C LEU H 2460 43.96 -23.24 55.17
N VAL H 2461 44.19 -22.91 56.44
CA VAL H 2461 45.03 -23.73 57.30
C VAL H 2461 44.18 -24.30 58.43
N PRO H 2462 43.89 -25.59 58.45
CA PRO H 2462 43.18 -26.16 59.60
C PRO H 2462 44.10 -26.28 60.81
N LEU H 2463 43.49 -26.18 61.99
CA LEU H 2463 44.26 -26.17 63.23
C LEU H 2463 44.91 -27.51 63.51
N ASP H 2464 44.20 -28.60 63.21
CA ASP H 2464 44.70 -29.95 63.45
C ASP H 2464 46.06 -30.14 62.79
N ASP H 2465 46.23 -29.62 61.57
CA ASP H 2465 47.50 -29.78 60.87
C ASP H 2465 48.61 -29.03 61.58
N LEU H 2466 48.32 -27.81 62.06
CA LEU H 2466 49.32 -27.07 62.82
C LEU H 2466 49.73 -27.84 64.06
N VAL H 2467 48.76 -28.42 64.76
CA VAL H 2467 49.08 -29.18 65.98
C VAL H 2467 49.91 -30.40 65.63
N GLY H 2468 49.57 -31.08 64.53
CA GLY H 2468 50.36 -32.23 64.12
C GLY H 2468 51.80 -31.86 63.81
N ILE H 2469 51.99 -30.78 63.05
CA ILE H 2469 53.34 -30.35 62.72
C ILE H 2469 54.10 -29.99 63.98
N ILE H 2470 53.46 -29.30 64.91
CA ILE H 2470 54.11 -28.96 66.18
C ILE H 2470 54.47 -30.23 66.93
N SER H 2471 53.63 -31.25 66.84
CA SER H 2471 53.88 -32.49 67.56
C SER H 2471 54.94 -33.34 66.89
N LEU H 2472 55.25 -33.08 65.63
CA LEU H 2472 56.19 -33.92 64.91
C LEU H 2472 57.52 -33.98 65.66
N PRO H 2473 58.13 -35.16 65.79
CA PRO H 2473 59.40 -35.26 66.51
C PRO H 2473 60.55 -34.67 65.72
N LEU H 2474 61.62 -34.35 66.45
CA LEU H 2474 62.82 -33.77 65.88
C LEU H 2474 64.01 -34.62 66.28
N GLN H 2475 64.92 -34.87 65.34
CA GLN H 2475 66.10 -35.65 65.64
C GLN H 2475 66.94 -34.94 66.69
N ILE H 2476 67.48 -35.72 67.63
CA ILE H 2476 68.13 -35.20 68.82
C ILE H 2476 69.57 -35.71 68.83
N PRO H 2477 70.56 -34.86 69.10
CA PRO H 2477 71.93 -35.35 69.19
C PRO H 2477 72.07 -36.43 70.26
N THR H 2478 72.85 -37.45 69.95
CA THR H 2478 73.13 -38.54 70.88
C THR H 2478 74.53 -39.06 70.66
N LEU H 2479 75.12 -39.59 71.72
CA LEU H 2479 76.43 -40.23 71.61
C LEU H 2479 76.24 -41.73 71.51
N GLY H 2480 76.88 -42.33 70.51
CA GLY H 2480 76.78 -43.77 70.32
C GLY H 2480 77.99 -44.28 69.58
N LYS H 2481 78.16 -45.61 69.62
CA LYS H 2481 79.29 -46.24 68.93
C LYS H 2481 80.58 -45.60 69.41
N ASP H 2482 80.94 -45.86 70.67
CA ASP H 2482 82.13 -45.37 71.37
C ASP H 2482 81.98 -43.92 71.81
N GLY H 2483 80.76 -43.42 71.95
CA GLY H 2483 80.60 -42.03 72.32
C GLY H 2483 80.91 -41.06 71.21
N ALA H 2484 80.81 -41.48 69.96
CA ALA H 2484 80.85 -40.54 68.85
C ALA H 2484 79.53 -39.76 68.80
N LEU H 2485 79.64 -38.44 68.73
CA LEU H 2485 78.46 -37.60 68.77
C LEU H 2485 77.75 -37.64 67.43
N VAL H 2486 76.50 -38.09 67.46
CA VAL H 2486 75.66 -38.20 66.28
C VAL H 2486 74.74 -36.98 66.27
N GLN H 2487 74.87 -36.15 65.24
CA GLN H 2487 74.19 -34.87 65.21
C GLN H 2487 73.41 -34.71 63.91
N PRO H 2488 72.16 -34.25 63.98
CA PRO H 2488 71.37 -34.12 62.75
C PRO H 2488 71.81 -32.95 61.90
N LYS H 2489 71.91 -33.19 60.59
CA LYS H 2489 72.13 -32.11 59.64
C LYS H 2489 70.86 -31.27 59.51
N MET H 2490 71.02 -29.96 59.65
CA MET H 2490 69.87 -29.06 59.61
C MET H 2490 69.42 -28.77 58.18
N SER H 2491 70.37 -28.59 57.27
CA SER H 2491 70.01 -28.22 55.91
C SER H 2491 69.17 -29.30 55.24
N ALA H 2492 69.19 -30.51 55.79
CA ALA H 2492 68.48 -31.65 55.20
C ALA H 2492 67.42 -32.23 56.13
N SER H 2493 67.05 -31.52 57.20
CA SER H 2493 66.16 -32.08 58.20
C SER H 2493 65.12 -31.05 58.64
N PHE H 2494 64.07 -31.58 59.29
CA PHE H 2494 63.05 -30.74 59.90
C PHE H 2494 63.65 -29.99 61.07
N VAL H 2495 63.29 -28.72 61.21
CA VAL H 2495 63.95 -27.86 62.19
C VAL H 2495 62.91 -27.04 62.94
N PRO H 2496 63.29 -26.51 64.11
CA PRO H 2496 62.30 -25.83 64.98
C PRO H 2496 61.65 -24.59 64.37
N ASP H 2497 62.33 -23.85 63.49
CA ASP H 2497 61.73 -22.63 62.96
C ASP H 2497 60.49 -22.97 62.15
N HIS H 2498 60.45 -24.17 61.55
CA HIS H 2498 59.25 -24.64 60.89
C HIS H 2498 58.08 -24.68 61.86
N LYS H 2499 58.33 -25.16 63.08
CA LYS H 2499 57.30 -25.17 64.11
C LYS H 2499 56.98 -23.75 64.57
N ALA H 2500 58.00 -22.89 64.59
CA ALA H 2500 57.81 -21.51 65.04
C ALA H 2500 56.81 -20.79 64.15
N SER H 2501 56.92 -21.00 62.84
CA SER H 2501 55.98 -20.38 61.91
C SER H 2501 54.55 -20.84 62.21
N MET H 2502 54.39 -22.14 62.46
CA MET H 2502 53.08 -22.67 62.80
C MET H 2502 52.54 -22.03 64.07
N VAL H 2503 53.41 -21.85 65.06
CA VAL H 2503 52.99 -21.24 66.32
C VAL H 2503 52.53 -19.81 66.09
N LEU H 2504 53.27 -19.07 65.27
CA LEU H 2504 52.87 -17.70 64.96
C LEU H 2504 51.49 -17.68 64.31
N PHE H 2505 51.28 -18.57 63.34
CA PHE H 2505 49.97 -18.64 62.70
C PHE H 2505 48.87 -18.96 63.71
N LEU H 2506 49.11 -19.95 64.56
CA LEU H 2506 48.12 -20.35 65.55
C LEU H 2506 47.77 -19.18 66.46
N ASP H 2507 48.78 -18.49 66.98
CA ASP H 2507 48.55 -17.38 67.89
C ASP H 2507 47.78 -16.25 67.21
N ARG H 2508 48.15 -15.92 65.98
CA ARG H 2508 47.61 -14.72 65.36
C ARG H 2508 46.22 -14.94 64.78
N VAL H 2509 45.94 -16.16 64.28
CA VAL H 2509 44.66 -16.43 63.65
C VAL H 2509 43.71 -17.12 64.62
N TYR H 2510 44.07 -18.33 65.04
CA TYR H 2510 43.16 -19.13 65.84
C TYR H 2510 43.12 -18.64 67.28
N GLY H 2511 44.28 -18.45 67.89
CA GLY H 2511 44.35 -18.03 69.26
C GLY H 2511 44.07 -19.17 70.23
N ILE H 2512 44.57 -19.01 71.44
CA ILE H 2512 44.35 -19.99 72.50
C ILE H 2512 43.48 -19.35 73.57
N GLU H 2513 42.20 -19.69 73.57
CA GLU H 2513 41.23 -19.13 74.50
C GLU H 2513 40.68 -20.16 75.48
N ASN H 2514 40.89 -21.45 75.22
CA ASN H 2514 40.29 -22.50 76.01
C ASN H 2514 41.35 -23.38 76.66
N GLN H 2515 41.15 -23.67 77.94
CA GLN H 2515 42.13 -24.42 78.71
C GLN H 2515 42.35 -25.81 78.14
N ASP H 2516 41.29 -26.45 77.65
CA ASP H 2516 41.45 -27.79 77.11
C ASP H 2516 42.42 -27.81 75.94
N PHE H 2517 42.26 -26.88 75.00
CA PHE H 2517 43.17 -26.80 73.87
C PHE H 2517 44.58 -26.41 74.33
N LEU H 2518 44.66 -25.48 75.29
CA LEU H 2518 45.97 -25.14 75.84
C LEU H 2518 46.70 -26.39 76.31
N LEU H 2519 46.09 -27.12 77.23
CA LEU H 2519 46.70 -28.33 77.78
C LEU H 2519 47.00 -29.33 76.67
N HIS H 2520 46.10 -29.46 75.70
CA HIS H 2520 46.31 -30.39 74.60
C HIS H 2520 47.60 -30.07 73.85
N VAL H 2521 47.74 -28.82 73.43
CA VAL H 2521 48.93 -28.42 72.66
C VAL H 2521 50.17 -28.63 73.50
N LEU H 2522 50.12 -28.24 74.77
CA LEU H 2522 51.31 -28.30 75.61
C LEU H 2522 51.73 -29.74 75.85
N ASP H 2523 50.77 -30.66 75.99
CA ASP H 2523 51.13 -32.05 76.21
C ASP H 2523 51.63 -32.70 74.94
N VAL H 2524 51.04 -32.35 73.79
CA VAL H 2524 51.43 -33.04 72.56
C VAL H 2524 52.76 -32.54 72.04
N GLY H 2525 52.91 -31.23 71.83
CA GLY H 2525 54.06 -30.74 71.10
C GLY H 2525 55.09 -29.94 71.89
N PHE H 2526 54.64 -29.09 72.80
CA PHE H 2526 55.53 -28.10 73.41
C PHE H 2526 56.39 -28.73 74.51
N LEU H 2527 55.74 -29.34 75.49
CA LEU H 2527 56.42 -29.89 76.65
C LEU H 2527 57.50 -30.89 76.23
N PRO H 2528 57.21 -31.79 75.27
CA PRO H 2528 58.27 -32.68 74.79
C PRO H 2528 59.52 -31.94 74.31
N ASP H 2529 59.31 -30.87 73.55
CA ASP H 2529 60.44 -30.13 73.02
C ASP H 2529 61.20 -29.41 74.12
N MET H 2530 60.48 -28.84 75.09
CA MET H 2530 61.16 -28.22 76.22
C MET H 2530 61.97 -29.24 77.01
N ARG H 2531 61.40 -30.44 77.22
CA ARG H 2531 62.14 -31.50 77.88
C ARG H 2531 63.39 -31.86 77.10
N ALA H 2532 63.28 -31.93 75.77
CA ALA H 2532 64.44 -32.26 74.96
C ALA H 2532 65.52 -31.20 75.09
N ALA H 2533 65.12 -29.92 75.08
CA ALA H 2533 66.10 -28.85 75.25
C ALA H 2533 66.79 -28.94 76.61
N ALA H 2534 66.01 -29.20 77.66
CA ALA H 2534 66.61 -29.34 78.99
C ALA H 2534 67.58 -30.51 79.03
N SER H 2535 67.19 -31.63 78.41
CA SER H 2535 68.06 -32.80 78.36
C SER H 2535 69.34 -32.53 77.58
N LEU H 2536 69.27 -31.72 76.52
CA LEU H 2536 70.45 -31.36 75.75
C LEU H 2536 71.25 -30.24 76.40
N ASP H 2537 70.72 -29.63 77.47
CA ASP H 2537 71.49 -28.65 78.21
C ASP H 2537 72.60 -29.33 79.01
N THR H 2538 73.50 -30.02 78.31
CA THR H 2538 74.65 -30.67 78.91
C THR H 2538 75.90 -30.24 78.16
N ALA H 2539 77.04 -30.34 78.83
CA ALA H 2539 78.32 -29.90 78.28
C ALA H 2539 78.48 -30.35 76.83
N THR H 2540 78.26 -31.65 76.59
CA THR H 2540 78.43 -32.18 75.24
C THR H 2540 77.40 -31.60 74.28
N PHE H 2541 76.16 -31.45 74.73
CA PHE H 2541 75.04 -31.14 73.88
C PHE H 2541 74.64 -29.66 73.92
N SER H 2542 75.07 -28.93 74.94
CA SER H 2542 74.55 -27.58 75.16
C SER H 2542 74.87 -26.66 73.98
N THR H 2543 76.03 -26.84 73.36
CA THR H 2543 76.46 -25.98 72.27
C THR H 2543 75.99 -26.48 70.91
N THR H 2544 75.32 -27.63 70.85
CA THR H 2544 74.87 -28.16 69.59
C THR H 2544 73.93 -27.18 68.90
N GLU H 2545 74.14 -27.02 67.59
CA GLU H 2545 73.27 -26.16 66.80
C GLU H 2545 71.80 -26.57 66.94
N MET H 2546 71.54 -27.86 67.08
CA MET H 2546 70.17 -28.32 67.29
C MET H 2546 69.60 -27.75 68.58
N ALA H 2547 70.37 -27.80 69.67
CA ALA H 2547 69.92 -27.26 70.94
C ALA H 2547 69.72 -25.76 70.85
N LEU H 2548 70.64 -25.07 70.16
CA LEU H 2548 70.49 -23.63 69.98
C LEU H 2548 69.22 -23.30 69.23
N ALA H 2549 68.92 -24.05 68.16
CA ALA H 2549 67.70 -23.81 67.42
C ALA H 2549 66.47 -24.08 68.27
N LEU H 2550 66.52 -25.13 69.08
CA LEU H 2550 65.40 -25.42 69.96
C LEU H 2550 65.17 -24.29 70.96
N ASN H 2551 66.26 -23.77 71.54
CA ASN H 2551 66.13 -22.68 72.50
C ASN H 2551 65.58 -21.42 71.83
N ARG H 2552 66.06 -21.12 70.62
CA ARG H 2552 65.51 -19.97 69.90
C ARG H 2552 64.01 -20.16 69.64
N TYR H 2553 63.64 -21.35 69.17
CA TYR H 2553 62.23 -21.65 68.95
C TYR H 2553 61.41 -21.41 70.22
N LEU H 2554 61.86 -22.01 71.33
CA LEU H 2554 61.16 -21.86 72.59
C LEU H 2554 60.99 -20.39 72.93
N CYS H 2555 62.11 -19.68 73.13
CA CYS H 2555 62.05 -18.31 73.62
C CYS H 2555 61.27 -17.41 72.68
N LEU H 2556 61.38 -17.63 71.37
CA LEU H 2556 60.73 -16.74 70.42
C LEU H 2556 59.23 -16.98 70.35
N ALA H 2557 58.80 -18.24 70.34
CA ALA H 2557 57.41 -18.58 70.04
C ALA H 2557 56.67 -19.12 71.26
N VAL H 2558 57.20 -20.15 71.91
CA VAL H 2558 56.42 -20.87 72.91
C VAL H 2558 56.30 -20.04 74.19
N LEU H 2559 57.44 -19.73 74.79
CA LEU H 2559 57.43 -19.13 76.12
C LEU H 2559 56.61 -17.85 76.17
N PRO H 2560 56.70 -16.93 75.22
CA PRO H 2560 55.80 -15.77 75.24
C PRO H 2560 54.34 -16.17 75.21
N LEU H 2561 54.02 -17.21 74.43
CA LEU H 2561 52.64 -17.65 74.30
C LEU H 2561 52.11 -18.20 75.63
N ILE H 2562 52.92 -19.00 76.31
CA ILE H 2562 52.52 -19.54 77.61
C ILE H 2562 52.41 -18.42 78.63
N THR H 2563 53.32 -17.45 78.56
CA THR H 2563 53.24 -16.29 79.43
C THR H 2563 51.91 -15.57 79.25
N LYS H 2564 51.50 -15.40 78.00
CA LYS H 2564 50.24 -14.71 77.71
C LYS H 2564 49.04 -15.54 78.15
N CYS H 2565 49.12 -16.86 77.99
CA CYS H 2565 48.03 -17.76 78.35
C CYS H 2565 48.10 -18.26 79.78
N ALA H 2566 48.97 -17.67 80.61
CA ALA H 2566 49.14 -18.13 81.98
C ALA H 2566 47.84 -18.18 82.75
N PRO H 2567 46.95 -17.18 82.66
CA PRO H 2567 45.72 -17.20 83.49
C PRO H 2567 44.89 -18.45 83.28
N LEU H 2568 44.98 -19.03 82.08
CA LEU H 2568 44.20 -20.21 81.77
C LEU H 2568 44.56 -21.39 82.65
N PHE H 2569 45.71 -21.34 83.31
CA PHE H 2569 46.18 -22.41 84.18
C PHE H 2569 45.54 -22.39 85.55
N ALA H 2570 44.59 -21.48 85.79
CA ALA H 2570 44.09 -21.28 87.15
C ALA H 2570 43.47 -22.54 87.73
N GLY H 2571 42.62 -23.21 86.95
CA GLY H 2571 41.89 -24.36 87.42
C GLY H 2571 42.38 -25.71 86.93
N THR H 2572 43.66 -25.83 86.58
CA THR H 2572 44.19 -27.07 86.03
C THR H 2572 44.60 -28.03 87.15
N GLU H 2573 43.66 -28.23 88.08
CA GLU H 2573 43.90 -29.18 89.16
C GLU H 2573 43.88 -30.61 88.67
N HIS H 2574 43.28 -30.86 87.50
CA HIS H 2574 43.14 -32.23 87.02
C HIS H 2574 44.35 -32.66 86.20
N ARG H 2575 45.26 -31.73 85.89
CA ARG H 2575 46.50 -32.03 85.20
C ARG H 2575 47.72 -31.55 85.98
N ALA H 2576 47.67 -31.66 87.31
CA ALA H 2576 48.73 -31.11 88.14
C ALA H 2576 50.06 -31.80 87.86
N ILE H 2577 50.02 -33.06 87.44
CA ILE H 2577 51.24 -33.80 87.12
C ILE H 2577 51.94 -33.07 85.98
N MET H 2578 51.18 -32.78 84.93
CA MET H 2578 51.74 -32.11 83.77
C MET H 2578 52.18 -30.69 84.11
N VAL H 2579 51.41 -30.00 84.95
CA VAL H 2579 51.81 -28.65 85.34
C VAL H 2579 53.15 -28.69 86.09
N ASP H 2580 53.32 -29.66 86.98
CA ASP H 2580 54.56 -29.79 87.73
C ASP H 2580 55.73 -30.12 86.80
N SER H 2581 55.50 -31.04 85.86
CA SER H 2581 56.54 -31.36 84.88
C SER H 2581 56.93 -30.13 84.10
N MET H 2582 55.93 -29.33 83.71
CA MET H 2582 56.14 -28.10 82.98
C MET H 2582 57.02 -27.13 83.77
N LEU H 2583 56.66 -26.93 85.04
CA LEU H 2583 57.42 -26.01 85.88
C LEU H 2583 58.85 -26.48 86.06
N HIS H 2584 59.03 -27.79 86.27
CA HIS H 2584 60.38 -28.33 86.42
CA HIS H 2584 60.39 -28.32 86.42
C HIS H 2584 61.19 -28.13 85.16
N THR H 2585 60.60 -28.40 83.99
CA THR H 2585 61.32 -28.25 82.74
C THR H 2585 61.72 -26.80 82.52
N VAL H 2586 60.80 -25.86 82.77
CA VAL H 2586 61.14 -24.46 82.57
C VAL H 2586 62.21 -24.02 83.57
N TYR H 2587 62.19 -24.54 84.79
CA TYR H 2587 63.21 -24.18 85.76
C TYR H 2587 64.57 -24.68 85.33
N ARG H 2588 64.63 -25.93 84.86
CA ARG H 2588 65.90 -26.49 84.42
C ARG H 2588 66.42 -25.75 83.19
N LEU H 2589 65.50 -25.30 82.33
CA LEU H 2589 65.92 -24.49 81.19
C LEU H 2589 66.47 -23.15 81.66
N SER H 2590 65.84 -22.55 82.68
CA SER H 2590 66.37 -21.31 83.25
C SER H 2590 67.79 -21.53 83.75
N ARG H 2591 68.00 -22.63 84.48
CA ARG H 2591 69.34 -23.05 84.88
C ARG H 2591 70.06 -23.69 83.69
N GLY H 2592 70.25 -22.88 82.65
CA GLY H 2592 70.79 -23.38 81.40
C GLY H 2592 72.04 -22.67 80.92
N ARG H 2593 73.07 -23.45 80.64
CA ARG H 2593 74.27 -22.93 80.03
C ARG H 2593 74.07 -22.75 78.52
N SER H 2594 74.96 -21.95 77.92
CA SER H 2594 74.86 -21.63 76.50
C SER H 2594 73.51 -20.98 76.19
N LEU H 2595 73.01 -20.21 77.16
CA LEU H 2595 71.69 -19.59 77.08
C LEU H 2595 71.87 -18.09 77.27
N THR H 2596 71.39 -17.31 76.29
CA THR H 2596 71.63 -15.88 76.30
C THR H 2596 70.77 -15.19 77.35
N LYS H 2597 71.10 -13.91 77.57
CA LYS H 2597 70.41 -13.13 78.60
C LYS H 2597 68.93 -12.96 78.27
N ALA H 2598 68.62 -12.63 77.03
CA ALA H 2598 67.22 -12.44 76.65
C ALA H 2598 66.44 -13.74 76.80
N GLN H 2599 67.03 -14.85 76.36
CA GLN H 2599 66.39 -16.15 76.50
C GLN H 2599 66.13 -16.48 77.96
N ARG H 2600 67.13 -16.23 78.82
CA ARG H 2600 66.97 -16.47 80.24
C ARG H 2600 65.86 -15.60 80.82
N ASP H 2601 65.80 -14.33 80.41
CA ASP H 2601 64.77 -13.43 80.92
C ASP H 2601 63.39 -13.91 80.50
N VAL H 2602 63.25 -14.37 79.26
CA VAL H 2602 61.97 -14.89 78.80
C VAL H 2602 61.55 -16.10 79.64
N ILE H 2603 62.49 -17.01 79.86
CA ILE H 2603 62.20 -18.19 80.68
C ILE H 2603 61.75 -17.76 82.05
N GLU H 2604 62.48 -16.84 82.66
CA GLU H 2604 62.10 -16.40 83.97
C GLU H 2604 60.65 -15.91 83.89
N ASP H 2605 60.38 -14.94 82.99
CA ASP H 2605 59.08 -14.27 82.97
C ASP H 2605 57.96 -15.28 82.82
N CYS H 2606 58.18 -16.28 81.99
CA CYS H 2606 57.19 -17.34 81.85
C CYS H 2606 56.97 -18.04 83.18
N LEU H 2607 58.05 -18.36 83.89
CA LEU H 2607 57.90 -19.06 85.17
C LEU H 2607 57.16 -18.21 86.19
N MET H 2608 57.52 -16.94 86.29
CA MET H 2608 56.81 -16.03 87.18
C MET H 2608 55.32 -16.03 86.88
N ALA H 2609 54.96 -15.80 85.61
CA ALA H 2609 53.56 -15.66 85.24
C ALA H 2609 52.80 -16.96 85.50
N LEU H 2610 53.41 -18.10 85.19
CA LEU H 2610 52.75 -19.36 85.46
C LEU H 2610 52.51 -19.53 86.96
N CYS H 2611 53.52 -19.21 87.78
CA CYS H 2611 53.39 -19.42 89.21
C CYS H 2611 52.28 -18.56 89.80
N ARG H 2612 52.15 -17.32 89.33
CA ARG H 2612 51.09 -16.46 89.82
CA ARG H 2612 51.08 -16.48 89.84
C ARG H 2612 49.73 -17.16 89.73
N TYR H 2613 49.34 -17.53 88.51
CA TYR H 2613 47.98 -18.03 88.31
C TYR H 2613 47.84 -19.48 88.75
N ILE H 2614 48.96 -20.17 88.96
CA ILE H 2614 48.90 -21.53 89.44
C ILE H 2614 48.55 -21.54 90.92
N ARG H 2615 47.77 -22.53 91.34
CA ARG H 2615 47.38 -22.66 92.73
C ARG H 2615 48.59 -23.01 93.59
N PRO H 2616 48.59 -22.60 94.86
CA PRO H 2616 49.75 -22.91 95.73
C PRO H 2616 50.01 -24.40 95.88
N SER H 2617 48.96 -25.22 95.92
CA SER H 2617 49.16 -26.65 96.13
C SER H 2617 50.03 -27.24 95.04
N MET H 2618 49.93 -26.71 93.82
CA MET H 2618 50.70 -27.25 92.72
C MET H 2618 52.19 -26.99 92.89
N LEU H 2619 52.53 -25.83 93.46
CA LEU H 2619 53.93 -25.39 93.48
C LEU H 2619 54.74 -26.16 94.53
N GLN H 2620 54.13 -27.10 95.23
CA GLN H 2620 54.79 -27.83 96.30
C GLN H 2620 56.13 -28.41 95.86
N HIS H 2621 56.14 -29.14 94.74
CA HIS H 2621 57.37 -29.78 94.28
C HIS H 2621 58.42 -28.74 93.87
N LEU H 2622 57.98 -27.66 93.24
CA LEU H 2622 58.91 -26.61 92.85
C LEU H 2622 59.55 -25.99 94.07
N LEU H 2623 58.77 -25.76 95.12
CA LEU H 2623 59.33 -25.26 96.38
C LEU H 2623 60.30 -26.26 96.97
N ARG H 2624 59.97 -27.55 96.88
CA ARG H 2624 60.89 -28.58 97.36
C ARG H 2624 62.23 -28.46 96.66
N ARG H 2625 62.22 -28.29 95.35
CA ARG H 2625 63.47 -28.20 94.60
C ARG H 2625 64.21 -26.91 94.93
N LEU H 2626 63.48 -25.81 95.07
CA LEU H 2626 64.09 -24.54 95.43
C LEU H 2626 64.72 -24.62 96.81
N VAL H 2627 64.17 -25.44 97.69
CA VAL H 2627 64.73 -25.60 99.02
C VAL H 2627 66.14 -26.17 98.96
N PHE H 2628 66.46 -26.91 97.91
CA PHE H 2628 67.80 -27.44 97.72
C PHE H 2628 68.66 -26.55 96.83
N ASP H 2629 68.04 -25.74 95.96
CA ASP H 2629 68.79 -24.87 95.06
C ASP H 2629 69.13 -23.51 95.65
N VAL H 2630 68.12 -22.76 96.08
CA VAL H 2630 68.34 -21.36 96.48
C VAL H 2630 69.38 -21.24 97.60
N PRO H 2631 69.36 -22.07 98.64
CA PRO H 2631 70.26 -21.81 99.79
C PRO H 2631 71.72 -21.65 99.40
N ILE H 2632 72.14 -22.22 98.28
CA ILE H 2632 73.52 -22.08 97.85
C ILE H 2632 73.89 -20.62 97.59
N LEU H 2633 72.90 -19.79 97.31
CA LEU H 2633 73.13 -18.36 97.05
C LEU H 2633 74.12 -18.16 95.91
N ASN H 2634 73.97 -18.95 94.86
CA ASN H 2634 74.81 -18.85 93.69
C ASN H 2634 74.26 -17.75 92.78
N GLU H 2635 74.77 -17.66 91.55
CA GLU H 2635 74.31 -16.62 90.63
C GLU H 2635 72.89 -16.87 90.14
N PHE H 2636 72.48 -18.13 90.02
CA PHE H 2636 71.13 -18.45 89.56
C PHE H 2636 70.09 -18.23 90.65
N ALA H 2637 70.45 -17.62 91.77
CA ALA H 2637 69.53 -17.48 92.89
C ALA H 2637 68.71 -16.20 92.84
N LYS H 2638 68.95 -15.34 91.85
CA LYS H 2638 68.17 -14.10 91.79
C LYS H 2638 66.70 -14.41 91.49
N MET H 2639 66.41 -14.93 90.31
CA MET H 2639 65.02 -15.12 89.93
C MET H 2639 64.24 -15.94 90.95
N PRO H 2640 64.74 -17.08 91.45
CA PRO H 2640 63.95 -17.84 92.42
C PRO H 2640 63.59 -17.04 93.66
N LEU H 2641 64.47 -16.14 94.09
CA LEU H 2641 64.16 -15.33 95.25
C LEU H 2641 62.94 -14.45 95.01
N LYS H 2642 62.91 -13.75 93.87
CA LYS H 2642 61.76 -12.90 93.55
C LYS H 2642 60.51 -13.75 93.36
N LEU H 2643 60.65 -14.90 92.71
CA LEU H 2643 59.53 -15.81 92.54
C LEU H 2643 58.91 -16.18 93.87
N LEU H 2644 59.74 -16.63 94.81
CA LEU H 2644 59.25 -17.04 96.12
C LEU H 2644 58.68 -15.84 96.88
N THR H 2645 59.33 -14.69 96.77
CA THR H 2645 58.81 -13.49 97.41
C THR H 2645 57.39 -13.21 96.97
N ASN H 2646 57.16 -13.17 95.66
CA ASN H 2646 55.84 -12.87 95.14
C ASN H 2646 54.85 -13.97 95.52
N HIS H 2647 55.27 -15.22 95.40
CA HIS H 2647 54.40 -16.35 95.72
C HIS H 2647 53.89 -16.26 97.16
N TYR H 2648 54.81 -16.08 98.10
CA TYR H 2648 54.43 -16.04 99.51
C TYR H 2648 53.68 -14.76 99.84
N GLU H 2649 54.03 -13.65 99.19
CA GLU H 2649 53.29 -12.42 99.40
C GLU H 2649 51.82 -12.61 99.05
N ARG H 2650 51.55 -13.24 97.91
CA ARG H 2650 50.16 -13.40 97.48
C ARG H 2650 49.45 -14.53 98.21
N CYS H 2651 50.17 -15.60 98.56
CA CYS H 2651 49.57 -16.77 99.21
C CYS H 2651 49.86 -16.82 100.70
N TRP H 2652 50.11 -15.68 101.34
CA TRP H 2652 50.44 -15.70 102.76
C TRP H 2652 49.27 -16.21 103.59
N LYS H 2653 48.03 -15.93 103.15
CA LYS H 2653 46.88 -16.45 103.87
C LYS H 2653 46.87 -17.97 103.87
N TYR H 2654 47.22 -18.58 102.74
CA TYR H 2654 47.22 -20.03 102.60
C TYR H 2654 48.05 -20.70 103.68
N TYR H 2655 49.27 -20.23 103.87
CA TYR H 2655 50.16 -20.86 104.83
C TYR H 2655 49.89 -20.41 106.26
N CYS H 2656 49.56 -19.13 106.44
CA CYS H 2656 49.44 -18.57 107.78
C CYS H 2656 48.11 -18.93 108.42
N LEU H 2657 47.01 -18.51 107.82
CA LEU H 2657 45.71 -18.63 108.46
C LEU H 2657 45.32 -20.10 108.58
N PRO H 2658 44.61 -20.49 109.65
CA PRO H 2658 44.11 -21.87 109.71
C PRO H 2658 42.95 -22.13 108.78
N THR H 2659 42.05 -21.14 108.61
CA THR H 2659 40.99 -21.29 107.63
C THR H 2659 41.56 -21.42 106.23
N GLY H 2660 42.64 -20.69 105.95
CA GLY H 2660 43.30 -20.75 104.66
C GLY H 2660 42.87 -19.63 103.75
N TRP H 2661 43.41 -19.68 102.53
CA TRP H 2661 43.05 -18.71 101.51
C TRP H 2661 41.82 -19.22 100.77
N ALA H 2662 40.84 -18.33 100.62
CA ALA H 2662 39.53 -18.75 100.11
C ALA H 2662 39.67 -19.45 98.77
N ASN H 2663 39.01 -20.60 98.64
CA ASN H 2663 38.95 -21.36 97.40
C ASN H 2663 40.28 -22.03 97.08
N PHE H 2664 41.29 -21.85 97.93
CA PHE H 2664 42.59 -22.48 97.71
C PHE H 2664 43.00 -23.41 98.84
N GLY H 2665 42.20 -23.53 99.89
CA GLY H 2665 42.49 -24.47 100.94
C GLY H 2665 43.56 -23.97 101.90
N VAL H 2666 44.20 -24.93 102.58
CA VAL H 2666 45.19 -24.66 103.60
C VAL H 2666 46.45 -25.47 103.31
N THR H 2667 47.54 -25.08 103.95
CA THR H 2667 48.81 -25.75 103.77
C THR H 2667 48.75 -27.17 104.32
N SER H 2668 49.51 -28.06 103.70
CA SER H 2668 49.50 -29.47 104.09
C SER H 2668 50.20 -29.68 105.43
N GLU H 2669 51.33 -28.98 105.63
CA GLU H 2669 52.26 -29.16 106.75
C GLU H 2669 53.66 -29.39 106.18
N GLU H 2670 53.77 -30.26 105.17
CA GLU H 2670 55.05 -30.45 104.51
C GLU H 2670 55.48 -29.17 103.80
N GLU H 2671 54.52 -28.44 103.24
CA GLU H 2671 54.84 -27.15 102.64
C GLU H 2671 55.41 -26.19 103.67
N LEU H 2672 54.83 -26.17 104.87
CA LEU H 2672 55.35 -25.31 105.92
C LEU H 2672 56.73 -25.74 106.37
N HIS H 2673 56.96 -27.06 106.44
CA HIS H 2673 58.28 -27.57 106.79
C HIS H 2673 59.32 -27.11 105.78
N LEU H 2674 59.00 -27.22 104.49
CA LEU H 2674 59.90 -26.74 103.45
C LEU H 2674 60.12 -25.24 103.54
N THR H 2675 59.05 -24.49 103.83
CA THR H 2675 59.16 -23.05 103.96
C THR H 2675 60.12 -22.67 105.08
N ARG H 2676 59.98 -23.34 106.23
CA ARG H 2676 60.87 -23.07 107.35
C ARG H 2676 62.31 -23.44 107.02
N LYS H 2677 62.50 -24.58 106.34
CA LYS H 2677 63.84 -24.94 105.92
C LYS H 2677 64.44 -23.87 105.02
N LEU H 2678 63.65 -23.37 104.07
CA LEU H 2678 64.16 -22.34 103.17
C LEU H 2678 64.53 -21.08 103.93
N PHE H 2679 63.65 -20.63 104.82
CA PHE H 2679 63.95 -19.45 105.63
C PHE H 2679 65.29 -19.62 106.34
N TRP H 2680 65.44 -20.73 107.06
CA TRP H 2680 66.61 -20.90 107.90
C TRP H 2680 67.88 -21.08 107.05
N GLY H 2681 67.76 -21.80 105.94
CA GLY H 2681 68.91 -21.99 105.08
C GLY H 2681 69.41 -20.68 104.49
N ILE H 2682 68.48 -19.88 103.97
CA ILE H 2682 68.88 -18.59 103.42
C ILE H 2682 69.47 -17.71 104.50
N PHE H 2683 68.84 -17.70 105.68
CA PHE H 2683 69.35 -16.89 106.78
C PHE H 2683 70.79 -17.25 107.11
N ASP H 2684 71.05 -18.54 107.33
CA ASP H 2684 72.40 -18.97 107.69
C ASP H 2684 73.40 -18.69 106.57
N SER H 2685 73.01 -19.01 105.33
CA SER H 2685 73.92 -18.82 104.22
C SER H 2685 74.28 -17.35 104.05
N LEU H 2686 73.29 -16.47 104.09
CA LEU H 2686 73.56 -15.04 103.94
C LEU H 2686 74.39 -14.51 105.09
N ALA H 2687 74.16 -15.02 106.31
CA ALA H 2687 74.98 -14.61 107.44
C ALA H 2687 76.44 -14.97 107.20
N HIS H 2688 76.69 -16.17 106.66
CA HIS H 2688 78.07 -16.58 106.43
C HIS H 2688 78.70 -15.86 105.25
N LYS H 2689 77.92 -15.56 104.22
CA LYS H 2689 78.47 -14.99 103.00
C LYS H 2689 78.99 -13.57 103.23
N LYS H 2690 79.86 -13.14 102.32
CA LYS H 2690 80.37 -11.78 102.30
C LYS H 2690 79.36 -10.86 101.64
N TYR H 2691 79.49 -9.57 101.92
CA TYR H 2691 78.53 -8.60 101.41
C TYR H 2691 78.46 -8.63 99.89
N ASP H 2692 77.24 -8.64 99.37
CA ASP H 2692 76.96 -8.46 97.95
C ASP H 2692 75.72 -7.60 97.88
N GLN H 2693 75.89 -6.34 97.46
CA GLN H 2693 74.79 -5.39 97.47
C GLN H 2693 73.58 -5.95 96.73
N GLU H 2694 73.82 -6.63 95.60
CA GLU H 2694 72.72 -7.14 94.80
C GLU H 2694 72.02 -8.30 95.49
N LEU H 2695 72.77 -9.20 96.11
CA LEU H 2695 72.16 -10.30 96.84
C LEU H 2695 71.35 -9.79 98.02
N TYR H 2696 71.89 -8.83 98.75
CA TYR H 2696 71.15 -8.21 99.85
C TYR H 2696 69.94 -7.47 99.33
N ARG H 2697 70.01 -6.91 98.13
CA ARG H 2697 68.84 -6.24 97.58
C ARG H 2697 67.79 -7.24 97.13
N MET H 2698 68.21 -8.44 96.73
CA MET H 2698 67.24 -9.45 96.32
C MET H 2698 66.57 -10.07 97.53
N ALA H 2699 67.30 -10.16 98.64
CA ALA H 2699 66.70 -10.52 99.92
C ALA H 2699 66.34 -9.28 100.74
N MET H 2700 66.19 -8.13 100.07
CA MET H 2700 65.54 -6.95 100.63
C MET H 2700 64.03 -7.10 100.52
N PRO H 2701 63.50 -7.60 99.39
CA PRO H 2701 62.19 -8.24 99.45
C PRO H 2701 62.19 -9.39 100.44
N CYS H 2702 63.38 -9.93 100.68
CA CYS H 2702 63.75 -10.59 101.92
C CYS H 2702 62.94 -11.83 102.23
N LEU H 2703 63.37 -12.52 103.29
CA LEU H 2703 62.65 -13.63 103.89
C LEU H 2703 61.39 -13.15 104.60
N CYS H 2704 61.04 -11.88 104.42
CA CYS H 2704 59.93 -11.27 105.13
C CYS H 2704 58.62 -11.93 104.72
N ALA H 2705 58.45 -12.18 103.42
CA ALA H 2705 57.24 -12.84 102.93
C ALA H 2705 57.14 -14.25 103.49
N ILE H 2706 58.27 -14.97 103.51
CA ILE H 2706 58.29 -16.31 104.07
C ILE H 2706 57.88 -16.27 105.53
N ALA H 2707 58.43 -15.33 106.29
CA ALA H 2707 58.14 -15.23 107.71
C ALA H 2707 56.68 -14.89 107.95
N GLY H 2708 56.14 -13.94 107.17
CA GLY H 2708 54.73 -13.60 107.31
C GLY H 2708 53.83 -14.77 106.99
N ALA H 2709 54.20 -15.56 105.97
CA ALA H 2709 53.43 -16.75 105.66
C ALA H 2709 53.48 -17.76 106.79
N LEU H 2710 54.66 -17.95 107.37
CA LEU H 2710 54.80 -18.93 108.44
C LEU H 2710 54.07 -18.46 109.69
N PRO H 2711 53.20 -19.28 110.27
CA PRO H 2711 52.62 -18.94 111.57
C PRO H 2711 53.69 -18.88 112.64
N PRO H 2712 53.65 -17.88 113.53
CA PRO H 2712 54.64 -17.84 114.60
C PRO H 2712 54.56 -19.04 115.54
N ASP H 2713 53.40 -19.69 115.62
CA ASP H 2713 53.22 -20.84 116.48
C ASP H 2713 53.51 -22.16 115.79
N TYR H 2714 53.81 -22.13 114.49
CA TYR H 2714 54.10 -23.35 113.75
C TYR H 2714 55.16 -24.19 114.44
N VAL H 2715 54.85 -25.46 114.67
CA VAL H 2715 55.76 -26.40 115.29
C VAL H 2715 56.03 -27.52 114.29
N ASP H 2716 57.31 -27.70 113.95
CA ASP H 2716 57.70 -28.70 112.97
C ASP H 2716 57.67 -30.08 113.61
N ALA H 2717 56.87 -30.99 113.04
CA ALA H 2717 56.80 -32.34 113.57
C ALA H 2717 58.17 -33.00 113.60
N SER H 2718 59.01 -32.68 112.62
CA SER H 2718 60.35 -33.23 112.52
C SER H 2718 61.35 -32.16 112.94
N TYR H 2719 62.03 -32.40 114.05
CA TYR H 2719 63.05 -31.49 114.57
C TYR H 2719 64.33 -32.27 114.79
N SER H 2720 65.36 -31.91 114.06
CA SER H 2720 66.62 -32.65 114.14
C SER H 2720 67.78 -31.80 113.63
N SER H 2721 68.95 -32.40 113.53
CA SER H 2721 70.08 -31.77 112.85
C SER H 2721 70.33 -32.51 111.55
N LYS H 2722 70.36 -31.78 110.43
CA LYS H 2722 70.68 -32.36 109.13
C LYS H 2722 72.07 -32.98 109.16
N ALA H 2723 72.99 -32.39 109.94
CA ALA H 2723 74.41 -32.71 110.12
C ALA H 2723 75.22 -32.51 108.85
N GLU H 2724 74.59 -31.87 107.88
CA GLU H 2724 75.01 -31.92 106.50
C GLU H 2724 75.86 -30.69 106.20
N LYS H 2725 76.47 -30.75 105.04
CA LYS H 2725 77.46 -29.87 104.50
C LYS H 2725 77.30 -28.38 104.80
N ASN H 2734 76.09 -34.13 92.40
CA ASN H 2734 75.99 -33.05 93.37
C ASN H 2734 75.83 -33.40 94.86
N PHE H 2735 74.69 -33.96 95.25
CA PHE H 2735 74.51 -34.52 96.59
C PHE H 2735 75.09 -35.93 96.57
N ASP H 2736 75.89 -36.25 97.57
CA ASP H 2736 76.58 -37.52 97.63
C ASP H 2736 76.55 -38.08 99.05
N PRO H 2737 75.67 -39.04 99.35
CA PRO H 2737 75.74 -39.69 100.67
C PRO H 2737 76.90 -40.66 100.77
N ARG H 2738 77.84 -40.38 101.67
CA ARG H 2738 79.03 -41.19 101.83
C ARG H 2738 78.76 -42.29 102.84
N PRO H 2739 78.79 -43.58 102.46
CA PRO H 2739 78.56 -44.64 103.44
C PRO H 2739 79.78 -45.00 104.28
N VAL H 2740 79.62 -46.01 105.12
CA VAL H 2740 80.66 -46.43 106.07
C VAL H 2740 80.71 -47.95 106.06
N GLU H 2741 81.82 -48.51 105.63
CA GLU H 2741 81.92 -49.94 105.36
C GLU H 2741 82.76 -50.60 106.46
N THR H 2742 82.18 -51.63 107.07
CA THR H 2742 82.79 -52.33 108.20
C THR H 2742 83.72 -53.46 107.77
N LEU H 2743 83.73 -53.82 106.48
CA LEU H 2743 84.49 -54.98 106.03
C LEU H 2743 85.92 -54.97 106.54
N ASN H 2744 86.45 -53.79 106.85
CA ASN H 2744 87.81 -53.72 107.39
C ASN H 2744 87.97 -54.58 108.65
N VAL H 2745 86.99 -54.52 109.55
CA VAL H 2745 87.01 -55.34 110.76
C VAL H 2745 86.03 -56.50 110.58
N ILE H 2746 86.17 -57.53 111.41
CA ILE H 2746 85.33 -58.72 111.36
C ILE H 2746 83.91 -58.32 111.73
N ILE H 2747 82.94 -59.13 111.31
CA ILE H 2747 81.53 -58.88 111.52
C ILE H 2747 81.00 -59.98 112.43
N PRO H 2748 80.27 -59.65 113.52
CA PRO H 2748 79.86 -60.68 114.48
C PRO H 2748 79.09 -61.84 113.86
N GLU H 2749 79.44 -63.06 114.27
CA GLU H 2749 78.69 -64.22 113.81
C GLU H 2749 77.29 -64.25 114.42
N LYS H 2750 77.16 -63.74 115.65
CA LYS H 2750 75.84 -63.57 116.24
C LYS H 2750 75.00 -62.63 115.40
N LEU H 2751 75.59 -61.53 114.92
CA LEU H 2751 74.87 -60.61 114.05
C LEU H 2751 74.51 -61.28 112.72
N ASP H 2752 75.42 -62.10 112.19
CA ASP H 2752 75.13 -62.81 110.95
C ASP H 2752 73.96 -63.77 111.13
N SER H 2753 73.94 -64.51 112.23
CA SER H 2753 72.81 -65.39 112.53
C SER H 2753 71.52 -64.60 112.68
N PHE H 2754 71.59 -63.46 113.36
CA PHE H 2754 70.43 -62.59 113.48
C PHE H 2754 69.92 -62.15 112.12
N ILE H 2755 70.83 -61.78 111.22
CA ILE H 2755 70.44 -61.33 109.89
C ILE H 2755 69.80 -62.47 109.12
N ASN H 2756 70.36 -63.67 109.22
CA ASN H 2756 69.76 -64.81 108.53
C ASN H 2756 68.36 -65.10 109.05
N LYS H 2757 68.19 -65.04 110.38
CA LYS H 2757 66.87 -65.25 110.97
C LYS H 2757 65.90 -64.16 110.52
N PHE H 2758 66.41 -62.92 110.41
CA PHE H 2758 65.58 -61.82 109.93
C PHE H 2758 65.12 -62.06 108.51
N ALA H 2759 66.03 -62.52 107.65
CA ALA H 2759 65.64 -62.83 106.27
C ALA H 2759 64.62 -63.97 106.23
N GLU H 2760 64.85 -65.02 107.03
CA GLU H 2760 63.89 -66.10 107.13
C GLU H 2760 62.53 -65.57 107.52
N TYR H 2761 62.49 -64.70 108.52
CA TYR H 2761 61.22 -64.26 109.03
C TYR H 2761 60.55 -63.32 108.04
N THR H 2762 61.32 -62.48 107.34
CA THR H 2762 60.73 -61.60 106.33
C THR H 2762 60.14 -62.42 105.20
N HIS H 2763 60.81 -63.51 104.82
CA HIS H 2763 60.23 -64.42 103.85
C HIS H 2763 58.96 -65.08 104.40
N GLU H 2764 58.94 -65.34 105.71
CA GLU H 2764 57.73 -65.88 106.33
C GLU H 2764 56.58 -64.88 106.28
N LYS H 2765 56.87 -63.60 106.53
CA LYS H 2765 55.84 -62.58 106.36
C LYS H 2765 55.41 -62.47 104.90
N TRP H 2766 56.34 -62.69 103.97
CA TRP H 2766 55.96 -62.70 102.56
C TRP H 2766 54.98 -63.83 102.26
N ALA H 2767 55.27 -65.03 102.76
CA ALA H 2767 54.34 -66.15 102.60
C ALA H 2767 53.01 -65.84 103.26
N PHE H 2768 53.05 -65.23 104.45
CA PHE H 2768 51.81 -64.85 105.14
C PHE H 2768 51.00 -63.88 104.30
N ASP H 2769 51.65 -62.88 103.70
CA ASP H 2769 50.92 -61.90 102.91
C ASP H 2769 50.39 -62.52 101.62
N LYS H 2770 51.07 -63.52 101.07
CA LYS H 2770 50.53 -64.24 99.93
C LYS H 2770 49.28 -65.02 100.33
N ILE H 2771 49.34 -65.73 101.46
CA ILE H 2771 48.16 -66.45 101.94
C ILE H 2771 47.01 -65.48 102.20
N GLN H 2772 47.32 -64.31 102.76
CA GLN H 2772 46.27 -63.32 103.05
C GLN H 2772 45.70 -62.74 101.77
N ASN H 2773 46.54 -62.55 100.76
CA ASN H 2773 46.12 -61.92 99.52
C ASN H 2773 45.04 -62.73 98.81
N ASN H 2774 44.89 -64.00 99.16
CA ASN H 2774 43.89 -64.92 98.61
C ASN H 2774 44.28 -65.44 97.24
N TRP H 2775 45.53 -65.29 96.83
CA TRP H 2775 46.00 -65.77 95.55
C TRP H 2775 47.00 -66.89 95.76
N SER H 2776 46.73 -68.04 95.14
CA SER H 2776 47.56 -69.22 95.36
C SER H 2776 48.80 -69.17 94.48
N TYR H 2777 49.97 -69.21 95.12
CA TYR H 2777 51.22 -69.28 94.39
C TYR H 2777 51.22 -70.48 93.45
N GLY H 2778 51.91 -70.32 92.32
CA GLY H 2778 51.91 -71.33 91.26
C GLY H 2778 53.13 -72.23 91.37
N GLU H 2779 52.93 -73.51 91.06
CA GLU H 2779 54.04 -74.46 91.05
C GLU H 2779 55.00 -74.18 89.90
N ASN H 2780 54.46 -73.95 88.71
CA ASN H 2780 55.22 -73.53 87.54
C ASN H 2780 55.52 -72.04 87.59
N VAL H 2781 56.34 -71.58 86.65
CA VAL H 2781 56.64 -70.16 86.52
C VAL H 2781 55.70 -69.57 85.50
N ASP H 2782 54.82 -68.68 85.95
CA ASP H 2782 53.83 -68.03 85.10
C ASP H 2782 53.65 -66.58 85.52
N GLU H 2783 54.12 -65.66 84.66
CA GLU H 2783 53.98 -64.22 84.90
C GLU H 2783 52.53 -63.79 84.97
N GLU H 2784 51.63 -64.47 84.26
CA GLU H 2784 50.22 -64.12 84.21
C GLU H 2784 49.57 -64.25 85.59
N LEU H 2785 49.91 -65.31 86.33
CA LEU H 2785 49.39 -65.55 87.67
C LEU H 2785 49.84 -64.46 88.64
N LYS H 2786 50.81 -63.64 88.24
CA LYS H 2786 51.15 -62.33 88.82
C LYS H 2786 51.50 -62.40 90.30
N THR H 2787 51.76 -63.60 90.79
CA THR H 2787 52.40 -63.78 92.08
C THR H 2787 53.86 -64.09 91.80
N HIS H 2788 54.69 -64.13 92.83
CA HIS H 2788 56.11 -64.36 92.64
C HIS H 2788 56.34 -65.86 92.48
N PRO H 2789 56.75 -66.32 91.28
CA PRO H 2789 56.88 -67.78 91.08
C PRO H 2789 57.81 -68.45 92.06
N MET H 2790 58.75 -67.69 92.63
CA MET H 2790 59.69 -68.25 93.58
C MET H 2790 58.99 -68.84 94.80
N LEU H 2791 57.75 -68.42 95.06
CA LEU H 2791 57.02 -68.99 96.18
C LEU H 2791 57.00 -70.51 96.10
N ARG H 2792 57.67 -71.16 97.04
CA ARG H 2792 57.84 -72.61 97.10
C ARG H 2792 58.11 -73.00 98.54
N PRO H 2793 57.95 -74.28 98.87
CA PRO H 2793 58.23 -74.74 100.23
C PRO H 2793 59.66 -74.43 100.61
N TYR H 2794 59.86 -74.04 101.87
CA TYR H 2794 61.17 -73.59 102.31
C TYR H 2794 62.24 -74.64 102.03
N LYS H 2795 61.89 -75.91 102.16
CA LYS H 2795 62.85 -77.00 101.94
C LYS H 2795 63.43 -76.98 100.53
N THR H 2796 62.73 -76.33 99.60
CA THR H 2796 63.22 -76.16 98.23
C THR H 2796 63.77 -74.78 97.96
N PHE H 2797 63.53 -73.80 98.82
CA PHE H 2797 63.95 -72.43 98.55
C PHE H 2797 65.44 -72.35 98.27
N SER H 2798 65.79 -71.64 97.21
CA SER H 2798 67.18 -71.56 96.77
C SER H 2798 67.99 -70.67 97.71
N GLU H 2799 69.20 -71.11 98.04
CA GLU H 2799 70.08 -70.31 98.88
C GLU H 2799 70.55 -69.05 98.16
N LYS H 2800 70.79 -69.15 96.85
CA LYS H 2800 71.37 -68.05 96.10
C LYS H 2800 70.61 -66.75 96.32
N ASP H 2801 69.28 -66.80 96.35
CA ASP H 2801 68.50 -65.59 96.60
C ASP H 2801 68.81 -65.00 97.96
N LYS H 2802 68.90 -65.86 98.99
CA LYS H 2802 69.23 -65.36 100.32
C LYS H 2802 70.60 -64.71 100.34
N GLU H 2803 71.60 -65.34 99.71
CA GLU H 2803 72.94 -64.75 99.72
C GLU H 2803 73.01 -63.44 98.92
N ILE H 2804 72.26 -63.34 97.81
CA ILE H 2804 72.29 -62.07 97.08
C ILE H 2804 71.58 -60.99 97.89
N TYR H 2805 70.46 -61.31 98.53
CA TYR H 2805 69.76 -60.37 99.39
C TYR H 2805 70.56 -60.03 100.64
N ARG H 2806 71.50 -60.88 101.01
CA ARG H 2806 72.25 -60.68 102.25
C ARG H 2806 73.07 -59.40 102.21
N TRP H 2807 73.68 -59.10 101.06
CA TRP H 2807 74.53 -57.90 100.99
C TRP H 2807 73.73 -56.64 101.29
N PRO H 2808 72.53 -56.43 100.75
CA PRO H 2808 71.72 -55.31 101.23
C PRO H 2808 71.42 -55.36 102.72
N ILE H 2809 71.01 -56.53 103.24
CA ILE H 2809 70.70 -56.63 104.66
C ILE H 2809 71.97 -56.37 105.49
N LYS H 2810 73.10 -56.94 105.06
CA LYS H 2810 74.36 -56.66 105.72
C LYS H 2810 74.66 -55.16 105.73
N GLU H 2811 74.63 -54.53 104.56
CA GLU H 2811 74.87 -53.09 104.48
C GLU H 2811 73.97 -52.34 105.45
N SER H 2812 72.70 -52.70 105.50
CA SER H 2812 71.75 -52.01 106.36
C SER H 2812 72.13 -52.15 107.83
N LEU H 2813 72.45 -53.36 108.26
CA LEU H 2813 72.77 -53.56 109.67
C LEU H 2813 74.13 -52.95 110.04
N LYS H 2814 75.08 -52.99 109.10
CA LYS H 2814 76.36 -52.30 109.29
C LYS H 2814 76.13 -50.82 109.49
N ALA H 2815 75.31 -50.20 108.64
CA ALA H 2815 74.98 -48.80 108.80
C ALA H 2815 74.29 -48.54 110.13
N MET H 2816 73.39 -49.44 110.53
CA MET H 2816 72.73 -49.33 111.83
C MET H 2816 73.75 -49.24 112.95
N ILE H 2817 74.67 -50.20 112.99
CA ILE H 2817 75.68 -50.22 114.05
C ILE H 2817 76.59 -49.02 113.94
N ALA H 2818 76.83 -48.54 112.72
CA ALA H 2818 77.80 -47.47 112.51
C ALA H 2818 77.27 -46.12 112.96
N TRP H 2819 75.98 -45.86 112.70
CA TRP H 2819 75.39 -44.58 113.11
C TRP H 2819 75.06 -44.59 114.59
N GLU H 2820 76.06 -44.88 115.43
CA GLU H 2820 75.94 -44.83 116.89
C GLU H 2820 74.61 -45.39 117.38
N TRP H 2821 74.14 -46.45 116.74
CA TRP H 2821 73.03 -47.26 117.25
C TRP H 2821 73.58 -48.61 117.66
N THR H 2822 73.31 -49.02 118.89
CA THR H 2822 73.86 -50.23 119.47
C THR H 2822 72.76 -51.25 119.70
N ILE H 2823 72.91 -52.45 119.15
CA ILE H 2823 71.98 -53.54 119.36
C ILE H 2823 72.50 -54.40 120.50
N GLU H 2824 71.61 -54.72 121.45
CA GLU H 2824 71.98 -55.46 122.65
C GLU H 2824 70.74 -56.18 123.15
N LYS H 2825 70.91 -57.43 123.60
CA LYS H 2825 69.80 -58.22 124.10
C LYS H 2825 69.51 -57.79 125.53
N ALA H 2826 68.29 -57.32 125.78
CA ALA H 2826 67.99 -56.68 127.05
C ALA H 2826 68.06 -57.65 128.21
N ARG H 2827 67.86 -58.95 127.96
CA ARG H 2827 67.82 -59.94 129.01
C ARG H 2827 68.78 -61.07 128.70
N GLU H 2828 69.42 -61.60 129.74
CA GLU H 2828 70.50 -62.57 129.58
C GLU H 2828 70.00 -64.00 129.53
N GLY H 2829 70.22 -64.66 128.39
CA GLY H 2829 69.85 -66.04 128.12
C GLY H 2829 70.90 -67.04 128.56
N GLU H 2830 70.57 -67.81 129.60
CA GLU H 2830 71.36 -68.90 130.21
C GLU H 2830 72.61 -69.32 129.42
N TYR H 2855 52.41 -70.72 112.58
CA TYR H 2855 52.70 -69.69 111.61
C TYR H 2855 52.12 -68.35 111.97
N ASN H 2856 50.91 -68.33 112.47
CA ASN H 2856 50.18 -67.14 112.85
C ASN H 2856 50.94 -66.42 113.93
N PRO H 2857 51.17 -65.12 113.78
CA PRO H 2857 52.10 -64.49 114.72
C PRO H 2857 51.55 -64.49 116.13
N GLN H 2858 52.43 -64.70 117.08
CA GLN H 2858 52.04 -64.55 118.47
C GLN H 2858 51.99 -63.08 118.86
N PRO H 2859 52.99 -62.27 118.54
CA PRO H 2859 52.90 -60.83 118.72
C PRO H 2859 52.45 -60.16 117.44
N PRO H 2860 51.17 -60.20 117.11
CA PRO H 2860 50.72 -59.67 115.82
C PRO H 2860 51.17 -58.23 115.61
N ASP H 2861 51.61 -57.93 114.39
CA ASP H 2861 52.06 -56.57 114.09
C ASP H 2861 50.90 -55.60 114.26
N LEU H 2862 50.99 -54.77 115.31
CA LEU H 2862 49.94 -53.85 115.67
C LEU H 2862 50.35 -52.44 115.29
N SER H 2863 49.55 -51.80 114.44
CA SER H 2863 49.71 -50.37 114.18
C SER H 2863 49.51 -49.54 115.45
N GLY H 2864 48.72 -50.04 116.39
CA GLY H 2864 48.40 -49.26 117.57
C GLY H 2864 49.62 -48.89 118.40
N VAL H 2865 50.60 -49.79 118.47
CA VAL H 2865 51.79 -49.66 119.31
C VAL H 2865 52.45 -48.32 119.01
N THR H 2866 52.51 -47.46 120.03
CA THR H 2866 53.04 -46.12 119.85
C THR H 2866 54.56 -46.13 119.89
N LEU H 2867 55.17 -45.18 119.19
CA LEU H 2867 56.62 -45.03 119.17
C LEU H 2867 56.98 -43.60 119.54
N SER H 2868 57.95 -43.47 120.45
CA SER H 2868 58.33 -42.15 120.94
C SER H 2868 59.03 -41.35 119.85
N ARG H 2869 59.22 -40.06 120.14
CA ARG H 2869 59.85 -39.16 119.17
C ARG H 2869 61.26 -39.62 118.82
N GLU H 2870 62.05 -39.96 119.82
CA GLU H 2870 63.43 -40.33 119.55
CA GLU H 2870 63.43 -40.33 119.55
C GLU H 2870 63.53 -41.67 118.78
N LEU H 2871 62.68 -42.66 119.12
CA LEU H 2871 62.68 -43.91 118.38
C LEU H 2871 62.22 -43.70 116.94
N GLN H 2872 61.20 -42.86 116.74
CA GLN H 2872 60.81 -42.51 115.39
C GLN H 2872 61.99 -41.88 114.65
N ALA H 2873 62.57 -40.83 115.23
CA ALA H 2873 63.75 -40.22 114.62
C ALA H 2873 64.73 -41.29 114.12
N MET H 2874 65.03 -42.29 114.97
CA MET H 2874 65.96 -43.33 114.52
C MET H 2874 65.38 -44.11 113.34
N ALA H 2875 64.09 -44.43 113.41
CA ALA H 2875 63.49 -45.25 112.35
C ALA H 2875 63.49 -44.53 111.00
N GLU H 2876 63.03 -43.27 110.99
CA GLU H 2876 63.03 -42.49 109.76
C GLU H 2876 64.44 -42.20 109.26
N GLN H 2877 65.40 -42.02 110.16
CA GLN H 2877 66.77 -41.81 109.69
C GLN H 2877 67.35 -43.10 109.11
N LEU H 2878 66.93 -44.25 109.65
CA LEU H 2878 67.32 -45.52 109.04
C LEU H 2878 66.70 -45.68 107.66
N ALA H 2879 65.44 -45.27 107.50
CA ALA H 2879 64.83 -45.23 106.18
C ALA H 2879 65.60 -44.30 105.25
N GLU H 2880 66.08 -43.17 105.79
CA GLU H 2880 66.86 -42.23 105.00
C GLU H 2880 68.20 -42.85 104.59
N ASN H 2881 68.77 -43.69 105.45
CA ASN H 2881 69.98 -44.42 105.06
C ASN H 2881 69.69 -45.47 103.99
N TYR H 2882 68.53 -46.11 104.07
CA TYR H 2882 68.10 -46.99 103.00
C TYR H 2882 68.01 -46.23 101.68
N HIS H 2883 67.46 -45.02 101.73
CA HIS H 2883 67.38 -44.20 100.53
C HIS H 2883 68.75 -43.69 100.12
N ASN H 2884 69.67 -43.56 101.07
CA ASN H 2884 71.06 -43.23 100.73
C ASN H 2884 71.68 -44.34 99.89
N THR H 2885 71.56 -45.58 100.33
CA THR H 2885 72.04 -46.71 99.54
C THR H 2885 71.29 -46.80 98.21
N TRP H 2886 69.98 -46.54 98.24
CA TRP H 2886 69.19 -46.60 97.02
C TRP H 2886 69.64 -45.58 96.00
N GLY H 2887 69.87 -44.34 96.43
CA GLY H 2887 70.37 -43.31 95.53
C GLY H 2887 71.80 -43.57 95.11
N ARG H 2888 72.58 -44.21 95.98
CA ARG H 2888 73.94 -44.58 95.61
C ARG H 2888 73.94 -45.56 94.44
N LYS H 2889 73.18 -46.66 94.56
CA LYS H 2889 73.14 -47.61 93.46
C LYS H 2889 72.43 -47.01 92.24
N LYS H 2890 71.44 -46.15 92.47
CA LYS H 2890 70.83 -45.40 91.37
C LYS H 2890 71.89 -44.65 90.60
N LYS H 2891 72.74 -43.89 91.31
CA LYS H 2891 73.83 -43.16 90.67
C LYS H 2891 74.83 -44.11 90.01
N GLN H 2892 75.00 -45.30 90.56
CA GLN H 2892 75.89 -46.28 89.94
C GLN H 2892 75.38 -46.68 88.57
N GLU H 2893 74.06 -46.86 88.43
CA GLU H 2893 73.52 -47.18 87.10
C GLU H 2893 73.48 -45.93 86.22
N LEU H 2894 73.26 -44.76 86.83
CA LEU H 2894 73.11 -43.52 86.08
C LEU H 2894 74.43 -43.03 85.49
N GLU H 2895 75.53 -43.26 86.20
CA GLU H 2895 76.83 -42.73 85.78
C GLU H 2895 77.15 -43.10 84.34
N ALA H 2896 76.65 -44.26 83.88
CA ALA H 2896 76.78 -44.60 82.47
C ALA H 2896 76.01 -43.62 81.60
N LYS H 2897 74.83 -43.20 82.07
CA LYS H 2897 74.06 -42.18 81.36
C LYS H 2897 74.56 -40.78 81.70
N GLY H 2898 74.56 -40.44 82.97
CA GLY H 2898 75.10 -39.16 83.43
C GLY H 2898 74.20 -37.97 83.25
N GLY H 2899 72.90 -38.18 82.96
CA GLY H 2899 71.98 -37.09 82.81
C GLY H 2899 70.57 -37.52 83.19
N GLY H 2900 69.66 -36.57 83.14
CA GLY H 2900 68.28 -36.83 83.50
C GLY H 2900 68.14 -37.23 84.96
N THR H 2901 68.73 -36.45 85.87
CA THR H 2901 68.70 -36.82 87.28
C THR H 2901 67.26 -37.05 87.71
N HIS H 2902 67.02 -38.18 88.37
CA HIS H 2902 65.66 -38.57 88.70
C HIS H 2902 65.07 -37.57 89.69
N PRO H 2903 63.90 -36.98 89.40
CA PRO H 2903 63.38 -35.92 90.29
C PRO H 2903 63.18 -36.38 91.72
N LEU H 2904 62.84 -37.66 91.93
CA LEU H 2904 62.49 -38.14 93.26
C LEU H 2904 63.70 -38.28 94.18
N LEU H 2905 64.93 -38.14 93.66
CA LEU H 2905 66.12 -38.36 94.48
C LEU H 2905 66.24 -37.19 95.46
N VAL H 2906 65.44 -37.27 96.51
CA VAL H 2906 65.47 -36.29 97.60
C VAL H 2906 65.20 -36.99 98.91
N PRO H 2907 65.54 -36.34 100.03
CA PRO H 2907 65.31 -36.95 101.33
C PRO H 2907 63.85 -37.28 101.57
N TYR H 2908 63.62 -38.37 102.31
CA TYR H 2908 62.25 -38.74 102.69
C TYR H 2908 61.59 -37.63 103.49
N ASP H 2909 62.31 -37.01 104.42
CA ASP H 2909 61.73 -35.96 105.25
C ASP H 2909 61.28 -34.78 104.39
N THR H 2910 62.04 -34.47 103.33
CA THR H 2910 61.65 -33.37 102.45
C THR H 2910 60.46 -33.75 101.57
N LEU H 2911 60.49 -34.95 101.00
CA LEU H 2911 59.38 -35.39 100.16
C LEU H 2911 58.19 -35.82 101.01
N THR H 2912 57.07 -36.08 100.34
CA THR H 2912 55.81 -36.33 101.03
C THR H 2912 55.90 -37.60 101.88
N ALA H 2913 55.08 -37.63 102.93
CA ALA H 2913 55.07 -38.78 103.83
C ALA H 2913 54.53 -40.03 103.13
N LYS H 2914 53.63 -39.85 102.16
CA LYS H 2914 53.02 -40.98 101.50
C LYS H 2914 54.05 -41.86 100.81
N GLU H 2915 54.98 -41.25 100.07
CA GLU H 2915 56.10 -41.95 99.47
C GLU H 2915 57.02 -42.48 100.56
N LYS H 2916 57.15 -41.72 101.66
CA LYS H 2916 57.85 -42.20 102.83
C LYS H 2916 57.10 -43.34 103.52
N ALA H 2917 55.77 -43.31 103.48
CA ALA H 2917 54.96 -44.18 104.33
C ALA H 2917 55.39 -45.64 104.21
N ARG H 2918 55.73 -46.09 103.00
CA ARG H 2918 56.16 -47.47 102.77
C ARG H 2918 57.34 -47.83 103.66
N ASP H 2919 58.46 -47.13 103.48
CA ASP H 2919 59.68 -47.37 104.24
C ASP H 2919 59.48 -47.06 105.72
N ARG H 2920 58.61 -46.10 106.03
CA ARG H 2920 58.30 -45.80 107.42
C ARG H 2920 57.66 -47.00 108.10
N GLU H 2921 56.64 -47.59 107.47
CA GLU H 2921 55.99 -48.76 108.03
C GLU H 2921 56.95 -49.93 108.12
N LYS H 2922 57.82 -50.09 107.12
CA LYS H 2922 58.84 -51.14 107.15
C LYS H 2922 59.76 -50.97 108.36
N ALA H 2923 60.21 -49.73 108.61
CA ALA H 2923 61.10 -49.47 109.73
C ALA H 2923 60.38 -49.68 111.05
N GLN H 2924 59.11 -49.28 111.14
CA GLN H 2924 58.33 -49.56 112.34
C GLN H 2924 58.23 -51.04 112.60
N GLU H 2925 57.92 -51.83 111.57
CA GLU H 2925 57.81 -53.27 111.74
C GLU H 2925 59.15 -53.87 112.17
N LEU H 2926 60.25 -53.38 111.59
CA LEU H 2926 61.58 -53.85 111.96
C LEU H 2926 61.86 -53.57 113.43
N LEU H 2927 61.69 -52.32 113.86
CA LEU H 2927 61.92 -51.97 115.25
C LEU H 2927 61.04 -52.79 116.18
N LYS H 2928 59.78 -53.02 115.79
CA LYS H 2928 58.94 -53.88 116.60
C LYS H 2928 59.64 -55.20 116.77
N PHE H 2929 60.05 -55.83 115.65
CA PHE H 2929 60.74 -57.13 115.65
C PHE H 2929 61.83 -57.14 116.70
N LEU H 2930 62.67 -56.13 116.67
CA LEU H 2930 63.84 -56.08 117.56
C LEU H 2930 63.42 -56.00 119.03
N GLN H 2931 62.47 -55.12 119.37
CA GLN H 2931 62.04 -54.95 120.76
C GLN H 2931 61.36 -56.22 121.30
N MET H 2932 60.44 -56.76 120.51
CA MET H 2932 59.70 -57.99 120.76
C MET H 2932 60.50 -59.29 120.72
N ASN H 2933 61.69 -59.28 120.12
CA ASN H 2933 62.67 -60.32 120.45
C ASN H 2933 63.69 -59.86 121.49
N GLY H 2934 63.47 -58.73 122.14
CA GLY H 2934 64.39 -58.26 123.16
C GLY H 2934 65.70 -57.70 122.66
N TYR H 2935 65.90 -57.64 121.34
CA TYR H 2935 67.13 -57.07 120.77
C TYR H 2935 66.97 -55.56 120.75
N ALA H 2936 67.13 -54.94 121.92
CA ALA H 2936 66.95 -53.50 122.03
C ALA H 2936 68.01 -52.76 121.23
N VAL H 2937 67.57 -51.74 120.49
CA VAL H 2937 68.48 -50.86 119.75
C VAL H 2937 68.48 -49.51 120.47
N THR H 2938 69.63 -49.16 121.03
CA THR H 2938 69.79 -47.95 121.84
C THR H 2938 70.56 -46.91 121.03
N ARG H 2939 70.36 -45.64 121.38
CA ARG H 2939 71.03 -44.54 120.70
C ARG H 2939 70.66 -44.52 119.24
N LEU H 2946 67.32 -31.77 125.16
CA LEU H 2946 66.40 -32.50 124.30
C LEU H 2946 64.99 -32.50 124.92
N ASP H 2947 64.06 -33.34 124.45
CA ASP H 2947 62.68 -33.27 124.93
C ASP H 2947 62.15 -31.84 124.78
N THR H 2948 62.59 -31.17 123.71
CA THR H 2948 62.25 -29.77 123.52
C THR H 2948 60.75 -29.58 123.48
N SER H 2949 60.28 -28.55 124.19
CA SER H 2949 58.85 -28.31 124.27
C SER H 2949 58.33 -27.74 122.94
N SER H 2950 57.02 -27.85 122.77
CA SER H 2950 56.38 -27.27 121.60
C SER H 2950 56.71 -25.79 121.47
N ILE H 2951 56.80 -25.09 122.61
CA ILE H 2951 57.12 -23.67 122.59
C ILE H 2951 58.51 -23.44 122.02
N GLU H 2952 59.48 -24.22 122.49
CA GLU H 2952 60.83 -24.14 121.93
C GLU H 2952 60.80 -24.43 120.43
N LYS H 2953 59.95 -25.38 120.02
CA LYS H 2953 59.92 -25.79 118.63
C LYS H 2953 59.30 -24.73 117.73
N ARG H 2954 58.45 -23.88 118.29
CA ARG H 2954 57.79 -22.86 117.46
C ARG H 2954 58.81 -22.06 116.67
N PHE H 2955 58.39 -21.59 115.49
CA PHE H 2955 59.29 -20.86 114.61
C PHE H 2955 59.75 -19.55 115.23
N ALA H 2956 58.80 -18.78 115.79
CA ALA H 2956 59.15 -17.48 116.34
C ALA H 2956 60.18 -17.60 117.45
N PHE H 2957 60.13 -18.70 118.20
CA PHE H 2957 61.09 -18.90 119.27
C PHE H 2957 62.53 -18.89 118.76
N GLY H 2958 62.81 -19.70 117.74
CA GLY H 2958 64.16 -19.76 117.19
C GLY H 2958 64.56 -18.45 116.53
N PHE H 2959 63.60 -17.81 115.88
CA PHE H 2959 63.85 -16.51 115.27
C PHE H 2959 64.33 -15.51 116.30
N LEU H 2960 63.61 -15.42 117.42
CA LEU H 2960 63.99 -14.50 118.49
C LEU H 2960 65.31 -14.90 119.13
N GLN H 2961 65.55 -16.21 119.26
CA GLN H 2961 66.84 -16.65 119.80
C GLN H 2961 67.99 -16.16 118.94
N GLN H 2962 67.86 -16.32 117.62
CA GLN H 2962 68.90 -15.86 116.71
C GLN H 2962 69.04 -14.35 116.74
N LEU H 2963 67.91 -13.64 116.84
CA LEU H 2963 67.98 -12.19 116.93
C LEU H 2963 68.72 -11.74 118.18
N LEU H 2964 68.47 -12.40 119.31
CA LEU H 2964 69.15 -12.06 120.55
C LEU H 2964 70.64 -12.36 120.45
N ARG H 2965 70.99 -13.49 119.84
CA ARG H 2965 72.40 -13.82 119.65
C ARG H 2965 73.08 -12.76 118.77
N TRP H 2966 72.41 -12.34 117.71
CA TRP H 2966 72.98 -11.30 116.87
C TRP H 2966 73.03 -9.96 117.60
N MET H 2967 72.11 -9.73 118.53
CA MET H 2967 72.18 -8.52 119.35
C MET H 2967 73.44 -8.54 120.22
N ASP H 2968 73.75 -9.70 120.80
CA ASP H 2968 75.00 -9.83 121.55
C ASP H 2968 76.20 -9.56 120.64
N ILE H 2969 76.20 -10.15 119.45
CA ILE H 2969 77.27 -9.90 118.49
C ILE H 2969 77.35 -8.41 118.16
N SER H 2970 76.20 -7.74 118.10
CA SER H 2970 76.18 -6.33 117.75
C SER H 2970 76.82 -5.49 118.86
N GLN H 2971 76.44 -5.76 120.10
CA GLN H 2971 77.13 -5.15 121.23
C GLN H 2971 78.63 -5.35 121.09
N GLU H 2972 79.03 -6.57 120.72
CA GLU H 2972 80.45 -6.89 120.64
C GLU H 2972 81.15 -6.01 119.61
N PHE H 2973 80.65 -5.97 118.37
CA PHE H 2973 81.42 -5.26 117.36
C PHE H 2973 81.34 -3.76 117.57
N ILE H 2974 80.23 -3.26 118.12
CA ILE H 2974 80.20 -1.82 118.40
C ILE H 2974 81.21 -1.46 119.47
N ALA H 2975 81.32 -2.28 120.52
CA ALA H 2975 82.31 -2.01 121.55
C ALA H 2975 83.71 -2.00 120.96
N HIS H 2976 84.01 -3.01 120.13
CA HIS H 2976 85.30 -3.04 119.45
C HIS H 2976 85.48 -1.80 118.58
N LEU H 2977 84.38 -1.30 118.01
CA LEU H 2977 84.45 -0.16 117.12
C LEU H 2977 84.80 1.12 117.87
N GLU H 2978 84.14 1.36 119.01
CA GLU H 2978 84.53 2.52 119.81
C GLU H 2978 85.97 2.37 120.29
N ALA H 2979 86.36 1.15 120.65
CA ALA H 2979 87.73 0.94 121.12
C ALA H 2979 88.73 1.33 120.04
N VAL H 2980 88.51 0.90 118.80
CA VAL H 2980 89.46 1.22 117.74
C VAL H 2980 89.36 2.69 117.34
N VAL H 2981 88.16 3.28 117.40
CA VAL H 2981 88.02 4.69 117.05
C VAL H 2981 88.74 5.57 118.05
N SER H 2982 88.70 5.21 119.33
CA SER H 2982 89.35 6.03 120.35
C SER H 2982 90.84 6.17 120.07
N SER H 2983 91.48 5.09 119.64
CA SER H 2983 92.90 5.13 119.32
C SER H 2983 93.22 4.01 118.34
N GLY H 2984 94.28 4.23 117.57
CA GLY H 2984 94.71 3.25 116.59
C GLY H 2984 93.61 2.87 115.63
N ARG H 2985 93.14 3.83 114.84
CA ARG H 2985 92.02 3.58 113.94
C ARG H 2985 92.40 2.60 112.85
N VAL H 2986 91.63 1.52 112.74
CA VAL H 2986 91.79 0.54 111.68
C VAL H 2986 90.58 0.67 110.76
N GLU H 2987 90.82 1.08 109.52
CA GLU H 2987 89.73 1.26 108.56
C GLU H 2987 89.15 -0.07 108.08
N LYS H 2988 89.80 -1.19 108.40
CA LYS H 2988 89.35 -2.48 107.89
C LYS H 2988 87.94 -2.80 108.35
N SER H 2989 87.66 -2.62 109.64
CA SER H 2989 86.37 -3.01 110.19
C SER H 2989 86.09 -4.46 109.85
N PRO H 2990 86.78 -5.41 110.49
CA PRO H 2990 86.61 -6.83 110.09
C PRO H 2990 85.18 -7.30 110.22
N HIS H 2991 84.42 -6.70 111.14
CA HIS H 2991 83.03 -7.13 111.33
C HIS H 2991 82.12 -6.54 110.26
N GLU H 2992 82.69 -5.93 109.23
CA GLU H 2992 81.93 -5.32 108.14
C GLU H 2992 80.76 -6.19 107.70
N GLN H 2993 81.02 -7.48 107.49
CA GLN H 2993 79.96 -8.37 107.04
C GLN H 2993 78.83 -8.45 108.06
N GLU H 2994 79.18 -8.56 109.34
CA GLU H 2994 78.17 -8.64 110.38
C GLU H 2994 77.37 -7.34 110.44
N ILE H 2995 78.04 -6.20 110.33
CA ILE H 2995 77.36 -4.91 110.38
C ILE H 2995 76.37 -4.81 109.23
N LYS H 2996 76.80 -5.16 108.03
CA LYS H 2996 75.93 -5.04 106.86
C LYS H 2996 74.77 -6.01 106.96
N PHE H 2997 75.02 -7.24 107.39
CA PHE H 2997 73.93 -8.19 107.58
C PHE H 2997 72.91 -7.62 108.55
N PHE H 2998 73.38 -7.21 109.72
CA PHE H 2998 72.50 -6.58 110.71
C PHE H 2998 71.62 -5.53 110.04
N ALA H 2999 72.26 -4.46 109.56
CA ALA H 2999 71.53 -3.28 109.12
C ALA H 2999 70.62 -3.58 107.93
N LYS H 3000 71.05 -4.44 107.02
CA LYS H 3000 70.36 -4.61 105.75
C LYS H 3000 69.29 -5.68 105.80
N ILE H 3001 69.46 -6.71 106.62
CA ILE H 3001 68.53 -7.83 106.70
C ILE H 3001 67.71 -7.79 107.99
N LEU H 3002 68.40 -7.76 109.14
CA LEU H 3002 67.71 -8.04 110.38
C LEU H 3002 66.69 -6.95 110.72
N LEU H 3003 67.09 -5.69 110.59
CA LEU H 3003 66.21 -4.60 110.97
C LEU H 3003 64.94 -4.54 110.11
N PRO H 3004 65.01 -4.53 108.77
CA PRO H 3004 63.77 -4.60 107.99
C PRO H 3004 62.96 -5.83 108.29
N LEU H 3005 63.63 -6.96 108.49
CA LEU H 3005 62.94 -8.21 108.82
C LEU H 3005 62.20 -8.06 110.13
N ILE H 3006 62.86 -7.50 111.15
CA ILE H 3006 62.22 -7.27 112.43
C ILE H 3006 60.98 -6.39 112.25
N ASN H 3007 61.17 -5.27 111.55
CA ASN H 3007 60.06 -4.34 111.34
C ASN H 3007 58.87 -5.05 110.73
N GLN H 3008 59.07 -5.69 109.58
CA GLN H 3008 57.97 -6.31 108.86
C GLN H 3008 57.33 -7.42 109.68
N TYR H 3009 58.15 -8.30 110.25
CA TYR H 3009 57.63 -9.45 110.98
C TYR H 3009 56.76 -9.01 112.15
N PHE H 3010 57.26 -8.06 112.94
CA PHE H 3010 56.54 -7.71 114.16
C PHE H 3010 55.36 -6.78 113.86
N THR H 3011 55.45 -6.01 112.77
CA THR H 3011 54.27 -5.29 112.31
C THR H 3011 53.18 -6.26 111.91
N ASN H 3012 53.55 -7.35 111.25
CA ASN H 3012 52.56 -8.35 110.83
C ASN H 3012 51.98 -9.07 112.04
N HIS H 3013 52.83 -9.53 112.96
CA HIS H 3013 52.43 -10.42 114.05
C HIS H 3013 52.38 -9.72 115.39
N CYS H 3014 52.09 -8.41 115.42
CA CYS H 3014 51.96 -7.72 116.70
C CYS H 3014 50.87 -8.34 117.55
N LEU H 3015 49.70 -8.60 116.96
CA LEU H 3015 48.57 -9.08 117.74
C LEU H 3015 48.86 -10.44 118.38
N TYR H 3016 49.62 -11.29 117.68
CA TYR H 3016 49.94 -12.60 118.21
C TYR H 3016 50.73 -12.49 119.51
N PHE H 3017 51.67 -11.54 119.56
CA PHE H 3017 52.52 -11.40 120.74
C PHE H 3017 51.76 -10.74 121.88
N LEU H 3018 50.82 -9.85 121.57
CA LEU H 3018 50.02 -9.20 122.59
C LEU H 3018 48.84 -10.03 123.03
N SER H 3019 48.45 -11.03 122.26
CA SER H 3019 47.28 -11.83 122.61
C SER H 3019 47.55 -12.66 123.86
N THR H 3020 46.49 -12.92 124.62
CA THR H 3020 46.54 -13.75 125.80
C THR H 3020 45.44 -14.79 125.71
N PRO H 3021 45.59 -15.93 126.40
CA PRO H 3021 44.55 -16.95 126.36
C PRO H 3021 43.19 -16.40 126.74
N ALA H 3022 43.18 -15.52 127.74
CA ALA H 3022 41.93 -14.89 128.15
C ALA H 3022 41.40 -13.97 127.06
N LYS H 3023 42.28 -13.19 126.44
CA LYS H 3023 41.88 -12.20 125.43
C LYS H 3023 42.74 -12.42 124.20
N VAL H 3024 42.13 -12.96 123.14
CA VAL H 3024 42.85 -13.28 121.92
C VAL H 3024 42.53 -12.24 120.87
N LEU H 3025 43.37 -11.21 120.78
CA LEU H 3025 43.16 -10.17 119.78
C LEU H 3025 43.34 -10.72 118.37
N GLY H 3026 44.38 -11.52 118.16
CA GLY H 3026 44.65 -12.04 116.84
C GLY H 3026 43.62 -13.07 116.42
N SER H 3027 43.58 -13.33 115.11
CA SER H 3027 42.66 -14.34 114.59
C SER H 3027 42.95 -15.71 115.18
N GLY H 3028 44.23 -16.08 115.25
CA GLY H 3028 44.61 -17.37 115.79
C GLY H 3028 45.92 -17.37 116.53
N GLY H 3029 45.90 -17.83 117.78
CA GLY H 3029 47.10 -18.08 118.52
C GLY H 3029 47.49 -16.92 119.42
N HIS H 3030 48.17 -17.25 120.52
CA HIS H 3030 48.71 -16.28 121.45
C HIS H 3030 50.13 -16.66 121.80
N ALA H 3031 51.01 -15.66 121.87
CA ALA H 3031 52.41 -15.93 122.11
C ALA H 3031 52.65 -16.42 123.54
N SER H 3032 53.69 -17.22 123.68
CA SER H 3032 54.05 -17.73 124.99
C SER H 3032 54.77 -16.66 125.82
N ASN H 3033 54.76 -16.88 127.13
CA ASN H 3033 55.44 -15.97 128.03
C ASN H 3033 56.92 -15.87 127.70
N LYS H 3034 57.53 -16.99 127.31
CA LYS H 3034 58.95 -16.97 126.95
C LYS H 3034 59.18 -16.11 125.72
N GLU H 3035 58.29 -16.22 124.72
CA GLU H 3035 58.41 -15.37 123.55
C GLU H 3035 58.28 -13.90 123.93
N LYS H 3036 57.35 -13.59 124.83
CA LYS H 3036 57.18 -12.21 125.29
C LYS H 3036 58.45 -11.71 125.96
N GLU H 3037 59.05 -12.54 126.80
CA GLU H 3037 60.30 -12.17 127.46
C GLU H 3037 61.39 -11.92 126.43
N MET H 3038 61.48 -12.79 125.42
CA MET H 3038 62.53 -12.64 124.42
C MET H 3038 62.36 -11.33 123.64
N ILE H 3039 61.13 -11.00 123.28
CA ILE H 3039 60.91 -9.77 122.52
C ILE H 3039 61.23 -8.56 123.38
N THR H 3040 60.84 -8.58 124.66
CA THR H 3040 61.15 -7.47 125.54
C THR H 3040 62.66 -7.30 125.69
N SER H 3041 63.37 -8.42 125.88
CA SER H 3041 64.82 -8.36 126.01
C SER H 3041 65.46 -7.82 124.73
N LEU H 3042 64.94 -8.23 123.58
CA LEU H 3042 65.46 -7.70 122.32
C LEU H 3042 65.27 -6.19 122.24
N PHE H 3043 64.09 -5.71 122.62
CA PHE H 3043 63.84 -4.27 122.63
C PHE H 3043 64.84 -3.56 123.52
N CYS H 3044 65.01 -4.05 124.75
CA CYS H 3044 65.92 -3.39 125.68
C CYS H 3044 67.36 -3.40 125.17
N LYS H 3045 67.80 -4.53 124.61
CA LYS H 3045 69.16 -4.62 124.11
C LYS H 3045 69.37 -3.68 122.95
N LEU H 3046 68.41 -3.57 122.05
CA LEU H 3046 68.56 -2.62 120.93
C LEU H 3046 68.59 -1.18 121.42
N ALA H 3047 67.76 -0.84 122.41
CA ALA H 3047 67.82 0.50 122.98
C ALA H 3047 69.17 0.79 123.59
N ALA H 3048 69.73 -0.16 124.34
CA ALA H 3048 71.06 0.02 124.90
C ALA H 3048 72.10 0.13 123.79
N LEU H 3049 71.93 -0.66 122.73
CA LEU H 3049 72.86 -0.64 121.61
C LEU H 3049 72.93 0.73 120.96
N VAL H 3050 71.76 1.36 120.77
CA VAL H 3050 71.72 2.66 120.11
C VAL H 3050 71.97 3.81 121.08
N ARG H 3051 71.92 3.56 122.39
CA ARG H 3051 72.15 4.61 123.36
C ARG H 3051 73.50 5.27 123.15
N HIS H 3052 73.50 6.57 122.89
CA HIS H 3052 74.70 7.39 122.75
C HIS H 3052 75.59 6.93 121.60
N ARG H 3053 75.10 6.00 120.77
CA ARG H 3053 75.86 5.48 119.64
C ARG H 3053 75.10 5.66 118.33
N VAL H 3054 74.16 6.60 118.29
CA VAL H 3054 73.30 6.80 117.13
C VAL H 3054 74.13 7.16 115.90
N SER H 3055 75.13 8.03 116.09
CA SER H 3055 75.89 8.53 114.95
C SER H 3055 76.60 7.41 114.22
N LEU H 3056 77.20 6.48 114.97
CA LEU H 3056 77.98 5.42 114.35
C LEU H 3056 77.13 4.61 113.37
N PHE H 3057 75.82 4.53 113.62
CA PHE H 3057 74.94 3.78 112.74
C PHE H 3057 74.74 4.49 111.41
N GLY H 3058 74.90 5.81 111.38
CA GLY H 3058 74.69 6.54 110.15
C GLY H 3058 73.24 6.48 109.71
N THR H 3059 73.03 6.06 108.46
CA THR H 3059 71.69 6.08 107.89
C THR H 3059 70.79 5.00 108.48
N ASP H 3060 71.35 4.02 109.17
CA ASP H 3060 70.57 2.92 109.72
C ASP H 3060 69.87 3.26 111.03
N ALA H 3061 70.23 4.39 111.65
CA ALA H 3061 69.59 4.78 112.90
C ALA H 3061 68.08 4.95 112.75
N PRO H 3062 67.57 5.55 111.68
CA PRO H 3062 66.11 5.58 111.49
C PRO H 3062 65.49 4.19 111.52
N ALA H 3063 66.17 3.22 110.90
CA ALA H 3063 65.68 1.85 110.92
C ALA H 3063 65.67 1.31 112.35
N VAL H 3064 66.73 1.59 113.11
CA VAL H 3064 66.77 1.17 114.50
C VAL H 3064 65.58 1.73 115.26
N VAL H 3065 65.32 3.02 115.08
CA VAL H 3065 64.25 3.69 115.81
C VAL H 3065 62.90 3.11 115.44
N ASN H 3066 62.67 2.87 114.15
CA ASN H 3066 61.39 2.31 113.71
C ASN H 3066 61.19 0.90 114.25
N CYS H 3067 62.25 0.09 114.23
CA CYS H 3067 62.15 -1.25 114.81
C CYS H 3067 61.85 -1.17 116.29
N LEU H 3068 62.44 -0.19 116.98
CA LEU H 3068 62.15 -0.01 118.39
C LEU H 3068 60.69 0.37 118.61
N HIS H 3069 60.16 1.25 117.77
CA HIS H 3069 58.74 1.59 117.84
C HIS H 3069 57.88 0.33 117.73
N ILE H 3070 58.15 -0.48 116.71
CA ILE H 3070 57.34 -1.67 116.47
C ILE H 3070 57.43 -2.63 117.65
N LEU H 3071 58.65 -2.85 118.14
CA LEU H 3071 58.85 -3.74 119.27
C LEU H 3071 58.10 -3.24 120.49
N ALA H 3072 58.18 -1.94 120.75
CA ALA H 3072 57.44 -1.35 121.87
C ALA H 3072 55.96 -1.62 121.74
N ARG H 3073 55.40 -1.41 120.55
CA ARG H 3073 53.99 -1.69 120.34
C ARG H 3073 53.68 -3.17 120.57
N SER H 3074 54.66 -4.03 120.30
CA SER H 3074 54.41 -5.47 120.39
C SER H 3074 54.53 -6.00 121.82
N LEU H 3075 55.26 -5.30 122.68
CA LEU H 3075 55.56 -5.82 124.01
C LEU H 3075 54.28 -6.04 124.82
N ASP H 3076 54.31 -7.09 125.67
CA ASP H 3076 53.28 -7.31 126.68
C ASP H 3076 53.95 -7.12 128.04
N ALA H 3077 54.05 -5.85 128.45
CA ALA H 3077 54.77 -5.54 129.68
C ALA H 3077 54.02 -6.04 130.90
N ARG H 3078 52.69 -6.08 130.82
CA ARG H 3078 51.91 -6.63 131.92
C ARG H 3078 52.38 -8.03 132.29
N THR H 3079 52.32 -8.96 131.35
CA THR H 3079 52.74 -10.33 131.61
C THR H 3079 54.23 -10.38 131.95
N VAL H 3080 55.06 -9.63 131.21
CA VAL H 3080 56.49 -9.71 131.43
C VAL H 3080 56.85 -9.31 132.86
N MET H 3081 56.17 -8.29 133.38
CA MET H 3081 56.49 -7.73 134.69
C MET H 3081 55.77 -8.42 135.83
N LYS H 3082 54.68 -9.14 135.57
CA LYS H 3082 54.05 -9.93 136.62
C LYS H 3082 54.62 -11.33 136.74
N SER H 3083 54.73 -12.05 135.62
CA SER H 3083 55.30 -13.39 135.60
C SER H 3083 56.43 -13.40 134.58
N GLY H 3084 57.62 -12.99 135.01
CA GLY H 3084 58.76 -12.91 134.13
C GLY H 3084 60.07 -12.96 134.90
N PRO H 3085 61.14 -13.35 134.21
CA PRO H 3085 62.43 -13.42 134.88
C PRO H 3085 62.92 -12.06 135.36
N GLU H 3086 63.56 -12.08 136.52
CA GLU H 3086 64.12 -10.86 137.08
C GLU H 3086 65.13 -10.23 136.13
N ILE H 3087 65.76 -11.04 135.28
CA ILE H 3087 66.73 -10.49 134.33
C ILE H 3087 66.04 -9.57 133.34
N VAL H 3088 64.96 -10.03 132.71
CA VAL H 3088 64.22 -9.22 131.76
C VAL H 3088 63.62 -8.01 132.46
N LYS H 3089 63.04 -8.24 133.64
CA LYS H 3089 62.43 -7.14 134.38
C LYS H 3089 63.45 -6.07 134.73
N ALA H 3090 64.66 -6.50 135.13
CA ALA H 3090 65.73 -5.56 135.42
C ALA H 3090 66.17 -4.82 134.17
N GLY H 3091 66.20 -5.50 133.02
CA GLY H 3091 66.53 -4.83 131.78
C GLY H 3091 65.55 -3.71 131.48
N LEU H 3092 64.26 -3.98 131.66
CA LEU H 3092 63.26 -2.95 131.42
C LEU H 3092 63.40 -1.79 132.40
N ARG H 3093 63.59 -2.11 133.69
CA ARG H 3093 63.80 -1.06 134.69
C ARG H 3093 65.02 -0.20 134.32
N SER H 3094 66.10 -0.85 133.87
CA SER H 3094 67.30 -0.12 133.50
C SER H 3094 67.04 0.78 132.30
N PHE H 3095 66.26 0.30 131.34
CA PHE H 3095 65.90 1.15 130.20
C PHE H 3095 65.20 2.41 130.68
N PHE H 3096 64.19 2.24 131.54
CA PHE H 3096 63.46 3.41 132.04
C PHE H 3096 64.37 4.35 132.80
N GLU H 3097 65.21 3.80 133.68
CA GLU H 3097 66.10 4.62 134.50
C GLU H 3097 67.08 5.40 133.63
N SER H 3098 67.65 4.73 132.62
CA SER H 3098 68.58 5.40 131.72
C SER H 3098 67.89 6.50 130.93
N ALA H 3099 66.64 6.25 130.50
CA ALA H 3099 65.88 7.30 129.85
C ALA H 3099 65.74 8.51 130.76
N SER H 3100 65.42 8.26 132.03
CA SER H 3100 65.30 9.35 132.98
C SER H 3100 66.61 10.12 133.10
N GLU H 3101 67.74 9.42 133.21
CA GLU H 3101 69.01 10.10 133.33
C GLU H 3101 69.29 10.96 132.10
N ASP H 3102 69.03 10.41 130.91
CA ASP H 3102 69.31 11.16 129.69
C ASP H 3102 68.45 12.42 129.63
N ILE H 3103 67.19 12.31 130.04
CA ILE H 3103 66.32 13.49 130.06
C ILE H 3103 66.84 14.52 131.05
N GLU H 3104 67.30 14.06 132.23
CA GLU H 3104 67.84 14.99 133.21
C GLU H 3104 69.06 15.72 132.65
N LYS H 3105 69.95 14.98 131.98
CA LYS H 3105 71.12 15.62 131.40
C LYS H 3105 70.74 16.63 130.33
N MET H 3106 69.76 16.27 129.48
CA MET H 3106 69.31 17.23 128.48
C MET H 3106 68.81 18.50 129.13
N VAL H 3107 67.91 18.36 130.12
CA VAL H 3107 67.31 19.55 130.72
C VAL H 3107 68.39 20.37 131.40
N GLU H 3108 69.40 19.73 131.98
CA GLU H 3108 70.52 20.48 132.55
C GLU H 3108 71.24 21.29 131.47
N ASN H 3109 71.59 20.63 130.36
CA ASN H 3109 72.27 21.36 129.28
C ASN H 3109 71.45 22.55 128.83
N LEU H 3110 70.13 22.39 128.78
CA LEU H 3110 69.26 23.49 128.37
C LEU H 3110 69.13 24.52 129.50
N ARG H 3111 69.41 24.13 130.75
CA ARG H 3111 69.61 25.11 131.80
C ARG H 3111 70.88 25.90 131.57
N LEU H 3112 71.79 25.33 130.76
CA LEU H 3112 73.05 25.96 130.39
C LEU H 3112 74.02 25.91 131.57
N GLY H 3113 73.79 25.01 132.52
CA GLY H 3113 74.79 24.74 133.52
C GLY H 3113 76.12 24.34 132.89
N LYS H 3114 76.06 23.70 131.73
CA LYS H 3114 77.20 23.50 130.85
C LYS H 3114 77.05 24.42 129.64
N VAL H 3115 78.17 24.74 128.99
CA VAL H 3115 78.14 25.69 127.89
C VAL H 3115 77.18 25.22 126.80
N SER H 3116 77.52 24.10 126.16
CA SER H 3116 76.74 23.54 125.06
C SER H 3116 76.87 24.34 123.76
N LYS H 3123 80.33 16.37 120.93
CA LYS H 3123 80.90 15.79 122.13
C LYS H 3123 79.83 15.03 122.91
N GLY H 3124 80.02 14.88 124.23
CA GLY H 3124 79.07 14.11 125.02
C GLY H 3124 77.69 14.75 125.07
N VAL H 3125 77.63 16.06 125.25
CA VAL H 3125 76.34 16.75 125.31
C VAL H 3125 75.62 16.63 123.98
N GLY H 3126 76.35 16.84 122.88
CA GLY H 3126 75.74 16.68 121.57
C GLY H 3126 75.25 15.28 121.32
N GLN H 3127 76.05 14.29 121.73
CA GLN H 3127 75.64 12.90 121.57
C GLN H 3127 74.36 12.61 122.34
N ASN H 3128 74.30 13.03 123.61
CA ASN H 3128 73.10 12.78 124.40
C ASN H 3128 71.89 13.48 123.81
N LEU H 3129 72.07 14.74 123.39
CA LEU H 3129 70.95 15.50 122.85
C LEU H 3129 70.42 14.85 121.58
N THR H 3130 71.32 14.53 120.64
CA THR H 3130 70.87 13.95 119.39
C THR H 3130 70.24 12.58 119.62
N TYR H 3131 70.85 11.75 120.46
CA TYR H 3131 70.26 10.45 120.76
C TYR H 3131 68.85 10.63 121.32
N THR H 3132 68.70 11.48 122.32
CA THR H 3132 67.39 11.68 122.91
C THR H 3132 66.38 12.12 121.86
N THR H 3133 66.61 13.28 121.25
CA THR H 3133 65.64 13.86 120.35
C THR H 3133 65.31 12.94 119.18
N VAL H 3134 66.29 12.14 118.73
CA VAL H 3134 66.07 11.32 117.55
C VAL H 3134 65.36 10.02 117.89
N ALA H 3135 65.76 9.35 118.97
CA ALA H 3135 65.30 8.00 119.28
C ALA H 3135 64.46 7.93 120.54
N LEU H 3136 64.95 8.52 121.63
CA LEU H 3136 64.37 8.22 122.95
C LEU H 3136 62.97 8.79 123.07
N LEU H 3137 62.80 10.08 122.80
CA LEU H 3137 61.49 10.69 122.95
C LEU H 3137 60.44 10.00 122.08
N PRO H 3138 60.69 9.72 120.80
CA PRO H 3138 59.70 8.96 120.02
C PRO H 3138 59.43 7.57 120.58
N VAL H 3139 60.48 6.83 120.91
CA VAL H 3139 60.30 5.45 121.39
C VAL H 3139 59.59 5.45 122.73
N LEU H 3140 60.00 6.34 123.63
CA LEU H 3140 59.34 6.42 124.94
C LEU H 3140 57.88 6.84 124.79
N THR H 3141 57.61 7.79 123.91
CA THR H 3141 56.24 8.22 123.66
C THR H 3141 55.40 7.06 123.15
N THR H 3142 55.95 6.29 122.20
CA THR H 3142 55.23 5.14 121.66
C THR H 3142 54.97 4.10 122.75
N LEU H 3143 55.95 3.84 123.60
CA LEU H 3143 55.78 2.87 124.66
C LEU H 3143 54.70 3.31 125.63
N PHE H 3144 54.71 4.60 126.00
CA PHE H 3144 53.68 5.12 126.90
C PHE H 3144 52.31 5.02 126.28
N GLN H 3145 52.21 5.36 124.98
CA GLN H 3145 50.95 5.28 124.28
C GLN H 3145 50.42 3.85 124.26
N HIS H 3146 51.30 2.89 123.96
CA HIS H 3146 50.90 1.49 123.90
C HIS H 3146 50.44 1.01 125.28
N ILE H 3147 51.19 1.37 126.32
CA ILE H 3147 50.83 1.00 127.68
C ILE H 3147 49.46 1.56 128.04
N ALA H 3148 49.22 2.83 127.73
CA ALA H 3148 47.94 3.45 128.07
C ALA H 3148 46.80 2.80 127.28
N GLN H 3149 47.03 2.54 126.00
CA GLN H 3149 45.97 1.95 125.18
C GLN H 3149 45.58 0.59 125.71
N HIS H 3150 46.55 -0.23 126.10
CA HIS H 3150 46.27 -1.55 126.61
C HIS H 3150 46.09 -1.59 128.11
N GLN H 3151 46.04 -0.43 128.77
CA GLN H 3151 45.73 -0.35 130.19
C GLN H 3151 46.78 -1.07 131.04
N PHE H 3152 48.00 -1.14 130.53
CA PHE H 3152 49.10 -1.83 131.19
C PHE H 3152 49.73 -1.03 132.31
N GLY H 3153 49.42 0.28 132.41
CA GLY H 3153 50.18 1.13 133.30
C GLY H 3153 50.14 0.66 134.75
N ASP H 3154 48.96 0.32 135.24
CA ASP H 3154 48.82 -0.07 136.65
C ASP H 3154 49.62 -1.33 136.98
N ASP H 3155 50.03 -2.09 135.97
CA ASP H 3155 50.80 -3.31 136.19
C ASP H 3155 52.28 -3.11 135.91
N VAL H 3156 52.62 -2.19 135.01
CA VAL H 3156 54.01 -1.97 134.62
C VAL H 3156 54.67 -0.91 135.48
N ILE H 3157 54.08 0.29 135.53
CA ILE H 3157 54.70 1.42 136.21
C ILE H 3157 54.40 1.33 137.69
N LEU H 3158 55.23 0.62 138.45
CA LEU H 3158 54.86 0.24 139.81
C LEU H 3158 55.69 0.92 140.89
N ASP H 3159 57.00 0.64 140.96
CA ASP H 3159 57.82 1.24 141.99
C ASP H 3159 59.00 2.01 141.34
N ASP H 3160 59.87 1.32 140.63
CA ASP H 3160 61.07 1.98 140.12
C ASP H 3160 60.77 2.65 138.79
N VAL H 3161 59.95 2.01 137.97
CA VAL H 3161 59.43 2.69 136.79
C VAL H 3161 58.61 3.89 137.23
N GLN H 3162 57.90 3.77 138.35
CA GLN H 3162 57.19 4.91 138.91
C GLN H 3162 58.14 6.05 139.21
N VAL H 3163 59.27 5.76 139.87
CA VAL H 3163 60.22 6.80 140.22
C VAL H 3163 60.81 7.42 138.95
N SER H 3164 61.17 6.59 137.98
CA SER H 3164 61.76 7.12 136.75
C SER H 3164 60.78 8.02 136.01
N CYS H 3165 59.51 7.60 135.92
CA CYS H 3165 58.51 8.43 135.26
C CYS H 3165 58.23 9.70 136.04
N TYR H 3166 58.25 9.64 137.37
CA TYR H 3166 58.18 10.86 138.17
C TYR H 3166 59.29 11.82 137.77
N ARG H 3167 60.53 11.32 137.72
CA ARG H 3167 61.65 12.20 137.40
C ARG H 3167 61.49 12.80 136.02
N THR H 3168 61.11 11.99 135.03
CA THR H 3168 60.92 12.49 133.68
C THR H 3168 59.85 13.57 133.64
N LEU H 3169 58.71 13.29 134.28
CA LEU H 3169 57.62 14.26 134.37
C LEU H 3169 58.10 15.58 134.96
N CYS H 3170 58.80 15.51 136.10
CA CYS H 3170 59.13 16.72 136.82
C CYS H 3170 60.21 17.51 136.08
N SER H 3171 61.12 16.82 135.40
CA SER H 3171 62.12 17.51 134.60
C SER H 3171 61.49 18.21 133.41
N ILE H 3172 60.61 17.51 132.68
CA ILE H 3172 59.98 18.12 131.52
C ILE H 3172 59.16 19.33 131.95
N TYR H 3173 58.47 19.24 133.10
CA TYR H 3173 57.73 20.40 133.57
C TYR H 3173 58.66 21.54 133.97
N SER H 3174 59.73 21.23 134.71
CA SER H 3174 60.66 22.27 135.12
C SER H 3174 61.26 22.99 133.93
N LEU H 3175 61.33 22.31 132.78
CA LEU H 3175 61.88 22.93 131.58
C LEU H 3175 61.10 24.16 131.15
N GLY H 3176 59.88 24.33 131.63
CA GLY H 3176 59.05 25.44 131.17
C GLY H 3176 59.69 26.79 131.40
N THR H 3177 60.29 26.98 132.57
CA THR H 3177 60.85 28.28 132.91
C THR H 3177 61.95 28.69 131.94
N THR H 3178 62.74 27.73 131.47
CA THR H 3178 63.82 28.06 130.55
C THR H 3178 63.27 28.58 129.23
N LYS H 3179 63.96 29.56 128.66
CA LYS H 3179 63.59 30.16 127.38
C LYS H 3179 64.79 30.12 126.46
N ASN H 3180 64.69 29.35 125.38
CA ASN H 3180 65.78 29.22 124.43
C ASN H 3180 65.23 28.74 123.10
N THR H 3181 66.00 28.98 122.04
CA THR H 3181 65.62 28.48 120.73
C THR H 3181 65.53 26.96 120.74
N TYR H 3182 66.46 26.31 121.44
CA TYR H 3182 66.43 24.85 121.54
C TYR H 3182 65.14 24.38 122.20
N VAL H 3183 64.74 25.05 123.28
CA VAL H 3183 63.51 24.69 123.97
C VAL H 3183 62.32 24.90 123.05
N GLU H 3184 62.33 25.98 122.28
CA GLU H 3184 61.23 26.25 121.37
C GLU H 3184 61.05 25.10 120.38
N LYS H 3185 62.15 24.56 119.89
CA LYS H 3185 62.08 23.47 118.91
C LYS H 3185 61.72 22.15 119.55
N LEU H 3186 62.20 21.89 120.77
CA LEU H 3186 62.04 20.58 121.39
C LEU H 3186 60.81 20.47 122.26
N ARG H 3187 60.11 21.57 122.52
CA ARG H 3187 58.96 21.52 123.42
C ARG H 3187 57.84 20.61 122.94
N PRO H 3188 57.47 20.60 121.65
CA PRO H 3188 56.35 19.72 121.22
C PRO H 3188 56.56 18.25 121.56
N ALA H 3189 57.74 17.71 121.28
CA ALA H 3189 57.99 16.30 121.56
C ALA H 3189 57.92 16.02 123.04
N LEU H 3190 58.48 16.92 123.86
CA LEU H 3190 58.41 16.75 125.30
C LEU H 3190 56.95 16.78 125.77
N GLY H 3191 56.15 17.66 125.19
CA GLY H 3191 54.74 17.73 125.56
C GLY H 3191 54.01 16.45 125.23
N GLU H 3192 54.27 15.90 124.05
CA GLU H 3192 53.65 14.63 123.68
C GLU H 3192 54.08 13.51 124.62
N CYS H 3193 55.38 13.44 124.92
CA CYS H 3193 55.87 12.43 125.85
C CYS H 3193 55.21 12.56 127.20
N LEU H 3194 55.08 13.80 127.68
CA LEU H 3194 54.47 14.04 128.98
C LEU H 3194 52.99 13.67 128.98
N ALA H 3195 52.29 13.96 127.87
CA ALA H 3195 50.89 13.60 127.76
C ALA H 3195 50.71 12.09 127.82
N ARG H 3196 51.52 11.35 127.05
CA ARG H 3196 51.43 9.90 127.10
C ARG H 3196 51.81 9.37 128.46
N LEU H 3197 52.79 9.98 129.11
CA LEU H 3197 53.16 9.57 130.45
C LEU H 3197 51.99 9.78 131.40
N ALA H 3198 51.32 10.92 131.31
CA ALA H 3198 50.15 11.17 132.16
C ALA H 3198 49.06 10.15 131.90
N ALA H 3199 48.88 9.75 130.64
CA ALA H 3199 47.87 8.75 130.33
C ALA H 3199 48.26 7.37 130.84
N ALA H 3200 49.56 7.10 130.97
CA ALA H 3200 49.99 5.77 131.37
C ALA H 3200 50.15 5.63 132.88
N MET H 3201 50.48 6.72 133.57
CA MET H 3201 50.84 6.61 134.98
C MET H 3201 49.65 6.10 135.78
N PRO H 3202 49.87 5.23 136.77
CA PRO H 3202 48.75 4.77 137.60
C PRO H 3202 48.40 5.73 138.72
N VAL H 3203 49.32 6.60 139.12
CA VAL H 3203 49.07 7.49 140.24
C VAL H 3203 48.64 8.86 139.74
N ALA H 3204 48.05 9.64 140.64
CA ALA H 3204 47.55 10.98 140.34
C ALA H 3204 48.49 11.98 140.97
N PHE H 3205 49.55 12.33 140.23
CA PHE H 3205 50.56 13.24 140.76
C PHE H 3205 49.99 14.64 140.96
N LEU H 3206 48.97 15.00 140.18
CA LEU H 3206 48.34 16.31 140.36
C LEU H 3206 47.47 16.34 141.61
N GLU H 3207 46.93 15.19 142.01
CA GLU H 3207 46.11 15.08 143.21
C GLU H 3207 46.83 14.24 144.25
N PRO H 3208 47.88 14.79 144.87
CA PRO H 3208 48.66 13.98 145.82
C PRO H 3208 47.94 13.70 147.12
N GLN H 3209 47.12 14.66 147.58
CA GLN H 3209 46.50 14.53 148.90
C GLN H 3209 45.70 13.23 149.01
N LEU H 3210 45.14 12.76 147.90
CA LEU H 3210 44.34 11.54 147.87
C LEU H 3210 45.15 10.33 147.45
N ASN H 3211 46.47 10.35 147.67
CA ASN H 3211 47.30 9.21 147.27
C ASN H 3211 47.01 7.97 148.10
N GLU H 3212 46.71 8.14 149.39
CA GLU H 3212 46.57 6.98 150.27
C GLU H 3212 45.53 6.00 149.74
N TYR H 3213 44.48 6.51 149.09
CA TYR H 3213 43.48 5.62 148.52
C TYR H 3213 44.00 4.86 147.32
N ASN H 3214 44.95 5.44 146.58
CA ASN H 3214 45.52 4.78 145.43
C ASN H 3214 46.41 3.63 145.86
N ALA H 3215 46.21 2.47 145.23
CA ALA H 3215 46.94 1.25 145.57
C ALA H 3215 48.17 1.04 144.71
N CYS H 3216 48.17 1.54 143.48
CA CYS H 3216 49.30 1.37 142.59
C CYS H 3216 50.31 2.48 142.81
N SER H 3217 50.71 2.68 144.06
CA SER H 3217 51.68 3.71 144.44
C SER H 3217 52.79 3.07 145.26
N VAL H 3218 54.01 3.56 145.04
CA VAL H 3218 55.16 3.04 145.79
C VAL H 3218 54.98 3.26 147.27
N TYR H 3219 54.32 4.37 147.66
CA TYR H 3219 54.17 4.68 149.07
C TYR H 3219 53.31 3.65 149.77
N THR H 3220 52.30 3.11 149.08
CA THR H 3220 51.47 2.07 149.67
C THR H 3220 52.13 0.70 149.54
N THR H 3221 52.68 0.39 148.37
CA THR H 3221 53.22 -0.95 148.14
C THR H 3221 54.45 -1.20 149.01
N LYS H 3222 55.30 -0.20 149.18
CA LYS H 3222 56.55 -0.34 149.91
C LYS H 3222 56.40 0.18 151.32
N SER H 3223 57.05 -0.50 152.25
CA SER H 3223 57.01 -0.10 153.65
C SER H 3223 57.77 1.20 153.85
N PRO H 3224 57.44 1.97 154.89
CA PRO H 3224 58.23 3.18 155.16
C PRO H 3224 59.68 2.89 155.40
N ARG H 3225 60.00 1.69 155.91
CA ARG H 3225 61.38 1.27 156.00
C ARG H 3225 62.01 1.11 154.60
N GLU H 3226 61.24 0.61 153.64
CA GLU H 3226 61.57 0.84 152.26
C GLU H 3226 61.32 2.31 151.93
N ARG H 3227 61.83 2.72 150.78
CA ARG H 3227 61.84 4.10 150.31
C ARG H 3227 62.87 4.90 151.11
N ALA H 3228 63.49 4.31 152.13
CA ALA H 3228 64.62 4.93 152.80
C ALA H 3228 65.93 4.48 152.17
N ILE H 3229 66.03 3.21 151.81
CA ILE H 3229 67.22 2.70 151.13
C ILE H 3229 67.40 3.40 149.79
N LEU H 3230 66.30 3.54 149.04
CA LEU H 3230 66.29 4.30 147.81
C LEU H 3230 65.71 5.68 148.11
N GLY H 3231 66.41 6.73 147.70
CA GLY H 3231 66.08 8.07 148.13
C GLY H 3231 64.68 8.53 147.77
N LEU H 3232 63.82 8.64 148.76
CA LEU H 3232 62.50 9.23 148.62
C LEU H 3232 62.34 10.36 149.61
N PRO H 3233 61.52 11.37 149.29
CA PRO H 3233 61.30 12.47 150.24
C PRO H 3233 60.43 12.12 151.43
N ASN H 3234 59.80 10.94 151.42
CA ASN H 3234 58.84 10.47 152.41
C ASN H 3234 57.46 11.09 152.19
N SER H 3235 57.28 11.90 151.15
CA SER H 3235 55.97 12.48 150.85
C SER H 3235 55.81 12.63 149.35
N VAL H 3236 54.63 12.23 148.86
CA VAL H 3236 54.31 12.42 147.45
C VAL H 3236 54.38 13.89 147.08
N GLU H 3237 53.91 14.76 147.99
CA GLU H 3237 54.02 16.20 147.76
C GLU H 3237 55.48 16.61 147.61
N GLU H 3238 56.35 16.06 148.45
CA GLU H 3238 57.76 16.41 148.39
C GLU H 3238 58.46 15.77 147.20
N MET H 3239 57.79 14.82 146.52
CA MET H 3239 58.38 14.19 145.34
C MET H 3239 58.99 15.23 144.40
N CYS H 3240 58.16 16.09 143.82
CA CYS H 3240 58.60 17.24 143.05
C CYS H 3240 57.51 18.31 143.11
N PRO H 3241 57.69 19.33 143.94
CA PRO H 3241 56.62 20.33 144.11
C PRO H 3241 56.42 21.23 142.91
N ASP H 3242 57.42 21.32 142.02
CA ASP H 3242 57.37 22.30 140.94
C ASP H 3242 56.08 22.16 140.12
N ILE H 3243 55.55 20.95 140.03
CA ILE H 3243 54.25 20.78 139.36
C ILE H 3243 53.15 21.27 140.29
N PRO H 3244 52.34 22.24 139.88
CA PRO H 3244 51.23 22.68 140.73
C PRO H 3244 50.10 21.67 140.72
N VAL H 3245 49.14 21.90 141.61
CA VAL H 3245 47.97 21.04 141.68
C VAL H 3245 47.01 21.38 140.54
N LEU H 3246 46.04 20.47 140.35
CA LEU H 3246 45.12 20.56 139.23
C LEU H 3246 44.29 21.85 139.30
N ASP H 3247 43.78 22.16 140.48
CA ASP H 3247 42.97 23.37 140.67
C ASP H 3247 43.79 24.61 140.36
N ARG H 3248 45.03 24.64 140.83
CA ARG H 3248 45.89 25.79 140.60
C ARG H 3248 46.18 25.98 139.12
N LEU H 3249 46.43 24.87 138.41
CA LEU H 3249 46.67 24.95 136.97
C LEU H 3249 45.43 25.44 136.24
N MET H 3250 44.26 24.94 136.61
CA MET H 3250 43.03 25.38 135.93
C MET H 3250 42.75 26.85 136.19
N ALA H 3251 42.99 27.30 137.43
CA ALA H 3251 42.85 28.73 137.71
C ALA H 3251 43.79 29.54 136.85
N ASP H 3252 45.04 29.09 136.70
CA ASP H 3252 45.99 29.81 135.86
C ASP H 3252 45.51 29.87 134.42
N ILE H 3253 45.02 28.74 133.90
CA ILE H 3253 44.59 28.68 132.52
C ILE H 3253 43.40 29.62 132.30
N GLY H 3254 42.45 29.60 133.23
CA GLY H 3254 41.32 30.50 133.13
C GLY H 3254 41.73 31.95 133.16
N GLY H 3255 42.69 32.29 134.03
CA GLY H 3255 43.19 33.65 134.07
C GLY H 3255 43.84 34.05 132.75
N LEU H 3256 44.66 33.16 132.19
CA LEU H 3256 45.27 33.45 130.90
C LEU H 3256 44.22 33.68 129.83
N ALA H 3257 43.21 32.80 129.77
CA ALA H 3257 42.20 32.91 128.74
C ALA H 3257 41.41 34.20 128.88
N GLU H 3258 40.94 34.52 130.08
CA GLU H 3258 40.16 35.73 130.27
C GLU H 3258 40.99 36.98 130.04
N SER H 3259 42.30 36.91 130.33
CA SER H 3259 43.16 38.05 130.06
C SER H 3259 43.39 38.24 128.58
N GLY H 3260 43.43 37.15 127.82
CA GLY H 3260 43.82 37.21 126.42
C GLY H 3260 45.27 36.89 126.18
N ALA H 3261 45.88 36.06 127.03
CA ALA H 3261 47.30 35.76 126.88
C ALA H 3261 47.57 35.13 125.53
N ARG H 3262 48.75 35.39 125.00
CA ARG H 3262 49.13 34.95 123.67
C ARG H 3262 50.22 33.88 123.77
N TYR H 3263 50.45 33.19 122.65
CA TYR H 3263 51.38 32.07 122.66
C TYR H 3263 52.74 32.49 123.16
N THR H 3264 53.13 33.75 122.92
CA THR H 3264 54.42 34.24 123.38
C THR H 3264 54.50 34.25 124.90
N GLU H 3265 53.42 34.64 125.56
CA GLU H 3265 53.39 34.68 127.02
C GLU H 3265 53.12 33.32 127.65
N MET H 3266 52.44 32.42 126.93
CA MET H 3266 52.10 31.10 127.47
C MET H 3266 52.45 30.02 126.45
N PRO H 3267 53.73 29.92 126.09
CA PRO H 3267 54.15 28.82 125.21
C PRO H 3267 54.27 27.50 125.94
N HIS H 3268 54.77 27.52 127.18
CA HIS H 3268 54.92 26.29 127.95
C HIS H 3268 53.57 25.61 128.15
N VAL H 3269 52.56 26.40 128.56
CA VAL H 3269 51.25 25.84 128.80
C VAL H 3269 50.75 25.09 127.57
N ILE H 3270 50.62 25.82 126.46
CA ILE H 3270 49.97 25.27 125.27
C ILE H 3270 50.63 23.97 124.84
N GLU H 3271 51.96 23.92 124.86
CA GLU H 3271 52.68 22.82 124.26
C GLU H 3271 52.98 21.67 125.21
N ILE H 3272 52.89 21.89 126.52
CA ILE H 3272 53.20 20.82 127.47
C ILE H 3272 52.04 20.58 128.43
N THR H 3273 51.60 21.63 129.11
CA THR H 3273 50.66 21.46 130.21
C THR H 3273 49.29 21.04 129.70
N LEU H 3274 48.77 21.73 128.69
CA LEU H 3274 47.43 21.43 128.20
C LEU H 3274 47.33 20.00 127.67
N PRO H 3275 48.27 19.51 126.86
CA PRO H 3275 48.23 18.09 126.48
C PRO H 3275 48.26 17.16 127.68
N MET H 3276 49.07 17.49 128.68
CA MET H 3276 49.17 16.65 129.86
C MET H 3276 47.83 16.57 130.59
N LEU H 3277 47.16 17.71 130.73
CA LEU H 3277 45.83 17.71 131.34
C LEU H 3277 44.83 16.98 130.48
N CYS H 3278 44.90 17.15 129.16
CA CYS H 3278 43.95 16.52 128.26
C CYS H 3278 44.09 15.00 128.31
N SER H 3279 45.29 14.50 128.61
CA SER H 3279 45.50 13.08 128.78
C SER H 3279 45.28 12.61 130.21
N TYR H 3280 45.34 13.52 131.18
CA TYR H 3280 45.20 13.17 132.59
C TYR H 3280 43.73 13.09 132.99
N LEU H 3281 42.95 14.12 132.66
CA LEU H 3281 41.58 14.23 133.13
C LEU H 3281 40.71 13.07 132.65
N PRO H 3282 40.78 12.68 131.37
CA PRO H 3282 39.94 11.59 130.88
C PRO H 3282 40.17 10.29 131.62
N ARG H 3283 41.44 9.94 131.82
CA ARG H 3283 41.76 8.70 132.49
C ARG H 3283 41.19 8.67 133.90
N TRP H 3284 41.32 9.79 134.62
CA TRP H 3284 40.93 9.82 136.01
C TRP H 3284 39.42 10.00 136.17
N TRP H 3285 38.76 10.48 135.13
CA TRP H 3285 37.30 10.55 135.16
C TRP H 3285 36.70 9.16 135.29
N GLU H 3286 37.26 8.20 134.55
CA GLU H 3286 36.75 6.84 134.58
C GLU H 3286 36.94 6.20 135.95
N ARG H 3287 38.08 6.48 136.60
CA ARG H 3287 38.42 5.87 137.87
C ARG H 3287 37.97 6.72 139.07
N GLY H 3288 37.34 7.86 138.83
CA GLY H 3288 36.91 8.72 139.90
C GLY H 3288 35.40 8.72 140.07
N PRO H 3289 34.90 9.68 140.83
CA PRO H 3289 33.45 9.81 140.96
C PRO H 3289 32.82 10.25 139.65
N GLU H 3290 31.52 10.01 139.53
CA GLU H 3290 30.71 10.24 138.34
C GLU H 3290 30.93 9.11 137.34
N ALA H 3291 31.83 8.17 137.62
CA ALA H 3291 32.06 7.04 136.76
C ALA H 3291 30.99 5.97 136.97
N PRO H 3292 30.79 5.08 136.00
CA PRO H 3292 29.86 3.98 136.20
C PRO H 3292 30.39 3.01 137.25
N PRO H 3293 29.76 2.96 138.43
CA PRO H 3293 30.36 2.23 139.54
C PRO H 3293 29.90 0.78 139.57
N PRO H 3294 30.84 -0.17 139.56
CA PRO H 3294 30.48 -1.53 139.98
C PRO H 3294 30.26 -1.57 141.48
N ALA H 3295 29.31 -2.40 141.92
CA ALA H 3295 28.84 -2.32 143.30
C ALA H 3295 29.97 -2.38 144.32
N LEU H 3296 30.65 -3.52 144.42
CA LEU H 3296 31.70 -3.68 145.43
C LEU H 3296 32.92 -2.81 145.17
N PRO H 3297 33.51 -2.79 143.97
CA PRO H 3297 34.68 -1.92 143.75
C PRO H 3297 34.40 -0.46 144.06
N ALA H 3298 33.22 0.03 143.71
CA ALA H 3298 32.86 1.40 144.01
C ALA H 3298 32.67 1.60 145.51
N GLY H 3299 31.97 0.67 146.17
CA GLY H 3299 31.75 0.79 147.59
C GLY H 3299 32.78 0.04 148.42
N ALA H 3300 33.80 0.76 148.88
CA ALA H 3300 34.84 0.26 149.76
C ALA H 3300 36.02 1.23 149.76
N PRO H 3301 36.75 1.39 148.66
CA PRO H 3301 37.83 2.34 148.64
C PRO H 3301 37.38 3.69 148.08
N PRO H 3302 37.78 4.80 148.70
CA PRO H 3302 37.48 6.10 148.10
C PRO H 3302 38.25 6.28 146.81
N PRO H 3303 37.67 6.98 145.82
CA PRO H 3303 38.45 7.27 144.61
C PRO H 3303 39.54 8.29 144.88
N CYS H 3304 40.75 7.97 144.43
CA CYS H 3304 41.87 8.88 144.62
C CYS H 3304 41.64 10.20 143.88
N THR H 3305 41.19 10.12 142.64
CA THR H 3305 40.98 11.33 141.85
C THR H 3305 39.64 11.96 142.16
N ALA H 3306 39.56 13.28 141.94
CA ALA H 3306 38.34 14.04 142.13
C ALA H 3306 37.83 14.64 140.82
N VAL H 3307 38.28 14.11 139.68
CA VAL H 3307 37.93 14.70 138.39
C VAL H 3307 36.47 14.42 138.07
N THR H 3308 35.76 15.44 137.60
CA THR H 3308 34.41 15.34 137.11
C THR H 3308 34.33 15.97 135.73
N SER H 3309 33.17 15.85 135.10
CA SER H 3309 32.99 16.42 133.77
C SER H 3309 33.16 17.93 133.77
N ASP H 3310 32.97 18.55 134.94
CA ASP H 3310 33.13 20.00 135.04
C ASP H 3310 34.55 20.42 134.69
N HIS H 3311 35.53 19.68 135.19
CA HIS H 3311 36.92 19.98 134.88
C HIS H 3311 37.16 19.96 133.38
N LEU H 3312 36.69 18.90 132.70
CA LEU H 3312 36.91 18.76 131.27
C LEU H 3312 36.19 19.86 130.50
N ASN H 3313 34.97 20.19 130.90
CA ASN H 3313 34.22 21.24 130.22
C ASN H 3313 34.93 22.59 130.35
N SER H 3314 35.40 22.90 131.55
CA SER H 3314 36.13 24.14 131.76
C SER H 3314 37.41 24.17 130.92
N LEU H 3315 38.13 23.06 130.87
CA LEU H 3315 39.35 23.00 130.09
C LEU H 3315 39.06 23.22 128.61
N LEU H 3316 38.02 22.58 128.10
CA LEU H 3316 37.67 22.74 126.69
C LEU H 3316 37.28 24.18 126.38
N GLY H 3317 36.47 24.79 127.24
CA GLY H 3317 36.12 26.18 127.03
C GLY H 3317 37.34 27.07 127.02
N ASN H 3318 38.24 26.85 127.98
CA ASN H 3318 39.43 27.70 128.05
C ASN H 3318 40.32 27.52 126.83
N ILE H 3319 40.46 26.27 126.36
CA ILE H 3319 41.24 26.01 125.15
C ILE H 3319 40.64 26.72 123.96
N LEU H 3320 39.32 26.63 123.82
CA LEU H 3320 38.74 27.40 122.77
C LEU H 3320 39.24 28.80 123.01
N ARG H 3321 39.57 29.11 124.42
CA ARG H 3321 38.79 30.23 124.63
C ARG H 3321 39.98 30.95 123.90
N ILE H 3322 41.23 30.41 124.22
CA ILE H 3322 42.59 30.71 123.82
C ILE H 3322 42.74 30.79 122.30
N ILE H 3323 42.19 29.81 121.61
CA ILE H 3323 42.26 29.81 120.16
C ILE H 3323 41.64 31.07 119.60
N VAL H 3324 40.51 31.51 120.16
CA VAL H 3324 39.88 32.71 119.61
C VAL H 3324 40.74 33.92 119.90
N ASN H 3325 41.38 33.96 121.08
CA ASN H 3325 42.34 35.05 121.30
C ASN H 3325 43.48 35.04 120.28
N ASN H 3326 43.93 33.85 119.86
CA ASN H 3326 45.04 33.72 118.92
C ASN H 3326 44.59 33.34 117.51
N LEU H 3327 43.41 33.81 117.09
CA LEU H 3327 42.90 33.46 115.77
C LEU H 3327 43.67 34.17 114.66
N GLY H 3328 43.79 35.50 114.76
CA GLY H 3328 44.22 36.28 113.62
C GLY H 3328 45.68 36.12 113.28
N ILE H 3329 46.48 35.69 114.25
CA ILE H 3329 47.94 35.65 114.10
C ILE H 3329 48.35 34.92 112.82
N ASP H 3330 49.40 35.42 112.18
CA ASP H 3330 49.87 34.82 110.93
C ASP H 3330 50.38 33.40 111.15
N GLU H 3331 51.15 33.19 112.20
CA GLU H 3331 51.83 31.92 112.45
C GLU H 3331 51.29 31.30 113.73
N ALA H 3332 50.65 30.14 113.60
CA ALA H 3332 50.16 29.37 114.75
C ALA H 3332 50.26 27.89 114.38
N THR H 3333 51.39 27.27 114.73
CA THR H 3333 51.55 25.84 114.50
C THR H 3333 51.04 25.01 115.67
N TRP H 3334 50.81 25.63 116.82
CA TRP H 3334 50.38 24.89 118.00
C TRP H 3334 48.91 24.49 117.90
N MET H 3335 48.15 25.12 117.01
CA MET H 3335 46.71 24.91 116.95
C MET H 3335 46.37 23.46 116.63
N LYS H 3336 47.03 22.92 115.60
CA LYS H 3336 46.72 21.56 115.15
C LYS H 3336 47.05 20.54 116.22
N ARG H 3337 48.17 20.73 116.94
CA ARG H 3337 48.52 19.81 118.02
C ARG H 3337 47.55 19.93 119.18
N LEU H 3338 47.17 21.16 119.52
CA LEU H 3338 46.22 21.37 120.61
C LEU H 3338 44.90 20.69 120.31
N ALA H 3339 44.46 20.75 119.05
CA ALA H 3339 43.20 20.12 118.68
C ALA H 3339 43.26 18.61 118.88
N VAL H 3340 44.33 17.98 118.41
CA VAL H 3340 44.43 16.53 118.52
C VAL H 3340 44.52 16.11 119.98
N PHE H 3341 45.16 16.93 120.81
CA PHE H 3341 45.23 16.59 122.23
C PHE H 3341 43.90 16.84 122.93
N ALA H 3342 43.12 17.81 122.45
CA ALA H 3342 41.91 18.21 123.16
C ALA H 3342 40.69 17.42 122.74
N GLN H 3343 40.76 16.74 121.60
CA GLN H 3343 39.60 16.01 121.11
C GLN H 3343 39.02 15.07 122.17
N PRO H 3344 39.84 14.25 122.84
CA PRO H 3344 39.29 13.26 123.77
C PRO H 3344 38.36 13.82 124.84
N ILE H 3345 38.67 15.02 125.35
CA ILE H 3345 37.90 15.57 126.47
C ILE H 3345 36.61 16.24 126.02
N VAL H 3346 36.28 16.19 124.73
CA VAL H 3346 35.07 16.86 124.24
C VAL H 3346 33.82 16.02 124.43
N SER H 3347 33.96 14.72 124.68
CA SER H 3347 32.80 13.87 124.85
C SER H 3347 31.99 14.30 126.08
N ARG H 3348 32.67 14.66 127.16
CA ARG H 3348 31.97 15.08 128.37
C ARG H 3348 31.38 16.48 128.22
N ALA H 3349 31.69 17.17 127.13
CA ALA H 3349 31.24 18.54 126.92
C ALA H 3349 29.73 18.68 127.14
N ARG H 3350 29.35 19.70 127.89
CA ARG H 3350 27.98 19.95 128.28
C ARG H 3350 27.27 20.73 127.18
N PRO H 3351 25.94 20.68 127.14
CA PRO H 3351 25.22 21.39 126.07
C PRO H 3351 25.45 22.89 126.07
N GLU H 3352 25.58 23.52 127.24
CA GLU H 3352 25.70 24.97 127.30
C GLU H 3352 26.94 25.47 126.57
N LEU H 3353 27.94 24.61 126.41
CA LEU H 3353 29.18 25.02 125.77
C LEU H 3353 28.91 25.58 124.38
N LEU H 3354 27.90 25.06 123.69
CA LEU H 3354 27.58 25.54 122.36
C LEU H 3354 27.34 27.04 122.37
N HIS H 3355 26.26 27.47 123.03
CA HIS H 3355 25.93 28.89 123.08
C HIS H 3355 27.06 29.70 123.71
N SER H 3356 27.68 29.15 124.75
CA SER H 3356 28.70 29.93 125.46
C SER H 3356 29.89 30.26 124.57
N HIS H 3357 30.40 29.27 123.84
CA HIS H 3357 31.68 29.42 123.16
C HIS H 3357 31.57 29.28 121.65
N PHE H 3358 30.93 28.19 121.19
CA PHE H 3358 31.06 27.79 119.80
C PHE H 3358 30.43 28.82 118.86
N ILE H 3359 29.24 29.30 119.21
CA ILE H 3359 28.51 30.20 118.30
C ILE H 3359 29.34 31.44 118.00
N PRO H 3360 29.89 32.16 118.97
CA PRO H 3360 30.74 33.31 118.64
C PRO H 3360 31.94 32.96 117.78
N THR H 3361 32.60 31.83 118.04
CA THR H 3361 33.79 31.47 117.29
C THR H 3361 33.46 31.27 115.82
N ILE H 3362 32.45 30.45 115.55
CA ILE H 3362 32.06 30.17 114.18
C ILE H 3362 31.52 31.44 113.52
N GLY H 3363 30.84 32.29 114.29
CA GLY H 3363 30.39 33.55 113.73
C GLY H 3363 31.53 34.44 113.28
N ARG H 3364 32.56 34.55 114.12
CA ARG H 3364 33.72 35.35 113.75
C ARG H 3364 34.42 34.78 112.51
N LEU H 3365 34.58 33.46 112.47
CA LEU H 3365 35.23 32.84 111.32
C LEU H 3365 34.40 33.05 110.05
N ARG H 3366 33.08 32.92 110.16
CA ARG H 3366 32.20 33.13 109.03
C ARG H 3366 32.26 34.57 108.54
N LYS H 3367 32.29 35.52 109.47
CA LYS H 3367 32.44 36.92 109.09
C LYS H 3367 33.75 37.16 108.36
N ARG H 3368 34.84 36.60 108.87
CA ARG H 3368 36.13 36.75 108.21
C ARG H 3368 36.10 36.15 106.81
N ALA H 3369 35.46 34.99 106.66
CA ALA H 3369 35.35 34.37 105.35
C ALA H 3369 34.55 35.25 104.40
N GLY H 3370 33.47 35.84 104.90
CA GLY H 3370 32.70 36.75 104.07
C GLY H 3370 33.52 37.95 103.60
N LYS H 3371 34.30 38.52 104.52
CA LYS H 3371 35.16 39.64 104.14
C LYS H 3371 36.19 39.21 103.09
N VAL H 3372 36.77 38.02 103.27
CA VAL H 3372 37.78 37.54 102.33
C VAL H 3372 37.18 37.34 100.95
N VAL H 3373 36.00 36.72 100.88
CA VAL H 3373 35.40 36.47 99.58
C VAL H 3373 34.93 37.77 98.94
N ALA H 3374 34.47 38.74 99.75
CA ALA H 3374 34.13 40.05 99.19
C ALA H 3374 35.36 40.70 98.59
N GLU H 3375 36.49 40.63 99.31
CA GLU H 3375 37.72 41.13 98.72
C GLU H 3375 37.99 40.44 97.40
N GLU H 3376 38.01 39.11 97.39
CA GLU H 3376 38.30 38.37 96.17
C GLU H 3376 37.38 38.82 95.02
N GLU H 3377 36.11 39.06 95.34
CA GLU H 3377 35.16 39.51 94.31
C GLU H 3377 35.58 40.87 93.76
N GLN H 3378 35.96 41.79 94.64
CA GLN H 3378 36.41 43.10 94.20
C GLN H 3378 37.69 43.01 93.36
N LEU H 3379 38.62 42.16 93.79
CA LEU H 3379 39.87 41.97 93.06
C LEU H 3379 39.62 41.40 91.66
N ARG H 3380 38.78 40.38 91.56
CA ARG H 3380 38.19 40.01 90.27
C ARG H 3380 37.72 41.24 89.50
N LEU H 3381 36.78 41.99 90.09
CA LEU H 3381 36.11 43.06 89.36
C LEU H 3381 37.14 44.00 88.73
N GLU H 3382 38.21 44.29 89.45
CA GLU H 3382 39.31 45.11 88.92
C GLU H 3382 40.44 44.17 88.46
N ALA H 3383 40.66 44.08 87.14
CA ALA H 3383 41.54 43.09 86.48
C ALA H 3383 42.87 43.60 85.92
N LYS H 3384 43.96 43.42 86.66
CA LYS H 3384 45.26 44.03 86.35
C LYS H 3384 46.38 43.18 86.91
N ALA H 3385 47.61 43.62 86.65
CA ALA H 3385 48.74 43.17 87.44
C ALA H 3385 48.58 43.57 88.90
N GLU H 3386 48.01 44.75 89.16
CA GLU H 3386 47.69 45.12 90.53
C GLU H 3386 46.66 44.17 91.13
N ALA H 3387 45.80 43.58 90.29
CA ALA H 3387 44.90 42.56 90.77
C ALA H 3387 45.65 41.28 91.14
N GLU H 3388 46.65 40.90 90.35
CA GLU H 3388 47.51 39.80 90.75
C GLU H 3388 48.17 40.09 92.08
N GLU H 3389 48.64 41.31 92.27
CA GLU H 3389 48.98 41.79 93.60
C GLU H 3389 47.69 41.88 94.42
N GLY H 3390 47.79 41.56 95.71
CA GLY H 3390 46.62 41.45 96.55
C GLY H 3390 45.97 40.07 96.46
N GLU H 3391 46.17 39.38 95.35
CA GLU H 3391 45.78 37.98 95.29
C GLU H 3391 46.53 37.18 96.35
N LEU H 3392 47.83 37.47 96.52
CA LEU H 3392 48.61 36.81 97.57
C LEU H 3392 48.12 37.18 98.97
N LEU H 3393 47.70 38.43 99.17
CA LEU H 3393 47.12 38.84 100.45
C LEU H 3393 45.83 38.09 100.77
N VAL H 3394 44.90 38.05 99.84
CA VAL H 3394 43.67 37.30 100.09
C VAL H 3394 43.99 35.82 100.25
N ARG H 3395 45.02 35.35 99.54
CA ARG H 3395 45.52 33.99 99.69
C ARG H 3395 45.94 33.71 101.13
N ASP H 3396 46.74 34.61 101.70
CA ASP H 3396 47.20 34.43 103.08
C ASP H 3396 46.03 34.48 104.05
N GLU H 3397 45.07 35.38 103.81
CA GLU H 3397 43.87 35.38 104.63
C GLU H 3397 43.15 34.04 104.54
N PHE H 3398 43.05 33.49 103.33
CA PHE H 3398 42.43 32.18 103.16
C PHE H 3398 43.17 31.11 103.93
N SER H 3399 44.50 31.15 103.90
CA SER H 3399 45.30 30.13 104.59
C SER H 3399 45.14 30.21 106.09
N VAL H 3400 45.16 31.42 106.66
CA VAL H 3400 44.95 31.56 108.10
C VAL H 3400 43.55 31.12 108.48
N LEU H 3401 42.57 31.43 107.63
CA LEU H 3401 41.20 31.00 107.86
C LEU H 3401 41.12 29.48 107.89
N CYS H 3402 41.78 28.83 106.93
CA CYS H 3402 41.78 27.36 106.87
C CYS H 3402 42.46 26.77 108.09
N ARG H 3403 43.55 27.39 108.54
CA ARG H 3403 44.26 26.90 109.72
C ARG H 3403 43.37 26.97 110.95
N ASP H 3404 42.70 28.12 111.15
CA ASP H 3404 41.79 28.25 112.27
C ASP H 3404 40.64 27.26 112.17
N LEU H 3405 40.14 27.03 110.95
CA LEU H 3405 39.05 26.09 110.76
C LEU H 3405 39.47 24.67 111.13
N TYR H 3406 40.64 24.24 110.67
CA TYR H 3406 41.12 22.90 111.02
C TYR H 3406 41.50 22.82 112.48
N ALA H 3407 41.70 23.96 113.14
CA ALA H 3407 41.91 23.94 114.59
C ALA H 3407 40.60 23.74 115.33
N LEU H 3408 39.55 24.46 114.93
CA LEU H 3408 38.31 24.45 115.70
C LEU H 3408 37.43 23.26 115.35
N TYR H 3409 37.25 22.98 114.06
CA TYR H 3409 36.26 21.98 113.63
C TYR H 3409 36.44 20.62 114.28
N PRO H 3410 37.63 20.01 114.29
CA PRO H 3410 37.72 18.65 114.82
C PRO H 3410 37.08 18.48 116.19
N LEU H 3411 37.08 19.55 116.98
CA LEU H 3411 36.38 19.53 118.26
C LEU H 3411 34.88 19.62 118.06
N LEU H 3412 34.45 20.51 117.16
CA LEU H 3412 33.02 20.70 116.95
C LEU H 3412 32.35 19.45 116.42
N ILE H 3413 33.04 18.72 115.54
CA ILE H 3413 32.49 17.49 115.00
C ILE H 3413 32.10 16.54 116.12
N ARG H 3414 32.98 16.39 117.10
CA ARG H 3414 32.72 15.47 118.20
C ARG H 3414 31.59 15.98 119.09
N TYR H 3415 31.61 17.28 119.40
CA TYR H 3415 30.53 17.86 120.17
C TYR H 3415 29.21 17.69 119.44
N VAL H 3416 29.22 17.87 118.12
CA VAL H 3416 28.03 17.61 117.32
C VAL H 3416 27.62 16.15 117.42
N ASP H 3417 28.58 15.26 117.18
CA ASP H 3417 28.28 13.83 117.17
C ASP H 3417 27.61 13.39 118.46
N ASN H 3418 28.02 13.96 119.59
CA ASN H 3418 27.43 13.59 120.87
C ASN H 3418 26.03 14.13 121.02
N ASN H 3419 25.71 15.26 120.37
CA ASN H 3419 24.46 15.96 120.61
C ASN H 3419 23.55 16.03 119.39
N ARG H 3420 23.86 15.32 118.31
CA ARG H 3420 22.92 15.25 117.21
C ARG H 3420 21.60 14.64 117.66
N ALA H 3421 21.66 13.59 118.47
CA ALA H 3421 20.43 12.93 118.90
C ALA H 3421 19.53 13.89 119.65
N HIS H 3422 20.09 14.62 120.61
CA HIS H 3422 19.27 15.54 121.40
CA HIS H 3422 19.26 15.54 121.40
C HIS H 3422 18.82 16.73 120.56
N TRP H 3423 19.68 17.23 119.67
CA TRP H 3423 19.29 18.35 118.81
C TRP H 3423 18.18 17.97 117.86
N LEU H 3424 18.16 16.73 117.40
CA LEU H 3424 17.13 16.25 116.48
C LEU H 3424 15.85 15.87 117.20
N THR H 3425 15.95 15.38 118.44
CA THR H 3425 14.76 15.07 119.21
C THR H 3425 14.07 16.35 119.68
N GLU H 3426 14.77 17.15 120.47
CA GLU H 3426 14.27 18.45 120.88
C GLU H 3426 14.92 19.52 120.02
N PRO H 3427 14.17 20.20 119.15
CA PRO H 3427 14.81 21.18 118.26
C PRO H 3427 15.51 22.28 119.05
N ASN H 3428 16.64 22.74 118.52
CA ASN H 3428 17.46 23.75 119.18
C ASN H 3428 17.78 24.87 118.19
N ALA H 3429 17.33 26.08 118.52
CA ALA H 3429 17.61 27.23 117.66
C ALA H 3429 19.10 27.50 117.56
N ASN H 3430 19.84 27.25 118.64
CA ASN H 3430 21.29 27.42 118.59
C ASN H 3430 21.92 26.47 117.59
N ALA H 3431 21.48 25.21 117.59
CA ALA H 3431 21.98 24.25 116.61
C ALA H 3431 21.60 24.68 115.20
N GLU H 3432 20.40 25.22 115.02
CA GLU H 3432 20.00 25.69 113.70
C GLU H 3432 20.87 26.85 113.24
N GLU H 3433 21.20 27.77 114.14
CA GLU H 3433 22.08 28.87 113.79
C GLU H 3433 23.47 28.37 113.41
N LEU H 3434 23.98 27.40 114.15
CA LEU H 3434 25.25 26.80 113.80
C LEU H 3434 25.18 26.13 112.44
N PHE H 3435 24.05 25.52 112.12
CA PHE H 3435 23.87 24.94 110.79
C PHE H 3435 23.94 26.02 109.72
N ARG H 3436 23.27 27.14 109.94
CA ARG H 3436 23.32 28.25 108.99
C ARG H 3436 24.75 28.71 108.78
N MET H 3437 25.51 28.79 109.88
CA MET H 3437 26.91 29.21 109.80
C MET H 3437 27.72 28.26 108.95
N VAL H 3438 27.65 26.96 109.25
CA VAL H 3438 28.45 26.00 108.53
C VAL H 3438 28.04 25.96 107.07
N GLY H 3439 26.75 26.13 106.79
CA GLY H 3439 26.29 26.17 105.41
C GLY H 3439 26.85 27.37 104.66
N GLU H 3440 26.88 28.53 105.30
CA GLU H 3440 27.47 29.70 104.66
C GLU H 3440 28.94 29.48 104.37
N ILE H 3441 29.66 28.90 105.33
CA ILE H 3441 31.09 28.64 105.13
C ILE H 3441 31.29 27.66 103.97
N PHE H 3442 30.46 26.62 103.91
CA PHE H 3442 30.59 25.64 102.83
C PHE H 3442 30.25 26.27 101.49
N ILE H 3443 29.28 27.17 101.46
CA ILE H 3443 28.96 27.88 100.22
C ILE H 3443 30.17 28.69 99.75
N TYR H 3444 30.80 29.41 100.68
CA TYR H 3444 32.01 30.16 100.32
C TYR H 3444 33.10 29.22 99.81
N TRP H 3445 33.27 28.08 100.47
CA TRP H 3445 34.24 27.08 100.01
C TRP H 3445 33.96 26.64 98.59
N SER H 3446 32.68 26.37 98.29
CA SER H 3446 32.33 25.86 96.96
C SER H 3446 32.49 26.95 95.91
N LYS H 3447 32.27 28.21 96.29
CA LYS H 3447 32.31 29.27 95.29
C LYS H 3447 33.74 29.74 95.02
N SER H 3448 34.60 29.77 96.03
CA SER H 3448 35.94 30.32 95.90
C SER H 3448 36.94 29.20 95.62
N HIS H 3449 37.65 29.33 94.50
CA HIS H 3449 38.69 28.36 94.17
C HIS H 3449 39.91 28.53 95.08
N ASN H 3450 40.23 29.78 95.43
CA ASN H 3450 41.40 30.05 96.25
C ASN H 3450 41.28 29.36 97.60
N PHE H 3451 40.09 29.41 98.21
CA PHE H 3451 39.90 28.82 99.53
C PHE H 3451 40.12 27.31 99.51
N LYS H 3452 39.60 26.63 98.49
CA LYS H 3452 39.72 25.18 98.41
C LYS H 3452 41.18 24.74 98.34
N ARG H 3453 41.91 25.26 97.37
CA ARG H 3453 43.33 24.98 97.22
C ARG H 3453 44.18 25.48 98.39
N GLU H 3454 43.84 26.62 98.99
CA GLU H 3454 44.56 26.99 100.23
C GLU H 3454 44.36 25.94 101.30
N GLU H 3455 43.16 25.39 101.39
CA GLU H 3455 42.89 24.29 102.33
C GLU H 3455 43.75 23.08 102.00
N GLN H 3456 43.76 22.69 100.71
CA GLN H 3456 44.58 21.56 100.29
C GLN H 3456 46.05 21.78 100.64
N ASN H 3457 46.54 22.99 100.38
CA ASN H 3457 47.93 23.32 100.67
C ASN H 3457 48.21 23.19 102.16
N PHE H 3458 47.34 23.76 102.99
CA PHE H 3458 47.51 23.63 104.44
C PHE H 3458 47.60 22.18 104.84
N VAL H 3459 46.66 21.35 104.36
CA VAL H 3459 46.63 19.95 104.77
C VAL H 3459 47.90 19.24 104.36
N VAL H 3460 48.29 19.37 103.09
CA VAL H 3460 49.46 18.63 102.61
C VAL H 3460 50.73 19.12 103.28
N GLN H 3461 50.87 20.43 103.45
CA GLN H 3461 52.09 20.98 104.03
C GLN H 3461 52.24 20.57 105.49
N ASN H 3462 51.15 20.62 106.26
CA ASN H 3462 51.21 20.26 107.67
C ASN H 3462 50.97 18.78 107.92
N GLU H 3463 50.84 17.99 106.86
CA GLU H 3463 50.72 16.54 106.98
C GLU H 3463 49.51 16.15 107.83
N ILE H 3464 48.44 16.93 107.72
CA ILE H 3464 47.21 16.60 108.42
C ILE H 3464 46.55 15.41 107.73
N ASN H 3465 46.17 14.42 108.53
CA ASN H 3465 45.58 13.21 107.95
C ASN H 3465 44.09 13.37 107.75
N ASN H 3466 43.39 13.86 108.79
CA ASN H 3466 41.93 14.11 108.82
C ASN H 3466 41.11 12.81 108.91
N MET H 3467 41.89 11.70 108.68
CA MET H 3467 41.45 10.35 108.95
C MET H 3467 41.16 10.29 110.52
N SER H 3468 42.12 10.75 111.32
CA SER H 3468 42.00 10.77 112.74
C SER H 3468 40.80 11.57 113.21
N PHE H 3469 40.62 12.77 112.66
CA PHE H 3469 39.50 13.61 113.06
C PHE H 3469 38.17 12.92 112.76
N LEU H 3470 38.08 12.27 111.59
CA LEU H 3470 36.84 11.61 111.24
C LEU H 3470 36.61 10.35 112.07
N THR H 3471 37.66 9.59 112.36
CA THR H 3471 37.53 8.23 112.86
C THR H 3471 38.10 8.04 114.27
N ALA H 3472 38.26 9.09 115.07
CA ALA H 3472 38.71 8.86 116.44
C ALA H 3472 37.72 8.02 117.21
N ASP H 3473 36.46 8.01 116.79
CA ASP H 3473 35.51 7.08 117.38
C ASP H 3473 35.96 5.64 117.18
N SER H 3474 36.33 5.28 115.94
CA SER H 3474 36.88 3.95 115.68
C SER H 3474 38.20 3.74 116.41
N LYS H 3475 39.01 4.80 116.54
CA LYS H 3475 40.29 4.68 117.23
C LYS H 3475 40.08 4.30 118.69
N SER H 3476 39.29 5.08 119.41
CA SER H 3476 38.90 4.71 120.77
C SER H 3476 38.26 3.33 120.80
N LYS H 3477 37.58 2.95 119.72
CA LYS H 3477 37.04 1.61 119.59
C LYS H 3477 38.14 0.56 119.68
N MET H 3478 39.24 0.78 118.97
CA MET H 3478 40.45 -0.05 118.96
C MET H 3478 40.27 -1.31 118.11
N ALA H 3479 39.19 -1.42 117.34
CA ALA H 3479 38.92 -2.67 116.63
C ALA H 3479 39.80 -2.87 115.40
N ARG H 3498 49.03 7.11 97.86
CA ARG H 3498 48.52 7.91 96.75
C ARG H 3498 47.80 9.16 97.23
N ARG H 3499 47.83 10.18 96.39
CA ARG H 3499 47.41 11.52 96.83
C ARG H 3499 45.90 11.61 96.99
N GLY H 3500 45.14 10.86 96.19
CA GLY H 3500 43.69 10.94 96.30
C GLY H 3500 43.19 10.56 97.68
N ASP H 3501 43.68 9.44 98.22
CA ASP H 3501 43.39 9.11 99.62
C ASP H 3501 44.10 10.04 100.57
N ARG H 3502 45.36 10.40 100.26
CA ARG H 3502 46.12 11.25 101.16
C ARG H 3502 45.33 12.51 101.48
N TYR H 3503 44.54 12.98 100.52
CA TYR H 3503 43.64 14.10 100.76
C TYR H 3503 42.54 14.06 99.70
N SER H 3504 41.30 14.18 100.15
CA SER H 3504 40.15 14.22 99.26
C SER H 3504 39.11 15.18 99.82
N VAL H 3505 38.24 15.67 98.95
CA VAL H 3505 37.23 16.63 99.38
C VAL H 3505 36.35 16.01 100.46
N GLN H 3506 35.95 14.75 100.28
CA GLN H 3506 35.12 14.09 101.27
C GLN H 3506 35.78 14.09 102.64
N THR H 3507 37.11 14.02 102.67
CA THR H 3507 37.83 14.16 103.94
C THR H 3507 37.65 15.56 104.52
N SER H 3508 37.51 16.56 103.65
CA SER H 3508 37.53 17.95 104.11
C SER H 3508 36.61 18.15 105.29
N LEU H 3509 37.15 18.80 106.33
CA LEU H 3509 36.39 19.02 107.54
C LEU H 3509 35.18 19.89 107.28
N ILE H 3510 35.28 20.81 106.32
CA ILE H 3510 34.15 21.68 106.02
C ILE H 3510 32.95 20.86 105.56
N VAL H 3511 33.14 20.06 104.51
CA VAL H 3511 32.03 19.27 103.98
C VAL H 3511 31.60 18.22 105.00
N ALA H 3512 32.54 17.65 105.75
CA ALA H 3512 32.18 16.65 106.74
C ALA H 3512 31.27 17.24 107.81
N THR H 3513 31.64 18.41 108.33
CA THR H 3513 30.81 19.08 109.33
C THR H 3513 29.45 19.44 108.76
N LEU H 3514 29.44 19.93 107.51
CA LEU H 3514 28.16 20.27 106.89
C LEU H 3514 27.25 19.05 106.78
N LYS H 3515 27.81 17.92 106.34
CA LYS H 3515 26.99 16.71 106.25
C LYS H 3515 26.50 16.29 107.63
N LYS H 3516 27.37 16.42 108.63
CA LYS H 3516 26.99 16.02 109.98
C LYS H 3516 25.82 16.84 110.50
N MET H 3517 25.82 18.15 110.21
CA MET H 3517 24.79 19.04 110.73
C MET H 3517 23.61 19.23 109.78
N LEU H 3518 23.68 18.71 108.56
CA LEU H 3518 22.58 18.88 107.61
C LEU H 3518 21.26 18.33 108.14
N PRO H 3519 21.22 17.19 108.81
CA PRO H 3519 19.93 16.70 109.33
C PRO H 3519 19.22 17.70 110.23
N ILE H 3520 19.98 18.54 110.93
CA ILE H 3520 19.34 19.62 111.66
C ILE H 3520 18.61 20.52 110.68
N GLY H 3521 19.25 20.77 109.54
CA GLY H 3521 18.65 21.60 108.53
C GLY H 3521 17.39 21.01 107.94
N LEU H 3522 17.40 19.71 107.76
CA LEU H 3522 16.23 19.04 107.23
C LEU H 3522 15.12 18.99 108.26
N ASN H 3523 15.48 18.83 109.54
CA ASN H 3523 14.47 18.86 110.59
C ASN H 3523 13.83 20.23 110.66
N MET H 3524 14.60 21.29 110.42
CA MET H 3524 14.01 22.62 110.25
C MET H 3524 12.89 22.57 109.22
N CYS H 3525 13.18 21.99 108.06
CA CYS H 3525 12.24 21.99 106.95
C CYS H 3525 11.12 21.00 107.20
N ALA H 3526 9.89 21.42 106.90
CA ALA H 3526 8.79 20.49 106.93
C ALA H 3526 8.87 19.56 105.72
N PRO H 3527 8.44 18.31 105.88
CA PRO H 3527 8.48 17.38 104.74
C PRO H 3527 7.72 17.86 103.52
N THR H 3528 6.62 18.59 103.72
CA THR H 3528 5.84 19.08 102.60
C THR H 3528 6.63 20.07 101.76
N ASP H 3529 7.53 20.82 102.39
CA ASP H 3529 8.31 21.83 101.71
C ASP H 3529 9.31 21.24 100.72
N GLN H 3530 9.43 19.92 100.66
CA GLN H 3530 10.47 19.30 99.84
C GLN H 3530 10.37 19.76 98.39
N ASP H 3531 9.14 19.79 97.85
CA ASP H 3531 8.94 20.25 96.47
C ASP H 3531 9.50 21.64 96.28
N LEU H 3532 9.13 22.58 97.15
CA LEU H 3532 9.67 23.93 97.09
C LEU H 3532 11.19 23.90 97.14
N ILE H 3533 11.74 23.00 97.95
CA ILE H 3533 13.19 22.88 98.05
C ILE H 3533 13.78 22.50 96.70
N MET H 3534 13.14 21.55 96.01
CA MET H 3534 13.64 21.15 94.70
C MET H 3534 13.59 22.31 93.71
N LEU H 3535 12.49 23.07 93.73
CA LEU H 3535 12.40 24.23 92.84
C LEU H 3535 13.51 25.25 93.13
N ALA H 3536 13.75 25.53 94.42
CA ALA H 3536 14.80 26.47 94.76
C ALA H 3536 16.18 25.92 94.40
N LYS H 3537 16.36 24.61 94.48
CA LYS H 3537 17.62 23.97 94.12
C LYS H 3537 17.88 24.05 92.62
N THR H 3538 16.84 24.01 91.80
CA THR H 3538 16.98 24.28 90.38
C THR H 3538 17.19 25.75 90.08
N ARG H 3539 16.56 26.65 90.83
CA ARG H 3539 16.82 28.07 90.65
C ARG H 3539 18.28 28.40 90.95
N TYR H 3540 18.83 27.81 92.01
CA TYR H 3540 20.24 27.98 92.29
C TYR H 3540 21.10 27.48 91.14
N ALA H 3541 20.63 26.43 90.45
CA ALA H 3541 21.32 25.99 89.24
C ALA H 3541 21.18 27.03 88.14
N LEU H 3542 20.08 27.79 88.16
CA LEU H 3542 19.96 28.92 87.24
C LEU H 3542 20.81 30.09 87.71
N LYS H 3543 21.39 30.00 88.91
CA LYS H 3543 22.25 31.03 89.48
C LYS H 3543 21.48 32.28 89.86
N ASP H 3544 20.27 32.11 90.37
CA ASP H 3544 19.56 33.21 90.98
C ASP H 3544 20.14 33.49 92.36
N THR H 3545 19.96 34.73 92.82
CA THR H 3545 20.50 35.13 94.10
C THR H 3545 19.63 34.62 95.25
N ASP H 3546 20.13 34.77 96.47
CA ASP H 3546 19.40 34.31 97.64
C ASP H 3546 18.07 35.05 97.80
N GLU H 3547 18.09 36.39 97.65
CA GLU H 3547 16.86 37.16 97.69
C GLU H 3547 15.93 36.77 96.55
N GLU H 3548 16.48 36.46 95.39
CA GLU H 3548 15.66 36.11 94.24
C GLU H 3548 14.93 34.79 94.47
N VAL H 3549 15.65 33.77 94.94
CA VAL H 3549 14.99 32.51 95.27
C VAL H 3549 14.02 32.71 96.42
N ARG H 3550 14.34 33.60 97.37
CA ARG H 3550 13.42 33.90 98.45
C ARG H 3550 12.08 34.40 97.91
N GLU H 3551 12.12 35.42 97.05
CA GLU H 3551 10.87 35.98 96.53
C GLU H 3551 10.16 35.00 95.61
N PHE H 3552 10.92 34.19 94.88
CA PHE H 3552 10.30 33.16 94.04
C PHE H 3552 9.53 32.16 94.89
N LEU H 3553 10.12 31.71 96.00
CA LEU H 3553 9.39 30.84 96.91
C LEU H 3553 8.20 31.58 97.51
N GLN H 3554 8.37 32.86 97.80
CA GLN H 3554 7.30 33.63 98.44
C GLN H 3554 6.07 33.70 97.55
N ASN H 3555 6.26 33.96 96.26
CA ASN H 3555 5.10 34.07 95.37
C ASN H 3555 4.65 32.72 94.84
N ASN H 3556 5.50 31.68 94.90
CA ASN H 3556 5.12 30.33 94.52
C ASN H 3556 4.77 29.45 95.71
N LEU H 3557 4.48 30.06 96.87
CA LEU H 3557 4.13 29.28 98.06
C LEU H 3557 2.95 28.35 97.80
N HIS H 3558 2.04 28.73 96.91
CA HIS H 3558 0.85 27.92 96.68
C HIS H 3558 1.22 26.49 96.32
N LEU H 3559 2.38 26.30 95.70
CA LEU H 3559 2.79 24.96 95.26
C LEU H 3559 3.01 24.00 96.42
N GLN H 3560 3.14 24.52 97.65
CA GLN H 3560 3.50 23.69 98.80
C GLN H 3560 2.71 22.38 98.78
N GLY H 3561 3.36 21.31 99.24
CA GLY H 3561 2.80 19.99 99.09
C GLY H 3561 1.52 19.79 99.88
N LYS H 3562 0.71 18.85 99.40
CA LYS H 3562 -0.57 18.51 99.99
C LYS H 3562 -0.50 17.06 100.47
N VAL H 3563 -0.79 16.85 101.76
CA VAL H 3563 -0.60 15.53 102.36
C VAL H 3563 -1.63 14.54 101.81
N GLU H 3564 -2.88 14.98 101.64
CA GLU H 3564 -3.94 14.06 101.26
C GLU H 3564 -3.60 13.33 99.96
N GLY H 3565 -2.85 13.98 99.07
CA GLY H 3565 -2.51 13.35 97.81
C GLY H 3565 -1.62 12.14 97.96
N SER H 3566 -0.61 12.22 98.83
CA SER H 3566 0.37 11.17 98.98
C SER H 3566 0.40 10.66 100.42
N PRO H 3567 0.41 9.35 100.64
CA PRO H 3567 0.44 8.85 102.02
C PRO H 3567 1.74 9.13 102.75
N SER H 3568 2.86 9.23 102.04
CA SER H 3568 4.15 9.46 102.69
C SER H 3568 4.10 10.72 103.55
N LEU H 3569 3.56 11.80 103.00
CA LEU H 3569 3.51 13.05 103.75
C LEU H 3569 2.69 12.88 105.01
N ARG H 3570 1.74 11.96 105.03
CA ARG H 3570 0.93 11.77 106.23
C ARG H 3570 1.78 11.28 107.39
N TRP H 3571 2.56 10.22 107.17
CA TRP H 3571 3.37 9.68 108.25
C TRP H 3571 4.58 10.56 108.53
N GLN H 3572 4.98 11.40 107.56
CA GLN H 3572 6.02 12.38 107.85
C GLN H 3572 5.48 13.52 108.72
N MET H 3573 4.29 14.03 108.40
CA MET H 3573 3.64 15.02 109.25
C MET H 3573 3.44 14.47 110.65
N ALA H 3574 3.09 13.18 110.76
CA ALA H 3574 2.89 12.58 112.07
C ALA H 3574 4.10 12.84 112.96
N LEU H 3575 5.29 12.53 112.46
CA LEU H 3575 6.50 12.73 113.26
C LEU H 3575 6.81 14.21 113.44
N TYR H 3576 6.61 15.00 112.38
CA TYR H 3576 6.85 16.44 112.46
C TYR H 3576 6.08 17.05 113.62
N ARG H 3577 4.80 16.71 113.73
CA ARG H 3577 4.01 17.17 114.87
C ARG H 3577 4.45 16.49 116.16
N GLY H 3578 4.90 15.23 116.07
CA GLY H 3578 5.38 14.55 117.25
C GLY H 3578 6.54 15.28 117.90
N LEU H 3579 7.30 16.05 117.12
CA LEU H 3579 8.37 16.85 117.69
C LEU H 3579 7.78 17.79 118.74
N PRO H 3580 8.37 17.88 119.94
CA PRO H 3580 7.72 18.66 121.00
C PRO H 3580 7.58 20.14 120.68
N GLY H 3581 8.69 20.82 120.38
CA GLY H 3581 8.64 22.26 120.23
C GLY H 3581 7.93 22.73 118.99
N ARG H 3582 7.78 21.85 118.00
CA ARG H 3582 7.16 22.24 116.74
C ARG H 3582 5.64 22.35 116.89
N GLU H 3583 5.11 23.49 116.44
CA GLU H 3583 3.67 23.69 116.32
C GLU H 3583 3.39 24.38 115.00
N GLU H 3584 2.18 24.15 114.47
CA GLU H 3584 1.84 24.71 113.17
C GLU H 3584 1.77 26.23 113.19
N ASP H 3585 1.53 26.83 114.37
CA ASP H 3585 1.47 28.28 114.44
C ASP H 3585 2.85 28.91 114.27
N ALA H 3586 3.91 28.21 114.69
CA ALA H 3586 5.26 28.73 114.52
C ALA H 3586 5.60 28.92 113.05
N ASP H 3587 5.12 28.01 112.19
CA ASP H 3587 5.45 28.09 110.78
C ASP H 3587 4.83 29.35 110.16
N ASP H 3588 5.66 30.12 109.47
CA ASP H 3588 5.22 31.36 108.83
C ASP H 3588 5.95 31.52 107.50
N PRO H 3589 5.31 32.17 106.53
CA PRO H 3589 5.86 32.15 105.16
C PRO H 3589 7.32 32.57 105.09
N GLU H 3590 7.71 33.57 105.89
CA GLU H 3590 9.11 33.95 105.95
C GLU H 3590 9.97 32.79 106.45
N LYS H 3591 9.48 32.08 107.47
CA LYS H 3591 10.22 30.93 107.98
C LYS H 3591 10.42 29.90 106.88
N ILE H 3592 9.34 29.57 106.18
CA ILE H 3592 9.44 28.53 105.14
C ILE H 3592 10.41 28.97 104.05
N VAL H 3593 10.27 30.19 103.55
CA VAL H 3593 11.13 30.62 102.44
C VAL H 3593 12.59 30.64 102.87
N ARG H 3594 12.87 31.19 104.06
CA ARG H 3594 14.25 31.30 104.51
C ARG H 3594 14.88 29.93 104.68
N ARG H 3595 14.22 29.03 105.42
CA ARG H 3595 14.78 27.72 105.65
C ARG H 3595 14.91 26.94 104.34
N VAL H 3596 13.92 27.08 103.47
CA VAL H 3596 13.93 26.34 102.21
C VAL H 3596 15.10 26.76 101.35
N GLN H 3597 15.33 28.07 101.22
CA GLN H 3597 16.41 28.52 100.36
C GLN H 3597 17.76 28.23 100.98
N GLU H 3598 17.86 28.29 102.32
CA GLU H 3598 19.10 27.90 102.98
C GLU H 3598 19.46 26.46 102.64
N VAL H 3599 18.52 25.54 102.90
CA VAL H 3599 18.80 24.13 102.66
C VAL H 3599 18.99 23.87 101.17
N SER H 3600 18.30 24.63 100.32
CA SER H 3600 18.44 24.46 98.89
C SER H 3600 19.85 24.80 98.43
N ALA H 3601 20.38 25.93 98.91
CA ALA H 3601 21.75 26.29 98.58
C ALA H 3601 22.73 25.23 99.07
N VAL H 3602 22.53 24.80 100.32
CA VAL H 3602 23.43 23.79 100.88
C VAL H 3602 23.41 22.54 100.01
N LEU H 3603 22.21 22.07 99.67
CA LEU H 3603 22.08 20.83 98.91
C LEU H 3603 22.68 20.96 97.51
N TYR H 3604 22.40 22.09 96.84
CA TYR H 3604 22.92 22.34 95.51
C TYR H 3604 24.44 22.27 95.52
N HIS H 3605 25.07 23.03 96.39
CA HIS H 3605 26.52 23.03 96.44
C HIS H 3605 27.04 21.67 96.88
N LEU H 3606 26.26 20.93 97.66
CA LEU H 3606 26.69 19.58 98.06
C LEU H 3606 26.74 18.64 96.87
N GLU H 3607 25.71 18.67 96.01
CA GLU H 3607 25.75 17.83 94.81
C GLU H 3607 26.87 18.27 93.88
N GLN H 3608 27.07 19.59 93.76
CA GLN H 3608 28.16 20.08 92.92
C GLN H 3608 29.50 19.56 93.40
N THR H 3609 29.71 19.56 94.71
CA THR H 3609 30.94 18.99 95.26
C THR H 3609 31.02 17.49 95.01
N GLU H 3610 29.92 16.77 95.21
CA GLU H 3610 29.96 15.31 95.12
C GLU H 3610 30.28 14.86 93.71
N HIS H 3611 29.58 15.41 92.72
CA HIS H 3611 29.84 15.05 91.33
C HIS H 3611 30.49 16.23 90.62
N PRO H 3612 31.79 16.45 90.81
CA PRO H 3612 32.42 17.63 90.24
C PRO H 3612 32.43 17.66 88.72
N TYR H 3613 32.30 16.51 88.07
CA TYR H 3613 32.54 16.37 86.64
C TYR H 3613 33.98 16.68 86.28
N LYS H 3614 34.91 16.56 87.22
CA LYS H 3614 36.32 16.80 86.95
C LYS H 3614 36.85 15.86 85.88
N SER H 3615 36.17 14.74 85.65
CA SER H 3615 36.60 13.77 84.66
C SER H 3615 36.80 14.44 83.31
N LYS H 3616 37.90 14.09 82.66
CA LYS H 3616 38.39 14.49 81.33
C LYS H 3616 38.54 16.00 81.18
N LYS H 3617 38.38 16.77 82.26
CA LYS H 3617 38.54 18.21 82.17
C LYS H 3617 39.97 18.63 81.82
N ALA H 3618 40.92 18.29 82.70
CA ALA H 3618 42.31 18.73 82.58
C ALA H 3618 43.21 17.49 82.50
N VAL H 3619 42.79 16.53 81.67
CA VAL H 3619 43.49 15.25 81.56
C VAL H 3619 44.99 15.46 81.50
N TRP H 3620 45.71 14.68 82.31
CA TRP H 3620 47.16 14.66 82.26
C TRP H 3620 47.63 13.22 82.19
N HIS H 3621 46.81 12.34 81.61
CA HIS H 3621 47.26 10.98 81.34
C HIS H 3621 48.41 10.95 80.37
N LYS H 3622 48.61 12.04 79.62
CA LYS H 3622 49.71 12.24 78.66
C LYS H 3622 49.89 11.02 77.77
N LEU H 3623 48.81 10.65 77.06
CA LEU H 3623 48.85 9.45 76.25
C LEU H 3623 49.80 9.60 75.08
N LEU H 3624 49.82 10.79 74.46
CA LEU H 3624 50.75 11.03 73.36
C LEU H 3624 52.20 10.85 73.82
N SER H 3625 52.56 11.46 74.95
CA SER H 3625 53.95 11.41 75.39
C SER H 3625 54.29 10.07 76.03
N LYS H 3626 53.28 9.31 76.46
CA LYS H 3626 53.54 7.97 76.96
C LYS H 3626 53.76 7.00 75.82
N GLN H 3627 53.04 7.18 74.72
CA GLN H 3627 53.24 6.37 73.52
C GLN H 3627 54.46 6.81 72.71
N ARG H 3628 54.94 8.04 72.94
CA ARG H 3628 55.97 8.62 72.07
C ARG H 3628 57.12 9.27 72.85
N ARG H 3629 57.30 8.91 74.12
CA ARG H 3629 58.19 9.66 75.01
C ARG H 3629 59.52 10.02 74.34
N ARG H 3630 60.03 9.12 73.50
CA ARG H 3630 61.34 9.37 72.92
C ARG H 3630 61.35 10.64 72.08
N ALA H 3631 60.23 10.96 71.43
CA ALA H 3631 60.22 12.08 70.50
C ALA H 3631 60.15 13.42 71.21
N VAL H 3632 59.43 13.51 72.34
CA VAL H 3632 59.43 14.76 73.09
C VAL H 3632 60.80 15.00 73.69
N VAL H 3633 61.47 13.93 74.13
CA VAL H 3633 62.84 14.05 74.58
C VAL H 3633 63.73 14.54 73.44
N ALA H 3634 63.56 13.97 72.25
CA ALA H 3634 64.33 14.44 71.10
C ALA H 3634 64.07 15.91 70.86
N CYS H 3635 62.80 16.32 70.94
CA CYS H 3635 62.45 17.71 70.74
C CYS H 3635 63.12 18.60 71.80
N PHE H 3636 63.21 18.13 73.01
CA PHE H 3636 63.91 18.95 73.99
C PHE H 3636 65.42 18.99 73.69
N ARG H 3637 65.97 17.87 73.22
CA ARG H 3637 67.41 17.76 73.02
C ARG H 3637 67.87 18.52 71.78
N MET H 3638 66.94 18.87 70.91
CA MET H 3638 67.28 19.44 69.60
C MET H 3638 68.37 20.48 69.75
N THR H 3639 69.51 20.20 69.15
CA THR H 3639 70.69 20.99 69.41
C THR H 3639 70.49 22.42 68.92
N PRO H 3640 70.88 23.42 69.70
CA PRO H 3640 70.89 24.78 69.16
C PRO H 3640 71.84 24.90 67.98
N LEU H 3641 71.51 25.81 67.07
CA LEU H 3641 72.30 25.97 65.87
C LEU H 3641 73.78 26.17 66.18
N TYR H 3642 74.08 26.94 67.22
CA TYR H 3642 75.48 27.30 67.48
C TYR H 3642 76.33 26.10 67.89
N ASN H 3643 75.70 24.97 68.23
CA ASN H 3643 76.46 23.79 68.63
C ASN H 3643 76.78 22.86 67.47
N LEU H 3644 76.27 23.12 66.27
CA LEU H 3644 76.48 22.21 65.17
C LEU H 3644 77.85 22.43 64.53
N PRO H 3645 78.39 21.42 63.85
CA PRO H 3645 79.59 21.64 63.04
C PRO H 3645 79.31 22.63 61.92
N THR H 3646 80.36 23.35 61.52
CA THR H 3646 80.20 24.43 60.57
C THR H 3646 79.70 23.92 59.22
N HIS H 3647 80.21 22.77 58.79
CA HIS H 3647 79.91 22.29 57.44
C HIS H 3647 78.45 21.85 57.30
N ARG H 3648 77.93 21.14 58.30
CA ARG H 3648 76.53 20.73 58.25
C ARG H 3648 75.61 21.95 58.29
N ALA H 3649 75.92 22.92 59.14
CA ALA H 3649 75.14 24.16 59.18
C ALA H 3649 75.22 24.88 57.84
N CYS H 3650 76.39 24.87 57.21
CA CYS H 3650 76.54 25.52 55.91
C CYS H 3650 75.69 24.83 54.87
N ASN H 3651 75.65 23.50 54.88
CA ASN H 3651 74.77 22.81 53.96
C ASN H 3651 73.33 23.24 54.19
N MET H 3652 72.87 23.16 55.45
CA MET H 3652 71.50 23.55 55.77
C MET H 3652 71.20 24.95 55.27
N PHE H 3653 72.15 25.87 55.47
CA PHE H 3653 72.00 27.23 54.97
C PHE H 3653 71.86 27.24 53.46
N LEU H 3654 72.67 26.44 52.77
CA LEU H 3654 72.57 26.38 51.32
C LEU H 3654 71.16 26.02 50.91
N GLU H 3655 70.61 24.97 51.52
CA GLU H 3655 69.25 24.57 51.13
C GLU H 3655 68.24 25.66 51.45
N SER H 3656 68.33 26.27 52.64
CA SER H 3656 67.34 27.25 53.05
C SER H 3656 67.41 28.50 52.18
N TYR H 3657 68.62 28.98 51.91
CA TYR H 3657 68.80 30.13 51.02
C TYR H 3657 68.29 29.81 49.62
N LYS H 3658 68.60 28.60 49.13
CA LYS H 3658 68.12 28.18 47.82
C LYS H 3658 66.61 28.25 47.74
N ALA H 3659 65.92 27.76 48.78
CA ALA H 3659 64.47 27.73 48.75
C ALA H 3659 63.89 29.14 48.89
N ALA H 3660 64.41 29.92 49.84
CA ALA H 3660 63.77 31.19 50.18
C ALA H 3660 64.09 32.29 49.19
N TRP H 3661 65.33 32.35 48.71
CA TRP H 3661 65.81 33.49 47.95
C TRP H 3661 65.94 33.18 46.46
N ILE H 3662 66.70 32.14 46.10
CA ILE H 3662 66.92 31.82 44.70
C ILE H 3662 65.62 31.35 44.07
N LEU H 3663 64.93 30.41 44.73
CA LEU H 3663 63.72 29.84 44.16
C LEU H 3663 62.61 30.88 44.05
N THR H 3664 62.50 31.76 45.05
CA THR H 3664 61.45 32.76 45.04
C THR H 3664 61.72 33.91 44.09
N GLU H 3665 62.96 34.09 43.66
CA GLU H 3665 63.29 35.21 42.79
C GLU H 3665 62.58 35.06 41.45
N ASP H 3666 62.14 36.18 40.90
CA ASP H 3666 61.39 36.22 39.64
C ASP H 3666 62.23 36.96 38.60
N HIS H 3667 62.81 36.19 37.69
CA HIS H 3667 63.54 36.74 36.56
C HIS H 3667 62.85 36.27 35.27
N SER H 3668 62.53 37.21 34.40
CA SER H 3668 61.81 36.93 33.16
C SER H 3668 62.73 37.25 31.99
N PHE H 3669 63.11 36.21 31.24
CA PHE H 3669 63.95 36.34 30.06
C PHE H 3669 63.31 35.74 28.83
N GLU H 3670 62.13 35.14 28.96
CA GLU H 3670 61.55 34.37 27.87
C GLU H 3670 61.26 35.24 26.66
N ASP H 3671 60.57 36.36 26.87
CA ASP H 3671 60.20 37.23 25.76
C ASP H 3671 61.42 37.83 25.09
N ARG H 3672 62.41 38.25 25.89
CA ARG H 3672 63.64 38.78 25.33
C ARG H 3672 64.34 37.74 24.47
N MET H 3673 64.40 36.51 24.97
CA MET H 3673 65.02 35.43 24.23
C MET H 3673 64.29 35.19 22.91
N ILE H 3674 62.97 35.16 22.95
CA ILE H 3674 62.18 34.90 21.75
C ILE H 3674 62.39 36.00 20.73
N ASP H 3675 62.40 37.26 21.18
CA ASP H 3675 62.60 38.36 20.25
C ASP H 3675 63.99 38.30 19.64
N ASP H 3676 65.02 38.10 20.47
CA ASP H 3676 66.39 38.05 19.96
C ASP H 3676 66.56 36.92 18.96
N LEU H 3677 65.86 35.80 19.16
CA LEU H 3677 65.95 34.69 18.22
C LEU H 3677 65.11 34.94 16.97
N SER H 3678 64.04 35.74 17.10
CA SER H 3678 63.19 36.02 15.96
C SER H 3678 63.85 36.99 14.99
N LYS H 3679 64.54 37.99 15.52
CA LYS H 3679 65.16 38.99 14.67
C LYS H 3679 66.18 38.34 13.73
N ALA H 3680 66.15 38.77 12.47
CA ALA H 3680 67.09 38.32 11.46
C ALA H 3680 68.00 39.49 11.09
N GLY H 3681 69.30 39.21 10.94
CA GLY H 3681 70.29 40.25 10.74
C GLY H 3681 70.99 40.12 9.41
N GLU H 3682 71.32 41.28 8.82
CA GLU H 3682 72.12 41.37 7.60
C GLU H 3682 71.32 40.96 6.37
N GLN H 3683 70.09 40.46 6.57
CA GLN H 3683 69.21 40.25 5.44
C GLN H 3683 68.85 41.58 4.78
N GLU H 3684 68.82 42.65 5.57
CA GLU H 3684 68.54 43.97 5.01
C GLU H 3684 69.60 44.39 4.01
N GLU H 3685 70.88 44.13 4.31
CA GLU H 3685 71.93 44.45 3.36
C GLU H 3685 71.96 43.44 2.22
N GLU H 3686 71.64 42.17 2.51
CA GLU H 3686 71.67 41.15 1.47
C GLU H 3686 70.65 41.44 0.37
N GLU H 3687 69.39 41.66 0.76
CA GLU H 3687 68.30 41.98 -0.16
C GLU H 3687 67.87 40.76 -0.98
N GLU H 3688 68.60 39.65 -0.85
CA GLU H 3688 68.20 38.41 -1.51
C GLU H 3688 67.86 37.34 -0.49
N GLU H 3689 68.31 37.51 0.75
CA GLU H 3689 68.18 36.45 1.74
C GLU H 3689 66.72 36.26 2.15
N VAL H 3690 65.95 37.35 2.20
CA VAL H 3690 64.53 37.24 2.54
C VAL H 3690 63.81 36.39 1.51
N GLU H 3691 64.08 36.62 0.23
CA GLU H 3691 63.48 35.80 -0.82
C GLU H 3691 64.00 34.37 -0.77
N GLU H 3692 65.28 34.19 -0.41
CA GLU H 3692 65.79 32.84 -0.18
C GLU H 3692 65.03 32.16 0.94
N LYS H 3693 64.53 32.93 1.90
CA LYS H 3693 63.73 32.41 3.02
C LYS H 3693 64.59 31.54 3.94
N LYS H 3694 65.78 32.05 4.26
CA LYS H 3694 66.65 31.34 5.18
C LYS H 3694 66.02 31.31 6.56
N PRO H 3695 66.02 30.16 7.23
CA PRO H 3695 65.45 30.11 8.59
C PRO H 3695 66.19 31.03 9.54
N ASP H 3696 65.43 31.77 10.35
CA ASP H 3696 66.00 32.53 11.42
C ASP H 3696 66.28 31.60 12.61
N PRO H 3697 67.01 32.08 13.62
CA PRO H 3697 67.45 31.16 14.69
C PRO H 3697 66.32 30.39 15.36
N LEU H 3698 65.19 31.05 15.64
CA LEU H 3698 64.08 30.35 16.27
C LEU H 3698 63.51 29.29 15.33
N HIS H 3699 63.42 29.60 14.03
CA HIS H 3699 62.98 28.61 13.07
C HIS H 3699 63.91 27.40 13.06
N GLN H 3700 65.22 27.66 13.13
CA GLN H 3700 66.19 26.57 13.13
C GLN H 3700 66.03 25.72 14.39
N LEU H 3701 65.78 26.35 15.53
CA LEU H 3701 65.60 25.60 16.77
C LEU H 3701 64.36 24.71 16.68
N VAL H 3702 63.26 25.26 16.16
CA VAL H 3702 62.05 24.47 15.99
C VAL H 3702 62.30 23.30 15.04
N LEU H 3703 63.03 23.57 13.95
CA LEU H 3703 63.36 22.51 12.99
C LEU H 3703 64.22 21.44 13.62
N HIS H 3704 65.17 21.84 14.48
CA HIS H 3704 66.01 20.89 15.17
C HIS H 3704 65.17 19.96 16.04
N PHE H 3705 64.23 20.53 16.80
CA PHE H 3705 63.39 19.71 17.64
C PHE H 3705 62.48 18.81 16.81
N SER H 3706 61.98 19.31 15.68
CA SER H 3706 61.17 18.48 14.80
C SER H 3706 61.99 17.34 14.23
N ARG H 3707 63.25 17.60 13.88
CA ARG H 3707 64.13 16.54 13.41
C ARG H 3707 64.32 15.48 14.48
N THR H 3708 64.55 15.91 15.72
CA THR H 3708 64.67 14.96 16.82
C THR H 3708 63.42 14.12 16.96
N ALA H 3709 62.25 14.74 16.86
CA ALA H 3709 61.00 14.00 16.99
C ALA H 3709 60.82 13.01 15.84
N LEU H 3710 61.13 13.44 14.62
CA LEU H 3710 60.93 12.59 13.45
C LEU H 3710 61.95 11.47 13.37
N THR H 3711 63.09 11.60 14.05
CA THR H 3711 64.08 10.53 14.04
C THR H 3711 63.46 9.24 14.53
N GLU H 3712 63.77 8.15 13.84
CA GLU H 3712 63.18 6.85 14.13
C GLU H 3712 63.86 6.27 15.38
N LYS H 3713 63.07 6.07 16.44
CA LYS H 3713 63.59 5.55 17.68
C LYS H 3713 62.48 4.75 18.37
N SER H 3714 62.90 3.80 19.20
CA SER H 3714 61.94 3.01 19.96
C SER H 3714 61.21 3.86 20.99
N LYS H 3715 61.93 4.77 21.65
CA LYS H 3715 61.38 5.60 22.70
C LYS H 3715 61.87 7.03 22.53
N LEU H 3716 61.17 7.95 23.20
CA LEU H 3716 61.51 9.37 23.17
C LEU H 3716 62.40 9.67 24.35
N ASP H 3717 63.68 9.93 24.09
CA ASP H 3717 64.61 10.27 25.15
C ASP H 3717 64.28 11.63 25.73
N GLU H 3718 64.35 11.71 27.06
CA GLU H 3718 64.20 12.98 27.76
C GLU H 3718 65.28 13.97 27.36
N ASP H 3719 64.85 15.15 26.91
CA ASP H 3719 65.74 16.23 26.47
C ASP H 3719 65.42 17.47 27.28
N TYR H 3720 66.27 17.76 28.28
CA TYR H 3720 66.07 18.93 29.12
C TYR H 3720 66.09 20.20 28.31
N LEU H 3721 66.89 20.24 27.23
CA LEU H 3721 66.91 21.42 26.37
C LEU H 3721 65.56 21.64 25.71
N TYR H 3722 64.97 20.57 25.17
CA TYR H 3722 63.65 20.68 24.58
C TYR H 3722 62.64 21.16 25.60
N MET H 3723 62.68 20.58 26.80
CA MET H 3723 61.69 20.98 27.80
C MET H 3723 61.84 22.44 28.17
N ALA H 3724 63.08 22.90 28.36
CA ALA H 3724 63.32 24.29 28.72
C ALA H 3724 62.84 25.23 27.64
N TYR H 3725 63.15 24.92 26.38
CA TYR H 3725 62.80 25.83 25.29
C TYR H 3725 61.30 25.83 25.03
N ALA H 3726 60.66 24.66 25.19
CA ALA H 3726 59.20 24.61 25.09
C ALA H 3726 58.56 25.45 26.18
N ASP H 3727 59.08 25.36 27.41
CA ASP H 3727 58.57 26.22 28.48
C ASP H 3727 58.76 27.69 28.16
N ILE H 3728 59.91 28.05 27.60
CA ILE H 3728 60.17 29.44 27.25
C ILE H 3728 59.15 29.93 26.23
N MET H 3729 58.92 29.15 25.18
CA MET H 3729 57.96 29.57 24.15
C MET H 3729 56.55 29.66 24.72
N ALA H 3730 56.15 28.69 25.54
CA ALA H 3730 54.82 28.72 26.13
C ALA H 3730 54.64 29.95 27.00
N LYS H 3731 55.65 30.28 27.80
CA LYS H 3731 55.60 31.48 28.62
C LYS H 3731 55.49 32.73 27.76
N SER H 3732 56.26 32.77 26.67
CA SER H 3732 56.25 33.94 25.80
C SER H 3732 54.88 34.11 25.12
N CYS H 3733 54.18 33.02 24.87
CA CYS H 3733 52.94 33.12 24.12
C CYS H 3733 51.86 33.86 24.88
N HIS H 3734 51.50 33.37 26.08
CA HIS H 3734 50.70 34.25 26.93
C HIS H 3734 51.35 35.52 27.43
N LEU H 3735 52.49 35.47 28.07
CA LEU H 3735 53.03 36.61 28.79
C LEU H 3735 51.97 37.35 29.62
N GLU H 3736 51.30 36.61 30.50
CA GLU H 3736 50.31 37.17 31.40
C GLU H 3736 49.88 36.16 32.47
N VAL H 3749 37.14 45.91 38.41
CA VAL H 3749 37.95 44.98 37.61
C VAL H 3749 37.39 44.79 36.21
N GLU H 3750 37.16 45.91 35.53
CA GLU H 3750 36.53 45.93 34.23
C GLU H 3750 37.57 46.33 33.19
N VAL H 3751 37.62 45.62 32.08
CA VAL H 3751 38.58 45.86 31.02
C VAL H 3751 37.83 46.39 29.80
N SER H 3752 38.31 47.51 29.26
CA SER H 3752 37.68 48.10 28.09
C SER H 3752 37.73 47.12 26.92
N PHE H 3753 36.72 47.21 26.07
CA PHE H 3753 36.71 46.42 24.84
C PHE H 3753 38.00 46.60 24.07
N GLU H 3754 38.49 47.85 24.00
CA GLU H 3754 39.73 48.12 23.29
C GLU H 3754 40.91 47.39 23.91
N GLU H 3755 41.05 47.48 25.24
CA GLU H 3755 42.17 46.81 25.89
C GLU H 3755 42.08 45.30 25.69
N LYS H 3756 40.88 44.74 25.84
CA LYS H 3756 40.68 43.32 25.63
C LYS H 3756 41.13 42.90 24.24
N GLU H 3757 40.70 43.64 23.22
CA GLU H 3757 41.11 43.31 21.86
C GLU H 3757 42.61 43.50 21.66
N MET H 3758 43.22 44.45 22.36
CA MET H 3758 44.67 44.60 22.28
C MET H 3758 45.39 43.39 22.88
N GLU H 3759 44.90 42.88 24.02
CA GLU H 3759 45.50 41.66 24.56
C GLU H 3759 45.32 40.51 23.57
N LYS H 3760 44.14 40.39 22.96
CA LYS H 3760 43.93 39.34 21.99
C LYS H 3760 44.90 39.46 20.81
N GLN H 3761 45.06 40.67 20.29
CA GLN H 3761 45.94 40.88 19.15
C GLN H 3761 47.39 40.59 19.51
N ARG H 3762 47.83 41.04 20.67
CA ARG H 3762 49.18 40.70 21.10
C ARG H 3762 49.35 39.19 21.22
N LEU H 3763 48.41 38.51 21.86
CA LEU H 3763 48.53 37.07 21.99
C LEU H 3763 48.61 36.42 20.62
N LEU H 3764 47.85 36.94 19.65
CA LEU H 3764 47.91 36.40 18.30
C LEU H 3764 49.28 36.62 17.68
N TYR H 3765 49.89 37.78 17.91
CA TYR H 3765 51.24 38.03 17.39
C TYR H 3765 52.24 37.06 18.01
N GLN H 3766 52.17 36.88 19.33
CA GLN H 3766 53.09 35.95 19.98
C GLN H 3766 52.90 34.52 19.48
N GLN H 3767 51.65 34.12 19.24
CA GLN H 3767 51.40 32.79 18.71
C GLN H 3767 51.91 32.65 17.28
N SER H 3768 51.78 33.73 16.50
CA SER H 3768 52.26 33.73 15.13
C SER H 3768 53.77 33.55 15.08
N ARG H 3769 54.48 34.26 15.97
CA ARG H 3769 55.93 34.09 16.05
C ARG H 3769 56.32 32.62 16.00
N LEU H 3770 55.50 31.77 16.61
CA LEU H 3770 55.84 30.36 16.73
C LEU H 3770 55.27 29.53 15.59
N HIS H 3771 53.96 29.64 15.33
CA HIS H 3771 53.37 28.71 14.37
C HIS H 3771 53.76 29.08 12.95
N THR H 3772 54.22 30.31 12.73
CA THR H 3772 54.85 30.64 11.45
C THR H 3772 56.17 29.90 11.30
N ARG H 3773 56.86 29.65 12.42
CA ARG H 3773 58.15 28.98 12.36
C ARG H 3773 58.02 27.46 12.45
N GLY H 3774 56.83 26.92 12.64
CA GLY H 3774 56.62 25.49 12.58
C GLY H 3774 56.51 24.80 13.93
N ALA H 3775 55.94 25.49 14.91
CA ALA H 3775 55.83 24.92 16.24
C ALA H 3775 54.69 23.92 16.36
N ALA H 3776 53.60 24.12 15.63
CA ALA H 3776 52.46 23.22 15.71
C ALA H 3776 52.85 21.81 15.26
N GLU H 3777 53.54 21.71 14.14
CA GLU H 3777 53.96 20.42 13.64
C GLU H 3777 54.94 19.75 14.61
N MET H 3778 55.81 20.53 15.23
CA MET H 3778 56.73 19.98 16.22
C MET H 3778 55.95 19.42 17.41
N VAL H 3779 54.92 20.14 17.85
CA VAL H 3779 54.07 19.66 18.94
C VAL H 3779 53.46 18.32 18.57
N LEU H 3780 52.86 18.25 17.37
CA LEU H 3780 52.22 17.01 16.94
C LEU H 3780 53.22 15.87 16.84
N GLN H 3781 54.41 16.18 16.30
CA GLN H 3781 55.43 15.16 16.15
C GLN H 3781 55.88 14.62 17.49
N MET H 3782 56.05 15.49 18.47
CA MET H 3782 56.46 15.03 19.80
C MET H 3782 55.35 14.22 20.46
N ILE H 3783 54.09 14.61 20.25
CA ILE H 3783 53.00 13.83 20.81
C ILE H 3783 52.97 12.44 20.19
N SER H 3784 53.21 12.34 18.89
CA SER H 3784 53.28 11.03 18.24
C SER H 3784 54.48 10.24 18.76
N ALA H 3785 55.61 10.91 18.95
CA ALA H 3785 56.83 10.22 19.35
C ALA H 3785 56.71 9.66 20.77
N CYS H 3786 56.03 10.38 21.67
CA CYS H 3786 55.94 9.92 23.04
C CYS H 3786 55.32 8.53 23.12
N LYS H 3787 54.51 8.15 22.14
CA LYS H 3787 54.02 6.78 22.00
C LYS H 3787 53.24 6.34 23.24
N GLY H 3788 52.56 7.29 23.86
CA GLY H 3788 51.69 6.97 24.98
C GLY H 3788 52.37 6.83 26.31
N GLU H 3789 53.54 7.43 26.49
CA GLU H 3789 54.26 7.38 27.76
C GLU H 3789 54.24 8.78 28.39
N THR H 3790 53.68 8.87 29.59
CA THR H 3790 53.61 10.14 30.29
C THR H 3790 55.01 10.58 30.70
N GLY H 3791 55.20 11.90 30.77
CA GLY H 3791 56.46 12.44 31.20
C GLY H 3791 56.53 13.93 31.00
N ALA H 3792 57.65 14.50 31.47
CA ALA H 3792 57.84 15.94 31.38
C ALA H 3792 57.88 16.40 29.92
N MET H 3793 58.40 15.56 29.03
CA MET H 3793 58.46 15.93 27.62
C MET H 3793 57.07 16.17 27.05
N VAL H 3794 56.17 15.18 27.23
CA VAL H 3794 54.82 15.33 26.71
C VAL H 3794 54.07 16.44 27.45
N SER H 3795 54.33 16.60 28.75
CA SER H 3795 53.68 17.68 29.48
C SER H 3795 54.07 19.03 28.90
N SER H 3796 55.36 19.25 28.63
CA SER H 3796 55.81 20.50 28.05
C SER H 3796 55.24 20.69 26.64
N THR H 3797 55.19 19.60 25.86
CA THR H 3797 54.63 19.69 24.52
C THR H 3797 53.17 20.13 24.58
N LEU H 3798 52.40 19.53 25.50
CA LEU H 3798 51.00 19.88 25.65
C LEU H 3798 50.84 21.33 26.11
N LYS H 3799 51.69 21.78 27.02
CA LYS H 3799 51.62 23.17 27.46
C LYS H 3799 51.92 24.12 26.31
N LEU H 3800 52.90 23.80 25.48
CA LEU H 3800 53.20 24.62 24.32
C LEU H 3800 52.02 24.65 23.36
N GLY H 3801 51.40 23.49 23.13
CA GLY H 3801 50.23 23.45 22.27
C GLY H 3801 49.11 24.31 22.80
N ILE H 3802 48.85 24.23 24.11
CA ILE H 3802 47.81 25.04 24.72
C ILE H 3802 48.13 26.52 24.56
N SER H 3803 49.40 26.88 24.76
CA SER H 3803 49.78 28.29 24.65
C SER H 3803 49.55 28.80 23.24
N ILE H 3804 49.92 28.02 22.23
CA ILE H 3804 49.77 28.50 20.86
C ILE H 3804 48.32 28.42 20.40
N LEU H 3805 47.50 27.62 21.07
CA LEU H 3805 46.11 27.43 20.68
C LEU H 3805 45.13 28.27 21.48
N ASN H 3806 45.59 28.93 22.54
CA ASN H 3806 44.66 29.67 23.40
C ASN H 3806 43.88 30.71 22.60
N GLY H 3807 42.59 30.82 22.91
CA GLY H 3807 41.70 31.66 22.15
C GLY H 3807 41.14 31.02 20.90
N GLY H 3808 41.45 29.74 20.66
CA GLY H 3808 40.95 29.06 19.48
C GLY H 3808 41.57 29.61 18.20
N ASN H 3809 42.90 29.60 18.14
CA ASN H 3809 43.59 30.10 16.96
C ASN H 3809 43.25 29.24 15.75
N ALA H 3810 42.45 29.82 14.84
CA ALA H 3810 42.05 29.10 13.64
C ALA H 3810 43.24 28.80 12.75
N GLU H 3811 44.23 29.68 12.70
CA GLU H 3811 45.41 29.45 11.88
C GLU H 3811 46.17 28.21 12.35
N VAL H 3812 46.40 28.12 13.66
CA VAL H 3812 47.07 26.96 14.23
C VAL H 3812 46.22 25.71 14.03
N GLN H 3813 44.90 25.84 14.22
CA GLN H 3813 44.02 24.70 14.02
C GLN H 3813 44.16 24.16 12.61
N GLN H 3814 44.10 25.05 11.61
CA GLN H 3814 44.20 24.63 10.23
C GLN H 3814 45.55 24.02 9.93
N LYS H 3815 46.63 24.62 10.45
CA LYS H 3815 47.95 24.05 10.22
C LYS H 3815 48.05 22.65 10.77
N MET H 3816 47.57 22.45 12.00
CA MET H 3816 47.62 21.14 12.63
C MET H 3816 46.83 20.12 11.81
N LEU H 3817 45.61 20.49 11.42
CA LEU H 3817 44.76 19.56 10.70
C LEU H 3817 45.35 19.22 9.34
N ASP H 3818 45.90 20.22 8.65
CA ASP H 3818 46.52 19.97 7.35
C ASP H 3818 47.72 19.04 7.49
N TYR H 3819 48.57 19.29 8.49
CA TYR H 3819 49.72 18.42 8.71
C TYR H 3819 49.27 16.99 8.96
N LEU H 3820 48.29 16.82 9.85
CA LEU H 3820 47.83 15.47 10.18
C LEU H 3820 47.25 14.77 8.97
N LYS H 3821 46.46 15.49 8.17
CA LYS H 3821 45.79 14.87 7.04
C LYS H 3821 46.75 14.54 5.91
N ASP H 3822 47.79 15.34 5.71
CA ASP H 3822 48.78 15.01 4.68
C ASP H 3822 49.68 13.87 5.13
N LYS H 3823 50.07 13.87 6.41
CA LYS H 3823 50.99 12.84 6.89
C LYS H 3823 50.29 11.49 7.05
N LYS H 3824 49.02 11.49 7.45
CA LYS H 3824 48.24 10.28 7.63
C LYS H 3824 48.97 9.28 8.52
N GLU H 3825 49.21 9.72 9.75
CA GLU H 3825 49.88 8.90 10.76
C GLU H 3825 48.92 8.60 11.89
N VAL H 3826 48.87 7.33 12.30
CA VAL H 3826 48.01 6.91 13.41
C VAL H 3826 48.68 7.08 14.76
N GLY H 3827 49.98 7.35 14.78
CA GLY H 3827 50.69 7.42 16.05
C GLY H 3827 50.19 8.53 16.94
N PHE H 3828 49.79 9.65 16.35
CA PHE H 3828 49.32 10.78 17.15
C PHE H 3828 48.12 10.39 18.00
N PHE H 3829 47.08 9.85 17.35
CA PHE H 3829 45.88 9.50 18.08
C PHE H 3829 46.10 8.25 18.94
N GLN H 3830 47.00 7.36 18.52
CA GLN H 3830 47.34 6.23 19.38
C GLN H 3830 47.95 6.71 20.69
N SER H 3831 48.88 7.67 20.61
CA SER H 3831 49.49 8.23 21.81
C SER H 3831 48.45 8.94 22.66
N ILE H 3832 47.55 9.67 22.00
CA ILE H 3832 46.48 10.36 22.74
C ILE H 3832 45.63 9.35 23.51
N GLN H 3833 45.24 8.26 22.84
CA GLN H 3833 44.43 7.23 23.47
C GLN H 3833 45.16 6.60 24.65
N ALA H 3834 46.44 6.29 24.46
CA ALA H 3834 47.21 5.67 25.53
C ALA H 3834 47.32 6.59 26.73
N LEU H 3835 47.55 7.89 26.47
CA LEU H 3835 47.64 8.85 27.56
C LEU H 3835 46.31 8.96 28.30
N MET H 3836 45.20 8.95 27.56
CA MET H 3836 43.90 8.94 28.22
C MET H 3836 43.75 7.72 29.11
N GLN H 3837 44.16 6.56 28.62
CA GLN H 3837 44.03 5.34 29.40
C GLN H 3837 44.89 5.41 30.65
N THR H 3838 46.07 6.02 30.55
CA THR H 3838 46.95 6.14 31.70
C THR H 3838 46.43 7.15 32.72
N CYS H 3839 45.71 8.18 32.25
CA CYS H 3839 45.23 9.21 33.16
C CYS H 3839 44.51 8.60 34.35
N SER H 3840 44.75 9.17 35.52
CA SER H 3840 44.38 8.54 36.77
C SER H 3840 43.07 9.09 37.32
N VAL H 3841 42.51 8.35 38.27
CA VAL H 3841 41.31 8.75 39.00
C VAL H 3841 41.51 8.64 40.51
N LEU H 3842 40.50 9.02 41.29
CA LEU H 3842 40.57 8.92 42.74
C LEU H 3842 40.74 7.46 43.16
N ASP H 3843 41.67 7.21 44.08
CA ASP H 3843 41.92 5.87 44.58
C ASP H 3843 41.76 5.86 46.10
N LEU H 3844 40.75 5.12 46.58
CA LEU H 3844 40.46 5.10 48.00
C LEU H 3844 41.54 4.36 48.78
N ASN H 3845 42.15 3.34 48.18
CA ASN H 3845 43.24 2.64 48.85
C ASN H 3845 44.39 3.61 49.11
N ALA H 3846 44.74 4.42 48.11
CA ALA H 3846 45.78 5.42 48.29
C ALA H 3846 45.36 6.46 49.32
N PHE H 3847 44.09 6.86 49.30
CA PHE H 3847 43.59 7.80 50.30
C PHE H 3847 43.82 7.27 51.71
N GLU H 3848 43.42 6.02 51.95
CA GLU H 3848 43.55 5.43 53.27
C GLU H 3848 45.01 5.26 53.66
N ARG H 3849 45.85 4.83 52.71
CA ARG H 3849 47.26 4.65 52.99
C ARG H 3849 47.91 5.97 53.39
N GLN H 3850 47.60 7.04 52.66
CA GLN H 3850 48.14 8.35 53.00
C GLN H 3850 47.60 8.83 54.34
N ASN H 3851 46.33 8.55 54.62
CA ASN H 3851 45.76 8.96 55.90
C ASN H 3851 46.50 8.29 57.06
N LYS H 3852 46.72 6.98 56.97
CA LYS H 3852 47.48 6.30 58.01
C LYS H 3852 48.91 6.82 58.08
N ALA H 3853 49.52 7.08 56.93
CA ALA H 3853 50.89 7.59 56.91
C ALA H 3853 51.00 8.90 57.67
N GLU H 3854 50.10 9.84 57.37
CA GLU H 3854 50.13 11.12 58.06
C GLU H 3854 49.74 10.98 59.53
N GLY H 3855 48.86 10.02 59.85
CA GLY H 3855 48.52 9.79 61.24
C GLY H 3855 49.68 9.28 62.05
N LEU H 3856 50.53 8.45 61.45
CA LEU H 3856 51.70 7.92 62.13
C LEU H 3856 52.56 9.04 62.68
N GLY H 3857 52.56 10.19 62.01
CA GLY H 3857 53.37 11.30 62.47
C GLY H 3857 54.85 10.98 62.50
N MET H 3858 55.32 10.21 61.51
CA MET H 3858 56.73 9.85 61.47
C MET H 3858 57.59 11.09 61.33
N VAL H 3859 58.75 11.07 61.98
CA VAL H 3859 59.70 12.18 61.97
C VAL H 3859 60.99 11.70 61.34
N ASN H 3860 61.61 12.55 60.53
CA ASN H 3860 62.88 12.21 59.93
C ASN H 3860 63.93 11.98 61.02
N GLU H 3861 64.62 10.84 60.92
CA GLU H 3861 65.59 10.48 61.94
C GLU H 3861 66.73 11.48 62.00
N ASP H 3862 67.23 11.92 60.85
CA ASP H 3862 68.21 12.98 60.83
C ASP H 3862 67.54 14.30 61.19
N GLY H 3863 68.08 14.98 62.21
CA GLY H 3863 67.40 16.16 62.72
C GLY H 3863 65.99 15.79 63.15
N THR H 3864 65.01 16.49 62.60
CA THR H 3864 63.61 16.15 62.85
C THR H 3864 62.75 16.87 61.83
N VAL H 3865 61.93 16.12 61.10
CA VAL H 3865 60.96 16.68 60.15
C VAL H 3865 59.59 16.14 60.53
N ILE H 3866 58.83 16.90 61.31
CA ILE H 3866 57.49 16.45 61.67
C ILE H 3866 56.62 16.40 60.42
N ASN H 3867 55.65 15.50 60.45
CA ASN H 3867 54.60 15.39 59.43
C ASN H 3867 55.15 15.67 58.03
N ARG H 3868 56.27 15.03 57.74
CA ARG H 3868 56.88 15.16 56.42
C ARG H 3868 55.88 14.81 55.33
N GLN H 3869 55.73 15.71 54.35
CA GLN H 3869 54.73 15.62 53.30
C GLN H 3869 55.25 14.67 52.23
N ASN H 3870 54.50 13.60 51.97
CA ASN H 3870 54.87 12.66 50.95
C ASN H 3870 54.31 13.11 49.60
N GLY H 3871 54.80 12.47 48.54
CA GLY H 3871 54.25 12.69 47.23
C GLY H 3871 52.78 12.36 47.20
N GLU H 3872 51.96 13.22 46.62
CA GLU H 3872 50.52 13.01 46.59
C GLU H 3872 50.20 11.89 45.62
N LYS H 3873 49.87 10.70 46.15
CA LYS H 3873 49.53 9.58 45.28
C LYS H 3873 48.20 9.82 44.56
N VAL H 3874 47.25 10.45 45.23
CA VAL H 3874 45.93 10.62 44.67
C VAL H 3874 45.93 11.82 43.74
N MET H 3875 45.55 11.60 42.49
CA MET H 3875 45.56 12.64 41.46
C MET H 3875 46.92 13.32 41.37
N ALA H 3876 47.94 12.50 41.12
CA ALA H 3876 49.27 13.04 40.87
C ALA H 3876 49.36 13.66 39.49
N ASP H 3877 48.67 13.07 38.51
CA ASP H 3877 48.68 13.54 37.14
C ASP H 3877 47.46 14.41 36.81
N ASP H 3878 46.89 15.08 37.80
CA ASP H 3878 45.72 15.91 37.54
C ASP H 3878 46.04 17.03 36.57
N GLU H 3879 47.21 17.67 36.73
CA GLU H 3879 47.59 18.74 35.84
C GLU H 3879 47.78 18.23 34.42
N PHE H 3880 48.41 17.08 34.27
CA PHE H 3880 48.58 16.49 32.94
C PHE H 3880 47.23 16.17 32.31
N THR H 3881 46.30 15.63 33.09
CA THR H 3881 44.97 15.31 32.57
C THR H 3881 44.26 16.57 32.10
N GLN H 3882 44.28 17.61 32.94
CA GLN H 3882 43.67 18.87 32.55
C GLN H 3882 44.32 19.44 31.30
N ASP H 3883 45.64 19.34 31.18
CA ASP H 3883 46.34 19.87 30.02
C ASP H 3883 45.95 19.10 28.76
N LEU H 3884 45.89 17.78 28.85
CA LEU H 3884 45.47 16.97 27.71
C LEU H 3884 44.09 17.36 27.23
N PHE H 3885 43.14 17.44 28.16
CA PHE H 3885 41.76 17.71 27.74
C PHE H 3885 41.57 19.16 27.32
N ARG H 3886 42.33 20.08 27.90
CA ARG H 3886 42.32 21.47 27.44
C ARG H 3886 42.88 21.58 26.04
N PHE H 3887 43.94 20.81 25.75
CA PHE H 3887 44.50 20.77 24.39
C PHE H 3887 43.46 20.28 23.39
N LEU H 3888 42.80 19.16 23.72
CA LEU H 3888 41.78 18.62 22.82
C LEU H 3888 40.63 19.60 22.65
N GLN H 3889 40.22 20.25 23.73
CA GLN H 3889 39.18 21.27 23.65
C GLN H 3889 39.60 22.44 22.76
N LEU H 3890 40.83 22.93 22.94
CA LEU H 3890 41.29 24.07 22.18
C LEU H 3890 41.37 23.73 20.70
N LEU H 3891 41.68 22.48 20.38
CA LEU H 3891 41.72 22.08 18.98
C LEU H 3891 40.37 22.25 18.32
N CYS H 3892 39.28 22.08 19.07
CA CYS H 3892 37.93 22.22 18.55
C CYS H 3892 37.31 23.58 18.86
N GLU H 3893 38.00 24.44 19.60
CA GLU H 3893 37.42 25.70 20.01
C GLU H 3893 37.08 26.56 18.79
N GLY H 3894 36.00 27.32 18.91
CA GLY H 3894 35.49 28.11 17.82
C GLY H 3894 34.55 27.36 16.89
N HIS H 3895 34.12 26.17 17.26
CA HIS H 3895 33.19 25.37 16.45
C HIS H 3895 33.84 24.97 15.13
N ASN H 3896 35.01 24.36 15.23
CA ASN H 3896 35.74 23.86 14.07
C ASN H 3896 35.16 22.50 13.67
N ASN H 3897 34.25 22.51 12.70
CA ASN H 3897 33.60 21.28 12.28
C ASN H 3897 34.61 20.28 11.75
N ASP H 3898 35.58 20.75 10.98
CA ASP H 3898 36.53 19.84 10.36
C ASP H 3898 37.30 19.05 11.41
N PHE H 3899 37.89 19.74 12.38
CA PHE H 3899 38.66 19.02 13.39
C PHE H 3899 37.74 18.22 14.30
N GLN H 3900 36.56 18.75 14.59
CA GLN H 3900 35.59 18.00 15.39
C GLN H 3900 35.33 16.64 14.76
N ASN H 3901 35.08 16.61 13.44
CA ASN H 3901 34.80 15.34 12.78
C ASN H 3901 36.05 14.49 12.64
N TYR H 3902 37.21 15.14 12.47
CA TYR H 3902 38.46 14.38 12.41
C TYR H 3902 38.69 13.62 13.71
N LEU H 3903 38.36 14.23 14.84
CA LEU H 3903 38.49 13.55 16.12
C LEU H 3903 37.64 12.28 16.16
N ARG H 3904 36.41 12.38 15.67
CA ARG H 3904 35.54 11.21 15.64
C ARG H 3904 36.08 10.14 14.71
N THR H 3905 36.57 10.54 13.53
CA THR H 3905 36.97 9.60 12.52
C THR H 3905 38.07 10.21 11.65
N GLN H 3906 39.02 9.38 11.24
CA GLN H 3906 40.13 9.78 10.38
C GLN H 3906 40.00 9.00 9.08
N THR H 3907 39.39 9.63 8.08
CA THR H 3907 39.08 8.92 6.84
C THR H 3907 40.34 8.45 6.13
N GLY H 3908 41.34 9.32 6.02
CA GLY H 3908 42.53 8.98 5.25
C GLY H 3908 43.33 7.85 5.88
N ASN H 3909 43.40 7.83 7.21
CA ASN H 3909 44.23 6.84 7.89
C ASN H 3909 43.66 5.44 7.72
N THR H 3910 44.55 4.45 7.83
CA THR H 3910 44.12 3.06 7.74
C THR H 3910 43.18 2.71 8.88
N THR H 3911 43.42 3.26 10.06
CA THR H 3911 42.63 2.97 11.26
C THR H 3911 42.13 4.27 11.86
N THR H 3912 41.06 4.16 12.64
CA THR H 3912 40.39 5.30 13.22
C THR H 3912 40.22 5.09 14.72
N ILE H 3913 40.35 6.18 15.48
CA ILE H 3913 40.17 6.18 16.92
C ILE H 3913 39.20 7.28 17.28
N ASN H 3914 38.22 6.97 18.13
CA ASN H 3914 37.19 7.93 18.50
C ASN H 3914 37.55 8.56 19.84
N ILE H 3915 38.21 9.71 19.76
CA ILE H 3915 38.61 10.43 20.95
C ILE H 3915 37.41 10.81 21.79
N ILE H 3916 36.25 11.05 21.17
CA ILE H 3916 35.06 11.39 21.93
C ILE H 3916 34.68 10.23 22.85
N ILE H 3917 34.67 9.02 22.32
CA ILE H 3917 34.34 7.85 23.13
C ILE H 3917 35.41 7.61 24.19
N CYS H 3918 36.68 7.86 23.87
CA CYS H 3918 37.72 7.73 24.90
C CYS H 3918 37.48 8.70 26.05
N THR H 3919 37.11 9.93 25.72
CA THR H 3919 36.80 10.91 26.75
C THR H 3919 35.61 10.46 27.59
N VAL H 3920 34.59 9.90 26.94
CA VAL H 3920 33.43 9.40 27.69
C VAL H 3920 33.86 8.30 28.65
N ASP H 3921 34.74 7.41 28.19
CA ASP H 3921 35.20 6.33 29.06
C ASP H 3921 35.93 6.87 30.28
N TYR H 3922 36.82 7.86 30.06
CA TYR H 3922 37.50 8.47 31.19
C TYR H 3922 36.52 9.12 32.15
N LEU H 3923 35.50 9.80 31.60
CA LEU H 3923 34.50 10.42 32.45
C LEU H 3923 33.77 9.38 33.29
N LEU H 3924 33.48 8.23 32.69
CA LEU H 3924 32.82 7.16 33.43
C LEU H 3924 33.69 6.66 34.57
N ARG H 3925 34.98 6.46 34.31
CA ARG H 3925 35.88 6.01 35.37
C ARG H 3925 35.95 7.04 36.50
N LEU H 3926 36.05 8.32 36.13
CA LEU H 3926 36.08 9.38 37.13
C LEU H 3926 34.79 9.38 37.96
N GLN H 3927 33.65 9.19 37.29
CA GLN H 3927 32.37 9.13 37.98
C GLN H 3927 32.34 8.00 38.99
N GLU H 3928 32.83 6.83 38.59
CA GLU H 3928 32.86 5.69 39.51
C GLU H 3928 33.73 6.00 40.72
N SER H 3929 34.90 6.62 40.49
CA SER H 3929 35.77 6.97 41.61
C SER H 3929 35.08 7.93 42.56
N ILE H 3930 34.42 8.95 42.01
CA ILE H 3930 33.77 9.95 42.85
C ILE H 3930 32.63 9.32 43.63
N SER H 3931 31.86 8.44 43.00
CA SER H 3931 30.76 7.78 43.71
C SER H 3931 31.28 6.92 44.85
N ASP H 3932 32.37 6.18 44.61
CA ASP H 3932 32.97 5.38 45.67
C ASP H 3932 33.41 6.27 46.83
N PHE H 3933 34.02 7.40 46.52
CA PHE H 3933 34.55 8.25 47.58
C PHE H 3933 33.40 8.91 48.35
N TYR H 3934 32.31 9.25 47.66
CA TYR H 3934 31.07 9.63 48.33
C TYR H 3934 30.62 8.56 49.31
N TRP H 3935 30.47 7.32 48.84
CA TRP H 3935 30.04 6.26 49.72
C TRP H 3935 30.98 6.13 50.92
N TYR H 3936 32.27 6.35 50.69
CA TYR H 3936 33.23 6.25 51.77
C TYR H 3936 32.97 7.29 52.84
N TYR H 3937 32.66 8.53 52.43
CA TYR H 3937 32.39 9.60 53.39
C TYR H 3937 30.93 9.71 53.79
N SER H 3938 30.06 8.81 53.31
CA SER H 3938 28.63 8.99 53.53
C SER H 3938 28.28 8.92 55.01
N GLY H 3939 28.82 7.92 55.71
CA GLY H 3939 28.55 7.82 57.14
C GLY H 3939 29.16 8.96 57.91
N LYS H 3940 30.36 9.39 57.52
CA LYS H 3940 31.06 10.45 58.23
C LYS H 3940 30.29 11.76 58.10
N ASP H 3941 30.07 12.42 59.24
CA ASP H 3941 29.28 13.64 59.24
C ASP H 3941 29.97 14.76 58.47
N VAL H 3942 31.28 14.94 58.68
CA VAL H 3942 32.01 16.05 58.12
C VAL H 3942 33.20 15.52 57.33
N ILE H 3943 33.34 16.00 56.08
CA ILE H 3943 34.52 15.71 55.29
C ILE H 3943 35.70 16.48 55.86
N GLU H 3944 36.85 15.82 55.93
CA GLU H 3944 38.06 16.49 56.38
C GLU H 3944 38.83 17.07 55.20
N GLU H 3945 39.89 17.81 55.53
CA GLU H 3945 40.54 18.71 54.59
C GLU H 3945 41.14 17.94 53.41
N GLN H 3946 41.76 16.81 53.70
CA GLN H 3946 42.35 16.00 52.65
C GLN H 3946 41.30 15.55 51.66
N GLY H 3947 40.15 15.08 52.17
CA GLY H 3947 39.07 14.75 51.28
C GLY H 3947 38.67 15.98 50.45
N LYS H 3948 38.54 17.14 51.10
CA LYS H 3948 38.07 18.37 50.43
C LYS H 3948 38.91 18.86 49.22
N ARG H 3949 40.19 19.08 49.35
CA ARG H 3949 41.01 18.56 48.27
C ARG H 3949 40.57 17.52 47.33
N ASN H 3950 40.65 16.26 47.69
CA ASN H 3950 40.57 15.27 46.61
C ASN H 3950 39.29 15.49 45.79
N PHE H 3951 38.17 15.76 46.47
CA PHE H 3951 36.95 16.25 45.83
C PHE H 3951 37.22 17.42 44.87
N SER H 3952 37.93 18.46 45.32
CA SER H 3952 38.10 19.63 44.47
C SER H 3952 38.90 19.31 43.22
N LYS H 3953 39.95 18.51 43.38
CA LYS H 3953 40.77 18.12 42.24
C LYS H 3953 39.96 17.31 41.24
N ALA H 3954 39.17 16.35 41.74
CA ALA H 3954 38.35 15.54 40.86
C ALA H 3954 37.32 16.40 40.13
N MET H 3955 36.71 17.36 40.83
CA MET H 3955 35.69 18.19 40.19
C MET H 3955 36.32 19.15 39.19
N SER H 3956 37.56 19.60 39.42
CA SER H 3956 38.24 20.39 38.41
C SER H 3956 38.51 19.56 37.15
N VAL H 3957 39.00 18.34 37.33
CA VAL H 3957 39.24 17.48 36.16
C VAL H 3957 37.94 17.23 35.42
N ALA H 3958 36.87 16.94 36.15
CA ALA H 3958 35.57 16.68 35.52
C ALA H 3958 35.05 17.93 34.81
N LYS H 3959 35.30 19.11 35.36
CA LYS H 3959 34.90 20.34 34.69
C LYS H 3959 35.61 20.49 33.36
N GLN H 3960 36.92 20.23 33.35
CA GLN H 3960 37.66 20.32 32.09
C GLN H 3960 37.13 19.29 31.09
N VAL H 3961 36.84 18.07 31.56
CA VAL H 3961 36.33 17.03 30.67
C VAL H 3961 34.99 17.43 30.09
N PHE H 3962 34.10 17.97 30.92
CA PHE H 3962 32.80 18.40 30.45
C PHE H 3962 32.94 19.51 29.42
N ASN H 3963 33.83 20.46 29.67
CA ASN H 3963 34.02 21.54 28.71
C ASN H 3963 34.57 21.02 27.39
N SER H 3964 35.49 20.05 27.44
CA SER H 3964 36.01 19.46 26.21
C SER H 3964 34.92 18.74 25.44
N LEU H 3965 34.09 17.96 26.13
CA LEU H 3965 33.00 17.26 25.47
C LEU H 3965 32.00 18.24 24.87
N THR H 3966 31.71 19.31 25.60
CA THR H 3966 30.82 20.35 25.09
C THR H 3966 31.38 20.98 23.83
N GLU H 3967 32.69 21.22 23.81
CA GLU H 3967 33.29 21.85 22.64
C GLU H 3967 33.32 20.89 21.45
N TYR H 3968 33.45 19.60 21.71
CA TYR H 3968 33.38 18.64 20.61
C TYR H 3968 32.08 18.73 19.83
N ILE H 3969 30.96 19.03 20.51
CA ILE H 3969 29.66 18.96 19.88
C ILE H 3969 29.12 20.33 19.49
N GLN H 3970 29.55 21.40 20.15
CA GLN H 3970 29.02 22.72 19.83
C GLN H 3970 29.30 23.07 18.39
N GLY H 3971 28.36 23.78 17.77
CA GLY H 3971 28.51 24.25 16.41
C GLY H 3971 27.27 24.12 15.56
N PRO H 3972 26.51 23.03 15.70
CA PRO H 3972 26.76 21.71 16.31
C PRO H 3972 27.43 20.72 15.36
N CYS H 3973 28.14 19.73 15.90
CA CYS H 3973 28.63 18.59 15.12
C CYS H 3973 27.67 17.43 15.33
N THR H 3974 26.82 17.18 14.33
CA THR H 3974 25.77 16.19 14.48
C THR H 3974 26.33 14.78 14.67
N GLY H 3975 27.42 14.45 13.96
CA GLY H 3975 28.01 13.14 14.13
C GLY H 3975 28.50 12.92 15.54
N ASN H 3976 29.15 13.92 16.12
CA ASN H 3976 29.62 13.82 17.50
C ASN H 3976 28.44 13.73 18.45
N GLN H 3977 27.39 14.50 18.19
CA GLN H 3977 26.17 14.39 19.00
C GLN H 3977 25.63 12.97 19.00
N GLN H 3978 25.50 12.37 17.81
CA GLN H 3978 24.99 11.00 17.70
C GLN H 3978 25.90 10.01 18.41
N SER H 3979 27.22 10.17 18.24
CA SER H 3979 28.14 9.27 18.91
C SER H 3979 27.97 9.32 20.43
N LEU H 3980 27.90 10.54 20.99
CA LEU H 3980 27.69 10.65 22.43
C LEU H 3980 26.34 10.08 22.83
N ALA H 3981 25.30 10.34 22.03
CA ALA H 3981 23.96 9.85 22.39
C ALA H 3981 23.95 8.34 22.46
N HIS H 3982 24.64 7.67 21.55
CA HIS H 3982 24.71 6.21 21.55
C HIS H 3982 25.85 5.68 22.42
N SER H 3983 26.64 6.55 23.02
CA SER H 3983 27.71 6.15 23.92
C SER H 3983 27.17 5.88 25.32
N ARG H 3984 28.08 5.75 26.30
CA ARG H 3984 27.75 5.46 27.68
C ARG H 3984 27.66 6.71 28.53
N LEU H 3985 27.49 7.87 27.91
CA LEU H 3985 27.51 9.13 28.64
C LEU H 3985 26.38 9.20 29.67
N TRP H 3986 25.24 8.62 29.33
CA TRP H 3986 24.05 8.77 30.17
C TRP H 3986 24.27 8.16 31.55
N ASP H 3987 24.97 7.03 31.61
CA ASP H 3987 25.28 6.40 32.89
C ASP H 3987 26.14 7.32 33.76
N ALA H 3988 27.13 7.96 33.13
CA ALA H 3988 27.96 8.92 33.86
C ALA H 3988 27.12 10.07 34.38
N VAL H 3989 26.18 10.55 33.57
CA VAL H 3989 25.32 11.64 34.01
C VAL H 3989 24.46 11.19 35.19
N VAL H 3990 23.96 9.96 35.13
CA VAL H 3990 23.14 9.43 36.23
C VAL H 3990 23.94 9.41 37.53
N GLY H 3991 25.16 8.86 37.45
CA GLY H 3991 25.98 8.79 38.66
C GLY H 3991 26.34 10.16 39.19
N PHE H 3992 26.68 11.09 38.29
CA PHE H 3992 26.96 12.46 38.71
C PHE H 3992 25.75 13.09 39.36
N LEU H 3993 24.56 12.83 38.85
CA LEU H 3993 23.34 13.37 39.46
C LEU H 3993 23.14 12.80 40.86
N HIS H 3994 23.33 11.49 41.01
CA HIS H 3994 23.26 10.87 42.32
C HIS H 3994 24.18 11.58 43.31
N VAL H 3995 25.45 11.69 42.92
CA VAL H 3995 26.47 12.28 43.79
C VAL H 3995 26.14 13.73 44.07
N PHE H 3996 25.72 14.47 43.05
CA PHE H 3996 25.37 15.87 43.24
C PHE H 3996 24.29 16.01 44.29
N ALA H 3997 23.20 15.27 44.15
CA ALA H 3997 22.11 15.41 45.10
C ALA H 3997 22.57 15.11 46.52
N HIS H 3998 23.24 13.98 46.70
CA HIS H 3998 23.58 13.57 48.06
C HIS H 3998 24.66 14.46 48.67
N MET H 3999 25.66 14.87 47.88
CA MET H 3999 26.66 15.80 48.37
C MET H 3999 26.06 17.16 48.70
N MET H 4000 25.12 17.63 47.89
CA MET H 4000 24.47 18.90 48.20
C MET H 4000 23.77 18.82 49.55
N MET H 4001 22.97 17.77 49.76
CA MET H 4001 22.29 17.64 51.04
C MET H 4001 23.29 17.53 52.19
N LYS H 4002 24.36 16.77 52.00
CA LYS H 4002 25.32 16.55 53.09
C LYS H 4002 26.11 17.81 53.40
N LEU H 4003 26.63 18.48 52.37
CA LEU H 4003 27.48 19.64 52.55
C LEU H 4003 26.69 20.86 53.02
N ALA H 4004 25.40 20.93 52.73
CA ALA H 4004 24.61 22.05 53.23
C ALA H 4004 24.61 22.09 54.76
N GLN H 4005 24.87 20.95 55.39
CA GLN H 4005 24.74 20.86 56.84
C GLN H 4005 25.87 21.61 57.54
N ASP H 4006 27.05 21.65 56.93
CA ASP H 4006 28.21 22.32 57.51
C ASP H 4006 28.61 23.49 56.61
N SER H 4007 28.81 24.66 57.23
CA SER H 4007 29.13 25.86 56.46
C SER H 4007 30.57 25.85 55.96
N SER H 4008 31.47 25.18 56.67
CA SER H 4008 32.87 25.13 56.27
C SER H 4008 33.03 24.50 54.90
N GLN H 4009 32.02 23.73 54.48
CA GLN H 4009 32.04 23.00 53.22
C GLN H 4009 31.39 23.79 52.09
N ILE H 4010 31.19 25.09 52.30
CA ILE H 4010 30.46 25.90 51.32
C ILE H 4010 31.26 26.06 50.04
N GLU H 4011 32.60 26.15 50.16
CA GLU H 4011 33.42 26.26 48.95
C GLU H 4011 33.33 25.00 48.10
N LEU H 4012 33.41 23.84 48.73
CA LEU H 4012 33.25 22.58 48.01
C LEU H 4012 31.86 22.50 47.39
N LEU H 4013 30.85 22.95 48.12
CA LEU H 4013 29.49 22.98 47.57
C LEU H 4013 29.42 23.86 46.33
N LYS H 4014 30.06 25.02 46.38
CA LYS H 4014 30.08 25.93 45.25
C LYS H 4014 30.72 25.28 44.04
N GLU H 4015 31.87 24.64 44.23
CA GLU H 4015 32.53 23.98 43.12
C GLU H 4015 31.66 22.86 42.56
N LEU H 4016 30.99 22.11 43.44
CA LEU H 4016 30.10 21.04 42.99
C LEU H 4016 28.98 21.61 42.14
N LEU H 4017 28.37 22.71 42.58
CA LEU H 4017 27.29 23.32 41.83
C LEU H 4017 27.78 23.82 40.48
N ASP H 4018 28.97 24.41 40.43
CA ASP H 4018 29.53 24.83 39.15
C ASP H 4018 29.74 23.64 38.22
N LEU H 4019 30.15 22.50 38.77
CA LEU H 4019 30.32 21.32 37.95
C LEU H 4019 28.98 20.84 37.40
N GLN H 4020 27.93 20.88 38.23
CA GLN H 4020 26.61 20.55 37.72
C GLN H 4020 26.20 21.49 36.60
N LYS H 4021 26.51 22.78 36.76
CA LYS H 4021 26.23 23.74 35.71
C LYS H 4021 26.94 23.37 34.42
N ASP H 4022 28.19 22.95 34.53
CA ASP H 4022 28.94 22.54 33.33
C ASP H 4022 28.29 21.32 32.67
N MET H 4023 27.87 20.35 33.46
CA MET H 4023 27.23 19.16 32.89
C MET H 4023 25.92 19.54 32.20
N VAL H 4024 25.14 20.43 32.82
CA VAL H 4024 23.89 20.86 32.20
C VAL H 4024 24.18 21.61 30.90
N VAL H 4025 25.27 22.37 30.88
CA VAL H 4025 25.66 23.06 29.64
C VAL H 4025 25.97 22.03 28.56
N MET H 4026 26.66 20.96 28.93
CA MET H 4026 26.93 19.90 27.96
C MET H 4026 25.64 19.29 27.43
N LEU H 4027 24.68 19.04 28.30
CA LEU H 4027 23.40 18.48 27.85
C LEU H 4027 22.68 19.45 26.92
N LEU H 4028 22.65 20.73 27.26
CA LEU H 4028 22.04 21.73 26.40
C LEU H 4028 22.74 21.80 25.05
N SER H 4029 24.06 21.61 25.04
CA SER H 4029 24.79 21.55 23.79
C SER H 4029 24.40 20.34 22.97
N LEU H 4030 24.21 19.20 23.62
CA LEU H 4030 23.67 18.03 22.92
C LEU H 4030 22.34 18.35 22.28
N LEU H 4031 21.52 19.18 22.94
CA LEU H 4031 20.23 19.55 22.40
C LEU H 4031 20.28 20.61 21.32
N GLU H 4032 21.47 21.01 20.88
CA GLU H 4032 21.57 22.01 19.81
C GLU H 4032 21.03 21.43 18.51
N GLY H 4033 20.21 22.21 17.81
CA GLY H 4033 19.61 21.73 16.59
C GLY H 4033 18.69 20.55 16.79
N ASN H 4034 17.91 20.56 17.86
CA ASN H 4034 17.04 19.44 18.21
C ASN H 4034 15.62 19.72 17.73
N VAL H 4035 15.09 18.81 16.93
CA VAL H 4035 13.72 18.94 16.45
C VAL H 4035 12.76 18.45 17.51
N VAL H 4036 11.47 18.79 17.32
CA VAL H 4036 10.45 18.29 18.21
C VAL H 4036 10.44 16.78 18.19
N ASN H 4037 10.36 16.17 19.36
CA ASN H 4037 10.35 14.71 19.51
C ASN H 4037 11.62 14.09 18.95
N GLY H 4038 12.74 14.77 19.12
CA GLY H 4038 14.01 14.20 18.70
C GLY H 4038 14.45 13.03 19.57
N MET H 4039 15.20 12.14 18.95
CA MET H 4039 15.82 11.06 19.71
C MET H 4039 16.69 11.52 20.87
N ILE H 4040 17.52 12.52 20.68
CA ILE H 4040 18.40 12.92 21.78
C ILE H 4040 17.57 13.45 22.94
N ALA H 4041 16.54 14.24 22.65
CA ALA H 4041 15.69 14.77 23.72
C ALA H 4041 14.96 13.65 24.44
N ARG H 4042 14.43 12.68 23.69
CA ARG H 4042 13.71 11.58 24.33
C ARG H 4042 14.63 10.74 25.20
N GLN H 4043 15.85 10.51 24.74
CA GLN H 4043 16.82 9.77 25.54
C GLN H 4043 17.23 10.56 26.78
N MET H 4044 17.31 11.89 26.66
CA MET H 4044 17.53 12.72 27.83
C MET H 4044 16.41 12.57 28.84
N VAL H 4045 15.16 12.55 28.37
CA VAL H 4045 14.02 12.36 29.27
C VAL H 4045 14.11 11.00 29.93
N ASP H 4046 14.51 9.98 29.18
CA ASP H 4046 14.67 8.65 29.76
C ASP H 4046 15.74 8.64 30.84
N MET H 4047 16.86 9.32 30.61
CA MET H 4047 17.91 9.42 31.62
C MET H 4047 17.38 10.12 32.87
N LEU H 4048 16.64 11.21 32.68
CA LEU H 4048 16.08 11.92 33.83
C LEU H 4048 15.12 11.02 34.60
N VAL H 4049 14.32 10.24 33.90
CA VAL H 4049 13.40 9.32 34.56
C VAL H 4049 14.17 8.29 35.37
N GLU H 4050 15.24 7.75 34.79
CA GLU H 4050 16.07 6.80 35.52
C GLU H 4050 16.67 7.44 36.76
N SER H 4051 17.01 8.73 36.67
CA SER H 4051 17.58 9.48 37.79
C SER H 4051 16.54 10.29 38.54
N SER H 4052 15.26 9.89 38.46
CA SER H 4052 14.17 10.71 38.98
C SER H 4052 14.40 11.11 40.44
N SER H 4053 14.72 10.14 41.29
CA SER H 4053 14.82 10.42 42.72
C SER H 4053 15.82 11.54 43.01
N ASN H 4054 17.00 11.46 42.40
CA ASN H 4054 18.02 12.47 42.65
C ASN H 4054 17.63 13.82 42.06
N VAL H 4055 16.96 13.81 40.91
CA VAL H 4055 16.45 15.05 40.34
C VAL H 4055 15.45 15.69 41.30
N GLU H 4056 14.57 14.87 41.87
CA GLU H 4056 13.61 15.38 42.84
C GLU H 4056 14.33 15.95 44.06
N MET H 4057 15.38 15.27 44.51
CA MET H 4057 16.15 15.77 45.64
C MET H 4057 16.74 17.14 45.33
N ILE H 4058 17.29 17.30 44.13
CA ILE H 4058 17.89 18.58 43.73
C ILE H 4058 16.82 19.67 43.69
N LEU H 4059 15.69 19.37 43.07
CA LEU H 4059 14.62 20.34 42.97
C LEU H 4059 14.12 20.73 44.35
N LYS H 4060 14.06 19.76 45.26
CA LYS H 4060 13.63 20.05 46.62
C LYS H 4060 14.63 20.94 47.35
N PHE H 4061 15.92 20.70 47.14
CA PHE H 4061 16.93 21.61 47.67
C PHE H 4061 16.66 23.04 47.23
N PHE H 4062 16.53 23.23 45.92
CA PHE H 4062 16.33 24.58 45.39
C PHE H 4062 15.05 25.20 45.91
N ASP H 4063 13.95 24.45 45.93
CA ASP H 4063 12.68 25.03 46.32
C ASP H 4063 12.65 25.33 47.80
N MET H 4064 13.23 24.45 48.63
CA MET H 4064 13.32 24.74 50.05
C MET H 4064 14.02 26.07 50.29
N PHE H 4065 15.19 26.27 49.66
CA PHE H 4065 15.92 27.49 49.98
C PHE H 4065 15.27 28.73 49.37
N LEU H 4066 14.68 28.59 48.18
CA LEU H 4066 13.96 29.72 47.59
C LEU H 4066 12.77 30.12 48.47
N LYS H 4067 12.04 29.13 48.99
CA LYS H 4067 10.91 29.43 49.85
C LYS H 4067 11.36 30.04 51.16
N LEU H 4068 12.48 29.55 51.70
CA LEU H 4068 13.02 30.13 52.93
C LEU H 4068 13.36 31.60 52.74
N LYS H 4069 13.93 31.93 51.59
CA LYS H 4069 14.32 33.33 51.37
C LYS H 4069 13.12 34.26 51.52
N ASP H 4070 11.96 33.88 50.99
CA ASP H 4070 10.78 34.73 51.11
C ASP H 4070 10.14 34.61 52.49
N ILE H 4071 10.18 33.42 53.10
CA ILE H 4071 9.56 33.25 54.41
C ILE H 4071 10.24 34.13 55.44
N VAL H 4072 11.58 34.14 55.44
CA VAL H 4072 12.32 34.93 56.42
C VAL H 4072 12.08 36.42 56.24
N GLY H 4073 11.60 36.86 55.08
CA GLY H 4073 11.22 38.24 54.88
C GLY H 4073 9.77 38.46 55.24
N SER H 4074 8.99 37.38 55.24
CA SER H 4074 7.59 37.46 55.62
C SER H 4074 7.46 37.98 57.05
N GLU H 4075 6.45 38.82 57.27
CA GLU H 4075 6.29 39.44 58.58
C GLU H 4075 5.89 38.42 59.64
N ALA H 4076 5.14 37.39 59.24
CA ALA H 4076 4.75 36.36 60.20
C ALA H 4076 5.96 35.77 60.90
N PHE H 4077 7.04 35.54 60.16
CA PHE H 4077 8.30 35.13 60.76
C PHE H 4077 8.81 36.20 61.72
N GLN H 4078 8.63 37.47 61.35
CA GLN H 4078 9.05 38.56 62.23
C GLN H 4078 8.22 38.58 63.51
N ASP H 4079 7.00 38.04 63.47
CA ASP H 4079 6.19 37.92 64.67
C ASP H 4079 6.80 36.92 65.63
N TYR H 4080 7.27 35.79 65.10
CA TYR H 4080 7.87 34.77 65.95
C TYR H 4080 9.24 35.19 66.47
N VAL H 4081 9.99 35.95 65.70
CA VAL H 4081 11.33 36.34 66.14
C VAL H 4081 11.21 37.50 67.12
N THR H 4082 11.34 37.20 68.41
CA THR H 4082 11.21 38.23 69.44
C THR H 4082 12.56 38.88 69.75
N ASP H 4083 13.63 38.08 69.77
CA ASP H 4083 14.93 38.54 70.20
C ASP H 4083 15.35 39.81 69.46
N PRO H 4084 15.77 40.85 70.17
CA PRO H 4084 16.14 42.10 69.49
C PRO H 4084 17.28 41.94 68.50
N ARG H 4085 18.24 41.06 68.80
CA ARG H 4085 19.43 40.92 67.99
C ARG H 4085 19.17 40.23 66.65
N GLY H 4086 17.92 39.91 66.33
CA GLY H 4086 17.60 39.29 65.07
C GLY H 4086 17.85 37.80 64.99
N LEU H 4087 18.13 37.14 66.11
CA LEU H 4087 18.34 35.70 66.10
C LEU H 4087 17.06 34.97 66.49
N ILE H 4088 16.89 33.76 65.96
CA ILE H 4088 15.69 32.96 66.18
C ILE H 4088 16.08 31.59 66.70
N SER H 4089 15.44 31.17 67.79
CA SER H 4089 15.78 29.90 68.40
C SER H 4089 15.29 28.76 67.51
N LYS H 4090 15.86 27.58 67.72
CA LYS H 4090 15.48 26.42 66.91
C LYS H 4090 14.00 26.10 67.08
N LYS H 4091 13.50 26.16 68.31
CA LYS H 4091 12.10 25.86 68.56
C LYS H 4091 11.19 26.88 67.88
N ASP H 4092 11.52 28.16 68.01
CA ASP H 4092 10.71 29.21 67.40
C ASP H 4092 10.75 29.10 65.88
N PHE H 4093 11.91 28.75 65.33
CA PHE H 4093 12.03 28.52 63.90
C PHE H 4093 11.13 27.38 63.44
N GLN H 4094 11.13 26.28 64.20
CA GLN H 4094 10.29 25.14 63.85
C GLN H 4094 8.81 25.53 63.91
N LYS H 4095 8.43 26.30 64.95
CA LYS H 4095 7.05 26.75 65.06
C LYS H 4095 6.67 27.61 63.87
N ALA H 4096 7.56 28.52 63.46
CA ALA H 4096 7.28 29.38 62.31
C ALA H 4096 7.12 28.54 61.04
N MET H 4097 8.01 27.55 60.85
CA MET H 4097 7.90 26.71 59.67
C MET H 4097 6.56 25.97 59.63
N ASP H 4098 6.17 25.36 60.74
CA ASP H 4098 4.91 24.63 60.74
C ASP H 4098 3.73 25.57 60.57
N SER H 4099 3.86 26.81 61.04
CA SER H 4099 2.82 27.80 60.81
C SER H 4099 2.68 28.12 59.33
N GLN H 4100 3.81 28.32 58.64
CA GLN H 4100 3.75 28.53 57.20
C GLN H 4100 3.16 27.31 56.49
N LYS H 4101 3.42 26.12 57.02
CA LYS H 4101 2.84 24.87 56.53
C LYS H 4101 3.34 24.48 55.16
N GLN H 4102 4.31 25.20 54.60
CA GLN H 4102 4.87 24.86 53.30
C GLN H 4102 5.93 23.77 53.38
N PHE H 4103 6.39 23.43 54.58
CA PHE H 4103 7.47 22.49 54.78
C PHE H 4103 6.99 21.28 55.58
N THR H 4104 7.57 20.13 55.29
CA THR H 4104 7.34 18.94 56.09
C THR H 4104 8.29 18.92 57.28
N GLY H 4105 8.02 18.01 58.22
CA GLY H 4105 8.84 17.88 59.40
C GLY H 4105 10.27 17.54 59.07
N PRO H 4106 10.47 16.55 58.19
CA PRO H 4106 11.83 16.24 57.74
C PRO H 4106 12.53 17.42 57.09
N GLU H 4107 11.80 18.21 56.30
CA GLU H 4107 12.40 19.38 55.67
C GLU H 4107 12.80 20.41 56.70
N ILE H 4108 11.98 20.61 57.73
CA ILE H 4108 12.33 21.53 58.81
C ILE H 4108 13.55 21.03 59.55
N GLN H 4109 13.64 19.71 59.77
CA GLN H 4109 14.82 19.16 60.42
C GLN H 4109 16.07 19.39 59.58
N PHE H 4110 15.96 19.18 58.27
CA PHE H 4110 17.08 19.44 57.38
C PHE H 4110 17.50 20.91 57.44
N LEU H 4111 16.52 21.80 57.43
CA LEU H 4111 16.82 23.22 57.51
C LEU H 4111 17.51 23.57 58.82
N LEU H 4112 17.06 22.97 59.92
CA LEU H 4112 17.70 23.20 61.21
C LEU H 4112 19.12 22.69 61.20
N SER H 4113 19.36 21.52 60.61
CA SER H 4113 20.70 20.99 60.52
C SER H 4113 21.61 21.91 59.71
N CYS H 4114 21.11 22.41 58.57
CA CYS H 4114 21.88 23.34 57.77
C CYS H 4114 22.10 24.67 58.48
N SER H 4115 21.20 25.03 59.39
CA SER H 4115 21.38 26.24 60.18
C SER H 4115 22.63 26.12 61.04
N GLU H 4116 23.42 27.19 61.06
CA GLU H 4116 24.64 27.22 61.87
C GLU H 4116 24.34 27.75 63.27
N ALA H 4117 23.45 27.03 63.95
CA ALA H 4117 23.03 27.41 65.28
C ALA H 4117 24.23 27.45 66.22
N ASP H 4118 24.30 28.50 67.03
CA ASP H 4118 25.34 28.61 68.03
C ASP H 4118 25.02 27.68 69.20
N GLU H 4119 25.92 27.65 70.19
CA GLU H 4119 25.70 26.80 71.35
C GLU H 4119 24.42 27.19 72.08
N ASN H 4120 24.02 28.45 71.99
CA ASN H 4120 22.75 28.88 72.56
C ASN H 4120 21.56 28.51 71.69
N GLU H 4121 21.78 27.75 70.61
CA GLU H 4121 20.77 27.28 69.68
C GLU H 4121 20.14 28.43 68.91
N MET H 4122 20.80 29.60 68.87
CA MET H 4122 20.23 30.77 68.21
C MET H 4122 20.75 30.82 66.78
N ILE H 4123 19.91 31.26 65.85
CA ILE H 4123 20.20 31.23 64.41
C ILE H 4123 20.11 32.63 63.83
N ASN H 4124 20.98 32.92 62.85
CA ASN H 4124 20.89 34.14 62.06
C ASN H 4124 20.17 33.80 60.76
N PHE H 4125 18.87 34.07 60.71
CA PHE H 4125 18.08 33.65 59.56
C PHE H 4125 18.51 34.40 58.30
N GLU H 4126 19.00 35.63 58.45
CA GLU H 4126 19.41 36.40 57.28
C GLU H 4126 20.52 35.68 56.53
N GLU H 4127 21.60 35.32 57.22
CA GLU H 4127 22.69 34.62 56.56
C GLU H 4127 22.28 33.21 56.16
N PHE H 4128 21.47 32.55 56.99
CA PHE H 4128 20.98 31.23 56.62
C PHE H 4128 20.29 31.26 55.26
N ALA H 4129 19.45 32.27 55.04
CA ALA H 4129 18.74 32.39 53.78
C ALA H 4129 19.69 32.78 52.65
N ASN H 4130 20.53 33.79 52.88
CA ASN H 4130 21.37 34.32 51.83
C ASN H 4130 22.52 33.41 51.44
N ARG H 4131 22.81 32.37 52.24
CA ARG H 4131 23.99 31.56 51.99
C ARG H 4131 23.94 30.87 50.63
N PHE H 4132 22.93 30.01 50.43
CA PHE H 4132 22.90 29.15 49.26
C PHE H 4132 22.26 29.80 48.04
N GLN H 4133 21.73 31.01 48.15
CA GLN H 4133 21.07 31.64 47.01
C GLN H 4133 22.02 31.88 45.86
N GLU H 4134 23.03 32.72 46.08
CA GLU H 4134 23.92 33.11 44.99
C GLU H 4134 24.64 31.91 44.38
N PRO H 4135 25.20 30.97 45.17
CA PRO H 4135 25.86 29.82 44.55
C PRO H 4135 24.99 29.02 43.61
N ALA H 4136 23.69 28.93 43.89
CA ALA H 4136 22.80 28.03 43.18
C ALA H 4136 21.99 28.70 42.09
N ARG H 4137 22.23 29.99 41.83
CA ARG H 4137 21.40 30.70 40.85
C ARG H 4137 21.71 30.22 39.43
N ASP H 4138 22.99 30.09 39.09
CA ASP H 4138 23.35 29.65 37.75
C ASP H 4138 22.85 28.24 37.47
N ILE H 4139 23.06 27.32 38.41
CA ILE H 4139 22.57 25.96 38.24
C ILE H 4139 21.05 25.95 38.17
N GLY H 4140 20.39 26.74 39.01
CA GLY H 4140 18.94 26.82 38.94
C GLY H 4140 18.46 27.31 37.59
N PHE H 4141 19.08 28.38 37.08
CA PHE H 4141 18.70 28.90 35.78
C PHE H 4141 18.91 27.85 34.68
N ASN H 4142 20.04 27.15 34.72
CA ASN H 4142 20.32 26.17 33.68
C ASN H 4142 19.37 24.98 33.78
N VAL H 4143 18.99 24.57 35.00
CA VAL H 4143 18.01 23.51 35.15
C VAL H 4143 16.67 23.96 34.59
N ALA H 4144 16.27 25.20 34.87
CA ALA H 4144 15.03 25.72 34.32
C ALA H 4144 15.07 25.73 32.80
N VAL H 4145 16.20 26.15 32.23
CA VAL H 4145 16.34 26.19 30.77
C VAL H 4145 16.25 24.78 30.20
N LEU H 4146 16.93 23.83 30.83
CA LEU H 4146 16.87 22.44 30.39
C LEU H 4146 15.44 21.93 30.37
N LEU H 4147 14.74 22.12 31.49
CA LEU H 4147 13.38 21.62 31.59
C LEU H 4147 12.46 22.32 30.60
N THR H 4148 12.62 23.62 30.40
CA THR H 4148 11.80 24.35 29.44
C THR H 4148 12.04 23.86 28.02
N ASN H 4149 13.31 23.76 27.63
CA ASN H 4149 13.65 23.23 26.31
C ASN H 4149 13.03 21.86 26.10
N LEU H 4150 13.21 20.97 27.08
CA LEU H 4150 12.71 19.61 26.94
C LEU H 4150 11.19 19.59 26.85
N SER H 4151 10.51 20.41 27.66
CA SER H 4151 9.06 20.46 27.61
C SER H 4151 8.58 20.96 26.25
N GLU H 4152 9.23 21.99 25.73
CA GLU H 4152 8.77 22.59 24.48
C GLU H 4152 9.05 21.67 23.29
N HIS H 4153 10.10 20.84 23.39
CA HIS H 4153 10.44 19.96 22.28
C HIS H 4153 9.85 18.56 22.42
N VAL H 4154 9.36 18.21 23.60
CA VAL H 4154 8.58 16.99 23.81
C VAL H 4154 7.31 17.39 24.53
N PRO H 4155 6.33 17.97 23.83
CA PRO H 4155 5.18 18.58 24.51
C PRO H 4155 4.36 17.61 25.33
N HIS H 4156 4.31 16.33 24.97
CA HIS H 4156 3.43 15.36 25.61
C HIS H 4156 4.29 14.28 26.29
N ASP H 4157 4.58 14.48 27.57
CA ASP H 4157 5.25 13.47 28.39
C ASP H 4157 4.89 13.70 29.85
N PRO H 4158 4.05 12.85 30.45
CA PRO H 4158 3.75 13.02 31.88
C PRO H 4158 4.99 12.97 32.74
N ARG H 4159 5.98 12.18 32.35
CA ARG H 4159 7.23 12.10 33.09
C ARG H 4159 7.90 13.47 33.17
N LEU H 4160 7.79 14.26 32.10
CA LEU H 4160 8.35 15.60 32.10
C LEU H 4160 7.46 16.59 32.83
N ARG H 4161 6.14 16.46 32.70
CA ARG H 4161 5.25 17.38 33.41
C ARG H 4161 5.39 17.23 34.91
N ASN H 4162 5.65 16.02 35.39
CA ASN H 4162 5.88 15.83 36.82
C ASN H 4162 7.11 16.60 37.28
N PHE H 4163 8.20 16.50 36.53
CA PHE H 4163 9.41 17.25 36.88
C PHE H 4163 9.14 18.75 36.86
N LEU H 4164 8.38 19.21 35.86
CA LEU H 4164 8.05 20.63 35.80
C LEU H 4164 7.24 21.07 37.01
N GLU H 4165 6.28 20.25 37.42
CA GLU H 4165 5.49 20.57 38.61
C GLU H 4165 6.40 20.67 39.84
N LEU H 4166 7.34 19.74 39.97
CA LEU H 4166 8.29 19.81 41.07
C LEU H 4166 9.14 21.07 40.99
N ALA H 4167 9.44 21.53 39.78
CA ALA H 4167 10.29 22.69 39.58
C ALA H 4167 9.50 23.99 39.41
N GLU H 4168 8.20 23.97 39.74
CA GLU H 4168 7.36 25.14 39.52
C GLU H 4168 7.96 26.40 40.15
N SER H 4169 8.37 26.32 41.42
CA SER H 4169 8.88 27.50 42.10
C SER H 4169 10.11 28.05 41.40
N ILE H 4170 11.01 27.17 40.98
CA ILE H 4170 12.22 27.60 40.29
C ILE H 4170 11.87 28.33 39.00
N LEU H 4171 10.93 27.77 38.23
CA LEU H 4171 10.53 28.39 36.98
C LEU H 4171 9.87 29.74 37.21
N GLU H 4172 9.02 29.83 38.24
CA GLU H 4172 8.42 31.12 38.57
C GLU H 4172 9.48 32.15 38.92
N TYR H 4173 10.47 31.73 39.71
CA TYR H 4173 11.53 32.66 40.12
C TYR H 4173 12.35 33.13 38.93
N PHE H 4174 12.66 32.22 38.01
CA PHE H 4174 13.55 32.54 36.89
C PHE H 4174 12.80 33.01 35.64
N ARG H 4175 11.48 33.10 35.70
CA ARG H 4175 10.70 33.52 34.53
C ARG H 4175 11.12 34.88 33.99
N PRO H 4176 11.22 35.93 34.80
CA PRO H 4176 11.68 37.22 34.25
C PRO H 4176 13.08 37.17 33.68
N TYR H 4177 13.90 36.24 34.16
CA TYR H 4177 15.31 36.18 33.78
C TYR H 4177 15.57 35.19 32.65
N LEU H 4178 14.56 34.47 32.19
CA LEU H 4178 14.71 33.56 31.07
C LEU H 4178 14.20 34.25 29.81
N GLY H 4179 15.10 34.53 28.87
CA GLY H 4179 14.74 35.09 27.59
C GLY H 4179 14.74 34.00 26.53
N ARG H 4180 13.74 34.02 25.67
CA ARG H 4180 13.62 33.06 24.59
C ARG H 4180 13.36 33.81 23.29
N ILE H 4181 14.01 33.36 22.22
CA ILE H 4181 13.81 33.93 20.91
C ILE H 4181 13.80 32.80 19.88
N GLU H 4182 13.52 33.17 18.64
CA GLU H 4182 13.55 32.24 17.52
C GLU H 4182 14.42 32.82 16.42
N ILE H 4183 15.22 31.96 15.80
CA ILE H 4183 16.07 32.37 14.68
C ILE H 4183 15.96 31.35 13.56
N MET H 4184 16.36 31.77 12.36
CA MET H 4184 16.63 30.83 11.28
C MET H 4184 18.08 30.40 11.39
N GLY H 4185 18.30 29.12 11.73
CA GLY H 4185 19.62 28.59 11.97
C GLY H 4185 20.30 28.14 10.69
N ALA H 4186 21.53 27.65 10.85
CA ALA H 4186 22.29 27.17 9.70
C ALA H 4186 21.61 26.00 9.02
N SER H 4187 20.80 25.25 9.75
CA SER H 4187 20.09 24.08 9.22
C SER H 4187 18.85 24.44 8.42
N ARG H 4188 18.62 25.68 8.01
CA ARG H 4188 17.44 26.06 7.24
C ARG H 4188 16.17 25.82 8.05
N ARG H 4189 16.29 25.86 9.37
CA ARG H 4189 15.23 25.45 10.26
C ARG H 4189 15.13 26.43 11.42
N ILE H 4190 13.89 26.78 11.80
CA ILE H 4190 13.70 27.68 12.92
C ILE H 4190 14.10 26.99 14.21
N GLU H 4191 14.83 27.72 15.04
CA GLU H 4191 15.35 27.20 16.30
C GLU H 4191 15.06 28.19 17.40
N ARG H 4192 14.59 27.68 18.54
CA ARG H 4192 14.38 28.48 19.72
C ARG H 4192 15.65 28.54 20.55
N ILE H 4193 15.98 29.73 21.04
CA ILE H 4193 17.19 30.00 21.78
C ILE H 4193 16.79 30.51 23.16
N TYR H 4194 17.39 29.93 24.20
CA TYR H 4194 17.15 30.33 25.58
C TYR H 4194 18.42 30.95 26.13
N PHE H 4195 18.28 32.08 26.81
CA PHE H 4195 19.42 32.78 27.39
C PHE H 4195 18.99 33.48 28.66
N GLU H 4196 19.97 34.10 29.33
CA GLU H 4196 19.75 34.75 30.60
C GLU H 4196 19.65 36.25 30.43
N ILE H 4197 18.73 36.86 31.17
CA ILE H 4197 18.50 38.29 31.17
C ILE H 4197 18.85 38.83 32.54
N SER H 4198 19.67 39.87 32.59
CA SER H 4198 20.04 40.47 33.85
C SER H 4198 18.96 41.42 34.36
N GLU H 4199 18.84 41.47 35.69
CA GLU H 4199 17.86 42.35 36.31
C GLU H 4199 18.13 43.81 35.96
N THR H 4200 19.40 44.20 35.93
CA THR H 4200 19.75 45.57 35.57
C THR H 4200 19.30 45.88 34.15
N ASN H 4201 19.53 44.94 33.23
CA ASN H 4201 19.10 45.14 31.85
C ASN H 4201 17.59 45.30 31.78
N ARG H 4202 16.86 44.44 32.50
CA ARG H 4202 15.40 44.53 32.47
C ARG H 4202 14.92 45.86 33.03
N ALA H 4203 15.51 46.31 34.14
CA ALA H 4203 15.08 47.57 34.75
C ALA H 4203 15.37 48.74 33.83
N GLN H 4204 16.57 48.79 33.28
CA GLN H 4204 16.91 49.86 32.35
C GLN H 4204 15.99 49.86 31.14
N TRP H 4205 15.58 48.67 30.68
CA TRP H 4205 14.60 48.59 29.61
C TRP H 4205 13.25 49.15 30.05
N GLU H 4206 12.84 48.85 31.28
CA GLU H 4206 11.54 49.29 31.77
C GLU H 4206 11.52 50.77 32.15
N MET H 4207 12.66 51.44 32.15
CA MET H 4207 12.66 52.87 32.42
C MET H 4207 11.77 53.59 31.40
N PRO H 4208 11.04 54.63 31.82
CA PRO H 4208 10.07 55.26 30.91
C PRO H 4208 10.68 55.85 29.65
N GLN H 4209 11.90 56.39 29.73
CA GLN H 4209 12.50 56.99 28.55
C GLN H 4209 12.74 55.95 27.47
N VAL H 4210 13.21 54.76 27.85
CA VAL H 4210 13.38 53.69 26.88
C VAL H 4210 12.06 53.31 26.26
N LYS H 4211 10.98 53.32 27.06
CA LYS H 4211 9.67 52.99 26.51
C LYS H 4211 9.20 54.04 25.52
N GLU H 4212 9.43 55.32 25.81
CA GLU H 4212 9.05 56.37 24.87
C GLU H 4212 9.85 56.25 23.58
N SER H 4213 11.15 55.95 23.70
CA SER H 4213 11.98 55.75 22.52
C SER H 4213 11.47 54.57 21.70
N LYS H 4214 11.08 53.49 22.38
CA LYS H 4214 10.52 52.32 21.70
C LYS H 4214 9.25 52.69 20.95
N ARG H 4215 8.37 53.45 21.60
CA ARG H 4215 7.13 53.85 20.95
C ARG H 4215 7.41 54.69 19.71
N GLN H 4216 8.34 55.63 19.82
CA GLN H 4216 8.69 56.47 18.67
C GLN H 4216 9.26 55.62 17.54
N PHE H 4217 10.16 54.70 17.88
CA PHE H 4217 10.76 53.85 16.86
C PHE H 4217 9.72 53.00 16.15
N ILE H 4218 8.79 52.42 16.93
CA ILE H 4218 7.74 51.60 16.34
C ILE H 4218 6.87 52.44 15.42
N PHE H 4219 6.49 53.63 15.89
CA PHE H 4219 5.64 54.49 15.06
C PHE H 4219 6.34 54.83 13.76
N ASP H 4220 7.63 55.17 13.83
CA ASP H 4220 8.36 55.54 12.62
C ASP H 4220 8.47 54.35 11.66
N VAL H 4221 8.90 53.20 12.17
CA VAL H 4221 9.11 52.05 11.29
C VAL H 4221 7.80 51.54 10.73
N VAL H 4222 6.67 51.82 11.38
CA VAL H 4222 5.39 51.34 10.87
C VAL H 4222 4.74 52.34 9.92
N ASN H 4223 4.98 53.64 10.11
CA ASN H 4223 4.34 54.64 9.26
C ASN H 4223 5.16 54.94 8.02
N GLU H 4224 6.49 54.98 8.15
CA GLU H 4224 7.36 55.30 7.01
C GLU H 4224 8.59 54.39 7.02
N GLY H 4225 8.38 53.10 7.32
CA GLY H 4225 9.49 52.17 7.40
C GLY H 4225 9.41 51.05 6.37
N GLY H 4226 10.51 50.83 5.66
CA GLY H 4226 10.56 49.76 4.68
C GLY H 4226 10.88 48.43 5.34
N GLU H 4227 10.19 47.39 4.87
CA GLU H 4227 10.42 46.05 5.42
C GLU H 4227 11.86 45.60 5.19
N ALA H 4228 12.47 46.02 4.08
CA ALA H 4228 13.84 45.58 3.78
C ALA H 4228 14.82 46.05 4.84
N GLU H 4229 14.72 47.31 5.26
CA GLU H 4229 15.63 47.89 6.25
C GLU H 4229 15.03 47.91 7.65
N LYS H 4230 13.88 47.25 7.85
CA LYS H 4230 13.26 47.23 9.16
C LYS H 4230 14.18 46.63 10.22
N MET H 4231 14.79 45.48 9.90
CA MET H 4231 15.65 44.83 10.89
C MET H 4231 16.92 45.62 11.14
N GLU H 4232 17.48 46.26 10.10
CA GLU H 4232 18.63 47.12 10.32
C GLU H 4232 18.27 48.28 11.24
N LEU H 4233 17.11 48.89 11.02
CA LEU H 4233 16.67 49.97 11.89
C LEU H 4233 16.45 49.48 13.31
N PHE H 4234 15.90 48.28 13.46
CA PHE H 4234 15.69 47.71 14.78
C PHE H 4234 17.01 47.49 15.50
N VAL H 4235 18.00 46.96 14.79
CA VAL H 4235 19.31 46.73 15.40
C VAL H 4235 19.97 48.05 15.78
N SER H 4236 19.84 49.07 14.93
CA SER H 4236 20.36 50.39 15.27
C SER H 4236 19.68 50.96 16.50
N PHE H 4237 18.36 50.77 16.60
CA PHE H 4237 17.64 51.21 17.79
C PHE H 4237 18.14 50.49 19.03
N CYS H 4238 18.41 49.19 18.90
CA CYS H 4238 18.94 48.43 20.03
C CYS H 4238 20.30 48.98 20.47
N GLU H 4239 21.18 49.26 19.50
CA GLU H 4239 22.49 49.80 19.84
C GLU H 4239 22.37 51.16 20.53
N ASP H 4240 21.52 52.03 20.00
CA ASP H 4240 21.33 53.34 20.61
C ASP H 4240 20.76 53.20 22.02
N THR H 4241 19.84 52.25 22.21
CA THR H 4241 19.26 52.03 23.52
C THR H 4241 20.32 51.54 24.50
N ILE H 4242 21.23 50.67 24.05
CA ILE H 4242 22.32 50.23 24.90
C ILE H 4242 23.17 51.42 25.32
N PHE H 4243 23.47 52.30 24.38
CA PHE H 4243 24.30 53.46 24.68
C PHE H 4243 23.61 54.36 25.71
N GLU H 4244 22.30 54.58 25.55
CA GLU H 4244 21.55 55.35 26.53
C GLU H 4244 21.50 54.66 27.89
N MET H 4245 21.40 53.34 27.91
CA MET H 4245 21.45 52.61 29.16
C MET H 4245 22.78 52.85 29.88
N GLN H 4246 23.87 52.84 29.12
CA GLN H 4246 25.18 53.15 29.70
C GLN H 4246 25.20 54.55 30.27
N ILE H 4247 24.64 55.52 29.53
CA ILE H 4247 24.61 56.89 30.03
C ILE H 4247 23.83 56.97 31.33
N ALA H 4248 22.68 56.32 31.38
CA ALA H 4248 21.86 56.33 32.59
C ALA H 4248 22.61 55.72 33.76
N ALA H 4249 23.30 54.60 33.51
CA ALA H 4249 24.10 53.98 34.57
C ALA H 4249 25.16 54.94 35.08
N GLN H 4250 25.86 55.63 34.16
CA GLN H 4250 26.91 56.54 34.59
C GLN H 4250 26.36 57.68 35.42
N ILE H 4251 25.26 58.29 34.98
CA ILE H 4251 24.73 59.44 35.71
C ILE H 4251 24.11 59.00 37.03
N SER H 4252 23.63 57.76 37.11
CA SER H 4252 22.96 57.30 38.32
C SER H 4252 23.87 57.41 39.52
N GLU H 4253 23.30 57.89 40.62
CA GLU H 4253 24.01 58.01 41.89
C GLU H 4253 23.82 56.75 42.71
N PRO H 4254 24.84 56.31 43.48
CA PRO H 4254 24.68 55.11 44.31
C PRO H 4254 23.58 55.26 45.36
N PHE H 4540 43.77 68.95 45.47
CA PHE H 4540 42.33 68.77 45.55
C PHE H 4540 41.68 68.81 44.17
N TRP H 4541 42.50 68.68 43.13
CA TRP H 4541 41.97 68.67 41.77
C TRP H 4541 41.06 67.46 41.56
N GLY H 4542 41.42 66.32 42.14
CA GLY H 4542 40.54 65.17 42.09
C GLY H 4542 39.21 65.44 42.78
N GLU H 4543 39.27 66.12 43.93
CA GLU H 4543 38.04 66.52 44.61
C GLU H 4543 37.19 67.41 43.71
N LEU H 4544 37.81 68.41 43.10
CA LEU H 4544 37.08 69.30 42.20
C LEU H 4544 36.45 68.52 41.06
N GLU H 4545 37.19 67.56 40.50
CA GLU H 4545 36.67 66.76 39.39
C GLU H 4545 35.47 65.93 39.82
N VAL H 4546 35.54 65.33 41.01
CA VAL H 4546 34.42 64.49 41.45
C VAL H 4546 33.19 65.35 41.72
N GLN H 4547 33.36 66.53 42.32
CA GLN H 4547 32.19 67.40 42.49
C GLN H 4547 31.66 67.86 41.13
N ARG H 4548 32.56 68.11 40.17
CA ARG H 4548 32.10 68.56 38.85
C ARG H 4548 31.25 67.48 38.19
N VAL H 4549 31.71 66.24 38.22
CA VAL H 4549 30.95 65.16 37.59
C VAL H 4549 29.65 64.92 38.35
N LYS H 4550 29.68 65.07 39.68
CA LYS H 4550 28.45 64.97 40.46
C LYS H 4550 27.44 66.02 40.01
N PHE H 4551 27.89 67.26 39.86
CA PHE H 4551 27.00 68.34 39.47
C PHE H 4551 26.44 68.11 38.07
N LEU H 4552 27.30 67.69 37.15
CA LEU H 4552 26.84 67.44 35.78
C LEU H 4552 25.85 66.30 35.74
N ASN H 4553 26.10 65.24 36.51
CA ASN H 4553 25.17 64.12 36.56
C ASN H 4553 23.84 64.52 37.17
N TYR H 4554 23.87 65.36 38.20
CA TYR H 4554 22.63 65.87 38.79
C TYR H 4554 21.84 66.67 37.77
N LEU H 4555 22.54 67.53 37.00
CA LEU H 4555 21.88 68.29 35.95
C LEU H 4555 21.26 67.37 34.92
N SER H 4556 22.01 66.34 34.50
CA SER H 4556 21.49 65.41 33.50
C SER H 4556 20.24 64.69 34.02
N ARG H 4557 20.29 64.25 35.28
CA ARG H 4557 19.16 63.54 35.85
C ARG H 4557 17.93 64.44 35.97
N ASN H 4558 18.13 65.71 36.33
CA ASN H 4558 17.04 66.64 36.56
C ASN H 4558 16.84 67.60 35.41
N PHE H 4559 17.26 67.22 34.21
CA PHE H 4559 17.14 68.10 33.04
C PHE H 4559 15.70 68.56 32.82
N TYR H 4560 14.77 67.61 32.80
CA TYR H 4560 13.39 67.95 32.48
C TYR H 4560 12.75 68.82 33.56
N THR H 4561 13.06 68.53 34.82
CA THR H 4561 12.57 69.38 35.91
C THR H 4561 13.07 70.80 35.74
N LEU H 4562 14.32 70.96 35.30
CA LEU H 4562 14.85 72.29 35.03
C LEU H 4562 14.06 72.98 33.93
N ARG H 4563 13.68 72.24 32.90
CA ARG H 4563 12.89 72.82 31.81
C ARG H 4563 11.55 73.31 32.32
N PHE H 4564 10.87 72.48 33.12
CA PHE H 4564 9.60 72.88 33.71
C PHE H 4564 9.78 74.11 34.61
N LEU H 4565 10.86 74.14 35.39
CA LEU H 4565 11.13 75.28 36.25
C LEU H 4565 11.32 76.55 35.42
N ALA H 4566 12.04 76.45 34.31
CA ALA H 4566 12.22 77.60 33.44
C ALA H 4566 10.89 78.10 32.91
N LEU H 4567 10.03 77.17 32.50
CA LEU H 4567 8.71 77.55 32.00
C LEU H 4567 7.90 78.26 33.08
N PHE H 4568 7.92 77.72 34.29
CA PHE H 4568 7.20 78.34 35.40
C PHE H 4568 7.73 79.74 35.69
N LEU H 4569 9.06 79.90 35.67
CA LEU H 4569 9.66 81.21 35.90
C LEU H 4569 9.23 82.21 34.83
N ALA H 4570 9.21 81.77 33.57
CA ALA H 4570 8.77 82.65 32.50
C ALA H 4570 7.32 83.08 32.72
N PHE H 4571 6.47 82.14 33.10
CA PHE H 4571 5.07 82.47 33.36
C PHE H 4571 4.95 83.49 34.48
N ALA H 4572 5.70 83.31 35.57
CA ALA H 4572 5.65 84.25 36.68
C ALA H 4572 6.15 85.62 36.25
N ILE H 4573 7.25 85.65 35.49
CA ILE H 4573 7.81 86.91 35.04
C ILE H 4573 6.79 87.67 34.21
N ASN H 4574 6.10 86.98 33.31
CA ASN H 4574 5.13 87.65 32.46
C ASN H 4574 3.89 88.08 33.24
N PHE H 4575 3.49 87.28 34.23
CA PHE H 4575 2.42 87.70 35.14
C PHE H 4575 2.78 89.03 35.79
N ILE H 4576 4.02 89.16 36.26
CA ILE H 4576 4.47 90.43 36.81
C ILE H 4576 4.47 91.52 35.74
N LEU H 4577 4.95 91.19 34.55
CA LEU H 4577 5.06 92.17 33.48
C LEU H 4577 3.70 92.74 33.09
N LEU H 4578 2.62 92.00 33.37
CA LEU H 4578 1.29 92.54 33.08
C LEU H 4578 1.04 93.86 33.82
N PHE H 4579 1.81 94.13 34.88
CA PHE H 4579 1.47 95.25 35.76
C PHE H 4579 2.12 96.55 35.33
N TYR H 4580 3.03 96.52 34.35
CA TYR H 4580 3.68 97.77 33.92
C TYR H 4580 2.64 98.76 33.43
N LYS H 4581 2.97 100.04 33.60
CA LYS H 4581 2.25 101.15 33.01
C LYS H 4581 3.27 102.13 32.46
N VAL H 4582 2.82 103.01 31.56
CA VAL H 4582 3.66 104.01 30.94
C VAL H 4582 3.10 105.39 31.25
N SER H 4583 3.98 106.30 31.68
CA SER H 4583 3.57 107.66 31.98
C SER H 4583 4.63 108.65 31.50
N ASP H 4584 4.18 109.85 31.14
CA ASP H 4584 5.11 110.90 30.79
C ASP H 4584 5.98 111.30 31.99
N SER H 4585 5.37 111.41 33.17
CA SER H 4585 6.09 111.82 34.37
C SER H 4585 6.78 110.64 35.04
N PRO H 4586 7.83 110.88 35.82
CA PRO H 4586 8.44 109.76 36.58
C PRO H 4586 7.53 109.31 37.71
N PRO H 4587 7.69 108.06 38.19
CA PRO H 4587 6.87 107.57 39.31
C PRO H 4587 7.07 108.39 40.58
N ASN H 4626 9.21 114.40 28.44
CA ASN H 4626 8.86 114.11 27.05
C ASN H 4626 9.03 112.65 26.67
N MET H 4627 10.04 112.00 27.22
CA MET H 4627 10.31 110.60 26.99
C MET H 4627 9.57 109.81 28.06
N VAL H 4628 8.90 108.74 27.64
CA VAL H 4628 7.99 108.03 28.53
C VAL H 4628 8.76 107.13 29.48
N TYR H 4629 8.14 106.84 30.63
CA TYR H 4629 8.69 105.94 31.64
C TYR H 4629 7.78 104.75 31.83
N TYR H 4630 8.40 103.58 31.89
CA TYR H 4630 7.71 102.31 32.11
C TYR H 4630 7.94 101.92 33.57
N PHE H 4631 6.88 101.95 34.36
CA PHE H 4631 6.97 101.74 35.79
C PHE H 4631 5.95 100.71 36.25
N LEU H 4632 6.37 99.89 37.21
CA LEU H 4632 5.48 98.94 37.84
C LEU H 4632 4.40 99.65 38.66
N GLU H 4633 3.25 98.99 38.82
CA GLU H 4633 2.16 99.50 39.65
C GLU H 4633 1.74 98.38 40.60
N GLU H 4634 2.14 98.50 41.85
CA GLU H 4634 1.78 97.55 42.89
C GLU H 4634 1.74 98.25 44.24
N SER H 4635 0.83 97.80 45.09
CA SER H 4635 0.75 98.34 46.44
C SER H 4635 1.88 97.82 47.33
N THR H 4636 2.27 96.56 47.14
CA THR H 4636 3.27 95.95 48.02
C THR H 4636 4.63 96.61 47.85
N GLY H 4637 5.07 96.80 46.61
CA GLY H 4637 6.39 97.30 46.32
C GLY H 4637 7.48 96.25 46.31
N TYR H 4638 7.14 95.00 46.60
CA TYR H 4638 8.12 93.91 46.65
C TYR H 4638 8.28 93.22 45.32
N MET H 4639 7.70 93.76 44.26
CA MET H 4639 7.55 93.02 43.02
C MET H 4639 8.75 93.19 42.10
N GLU H 4640 9.35 94.37 42.10
CA GLU H 4640 10.53 94.60 41.27
C GLU H 4640 11.71 93.72 41.66
N PRO H 4641 12.11 93.63 42.92
CA PRO H 4641 13.21 92.71 43.26
C PRO H 4641 12.87 91.26 42.96
N ALA H 4642 11.60 90.88 43.14
CA ALA H 4642 11.18 89.53 42.79
C ALA H 4642 11.38 89.28 41.30
N LEU H 4643 11.02 90.26 40.46
CA LEU H 4643 11.24 90.12 39.03
C LEU H 4643 12.72 90.01 38.70
N TRP H 4644 13.54 90.83 39.35
CA TRP H 4644 14.98 90.77 39.14
C TRP H 4644 15.51 89.37 39.45
N CYS H 4645 15.16 88.85 40.64
CA CYS H 4645 15.60 87.52 41.01
C CYS H 4645 15.11 86.50 40.02
N LEU H 4646 13.82 86.55 39.65
CA LEU H 4646 13.26 85.58 38.74
C LEU H 4646 14.00 85.58 37.41
N SER H 4647 14.37 86.77 36.92
CA SER H 4647 15.13 86.84 35.68
C SER H 4647 16.48 86.16 35.82
N LEU H 4648 17.19 86.43 36.94
CA LEU H 4648 18.48 85.79 37.14
C LEU H 4648 18.34 84.28 37.19
N LEU H 4649 17.34 83.79 37.92
CA LEU H 4649 17.14 82.35 38.04
C LEU H 4649 16.78 81.73 36.71
N HIS H 4650 15.94 82.41 35.92
CA HIS H 4650 15.57 81.90 34.61
C HIS H 4650 16.79 81.76 33.71
N THR H 4651 17.65 82.78 33.70
CA THR H 4651 18.87 82.71 32.91
C THR H 4651 19.76 81.57 33.37
N LEU H 4652 19.90 81.43 34.70
CA LEU H 4652 20.73 80.35 35.23
C LEU H 4652 20.19 79.00 34.84
N VAL H 4653 18.86 78.82 34.91
CA VAL H 4653 18.25 77.55 34.54
C VAL H 4653 18.45 77.27 33.06
N ALA H 4654 18.39 78.32 32.23
CA ALA H 4654 18.66 78.13 30.81
C ALA H 4654 20.08 77.60 30.59
N PHE H 4655 21.05 78.22 31.26
CA PHE H 4655 22.44 77.76 31.11
C PHE H 4655 22.59 76.33 31.61
N LEU H 4656 21.96 76.01 32.74
CA LEU H 4656 22.01 74.65 33.27
C LEU H 4656 21.35 73.65 32.33
N CYS H 4657 20.29 74.06 31.65
CA CYS H 4657 19.66 73.18 30.67
C CYS H 4657 20.58 72.93 29.49
N ILE H 4658 21.32 73.96 29.07
CA ILE H 4658 22.34 73.76 28.03
C ILE H 4658 23.33 72.69 28.48
N ILE H 4659 23.84 72.83 29.70
CA ILE H 4659 24.82 71.87 30.19
C ILE H 4659 24.22 70.47 30.26
N GLY H 4660 22.99 70.37 30.78
CA GLY H 4660 22.35 69.08 30.91
C GLY H 4660 22.14 68.41 29.57
N TYR H 4661 21.72 69.18 28.56
CA TYR H 4661 21.62 68.63 27.22
C TYR H 4661 22.97 68.13 26.73
N ASN H 4662 24.01 68.95 26.86
CA ASN H 4662 25.32 68.57 26.34
C ASN H 4662 25.83 67.30 27.02
N CYS H 4663 25.45 67.10 28.28
CA CYS H 4663 25.94 65.91 29.01
C CYS H 4663 25.07 64.69 28.74
N LEU H 4664 23.77 64.89 28.52
CA LEU H 4664 22.85 63.76 28.47
C LEU H 4664 22.64 63.27 27.04
N LYS H 4665 22.32 64.18 26.11
CA LYS H 4665 21.77 63.78 24.83
C LYS H 4665 22.74 63.88 23.67
N VAL H 4666 23.68 64.83 23.71
CA VAL H 4666 24.68 64.99 22.66
C VAL H 4666 25.43 63.69 22.42
N PRO H 4667 25.83 62.96 23.47
CA PRO H 4667 26.61 61.74 23.25
C PRO H 4667 25.93 60.76 22.31
N LEU H 4668 24.60 60.64 22.38
CA LEU H 4668 23.91 59.77 21.44
C LEU H 4668 24.02 60.29 20.02
N VAL H 4669 23.93 61.60 19.85
CA VAL H 4669 24.07 62.20 18.52
C VAL H 4669 25.43 61.85 17.94
N ILE H 4670 26.49 62.04 18.72
CA ILE H 4670 27.84 61.77 18.24
C ILE H 4670 28.01 60.28 17.98
N PHE H 4671 27.46 59.44 18.86
CA PHE H 4671 27.55 58.00 18.70
C PHE H 4671 26.92 57.57 17.38
N LYS H 4672 25.73 58.09 17.09
CA LYS H 4672 25.02 57.71 15.86
C LYS H 4672 25.75 58.22 14.63
N ARG H 4673 26.23 59.46 14.68
CA ARG H 4673 26.94 60.03 13.53
C ARG H 4673 28.21 59.25 13.24
N GLU H 4674 28.99 58.96 14.29
CA GLU H 4674 30.20 58.16 14.15
C GLU H 4674 29.90 56.77 13.63
N LYS H 4675 28.84 56.14 14.15
CA LYS H 4675 28.47 54.80 13.71
C LYS H 4675 28.10 54.76 12.24
N GLU H 4676 27.25 55.68 11.79
CA GLU H 4676 26.86 55.67 10.39
C GLU H 4676 28.07 55.96 9.50
N LEU H 4677 28.95 56.86 9.91
CA LEU H 4677 30.14 57.12 9.10
C LEU H 4677 31.01 55.87 9.01
N ALA H 4678 31.19 55.18 10.14
CA ALA H 4678 32.00 53.97 10.15
C ALA H 4678 31.41 52.90 9.25
N ARG H 4679 30.09 52.70 9.34
CA ARG H 4679 29.45 51.68 8.51
C ARG H 4679 29.57 52.02 7.03
N LYS H 4680 29.39 53.29 6.67
CA LYS H 4680 29.56 53.70 5.28
C LYS H 4680 30.99 53.43 4.81
N LEU H 4681 31.98 53.78 5.63
CA LEU H 4681 33.36 53.54 5.25
C LEU H 4681 33.62 52.06 5.03
N GLU H 4682 33.23 51.22 5.99
CA GLU H 4682 33.57 49.81 5.94
C GLU H 4682 32.84 49.11 4.80
N PHE H 4683 31.52 49.28 4.73
CA PHE H 4683 30.71 48.53 3.78
C PHE H 4683 30.48 49.30 2.49
N ASP H 4684 29.99 50.53 2.58
CA ASP H 4684 29.76 51.32 1.38
C ASP H 4684 31.07 51.77 0.75
N GLY H 4685 32.04 52.15 1.57
CA GLY H 4685 33.28 52.69 1.05
C GLY H 4685 33.17 54.11 0.54
N LEU H 4686 32.31 54.92 1.16
CA LEU H 4686 31.95 56.24 0.64
C LEU H 4686 33.16 57.06 0.21
N TYR H 4687 34.06 57.37 1.15
CA TYR H 4687 35.18 58.24 0.83
C TYR H 4687 36.32 57.49 0.15
N ILE H 4688 36.21 56.18 -0.01
CA ILE H 4688 37.20 55.41 -0.76
C ILE H 4688 36.81 55.30 -2.23
N THR H 4689 35.57 54.91 -2.50
CA THR H 4689 35.12 54.64 -3.87
C THR H 4689 34.02 55.59 -4.32
N GLU H 4690 32.90 55.66 -3.61
CA GLU H 4690 31.74 56.39 -4.10
C GLU H 4690 31.97 57.90 -4.04
N GLN H 4691 32.30 58.41 -2.86
CA GLN H 4691 32.56 59.84 -2.64
C GLN H 4691 31.23 60.59 -2.68
N PRO H 4692 30.89 61.36 -1.64
CA PRO H 4692 29.57 62.01 -1.62
C PRO H 4692 29.34 62.92 -2.82
N GLY H 4693 28.08 63.30 -2.99
CA GLY H 4693 27.68 63.99 -4.21
C GLY H 4693 27.99 65.48 -4.19
N ASP H 4694 28.36 66.02 -3.04
CA ASP H 4694 28.52 67.43 -2.75
C ASP H 4694 27.18 68.11 -2.49
N ASP H 4695 26.08 67.40 -2.63
CA ASP H 4695 24.78 67.85 -2.16
C ASP H 4695 24.53 67.44 -0.72
N ASP H 4696 25.43 66.64 -0.14
CA ASP H 4696 25.28 66.10 1.20
C ASP H 4696 26.23 66.85 2.13
N VAL H 4697 25.74 67.94 2.72
CA VAL H 4697 26.58 68.77 3.56
C VAL H 4697 27.15 67.95 4.71
N LYS H 4698 26.38 67.01 5.23
CA LYS H 4698 26.86 66.16 6.31
C LYS H 4698 28.02 65.28 5.84
N GLY H 4699 27.90 64.71 4.65
CA GLY H 4699 28.98 63.94 4.08
C GLY H 4699 30.23 64.74 3.83
N GLN H 4700 30.09 66.01 3.43
CA GLN H 4700 31.26 66.86 3.26
C GLN H 4700 31.87 67.24 4.60
N TRP H 4701 31.02 67.51 5.59
CA TRP H 4701 31.49 67.90 6.91
C TRP H 4701 32.25 66.76 7.59
N ASP H 4702 31.79 65.53 7.38
CA ASP H 4702 32.39 64.38 8.05
C ASP H 4702 33.81 64.08 7.58
N ARG H 4703 34.27 64.72 6.50
CA ARG H 4703 35.63 64.47 6.03
C ARG H 4703 36.66 64.87 7.07
N LEU H 4704 36.35 65.90 7.87
CA LEU H 4704 37.33 66.43 8.80
C LEU H 4704 37.75 65.41 9.83
N VAL H 4705 36.82 64.58 10.28
CA VAL H 4705 37.08 63.75 11.45
C VAL H 4705 37.78 62.46 11.06
N LEU H 4706 37.83 62.13 9.77
CA LEU H 4706 38.46 60.88 9.34
C LEU H 4706 39.90 60.80 9.80
N ASN H 4707 40.68 61.85 9.57
CA ASN H 4707 42.09 61.86 9.93
C ASN H 4707 42.33 62.06 11.42
N THR H 4708 41.29 62.32 12.19
CA THR H 4708 41.46 62.62 13.61
C THR H 4708 41.73 61.34 14.40
N PRO H 4709 42.63 61.38 15.38
CA PRO H 4709 42.81 60.21 16.26
C PRO H 4709 41.57 59.89 17.07
N SER H 4710 40.79 60.91 17.43
CA SER H 4710 39.69 60.73 18.37
C SER H 4710 38.40 60.34 17.67
N PHE H 4711 38.43 60.06 16.37
CA PHE H 4711 37.23 59.72 15.63
C PHE H 4711 36.30 58.76 16.38
N PRO H 4712 36.73 57.54 16.72
CA PRO H 4712 35.74 56.70 17.44
C PRO H 4712 35.73 57.00 18.93
N SER H 4713 35.34 58.23 19.28
CA SER H 4713 35.36 58.63 20.69
C SER H 4713 34.17 58.08 21.45
N ASN H 4714 32.97 58.22 20.90
CA ASN H 4714 31.77 57.73 21.54
C ASN H 4714 31.30 56.40 20.98
N TYR H 4715 31.71 56.05 19.77
CA TYR H 4715 31.35 54.78 19.17
C TYR H 4715 32.40 53.73 19.54
N TRP H 4716 31.91 52.53 19.86
CA TRP H 4716 32.75 51.55 20.53
C TRP H 4716 33.93 51.12 19.67
N ASP H 4717 33.70 50.88 18.38
CA ASP H 4717 34.71 50.28 17.52
C ASP H 4717 35.87 51.26 17.35
N LYS H 4718 36.99 50.96 18.00
CA LYS H 4718 38.22 51.72 17.86
C LYS H 4718 39.10 51.19 16.73
N PHE H 4719 38.74 50.08 16.12
CA PHE H 4719 39.55 49.40 15.14
C PHE H 4719 38.96 49.51 13.73
N VAL H 4720 37.96 50.37 13.56
CA VAL H 4720 37.30 50.50 12.27
C VAL H 4720 38.30 50.99 11.22
N LYS H 4721 39.25 51.83 11.62
CA LYS H 4721 40.24 52.32 10.67
C LYS H 4721 41.08 51.18 10.11
N ARG H 4722 41.56 50.30 10.99
CA ARG H 4722 42.35 49.16 10.53
C ARG H 4722 41.49 48.20 9.71
N LYS H 4723 40.22 48.05 10.09
CA LYS H 4723 39.33 47.21 9.30
C LYS H 4723 39.16 47.75 7.89
N VAL H 4724 38.98 49.07 7.77
CA VAL H 4724 38.85 49.69 6.45
C VAL H 4724 40.15 49.55 5.67
N LEU H 4725 41.29 49.71 6.34
CA LEU H 4725 42.56 49.54 5.67
C LEU H 4725 42.70 48.14 5.11
N ASP H 4726 42.32 47.14 5.90
CA ASP H 4726 42.36 45.76 5.41
C ASP H 4726 41.40 45.57 4.24
N LYS H 4727 40.20 46.14 4.33
CA LYS H 4727 39.19 45.91 3.31
C LYS H 4727 39.56 46.54 1.98
N HIS H 4728 40.01 47.80 1.99
CA HIS H 4728 40.17 48.58 0.77
C HIS H 4728 41.60 48.99 0.47
N GLY H 4729 42.58 48.48 1.21
CA GLY H 4729 43.95 48.92 1.01
C GLY H 4729 44.52 48.48 -0.33
N ASP H 4730 44.23 47.23 -0.72
CA ASP H 4730 44.84 46.68 -1.92
C ASP H 4730 44.43 47.47 -3.16
N ILE H 4731 43.13 47.73 -3.31
CA ILE H 4731 42.65 48.42 -4.51
C ILE H 4731 42.99 49.90 -4.45
N PHE H 4732 42.82 50.52 -3.29
CA PHE H 4732 42.88 51.97 -3.16
C PHE H 4732 44.18 52.45 -2.51
N GLY H 4733 45.06 51.54 -2.11
CA GLY H 4733 46.35 51.93 -1.59
C GLY H 4733 46.40 52.07 -0.08
N ARG H 4734 47.27 51.29 0.56
CA ARG H 4734 47.38 51.33 2.01
C ARG H 4734 47.87 52.68 2.49
N GLU H 4735 48.89 53.23 1.83
CA GLU H 4735 49.41 54.54 2.24
C GLU H 4735 48.35 55.62 2.06
N ARG H 4736 47.57 55.54 0.98
CA ARG H 4736 46.53 56.51 0.72
C ARG H 4736 45.42 56.43 1.76
N ILE H 4737 45.00 55.21 2.10
CA ILE H 4737 44.01 55.04 3.16
C ILE H 4737 44.54 55.56 4.48
N ALA H 4738 45.83 55.33 4.75
CA ALA H 4738 46.43 55.81 5.99
C ALA H 4738 46.44 57.32 6.04
N GLU H 4739 46.76 57.98 4.91
CA GLU H 4739 46.71 59.43 4.88
C GLU H 4739 45.28 59.93 5.09
N LEU H 4740 44.31 59.24 4.49
CA LEU H 4740 42.92 59.64 4.65
C LEU H 4740 42.48 59.52 6.11
N LEU H 4741 42.89 58.45 6.79
CA LEU H 4741 42.37 58.10 8.10
C LEU H 4741 43.32 58.47 9.23
N GLY H 4742 44.39 59.19 8.94
CA GLY H 4742 45.33 59.58 10.00
C GLY H 4742 45.99 58.41 10.69
N MET H 4743 46.51 57.45 9.91
CA MET H 4743 47.05 56.21 10.43
C MET H 4743 48.56 56.16 10.19
N ASP H 4744 49.30 55.61 11.15
CA ASP H 4744 50.75 55.49 11.08
C ASP H 4744 51.13 54.02 10.85
N LEU H 4745 51.34 53.66 9.57
CA LEU H 4745 51.51 52.26 9.21
C LEU H 4745 52.52 51.58 10.10
N ALA H 4746 53.64 52.24 10.39
CA ALA H 4746 54.63 51.65 11.27
C ALA H 4746 54.03 51.33 12.63
N SER H 4747 53.45 52.34 13.29
CA SER H 4747 52.93 52.15 14.64
C SER H 4747 51.86 51.06 14.70
N LEU H 4748 51.14 50.83 13.58
CA LEU H 4748 50.19 49.74 13.58
C LEU H 4748 50.85 48.42 13.98
N GLU H 4749 52.04 48.16 13.44
CA GLU H 4749 52.73 46.91 13.75
C GLU H 4749 53.19 46.88 15.21
N ILE H 4750 53.75 47.99 15.71
CA ILE H 4750 54.29 48.00 17.07
C ILE H 4750 53.18 47.79 18.09
N THR H 4751 52.02 48.43 17.88
CA THR H 4751 50.89 48.21 18.78
C THR H 4751 50.60 46.72 18.94
N ALA H 4752 50.66 45.98 17.84
CA ALA H 4752 50.46 44.53 17.92
C ALA H 4752 51.64 43.85 18.60
N HIS H 4753 52.87 44.29 18.33
CA HIS H 4753 54.01 43.57 18.90
C HIS H 4753 53.98 43.61 20.41
N ASN H 4754 53.68 44.77 21.00
CA ASN H 4754 53.60 44.85 22.44
C ASN H 4754 53.00 46.18 22.85
N GLU H 4755 52.56 46.24 24.10
CA GLU H 4755 52.00 47.46 24.65
C GLU H 4755 53.11 48.38 25.13
N ARG H 4756 52.99 49.66 24.79
CA ARG H 4756 53.92 50.69 25.23
C ARG H 4756 53.17 51.70 26.08
N LYS H 4757 53.78 52.11 27.19
CA LYS H 4757 53.15 53.05 28.10
C LYS H 4757 53.90 54.37 28.07
N PRO H 4758 53.44 55.36 27.29
CA PRO H 4758 54.05 56.69 27.36
C PRO H 4758 53.36 57.56 28.41
N ASP H 4759 53.62 57.27 29.68
CA ASP H 4759 52.86 57.88 30.75
C ASP H 4759 52.94 59.40 30.69
N PRO H 4760 51.87 60.10 30.33
CA PRO H 4760 51.82 61.54 30.46
C PRO H 4760 51.20 61.98 31.78
N PRO H 4761 51.94 62.01 32.89
CA PRO H 4761 51.33 62.40 34.17
C PRO H 4761 50.41 63.60 34.00
N PRO H 4762 49.24 63.59 34.65
CA PRO H 4762 48.22 64.58 34.31
C PRO H 4762 48.72 66.01 34.51
N GLY H 4763 48.44 66.85 33.53
CA GLY H 4763 48.78 68.26 33.62
C GLY H 4763 47.89 69.07 32.70
N LEU H 4764 47.83 70.38 32.98
CA LEU H 4764 47.04 71.27 32.15
C LEU H 4764 47.58 71.30 30.71
N LEU H 4765 48.90 71.39 30.56
CA LEU H 4765 49.49 71.37 29.23
C LEU H 4765 49.23 70.03 28.54
N THR H 4766 49.27 68.94 29.30
CA THR H 4766 49.01 67.62 28.72
C THR H 4766 47.56 67.54 28.24
N TRP H 4767 46.63 68.11 29.01
CA TRP H 4767 45.24 68.17 28.57
C TRP H 4767 45.11 68.99 27.29
N LEU H 4768 45.79 70.14 27.23
CA LEU H 4768 45.76 70.95 26.02
C LEU H 4768 46.26 70.16 24.83
N MET H 4769 47.35 69.42 25.01
CA MET H 4769 47.85 68.56 23.94
C MET H 4769 46.82 67.50 23.57
N SER H 4770 46.14 66.95 24.56
CA SER H 4770 45.13 65.93 24.32
C SER H 4770 43.97 66.46 23.50
N ILE H 4771 43.68 67.76 23.58
CA ILE H 4771 42.57 68.33 22.81
C ILE H 4771 42.84 68.12 21.32
N ASP H 4772 41.84 67.60 20.63
CA ASP H 4772 41.88 67.44 19.18
C ASP H 4772 41.01 68.52 18.54
N VAL H 4773 41.66 69.55 18.01
CA VAL H 4773 40.95 70.73 17.52
C VAL H 4773 39.97 70.35 16.41
N LYS H 4774 40.43 69.53 15.46
CA LYS H 4774 39.59 69.20 14.31
C LYS H 4774 38.36 68.41 14.72
N TYR H 4775 38.55 67.43 15.61
CA TYR H 4775 37.40 66.67 16.10
C TYR H 4775 36.44 67.55 16.87
N GLN H 4776 36.97 68.46 17.68
CA GLN H 4776 36.10 69.36 18.43
C GLN H 4776 35.31 70.26 17.50
N ILE H 4777 35.94 70.74 16.42
CA ILE H 4777 35.23 71.57 15.45
C ILE H 4777 34.11 70.79 14.77
N TRP H 4778 34.42 69.56 14.35
CA TRP H 4778 33.40 68.72 13.73
C TRP H 4778 32.24 68.49 14.70
N LYS H 4779 32.55 68.20 15.95
CA LYS H 4779 31.53 67.97 16.96
C LYS H 4779 30.69 69.22 17.18
N PHE H 4780 31.33 70.39 17.21
CA PHE H 4780 30.60 71.63 17.41
C PHE H 4780 29.67 71.91 16.25
N GLY H 4781 30.12 71.63 15.02
CA GLY H 4781 29.23 71.74 13.89
C GLY H 4781 28.02 70.84 14.01
N VAL H 4782 28.25 69.59 14.43
CA VAL H 4782 27.14 68.65 14.61
C VAL H 4782 26.16 69.19 15.65
N ILE H 4783 26.67 69.64 16.78
CA ILE H 4783 25.81 70.12 17.85
C ILE H 4783 25.01 71.33 17.41
N PHE H 4784 25.68 72.29 16.77
CA PHE H 4784 24.98 73.49 16.34
C PHE H 4784 23.95 73.17 15.28
N THR H 4785 24.18 72.10 14.51
CA THR H 4785 23.14 71.64 13.59
C THR H 4785 21.98 70.99 14.32
N ASP H 4786 22.23 70.39 15.48
CA ASP H 4786 21.16 69.77 16.24
C ASP H 4786 20.10 70.81 16.61
N ASN H 4787 18.83 70.45 16.39
CA ASN H 4787 17.75 71.41 16.55
C ASN H 4787 17.51 71.78 18.01
N SER H 4788 17.50 70.77 18.89
CA SER H 4788 17.21 71.04 20.30
C SER H 4788 18.24 71.97 20.92
N PHE H 4789 19.52 71.76 20.57
CA PHE H 4789 20.56 72.66 21.03
C PHE H 4789 20.28 74.09 20.56
N LEU H 4790 19.85 74.23 19.31
CA LEU H 4790 19.55 75.55 18.77
C LEU H 4790 18.41 76.20 19.54
N TYR H 4791 17.37 75.43 19.83
CA TYR H 4791 16.24 75.98 20.58
C TYR H 4791 16.67 76.43 21.97
N LEU H 4792 17.45 75.60 22.66
CA LEU H 4792 17.90 75.97 24.00
C LEU H 4792 18.81 77.18 23.96
N GLY H 4793 19.65 77.29 22.94
CA GLY H 4793 20.51 78.45 22.80
C GLY H 4793 19.71 79.71 22.57
N TRP H 4794 18.66 79.61 21.74
CA TRP H 4794 17.77 80.73 21.54
C TRP H 4794 17.09 81.13 22.85
N TYR H 4795 16.67 80.12 23.63
CA TYR H 4795 16.12 80.37 24.96
C TYR H 4795 17.09 81.21 25.80
N MET H 4796 18.35 80.76 25.86
CA MET H 4796 19.36 81.45 26.66
C MET H 4796 19.58 82.87 26.17
N VAL H 4797 19.68 83.06 24.86
CA VAL H 4797 19.92 84.38 24.30
C VAL H 4797 18.75 85.30 24.60
N MET H 4798 17.52 84.78 24.50
CA MET H 4798 16.35 85.59 24.77
C MET H 4798 16.29 85.98 26.25
N SER H 4799 16.72 85.10 27.14
CA SER H 4799 16.81 85.47 28.55
C SER H 4799 17.83 86.57 28.78
N LEU H 4800 19.00 86.45 28.15
CA LEU H 4800 20.03 87.47 28.29
C LEU H 4800 19.52 88.81 27.78
N LEU H 4801 18.83 88.81 26.64
CA LEU H 4801 18.25 90.04 26.13
C LEU H 4801 17.11 90.52 27.04
N GLY H 4802 16.42 89.60 27.70
CA GLY H 4802 15.42 89.99 28.66
C GLY H 4802 16.00 90.80 29.79
N HIS H 4803 17.22 90.47 30.20
CA HIS H 4803 17.87 91.29 31.22
C HIS H 4803 18.05 92.73 30.75
N TYR H 4804 18.35 92.91 29.46
CA TYR H 4804 18.45 94.26 28.91
C TYR H 4804 17.08 94.92 28.82
N ASN H 4805 16.08 94.18 28.35
CA ASN H 4805 14.70 94.65 28.28
C ASN H 4805 13.79 93.50 28.71
N ASN H 4806 13.11 93.69 29.83
CA ASN H 4806 12.42 92.57 30.47
C ASN H 4806 11.33 91.97 29.61
N PHE H 4807 10.87 92.68 28.58
CA PHE H 4807 9.77 92.19 27.76
C PHE H 4807 10.17 91.05 26.84
N PHE H 4808 11.47 90.80 26.65
CA PHE H 4808 11.90 89.67 25.84
C PHE H 4808 11.65 88.33 26.53
N PHE H 4809 11.30 88.34 27.81
CA PHE H 4809 11.00 87.12 28.53
C PHE H 4809 9.68 86.49 28.08
N ALA H 4810 8.88 87.20 27.30
CA ALA H 4810 7.63 86.65 26.79
C ALA H 4810 7.85 85.56 25.76
N ALA H 4811 8.96 85.59 25.03
CA ALA H 4811 9.21 84.59 24.01
C ALA H 4811 9.32 83.20 24.62
N HIS H 4812 9.79 83.10 25.86
CA HIS H 4812 9.93 81.81 26.51
C HIS H 4812 8.60 81.15 26.82
N LEU H 4813 7.49 81.89 26.70
CA LEU H 4813 6.18 81.27 26.83
C LEU H 4813 5.85 80.40 25.63
N LEU H 4814 6.61 80.51 24.55
CA LEU H 4814 6.44 79.60 23.42
C LEU H 4814 6.93 78.20 23.72
N ASP H 4815 7.70 78.04 24.81
CA ASP H 4815 8.17 76.73 25.23
C ASP H 4815 7.04 75.82 25.68
N ILE H 4816 5.85 76.36 25.92
CA ILE H 4816 4.72 75.53 26.33
C ILE H 4816 4.41 74.49 25.26
N ALA H 4817 4.66 74.82 23.99
CA ALA H 4817 4.48 73.87 22.91
C ALA H 4817 5.29 72.60 23.16
N MET H 4818 6.61 72.75 23.24
CA MET H 4818 7.48 71.60 23.51
C MET H 4818 7.16 70.97 24.86
N GLY H 4819 6.69 71.77 25.82
CA GLY H 4819 6.37 71.20 27.12
C GLY H 4819 5.19 70.24 27.06
N VAL H 4820 4.16 70.60 26.30
CA VAL H 4820 2.92 69.84 26.25
C VAL H 4820 2.87 69.06 24.95
N LYS H 4821 2.62 67.76 25.06
CA LYS H 4821 2.47 66.93 23.87
C LYS H 4821 1.24 67.33 23.06
N THR H 4822 0.15 67.70 23.74
CA THR H 4822 -1.06 68.10 23.04
C THR H 4822 -0.81 69.30 22.15
N LEU H 4823 -0.08 70.29 22.65
CA LEU H 4823 0.26 71.45 21.83
C LEU H 4823 1.14 71.04 20.66
N ARG H 4824 2.06 70.11 20.88
CA ARG H 4824 2.89 69.64 19.77
C ARG H 4824 2.03 69.01 18.69
N THR H 4825 1.03 68.21 19.07
CA THR H 4825 0.15 67.61 18.09
C THR H 4825 -0.64 68.66 17.34
N ILE H 4826 -1.20 69.62 18.06
CA ILE H 4826 -2.01 70.66 17.41
C ILE H 4826 -1.16 71.45 16.43
N LEU H 4827 0.05 71.82 16.84
CA LEU H 4827 0.94 72.57 15.95
C LEU H 4827 1.38 71.71 14.77
N SER H 4828 1.61 70.42 15.01
CA SER H 4828 1.98 69.52 13.92
C SER H 4828 0.86 69.43 12.89
N SER H 4829 -0.38 69.57 13.33
CA SER H 4829 -1.48 69.62 12.38
C SER H 4829 -1.26 70.72 11.35
N VAL H 4830 -0.85 71.91 11.82
CA VAL H 4830 -0.59 73.02 10.90
C VAL H 4830 0.68 72.76 10.09
N THR H 4831 1.74 72.31 10.75
CA THR H 4831 3.02 72.16 10.08
C THR H 4831 2.96 71.11 8.97
N HIS H 4832 2.12 70.10 9.16
CA HIS H 4832 1.99 68.99 8.22
C HIS H 4832 1.79 69.49 6.80
N ASN H 4833 0.85 70.39 6.60
CA ASN H 4833 0.57 70.99 5.30
C ASN H 4833 1.04 72.44 5.21
N GLY H 4834 2.15 72.76 5.89
CA GLY H 4834 2.60 74.14 5.92
C GLY H 4834 3.02 74.66 4.55
N LYS H 4835 3.72 73.82 3.77
CA LYS H 4835 4.11 74.23 2.44
C LYS H 4835 2.88 74.52 1.59
N GLN H 4836 1.87 73.65 1.67
CA GLN H 4836 0.64 73.87 0.93
C GLN H 4836 -0.03 75.16 1.37
N LEU H 4837 0.00 75.46 2.68
CA LEU H 4837 -0.59 76.70 3.16
C LEU H 4837 0.13 77.91 2.61
N VAL H 4838 1.46 77.86 2.57
CA VAL H 4838 2.23 78.97 2.02
C VAL H 4838 1.91 79.16 0.55
N MET H 4839 1.79 78.06 -0.20
CA MET H 4839 1.42 78.17 -1.61
C MET H 4839 0.03 78.77 -1.77
N THR H 4840 -0.90 78.39 -0.90
CA THR H 4840 -2.24 78.96 -0.95
C THR H 4840 -2.20 80.46 -0.69
N VAL H 4841 -1.38 80.89 0.26
CA VAL H 4841 -1.24 82.31 0.55
C VAL H 4841 -0.66 83.05 -0.66
N GLY H 4842 0.34 82.44 -1.32
CA GLY H 4842 0.87 83.04 -2.53
C GLY H 4842 -0.17 83.19 -3.61
N LEU H 4843 -1.00 82.16 -3.79
CA LEU H 4843 -2.09 82.23 -4.76
C LEU H 4843 -3.07 83.34 -4.40
N LEU H 4844 -3.36 83.49 -3.10
CA LEU H 4844 -4.23 84.56 -2.64
C LEU H 4844 -3.64 85.92 -3.01
N ALA H 4845 -2.33 86.07 -2.80
CA ALA H 4845 -1.66 87.30 -3.17
C ALA H 4845 -1.78 87.56 -4.67
N VAL H 4846 -1.62 86.51 -5.48
CA VAL H 4846 -1.69 86.67 -6.93
C VAL H 4846 -3.08 87.12 -7.35
N VAL H 4847 -4.12 86.49 -6.80
CA VAL H 4847 -5.48 86.85 -7.19
C VAL H 4847 -5.79 88.28 -6.75
N VAL H 4848 -5.32 88.66 -5.57
CA VAL H 4848 -5.53 90.04 -5.12
C VAL H 4848 -4.79 91.01 -6.02
N TYR H 4849 -3.61 90.61 -6.52
CA TYR H 4849 -2.87 91.45 -7.45
C TYR H 4849 -3.67 91.65 -8.74
N LEU H 4850 -4.27 90.57 -9.25
CA LEU H 4850 -5.08 90.69 -10.47
C LEU H 4850 -6.28 91.61 -10.25
N TYR H 4851 -6.97 91.43 -9.12
CA TYR H 4851 -8.09 92.31 -8.81
C TYR H 4851 -7.61 93.75 -8.67
N THR H 4852 -6.42 93.95 -8.12
CA THR H 4852 -5.85 95.29 -7.99
C THR H 4852 -5.57 95.90 -9.37
N VAL H 4853 -5.06 95.10 -10.30
CA VAL H 4853 -4.86 95.58 -11.66
C VAL H 4853 -6.17 96.05 -12.25
N VAL H 4854 -7.22 95.22 -12.10
CA VAL H 4854 -8.52 95.56 -12.66
C VAL H 4854 -9.03 96.86 -12.05
N ALA H 4855 -8.87 97.01 -10.73
CA ALA H 4855 -9.35 98.23 -10.08
C ALA H 4855 -8.55 99.45 -10.53
N PHE H 4856 -7.23 99.32 -10.58
CA PHE H 4856 -6.38 100.43 -10.98
C PHE H 4856 -6.69 100.89 -12.40
N ASN H 4857 -7.15 99.97 -13.25
CA ASN H 4857 -7.46 100.34 -14.65
C ASN H 4857 -8.87 100.90 -14.78
N PHE H 4858 -9.86 100.25 -14.15
CA PHE H 4858 -11.25 100.55 -14.43
C PHE H 4858 -12.02 101.13 -13.26
N PHE H 4859 -11.53 101.00 -12.02
CA PHE H 4859 -12.35 101.33 -10.86
C PHE H 4859 -11.63 102.25 -9.88
N ARG H 4860 -10.85 103.20 -10.39
CA ARG H 4860 -10.09 104.08 -9.50
C ARG H 4860 -11.01 104.98 -8.70
N LYS H 4861 -12.03 105.55 -9.35
CA LYS H 4861 -12.88 106.54 -8.72
C LYS H 4861 -13.52 106.05 -7.44
N PHE H 4862 -13.71 104.74 -7.30
CA PHE H 4862 -14.43 104.17 -6.17
C PHE H 4862 -13.56 103.98 -4.94
N TYR H 4863 -12.29 104.36 -5.01
CA TYR H 4863 -11.34 104.03 -3.93
C TYR H 4863 -10.92 105.27 -3.16
N ASN H 4864 -11.85 106.18 -2.92
CA ASN H 4864 -11.61 107.35 -2.10
C ASN H 4864 -12.08 107.07 -0.68
N LYS H 4865 -11.18 107.20 0.28
CA LYS H 4865 -11.46 106.89 1.68
C LYS H 4865 -11.51 108.15 2.54
N SER H 4866 -11.94 109.26 1.97
CA SER H 4866 -11.99 110.54 2.67
C SER H 4866 -13.38 111.13 2.56
N GLU H 4867 -13.92 111.55 3.71
CA GLU H 4867 -15.23 112.22 3.70
C GLU H 4867 -15.10 113.69 3.30
N ASP H 4868 -14.01 114.33 3.71
CA ASP H 4868 -13.78 115.73 3.36
C ASP H 4868 -13.47 115.86 1.87
N GLU H 4869 -14.39 116.47 1.13
CA GLU H 4869 -14.29 116.54 -0.32
C GLU H 4869 -13.07 117.36 -0.76
N ASP H 4870 -12.71 118.37 0.03
CA ASP H 4870 -11.58 119.21 -0.35
C ASP H 4870 -10.29 118.40 -0.42
N GLU H 4871 -10.07 117.51 0.55
CA GLU H 4871 -8.88 116.68 0.59
C GLU H 4871 -9.24 115.25 0.24
N PRO H 4872 -8.89 114.76 -0.95
CA PRO H 4872 -9.21 113.37 -1.29
C PRO H 4872 -8.07 112.41 -0.96
N ASP H 4873 -8.40 111.23 -0.47
CA ASP H 4873 -7.43 110.19 -0.15
C ASP H 4873 -7.75 108.98 -1.03
N MET H 4874 -7.06 108.89 -2.17
CA MET H 4874 -7.32 107.84 -3.15
C MET H 4874 -6.32 106.71 -2.90
N LYS H 4875 -6.83 105.52 -2.61
CA LYS H 4875 -5.99 104.38 -2.30
C LYS H 4875 -5.51 103.62 -3.53
N CYS H 4876 -6.14 103.82 -4.69
CA CYS H 4876 -5.79 103.08 -5.89
C CYS H 4876 -5.29 103.97 -7.01
N ASP H 4877 -4.81 105.18 -6.69
CA ASP H 4877 -4.15 106.00 -7.70
C ASP H 4877 -2.77 105.45 -8.03
N ASP H 4878 -2.19 104.66 -7.13
CA ASP H 4878 -0.93 103.98 -7.36
C ASP H 4878 -1.13 102.49 -7.15
N MET H 4879 -0.45 101.69 -7.97
CA MET H 4879 -0.64 100.25 -7.92
C MET H 4879 -0.18 99.65 -6.61
N MET H 4880 0.95 100.12 -6.08
CA MET H 4880 1.45 99.58 -4.82
C MET H 4880 0.47 99.88 -3.68
N THR H 4881 -0.03 101.11 -3.63
CA THR H 4881 -1.01 101.47 -2.60
C THR H 4881 -2.29 100.66 -2.77
N CYS H 4882 -2.72 100.47 -4.01
CA CYS H 4882 -3.95 99.70 -4.25
C CYS H 4882 -3.78 98.26 -3.81
N TYR H 4883 -2.62 97.66 -4.11
CA TYR H 4883 -2.35 96.29 -3.69
C TYR H 4883 -2.34 96.17 -2.17
N LEU H 4884 -1.65 97.11 -1.51
CA LEU H 4884 -1.63 97.10 -0.05
C LEU H 4884 -3.04 97.23 0.51
N PHE H 4885 -3.83 98.15 -0.06
CA PHE H 4885 -5.20 98.35 0.40
C PHE H 4885 -6.01 97.07 0.27
N HIS H 4886 -5.97 96.45 -0.91
CA HIS H 4886 -6.71 95.21 -1.08
C HIS H 4886 -6.26 94.17 -0.06
N MET H 4887 -4.98 93.81 -0.07
CA MET H 4887 -4.50 92.75 0.80
C MET H 4887 -4.78 93.04 2.27
N TYR H 4888 -4.85 94.32 2.65
CA TYR H 4888 -5.01 94.68 4.05
C TYR H 4888 -6.47 94.67 4.48
N VAL H 4889 -7.33 95.35 3.72
CA VAL H 4889 -8.71 95.54 4.16
C VAL H 4889 -9.61 94.43 3.61
N GLY H 4890 -9.50 94.13 2.31
CA GLY H 4890 -10.47 93.24 1.69
C GLY H 4890 -10.45 91.84 2.28
N VAL H 4891 -9.25 91.28 2.44
CA VAL H 4891 -9.14 89.94 3.01
C VAL H 4891 -9.69 89.93 4.43
N ARG H 4892 -9.37 90.95 5.22
CA ARG H 4892 -9.82 91.00 6.60
C ARG H 4892 -11.34 91.18 6.67
N ALA H 4893 -11.92 91.81 5.65
CA ALA H 4893 -13.36 92.02 5.63
C ALA H 4893 -14.11 90.74 5.32
N GLY H 4894 -15.34 90.65 5.82
CA GLY H 4894 -16.15 89.47 5.56
C GLY H 4894 -16.80 89.49 4.19
N GLY H 4895 -17.30 90.64 3.76
CA GLY H 4895 -17.87 90.80 2.44
C GLY H 4895 -16.90 91.24 1.38
N GLY H 4896 -15.63 91.37 1.72
CA GLY H 4896 -14.64 91.75 0.74
C GLY H 4896 -14.46 93.25 0.60
N ILE H 4897 -13.76 93.61 -0.47
CA ILE H 4897 -13.39 95.01 -0.70
C ILE H 4897 -14.62 95.87 -0.91
N GLY H 4898 -15.67 95.29 -1.51
CA GLY H 4898 -16.89 96.02 -1.77
C GLY H 4898 -17.47 96.63 -0.51
N ASP H 4899 -17.25 95.98 0.62
CA ASP H 4899 -17.69 96.54 1.89
C ASP H 4899 -17.01 97.88 2.16
N GLU H 4900 -15.73 97.98 1.82
CA GLU H 4900 -14.97 99.19 2.14
C GLU H 4900 -15.18 100.28 1.10
N ILE H 4901 -15.21 99.93 -0.18
CA ILE H 4901 -15.22 100.95 -1.23
C ILE H 4901 -16.64 101.41 -1.55
N GLU H 4902 -16.74 102.52 -2.28
CA GLU H 4902 -17.96 103.30 -2.36
C GLU H 4902 -19.03 102.62 -3.22
N ASP H 4903 -20.28 102.79 -2.82
CA ASP H 4903 -21.39 102.13 -3.48
C ASP H 4903 -21.43 102.51 -4.97
N PRO H 4904 -21.49 101.54 -5.88
CA PRO H 4904 -21.54 101.84 -7.32
C PRO H 4904 -22.93 102.15 -7.86
N ALA H 4905 -23.94 102.28 -7.00
CA ALA H 4905 -25.30 102.46 -7.49
C ALA H 4905 -25.39 103.67 -8.40
N GLY H 4906 -26.15 103.52 -9.49
CA GLY H 4906 -26.30 104.59 -10.46
C GLY H 4906 -25.03 104.93 -11.19
N ASP H 4907 -24.29 103.93 -11.65
CA ASP H 4907 -23.05 104.14 -12.38
C ASP H 4907 -23.01 103.23 -13.60
N GLU H 4908 -22.29 103.68 -14.62
CA GLU H 4908 -22.19 102.94 -15.87
C GLU H 4908 -21.45 101.61 -15.70
N TYR H 4909 -20.63 101.47 -14.65
CA TYR H 4909 -19.87 100.27 -14.40
C TYR H 4909 -20.42 99.49 -13.21
N GLU H 4910 -21.70 99.67 -12.89
CA GLU H 4910 -22.29 99.05 -11.72
C GLU H 4910 -22.23 97.53 -11.81
N LEU H 4911 -22.65 96.98 -12.95
CA LEU H 4911 -22.67 95.53 -13.10
C LEU H 4911 -21.25 94.96 -13.09
N TYR H 4912 -20.33 95.64 -13.75
CA TYR H 4912 -18.94 95.21 -13.74
C TYR H 4912 -18.42 95.15 -12.31
N ARG H 4913 -18.72 96.17 -11.51
CA ARG H 4913 -18.18 96.19 -10.16
C ARG H 4913 -18.86 95.16 -9.26
N VAL H 4914 -20.16 94.92 -9.45
CA VAL H 4914 -20.80 93.91 -8.61
C VAL H 4914 -20.23 92.54 -8.92
N VAL H 4915 -19.97 92.26 -10.21
CA VAL H 4915 -19.26 91.04 -10.55
C VAL H 4915 -17.89 91.00 -9.88
N PHE H 4916 -17.16 92.12 -9.97
CA PHE H 4916 -15.85 92.22 -9.35
C PHE H 4916 -15.90 91.86 -7.87
N ASP H 4917 -16.82 92.49 -7.13
CA ASP H 4917 -16.89 92.30 -5.70
C ASP H 4917 -17.35 90.90 -5.32
N ILE H 4918 -18.38 90.40 -6.00
CA ILE H 4918 -18.91 89.07 -5.67
C ILE H 4918 -17.87 88.00 -5.97
N THR H 4919 -17.18 88.12 -7.10
CA THR H 4919 -16.13 87.15 -7.42
C THR H 4919 -14.99 87.23 -6.42
N PHE H 4920 -14.60 88.45 -6.02
CA PHE H 4920 -13.59 88.58 -4.98
C PHE H 4920 -14.03 87.85 -3.72
N PHE H 4921 -15.27 88.11 -3.28
CA PHE H 4921 -15.80 87.49 -2.08
C PHE H 4921 -15.74 85.98 -2.16
N PHE H 4922 -16.23 85.41 -3.26
CA PHE H 4922 -16.33 83.96 -3.37
C PHE H 4922 -14.95 83.32 -3.49
N PHE H 4923 -14.11 83.84 -4.37
CA PHE H 4923 -12.82 83.20 -4.63
C PHE H 4923 -11.88 83.35 -3.44
N VAL H 4924 -11.80 84.56 -2.88
CA VAL H 4924 -10.81 84.85 -1.86
C VAL H 4924 -11.33 84.48 -0.48
N ILE H 4925 -12.41 85.11 -0.06
CA ILE H 4925 -12.85 84.98 1.33
C ILE H 4925 -13.36 83.58 1.60
N VAL H 4926 -14.17 83.03 0.69
CA VAL H 4926 -14.81 81.74 0.92
C VAL H 4926 -13.83 80.61 0.67
N ILE H 4927 -13.33 80.52 -0.58
CA ILE H 4927 -12.64 79.31 -1.02
C ILE H 4927 -11.26 79.21 -0.36
N LEU H 4928 -10.43 80.23 -0.58
CA LEU H 4928 -9.04 80.13 -0.14
C LEU H 4928 -8.95 79.92 1.37
N LEU H 4929 -9.69 80.72 2.12
CA LEU H 4929 -9.78 80.44 3.54
C LEU H 4929 -10.25 79.01 3.75
N ALA H 4930 -11.36 78.62 3.10
CA ALA H 4930 -11.86 77.26 3.24
C ALA H 4930 -10.78 76.24 2.92
N ILE H 4931 -9.91 76.56 1.97
CA ILE H 4931 -8.79 75.67 1.68
C ILE H 4931 -7.88 75.54 2.89
N ILE H 4932 -7.61 76.65 3.56
CA ILE H 4932 -6.78 76.61 4.77
C ILE H 4932 -7.43 75.72 5.83
N GLN H 4933 -8.71 75.97 6.10
CA GLN H 4933 -9.39 75.19 7.15
C GLN H 4933 -9.42 73.71 6.78
N GLY H 4934 -9.67 73.41 5.51
CA GLY H 4934 -9.70 72.02 5.09
C GLY H 4934 -8.35 71.35 5.18
N LEU H 4935 -7.29 72.10 4.91
CA LEU H 4935 -5.95 71.54 5.09
C LEU H 4935 -5.70 71.17 6.54
N ILE H 4936 -6.08 72.05 7.46
CA ILE H 4936 -5.90 71.74 8.89
C ILE H 4936 -6.74 70.53 9.28
N ILE H 4937 -7.99 70.49 8.81
CA ILE H 4937 -8.88 69.37 9.13
C ILE H 4937 -8.29 68.07 8.60
N ASP H 4938 -7.78 68.09 7.37
CA ASP H 4938 -7.19 66.90 6.78
C ASP H 4938 -5.96 66.46 7.54
N ALA H 4939 -5.17 67.42 8.04
CA ALA H 4939 -4.01 67.07 8.85
C ALA H 4939 -4.44 66.33 10.11
N PHE H 4940 -5.51 66.79 10.75
CA PHE H 4940 -6.02 66.07 11.92
C PHE H 4940 -6.31 64.62 11.58
N GLY H 4941 -7.08 64.38 10.52
CA GLY H 4941 -7.45 63.02 10.16
C GLY H 4941 -6.24 62.18 9.77
N GLU H 4942 -5.28 62.80 9.10
CA GLU H 4942 -4.08 62.07 8.70
C GLU H 4942 -3.30 61.61 9.93
N LEU H 4943 -3.11 62.48 10.91
CA LEU H 4943 -2.41 62.07 12.12
C LEU H 4943 -3.19 60.99 12.85
N ARG H 4944 -4.51 61.15 12.95
CA ARG H 4944 -5.32 60.15 13.62
C ARG H 4944 -5.18 58.78 12.95
N ASP H 4945 -5.25 58.75 11.62
CA ASP H 4945 -5.22 57.47 10.93
C ASP H 4945 -3.82 56.88 10.98
N GLN H 4946 -2.78 57.73 11.08
CA GLN H 4946 -1.45 57.21 11.31
C GLN H 4946 -1.37 56.46 12.63
N GLN H 4947 -1.83 57.09 13.72
CA GLN H 4947 -1.79 56.40 15.01
C GLN H 4947 -2.62 55.13 14.97
N GLU H 4948 -3.82 55.20 14.38
CA GLU H 4948 -4.69 54.04 14.34
C GLU H 4948 -4.04 52.91 13.54
N GLN H 4949 -3.38 53.24 12.43
CA GLN H 4949 -2.73 52.21 11.63
C GLN H 4949 -1.56 51.59 12.35
N VAL H 4950 -0.79 52.40 13.06
CA VAL H 4950 0.30 51.81 13.83
C VAL H 4950 -0.27 50.82 14.84
N LYS H 4951 -1.32 51.23 15.55
CA LYS H 4951 -1.86 50.36 16.59
C LYS H 4951 -2.41 49.07 15.99
N GLU H 4952 -3.16 49.18 14.89
CA GLU H 4952 -3.71 48.01 14.21
C GLU H 4952 -2.61 47.08 13.70
N ASP H 4953 -1.56 47.64 13.10
CA ASP H 4953 -0.49 46.77 12.64
C ASP H 4953 0.16 46.02 13.79
N MET H 4954 0.40 46.71 14.91
CA MET H 4954 1.03 46.05 16.04
C MET H 4954 0.12 45.00 16.66
N GLU H 4955 -1.20 45.23 16.66
CA GLU H 4955 -2.13 44.26 17.23
C GLU H 4955 -2.44 43.10 16.30
N THR H 4956 -2.25 43.28 14.99
CA THR H 4956 -2.62 42.24 14.03
C THR H 4956 -1.44 41.36 13.66
N LYS H 4957 -0.25 41.93 13.60
CA LYS H 4957 0.91 41.22 13.10
C LYS H 4957 2.06 41.30 14.09
N CYS H 4958 2.96 40.32 14.01
CA CYS H 4958 4.17 40.37 14.80
C CYS H 4958 5.17 41.30 14.16
N PHE H 4959 5.82 42.12 14.99
CA PHE H 4959 6.82 43.05 14.50
C PHE H 4959 7.96 42.32 13.80
N ILE H 4960 8.26 41.10 14.24
CA ILE H 4960 9.40 40.35 13.71
C ILE H 4960 9.02 39.54 12.49
N CYS H 4961 8.12 38.57 12.65
CA CYS H 4961 7.88 37.61 11.58
C CYS H 4961 6.89 38.15 10.55
N GLY H 4962 5.98 39.03 10.96
CA GLY H 4962 4.98 39.55 10.07
C GLY H 4962 3.76 38.66 9.91
N ILE H 4963 3.73 37.50 10.57
CA ILE H 4963 2.58 36.62 10.47
C ILE H 4963 1.40 37.24 11.20
N GLY H 4964 0.21 37.04 10.65
CA GLY H 4964 -0.97 37.68 11.19
C GLY H 4964 -1.44 37.07 12.49
N SER H 4965 -2.28 37.84 13.18
CA SER H 4965 -2.79 37.40 14.48
C SER H 4965 -3.70 36.19 14.33
N ASP H 4966 -4.31 36.00 13.17
CA ASP H 4966 -5.28 34.92 13.01
C ASP H 4966 -4.62 33.55 13.14
N TYR H 4967 -3.49 33.35 12.45
CA TYR H 4967 -2.79 32.08 12.54
C TYR H 4967 -2.48 31.73 13.98
N PHE H 4968 -1.94 32.69 14.72
CA PHE H 4968 -1.58 32.45 16.10
C PHE H 4968 -2.81 32.21 16.97
N ASP H 4969 -3.86 32.99 16.75
CA ASP H 4969 -5.08 32.86 17.53
C ASP H 4969 -5.82 31.57 17.22
N THR H 4970 -5.44 30.86 16.17
CA THR H 4970 -5.90 29.47 16.04
C THR H 4970 -5.68 28.73 17.35
N THR H 4971 -4.52 28.93 17.97
CA THR H 4971 -4.31 28.53 19.35
C THR H 4971 -4.78 29.66 20.28
N PRO H 4972 -5.47 29.34 21.37
CA PRO H 4972 -5.93 30.40 22.27
C PRO H 4972 -4.78 31.25 22.79
N HIS H 4973 -5.00 32.57 22.80
CA HIS H 4973 -4.00 33.55 23.23
C HIS H 4973 -2.70 33.40 22.46
N GLY H 4974 -2.79 32.86 21.24
CA GLY H 4974 -1.58 32.53 20.50
C GLY H 4974 -0.75 33.75 20.15
N PHE H 4975 -1.42 34.83 19.70
CA PHE H 4975 -0.67 36.03 19.32
C PHE H 4975 -0.01 36.67 20.53
N GLU H 4976 -0.71 36.69 21.66
CA GLU H 4976 -0.10 37.20 22.90
C GLU H 4976 1.12 36.39 23.26
N THR H 4977 1.01 35.07 23.23
CA THR H 4977 2.17 34.23 23.56
C THR H 4977 3.29 34.45 22.56
N HIS H 4978 2.96 34.65 21.29
CA HIS H 4978 3.98 34.84 20.27
C HIS H 4978 4.73 36.15 20.49
N THR H 4979 4.00 37.21 20.82
CA THR H 4979 4.59 38.54 20.95
C THR H 4979 5.24 38.78 22.31
N LEU H 4980 4.95 37.94 23.30
CA LEU H 4980 5.57 38.07 24.61
C LEU H 4980 6.69 37.07 24.82
N GLU H 4981 6.50 35.82 24.38
CA GLU H 4981 7.47 34.76 24.61
C GLU H 4981 8.30 34.50 23.36
N GLU H 4982 7.65 34.11 22.27
CA GLU H 4982 8.37 33.57 21.12
C GLU H 4982 9.14 34.67 20.37
N HIS H 4983 8.47 35.76 20.03
CA HIS H 4983 9.05 36.79 19.18
C HIS H 4983 8.97 38.16 19.84
N ASN H 4984 9.34 38.24 21.11
CA ASN H 4984 9.44 39.53 21.76
C ASN H 4984 10.72 40.25 21.34
N LEU H 4985 10.56 41.48 20.87
CA LEU H 4985 11.71 42.26 20.42
C LEU H 4985 12.63 42.64 21.58
N ALA H 4986 12.05 42.86 22.75
CA ALA H 4986 12.87 43.12 23.94
C ALA H 4986 13.82 41.98 24.19
N ASN H 4987 13.36 40.75 23.94
CA ASN H 4987 14.24 39.59 24.14
C ASN H 4987 15.36 39.55 23.12
N TYR H 4988 15.09 39.99 21.89
CA TYR H 4988 16.17 40.09 20.90
C TYR H 4988 17.21 41.12 21.33
N MET H 4989 16.76 42.26 21.82
CA MET H 4989 17.67 43.26 22.35
C MET H 4989 18.50 42.72 23.50
N PHE H 4990 17.83 42.04 24.45
CA PHE H 4990 18.54 41.45 25.57
C PHE H 4990 19.55 40.42 25.10
N PHE H 4991 19.20 39.67 24.06
CA PHE H 4991 20.13 38.70 23.49
C PHE H 4991 21.36 39.38 22.92
N LEU H 4992 21.16 40.51 22.24
CA LEU H 4992 22.31 41.24 21.72
C LEU H 4992 23.22 41.70 22.86
N MET H 4993 22.63 42.23 23.93
CA MET H 4993 23.45 42.65 25.07
C MET H 4993 24.17 41.46 25.68
N TYR H 4994 23.48 40.33 25.79
CA TYR H 4994 24.04 39.11 26.37
C TYR H 4994 25.22 38.61 25.54
N LEU H 4995 25.11 38.65 24.22
CA LEU H 4995 26.22 38.28 23.36
C LEU H 4995 27.38 39.25 23.52
N ILE H 4996 27.10 40.55 23.58
CA ILE H 4996 28.18 41.52 23.71
C ILE H 4996 28.95 41.29 25.01
N ASN H 4997 28.23 41.03 26.10
CA ASN H 4997 28.90 40.86 27.38
C ASN H 4997 29.61 39.50 27.47
N LYS H 4998 29.04 38.48 26.84
CA LYS H 4998 29.60 37.15 26.95
C LYS H 4998 30.89 37.01 26.16
N ASP H 4999 31.80 36.19 26.68
CA ASP H 4999 33.03 35.90 25.98
C ASP H 4999 32.76 35.01 24.76
N GLU H 5000 33.55 35.21 23.71
CA GLU H 5000 33.33 34.47 22.48
C GLU H 5000 33.57 32.98 22.66
N THR H 5001 34.59 32.60 23.44
CA THR H 5001 34.87 31.18 23.64
C THR H 5001 33.69 30.48 24.31
N GLU H 5002 32.97 31.20 25.17
CA GLU H 5002 31.82 30.60 25.84
C GLU H 5002 30.61 30.53 24.92
N HIS H 5003 30.62 31.26 23.81
CA HIS H 5003 29.48 31.28 22.90
C HIS H 5003 29.14 29.88 22.44
N THR H 5004 27.85 29.58 22.42
CA THR H 5004 27.36 28.34 21.84
C THR H 5004 27.38 28.46 20.31
N GLY H 5005 26.94 27.38 19.65
CA GLY H 5005 26.85 27.42 18.21
C GLY H 5005 25.88 28.45 17.71
N GLN H 5006 24.69 28.49 18.31
CA GLN H 5006 23.69 29.48 17.92
C GLN H 5006 24.19 30.89 18.18
N GLU H 5007 24.78 31.11 19.36
CA GLU H 5007 25.26 32.44 19.71
C GLU H 5007 26.36 32.89 18.76
N SER H 5008 27.28 31.99 18.42
CA SER H 5008 28.35 32.34 17.48
C SER H 5008 27.79 32.63 16.09
N TYR H 5009 26.83 31.82 15.64
CA TYR H 5009 26.19 32.06 14.36
C TYR H 5009 25.58 33.46 14.30
N VAL H 5010 24.76 33.79 15.30
CA VAL H 5010 24.08 35.09 15.32
C VAL H 5010 25.10 36.20 15.47
N TRP H 5011 26.14 36.00 16.29
CA TRP H 5011 27.15 37.01 16.50
C TRP H 5011 27.90 37.33 15.22
N LYS H 5012 28.30 36.29 14.49
CA LYS H 5012 29.00 36.49 13.23
C LYS H 5012 28.11 37.19 12.22
N MET H 5013 26.83 36.80 12.15
CA MET H 5013 25.93 37.46 11.22
C MET H 5013 25.70 38.91 11.61
N TYR H 5014 25.65 39.20 12.91
CA TYR H 5014 25.53 40.57 13.37
C TYR H 5014 26.75 41.40 12.98
N GLN H 5015 27.94 40.83 13.16
CA GLN H 5015 29.16 41.54 12.78
C GLN H 5015 29.19 41.79 11.26
N GLU H 5016 28.76 40.80 10.48
CA GLU H 5016 28.68 40.97 9.04
C GLU H 5016 27.51 41.85 8.65
N ARG H 5017 26.63 42.16 9.60
CA ARG H 5017 25.46 43.00 9.36
C ARG H 5017 24.50 42.30 8.40
N CYS H 5018 24.39 40.98 8.54
CA CYS H 5018 23.39 40.18 7.84
C CYS H 5018 22.27 39.85 8.82
N TRP H 5019 21.04 40.15 8.43
CA TRP H 5019 19.88 39.99 9.30
C TRP H 5019 19.02 38.81 8.87
N ASP H 5020 19.63 37.80 8.26
CA ASP H 5020 18.87 36.65 7.77
C ASP H 5020 18.41 35.76 8.91
N PHE H 5021 19.06 35.85 10.07
CA PHE H 5021 18.70 34.96 11.18
C PHE H 5021 17.36 35.35 11.77
N PHE H 5022 16.94 36.59 11.57
CA PHE H 5022 15.61 37.00 12.02
C PHE H 5022 14.55 36.18 11.29
N PRO H 5023 13.63 35.53 12.01
CA PRO H 5023 12.60 34.73 11.33
C PRO H 5023 11.59 35.63 10.64
N ALA H 5024 11.46 35.46 9.33
CA ALA H 5024 10.52 36.22 8.52
C ALA H 5024 9.61 35.24 7.79
N GLY H 5025 8.31 35.36 8.03
CA GLY H 5025 7.35 34.48 7.41
C GLY H 5025 7.28 33.09 7.97
N ASP H 5026 8.08 32.79 8.99
CA ASP H 5026 8.13 31.45 9.57
C ASP H 5026 8.22 31.56 11.08
N CYS H 5027 7.83 30.48 11.74
CA CYS H 5027 7.87 30.42 13.20
C CYS H 5027 8.03 28.96 13.62
N PHE H 5028 8.41 28.79 14.88
CA PHE H 5028 8.56 27.45 15.43
C PHE H 5028 7.26 26.66 15.33
N ARG H 5029 6.15 27.31 15.68
CA ARG H 5029 4.84 26.67 15.60
C ARG H 5029 4.54 26.21 14.17
N LYS H 5030 4.71 27.11 13.21
CA LYS H 5030 4.41 26.78 11.82
C LYS H 5030 5.31 25.66 11.32
N GLN H 5031 6.59 25.71 11.68
CA GLN H 5031 7.52 24.68 11.23
C GLN H 5031 7.13 23.31 11.78
N TYR H 5032 6.80 23.25 13.07
CA TYR H 5032 6.49 22.00 13.73
C TYR H 5032 5.00 21.84 13.94
N GLU H 5033 4.21 22.34 12.99
CA GLU H 5033 2.76 22.34 13.14
C GLU H 5033 2.22 20.92 13.35
N ASP H 5034 2.61 19.99 12.47
CA ASP H 5034 2.08 18.63 12.57
C ASP H 5034 2.62 17.92 13.81
N GLN H 5035 3.91 18.08 14.09
CA GLN H 5035 4.49 17.41 15.25
C GLN H 5035 3.95 17.99 16.55
N LEU H 5036 3.82 19.31 16.62
CA LEU H 5036 3.23 19.92 17.81
C LEU H 5036 1.78 19.48 17.98
N SER H 5037 1.11 19.18 16.88
CA SER H 5037 -0.24 18.59 16.89
C SER H 5037 -0.50 17.65 15.71
#